data_8WW9
#
_entry.id   8WW9
#
_cell.length_a   1.00
_cell.length_b   1.00
_cell.length_c   1.00
_cell.angle_alpha   90.00
_cell.angle_beta   90.00
_cell.angle_gamma   90.00
#
_symmetry.space_group_name_H-M   'P 1'
#
loop_
_entity.id
_entity.type
_entity.pdbx_description
1 polymer 'DNA (29-MER)'
2 polymer "DNA (5'-D(P*AP*AP*AP*A)-3')"
3 polymer 'Putative primase C962R'
4 non-polymer "ADENOSINE-5'-DIPHOSPHATE"
#
loop_
_entity_poly.entity_id
_entity_poly.type
_entity_poly.pdbx_seq_one_letter_code
_entity_poly.pdbx_strand_id
1 'polydeoxyribonucleotide'
;(DT)(DT)(DT)(DT)(DT)(DT)(DT)(DT)(DT)(DT)(DT)(DT)(DT)(DT)(DT)(DT)(DT)(DT)(DT)(DT)
(DT)(DT)(DT)(DT)(DT)(DT)(DT)(DT)(DT)
;
O,M
2 'polydeoxyribonucleotide' (DA)(DA)(DA)(DA) P,N
3 'polypeptide(L)'
;MREESWEDHDTIQLTAQRKYLAEVQALETLLTRELSVFLTEPGSKKTNIINRITGKTYALPSTELLRLYEHLEQCRKQGA
LMYFLERQGTYSGLMLDYDLKLNTNAVPPLEPPALSRLCHRIFVHIKNSSVLPEGSHKIHFFFTLKPEVVQGKYGFHVLI
PGLKLAASTKKSIIGSLQHDATVQKILHEQGVTNPESCLDPHSASVPSLLYGSSKLNHKPYQLKTGFELVFDSSDPDYIP
IHQIKNLESYNLVSELSLTNEQGSLVRPVYCAADIAAEKEEEIPTEDHSLSILMLHDPEARYLHKILNLLPPEYYVEYPL
WSNVVFALANTSANYRPLAEWFSQKCPEKWNTGGKEKLEKLWNDASHHTEKKITKRSIMYWAHKHAPQQYKEIVEQGYFS
ILAEYVYSYNGMLEHYMIAKVIYAMMGNKFVVDVDSNGKYVWFEFVLPGQPMNQGEIWKWRKEVNPDELHIYISENFSRV
MDRITEHIKYHLSQPHESNILNYYKKLLKAFERSKSKIFNDSFKKGVIRQAEFLFRQRSFIQTLDTNPHLLGVGNGVLSI
ETIPAKLINHFHEHPIHQYTHICYVPFNPENPWTKLLLNALQDIIPELDARLWIMFYLSTAIFRGLKEALMLLWLGGGCN
GKTFLMRLVAMVLGDHYASKLNISLLTSCRETAEKPNSAFMRLKGRGYGYFEETNKSEVLNTSRLKEMVNPGDVTARELN
QKQESFQMTATMVAASNYNFIIDTTDHGTWRRLRHYRSKVKFCHNPDPSNPYEKKEDPRFIHEYIMDPDCQNAFFSILVY
FWEKLQKEYNGQIKKVFCPTIESETEAYRKSQDTLHRFITERVVESPSAETVYNLSEVVTAYAEWYNTNINVKRHIALEL
SQELENSVLEKYLQWSPNKTRILKGCRILHKFETLQPGESYIGVSTAGTLLNTPICEPKNKWWEWSPNPSAPPEKEASAP
TPLEDYKDDDDK
;
A,B,C,D,E,F,G,H,I,J,K,L
#
# COMPACT_ATOMS: atom_id res chain seq x y z
N THR C 11 -12.26 49.52 -15.29
CA THR C 11 -12.87 49.92 -14.03
C THR C 11 -13.02 48.71 -13.09
N ILE C 12 -14.00 47.87 -13.39
CA ILE C 12 -14.21 46.66 -12.60
C ILE C 12 -13.03 45.71 -12.73
N GLN C 13 -12.47 45.60 -13.94
CA GLN C 13 -11.34 44.72 -14.16
C GLN C 13 -10.13 45.15 -13.35
N LEU C 14 -9.91 46.45 -13.21
CA LEU C 14 -8.79 46.94 -12.40
C LEU C 14 -8.93 46.48 -10.95
N THR C 15 -10.14 46.63 -10.39
CA THR C 15 -10.36 46.19 -9.01
C THR C 15 -10.20 44.69 -8.88
N ALA C 16 -10.70 43.93 -9.85
CA ALA C 16 -10.54 42.47 -9.81
C ALA C 16 -9.07 42.09 -9.80
N GLN C 17 -8.29 42.66 -10.72
CA GLN C 17 -6.86 42.35 -10.78
C GLN C 17 -6.16 42.76 -9.49
N ARG C 18 -6.52 43.92 -8.94
CA ARG C 18 -5.98 44.32 -7.64
C ARG C 18 -6.32 43.31 -6.56
N LYS C 19 -7.48 42.65 -6.69
CA LYS C 19 -7.91 41.70 -5.65
C LYS C 19 -7.17 40.37 -5.76
N TYR C 20 -7.33 39.67 -6.89
CA TYR C 20 -6.84 38.29 -6.97
C TYR C 20 -5.41 38.17 -7.49
N LEU C 21 -4.67 39.27 -7.58
CA LEU C 21 -3.28 39.23 -8.00
C LEU C 21 -2.40 39.90 -6.94
N ALA C 22 -1.41 39.15 -6.45
CA ALA C 22 -0.51 39.68 -5.43
C ALA C 22 0.48 40.69 -6.01
N GLU C 23 0.90 40.50 -7.27
CA GLU C 23 1.85 41.42 -7.87
C GLU C 23 1.26 42.82 -8.01
N VAL C 24 -0.05 42.93 -8.24
CA VAL C 24 -0.68 44.24 -8.27
C VAL C 24 -0.59 44.91 -6.90
N GLN C 25 -0.82 44.13 -5.84
CA GLN C 25 -0.66 44.66 -4.49
C GLN C 25 0.78 45.12 -4.26
N ALA C 26 1.76 44.33 -4.72
CA ALA C 26 3.15 44.73 -4.58
C ALA C 26 3.44 46.02 -5.33
N LEU C 27 2.89 46.15 -6.54
CA LEU C 27 3.07 47.38 -7.32
C LEU C 27 2.48 48.58 -6.60
N GLU C 28 1.27 48.43 -6.06
CA GLU C 28 0.63 49.53 -5.36
C GLU C 28 1.41 49.93 -4.11
N THR C 29 1.89 48.94 -3.35
CA THR C 29 2.70 49.25 -2.18
C THR C 29 4.00 49.93 -2.57
N LEU C 30 4.63 49.47 -3.65
CA LEU C 30 5.88 50.08 -4.12
C LEU C 30 5.64 51.54 -4.53
N LEU C 31 4.54 51.80 -5.24
CA LEU C 31 4.23 53.17 -5.63
C LEU C 31 3.94 54.04 -4.42
N THR C 32 3.19 53.52 -3.45
CA THR C 32 2.79 54.35 -2.31
C THR C 32 3.94 54.63 -1.37
N ARG C 33 4.83 53.65 -1.17
CA ARG C 33 5.90 53.77 -0.19
C ARG C 33 7.21 54.25 -0.80
N GLU C 34 7.77 53.49 -1.75
CA GLU C 34 9.10 53.79 -2.26
C GLU C 34 9.08 54.90 -3.30
N LEU C 35 8.09 54.91 -4.18
CA LEU C 35 8.06 55.89 -5.26
C LEU C 35 7.42 57.21 -4.87
N SER C 36 6.76 57.28 -3.72
CA SER C 36 6.13 58.53 -3.29
C SER C 36 7.18 59.61 -3.05
N VAL C 37 8.32 59.23 -2.44
CA VAL C 37 9.37 60.21 -2.16
C VAL C 37 9.97 60.79 -3.43
N PHE C 38 9.86 60.08 -4.55
CA PHE C 38 10.34 60.60 -5.84
C PHE C 38 9.25 61.40 -6.54
N LEU C 39 8.69 62.37 -5.83
CA LEU C 39 7.63 63.19 -6.38
C LEU C 39 8.15 64.11 -7.48
N THR C 40 7.31 64.35 -8.48
CA THR C 40 7.66 65.21 -9.60
C THR C 40 6.47 66.09 -9.94
N GLU C 41 6.76 67.32 -10.36
CA GLU C 41 5.71 68.27 -10.72
C GLU C 41 4.93 67.76 -11.92
N PRO C 42 3.63 68.08 -12.00
CA PRO C 42 2.81 67.58 -13.12
C PRO C 42 3.29 68.03 -14.48
N GLY C 43 3.87 69.23 -14.59
CA GLY C 43 4.26 69.74 -15.89
C GLY C 43 5.75 69.86 -16.10
N SER C 44 6.54 69.57 -15.07
CA SER C 44 7.98 69.68 -15.17
C SER C 44 8.55 68.62 -16.11
N LYS C 45 9.61 68.98 -16.83
CA LYS C 45 10.27 68.07 -17.76
C LYS C 45 11.13 67.03 -17.05
N LYS C 46 11.36 67.17 -15.74
CA LYS C 46 12.23 66.26 -15.03
C LYS C 46 11.65 64.85 -14.92
N THR C 47 10.34 64.69 -15.13
CA THR C 47 9.72 63.38 -15.03
C THR C 47 10.15 62.49 -16.18
N ASN C 48 10.28 61.19 -15.89
CA ASN C 48 10.59 60.19 -16.90
C ASN C 48 9.51 59.13 -17.05
N ILE C 49 8.76 58.83 -15.99
CA ILE C 49 7.68 57.85 -16.02
C ILE C 49 6.40 58.54 -15.60
N ILE C 50 5.36 58.43 -16.43
CA ILE C 50 4.07 59.06 -16.18
C ILE C 50 2.97 58.02 -16.37
N ASN C 51 2.08 57.90 -15.41
CA ASN C 51 0.91 57.06 -15.53
C ASN C 51 -0.31 57.95 -15.73
N ARG C 52 -1.02 57.75 -16.84
CA ARG C 52 -2.20 58.54 -17.15
C ARG C 52 -3.44 58.07 -16.38
N ILE C 53 -3.37 56.91 -15.72
CA ILE C 53 -4.49 56.47 -14.90
C ILE C 53 -4.73 57.45 -13.77
N THR C 54 -3.67 57.88 -13.11
CA THR C 54 -3.73 58.91 -12.10
C THR C 54 -2.88 60.12 -12.46
N GLY C 55 -2.25 60.12 -13.63
CA GLY C 55 -1.40 61.22 -14.04
C GLY C 55 -0.19 61.41 -13.15
N LYS C 56 0.33 60.34 -12.58
CA LYS C 56 1.49 60.41 -11.70
C LYS C 56 2.76 60.61 -12.53
N THR C 57 3.66 61.43 -12.01
CA THR C 57 4.94 61.72 -12.65
C THR C 57 6.06 61.41 -11.68
N TYR C 58 7.08 60.69 -12.16
CA TYR C 58 8.18 60.26 -11.30
C TYR C 58 9.51 60.54 -11.98
N ALA C 59 10.55 60.64 -11.16
CA ALA C 59 11.93 60.90 -11.58
C ALA C 59 12.85 59.82 -11.02
N LEU C 60 12.45 58.57 -11.22
CA LEU C 60 13.15 57.45 -10.60
C LEU C 60 14.59 57.35 -11.10
N PRO C 61 15.56 57.16 -10.21
CA PRO C 61 16.94 56.89 -10.65
C PRO C 61 17.06 55.49 -11.25
N SER C 62 18.30 55.10 -11.59
CA SER C 62 18.51 53.84 -12.30
C SER C 62 18.03 52.63 -11.49
N THR C 63 18.28 52.63 -10.18
CA THR C 63 17.87 51.50 -9.35
C THR C 63 16.36 51.38 -9.31
N GLU C 64 15.66 52.48 -9.01
CA GLU C 64 14.21 52.47 -9.00
C GLU C 64 13.65 52.15 -10.38
N LEU C 65 14.28 52.68 -11.43
CA LEU C 65 13.84 52.39 -12.79
C LEU C 65 13.92 50.89 -13.08
N LEU C 66 15.04 50.26 -12.75
CA LEU C 66 15.19 48.84 -13.05
C LEU C 66 14.25 47.99 -12.20
N ARG C 67 14.05 48.38 -10.94
CA ARG C 67 13.10 47.63 -10.10
C ARG C 67 11.69 47.72 -10.66
N LEU C 68 11.28 48.92 -11.10
CA LEU C 68 9.97 49.07 -11.72
C LEU C 68 9.88 48.28 -13.01
N TYR C 69 10.95 48.27 -13.81
CA TYR C 69 10.96 47.50 -15.04
C TYR C 69 10.75 46.01 -14.75
N GLU C 70 11.45 45.48 -13.74
CA GLU C 70 11.29 44.07 -13.41
C GLU C 70 9.88 43.76 -12.92
N HIS C 71 9.32 44.63 -12.07
CA HIS C 71 8.00 44.33 -11.54
C HIS C 71 6.93 44.45 -12.63
N LEU C 72 7.10 45.42 -13.53
CA LEU C 72 6.22 45.50 -14.69
C LEU C 72 6.37 44.28 -15.57
N GLU C 73 7.59 43.74 -15.69
CA GLU C 73 7.78 42.50 -16.43
C GLU C 73 6.96 41.37 -15.82
N GLN C 74 7.02 41.21 -14.49
CA GLN C 74 6.25 40.15 -13.86
C GLN C 74 4.74 40.35 -14.04
N CYS C 75 4.25 41.59 -13.84
CA CYS C 75 2.80 41.78 -13.96
C CYS C 75 2.34 41.57 -15.40
N ARG C 76 3.13 42.02 -16.37
CA ARG C 76 2.79 41.79 -17.77
C ARG C 76 2.80 40.31 -18.11
N LYS C 77 3.80 39.57 -17.63
CA LYS C 77 3.84 38.13 -17.88
C LYS C 77 2.65 37.44 -17.22
N GLN C 78 2.11 38.01 -16.14
CA GLN C 78 0.89 37.47 -15.57
C GLN C 78 -0.34 37.82 -16.40
N GLY C 79 -0.34 38.98 -17.06
CA GLY C 79 -1.45 39.36 -17.91
C GLY C 79 -2.30 40.49 -17.36
N ALA C 80 -1.66 41.47 -16.73
CA ALA C 80 -2.38 42.61 -16.16
C ALA C 80 -2.65 43.64 -17.26
N LEU C 81 -3.13 44.82 -16.87
CA LEU C 81 -3.45 45.90 -17.79
C LEU C 81 -2.70 47.15 -17.34
N MET C 82 -1.71 47.56 -18.14
CA MET C 82 -0.84 48.68 -17.80
C MET C 82 -1.15 49.87 -18.69
N TYR C 83 -0.88 51.08 -18.15
CA TYR C 83 -1.05 52.32 -18.90
C TYR C 83 0.12 53.27 -18.67
N PHE C 84 1.30 52.73 -18.42
CA PHE C 84 2.48 53.56 -18.16
C PHE C 84 2.98 54.20 -19.45
N LEU C 85 3.70 55.31 -19.30
CA LEU C 85 4.26 56.05 -20.41
C LEU C 85 5.62 56.62 -19.99
N GLU C 86 6.48 56.85 -20.98
CA GLU C 86 7.77 57.47 -20.75
C GLU C 86 8.02 58.53 -21.82
N ARG C 87 8.58 59.66 -21.40
CA ARG C 87 8.89 60.76 -22.31
C ARG C 87 10.39 60.78 -22.58
N GLN C 88 10.75 60.78 -23.86
CA GLN C 88 12.16 60.74 -24.24
C GLN C 88 12.87 62.02 -23.82
N GLY C 89 14.08 61.86 -23.29
CA GLY C 89 14.92 62.98 -22.91
C GLY C 89 15.82 63.43 -24.03
N THR C 90 16.89 64.14 -23.66
CA THR C 90 17.88 64.57 -24.64
C THR C 90 18.70 63.41 -25.20
N TYR C 91 18.62 62.24 -24.60
CA TYR C 91 19.25 61.04 -25.12
C TYR C 91 18.29 59.87 -24.98
N SER C 92 18.08 59.13 -26.06
CA SER C 92 17.15 58.02 -26.07
C SER C 92 17.37 57.22 -27.35
N GLY C 93 16.68 56.09 -27.44
CA GLY C 93 16.72 55.26 -28.63
C GLY C 93 15.82 55.78 -29.73
N LEU C 94 15.28 54.84 -30.52
CA LEU C 94 14.39 55.16 -31.63
C LEU C 94 13.01 54.60 -31.33
N MET C 95 12.05 55.49 -31.08
CA MET C 95 10.65 55.11 -30.95
C MET C 95 9.90 55.54 -32.20
N LEU C 96 9.20 54.59 -32.82
CA LEU C 96 8.51 54.83 -34.08
C LEU C 96 7.07 54.37 -33.96
N ASP C 97 6.14 55.25 -34.33
CA ASP C 97 4.70 54.99 -34.23
C ASP C 97 4.15 54.75 -35.63
N TYR C 98 4.20 53.50 -36.07
CA TYR C 98 3.77 53.12 -37.42
C TYR C 98 2.34 52.59 -37.33
N ASP C 99 1.38 53.40 -37.79
CA ASP C 99 -0.02 53.03 -37.77
C ASP C 99 -0.41 52.54 -39.16
N LEU C 100 -0.64 51.23 -39.28
CA LEU C 100 -1.05 50.66 -40.55
C LEU C 100 -2.53 50.90 -40.79
N LYS C 101 -2.86 51.57 -41.89
CA LYS C 101 -4.25 51.84 -42.28
C LYS C 101 -4.51 51.08 -43.58
N LEU C 102 -4.90 49.81 -43.46
CA LEU C 102 -5.17 48.97 -44.61
C LEU C 102 -6.62 49.10 -45.05
N ASN C 103 -6.85 48.87 -46.35
CA ASN C 103 -8.22 48.84 -46.86
C ASN C 103 -9.02 47.71 -46.24
N THR C 104 -8.41 46.52 -46.13
CA THR C 104 -9.06 45.34 -45.59
C THR C 104 -8.44 44.99 -44.25
N ASN C 105 -9.29 44.57 -43.30
CA ASN C 105 -8.82 44.15 -41.98
C ASN C 105 -8.46 42.67 -41.96
N ALA C 106 -7.59 42.27 -42.88
CA ALA C 106 -7.11 40.90 -42.98
C ALA C 106 -5.62 40.88 -42.64
N VAL C 107 -5.21 39.92 -41.82
CA VAL C 107 -3.84 39.92 -41.30
C VAL C 107 -2.85 39.74 -42.44
N PRO C 108 -1.86 40.61 -42.59
CA PRO C 108 -0.82 40.41 -43.60
C PRO C 108 0.28 39.52 -43.05
N PRO C 109 0.61 38.43 -43.73
CA PRO C 109 1.66 37.51 -43.25
C PRO C 109 3.07 38.05 -43.45
N LEU C 110 3.48 38.95 -42.55
CA LEU C 110 4.83 39.49 -42.60
C LEU C 110 5.85 38.39 -42.29
N GLU C 111 7.01 38.50 -42.93
CA GLU C 111 8.03 37.47 -42.84
C GLU C 111 9.35 38.05 -42.37
N PRO C 112 10.19 37.24 -41.74
CA PRO C 112 11.49 37.72 -41.26
C PRO C 112 12.35 38.31 -42.38
N PRO C 113 12.35 37.73 -43.59
CA PRO C 113 13.09 38.41 -44.67
C PRO C 113 12.62 39.82 -44.96
N ALA C 114 11.30 40.05 -44.96
CA ALA C 114 10.79 41.40 -45.17
C ALA C 114 11.20 42.33 -44.04
N LEU C 115 11.17 41.83 -42.80
CA LEU C 115 11.58 42.64 -41.67
C LEU C 115 13.06 43.00 -41.77
N SER C 116 13.90 42.05 -42.20
CA SER C 116 15.32 42.34 -42.38
C SER C 116 15.55 43.33 -43.52
N ARG C 117 14.74 43.26 -44.58
CA ARG C 117 14.82 44.24 -45.64
C ARG C 117 14.46 45.63 -45.13
N LEU C 118 13.44 45.72 -44.27
CA LEU C 118 13.11 46.98 -43.64
C LEU C 118 14.25 47.47 -42.74
N CYS C 119 14.90 46.54 -42.04
CA CYS C 119 16.06 46.89 -41.23
C CYS C 119 17.16 47.50 -42.07
N HIS C 120 17.46 46.88 -43.22
CA HIS C 120 18.49 47.43 -44.09
C HIS C 120 18.08 48.80 -44.65
N ARG C 121 16.80 48.95 -44.99
CA ARG C 121 16.33 50.22 -45.52
C ARG C 121 16.50 51.34 -44.50
N ILE C 122 16.05 51.10 -43.26
CA ILE C 122 16.18 52.13 -42.23
C ILE C 122 17.64 52.34 -41.87
N PHE C 123 18.46 51.29 -41.92
CA PHE C 123 19.89 51.45 -41.69
C PHE C 123 20.52 52.37 -42.70
N VAL C 124 20.19 52.18 -43.99
CA VAL C 124 20.66 53.10 -45.02
C VAL C 124 20.15 54.51 -44.76
N HIS C 125 18.90 54.61 -44.30
CA HIS C 125 18.32 55.92 -44.04
C HIS C 125 18.99 56.64 -42.88
N ILE C 126 19.60 55.91 -41.95
CA ILE C 126 20.16 56.53 -40.76
C ILE C 126 21.68 56.72 -40.82
N LYS C 127 22.38 56.02 -41.72
CA LYS C 127 23.84 56.19 -41.79
C LYS C 127 24.26 57.56 -42.30
N ASN C 128 23.34 58.35 -42.84
CA ASN C 128 23.71 59.67 -43.35
C ASN C 128 23.79 60.69 -42.22
N SER C 129 24.54 60.36 -41.18
CA SER C 129 24.74 61.21 -40.02
C SER C 129 25.89 60.61 -39.20
N SER C 130 26.15 61.18 -38.03
CA SER C 130 27.18 60.66 -37.15
C SER C 130 26.77 59.29 -36.62
N VAL C 131 27.68 58.32 -36.69
CA VAL C 131 27.45 56.96 -36.24
C VAL C 131 28.65 56.50 -35.44
N LEU C 132 28.59 55.25 -34.97
CA LEU C 132 29.68 54.66 -34.22
C LEU C 132 30.22 53.42 -34.92
N ILE C 139 23.26 45.96 -32.82
CA ILE C 139 22.07 46.71 -32.47
C ILE C 139 20.85 45.81 -32.60
N HIS C 140 19.98 45.85 -31.60
CA HIS C 140 18.81 44.98 -31.56
C HIS C 140 17.57 45.69 -32.09
N PHE C 141 16.87 45.04 -33.01
CA PHE C 141 15.62 45.52 -33.57
C PHE C 141 14.48 44.73 -32.91
N PHE C 142 13.47 45.43 -32.42
CA PHE C 142 12.31 44.81 -31.82
C PHE C 142 11.06 45.25 -32.55
N PHE C 143 10.31 44.27 -33.07
CA PHE C 143 9.11 44.51 -33.87
C PHE C 143 7.91 44.00 -33.09
N THR C 144 7.07 44.93 -32.65
CA THR C 144 5.83 44.63 -31.96
C THR C 144 4.66 45.20 -32.74
N LEU C 145 3.48 44.59 -32.60
CA LEU C 145 2.35 44.91 -33.45
C LEU C 145 1.06 44.81 -32.64
N LYS C 146 -0.01 45.40 -33.18
CA LYS C 146 -1.32 45.31 -32.59
C LYS C 146 -1.92 43.93 -32.82
N PRO C 147 -2.89 43.52 -31.99
CA PRO C 147 -3.51 42.20 -32.18
C PRO C 147 -4.49 42.13 -33.34
N GLU C 148 -4.49 43.16 -34.19
CA GLU C 148 -5.36 43.22 -35.36
C GLU C 148 -6.85 43.14 -35.01
N VAL C 149 -7.67 42.84 -36.02
CA VAL C 149 -9.12 42.75 -35.88
C VAL C 149 -9.63 44.07 -35.31
N VAL C 150 -9.55 45.13 -36.11
CA VAL C 150 -9.97 46.46 -35.69
C VAL C 150 -10.13 47.30 -36.94
N GLN C 151 -10.93 48.37 -36.85
CA GLN C 151 -11.11 49.27 -37.97
C GLN C 151 -9.78 49.92 -38.36
N GLY C 152 -9.59 50.10 -39.66
CA GLY C 152 -8.34 50.64 -40.16
C GLY C 152 -7.15 49.73 -39.95
N LYS C 153 -7.39 48.46 -39.59
CA LYS C 153 -6.35 47.45 -39.37
C LYS C 153 -5.42 47.88 -38.24
N TYR C 154 -4.32 47.15 -38.04
CA TYR C 154 -3.53 47.20 -36.82
C TYR C 154 -2.39 48.22 -36.95
N GLY C 155 -1.48 48.20 -35.96
CA GLY C 155 -0.36 49.11 -35.96
C GLY C 155 0.92 48.40 -35.59
N PHE C 156 2.04 49.08 -35.85
CA PHE C 156 3.37 48.51 -35.68
C PHE C 156 4.27 49.52 -34.97
N HIS C 157 5.20 49.01 -34.17
CA HIS C 157 6.18 49.86 -33.47
C HIS C 157 7.53 49.18 -33.48
N VAL C 158 8.44 49.68 -34.32
CA VAL C 158 9.84 49.26 -34.26
C VAL C 158 10.52 50.03 -33.13
N LEU C 159 11.28 49.32 -32.30
CA LEU C 159 11.96 49.93 -31.16
C LEU C 159 13.46 49.67 -31.26
N ILE C 160 14.24 50.75 -31.26
CA ILE C 160 15.70 50.69 -31.35
C ILE C 160 16.30 51.48 -30.20
N PRO C 161 16.31 50.96 -28.98
CA PRO C 161 16.85 51.71 -27.84
C PRO C 161 18.35 51.64 -27.67
N GLY C 162 19.09 51.17 -28.69
CA GLY C 162 20.52 50.97 -28.52
C GLY C 162 21.30 52.26 -28.35
N LEU C 163 20.99 53.27 -29.17
CA LEU C 163 21.80 54.47 -29.26
C LEU C 163 21.20 55.60 -28.41
N LYS C 164 21.85 56.77 -28.47
CA LYS C 164 21.39 57.96 -27.76
C LYS C 164 21.73 59.18 -28.61
N LEU C 165 20.78 59.61 -29.43
CA LEU C 165 20.97 60.77 -30.30
C LEU C 165 19.68 61.57 -30.41
N ALA C 166 19.02 61.81 -29.27
CA ALA C 166 17.74 62.51 -29.25
C ALA C 166 17.97 64.00 -29.42
N ALA C 167 17.77 64.50 -30.64
CA ALA C 167 17.98 65.90 -30.96
C ALA C 167 17.23 66.21 -32.25
N SER C 168 17.54 67.38 -32.84
CA SER C 168 16.95 67.73 -34.12
C SER C 168 17.34 66.78 -35.22
N THR C 169 18.42 66.01 -35.04
CA THR C 169 18.76 64.95 -35.98
C THR C 169 17.64 63.93 -36.09
N LYS C 170 16.94 63.65 -34.99
CA LYS C 170 15.78 62.76 -35.06
C LYS C 170 14.69 63.35 -35.93
N LYS C 171 14.43 64.66 -35.82
CA LYS C 171 13.46 65.30 -36.68
C LYS C 171 13.88 65.25 -38.14
N SER C 172 15.18 65.43 -38.42
CA SER C 172 15.66 65.33 -39.78
C SER C 172 15.47 63.92 -40.33
N ILE C 173 15.74 62.90 -39.52
CA ILE C 173 15.56 61.52 -39.97
C ILE C 173 14.08 61.23 -40.20
N ILE C 174 13.21 61.75 -39.34
CA ILE C 174 11.77 61.56 -39.52
C ILE C 174 11.32 62.21 -40.82
N GLY C 175 11.81 63.42 -41.09
CA GLY C 175 11.48 64.07 -42.36
C GLY C 175 11.98 63.30 -43.56
N SER C 176 13.19 62.74 -43.47
CA SER C 176 13.73 61.95 -44.56
C SER C 176 12.89 60.69 -44.81
N LEU C 177 12.49 60.01 -43.73
CA LEU C 177 11.66 58.82 -43.87
C LEU C 177 10.24 59.14 -44.28
N GLN C 178 9.79 60.39 -44.08
CA GLN C 178 8.43 60.75 -44.41
C GLN C 178 8.16 60.62 -45.91
N HIS C 179 9.12 61.05 -46.73
CA HIS C 179 8.95 61.02 -48.18
C HIS C 179 9.50 59.75 -48.81
N ASP C 180 10.03 58.82 -48.02
CA ASP C 180 10.58 57.60 -48.57
C ASP C 180 9.47 56.75 -49.20
N ALA C 181 9.73 56.24 -50.41
CA ALA C 181 8.78 55.40 -51.11
C ALA C 181 9.19 53.94 -51.21
N THR C 182 10.47 53.63 -50.99
CA THR C 182 10.89 52.23 -50.96
C THR C 182 10.20 51.48 -49.83
N VAL C 183 10.12 52.11 -48.65
CA VAL C 183 9.31 51.54 -47.58
C VAL C 183 7.86 51.42 -48.02
N GLN C 184 7.34 52.47 -48.67
CA GLN C 184 5.99 52.41 -49.21
C GLN C 184 5.85 51.31 -50.27
N LYS C 185 6.92 51.08 -51.03
CA LYS C 185 6.92 49.97 -51.97
C LYS C 185 6.78 48.63 -51.25
N ILE C 186 7.48 48.48 -50.13
CA ILE C 186 7.33 47.26 -49.33
C ILE C 186 5.90 47.15 -48.80
N LEU C 187 5.33 48.27 -48.34
CA LEU C 187 3.96 48.24 -47.83
C LEU C 187 2.99 47.80 -48.91
N HIS C 188 3.13 48.33 -50.13
CA HIS C 188 2.30 47.90 -51.25
C HIS C 188 2.54 46.44 -51.61
N GLU C 189 3.77 45.95 -51.41
CA GLU C 189 4.00 44.51 -51.52
C GLU C 189 3.18 43.75 -50.48
N GLN C 190 3.00 44.33 -49.30
CA GLN C 190 2.16 43.73 -48.28
C GLN C 190 0.68 44.12 -48.42
N GLY C 191 0.33 44.90 -49.44
CA GLY C 191 -1.04 45.28 -49.65
C GLY C 191 -1.53 46.32 -48.65
N VAL C 192 -0.86 47.47 -48.60
CA VAL C 192 -1.18 48.53 -47.66
C VAL C 192 -1.68 49.73 -48.46
N THR C 193 -2.82 50.28 -48.05
CA THR C 193 -3.42 51.43 -48.72
C THR C 193 -3.11 52.76 -48.03
N ASN C 194 -2.14 52.77 -47.10
CA ASN C 194 -1.69 53.99 -46.45
C ASN C 194 -0.18 54.09 -46.54
N PRO C 195 0.37 54.23 -47.75
CA PRO C 195 1.82 54.42 -47.86
C PRO C 195 2.30 55.70 -47.22
N GLU C 196 1.50 56.76 -47.27
CA GLU C 196 1.82 58.04 -46.67
C GLU C 196 0.91 58.30 -45.48
N SER C 197 1.35 59.22 -44.61
CA SER C 197 0.70 59.59 -43.35
C SER C 197 0.73 58.46 -42.33
N CYS C 198 1.29 57.30 -42.68
CA CYS C 198 1.40 56.21 -41.72
C CYS C 198 2.33 56.57 -40.58
N LEU C 199 3.45 57.22 -40.89
CA LEU C 199 4.42 57.64 -39.89
C LEU C 199 4.06 59.05 -39.42
N ASP C 200 3.76 59.20 -38.14
CA ASP C 200 3.40 60.50 -37.61
C ASP C 200 4.62 61.41 -37.55
N PRO C 201 4.44 62.72 -37.81
CA PRO C 201 5.59 63.64 -37.73
C PRO C 201 6.16 63.76 -36.33
N HIS C 202 5.38 63.42 -35.30
CA HIS C 202 5.84 63.43 -33.91
C HIS C 202 6.20 62.04 -33.44
N SER C 203 6.80 61.23 -34.31
CA SER C 203 7.14 59.84 -33.99
C SER C 203 7.99 59.76 -32.73
N ALA C 204 9.07 60.54 -32.69
CA ALA C 204 9.94 60.60 -31.51
C ALA C 204 9.66 61.81 -30.64
N SER C 205 8.60 62.56 -30.93
CA SER C 205 8.25 63.76 -30.20
C SER C 205 7.07 63.55 -29.26
N VAL C 206 6.69 62.31 -28.99
CA VAL C 206 5.57 62.01 -28.11
C VAL C 206 6.01 61.04 -27.03
N PRO C 207 5.43 61.10 -25.82
CA PRO C 207 5.76 60.11 -24.79
C PRO C 207 5.15 58.76 -25.13
N SER C 208 6.00 57.78 -25.41
CA SER C 208 5.54 56.45 -25.78
C SER C 208 5.17 55.67 -24.53
N LEU C 209 4.89 54.38 -24.69
CA LEU C 209 4.52 53.51 -23.58
C LEU C 209 5.51 52.36 -23.46
N LEU C 210 5.80 51.95 -22.23
CA LEU C 210 6.64 50.79 -22.00
C LEU C 210 5.94 49.54 -22.53
N TYR C 211 6.74 48.54 -22.91
CA TYR C 211 6.19 47.32 -23.46
C TYR C 211 5.26 46.65 -22.44
N GLY C 212 4.09 46.24 -22.90
CA GLY C 212 3.05 45.70 -22.06
C GLY C 212 1.97 46.67 -21.69
N SER C 213 2.22 47.98 -21.82
CA SER C 213 1.18 48.97 -21.58
C SER C 213 0.17 48.95 -22.70
N SER C 214 -1.12 48.99 -22.34
CA SER C 214 -2.19 48.92 -23.31
C SER C 214 -2.68 50.33 -23.64
N LYS C 215 -3.76 50.42 -24.41
CA LYS C 215 -4.40 51.68 -24.75
C LYS C 215 -5.87 51.62 -24.35
N LEU C 216 -6.46 52.80 -24.16
CA LEU C 216 -7.86 52.88 -23.73
C LEU C 216 -8.76 52.15 -24.72
N ASN C 217 -9.44 51.12 -24.23
CA ASN C 217 -10.32 50.28 -25.05
C ASN C 217 -9.55 49.65 -26.21
N HIS C 218 -8.29 49.30 -25.97
CA HIS C 218 -7.45 48.68 -26.98
C HIS C 218 -6.49 47.71 -26.30
N LYS C 219 -6.31 46.54 -26.93
CA LYS C 219 -5.40 45.55 -26.39
C LYS C 219 -3.95 46.03 -26.50
N PRO C 220 -3.09 45.62 -25.56
CA PRO C 220 -1.70 46.06 -25.60
C PRO C 220 -0.95 45.46 -26.78
N TYR C 221 0.10 46.17 -27.20
CA TYR C 221 0.96 45.67 -28.26
C TYR C 221 1.65 44.38 -27.83
N GLN C 222 1.73 43.43 -28.74
CA GLN C 222 2.47 42.18 -28.52
C GLN C 222 3.66 42.15 -29.48
N LEU C 223 4.78 41.64 -29.00
CA LEU C 223 5.97 41.57 -29.83
C LEU C 223 5.78 40.55 -30.94
N LYS C 224 6.28 40.89 -32.12
CA LYS C 224 6.28 39.98 -33.26
C LYS C 224 7.63 39.28 -33.42
N THR C 225 8.70 40.05 -33.57
CA THR C 225 10.00 39.47 -33.87
C THR C 225 11.12 40.28 -33.23
N GLY C 226 12.27 39.64 -33.11
CA GLY C 226 13.48 40.30 -32.63
C GLY C 226 14.66 39.93 -33.49
N PHE C 227 15.43 40.94 -33.86
CA PHE C 227 16.59 40.76 -34.72
C PHE C 227 17.79 41.46 -34.10
N GLU C 228 18.98 41.09 -34.56
CA GLU C 228 20.22 41.72 -34.10
C GLU C 228 21.06 42.09 -35.31
N LEU C 229 21.54 43.33 -35.34
CA LEU C 229 22.38 43.81 -36.43
C LEU C 229 23.49 44.66 -35.82
N VAL C 230 24.70 44.12 -35.78
CA VAL C 230 25.84 44.84 -35.19
C VAL C 230 26.31 45.92 -36.14
N PHE C 231 26.45 47.14 -35.62
CA PHE C 231 27.00 48.23 -36.39
C PHE C 231 28.48 48.00 -36.66
N ASP C 232 28.91 48.29 -37.88
CA ASP C 232 30.30 48.10 -38.30
C ASP C 232 30.85 49.44 -38.73
N SER C 233 31.57 50.12 -37.82
CA SER C 233 32.18 51.39 -38.16
C SER C 233 33.25 51.23 -39.23
N SER C 234 34.07 50.18 -39.14
CA SER C 234 35.13 49.97 -40.10
C SER C 234 34.57 49.60 -41.48
N ASP C 235 33.55 48.75 -41.53
CA ASP C 235 32.97 48.27 -42.77
C ASP C 235 31.46 48.50 -42.74
N PRO C 236 31.01 49.74 -42.97
CA PRO C 236 29.58 50.01 -42.97
C PRO C 236 28.83 49.27 -44.07
N ASP C 237 29.52 48.82 -45.12
CA ASP C 237 28.88 48.03 -46.16
C ASP C 237 28.41 46.67 -45.65
N TYR C 238 28.95 46.20 -44.53
CA TYR C 238 28.58 44.91 -43.98
C TYR C 238 27.36 45.06 -43.08
N ILE C 239 26.29 44.35 -43.42
CA ILE C 239 25.03 44.46 -42.69
C ILE C 239 24.59 43.07 -42.24
N PRO C 240 25.23 42.48 -41.24
CA PRO C 240 24.91 41.10 -40.85
C PRO C 240 23.70 40.98 -39.94
N ILE C 241 22.51 40.91 -40.52
CA ILE C 241 21.27 40.73 -39.75
C ILE C 241 21.23 39.26 -39.32
N HIS C 242 21.60 38.99 -38.06
CA HIS C 242 21.56 37.65 -37.50
C HIS C 242 21.19 37.74 -36.02
N GLN C 243 20.32 36.84 -35.58
CA GLN C 243 19.84 36.89 -34.21
C GLN C 243 19.36 35.52 -33.76
N ILE C 244 19.47 35.27 -32.46
CA ILE C 244 18.86 34.12 -31.80
C ILE C 244 17.87 34.67 -30.79
N LYS C 245 16.61 34.23 -30.88
CA LYS C 245 15.55 34.88 -30.12
C LYS C 245 15.74 34.78 -28.61
N ASN C 246 15.59 33.58 -28.06
CA ASN C 246 15.70 33.31 -26.62
C ASN C 246 15.13 34.45 -25.79
N LEU C 247 13.92 34.90 -26.18
CA LEU C 247 13.38 36.14 -25.64
C LEU C 247 12.81 36.00 -24.24
N GLU C 248 12.57 34.77 -23.77
CA GLU C 248 11.99 34.60 -22.44
C GLU C 248 13.02 34.88 -21.34
N SER C 249 14.30 34.72 -21.64
CA SER C 249 15.32 34.90 -20.61
C SER C 249 15.48 36.36 -20.22
N TYR C 250 15.35 37.28 -21.17
CA TYR C 250 15.61 38.69 -20.94
C TYR C 250 14.39 39.37 -20.32
N ASN C 251 14.64 40.32 -19.43
CA ASN C 251 13.61 41.19 -18.89
C ASN C 251 13.20 42.19 -19.96
N LEU C 252 12.11 41.87 -20.68
CA LEU C 252 11.73 42.65 -21.85
C LEU C 252 11.45 44.11 -21.51
N VAL C 253 10.79 44.36 -20.38
CA VAL C 253 10.48 45.73 -20.00
C VAL C 253 11.76 46.52 -19.75
N SER C 254 12.71 45.92 -19.04
CA SER C 254 13.98 46.60 -18.77
C SER C 254 14.80 46.76 -20.04
N GLU C 255 14.87 45.71 -20.86
CA GLU C 255 15.68 45.76 -22.07
C GLU C 255 15.15 46.80 -23.05
N LEU C 256 13.82 46.87 -23.21
CA LEU C 256 13.21 47.76 -24.18
C LEU C 256 13.09 49.19 -23.69
N SER C 257 13.40 49.46 -22.43
CA SER C 257 13.31 50.82 -21.91
C SER C 257 14.36 51.70 -22.56
N LEU C 258 13.95 52.91 -22.97
CA LEU C 258 14.87 53.84 -23.62
C LEU C 258 15.92 54.36 -22.63
N THR C 259 15.47 54.80 -21.45
CA THR C 259 16.38 55.38 -20.48
C THR C 259 17.25 54.34 -19.79
N ASN C 260 16.97 53.05 -19.98
CA ASN C 260 17.74 51.99 -19.32
C ASN C 260 18.98 51.71 -20.16
N GLU C 261 20.07 52.41 -19.86
CA GLU C 261 21.33 52.17 -20.56
C GLU C 261 21.95 50.85 -20.17
N GLN C 262 21.69 50.37 -18.95
CA GLN C 262 22.33 49.18 -18.40
C GLN C 262 21.53 47.91 -18.62
N GLY C 263 20.76 47.82 -19.70
CA GLY C 263 20.06 46.59 -20.00
C GLY C 263 21.02 45.46 -20.29
N SER C 264 20.58 44.23 -20.02
CA SER C 264 21.43 43.07 -20.20
C SER C 264 21.62 42.75 -21.68
N LEU C 265 20.53 42.45 -22.38
CA LEU C 265 20.63 42.03 -23.78
C LEU C 265 21.11 43.17 -24.67
N VAL C 266 20.64 44.38 -24.42
CA VAL C 266 20.93 45.52 -25.27
C VAL C 266 22.11 46.29 -24.69
N ARG C 267 22.70 47.15 -25.51
CA ARG C 267 23.86 47.94 -25.12
C ARG C 267 23.58 49.42 -25.36
N PRO C 268 24.15 50.30 -24.53
CA PRO C 268 23.95 51.75 -24.69
C PRO C 268 24.92 52.40 -25.69
N VAL C 269 24.63 52.23 -26.97
CA VAL C 269 25.44 52.81 -28.02
C VAL C 269 25.15 54.29 -28.17
N SER C 289 -6.38 70.76 -15.57
CA SER C 289 -7.49 71.69 -15.49
C SER C 289 -8.78 70.96 -15.09
N LEU C 290 -9.60 70.62 -16.09
CA LEU C 290 -10.77 69.80 -15.83
C LEU C 290 -10.39 68.35 -15.63
N SER C 291 -9.36 67.88 -16.33
CA SER C 291 -8.92 66.49 -16.18
C SER C 291 -8.45 66.20 -14.76
N ILE C 292 -7.70 67.11 -14.17
CA ILE C 292 -7.25 66.93 -12.79
C ILE C 292 -8.46 66.91 -11.85
N LEU C 293 -9.50 67.67 -12.19
CA LEU C 293 -10.68 67.70 -11.34
C LEU C 293 -11.45 66.38 -11.43
N MET C 294 -11.66 65.86 -12.64
CA MET C 294 -12.35 64.58 -12.77
C MET C 294 -11.53 63.46 -12.15
N LEU C 295 -10.20 63.57 -12.19
CA LEU C 295 -9.36 62.66 -11.41
C LEU C 295 -9.67 62.78 -9.92
N HIS C 296 -9.83 64.01 -9.42
CA HIS C 296 -10.15 64.19 -8.01
C HIS C 296 -11.49 63.57 -7.65
N ASP C 297 -12.49 63.72 -8.50
CA ASP C 297 -13.83 63.32 -8.11
C ASP C 297 -14.53 62.52 -9.20
N PRO C 298 -14.77 61.22 -9.00
CA PRO C 298 -15.64 60.48 -9.93
C PRO C 298 -17.07 61.00 -9.95
N GLU C 299 -17.55 61.57 -8.84
CA GLU C 299 -18.85 62.21 -8.87
C GLU C 299 -18.85 63.40 -9.82
N ALA C 300 -17.69 64.04 -9.99
CA ALA C 300 -17.56 65.05 -11.03
C ALA C 300 -17.70 64.43 -12.42
N ARG C 301 -17.18 63.21 -12.60
CA ARG C 301 -17.39 62.50 -13.86
C ARG C 301 -18.88 62.28 -14.10
N TYR C 302 -19.60 61.85 -13.05
CA TYR C 302 -21.03 61.64 -13.12
C TYR C 302 -21.77 62.92 -13.49
N LEU C 303 -21.40 64.03 -12.85
CA LEU C 303 -21.99 65.32 -13.15
C LEU C 303 -21.72 65.74 -14.59
N HIS C 304 -20.50 65.49 -15.07
CA HIS C 304 -20.15 65.80 -16.45
C HIS C 304 -21.00 65.01 -17.42
N LYS C 305 -21.22 63.72 -17.13
CA LYS C 305 -22.08 62.91 -17.99
C LYS C 305 -23.50 63.47 -18.02
N ILE C 306 -24.08 63.72 -16.85
CA ILE C 306 -25.47 64.18 -16.84
C ILE C 306 -25.58 65.58 -17.45
N LEU C 307 -24.52 66.39 -17.37
CA LEU C 307 -24.52 67.67 -18.06
C LEU C 307 -24.47 67.47 -19.57
N ASN C 308 -23.72 66.47 -20.05
CA ASN C 308 -23.77 66.14 -21.46
C ASN C 308 -25.13 65.61 -21.88
N LEU C 309 -25.92 65.09 -20.94
CA LEU C 309 -27.20 64.50 -21.30
C LEU C 309 -28.20 65.54 -21.80
N LEU C 310 -28.39 66.63 -21.05
CA LEU C 310 -29.46 67.57 -21.38
C LEU C 310 -29.07 68.44 -22.57
N PRO C 311 -30.05 68.95 -23.31
CA PRO C 311 -29.73 69.76 -24.49
C PRO C 311 -29.06 71.06 -24.09
N PRO C 312 -28.22 71.61 -24.96
CA PRO C 312 -27.54 72.88 -24.66
C PRO C 312 -28.41 74.11 -24.86
N GLU C 313 -29.67 73.96 -25.25
CA GLU C 313 -30.54 75.11 -25.42
C GLU C 313 -30.71 75.86 -24.10
N TYR C 314 -30.88 75.12 -23.00
CA TYR C 314 -31.01 75.75 -21.68
C TYR C 314 -29.76 76.54 -21.32
N TYR C 315 -28.61 76.11 -21.83
CA TYR C 315 -27.37 76.85 -21.64
C TYR C 315 -27.36 78.15 -22.45
N VAL C 316 -28.03 78.17 -23.60
CA VAL C 316 -27.95 79.32 -24.51
C VAL C 316 -28.53 80.56 -23.84
N GLU C 317 -29.74 80.45 -23.31
CA GLU C 317 -30.37 81.60 -22.68
C GLU C 317 -29.74 81.88 -21.32
N TYR C 318 -29.62 83.17 -21.00
CA TYR C 318 -29.04 83.56 -19.72
C TYR C 318 -29.80 83.06 -18.50
N PRO C 319 -31.15 83.14 -18.42
CA PRO C 319 -31.82 82.77 -17.17
C PRO C 319 -31.55 81.35 -16.70
N LEU C 320 -31.85 80.35 -17.53
CA LEU C 320 -31.72 78.96 -17.10
C LEU C 320 -30.26 78.56 -16.95
N TRP C 321 -29.38 79.09 -17.80
CA TRP C 321 -27.96 78.84 -17.64
C TRP C 321 -27.45 79.39 -16.31
N SER C 322 -27.89 80.59 -15.94
CA SER C 322 -27.54 81.14 -14.63
C SER C 322 -28.12 80.30 -13.51
N ASN C 323 -29.33 79.76 -13.71
CA ASN C 323 -29.94 78.90 -12.71
C ASN C 323 -29.08 77.65 -12.48
N VAL C 324 -28.65 76.99 -13.56
CA VAL C 324 -27.83 75.80 -13.39
C VAL C 324 -26.45 76.16 -12.84
N VAL C 325 -25.93 77.34 -13.19
CA VAL C 325 -24.66 77.79 -12.63
C VAL C 325 -24.78 77.95 -11.12
N PHE C 326 -25.87 78.57 -10.66
CA PHE C 326 -26.10 78.71 -9.23
C PHE C 326 -26.27 77.35 -8.58
N ALA C 327 -26.98 76.43 -9.25
CA ALA C 327 -27.20 75.10 -8.69
C ALA C 327 -25.88 74.37 -8.47
N LEU C 328 -24.99 74.41 -9.46
CA LEU C 328 -23.69 73.76 -9.30
C LEU C 328 -22.80 74.51 -8.31
N ALA C 329 -22.92 75.84 -8.24
CA ALA C 329 -22.14 76.60 -7.29
C ALA C 329 -22.56 76.29 -5.85
N ASN C 330 -23.83 75.96 -5.64
CA ASN C 330 -24.26 75.51 -4.31
C ASN C 330 -23.53 74.23 -3.91
N THR C 331 -23.24 73.36 -4.87
CA THR C 331 -22.50 72.14 -4.64
C THR C 331 -21.01 72.47 -4.62
N SER C 332 -20.53 72.87 -3.44
CA SER C 332 -19.12 73.17 -3.20
C SER C 332 -18.60 74.31 -4.06
N ALA C 333 -17.30 74.63 -3.92
CA ALA C 333 -16.69 75.72 -4.65
C ALA C 333 -15.60 75.29 -5.62
N ASN C 334 -15.19 74.03 -5.58
CA ASN C 334 -14.16 73.54 -6.49
C ASN C 334 -14.70 73.15 -7.86
N TYR C 335 -16.02 73.24 -8.06
CA TYR C 335 -16.65 72.95 -9.34
C TYR C 335 -16.66 74.14 -10.28
N ARG C 336 -16.02 75.25 -9.89
CA ARG C 336 -15.90 76.40 -10.77
C ARG C 336 -15.31 76.07 -12.13
N PRO C 337 -14.21 75.29 -12.25
CA PRO C 337 -13.76 74.89 -13.59
C PRO C 337 -14.79 74.07 -14.35
N LEU C 338 -15.57 73.24 -13.65
CA LEU C 338 -16.55 72.41 -14.32
C LEU C 338 -17.56 73.25 -15.09
N ALA C 339 -18.15 74.25 -14.41
CA ALA C 339 -19.00 75.19 -15.13
C ALA C 339 -18.20 75.90 -16.21
N GLU C 340 -16.95 76.24 -15.93
CA GLU C 340 -16.06 76.79 -16.95
C GLU C 340 -15.99 75.85 -18.15
N TRP C 341 -15.92 74.55 -17.91
CA TRP C 341 -15.97 73.60 -19.02
C TRP C 341 -17.28 73.72 -19.79
N PHE C 342 -18.40 73.83 -19.06
CA PHE C 342 -19.69 74.06 -19.71
C PHE C 342 -19.78 75.44 -20.34
N SER C 343 -18.84 76.33 -20.03
CA SER C 343 -18.88 77.69 -20.57
C SER C 343 -18.32 77.77 -21.98
N GLN C 344 -17.34 76.95 -22.33
CA GLN C 344 -16.70 77.07 -23.64
C GLN C 344 -17.66 76.81 -24.79
N LYS C 345 -18.73 76.06 -24.56
CA LYS C 345 -19.75 75.90 -25.60
C LYS C 345 -20.37 77.25 -25.93
N CYS C 346 -20.68 77.45 -27.21
CA CYS C 346 -21.15 78.74 -27.72
C CYS C 346 -20.19 79.84 -27.31
N PRO C 347 -18.97 79.85 -27.84
CA PRO C 347 -17.98 80.85 -27.40
C PRO C 347 -18.40 82.29 -27.64
N GLU C 348 -19.26 82.55 -28.63
CA GLU C 348 -19.76 83.90 -28.85
C GLU C 348 -20.52 84.39 -27.62
N LYS C 349 -21.23 83.49 -26.93
CA LYS C 349 -21.83 83.84 -25.65
C LYS C 349 -20.82 83.83 -24.52
N TRP C 350 -19.88 82.88 -24.55
CA TRP C 350 -18.86 82.80 -23.51
C TRP C 350 -17.98 84.05 -23.52
N ASN C 351 -17.25 84.26 -24.61
CA ASN C 351 -16.47 85.48 -24.75
C ASN C 351 -17.40 86.68 -24.93
N THR C 352 -17.00 87.83 -24.38
CA THR C 352 -17.82 89.05 -24.39
C THR C 352 -19.19 88.76 -23.79
N GLY C 353 -19.18 88.48 -22.49
CA GLY C 353 -20.34 87.92 -21.84
C GLY C 353 -20.00 86.75 -20.93
N GLY C 354 -20.45 85.56 -21.32
CA GLY C 354 -20.38 84.36 -20.50
C GLY C 354 -19.13 84.18 -19.64
N LYS C 355 -17.95 84.49 -20.19
CA LYS C 355 -16.71 84.28 -19.45
C LYS C 355 -16.67 85.13 -18.18
N GLU C 356 -16.93 86.43 -18.31
CA GLU C 356 -16.87 87.33 -17.17
C GLU C 356 -18.14 87.29 -16.32
N LYS C 357 -19.31 87.14 -16.94
CA LYS C 357 -20.52 87.06 -16.14
C LYS C 357 -20.59 85.75 -15.36
N LEU C 358 -19.90 84.70 -15.83
CA LEU C 358 -19.81 83.46 -15.06
C LEU C 358 -19.07 83.70 -13.75
N GLU C 359 -17.92 84.36 -13.80
CA GLU C 359 -17.19 84.62 -12.57
C GLU C 359 -17.91 85.65 -11.71
N LYS C 360 -18.64 86.59 -12.32
CA LYS C 360 -19.46 87.51 -11.54
C LYS C 360 -20.54 86.76 -10.76
N LEU C 361 -21.23 85.84 -11.43
CA LEU C 361 -22.24 85.04 -10.76
C LEU C 361 -21.64 84.16 -9.68
N TRP C 362 -20.43 83.62 -9.93
CA TRP C 362 -19.76 82.81 -8.91
C TRP C 362 -19.42 83.65 -7.68
N ASN C 363 -18.94 84.89 -7.90
CA ASN C 363 -18.66 85.77 -6.77
C ASN C 363 -19.94 86.10 -6.00
N ASP C 364 -21.04 86.32 -6.72
CA ASP C 364 -22.31 86.55 -6.04
C ASP C 364 -22.74 85.34 -5.23
N ALA C 365 -22.59 84.14 -5.80
CA ALA C 365 -22.97 82.91 -5.10
C ALA C 365 -22.03 82.59 -3.96
N SER C 366 -20.84 83.19 -3.93
CA SER C 366 -19.91 82.96 -2.81
C SER C 366 -20.52 83.41 -1.49
N HIS C 367 -21.44 84.38 -1.53
CA HIS C 367 -22.13 84.86 -0.34
C HIS C 367 -23.62 84.55 -0.38
N HIS C 368 -24.12 83.96 -1.46
CA HIS C 368 -25.56 83.76 -1.60
C HIS C 368 -26.06 82.69 -0.64
N THR C 369 -27.17 82.99 0.04
CA THR C 369 -27.88 82.02 0.86
C THR C 369 -29.39 82.09 0.65
N GLU C 370 -29.86 82.94 -0.26
CA GLU C 370 -31.30 83.11 -0.45
C GLU C 370 -31.91 81.93 -1.19
N LYS C 371 -31.16 81.32 -2.12
CA LYS C 371 -31.68 80.26 -2.95
C LYS C 371 -30.76 79.05 -2.85
N LYS C 372 -31.37 77.86 -2.88
CA LYS C 372 -30.66 76.61 -2.64
C LYS C 372 -31.04 75.56 -3.69
N ILE C 373 -31.00 75.94 -4.97
CA ILE C 373 -31.16 74.97 -6.04
C ILE C 373 -29.97 74.01 -6.02
N THR C 374 -30.26 72.71 -6.05
CA THR C 374 -29.24 71.68 -5.95
C THR C 374 -29.30 70.76 -7.16
N LYS C 375 -28.49 69.70 -7.11
CA LYS C 375 -28.39 68.74 -8.21
C LYS C 375 -29.71 68.02 -8.47
N ARG C 376 -30.62 67.99 -7.50
CA ARG C 376 -31.92 67.36 -7.70
C ARG C 376 -32.61 67.90 -8.94
N SER C 377 -32.58 69.22 -9.13
CA SER C 377 -33.18 69.83 -10.30
C SER C 377 -32.50 69.35 -11.58
N ILE C 378 -31.17 69.15 -11.53
CA ILE C 378 -30.46 68.67 -12.70
C ILE C 378 -30.87 67.25 -13.07
N MET C 379 -30.97 66.36 -12.08
CA MET C 379 -31.47 65.01 -12.41
C MET C 379 -32.91 65.06 -12.91
N TYR C 380 -33.73 65.94 -12.35
CA TYR C 380 -35.11 66.07 -12.83
C TYR C 380 -35.13 66.51 -14.30
N TRP C 381 -34.32 67.50 -14.65
CA TRP C 381 -34.25 67.97 -16.03
C TRP C 381 -33.73 66.88 -16.96
N ALA C 382 -32.71 66.14 -16.52
CA ALA C 382 -32.19 65.04 -17.33
C ALA C 382 -33.25 63.98 -17.57
N HIS C 383 -34.03 63.66 -16.54
CA HIS C 383 -35.12 62.70 -16.70
C HIS C 383 -36.17 63.23 -17.68
N LYS C 384 -36.47 64.52 -17.60
CA LYS C 384 -37.44 65.11 -18.51
C LYS C 384 -36.97 65.04 -19.96
N HIS C 385 -35.83 65.67 -20.25
CA HIS C 385 -35.45 65.91 -21.64
C HIS C 385 -35.05 64.62 -22.35
N ALA C 386 -34.32 63.75 -21.67
CA ALA C 386 -33.81 62.51 -22.26
C ALA C 386 -34.17 61.34 -21.34
N PRO C 387 -35.42 60.92 -21.35
CA PRO C 387 -35.82 59.78 -20.50
C PRO C 387 -35.26 58.47 -21.02
N GLN C 388 -35.21 57.49 -20.11
CA GLN C 388 -34.94 56.09 -20.43
C GLN C 388 -33.49 55.85 -20.82
N GLN C 389 -32.70 56.92 -20.92
CA GLN C 389 -31.29 56.77 -21.27
C GLN C 389 -30.35 57.08 -20.11
N TYR C 390 -30.73 57.94 -19.17
CA TYR C 390 -29.90 58.18 -18.00
C TYR C 390 -30.09 57.11 -16.94
N LYS C 391 -31.18 56.33 -17.02
CA LYS C 391 -31.42 55.29 -16.04
C LYS C 391 -30.34 54.21 -16.11
N GLU C 392 -29.92 53.83 -17.31
CA GLU C 392 -28.82 52.87 -17.42
C GLU C 392 -27.51 53.49 -16.94
N ILE C 393 -27.33 54.79 -17.12
CA ILE C 393 -26.13 55.45 -16.62
C ILE C 393 -26.05 55.35 -15.10
N VAL C 394 -27.14 55.72 -14.42
CA VAL C 394 -27.12 55.65 -12.96
C VAL C 394 -27.04 54.21 -12.49
N GLU C 395 -27.68 53.29 -13.22
CA GLU C 395 -27.58 51.86 -12.87
C GLU C 395 -26.14 51.40 -12.91
N GLN C 396 -25.42 51.75 -13.98
CA GLN C 396 -24.00 51.41 -14.08
C GLN C 396 -23.22 52.06 -12.93
N GLY C 397 -23.55 53.31 -12.61
CA GLY C 397 -22.90 54.00 -11.50
C GLY C 397 -22.96 53.24 -10.19
N TYR C 398 -24.17 53.04 -9.66
CA TYR C 398 -24.23 52.35 -8.37
C TYR C 398 -23.94 50.86 -8.48
N PHE C 399 -24.06 50.25 -9.67
CA PHE C 399 -23.58 48.89 -9.85
C PHE C 399 -22.08 48.81 -9.59
N SER C 400 -21.32 49.74 -10.18
CA SER C 400 -19.89 49.79 -9.91
C SER C 400 -19.63 50.13 -8.44
N ILE C 401 -20.44 51.02 -7.87
CA ILE C 401 -20.26 51.39 -6.46
C ILE C 401 -20.33 50.16 -5.57
N LEU C 402 -21.37 49.32 -5.76
CA LEU C 402 -21.51 48.16 -4.89
C LEU C 402 -20.52 47.05 -5.28
N ALA C 403 -20.17 46.95 -6.56
CA ALA C 403 -19.19 45.97 -6.99
C ALA C 403 -17.85 46.22 -6.33
N GLU C 404 -17.48 47.49 -6.14
CA GLU C 404 -16.28 47.81 -5.39
C GLU C 404 -16.30 47.15 -4.02
N TYR C 405 -17.40 47.33 -3.28
CA TYR C 405 -17.51 46.75 -1.94
C TYR C 405 -17.44 45.23 -1.99
N VAL C 406 -18.18 44.61 -2.92
CA VAL C 406 -18.26 43.15 -2.92
C VAL C 406 -16.91 42.53 -3.28
N TYR C 407 -16.16 43.16 -4.20
CA TYR C 407 -14.80 42.72 -4.44
C TYR C 407 -13.91 42.94 -3.23
N SER C 408 -14.05 44.09 -2.56
CA SER C 408 -13.17 44.42 -1.44
C SER C 408 -13.32 43.44 -0.29
N TYR C 409 -14.56 43.07 0.05
CA TYR C 409 -14.83 42.32 1.28
C TYR C 409 -15.31 40.90 1.02
N ASN C 410 -15.03 40.35 -0.17
CA ASN C 410 -15.28 38.94 -0.47
C ASN C 410 -16.73 38.55 -0.22
N GLY C 411 -17.65 39.43 -0.59
CA GLY C 411 -19.07 39.10 -0.53
C GLY C 411 -19.67 39.09 0.86
N MET C 412 -18.92 39.50 1.88
CA MET C 412 -19.43 39.55 3.24
C MET C 412 -20.27 40.82 3.40
N LEU C 413 -21.50 40.73 2.92
CA LEU C 413 -22.43 41.85 3.02
C LEU C 413 -22.74 42.15 4.48
N GLU C 414 -22.90 43.43 4.78
CA GLU C 414 -23.11 43.89 6.14
C GLU C 414 -23.78 45.26 6.07
N HIS C 415 -24.26 45.73 7.22
CA HIS C 415 -24.93 47.02 7.27
C HIS C 415 -23.97 48.13 6.82
N TYR C 416 -24.57 49.25 6.42
CA TYR C 416 -23.90 50.48 5.99
C TYR C 416 -23.27 50.38 4.60
N MET C 417 -23.15 49.16 4.08
CA MET C 417 -22.79 49.01 2.68
C MET C 417 -24.03 48.99 1.80
N ILE C 418 -25.10 48.38 2.27
CA ILE C 418 -26.40 48.57 1.66
C ILE C 418 -26.84 50.01 1.79
N ALA C 419 -26.49 50.67 2.91
CA ALA C 419 -26.93 52.04 3.15
C ALA C 419 -26.36 53.01 2.13
N LYS C 420 -25.08 52.87 1.80
CA LYS C 420 -24.47 53.75 0.80
C LYS C 420 -25.16 53.60 -0.56
N VAL C 421 -25.41 52.36 -0.98
CA VAL C 421 -26.05 52.12 -2.26
C VAL C 421 -27.48 52.67 -2.24
N ILE C 422 -28.17 52.54 -1.11
CA ILE C 422 -29.53 53.06 -1.00
C ILE C 422 -29.52 54.59 -1.08
N TYR C 423 -28.57 55.23 -0.38
CA TYR C 423 -28.45 56.68 -0.48
C TYR C 423 -28.19 57.11 -1.91
N ALA C 424 -27.36 56.34 -2.63
CA ALA C 424 -27.18 56.59 -4.05
C ALA C 424 -28.47 56.33 -4.84
N MET C 425 -29.35 55.47 -4.33
CA MET C 425 -30.59 55.15 -5.03
C MET C 425 -31.56 56.32 -4.99
N MET C 426 -32.04 56.67 -3.80
CA MET C 426 -32.97 57.78 -3.62
C MET C 426 -32.48 58.68 -2.49
N GLY C 427 -31.58 59.59 -2.83
CA GLY C 427 -31.27 60.72 -1.99
C GLY C 427 -32.13 61.92 -2.28
N ASN C 428 -33.21 61.72 -3.03
CA ASN C 428 -34.05 62.80 -3.54
C ASN C 428 -35.50 62.68 -3.08
N LYS C 429 -35.80 61.74 -2.19
CA LYS C 429 -37.18 61.51 -1.78
C LYS C 429 -37.35 61.26 -0.28
N PHE C 430 -36.27 61.27 0.51
CA PHE C 430 -36.37 61.06 1.94
C PHE C 430 -35.38 62.00 2.63
N VAL C 431 -35.82 62.60 3.73
CA VAL C 431 -34.97 63.46 4.54
C VAL C 431 -35.14 63.07 6.00
N VAL C 432 -34.02 62.92 6.71
CA VAL C 432 -34.01 62.52 8.11
C VAL C 432 -33.58 63.71 8.95
N ASP C 433 -34.33 64.00 10.00
CA ASP C 433 -33.97 65.09 10.91
C ASP C 433 -34.27 64.68 12.34
N VAL C 434 -33.95 65.58 13.27
CA VAL C 434 -34.15 65.34 14.69
C VAL C 434 -34.91 66.52 15.27
N ASP C 435 -36.01 66.25 15.96
CA ASP C 435 -36.83 67.28 16.56
C ASP C 435 -36.30 67.62 17.95
N SER C 436 -37.07 68.41 18.72
CA SER C 436 -36.66 68.77 20.07
C SER C 436 -36.59 67.53 20.97
N ASN C 437 -37.51 66.58 20.77
CA ASN C 437 -37.54 65.37 21.59
C ASN C 437 -36.34 64.46 21.36
N GLY C 438 -35.56 64.69 20.31
CA GLY C 438 -34.41 63.88 20.01
C GLY C 438 -34.71 62.63 19.21
N LYS C 439 -35.97 62.37 18.89
CA LYS C 439 -36.33 61.20 18.10
C LYS C 439 -36.13 61.51 16.62
N TYR C 440 -35.41 60.63 15.93
CA TYR C 440 -35.21 60.80 14.49
C TYR C 440 -36.53 60.65 13.76
N VAL C 441 -36.78 61.54 12.80
CA VAL C 441 -38.01 61.55 12.04
C VAL C 441 -37.68 61.64 10.56
N TRP C 442 -38.59 61.11 9.75
CA TRP C 442 -38.43 61.01 8.31
C TRP C 442 -39.49 61.85 7.60
N PHE C 443 -39.10 62.45 6.48
CA PHE C 443 -40.01 63.23 5.65
C PHE C 443 -39.87 62.78 4.20
N GLU C 444 -40.99 62.62 3.53
CA GLU C 444 -41.04 62.08 2.18
C GLU C 444 -41.67 63.09 1.23
N PHE C 445 -41.07 63.24 0.06
CA PHE C 445 -41.56 64.18 -0.95
C PHE C 445 -42.58 63.47 -1.82
N VAL C 446 -43.86 63.76 -1.58
CA VAL C 446 -44.93 63.09 -2.31
C VAL C 446 -44.84 63.41 -3.79
N LEU C 447 -45.05 62.40 -4.62
CA LEU C 447 -45.00 62.51 -6.06
C LEU C 447 -46.26 61.91 -6.66
N PRO C 448 -46.77 62.48 -7.75
CA PRO C 448 -48.04 61.98 -8.32
C PRO C 448 -47.93 60.53 -8.76
N GLY C 449 -49.02 59.78 -8.59
CA GLY C 449 -49.07 58.40 -9.02
C GLY C 449 -48.60 57.41 -7.97
N GLN C 450 -49.02 57.62 -6.73
CA GLN C 450 -48.70 56.71 -5.64
C GLN C 450 -49.75 56.88 -4.55
N PRO C 451 -49.95 55.86 -3.71
CA PRO C 451 -50.95 55.99 -2.64
C PRO C 451 -50.64 57.15 -1.72
N MET C 452 -51.68 57.86 -1.30
CA MET C 452 -51.55 59.13 -0.60
C MET C 452 -52.92 59.59 -0.16
N ASN C 453 -52.94 60.63 0.67
CA ASN C 453 -54.17 61.28 1.07
C ASN C 453 -54.60 62.25 -0.03
N GLN C 454 -55.55 63.12 0.27
CA GLN C 454 -56.06 64.07 -0.71
C GLN C 454 -55.36 65.42 -0.54
N GLY C 455 -54.94 65.98 -1.68
CA GLY C 455 -54.41 67.33 -1.72
C GLY C 455 -53.10 67.59 -1.00
N GLU C 456 -52.11 66.70 -1.16
CA GLU C 456 -50.76 66.98 -0.70
C GLU C 456 -49.73 66.73 -1.80
N ILE C 457 -50.15 66.80 -3.07
CA ILE C 457 -49.23 66.55 -4.17
C ILE C 457 -48.13 67.60 -4.16
N TRP C 458 -46.91 67.17 -4.52
CA TRP C 458 -45.74 68.04 -4.60
C TRP C 458 -45.40 68.66 -3.24
N LYS C 459 -45.65 67.94 -2.16
CA LYS C 459 -45.37 68.44 -0.81
C LYS C 459 -44.56 67.41 -0.04
N TRP C 460 -44.05 67.84 1.11
CA TRP C 460 -43.31 66.98 2.02
C TRP C 460 -44.23 66.54 3.14
N ARG C 461 -44.38 65.23 3.33
CA ARG C 461 -45.20 64.67 4.38
C ARG C 461 -44.33 64.01 5.44
N LYS C 462 -44.67 64.24 6.70
CA LYS C 462 -44.01 63.56 7.80
C LYS C 462 -44.35 62.06 7.76
N GLU C 463 -43.44 61.25 8.29
CA GLU C 463 -43.63 59.81 8.26
C GLU C 463 -42.99 59.20 9.51
N VAL C 464 -43.65 58.18 10.06
CA VAL C 464 -43.25 57.64 11.36
C VAL C 464 -42.19 56.54 11.22
N ASN C 465 -42.37 55.61 10.28
CA ASN C 465 -41.45 54.50 10.11
C ASN C 465 -41.40 54.12 8.65
N PRO C 466 -40.29 54.43 7.94
CA PRO C 466 -40.29 54.40 6.47
C PRO C 466 -40.86 53.12 5.87
N ASP C 467 -42.00 53.24 5.19
CA ASP C 467 -42.66 52.10 4.58
C ASP C 467 -42.06 51.79 3.21
N GLU C 468 -42.17 52.73 2.27
CA GLU C 468 -41.69 52.50 0.91
C GLU C 468 -40.22 52.14 0.88
N LEU C 469 -39.45 52.61 1.87
CA LEU C 469 -38.03 52.30 1.92
C LEU C 469 -37.80 50.81 2.05
N HIS C 470 -38.59 50.14 2.90
CA HIS C 470 -38.42 48.70 3.10
C HIS C 470 -38.75 47.91 1.83
N ILE C 471 -39.84 48.27 1.16
CA ILE C 471 -40.19 47.60 -0.10
C ILE C 471 -39.09 47.81 -1.13
N TYR C 472 -38.57 49.03 -1.22
CA TYR C 472 -37.47 49.27 -2.16
C TYR C 472 -36.24 48.46 -1.80
N ILE C 473 -35.97 48.31 -0.50
CA ILE C 473 -34.88 47.47 -0.04
C ILE C 473 -35.07 46.04 -0.54
N SER C 474 -36.29 45.54 -0.44
CA SER C 474 -36.53 44.14 -0.75
C SER C 474 -36.69 43.89 -2.25
N GLU C 475 -37.37 44.80 -2.96
CA GLU C 475 -37.79 44.50 -4.32
C GLU C 475 -36.76 44.92 -5.38
N ASN C 476 -36.46 46.21 -5.45
CA ASN C 476 -35.62 46.72 -6.53
C ASN C 476 -34.15 46.37 -6.33
N PHE C 477 -33.71 46.23 -5.09
CA PHE C 477 -32.31 45.91 -4.81
C PHE C 477 -31.93 44.54 -5.37
N SER C 478 -32.91 43.64 -5.48
CA SER C 478 -32.65 42.32 -6.04
C SER C 478 -32.19 42.39 -7.50
N ARG C 479 -32.58 43.44 -8.22
CA ARG C 479 -32.10 43.62 -9.58
C ARG C 479 -30.58 43.82 -9.58
N VAL C 480 -30.09 44.67 -8.68
CA VAL C 480 -28.65 44.85 -8.54
C VAL C 480 -28.00 43.53 -8.11
N MET C 481 -28.64 42.83 -7.16
CA MET C 481 -28.07 41.58 -6.65
C MET C 481 -27.88 40.56 -7.77
N ASP C 482 -28.93 40.28 -8.53
CA ASP C 482 -28.79 39.26 -9.56
C ASP C 482 -28.04 39.74 -10.79
N ARG C 483 -27.98 41.05 -11.05
CA ARG C 483 -27.07 41.54 -12.08
C ARG C 483 -25.62 41.26 -11.70
N ILE C 484 -25.27 41.51 -10.44
CA ILE C 484 -23.92 41.19 -9.99
C ILE C 484 -23.69 39.68 -10.02
N THR C 485 -24.71 38.91 -9.66
CA THR C 485 -24.59 37.45 -9.71
C THR C 485 -24.28 36.97 -11.12
N GLU C 486 -25.04 37.47 -12.11
CA GLU C 486 -24.78 37.05 -13.49
C GLU C 486 -23.45 37.58 -14.00
N HIS C 487 -23.01 38.74 -13.53
CA HIS C 487 -21.67 39.22 -13.87
C HIS C 487 -20.61 38.26 -13.37
N ILE C 488 -20.75 37.80 -12.13
CA ILE C 488 -19.81 36.82 -11.57
C ILE C 488 -19.86 35.53 -12.38
N LYS C 489 -21.06 35.08 -12.74
CA LYS C 489 -21.18 33.87 -13.54
C LYS C 489 -20.48 34.01 -14.89
N TYR C 490 -20.67 35.16 -15.55
CA TYR C 490 -20.02 35.38 -16.83
C TYR C 490 -18.50 35.38 -16.70
N HIS C 491 -17.98 36.12 -15.71
CA HIS C 491 -16.54 36.16 -15.52
C HIS C 491 -15.97 34.80 -15.11
N LEU C 492 -16.79 33.95 -14.49
CA LEU C 492 -16.35 32.58 -14.21
C LEU C 492 -16.40 31.71 -15.45
N SER C 493 -17.30 32.02 -16.39
CA SER C 493 -17.46 31.18 -17.58
C SER C 493 -16.20 31.16 -18.43
N GLN C 494 -15.57 32.32 -18.61
CA GLN C 494 -14.42 32.41 -19.50
C GLN C 494 -13.24 31.59 -18.96
N PRO C 495 -12.46 30.97 -19.85
CA PRO C 495 -11.32 30.18 -19.38
C PRO C 495 -10.25 31.06 -18.74
N HIS C 496 -9.59 30.48 -17.74
CA HIS C 496 -8.55 31.17 -16.97
C HIS C 496 -7.78 30.11 -16.19
N GLU C 497 -6.93 30.55 -15.28
CA GLU C 497 -6.13 29.64 -14.46
C GLU C 497 -7.01 28.96 -13.42
N SER C 498 -6.45 27.91 -12.80
CA SER C 498 -7.16 27.23 -11.73
C SER C 498 -7.34 28.12 -10.51
N ASN C 499 -6.30 28.88 -10.15
CA ASN C 499 -6.34 29.68 -8.94
C ASN C 499 -7.44 30.74 -9.00
N ILE C 500 -7.54 31.46 -10.12
CA ILE C 500 -8.57 32.47 -10.26
C ILE C 500 -9.95 31.84 -10.27
N LEU C 501 -10.09 30.65 -10.87
CA LEU C 501 -11.38 29.96 -10.84
C LEU C 501 -11.77 29.58 -9.42
N ASN C 502 -10.81 29.11 -8.63
CA ASN C 502 -11.10 28.81 -7.23
C ASN C 502 -11.47 30.08 -6.47
N TYR C 503 -10.78 31.18 -6.75
CA TYR C 503 -11.10 32.46 -6.12
C TYR C 503 -12.54 32.87 -6.44
N TYR C 504 -12.93 32.75 -7.70
CA TYR C 504 -14.29 33.12 -8.09
C TYR C 504 -15.32 32.17 -7.51
N LYS C 505 -14.98 30.89 -7.38
CA LYS C 505 -15.88 29.96 -6.69
C LYS C 505 -16.09 30.35 -5.24
N LYS C 506 -15.00 30.76 -4.56
CA LYS C 506 -15.14 31.21 -3.18
C LYS C 506 -16.00 32.46 -3.08
N LEU C 507 -15.79 33.42 -3.99
CA LEU C 507 -16.66 34.59 -4.03
C LEU C 507 -18.11 34.21 -4.26
N LEU C 508 -18.37 33.30 -5.19
CA LEU C 508 -19.74 32.88 -5.46
C LEU C 508 -20.37 32.21 -4.24
N LYS C 509 -19.61 31.33 -3.57
CA LYS C 509 -20.14 30.65 -2.40
C LYS C 509 -20.46 31.63 -1.28
N ALA C 510 -19.53 32.55 -1.00
CA ALA C 510 -19.78 33.54 0.04
C ALA C 510 -20.97 34.42 -0.31
N PHE C 511 -21.06 34.86 -1.56
CA PHE C 511 -22.15 35.74 -1.97
C PHE C 511 -23.48 35.01 -1.85
N GLU C 512 -23.56 33.77 -2.35
CA GLU C 512 -24.82 33.03 -2.24
C GLU C 512 -25.17 32.73 -0.80
N ARG C 513 -24.16 32.56 0.07
CA ARG C 513 -24.43 32.48 1.50
C ARG C 513 -25.06 33.76 2.01
N SER C 514 -24.62 34.91 1.49
CA SER C 514 -25.18 36.20 1.88
C SER C 514 -26.13 36.75 0.81
N LYS C 515 -26.54 35.91 -0.15
CA LYS C 515 -27.35 36.35 -1.28
C LYS C 515 -28.74 36.75 -0.78
N SER C 516 -29.01 38.05 -0.79
CA SER C 516 -30.33 38.59 -0.49
C SER C 516 -30.86 38.06 0.84
N LYS C 517 -29.96 37.89 1.80
CA LYS C 517 -30.38 37.66 3.18
C LYS C 517 -30.81 38.96 3.83
N ILE C 518 -30.95 40.02 3.02
CA ILE C 518 -31.55 41.27 3.46
C ILE C 518 -33.02 41.10 3.79
N PHE C 519 -33.65 40.03 3.31
CA PHE C 519 -35.07 39.82 3.55
C PHE C 519 -35.40 39.56 5.00
N ASN C 520 -34.40 39.30 5.84
CA ASN C 520 -34.62 39.20 7.28
C ASN C 520 -35.02 40.57 7.83
N ASP C 521 -35.98 40.57 8.75
CA ASP C 521 -36.49 41.83 9.27
C ASP C 521 -35.45 42.55 10.13
N SER C 522 -34.71 41.79 10.95
CA SER C 522 -33.70 42.41 11.81
C SER C 522 -32.61 43.08 10.98
N PHE C 523 -32.20 42.44 9.89
CA PHE C 523 -31.19 43.03 9.02
C PHE C 523 -31.69 44.34 8.42
N LYS C 524 -32.95 44.36 7.97
CA LYS C 524 -33.50 45.59 7.40
C LYS C 524 -33.61 46.70 8.45
N LYS C 525 -33.99 46.34 9.68
CA LYS C 525 -34.03 47.33 10.75
C LYS C 525 -32.65 47.90 11.03
N GLY C 526 -31.64 47.03 11.08
CA GLY C 526 -30.27 47.51 11.26
C GLY C 526 -29.83 48.40 10.12
N VAL C 527 -30.18 48.03 8.89
CA VAL C 527 -29.81 48.85 7.73
C VAL C 527 -30.47 50.22 7.80
N ILE C 528 -31.74 50.27 8.20
CA ILE C 528 -32.43 51.55 8.32
C ILE C 528 -31.77 52.40 9.39
N ARG C 529 -31.46 51.79 10.54
CA ARG C 529 -30.82 52.54 11.62
C ARG C 529 -29.46 53.07 11.21
N GLN C 530 -28.68 52.27 10.48
CA GLN C 530 -27.39 52.74 9.97
C GLN C 530 -27.58 53.86 8.95
N ALA C 531 -28.56 53.71 8.05
CA ALA C 531 -28.72 54.65 6.95
C ALA C 531 -29.29 55.99 7.40
N GLU C 532 -30.02 56.02 8.52
CA GLU C 532 -30.57 57.30 8.97
C GLU C 532 -29.48 58.33 9.24
N PHE C 533 -28.23 57.88 9.48
CA PHE C 533 -27.13 58.81 9.65
C PHE C 533 -26.76 59.49 8.34
N LEU C 534 -26.71 58.73 7.25
CA LEU C 534 -26.32 59.29 5.95
C LEU C 534 -27.38 60.27 5.44
N PHE C 535 -28.66 59.95 5.65
CA PHE C 535 -29.74 60.75 5.10
C PHE C 535 -29.97 62.06 5.83
N ARG C 536 -29.31 62.27 6.97
CA ARG C 536 -29.57 63.46 7.77
C ARG C 536 -29.18 64.73 7.03
N GLN C 537 -30.02 65.76 7.16
CA GLN C 537 -29.75 67.09 6.63
C GLN C 537 -29.95 68.09 7.75
N ARG C 538 -28.85 68.62 8.27
CA ARG C 538 -28.93 69.52 9.41
C ARG C 538 -29.70 70.80 9.05
N SER C 539 -30.41 71.34 10.04
CA SER C 539 -31.17 72.57 9.89
C SER C 539 -32.23 72.44 8.80
N PHE C 540 -33.16 71.50 9.02
CA PHE C 540 -34.26 71.27 8.10
C PHE C 540 -35.62 71.48 8.73
N ILE C 541 -35.82 71.05 9.98
CA ILE C 541 -37.11 71.25 10.63
C ILE C 541 -37.37 72.73 10.86
N GLN C 542 -36.37 73.47 11.34
CA GLN C 542 -36.58 74.87 11.68
C GLN C 542 -36.68 75.76 10.45
N THR C 543 -36.34 75.27 9.27
CA THR C 543 -36.51 76.03 8.04
C THR C 543 -37.77 75.65 7.28
N LEU C 544 -38.60 74.79 7.85
CA LEU C 544 -39.85 74.42 7.22
C LEU C 544 -40.86 75.56 7.34
N ASP C 545 -41.53 75.88 6.23
CA ASP C 545 -42.60 76.87 6.15
C ASP C 545 -42.16 78.26 6.55
N THR C 546 -40.85 78.50 6.66
CA THR C 546 -40.37 79.83 7.05
C THR C 546 -40.65 80.87 5.97
N ASN C 547 -40.69 80.46 4.71
CA ASN C 547 -40.98 81.40 3.63
C ASN C 547 -42.43 81.84 3.71
N PRO C 548 -42.71 83.14 3.84
CA PRO C 548 -44.11 83.58 3.96
C PRO C 548 -44.86 83.70 2.65
N HIS C 549 -44.18 83.53 1.51
CA HIS C 549 -44.78 83.72 0.20
C HIS C 549 -45.27 82.41 -0.42
N LEU C 550 -45.17 81.30 0.29
CA LEU C 550 -45.53 80.00 -0.25
C LEU C 550 -46.72 79.43 0.52
N LEU C 551 -47.70 78.89 -0.21
CA LEU C 551 -48.86 78.26 0.38
C LEU C 551 -49.04 76.88 -0.23
N GLY C 552 -49.56 75.95 0.57
CA GLY C 552 -49.80 74.60 0.11
C GLY C 552 -51.27 74.38 -0.19
N VAL C 553 -51.58 74.14 -1.47
CA VAL C 553 -52.95 73.99 -1.92
C VAL C 553 -53.15 72.57 -2.43
N GLY C 554 -54.41 72.16 -2.51
CA GLY C 554 -54.73 70.78 -2.83
C GLY C 554 -54.18 70.32 -4.16
N ASN C 555 -53.92 71.24 -5.08
CA ASN C 555 -53.35 70.93 -6.38
C ASN C 555 -51.95 71.52 -6.55
N GLY C 556 -51.16 71.50 -5.49
CA GLY C 556 -49.77 71.92 -5.60
C GLY C 556 -49.35 73.00 -4.63
N VAL C 557 -48.49 73.92 -5.08
CA VAL C 557 -48.01 75.00 -4.22
C VAL C 557 -48.21 76.33 -4.92
N LEU C 558 -48.74 77.30 -4.19
CA LEU C 558 -49.02 78.63 -4.72
C LEU C 558 -47.96 79.60 -4.23
N SER C 559 -47.31 80.29 -5.16
CA SER C 559 -46.28 81.27 -4.87
C SER C 559 -46.83 82.66 -5.14
N ILE C 560 -46.86 83.50 -4.11
CA ILE C 560 -47.34 84.87 -4.19
C ILE C 560 -46.16 85.84 -4.23
N GLU C 561 -44.95 85.34 -4.50
CA GLU C 561 -43.77 86.19 -4.53
C GLU C 561 -43.88 87.24 -5.64
N THR C 562 -44.35 86.86 -6.82
CA THR C 562 -44.45 87.76 -7.95
C THR C 562 -45.92 87.99 -8.30
N ILE C 563 -46.14 88.96 -9.16
CA ILE C 563 -47.47 89.32 -9.67
C ILE C 563 -47.47 89.05 -11.18
N PRO C 564 -48.33 88.16 -11.69
CA PRO C 564 -49.33 87.40 -10.93
C PRO C 564 -48.74 86.22 -10.18
N ALA C 565 -49.51 85.67 -9.23
CA ALA C 565 -49.06 84.51 -8.47
C ALA C 565 -48.92 83.29 -9.39
N LYS C 566 -48.02 82.39 -9.03
CA LYS C 566 -47.72 81.23 -9.85
C LYS C 566 -48.15 79.95 -9.14
N LEU C 567 -48.75 79.03 -9.90
CA LEU C 567 -49.16 77.74 -9.37
C LEU C 567 -48.18 76.68 -9.84
N ILE C 568 -47.37 76.17 -8.91
CA ILE C 568 -46.36 75.16 -9.21
C ILE C 568 -46.99 73.80 -8.94
N ASN C 569 -47.00 72.95 -9.97
CA ASN C 569 -47.50 71.59 -9.89
C ASN C 569 -46.50 70.64 -10.53
N HIS C 570 -45.22 70.84 -10.25
CA HIS C 570 -44.15 69.98 -10.76
C HIS C 570 -43.04 69.92 -9.72
N PHE C 571 -41.91 69.34 -10.10
CA PHE C 571 -40.80 69.18 -9.18
C PHE C 571 -40.24 70.54 -8.77
N HIS C 572 -39.82 70.63 -7.51
CA HIS C 572 -39.26 71.86 -6.96
C HIS C 572 -38.39 71.48 -5.75
N GLU C 573 -37.97 72.50 -5.00
CA GLU C 573 -37.10 72.26 -3.85
C GLU C 573 -37.51 73.07 -2.62
N HIS C 574 -38.64 73.73 -2.64
CA HIS C 574 -39.06 74.53 -1.49
C HIS C 574 -39.53 73.62 -0.37
N PRO C 575 -39.04 73.80 0.86
CA PRO C 575 -39.41 72.94 2.00
C PRO C 575 -40.72 73.35 2.69
N ILE C 576 -41.84 72.88 2.13
CA ILE C 576 -43.15 73.13 2.70
C ILE C 576 -43.74 71.81 3.17
N HIS C 577 -44.41 71.84 4.32
CA HIS C 577 -45.05 70.64 4.85
C HIS C 577 -46.53 70.83 5.13
N GLN C 578 -46.93 71.98 5.66
CA GLN C 578 -48.34 72.24 5.93
C GLN C 578 -49.04 72.70 4.67
N TYR C 579 -50.37 72.58 4.66
CA TYR C 579 -51.13 72.85 3.45
C TYR C 579 -52.60 73.01 3.81
N THR C 580 -53.38 73.41 2.80
CA THR C 580 -54.83 73.39 2.83
C THR C 580 -55.34 72.56 1.66
N HIS C 581 -56.55 72.02 1.80
CA HIS C 581 -57.14 71.13 0.82
C HIS C 581 -57.97 71.86 -0.22
N ILE C 582 -57.64 73.10 -0.53
CA ILE C 582 -58.42 73.93 -1.44
C ILE C 582 -57.67 74.03 -2.76
N CYS C 583 -58.27 73.50 -3.83
CA CYS C 583 -57.70 73.63 -5.16
C CYS C 583 -57.85 75.07 -5.65
N TYR C 584 -56.80 75.58 -6.30
CA TYR C 584 -56.77 76.96 -6.74
C TYR C 584 -57.01 77.05 -8.24
N VAL C 585 -57.81 78.03 -8.64
CA VAL C 585 -58.05 78.33 -10.06
C VAL C 585 -57.87 79.82 -10.26
N PRO C 586 -57.53 80.27 -11.46
CA PRO C 586 -57.41 81.72 -11.69
C PRO C 586 -58.75 82.42 -11.48
N PHE C 587 -58.68 83.66 -11.03
CA PHE C 587 -59.87 84.43 -10.70
C PHE C 587 -60.73 84.66 -11.92
N ASN C 588 -61.90 84.03 -11.97
CA ASN C 588 -62.85 84.19 -13.07
C ASN C 588 -64.12 84.84 -12.54
N PRO C 589 -64.34 86.13 -12.80
CA PRO C 589 -65.59 86.76 -12.34
C PRO C 589 -66.83 86.19 -13.00
N GLU C 590 -66.69 85.51 -14.14
CA GLU C 590 -67.84 84.91 -14.82
C GLU C 590 -68.29 83.60 -14.20
N ASN C 591 -67.53 83.05 -13.26
CA ASN C 591 -67.96 81.84 -12.57
C ASN C 591 -69.24 82.13 -11.79
N PRO C 592 -70.27 81.29 -11.91
CA PRO C 592 -71.54 81.59 -11.24
C PRO C 592 -71.42 81.73 -9.73
N TRP C 593 -70.63 80.87 -9.10
CA TRP C 593 -70.42 80.98 -7.67
C TRP C 593 -69.66 82.25 -7.32
N THR C 594 -68.71 82.64 -8.17
CA THR C 594 -68.02 83.90 -7.97
C THR C 594 -69.00 85.08 -8.05
N LYS C 595 -69.92 85.03 -9.02
CA LYS C 595 -70.92 86.09 -9.14
C LYS C 595 -71.80 86.14 -7.90
N LEU C 596 -72.27 84.98 -7.43
CA LEU C 596 -73.12 84.94 -6.25
C LEU C 596 -72.39 85.48 -5.03
N LEU C 597 -71.12 85.08 -4.85
CA LEU C 597 -70.35 85.57 -3.71
C LEU C 597 -70.16 87.08 -3.80
N LEU C 598 -69.84 87.59 -4.99
CA LEU C 598 -69.65 89.02 -5.14
C LEU C 598 -70.93 89.79 -4.82
N ASN C 599 -72.07 89.32 -5.33
CA ASN C 599 -73.34 90.00 -5.09
C ASN C 599 -73.70 89.98 -3.61
N ALA C 600 -73.60 88.81 -2.97
CA ALA C 600 -73.95 88.71 -1.56
C ALA C 600 -73.02 89.56 -0.71
N LEU C 601 -71.73 89.54 -1.01
CA LEU C 601 -70.76 90.32 -0.24
C LEU C 601 -71.01 91.82 -0.40
N GLN C 602 -71.32 92.26 -1.63
CA GLN C 602 -71.66 93.66 -1.83
C GLN C 602 -72.91 94.05 -1.05
N ASP C 603 -73.93 93.17 -1.07
CA ASP C 603 -75.15 93.47 -0.32
C ASP C 603 -74.91 93.47 1.18
N ILE C 604 -73.90 92.73 1.65
CA ILE C 604 -73.61 92.70 3.09
C ILE C 604 -73.21 94.09 3.57
N ILE C 605 -72.33 94.76 2.83
CA ILE C 605 -71.87 96.09 3.20
C ILE C 605 -71.95 97.01 1.98
N PRO C 606 -72.99 97.84 1.88
CA PRO C 606 -73.18 98.64 0.66
C PRO C 606 -72.07 99.65 0.41
N GLU C 607 -71.43 100.17 1.45
CA GLU C 607 -70.43 101.22 1.28
C GLU C 607 -69.27 100.72 0.43
N LEU C 608 -69.10 101.34 -0.74
CA LEU C 608 -68.08 100.89 -1.69
C LEU C 608 -66.68 101.03 -1.08
N ASP C 609 -66.38 102.20 -0.51
CA ASP C 609 -65.07 102.41 0.09
C ASP C 609 -64.84 101.46 1.26
N ALA C 610 -65.83 101.31 2.13
CA ALA C 610 -65.69 100.39 3.25
C ALA C 610 -65.58 98.95 2.76
N ARG C 611 -66.33 98.59 1.72
CA ARG C 611 -66.24 97.25 1.15
C ARG C 611 -64.82 96.96 0.67
N LEU C 612 -64.25 97.88 -0.10
CA LEU C 612 -62.90 97.69 -0.60
C LEU C 612 -61.90 97.66 0.53
N TRP C 613 -62.06 98.51 1.54
CA TRP C 613 -61.15 98.52 2.67
C TRP C 613 -61.18 97.19 3.42
N ILE C 614 -62.38 96.66 3.66
CA ILE C 614 -62.50 95.40 4.40
C ILE C 614 -61.93 94.25 3.57
N MET C 615 -62.21 94.23 2.27
CA MET C 615 -61.64 93.19 1.41
C MET C 615 -60.12 93.26 1.40
N PHE C 616 -59.56 94.46 1.30
CA PHE C 616 -58.11 94.60 1.28
C PHE C 616 -57.49 94.17 2.60
N TYR C 617 -58.14 94.51 3.72
CA TYR C 617 -57.65 94.07 5.01
C TYR C 617 -57.69 92.55 5.15
N LEU C 618 -58.80 91.94 4.71
CA LEU C 618 -58.95 90.49 4.84
C LEU C 618 -58.05 89.72 3.87
N SER C 619 -57.64 90.34 2.76
CA SER C 619 -56.78 89.66 1.81
C SER C 619 -55.38 89.42 2.38
N THR C 620 -55.00 90.10 3.46
CA THR C 620 -53.68 89.94 4.04
C THR C 620 -53.56 88.73 4.94
N ALA C 621 -54.64 87.99 5.17
CA ALA C 621 -54.58 86.81 6.03
C ALA C 621 -53.68 85.73 5.42
N ILE C 622 -53.55 85.70 4.10
CA ILE C 622 -52.70 84.70 3.46
C ILE C 622 -51.24 84.93 3.83
N PHE C 623 -50.81 86.18 3.89
CA PHE C 623 -49.44 86.50 4.26
C PHE C 623 -49.18 86.07 5.70
N ARG C 624 -48.01 85.47 5.93
CA ARG C 624 -47.65 84.97 7.26
C ARG C 624 -46.47 85.73 7.87
N GLY C 625 -45.87 86.65 7.14
CA GLY C 625 -44.78 87.46 7.66
C GLY C 625 -45.29 88.62 8.49
N LEU C 626 -44.37 89.51 8.83
CA LEU C 626 -44.71 90.66 9.67
C LEU C 626 -45.73 91.55 8.97
N LYS C 627 -46.67 92.07 9.76
CA LYS C 627 -47.73 92.93 9.26
C LYS C 627 -47.87 94.14 10.18
N GLU C 628 -48.55 95.16 9.67
CA GLU C 628 -48.78 96.36 10.47
C GLU C 628 -49.68 96.06 11.66
N ALA C 629 -49.47 96.82 12.74
CA ALA C 629 -50.18 96.62 14.00
C ALA C 629 -51.59 97.18 13.84
N LEU C 630 -52.51 96.35 13.34
CA LEU C 630 -53.90 96.73 13.13
C LEU C 630 -54.81 95.83 13.94
N MET C 631 -55.88 96.42 14.46
CA MET C 631 -56.94 95.70 15.15
C MET C 631 -58.26 96.01 14.48
N LEU C 632 -59.02 94.96 14.15
CA LEU C 632 -60.33 95.12 13.53
C LEU C 632 -61.39 94.63 14.49
N LEU C 633 -62.32 95.52 14.84
CA LEU C 633 -63.48 95.16 15.64
C LEU C 633 -64.69 95.89 15.08
N TRP C 634 -65.78 95.16 14.84
CA TRP C 634 -66.95 95.81 14.27
C TRP C 634 -68.21 95.06 14.67
N LEU C 635 -69.24 95.83 14.99
CA LEU C 635 -70.43 95.38 15.71
C LEU C 635 -71.67 95.58 14.84
N GLY C 636 -72.80 95.14 15.37
CA GLY C 636 -74.08 95.31 14.70
C GLY C 636 -75.22 94.89 15.61
N GLY C 637 -76.44 95.19 15.15
CA GLY C 637 -77.60 94.85 15.95
C GLY C 637 -77.79 93.35 16.09
N GLY C 638 -77.61 92.61 15.02
CA GLY C 638 -77.80 91.17 15.02
C GLY C 638 -78.41 90.71 13.71
N CYS C 639 -78.27 89.42 13.45
CA CYS C 639 -78.69 88.81 12.18
C CYS C 639 -78.08 89.58 11.01
N ASN C 640 -76.78 89.87 11.13
CA ASN C 640 -76.04 90.64 10.16
C ASN C 640 -75.03 89.74 9.44
N GLY C 641 -74.18 90.34 8.62
CA GLY C 641 -73.17 89.60 7.89
C GLY C 641 -72.15 88.91 8.77
N LYS C 642 -72.07 89.26 10.05
CA LYS C 642 -71.11 88.68 10.97
C LYS C 642 -71.29 87.16 11.06
N THR C 643 -70.20 86.49 11.43
CA THR C 643 -70.16 85.05 11.66
C THR C 643 -70.45 84.24 10.39
N PHE C 644 -70.67 84.92 9.26
CA PHE C 644 -70.86 84.24 7.99
C PHE C 644 -69.56 84.19 7.19
N LEU C 645 -69.03 85.35 6.83
CA LEU C 645 -67.74 85.41 6.14
C LEU C 645 -66.59 85.31 7.14
N MET C 646 -66.79 85.80 8.36
CA MET C 646 -65.74 85.74 9.37
C MET C 646 -65.43 84.30 9.77
N ARG C 647 -66.36 83.38 9.55
CA ARG C 647 -66.10 81.95 9.67
C ARG C 647 -65.72 81.34 8.33
N LEU C 648 -66.24 81.89 7.23
CA LEU C 648 -65.95 81.35 5.90
C LEU C 648 -64.47 81.46 5.58
N VAL C 649 -63.84 82.58 5.92
CA VAL C 649 -62.41 82.76 5.67
C VAL C 649 -61.61 81.70 6.42
N ALA C 650 -61.95 81.49 7.70
CA ALA C 650 -61.24 80.49 8.49
C ALA C 650 -61.42 79.10 7.91
N MET C 651 -62.64 78.77 7.47
CA MET C 651 -62.87 77.47 6.87
C MET C 651 -62.07 77.29 5.58
N VAL C 652 -62.02 78.34 4.75
CA VAL C 652 -61.28 78.27 3.49
C VAL C 652 -59.80 78.07 3.77
N LEU C 653 -59.24 78.84 4.70
CA LEU C 653 -57.83 78.70 5.03
C LEU C 653 -57.54 77.35 5.67
N GLY C 654 -58.48 76.84 6.45
CA GLY C 654 -58.29 75.58 7.14
C GLY C 654 -57.62 75.75 8.50
N ASP C 655 -57.54 74.63 9.22
CA ASP C 655 -57.01 74.66 10.57
C ASP C 655 -55.52 75.00 10.60
N HIS C 656 -54.79 74.63 9.54
CA HIS C 656 -53.33 74.78 9.57
C HIS C 656 -52.90 76.23 9.57
N TYR C 657 -53.61 77.10 8.85
CA TYR C 657 -53.20 78.49 8.71
C TYR C 657 -54.11 79.49 9.41
N ALA C 658 -55.30 79.07 9.85
CA ALA C 658 -56.20 79.94 10.58
C ALA C 658 -56.68 79.22 11.83
N SER C 659 -56.96 79.99 12.88
CA SER C 659 -57.34 79.38 14.14
C SER C 659 -58.32 80.27 14.89
N LYS C 660 -59.35 79.66 15.46
CA LYS C 660 -60.29 80.37 16.30
C LYS C 660 -59.69 80.63 17.68
N LEU C 661 -60.02 81.78 18.24
CA LEU C 661 -59.57 82.16 19.58
C LEU C 661 -60.74 82.15 20.55
N ASN C 662 -60.45 82.53 21.79
CA ASN C 662 -61.46 82.60 22.84
C ASN C 662 -61.46 83.98 23.45
N ILE C 663 -62.66 84.51 23.70
CA ILE C 663 -62.80 85.86 24.22
C ILE C 663 -62.27 85.98 25.65
N SER C 664 -62.04 84.86 26.33
CA SER C 664 -61.49 84.92 27.69
C SER C 664 -60.13 85.58 27.71
N LEU C 665 -59.36 85.47 26.62
CA LEU C 665 -58.08 86.14 26.56
C LEU C 665 -58.24 87.66 26.62
N LEU C 666 -59.24 88.18 25.90
CA LEU C 666 -59.49 89.63 25.95
C LEU C 666 -60.11 90.03 27.28
N THR C 667 -60.98 89.18 27.83
CA THR C 667 -61.58 89.47 29.14
C THR C 667 -60.50 89.57 30.21
N SER C 668 -59.59 88.60 30.23
CA SER C 668 -58.40 88.64 31.09
C SER C 668 -58.79 88.84 32.56
N CYS C 669 -59.79 88.10 33.01
CA CYS C 669 -60.27 88.21 34.39
C CYS C 669 -59.21 87.66 35.33
N ARG C 670 -58.46 88.57 35.98
CA ARG C 670 -57.35 88.22 36.85
C ARG C 670 -56.37 87.30 36.13
N GLU C 671 -56.11 87.60 34.86
CA GLU C 671 -55.28 86.75 34.02
C GLU C 671 -53.81 86.88 34.38
N THR C 672 -53.14 85.74 34.51
CA THR C 672 -51.69 85.68 34.74
C THR C 672 -51.09 84.89 33.59
N ALA C 673 -50.38 85.59 32.70
CA ALA C 673 -49.80 84.96 31.51
C ALA C 673 -48.66 83.99 31.83
N GLU C 674 -48.16 83.99 33.06
CA GLU C 674 -47.06 83.09 33.42
C GLU C 674 -47.48 81.63 33.35
N LYS C 675 -48.76 81.34 33.58
CA LYS C 675 -49.24 79.97 33.48
C LYS C 675 -49.22 79.52 32.02
N PRO C 676 -49.10 78.21 31.78
CA PRO C 676 -49.18 77.70 30.40
C PRO C 676 -50.49 78.11 29.73
N ASN C 677 -50.40 78.94 28.70
CA ASN C 677 -51.56 79.52 28.04
C ASN C 677 -51.71 78.93 26.66
N SER C 678 -52.88 78.37 26.36
CA SER C 678 -53.12 77.74 25.07
C SER C 678 -53.03 78.76 23.93
N ALA C 679 -53.61 79.93 24.11
CA ALA C 679 -53.62 80.93 23.03
C ALA C 679 -52.21 81.35 22.65
N PHE C 680 -51.34 81.57 23.64
CA PHE C 680 -49.94 81.82 23.35
C PHE C 680 -49.29 80.62 22.67
N MET C 681 -49.60 79.41 23.16
CA MET C 681 -49.18 78.21 22.45
C MET C 681 -49.89 78.06 21.11
N ARG C 682 -51.04 78.72 20.93
CA ARG C 682 -51.66 78.80 19.63
C ARG C 682 -51.03 79.95 18.83
N LEU C 683 -51.58 80.22 17.65
CA LEU C 683 -51.10 81.24 16.73
C LEU C 683 -49.68 80.97 16.25
N LYS C 684 -49.15 79.77 16.48
CA LYS C 684 -47.82 79.42 16.01
C LYS C 684 -47.85 79.18 14.50
N GLY C 685 -47.57 80.22 13.71
CA GLY C 685 -47.58 80.13 12.28
C GLY C 685 -48.91 80.42 11.61
N ARG C 686 -50.01 80.28 12.34
CA ARG C 686 -51.32 80.64 11.80
C ARG C 686 -51.42 82.14 11.60
N GLY C 687 -51.96 82.54 10.45
CA GLY C 687 -52.06 83.93 10.06
C GLY C 687 -53.43 84.56 10.17
N TYR C 688 -54.37 83.93 10.87
CA TYR C 688 -55.72 84.47 10.94
C TYR C 688 -56.38 84.04 12.24
N GLY C 689 -56.98 85.00 12.95
CA GLY C 689 -57.69 84.74 14.19
C GLY C 689 -58.96 85.54 14.30
N TYR C 690 -60.04 84.89 14.71
CA TYR C 690 -61.35 85.53 14.77
C TYR C 690 -62.00 85.25 16.11
N PHE C 691 -62.78 86.22 16.58
CA PHE C 691 -63.50 86.09 17.84
C PHE C 691 -65.00 86.00 17.54
N GLU C 692 -65.59 84.86 17.83
CA GLU C 692 -67.01 84.66 17.59
C GLU C 692 -67.83 85.53 18.54
N GLU C 693 -69.14 85.59 18.28
CA GLU C 693 -70.02 86.40 19.10
C GLU C 693 -70.10 85.84 20.52
N THR C 694 -70.30 86.74 21.47
CA THR C 694 -70.40 86.40 22.89
C THR C 694 -71.85 86.55 23.34
N ASN C 695 -72.06 86.32 24.64
CA ASN C 695 -73.42 86.36 25.20
C ASN C 695 -73.89 87.80 25.38
N LYS C 696 -73.21 88.54 26.25
CA LYS C 696 -73.58 89.89 26.64
C LYS C 696 -72.51 90.87 26.15
N SER C 697 -72.64 92.12 26.58
CA SER C 697 -71.53 93.05 26.41
C SER C 697 -70.38 92.65 27.33
N GLU C 698 -69.17 92.95 26.90
CA GLU C 698 -67.97 92.56 27.63
C GLU C 698 -67.05 93.75 27.79
N VAL C 699 -66.20 93.67 28.81
CA VAL C 699 -65.16 94.67 29.04
C VAL C 699 -63.85 94.12 28.48
N LEU C 700 -63.14 94.96 27.74
CA LEU C 700 -61.86 94.59 27.15
C LEU C 700 -60.76 95.18 28.02
N ASN C 701 -60.04 94.32 28.74
CA ASN C 701 -58.93 94.78 29.57
C ASN C 701 -57.86 95.40 28.69
N THR C 702 -57.35 96.55 29.13
CA THR C 702 -56.25 97.18 28.42
C THR C 702 -55.01 96.28 28.38
N SER C 703 -54.91 95.33 29.31
CA SER C 703 -53.81 94.38 29.29
C SER C 703 -53.96 93.42 28.12
N ARG C 704 -52.83 92.82 27.73
CA ARG C 704 -52.74 91.82 26.67
C ARG C 704 -52.96 92.41 25.28
N LEU C 705 -53.37 93.68 25.22
CA LEU C 705 -53.58 94.32 23.93
C LEU C 705 -52.27 94.56 23.20
N LYS C 706 -51.25 95.02 23.93
CA LYS C 706 -49.97 95.35 23.31
C LYS C 706 -49.34 94.11 22.66
N GLU C 707 -49.33 92.99 23.38
CA GLU C 707 -48.70 91.79 22.83
C GLU C 707 -49.56 91.05 21.81
N MET C 708 -50.86 91.38 21.69
CA MET C 708 -51.61 90.87 20.56
C MET C 708 -51.66 91.83 19.39
N VAL C 709 -51.14 93.05 19.54
CA VAL C 709 -51.14 93.99 18.43
C VAL C 709 -49.73 94.19 17.92
N ASN C 710 -48.74 94.01 18.78
CA ASN C 710 -47.35 94.28 18.40
C ASN C 710 -46.85 93.25 17.39
N PRO C 711 -45.92 93.65 16.53
CA PRO C 711 -45.28 92.67 15.64
C PRO C 711 -44.06 91.98 16.23
N GLY C 712 -43.73 92.25 17.50
CA GLY C 712 -42.58 91.64 18.12
C GLY C 712 -42.85 90.25 18.64
N ASP C 713 -41.78 89.61 19.11
CA ASP C 713 -41.88 88.26 19.65
C ASP C 713 -42.69 88.25 20.94
N VAL C 714 -43.46 87.18 21.14
CA VAL C 714 -44.27 87.00 22.34
C VAL C 714 -43.98 85.61 22.90
N THR C 715 -43.96 85.51 24.23
CA THR C 715 -43.66 84.26 24.90
C THR C 715 -44.94 83.52 25.26
N ALA C 716 -44.80 82.23 25.56
CA ALA C 716 -45.94 81.39 25.92
C ALA C 716 -46.05 81.22 27.43
N GLN C 723 -42.16 79.06 29.30
CA GLN C 723 -42.52 80.25 28.56
C GLN C 723 -41.79 80.31 27.22
N GLU C 724 -42.28 79.54 26.25
CA GLU C 724 -41.65 79.49 24.94
C GLU C 724 -41.95 80.75 24.14
N SER C 725 -40.93 81.30 23.49
CA SER C 725 -41.05 82.54 22.74
C SER C 725 -41.15 82.24 21.25
N PHE C 726 -41.95 83.05 20.54
CA PHE C 726 -42.12 82.88 19.11
C PHE C 726 -42.60 84.20 18.51
N GLN C 727 -42.33 84.38 17.23
CA GLN C 727 -42.81 85.55 16.51
C GLN C 727 -44.24 85.29 16.05
N MET C 728 -45.14 86.23 16.36
CA MET C 728 -46.56 86.09 16.06
C MET C 728 -46.94 87.03 14.92
N THR C 729 -47.66 86.48 13.93
CA THR C 729 -48.14 87.27 12.79
C THR C 729 -49.50 86.69 12.40
N ALA C 730 -50.57 87.39 12.76
CA ALA C 730 -51.91 86.89 12.47
C ALA C 730 -52.87 88.08 12.40
N THR C 731 -53.61 88.17 11.29
CA THR C 731 -54.66 89.17 11.20
C THR C 731 -55.81 88.82 12.14
N MET C 732 -56.20 89.79 12.96
CA MET C 732 -57.13 89.56 14.05
C MET C 732 -58.44 90.29 13.77
N VAL C 733 -59.56 89.62 14.03
CA VAL C 733 -60.88 90.22 13.80
C VAL C 733 -61.81 89.88 14.96
N ALA C 734 -62.64 90.87 15.33
CA ALA C 734 -63.62 90.70 16.38
C ALA C 734 -64.96 91.26 15.95
N ALA C 735 -66.03 90.53 16.24
CA ALA C 735 -67.38 90.96 15.92
C ALA C 735 -68.33 90.47 17.00
N SER C 736 -69.32 91.31 17.32
CA SER C 736 -70.30 90.97 18.35
C SER C 736 -71.59 91.72 18.06
N ASN C 737 -72.68 91.20 18.64
CA ASN C 737 -73.96 91.89 18.59
C ASN C 737 -74.05 93.01 19.61
N TYR C 738 -73.18 93.01 20.61
CA TYR C 738 -73.20 93.96 21.71
C TYR C 738 -71.89 94.74 21.74
N ASN C 739 -71.87 95.79 22.55
CA ASN C 739 -70.75 96.72 22.58
C ASN C 739 -69.67 96.26 23.56
N PHE C 740 -68.49 96.84 23.39
CA PHE C 740 -67.35 96.57 24.26
C PHE C 740 -67.14 97.74 25.23
N ILE C 741 -66.23 97.53 26.17
CA ILE C 741 -65.87 98.56 27.15
C ILE C 741 -64.39 98.86 26.99
N ILE C 742 -64.07 100.11 26.67
CA ILE C 742 -62.70 100.58 26.55
C ILE C 742 -62.50 101.74 27.51
N ASP C 743 -61.47 101.64 28.35
CA ASP C 743 -61.13 102.69 29.32
C ASP C 743 -59.65 103.05 29.22
N THR C 744 -59.32 103.92 28.27
CA THR C 744 -57.97 104.39 28.05
C THR C 744 -58.00 105.53 27.05
N THR C 745 -56.99 106.40 27.12
CA THR C 745 -56.86 107.51 26.19
C THR C 745 -55.46 107.70 25.66
N ASP C 746 -54.50 106.86 26.04
CA ASP C 746 -53.13 107.00 25.56
C ASP C 746 -53.07 106.83 24.04
N HIS C 747 -52.20 107.61 23.40
CA HIS C 747 -52.05 107.52 21.95
C HIS C 747 -51.41 106.21 21.52
N GLY C 748 -50.69 105.53 22.42
CA GLY C 748 -50.17 104.22 22.09
C GLY C 748 -51.27 103.23 21.73
N THR C 749 -52.31 103.19 22.56
CA THR C 749 -53.54 102.51 22.19
C THR C 749 -54.44 103.49 21.44
N TRP C 750 -55.64 103.03 21.08
CA TRP C 750 -56.64 103.81 20.36
C TRP C 750 -56.14 104.31 19.01
N ARG C 751 -54.94 103.91 18.61
CA ARG C 751 -54.35 104.24 17.33
C ARG C 751 -54.15 103.03 16.46
N ARG C 752 -53.90 101.86 17.05
CA ARG C 752 -53.86 100.59 16.35
C ARG C 752 -55.22 99.89 16.37
N LEU C 753 -56.30 100.65 16.47
CA LEU C 753 -57.65 100.12 16.58
C LEU C 753 -58.51 100.68 15.46
N ARG C 754 -59.42 99.84 14.96
CA ARG C 754 -60.33 100.24 13.90
C ARG C 754 -61.73 99.76 14.23
N HIS C 755 -62.73 100.61 14.00
CA HIS C 755 -64.11 100.30 14.33
C HIS C 755 -65.00 100.51 13.11
N TYR C 756 -65.99 99.64 12.99
CA TYR C 756 -67.03 99.76 11.98
C TYR C 756 -68.34 99.28 12.59
N ARG C 757 -69.45 99.73 12.01
CA ARG C 757 -70.78 99.30 12.46
C ARG C 757 -71.61 98.88 11.26
N SER C 758 -72.16 97.67 11.31
CA SER C 758 -73.03 97.21 10.24
C SER C 758 -74.34 97.98 10.24
N LYS C 759 -74.89 98.22 9.04
CA LYS C 759 -76.12 98.97 8.90
C LYS C 759 -77.29 98.14 8.41
N VAL C 760 -77.04 97.06 7.68
CA VAL C 760 -78.11 96.25 7.11
C VAL C 760 -78.60 95.27 8.17
N LYS C 761 -79.80 94.72 7.93
CA LYS C 761 -80.42 93.76 8.81
C LYS C 761 -81.06 92.67 7.97
N PHE C 762 -80.71 91.41 8.24
CA PHE C 762 -81.22 90.28 7.49
C PHE C 762 -82.32 89.61 8.30
N CYS C 763 -83.55 89.67 7.79
CA CYS C 763 -84.68 89.09 8.50
C CYS C 763 -85.64 88.48 7.49
N HIS C 764 -86.42 87.49 7.96
CA HIS C 764 -87.24 86.69 7.05
C HIS C 764 -88.29 87.52 6.33
N ASN C 765 -88.93 88.47 7.03
CA ASN C 765 -89.98 89.28 6.43
C ASN C 765 -89.41 90.62 6.01
N PRO C 766 -89.13 90.85 4.73
CA PRO C 766 -88.50 92.10 4.31
C PRO C 766 -89.43 93.29 4.49
N ASP C 767 -88.82 94.45 4.76
CA ASP C 767 -89.55 95.69 4.86
C ASP C 767 -89.26 96.55 3.63
N PRO C 768 -90.25 96.83 2.78
CA PRO C 768 -89.99 97.62 1.57
C PRO C 768 -89.64 99.05 1.91
N SER C 769 -89.00 99.71 0.94
CA SER C 769 -88.55 101.10 0.99
C SER C 769 -87.42 101.35 1.97
N ASN C 770 -86.93 100.32 2.66
CA ASN C 770 -85.81 100.47 3.57
C ASN C 770 -84.61 99.72 3.03
N PRO C 771 -83.60 100.40 2.46
CA PRO C 771 -82.43 99.69 1.93
C PRO C 771 -81.60 99.00 3.00
N TYR C 772 -81.76 99.36 4.28
CA TYR C 772 -80.97 98.81 5.36
C TYR C 772 -81.55 97.52 5.92
N GLU C 773 -82.36 96.82 5.14
CA GLU C 773 -82.92 95.54 5.58
C GLU C 773 -83.24 94.70 4.35
N LYS C 774 -83.00 93.40 4.46
CA LYS C 774 -83.27 92.49 3.35
C LYS C 774 -83.63 91.13 3.91
N LYS C 775 -84.16 90.24 3.08
CA LYS C 775 -84.49 88.90 3.53
C LYS C 775 -83.22 88.08 3.73
N GLU C 776 -83.11 87.41 4.86
CA GLU C 776 -81.93 86.59 5.14
C GLU C 776 -82.04 85.23 4.48
N ASP C 777 -80.89 84.60 4.21
CA ASP C 777 -80.89 83.27 3.62
C ASP C 777 -80.09 82.33 4.50
N PRO C 778 -80.74 81.80 5.55
CA PRO C 778 -80.04 80.93 6.51
C PRO C 778 -79.25 79.84 5.81
N ARG C 779 -79.65 79.46 4.60
CA ARG C 779 -78.92 78.46 3.86
C ARG C 779 -77.45 78.85 3.78
N PHE C 780 -77.19 80.12 3.55
CA PHE C 780 -75.81 80.61 3.50
C PHE C 780 -75.01 80.10 4.69
N ILE C 781 -75.69 79.78 5.77
CA ILE C 781 -75.00 79.30 6.98
C ILE C 781 -75.12 77.79 7.13
N HIS C 782 -76.33 77.24 6.99
CA HIS C 782 -76.52 75.81 7.14
C HIS C 782 -75.70 75.04 6.12
N GLU C 783 -75.60 75.56 4.90
CA GLU C 783 -74.74 74.98 3.87
C GLU C 783 -74.07 76.15 3.15
N TYR C 784 -73.49 75.88 1.98
CA TYR C 784 -72.70 76.77 1.15
C TYR C 784 -71.28 76.92 1.68
N ILE C 785 -70.95 76.36 2.84
CA ILE C 785 -69.58 76.34 3.32
C ILE C 785 -68.88 75.05 2.91
N MET C 786 -69.61 73.92 2.96
CA MET C 786 -69.03 72.63 2.65
C MET C 786 -68.79 72.42 1.16
N ASP C 787 -69.30 73.31 0.31
CA ASP C 787 -69.10 73.16 -1.13
C ASP C 787 -67.66 73.49 -1.49
N PRO C 788 -66.92 72.57 -2.11
CA PRO C 788 -65.57 72.92 -2.57
C PRO C 788 -65.54 74.06 -3.57
N ASP C 789 -66.53 74.14 -4.47
CA ASP C 789 -66.52 75.15 -5.51
C ASP C 789 -66.59 76.56 -4.92
N CYS C 790 -67.46 76.75 -3.92
CA CYS C 790 -67.57 78.06 -3.29
C CYS C 790 -66.25 78.46 -2.63
N GLN C 791 -65.60 77.51 -1.96
CA GLN C 791 -64.30 77.80 -1.34
C GLN C 791 -63.24 78.15 -2.37
N ASN C 792 -63.23 77.44 -3.51
CA ASN C 792 -62.29 77.77 -4.57
C ASN C 792 -62.52 79.18 -5.09
N ALA C 793 -63.79 79.55 -5.33
CA ALA C 793 -64.09 80.89 -5.80
C ALA C 793 -63.68 81.94 -4.78
N PHE C 794 -63.95 81.68 -3.50
CA PHE C 794 -63.59 82.63 -2.46
C PHE C 794 -62.09 82.80 -2.37
N PHE C 795 -61.34 81.69 -2.47
CA PHE C 795 -59.89 81.75 -2.44
C PHE C 795 -59.35 82.56 -3.62
N SER C 796 -59.94 82.36 -4.80
CA SER C 796 -59.55 83.17 -5.96
C SER C 796 -59.82 84.64 -5.71
N ILE C 797 -60.96 84.96 -5.10
CA ILE C 797 -61.27 86.35 -4.80
C ILE C 797 -60.24 86.94 -3.84
N LEU C 798 -59.87 86.20 -2.80
CA LEU C 798 -58.87 86.67 -1.85
C LEU C 798 -57.52 86.90 -2.51
N VAL C 799 -57.06 85.95 -3.34
CA VAL C 799 -55.75 86.13 -3.94
C VAL C 799 -55.76 87.29 -4.94
N TYR C 800 -56.86 87.46 -5.67
CA TYR C 800 -56.98 88.60 -6.57
C TYR C 800 -56.93 89.92 -5.80
N PHE C 801 -57.65 90.00 -4.69
CA PHE C 801 -57.66 91.23 -3.90
C PHE C 801 -56.28 91.51 -3.31
N TRP C 802 -55.58 90.48 -2.83
CA TRP C 802 -54.25 90.68 -2.28
C TRP C 802 -53.29 91.18 -3.35
N GLU C 803 -53.37 90.60 -4.56
CA GLU C 803 -52.51 91.07 -5.65
C GLU C 803 -52.85 92.51 -6.01
N LYS C 804 -54.13 92.87 -6.02
CA LYS C 804 -54.51 94.25 -6.28
C LYS C 804 -53.91 95.19 -5.26
N LEU C 805 -54.00 94.83 -3.98
CA LEU C 805 -53.42 95.67 -2.93
C LEU C 805 -51.91 95.79 -3.13
N GLN C 806 -51.23 94.69 -3.43
CA GLN C 806 -49.79 94.72 -3.60
C GLN C 806 -49.39 95.63 -4.76
N LYS C 807 -50.12 95.55 -5.87
CA LYS C 807 -49.77 96.36 -7.03
C LYS C 807 -50.19 97.82 -6.88
N GLU C 808 -51.15 98.12 -6.00
CA GLU C 808 -51.61 99.49 -5.85
C GLU C 808 -50.90 100.23 -4.72
N TYR C 809 -51.00 99.73 -3.49
CA TYR C 809 -50.46 100.42 -2.33
C TYR C 809 -49.15 99.82 -1.84
N ASN C 810 -48.52 98.97 -2.66
CA ASN C 810 -47.19 98.41 -2.36
C ASN C 810 -47.19 97.67 -1.01
N GLY C 811 -48.26 96.93 -0.75
CA GLY C 811 -48.32 96.13 0.46
C GLY C 811 -48.51 96.91 1.74
N GLN C 812 -48.97 98.15 1.67
CA GLN C 812 -49.18 98.98 2.85
C GLN C 812 -50.67 99.17 3.06
N ILE C 813 -51.16 98.76 4.24
CA ILE C 813 -52.58 98.89 4.54
C ILE C 813 -52.92 100.27 5.10
N LYS C 814 -51.93 100.99 5.65
CA LYS C 814 -52.19 102.33 6.15
C LYS C 814 -52.28 103.37 5.04
N LYS C 815 -51.74 103.07 3.86
CA LYS C 815 -51.82 104.01 2.74
C LYS C 815 -53.20 104.03 2.10
N VAL C 816 -53.95 102.93 2.19
CA VAL C 816 -55.25 102.88 1.53
C VAL C 816 -56.19 103.92 2.15
N PHE C 817 -57.12 104.40 1.34
CA PHE C 817 -57.98 105.53 1.69
C PHE C 817 -59.42 105.05 1.84
N CYS C 818 -60.05 105.44 2.95
CA CYS C 818 -61.45 105.16 3.19
C CYS C 818 -62.04 106.25 4.08
N PRO C 819 -62.98 107.05 3.57
CA PRO C 819 -63.51 108.16 4.37
C PRO C 819 -64.30 107.71 5.59
N THR C 820 -65.17 106.71 5.42
CA THR C 820 -65.97 106.23 6.53
C THR C 820 -65.09 105.68 7.66
N ILE C 821 -64.07 104.89 7.30
CA ILE C 821 -63.10 104.44 8.29
C ILE C 821 -62.29 105.64 8.76
N GLU C 822 -61.88 105.60 10.04
CA GLU C 822 -61.13 106.65 10.72
C GLU C 822 -62.02 107.85 10.99
N SER C 823 -63.25 107.82 10.48
CA SER C 823 -64.28 108.79 10.84
C SER C 823 -65.25 108.20 11.84
N GLU C 824 -65.78 107.00 11.55
CA GLU C 824 -66.54 106.27 12.56
C GLU C 824 -65.65 105.84 13.71
N THR C 825 -64.40 105.49 13.43
CA THR C 825 -63.47 105.07 14.47
C THR C 825 -63.20 106.20 15.45
N GLU C 826 -62.94 107.41 14.95
CA GLU C 826 -62.72 108.53 15.85
C GLU C 826 -63.99 108.88 16.62
N ALA C 827 -65.16 108.71 15.99
CA ALA C 827 -66.41 108.92 16.70
C ALA C 827 -66.56 107.93 17.85
N TYR C 828 -66.17 106.67 17.63
CA TYR C 828 -66.15 105.70 18.71
C TYR C 828 -65.15 106.11 19.79
N ARG C 829 -64.00 106.65 19.39
CA ARG C 829 -63.04 107.14 20.36
C ARG C 829 -63.61 108.29 21.18
N LYS C 830 -64.52 109.08 20.60
CA LYS C 830 -65.23 110.08 21.39
C LYS C 830 -66.09 109.44 22.46
N SER C 831 -66.53 108.20 22.26
CA SER C 831 -67.17 107.43 23.31
C SER C 831 -66.11 106.68 24.10
N GLN C 832 -66.54 105.80 25.00
CA GLN C 832 -65.63 104.99 25.82
C GLN C 832 -64.69 105.87 26.65
N ASP C 833 -65.12 107.08 26.97
CA ASP C 833 -64.38 108.01 27.82
C ASP C 833 -65.34 108.58 28.87
N THR C 834 -65.46 107.85 29.99
CA THR C 834 -66.47 108.18 30.98
C THR C 834 -66.18 109.49 31.70
N LEU C 835 -64.91 109.88 31.80
CA LEU C 835 -64.57 111.10 32.54
C LEU C 835 -65.17 112.33 31.88
N HIS C 836 -65.05 112.44 30.55
CA HIS C 836 -65.57 113.61 29.85
C HIS C 836 -67.08 113.71 29.97
N ARG C 837 -67.78 112.58 29.76
CA ARG C 837 -69.24 112.58 29.89
C ARG C 837 -69.66 112.92 31.31
N PHE C 838 -68.95 112.37 32.31
CA PHE C 838 -69.26 112.67 33.70
C PHE C 838 -69.08 114.16 34.00
N ILE C 839 -67.99 114.75 33.49
CA ILE C 839 -67.76 116.17 33.70
C ILE C 839 -68.88 116.99 33.06
N THR C 840 -69.28 116.61 31.85
CA THR C 840 -70.33 117.36 31.15
C THR C 840 -71.67 117.27 31.90
N GLU C 841 -72.02 116.08 32.40
CA GLU C 841 -73.35 115.91 32.96
C GLU C 841 -73.44 116.24 34.46
N ARG C 842 -72.32 116.30 35.16
CA ARG C 842 -72.33 116.62 36.58
C ARG C 842 -71.93 118.08 36.86
N VAL C 843 -70.76 118.49 36.39
CA VAL C 843 -70.28 119.83 36.66
C VAL C 843 -70.94 120.81 35.70
N VAL C 844 -71.53 121.87 36.25
CA VAL C 844 -72.20 122.86 35.43
C VAL C 844 -71.17 123.55 34.54
N GLU C 845 -71.63 123.98 33.35
CA GLU C 845 -70.76 124.74 32.46
C GLU C 845 -70.36 126.08 33.08
N SER C 846 -71.28 126.70 33.80
CA SER C 846 -71.03 127.97 34.50
C SER C 846 -71.51 127.85 35.94
N PRO C 847 -70.76 127.10 36.77
CA PRO C 847 -71.20 126.92 38.17
C PRO C 847 -71.18 128.19 39.01
N SER C 848 -70.45 129.21 38.58
CA SER C 848 -70.30 130.48 39.32
C SER C 848 -69.65 130.15 40.68
N ALA C 849 -69.98 130.87 41.74
CA ALA C 849 -69.36 130.66 43.05
C ALA C 849 -70.16 129.63 43.83
N GLU C 850 -69.49 128.59 44.30
CA GLU C 850 -70.14 127.49 45.01
C GLU C 850 -69.06 126.75 45.80
N THR C 851 -69.40 125.55 46.28
CA THR C 851 -68.50 124.79 47.13
C THR C 851 -67.21 124.43 46.39
N VAL C 852 -66.11 124.34 47.14
CA VAL C 852 -64.78 124.17 46.54
C VAL C 852 -64.63 122.79 45.92
N TYR C 853 -65.11 121.74 46.61
CA TYR C 853 -65.00 120.37 46.13
C TYR C 853 -63.54 120.01 45.80
N ASN C 854 -62.73 120.00 46.86
CA ASN C 854 -61.28 120.10 46.71
C ASN C 854 -60.63 119.00 45.88
N LEU C 855 -60.50 117.78 46.43
CA LEU C 855 -59.77 116.77 45.69
C LEU C 855 -60.41 115.39 45.68
N SER C 856 -61.01 114.97 46.79
CA SER C 856 -61.38 113.57 46.96
C SER C 856 -62.87 113.30 46.78
N GLU C 857 -63.73 114.22 47.22
CA GLU C 857 -65.16 114.03 47.04
C GLU C 857 -65.54 114.02 45.55
N VAL C 858 -64.82 114.80 44.74
CA VAL C 858 -65.11 114.83 43.30
C VAL C 858 -64.85 113.46 42.67
N VAL C 859 -63.67 112.90 42.92
CA VAL C 859 -63.34 111.61 42.34
C VAL C 859 -64.20 110.51 42.94
N THR C 860 -64.56 110.64 44.22
CA THR C 860 -65.47 109.69 44.83
C THR C 860 -66.82 109.68 44.11
N ALA C 861 -67.43 110.87 43.97
CA ALA C 861 -68.71 110.97 43.28
C ALA C 861 -68.59 110.45 41.85
N TYR C 862 -67.44 110.67 41.20
CA TYR C 862 -67.20 110.06 39.90
C TYR C 862 -67.27 108.54 40.00
N ALA C 863 -66.71 107.98 41.08
CA ALA C 863 -66.73 106.53 41.25
C ALA C 863 -68.16 106.01 41.38
N GLU C 864 -68.97 106.64 42.24
CA GLU C 864 -70.36 106.17 42.36
C GLU C 864 -71.13 106.38 41.06
N TRP C 865 -70.89 107.48 40.35
CA TRP C 865 -71.58 107.70 39.09
C TRP C 865 -71.23 106.62 38.08
N TYR C 866 -69.94 106.27 37.99
CA TYR C 866 -69.51 105.22 37.08
C TYR C 866 -70.12 103.88 37.47
N ASN C 867 -70.16 103.58 38.77
CA ASN C 867 -70.75 102.32 39.21
C ASN C 867 -72.24 102.26 38.89
N THR C 868 -72.96 103.36 39.10
CA THR C 868 -74.41 103.36 38.88
C THR C 868 -74.80 103.61 37.44
N ASN C 869 -73.85 103.93 36.57
CA ASN C 869 -74.16 104.22 35.17
C ASN C 869 -73.51 103.24 34.20
N ILE C 870 -72.23 102.91 34.39
CA ILE C 870 -71.53 102.04 33.46
C ILE C 870 -71.42 100.63 34.03
N ASN C 871 -70.69 100.49 35.13
CA ASN C 871 -70.43 99.18 35.71
C ASN C 871 -69.75 99.39 37.06
N VAL C 872 -69.90 98.41 37.94
CA VAL C 872 -69.30 98.45 39.27
C VAL C 872 -67.91 97.83 39.21
N LYS C 873 -66.93 98.54 39.77
CA LYS C 873 -65.55 98.07 39.82
C LYS C 873 -64.77 98.98 40.76
N ARG C 874 -63.64 98.47 41.25
CA ARG C 874 -62.78 99.24 42.11
C ARG C 874 -61.95 100.23 41.31
N HIS C 875 -61.57 101.33 41.95
CA HIS C 875 -60.81 102.38 41.32
C HIS C 875 -59.64 102.80 42.22
N ILE C 876 -58.68 103.49 41.61
CA ILE C 876 -57.57 104.11 42.32
C ILE C 876 -57.63 105.60 42.00
N ALA C 877 -57.93 106.42 43.02
CA ALA C 877 -58.12 107.85 42.78
C ALA C 877 -56.81 108.58 42.54
N LEU C 878 -55.67 107.96 42.86
CA LEU C 878 -54.39 108.66 42.79
C LEU C 878 -54.09 109.11 41.36
N GLU C 879 -54.16 108.19 40.39
CA GLU C 879 -53.96 108.59 39.01
C GLU C 879 -55.20 109.28 38.44
N LEU C 880 -56.40 108.91 38.93
CA LEU C 880 -57.62 109.58 38.51
C LEU C 880 -57.52 111.08 38.73
N SER C 881 -56.77 111.51 39.74
CA SER C 881 -56.46 112.93 39.87
C SER C 881 -55.70 113.44 38.64
N GLN C 882 -54.71 112.67 38.17
CA GLN C 882 -53.93 113.10 37.01
C GLN C 882 -54.80 113.23 35.77
N GLU C 883 -55.67 112.25 35.52
CA GLU C 883 -56.62 112.44 34.42
C GLU C 883 -57.61 113.57 34.72
N LEU C 884 -57.83 113.92 35.99
CA LEU C 884 -58.66 115.07 36.30
C LEU C 884 -58.01 116.36 35.81
N GLU C 885 -56.70 116.53 36.04
CA GLU C 885 -56.04 117.66 35.40
C GLU C 885 -56.01 117.51 33.89
N ASN C 886 -55.94 116.27 33.41
CA ASN C 886 -55.96 116.05 31.96
C ASN C 886 -57.31 116.37 31.34
N SER C 887 -58.36 116.47 32.16
CA SER C 887 -59.70 116.75 31.66
C SER C 887 -59.86 118.25 31.37
N VAL C 888 -61.05 118.62 30.90
CA VAL C 888 -61.33 120.02 30.60
C VAL C 888 -61.44 120.85 31.87
N LEU C 889 -61.61 120.23 33.03
CA LEU C 889 -61.71 120.92 34.31
C LEU C 889 -60.38 121.49 34.78
N GLU C 890 -59.34 121.42 33.95
CA GLU C 890 -58.03 121.95 34.33
C GLU C 890 -58.09 123.46 34.56
N LYS C 891 -58.86 124.18 33.75
CA LYS C 891 -58.91 125.63 33.85
C LYS C 891 -59.42 126.08 35.22
N TYR C 892 -60.46 125.42 35.71
CA TYR C 892 -60.99 125.74 37.04
C TYR C 892 -60.36 124.86 38.13
N LEU C 893 -59.03 124.80 38.12
CA LEU C 893 -58.26 124.06 39.12
C LEU C 893 -57.15 124.95 39.63
N GLN C 894 -57.03 125.03 40.96
CA GLN C 894 -56.09 125.95 41.59
C GLN C 894 -55.24 125.20 42.61
N TRP C 895 -54.08 125.77 42.90
CA TRP C 895 -53.22 125.27 43.96
C TRP C 895 -53.69 125.81 45.31
N SER C 896 -53.06 125.33 46.38
CA SER C 896 -53.41 125.73 47.73
C SER C 896 -52.16 126.08 48.52
N PRO C 897 -52.28 126.94 49.53
CA PRO C 897 -51.14 127.18 50.42
C PRO C 897 -50.62 125.92 51.09
N ASN C 898 -51.49 124.95 51.33
CA ASN C 898 -51.07 123.64 51.83
C ASN C 898 -50.64 122.70 50.70
N LYS C 899 -50.36 123.24 49.52
CA LYS C 899 -49.84 122.49 48.37
C LYS C 899 -50.78 121.36 47.96
N THR C 900 -52.07 121.69 47.83
CA THR C 900 -53.07 120.78 47.32
C THR C 900 -53.78 121.40 46.13
N ARG C 901 -54.25 120.54 45.23
CA ARG C 901 -54.96 120.98 44.03
C ARG C 901 -56.43 121.19 44.36
N ILE C 902 -56.82 122.46 44.50
CA ILE C 902 -58.20 122.81 44.83
C ILE C 902 -58.94 123.13 43.55
N LEU C 903 -60.26 122.94 43.58
CA LEU C 903 -61.11 123.11 42.41
C LEU C 903 -61.83 124.46 42.55
N LYS C 904 -61.23 125.51 41.97
CA LYS C 904 -61.68 126.88 42.19
C LYS C 904 -62.94 127.13 41.37
N GLY C 905 -64.10 126.92 41.98
CA GLY C 905 -65.36 127.18 41.33
C GLY C 905 -65.88 125.97 40.60
N CYS C 906 -67.00 125.42 41.08
CA CYS C 906 -67.54 124.18 40.53
C CYS C 906 -68.90 123.93 41.17
N ARG C 907 -69.53 122.85 40.74
CA ARG C 907 -70.80 122.43 41.31
C ARG C 907 -70.97 120.94 41.02
N ILE C 908 -70.91 120.12 42.07
CA ILE C 908 -71.11 118.68 41.93
C ILE C 908 -72.60 118.41 42.10
N LEU C 909 -73.27 118.10 41.00
CA LEU C 909 -74.71 117.92 41.02
C LEU C 909 -75.09 116.55 41.54
N HIS C 910 -76.34 116.44 41.98
CA HIS C 910 -76.91 115.17 42.43
C HIS C 910 -78.29 115.04 41.78
N LYS C 911 -78.52 113.92 41.09
CA LYS C 911 -79.68 113.70 40.22
C LYS C 911 -79.70 114.73 39.09
N PHE C 912 -80.65 114.61 38.16
CA PHE C 912 -80.64 115.43 36.96
C PHE C 912 -80.77 116.91 37.30
N GLU C 913 -81.65 117.26 38.24
CA GLU C 913 -81.86 118.64 38.66
C GLU C 913 -82.14 119.56 37.48
N THR C 914 -81.62 120.78 37.55
CA THR C 914 -81.71 121.75 36.46
C THR C 914 -80.33 122.40 36.31
N LEU C 915 -80.28 123.49 35.54
CA LEU C 915 -79.03 124.22 35.39
C LEU C 915 -78.69 125.07 36.61
N GLN C 916 -79.64 125.28 37.52
CA GLN C 916 -79.48 126.09 38.72
C GLN C 916 -78.91 127.47 38.38
N PRO C 917 -79.72 128.36 37.78
CA PRO C 917 -79.28 129.71 37.41
C PRO C 917 -78.67 130.49 38.57
N ILE C 935 -70.88 107.20 -0.54
CA ILE C 935 -70.57 108.32 -1.42
C ILE C 935 -71.12 108.05 -2.82
N CYS C 936 -70.34 107.32 -3.62
CA CYS C 936 -70.71 106.98 -4.99
C CYS C 936 -70.59 105.48 -5.19
N GLU C 937 -71.07 105.01 -6.33
CA GLU C 937 -71.02 103.59 -6.68
C GLU C 937 -70.58 103.45 -8.14
N PRO C 938 -69.98 102.33 -8.48
CA PRO C 938 -69.61 102.09 -9.88
C PRO C 938 -70.82 101.63 -10.69
N LYS C 939 -70.58 101.44 -11.99
CA LYS C 939 -71.65 101.03 -12.89
C LYS C 939 -72.23 99.66 -12.50
N ASN C 940 -71.42 98.60 -12.60
CA ASN C 940 -71.83 97.30 -12.10
C ASN C 940 -70.67 96.48 -11.52
N LYS C 941 -69.46 97.02 -11.46
CA LYS C 941 -68.27 96.26 -11.07
C LYS C 941 -67.52 97.02 -9.99
N TRP C 942 -67.90 96.78 -8.73
CA TRP C 942 -67.12 97.30 -7.61
C TRP C 942 -65.82 96.51 -7.42
N TRP C 943 -65.84 95.22 -7.73
CA TRP C 943 -64.63 94.41 -7.70
C TRP C 943 -63.62 94.84 -8.76
N GLU C 944 -64.05 95.65 -9.73
CA GLU C 944 -63.11 96.24 -10.68
C GLU C 944 -62.19 97.25 -9.99
N TRP C 945 -62.51 97.62 -8.75
CA TRP C 945 -61.75 98.47 -7.83
C TRP C 945 -61.88 99.96 -8.16
N SER C 946 -62.52 100.33 -9.28
CA SER C 946 -62.74 101.73 -9.63
C SER C 946 -61.40 102.44 -9.81
N PRO C 947 -61.36 103.77 -10.04
CA PRO C 947 -60.06 104.46 -10.04
C PRO C 947 -59.39 104.46 -8.67
N ASN C 948 -58.21 105.08 -8.59
CA ASN C 948 -57.43 105.06 -7.35
C ASN C 948 -58.20 105.58 -6.14
N PRO C 949 -58.89 106.73 -6.20
CA PRO C 949 -59.74 107.10 -5.05
C PRO C 949 -60.83 106.08 -4.77
N SER C 950 -61.38 105.48 -5.83
CA SER C 950 -62.42 104.45 -5.71
C SER C 950 -63.62 104.93 -4.90
N THR D 11 -43.55 26.77 -17.39
CA THR D 11 -43.64 27.84 -16.41
C THR D 11 -42.63 27.62 -15.28
N ILE D 12 -43.03 26.80 -14.31
CA ILE D 12 -42.12 26.43 -13.23
C ILE D 12 -40.94 25.65 -13.79
N GLN D 13 -41.20 24.82 -14.81
CA GLN D 13 -40.12 24.07 -15.45
C GLN D 13 -39.05 25.01 -16.00
N LEU D 14 -39.45 26.13 -16.61
CA LEU D 14 -38.47 27.09 -17.13
C LEU D 14 -37.58 27.62 -16.02
N THR D 15 -38.19 27.92 -14.86
CA THR D 15 -37.40 28.30 -13.70
C THR D 15 -36.43 27.19 -13.33
N ALA D 16 -36.88 25.94 -13.40
CA ALA D 16 -35.99 24.82 -13.11
C ALA D 16 -34.77 24.83 -14.02
N GLN D 17 -34.99 24.88 -15.34
CA GLN D 17 -33.84 24.86 -16.25
C GLN D 17 -32.93 26.04 -15.99
N ARG D 18 -33.48 27.26 -15.89
CA ARG D 18 -32.60 28.40 -15.68
C ARG D 18 -31.85 28.29 -14.36
N LYS D 19 -32.36 27.49 -13.42
CA LYS D 19 -31.56 27.22 -12.22
C LYS D 19 -30.45 26.21 -12.48
N TYR D 20 -30.73 25.15 -13.26
CA TYR D 20 -29.72 24.11 -13.46
C TYR D 20 -29.13 24.10 -14.87
N LEU D 21 -29.41 25.10 -15.69
CA LEU D 21 -28.85 25.19 -17.05
C LEU D 21 -28.13 26.52 -17.19
N ALA D 22 -26.80 26.48 -17.15
CA ALA D 22 -26.01 27.71 -17.27
C ALA D 22 -26.12 28.31 -18.67
N GLU D 23 -26.26 27.46 -19.69
CA GLU D 23 -26.39 27.98 -21.05
C GLU D 23 -27.65 28.82 -21.20
N VAL D 24 -28.67 28.55 -20.38
CA VAL D 24 -29.85 29.40 -20.37
C VAL D 24 -29.50 30.80 -19.89
N GLN D 25 -28.69 30.90 -18.84
CA GLN D 25 -28.20 32.20 -18.39
C GLN D 25 -27.36 32.88 -19.46
N ALA D 26 -26.52 32.11 -20.15
CA ALA D 26 -25.71 32.69 -21.22
C ALA D 26 -26.59 33.26 -22.33
N LEU D 27 -27.61 32.52 -22.73
CA LEU D 27 -28.52 33.00 -23.77
C LEU D 27 -29.29 34.22 -23.31
N GLU D 28 -29.75 34.23 -22.05
CA GLU D 28 -30.48 35.37 -21.53
C GLU D 28 -29.60 36.61 -21.46
N THR D 29 -28.35 36.46 -21.04
CA THR D 29 -27.42 37.58 -21.03
C THR D 29 -27.15 38.08 -22.44
N LEU D 30 -27.02 37.16 -23.40
CA LEU D 30 -26.85 37.57 -24.79
C LEU D 30 -28.05 38.37 -25.29
N LEU D 31 -29.25 37.92 -24.94
CA LEU D 31 -30.46 38.64 -25.34
C LEU D 31 -30.52 40.02 -24.70
N THR D 32 -30.23 40.11 -23.40
CA THR D 32 -30.44 41.34 -22.65
C THR D 32 -29.35 42.37 -22.92
N ARG D 33 -28.10 41.94 -23.11
CA ARG D 33 -26.98 42.87 -23.27
C ARG D 33 -26.67 43.15 -24.74
N GLU D 34 -26.35 42.12 -25.51
CA GLU D 34 -25.91 42.33 -26.89
C GLU D 34 -27.07 42.71 -27.79
N LEU D 35 -28.21 42.04 -27.65
CA LEU D 35 -29.33 42.25 -28.55
C LEU D 35 -30.25 43.39 -28.11
N SER D 36 -30.00 44.00 -26.95
CA SER D 36 -30.80 45.16 -26.54
C SER D 36 -30.64 46.31 -27.54
N VAL D 37 -29.41 46.56 -28.00
CA VAL D 37 -29.20 47.59 -29.00
C VAL D 37 -29.84 47.24 -30.33
N PHE D 38 -30.10 45.95 -30.58
CA PHE D 38 -30.78 45.51 -31.79
C PHE D 38 -32.29 45.56 -31.62
N LEU D 39 -32.81 46.71 -31.21
CA LEU D 39 -34.24 46.88 -30.98
C LEU D 39 -35.01 46.78 -32.29
N THR D 40 -36.22 46.24 -32.20
CA THR D 40 -37.08 46.07 -33.36
C THR D 40 -38.53 46.18 -32.92
N GLU D 41 -39.33 46.90 -33.71
CA GLU D 41 -40.73 47.06 -33.38
C GLU D 41 -41.47 45.73 -33.52
N PRO D 42 -42.48 45.48 -32.68
CA PRO D 42 -43.17 44.18 -32.76
C PRO D 42 -43.84 43.91 -34.10
N GLY D 43 -44.36 44.95 -34.76
CA GLY D 43 -45.08 44.79 -36.00
C GLY D 43 -44.29 45.07 -37.26
N SER D 44 -43.00 45.42 -37.14
CA SER D 44 -42.20 45.73 -38.31
C SER D 44 -41.92 44.47 -39.13
N LYS D 45 -41.86 44.66 -40.46
CA LYS D 45 -41.54 43.57 -41.37
C LYS D 45 -40.06 43.23 -41.36
N LYS D 46 -39.20 44.15 -40.92
CA LYS D 46 -37.77 43.97 -41.02
C LYS D 46 -37.24 42.87 -40.11
N THR D 47 -37.99 42.48 -39.09
CA THR D 47 -37.49 41.49 -38.14
C THR D 47 -37.46 40.10 -38.78
N ASN D 48 -36.49 39.29 -38.35
CA ASN D 48 -36.34 37.93 -38.82
C ASN D 48 -36.52 36.87 -37.74
N ILE D 49 -36.28 37.21 -36.48
CA ILE D 49 -36.42 36.28 -35.36
C ILE D 49 -37.36 36.89 -34.33
N ILE D 50 -38.44 36.17 -34.03
CA ILE D 50 -39.45 36.62 -33.08
C ILE D 50 -39.71 35.52 -32.07
N ASN D 51 -39.62 35.86 -30.79
CA ASN D 51 -39.95 34.93 -29.71
C ASN D 51 -41.37 35.25 -29.24
N ARG D 52 -42.28 34.30 -29.44
CA ARG D 52 -43.65 34.46 -29.01
C ARG D 52 -43.83 34.32 -27.50
N ILE D 53 -42.82 33.84 -26.79
CA ILE D 53 -42.90 33.76 -25.34
C ILE D 53 -43.12 35.15 -24.74
N THR D 54 -42.34 36.12 -25.20
CA THR D 54 -42.51 37.52 -24.82
C THR D 54 -42.88 38.40 -26.00
N GLY D 55 -43.01 37.83 -27.19
CA GLY D 55 -43.30 38.62 -28.38
C GLY D 55 -42.21 39.60 -28.74
N LYS D 56 -40.95 39.18 -28.63
CA LYS D 56 -39.82 40.06 -28.92
C LYS D 56 -39.33 39.82 -30.34
N THR D 57 -39.12 40.91 -31.07
CA THR D 57 -38.67 40.85 -32.46
C THR D 57 -37.25 41.40 -32.56
N TYR D 58 -36.46 40.82 -33.47
CA TYR D 58 -35.08 41.22 -33.63
C TYR D 58 -34.71 41.26 -35.11
N ALA D 59 -33.68 42.05 -35.42
CA ALA D 59 -33.16 42.24 -36.77
C ALA D 59 -31.67 41.92 -36.80
N LEU D 60 -31.31 40.77 -36.24
CA LEU D 60 -29.93 40.43 -36.01
C LEU D 60 -29.17 40.28 -37.32
N PRO D 61 -27.98 40.88 -37.45
CA PRO D 61 -27.14 40.63 -38.63
C PRO D 61 -26.57 39.23 -38.64
N SER D 62 -25.71 38.94 -39.62
CA SER D 62 -25.20 37.57 -39.79
C SER D 62 -24.43 37.09 -38.58
N THR D 63 -23.56 37.95 -38.02
CA THR D 63 -22.79 37.55 -36.85
C THR D 63 -23.68 37.27 -35.65
N GLU D 64 -24.61 38.18 -35.36
CA GLU D 64 -25.55 37.95 -34.26
C GLU D 64 -26.44 36.75 -34.55
N LEU D 65 -26.84 36.55 -35.79
CA LEU D 65 -27.66 35.40 -36.15
C LEU D 65 -26.92 34.10 -35.86
N LEU D 66 -25.66 34.00 -36.27
CA LEU D 66 -24.91 32.77 -36.05
C LEU D 66 -24.60 32.57 -34.56
N ARG D 67 -24.37 33.66 -33.83
CA ARG D 67 -24.17 33.54 -32.39
C ARG D 67 -25.41 33.00 -31.69
N LEU D 68 -26.58 33.51 -32.08
CA LEU D 68 -27.83 32.98 -31.55
C LEU D 68 -28.03 31.52 -31.96
N TYR D 69 -27.62 31.17 -33.18
CA TYR D 69 -27.71 29.77 -33.61
C TYR D 69 -26.84 28.88 -32.73
N GLU D 70 -25.64 29.34 -32.38
CA GLU D 70 -24.78 28.56 -31.48
C GLU D 70 -25.41 28.43 -30.10
N HIS D 71 -25.98 29.51 -29.58
CA HIS D 71 -26.62 29.44 -28.27
C HIS D 71 -27.80 28.46 -28.27
N LEU D 72 -28.62 28.52 -29.32
CA LEU D 72 -29.70 27.54 -29.45
C LEU D 72 -29.14 26.13 -29.64
N GLU D 73 -27.96 26.01 -30.26
CA GLU D 73 -27.31 24.71 -30.36
C GLU D 73 -27.01 24.14 -28.98
N GLN D 74 -26.40 24.94 -28.10
CA GLN D 74 -26.13 24.47 -26.75
C GLN D 74 -27.42 24.12 -26.03
N CYS D 75 -28.45 24.98 -26.15
CA CYS D 75 -29.67 24.74 -25.39
C CYS D 75 -30.38 23.48 -25.87
N ARG D 76 -30.36 23.22 -27.19
CA ARG D 76 -31.03 22.03 -27.70
C ARG D 76 -30.26 20.77 -27.34
N LYS D 77 -28.92 20.84 -27.39
CA LYS D 77 -28.14 19.65 -27.10
C LYS D 77 -28.18 19.31 -25.62
N GLN D 78 -28.38 20.32 -24.77
CA GLN D 78 -28.57 20.07 -23.34
C GLN D 78 -29.97 19.57 -23.02
N GLY D 79 -30.99 20.00 -23.78
CA GLY D 79 -32.34 19.53 -23.57
C GLY D 79 -33.29 20.57 -23.02
N ALA D 80 -33.12 21.81 -23.43
CA ALA D 80 -33.96 22.90 -22.96
C ALA D 80 -35.20 23.06 -23.86
N LEU D 81 -35.99 24.08 -23.56
CA LEU D 81 -37.21 24.39 -24.32
C LEU D 81 -37.15 25.83 -24.82
N MET D 82 -37.66 26.05 -26.03
CA MET D 82 -37.58 27.36 -26.66
C MET D 82 -38.65 27.47 -27.73
N TYR D 83 -39.15 28.70 -27.93
CA TYR D 83 -40.26 28.96 -28.84
C TYR D 83 -39.92 30.05 -29.87
N PHE D 84 -38.65 30.25 -30.19
CA PHE D 84 -38.29 31.26 -31.17
C PHE D 84 -38.75 30.84 -32.56
N LEU D 85 -39.09 31.84 -33.39
CA LEU D 85 -39.65 31.61 -34.70
C LEU D 85 -38.93 32.52 -35.70
N GLU D 86 -38.92 32.10 -36.97
CA GLU D 86 -38.35 32.89 -38.04
C GLU D 86 -39.44 33.15 -39.09
N ARG D 87 -39.54 34.40 -39.53
CA ARG D 87 -40.47 34.76 -40.59
C ARG D 87 -39.73 34.76 -41.91
N GLN D 88 -40.36 34.18 -42.93
CA GLN D 88 -39.71 34.08 -44.24
C GLN D 88 -39.42 35.46 -44.80
N GLY D 89 -38.18 35.68 -45.20
CA GLY D 89 -37.75 36.93 -45.78
C GLY D 89 -37.90 36.96 -47.28
N THR D 90 -37.15 37.86 -47.91
CA THR D 90 -37.15 37.92 -49.37
C THR D 90 -36.60 36.63 -49.97
N TYR D 91 -35.58 36.05 -49.36
CA TYR D 91 -34.99 34.79 -49.79
C TYR D 91 -35.01 33.81 -48.62
N SER D 92 -35.50 32.60 -48.88
CA SER D 92 -35.59 31.57 -47.85
C SER D 92 -35.67 30.21 -48.52
N GLY D 93 -35.58 29.16 -47.71
CA GLY D 93 -35.65 27.79 -48.20
C GLY D 93 -37.07 27.36 -48.48
N LEU D 94 -37.33 26.07 -48.27
CA LEU D 94 -38.64 25.47 -48.52
C LEU D 94 -39.26 25.08 -47.18
N MET D 95 -40.33 25.79 -46.81
CA MET D 95 -41.04 25.53 -45.57
C MET D 95 -42.31 24.73 -45.90
N LEU D 96 -42.34 23.48 -45.45
CA LEU D 96 -43.47 22.60 -45.69
C LEU D 96 -43.97 22.04 -44.37
N ASP D 97 -45.27 22.21 -44.12
CA ASP D 97 -45.92 21.70 -42.92
C ASP D 97 -46.78 20.51 -43.29
N TYR D 98 -46.71 19.46 -42.48
CA TYR D 98 -47.42 18.21 -42.75
C TYR D 98 -48.33 17.88 -41.58
N ASP D 99 -49.62 18.21 -41.72
CA ASP D 99 -50.64 17.82 -40.74
C ASP D 99 -51.17 16.43 -41.11
N LEU D 100 -50.31 15.43 -40.90
CA LEU D 100 -50.62 14.05 -41.30
C LEU D 100 -51.63 13.42 -40.36
N LYS D 101 -52.93 13.65 -40.61
CA LYS D 101 -53.99 13.14 -39.75
C LYS D 101 -54.25 11.67 -40.12
N LEU D 102 -53.38 10.80 -39.63
CA LEU D 102 -53.49 9.38 -39.90
C LEU D 102 -54.71 8.78 -39.21
N ASN D 103 -55.21 7.68 -39.78
CA ASN D 103 -56.29 6.92 -39.14
C ASN D 103 -55.84 6.35 -37.81
N THR D 104 -54.61 5.83 -37.74
CA THR D 104 -54.08 5.21 -36.54
C THR D 104 -52.87 6.01 -36.04
N ASN D 105 -52.82 6.22 -34.72
CA ASN D 105 -51.66 6.89 -34.12
C ASN D 105 -50.57 5.88 -33.81
N ALA D 106 -50.21 5.07 -34.80
CA ALA D 106 -49.14 4.08 -34.67
C ALA D 106 -48.05 4.44 -35.67
N VAL D 107 -46.80 4.45 -35.19
CA VAL D 107 -45.69 4.99 -35.99
C VAL D 107 -45.52 4.18 -37.26
N PRO D 108 -45.37 4.81 -38.42
CA PRO D 108 -45.11 4.06 -39.65
C PRO D 108 -43.61 3.83 -39.83
N PRO D 109 -43.22 2.62 -40.23
CA PRO D 109 -41.79 2.36 -40.44
C PRO D 109 -41.27 3.01 -41.72
N LEU D 110 -41.01 4.32 -41.66
CA LEU D 110 -40.50 5.02 -42.82
C LEU D 110 -39.12 4.50 -43.19
N GLU D 111 -38.85 4.44 -44.49
CA GLU D 111 -37.61 3.87 -45.00
C GLU D 111 -36.92 4.87 -45.92
N PRO D 112 -35.60 4.75 -46.05
CA PRO D 112 -34.86 5.66 -46.95
C PRO D 112 -35.38 5.65 -48.37
N PRO D 113 -35.81 4.50 -48.93
CA PRO D 113 -36.38 4.55 -50.29
C PRO D 113 -37.62 5.42 -50.43
N ALA D 114 -38.52 5.41 -49.44
CA ALA D 114 -39.71 6.25 -49.52
C ALA D 114 -39.34 7.73 -49.47
N LEU D 115 -38.43 8.10 -48.57
CA LEU D 115 -37.96 9.48 -48.52
C LEU D 115 -37.23 9.86 -49.80
N SER D 116 -36.56 8.90 -50.41
CA SER D 116 -35.92 9.15 -51.71
C SER D 116 -36.95 9.47 -52.77
N ARG D 117 -38.06 8.72 -52.80
CA ARG D 117 -39.10 9.06 -53.77
C ARG D 117 -39.73 10.41 -53.46
N LEU D 118 -39.87 10.74 -52.18
CA LEU D 118 -40.32 12.09 -51.81
C LEU D 118 -39.38 13.16 -52.37
N CYS D 119 -38.08 13.00 -52.14
CA CYS D 119 -37.11 14.00 -52.60
C CYS D 119 -37.12 14.12 -54.13
N HIS D 120 -37.14 12.98 -54.82
CA HIS D 120 -37.19 13.00 -56.27
C HIS D 120 -38.48 13.64 -56.77
N ARG D 121 -39.61 13.36 -56.10
CA ARG D 121 -40.89 13.89 -56.55
C ARG D 121 -40.92 15.41 -56.41
N ILE D 122 -40.44 15.92 -55.27
CA ILE D 122 -40.39 17.38 -55.11
C ILE D 122 -39.36 18.00 -56.04
N PHE D 123 -38.26 17.29 -56.32
CA PHE D 123 -37.30 17.79 -57.29
C PHE D 123 -37.93 17.95 -58.67
N VAL D 124 -38.67 16.94 -59.13
CA VAL D 124 -39.36 17.04 -60.40
C VAL D 124 -40.41 18.16 -60.35
N HIS D 125 -41.14 18.26 -59.25
CA HIS D 125 -42.14 19.29 -59.07
C HIS D 125 -41.56 20.70 -59.06
N ILE D 126 -40.26 20.85 -58.77
CA ILE D 126 -39.62 22.16 -58.78
C ILE D 126 -38.77 22.41 -60.02
N LYS D 127 -38.51 21.39 -60.84
CA LYS D 127 -37.78 21.63 -62.09
C LYS D 127 -38.55 22.55 -63.04
N ASN D 128 -39.87 22.55 -62.99
CA ASN D 128 -40.64 23.42 -63.87
C ASN D 128 -40.73 24.83 -63.29
N SER D 129 -39.58 25.40 -62.94
CA SER D 129 -39.49 26.73 -62.36
C SER D 129 -38.05 27.21 -62.50
N SER D 130 -37.73 28.31 -61.82
CA SER D 130 -36.36 28.82 -61.84
C SER D 130 -35.43 27.83 -61.14
N VAL D 131 -34.53 27.22 -61.91
CA VAL D 131 -33.60 26.23 -61.39
C VAL D 131 -32.20 26.56 -61.88
N LEU D 132 -31.21 25.99 -61.19
CA LEU D 132 -29.81 26.22 -61.53
C LEU D 132 -29.24 25.03 -62.29
N ILE D 139 -28.52 19.84 -53.29
CA ILE D 139 -29.37 20.36 -52.24
C ILE D 139 -29.35 19.43 -51.04
N HIS D 140 -29.48 19.99 -49.84
CA HIS D 140 -29.45 19.23 -48.60
C HIS D 140 -30.87 19.10 -48.06
N PHE D 141 -31.27 17.85 -47.78
CA PHE D 141 -32.61 17.54 -47.31
C PHE D 141 -32.51 17.03 -45.88
N PHE D 142 -33.41 17.49 -45.02
CA PHE D 142 -33.44 17.04 -43.63
C PHE D 142 -34.88 16.77 -43.23
N PHE D 143 -35.10 15.71 -42.46
CA PHE D 143 -36.44 15.27 -42.11
C PHE D 143 -36.60 15.28 -40.60
N THR D 144 -37.34 16.27 -40.10
CA THR D 144 -37.68 16.36 -38.69
C THR D 144 -39.18 16.11 -38.52
N LEU D 145 -39.54 15.43 -37.43
CA LEU D 145 -40.91 14.97 -37.25
C LEU D 145 -41.29 15.00 -35.78
N LYS D 146 -42.59 14.97 -35.54
CA LYS D 146 -43.12 15.04 -34.18
C LYS D 146 -42.73 13.81 -33.38
N PRO D 147 -42.61 13.93 -32.04
CA PRO D 147 -42.34 12.74 -31.21
C PRO D 147 -43.46 11.71 -31.20
N GLU D 148 -44.49 11.92 -32.03
CA GLU D 148 -45.62 11.00 -32.18
C GLU D 148 -46.41 10.84 -30.88
N VAL D 149 -47.25 9.81 -30.83
CA VAL D 149 -48.12 9.52 -29.69
C VAL D 149 -49.00 10.73 -29.41
N VAL D 150 -49.95 10.99 -30.31
CA VAL D 150 -50.85 12.13 -30.17
C VAL D 150 -52.02 11.90 -31.12
N GLN D 151 -53.15 12.53 -30.82
CA GLN D 151 -54.30 12.45 -31.72
C GLN D 151 -53.98 13.10 -33.06
N GLY D 152 -54.50 12.52 -34.13
CA GLY D 152 -54.17 13.01 -35.46
C GLY D 152 -52.77 12.67 -35.90
N LYS D 153 -52.08 11.78 -35.18
CA LYS D 153 -50.74 11.31 -35.50
C LYS D 153 -49.75 12.47 -35.54
N TYR D 154 -48.51 12.19 -35.95
CA TYR D 154 -47.40 13.12 -35.86
C TYR D 154 -47.46 14.17 -36.98
N GLY D 155 -46.61 15.18 -36.84
CA GLY D 155 -46.41 16.18 -37.88
C GLY D 155 -45.00 16.11 -38.43
N PHE D 156 -44.83 16.53 -39.69
CA PHE D 156 -43.56 16.41 -40.38
C PHE D 156 -43.17 17.75 -40.97
N HIS D 157 -41.86 18.04 -40.98
CA HIS D 157 -41.36 19.28 -41.58
C HIS D 157 -40.08 18.96 -42.36
N VAL D 158 -40.22 18.77 -43.67
CA VAL D 158 -39.04 18.65 -44.52
C VAL D 158 -38.37 20.01 -44.61
N LEU D 159 -37.05 20.01 -44.42
CA LEU D 159 -36.28 21.25 -44.31
C LEU D 159 -35.31 21.36 -45.48
N ILE D 160 -35.55 22.34 -46.35
CA ILE D 160 -34.76 22.50 -47.57
C ILE D 160 -34.21 23.92 -47.64
N PRO D 161 -33.13 24.22 -46.92
CA PRO D 161 -32.54 25.58 -46.97
C PRO D 161 -31.53 25.80 -48.09
N GLY D 162 -31.44 24.89 -49.07
CA GLY D 162 -30.40 25.00 -50.07
C GLY D 162 -30.54 26.23 -50.95
N LEU D 163 -31.75 26.48 -51.44
CA LEU D 163 -31.97 27.52 -52.44
C LEU D 163 -32.61 28.75 -51.80
N LYS D 164 -32.91 29.75 -52.64
CA LYS D 164 -33.51 31.00 -52.18
C LYS D 164 -34.45 31.50 -53.29
N LEU D 165 -35.72 31.14 -53.17
CA LEU D 165 -36.74 31.58 -54.13
C LEU D 165 -38.02 31.94 -53.41
N ALA D 166 -37.91 32.62 -52.27
CA ALA D 166 -39.09 32.98 -51.48
C ALA D 166 -39.86 34.06 -52.20
N ALA D 167 -40.91 33.67 -52.92
CA ALA D 167 -41.71 34.57 -53.74
C ALA D 167 -42.99 33.82 -54.11
N SER D 168 -43.76 34.38 -55.05
CA SER D 168 -44.95 33.71 -55.53
C SER D 168 -44.64 32.40 -56.24
N THR D 169 -43.37 32.17 -56.60
CA THR D 169 -42.97 30.88 -57.13
C THR D 169 -43.18 29.78 -56.11
N LYS D 170 -42.90 30.06 -54.83
CA LYS D 170 -43.18 29.09 -53.78
C LYS D 170 -44.67 28.84 -53.66
N LYS D 171 -45.49 29.87 -53.87
CA LYS D 171 -46.95 29.67 -53.89
C LYS D 171 -47.35 28.76 -55.04
N SER D 172 -46.71 28.94 -56.21
CA SER D 172 -46.98 28.05 -57.34
C SER D 172 -46.59 26.61 -57.02
N ILE D 173 -45.46 26.43 -56.34
CA ILE D 173 -45.04 25.08 -55.95
C ILE D 173 -46.02 24.48 -54.95
N ILE D 174 -46.52 25.28 -54.01
CA ILE D 174 -47.52 24.80 -53.07
C ILE D 174 -48.78 24.37 -53.81
N GLY D 175 -49.22 25.17 -54.78
CA GLY D 175 -50.37 24.79 -55.58
C GLY D 175 -50.14 23.51 -56.36
N SER D 176 -48.93 23.35 -56.92
CA SER D 176 -48.62 22.14 -57.68
C SER D 176 -48.62 20.90 -56.79
N LEU D 177 -48.04 21.00 -55.59
CA LEU D 177 -48.03 19.86 -54.67
C LEU D 177 -49.39 19.63 -54.01
N GLN D 178 -50.26 20.64 -53.99
CA GLN D 178 -51.57 20.47 -53.36
C GLN D 178 -52.41 19.44 -54.10
N HIS D 179 -52.40 19.47 -55.43
CA HIS D 179 -53.10 18.47 -56.22
C HIS D 179 -52.23 17.28 -56.58
N ASP D 180 -50.98 17.25 -56.11
CA ASP D 180 -50.11 16.10 -56.34
C ASP D 180 -50.65 14.89 -55.60
N ALA D 181 -50.76 13.76 -56.32
CA ALA D 181 -51.26 12.53 -55.74
C ALA D 181 -50.20 11.47 -55.52
N THR D 182 -49.02 11.62 -56.14
CA THR D 182 -47.94 10.67 -55.91
C THR D 182 -47.51 10.67 -54.45
N VAL D 183 -47.37 11.86 -53.86
CA VAL D 183 -47.10 11.95 -52.43
C VAL D 183 -48.29 11.45 -51.63
N GLN D 184 -49.51 11.70 -52.13
CA GLN D 184 -50.70 11.14 -51.50
C GLN D 184 -50.68 9.62 -51.57
N LYS D 185 -50.23 9.07 -52.70
CA LYS D 185 -50.12 7.62 -52.81
C LYS D 185 -49.04 7.08 -51.87
N ILE D 186 -47.97 7.85 -51.66
CA ILE D 186 -46.98 7.47 -50.65
C ILE D 186 -47.62 7.41 -49.28
N LEU D 187 -48.43 8.41 -48.94
CA LEU D 187 -49.12 8.42 -47.66
C LEU D 187 -50.06 7.23 -47.54
N HIS D 188 -50.76 6.89 -48.62
CA HIS D 188 -51.59 5.68 -48.62
C HIS D 188 -50.75 4.44 -48.36
N GLU D 189 -49.54 4.38 -48.92
CA GLU D 189 -48.63 3.28 -48.57
C GLU D 189 -48.29 3.27 -47.09
N GLN D 190 -48.07 4.44 -46.50
CA GLN D 190 -47.85 4.56 -45.07
C GLN D 190 -49.13 4.39 -44.27
N GLY D 191 -50.28 4.28 -44.93
CA GLY D 191 -51.57 4.15 -44.26
C GLY D 191 -52.09 5.46 -43.70
N VAL D 192 -52.27 6.44 -44.57
CA VAL D 192 -52.75 7.78 -44.20
C VAL D 192 -54.11 7.98 -44.84
N THR D 193 -55.12 8.24 -44.02
CA THR D 193 -56.43 8.64 -44.52
C THR D 193 -56.55 10.14 -44.69
N ASN D 194 -55.46 10.88 -44.51
CA ASN D 194 -55.43 12.32 -44.78
C ASN D 194 -54.32 12.60 -45.78
N PRO D 195 -54.49 12.15 -47.03
CA PRO D 195 -53.47 12.42 -48.06
C PRO D 195 -53.27 13.90 -48.32
N GLU D 196 -54.34 14.70 -48.23
CA GLU D 196 -54.27 16.13 -48.43
C GLU D 196 -54.65 16.83 -47.12
N SER D 197 -54.70 18.17 -47.19
CA SER D 197 -54.94 19.08 -46.08
C SER D 197 -53.79 19.09 -45.07
N CYS D 198 -52.78 18.23 -45.25
CA CYS D 198 -51.61 18.28 -44.39
C CYS D 198 -50.75 19.50 -44.71
N LEU D 199 -50.60 19.82 -45.99
CA LEU D 199 -49.81 20.97 -46.43
C LEU D 199 -50.74 22.17 -46.52
N ASP D 200 -50.64 23.06 -45.54
CA ASP D 200 -51.47 24.27 -45.56
C ASP D 200 -51.02 25.19 -46.68
N PRO D 201 -51.96 25.88 -47.34
CA PRO D 201 -51.56 26.78 -48.43
C PRO D 201 -50.68 27.94 -47.98
N HIS D 202 -50.71 28.30 -46.70
CA HIS D 202 -49.91 29.39 -46.17
C HIS D 202 -48.53 28.94 -45.70
N SER D 203 -48.04 27.80 -46.21
CA SER D 203 -46.75 27.28 -45.76
C SER D 203 -45.61 28.24 -46.08
N ALA D 204 -45.75 29.03 -47.14
CA ALA D 204 -44.74 30.00 -47.53
C ALA D 204 -45.11 31.43 -47.16
N SER D 205 -46.19 31.62 -46.39
CA SER D 205 -46.63 32.96 -45.99
C SER D 205 -46.70 33.14 -44.49
N VAL D 206 -46.24 32.16 -43.70
CA VAL D 206 -46.29 32.25 -42.25
C VAL D 206 -44.90 32.00 -41.68
N PRO D 207 -44.57 32.53 -40.51
CA PRO D 207 -43.26 32.26 -39.92
C PRO D 207 -43.11 30.80 -39.55
N SER D 208 -41.86 30.34 -39.57
CA SER D 208 -41.49 28.97 -39.23
C SER D 208 -40.72 28.96 -37.90
N LEU D 209 -40.26 27.77 -37.53
CA LEU D 209 -39.56 27.56 -36.27
C LEU D 209 -38.21 26.91 -36.51
N LEU D 210 -37.20 27.32 -35.74
CA LEU D 210 -35.90 26.68 -35.82
C LEU D 210 -35.96 25.28 -35.23
N TYR D 211 -34.87 24.53 -35.41
CA TYR D 211 -34.80 23.18 -34.86
C TYR D 211 -34.90 23.22 -33.35
N GLY D 212 -35.65 22.26 -32.79
CA GLY D 212 -35.86 22.20 -31.36
C GLY D 212 -36.96 23.09 -30.83
N SER D 213 -37.68 23.80 -31.69
CA SER D 213 -38.76 24.68 -31.27
C SER D 213 -40.06 23.89 -31.21
N SER D 214 -40.58 23.70 -30.00
CA SER D 214 -41.81 22.96 -29.79
C SER D 214 -43.01 23.87 -29.97
N LYS D 215 -44.19 23.37 -29.66
CA LYS D 215 -45.42 24.15 -29.59
C LYS D 215 -45.91 24.18 -28.15
N LEU D 216 -46.85 25.09 -27.89
CA LEU D 216 -47.42 25.20 -26.55
C LEU D 216 -48.09 23.88 -26.18
N ASN D 217 -47.76 23.37 -24.99
CA ASN D 217 -48.23 22.06 -24.53
C ASN D 217 -47.88 20.96 -25.54
N HIS D 218 -46.67 21.04 -26.10
CA HIS D 218 -46.22 20.07 -27.08
C HIS D 218 -44.73 19.84 -26.91
N LYS D 219 -44.17 19.00 -27.77
CA LYS D 219 -42.76 18.60 -27.70
C LYS D 219 -42.02 18.98 -28.97
N PRO D 220 -40.73 19.27 -28.87
CA PRO D 220 -39.99 19.72 -30.06
C PRO D 220 -39.85 18.61 -31.10
N TYR D 221 -39.80 19.03 -32.36
CA TYR D 221 -39.62 18.10 -33.45
C TYR D 221 -38.20 17.54 -33.43
N GLN D 222 -38.07 16.24 -33.64
CA GLN D 222 -36.78 15.57 -33.68
C GLN D 222 -36.47 15.16 -35.12
N LEU D 223 -35.19 15.23 -35.48
CA LEU D 223 -34.78 14.84 -36.82
C LEU D 223 -34.89 13.32 -36.98
N LYS D 224 -35.17 12.90 -38.21
CA LYS D 224 -35.26 11.48 -38.53
C LYS D 224 -34.09 11.04 -39.41
N THR D 225 -33.91 11.66 -40.58
CA THR D 225 -32.80 11.35 -41.47
C THR D 225 -32.34 12.62 -42.17
N GLY D 226 -31.15 12.53 -42.75
CA GLY D 226 -30.62 13.59 -43.57
C GLY D 226 -30.06 13.05 -44.88
N PHE D 227 -30.44 13.66 -46.00
CA PHE D 227 -30.05 13.18 -47.31
C PHE D 227 -29.42 14.30 -48.13
N GLU D 228 -28.62 13.90 -49.11
CA GLU D 228 -27.96 14.82 -50.02
C GLU D 228 -28.28 14.44 -51.46
N LEU D 229 -28.69 15.44 -52.24
CA LEU D 229 -28.90 15.30 -53.67
C LEU D 229 -28.27 16.51 -54.35
N VAL D 230 -27.31 16.26 -55.23
CA VAL D 230 -26.53 17.32 -55.87
C VAL D 230 -27.28 17.77 -57.13
N PHE D 231 -27.41 19.08 -57.28
CA PHE D 231 -28.01 19.62 -58.50
C PHE D 231 -27.09 19.40 -59.69
N ASP D 232 -27.71 19.23 -60.86
CA ASP D 232 -26.97 19.03 -62.10
C ASP D 232 -27.71 19.75 -63.22
N SER D 233 -27.25 20.95 -63.57
CA SER D 233 -27.87 21.69 -64.66
C SER D 233 -27.67 20.96 -65.99
N SER D 234 -26.48 20.39 -66.20
CA SER D 234 -26.21 19.69 -67.46
C SER D 234 -27.02 18.40 -67.55
N ASP D 235 -27.17 17.67 -66.45
CA ASP D 235 -27.85 16.38 -66.43
C ASP D 235 -28.90 16.39 -65.32
N PRO D 236 -30.05 17.03 -65.56
CA PRO D 236 -31.10 17.03 -64.54
C PRO D 236 -31.62 15.64 -64.19
N ASP D 237 -31.49 14.67 -65.10
CA ASP D 237 -31.92 13.31 -64.81
C ASP D 237 -31.02 12.61 -63.80
N TYR D 238 -29.81 13.13 -63.58
CA TYR D 238 -28.90 12.55 -62.59
C TYR D 238 -29.42 12.86 -61.20
N ILE D 239 -29.97 11.85 -60.52
CA ILE D 239 -30.58 12.03 -59.21
C ILE D 239 -29.98 11.01 -58.24
N PRO D 240 -28.72 11.21 -57.82
CA PRO D 240 -28.07 10.28 -56.87
C PRO D 240 -28.35 10.60 -55.39
N ILE D 241 -29.50 10.16 -54.89
CA ILE D 241 -29.86 10.38 -53.51
C ILE D 241 -28.91 9.60 -52.61
N HIS D 242 -28.17 10.31 -51.76
CA HIS D 242 -27.30 9.67 -50.78
C HIS D 242 -27.73 10.11 -49.39
N GLN D 243 -27.24 9.42 -48.36
CA GLN D 243 -27.57 9.76 -46.99
C GLN D 243 -26.38 10.44 -46.31
N ILE D 244 -26.60 11.66 -45.83
CA ILE D 244 -25.59 12.37 -45.07
C ILE D 244 -25.43 11.71 -43.71
N LYS D 245 -24.18 11.58 -43.26
CA LYS D 245 -23.88 11.01 -41.96
C LYS D 245 -22.93 11.95 -41.22
N ASN D 246 -22.65 11.61 -39.96
CA ASN D 246 -21.87 12.46 -39.07
C ASN D 246 -22.52 13.84 -38.92
N LEU D 247 -23.85 13.86 -38.89
CA LEU D 247 -24.57 15.12 -38.74
C LEU D 247 -24.32 15.78 -37.40
N GLU D 248 -23.93 15.01 -36.38
CA GLU D 248 -23.62 15.59 -35.08
C GLU D 248 -22.39 16.49 -35.16
N SER D 249 -21.50 16.25 -36.13
CA SER D 249 -20.30 17.06 -36.28
C SER D 249 -20.60 18.48 -36.73
N TYR D 250 -21.81 18.77 -37.18
CA TYR D 250 -22.20 20.10 -37.64
C TYR D 250 -23.19 20.72 -36.66
N ASN D 251 -23.06 22.02 -36.43
CA ASN D 251 -24.00 22.75 -35.58
C ASN D 251 -25.35 22.82 -36.30
N LEU D 252 -26.30 22.01 -35.83
CA LEU D 252 -27.56 21.84 -36.56
C LEU D 252 -28.33 23.15 -36.68
N VAL D 253 -28.39 23.93 -35.59
CA VAL D 253 -29.16 25.18 -35.61
C VAL D 253 -28.58 26.14 -36.64
N SER D 254 -27.25 26.27 -36.67
CA SER D 254 -26.62 27.15 -37.65
C SER D 254 -26.71 26.57 -39.06
N GLU D 255 -26.50 25.26 -39.20
CA GLU D 255 -26.52 24.65 -40.53
C GLU D 255 -27.93 24.65 -41.12
N LEU D 256 -28.94 24.42 -40.30
CA LEU D 256 -30.30 24.23 -40.79
C LEU D 256 -31.11 25.52 -40.84
N SER D 257 -30.50 26.66 -40.52
CA SER D 257 -31.20 27.94 -40.54
C SER D 257 -31.27 28.49 -41.95
N LEU D 258 -32.41 29.10 -42.29
CA LEU D 258 -32.58 29.69 -43.62
C LEU D 258 -31.70 30.92 -43.80
N THR D 259 -31.72 31.83 -42.84
CA THR D 259 -30.97 33.08 -42.97
C THR D 259 -29.47 32.85 -42.90
N ASN D 260 -29.01 31.69 -42.44
CA ASN D 260 -27.59 31.37 -42.37
C ASN D 260 -27.15 30.84 -43.73
N GLU D 261 -27.00 31.77 -44.68
CA GLU D 261 -26.56 31.41 -46.02
C GLU D 261 -25.13 30.88 -46.02
N GLN D 262 -24.32 31.23 -45.02
CA GLN D 262 -22.92 30.82 -44.95
C GLN D 262 -22.73 29.55 -44.13
N GLY D 263 -23.72 28.66 -44.12
CA GLY D 263 -23.57 27.41 -43.40
C GLY D 263 -22.53 26.51 -44.03
N SER D 264 -21.98 25.62 -43.20
CA SER D 264 -20.92 24.72 -43.66
C SER D 264 -21.50 23.53 -44.41
N LEU D 265 -22.41 22.79 -43.77
CA LEU D 265 -22.98 21.60 -44.40
C LEU D 265 -23.82 21.96 -45.62
N VAL D 266 -24.62 23.01 -45.53
CA VAL D 266 -25.49 23.42 -46.62
C VAL D 266 -24.82 24.55 -47.40
N ARG D 267 -25.35 24.83 -48.58
CA ARG D 267 -24.79 25.86 -49.45
C ARG D 267 -25.88 26.84 -49.86
N PRO D 268 -25.51 28.10 -50.11
CA PRO D 268 -26.49 29.11 -50.57
C PRO D 268 -26.72 29.10 -52.08
N VAL D 269 -27.56 28.18 -52.53
CA VAL D 269 -27.88 28.07 -53.95
C VAL D 269 -28.66 29.29 -54.42
N SER D 289 -56.18 45.10 -26.95
CA SER D 289 -54.80 44.64 -26.78
C SER D 289 -54.68 43.75 -25.55
N LEU D 290 -55.45 42.66 -25.54
CA LEU D 290 -55.46 41.76 -24.39
C LEU D 290 -54.11 41.07 -24.18
N SER D 291 -53.55 40.49 -25.24
CA SER D 291 -52.31 39.74 -25.10
C SER D 291 -51.15 40.64 -24.67
N ILE D 292 -51.18 41.90 -25.09
CA ILE D 292 -50.18 42.86 -24.66
C ILE D 292 -50.24 43.06 -23.15
N LEU D 293 -51.45 43.19 -22.61
CA LEU D 293 -51.61 43.30 -21.16
C LEU D 293 -51.18 42.00 -20.48
N MET D 294 -51.46 40.86 -21.10
CA MET D 294 -51.02 39.58 -20.55
C MET D 294 -49.52 39.54 -20.40
N LEU D 295 -48.79 39.84 -21.48
CA LEU D 295 -47.33 39.75 -21.44
C LEU D 295 -46.73 40.84 -20.55
N HIS D 296 -47.40 41.99 -20.44
CA HIS D 296 -46.91 43.03 -19.54
C HIS D 296 -47.16 42.67 -18.07
N ASP D 297 -48.32 42.08 -17.77
CA ASP D 297 -48.71 41.84 -16.39
C ASP D 297 -49.32 40.46 -16.21
N PRO D 298 -48.75 39.62 -15.32
CA PRO D 298 -49.37 38.32 -15.06
C PRO D 298 -50.64 38.41 -14.23
N GLU D 299 -50.76 39.44 -13.39
CA GLU D 299 -52.00 39.66 -12.66
C GLU D 299 -53.15 39.89 -13.63
N ALA D 300 -52.86 40.48 -14.79
CA ALA D 300 -53.85 40.59 -15.85
C ALA D 300 -54.27 39.21 -16.33
N ARG D 301 -53.30 38.29 -16.46
CA ARG D 301 -53.63 36.91 -16.83
C ARG D 301 -54.56 36.29 -15.80
N TYR D 302 -54.26 36.49 -14.52
CA TYR D 302 -55.07 35.88 -13.47
C TYR D 302 -56.47 36.48 -13.45
N LEU D 303 -56.57 37.79 -13.68
CA LEU D 303 -57.88 38.44 -13.78
C LEU D 303 -58.67 37.90 -14.95
N HIS D 304 -58.02 37.69 -16.09
CA HIS D 304 -58.70 37.08 -17.23
C HIS D 304 -59.18 35.67 -16.90
N LYS D 305 -58.35 34.90 -16.20
CA LYS D 305 -58.72 33.54 -15.82
C LYS D 305 -59.96 33.54 -14.93
N ILE D 306 -59.99 34.39 -13.91
CA ILE D 306 -61.16 34.42 -13.03
C ILE D 306 -62.38 34.96 -13.76
N LEU D 307 -62.18 35.91 -14.69
CA LEU D 307 -63.27 36.40 -15.51
C LEU D 307 -63.84 35.31 -16.41
N ASN D 308 -63.04 34.31 -16.77
CA ASN D 308 -63.55 33.19 -17.56
C ASN D 308 -64.38 32.20 -16.75
N LEU D 309 -64.77 32.55 -15.53
CA LEU D 309 -65.46 31.63 -14.63
C LEU D 309 -66.90 32.01 -14.37
N LEU D 310 -67.16 33.28 -14.03
CA LEU D 310 -68.52 33.70 -13.74
C LEU D 310 -69.36 33.68 -15.02
N PRO D 311 -70.65 33.38 -14.91
CA PRO D 311 -71.49 33.32 -16.11
C PRO D 311 -71.64 34.70 -16.73
N PRO D 312 -71.83 34.77 -18.05
CA PRO D 312 -72.04 36.06 -18.71
C PRO D 312 -73.41 36.67 -18.48
N GLU D 313 -74.24 36.07 -17.61
CA GLU D 313 -75.54 36.66 -17.31
C GLU D 313 -75.39 38.03 -16.67
N TYR D 314 -74.43 38.17 -15.75
CA TYR D 314 -74.15 39.49 -15.17
C TYR D 314 -73.59 40.43 -16.23
N TYR D 315 -72.93 39.88 -17.25
CA TYR D 315 -72.48 40.67 -18.39
C TYR D 315 -73.65 41.10 -19.28
N VAL D 316 -74.77 40.38 -19.21
CA VAL D 316 -75.90 40.68 -20.10
C VAL D 316 -76.50 42.02 -19.75
N GLU D 317 -77.00 42.18 -18.53
CA GLU D 317 -77.64 43.43 -18.14
C GLU D 317 -76.63 44.56 -18.03
N TYR D 318 -77.06 45.76 -18.43
CA TYR D 318 -76.21 46.94 -18.32
C TYR D 318 -75.80 47.26 -16.88
N PRO D 319 -76.68 47.18 -15.85
CA PRO D 319 -76.26 47.61 -14.51
C PRO D 319 -75.05 46.88 -13.95
N LEU D 320 -75.11 45.54 -13.89
CA LEU D 320 -74.02 44.80 -13.27
C LEU D 320 -72.76 44.83 -14.12
N TRP D 321 -72.92 44.84 -15.44
CA TRP D 321 -71.76 45.00 -16.32
C TRP D 321 -71.08 46.34 -16.10
N SER D 322 -71.87 47.41 -15.95
CA SER D 322 -71.30 48.70 -15.62
C SER D 322 -70.65 48.68 -14.23
N ASN D 323 -71.22 47.93 -13.30
CA ASN D 323 -70.62 47.82 -11.97
C ASN D 323 -69.24 47.17 -12.04
N VAL D 324 -69.12 46.07 -12.78
CA VAL D 324 -67.81 45.42 -12.89
C VAL D 324 -66.85 46.29 -13.68
N VAL D 325 -67.36 47.05 -14.67
CA VAL D 325 -66.51 47.98 -15.41
C VAL D 325 -65.95 49.04 -14.47
N PHE D 326 -66.81 49.61 -13.62
CA PHE D 326 -66.35 50.57 -12.63
C PHE D 326 -65.32 49.96 -11.69
N ALA D 327 -65.58 48.74 -11.23
CA ALA D 327 -64.68 48.08 -10.29
C ALA D 327 -63.29 47.90 -10.89
N LEU D 328 -63.23 47.39 -12.12
CA LEU D 328 -61.93 47.22 -12.76
C LEU D 328 -61.30 48.56 -13.12
N ALA D 329 -62.12 49.58 -13.38
CA ALA D 329 -61.57 50.91 -13.63
C ALA D 329 -60.93 51.50 -12.38
N ASN D 330 -61.45 51.15 -11.20
CA ASN D 330 -60.81 51.59 -9.96
C ASN D 330 -59.42 50.98 -9.85
N THR D 331 -59.19 49.83 -10.48
CA THR D 331 -57.88 49.19 -10.50
C THR D 331 -57.08 49.75 -11.68
N SER D 332 -56.70 51.03 -11.55
CA SER D 332 -55.92 51.74 -12.55
C SER D 332 -56.64 51.83 -13.89
N ALA D 333 -55.98 52.41 -14.89
CA ALA D 333 -56.57 52.61 -16.21
C ALA D 333 -55.94 51.75 -17.29
N ASN D 334 -54.82 51.10 -17.01
CA ASN D 334 -54.17 50.26 -18.02
C ASN D 334 -55.01 49.05 -18.41
N TYR D 335 -55.97 48.66 -17.57
CA TYR D 335 -56.84 47.53 -17.86
C TYR D 335 -58.00 47.89 -18.78
N ARG D 336 -57.93 49.04 -19.45
CA ARG D 336 -58.96 49.38 -20.43
C ARG D 336 -59.12 48.35 -21.53
N PRO D 337 -58.05 47.86 -22.19
CA PRO D 337 -58.26 46.80 -23.18
C PRO D 337 -58.88 45.53 -22.60
N LEU D 338 -58.50 45.17 -21.37
CA LEU D 338 -59.04 43.95 -20.75
C LEU D 338 -60.56 44.00 -20.69
N ALA D 339 -61.12 45.07 -20.13
CA ALA D 339 -62.57 45.25 -20.18
C ALA D 339 -63.04 45.35 -21.62
N GLU D 340 -62.28 46.06 -22.47
CA GLU D 340 -62.57 46.09 -23.89
C GLU D 340 -62.57 44.67 -24.46
N TRP D 341 -61.65 43.83 -23.99
CA TRP D 341 -61.67 42.42 -24.38
C TRP D 341 -62.96 41.76 -23.93
N PHE D 342 -63.40 42.04 -22.71
CA PHE D 342 -64.67 41.51 -22.24
C PHE D 342 -65.84 42.11 -22.99
N SER D 343 -65.62 43.17 -23.77
CA SER D 343 -66.70 43.84 -24.48
C SER D 343 -67.17 43.05 -25.70
N GLN D 344 -66.23 42.45 -26.45
CA GLN D 344 -66.59 41.82 -27.72
C GLN D 344 -67.60 40.70 -27.56
N LYS D 345 -67.66 40.04 -26.40
CA LYS D 345 -68.70 39.05 -26.18
C LYS D 345 -70.06 39.71 -26.25
N CYS D 346 -71.00 39.01 -26.90
CA CYS D 346 -72.33 39.55 -27.20
C CYS D 346 -72.18 40.91 -27.88
N PRO D 347 -71.66 40.95 -29.11
CA PRO D 347 -71.42 42.25 -29.76
C PRO D 347 -72.68 43.06 -30.01
N GLU D 348 -73.85 42.41 -30.07
CA GLU D 348 -75.09 43.15 -30.22
C GLU D 348 -75.31 44.10 -29.04
N LYS D 349 -74.94 43.66 -27.84
CA LYS D 349 -74.94 44.56 -26.69
C LYS D 349 -73.75 45.51 -26.72
N TRP D 350 -72.60 45.05 -27.21
CA TRP D 350 -71.41 45.89 -27.25
C TRP D 350 -71.53 46.97 -28.31
N ASN D 351 -71.63 46.57 -29.57
CA ASN D 351 -71.81 47.54 -30.64
C ASN D 351 -73.23 48.10 -30.60
N THR D 352 -73.37 49.35 -31.04
CA THR D 352 -74.63 50.10 -30.98
C THR D 352 -75.15 50.14 -29.54
N GLY D 353 -74.39 50.86 -28.71
CA GLY D 353 -74.59 50.78 -27.28
C GLY D 353 -73.28 50.62 -26.53
N GLY D 354 -73.09 49.46 -25.92
CA GLY D 354 -71.93 49.17 -25.08
C GLY D 354 -70.60 49.69 -25.55
N LYS D 355 -70.37 49.73 -26.86
CA LYS D 355 -69.06 50.14 -27.38
C LYS D 355 -68.73 51.57 -26.98
N GLU D 356 -69.69 52.49 -27.11
CA GLU D 356 -69.45 53.89 -26.77
C GLU D 356 -69.80 54.22 -25.33
N LYS D 357 -70.86 53.62 -24.79
CA LYS D 357 -71.17 53.84 -23.38
C LYS D 357 -70.11 53.24 -22.46
N LEU D 358 -69.34 52.25 -22.94
CA LEU D 358 -68.22 51.74 -22.16
C LEU D 358 -67.16 52.82 -21.94
N GLU D 359 -66.76 53.49 -23.02
CA GLU D 359 -65.77 54.55 -22.88
C GLU D 359 -66.36 55.76 -22.16
N LYS D 360 -67.66 56.00 -22.30
CA LYS D 360 -68.29 57.06 -21.52
C LYS D 360 -68.22 56.75 -20.02
N LEU D 361 -68.53 55.51 -19.65
CA LEU D 361 -68.42 55.10 -18.25
C LEU D 361 -66.97 55.18 -17.77
N TRP D 362 -66.02 54.83 -18.64
CA TRP D 362 -64.61 54.95 -18.28
C TRP D 362 -64.22 56.39 -18.00
N ASN D 363 -64.68 57.32 -18.85
CA ASN D 363 -64.40 58.73 -18.63
C ASN D 363 -65.02 59.21 -17.33
N ASP D 364 -66.25 58.78 -17.04
CA ASP D 364 -66.89 59.15 -15.78
C ASP D 364 -66.12 58.60 -14.59
N ALA D 365 -65.72 57.33 -14.66
CA ALA D 365 -65.04 56.68 -13.54
C ALA D 365 -63.62 57.18 -13.36
N SER D 366 -63.03 57.80 -14.39
CA SER D 366 -61.68 58.34 -14.24
C SER D 366 -61.63 59.39 -13.14
N HIS D 367 -62.64 60.25 -13.07
CA HIS D 367 -62.73 61.26 -12.02
C HIS D 367 -63.64 60.86 -10.88
N HIS D 368 -64.23 59.66 -10.92
CA HIS D 368 -65.16 59.24 -9.89
C HIS D 368 -64.44 59.00 -8.57
N THR D 369 -65.05 59.47 -7.48
CA THR D 369 -64.56 59.20 -6.14
C THR D 369 -65.66 58.81 -5.17
N GLU D 370 -66.91 58.77 -5.60
CA GLU D 370 -68.00 58.44 -4.69
C GLU D 370 -68.04 56.95 -4.36
N LYS D 371 -67.56 56.10 -5.27
CA LYS D 371 -67.61 54.66 -5.08
C LYS D 371 -66.25 54.06 -5.44
N LYS D 372 -65.85 53.04 -4.68
CA LYS D 372 -64.55 52.39 -4.83
C LYS D 372 -64.71 50.88 -4.81
N ILE D 373 -65.64 50.36 -5.60
CA ILE D 373 -65.77 48.90 -5.73
C ILE D 373 -64.50 48.33 -6.33
N THR D 374 -64.01 47.26 -5.73
CA THR D 374 -62.75 46.63 -6.13
C THR D 374 -63.01 45.23 -6.68
N LYS D 375 -61.93 44.59 -7.13
CA LYS D 375 -61.94 43.23 -7.65
C LYS D 375 -62.34 42.19 -6.61
N ARG D 376 -62.32 42.55 -5.32
CA ARG D 376 -62.72 41.61 -4.28
C ARG D 376 -64.15 41.13 -4.48
N SER D 377 -65.05 42.06 -4.82
CA SER D 377 -66.43 41.68 -5.08
C SER D 377 -66.54 40.72 -6.25
N ILE D 378 -65.76 40.97 -7.31
CA ILE D 378 -65.81 40.11 -8.49
C ILE D 378 -65.35 38.70 -8.15
N MET D 379 -64.24 38.57 -7.41
CA MET D 379 -63.78 37.22 -7.07
C MET D 379 -64.72 36.55 -6.09
N TYR D 380 -65.37 37.33 -5.22
CA TYR D 380 -66.39 36.74 -4.34
C TYR D 380 -67.56 36.19 -5.15
N TRP D 381 -68.01 36.96 -6.15
CA TRP D 381 -69.09 36.48 -7.01
C TRP D 381 -68.67 35.21 -7.76
N ALA D 382 -67.45 35.20 -8.28
CA ALA D 382 -66.95 34.00 -8.94
C ALA D 382 -66.91 32.82 -7.97
N HIS D 383 -66.59 33.08 -6.70
CA HIS D 383 -66.62 32.04 -5.68
C HIS D 383 -68.02 31.48 -5.51
N LYS D 384 -69.02 32.37 -5.43
CA LYS D 384 -70.39 31.88 -5.24
C LYS D 384 -70.89 31.09 -6.46
N HIS D 385 -70.72 31.65 -7.66
CA HIS D 385 -71.36 31.06 -8.84
C HIS D 385 -70.77 29.69 -9.16
N ALA D 386 -69.44 29.60 -9.20
CA ALA D 386 -68.77 28.35 -9.55
C ALA D 386 -67.75 28.02 -8.47
N PRO D 387 -68.17 27.42 -7.36
CA PRO D 387 -67.23 27.04 -6.31
C PRO D 387 -66.44 25.79 -6.72
N GLN D 388 -65.38 25.53 -5.95
CA GLN D 388 -64.62 24.29 -5.98
C GLN D 388 -63.78 24.16 -7.26
N GLN D 389 -63.94 25.10 -8.20
CA GLN D 389 -63.14 25.09 -9.41
C GLN D 389 -62.05 26.14 -9.42
N TYR D 390 -62.32 27.34 -8.92
CA TYR D 390 -61.29 28.37 -8.85
C TYR D 390 -60.37 28.18 -7.65
N LYS D 391 -60.74 27.28 -6.73
CA LYS D 391 -59.87 26.98 -5.60
C LYS D 391 -58.51 26.50 -6.07
N GLU D 392 -58.49 25.49 -6.94
CA GLU D 392 -57.22 25.01 -7.48
C GLU D 392 -56.56 26.07 -8.34
N ILE D 393 -57.34 26.94 -8.98
CA ILE D 393 -56.77 28.00 -9.80
C ILE D 393 -55.92 28.92 -8.93
N VAL D 394 -56.49 29.42 -7.83
CA VAL D 394 -55.73 30.32 -6.96
C VAL D 394 -54.61 29.56 -6.25
N GLU D 395 -54.85 28.28 -5.92
CA GLU D 395 -53.80 27.46 -5.33
C GLU D 395 -52.57 27.43 -6.23
N GLN D 396 -52.76 27.08 -7.50
CA GLN D 396 -51.66 27.10 -8.45
C GLN D 396 -51.08 28.51 -8.60
N GLY D 397 -51.95 29.53 -8.59
CA GLY D 397 -51.52 30.91 -8.68
C GLY D 397 -50.45 31.28 -7.67
N TYR D 398 -50.78 31.20 -6.37
CA TYR D 398 -49.74 31.56 -5.40
C TYR D 398 -48.71 30.46 -5.18
N PHE D 399 -49.01 29.22 -5.59
CA PHE D 399 -47.97 28.20 -5.55
C PHE D 399 -46.84 28.53 -6.50
N SER D 400 -47.17 29.10 -7.67
CA SER D 400 -46.13 29.57 -8.57
C SER D 400 -45.30 30.68 -7.93
N ILE D 401 -45.95 31.57 -7.19
CA ILE D 401 -45.24 32.65 -6.52
C ILE D 401 -44.25 32.07 -5.50
N LEU D 402 -44.70 31.12 -4.70
CA LEU D 402 -43.80 30.51 -3.72
C LEU D 402 -42.67 29.75 -4.40
N ALA D 403 -42.98 29.02 -5.47
CA ALA D 403 -41.96 28.25 -6.18
C ALA D 403 -40.90 29.15 -6.78
N GLU D 404 -41.30 30.30 -7.32
CA GLU D 404 -40.32 31.23 -7.86
C GLU D 404 -39.29 31.62 -6.82
N TYR D 405 -39.74 32.00 -5.62
CA TYR D 405 -38.81 32.40 -4.57
C TYR D 405 -37.94 31.23 -4.12
N VAL D 406 -38.55 30.05 -3.92
CA VAL D 406 -37.78 28.93 -3.38
C VAL D 406 -36.72 28.48 -4.37
N TYR D 407 -37.03 28.55 -5.67
CA TYR D 407 -36.00 28.29 -6.68
C TYR D 407 -34.95 29.39 -6.69
N SER D 408 -35.38 30.65 -6.59
CA SER D 408 -34.46 31.77 -6.66
C SER D 408 -33.48 31.81 -5.51
N TYR D 409 -33.79 31.22 -4.36
CA TYR D 409 -32.90 31.33 -3.22
C TYR D 409 -32.55 30.00 -2.57
N ASN D 410 -32.74 28.87 -3.26
CA ASN D 410 -32.19 27.57 -2.85
C ASN D 410 -32.65 27.18 -1.44
N GLY D 411 -33.95 27.31 -1.20
CA GLY D 411 -34.51 26.84 0.05
C GLY D 411 -34.40 27.79 1.22
N MET D 412 -33.89 29.00 1.01
CA MET D 412 -33.87 29.99 2.08
C MET D 412 -35.23 30.66 2.17
N LEU D 413 -35.89 30.50 3.32
CA LEU D 413 -37.28 30.93 3.52
C LEU D 413 -37.38 31.88 4.70
N GLU D 414 -36.54 32.91 4.69
CA GLU D 414 -36.60 33.96 5.69
C GLU D 414 -37.81 34.85 5.42
N HIS D 415 -37.90 35.97 6.11
CA HIS D 415 -39.08 36.82 6.04
C HIS D 415 -39.25 37.42 4.64
N TYR D 416 -40.47 37.94 4.42
CA TYR D 416 -40.92 38.66 3.23
C TYR D 416 -41.13 37.72 2.04
N MET D 417 -40.73 36.46 2.16
CA MET D 417 -41.29 35.46 1.26
C MET D 417 -42.60 34.91 1.80
N ILE D 418 -42.69 34.70 3.11
CA ILE D 418 -43.96 34.34 3.71
C ILE D 418 -44.95 35.48 3.56
N ALA D 419 -44.48 36.73 3.76
CA ALA D 419 -45.38 37.88 3.79
C ALA D 419 -46.05 38.12 2.44
N LYS D 420 -45.28 38.05 1.35
CA LYS D 420 -45.86 38.28 0.03
C LYS D 420 -46.91 37.23 -0.30
N VAL D 421 -46.59 35.95 -0.02
CA VAL D 421 -47.53 34.88 -0.30
C VAL D 421 -48.79 35.04 0.54
N ILE D 422 -48.63 35.42 1.81
CA ILE D 422 -49.78 35.60 2.69
C ILE D 422 -50.66 36.73 2.17
N TYR D 423 -50.05 37.85 1.80
CA TYR D 423 -50.84 38.97 1.30
C TYR D 423 -51.57 38.59 0.02
N ALA D 424 -50.92 37.82 -0.85
CA ALA D 424 -51.60 37.32 -2.04
C ALA D 424 -52.75 36.38 -1.66
N MET D 425 -52.59 35.64 -0.56
CA MET D 425 -53.55 34.63 -0.17
C MET D 425 -54.76 35.21 0.55
N MET D 426 -54.54 36.17 1.46
CA MET D 426 -55.65 36.86 2.15
C MET D 426 -55.39 38.36 2.08
N GLY D 427 -55.88 38.99 1.01
CA GLY D 427 -55.93 40.43 0.93
C GLY D 427 -57.30 41.03 1.13
N ASN D 428 -58.28 40.24 1.58
CA ASN D 428 -59.65 40.69 1.73
C ASN D 428 -60.20 40.49 3.13
N LYS D 429 -59.32 40.28 4.13
CA LYS D 429 -59.78 40.04 5.48
C LYS D 429 -59.01 40.80 6.55
N PHE D 430 -57.99 41.57 6.19
CA PHE D 430 -57.24 42.33 7.18
C PHE D 430 -56.80 43.66 6.57
N VAL D 431 -56.89 44.72 7.35
CA VAL D 431 -56.46 46.05 6.95
C VAL D 431 -55.56 46.62 8.04
N VAL D 432 -54.40 47.12 7.65
CA VAL D 432 -53.43 47.68 8.59
C VAL D 432 -53.40 49.19 8.41
N ASP D 433 -53.54 49.93 9.51
CA ASP D 433 -53.51 51.38 9.45
C ASP D 433 -52.68 51.90 10.61
N VAL D 434 -52.53 53.23 10.66
CA VAL D 434 -51.72 53.90 11.67
C VAL D 434 -52.63 54.85 12.44
N ASP D 435 -52.61 54.75 13.76
CA ASP D 435 -53.43 55.58 14.62
C ASP D 435 -52.77 56.95 14.82
N SER D 436 -53.38 57.79 15.66
CA SER D 436 -52.78 59.08 15.99
C SER D 436 -51.46 58.89 16.73
N ASN D 437 -51.40 57.92 17.64
CA ASN D 437 -50.20 57.68 18.44
C ASN D 437 -49.06 57.09 17.63
N GLY D 438 -49.31 56.67 16.39
CA GLY D 438 -48.29 56.04 15.57
C GLY D 438 -48.21 54.54 15.70
N LYS D 439 -48.98 53.94 16.61
CA LYS D 439 -48.99 52.49 16.75
C LYS D 439 -49.81 51.87 15.63
N TYR D 440 -49.21 50.91 14.92
CA TYR D 440 -49.94 50.22 13.87
C TYR D 440 -51.08 49.41 14.45
N VAL D 441 -52.22 49.44 13.77
CA VAL D 441 -53.43 48.76 14.23
C VAL D 441 -53.99 47.93 13.08
N TRP D 442 -54.72 46.87 13.47
CA TRP D 442 -55.27 45.90 12.54
C TRP D 442 -56.78 45.88 12.65
N PHE D 443 -57.44 45.70 11.51
CA PHE D 443 -58.88 45.57 11.46
C PHE D 443 -59.24 44.33 10.64
N GLU D 444 -60.22 43.58 11.14
CA GLU D 444 -60.62 42.31 10.54
C GLU D 444 -62.08 42.37 10.15
N PHE D 445 -62.39 41.79 8.98
CA PHE D 445 -63.75 41.73 8.46
C PHE D 445 -64.39 40.44 8.97
N VAL D 446 -65.31 40.56 9.92
CA VAL D 446 -65.95 39.39 10.51
C VAL D 446 -66.82 38.71 9.47
N LEU D 447 -66.74 37.38 9.42
CA LEU D 447 -67.47 36.57 8.46
C LEU D 447 -68.26 35.50 9.19
N PRO D 448 -69.46 35.15 8.71
CA PRO D 448 -70.28 34.17 9.42
C PRO D 448 -69.59 32.81 9.54
N GLY D 449 -69.79 32.17 10.69
CA GLY D 449 -69.24 30.85 10.91
C GLY D 449 -67.88 30.85 11.59
N GLN D 450 -67.71 31.73 12.58
CA GLN D 450 -66.49 31.80 13.35
C GLN D 450 -66.80 32.46 14.68
N PRO D 451 -65.95 32.28 15.71
CA PRO D 451 -66.20 32.93 16.99
C PRO D 451 -66.29 34.44 16.84
N MET D 452 -67.36 35.01 17.39
CA MET D 452 -67.67 36.42 17.20
C MET D 452 -68.80 36.81 18.15
N ASN D 453 -68.72 38.04 18.66
CA ASN D 453 -69.71 38.53 19.62
C ASN D 453 -71.06 38.73 18.95
N GLN D 454 -72.06 39.06 19.75
CA GLN D 454 -73.40 39.27 19.21
C GLN D 454 -73.44 40.50 18.32
N GLY D 455 -73.88 40.30 17.08
CA GLY D 455 -74.05 41.39 16.14
C GLY D 455 -72.80 42.08 15.65
N GLU D 456 -71.76 41.32 15.31
CA GLU D 456 -70.60 41.85 14.59
C GLU D 456 -70.53 41.32 13.16
N ILE D 457 -71.61 40.70 12.67
CA ILE D 457 -71.60 40.11 11.35
C ILE D 457 -71.50 41.19 10.28
N TRP D 458 -70.77 40.90 9.20
CA TRP D 458 -70.65 41.79 8.05
C TRP D 458 -70.10 43.16 8.43
N LYS D 459 -69.22 43.22 9.42
CA LYS D 459 -68.67 44.48 9.87
C LYS D 459 -67.20 44.32 10.24
N TRP D 460 -66.49 45.45 10.22
CA TRP D 460 -65.08 45.48 10.59
C TRP D 460 -64.93 45.65 12.10
N ARG D 461 -63.97 44.92 12.66
CA ARG D 461 -63.68 45.00 14.09
C ARG D 461 -62.20 45.29 14.30
N LYS D 462 -61.90 46.08 15.32
CA LYS D 462 -60.52 46.32 15.71
C LYS D 462 -59.91 45.05 16.25
N GLU D 463 -58.59 44.91 16.11
CA GLU D 463 -57.90 43.69 16.51
C GLU D 463 -56.52 44.06 17.01
N VAL D 464 -56.22 43.70 18.26
CA VAL D 464 -55.03 44.20 18.93
C VAL D 464 -53.75 43.64 18.30
N ASN D 465 -53.70 42.33 18.09
CA ASN D 465 -52.54 41.72 17.42
C ASN D 465 -52.97 40.42 16.76
N PRO D 466 -52.71 40.26 15.45
CA PRO D 466 -53.38 39.22 14.67
C PRO D 466 -53.32 37.83 15.27
N ASP D 467 -54.49 37.30 15.65
CA ASP D 467 -54.61 35.95 16.20
C ASP D 467 -54.94 34.94 15.10
N GLU D 468 -56.01 35.18 14.36
CA GLU D 468 -56.38 34.28 13.28
C GLU D 468 -55.28 34.21 12.23
N LEU D 469 -54.59 35.32 11.98
CA LEU D 469 -53.45 35.29 11.06
C LEU D 469 -52.35 34.37 11.60
N HIS D 470 -52.06 34.46 12.90
CA HIS D 470 -51.04 33.61 13.49
C HIS D 470 -51.42 32.15 13.37
N ILE D 471 -52.69 31.83 13.59
CA ILE D 471 -53.15 30.45 13.43
C ILE D 471 -52.99 30.01 11.97
N TYR D 472 -53.40 30.89 11.04
CA TYR D 472 -53.39 30.55 9.63
C TYR D 472 -51.97 30.25 9.13
N ILE D 473 -50.99 31.04 9.60
CA ILE D 473 -49.62 30.88 9.14
C ILE D 473 -49.15 29.45 9.34
N SER D 474 -49.41 28.89 10.52
CA SER D 474 -48.94 27.54 10.83
C SER D 474 -49.92 26.46 10.41
N GLU D 475 -51.17 26.81 10.12
CA GLU D 475 -52.14 25.78 9.74
C GLU D 475 -52.19 25.56 8.22
N ASN D 476 -52.47 26.61 7.46
CA ASN D 476 -52.80 26.42 6.05
C ASN D 476 -51.60 26.56 5.12
N PHE D 477 -50.64 27.43 5.45
CA PHE D 477 -49.44 27.55 4.62
C PHE D 477 -48.64 26.26 4.61
N SER D 478 -48.77 25.44 5.67
CA SER D 478 -48.07 24.17 5.73
C SER D 478 -48.51 23.24 4.61
N ARG D 479 -49.79 23.29 4.23
CA ARG D 479 -50.26 22.47 3.12
C ARG D 479 -49.56 22.81 1.82
N VAL D 480 -49.40 24.11 1.55
CA VAL D 480 -48.72 24.54 0.34
C VAL D 480 -47.25 24.14 0.40
N MET D 481 -46.64 24.24 1.59
CA MET D 481 -45.27 23.79 1.74
C MET D 481 -45.13 22.30 1.44
N ASP D 482 -46.07 21.48 1.92
CA ASP D 482 -46.04 20.05 1.61
C ASP D 482 -46.25 19.81 0.12
N ARG D 483 -47.11 20.62 -0.52
CA ARG D 483 -47.30 20.48 -1.96
C ARG D 483 -46.01 20.74 -2.72
N ILE D 484 -45.29 21.82 -2.36
CA ILE D 484 -44.03 22.09 -3.05
C ILE D 484 -43.01 21.00 -2.72
N THR D 485 -43.06 20.44 -1.51
CA THR D 485 -42.16 19.36 -1.15
C THR D 485 -42.39 18.13 -2.02
N GLU D 486 -43.65 17.74 -2.20
CA GLU D 486 -43.92 16.58 -3.04
C GLU D 486 -43.66 16.86 -4.51
N HIS D 487 -43.79 18.13 -4.94
CA HIS D 487 -43.37 18.50 -6.28
C HIS D 487 -41.87 18.27 -6.46
N ILE D 488 -41.07 18.68 -5.47
CA ILE D 488 -39.63 18.45 -5.52
C ILE D 488 -39.35 16.95 -5.53
N LYS D 489 -40.08 16.18 -4.71
CA LYS D 489 -39.91 14.73 -4.70
C LYS D 489 -40.20 14.12 -6.07
N TYR D 490 -41.29 14.57 -6.71
CA TYR D 490 -41.63 14.06 -8.04
C TYR D 490 -40.52 14.35 -9.04
N HIS D 491 -40.05 15.60 -9.08
CA HIS D 491 -39.00 15.95 -10.04
C HIS D 491 -37.70 15.20 -9.74
N LEU D 492 -37.43 14.92 -8.46
CA LEU D 492 -36.27 14.11 -8.12
C LEU D 492 -36.44 12.68 -8.57
N SER D 493 -37.68 12.17 -8.57
CA SER D 493 -37.93 10.78 -8.94
C SER D 493 -37.58 10.52 -10.40
N GLN D 494 -37.88 11.45 -11.28
CA GLN D 494 -37.68 11.23 -12.71
C GLN D 494 -36.19 11.04 -13.01
N PRO D 495 -35.84 10.12 -13.92
CA PRO D 495 -34.43 9.90 -14.23
C PRO D 495 -33.85 11.05 -15.04
N HIS D 496 -32.63 11.43 -14.68
CA HIS D 496 -31.93 12.54 -15.32
C HIS D 496 -30.43 12.35 -15.11
N GLU D 497 -29.66 13.40 -15.35
CA GLU D 497 -28.21 13.32 -15.22
C GLU D 497 -27.81 13.35 -13.75
N SER D 498 -26.50 13.22 -13.51
CA SER D 498 -26.00 13.19 -12.14
C SER D 498 -26.04 14.58 -11.51
N ASN D 499 -25.58 15.59 -12.23
CA ASN D 499 -25.46 16.93 -11.65
C ASN D 499 -26.81 17.49 -11.23
N ILE D 500 -27.84 17.29 -12.06
CA ILE D 500 -29.17 17.77 -11.73
C ILE D 500 -29.71 17.08 -10.48
N LEU D 501 -29.48 15.77 -10.36
CA LEU D 501 -29.92 15.05 -9.16
C LEU D 501 -29.18 15.55 -7.92
N ASN D 502 -27.88 15.79 -8.03
CA ASN D 502 -27.14 16.32 -6.90
C ASN D 502 -27.65 17.70 -6.50
N TYR D 503 -27.89 18.57 -7.48
CA TYR D 503 -28.42 19.90 -7.19
C TYR D 503 -29.76 19.81 -6.51
N TYR D 504 -30.64 18.92 -6.96
CA TYR D 504 -31.92 18.73 -6.31
C TYR D 504 -31.75 18.19 -4.90
N LYS D 505 -30.75 17.34 -4.67
CA LYS D 505 -30.48 16.85 -3.33
C LYS D 505 -30.11 18.00 -2.39
N LYS D 506 -29.19 18.87 -2.81
CA LYS D 506 -28.88 20.02 -1.97
C LYS D 506 -30.09 20.92 -1.78
N LEU D 507 -30.89 21.12 -2.83
CA LEU D 507 -32.07 21.97 -2.73
C LEU D 507 -33.03 21.44 -1.67
N LEU D 508 -33.35 20.15 -1.74
CA LEU D 508 -34.28 19.56 -0.78
C LEU D 508 -33.70 19.57 0.62
N LYS D 509 -32.40 19.26 0.75
CA LYS D 509 -31.78 19.24 2.07
C LYS D 509 -31.82 20.62 2.72
N ALA D 510 -31.57 21.67 1.94
CA ALA D 510 -31.68 23.02 2.47
C ALA D 510 -33.12 23.37 2.81
N PHE D 511 -34.06 22.98 1.94
CA PHE D 511 -35.45 23.41 2.14
C PHE D 511 -36.09 22.75 3.35
N GLU D 512 -35.75 21.48 3.61
CA GLU D 512 -36.39 20.79 4.73
C GLU D 512 -36.00 21.43 6.06
N ARG D 513 -34.79 21.98 6.16
CA ARG D 513 -34.40 22.69 7.37
C ARG D 513 -35.26 23.92 7.58
N SER D 514 -35.48 24.71 6.52
CA SER D 514 -36.31 25.90 6.63
C SER D 514 -37.79 25.58 6.77
N LYS D 515 -38.20 24.34 6.49
CA LYS D 515 -39.60 23.96 6.66
C LYS D 515 -40.09 24.22 8.08
N SER D 516 -39.29 23.85 9.08
CA SER D 516 -39.71 23.95 10.48
C SER D 516 -39.75 25.39 10.98
N LYS D 517 -39.24 26.36 10.22
CA LYS D 517 -39.17 27.73 10.71
C LYS D 517 -40.54 28.33 10.94
N ILE D 518 -41.55 27.88 10.19
CA ILE D 518 -42.87 28.50 10.30
C ILE D 518 -43.48 28.26 11.68
N PHE D 519 -43.02 27.24 12.40
CA PHE D 519 -43.55 26.97 13.73
C PHE D 519 -42.87 27.79 14.82
N ASN D 520 -41.73 28.42 14.52
CA ASN D 520 -41.01 29.19 15.53
C ASN D 520 -41.76 30.47 15.87
N ASP D 521 -41.71 30.85 17.15
CA ASP D 521 -42.43 32.04 17.61
C ASP D 521 -41.78 33.32 17.09
N SER D 522 -40.47 33.45 17.28
CA SER D 522 -39.78 34.67 16.87
C SER D 522 -39.86 34.87 15.37
N PHE D 523 -39.73 33.78 14.60
CA PHE D 523 -39.85 33.87 13.16
C PHE D 523 -41.24 34.35 12.74
N LYS D 524 -42.29 33.83 13.37
CA LYS D 524 -43.64 34.28 13.06
C LYS D 524 -43.83 35.75 13.40
N LYS D 525 -43.31 36.18 14.55
CA LYS D 525 -43.42 37.59 14.92
C LYS D 525 -42.71 38.48 13.92
N GLY D 526 -41.51 38.07 13.49
CA GLY D 526 -40.80 38.83 12.46
C GLY D 526 -41.57 38.89 11.15
N VAL D 527 -42.18 37.76 10.76
CA VAL D 527 -42.97 37.74 9.53
C VAL D 527 -44.16 38.69 9.64
N ILE D 528 -44.83 38.71 10.80
CA ILE D 528 -45.97 39.59 10.97
C ILE D 528 -45.53 41.05 10.90
N ARG D 529 -44.43 41.38 11.57
CA ARG D 529 -43.91 42.74 11.53
C ARG D 529 -43.52 43.14 10.12
N GLN D 530 -42.94 42.22 9.35
CA GLN D 530 -42.61 42.51 7.97
C GLN D 530 -43.88 42.71 7.13
N ALA D 531 -44.89 41.87 7.36
CA ALA D 531 -46.07 41.86 6.51
C ALA D 531 -46.98 43.05 6.77
N GLU D 532 -46.90 43.65 7.96
CA GLU D 532 -47.80 44.76 8.26
C GLU D 532 -47.63 45.92 7.28
N PHE D 533 -46.48 46.02 6.60
CA PHE D 533 -46.30 47.05 5.60
C PHE D 533 -47.13 46.78 4.35
N LEU D 534 -47.11 45.53 3.87
CA LEU D 534 -47.84 45.21 2.64
C LEU D 534 -49.34 45.35 2.83
N PHE D 535 -49.85 44.93 3.99
CA PHE D 535 -51.28 44.98 4.25
C PHE D 535 -51.81 46.40 4.46
N ARG D 536 -50.93 47.38 4.56
CA ARG D 536 -51.36 48.75 4.84
C ARG D 536 -52.20 49.29 3.70
N GLN D 537 -53.23 50.06 4.06
CA GLN D 537 -54.08 50.76 3.10
C GLN D 537 -54.20 52.21 3.56
N ARG D 538 -53.57 53.12 2.83
CA ARG D 538 -53.55 54.52 3.22
C ARG D 538 -54.96 55.10 3.19
N SER D 539 -55.20 56.04 4.11
CA SER D 539 -56.48 56.75 4.20
C SER D 539 -57.63 55.79 4.48
N PHE D 540 -57.56 55.15 5.64
CA PHE D 540 -58.60 54.21 6.06
C PHE D 540 -59.27 54.63 7.36
N ILE D 541 -58.51 55.04 8.37
CA ILE D 541 -59.09 55.37 9.67
C ILE D 541 -60.00 56.59 9.58
N GLN D 542 -59.50 57.67 8.96
CA GLN D 542 -60.27 58.90 8.94
C GLN D 542 -61.49 58.79 8.04
N THR D 543 -61.38 58.04 6.94
CA THR D 543 -62.52 57.83 6.06
C THR D 543 -63.51 56.82 6.63
N LEU D 544 -63.16 56.14 7.71
CA LEU D 544 -64.06 55.16 8.32
C LEU D 544 -65.29 55.86 8.92
N ASP D 545 -66.46 55.28 8.69
CA ASP D 545 -67.73 55.75 9.24
C ASP D 545 -68.08 57.17 8.81
N THR D 546 -67.42 57.67 7.76
CA THR D 546 -67.74 59.02 7.29
C THR D 546 -69.15 59.08 6.69
N ASN D 547 -69.55 58.03 5.97
CA ASN D 547 -70.87 58.01 5.34
C ASN D 547 -71.94 58.02 6.43
N PRO D 548 -72.85 58.99 6.45
CA PRO D 548 -73.90 59.03 7.47
C PRO D 548 -75.14 58.21 7.14
N HIS D 549 -75.16 57.53 6.00
CA HIS D 549 -76.33 56.79 5.55
C HIS D 549 -76.26 55.31 5.87
N LEU D 550 -75.24 54.87 6.59
CA LEU D 550 -75.04 53.45 6.89
C LEU D 550 -75.09 53.26 8.40
N LEU D 551 -75.83 52.24 8.84
CA LEU D 551 -75.93 51.92 10.26
C LEU D 551 -75.59 50.45 10.46
N GLY D 552 -74.86 50.14 11.52
CA GLY D 552 -74.52 48.76 11.83
C GLY D 552 -75.52 48.18 12.80
N VAL D 553 -76.15 47.06 12.41
CA VAL D 553 -77.18 46.42 13.20
C VAL D 553 -76.78 44.97 13.44
N GLY D 554 -77.40 44.37 14.45
CA GLY D 554 -77.00 43.04 14.89
C GLY D 554 -77.11 41.99 13.80
N ASN D 555 -77.95 42.26 12.79
CA ASN D 555 -78.13 41.34 11.67
C ASN D 555 -77.61 41.92 10.35
N GLY D 556 -76.54 42.72 10.39
CA GLY D 556 -75.89 43.19 9.18
C GLY D 556 -75.75 44.71 9.19
N VAL D 557 -76.04 45.32 8.03
CA VAL D 557 -75.96 46.76 7.89
C VAL D 557 -77.23 47.26 7.23
N LEU D 558 -77.69 48.43 7.67
CA LEU D 558 -78.88 49.07 7.15
C LEU D 558 -78.48 50.33 6.38
N SER D 559 -78.93 50.41 5.13
CA SER D 559 -78.65 51.56 4.28
C SER D 559 -79.95 52.35 4.09
N ILE D 560 -79.92 53.61 4.51
CA ILE D 560 -81.06 54.51 4.40
C ILE D 560 -80.86 55.53 3.29
N GLU D 561 -79.84 55.34 2.45
CA GLU D 561 -79.61 56.26 1.34
C GLU D 561 -80.78 56.28 0.37
N THR D 562 -81.34 55.11 0.07
CA THR D 562 -82.44 54.98 -0.88
C THR D 562 -83.72 54.60 -0.15
N ILE D 563 -84.84 54.90 -0.79
CA ILE D 563 -86.18 54.60 -0.27
C ILE D 563 -86.77 53.49 -1.14
N PRO D 564 -87.13 52.33 -0.57
CA PRO D 564 -87.02 52.02 0.85
C PRO D 564 -85.61 51.65 1.29
N ALA D 565 -85.35 51.70 2.60
CA ALA D 565 -84.05 51.33 3.12
C ALA D 565 -83.80 49.85 2.90
N LYS D 566 -82.53 49.50 2.72
CA LYS D 566 -82.15 48.14 2.38
C LYS D 566 -81.27 47.53 3.46
N LEU D 567 -81.53 46.27 3.80
CA LEU D 567 -80.77 45.54 4.80
C LEU D 567 -79.77 44.63 4.09
N ILE D 568 -78.50 45.04 4.07
CA ILE D 568 -77.45 44.21 3.49
C ILE D 568 -76.95 43.23 4.54
N ASN D 569 -76.98 41.95 4.19
CA ASN D 569 -76.56 40.85 5.04
C ASN D 569 -75.66 39.90 4.29
N HIS D 570 -74.75 40.44 3.48
CA HIS D 570 -73.81 39.65 2.71
C HIS D 570 -72.53 40.45 2.56
N PHE D 571 -71.65 40.00 1.66
CA PHE D 571 -70.38 40.68 1.45
C PHE D 571 -70.59 42.07 0.86
N HIS D 572 -69.74 43.00 1.27
CA HIS D 572 -69.77 44.37 0.77
C HIS D 572 -68.37 44.96 0.93
N GLU D 573 -68.26 46.27 0.70
CA GLU D 573 -66.98 46.94 0.84
C GLU D 573 -67.08 48.28 1.55
N HIS D 574 -68.20 48.58 2.20
CA HIS D 574 -68.33 49.83 2.91
C HIS D 574 -67.50 49.79 4.21
N PRO D 575 -66.77 50.87 4.52
CA PRO D 575 -65.97 50.92 5.76
C PRO D 575 -66.78 51.32 6.98
N ILE D 576 -67.43 50.33 7.59
CA ILE D 576 -68.26 50.53 8.77
C ILE D 576 -67.66 49.74 9.93
N HIS D 577 -67.49 50.41 11.06
CA HIS D 577 -66.92 49.78 12.25
C HIS D 577 -67.87 49.77 13.43
N GLN D 578 -68.47 50.91 13.76
CA GLN D 578 -69.40 50.98 14.88
C GLN D 578 -70.74 50.38 14.48
N TYR D 579 -71.54 50.05 15.50
CA TYR D 579 -72.80 49.37 15.27
C TYR D 579 -73.66 49.47 16.54
N THR D 580 -74.86 48.91 16.45
CA THR D 580 -75.74 48.74 17.60
C THR D 580 -76.20 47.29 17.67
N HIS D 581 -76.59 46.86 18.87
CA HIS D 581 -76.96 45.47 19.11
C HIS D 581 -78.44 45.21 18.91
N ILE D 582 -79.11 45.99 18.05
CA ILE D 582 -80.54 45.88 17.85
C ILE D 582 -80.78 45.36 16.43
N CYS D 583 -81.42 44.20 16.34
CA CYS D 583 -81.80 43.66 15.03
C CYS D 583 -82.90 44.49 14.41
N TYR D 584 -82.87 44.59 13.08
CA TYR D 584 -83.84 45.38 12.34
C TYR D 584 -84.76 44.47 11.53
N VAL D 585 -86.05 44.79 11.54
CA VAL D 585 -87.04 44.07 10.75
C VAL D 585 -87.93 45.10 10.06
N PRO D 586 -88.53 44.77 8.92
CA PRO D 586 -89.44 45.73 8.28
C PRO D 586 -90.62 46.05 9.18
N PHE D 587 -91.09 47.30 9.07
CA PHE D 587 -92.15 47.80 9.94
C PHE D 587 -93.44 47.01 9.75
N ASN D 588 -93.83 46.26 10.78
CA ASN D 588 -95.08 45.49 10.74
C ASN D 588 -96.04 46.06 11.77
N PRO D 589 -97.13 46.72 11.36
CA PRO D 589 -98.10 47.22 12.35
C PRO D 589 -98.82 46.11 13.10
N GLU D 590 -98.79 44.87 12.60
CA GLU D 590 -99.52 43.78 13.22
C GLU D 590 -98.75 43.11 14.35
N ASN D 591 -97.52 43.54 14.63
CA ASN D 591 -96.80 43.00 15.77
C ASN D 591 -97.43 43.50 17.06
N PRO D 592 -97.62 42.63 18.06
CA PRO D 592 -98.24 43.09 19.32
C PRO D 592 -97.47 44.21 19.99
N TRP D 593 -96.13 44.14 19.98
CA TRP D 593 -95.34 45.21 20.56
C TRP D 593 -95.52 46.51 19.80
N THR D 594 -95.66 46.43 18.48
CA THR D 594 -95.94 47.64 17.70
C THR D 594 -97.25 48.28 18.14
N LYS D 595 -98.31 47.48 18.29
CA LYS D 595 -99.58 48.03 18.73
C LYS D 595 -99.48 48.63 20.12
N LEU D 596 -98.81 47.92 21.04
CA LEU D 596 -98.68 48.42 22.41
C LEU D 596 -97.93 49.75 22.44
N LEU D 597 -96.81 49.83 21.72
CA LEU D 597 -96.03 51.07 21.69
C LEU D 597 -96.82 52.19 21.04
N LEU D 598 -97.53 51.91 19.94
CA LEU D 598 -98.30 52.96 19.28
C LEU D 598 -99.39 53.49 20.21
N ASN D 599 -100.10 52.59 20.89
CA ASN D 599 -101.15 53.04 21.79
C ASN D 599 -100.58 53.84 22.96
N ALA D 600 -99.50 53.35 23.57
CA ALA D 600 -98.91 54.08 24.69
C ALA D 600 -98.42 55.45 24.26
N LEU D 601 -97.76 55.53 23.10
CA LEU D 601 -97.25 56.80 22.61
C LEU D 601 -98.38 57.77 22.30
N GLN D 602 -99.47 57.27 21.71
CA GLN D 602 -100.64 58.10 21.48
C GLN D 602 -101.21 58.62 22.79
N ASP D 603 -101.22 57.78 23.82
CA ASP D 603 -101.68 58.22 25.13
C ASP D 603 -100.76 59.26 25.74
N ILE D 604 -99.45 59.20 25.44
CA ILE D 604 -98.50 60.14 26.03
C ILE D 604 -98.83 61.56 25.60
N ILE D 605 -99.09 61.77 24.31
CA ILE D 605 -99.45 63.09 23.79
C ILE D 605 -100.65 62.94 22.87
N PRO D 606 -101.79 63.58 23.18
CA PRO D 606 -103.01 63.30 22.39
C PRO D 606 -103.01 63.92 21.00
N GLU D 607 -102.52 65.16 20.86
CA GLU D 607 -102.71 65.89 19.61
C GLU D 607 -102.06 65.18 18.43
N LEU D 608 -102.80 65.09 17.32
CA LEU D 608 -102.28 64.46 16.12
C LEU D 608 -101.08 65.23 15.57
N ASP D 609 -101.24 66.54 15.38
CA ASP D 609 -100.17 67.35 14.80
C ASP D 609 -98.92 67.34 15.69
N ALA D 610 -99.12 67.49 17.01
CA ALA D 610 -97.99 67.47 17.92
C ALA D 610 -97.29 66.12 17.92
N ARG D 611 -98.07 65.04 17.88
CA ARG D 611 -97.51 63.70 17.82
C ARG D 611 -96.65 63.53 16.56
N LEU D 612 -97.20 63.92 15.41
CA LEU D 612 -96.45 63.80 14.16
C LEU D 612 -95.19 64.66 14.18
N TRP D 613 -95.29 65.88 14.70
CA TRP D 613 -94.11 66.76 14.73
C TRP D 613 -93.02 66.21 15.64
N ILE D 614 -93.40 65.72 16.82
CA ILE D 614 -92.42 65.15 17.74
C ILE D 614 -91.79 63.91 17.14
N MET D 615 -92.59 63.03 16.52
CA MET D 615 -92.03 61.85 15.89
C MET D 615 -91.09 62.21 14.75
N PHE D 616 -91.45 63.23 13.97
CA PHE D 616 -90.57 63.67 12.89
C PHE D 616 -89.25 64.21 13.43
N TYR D 617 -89.31 64.98 14.51
CA TYR D 617 -88.08 65.50 15.10
C TYR D 617 -87.21 64.37 15.63
N LEU D 618 -87.82 63.37 16.28
CA LEU D 618 -87.05 62.28 16.87
C LEU D 618 -86.51 61.32 15.82
N SER D 619 -87.21 61.14 14.70
CA SER D 619 -86.77 60.19 13.69
C SER D 619 -85.47 60.62 13.02
N THR D 620 -85.10 61.89 13.09
CA THR D 620 -83.87 62.35 12.48
C THR D 620 -82.64 62.02 13.31
N ALA D 621 -82.80 61.45 14.49
CA ALA D 621 -81.65 61.11 15.33
C ALA D 621 -80.78 60.04 14.69
N ILE D 622 -81.37 59.15 13.90
CA ILE D 622 -80.57 58.11 13.24
C ILE D 622 -79.61 58.73 12.23
N PHE D 623 -80.05 59.79 11.55
CA PHE D 623 -79.17 60.50 10.63
C PHE D 623 -78.01 61.12 11.40
N ARG D 624 -76.83 61.14 10.77
CA ARG D 624 -75.63 61.63 11.41
C ARG D 624 -74.97 62.79 10.69
N GLY D 625 -75.42 63.14 9.49
CA GLY D 625 -74.89 64.28 8.77
C GLY D 625 -75.41 65.59 9.31
N LEU D 626 -75.20 66.65 8.54
CA LEU D 626 -75.62 67.98 8.96
C LEU D 626 -77.14 68.03 9.13
N LYS D 627 -77.58 68.73 10.17
CA LYS D 627 -78.99 68.85 10.51
C LYS D 627 -79.35 70.31 10.73
N GLU D 628 -80.64 70.60 10.60
CA GLU D 628 -81.13 71.94 10.86
C GLU D 628 -80.91 72.32 12.32
N ALA D 629 -80.56 73.59 12.55
CA ALA D 629 -80.25 74.09 13.88
C ALA D 629 -81.55 74.27 14.65
N LEU D 630 -81.95 73.24 15.38
CA LEU D 630 -83.16 73.27 16.18
C LEU D 630 -82.87 72.85 17.61
N MET D 631 -83.65 73.40 18.53
CA MET D 631 -83.62 73.04 19.94
C MET D 631 -85.03 72.63 20.37
N LEU D 632 -85.15 71.47 20.99
CA LEU D 632 -86.43 70.98 21.48
C LEU D 632 -86.38 70.85 23.00
N LEU D 633 -87.32 71.51 23.67
CA LEU D 633 -87.45 71.38 25.12
C LEU D 633 -88.94 71.34 25.45
N TRP D 634 -89.30 70.41 26.33
CA TRP D 634 -90.71 70.30 26.72
C TRP D 634 -90.80 69.95 28.19
N LEU D 635 -91.71 70.62 28.88
CA LEU D 635 -91.84 70.56 30.33
C LEU D 635 -93.25 70.07 30.70
N GLY D 636 -93.46 69.93 32.01
CA GLY D 636 -94.74 69.49 32.51
C GLY D 636 -94.72 69.42 34.02
N GLY D 637 -95.87 69.06 34.58
CA GLY D 637 -95.97 68.97 36.03
C GLY D 637 -95.12 67.86 36.62
N GLY D 638 -95.14 66.69 36.01
CA GLY D 638 -94.38 65.56 36.51
C GLY D 638 -95.10 64.24 36.37
N CYS D 639 -94.38 63.14 36.51
CA CYS D 639 -94.93 61.80 36.35
C CYS D 639 -95.66 61.66 35.02
N ASN D 640 -94.98 62.08 33.95
CA ASN D 640 -95.54 62.11 32.61
C ASN D 640 -94.72 61.19 31.69
N GLY D 641 -95.03 61.25 30.40
CA GLY D 641 -94.33 60.43 29.42
C GLY D 641 -92.86 60.73 29.29
N LYS D 642 -92.40 61.86 29.82
CA LYS D 642 -90.99 62.22 29.75
C LYS D 642 -90.13 61.17 30.45
N THR D 643 -88.85 61.13 30.07
CA THR D 643 -87.85 60.24 30.64
C THR D 643 -88.15 58.77 30.36
N PHE D 644 -89.25 58.49 29.65
CA PHE D 644 -89.57 57.14 29.22
C PHE D 644 -89.20 56.91 27.75
N LEU D 645 -89.77 57.71 26.84
CA LEU D 645 -89.43 57.57 25.43
C LEU D 645 -88.03 58.10 25.15
N MET D 646 -87.60 59.11 25.90
CA MET D 646 -86.26 59.65 25.73
C MET D 646 -85.20 58.59 26.04
N ARG D 647 -85.30 57.98 27.23
CA ARG D 647 -84.36 56.92 27.60
C ARG D 647 -84.50 55.73 26.66
N LEU D 648 -85.72 55.43 26.22
CA LEU D 648 -85.92 54.33 25.30
C LEU D 648 -85.18 54.55 23.99
N VAL D 649 -85.32 55.74 23.41
CA VAL D 649 -84.58 56.08 22.20
C VAL D 649 -83.09 56.00 22.44
N ALA D 650 -82.63 56.53 23.57
CA ALA D 650 -81.20 56.51 23.88
C ALA D 650 -80.65 55.09 23.91
N MET D 651 -81.37 54.18 24.58
CA MET D 651 -80.87 52.82 24.69
C MET D 651 -81.06 52.01 23.40
N VAL D 652 -82.06 52.36 22.57
CA VAL D 652 -82.18 51.72 21.26
C VAL D 652 -80.99 52.10 20.39
N LEU D 653 -80.68 53.40 20.31
CA LEU D 653 -79.55 53.83 19.49
C LEU D 653 -78.23 53.33 20.06
N GLY D 654 -78.17 53.04 21.35
CA GLY D 654 -76.97 52.54 21.98
C GLY D 654 -75.98 53.64 22.33
N ASP D 655 -75.01 53.27 23.15
CA ASP D 655 -73.98 54.22 23.56
C ASP D 655 -73.13 54.68 22.37
N HIS D 656 -73.01 53.84 21.34
CA HIS D 656 -72.17 54.17 20.20
C HIS D 656 -72.70 55.39 19.45
N TYR D 657 -74.01 55.47 19.26
CA TYR D 657 -74.60 56.50 18.42
C TYR D 657 -75.37 57.57 19.19
N ALA D 658 -75.72 57.33 20.45
CA ALA D 658 -76.45 58.29 21.25
C ALA D 658 -75.77 58.41 22.60
N SER D 659 -75.96 59.55 23.26
CA SER D 659 -75.28 59.76 24.52
C SER D 659 -76.07 60.72 25.40
N LYS D 660 -75.78 60.67 26.69
CA LYS D 660 -76.35 61.57 27.69
C LYS D 660 -75.32 62.61 28.09
N LEU D 661 -75.80 63.81 28.37
CA LEU D 661 -74.96 64.90 28.86
C LEU D 661 -75.41 65.29 30.26
N ASN D 662 -74.73 66.29 30.82
CA ASN D 662 -75.04 66.83 32.14
C ASN D 662 -75.59 68.23 31.99
N ILE D 663 -76.63 68.54 32.77
CA ILE D 663 -77.25 69.85 32.69
C ILE D 663 -76.29 70.96 33.08
N SER D 664 -75.25 70.66 33.87
CA SER D 664 -74.27 71.66 34.23
C SER D 664 -73.56 72.24 33.03
N LEU D 665 -73.51 71.50 31.92
CA LEU D 665 -72.89 72.03 30.70
C LEU D 665 -73.65 73.22 30.15
N LEU D 666 -74.89 73.43 30.56
CA LEU D 666 -75.69 74.56 30.12
C LEU D 666 -75.90 75.63 31.19
N THR D 667 -75.92 75.24 32.47
CA THR D 667 -76.13 76.19 33.54
C THR D 667 -74.85 76.75 34.13
N SER D 668 -73.69 76.20 33.76
CA SER D 668 -72.43 76.72 34.27
C SER D 668 -72.02 77.98 33.52
N CYS D 669 -71.39 78.90 34.25
CA CYS D 669 -70.88 80.12 33.66
C CYS D 669 -69.71 79.80 32.73
N ARG D 670 -69.18 80.83 32.08
CA ARG D 670 -68.05 80.67 31.18
C ARG D 670 -66.82 80.24 31.98
N GLU D 671 -66.42 78.99 31.82
CA GLU D 671 -65.25 78.49 32.51
C GLU D 671 -63.98 79.09 31.92
N THR D 672 -62.93 79.14 32.73
CA THR D 672 -61.68 79.73 32.31
C THR D 672 -60.90 78.77 31.41
N ALA D 673 -59.75 79.23 30.91
CA ALA D 673 -58.89 78.38 30.11
C ALA D 673 -58.24 77.27 30.92
N GLU D 674 -58.31 77.34 32.26
CA GLU D 674 -57.72 76.32 33.10
C GLU D 674 -58.57 75.06 33.15
N LYS D 675 -59.89 75.21 33.14
CA LYS D 675 -60.79 74.07 33.31
C LYS D 675 -60.94 73.29 32.01
N PRO D 676 -60.36 72.09 31.92
CA PRO D 676 -60.40 71.29 30.68
C PRO D 676 -61.71 70.53 30.50
N ASN D 677 -62.70 71.24 29.97
CA ASN D 677 -64.03 70.66 29.79
C ASN D 677 -64.00 69.39 28.93
N SER D 678 -64.36 68.26 29.55
CA SER D 678 -64.31 66.96 28.91
C SER D 678 -65.68 66.45 28.49
N ALA D 679 -66.73 67.27 28.59
CA ALA D 679 -68.03 66.91 28.05
C ALA D 679 -68.27 67.52 26.67
N PHE D 680 -67.56 68.59 26.34
CA PHE D 680 -67.64 69.15 24.99
C PHE D 680 -67.08 68.17 23.96
N MET D 681 -66.10 67.36 24.34
CA MET D 681 -65.55 66.34 23.45
C MET D 681 -66.52 65.18 23.23
N ARG D 682 -67.63 65.14 23.94
CA ARG D 682 -68.68 64.17 23.67
C ARG D 682 -69.38 64.55 22.37
N LEU D 683 -70.42 63.78 22.01
CA LEU D 683 -71.16 63.93 20.76
C LEU D 683 -70.30 63.68 19.53
N LYS D 684 -69.10 63.13 19.71
CA LYS D 684 -68.23 62.81 18.59
C LYS D 684 -68.83 61.65 17.82
N GLY D 685 -69.47 61.95 16.69
CA GLY D 685 -70.14 60.93 15.91
C GLY D 685 -71.53 60.63 16.41
N ARG D 686 -71.78 60.86 17.70
CA ARG D 686 -73.10 60.64 18.27
C ARG D 686 -74.13 61.56 17.62
N GLY D 687 -75.27 60.97 17.24
CA GLY D 687 -76.35 61.71 16.62
C GLY D 687 -77.53 62.00 17.50
N TYR D 688 -77.41 61.83 18.82
CA TYR D 688 -78.55 62.04 19.70
C TYR D 688 -78.06 62.41 21.09
N GLY D 689 -78.56 63.52 21.60
CA GLY D 689 -78.23 63.96 22.95
C GLY D 689 -79.47 64.39 23.70
N TYR D 690 -79.59 63.92 24.93
CA TYR D 690 -80.77 64.15 25.75
C TYR D 690 -80.37 64.61 27.14
N PHE D 691 -81.18 65.49 27.71
CA PHE D 691 -80.96 65.99 29.06
C PHE D 691 -82.02 65.44 30.00
N GLU D 692 -81.58 64.82 31.08
CA GLU D 692 -82.49 64.28 32.08
C GLU D 692 -83.03 65.39 32.97
N GLU D 693 -84.07 65.06 33.74
CA GLU D 693 -84.68 66.03 34.63
C GLU D 693 -83.73 66.39 35.76
N THR D 694 -83.83 67.63 36.23
CA THR D 694 -83.00 68.14 37.30
C THR D 694 -83.80 68.30 38.58
N ASN D 695 -83.08 68.63 39.66
CA ASN D 695 -83.71 68.77 40.96
C ASN D 695 -84.63 70.00 41.00
N LYS D 696 -84.13 71.14 40.53
CA LYS D 696 -84.81 72.42 40.69
C LYS D 696 -84.77 73.16 39.37
N SER D 697 -85.34 74.36 39.37
CA SER D 697 -85.25 75.23 38.21
C SER D 697 -83.81 75.73 38.05
N GLU D 698 -83.51 76.27 36.87
CA GLU D 698 -82.16 76.75 36.59
C GLU D 698 -82.24 77.90 35.60
N VAL D 699 -81.14 78.64 35.52
CA VAL D 699 -81.01 79.78 34.62
C VAL D 699 -79.95 79.46 33.59
N LEU D 700 -80.25 79.76 32.33
CA LEU D 700 -79.26 79.61 31.27
C LEU D 700 -78.35 80.82 31.22
N ASN D 701 -77.09 80.57 30.88
CA ASN D 701 -76.12 81.65 30.70
C ASN D 701 -76.19 82.26 29.30
N THR D 702 -77.10 81.77 28.46
CA THR D 702 -77.18 82.12 27.04
C THR D 702 -75.93 81.64 26.31
N SER D 703 -75.05 80.94 27.02
CA SER D 703 -73.90 80.27 26.45
C SER D 703 -74.25 78.81 26.17
N ARG D 704 -73.47 78.20 25.27
CA ARG D 704 -73.67 76.82 24.85
C ARG D 704 -75.00 76.64 24.13
N LEU D 705 -75.75 77.73 23.95
CA LEU D 705 -77.01 77.64 23.22
C LEU D 705 -76.76 77.75 21.72
N LYS D 706 -76.25 78.90 21.27
CA LYS D 706 -75.89 79.03 19.86
C LYS D 706 -74.63 78.25 19.52
N GLU D 707 -73.81 77.92 20.51
CA GLU D 707 -72.59 77.15 20.26
C GLU D 707 -72.90 75.66 20.05
N MET D 708 -74.02 75.18 20.58
CA MET D 708 -74.42 73.79 20.37
C MET D 708 -75.54 73.63 19.34
N VAL D 709 -76.36 74.67 19.11
CA VAL D 709 -77.42 74.51 18.13
C VAL D 709 -76.87 74.64 16.71
N ASN D 710 -75.81 75.41 16.53
CA ASN D 710 -75.29 75.64 15.18
C ASN D 710 -74.68 74.37 14.62
N PRO D 711 -74.80 74.13 13.31
CA PRO D 711 -74.19 72.95 12.70
C PRO D 711 -72.71 73.11 12.39
N GLY D 712 -72.12 74.25 12.73
CA GLY D 712 -70.72 74.49 12.42
C GLY D 712 -69.79 73.62 13.25
N ASP D 713 -68.53 73.59 12.81
CA ASP D 713 -67.53 72.79 13.48
C ASP D 713 -67.24 73.34 14.88
N VAL D 714 -66.98 72.45 15.83
CA VAL D 714 -66.73 72.83 17.21
C VAL D 714 -65.42 72.18 17.65
N THR D 715 -64.65 72.92 18.44
CA THR D 715 -63.39 72.41 18.97
C THR D 715 -63.53 72.16 20.47
N ALA D 716 -62.87 71.09 20.92
CA ALA D 716 -62.96 70.67 22.32
C ALA D 716 -61.56 70.36 22.84
N ARG D 717 -61.26 70.90 24.02
CA ARG D 717 -60.00 70.66 24.71
C ARG D 717 -60.30 70.12 26.09
N GLU D 718 -59.58 69.08 26.49
CA GLU D 718 -59.81 68.42 27.77
C GLU D 718 -58.48 68.04 28.38
N LEU D 719 -58.52 67.25 29.44
CA LEU D 719 -57.31 66.79 30.10
C LEU D 719 -56.54 65.84 29.19
N ASN D 720 -55.22 66.02 29.15
CA ASN D 720 -54.28 65.22 28.37
C ASN D 720 -54.46 65.37 26.86
N GLN D 721 -55.34 66.26 26.41
CA GLN D 721 -55.44 66.61 25.01
C GLN D 721 -55.56 68.12 24.88
N LYS D 722 -55.74 68.59 23.65
CA LYS D 722 -55.83 70.01 23.35
C LYS D 722 -57.08 70.25 22.50
N GLN D 723 -57.22 71.48 22.01
CA GLN D 723 -58.37 71.84 21.19
C GLN D 723 -58.38 71.06 19.88
N GLU D 724 -59.28 70.09 19.78
CA GLU D 724 -59.45 69.30 18.56
C GLU D 724 -60.76 69.71 17.90
N SER D 725 -60.70 69.98 16.60
CA SER D 725 -61.85 70.47 15.86
C SER D 725 -62.58 69.31 15.20
N PHE D 726 -63.91 69.33 15.28
CA PHE D 726 -64.73 68.24 14.76
C PHE D 726 -66.13 68.75 14.48
N GLN D 727 -66.74 68.22 13.43
CA GLN D 727 -68.15 68.50 13.16
C GLN D 727 -69.02 67.85 14.23
N MET D 728 -70.06 68.56 14.64
CA MET D 728 -70.98 68.06 15.66
C MET D 728 -72.40 68.13 15.11
N THR D 729 -73.07 66.98 15.05
CA THR D 729 -74.42 66.88 14.49
C THR D 729 -75.18 65.86 15.33
N ALA D 730 -76.08 66.34 16.19
CA ALA D 730 -76.87 65.46 17.04
C ALA D 730 -78.18 66.14 17.38
N THR D 731 -79.28 65.41 17.19
CA THR D 731 -80.58 65.92 17.62
C THR D 731 -80.61 65.98 19.14
N MET D 732 -81.03 67.13 19.66
CA MET D 732 -80.94 67.43 21.09
C MET D 732 -82.34 67.59 21.67
N VAL D 733 -82.54 67.03 22.86
CA VAL D 733 -83.83 67.12 23.54
C VAL D 733 -83.62 67.44 25.01
N ALA D 734 -84.52 68.29 25.54
CA ALA D 734 -84.46 68.69 26.94
C ALA D 734 -85.84 68.59 27.55
N ALA D 735 -85.90 68.17 28.82
CA ALA D 735 -87.15 68.05 29.54
C ALA D 735 -86.90 68.21 31.03
N SER D 736 -87.80 68.92 31.70
CA SER D 736 -87.70 69.13 33.14
C SER D 736 -89.09 69.39 33.70
N ASN D 737 -89.31 68.95 34.93
CA ASN D 737 -90.58 69.24 35.61
C ASN D 737 -90.72 70.71 35.97
N TYR D 738 -89.62 71.45 36.02
CA TYR D 738 -89.62 72.85 36.38
C TYR D 738 -89.29 73.70 35.15
N ASN D 739 -89.35 75.01 35.32
CA ASN D 739 -89.18 75.95 34.21
C ASN D 739 -87.75 76.43 34.11
N PHE D 740 -87.41 76.92 32.93
CA PHE D 740 -86.08 77.44 32.62
C PHE D 740 -86.12 78.96 32.55
N ILE D 741 -84.93 79.57 32.54
CA ILE D 741 -84.79 81.01 32.44
C ILE D 741 -83.95 81.32 31.20
N ILE D 742 -84.54 82.05 30.27
CA ILE D 742 -83.84 82.55 29.09
C ILE D 742 -83.94 84.06 29.10
N ASP D 743 -82.80 84.75 29.12
CA ASP D 743 -82.75 86.20 29.23
C ASP D 743 -82.14 86.78 27.96
N THR D 744 -82.99 86.96 26.94
CA THR D 744 -82.59 87.55 25.67
C THR D 744 -83.84 87.70 24.81
N THR D 745 -83.73 88.57 23.80
CA THR D 745 -84.80 88.74 22.83
C THR D 745 -84.28 88.86 21.40
N ASP D 746 -82.98 88.69 21.17
CA ASP D 746 -82.42 88.80 19.84
C ASP D 746 -83.00 87.72 18.93
N HIS D 747 -83.21 88.07 17.66
CA HIS D 747 -83.72 87.10 16.70
C HIS D 747 -82.71 86.00 16.39
N GLY D 748 -81.42 86.23 16.66
CA GLY D 748 -80.45 85.17 16.51
C GLY D 748 -80.77 83.98 17.39
N THR D 749 -81.06 84.25 18.67
CA THR D 749 -81.66 83.26 19.54
C THR D 749 -83.17 83.32 19.39
N TRP D 750 -83.88 82.53 20.19
CA TRP D 750 -85.34 82.46 20.20
C TRP D 750 -85.92 82.07 18.84
N ARG D 751 -85.07 81.71 17.89
CA ARG D 751 -85.47 81.26 16.57
C ARG D 751 -85.08 79.81 16.30
N ARG D 752 -83.96 79.36 16.87
CA ARG D 752 -83.57 77.95 16.82
C ARG D 752 -84.04 77.19 18.05
N LEU D 753 -85.14 77.61 18.67
CA LEU D 753 -85.65 77.03 19.89
C LEU D 753 -87.09 76.59 19.68
N ARG D 754 -87.47 75.51 20.36
CA ARG D 754 -88.84 75.02 20.33
C ARG D 754 -89.23 74.57 21.73
N HIS D 755 -90.44 74.99 22.15
CA HIS D 755 -90.95 74.69 23.48
C HIS D 755 -92.27 73.91 23.36
N TYR D 756 -92.45 72.98 24.30
CA TYR D 756 -93.71 72.25 24.39
C TYR D 756 -94.03 71.99 25.86
N ARG D 757 -95.31 71.82 26.14
CA ARG D 757 -95.78 71.55 27.49
C ARG D 757 -96.67 70.32 27.49
N SER D 758 -96.41 69.40 28.41
CA SER D 758 -97.20 68.18 28.50
C SER D 758 -98.63 68.49 28.94
N LYS D 759 -99.58 67.78 28.34
CA LYS D 759 -101.00 67.99 28.62
C LYS D 759 -101.62 66.91 29.48
N VAL D 760 -100.91 65.82 29.75
CA VAL D 760 -101.48 64.69 30.48
C VAL D 760 -100.72 64.48 31.78
N LYS D 761 -101.36 63.77 32.70
CA LYS D 761 -100.80 63.42 33.99
C LYS D 761 -101.08 61.96 34.28
N PHE D 762 -100.15 61.29 34.96
CA PHE D 762 -100.27 59.87 35.26
C PHE D 762 -100.23 59.67 36.77
N CYS D 763 -101.18 58.90 37.29
CA CYS D 763 -101.21 58.56 38.70
C CYS D 763 -101.94 57.23 38.86
N HIS D 764 -101.69 56.56 40.00
CA HIS D 764 -102.20 55.21 40.19
C HIS D 764 -103.72 55.18 40.25
N ASN D 765 -104.34 56.17 40.89
CA ASN D 765 -105.79 56.23 40.99
C ASN D 765 -106.40 57.13 39.91
N PRO D 766 -106.92 56.57 38.82
CA PRO D 766 -107.37 57.41 37.70
C PRO D 766 -108.57 58.27 38.08
N ASP D 767 -108.61 59.46 37.48
CA ASP D 767 -109.74 60.37 37.66
C ASP D 767 -110.77 60.12 36.57
N PRO D 768 -112.00 59.76 36.92
CA PRO D 768 -113.01 59.48 35.89
C PRO D 768 -113.34 60.71 35.07
N SER D 769 -113.65 60.47 33.80
CA SER D 769 -114.09 61.47 32.84
C SER D 769 -113.06 62.57 32.61
N ASN D 770 -111.79 62.32 32.93
CA ASN D 770 -110.74 63.32 32.71
C ASN D 770 -109.80 62.84 31.61
N PRO D 771 -109.89 63.39 30.40
CA PRO D 771 -108.99 62.95 29.32
C PRO D 771 -107.53 63.28 29.57
N TYR D 772 -107.24 64.20 30.49
CA TYR D 772 -105.86 64.63 30.74
C TYR D 772 -105.19 63.84 31.85
N GLU D 773 -105.83 62.80 32.36
CA GLU D 773 -105.23 61.93 33.36
C GLU D 773 -105.52 60.48 33.01
N LYS D 774 -104.50 59.64 33.10
CA LYS D 774 -104.68 58.21 32.83
C LYS D 774 -103.78 57.45 33.78
N LYS D 775 -104.18 56.23 34.13
CA LYS D 775 -103.38 55.43 35.06
C LYS D 775 -101.98 55.20 34.50
N GLU D 776 -100.98 55.21 35.37
CA GLU D 776 -99.61 55.01 34.93
C GLU D 776 -99.14 53.59 35.17
N ASP D 777 -98.68 52.92 34.12
CA ASP D 777 -98.19 51.56 34.27
C ASP D 777 -96.68 51.56 34.46
N PRO D 778 -96.22 51.36 35.70
CA PRO D 778 -94.78 51.40 35.99
C PRO D 778 -94.00 50.38 35.18
N ARG D 779 -94.67 49.33 34.73
CA ARG D 779 -94.00 48.31 33.93
C ARG D 779 -93.32 48.95 32.75
N PHE D 780 -93.90 50.03 32.23
CA PHE D 780 -93.30 50.73 31.10
C PHE D 780 -91.90 51.19 31.42
N ILE D 781 -91.68 51.63 32.66
CA ILE D 781 -90.37 52.13 33.05
C ILE D 781 -89.48 51.05 33.64
N HIS D 782 -89.95 50.38 34.69
CA HIS D 782 -89.13 49.37 35.33
C HIS D 782 -88.59 48.36 34.32
N GLU D 783 -89.44 47.91 33.41
CA GLU D 783 -89.04 46.98 32.35
C GLU D 783 -89.60 47.53 31.05
N TYR D 784 -89.59 46.69 30.00
CA TYR D 784 -89.97 47.02 28.63
C TYR D 784 -88.84 47.76 27.93
N ILE D 785 -87.75 48.03 28.65
CA ILE D 785 -86.53 48.55 28.05
C ILE D 785 -85.54 47.43 27.75
N MET D 786 -85.48 46.44 28.63
CA MET D 786 -84.53 45.33 28.47
C MET D 786 -85.04 44.25 27.52
N ASP D 787 -86.29 44.34 27.07
CA ASP D 787 -86.83 43.33 26.17
C ASP D 787 -86.41 43.66 24.73
N PRO D 788 -85.63 42.78 24.08
CA PRO D 788 -85.15 43.11 22.72
C PRO D 788 -86.26 43.28 21.69
N ASP D 789 -87.36 42.53 21.81
CA ASP D 789 -88.41 42.59 20.79
C ASP D 789 -89.04 43.99 20.74
N CYS D 790 -89.28 44.59 21.89
CA CYS D 790 -89.81 45.95 21.93
C CYS D 790 -88.84 46.92 21.28
N GLN D 791 -87.54 46.75 21.52
CA GLN D 791 -86.55 47.61 20.90
C GLN D 791 -86.56 47.46 19.39
N ASN D 792 -86.68 46.22 18.90
CA ASN D 792 -86.74 46.00 17.45
C ASN D 792 -87.96 46.68 16.84
N ALA D 793 -89.12 46.53 17.50
CA ALA D 793 -90.33 47.19 17.00
C ALA D 793 -90.17 48.70 17.00
N PHE D 794 -89.58 49.25 18.06
CA PHE D 794 -89.40 50.69 18.14
C PHE D 794 -88.46 51.19 17.04
N PHE D 795 -87.39 50.43 16.78
CA PHE D 795 -86.47 50.80 15.69
C PHE D 795 -87.17 50.76 14.35
N SER D 796 -88.03 49.77 14.13
CA SER D 796 -88.83 49.74 12.91
C SER D 796 -89.73 50.97 12.80
N ILE D 797 -90.35 51.36 13.90
CA ILE D 797 -91.19 52.56 13.91
C ILE D 797 -90.36 53.79 13.54
N LEU D 798 -89.17 53.92 14.13
CA LEU D 798 -88.32 55.07 13.85
C LEU D 798 -87.90 55.12 12.39
N VAL D 799 -87.48 53.98 11.83
CA VAL D 799 -87.05 54.01 10.43
C VAL D 799 -88.23 54.29 9.52
N TYR D 800 -89.43 53.77 9.86
CA TYR D 800 -90.61 54.07 9.07
C TYR D 800 -90.90 55.57 9.06
N PHE D 801 -90.87 56.20 10.23
CA PHE D 801 -91.15 57.64 10.29
C PHE D 801 -90.08 58.45 9.58
N TRP D 802 -88.82 58.05 9.69
CA TRP D 802 -87.77 58.76 8.96
C TRP D 802 -87.97 58.66 7.46
N GLU D 803 -88.33 57.48 6.96
CA GLU D 803 -88.59 57.32 5.54
C GLU D 803 -89.79 58.15 5.11
N LYS D 804 -90.84 58.18 5.92
CA LYS D 804 -92.01 59.00 5.60
C LYS D 804 -91.64 60.48 5.51
N LEU D 805 -90.88 60.97 6.50
CA LEU D 805 -90.44 62.37 6.47
C LEU D 805 -89.61 62.66 5.23
N GLN D 806 -88.68 61.75 4.91
CA GLN D 806 -87.82 61.98 3.74
C GLN D 806 -88.65 62.03 2.46
N LYS D 807 -89.61 61.12 2.31
CA LYS D 807 -90.39 61.11 1.07
C LYS D 807 -91.43 62.21 1.00
N GLU D 808 -91.80 62.82 2.15
CA GLU D 808 -92.81 63.88 2.13
C GLU D 808 -92.19 65.28 2.10
N TYR D 809 -91.36 65.62 3.08
CA TYR D 809 -90.85 66.98 3.22
C TYR D 809 -89.39 67.11 2.79
N ASN D 810 -88.89 66.16 2.00
CA ASN D 810 -87.53 66.23 1.45
C ASN D 810 -86.48 66.36 2.56
N GLY D 811 -86.75 65.73 3.69
CA GLY D 811 -85.83 65.78 4.81
C GLY D 811 -85.65 67.16 5.42
N GLN D 812 -86.70 67.96 5.46
CA GLN D 812 -86.66 69.29 6.04
C GLN D 812 -87.67 69.37 7.17
N ILE D 813 -87.20 69.77 8.35
CA ILE D 813 -88.08 69.83 9.52
C ILE D 813 -88.81 71.15 9.65
N LYS D 814 -88.33 72.22 9.00
CA LYS D 814 -89.01 73.50 9.08
C LYS D 814 -90.25 73.55 8.18
N LYS D 815 -90.26 72.78 7.09
CA LYS D 815 -91.40 72.83 6.16
C LYS D 815 -92.62 72.16 6.75
N VAL D 816 -92.45 71.16 7.61
CA VAL D 816 -93.60 70.49 8.22
C VAL D 816 -94.34 71.46 9.12
N PHE D 817 -95.65 71.26 9.24
CA PHE D 817 -96.55 72.20 9.90
C PHE D 817 -97.17 71.57 11.14
N CYS D 818 -97.26 72.36 12.21
CA CYS D 818 -97.88 71.95 13.45
C CYS D 818 -98.52 73.16 14.14
N PRO D 819 -99.84 73.28 14.13
CA PRO D 819 -100.47 74.46 14.74
C PRO D 819 -100.20 74.59 16.24
N THR D 820 -100.14 73.47 16.97
CA THR D 820 -99.87 73.55 18.40
C THR D 820 -98.48 74.14 18.67
N ILE D 821 -97.47 73.63 17.97
CA ILE D 821 -96.16 74.26 18.02
C ILE D 821 -96.22 75.58 17.25
N GLU D 822 -95.17 76.40 17.45
CA GLU D 822 -94.99 77.72 16.86
C GLU D 822 -96.13 78.66 17.26
N SER D 823 -97.04 78.16 18.10
CA SER D 823 -98.05 78.96 18.78
C SER D 823 -97.87 78.92 20.28
N GLU D 824 -97.76 77.74 20.87
CA GLU D 824 -97.30 77.63 22.25
C GLU D 824 -95.85 78.07 22.36
N THR D 825 -95.05 77.85 21.31
CA THR D 825 -93.67 78.29 21.31
C THR D 825 -93.56 79.81 21.42
N GLU D 826 -94.32 80.53 20.58
CA GLU D 826 -94.32 81.98 20.71
C GLU D 826 -95.01 82.45 21.99
N ALA D 827 -95.93 81.64 22.53
CA ALA D 827 -96.50 81.97 23.84
C ALA D 827 -95.43 81.95 24.91
N TYR D 828 -94.55 80.94 24.90
CA TYR D 828 -93.40 80.94 25.79
C TYR D 828 -92.45 82.09 25.48
N ARG D 829 -92.31 82.42 24.19
CA ARG D 829 -91.51 83.58 23.79
C ARG D 829 -92.02 84.86 24.44
N LYS D 830 -93.35 84.96 24.61
CA LYS D 830 -93.90 86.10 25.34
C LYS D 830 -93.41 86.10 26.78
N SER D 831 -93.33 84.92 27.40
CA SER D 831 -92.71 84.79 28.71
C SER D 831 -91.20 84.97 28.59
N GLN D 832 -90.52 84.87 29.73
CA GLN D 832 -89.08 85.10 29.83
C GLN D 832 -88.69 86.51 29.43
N ASP D 833 -89.63 87.46 29.52
CA ASP D 833 -89.36 88.87 29.27
C ASP D 833 -89.72 89.64 30.54
N THR D 834 -88.77 89.70 31.47
CA THR D 834 -89.04 90.28 32.78
C THR D 834 -89.12 91.80 32.74
N LEU D 835 -88.38 92.44 31.83
CA LEU D 835 -88.29 93.89 31.84
C LEU D 835 -89.60 94.54 31.43
N HIS D 836 -90.30 93.96 30.45
CA HIS D 836 -91.61 94.47 30.08
C HIS D 836 -92.59 94.35 31.25
N ARG D 837 -92.55 93.21 31.94
CA ARG D 837 -93.40 93.04 33.12
C ARG D 837 -93.07 94.07 34.19
N PHE D 838 -91.77 94.35 34.39
CA PHE D 838 -91.37 95.34 35.37
C PHE D 838 -91.88 96.72 34.99
N ILE D 839 -91.80 97.06 33.70
CA ILE D 839 -92.34 98.34 33.24
C ILE D 839 -93.83 98.43 33.53
N THR D 840 -94.57 97.35 33.22
CA THR D 840 -96.01 97.36 33.46
C THR D 840 -96.31 97.50 34.95
N GLU D 841 -95.54 96.83 35.80
CA GLU D 841 -95.86 96.82 37.22
C GLU D 841 -95.49 98.14 37.90
N ARG D 842 -94.34 98.71 37.55
CA ARG D 842 -93.82 99.85 38.27
C ARG D 842 -94.03 101.19 37.55
N VAL D 843 -94.38 101.16 36.26
CA VAL D 843 -94.56 102.40 35.50
C VAL D 843 -95.91 102.33 34.78
N VAL D 844 -96.79 103.27 35.11
CA VAL D 844 -98.06 103.44 34.41
C VAL D 844 -98.15 104.91 34.02
N GLU D 845 -98.90 105.20 32.97
CA GLU D 845 -98.97 106.55 32.42
C GLU D 845 -99.43 107.56 33.47
N SER D 846 -98.50 108.42 33.89
CA SER D 846 -98.80 109.46 34.86
C SER D 846 -99.57 110.60 34.17
N PRO D 847 -100.59 111.16 34.83
CA PRO D 847 -101.33 112.27 34.23
C PRO D 847 -100.46 113.50 34.01
N SER D 848 -99.84 113.99 35.07
CA SER D 848 -98.98 115.17 35.02
C SER D 848 -98.23 115.25 36.35
N ALA D 849 -97.52 116.36 36.56
CA ALA D 849 -96.83 116.65 37.82
C ALA D 849 -95.80 115.56 38.16
N GLU D 850 -95.15 115.04 37.14
CA GLU D 850 -94.12 114.01 37.32
C GLU D 850 -92.87 114.41 36.55
N THR D 851 -91.72 114.27 37.18
CA THR D 851 -90.45 114.66 36.58
C THR D 851 -89.92 113.57 35.67
N VAL D 852 -88.74 113.81 35.10
CA VAL D 852 -88.12 112.86 34.18
C VAL D 852 -87.45 111.70 34.90
N TYR D 853 -87.22 111.81 36.21
CA TYR D 853 -86.62 110.76 37.04
C TYR D 853 -85.20 110.42 36.61
N ASN D 854 -84.60 111.23 35.74
CA ASN D 854 -83.27 110.97 35.15
C ASN D 854 -83.36 109.67 34.34
N LEU D 855 -82.29 108.87 34.29
CA LEU D 855 -82.28 107.66 33.47
C LEU D 855 -81.90 106.43 34.29
N SER D 856 -81.05 106.63 35.31
CA SER D 856 -80.60 105.51 36.14
C SER D 856 -81.69 104.96 37.04
N GLU D 857 -82.80 105.69 37.23
CA GLU D 857 -83.85 105.20 38.11
C GLU D 857 -84.48 103.92 37.57
N VAL D 858 -84.58 103.80 36.23
CA VAL D 858 -85.23 102.63 35.65
C VAL D 858 -84.42 101.37 35.96
N VAL D 859 -83.12 101.41 35.69
CA VAL D 859 -82.28 100.25 35.97
C VAL D 859 -82.17 100.01 37.47
N THR D 860 -82.13 101.09 38.26
CA THR D 860 -82.05 100.93 39.71
C THR D 860 -83.27 100.20 40.25
N ALA D 861 -84.46 100.61 39.84
CA ALA D 861 -85.67 99.93 40.27
C ALA D 861 -85.75 98.51 39.69
N TYR D 862 -85.32 98.34 38.44
CA TYR D 862 -85.38 97.04 37.79
C TYR D 862 -84.50 96.01 38.50
N ALA D 863 -83.35 96.44 39.02
CA ALA D 863 -82.48 95.51 39.73
C ALA D 863 -83.20 94.89 40.93
N GLU D 864 -83.77 95.73 41.78
CA GLU D 864 -84.48 95.22 42.95
C GLU D 864 -85.73 94.45 42.56
N TRP D 865 -86.43 94.91 41.52
CA TRP D 865 -87.62 94.19 41.07
C TRP D 865 -87.27 92.78 40.59
N TYR D 866 -86.20 92.66 39.82
CA TYR D 866 -85.74 91.35 39.37
C TYR D 866 -85.29 90.48 40.54
N ASN D 867 -84.58 91.08 41.50
CA ASN D 867 -84.14 90.32 42.66
C ASN D 867 -85.32 89.80 43.48
N THR D 868 -86.35 90.62 43.66
CA THR D 868 -87.48 90.26 44.50
C THR D 868 -88.56 89.49 43.75
N ASN D 869 -88.46 89.36 42.42
CA ASN D 869 -89.47 88.66 41.64
C ASN D 869 -88.97 87.35 41.05
N ILE D 870 -87.86 87.37 40.32
CA ILE D 870 -87.39 86.17 39.64
C ILE D 870 -86.22 85.57 40.39
N ASN D 871 -85.11 86.29 40.46
CA ASN D 871 -83.90 85.77 41.08
C ASN D 871 -82.93 86.93 41.31
N VAL D 872 -81.98 86.72 42.21
CA VAL D 872 -80.96 87.71 42.52
C VAL D 872 -79.72 87.44 41.67
N LYS D 873 -79.23 88.48 41.01
CA LYS D 873 -78.03 88.40 40.18
C LYS D 873 -77.62 89.81 39.81
N ARG D 874 -76.34 89.98 39.49
CA ARG D 874 -75.84 91.29 39.13
C ARG D 874 -76.23 91.65 37.70
N HIS D 875 -76.22 92.95 37.42
CA HIS D 875 -76.48 93.48 36.09
C HIS D 875 -75.52 94.62 35.82
N ILE D 876 -75.31 94.89 34.53
CA ILE D 876 -74.47 96.00 34.08
C ILE D 876 -75.40 97.05 33.50
N ALA D 877 -75.43 98.24 34.13
CA ALA D 877 -76.43 99.24 33.81
C ALA D 877 -76.26 99.85 32.41
N LEU D 878 -75.05 99.79 31.84
CA LEU D 878 -74.81 100.49 30.58
C LEU D 878 -75.66 99.94 29.45
N GLU D 879 -75.61 98.63 29.23
CA GLU D 879 -76.36 98.05 28.12
C GLU D 879 -77.84 97.89 28.42
N LEU D 880 -78.23 97.87 29.69
CA LEU D 880 -79.64 97.72 30.03
C LEU D 880 -80.49 98.89 29.54
N SER D 881 -79.85 100.03 29.25
CA SER D 881 -80.59 101.17 28.73
C SER D 881 -81.12 100.94 27.32
N GLN D 882 -80.42 100.15 26.50
CA GLN D 882 -80.77 100.04 25.09
C GLN D 882 -82.16 99.44 24.89
N GLU D 883 -82.45 98.35 25.60
CA GLU D 883 -83.77 97.73 25.47
C GLU D 883 -84.88 98.65 25.96
N LEU D 884 -84.57 99.66 26.76
CA LEU D 884 -85.58 100.66 27.12
C LEU D 884 -86.07 101.40 25.87
N GLU D 885 -85.16 101.81 24.99
CA GLU D 885 -85.58 102.29 23.69
C GLU D 885 -86.22 101.18 22.87
N ASN D 886 -85.69 99.97 22.97
CA ASN D 886 -86.32 98.84 22.30
C ASN D 886 -87.69 98.50 22.89
N SER D 887 -87.97 98.95 24.11
CA SER D 887 -89.24 98.65 24.75
C SER D 887 -90.31 99.65 24.30
N VAL D 888 -91.47 99.59 24.98
CA VAL D 888 -92.57 100.48 24.65
C VAL D 888 -92.27 101.92 25.05
N LEU D 889 -91.28 102.14 25.92
CA LEU D 889 -90.89 103.48 26.35
C LEU D 889 -90.15 104.26 25.26
N GLU D 890 -90.07 103.73 24.04
CA GLU D 890 -89.39 104.43 22.96
C GLU D 890 -90.06 105.78 22.69
N LYS D 891 -91.39 105.79 22.62
CA LYS D 891 -92.10 107.03 22.35
C LYS D 891 -91.96 108.02 23.50
N TYR D 892 -91.64 107.54 24.70
CA TYR D 892 -91.59 108.38 25.89
C TYR D 892 -90.17 108.57 26.41
N LEU D 893 -89.17 108.14 25.66
CA LEU D 893 -87.77 108.38 26.00
C LEU D 893 -87.35 109.68 25.34
N GLN D 894 -87.43 110.78 26.08
CA GLN D 894 -87.15 112.11 25.55
C GLN D 894 -85.66 112.41 25.65
N TRP D 895 -85.22 113.41 24.89
CA TRP D 895 -83.84 113.85 24.97
C TRP D 895 -83.72 115.03 25.93
N SER D 896 -82.48 115.37 26.27
CA SER D 896 -82.19 116.39 27.26
C SER D 896 -81.20 117.41 26.71
N PRO D 897 -81.25 118.65 27.19
CA PRO D 897 -80.24 119.64 26.76
C PRO D 897 -78.82 119.21 27.06
N ASN D 898 -78.61 118.42 28.12
CA ASN D 898 -77.30 117.86 28.44
C ASN D 898 -76.95 116.65 27.59
N LYS D 899 -77.69 116.43 26.49
CA LYS D 899 -77.45 115.31 25.58
C LYS D 899 -77.55 113.97 26.29
N THR D 900 -78.53 113.85 27.18
CA THR D 900 -78.81 112.62 27.90
C THR D 900 -80.24 112.19 27.62
N ARG D 901 -80.58 110.98 28.08
CA ARG D 901 -81.90 110.41 27.89
C ARG D 901 -82.72 110.60 29.16
N ILE D 902 -83.87 111.25 29.02
CA ILE D 902 -84.78 111.47 30.14
C ILE D 902 -86.10 110.81 29.82
N LEU D 903 -87.02 110.78 30.78
CA LEU D 903 -88.30 110.11 30.62
C LEU D 903 -89.43 111.14 30.72
N LYS D 904 -90.59 110.77 30.17
CA LYS D 904 -91.76 111.63 30.21
C LYS D 904 -93.01 110.77 30.30
N GLY D 905 -94.06 111.33 30.90
CA GLY D 905 -95.29 110.58 31.10
C GLY D 905 -95.11 109.33 31.92
N CYS D 906 -94.36 109.42 33.01
CA CYS D 906 -93.96 108.26 33.79
C CYS D 906 -94.22 108.49 35.26
N ARG D 907 -94.44 107.39 35.98
CA ARG D 907 -94.62 107.42 37.43
C ARG D 907 -93.94 106.20 38.02
N ILE D 908 -93.25 106.39 39.15
CA ILE D 908 -92.54 105.31 39.81
C ILE D 908 -93.53 104.68 40.80
N LEU D 909 -94.25 103.68 40.34
CA LEU D 909 -95.19 102.97 41.19
C LEU D 909 -94.47 101.93 42.04
N HIS D 910 -95.15 101.48 43.09
CA HIS D 910 -94.61 100.47 43.98
C HIS D 910 -95.77 99.76 44.68
N LYS D 911 -95.47 98.55 45.17
CA LYS D 911 -96.43 97.63 45.78
C LYS D 911 -97.80 97.68 45.12
N PHE D 912 -98.87 97.80 45.93
CA PHE D 912 -100.24 97.69 45.46
C PHE D 912 -100.84 99.02 45.03
N GLU D 913 -100.01 99.99 44.63
CA GLU D 913 -100.54 101.28 44.20
C GLU D 913 -101.44 101.12 42.99
N THR D 914 -102.58 101.81 43.03
CA THR D 914 -103.56 101.74 41.96
C THR D 914 -103.15 102.64 40.80
N LEU D 915 -104.07 102.90 39.88
CA LEU D 915 -103.75 103.74 38.73
C LEU D 915 -103.41 105.16 39.14
N GLN D 916 -104.05 105.68 40.19
CA GLN D 916 -103.84 107.04 40.68
C GLN D 916 -103.99 108.06 39.55
N PRO D 917 -105.23 108.30 39.07
CA PRO D 917 -105.44 109.25 37.97
C PRO D 917 -105.28 110.70 38.41
N ILE D 935 -106.86 69.17 16.92
CA ILE D 935 -107.52 69.49 15.67
C ILE D 935 -108.56 68.43 15.34
N CYS D 936 -108.11 67.20 15.08
CA CYS D 936 -109.00 66.11 14.75
C CYS D 936 -108.32 64.80 15.16
N GLU D 937 -108.89 63.68 14.73
CA GLU D 937 -108.34 62.37 15.02
C GLU D 937 -108.79 61.41 13.94
N PRO D 938 -107.89 60.61 13.36
CA PRO D 938 -108.29 59.68 12.30
C PRO D 938 -109.09 58.50 12.82
N LYS D 939 -109.46 57.59 11.93
CA LYS D 939 -110.29 56.45 12.31
C LYS D 939 -109.59 55.55 13.33
N ASN D 940 -108.49 54.90 12.93
CA ASN D 940 -107.72 54.09 13.87
C ASN D 940 -106.21 54.16 13.66
N LYS D 941 -105.72 54.95 12.70
CA LYS D 941 -104.30 54.96 12.35
C LYS D 941 -103.84 56.40 12.20
N TRP D 942 -103.28 56.96 13.28
CA TRP D 942 -102.60 58.25 13.16
C TRP D 942 -101.24 58.09 12.52
N TRP D 943 -100.60 56.92 12.68
CA TRP D 943 -99.36 56.64 11.98
C TRP D 943 -99.56 56.52 10.47
N GLU D 944 -100.81 56.43 10.02
CA GLU D 944 -101.10 56.47 8.58
C GLU D 944 -100.73 57.81 7.97
N TRP D 945 -100.48 58.84 8.79
CA TRP D 945 -100.00 60.17 8.45
C TRP D 945 -101.11 61.05 7.87
N SER D 946 -102.30 60.50 7.56
CA SER D 946 -103.42 61.28 7.05
C SER D 946 -103.04 61.91 5.71
N PRO D 947 -103.92 62.71 5.08
CA PRO D 947 -103.48 63.49 3.92
C PRO D 947 -102.47 64.57 4.29
N ASN D 948 -102.07 65.36 3.30
CA ASN D 948 -101.03 66.37 3.52
C ASN D 948 -101.30 67.30 4.70
N PRO D 949 -102.53 67.82 4.91
CA PRO D 949 -102.75 68.62 6.13
C PRO D 949 -102.47 67.84 7.41
N SER D 950 -102.80 66.56 7.43
CA SER D 950 -102.53 65.68 8.58
C SER D 950 -103.09 66.23 9.88
N THR E 11 -51.97 2.54 12.66
CA THR E 11 -52.19 3.94 12.37
C THR E 11 -50.85 4.66 12.19
N ILE E 12 -49.95 4.47 13.16
CA ILE E 12 -48.63 5.10 13.08
C ILE E 12 -47.84 4.52 11.91
N GLN E 13 -48.00 3.23 11.64
CA GLN E 13 -47.28 2.61 10.53
C GLN E 13 -47.65 3.23 9.20
N LEU E 14 -48.88 3.75 9.08
CA LEU E 14 -49.25 4.47 7.87
C LEU E 14 -48.35 5.68 7.65
N THR E 15 -48.13 6.47 8.70
CA THR E 15 -47.21 7.60 8.61
C THR E 15 -45.78 7.14 8.41
N ALA E 16 -45.40 6.01 9.01
CA ALA E 16 -44.05 5.49 8.80
C ALA E 16 -43.80 5.16 7.33
N GLN E 17 -44.75 4.46 6.70
CA GLN E 17 -44.65 4.18 5.27
C GLN E 17 -44.67 5.47 4.46
N ARG E 18 -45.53 6.42 4.84
CA ARG E 18 -45.57 7.71 4.16
C ARG E 18 -44.27 8.47 4.32
N LYS E 19 -43.45 8.12 5.31
CA LYS E 19 -42.17 8.80 5.52
C LYS E 19 -41.02 8.15 4.77
N TYR E 20 -40.77 6.86 5.02
CA TYR E 20 -39.56 6.22 4.53
C TYR E 20 -39.77 5.36 3.30
N LEU E 21 -40.85 5.56 2.55
CA LEU E 21 -41.11 4.80 1.33
C LEU E 21 -41.47 5.77 0.21
N ALA E 22 -40.56 5.94 -0.75
CA ALA E 22 -40.78 6.88 -1.84
C ALA E 22 -41.86 6.38 -2.81
N GLU E 23 -41.95 5.07 -3.01
CA GLU E 23 -42.98 4.53 -3.90
C GLU E 23 -44.38 4.78 -3.35
N VAL E 24 -44.55 4.73 -2.03
CA VAL E 24 -45.83 5.09 -1.42
C VAL E 24 -46.14 6.55 -1.70
N GLN E 25 -45.12 7.41 -1.66
CA GLN E 25 -45.33 8.82 -1.99
C GLN E 25 -45.76 8.98 -3.45
N ALA E 26 -45.14 8.22 -4.36
CA ALA E 26 -45.53 8.28 -5.76
C ALA E 26 -46.98 7.83 -5.94
N LEU E 27 -47.36 6.76 -5.25
CA LEU E 27 -48.75 6.29 -5.32
C LEU E 27 -49.72 7.33 -4.78
N GLU E 28 -49.37 7.96 -3.65
CA GLU E 28 -50.23 8.98 -3.08
C GLU E 28 -50.37 10.18 -4.01
N THR E 29 -49.27 10.62 -4.62
CA THR E 29 -49.34 11.72 -5.57
C THR E 29 -50.20 11.34 -6.78
N LEU E 30 -50.04 10.11 -7.27
CA LEU E 30 -50.87 9.65 -8.39
C LEU E 30 -52.35 9.68 -8.02
N LEU E 31 -52.67 9.26 -6.80
CA LEU E 31 -54.05 9.33 -6.33
C LEU E 31 -54.53 10.78 -6.26
N THR E 32 -53.68 11.69 -5.77
CA THR E 32 -54.11 13.06 -5.55
C THR E 32 -54.35 13.81 -6.85
N ARG E 33 -53.43 13.71 -7.82
CA ARG E 33 -53.52 14.54 -9.02
C ARG E 33 -54.16 13.80 -10.19
N GLU E 34 -53.64 12.62 -10.55
CA GLU E 34 -54.13 11.94 -11.74
C GLU E 34 -55.52 11.33 -11.52
N LEU E 35 -55.73 10.71 -10.36
CA LEU E 35 -57.00 10.05 -10.09
C LEU E 35 -58.08 11.00 -9.58
N SER E 36 -57.75 12.26 -9.36
CA SER E 36 -58.75 13.22 -8.90
C SER E 36 -59.84 13.42 -9.95
N VAL E 37 -59.45 13.53 -11.22
CA VAL E 37 -60.42 13.74 -12.28
C VAL E 37 -61.31 12.51 -12.45
N PHE E 38 -60.79 11.32 -12.19
CA PHE E 38 -61.57 10.08 -12.31
C PHE E 38 -62.23 9.71 -10.99
N LEU E 39 -62.95 10.65 -10.39
CA LEU E 39 -63.67 10.40 -9.15
C LEU E 39 -65.04 9.81 -9.44
N THR E 40 -65.51 8.98 -8.51
CA THR E 40 -66.78 8.27 -8.68
C THR E 40 -67.60 8.41 -7.41
N GLU E 41 -68.92 8.42 -7.58
CA GLU E 41 -69.82 8.54 -6.44
C GLU E 41 -69.70 7.32 -5.54
N PRO E 42 -69.82 7.49 -4.22
CA PRO E 42 -69.69 6.34 -3.31
C PRO E 42 -70.72 5.25 -3.54
N GLY E 43 -71.95 5.61 -3.92
CA GLY E 43 -73.00 4.64 -4.09
C GLY E 43 -73.22 4.18 -5.51
N SER E 44 -72.57 4.84 -6.46
CA SER E 44 -72.73 4.49 -7.86
C SER E 44 -72.06 3.16 -8.16
N LYS E 45 -72.69 2.41 -9.08
CA LYS E 45 -72.18 1.10 -9.48
C LYS E 45 -71.01 1.19 -10.45
N LYS E 46 -70.82 2.34 -11.10
CA LYS E 46 -69.80 2.48 -12.14
C LYS E 46 -68.38 2.33 -11.59
N THR E 47 -68.19 2.48 -10.28
CA THR E 47 -66.86 2.38 -9.71
C THR E 47 -66.33 0.96 -9.80
N ASN E 48 -65.01 0.84 -9.98
CA ASN E 48 -64.35 -0.46 -10.04
C ASN E 48 -63.30 -0.66 -8.96
N ILE E 49 -62.73 0.41 -8.40
CA ILE E 49 -61.71 0.29 -7.36
C ILE E 49 -62.08 1.18 -6.19
N ILE E 50 -62.21 0.59 -5.00
CA ILE E 50 -62.63 1.30 -3.82
C ILE E 50 -61.56 1.12 -2.74
N ASN E 51 -61.09 2.24 -2.18
CA ASN E 51 -60.17 2.21 -1.05
C ASN E 51 -60.99 2.40 0.22
N ARG E 52 -61.03 1.35 1.04
CA ARG E 52 -61.78 1.41 2.29
C ARG E 52 -61.04 2.15 3.39
N ILE E 53 -59.76 2.46 3.20
CA ILE E 53 -59.04 3.30 4.15
C ILE E 53 -59.69 4.68 4.23
N THR E 54 -59.98 5.26 3.06
CA THR E 54 -60.72 6.51 2.98
C THR E 54 -62.04 6.35 2.26
N GLY E 55 -62.44 5.12 1.92
CA GLY E 55 -63.73 4.88 1.31
C GLY E 55 -63.96 5.63 0.02
N LYS E 56 -62.94 5.71 -0.84
CA LYS E 56 -63.02 6.44 -2.08
C LYS E 56 -63.23 5.48 -3.24
N THR E 57 -64.11 5.85 -4.16
CA THR E 57 -64.50 5.01 -5.29
C THR E 57 -63.95 5.58 -6.58
N TYR E 58 -63.49 4.69 -7.46
CA TYR E 58 -62.88 5.07 -8.72
C TYR E 58 -63.35 4.15 -9.83
N ALA E 59 -63.43 4.69 -11.03
CA ALA E 59 -63.81 4.00 -12.26
C ALA E 59 -62.73 4.17 -13.31
N LEU E 60 -61.49 3.90 -12.90
CA LEU E 60 -60.34 4.22 -13.74
C LEU E 60 -60.37 3.42 -15.04
N PRO E 61 -59.89 3.99 -16.15
CA PRO E 61 -59.79 3.23 -17.40
C PRO E 61 -58.73 2.14 -17.32
N SER E 62 -58.56 1.39 -18.42
CA SER E 62 -57.67 0.24 -18.40
C SER E 62 -56.23 0.66 -18.12
N THR E 63 -55.77 1.72 -18.77
CA THR E 63 -54.39 2.18 -18.57
C THR E 63 -54.17 2.63 -17.13
N GLU E 64 -55.10 3.42 -16.59
CA GLU E 64 -54.99 3.84 -15.20
C GLU E 64 -55.09 2.66 -14.26
N LEU E 65 -55.97 1.70 -14.57
CA LEU E 65 -56.10 0.51 -13.74
C LEU E 65 -54.79 -0.26 -13.67
N LEU E 66 -54.15 -0.47 -14.81
CA LEU E 66 -52.89 -1.22 -14.82
C LEU E 66 -51.77 -0.43 -14.17
N ARG E 67 -51.78 0.90 -14.30
CA ARG E 67 -50.77 1.72 -13.64
C ARG E 67 -50.91 1.60 -12.11
N LEU E 68 -52.14 1.65 -11.62
CA LEU E 68 -52.38 1.44 -10.19
C LEU E 68 -51.98 0.03 -9.76
N TYR E 69 -52.24 -0.97 -10.62
CA TYR E 69 -51.78 -2.31 -10.30
C TYR E 69 -50.27 -2.37 -10.18
N GLU E 70 -49.55 -1.66 -11.04
CA GLU E 70 -48.10 -1.60 -10.94
C GLU E 70 -47.66 -0.91 -9.64
N HIS E 71 -48.36 0.16 -9.26
CA HIS E 71 -48.04 0.82 -7.99
C HIS E 71 -48.25 -0.13 -6.81
N LEU E 72 -49.35 -0.88 -6.82
CA LEU E 72 -49.59 -1.84 -5.74
C LEU E 72 -48.58 -2.97 -5.78
N GLU E 73 -48.10 -3.34 -6.97
CA GLU E 73 -47.03 -4.31 -7.09
C GLU E 73 -45.77 -3.82 -6.41
N GLN E 74 -45.41 -2.55 -6.67
CA GLN E 74 -44.25 -1.96 -6.02
C GLN E 74 -44.43 -1.95 -4.51
N CYS E 75 -45.62 -1.56 -4.04
CA CYS E 75 -45.87 -1.51 -2.61
C CYS E 75 -45.76 -2.89 -1.97
N ARG E 76 -46.30 -3.93 -2.62
CA ARG E 76 -46.27 -5.25 -2.01
C ARG E 76 -44.86 -5.81 -2.01
N LYS E 77 -44.09 -5.55 -3.08
CA LYS E 77 -42.74 -6.10 -3.11
C LYS E 77 -41.83 -5.37 -2.12
N GLN E 78 -42.14 -4.09 -1.85
CA GLN E 78 -41.43 -3.40 -0.78
C GLN E 78 -41.82 -3.94 0.59
N GLY E 79 -43.09 -4.26 0.78
CA GLY E 79 -43.57 -4.74 2.07
C GLY E 79 -44.46 -3.75 2.79
N ALA E 80 -45.23 -2.98 2.03
CA ALA E 80 -46.10 -1.97 2.59
C ALA E 80 -47.46 -2.58 2.91
N LEU E 81 -48.44 -1.73 3.24
CA LEU E 81 -49.78 -2.16 3.57
C LEU E 81 -50.78 -1.46 2.65
N MET E 82 -51.90 -2.16 2.40
CA MET E 82 -52.92 -1.64 1.50
C MET E 82 -54.26 -2.28 1.86
N TYR E 83 -55.34 -1.59 1.48
CA TYR E 83 -56.69 -2.08 1.70
C TYR E 83 -57.58 -1.83 0.48
N PHE E 84 -56.98 -1.77 -0.71
CA PHE E 84 -57.76 -1.55 -1.92
C PHE E 84 -58.63 -2.76 -2.23
N LEU E 85 -59.82 -2.50 -2.80
CA LEU E 85 -60.80 -3.52 -3.09
C LEU E 85 -61.36 -3.29 -4.49
N GLU E 86 -61.85 -4.37 -5.09
CA GLU E 86 -62.53 -4.29 -6.39
C GLU E 86 -63.83 -5.08 -6.31
N ARG E 87 -64.84 -4.61 -7.03
CA ARG E 87 -66.16 -5.23 -7.04
C ARG E 87 -66.42 -5.85 -8.40
N GLN E 88 -67.07 -7.01 -8.39
CA GLN E 88 -67.37 -7.72 -9.63
C GLN E 88 -68.35 -6.92 -10.48
N GLY E 89 -68.07 -6.87 -11.78
CA GLY E 89 -68.99 -6.32 -12.75
C GLY E 89 -69.82 -7.41 -13.41
N THR E 90 -70.21 -7.18 -14.66
CA THR E 90 -70.92 -8.21 -15.40
C THR E 90 -69.99 -9.37 -15.75
N TYR E 91 -68.68 -9.11 -15.87
CA TYR E 91 -67.67 -10.12 -16.13
C TYR E 91 -66.60 -10.04 -15.05
N SER E 92 -66.18 -11.19 -14.53
CA SER E 92 -65.14 -11.25 -13.52
C SER E 92 -64.58 -12.67 -13.49
N GLY E 93 -63.71 -12.93 -12.52
CA GLY E 93 -63.12 -14.23 -12.33
C GLY E 93 -63.92 -15.12 -11.40
N LEU E 94 -63.21 -15.91 -10.60
CA LEU E 94 -63.82 -16.82 -9.64
C LEU E 94 -63.40 -16.41 -8.23
N MET E 95 -64.28 -15.70 -7.53
CA MET E 95 -64.01 -15.28 -6.16
C MET E 95 -64.43 -16.42 -5.23
N LEU E 96 -63.46 -17.17 -4.73
CA LEU E 96 -63.71 -18.36 -3.93
C LEU E 96 -63.02 -18.19 -2.58
N ASP E 97 -63.71 -18.59 -1.51
CA ASP E 97 -63.22 -18.41 -0.15
C ASP E 97 -63.43 -19.68 0.66
N TYR E 98 -62.35 -20.17 1.27
CA TYR E 98 -62.42 -21.22 2.28
C TYR E 98 -62.41 -20.60 3.67
N ASP E 99 -63.56 -20.56 4.32
CA ASP E 99 -63.64 -20.22 5.74
C ASP E 99 -63.44 -21.49 6.57
N LEU E 100 -62.27 -22.09 6.39
CA LEU E 100 -61.96 -23.38 7.00
C LEU E 100 -61.69 -23.24 8.49
N LYS E 101 -62.73 -23.42 9.31
CA LYS E 101 -62.59 -23.37 10.77
C LYS E 101 -62.10 -24.73 11.25
N LEU E 102 -60.80 -24.96 11.09
CA LEU E 102 -60.21 -26.22 11.49
C LEU E 102 -60.29 -26.41 13.00
N ASN E 103 -60.38 -27.68 13.42
CA ASN E 103 -60.36 -27.99 14.84
C ASN E 103 -59.02 -27.58 15.47
N THR E 104 -57.93 -27.80 14.75
CA THR E 104 -56.60 -27.44 15.22
C THR E 104 -56.02 -26.36 14.30
N ASN E 105 -55.41 -25.34 14.92
CA ASN E 105 -54.79 -24.25 14.17
C ASN E 105 -53.32 -24.55 13.88
N ALA E 106 -53.07 -25.72 13.28
CA ALA E 106 -51.74 -26.15 12.89
C ALA E 106 -51.63 -26.19 11.37
N VAL E 107 -50.48 -25.79 10.85
CA VAL E 107 -50.32 -25.62 9.41
C VAL E 107 -50.53 -26.96 8.70
N PRO E 108 -51.36 -27.03 7.67
CA PRO E 108 -51.58 -28.28 6.96
C PRO E 108 -50.54 -28.49 5.87
N PRO E 109 -49.95 -29.67 5.79
CA PRO E 109 -48.96 -29.95 4.72
C PRO E 109 -49.62 -30.19 3.37
N LEU E 110 -50.10 -29.10 2.77
CA LEU E 110 -50.74 -29.20 1.46
C LEU E 110 -49.72 -29.67 0.42
N GLU E 111 -50.20 -30.49 -0.51
CA GLU E 111 -49.33 -31.11 -1.50
C GLU E 111 -49.84 -30.81 -2.89
N PRO E 112 -48.93 -30.79 -3.87
CA PRO E 112 -49.34 -30.56 -5.27
C PRO E 112 -50.36 -31.59 -5.75
N PRO E 113 -50.26 -32.86 -5.34
CA PRO E 113 -51.36 -33.79 -5.71
C PRO E 113 -52.72 -33.37 -5.21
N ALA E 114 -52.81 -32.84 -3.98
CA ALA E 114 -54.09 -32.39 -3.47
C ALA E 114 -54.63 -31.21 -4.27
N LEU E 115 -53.76 -30.26 -4.62
CA LEU E 115 -54.19 -29.13 -5.43
C LEU E 115 -54.62 -29.57 -6.82
N SER E 116 -53.91 -30.56 -7.39
CA SER E 116 -54.30 -31.09 -8.69
C SER E 116 -55.67 -31.76 -8.62
N ARG E 117 -55.92 -32.53 -7.57
CA ARG E 117 -57.23 -33.16 -7.41
C ARG E 117 -58.33 -32.12 -7.25
N LEU E 118 -58.05 -31.05 -6.48
CA LEU E 118 -59.03 -29.98 -6.34
C LEU E 118 -59.30 -29.29 -7.68
N CYS E 119 -58.25 -29.07 -8.46
CA CYS E 119 -58.41 -28.46 -9.78
C CYS E 119 -59.25 -29.35 -10.69
N HIS E 120 -59.01 -30.65 -10.66
CA HIS E 120 -59.82 -31.57 -11.45
C HIS E 120 -61.29 -31.54 -10.99
N ARG E 121 -61.50 -31.50 -9.67
CA ARG E 121 -62.86 -31.48 -9.16
C ARG E 121 -63.60 -30.21 -9.59
N ILE E 122 -62.94 -29.06 -9.49
CA ILE E 122 -63.60 -27.82 -9.89
C ILE E 122 -63.78 -27.76 -11.41
N PHE E 123 -62.87 -28.36 -12.17
CA PHE E 123 -63.06 -28.47 -13.62
C PHE E 123 -64.30 -29.27 -13.94
N VAL E 124 -64.48 -30.42 -13.27
CA VAL E 124 -65.69 -31.22 -13.45
C VAL E 124 -66.92 -30.41 -13.06
N HIS E 125 -66.80 -29.64 -11.97
CA HIS E 125 -67.92 -28.79 -11.53
C HIS E 125 -68.29 -27.74 -12.58
N ILE E 126 -67.30 -27.19 -13.29
CA ILE E 126 -67.58 -26.07 -14.19
C ILE E 126 -67.87 -26.50 -15.63
N LYS E 127 -67.54 -27.73 -16.02
CA LYS E 127 -67.82 -28.15 -17.40
C LYS E 127 -69.32 -28.19 -17.70
N ASN E 128 -70.16 -28.51 -16.71
CA ASN E 128 -71.59 -28.60 -16.98
C ASN E 128 -72.23 -27.21 -16.93
N SER E 129 -71.65 -26.27 -17.67
CA SER E 129 -72.13 -24.89 -17.72
C SER E 129 -71.55 -24.25 -18.99
N SER E 130 -71.68 -22.93 -19.08
CA SER E 130 -71.12 -22.19 -20.21
C SER E 130 -69.60 -22.35 -20.24
N VAL E 131 -69.09 -23.08 -21.22
CA VAL E 131 -67.66 -23.37 -21.34
C VAL E 131 -67.20 -23.03 -22.75
N LEU E 132 -65.89 -22.83 -22.88
CA LEU E 132 -65.29 -22.52 -24.17
C LEU E 132 -64.63 -23.74 -24.78
N ILE E 139 -56.02 -22.28 -18.41
CA ILE E 139 -56.53 -21.62 -17.21
C ILE E 139 -55.46 -21.61 -16.13
N HIS E 140 -55.23 -20.44 -15.54
CA HIS E 140 -54.22 -20.27 -14.50
C HIS E 140 -54.88 -20.39 -13.13
N PHE E 141 -54.28 -21.21 -12.26
CA PHE E 141 -54.76 -21.44 -10.91
C PHE E 141 -53.72 -20.87 -9.95
N PHE E 142 -54.13 -19.86 -9.17
CA PHE E 142 -53.25 -19.24 -8.19
C PHE E 142 -53.77 -19.56 -6.80
N PHE E 143 -52.88 -20.09 -5.95
CA PHE E 143 -53.26 -20.55 -4.61
C PHE E 143 -52.62 -19.62 -3.58
N THR E 144 -53.40 -18.67 -3.07
CA THR E 144 -52.97 -17.77 -2.01
C THR E 144 -53.70 -18.10 -0.72
N LEU E 145 -53.02 -17.90 0.40
CA LEU E 145 -53.52 -18.37 1.68
C LEU E 145 -53.04 -17.46 2.80
N LYS E 146 -53.75 -17.53 3.93
CA LYS E 146 -53.43 -16.72 5.09
C LYS E 146 -52.11 -17.20 5.71
N PRO E 147 -51.36 -16.31 6.39
CA PRO E 147 -50.14 -16.73 7.08
C PRO E 147 -50.39 -17.62 8.28
N GLU E 148 -51.64 -18.03 8.49
CA GLU E 148 -52.02 -18.95 9.56
C GLU E 148 -51.75 -18.37 10.95
N VAL E 149 -51.65 -19.25 11.94
CA VAL E 149 -51.45 -18.89 13.34
C VAL E 149 -52.58 -17.93 13.74
N VAL E 150 -53.80 -18.47 13.84
CA VAL E 150 -54.97 -17.67 14.15
C VAL E 150 -56.07 -18.62 14.60
N GLN E 151 -56.98 -18.10 15.44
CA GLN E 151 -58.11 -18.91 15.90
C GLN E 151 -58.98 -19.32 14.72
N GLY E 152 -59.51 -20.55 14.79
CA GLY E 152 -60.25 -21.09 13.66
C GLY E 152 -59.40 -21.36 12.45
N LYS E 153 -58.08 -21.31 12.59
CA LYS E 153 -57.12 -21.55 11.52
C LYS E 153 -57.35 -20.57 10.37
N TYR E 154 -56.68 -20.79 9.24
CA TYR E 154 -56.53 -19.80 8.18
C TYR E 154 -57.59 -19.97 7.10
N GLY E 155 -57.60 -19.01 6.18
CA GLY E 155 -58.45 -19.06 5.01
C GLY E 155 -57.61 -19.16 3.75
N PHE E 156 -58.12 -19.89 2.76
CA PHE E 156 -57.40 -20.16 1.52
C PHE E 156 -58.28 -19.78 0.34
N HIS E 157 -57.75 -18.93 -0.55
CA HIS E 157 -58.50 -18.47 -1.70
C HIS E 157 -57.80 -18.89 -2.98
N VAL E 158 -58.53 -19.55 -3.86
CA VAL E 158 -58.06 -19.87 -5.21
C VAL E 158 -58.54 -18.79 -6.16
N LEU E 159 -57.64 -18.29 -7.00
CA LEU E 159 -57.96 -17.20 -7.93
C LEU E 159 -57.97 -17.72 -9.36
N ILE E 160 -59.11 -17.57 -10.02
CA ILE E 160 -59.28 -18.03 -11.40
C ILE E 160 -59.80 -16.86 -12.24
N PRO E 161 -58.93 -15.95 -12.69
CA PRO E 161 -59.39 -14.80 -13.49
C PRO E 161 -59.39 -15.03 -14.99
N GLY E 162 -59.19 -16.26 -15.46
CA GLY E 162 -59.12 -16.49 -16.89
C GLY E 162 -60.42 -16.21 -17.61
N LEU E 163 -61.53 -16.70 -17.07
CA LEU E 163 -62.82 -16.56 -17.72
C LEU E 163 -63.52 -15.29 -17.28
N LYS E 164 -64.67 -15.01 -17.90
CA LYS E 164 -65.49 -13.83 -17.58
C LYS E 164 -66.95 -14.24 -17.65
N LEU E 165 -67.48 -14.73 -16.52
CA LEU E 165 -68.86 -15.21 -16.46
C LEU E 165 -69.52 -14.77 -15.17
N ALA E 166 -69.33 -13.50 -14.79
CA ALA E 166 -69.87 -13.00 -13.53
C ALA E 166 -71.39 -12.84 -13.62
N ALA E 167 -72.12 -13.92 -13.35
CA ALA E 167 -73.57 -13.91 -13.46
C ALA E 167 -74.12 -14.98 -12.53
N SER E 168 -75.39 -15.35 -12.73
CA SER E 168 -76.01 -16.39 -11.91
C SER E 168 -75.34 -17.73 -12.11
N THR E 169 -74.54 -17.89 -13.17
CA THR E 169 -73.78 -19.12 -13.35
C THR E 169 -72.79 -19.33 -12.22
N LYS E 170 -72.13 -18.25 -11.78
CA LYS E 170 -71.22 -18.36 -10.65
C LYS E 170 -71.96 -18.79 -9.39
N LYS E 171 -73.15 -18.23 -9.16
CA LYS E 171 -73.95 -18.63 -8.01
C LYS E 171 -74.34 -20.10 -8.10
N SER E 172 -74.69 -20.55 -9.31
CA SER E 172 -75.04 -21.97 -9.50
C SER E 172 -73.84 -22.87 -9.21
N ILE E 173 -72.65 -22.48 -9.66
CA ILE E 173 -71.46 -23.29 -9.40
C ILE E 173 -71.13 -23.28 -7.91
N ILE E 174 -71.32 -22.14 -7.25
CA ILE E 174 -71.08 -22.08 -5.81
C ILE E 174 -72.05 -23.00 -5.08
N GLY E 175 -73.32 -22.98 -5.46
CA GLY E 175 -74.28 -23.90 -4.87
C GLY E 175 -73.96 -25.35 -5.15
N SER E 176 -73.42 -25.63 -6.33
CA SER E 176 -72.97 -26.99 -6.64
C SER E 176 -71.84 -27.41 -5.70
N LEU E 177 -70.89 -26.51 -5.44
CA LEU E 177 -69.84 -26.80 -4.48
C LEU E 177 -70.38 -26.87 -3.05
N GLN E 178 -71.55 -26.28 -2.78
CA GLN E 178 -72.13 -26.39 -1.45
C GLN E 178 -72.49 -27.82 -1.11
N HIS E 179 -73.05 -28.57 -2.05
CA HIS E 179 -73.38 -29.96 -1.83
C HIS E 179 -72.26 -30.91 -2.22
N ASP E 180 -71.13 -30.39 -2.69
CA ASP E 180 -69.99 -31.22 -3.08
C ASP E 180 -69.41 -31.88 -1.84
N ALA E 181 -69.62 -33.19 -1.71
CA ALA E 181 -69.04 -33.95 -0.61
C ALA E 181 -67.61 -34.40 -0.88
N THR E 182 -67.15 -34.32 -2.13
CA THR E 182 -65.78 -34.72 -2.43
C THR E 182 -64.77 -33.77 -1.80
N VAL E 183 -65.00 -32.46 -1.95
CA VAL E 183 -64.12 -31.49 -1.33
C VAL E 183 -64.20 -31.58 0.19
N GLN E 184 -65.38 -31.87 0.73
CA GLN E 184 -65.51 -32.08 2.17
C GLN E 184 -64.68 -33.28 2.63
N LYS E 185 -64.72 -34.37 1.86
CA LYS E 185 -63.93 -35.55 2.20
C LYS E 185 -62.44 -35.26 2.10
N ILE E 186 -62.04 -34.46 1.11
CA ILE E 186 -60.64 -34.04 1.03
C ILE E 186 -60.25 -33.24 2.26
N LEU E 187 -61.11 -32.31 2.68
CA LEU E 187 -60.83 -31.52 3.88
C LEU E 187 -60.72 -32.41 5.10
N HIS E 188 -61.58 -33.43 5.21
CA HIS E 188 -61.46 -34.38 6.30
C HIS E 188 -60.15 -35.16 6.23
N GLU E 189 -59.65 -35.43 5.01
CA GLU E 189 -58.30 -35.96 4.90
C GLU E 189 -57.27 -34.99 5.47
N GLN E 190 -57.44 -33.69 5.22
CA GLN E 190 -56.53 -32.68 5.74
C GLN E 190 -56.79 -32.35 7.20
N GLY E 191 -57.81 -32.94 7.81
CA GLY E 191 -58.09 -32.70 9.21
C GLY E 191 -58.87 -31.42 9.46
N VAL E 192 -59.97 -31.24 8.73
CA VAL E 192 -60.82 -30.06 8.85
C VAL E 192 -62.14 -30.50 9.46
N THR E 193 -62.54 -29.82 10.55
CA THR E 193 -63.78 -30.11 11.24
C THR E 193 -64.95 -29.29 10.71
N ASN E 194 -64.74 -28.48 9.67
CA ASN E 194 -65.78 -27.65 9.07
C ASN E 194 -65.87 -27.96 7.58
N PRO E 195 -66.42 -29.12 7.22
CA PRO E 195 -66.53 -29.46 5.79
C PRO E 195 -67.41 -28.50 5.01
N GLU E 196 -68.43 -27.92 5.64
CA GLU E 196 -69.35 -27.02 4.97
C GLU E 196 -69.33 -25.66 5.66
N SER E 197 -70.07 -24.72 5.07
CA SER E 197 -70.20 -23.32 5.48
C SER E 197 -68.91 -22.53 5.26
N CYS E 198 -67.83 -23.17 4.79
CA CYS E 198 -66.61 -22.43 4.50
C CYS E 198 -66.76 -21.56 3.26
N LEU E 199 -67.56 -21.99 2.29
CA LEU E 199 -67.82 -21.21 1.09
C LEU E 199 -69.03 -20.32 1.36
N ASP E 200 -68.78 -19.03 1.56
CA ASP E 200 -69.88 -18.10 1.78
C ASP E 200 -70.74 -17.98 0.53
N PRO E 201 -72.07 -17.96 0.68
CA PRO E 201 -72.93 -17.84 -0.51
C PRO E 201 -72.76 -16.52 -1.24
N HIS E 202 -72.21 -15.50 -0.60
CA HIS E 202 -72.01 -14.20 -1.20
C HIS E 202 -70.62 -14.03 -1.79
N SER E 203 -69.87 -15.12 -1.96
CA SER E 203 -68.48 -15.01 -2.43
C SER E 203 -68.40 -14.34 -3.79
N ALA E 204 -69.35 -14.63 -4.68
CA ALA E 204 -69.38 -14.03 -6.00
C ALA E 204 -70.25 -12.77 -6.05
N SER E 205 -70.78 -12.33 -4.91
CA SER E 205 -71.67 -11.17 -4.87
C SER E 205 -71.16 -10.08 -3.93
N VAL E 206 -69.88 -10.12 -3.57
CA VAL E 206 -69.29 -9.10 -2.71
C VAL E 206 -68.02 -8.56 -3.36
N PRO E 207 -67.63 -7.31 -3.08
CA PRO E 207 -66.36 -6.81 -3.62
C PRO E 207 -65.18 -7.61 -3.11
N SER E 208 -64.19 -7.79 -3.98
CA SER E 208 -62.99 -8.54 -3.69
C SER E 208 -61.87 -7.60 -3.27
N LEU E 209 -60.70 -8.18 -2.98
CA LEU E 209 -59.51 -7.42 -2.63
C LEU E 209 -58.36 -7.85 -3.53
N LEU E 210 -57.56 -6.87 -3.96
CA LEU E 210 -56.40 -7.17 -4.78
C LEU E 210 -55.32 -7.84 -3.94
N TYR E 211 -54.34 -8.41 -4.64
CA TYR E 211 -53.24 -9.09 -3.95
C TYR E 211 -52.46 -8.09 -3.10
N GLY E 212 -52.14 -8.50 -1.88
CA GLY E 212 -51.49 -7.64 -0.92
C GLY E 212 -52.43 -6.88 -0.01
N SER E 213 -53.72 -6.85 -0.33
CA SER E 213 -54.70 -6.17 0.51
C SER E 213 -54.95 -7.02 1.76
N SER E 214 -54.40 -6.59 2.89
CA SER E 214 -54.58 -7.29 4.15
C SER E 214 -55.95 -6.95 4.73
N LYS E 215 -56.20 -7.37 5.96
CA LYS E 215 -57.39 -7.00 6.69
C LYS E 215 -56.99 -6.17 7.91
N LEU E 216 -57.97 -5.45 8.45
CA LEU E 216 -57.71 -4.58 9.60
C LEU E 216 -57.14 -5.38 10.76
N ASN E 217 -55.90 -5.05 11.14
CA ASN E 217 -55.17 -5.77 12.18
C ASN E 217 -55.02 -7.25 11.83
N HIS E 218 -54.81 -7.54 10.55
CA HIS E 218 -54.58 -8.90 10.07
C HIS E 218 -53.48 -8.90 9.05
N LYS E 219 -52.77 -10.02 8.96
CA LYS E 219 -51.63 -10.15 8.05
C LYS E 219 -52.10 -10.32 6.60
N PRO E 220 -51.35 -9.78 5.65
CA PRO E 220 -51.73 -9.94 4.23
C PRO E 220 -51.53 -11.38 3.76
N TYR E 221 -52.34 -11.76 2.78
CA TYR E 221 -52.27 -13.10 2.21
C TYR E 221 -51.02 -13.24 1.34
N GLN E 222 -50.47 -14.45 1.33
CA GLN E 222 -49.32 -14.78 0.48
C GLN E 222 -49.68 -15.98 -0.40
N LEU E 223 -49.11 -16.00 -1.60
CA LEU E 223 -49.37 -17.09 -2.52
C LEU E 223 -48.60 -18.34 -2.08
N LYS E 224 -49.11 -19.50 -2.51
CA LYS E 224 -48.45 -20.77 -2.26
C LYS E 224 -47.91 -21.39 -3.54
N THR E 225 -48.76 -21.60 -4.55
CA THR E 225 -48.34 -22.22 -5.80
C THR E 225 -49.12 -21.62 -6.96
N GLY E 226 -48.58 -21.81 -8.15
CA GLY E 226 -49.23 -21.43 -9.39
C GLY E 226 -49.23 -22.59 -10.37
N PHE E 227 -50.42 -22.99 -10.82
CA PHE E 227 -50.58 -24.12 -11.70
C PHE E 227 -51.22 -23.67 -13.01
N GLU E 228 -50.95 -24.41 -14.08
CA GLU E 228 -51.53 -24.12 -15.38
C GLU E 228 -52.22 -25.37 -15.92
N LEU E 229 -53.48 -25.22 -16.31
CA LEU E 229 -54.24 -26.29 -16.93
C LEU E 229 -54.89 -25.74 -18.19
N VAL E 230 -54.73 -26.45 -19.30
CA VAL E 230 -55.25 -26.02 -20.59
C VAL E 230 -56.54 -26.76 -20.87
N PHE E 231 -57.58 -26.02 -21.26
CA PHE E 231 -58.85 -26.60 -21.64
C PHE E 231 -58.84 -26.94 -23.13
N ASP E 232 -59.35 -28.12 -23.46
CA ASP E 232 -59.43 -28.58 -24.84
C ASP E 232 -60.89 -28.76 -25.20
N SER E 233 -61.36 -28.01 -26.20
CA SER E 233 -62.75 -28.14 -26.64
C SER E 233 -63.01 -29.51 -27.23
N SER E 234 -62.07 -30.04 -28.02
CA SER E 234 -62.25 -31.36 -28.61
C SER E 234 -62.18 -32.45 -27.55
N ASP E 235 -61.26 -32.33 -26.59
CA ASP E 235 -61.04 -33.35 -25.57
C ASP E 235 -61.05 -32.69 -24.19
N PRO E 236 -62.23 -32.38 -23.66
CA PRO E 236 -62.29 -31.86 -22.28
C PRO E 236 -61.79 -32.83 -21.24
N ASP E 237 -61.77 -34.14 -21.55
CA ASP E 237 -61.25 -35.13 -20.61
C ASP E 237 -59.76 -34.97 -20.36
N TYR E 238 -59.02 -34.33 -21.27
CA TYR E 238 -57.60 -34.13 -21.08
C TYR E 238 -57.37 -33.11 -19.97
N ILE E 239 -56.70 -33.53 -18.90
CA ILE E 239 -56.42 -32.67 -17.76
C ILE E 239 -54.92 -32.69 -17.48
N PRO E 240 -54.09 -32.03 -18.30
CA PRO E 240 -52.64 -31.98 -18.04
C PRO E 240 -52.28 -30.88 -17.03
N ILE E 241 -52.40 -31.21 -15.75
CA ILE E 241 -52.11 -30.25 -14.70
C ILE E 241 -50.63 -29.91 -14.72
N HIS E 242 -50.31 -28.66 -15.05
CA HIS E 242 -48.94 -28.17 -15.12
C HIS E 242 -48.74 -27.07 -14.09
N GLN E 243 -47.52 -26.98 -13.57
CA GLN E 243 -47.17 -26.02 -12.54
C GLN E 243 -46.42 -24.84 -13.17
N ILE E 244 -46.90 -23.63 -12.89
CA ILE E 244 -46.25 -22.42 -13.41
C ILE E 244 -45.00 -22.14 -12.59
N LYS E 245 -43.98 -21.61 -13.28
CA LYS E 245 -42.73 -21.23 -12.64
C LYS E 245 -42.40 -19.79 -13.00
N ASN E 246 -41.51 -19.20 -12.20
CA ASN E 246 -41.09 -17.80 -12.37
C ASN E 246 -42.29 -16.86 -12.27
N LEU E 247 -43.13 -17.09 -11.26
CA LEU E 247 -44.25 -16.19 -11.01
C LEU E 247 -43.77 -14.80 -10.61
N GLU E 248 -42.66 -14.72 -9.88
CA GLU E 248 -42.14 -13.42 -9.45
C GLU E 248 -41.76 -12.54 -10.64
N SER E 249 -41.43 -13.16 -11.78
CA SER E 249 -41.12 -12.39 -12.98
C SER E 249 -42.32 -11.65 -13.53
N TYR E 250 -43.52 -11.98 -13.08
CA TYR E 250 -44.75 -11.35 -13.54
C TYR E 250 -45.31 -10.42 -12.46
N ASN E 251 -45.92 -9.32 -12.91
CA ASN E 251 -46.57 -8.39 -12.00
C ASN E 251 -47.85 -9.05 -11.48
N LEU E 252 -47.76 -9.60 -10.26
CA LEU E 252 -48.85 -10.43 -9.73
C LEU E 252 -50.15 -9.64 -9.60
N VAL E 253 -50.08 -8.43 -9.05
CA VAL E 253 -51.30 -7.65 -8.84
C VAL E 253 -51.96 -7.33 -10.19
N SER E 254 -51.17 -6.95 -11.18
CA SER E 254 -51.72 -6.71 -12.50
C SER E 254 -52.18 -8.01 -13.17
N GLU E 255 -51.40 -9.08 -13.02
CA GLU E 255 -51.76 -10.35 -13.64
C GLU E 255 -52.97 -10.99 -12.99
N LEU E 256 -53.20 -10.75 -11.70
CA LEU E 256 -54.26 -11.41 -10.95
C LEU E 256 -55.50 -10.54 -10.81
N SER E 257 -55.59 -9.44 -11.54
CA SER E 257 -56.72 -8.53 -11.46
C SER E 257 -57.83 -8.97 -12.42
N LEU E 258 -59.08 -8.81 -11.97
CA LEU E 258 -60.22 -9.20 -12.79
C LEU E 258 -60.34 -8.29 -14.01
N THR E 259 -60.30 -6.97 -13.80
CA THR E 259 -60.43 -6.03 -14.91
C THR E 259 -59.24 -6.07 -15.87
N ASN E 260 -58.12 -6.67 -15.48
CA ASN E 260 -56.94 -6.74 -16.33
C ASN E 260 -57.04 -8.02 -17.16
N GLU E 261 -57.83 -7.97 -18.22
CA GLU E 261 -57.89 -9.06 -19.18
C GLU E 261 -56.77 -9.02 -20.19
N GLN E 262 -56.03 -7.92 -20.27
CA GLN E 262 -54.88 -7.79 -21.15
C GLN E 262 -53.58 -8.21 -20.48
N GLY E 263 -53.66 -9.01 -19.42
CA GLY E 263 -52.45 -9.45 -18.73
C GLY E 263 -51.59 -10.35 -19.59
N SER E 264 -50.31 -10.44 -19.24
CA SER E 264 -49.37 -11.24 -20.00
C SER E 264 -49.51 -12.72 -19.66
N LEU E 265 -49.34 -13.07 -18.38
CA LEU E 265 -49.40 -14.47 -17.97
C LEU E 265 -50.81 -15.04 -18.18
N VAL E 266 -51.83 -14.26 -17.87
CA VAL E 266 -53.21 -14.71 -17.96
C VAL E 266 -53.77 -14.31 -19.31
N ARG E 267 -54.87 -14.96 -19.69
CA ARG E 267 -55.53 -14.71 -20.97
C ARG E 267 -57.01 -14.47 -20.75
N PRO E 268 -57.64 -13.64 -21.60
CA PRO E 268 -59.08 -13.36 -21.46
C PRO E 268 -59.96 -14.44 -22.09
N VAL E 269 -60.19 -15.51 -21.33
CA VAL E 269 -61.05 -16.60 -21.79
C VAL E 269 -62.51 -16.15 -21.80
N SER E 289 -73.86 7.65 5.98
CA SER E 289 -74.35 8.37 7.15
C SER E 289 -73.21 8.98 7.95
N LEU E 290 -73.11 8.57 9.22
CA LEU E 290 -72.06 9.10 10.09
C LEU E 290 -70.69 8.53 9.75
N SER E 291 -70.64 7.46 8.96
CA SER E 291 -69.36 6.86 8.60
C SER E 291 -68.47 7.87 7.88
N ILE E 292 -69.06 8.67 7.00
CA ILE E 292 -68.31 9.73 6.33
C ILE E 292 -67.82 10.75 7.36
N LEU E 293 -68.63 11.00 8.40
CA LEU E 293 -68.20 11.92 9.45
C LEU E 293 -66.95 11.41 10.15
N MET E 294 -66.97 10.15 10.61
CA MET E 294 -65.75 9.59 11.19
C MET E 294 -64.61 9.59 10.19
N LEU E 295 -64.94 9.49 8.90
CA LEU E 295 -63.91 9.57 7.87
C LEU E 295 -63.20 10.92 7.88
N HIS E 296 -63.97 12.01 7.97
CA HIS E 296 -63.38 13.35 7.85
C HIS E 296 -63.44 14.16 9.15
N ASP E 297 -63.59 13.49 10.29
CA ASP E 297 -63.67 14.16 11.59
C ASP E 297 -63.05 13.26 12.66
N PRO E 298 -61.73 13.36 12.87
CA PRO E 298 -61.11 12.58 13.96
C PRO E 298 -61.68 12.91 15.33
N GLU E 299 -62.00 14.18 15.58
CA GLU E 299 -62.61 14.55 16.84
C GLU E 299 -63.97 13.89 17.01
N ALA E 300 -64.66 13.62 15.91
CA ALA E 300 -65.90 12.86 15.98
C ALA E 300 -65.62 11.43 16.42
N ARG E 301 -64.51 10.85 15.97
CA ARG E 301 -64.13 9.52 16.45
C ARG E 301 -63.84 9.55 17.95
N TYR E 302 -63.15 10.60 18.39
CA TYR E 302 -62.88 10.79 19.82
C TYR E 302 -64.18 10.87 20.62
N LEU E 303 -65.13 11.67 20.12
CA LEU E 303 -66.42 11.80 20.79
C LEU E 303 -67.17 10.47 20.80
N HIS E 304 -67.11 9.72 19.70
CA HIS E 304 -67.78 8.43 19.64
C HIS E 304 -67.19 7.46 20.66
N LYS E 305 -65.86 7.45 20.80
CA LYS E 305 -65.23 6.60 21.80
C LYS E 305 -65.68 6.99 23.20
N ILE E 306 -65.55 8.27 23.55
CA ILE E 306 -65.89 8.68 24.91
C ILE E 306 -67.36 8.49 25.18
N LEU E 307 -68.20 8.58 24.14
CA LEU E 307 -69.62 8.30 24.30
C LEU E 307 -69.87 6.82 24.58
N ASN E 308 -69.12 5.95 23.91
CA ASN E 308 -69.20 4.53 24.22
C ASN E 308 -68.67 4.23 25.63
N LEU E 309 -67.81 5.09 26.17
CA LEU E 309 -67.23 4.83 27.49
C LEU E 309 -68.29 4.85 28.59
N LEU E 310 -69.09 5.93 28.66
CA LEU E 310 -70.05 5.98 29.75
C LEU E 310 -71.22 5.04 29.50
N PRO E 311 -71.82 4.50 30.56
CA PRO E 311 -72.90 3.54 30.37
C PRO E 311 -74.12 4.20 29.76
N PRO E 312 -74.95 3.44 29.03
CA PRO E 312 -76.19 3.99 28.48
C PRO E 312 -77.34 4.09 29.47
N GLU E 313 -77.09 3.82 30.76
CA GLU E 313 -78.15 3.98 31.75
C GLU E 313 -78.63 5.42 31.82
N TYR E 314 -77.69 6.38 31.81
CA TYR E 314 -78.07 7.78 31.79
C TYR E 314 -78.71 8.16 30.46
N TYR E 315 -78.35 7.45 29.39
CA TYR E 315 -79.01 7.62 28.10
C TYR E 315 -80.48 7.24 28.16
N VAL E 316 -80.84 6.32 29.07
CA VAL E 316 -82.20 5.78 29.08
C VAL E 316 -83.22 6.87 29.42
N GLU E 317 -82.98 7.61 30.49
CA GLU E 317 -83.95 8.61 30.92
C GLU E 317 -83.87 9.85 30.03
N TYR E 318 -85.01 10.52 29.90
CA TYR E 318 -85.08 11.72 29.08
C TYR E 318 -84.19 12.87 29.55
N PRO E 319 -84.12 13.22 30.85
CA PRO E 319 -83.35 14.42 31.24
C PRO E 319 -81.88 14.40 30.83
N LEU E 320 -81.14 13.37 31.25
CA LEU E 320 -79.71 13.34 30.97
C LEU E 320 -79.43 13.18 29.49
N TRP E 321 -80.24 12.38 28.80
CA TRP E 321 -80.09 12.26 27.35
C TRP E 321 -80.34 13.60 26.65
N SER E 322 -81.34 14.34 27.10
CA SER E 322 -81.58 15.67 26.55
C SER E 322 -80.40 16.59 26.83
N ASN E 323 -79.82 16.48 28.03
CA ASN E 323 -78.66 17.30 28.36
C ASN E 323 -77.49 17.01 27.43
N VAL E 324 -77.19 15.72 27.21
CA VAL E 324 -76.05 15.38 26.35
C VAL E 324 -76.34 15.74 24.89
N VAL E 325 -77.60 15.60 24.45
CA VAL E 325 -77.94 16.01 23.09
C VAL E 325 -77.76 17.50 22.91
N PHE E 326 -78.21 18.29 23.90
CA PHE E 326 -78.01 19.74 23.86
C PHE E 326 -76.53 20.08 23.84
N ALA E 327 -75.74 19.39 24.66
CA ALA E 327 -74.31 19.67 24.73
C ALA E 327 -73.63 19.40 23.40
N LEU E 328 -73.92 18.25 22.78
CA LEU E 328 -73.32 17.95 21.49
C LEU E 328 -73.83 18.88 20.40
N ALA E 329 -75.09 19.31 20.49
CA ALA E 329 -75.63 20.26 19.52
C ALA E 329 -74.95 21.62 19.64
N ASN E 330 -74.51 21.98 20.85
CA ASN E 330 -73.74 23.21 21.02
C ASN E 330 -72.44 23.15 20.24
N THR E 331 -71.85 21.96 20.12
CA THR E 331 -70.62 21.76 19.36
C THR E 331 -70.99 21.51 17.90
N SER E 332 -71.01 22.60 17.12
CA SER E 332 -71.27 22.54 15.67
C SER E 332 -72.64 21.96 15.36
N ALA E 333 -72.91 21.74 14.07
CA ALA E 333 -74.20 21.21 13.62
C ALA E 333 -74.08 19.95 12.80
N ASN E 334 -72.89 19.56 12.35
CA ASN E 334 -72.72 18.35 11.55
C ASN E 334 -72.61 17.09 12.39
N TYR E 335 -72.64 17.20 13.72
CA TYR E 335 -72.61 16.04 14.60
C TYR E 335 -74.00 15.50 14.91
N ARG E 336 -75.05 16.06 14.31
CA ARG E 336 -76.38 15.49 14.46
C ARG E 336 -76.46 14.00 14.11
N PRO E 337 -75.85 13.52 13.03
CA PRO E 337 -75.85 12.06 12.80
C PRO E 337 -75.19 11.27 13.92
N LEU E 338 -74.22 11.84 14.63
CA LEU E 338 -73.65 11.14 15.78
C LEU E 338 -74.70 10.96 16.88
N ALA E 339 -75.49 12.01 17.16
CA ALA E 339 -76.57 11.88 18.12
C ALA E 339 -77.61 10.87 17.64
N GLU E 340 -77.91 10.89 16.35
CA GLU E 340 -78.85 9.91 15.79
C GLU E 340 -78.30 8.49 15.94
N TRP E 341 -76.99 8.32 15.80
CA TRP E 341 -76.37 7.03 16.06
C TRP E 341 -76.53 6.62 17.52
N PHE E 342 -76.30 7.55 18.44
CA PHE E 342 -76.54 7.26 19.85
C PHE E 342 -78.02 7.03 20.15
N SER E 343 -78.89 7.40 19.21
CA SER E 343 -80.32 7.29 19.44
C SER E 343 -80.87 5.88 19.22
N GLN E 344 -80.31 5.10 18.29
CA GLN E 344 -80.88 3.79 17.98
C GLN E 344 -80.87 2.87 19.19
N LYS E 345 -79.94 3.04 20.11
CA LYS E 345 -79.95 2.27 21.34
C LYS E 345 -81.23 2.56 22.12
N CYS E 346 -81.76 1.53 22.78
CA CYS E 346 -83.07 1.57 23.41
C CYS E 346 -84.12 1.99 22.38
N PRO E 347 -84.40 1.15 21.38
CA PRO E 347 -85.33 1.56 20.32
C PRO E 347 -86.73 1.88 20.83
N GLU E 348 -87.17 1.23 21.91
CA GLU E 348 -88.49 1.54 22.47
C GLU E 348 -88.56 3.00 22.90
N LYS E 349 -87.48 3.52 23.47
CA LYS E 349 -87.40 4.95 23.75
C LYS E 349 -87.18 5.77 22.50
N TRP E 350 -86.40 5.24 21.55
CA TRP E 350 -86.07 6.00 20.35
C TRP E 350 -87.28 6.14 19.43
N ASN E 351 -87.79 5.02 18.92
CA ASN E 351 -89.00 5.05 18.11
C ASN E 351 -90.20 5.37 19.00
N THR E 352 -91.18 6.07 18.42
CA THR E 352 -92.37 6.52 19.13
C THR E 352 -91.99 7.35 20.35
N GLY E 353 -91.43 8.53 20.06
CA GLY E 353 -90.76 9.31 21.07
C GLY E 353 -89.38 9.78 20.65
N GLY E 354 -88.34 9.23 21.27
CA GLY E 354 -86.97 9.66 21.08
C GLY E 354 -86.55 10.09 19.68
N LYS E 355 -87.01 9.38 18.66
CA LYS E 355 -86.59 9.68 17.29
C LYS E 355 -87.01 11.10 16.89
N GLU E 356 -88.26 11.46 17.15
CA GLU E 356 -88.76 12.77 16.76
C GLU E 356 -88.47 13.84 17.80
N LYS E 357 -88.53 13.50 19.08
CA LYS E 357 -88.17 14.48 20.10
C LYS E 357 -86.70 14.84 20.05
N LEU E 358 -85.85 13.94 19.54
CA LEU E 358 -84.44 14.27 19.36
C LEU E 358 -84.27 15.40 18.36
N GLU E 359 -84.90 15.29 17.19
CA GLU E 359 -84.80 16.35 16.20
C GLU E 359 -85.52 17.61 16.66
N LYS E 360 -86.60 17.47 17.43
CA LYS E 360 -87.25 18.65 18.01
C LYS E 360 -86.30 19.40 18.93
N LEU E 361 -85.61 18.67 19.81
CA LEU E 361 -84.64 19.29 20.71
C LEU E 361 -83.48 19.89 19.93
N TRP E 362 -83.07 19.23 18.84
CA TRP E 362 -82.01 19.78 18.00
C TRP E 362 -82.43 21.10 17.38
N ASN E 363 -83.67 21.18 16.88
CA ASN E 363 -84.18 22.43 16.33
C ASN E 363 -84.25 23.51 17.41
N ASP E 364 -84.66 23.14 18.62
CA ASP E 364 -84.68 24.10 19.72
C ASP E 364 -83.28 24.62 20.03
N ALA E 365 -82.30 23.71 20.07
CA ALA E 365 -80.92 24.10 20.39
C ALA E 365 -80.26 24.86 19.25
N SER E 366 -80.82 24.79 18.03
CA SER E 366 -80.25 25.53 16.91
C SER E 366 -80.29 27.04 17.13
N HIS E 367 -81.19 27.52 17.99
CA HIS E 367 -81.29 28.92 18.32
C HIS E 367 -81.14 29.20 19.81
N HIS E 368 -80.92 28.16 20.62
CA HIS E 368 -80.84 28.34 22.07
C HIS E 368 -79.63 29.18 22.46
N THR E 369 -79.83 30.07 23.42
CA THR E 369 -78.76 30.88 23.97
C THR E 369 -78.73 30.89 25.49
N GLU E 370 -79.65 30.17 26.14
CA GLU E 370 -79.70 30.17 27.60
C GLU E 370 -78.61 29.31 28.23
N LYS E 371 -78.20 28.24 27.56
CA LYS E 371 -77.21 27.33 28.11
C LYS E 371 -76.32 26.81 27.00
N LYS E 372 -75.04 26.63 27.30
CA LYS E 372 -74.03 26.24 26.32
C LYS E 372 -73.15 25.12 26.86
N ILE E 373 -73.77 24.06 27.39
CA ILE E 373 -73.01 22.89 27.81
C ILE E 373 -72.17 22.38 26.66
N THR E 374 -70.91 22.09 26.93
CA THR E 374 -69.95 21.69 25.92
C THR E 374 -69.40 20.30 26.22
N LYS E 375 -68.41 19.88 25.44
CA LYS E 375 -67.82 18.55 25.57
C LYS E 375 -67.08 18.35 26.89
N ARG E 376 -66.81 19.42 27.64
CA ARG E 376 -66.16 19.27 28.93
C ARG E 376 -67.03 18.48 29.90
N SER E 377 -68.34 18.74 29.90
CA SER E 377 -69.25 18.00 30.75
C SER E 377 -69.26 16.52 30.39
N ILE E 378 -69.28 16.20 29.10
CA ILE E 378 -69.25 14.80 28.67
C ILE E 378 -67.93 14.15 29.08
N MET E 379 -66.83 14.90 28.94
CA MET E 379 -65.53 14.37 29.31
C MET E 379 -65.48 14.03 30.79
N TYR E 380 -65.97 14.94 31.64
CA TYR E 380 -65.99 14.69 33.08
C TYR E 380 -66.94 13.54 33.42
N TRP E 381 -68.08 13.46 32.72
CA TRP E 381 -69.00 12.35 32.92
C TRP E 381 -68.32 11.02 32.64
N ALA E 382 -67.67 10.92 31.47
CA ALA E 382 -66.97 9.69 31.12
C ALA E 382 -65.86 9.37 32.12
N HIS E 383 -65.18 10.40 32.61
CA HIS E 383 -64.15 10.17 33.61
C HIS E 383 -64.73 9.57 34.89
N LYS E 384 -65.79 10.19 35.43
CA LYS E 384 -66.25 9.77 36.75
C LYS E 384 -67.07 8.48 36.70
N HIS E 385 -67.78 8.22 35.60
CA HIS E 385 -68.56 6.98 35.51
C HIS E 385 -67.64 5.78 35.31
N ALA E 386 -66.65 5.90 34.41
CA ALA E 386 -65.73 4.82 34.08
C ALA E 386 -64.30 5.34 34.18
N PRO E 387 -63.76 5.47 35.39
CA PRO E 387 -62.41 5.98 35.54
C PRO E 387 -61.36 4.91 35.26
N GLN E 388 -60.13 5.38 35.05
CA GLN E 388 -58.91 4.60 34.87
C GLN E 388 -58.90 3.84 33.54
N GLN E 389 -59.98 3.86 32.77
CA GLN E 389 -60.01 3.22 31.46
C GLN E 389 -59.96 4.20 30.30
N TYR E 390 -60.50 5.42 30.49
CA TYR E 390 -60.39 6.47 29.48
C TYR E 390 -59.02 7.11 29.44
N LYS E 391 -58.24 6.98 30.53
CA LYS E 391 -56.93 7.60 30.59
C LYS E 391 -56.01 7.07 29.50
N GLU E 392 -55.99 5.76 29.30
CA GLU E 392 -55.17 5.19 28.23
C GLU E 392 -55.67 5.63 26.86
N ILE E 393 -56.99 5.82 26.71
CA ILE E 393 -57.53 6.27 25.42
C ILE E 393 -57.02 7.67 25.09
N VAL E 394 -57.13 8.60 26.04
CA VAL E 394 -56.67 9.96 25.77
C VAL E 394 -55.16 9.99 25.61
N GLU E 395 -54.45 9.16 26.39
CA GLU E 395 -53.01 9.05 26.23
C GLU E 395 -52.64 8.63 24.82
N GLN E 396 -53.31 7.59 24.31
CA GLN E 396 -53.07 7.15 22.94
C GLN E 396 -53.39 8.25 21.94
N GLY E 397 -54.47 9.00 22.18
CA GLY E 397 -54.83 10.11 21.30
C GLY E 397 -53.74 11.16 21.15
N TYR E 398 -53.36 11.79 22.26
CA TYR E 398 -52.33 12.83 22.10
C TYR E 398 -50.95 12.24 21.81
N PHE E 399 -50.70 10.99 22.17
CA PHE E 399 -49.49 10.32 21.73
C PHE E 399 -49.46 10.20 20.21
N SER E 400 -50.59 9.85 19.61
CA SER E 400 -50.68 9.77 18.16
C SER E 400 -50.48 11.14 17.53
N ILE E 401 -51.06 12.18 18.14
CA ILE E 401 -50.87 13.54 17.62
C ILE E 401 -49.40 13.92 17.60
N LEU E 402 -48.72 13.72 18.74
CA LEU E 402 -47.30 14.06 18.83
C LEU E 402 -46.47 13.22 17.87
N ALA E 403 -46.81 11.93 17.74
CA ALA E 403 -46.09 11.08 16.80
C ALA E 403 -46.27 11.54 15.37
N GLU E 404 -47.49 11.98 15.01
CA GLU E 404 -47.72 12.48 13.67
C GLU E 404 -46.86 13.71 13.40
N TYR E 405 -46.81 14.64 14.35
CA TYR E 405 -45.95 15.81 14.18
C TYR E 405 -44.48 15.41 14.03
N VAL E 406 -43.98 14.56 14.93
CA VAL E 406 -42.56 14.25 14.93
C VAL E 406 -42.17 13.49 13.66
N TYR E 407 -43.05 12.63 13.16
CA TYR E 407 -42.81 11.99 11.87
C TYR E 407 -42.84 13.01 10.74
N SER E 408 -43.79 13.94 10.77
CA SER E 408 -43.93 14.92 9.69
C SER E 408 -42.77 15.91 9.64
N TYR E 409 -42.03 16.09 10.72
CA TYR E 409 -40.96 17.09 10.67
C TYR E 409 -39.63 16.54 11.17
N ASN E 410 -39.41 15.22 11.02
CA ASN E 410 -38.09 14.61 11.20
C ASN E 410 -37.49 14.92 12.57
N GLY E 411 -38.32 14.92 13.60
CA GLY E 411 -37.82 15.10 14.95
C GLY E 411 -37.38 16.50 15.29
N MET E 412 -37.71 17.49 14.46
CA MET E 412 -37.34 18.88 14.73
C MET E 412 -38.47 19.53 15.50
N LEU E 413 -38.38 19.50 16.82
CA LEU E 413 -39.40 20.12 17.66
C LEU E 413 -39.34 21.63 17.52
N GLU E 414 -40.51 22.25 17.65
CA GLU E 414 -40.63 23.69 17.49
C GLU E 414 -41.90 24.15 18.19
N HIS E 415 -42.03 25.48 18.33
CA HIS E 415 -43.20 26.05 18.98
C HIS E 415 -44.47 25.73 18.21
N TYR E 416 -45.60 25.89 18.91
CA TYR E 416 -46.96 25.72 18.39
C TYR E 416 -47.29 24.24 18.19
N MET E 417 -46.29 23.36 18.32
CA MET E 417 -46.57 21.94 18.35
C MET E 417 -46.76 21.47 19.78
N ILE E 418 -45.84 21.84 20.66
CA ILE E 418 -46.06 21.66 22.09
C ILE E 418 -47.33 22.39 22.51
N ALA E 419 -47.59 23.55 21.90
CA ALA E 419 -48.81 24.28 22.22
C ALA E 419 -50.05 23.49 21.84
N LYS E 420 -50.06 22.87 20.65
CA LYS E 420 -51.19 22.03 20.26
C LYS E 420 -51.35 20.85 21.21
N VAL E 421 -50.26 20.18 21.55
CA VAL E 421 -50.35 19.02 22.43
C VAL E 421 -50.86 19.44 23.80
N ILE E 422 -50.44 20.61 24.28
CA ILE E 422 -50.89 21.10 25.58
C ILE E 422 -52.36 21.48 25.54
N TYR E 423 -52.80 22.13 24.47
CA TYR E 423 -54.22 22.40 24.31
C TYR E 423 -55.03 21.11 24.31
N ALA E 424 -54.45 20.04 23.76
CA ALA E 424 -55.06 18.72 23.93
C ALA E 424 -55.04 18.28 25.40
N MET E 425 -53.96 18.61 26.12
CA MET E 425 -53.81 18.25 27.52
C MET E 425 -54.89 18.87 28.40
N MET E 426 -54.87 20.19 28.52
CA MET E 426 -55.83 20.92 29.36
C MET E 426 -56.72 21.75 28.45
N GLY E 427 -57.77 21.13 27.94
CA GLY E 427 -58.81 21.88 27.27
C GLY E 427 -59.89 22.39 28.19
N ASN E 428 -59.82 22.03 29.48
CA ASN E 428 -60.90 22.33 30.42
C ASN E 428 -60.37 22.89 31.74
N LYS E 429 -59.18 23.50 31.74
CA LYS E 429 -58.62 24.04 32.97
C LYS E 429 -57.97 25.40 32.82
N PHE E 430 -57.97 25.99 31.64
CA PHE E 430 -57.37 27.31 31.44
C PHE E 430 -58.12 28.05 30.35
N VAL E 431 -58.32 29.35 30.56
CA VAL E 431 -58.98 30.21 29.59
C VAL E 431 -58.18 31.50 29.47
N VAL E 432 -57.94 31.93 28.23
CA VAL E 432 -57.17 33.13 27.94
C VAL E 432 -58.11 34.16 27.32
N ASP E 433 -58.07 35.38 27.84
CA ASP E 433 -58.93 36.42 27.29
C ASP E 433 -58.21 37.76 27.31
N VAL E 434 -58.67 38.66 26.45
CA VAL E 434 -58.09 39.99 26.31
C VAL E 434 -58.88 40.97 27.17
N ASP E 435 -58.19 41.70 28.03
CA ASP E 435 -58.83 42.68 28.89
C ASP E 435 -59.04 43.99 28.13
N SER E 436 -59.48 45.02 28.85
CA SER E 436 -59.64 46.34 28.25
C SER E 436 -58.30 46.92 27.83
N ASN E 437 -57.28 46.76 28.68
CA ASN E 437 -55.95 47.30 28.39
C ASN E 437 -55.24 46.56 27.26
N GLY E 438 -55.76 45.43 26.81
CA GLY E 438 -55.14 44.66 25.75
C GLY E 438 -54.16 43.60 26.22
N LYS E 439 -53.85 43.56 27.52
CA LYS E 439 -52.98 42.51 28.02
C LYS E 439 -53.75 41.21 28.17
N TYR E 440 -53.21 40.14 27.59
CA TYR E 440 -53.84 38.83 27.72
C TYR E 440 -53.77 38.36 29.17
N VAL E 441 -54.86 37.77 29.65
CA VAL E 441 -54.96 37.31 31.03
C VAL E 441 -55.49 35.88 31.03
N TRP E 442 -55.12 35.16 32.10
CA TRP E 442 -55.39 33.75 32.25
C TRP E 442 -56.31 33.53 33.44
N PHE E 443 -57.27 32.63 33.27
CA PHE E 443 -58.14 32.18 34.35
C PHE E 443 -58.08 30.66 34.41
N GLU E 444 -58.00 30.12 35.62
CA GLU E 444 -57.97 28.67 35.79
C GLU E 444 -59.03 28.23 36.78
N PHE E 445 -59.51 27.01 36.58
CA PHE E 445 -60.58 26.43 37.38
C PHE E 445 -59.97 25.69 38.55
N VAL E 446 -60.25 26.14 39.76
CA VAL E 446 -59.66 25.55 40.95
C VAL E 446 -60.36 24.24 41.26
N LEU E 447 -59.59 23.16 41.37
CA LEU E 447 -60.10 21.85 41.71
C LEU E 447 -59.72 21.50 43.15
N PRO E 448 -60.56 20.73 43.84
CA PRO E 448 -60.21 20.34 45.21
C PRO E 448 -58.94 19.51 45.25
N GLY E 449 -58.19 19.65 46.34
CA GLY E 449 -56.99 18.87 46.53
C GLY E 449 -55.74 19.43 45.90
N GLN E 450 -55.69 20.73 45.66
CA GLN E 450 -54.52 21.39 45.10
C GLN E 450 -54.22 22.62 45.94
N PRO E 451 -52.97 23.09 45.92
CA PRO E 451 -52.65 24.31 46.70
C PRO E 451 -53.52 25.46 46.27
N MET E 452 -54.04 26.19 47.25
CA MET E 452 -55.11 27.13 47.02
C MET E 452 -55.33 27.99 48.27
N ASN E 453 -56.12 29.05 48.10
CA ASN E 453 -56.51 29.93 49.19
C ASN E 453 -57.69 29.32 49.94
N GLN E 454 -58.34 30.11 50.78
CA GLN E 454 -59.49 29.64 51.55
C GLN E 454 -60.78 29.99 50.81
N GLY E 455 -61.59 28.98 50.54
CA GLY E 455 -62.90 29.18 49.94
C GLY E 455 -62.92 29.62 48.49
N GLU E 456 -62.12 29.00 47.63
CA GLU E 456 -62.18 29.22 46.19
C GLU E 456 -62.49 27.91 45.45
N ILE E 457 -63.10 26.97 46.15
CA ILE E 457 -63.33 25.64 45.59
C ILE E 457 -64.42 25.73 44.52
N TRP E 458 -64.21 25.01 43.41
CA TRP E 458 -65.19 24.95 42.32
C TRP E 458 -65.50 26.34 41.75
N LYS E 459 -64.47 27.17 41.62
CA LYS E 459 -64.63 28.51 41.06
C LYS E 459 -63.44 28.85 40.18
N TRP E 460 -63.68 29.75 39.24
CA TRP E 460 -62.63 30.27 38.36
C TRP E 460 -61.86 31.35 39.10
N ARG E 461 -60.54 31.32 38.99
CA ARG E 461 -59.69 32.34 39.59
C ARG E 461 -58.77 32.93 38.54
N LYS E 462 -58.62 34.25 38.56
CA LYS E 462 -57.70 34.94 37.67
C LYS E 462 -56.26 34.75 38.13
N GLU E 463 -55.33 34.90 37.20
CA GLU E 463 -53.91 34.79 37.54
C GLU E 463 -53.10 35.57 36.52
N VAL E 464 -51.82 35.72 36.80
CA VAL E 464 -50.93 36.57 36.00
C VAL E 464 -50.03 35.75 35.07
N ASN E 465 -49.29 34.78 35.61
CA ASN E 465 -48.38 33.95 34.82
C ASN E 465 -48.67 32.50 35.19
N PRO E 466 -49.01 31.64 34.23
CA PRO E 466 -49.49 30.30 34.58
C PRO E 466 -48.38 29.44 35.16
N ASP E 467 -48.41 29.24 36.48
CA ASP E 467 -47.35 28.49 37.14
C ASP E 467 -47.52 26.99 36.90
N GLU E 468 -48.61 26.42 37.40
CA GLU E 468 -48.84 24.99 37.26
C GLU E 468 -48.80 24.55 35.81
N LEU E 469 -49.16 25.43 34.88
CA LEU E 469 -48.95 25.14 33.47
C LEU E 469 -47.47 24.97 33.16
N HIS E 470 -46.63 25.86 33.70
CA HIS E 470 -45.19 25.77 33.45
C HIS E 470 -44.62 24.48 34.06
N ILE E 471 -45.04 24.12 35.26
CA ILE E 471 -44.62 22.83 35.81
C ILE E 471 -45.10 21.67 34.93
N TYR E 472 -46.34 21.75 34.44
CA TYR E 472 -46.87 20.68 33.60
C TYR E 472 -46.06 20.53 32.32
N ILE E 473 -45.58 21.64 31.76
CA ILE E 473 -44.81 21.59 30.52
C ILE E 473 -43.60 20.68 30.65
N SER E 474 -43.02 20.61 31.85
CA SER E 474 -41.78 19.88 32.04
C SER E 474 -41.94 18.54 32.74
N GLU E 475 -42.97 18.36 33.56
CA GLU E 475 -43.11 17.13 34.34
C GLU E 475 -43.93 16.07 33.61
N ASN E 476 -45.20 16.39 33.33
CA ASN E 476 -46.08 15.39 32.71
C ASN E 476 -45.76 15.19 31.23
N PHE E 477 -45.30 16.24 30.55
CA PHE E 477 -45.00 16.12 29.13
C PHE E 477 -43.88 15.13 28.86
N SER E 478 -42.94 15.01 29.80
CA SER E 478 -41.83 14.07 29.63
C SER E 478 -42.33 12.65 29.47
N ARG E 479 -43.51 12.33 30.00
CA ARG E 479 -44.08 11.00 29.83
C ARG E 479 -44.36 10.71 28.36
N VAL E 480 -45.02 11.63 27.68
CA VAL E 480 -45.22 11.46 26.24
C VAL E 480 -43.88 11.49 25.52
N MET E 481 -42.95 12.32 26.00
CA MET E 481 -41.65 12.44 25.35
C MET E 481 -40.93 11.09 25.32
N ASP E 482 -40.81 10.44 26.48
CA ASP E 482 -40.09 9.17 26.48
C ASP E 482 -40.96 8.01 26.01
N ARG E 483 -42.28 8.18 25.95
CA ARG E 483 -43.09 7.21 25.20
C ARG E 483 -42.71 7.21 23.73
N ILE E 484 -42.57 8.41 23.14
CA ILE E 484 -42.06 8.52 21.78
C ILE E 484 -40.68 7.90 21.67
N THR E 485 -39.82 8.20 22.65
CA THR E 485 -38.46 7.65 22.64
C THR E 485 -38.48 6.12 22.60
N GLU E 486 -39.24 5.50 23.50
CA GLU E 486 -39.26 4.05 23.57
C GLU E 486 -39.93 3.43 22.35
N HIS E 487 -40.95 4.09 21.79
CA HIS E 487 -41.52 3.59 20.54
C HIS E 487 -40.49 3.58 19.43
N ILE E 488 -39.71 4.66 19.31
CA ILE E 488 -38.65 4.71 18.31
C ILE E 488 -37.63 3.61 18.57
N LYS E 489 -37.25 3.42 19.83
CA LYS E 489 -36.30 2.36 20.18
C LYS E 489 -36.83 0.99 19.78
N TYR E 490 -38.10 0.72 20.06
CA TYR E 490 -38.67 -0.59 19.76
C TYR E 490 -38.67 -0.84 18.25
N HIS E 491 -39.11 0.15 17.46
CA HIS E 491 -39.07 -0.02 16.02
C HIS E 491 -37.64 -0.09 15.49
N LEU E 492 -36.68 0.49 16.21
CA LEU E 492 -35.28 0.31 15.85
C LEU E 492 -34.81 -1.12 16.11
N SER E 493 -35.32 -1.75 17.16
CA SER E 493 -34.85 -3.08 17.54
C SER E 493 -35.18 -4.11 16.48
N GLN E 494 -36.38 -4.03 15.89
CA GLN E 494 -36.83 -5.06 14.98
C GLN E 494 -35.97 -5.10 13.71
N PRO E 495 -35.70 -6.27 13.15
CA PRO E 495 -34.90 -6.34 11.93
C PRO E 495 -35.63 -5.74 10.74
N HIS E 496 -34.86 -5.10 9.87
CA HIS E 496 -35.38 -4.44 8.69
C HIS E 496 -34.22 -4.21 7.71
N GLU E 497 -34.46 -3.40 6.69
CA GLU E 497 -33.42 -3.08 5.72
C GLU E 497 -32.39 -2.12 6.32
N SER E 498 -31.31 -1.89 5.58
CA SER E 498 -30.27 -0.99 6.07
C SER E 498 -30.73 0.46 6.04
N ASN E 499 -31.33 0.89 4.93
CA ASN E 499 -31.67 2.31 4.76
C ASN E 499 -32.71 2.76 5.77
N ILE E 500 -33.70 1.91 6.07
CA ILE E 500 -34.69 2.27 7.07
C ILE E 500 -34.05 2.42 8.44
N LEU E 501 -33.10 1.55 8.78
CA LEU E 501 -32.39 1.69 10.05
C LEU E 501 -31.58 2.98 10.07
N ASN E 502 -30.94 3.35 8.96
CA ASN E 502 -30.22 4.61 8.91
C ASN E 502 -31.15 5.81 9.11
N TYR E 503 -32.30 5.79 8.44
CA TYR E 503 -33.28 6.86 8.61
C TYR E 503 -33.75 6.97 10.04
N TYR E 504 -34.04 5.82 10.67
CA TYR E 504 -34.43 5.82 12.08
C TYR E 504 -33.30 6.34 12.96
N LYS E 505 -32.05 6.03 12.60
CA LYS E 505 -30.92 6.50 13.40
C LYS E 505 -30.80 8.02 13.35
N LYS E 506 -30.90 8.62 12.15
CA LYS E 506 -30.91 10.08 12.10
C LYS E 506 -32.11 10.67 12.84
N LEU E 507 -33.28 10.04 12.70
CA LEU E 507 -34.46 10.54 13.38
C LEU E 507 -34.25 10.56 14.90
N LEU E 508 -33.74 9.45 15.44
CA LEU E 508 -33.48 9.38 16.87
C LEU E 508 -32.39 10.37 17.29
N LYS E 509 -31.34 10.51 16.48
CA LYS E 509 -30.26 11.41 16.82
C LYS E 509 -30.74 12.86 16.92
N ALA E 510 -31.60 13.28 15.99
CA ALA E 510 -32.17 14.62 16.08
C ALA E 510 -33.15 14.73 17.25
N PHE E 511 -33.96 13.69 17.45
CA PHE E 511 -35.00 13.76 18.46
C PHE E 511 -34.42 13.83 19.87
N GLU E 512 -33.34 13.09 20.13
CA GLU E 512 -32.74 13.14 21.46
C GLU E 512 -32.17 14.52 21.76
N ARG E 513 -31.58 15.17 20.75
CA ARG E 513 -31.12 16.54 20.95
C ARG E 513 -32.29 17.48 21.20
N SER E 514 -33.39 17.29 20.47
CA SER E 514 -34.57 18.13 20.68
C SER E 514 -35.26 17.86 22.01
N LYS E 515 -35.00 16.71 22.63
CA LYS E 515 -35.70 16.33 23.86
C LYS E 515 -35.50 17.36 24.96
N SER E 516 -34.24 17.75 25.21
CA SER E 516 -33.93 18.58 26.36
C SER E 516 -34.54 19.97 26.28
N LYS E 517 -34.96 20.40 25.08
CA LYS E 517 -35.39 21.78 24.89
C LYS E 517 -36.59 22.16 25.75
N ILE E 518 -37.38 21.19 26.22
CA ILE E 518 -38.56 21.51 27.01
C ILE E 518 -38.20 22.12 28.36
N PHE E 519 -36.96 21.97 28.80
CA PHE E 519 -36.51 22.53 30.08
C PHE E 519 -36.01 23.96 29.97
N ASN E 520 -35.81 24.48 28.76
CA ASN E 520 -35.27 25.82 28.60
C ASN E 520 -36.33 26.87 28.94
N ASP E 521 -35.90 27.94 29.60
CA ASP E 521 -36.83 28.97 30.03
C ASP E 521 -37.38 29.75 28.83
N SER E 522 -36.49 30.19 27.94
CA SER E 522 -36.94 30.94 26.77
C SER E 522 -37.85 30.11 25.88
N PHE E 523 -37.52 28.82 25.71
CA PHE E 523 -38.37 27.94 24.92
C PHE E 523 -39.75 27.82 25.56
N LYS E 524 -39.81 27.67 26.88
CA LYS E 524 -41.08 27.58 27.57
C LYS E 524 -41.89 28.86 27.41
N LYS E 525 -41.23 30.02 27.51
CA LYS E 525 -41.92 31.29 27.34
C LYS E 525 -42.48 31.42 25.92
N GLY E 526 -41.70 31.00 24.92
CA GLY E 526 -42.20 31.02 23.56
C GLY E 526 -43.38 30.10 23.35
N VAL E 527 -43.32 28.90 23.95
CA VAL E 527 -44.44 27.96 23.86
C VAL E 527 -45.69 28.56 24.49
N ILE E 528 -45.53 29.22 25.64
CA ILE E 528 -46.68 29.85 26.29
C ILE E 528 -47.24 30.97 25.42
N ARG E 529 -46.36 31.78 24.84
CA ARG E 529 -46.82 32.89 24.00
C ARG E 529 -47.57 32.39 22.78
N GLN E 530 -47.11 31.30 22.17
CA GLN E 530 -47.86 30.72 21.06
C GLN E 530 -49.16 30.07 21.53
N ALA E 531 -49.14 29.44 22.71
CA ALA E 531 -50.31 28.72 23.20
C ALA E 531 -51.43 29.65 23.63
N GLU E 532 -51.11 30.89 24.03
CA GLU E 532 -52.16 31.81 24.44
C GLU E 532 -53.15 32.07 23.32
N PHE E 533 -52.74 31.87 22.06
CA PHE E 533 -53.67 32.02 20.94
C PHE E 533 -54.69 30.89 20.91
N LEU E 534 -54.23 29.65 21.08
CA LEU E 534 -55.13 28.50 21.01
C LEU E 534 -56.12 28.52 22.16
N PHE E 535 -55.68 28.89 23.35
CA PHE E 535 -56.50 28.84 24.55
C PHE E 535 -57.52 29.96 24.63
N ARG E 536 -57.50 30.91 23.70
CA ARG E 536 -58.43 32.03 23.77
C ARG E 536 -59.86 31.57 23.55
N GLN E 537 -60.77 32.10 24.36
CA GLN E 537 -62.20 31.86 24.22
C GLN E 537 -62.88 33.22 24.18
N ARG E 538 -63.35 33.63 23.00
CA ARG E 538 -63.93 34.96 22.83
C ARG E 538 -65.17 35.11 23.70
N SER E 539 -65.40 36.35 24.14
CA SER E 539 -66.57 36.70 24.95
C SER E 539 -66.59 35.92 26.27
N PHE E 540 -65.57 36.15 27.09
CA PHE E 540 -65.47 35.50 28.39
C PHE E 540 -65.43 36.48 29.55
N ILE E 541 -64.63 37.55 29.45
CA ILE E 541 -64.54 38.50 30.56
C ILE E 541 -65.86 39.25 30.74
N GLN E 542 -66.42 39.78 29.65
CA GLN E 542 -67.64 40.57 29.76
C GLN E 542 -68.85 39.72 30.13
N THR E 543 -68.81 38.41 29.90
CA THR E 543 -69.89 37.53 30.31
C THR E 543 -69.70 36.98 31.71
N LEU E 544 -68.59 37.29 32.36
CA LEU E 544 -68.37 36.85 33.74
C LEU E 544 -69.36 37.55 34.67
N ASP E 545 -69.93 36.78 35.60
CA ASP E 545 -70.81 37.26 36.65
C ASP E 545 -72.08 37.92 36.10
N THR E 546 -72.37 37.76 34.81
CA THR E 546 -73.58 38.33 34.24
C THR E 546 -74.83 37.69 34.82
N ASN E 547 -74.80 36.38 35.07
CA ASN E 547 -75.95 35.70 35.64
C ASN E 547 -76.15 36.17 37.08
N PRO E 548 -77.31 36.73 37.43
CA PRO E 548 -77.52 37.23 38.79
C PRO E 548 -77.98 36.17 39.77
N HIS E 549 -78.18 34.93 39.33
CA HIS E 549 -78.69 33.87 40.18
C HIS E 549 -77.59 32.95 40.72
N LEU E 550 -76.33 33.32 40.53
CA LEU E 550 -75.20 32.50 40.98
C LEU E 550 -74.36 33.30 41.96
N LEU E 551 -74.04 32.70 43.10
CA LEU E 551 -73.21 33.33 44.11
C LEU E 551 -72.06 32.40 44.47
N GLY E 552 -70.89 32.97 44.76
CA GLY E 552 -69.74 32.18 45.16
C GLY E 552 -69.62 32.15 46.67
N VAL E 553 -69.60 30.95 47.24
CA VAL E 553 -69.53 30.75 48.67
C VAL E 553 -68.32 29.90 49.00
N GLY E 554 -67.88 29.97 50.25
CA GLY E 554 -66.64 29.33 50.66
C GLY E 554 -66.60 27.84 50.37
N ASN E 555 -67.77 27.21 50.34
CA ASN E 555 -67.87 25.78 50.06
C ASN E 555 -68.57 25.49 48.74
N GLY E 556 -68.40 26.35 47.74
CA GLY E 556 -68.94 26.05 46.42
C GLY E 556 -69.67 27.21 45.76
N VAL E 557 -70.73 26.90 45.01
CA VAL E 557 -71.53 27.93 44.36
C VAL E 557 -73.00 27.70 44.66
N LEU E 558 -73.68 28.76 45.07
CA LEU E 558 -75.10 28.72 45.43
C LEU E 558 -75.92 29.27 44.28
N SER E 559 -76.94 28.51 43.87
CA SER E 559 -77.84 28.90 42.79
C SER E 559 -79.21 29.18 43.40
N ILE E 560 -79.67 30.42 43.26
CA ILE E 560 -80.99 30.84 43.72
C ILE E 560 -82.01 30.84 42.58
N GLU E 561 -81.63 30.37 41.40
CA GLU E 561 -82.55 30.36 40.26
C GLU E 561 -83.76 29.47 40.53
N THR E 562 -83.53 28.30 41.11
CA THR E 562 -84.60 27.35 41.39
C THR E 562 -84.98 27.40 42.86
N ILE E 563 -86.18 26.91 43.14
CA ILE E 563 -86.72 26.82 44.50
C ILE E 563 -86.87 25.34 44.84
N PRO E 564 -86.16 24.83 45.85
CA PRO E 564 -85.25 25.60 46.71
C PRO E 564 -83.89 25.87 46.08
N ALA E 565 -83.11 26.77 46.67
CA ALA E 565 -81.78 27.07 46.16
C ALA E 565 -80.88 25.85 46.29
N LYS E 566 -80.00 25.67 45.32
CA LYS E 566 -79.18 24.47 45.22
C LYS E 566 -77.70 24.83 45.41
N LEU E 567 -77.00 24.03 46.20
CA LEU E 567 -75.57 24.20 46.41
C LEU E 567 -74.82 23.23 45.51
N ILE E 568 -73.97 23.76 44.63
CA ILE E 568 -73.18 22.97 43.71
C ILE E 568 -71.75 22.95 44.23
N ASN E 569 -71.20 21.75 44.37
CA ASN E 569 -69.86 21.51 44.86
C ASN E 569 -69.15 20.48 44.00
N HIS E 570 -69.45 20.48 42.71
CA HIS E 570 -68.83 19.57 41.76
C HIS E 570 -68.54 20.35 40.49
N PHE E 571 -68.19 19.63 39.42
CA PHE E 571 -67.86 20.28 38.16
C PHE E 571 -69.09 20.95 37.55
N HIS E 572 -68.84 22.04 36.84
CA HIS E 572 -69.89 22.79 36.16
C HIS E 572 -69.25 23.59 35.04
N GLU E 573 -70.03 24.51 34.45
CA GLU E 573 -69.49 25.39 33.42
C GLU E 573 -69.96 26.83 33.59
N HIS E 574 -70.48 27.20 34.76
CA HIS E 574 -70.96 28.56 34.98
C HIS E 574 -69.77 29.50 35.22
N PRO E 575 -69.65 30.59 34.46
CA PRO E 575 -68.49 31.47 34.62
C PRO E 575 -68.61 32.45 35.77
N ILE E 576 -68.25 32.02 36.98
CA ILE E 576 -68.27 32.87 38.16
C ILE E 576 -66.84 33.10 38.62
N HIS E 577 -66.54 34.33 39.01
CA HIS E 577 -65.19 34.67 39.47
C HIS E 577 -65.17 35.30 40.85
N GLN E 578 -66.12 36.19 41.16
CA GLN E 578 -66.18 36.79 42.48
C GLN E 578 -66.91 35.85 43.45
N TYR E 579 -66.69 36.09 44.74
CA TYR E 579 -67.18 35.16 45.77
C TYR E 579 -67.07 35.82 47.13
N THR E 580 -67.61 35.13 48.13
CA THR E 580 -67.41 35.45 49.53
C THR E 580 -67.00 34.17 50.26
N HIS E 581 -66.32 34.35 51.39
CA HIS E 581 -65.76 33.23 52.14
C HIS E 581 -66.71 32.68 53.20
N ILE E 582 -68.02 32.80 52.98
CA ILE E 582 -69.01 32.36 53.95
C ILE E 582 -69.55 31.01 53.52
N CYS E 583 -69.30 29.99 54.34
CA CYS E 583 -69.84 28.66 54.08
C CYS E 583 -71.36 28.66 54.25
N TYR E 584 -72.05 27.98 53.35
CA TYR E 584 -73.51 27.93 53.36
C TYR E 584 -73.98 26.60 53.93
N VAL E 585 -75.01 26.67 54.77
CA VAL E 585 -75.67 25.48 55.31
C VAL E 585 -77.17 25.67 55.18
N PRO E 586 -77.95 24.59 55.05
CA PRO E 586 -79.41 24.75 55.01
C PRO E 586 -79.93 25.36 56.30
N PHE E 587 -80.99 26.16 56.16
CA PHE E 587 -81.57 26.87 57.30
C PHE E 587 -82.16 25.88 58.28
N ASN E 588 -81.55 25.79 59.47
CA ASN E 588 -82.08 24.96 60.55
C ASN E 588 -82.21 25.85 61.78
N PRO E 589 -83.43 26.08 62.27
CA PRO E 589 -83.57 26.93 63.48
C PRO E 589 -82.96 26.33 64.72
N GLU E 590 -82.67 25.03 64.73
CA GLU E 590 -82.16 24.38 65.93
C GLU E 590 -80.73 24.78 66.26
N ASN E 591 -80.02 25.42 65.34
CA ASN E 591 -78.68 25.89 65.64
C ASN E 591 -78.74 26.95 66.74
N PRO E 592 -77.89 26.87 67.76
CA PRO E 592 -77.95 27.87 68.84
C PRO E 592 -77.76 29.29 68.36
N TRP E 593 -76.85 29.51 67.41
CA TRP E 593 -76.64 30.85 66.88
C TRP E 593 -77.87 31.34 66.12
N THR E 594 -78.54 30.44 65.40
CA THR E 594 -79.76 30.82 64.70
C THR E 594 -80.83 31.29 65.69
N LYS E 595 -81.00 30.54 66.79
CA LYS E 595 -81.98 30.95 67.80
C LYS E 595 -81.59 32.27 68.44
N LEU E 596 -80.30 32.45 68.76
CA LEU E 596 -79.86 33.69 69.37
C LEU E 596 -80.10 34.88 68.46
N LEU E 597 -79.75 34.74 67.18
CA LEU E 597 -79.97 35.82 66.23
C LEU E 597 -81.44 36.11 66.04
N LEU E 598 -82.27 35.07 65.95
CA LEU E 598 -83.71 35.27 65.80
C LEU E 598 -84.28 36.02 67.00
N ASN E 599 -83.90 35.61 68.21
CA ASN E 599 -84.41 36.27 69.41
C ASN E 599 -83.96 37.73 69.47
N ALA E 600 -82.67 37.98 69.21
CA ALA E 600 -82.16 39.35 69.26
C ALA E 600 -82.85 40.23 68.21
N LEU E 601 -83.02 39.71 66.99
CA LEU E 601 -83.66 40.49 65.95
C LEU E 601 -85.12 40.75 66.28
N GLN E 602 -85.82 39.76 66.83
CA GLN E 602 -87.21 39.97 67.23
C GLN E 602 -87.31 41.02 68.34
N ASP E 603 -86.37 41.01 69.28
CA ASP E 603 -86.39 42.00 70.35
C ASP E 603 -85.97 43.38 69.85
N ILE E 604 -85.24 43.45 68.74
CA ILE E 604 -84.79 44.74 68.22
C ILE E 604 -85.98 45.62 67.85
N ILE E 605 -86.95 45.05 67.12
CA ILE E 605 -88.18 45.74 66.78
C ILE E 605 -89.36 44.82 67.08
N PRO E 606 -90.33 45.24 67.89
CA PRO E 606 -91.34 44.28 68.36
C PRO E 606 -92.36 43.87 67.30
N GLU E 607 -92.83 44.81 66.49
CA GLU E 607 -93.95 44.55 65.60
C GLU E 607 -93.64 43.42 64.64
N LEU E 608 -94.55 42.45 64.55
CA LEU E 608 -94.36 41.31 63.65
C LEU E 608 -94.39 41.75 62.20
N ASP E 609 -95.37 42.59 61.84
CA ASP E 609 -95.50 43.06 60.46
C ASP E 609 -94.28 43.85 60.02
N ALA E 610 -93.82 44.78 60.86
CA ALA E 610 -92.64 45.58 60.53
C ALA E 610 -91.40 44.71 60.45
N ARG E 611 -91.26 43.76 61.37
CA ARG E 611 -90.11 42.87 61.36
C ARG E 611 -90.06 42.06 60.07
N LEU E 612 -91.21 41.47 59.68
CA LEU E 612 -91.26 40.69 58.45
C LEU E 612 -90.98 41.57 57.24
N TRP E 613 -91.54 42.78 57.20
CA TRP E 613 -91.33 43.66 56.06
C TRP E 613 -89.85 44.03 55.92
N ILE E 614 -89.22 44.38 57.04
CA ILE E 614 -87.81 44.77 57.02
C ILE E 614 -86.93 43.58 56.61
N MET E 615 -87.21 42.39 57.15
CA MET E 615 -86.43 41.22 56.78
C MET E 615 -86.60 40.88 55.31
N PHE E 616 -87.83 40.99 54.80
CA PHE E 616 -88.07 40.71 53.39
C PHE E 616 -87.33 41.70 52.51
N TYR E 617 -87.32 42.98 52.90
CA TYR E 617 -86.56 43.98 52.15
C TYR E 617 -85.07 43.67 52.16
N LEU E 618 -84.54 43.31 53.33
CA LEU E 618 -83.11 43.06 53.45
C LEU E 618 -82.70 41.79 52.71
N SER E 619 -83.61 40.82 52.58
CA SER E 619 -83.27 39.58 51.89
C SER E 619 -83.01 39.78 50.41
N THR E 620 -83.37 40.93 49.84
CA THR E 620 -83.15 41.17 48.43
C THR E 620 -81.74 41.64 48.11
N ALA E 621 -80.90 41.87 49.14
CA ALA E 621 -79.54 42.33 48.89
C ALA E 621 -78.72 41.28 48.14
N ILE E 622 -79.08 40.00 48.30
CA ILE E 622 -78.34 38.93 47.61
C ILE E 622 -78.54 39.03 46.10
N PHE E 623 -79.72 39.46 45.65
CA PHE E 623 -79.97 39.61 44.23
C PHE E 623 -79.05 40.66 43.64
N ARG E 624 -78.57 40.39 42.42
CA ARG E 624 -77.66 41.30 41.74
C ARG E 624 -78.27 41.94 40.50
N GLY E 625 -79.40 41.42 40.00
CA GLY E 625 -80.06 42.00 38.86
C GLY E 625 -80.92 43.19 39.24
N LEU E 626 -81.79 43.57 38.31
CA LEU E 626 -82.63 44.74 38.50
C LEU E 626 -83.56 44.54 39.69
N LYS E 627 -83.81 45.62 40.43
CA LYS E 627 -84.71 45.63 41.56
C LYS E 627 -85.63 46.84 41.47
N GLU E 628 -86.67 46.83 42.29
CA GLU E 628 -87.56 47.98 42.37
C GLU E 628 -86.84 49.16 43.02
N ALA E 629 -87.19 50.37 42.59
CA ALA E 629 -86.55 51.59 43.06
C ALA E 629 -87.04 51.89 44.47
N LEU E 630 -86.32 51.36 45.46
CA LEU E 630 -86.62 51.60 46.87
C LEU E 630 -85.46 52.31 47.54
N MET E 631 -85.78 53.03 48.60
CA MET E 631 -84.81 53.84 49.36
C MET E 631 -85.27 53.81 50.81
N LEU E 632 -84.75 52.86 51.59
CA LEU E 632 -85.23 52.64 52.95
C LEU E 632 -84.41 53.47 53.92
N LEU E 633 -85.09 54.21 54.78
CA LEU E 633 -84.44 55.02 55.80
C LEU E 633 -85.22 54.92 57.09
N TRP E 634 -84.52 54.83 58.20
CA TRP E 634 -85.18 54.72 59.49
C TRP E 634 -84.35 55.39 60.57
N LEU E 635 -85.03 56.06 61.48
CA LEU E 635 -84.42 56.90 62.50
C LEU E 635 -84.72 56.36 63.89
N GLY E 636 -84.07 56.95 64.89
CA GLY E 636 -84.26 56.53 66.27
C GLY E 636 -83.53 57.48 67.20
N GLY E 637 -83.81 57.32 68.49
CA GLY E 637 -83.16 58.16 69.48
C GLY E 637 -81.66 57.92 69.55
N GLY E 638 -81.25 56.67 69.55
CA GLY E 638 -79.85 56.30 69.63
C GLY E 638 -79.67 55.04 70.46
N CYS E 639 -78.50 54.42 70.30
CA CYS E 639 -78.18 53.16 70.97
C CYS E 639 -79.26 52.11 70.70
N ASN E 640 -79.62 51.98 69.44
CA ASN E 640 -80.69 51.09 69.00
C ASN E 640 -80.10 50.01 68.09
N GLY E 641 -81.00 49.20 67.50
CA GLY E 641 -80.58 48.10 66.65
C GLY E 641 -79.81 48.52 65.41
N LYS E 642 -79.93 49.79 65.02
CA LYS E 642 -79.23 50.28 63.84
C LYS E 642 -77.72 50.19 64.05
N THR E 643 -76.99 50.09 62.93
CA THR E 643 -75.55 49.93 62.83
C THR E 643 -75.06 48.59 63.35
N PHE E 644 -75.95 47.73 63.86
CA PHE E 644 -75.57 46.37 64.27
C PHE E 644 -75.87 45.36 63.17
N LEU E 645 -77.14 45.24 62.77
CA LEU E 645 -77.48 44.34 61.68
C LEU E 645 -77.01 44.88 60.35
N MET E 646 -76.90 46.21 60.24
CA MET E 646 -76.36 46.84 59.04
C MET E 646 -74.91 46.44 58.82
N ARG E 647 -74.08 46.63 59.85
CA ARG E 647 -72.68 46.21 59.78
C ARG E 647 -72.56 44.71 59.63
N LEU E 648 -73.44 43.95 60.30
CA LEU E 648 -73.39 42.49 60.21
C LEU E 648 -73.66 42.03 58.79
N VAL E 649 -74.67 42.62 58.13
CA VAL E 649 -74.97 42.27 56.75
C VAL E 649 -73.80 42.66 55.85
N ALA E 650 -73.21 43.84 56.08
CA ALA E 650 -72.06 44.25 55.29
C ALA E 650 -70.91 43.26 55.42
N MET E 651 -70.64 42.80 56.65
CA MET E 651 -69.59 41.81 56.86
C MET E 651 -69.92 40.48 56.19
N VAL E 652 -71.17 40.03 56.33
CA VAL E 652 -71.55 38.73 55.78
C VAL E 652 -71.42 38.73 54.26
N LEU E 653 -71.90 39.79 53.61
CA LEU E 653 -71.77 39.86 52.15
C LEU E 653 -70.32 39.93 51.73
N GLY E 654 -69.49 40.66 52.48
CA GLY E 654 -68.08 40.78 52.16
C GLY E 654 -67.80 41.95 51.22
N ASP E 655 -66.51 42.18 51.01
CA ASP E 655 -66.07 43.29 50.16
C ASP E 655 -66.52 43.09 48.72
N HIS E 656 -66.54 41.85 48.24
CA HIS E 656 -66.86 41.60 46.84
C HIS E 656 -68.27 42.05 46.48
N TYR E 657 -69.24 41.75 47.35
CA TYR E 657 -70.64 41.98 47.03
C TYR E 657 -71.28 43.15 47.75
N ALA E 658 -70.58 43.79 48.68
CA ALA E 658 -71.12 44.95 49.39
C ALA E 658 -69.97 45.84 49.83
N SER E 659 -70.30 47.11 50.08
CA SER E 659 -69.32 48.08 50.53
C SER E 659 -70.04 49.24 51.19
N LYS E 660 -69.28 50.01 51.96
CA LYS E 660 -69.80 51.19 52.64
C LYS E 660 -69.96 52.34 51.66
N LEU E 661 -70.70 53.36 52.09
CA LEU E 661 -70.89 54.58 51.33
C LEU E 661 -70.53 55.78 52.21
N ASN E 662 -70.77 56.98 51.69
CA ASN E 662 -70.45 58.21 52.39
C ASN E 662 -71.67 59.12 52.38
N ILE E 663 -71.83 59.88 53.47
CA ILE E 663 -72.97 60.79 53.56
C ILE E 663 -72.87 61.91 52.53
N SER E 664 -71.66 62.37 52.24
CA SER E 664 -71.48 63.46 51.28
C SER E 664 -72.10 63.12 49.92
N LEU E 665 -72.08 61.84 49.54
CA LEU E 665 -72.65 61.43 48.26
C LEU E 665 -74.10 61.87 48.09
N LEU E 666 -74.79 62.19 49.18
CA LEU E 666 -76.11 62.77 49.12
C LEU E 666 -76.13 64.26 49.43
N THR E 667 -75.28 64.73 50.32
CA THR E 667 -75.30 66.13 50.74
C THR E 667 -74.29 66.99 50.02
N SER E 668 -73.57 66.45 49.04
CA SER E 668 -72.63 67.25 48.28
C SER E 668 -73.36 68.38 47.56
N CYS E 669 -72.83 69.60 47.68
CA CYS E 669 -73.49 70.75 47.08
C CYS E 669 -73.48 70.67 45.56
N ARG E 670 -72.40 70.15 44.98
CA ARG E 670 -72.26 70.11 43.53
C ARG E 670 -71.34 68.97 43.14
N GLU E 671 -71.38 68.61 41.86
CA GLU E 671 -70.52 67.58 41.31
C GLU E 671 -70.30 67.89 39.83
N THR E 672 -69.03 68.06 39.46
CA THR E 672 -68.66 68.47 38.11
C THR E 672 -67.86 67.37 37.44
N ALA E 673 -67.72 67.50 36.11
CA ALA E 673 -66.87 66.59 35.36
C ALA E 673 -65.40 66.69 35.78
N GLU E 674 -65.01 67.80 36.41
CA GLU E 674 -63.68 67.96 36.96
C GLU E 674 -63.57 67.46 38.39
N LYS E 675 -64.63 66.86 38.93
CA LYS E 675 -64.64 66.27 40.26
C LYS E 675 -65.11 64.83 40.15
N PRO E 676 -64.26 63.94 39.62
CA PRO E 676 -64.66 62.53 39.48
C PRO E 676 -64.52 61.77 40.78
N ASN E 677 -65.55 61.84 41.62
CA ASN E 677 -65.53 61.21 42.93
C ASN E 677 -65.20 59.73 42.84
N SER E 678 -64.69 59.18 43.94
CA SER E 678 -64.22 57.81 43.99
C SER E 678 -65.30 56.83 44.46
N ALA E 679 -66.52 57.30 44.68
CA ALA E 679 -67.59 56.44 45.18
C ALA E 679 -68.33 55.71 44.07
N PHE E 680 -68.42 56.30 42.87
CA PHE E 680 -69.22 55.67 41.82
C PHE E 680 -68.55 54.43 41.25
N MET E 681 -67.23 54.30 41.38
CA MET E 681 -66.59 53.02 41.05
C MET E 681 -67.06 51.93 42.00
N ARG E 682 -67.32 52.28 43.25
CA ARG E 682 -67.97 51.38 44.18
C ARG E 682 -69.40 51.14 43.73
N LEU E 683 -70.05 50.16 44.37
CA LEU E 683 -71.42 49.72 44.08
C LEU E 683 -71.63 49.38 42.61
N LYS E 684 -70.56 49.20 41.85
CA LYS E 684 -70.66 48.79 40.44
C LYS E 684 -70.72 47.26 40.41
N GLY E 685 -71.94 46.72 40.38
CA GLY E 685 -72.16 45.31 40.53
C GLY E 685 -72.45 44.86 41.94
N ARG E 686 -72.09 45.66 42.94
CA ARG E 686 -72.43 45.34 44.32
C ARG E 686 -73.93 45.51 44.54
N GLY E 687 -74.54 44.54 45.20
CA GLY E 687 -75.98 44.48 45.34
C GLY E 687 -76.56 45.09 46.61
N TYR E 688 -75.77 45.84 47.38
CA TYR E 688 -76.26 46.39 48.63
C TYR E 688 -75.45 47.62 48.99
N GLY E 689 -76.13 48.60 49.59
CA GLY E 689 -75.49 49.84 49.98
C GLY E 689 -76.10 50.43 51.23
N TYR E 690 -75.24 50.82 52.17
CA TYR E 690 -75.67 51.26 53.48
C TYR E 690 -74.95 52.55 53.86
N PHE E 691 -75.67 53.41 54.57
CA PHE E 691 -75.15 54.69 55.03
C PHE E 691 -74.97 54.67 56.54
N GLU E 692 -73.77 54.99 57.01
CA GLU E 692 -73.49 54.99 58.43
C GLU E 692 -74.14 56.18 59.11
N GLU E 693 -74.16 56.14 60.44
CA GLU E 693 -74.75 57.21 61.23
C GLU E 693 -73.94 58.50 61.10
N THR E 694 -74.62 59.63 61.22
CA THR E 694 -74.02 60.94 61.04
C THR E 694 -73.98 61.69 62.37
N ASN E 695 -72.89 62.42 62.59
CA ASN E 695 -72.71 63.13 63.87
C ASN E 695 -73.78 64.20 64.08
N LYS E 696 -74.15 64.90 63.02
CA LYS E 696 -75.06 66.03 63.11
C LYS E 696 -76.22 65.86 62.14
N SER E 697 -77.32 66.54 62.44
CA SER E 697 -78.48 66.51 61.55
C SER E 697 -78.10 67.07 60.19
N GLU E 698 -78.44 66.33 59.13
CA GLU E 698 -78.02 66.68 57.79
C GLU E 698 -79.22 67.12 56.97
N VAL E 699 -78.94 67.95 55.96
CA VAL E 699 -79.94 68.39 55.00
C VAL E 699 -79.71 67.62 53.71
N LEU E 700 -80.76 66.97 53.22
CA LEU E 700 -80.64 66.18 52.00
C LEU E 700 -80.66 67.14 50.82
N ASN E 701 -79.51 67.25 50.14
CA ASN E 701 -79.39 68.17 49.01
C ASN E 701 -80.28 67.77 47.85
N THR E 702 -80.76 66.52 47.83
CA THR E 702 -81.48 65.93 46.70
C THR E 702 -80.63 65.90 45.43
N SER E 703 -79.34 66.22 45.53
CA SER E 703 -78.45 66.14 44.39
C SER E 703 -78.34 64.70 43.94
N ARG E 704 -78.62 64.46 42.66
CA ARG E 704 -78.61 63.14 42.02
C ARG E 704 -79.25 62.07 42.91
N LEU E 705 -80.21 62.48 43.73
CA LEU E 705 -80.93 61.55 44.58
C LEU E 705 -81.82 60.62 43.76
N LYS E 706 -82.45 61.15 42.72
CA LYS E 706 -83.35 60.34 41.90
C LYS E 706 -82.60 59.20 41.21
N GLU E 707 -81.42 59.49 40.66
CA GLU E 707 -80.68 58.43 39.99
C GLU E 707 -80.02 57.47 40.97
N MET E 708 -79.79 57.90 42.21
CA MET E 708 -79.58 56.93 43.30
C MET E 708 -80.79 56.01 43.43
N VAL E 709 -81.99 56.59 43.45
CA VAL E 709 -83.20 55.76 43.51
C VAL E 709 -83.41 55.02 42.21
N ASN E 710 -83.19 55.69 41.09
CA ASN E 710 -83.46 55.10 39.77
C ASN E 710 -82.46 53.99 39.48
N PRO E 711 -82.91 52.76 39.24
CA PRO E 711 -81.98 51.67 38.91
C PRO E 711 -81.50 51.67 37.47
N GLY E 712 -81.80 52.71 36.70
CA GLY E 712 -81.32 52.79 35.34
C GLY E 712 -79.81 52.94 35.27
N ASP E 713 -79.27 52.63 34.09
CA ASP E 713 -77.82 52.69 33.89
C ASP E 713 -77.32 54.11 34.08
N VAL E 714 -76.17 54.24 34.74
CA VAL E 714 -75.59 55.53 35.10
C VAL E 714 -74.15 55.58 34.62
N THR E 715 -73.73 56.75 34.14
CA THR E 715 -72.37 56.96 33.65
C THR E 715 -71.64 57.87 34.64
N ALA E 716 -70.81 57.27 35.50
CA ALA E 716 -69.97 58.03 36.42
C ALA E 716 -68.75 57.19 36.75
N ARG E 717 -67.61 57.87 36.91
CA ARG E 717 -66.33 57.19 37.12
C ARG E 717 -65.34 58.20 37.69
N GLU E 718 -64.12 57.73 37.91
CA GLU E 718 -63.04 58.52 38.49
C GLU E 718 -62.14 59.08 37.39
N LEU E 719 -61.05 59.72 37.79
CA LEU E 719 -60.06 60.20 36.84
C LEU E 719 -59.26 59.03 36.27
N ASN E 720 -58.69 59.25 35.08
CA ASN E 720 -57.80 58.35 34.32
C ASN E 720 -58.54 57.25 33.56
N GLN E 721 -59.85 57.38 33.33
CA GLN E 721 -60.53 56.48 32.42
C GLN E 721 -61.70 57.22 31.78
N LYS E 722 -62.24 56.62 30.71
CA LYS E 722 -63.35 57.21 29.97
C LYS E 722 -64.63 57.15 30.81
N GLN E 723 -65.74 57.59 30.22
CA GLN E 723 -67.01 57.66 30.94
C GLN E 723 -67.74 56.32 30.82
N GLU E 724 -67.40 55.39 31.70
CA GLU E 724 -68.06 54.09 31.69
C GLU E 724 -69.50 54.19 32.18
N SER E 725 -70.32 53.24 31.71
CA SER E 725 -71.70 53.11 32.13
C SER E 725 -71.90 51.80 32.87
N PHE E 726 -72.59 51.86 34.01
CA PHE E 726 -72.91 50.65 34.78
C PHE E 726 -74.33 50.76 35.29
N GLN E 727 -75.11 49.68 35.15
CA GLN E 727 -76.50 49.67 35.58
C GLN E 727 -76.56 49.43 37.08
N MET E 728 -77.05 50.43 37.81
CA MET E 728 -77.04 50.40 39.27
C MET E 728 -78.09 49.44 39.80
N THR E 729 -77.66 48.51 40.66
CA THR E 729 -78.55 47.53 41.29
C THR E 729 -78.05 47.30 42.71
N ALA E 730 -78.71 47.92 43.68
CA ALA E 730 -78.34 47.77 45.08
C ALA E 730 -79.47 48.24 45.96
N THR E 731 -79.73 47.50 47.03
CA THR E 731 -80.68 47.94 48.04
C THR E 731 -80.08 49.03 48.90
N MET E 732 -80.81 50.13 49.06
CA MET E 732 -80.30 51.33 49.70
C MET E 732 -80.90 51.47 51.10
N VAL E 733 -80.04 51.49 52.12
CA VAL E 733 -80.48 51.62 53.50
C VAL E 733 -79.74 52.75 54.19
N ALA E 734 -80.48 53.54 54.95
CA ALA E 734 -79.94 54.70 55.67
C ALA E 734 -80.55 54.77 57.06
N ALA E 735 -79.70 55.03 58.05
CA ALA E 735 -80.14 55.21 59.43
C ALA E 735 -79.33 56.31 60.09
N SER E 736 -79.97 57.00 61.04
CA SER E 736 -79.32 58.06 61.77
C SER E 736 -80.05 58.29 63.08
N ASN E 737 -79.31 58.79 64.07
CA ASN E 737 -79.91 59.18 65.33
C ASN E 737 -80.54 60.56 65.29
N TYR E 738 -80.33 61.30 64.21
CA TYR E 738 -80.83 62.66 64.05
C TYR E 738 -81.85 62.70 62.90
N ASN E 739 -82.33 63.90 62.60
CA ASN E 739 -83.42 64.09 61.67
C ASN E 739 -82.90 64.49 60.29
N PHE E 740 -83.68 64.17 59.27
CA PHE E 740 -83.38 64.51 57.89
C PHE E 740 -84.17 65.74 57.46
N ILE E 741 -83.70 66.38 56.39
CA ILE E 741 -84.35 67.55 55.81
C ILE E 741 -84.65 67.24 54.35
N ILE E 742 -85.95 67.16 54.02
CA ILE E 742 -86.40 66.90 52.66
C ILE E 742 -87.26 68.06 52.21
N ASP E 743 -86.97 68.62 51.03
CA ASP E 743 -87.67 69.78 50.51
C ASP E 743 -88.16 69.48 49.09
N THR E 744 -89.33 68.86 48.98
CA THR E 744 -89.97 68.56 47.70
C THR E 744 -91.36 67.99 47.98
N THR E 745 -92.24 68.10 46.99
CA THR E 745 -93.60 67.59 47.12
C THR E 745 -94.10 66.84 45.90
N ASP E 746 -93.31 66.74 44.83
CA ASP E 746 -93.77 66.08 43.62
C ASP E 746 -93.97 64.58 43.84
N HIS E 747 -94.91 64.00 43.10
CA HIS E 747 -95.14 62.57 43.18
C HIS E 747 -93.98 61.76 42.62
N GLY E 748 -93.17 62.35 41.74
CA GLY E 748 -91.99 61.65 41.25
C GLY E 748 -91.06 61.27 42.38
N THR E 749 -90.84 62.18 43.32
CA THR E 749 -90.16 61.88 44.57
C THR E 749 -91.20 61.50 45.63
N TRP E 750 -90.71 61.19 46.84
CA TRP E 750 -91.57 60.89 47.98
C TRP E 750 -92.42 59.64 47.76
N ARG E 751 -92.29 59.03 46.60
CA ARG E 751 -93.03 57.82 46.25
C ARG E 751 -92.17 56.57 46.30
N ARG E 752 -90.89 56.69 45.94
CA ARG E 752 -89.94 55.58 46.03
C ARG E 752 -89.09 55.66 47.29
N LEU E 753 -89.65 56.22 48.37
CA LEU E 753 -88.95 56.37 49.63
C LEU E 753 -89.79 55.74 50.73
N ARG E 754 -89.10 55.13 51.69
CA ARG E 754 -89.77 54.50 52.84
C ARG E 754 -89.08 54.95 54.11
N HIS E 755 -89.89 55.32 55.10
CA HIS E 755 -89.39 55.83 56.38
C HIS E 755 -89.90 54.97 57.52
N TYR E 756 -89.03 54.71 58.48
CA TYR E 756 -89.42 54.01 59.69
C TYR E 756 -88.75 54.68 60.89
N ARG E 757 -89.35 54.49 62.06
CA ARG E 757 -88.80 55.01 63.30
C ARG E 757 -88.76 53.91 64.35
N SER E 758 -87.58 53.68 64.92
CA SER E 758 -87.43 52.69 65.97
C SER E 758 -88.12 53.16 67.25
N LYS E 759 -88.78 52.23 67.94
CA LYS E 759 -89.54 52.53 69.13
C LYS E 759 -88.89 52.00 70.41
N VAL E 760 -87.68 51.44 70.32
CA VAL E 760 -87.05 50.80 71.47
C VAL E 760 -85.80 51.58 71.87
N LYS E 761 -85.23 51.19 73.00
CA LYS E 761 -84.01 51.80 73.53
C LYS E 761 -83.21 50.73 74.27
N PHE E 762 -81.88 50.88 74.23
CA PHE E 762 -80.97 49.97 74.93
C PHE E 762 -80.03 50.79 75.80
N CYS E 763 -79.89 50.38 77.07
CA CYS E 763 -79.02 51.07 78.00
C CYS E 763 -78.57 50.09 79.08
N HIS E 764 -77.50 50.47 79.78
CA HIS E 764 -76.89 49.58 80.76
C HIS E 764 -77.84 49.27 81.91
N ASN E 765 -78.56 50.29 82.41
CA ASN E 765 -79.45 50.09 83.54
C ASN E 765 -80.89 50.06 83.06
N PRO E 766 -81.54 48.90 83.01
CA PRO E 766 -82.88 48.82 82.45
C PRO E 766 -83.91 49.57 83.30
N ASP E 767 -84.92 50.09 82.61
CA ASP E 767 -86.04 50.74 83.29
C ASP E 767 -87.19 49.75 83.42
N PRO E 768 -87.63 49.42 84.63
CA PRO E 768 -88.70 48.42 84.78
C PRO E 768 -90.03 48.93 84.25
N SER E 769 -90.89 47.98 83.88
CA SER E 769 -92.26 48.18 83.43
C SER E 769 -92.37 48.84 82.07
N ASN E 770 -91.25 49.15 81.41
CA ASN E 770 -91.31 49.75 80.08
C ASN E 770 -90.89 48.72 79.04
N PRO E 771 -91.81 48.19 78.23
CA PRO E 771 -91.42 47.22 77.21
C PRO E 771 -90.52 47.78 76.12
N TYR E 772 -90.48 49.11 75.96
CA TYR E 772 -89.70 49.74 74.90
C TYR E 772 -88.26 50.05 75.31
N GLU E 773 -87.75 49.34 76.31
CA GLU E 773 -86.36 49.52 76.72
C GLU E 773 -85.83 48.19 77.26
N LYS E 774 -84.64 47.81 76.79
CA LYS E 774 -84.04 46.57 77.23
C LYS E 774 -82.55 46.84 77.48
N LYS E 775 -81.87 45.89 78.10
CA LYS E 775 -80.45 46.05 78.36
C LYS E 775 -79.64 45.95 77.07
N GLU E 776 -78.45 46.52 77.07
CA GLU E 776 -77.60 46.48 75.89
C GLU E 776 -76.54 45.40 76.02
N ASP E 777 -76.31 44.64 74.95
CA ASP E 777 -75.32 43.57 75.00
C ASP E 777 -74.09 43.88 74.15
N PRO E 778 -73.03 44.40 74.78
CA PRO E 778 -71.83 44.79 74.02
C PRO E 778 -71.33 43.64 73.16
N ARG E 779 -71.55 42.41 73.60
CA ARG E 779 -71.10 41.25 72.85
C ARG E 779 -71.66 41.28 71.43
N PHE E 780 -72.87 41.81 71.28
CA PHE E 780 -73.48 41.87 69.95
C PHE E 780 -72.59 42.62 68.98
N ILE E 781 -72.00 43.72 69.41
CA ILE E 781 -71.17 44.52 68.51
C ILE E 781 -69.69 44.31 68.75
N HIS E 782 -69.25 44.46 69.99
CA HIS E 782 -67.84 44.27 70.30
C HIS E 782 -67.34 42.96 69.72
N GLU E 783 -68.25 42.02 69.52
CA GLU E 783 -67.89 40.72 68.97
C GLU E 783 -69.10 40.05 68.34
N TYR E 784 -69.02 38.74 68.09
CA TYR E 784 -70.01 37.94 67.39
C TYR E 784 -69.97 38.20 65.89
N ILE E 785 -69.14 39.14 65.45
CA ILE E 785 -68.94 39.34 64.01
C ILE E 785 -67.83 38.43 63.50
N MET E 786 -66.72 38.36 64.23
CA MET E 786 -65.62 37.50 63.83
C MET E 786 -65.95 36.02 63.90
N ASP E 787 -67.05 35.64 64.56
CA ASP E 787 -67.45 34.24 64.63
C ASP E 787 -67.94 33.78 63.26
N PRO E 788 -67.30 32.80 62.64
CA PRO E 788 -67.81 32.29 61.36
C PRO E 788 -69.19 31.65 61.47
N ASP E 789 -69.47 30.98 62.58
CA ASP E 789 -70.74 30.27 62.72
C ASP E 789 -71.92 31.23 62.70
N CYS E 790 -71.78 32.38 63.38
CA CYS E 790 -72.84 33.37 63.38
C CYS E 790 -73.10 33.89 61.97
N GLN E 791 -72.03 34.13 61.21
CA GLN E 791 -72.19 34.60 59.84
C GLN E 791 -72.88 33.54 58.98
N ASN E 792 -72.52 32.27 59.14
CA ASN E 792 -73.18 31.20 58.39
C ASN E 792 -74.65 31.14 58.73
N ALA E 793 -75.00 31.21 60.01
CA ALA E 793 -76.40 31.18 60.41
C ALA E 793 -77.16 32.38 59.85
N PHE E 794 -76.55 33.56 59.88
CA PHE E 794 -77.22 34.75 59.38
C PHE E 794 -77.43 34.66 57.87
N PHE E 795 -76.46 34.13 57.15
CA PHE E 795 -76.60 33.93 55.71
C PHE E 795 -77.72 32.93 55.40
N SER E 796 -77.81 31.87 56.20
CA SER E 796 -78.92 30.92 56.04
C SER E 796 -80.25 31.62 56.28
N ILE E 797 -80.32 32.48 57.29
CA ILE E 797 -81.53 33.26 57.54
C ILE E 797 -81.89 34.10 56.31
N LEU E 798 -80.88 34.77 55.74
CA LEU E 798 -81.10 35.62 54.58
C LEU E 798 -81.64 34.82 53.40
N VAL E 799 -81.02 33.68 53.10
CA VAL E 799 -81.45 32.92 51.92
C VAL E 799 -82.84 32.34 52.16
N TYR E 800 -83.13 31.90 53.38
CA TYR E 800 -84.46 31.38 53.67
C TYR E 800 -85.52 32.46 53.50
N PHE E 801 -85.25 33.67 54.00
CA PHE E 801 -86.21 34.76 53.87
C PHE E 801 -86.39 35.16 52.40
N TRP E 802 -85.31 35.20 51.63
CA TRP E 802 -85.45 35.51 50.21
C TRP E 802 -86.29 34.46 49.48
N GLU E 803 -86.07 33.18 49.81
CA GLU E 803 -86.88 32.13 49.21
C GLU E 803 -88.35 32.28 49.60
N LYS E 804 -88.62 32.62 50.86
CA LYS E 804 -90.00 32.85 51.28
C LYS E 804 -90.63 33.98 50.48
N LEU E 805 -89.90 35.09 50.32
CA LEU E 805 -90.43 36.20 49.54
C LEU E 805 -90.71 35.78 48.10
N GLN E 806 -89.78 35.04 47.49
CA GLN E 806 -89.96 34.63 46.11
C GLN E 806 -91.18 33.71 45.95
N LYS E 807 -91.36 32.79 46.89
CA LYS E 807 -92.49 31.87 46.78
C LYS E 807 -93.81 32.50 47.17
N GLU E 808 -93.80 33.60 47.93
CA GLU E 808 -95.04 34.23 48.35
C GLU E 808 -95.48 35.36 47.42
N TYR E 809 -94.65 36.38 47.27
CA TYR E 809 -95.01 37.58 46.52
C TYR E 809 -94.39 37.63 45.13
N ASN E 810 -93.85 36.52 44.65
CA ASN E 810 -93.29 36.43 43.30
C ASN E 810 -92.20 37.48 43.07
N GLY E 811 -91.36 37.68 44.08
CA GLY E 811 -90.25 38.60 43.94
C GLY E 811 -90.64 40.06 43.89
N GLN E 812 -91.77 40.43 44.48
CA GLN E 812 -92.25 41.81 44.49
C GLN E 812 -92.24 42.34 45.91
N ILE E 813 -91.61 43.49 46.11
CA ILE E 813 -91.49 44.07 47.45
C ILE E 813 -92.59 45.09 47.75
N LYS E 814 -93.25 45.62 46.73
CA LYS E 814 -94.34 46.57 46.98
C LYS E 814 -95.62 45.87 47.42
N LYS E 815 -95.86 44.66 46.93
CA LYS E 815 -97.11 43.97 47.24
C LYS E 815 -97.19 43.55 48.71
N VAL E 816 -96.06 43.27 49.35
CA VAL E 816 -96.10 42.87 50.75
C VAL E 816 -96.63 44.03 51.58
N PHE E 817 -97.38 43.68 52.63
CA PHE E 817 -98.20 44.63 53.36
C PHE E 817 -97.68 44.82 54.78
N CYS E 818 -97.60 46.08 55.22
CA CYS E 818 -97.22 46.43 56.58
C CYS E 818 -97.92 47.71 57.00
N PRO E 819 -98.94 47.62 57.86
CA PRO E 819 -99.69 48.83 58.22
C PRO E 819 -98.86 49.88 58.94
N THR E 820 -97.87 49.47 59.73
CA THR E 820 -97.01 50.44 60.41
C THR E 820 -96.25 51.29 59.40
N ILE E 821 -95.68 50.64 58.38
CA ILE E 821 -95.11 51.39 57.26
C ILE E 821 -96.25 51.95 56.40
N GLU E 822 -95.89 52.88 55.53
CA GLU E 822 -96.76 53.68 54.66
C GLU E 822 -97.84 54.42 55.46
N SER E 823 -97.77 54.39 56.79
CA SER E 823 -98.53 55.26 57.66
C SER E 823 -97.63 56.21 58.44
N GLU E 824 -96.61 55.66 59.11
CA GLU E 824 -95.55 56.51 59.63
C GLU E 824 -94.79 57.18 58.49
N THR E 825 -94.61 56.47 57.37
CA THR E 825 -93.96 57.05 56.21
C THR E 825 -94.74 58.25 55.68
N GLU E 826 -96.05 58.08 55.50
CA GLU E 826 -96.86 59.22 55.04
C GLU E 826 -96.98 60.27 56.14
N ALA E 827 -96.85 59.88 57.40
CA ALA E 827 -96.81 60.86 58.48
C ALA E 827 -95.59 61.77 58.34
N TYR E 828 -94.43 61.19 58.05
CA TYR E 828 -93.25 62.00 57.77
C TYR E 828 -93.40 62.76 56.46
N ARG E 829 -94.15 62.20 55.51
CA ARG E 829 -94.51 62.93 54.30
C ARG E 829 -95.27 64.21 54.63
N LYS E 830 -96.18 64.14 55.60
CA LYS E 830 -96.90 65.35 56.01
C LYS E 830 -95.96 66.36 56.64
N SER E 831 -94.86 65.90 57.23
CA SER E 831 -93.81 66.80 57.70
C SER E 831 -92.91 67.17 56.52
N GLN E 832 -91.78 67.82 56.80
CA GLN E 832 -90.84 68.26 55.78
C GLN E 832 -91.49 69.17 54.75
N ASP E 833 -92.52 69.91 55.17
CA ASP E 833 -93.21 70.89 54.33
C ASP E 833 -93.25 72.19 55.11
N THR E 834 -92.18 72.97 55.00
CA THR E 834 -92.06 74.20 55.78
C THR E 834 -93.07 75.25 55.32
N LEU E 835 -93.34 75.32 54.02
CA LEU E 835 -94.24 76.34 53.50
C LEU E 835 -95.65 76.16 54.06
N HIS E 836 -96.11 74.90 54.12
CA HIS E 836 -97.45 74.64 54.64
C HIS E 836 -97.56 75.05 56.11
N ARG E 837 -96.55 74.70 56.91
CA ARG E 837 -96.56 75.08 58.32
C ARG E 837 -96.53 76.59 58.48
N PHE E 838 -95.71 77.26 57.67
CA PHE E 838 -95.64 78.72 57.73
C PHE E 838 -96.98 79.36 57.39
N ILE E 839 -97.64 78.84 56.35
CA ILE E 839 -98.95 79.38 55.96
C ILE E 839 -99.96 79.16 57.08
N THR E 840 -99.94 77.96 57.69
CA THR E 840 -100.91 77.65 58.73
C THR E 840 -100.70 78.53 59.97
N GLU E 841 -99.43 78.77 60.34
CA GLU E 841 -99.18 79.44 61.62
C GLU E 841 -99.03 80.95 61.50
N ARG E 842 -98.81 81.49 60.30
CA ARG E 842 -98.58 82.92 60.14
C ARG E 842 -99.59 83.60 59.23
N VAL E 843 -100.41 82.86 58.51
CA VAL E 843 -101.43 83.43 57.62
C VAL E 843 -102.80 83.04 58.17
N VAL E 844 -103.63 84.04 58.43
CA VAL E 844 -104.98 83.83 58.96
C VAL E 844 -105.98 84.45 58.00
N GLU E 845 -107.19 83.90 58.01
CA GLU E 845 -108.26 84.35 57.11
C GLU E 845 -108.84 85.65 57.66
N SER E 846 -108.23 86.76 57.26
CA SER E 846 -108.73 88.07 57.65
C SER E 846 -110.10 88.30 57.03
N PRO E 847 -111.12 88.65 57.83
CA PRO E 847 -112.45 88.90 57.23
C PRO E 847 -112.47 90.08 56.28
N SER E 848 -112.01 91.24 56.72
CA SER E 848 -111.98 92.44 55.89
C SER E 848 -110.99 93.42 56.51
N ALA E 849 -110.96 94.64 55.97
CA ALA E 849 -110.10 95.72 56.46
C ALA E 849 -108.63 95.29 56.47
N GLU E 850 -108.22 94.56 55.43
CA GLU E 850 -106.84 94.11 55.30
C GLU E 850 -106.39 94.30 53.86
N THR E 851 -105.08 94.51 53.69
CA THR E 851 -104.52 94.79 52.38
C THR E 851 -104.51 93.54 51.51
N VAL E 852 -104.41 93.76 50.21
CA VAL E 852 -104.26 92.65 49.27
C VAL E 852 -102.84 92.08 49.27
N TYR E 853 -101.87 92.83 49.80
CA TYR E 853 -100.50 92.42 50.04
C TYR E 853 -99.68 92.21 48.76
N ASN E 854 -100.28 92.34 47.58
CA ASN E 854 -99.60 92.07 46.29
C ASN E 854 -99.17 90.59 46.31
N LEU E 855 -97.98 90.26 45.78
CA LEU E 855 -97.58 88.87 45.67
C LEU E 855 -96.20 88.60 46.25
N SER E 856 -95.29 89.59 46.18
CA SER E 856 -93.92 89.40 46.63
C SER E 856 -93.81 89.33 48.15
N GLU E 857 -94.80 89.84 48.87
CA GLU E 857 -94.73 89.85 50.33
C GLU E 857 -94.71 88.44 50.89
N VAL E 858 -95.39 87.50 50.25
CA VAL E 858 -95.48 86.14 50.78
C VAL E 858 -94.12 85.48 50.76
N VAL E 859 -93.44 85.50 49.61
CA VAL E 859 -92.10 84.91 49.53
C VAL E 859 -91.12 85.70 50.38
N THR E 860 -91.27 87.02 50.43
CA THR E 860 -90.38 87.84 51.25
C THR E 860 -90.45 87.41 52.71
N ALA E 861 -91.66 87.36 53.29
CA ALA E 861 -91.81 86.97 54.68
C ALA E 861 -91.43 85.51 54.90
N TYR E 862 -91.74 84.64 53.94
CA TYR E 862 -91.38 83.24 54.04
C TYR E 862 -89.87 83.06 54.11
N ALA E 863 -89.12 83.94 53.45
CA ALA E 863 -87.66 83.87 53.52
C ALA E 863 -87.18 84.02 54.96
N GLU E 864 -87.60 85.08 55.64
CA GLU E 864 -87.16 85.27 57.02
C GLU E 864 -87.73 84.20 57.94
N TRP E 865 -88.96 83.75 57.68
CA TRP E 865 -89.53 82.70 58.51
C TRP E 865 -88.70 81.42 58.40
N TYR E 866 -88.31 81.04 57.19
CA TYR E 866 -87.49 79.84 57.00
C TYR E 866 -86.11 80.03 57.61
N ASN E 867 -85.54 81.23 57.49
CA ASN E 867 -84.22 81.48 58.07
C ASN E 867 -84.26 81.38 59.58
N THR E 868 -85.30 81.91 60.21
CA THR E 868 -85.41 81.89 61.66
C THR E 868 -86.08 80.64 62.21
N ASN E 869 -86.52 79.73 61.33
CA ASN E 869 -87.21 78.53 61.76
C ASN E 869 -86.50 77.24 61.38
N ILE E 870 -85.86 77.17 60.20
CA ILE E 870 -85.22 75.94 59.78
C ILE E 870 -83.72 76.15 59.53
N ASN E 871 -83.39 76.98 58.55
CA ASN E 871 -82.01 77.13 58.12
C ASN E 871 -81.91 78.38 57.27
N VAL E 872 -80.67 78.87 57.11
CA VAL E 872 -80.38 80.03 56.27
C VAL E 872 -79.90 79.55 54.92
N LYS E 873 -80.54 80.05 53.86
CA LYS E 873 -80.19 79.70 52.49
C LYS E 873 -81.01 80.59 51.56
N ARG E 874 -80.51 80.72 50.33
CA ARG E 874 -81.21 81.53 49.33
C ARG E 874 -82.42 80.79 48.78
N HIS E 875 -83.30 81.55 48.13
CA HIS E 875 -84.49 81.00 47.51
C HIS E 875 -84.79 81.75 46.22
N ILE E 876 -85.51 81.09 45.32
CA ILE E 876 -85.94 81.67 44.05
C ILE E 876 -87.45 81.84 44.11
N ALA E 877 -87.92 83.09 44.06
CA ALA E 877 -89.34 83.37 44.21
C ALA E 877 -90.18 82.83 43.06
N LEU E 878 -89.56 82.51 41.92
CA LEU E 878 -90.32 82.08 40.75
C LEU E 878 -91.14 80.83 41.04
N GLU E 879 -90.46 79.71 41.34
CA GLU E 879 -91.17 78.48 41.63
C GLU E 879 -91.81 78.51 43.02
N LEU E 880 -91.32 79.37 43.92
CA LEU E 880 -91.99 79.53 45.20
C LEU E 880 -93.40 80.08 45.02
N SER E 881 -93.58 81.00 44.08
CA SER E 881 -94.93 81.48 43.77
C SER E 881 -95.81 80.35 43.27
N GLN E 882 -95.28 79.52 42.37
CA GLN E 882 -96.06 78.40 41.85
C GLN E 882 -96.45 77.43 42.96
N GLU E 883 -95.54 77.14 43.86
CA GLU E 883 -95.88 76.32 45.02
C GLU E 883 -96.90 77.02 45.90
N LEU E 884 -96.88 78.36 45.94
CA LEU E 884 -97.90 79.10 46.69
C LEU E 884 -99.28 78.87 46.10
N GLU E 885 -99.43 78.92 44.77
CA GLU E 885 -100.72 78.51 44.22
C GLU E 885 -100.99 77.03 44.47
N ASN E 886 -99.95 76.20 44.52
CA ASN E 886 -100.13 74.79 44.85
C ASN E 886 -100.55 74.56 46.29
N SER E 887 -100.42 75.56 47.16
CA SER E 887 -100.77 75.41 48.56
C SER E 887 -102.28 75.58 48.75
N VAL E 888 -102.71 75.53 50.02
CA VAL E 888 -104.12 75.67 50.35
C VAL E 888 -104.62 77.09 50.11
N LEU E 889 -103.71 78.06 50.01
CA LEU E 889 -104.08 79.45 49.76
C LEU E 889 -104.52 79.72 48.33
N GLU E 890 -104.70 78.66 47.53
CA GLU E 890 -105.15 78.84 46.15
C GLU E 890 -106.52 79.50 46.09
N LYS E 891 -107.43 79.09 46.97
CA LYS E 891 -108.76 79.69 47.01
C LYS E 891 -108.66 81.18 47.36
N TYR E 892 -107.74 81.54 48.25
CA TYR E 892 -107.49 82.94 48.59
C TYR E 892 -106.40 83.55 47.71
N LEU E 893 -106.55 83.39 46.39
CA LEU E 893 -105.63 83.95 45.42
C LEU E 893 -106.44 84.54 44.28
N GLN E 894 -106.50 85.86 44.20
CA GLN E 894 -107.33 86.56 43.23
C GLN E 894 -106.47 87.03 42.07
N TRP E 895 -107.12 87.32 40.95
CA TRP E 895 -106.42 87.94 39.84
C TRP E 895 -106.30 89.45 40.08
N SER E 896 -105.63 90.13 39.16
CA SER E 896 -105.37 91.56 39.33
C SER E 896 -105.76 92.32 38.08
N PRO E 897 -106.13 93.60 38.23
CA PRO E 897 -106.34 94.43 37.04
C PRO E 897 -105.11 94.54 36.16
N ASN E 898 -103.92 94.47 36.74
CA ASN E 898 -102.67 94.42 36.00
C ASN E 898 -102.34 93.01 35.52
N LYS E 899 -103.33 92.10 35.53
CA LYS E 899 -103.18 90.73 35.03
C LYS E 899 -102.13 89.95 35.81
N THR E 900 -102.07 90.14 37.11
CA THR E 900 -101.18 89.39 37.99
C THR E 900 -102.00 88.66 39.05
N ARG E 901 -101.31 88.04 39.99
CA ARG E 901 -101.92 87.30 41.08
C ARG E 901 -101.72 88.08 42.39
N ILE E 902 -102.83 88.43 43.04
CA ILE E 902 -102.80 89.12 44.32
C ILE E 902 -103.45 88.22 45.36
N LEU E 903 -103.34 88.64 46.62
CA LEU E 903 -103.87 87.89 47.75
C LEU E 903 -105.12 88.56 48.28
N LYS E 904 -105.99 87.77 48.89
CA LYS E 904 -107.20 88.28 49.52
C LYS E 904 -107.59 87.37 50.67
N GLY E 905 -108.35 87.93 51.60
CA GLY E 905 -108.80 87.16 52.76
C GLY E 905 -107.67 86.59 53.58
N CYS E 906 -106.58 87.34 53.72
CA CYS E 906 -105.41 86.89 54.46
C CYS E 906 -104.83 88.05 55.25
N ARG E 907 -104.11 87.73 56.31
CA ARG E 907 -103.46 88.73 57.15
C ARG E 907 -102.08 88.24 57.52
N ILE E 908 -101.05 88.94 57.06
CA ILE E 908 -99.67 88.58 57.36
C ILE E 908 -99.41 88.83 58.84
N LEU E 909 -99.27 87.76 59.62
CA LEU E 909 -99.08 87.87 61.05
C LEU E 909 -97.61 87.80 61.41
N HIS E 910 -97.24 88.51 62.48
CA HIS E 910 -95.88 88.53 62.99
C HIS E 910 -95.89 88.11 64.45
N LYS E 911 -94.75 87.58 64.90
CA LYS E 911 -94.56 87.05 66.26
C LYS E 911 -95.69 86.09 66.64
N PHE E 912 -95.90 85.86 67.94
CA PHE E 912 -96.96 84.95 68.36
C PHE E 912 -98.33 85.56 68.16
N GLU E 913 -98.51 86.82 68.55
CA GLU E 913 -99.79 87.52 68.46
C GLU E 913 -100.95 86.73 69.05
N THR E 914 -102.17 87.07 68.62
CA THR E 914 -103.38 86.36 69.06
C THR E 914 -104.21 86.00 67.84
N LEU E 915 -105.46 85.57 68.06
CA LEU E 915 -106.32 85.21 66.95
C LEU E 915 -106.67 86.41 66.08
N GLN E 916 -106.68 87.62 66.65
CA GLN E 916 -107.10 88.84 65.98
C GLN E 916 -108.45 88.66 65.29
N PRO E 917 -109.56 88.59 66.05
CA PRO E 917 -110.89 88.41 65.48
C PRO E 917 -111.31 89.57 64.58
N ILE E 935 -100.22 44.67 65.93
CA ILE E 935 -101.29 43.83 65.43
C ILE E 935 -101.51 42.67 66.39
N CYS E 936 -100.67 41.64 66.30
CA CYS E 936 -100.72 40.49 67.19
C CYS E 936 -99.30 40.02 67.44
N GLU E 937 -99.16 38.86 68.05
CA GLU E 937 -97.86 38.28 68.33
C GLU E 937 -97.84 36.81 67.92
N PRO E 938 -96.67 36.29 67.55
CA PRO E 938 -96.57 34.86 67.25
C PRO E 938 -96.58 34.03 68.53
N LYS E 939 -96.99 32.77 68.39
CA LYS E 939 -96.94 31.86 69.53
C LYS E 939 -95.51 31.66 70.01
N ASN E 940 -94.65 31.06 69.17
CA ASN E 940 -93.22 31.05 69.43
C ASN E 940 -92.38 31.16 68.17
N LYS E 941 -92.99 31.30 66.98
CA LYS E 941 -92.27 31.28 65.71
C LYS E 941 -92.83 32.37 64.80
N TRP E 942 -92.23 33.56 64.86
CA TRP E 942 -92.58 34.60 63.90
C TRP E 942 -91.96 34.35 62.54
N TRP E 943 -90.75 33.77 62.51
CA TRP E 943 -90.12 33.41 61.25
C TRP E 943 -90.89 32.32 60.52
N GLU E 944 -91.83 31.66 61.21
CA GLU E 944 -92.76 30.76 60.54
C GLU E 944 -93.64 31.51 59.53
N TRP E 945 -93.66 32.84 59.61
CA TRP E 945 -94.27 33.80 58.71
C TRP E 945 -95.78 33.88 58.89
N SER E 946 -96.40 33.02 59.70
CA SER E 946 -97.84 33.08 59.97
C SER E 946 -98.61 32.88 58.66
N PRO E 947 -99.95 32.97 58.65
CA PRO E 947 -100.66 32.97 57.37
C PRO E 947 -100.38 34.20 56.53
N ASN E 948 -101.01 34.29 55.36
CA ASN E 948 -100.77 35.40 54.43
C ASN E 948 -100.93 36.77 55.07
N PRO E 949 -101.98 37.06 55.84
CA PRO E 949 -102.00 38.36 56.54
C PRO E 949 -100.85 38.55 57.49
N SER E 950 -100.40 37.48 58.15
CA SER E 950 -99.26 37.51 59.07
C SER E 950 -99.42 38.58 60.15
N THR F 11 -28.34 1.73 43.57
CA THR F 11 -29.51 2.52 43.21
C THR F 11 -29.32 3.18 41.85
N ILE F 12 -28.23 3.94 41.72
CA ILE F 12 -27.91 4.58 40.45
C ILE F 12 -27.58 3.54 39.39
N GLN F 13 -27.05 2.38 39.81
CA GLN F 13 -26.71 1.32 38.86
C GLN F 13 -27.92 0.85 38.08
N LEU F 14 -29.11 0.89 38.69
CA LEU F 14 -30.32 0.55 37.94
C LEU F 14 -30.54 1.50 36.77
N THR F 15 -30.37 2.81 37.02
CA THR F 15 -30.50 3.78 35.94
C THR F 15 -29.40 3.59 34.89
N ALA F 16 -28.18 3.29 35.34
CA ALA F 16 -27.08 3.08 34.40
C ALA F 16 -27.37 1.89 33.47
N GLN F 17 -27.86 0.79 34.04
CA GLN F 17 -28.25 -0.36 33.23
C GLN F 17 -29.41 0.00 32.31
N ARG F 18 -30.38 0.74 32.80
CA ARG F 18 -31.47 1.23 31.96
C ARG F 18 -30.97 2.10 30.82
N LYS F 19 -29.83 2.75 30.98
CA LYS F 19 -29.28 3.63 29.94
C LYS F 19 -28.48 2.87 28.90
N TYR F 20 -27.45 2.13 29.31
CA TYR F 20 -26.53 1.55 28.34
C TYR F 20 -26.79 0.08 28.03
N LEU F 21 -27.95 -0.45 28.38
CA LEU F 21 -28.31 -1.83 28.07
C LEU F 21 -29.67 -1.83 27.37
N ALA F 22 -29.65 -2.08 26.06
CA ALA F 22 -30.89 -2.07 25.28
C ALA F 22 -31.80 -3.25 25.67
N GLU F 23 -31.21 -4.40 26.00
CA GLU F 23 -32.01 -5.54 26.41
C GLU F 23 -32.84 -5.24 27.65
N VAL F 24 -32.31 -4.40 28.55
CA VAL F 24 -33.09 -3.97 29.71
C VAL F 24 -34.30 -3.17 29.27
N GLN F 25 -34.13 -2.31 28.27
CA GLN F 25 -35.27 -1.54 27.75
C GLN F 25 -36.30 -2.45 27.10
N ALA F 26 -35.84 -3.47 26.36
CA ALA F 26 -36.78 -4.43 25.81
C ALA F 26 -37.52 -5.18 26.90
N LEU F 27 -36.82 -5.52 27.99
CA LEU F 27 -37.48 -6.16 29.14
C LEU F 27 -38.53 -5.24 29.74
N GLU F 28 -38.21 -3.95 29.88
CA GLU F 28 -39.18 -3.00 30.42
C GLU F 28 -40.40 -2.88 29.52
N THR F 29 -40.19 -2.82 28.21
CA THR F 29 -41.31 -2.77 27.28
C THR F 29 -42.18 -4.03 27.39
N LEU F 30 -41.53 -5.20 27.49
CA LEU F 30 -42.28 -6.44 27.64
C LEU F 30 -43.09 -6.45 28.94
N LEU F 31 -42.49 -5.96 30.02
CA LEU F 31 -43.21 -5.88 31.30
C LEU F 31 -44.40 -4.94 31.20
N THR F 32 -44.21 -3.78 30.56
CA THR F 32 -45.26 -2.76 30.55
C THR F 32 -46.40 -3.13 29.62
N ARG F 33 -46.10 -3.71 28.46
CA ARG F 33 -47.14 -3.96 27.46
C ARG F 33 -47.78 -5.34 27.64
N GLU F 34 -46.98 -6.40 27.52
CA GLU F 34 -47.54 -7.75 27.53
C GLU F 34 -47.94 -8.20 28.92
N LEU F 35 -47.14 -7.87 29.94
CA LEU F 35 -47.37 -8.39 31.28
C LEU F 35 -48.35 -7.55 32.10
N SER F 36 -48.76 -6.39 31.60
CA SER F 36 -49.75 -5.58 32.32
C SER F 36 -51.09 -6.31 32.41
N VAL F 37 -51.51 -6.95 31.32
CA VAL F 37 -52.80 -7.63 31.33
C VAL F 37 -52.78 -8.84 32.26
N PHE F 38 -51.63 -9.45 32.47
CA PHE F 38 -51.53 -10.60 33.37
C PHE F 38 -51.17 -10.17 34.78
N LEU F 39 -51.93 -9.22 35.32
CA LEU F 39 -51.70 -8.74 36.68
C LEU F 39 -52.35 -9.68 37.68
N THR F 40 -51.89 -9.58 38.93
CA THR F 40 -52.38 -10.45 39.98
C THR F 40 -52.48 -9.65 41.28
N GLU F 41 -53.49 -9.97 42.08
CA GLU F 41 -53.70 -9.26 43.34
C GLU F 41 -52.52 -9.50 44.28
N PRO F 42 -52.16 -8.49 45.09
CA PRO F 42 -51.00 -8.65 45.99
C PRO F 42 -51.18 -9.77 47.01
N GLY F 43 -52.40 -10.00 47.50
CA GLY F 43 -52.60 -11.00 48.53
C GLY F 43 -52.98 -12.37 48.01
N SER F 44 -53.36 -12.44 46.73
CA SER F 44 -53.77 -13.70 46.14
C SER F 44 -52.56 -14.60 45.90
N LYS F 45 -52.76 -15.91 46.05
CA LYS F 45 -51.69 -16.89 45.83
C LYS F 45 -51.56 -17.30 44.37
N LYS F 46 -52.41 -16.79 43.48
CA LYS F 46 -52.36 -17.19 42.08
C LYS F 46 -51.13 -16.67 41.37
N THR F 47 -50.45 -15.68 41.93
CA THR F 47 -49.27 -15.10 41.27
C THR F 47 -48.13 -16.12 41.24
N ASN F 48 -47.34 -16.06 40.17
CA ASN F 48 -46.15 -16.88 40.04
C ASN F 48 -44.86 -16.09 39.94
N ILE F 49 -44.91 -14.83 39.51
CA ILE F 49 -43.72 -13.99 39.39
C ILE F 49 -43.93 -12.73 40.20
N ILE F 50 -43.02 -12.46 41.13
CA ILE F 50 -43.12 -11.31 42.01
C ILE F 50 -41.82 -10.50 41.90
N ASN F 51 -41.93 -9.22 41.59
CA ASN F 51 -40.79 -8.32 41.55
C ASN F 51 -40.71 -7.58 42.88
N ARG F 52 -39.83 -8.04 43.77
CA ARG F 52 -39.73 -7.42 45.09
C ARG F 52 -39.20 -5.98 45.02
N ILE F 53 -38.57 -5.60 43.91
CA ILE F 53 -38.15 -4.21 43.73
C ILE F 53 -39.37 -3.29 43.69
N THR F 54 -40.39 -3.68 42.92
CA THR F 54 -41.58 -2.86 42.73
C THR F 54 -42.85 -3.47 43.30
N GLY F 55 -42.81 -4.72 43.77
CA GLY F 55 -43.98 -5.33 44.36
C GLY F 55 -45.00 -5.84 43.38
N LYS F 56 -44.73 -5.78 42.07
CA LYS F 56 -45.69 -6.27 41.09
C LYS F 56 -45.76 -7.79 41.12
N THR F 57 -46.98 -8.32 41.10
CA THR F 57 -47.23 -9.75 41.14
C THR F 57 -48.00 -10.16 39.89
N TYR F 58 -47.55 -11.22 39.23
CA TYR F 58 -48.13 -11.69 37.99
C TYR F 58 -48.31 -13.20 38.03
N ALA F 59 -49.26 -13.66 37.21
CA ALA F 59 -49.61 -15.07 37.09
C ALA F 59 -49.46 -15.50 35.64
N LEU F 60 -48.30 -15.19 35.06
CA LEU F 60 -48.10 -15.34 33.62
C LEU F 60 -48.34 -16.79 33.19
N PRO F 61 -49.02 -17.00 32.06
CA PRO F 61 -49.16 -18.36 31.52
C PRO F 61 -47.83 -18.92 31.02
N SER F 62 -47.88 -20.13 30.44
CA SER F 62 -46.65 -20.80 30.03
C SER F 62 -45.89 -20.00 28.98
N THR F 63 -46.58 -19.46 27.98
CA THR F 63 -45.91 -18.71 26.94
C THR F 63 -45.20 -17.48 27.50
N GLU F 64 -45.90 -16.72 28.34
CA GLU F 64 -45.27 -15.55 28.95
C GLU F 64 -44.10 -15.96 29.84
N LEU F 65 -44.26 -17.05 30.60
CA LEU F 65 -43.18 -17.50 31.47
C LEU F 65 -41.93 -17.84 30.66
N LEU F 66 -42.09 -18.59 29.57
CA LEU F 66 -40.93 -18.97 28.76
C LEU F 66 -40.33 -17.74 28.06
N ARG F 67 -41.16 -16.80 27.62
CA ARG F 67 -40.63 -15.59 27.01
C ARG F 67 -39.82 -14.78 28.00
N LEU F 68 -40.31 -14.64 29.23
CA LEU F 68 -39.55 -13.95 30.27
C LEU F 68 -38.25 -14.68 30.59
N TYR F 69 -38.28 -16.02 30.61
CA TYR F 69 -37.03 -16.75 30.83
C TYR F 69 -36.04 -16.49 29.72
N GLU F 70 -36.49 -16.52 28.47
CA GLU F 70 -35.61 -16.26 27.33
C GLU F 70 -35.01 -14.86 27.43
N HIS F 71 -35.84 -13.87 27.77
CA HIS F 71 -35.33 -12.51 27.82
C HIS F 71 -34.37 -12.31 28.99
N LEU F 72 -34.69 -12.91 30.15
CA LEU F 72 -33.82 -12.80 31.32
C LEU F 72 -32.49 -13.51 31.11
N GLU F 73 -32.44 -14.52 30.24
CA GLU F 73 -31.18 -15.18 29.96
C GLU F 73 -30.16 -14.19 29.39
N GLN F 74 -30.59 -13.33 28.47
CA GLN F 74 -29.68 -12.37 27.88
C GLN F 74 -29.14 -11.38 28.90
N CYS F 75 -30.01 -10.87 29.78
CA CYS F 75 -29.54 -9.90 30.78
C CYS F 75 -28.65 -10.58 31.81
N ARG F 76 -28.94 -11.84 32.16
CA ARG F 76 -28.08 -12.58 33.08
C ARG F 76 -26.70 -12.79 32.47
N LYS F 77 -26.64 -13.19 31.20
CA LYS F 77 -25.36 -13.37 30.54
C LYS F 77 -24.64 -12.04 30.30
N GLN F 78 -25.39 -10.94 30.25
CA GLN F 78 -24.76 -9.62 30.09
C GLN F 78 -24.10 -9.15 31.37
N GLY F 79 -24.67 -9.48 32.53
CA GLY F 79 -24.12 -9.05 33.79
C GLY F 79 -24.93 -7.95 34.46
N ALA F 80 -26.25 -8.03 34.33
CA ALA F 80 -27.13 -7.03 34.90
C ALA F 80 -27.56 -7.44 36.31
N LEU F 81 -28.48 -6.67 36.90
CA LEU F 81 -28.99 -6.94 38.24
C LEU F 81 -30.51 -6.94 38.20
N MET F 82 -31.12 -7.89 38.90
CA MET F 82 -32.58 -7.92 38.98
C MET F 82 -32.96 -8.73 40.21
N TYR F 83 -34.18 -8.52 40.70
CA TYR F 83 -34.67 -9.13 41.94
C TYR F 83 -36.01 -9.80 41.73
N PHE F 84 -36.15 -10.60 40.67
CA PHE F 84 -37.34 -11.40 40.49
C PHE F 84 -37.40 -12.54 41.51
N LEU F 85 -38.63 -13.00 41.79
CA LEU F 85 -38.87 -14.09 42.71
C LEU F 85 -40.04 -14.92 42.20
N GLU F 86 -40.06 -16.18 42.60
CA GLU F 86 -41.14 -17.09 42.23
C GLU F 86 -41.55 -17.90 43.45
N ARG F 87 -42.82 -18.31 43.46
CA ARG F 87 -43.36 -19.13 44.54
C ARG F 87 -43.95 -20.41 43.97
N GLN F 88 -43.67 -21.52 44.65
CA GLN F 88 -44.07 -22.84 44.18
C GLN F 88 -45.58 -23.04 44.35
N GLY F 89 -46.11 -23.97 43.56
CA GLY F 89 -47.51 -24.35 43.66
C GLY F 89 -47.68 -25.74 44.24
N THR F 90 -48.71 -26.46 43.80
CA THR F 90 -48.92 -27.82 44.28
C THR F 90 -47.97 -28.81 43.60
N TYR F 91 -47.55 -28.53 42.37
CA TYR F 91 -46.60 -29.37 41.65
C TYR F 91 -45.37 -28.54 41.33
N SER F 92 -44.24 -28.88 41.94
CA SER F 92 -43.01 -28.13 41.76
C SER F 92 -41.83 -29.00 42.18
N GLY F 93 -40.64 -28.56 41.80
CA GLY F 93 -39.42 -29.23 42.19
C GLY F 93 -39.03 -28.91 43.62
N LEU F 94 -37.75 -29.11 43.91
CA LEU F 94 -37.20 -28.90 45.25
C LEU F 94 -36.21 -27.75 45.22
N MET F 95 -36.43 -26.78 46.11
CA MET F 95 -35.47 -25.72 46.38
C MET F 95 -34.89 -25.94 47.77
N LEU F 96 -33.59 -25.71 47.92
CA LEU F 96 -32.91 -26.01 49.17
C LEU F 96 -31.72 -25.07 49.33
N ASP F 97 -31.38 -24.78 50.59
CA ASP F 97 -30.30 -23.85 50.90
C ASP F 97 -29.43 -24.42 52.02
N TYR F 98 -28.17 -23.98 52.02
CA TYR F 98 -27.23 -24.25 53.10
C TYR F 98 -26.81 -22.93 53.74
N ASP F 99 -27.09 -22.80 55.03
CA ASP F 99 -26.56 -21.68 55.82
C ASP F 99 -25.32 -22.13 56.59
N LEU F 100 -24.32 -22.58 55.82
CA LEU F 100 -23.07 -23.09 56.39
C LEU F 100 -22.23 -21.93 56.88
N LYS F 101 -22.56 -21.46 58.08
CA LYS F 101 -21.83 -20.37 58.73
C LYS F 101 -20.65 -20.98 59.46
N LEU F 102 -19.47 -20.90 58.85
CA LEU F 102 -18.27 -21.54 59.38
C LEU F 102 -17.34 -20.55 60.03
N ASN F 103 -16.51 -21.06 60.95
CA ASN F 103 -15.50 -20.24 61.60
C ASN F 103 -14.45 -19.74 60.61
N THR F 104 -14.04 -20.58 59.67
CA THR F 104 -13.08 -20.19 58.64
C THR F 104 -13.82 -19.67 57.42
N ASN F 105 -13.51 -18.42 57.04
CA ASN F 105 -14.13 -17.78 55.87
C ASN F 105 -13.25 -17.99 54.63
N ALA F 106 -13.03 -19.25 54.30
CA ALA F 106 -12.21 -19.63 53.15
C ALA F 106 -12.99 -20.59 52.27
N VAL F 107 -12.66 -20.57 50.98
CA VAL F 107 -13.38 -21.43 50.03
C VAL F 107 -13.00 -22.90 50.28
N PRO F 108 -13.97 -23.78 50.50
CA PRO F 108 -13.65 -25.20 50.66
C PRO F 108 -13.56 -25.87 49.31
N PRO F 109 -12.54 -26.71 49.10
CA PRO F 109 -12.42 -27.40 47.82
C PRO F 109 -13.45 -28.51 47.66
N LEU F 110 -14.68 -28.15 47.31
CA LEU F 110 -15.71 -29.15 47.07
C LEU F 110 -15.36 -29.95 45.82
N GLU F 111 -15.69 -31.24 45.86
CA GLU F 111 -15.31 -32.13 44.79
C GLU F 111 -16.54 -32.76 44.13
N PRO F 112 -16.46 -33.06 42.84
CA PRO F 112 -17.58 -33.73 42.16
C PRO F 112 -17.95 -35.06 42.81
N PRO F 113 -16.99 -35.86 43.29
CA PRO F 113 -17.41 -37.05 44.06
C PRO F 113 -18.21 -36.74 45.30
N ALA F 114 -17.89 -35.64 46.00
CA ALA F 114 -18.66 -35.27 47.18
C ALA F 114 -20.10 -34.93 46.82
N LEU F 115 -20.28 -34.15 45.74
CA LEU F 115 -21.62 -33.82 45.29
C LEU F 115 -22.37 -35.05 44.82
N SER F 116 -21.67 -35.97 44.14
CA SER F 116 -22.31 -37.21 43.70
C SER F 116 -22.77 -38.05 44.90
N ARG F 117 -21.95 -38.13 45.94
CA ARG F 117 -22.34 -38.89 47.12
C ARG F 117 -23.48 -38.21 47.86
N LEU F 118 -23.51 -36.88 47.86
CA LEU F 118 -24.66 -36.17 48.42
C LEU F 118 -25.92 -36.47 47.62
N CYS F 119 -25.80 -36.55 46.28
CA CYS F 119 -26.92 -36.93 45.44
C CYS F 119 -27.41 -38.33 45.78
N HIS F 120 -26.49 -39.26 45.98
CA HIS F 120 -26.88 -40.62 46.38
C HIS F 120 -27.58 -40.60 47.73
N ARG F 121 -27.06 -39.82 48.68
CA ARG F 121 -27.67 -39.75 50.01
C ARG F 121 -29.10 -39.23 49.93
N ILE F 122 -29.31 -38.13 49.20
CA ILE F 122 -30.65 -37.57 49.09
C ILE F 122 -31.56 -38.49 48.28
N PHE F 123 -31.00 -39.20 47.28
CA PHE F 123 -31.78 -40.18 46.54
C PHE F 123 -32.30 -41.27 47.47
N VAL F 124 -31.43 -41.81 48.32
CA VAL F 124 -31.85 -42.81 49.30
C VAL F 124 -32.90 -42.21 50.24
N HIS F 125 -32.68 -40.96 50.67
CA HIS F 125 -33.61 -40.28 51.56
C HIS F 125 -34.97 -40.04 50.93
N ILE F 126 -35.07 -39.99 49.60
CA ILE F 126 -36.33 -39.70 48.93
C ILE F 126 -37.00 -40.91 48.31
N LYS F 127 -36.30 -42.05 48.19
CA LYS F 127 -36.96 -43.23 47.63
C LYS F 127 -38.13 -43.72 48.48
N ASN F 128 -38.16 -43.39 49.77
CA ASN F 128 -39.31 -43.77 50.60
C ASN F 128 -40.44 -42.75 50.48
N SER F 129 -40.85 -42.47 49.24
CA SER F 129 -41.88 -41.49 48.95
C SER F 129 -42.43 -41.79 47.55
N SER F 130 -43.23 -40.87 47.03
CA SER F 130 -43.83 -41.03 45.71
C SER F 130 -42.75 -40.86 44.64
N VAL F 131 -42.47 -41.94 43.91
CA VAL F 131 -41.48 -41.93 42.84
C VAL F 131 -42.08 -42.60 41.61
N LEU F 132 -41.49 -42.31 40.46
CA LEU F 132 -41.96 -42.86 39.19
C LEU F 132 -41.25 -44.17 38.87
N ILE F 139 -32.89 -37.65 36.58
CA ILE F 139 -33.19 -36.41 37.28
C ILE F 139 -32.00 -35.46 37.14
N HIS F 140 -32.30 -34.20 36.85
CA HIS F 140 -31.28 -33.17 36.68
C HIS F 140 -31.01 -32.49 38.01
N PHE F 141 -29.76 -32.51 38.45
CA PHE F 141 -29.33 -31.91 39.70
C PHE F 141 -28.51 -30.68 39.34
N PHE F 142 -28.80 -29.55 39.97
CA PHE F 142 -28.06 -28.32 39.73
C PHE F 142 -27.45 -27.82 41.03
N PHE F 143 -26.24 -27.28 40.95
CA PHE F 143 -25.45 -26.93 42.12
C PHE F 143 -24.87 -25.54 41.91
N THR F 144 -25.37 -24.57 42.68
CA THR F 144 -24.93 -23.18 42.62
C THR F 144 -24.43 -22.74 43.99
N LEU F 145 -23.35 -21.95 43.98
CA LEU F 145 -22.66 -21.56 45.21
C LEU F 145 -22.66 -20.05 45.35
N LYS F 146 -22.63 -19.60 46.60
CA LYS F 146 -22.49 -18.18 46.89
C LYS F 146 -21.12 -17.69 46.45
N PRO F 147 -21.01 -16.44 46.00
CA PRO F 147 -19.70 -15.91 45.55
C PRO F 147 -18.65 -15.82 46.65
N GLU F 148 -18.94 -16.26 47.86
CA GLU F 148 -18.00 -16.26 48.99
C GLU F 148 -17.61 -14.81 49.30
N VAL F 149 -16.40 -14.63 49.84
CA VAL F 149 -15.88 -13.33 50.24
C VAL F 149 -16.86 -12.70 51.22
N VAL F 150 -17.12 -13.41 52.32
CA VAL F 150 -18.04 -12.94 53.34
C VAL F 150 -17.79 -13.78 54.59
N GLN F 151 -18.18 -13.26 55.75
CA GLN F 151 -18.03 -13.98 57.00
C GLN F 151 -18.92 -15.21 57.01
N GLY F 152 -18.53 -16.20 57.83
CA GLY F 152 -19.32 -17.41 57.96
C GLY F 152 -19.39 -18.24 56.70
N LYS F 153 -18.27 -18.44 56.02
CA LYS F 153 -18.19 -19.26 54.80
C LYS F 153 -19.16 -18.66 53.77
N TYR F 154 -20.01 -19.47 53.15
CA TYR F 154 -20.93 -19.00 52.13
C TYR F 154 -22.14 -19.93 52.11
N GLY F 155 -22.98 -19.79 51.09
CA GLY F 155 -24.17 -20.60 50.98
C GLY F 155 -24.23 -21.41 49.69
N PHE F 156 -24.95 -22.53 49.73
CA PHE F 156 -25.06 -23.44 48.60
C PHE F 156 -26.52 -23.77 48.37
N HIS F 157 -26.93 -23.89 47.10
CA HIS F 157 -28.31 -24.21 46.76
C HIS F 157 -28.33 -25.38 45.78
N VAL F 158 -28.80 -26.53 46.24
CA VAL F 158 -29.04 -27.66 45.36
C VAL F 158 -30.46 -27.54 44.79
N LEU F 159 -30.57 -27.73 43.47
CA LEU F 159 -31.82 -27.53 42.77
C LEU F 159 -32.23 -28.82 42.07
N ILE F 160 -33.45 -29.26 42.33
CA ILE F 160 -34.01 -30.49 41.77
C ILE F 160 -35.35 -30.16 41.12
N PRO F 161 -35.38 -29.53 39.95
CA PRO F 161 -36.65 -29.14 39.33
C PRO F 161 -37.29 -30.22 38.45
N GLY F 162 -36.72 -31.42 38.40
CA GLY F 162 -37.27 -32.44 37.52
C GLY F 162 -38.65 -32.91 37.94
N LEU F 163 -38.85 -33.15 39.23
CA LEU F 163 -40.08 -33.75 39.71
C LEU F 163 -41.11 -32.68 40.08
N LYS F 164 -42.30 -33.14 40.46
CA LYS F 164 -43.39 -32.27 40.90
C LYS F 164 -44.13 -32.97 42.05
N LEU F 165 -43.64 -32.75 43.26
CA LEU F 165 -44.19 -33.38 44.45
C LEU F 165 -44.29 -32.37 45.60
N ALA F 166 -44.74 -31.16 45.30
CA ALA F 166 -44.83 -30.11 46.32
C ALA F 166 -45.99 -30.41 47.25
N ALA F 167 -45.69 -31.00 48.40
CA ALA F 167 -46.70 -31.35 49.40
C ALA F 167 -45.99 -31.49 50.74
N SER F 168 -46.69 -32.09 51.71
CA SER F 168 -46.09 -32.36 53.01
C SER F 168 -44.93 -33.35 52.92
N THR F 169 -44.83 -34.10 51.82
CA THR F 169 -43.69 -34.98 51.62
C THR F 169 -42.38 -34.20 51.59
N LYS F 170 -42.40 -32.99 51.02
CA LYS F 170 -41.21 -32.14 51.06
C LYS F 170 -40.82 -31.81 52.49
N LYS F 171 -41.81 -31.47 53.33
CA LYS F 171 -41.51 -31.22 54.73
C LYS F 171 -40.94 -32.45 55.42
N SER F 172 -41.50 -33.63 55.10
CA SER F 172 -40.99 -34.87 55.70
C SER F 172 -39.55 -35.12 55.30
N ILE F 173 -39.22 -34.93 54.02
CA ILE F 173 -37.85 -35.15 53.56
C ILE F 173 -36.91 -34.12 54.17
N ILE F 174 -37.35 -32.87 54.30
CA ILE F 174 -36.52 -31.84 54.91
C ILE F 174 -36.23 -32.19 56.36
N GLY F 175 -37.25 -32.62 57.09
CA GLY F 175 -37.04 -33.05 58.47
C GLY F 175 -36.12 -34.25 58.57
N SER F 176 -36.25 -35.20 57.64
CA SER F 176 -35.36 -36.36 57.63
C SER F 176 -33.91 -35.93 57.42
N LEU F 177 -33.68 -34.98 56.51
CA LEU F 177 -32.33 -34.46 56.31
C LEU F 177 -31.85 -33.64 57.50
N GLN F 178 -32.76 -33.04 58.26
CA GLN F 178 -32.35 -32.33 59.47
C GLN F 178 -31.72 -33.27 60.49
N HIS F 179 -32.29 -34.46 60.66
CA HIS F 179 -31.75 -35.44 61.58
C HIS F 179 -30.71 -36.34 60.96
N ASP F 180 -30.46 -36.20 59.66
CA ASP F 180 -29.43 -37.00 59.00
C ASP F 180 -28.05 -36.60 59.52
N ALA F 181 -27.25 -37.60 59.91
CA ALA F 181 -25.90 -37.36 60.37
C ALA F 181 -24.85 -37.63 59.30
N THR F 182 -25.19 -38.38 58.25
CA THR F 182 -24.25 -38.61 57.17
C THR F 182 -23.90 -37.30 56.47
N VAL F 183 -24.90 -36.44 56.24
CA VAL F 183 -24.62 -35.12 55.67
C VAL F 183 -23.80 -34.28 56.64
N GLN F 184 -24.03 -34.45 57.94
CA GLN F 184 -23.20 -33.78 58.94
C GLN F 184 -21.75 -34.25 58.84
N LYS F 185 -21.54 -35.55 58.66
CA LYS F 185 -20.19 -36.06 58.48
C LYS F 185 -19.56 -35.53 57.19
N ILE F 186 -20.34 -35.43 56.11
CA ILE F 186 -19.84 -34.86 54.87
C ILE F 186 -19.41 -33.41 55.10
N LEU F 187 -20.20 -32.66 55.85
CA LEU F 187 -19.80 -31.30 56.21
C LEU F 187 -18.51 -31.30 57.02
N HIS F 188 -18.40 -32.21 57.99
CA HIS F 188 -17.18 -32.31 58.79
C HIS F 188 -15.97 -32.72 57.98
N GLU F 189 -16.17 -33.31 56.80
CA GLU F 189 -15.03 -33.63 55.93
C GLU F 189 -14.29 -32.35 55.53
N GLN F 190 -15.04 -31.29 55.22
CA GLN F 190 -14.44 -30.00 54.87
C GLN F 190 -14.18 -29.11 56.08
N GLY F 191 -14.46 -29.59 57.28
CA GLY F 191 -14.24 -28.81 58.48
C GLY F 191 -15.33 -27.79 58.75
N VAL F 192 -16.57 -28.27 58.86
CA VAL F 192 -17.73 -27.41 59.07
C VAL F 192 -18.00 -27.34 60.58
N THR F 193 -18.05 -26.13 61.10
CA THR F 193 -18.32 -25.90 62.53
C THR F 193 -19.80 -25.83 62.85
N ASN F 194 -20.68 -25.96 61.84
CA ASN F 194 -22.12 -25.90 62.03
C ASN F 194 -22.71 -27.18 61.45
N PRO F 195 -22.71 -28.26 62.21
CA PRO F 195 -23.17 -29.56 61.68
C PRO F 195 -24.61 -29.55 61.21
N GLU F 196 -25.46 -28.71 61.80
CA GLU F 196 -26.87 -28.66 61.43
C GLU F 196 -27.31 -27.19 61.43
N SER F 197 -28.63 -26.99 61.34
CA SER F 197 -29.30 -25.69 61.31
C SER F 197 -29.04 -24.92 60.03
N CYS F 198 -28.22 -25.45 59.11
CA CYS F 198 -27.97 -24.76 57.85
C CYS F 198 -29.22 -24.72 56.99
N LEU F 199 -29.96 -25.82 56.92
CA LEU F 199 -31.17 -25.91 56.11
C LEU F 199 -32.36 -25.48 56.97
N ASP F 200 -32.92 -24.31 56.65
CA ASP F 200 -34.10 -23.85 57.37
C ASP F 200 -35.30 -24.72 57.02
N PRO F 201 -36.17 -25.01 57.98
CA PRO F 201 -37.36 -25.84 57.68
C PRO F 201 -38.29 -25.21 56.68
N HIS F 202 -38.28 -23.88 56.55
CA HIS F 202 -39.16 -23.18 55.62
C HIS F 202 -38.53 -22.97 54.25
N SER F 203 -37.38 -23.58 53.97
CA SER F 203 -36.73 -23.38 52.69
C SER F 203 -37.61 -23.82 51.53
N ALA F 204 -38.34 -24.92 51.71
CA ALA F 204 -39.26 -25.41 50.69
C ALA F 204 -40.64 -24.79 50.79
N SER F 205 -40.86 -23.88 51.75
CA SER F 205 -42.16 -23.27 51.97
C SER F 205 -42.14 -21.75 51.79
N VAL F 206 -41.08 -21.19 51.21
CA VAL F 206 -41.00 -19.75 50.98
C VAL F 206 -40.69 -19.50 49.51
N PRO F 207 -41.08 -18.36 48.94
CA PRO F 207 -40.76 -18.08 47.54
C PRO F 207 -39.26 -18.02 47.31
N SER F 208 -38.85 -18.46 46.12
CA SER F 208 -37.45 -18.52 45.73
C SER F 208 -37.17 -17.47 44.65
N LEU F 209 -35.94 -17.52 44.14
CA LEU F 209 -35.48 -16.56 43.14
C LEU F 209 -35.00 -17.29 41.89
N LEU F 210 -35.23 -16.68 40.73
CA LEU F 210 -34.71 -17.22 39.49
C LEU F 210 -33.20 -17.12 39.45
N TYR F 211 -32.58 -17.92 38.58
CA TYR F 211 -31.13 -17.87 38.43
C TYR F 211 -30.71 -16.49 37.94
N GLY F 212 -29.66 -15.96 38.56
CA GLY F 212 -29.18 -14.62 38.26
C GLY F 212 -29.79 -13.53 39.11
N SER F 213 -30.92 -13.81 39.77
CA SER F 213 -31.51 -12.84 40.70
C SER F 213 -30.68 -12.79 41.96
N SER F 214 -29.97 -11.69 42.16
CA SER F 214 -29.07 -11.54 43.29
C SER F 214 -29.86 -11.23 44.56
N LYS F 215 -29.15 -10.92 45.64
CA LYS F 215 -29.75 -10.52 46.89
C LYS F 215 -29.51 -9.03 47.12
N LEU F 216 -30.22 -8.49 48.11
CA LEU F 216 -30.10 -7.08 48.42
C LEU F 216 -28.67 -6.73 48.80
N ASN F 217 -28.01 -5.93 47.95
CA ASN F 217 -26.61 -5.55 48.13
C ASN F 217 -25.71 -6.79 48.26
N HIS F 218 -25.98 -7.80 47.43
CA HIS F 218 -25.18 -9.01 47.41
C HIS F 218 -25.09 -9.52 45.98
N LYS F 219 -23.98 -10.22 45.69
CA LYS F 219 -23.75 -10.77 44.37
C LYS F 219 -24.66 -11.98 44.12
N PRO F 220 -25.09 -12.19 42.87
CA PRO F 220 -25.94 -13.35 42.58
C PRO F 220 -25.17 -14.65 42.71
N TYR F 221 -25.91 -15.70 43.07
CA TYR F 221 -25.32 -17.04 43.12
C TYR F 221 -24.94 -17.50 41.71
N GLN F 222 -23.76 -18.08 41.59
CA GLN F 222 -23.27 -18.61 40.34
C GLN F 222 -23.28 -20.13 40.38
N LEU F 223 -23.61 -20.74 39.24
CA LEU F 223 -23.70 -22.19 39.19
C LEU F 223 -22.31 -22.80 39.34
N LYS F 224 -22.23 -23.83 40.19
CA LYS F 224 -20.99 -24.57 40.39
C LYS F 224 -20.90 -25.75 39.44
N THR F 225 -21.86 -26.67 39.51
CA THR F 225 -21.84 -27.88 38.69
C THR F 225 -23.26 -28.27 38.29
N GLY F 226 -23.34 -29.09 37.25
CA GLY F 226 -24.60 -29.67 36.84
C GLY F 226 -24.48 -31.17 36.63
N PHE F 227 -25.20 -31.95 37.42
CA PHE F 227 -25.10 -33.40 37.39
C PHE F 227 -26.41 -34.00 36.89
N GLU F 228 -26.34 -35.25 36.42
CA GLU F 228 -27.51 -35.96 35.96
C GLU F 228 -27.57 -37.32 36.64
N LEU F 229 -28.77 -37.69 37.10
CA LEU F 229 -28.98 -38.98 37.74
C LEU F 229 -30.38 -39.44 37.36
N VAL F 230 -30.47 -40.27 36.32
CA VAL F 230 -31.76 -40.74 35.86
C VAL F 230 -32.34 -41.73 36.87
N PHE F 231 -33.67 -41.76 36.94
CA PHE F 231 -34.37 -42.66 37.84
C PHE F 231 -34.53 -44.02 37.17
N ASP F 232 -34.47 -45.08 37.98
CA ASP F 232 -34.64 -46.45 37.50
C ASP F 232 -35.58 -47.16 38.45
N SER F 233 -36.88 -47.17 38.11
CA SER F 233 -37.86 -47.87 38.94
C SER F 233 -37.60 -49.37 38.93
N SER F 234 -37.21 -49.92 37.77
CA SER F 234 -36.92 -51.34 37.68
C SER F 234 -35.72 -51.71 38.55
N ASP F 235 -34.69 -50.87 38.57
CA ASP F 235 -33.45 -51.13 39.31
C ASP F 235 -33.16 -49.94 40.20
N PRO F 236 -33.77 -49.89 41.40
CA PRO F 236 -33.50 -48.78 42.32
C PRO F 236 -32.04 -48.68 42.73
N ASP F 237 -31.33 -49.81 42.79
CA ASP F 237 -29.91 -49.79 43.15
C ASP F 237 -29.05 -49.08 42.12
N TYR F 238 -29.56 -48.89 40.89
CA TYR F 238 -28.78 -48.25 39.85
C TYR F 238 -28.70 -46.75 40.11
N ILE F 239 -27.48 -46.26 40.32
CA ILE F 239 -27.26 -44.85 40.64
C ILE F 239 -26.26 -44.28 39.65
N PRO F 240 -26.67 -43.93 38.43
CA PRO F 240 -25.73 -43.33 37.48
C PRO F 240 -25.64 -41.82 37.66
N ILE F 241 -24.42 -41.30 37.83
CA ILE F 241 -24.18 -39.88 38.05
C ILE F 241 -23.41 -39.34 36.86
N HIS F 242 -23.99 -38.37 36.15
CA HIS F 242 -23.43 -37.82 34.93
C HIS F 242 -23.13 -36.33 35.12
N GLN F 243 -21.89 -35.95 34.85
CA GLN F 243 -21.50 -34.54 34.90
C GLN F 243 -21.92 -33.90 33.58
N ILE F 244 -23.07 -33.21 33.61
CA ILE F 244 -23.59 -32.62 32.38
C ILE F 244 -22.65 -31.53 31.88
N LYS F 245 -22.56 -31.39 30.57
CA LYS F 245 -21.65 -30.46 29.94
C LYS F 245 -22.42 -29.59 28.95
N ASN F 246 -21.79 -28.47 28.57
CA ASN F 246 -22.38 -27.50 27.65
C ASN F 246 -23.73 -27.00 28.15
N LEU F 247 -23.82 -26.75 29.46
CA LEU F 247 -25.02 -26.15 30.03
C LEU F 247 -25.24 -24.73 29.52
N GLU F 248 -24.19 -24.04 29.09
CA GLU F 248 -24.33 -22.68 28.58
C GLU F 248 -25.19 -22.66 27.32
N SER F 249 -25.19 -23.75 26.55
CA SER F 249 -26.07 -23.84 25.39
C SER F 249 -27.55 -23.81 25.79
N TYR F 250 -27.87 -24.17 27.03
CA TYR F 250 -29.23 -24.14 27.53
C TYR F 250 -29.47 -22.83 28.27
N ASN F 251 -30.68 -22.30 28.13
CA ASN F 251 -31.09 -21.11 28.86
C ASN F 251 -31.28 -21.46 30.33
N LEU F 252 -30.29 -21.10 31.14
CA LEU F 252 -30.28 -21.51 32.55
C LEU F 252 -31.49 -20.95 33.29
N VAL F 253 -31.95 -19.77 32.93
CA VAL F 253 -33.12 -19.19 33.58
C VAL F 253 -34.34 -20.08 33.35
N SER F 254 -34.53 -20.51 32.10
CA SER F 254 -35.66 -21.40 31.80
C SER F 254 -35.41 -22.81 32.31
N GLU F 255 -34.21 -23.33 32.12
CA GLU F 255 -33.92 -24.72 32.49
C GLU F 255 -34.01 -24.92 34.00
N LEU F 256 -33.56 -23.95 34.79
CA LEU F 256 -33.61 -24.04 36.24
C LEU F 256 -34.94 -23.57 36.81
N SER F 257 -35.88 -23.16 35.96
CA SER F 257 -37.18 -22.69 36.43
C SER F 257 -38.05 -23.87 36.85
N LEU F 258 -38.60 -23.78 38.06
CA LEU F 258 -39.46 -24.84 38.57
C LEU F 258 -40.74 -24.97 37.75
N THR F 259 -41.35 -23.84 37.41
CA THR F 259 -42.61 -23.86 36.66
C THR F 259 -42.40 -24.27 35.20
N ASN F 260 -41.15 -24.31 34.73
CA ASN F 260 -40.86 -24.64 33.34
C ASN F 260 -41.00 -26.15 33.16
N GLU F 261 -42.26 -26.60 33.09
CA GLU F 261 -42.52 -28.00 32.79
C GLU F 261 -42.13 -28.36 31.37
N GLN F 262 -42.01 -27.38 30.48
CA GLN F 262 -41.62 -27.60 29.08
C GLN F 262 -40.13 -27.36 28.86
N GLY F 263 -39.31 -27.51 29.89
CA GLY F 263 -37.89 -27.29 29.74
C GLY F 263 -37.26 -28.29 28.79
N SER F 264 -36.22 -27.84 28.09
CA SER F 264 -35.55 -28.69 27.11
C SER F 264 -34.61 -29.68 27.79
N LEU F 265 -33.60 -29.18 28.51
CA LEU F 265 -32.67 -30.07 29.19
C LEU F 265 -33.35 -30.85 30.30
N VAL F 266 -34.21 -30.21 31.06
CA VAL F 266 -34.91 -30.86 32.17
C VAL F 266 -36.17 -31.53 31.65
N ARG F 267 -36.71 -32.43 32.47
CA ARG F 267 -37.95 -33.13 32.13
C ARG F 267 -38.91 -33.04 33.31
N PRO F 268 -40.21 -32.94 33.04
CA PRO F 268 -41.22 -32.83 34.11
C PRO F 268 -41.62 -34.17 34.72
N VAL F 269 -40.79 -34.64 35.65
CA VAL F 269 -41.06 -35.90 36.34
C VAL F 269 -42.12 -35.68 37.41
N SER F 289 -48.77 -2.01 55.63
CA SER F 289 -48.62 -1.82 54.20
C SER F 289 -47.45 -0.89 53.88
N LEU F 290 -46.30 -1.18 54.49
CA LEU F 290 -45.10 -0.37 54.23
C LEU F 290 -44.63 -0.51 52.79
N SER F 291 -44.97 -1.62 52.14
CA SER F 291 -44.54 -1.83 50.76
C SER F 291 -45.12 -0.78 49.83
N ILE F 292 -46.44 -0.54 49.92
CA ILE F 292 -47.05 0.48 49.08
C ILE F 292 -46.58 1.87 49.48
N LEU F 293 -46.24 2.06 50.76
CA LEU F 293 -45.67 3.33 51.18
C LEU F 293 -44.34 3.58 50.48
N MET F 294 -43.50 2.54 50.37
CA MET F 294 -42.29 2.66 49.59
C MET F 294 -42.60 2.89 48.11
N LEU F 295 -43.64 2.24 47.61
CA LEU F 295 -44.10 2.47 46.24
C LEU F 295 -44.65 3.87 46.01
N HIS F 296 -44.95 4.60 47.08
CA HIS F 296 -45.42 5.98 46.96
C HIS F 296 -44.25 6.93 46.70
N ASP F 297 -44.50 8.22 46.89
CA ASP F 297 -43.48 9.24 46.64
C ASP F 297 -42.16 8.87 47.29
N PRO F 298 -41.03 9.11 46.63
CA PRO F 298 -39.74 8.75 47.23
C PRO F 298 -39.43 9.51 48.50
N GLU F 299 -40.07 10.65 48.74
CA GLU F 299 -39.84 11.39 49.98
C GLU F 299 -40.41 10.65 51.19
N ALA F 300 -41.25 9.64 50.99
CA ALA F 300 -41.76 8.87 52.12
C ALA F 300 -40.64 8.12 52.84
N ARG F 301 -39.78 7.43 52.07
CA ARG F 301 -38.64 6.78 52.67
C ARG F 301 -37.61 7.79 53.16
N TYR F 302 -37.59 8.99 52.57
CA TYR F 302 -36.77 10.08 53.09
C TYR F 302 -37.22 10.45 54.50
N LEU F 303 -38.52 10.61 54.70
CA LEU F 303 -39.06 10.85 56.03
C LEU F 303 -38.79 9.69 56.98
N HIS F 304 -38.90 8.46 56.48
CA HIS F 304 -38.54 7.30 57.29
C HIS F 304 -37.09 7.39 57.77
N LYS F 305 -36.16 7.69 56.85
CA LYS F 305 -34.74 7.76 57.21
C LYS F 305 -34.49 8.86 58.24
N ILE F 306 -35.06 10.04 58.02
CA ILE F 306 -34.80 11.13 58.97
C ILE F 306 -35.44 10.81 60.32
N LEU F 307 -36.59 10.14 60.33
CA LEU F 307 -37.21 9.74 61.59
C LEU F 307 -36.37 8.71 62.32
N ASN F 308 -35.62 7.88 61.59
CA ASN F 308 -34.72 6.92 62.22
C ASN F 308 -33.50 7.59 62.85
N LEU F 309 -33.42 8.91 62.88
CA LEU F 309 -32.24 9.60 63.38
C LEU F 309 -32.43 10.16 64.79
N LEU F 310 -33.51 10.89 65.02
CA LEU F 310 -33.73 11.49 66.33
C LEU F 310 -34.01 10.40 67.37
N PRO F 311 -33.53 10.57 68.60
CA PRO F 311 -33.77 9.57 69.63
C PRO F 311 -35.25 9.47 69.95
N PRO F 312 -35.72 8.30 70.40
CA PRO F 312 -37.15 8.14 70.69
C PRO F 312 -37.64 8.89 71.92
N GLU F 313 -36.76 9.65 72.59
CA GLU F 313 -37.20 10.42 73.76
C GLU F 313 -38.28 11.41 73.37
N TYR F 314 -38.10 12.13 72.27
CA TYR F 314 -39.13 13.04 71.78
C TYR F 314 -40.40 12.28 71.41
N TYR F 315 -40.26 11.01 71.04
CA TYR F 315 -41.41 10.14 70.82
C TYR F 315 -42.02 9.66 72.14
N VAL F 316 -41.21 9.54 73.19
CA VAL F 316 -41.68 8.93 74.44
C VAL F 316 -42.80 9.77 75.06
N GLU F 317 -42.57 11.07 75.21
CA GLU F 317 -43.57 11.93 75.83
C GLU F 317 -44.70 12.23 74.85
N TYR F 318 -45.92 12.36 75.38
CA TYR F 318 -47.06 12.70 74.55
C TYR F 318 -46.94 14.04 73.83
N PRO F 319 -46.47 15.14 74.47
CA PRO F 319 -46.48 16.44 73.78
C PRO F 319 -45.70 16.45 72.46
N LEU F 320 -44.42 16.08 72.50
CA LEU F 320 -43.59 16.17 71.30
C LEU F 320 -44.04 15.14 70.25
N TRP F 321 -44.48 13.96 70.70
CA TRP F 321 -45.02 12.97 69.77
C TRP F 321 -46.25 13.51 69.06
N SER F 322 -47.15 14.17 69.80
CA SER F 322 -48.31 14.79 69.18
C SER F 322 -47.88 15.90 68.24
N ASN F 323 -46.85 16.65 68.60
CA ASN F 323 -46.35 17.71 67.73
C ASN F 323 -45.87 17.15 66.39
N VAL F 324 -45.07 16.09 66.44
CA VAL F 324 -44.56 15.52 65.18
C VAL F 324 -45.70 14.86 64.40
N VAL F 325 -46.67 14.25 65.08
CA VAL F 325 -47.82 13.69 64.38
C VAL F 325 -48.59 14.79 63.65
N PHE F 326 -48.81 15.92 64.33
CA PHE F 326 -49.47 17.05 63.68
C PHE F 326 -48.65 17.56 62.51
N ALA F 327 -47.33 17.64 62.67
CA ALA F 327 -46.47 18.13 61.61
C ALA F 327 -46.59 17.27 60.36
N LEU F 328 -46.51 15.95 60.52
CA LEU F 328 -46.67 15.07 59.36
C LEU F 328 -48.10 15.09 58.82
N ALA F 329 -49.09 15.30 59.69
CA ALA F 329 -50.48 15.34 59.25
C ALA F 329 -50.75 16.57 58.40
N ASN F 330 -50.08 17.68 58.69
CA ASN F 330 -50.25 18.89 57.88
C ASN F 330 -49.83 18.64 56.45
N THR F 331 -48.89 17.72 56.24
CA THR F 331 -48.44 17.33 54.90
C THR F 331 -49.31 16.19 54.39
N SER F 332 -50.35 16.52 53.62
CA SER F 332 -51.24 15.54 53.00
C SER F 332 -51.94 14.66 54.02
N ALA F 333 -52.70 13.68 53.54
CA ALA F 333 -53.45 12.78 54.41
C ALA F 333 -53.17 11.30 54.15
N ASN F 334 -52.34 10.96 53.16
CA ASN F 334 -52.02 9.57 52.88
C ASN F 334 -50.89 9.03 53.74
N TYR F 335 -50.22 9.89 54.52
CA TYR F 335 -49.17 9.45 55.43
C TYR F 335 -49.72 8.91 56.75
N ARG F 336 -50.99 8.55 56.79
CA ARG F 336 -51.57 7.96 57.99
C ARG F 336 -50.82 6.71 58.45
N PRO F 337 -50.50 5.74 57.60
CA PRO F 337 -49.67 4.62 58.07
C PRO F 337 -48.29 5.04 58.55
N LEU F 338 -47.70 6.07 57.93
CA LEU F 338 -46.36 6.50 58.30
C LEU F 338 -46.28 6.87 59.78
N ALA F 339 -47.21 7.73 60.23
CA ALA F 339 -47.31 8.00 61.66
C ALA F 339 -47.61 6.71 62.42
N GLU F 340 -48.53 5.90 61.89
CA GLU F 340 -48.76 4.58 62.45
C GLU F 340 -47.48 3.76 62.50
N TRP F 341 -46.64 3.88 61.46
CA TRP F 341 -45.34 3.22 61.50
C TRP F 341 -44.51 3.73 62.67
N PHE F 342 -44.53 5.04 62.90
CA PHE F 342 -43.81 5.61 64.04
C PHE F 342 -44.41 5.19 65.37
N SER F 343 -45.62 4.62 65.37
CA SER F 343 -46.30 4.29 66.62
C SER F 343 -45.86 2.93 67.18
N GLN F 344 -45.40 2.01 66.33
CA GLN F 344 -45.07 0.67 66.81
C GLN F 344 -43.95 0.66 67.84
N LYS F 345 -43.03 1.61 67.77
CA LYS F 345 -42.02 1.73 68.82
C LYS F 345 -42.70 2.05 70.15
N CYS F 346 -42.14 1.51 71.23
CA CYS F 346 -42.71 1.63 72.57
C CYS F 346 -44.20 1.27 72.56
N PRO F 347 -44.55 0.04 72.21
CA PRO F 347 -45.97 -0.32 72.06
C PRO F 347 -46.78 -0.20 73.33
N GLU F 348 -46.13 -0.24 74.50
CA GLU F 348 -46.86 -0.05 75.75
C GLU F 348 -47.51 1.32 75.80
N LYS F 349 -46.84 2.36 75.29
CA LYS F 349 -47.47 3.65 75.14
C LYS F 349 -48.46 3.64 73.98
N TRP F 350 -48.12 2.94 72.90
CA TRP F 350 -48.98 2.89 71.71
C TRP F 350 -50.28 2.16 72.02
N ASN F 351 -50.19 0.87 72.37
CA ASN F 351 -51.37 0.12 72.75
C ASN F 351 -51.89 0.61 74.10
N THR F 352 -53.22 0.55 74.25
CA THR F 352 -53.90 1.03 75.46
C THR F 352 -53.55 2.51 75.72
N GLY F 353 -54.02 3.35 74.80
CA GLY F 353 -53.55 4.70 74.72
C GLY F 353 -53.21 5.13 73.31
N GLY F 354 -51.92 5.34 73.04
CA GLY F 354 -51.45 5.86 71.78
C GLY F 354 -52.10 5.36 70.51
N LYS F 355 -52.57 4.09 70.51
CA LYS F 355 -53.15 3.52 69.31
C LYS F 355 -54.42 4.27 68.89
N GLU F 356 -55.36 4.42 69.82
CA GLU F 356 -56.61 5.11 69.49
C GLU F 356 -56.45 6.62 69.50
N LYS F 357 -55.64 7.17 70.42
CA LYS F 357 -55.42 8.60 70.42
C LYS F 357 -54.66 9.06 69.19
N LEU F 358 -53.93 8.18 68.53
CA LEU F 358 -53.30 8.52 67.25
C LEU F 358 -54.35 8.85 66.20
N GLU F 359 -55.32 7.96 66.03
CA GLU F 359 -56.38 8.23 65.06
C GLU F 359 -57.26 9.39 65.51
N LYS F 360 -57.43 9.58 66.81
CA LYS F 360 -58.18 10.74 67.28
C LYS F 360 -57.47 12.04 66.89
N LEU F 361 -56.15 12.10 67.13
CA LEU F 361 -55.38 13.29 66.76
C LEU F 361 -55.38 13.48 65.25
N TRP F 362 -55.34 12.38 64.49
CA TRP F 362 -55.40 12.50 63.03
C TRP F 362 -56.74 13.06 62.58
N ASN F 363 -57.83 12.64 63.20
CA ASN F 363 -59.14 13.20 62.89
C ASN F 363 -59.17 14.69 63.23
N ASP F 364 -58.58 15.08 64.36
CA ASP F 364 -58.52 16.50 64.69
C ASP F 364 -57.72 17.27 63.65
N ALA F 365 -56.57 16.74 63.25
CA ALA F 365 -55.70 17.44 62.30
C ALA F 365 -56.27 17.45 60.89
N SER F 366 -57.19 16.54 60.57
CA SER F 366 -57.80 16.52 59.25
C SER F 366 -58.54 17.82 58.95
N HIS F 367 -59.00 18.53 59.98
CA HIS F 367 -59.66 19.83 59.81
C HIS F 367 -58.89 20.97 60.45
N HIS F 368 -57.73 20.70 61.04
CA HIS F 368 -56.99 21.73 61.76
C HIS F 368 -56.50 22.81 60.82
N THR F 369 -56.68 24.07 61.23
CA THR F 369 -56.15 25.21 60.51
C THR F 369 -55.46 26.22 61.42
N GLU F 370 -55.39 25.95 62.72
CA GLU F 370 -54.76 26.89 63.65
C GLU F 370 -53.24 26.84 63.58
N LYS F 371 -52.67 25.68 63.28
CA LYS F 371 -51.22 25.52 63.27
C LYS F 371 -50.81 24.79 62.00
N LYS F 372 -49.63 25.14 61.48
CA LYS F 372 -49.12 24.63 60.22
C LYS F 372 -47.67 24.19 60.35
N ILE F 373 -47.37 23.41 61.40
CA ILE F 373 -46.02 22.86 61.52
C ILE F 373 -45.78 21.85 60.41
N THR F 374 -44.62 21.97 59.76
CA THR F 374 -44.32 21.13 58.60
C THR F 374 -43.01 20.39 58.77
N LYS F 375 -42.53 19.77 57.68
CA LYS F 375 -41.32 18.96 57.74
C LYS F 375 -40.07 19.79 58.08
N ARG F 376 -40.15 21.12 57.98
CA ARG F 376 -39.01 21.96 58.31
C ARG F 376 -38.64 21.83 59.78
N SER F 377 -39.64 21.72 60.66
CA SER F 377 -39.36 21.48 62.06
C SER F 377 -38.65 20.15 62.27
N ILE F 378 -39.01 19.13 61.49
CA ILE F 378 -38.32 17.86 61.57
C ILE F 378 -36.90 17.98 61.07
N MET F 379 -36.68 18.76 60.01
CA MET F 379 -35.32 19.09 59.56
C MET F 379 -34.50 19.65 60.72
N TYR F 380 -35.05 20.66 61.39
CA TYR F 380 -34.33 21.31 62.48
C TYR F 380 -34.06 20.32 63.62
N TRP F 381 -35.06 19.51 63.98
CA TRP F 381 -34.89 18.54 65.05
C TRP F 381 -33.81 17.52 64.71
N ALA F 382 -33.82 17.01 63.47
CA ALA F 382 -32.80 16.06 63.06
C ALA F 382 -31.42 16.69 63.10
N HIS F 383 -31.32 17.97 62.71
CA HIS F 383 -30.04 18.65 62.81
C HIS F 383 -29.59 18.76 64.26
N LYS F 384 -30.50 19.10 65.18
CA LYS F 384 -30.11 19.29 66.57
C LYS F 384 -29.71 17.98 67.23
N HIS F 385 -30.46 16.91 66.98
CA HIS F 385 -30.37 15.71 67.81
C HIS F 385 -29.28 14.75 67.35
N ALA F 386 -29.11 14.56 66.05
CA ALA F 386 -28.08 13.69 65.50
C ALA F 386 -27.31 14.43 64.43
N PRO F 387 -26.48 15.41 64.82
CA PRO F 387 -25.80 16.24 63.83
C PRO F 387 -24.68 15.47 63.11
N GLN F 388 -24.33 16.00 61.94
CA GLN F 388 -23.14 15.61 61.18
C GLN F 388 -23.30 14.24 60.54
N GLN F 389 -24.39 13.53 60.85
CA GLN F 389 -24.66 12.26 60.20
C GLN F 389 -25.85 12.31 59.25
N TYR F 390 -26.80 13.22 59.49
CA TYR F 390 -27.89 13.39 58.54
C TYR F 390 -27.46 14.16 57.30
N LYS F 391 -26.39 14.96 57.42
CA LYS F 391 -25.94 15.76 56.29
C LYS F 391 -25.48 14.89 55.13
N GLU F 392 -24.74 13.81 55.43
CA GLU F 392 -24.36 12.89 54.36
C GLU F 392 -25.59 12.18 53.79
N ILE F 393 -26.59 11.92 54.63
CA ILE F 393 -27.82 11.30 54.16
C ILE F 393 -28.50 12.19 53.12
N VAL F 394 -28.68 13.48 53.45
CA VAL F 394 -29.34 14.38 52.52
C VAL F 394 -28.49 14.62 51.28
N GLU F 395 -27.16 14.65 51.46
CA GLU F 395 -26.26 14.79 50.32
C GLU F 395 -26.44 13.65 49.34
N GLN F 396 -26.37 12.41 49.83
CA GLN F 396 -26.60 11.25 48.98
C GLN F 396 -28.01 11.25 48.42
N GLY F 397 -28.96 11.84 49.14
CA GLY F 397 -30.32 11.98 48.65
C GLY F 397 -30.41 12.79 47.39
N TYR F 398 -30.02 14.07 47.45
CA TYR F 398 -30.17 14.89 46.24
C TYR F 398 -29.11 14.58 45.18
N PHE F 399 -27.99 13.96 45.56
CA PHE F 399 -27.05 13.47 44.55
C PHE F 399 -27.73 12.46 43.65
N SER F 400 -28.63 11.65 44.21
CA SER F 400 -29.38 10.70 43.40
C SER F 400 -30.25 11.41 42.36
N ILE F 401 -30.92 12.49 42.77
CA ILE F 401 -31.76 13.23 41.83
C ILE F 401 -30.92 13.83 40.71
N LEU F 402 -29.80 14.46 41.07
CA LEU F 402 -28.95 15.07 40.04
C LEU F 402 -28.38 14.01 39.10
N ALA F 403 -27.95 12.88 39.66
CA ALA F 403 -27.42 11.80 38.83
C ALA F 403 -28.50 11.24 37.91
N GLU F 404 -29.74 11.12 38.41
CA GLU F 404 -30.83 10.64 37.58
C GLU F 404 -31.05 11.58 36.40
N TYR F 405 -31.07 12.89 36.66
CA TYR F 405 -31.25 13.84 35.56
C TYR F 405 -30.12 13.76 34.55
N VAL F 406 -28.88 13.76 35.01
CA VAL F 406 -27.76 13.79 34.07
C VAL F 406 -27.69 12.49 33.27
N TYR F 407 -28.02 11.36 33.91
CA TYR F 407 -28.08 10.10 33.18
C TYR F 407 -29.20 10.12 32.15
N SER F 408 -30.36 10.67 32.53
CA SER F 408 -31.51 10.66 31.64
C SER F 408 -31.26 11.50 30.38
N TYR F 409 -30.61 12.66 30.54
CA TYR F 409 -30.46 13.58 29.42
C TYR F 409 -29.01 13.69 28.94
N ASN F 410 -28.18 12.69 29.23
CA ASN F 410 -26.85 12.56 28.64
C ASN F 410 -25.99 13.81 28.87
N GLY F 411 -26.13 14.40 30.05
CA GLY F 411 -25.33 15.55 30.41
C GLY F 411 -25.68 16.84 29.71
N MET F 412 -26.76 16.87 28.94
CA MET F 412 -27.20 18.10 28.29
C MET F 412 -28.12 18.85 29.25
N LEU F 413 -27.60 19.18 30.42
CA LEU F 413 -28.41 19.83 31.44
C LEU F 413 -28.58 21.31 31.15
N GLU F 414 -29.71 21.86 31.60
CA GLU F 414 -30.07 23.25 31.39
C GLU F 414 -31.08 23.63 32.47
N HIS F 415 -31.82 24.71 32.25
CA HIS F 415 -32.72 25.25 33.26
C HIS F 415 -33.72 24.21 33.76
N TYR F 416 -34.22 24.46 34.97
CA TYR F 416 -35.31 23.74 35.63
C TYR F 416 -34.90 22.37 36.16
N MET F 417 -33.71 21.90 35.80
CA MET F 417 -33.16 20.76 36.54
C MET F 417 -32.05 21.17 37.50
N ILE F 418 -31.43 22.33 37.27
CA ILE F 418 -30.72 23.00 38.36
C ILE F 418 -31.73 23.49 39.39
N ALA F 419 -32.90 23.94 38.92
CA ALA F 419 -33.90 24.54 39.81
C ALA F 419 -34.42 23.52 40.81
N LYS F 420 -34.71 22.29 40.37
CA LYS F 420 -35.21 21.27 41.30
C LYS F 420 -34.17 20.97 42.38
N VAL F 421 -32.91 20.81 41.98
CA VAL F 421 -31.86 20.53 42.95
C VAL F 421 -31.73 21.69 43.93
N ILE F 422 -31.79 22.93 43.42
CA ILE F 422 -31.66 24.09 44.29
C ILE F 422 -32.83 24.17 45.27
N TYR F 423 -34.05 23.89 44.79
CA TYR F 423 -35.19 23.83 45.69
C TYR F 423 -34.98 22.77 46.76
N ALA F 424 -34.30 21.67 46.41
CA ALA F 424 -33.92 20.70 47.42
C ALA F 424 -32.84 21.25 48.36
N MET F 425 -32.00 22.17 47.88
CA MET F 425 -30.92 22.70 48.71
C MET F 425 -31.45 23.42 49.93
N MET F 426 -32.13 24.56 49.72
CA MET F 426 -32.77 25.29 50.82
C MET F 426 -34.22 25.53 50.42
N GLY F 427 -35.08 24.55 50.72
CA GLY F 427 -36.50 24.78 50.68
C GLY F 427 -37.04 25.39 51.95
N ASN F 428 -36.16 25.64 52.92
CA ASN F 428 -36.54 26.16 54.22
C ASN F 428 -35.88 27.51 54.50
N LYS F 429 -35.42 28.21 53.46
CA LYS F 429 -34.74 29.48 53.65
C LYS F 429 -35.19 30.57 52.69
N PHE F 430 -36.04 30.27 51.71
CA PHE F 430 -36.47 31.27 50.75
C PHE F 430 -37.93 31.01 50.40
N VAL F 431 -38.71 32.10 50.30
CA VAL F 431 -40.12 32.00 49.96
C VAL F 431 -40.43 33.04 48.89
N VAL F 432 -41.15 32.63 47.85
CA VAL F 432 -41.50 33.50 46.73
C VAL F 432 -42.99 33.77 46.79
N ASP F 433 -43.37 35.04 46.71
CA ASP F 433 -44.79 35.38 46.70
C ASP F 433 -45.04 36.48 45.70
N VAL F 434 -46.32 36.80 45.50
CA VAL F 434 -46.76 37.77 44.52
C VAL F 434 -47.41 38.95 45.24
N ASP F 435 -46.94 40.16 44.94
CA ASP F 435 -47.50 41.36 45.54
C ASP F 435 -48.77 41.77 44.80
N SER F 436 -49.32 42.92 45.20
CA SER F 436 -50.51 43.42 44.54
C SER F 436 -50.23 43.81 43.09
N ASN F 437 -49.07 44.41 42.83
CA ASN F 437 -48.70 44.84 41.49
C ASN F 437 -48.38 43.67 40.56
N GLY F 438 -48.27 42.45 41.09
CA GLY F 438 -47.98 41.30 40.27
C GLY F 438 -46.51 40.94 40.16
N LYS F 439 -45.61 41.75 40.73
CA LYS F 439 -44.19 41.45 40.70
C LYS F 439 -43.84 40.47 41.81
N TYR F 440 -43.15 39.39 41.46
CA TYR F 440 -42.73 38.42 42.45
C TYR F 440 -41.67 39.01 43.36
N VAL F 441 -41.77 38.70 44.65
CA VAL F 441 -40.83 39.16 45.67
C VAL F 441 -40.39 37.96 46.49
N TRP F 442 -39.17 38.06 47.02
CA TRP F 442 -38.54 36.97 47.76
C TRP F 442 -38.48 37.34 49.24
N PHE F 443 -38.46 36.33 50.10
CA PHE F 443 -38.30 36.51 51.52
C PHE F 443 -37.31 35.49 52.04
N GLU F 444 -36.37 35.96 52.87
CA GLU F 444 -35.29 35.13 53.37
C GLU F 444 -35.34 35.08 54.90
N PHE F 445 -35.06 33.90 55.45
CA PHE F 445 -35.08 33.69 56.89
C PHE F 445 -33.68 33.96 57.44
N VAL F 446 -33.55 35.03 58.21
CA VAL F 446 -32.26 35.40 58.78
C VAL F 446 -31.86 34.39 59.85
N LEU F 447 -30.61 33.95 59.81
CA LEU F 447 -30.04 33.04 60.79
C LEU F 447 -28.79 33.66 61.41
N PRO F 448 -28.43 33.26 62.62
CA PRO F 448 -27.24 33.83 63.26
C PRO F 448 -25.97 33.51 62.48
N GLY F 449 -25.01 34.44 62.54
CA GLY F 449 -23.73 34.23 61.89
C GLY F 449 -23.70 34.53 60.41
N GLN F 450 -24.58 35.40 59.93
CA GLN F 450 -24.60 35.85 58.54
C GLN F 450 -24.75 37.35 58.50
N PRO F 451 -24.32 37.99 57.41
CA PRO F 451 -24.46 39.45 57.32
C PRO F 451 -25.91 39.87 57.44
N MET F 452 -26.16 40.82 58.34
CA MET F 452 -27.51 41.23 58.70
C MET F 452 -27.45 42.48 59.56
N ASN F 453 -28.44 43.35 59.40
CA ASN F 453 -28.47 44.63 60.08
C ASN F 453 -28.74 44.40 61.58
N GLN F 454 -28.79 45.48 62.35
CA GLN F 454 -28.96 45.35 63.79
C GLN F 454 -30.37 44.86 64.11
N GLY F 455 -30.45 43.77 64.86
CA GLY F 455 -31.70 43.30 65.44
C GLY F 455 -32.80 42.83 64.51
N GLU F 456 -32.47 42.01 63.50
CA GLU F 456 -33.50 41.32 62.73
C GLU F 456 -33.29 39.80 62.74
N ILE F 457 -32.61 39.29 63.76
CA ILE F 457 -32.32 37.87 63.84
C ILE F 457 -33.63 37.08 63.99
N TRP F 458 -33.63 35.86 63.45
CA TRP F 458 -34.73 34.91 63.58
C TRP F 458 -36.03 35.41 62.95
N LYS F 459 -35.94 36.37 62.04
CA LYS F 459 -37.12 36.96 61.43
C LYS F 459 -36.96 37.04 59.92
N TRP F 460 -38.07 36.87 59.22
CA TRP F 460 -38.08 36.95 57.75
C TRP F 460 -37.80 38.38 57.30
N ARG F 461 -37.04 38.50 56.21
CA ARG F 461 -36.75 39.80 55.61
C ARG F 461 -37.10 39.79 54.14
N LYS F 462 -37.69 40.89 53.68
CA LYS F 462 -38.06 41.05 52.29
C LYS F 462 -36.82 41.21 51.42
N GLU F 463 -36.97 40.90 50.13
CA GLU F 463 -35.84 40.97 49.21
C GLU F 463 -36.37 41.00 47.78
N VAL F 464 -35.65 41.71 46.92
CA VAL F 464 -36.07 41.94 45.54
C VAL F 464 -35.28 41.08 44.56
N ASN F 465 -33.96 41.00 44.72
CA ASN F 465 -33.12 40.25 43.79
C ASN F 465 -32.23 39.28 44.55
N PRO F 466 -32.57 37.98 44.55
CA PRO F 466 -31.91 37.04 45.46
C PRO F 466 -30.40 37.01 45.32
N ASP F 467 -29.70 37.41 46.38
CA ASP F 467 -28.24 37.49 46.36
C ASP F 467 -27.61 36.20 46.85
N GLU F 468 -27.88 35.83 48.11
CA GLU F 468 -27.31 34.62 48.68
C GLU F 468 -27.65 33.40 47.83
N LEU F 469 -28.80 33.41 47.18
CA LEU F 469 -29.11 32.35 46.23
C LEU F 469 -28.11 32.35 45.08
N HIS F 470 -27.78 33.52 44.54
CA HIS F 470 -26.84 33.60 43.43
C HIS F 470 -25.46 33.12 43.84
N ILE F 471 -24.99 33.50 45.04
CA ILE F 471 -23.72 32.96 45.52
C ILE F 471 -23.81 31.45 45.70
N TYR F 472 -24.91 30.96 46.27
CA TYR F 472 -25.05 29.53 46.53
C TYR F 472 -25.06 28.72 45.24
N ILE F 473 -25.55 29.31 44.14
CA ILE F 473 -25.59 28.59 42.87
C ILE F 473 -24.19 28.16 42.45
N SER F 474 -23.20 29.03 42.65
CA SER F 474 -21.86 28.76 42.15
C SER F 474 -20.89 28.23 43.21
N GLU F 475 -21.15 28.47 44.50
CA GLU F 475 -20.18 28.11 45.52
C GLU F 475 -20.44 26.72 46.10
N ASN F 476 -21.59 26.54 46.74
CA ASN F 476 -21.89 25.26 47.38
C ASN F 476 -22.34 24.22 46.36
N PHE F 477 -23.12 24.63 45.37
CA PHE F 477 -23.66 23.69 44.39
C PHE F 477 -22.58 23.09 43.50
N SER F 478 -21.51 23.84 43.22
CA SER F 478 -20.46 23.35 42.33
C SER F 478 -19.90 22.02 42.80
N ARG F 479 -19.66 21.88 44.11
CA ARG F 479 -19.12 20.65 44.66
C ARG F 479 -19.93 19.44 44.21
N VAL F 480 -21.25 19.59 44.10
CA VAL F 480 -22.09 18.45 43.74
C VAL F 480 -21.67 17.88 42.40
N MET F 481 -21.45 18.75 41.40
CA MET F 481 -21.02 18.25 40.11
C MET F 481 -19.69 17.52 40.21
N ASP F 482 -18.79 18.00 41.08
CA ASP F 482 -17.55 17.27 41.31
C ASP F 482 -17.83 15.84 41.74
N ARG F 483 -18.78 15.66 42.66
CA ARG F 483 -19.15 14.32 43.08
C ARG F 483 -19.59 13.46 41.90
N ILE F 484 -20.27 14.08 40.94
CA ILE F 484 -20.61 13.36 39.71
C ILE F 484 -19.36 13.05 38.90
N THR F 485 -18.50 14.06 38.71
CA THR F 485 -17.40 13.92 37.75
C THR F 485 -16.50 12.76 38.12
N GLU F 486 -15.99 12.77 39.35
CA GLU F 486 -15.14 11.67 39.80
C GLU F 486 -15.86 10.33 39.67
N HIS F 487 -17.16 10.31 39.96
CA HIS F 487 -17.93 9.08 39.81
C HIS F 487 -17.76 8.50 38.41
N ILE F 488 -17.90 9.35 37.39
CA ILE F 488 -17.71 8.89 36.02
C ILE F 488 -16.32 8.29 35.86
N LYS F 489 -15.30 8.98 36.36
CA LYS F 489 -13.94 8.46 36.29
C LYS F 489 -13.86 7.07 36.90
N TYR F 490 -14.51 6.87 38.05
CA TYR F 490 -14.50 5.57 38.69
C TYR F 490 -15.07 4.52 37.74
N HIS F 491 -16.23 4.81 37.14
CA HIS F 491 -16.80 3.88 36.17
C HIS F 491 -15.91 3.77 34.94
N LEU F 492 -15.22 4.85 34.59
CA LEU F 492 -14.26 4.77 33.50
C LEU F 492 -13.04 3.94 33.91
N SER F 493 -12.74 3.92 35.22
CA SER F 493 -11.58 3.16 35.68
C SER F 493 -11.82 1.66 35.61
N GLN F 494 -13.02 1.22 35.99
CA GLN F 494 -13.31 -0.21 36.00
C GLN F 494 -13.32 -0.75 34.58
N PRO F 495 -12.69 -1.91 34.34
CA PRO F 495 -12.67 -2.46 32.98
C PRO F 495 -14.01 -3.06 32.61
N HIS F 496 -14.45 -2.78 31.37
CA HIS F 496 -15.73 -3.23 30.87
C HIS F 496 -15.62 -3.40 29.36
N GLU F 497 -16.77 -3.52 28.70
CA GLU F 497 -16.80 -3.69 27.25
C GLU F 497 -16.43 -2.38 26.55
N SER F 498 -16.28 -2.47 25.23
CA SER F 498 -15.90 -1.28 24.46
C SER F 498 -17.06 -0.30 24.35
N ASN F 499 -18.26 -0.80 24.06
CA ASN F 499 -19.40 0.09 23.81
C ASN F 499 -19.74 0.91 25.05
N ILE F 500 -19.72 0.29 26.23
CA ILE F 500 -20.02 1.03 27.46
C ILE F 500 -18.96 2.08 27.73
N LEU F 501 -17.69 1.77 27.43
CA LEU F 501 -16.62 2.75 27.61
C LEU F 501 -16.82 3.93 26.66
N ASN F 502 -17.19 3.67 25.41
CA ASN F 502 -17.48 4.76 24.48
C ASN F 502 -18.66 5.60 24.96
N TYR F 503 -19.70 4.93 25.48
CA TYR F 503 -20.85 5.66 26.01
C TYR F 503 -20.44 6.58 27.15
N TYR F 504 -19.62 6.06 28.08
CA TYR F 504 -19.18 6.89 29.20
C TYR F 504 -18.27 8.02 28.74
N LYS F 505 -17.44 7.77 27.72
CA LYS F 505 -16.61 8.84 27.19
C LYS F 505 -17.45 9.96 26.60
N LYS F 506 -18.46 9.60 25.81
CA LYS F 506 -19.36 10.61 25.26
C LYS F 506 -20.10 11.36 26.37
N LEU F 507 -20.55 10.63 27.39
CA LEU F 507 -21.25 11.26 28.51
C LEU F 507 -20.36 12.28 29.20
N LEU F 508 -19.11 11.89 29.50
CA LEU F 508 -18.19 12.79 30.17
C LEU F 508 -17.87 14.01 29.31
N LYS F 509 -17.65 13.79 28.01
CA LYS F 509 -17.34 14.90 27.13
C LYS F 509 -18.50 15.89 27.04
N ALA F 510 -19.73 15.37 26.99
CA ALA F 510 -20.89 16.25 26.97
C ALA F 510 -21.02 17.00 28.29
N PHE F 511 -20.77 16.33 29.42
CA PHE F 511 -21.02 16.94 30.72
C PHE F 511 -19.97 17.99 31.06
N GLU F 512 -18.72 17.78 30.66
CA GLU F 512 -17.68 18.74 31.01
C GLU F 512 -17.89 20.08 30.33
N ARG F 513 -18.36 20.07 29.08
CA ARG F 513 -18.60 21.33 28.36
C ARG F 513 -19.74 22.14 28.95
N SER F 514 -20.64 21.52 29.71
CA SER F 514 -21.74 22.22 30.36
C SER F 514 -21.49 22.44 31.84
N LYS F 515 -20.43 21.85 32.40
CA LYS F 515 -20.07 22.16 33.78
C LYS F 515 -19.91 23.66 34.01
N SER F 516 -19.20 24.33 33.11
CA SER F 516 -18.92 25.75 33.28
C SER F 516 -20.15 26.63 33.04
N LYS F 517 -21.25 26.05 32.54
CA LYS F 517 -22.43 26.86 32.22
C LYS F 517 -23.04 27.50 33.47
N ILE F 518 -22.82 26.91 34.65
CA ILE F 518 -23.40 27.45 35.87
C ILE F 518 -22.83 28.81 36.22
N PHE F 519 -21.70 29.20 35.62
CA PHE F 519 -21.10 30.49 35.91
C PHE F 519 -21.63 31.60 35.02
N ASN F 520 -22.25 31.27 33.90
CA ASN F 520 -22.79 32.29 33.00
C ASN F 520 -23.90 33.07 33.68
N ASP F 521 -23.90 34.40 33.48
CA ASP F 521 -24.87 35.25 34.17
C ASP F 521 -26.27 35.02 33.64
N SER F 522 -26.43 34.97 32.31
CA SER F 522 -27.76 34.76 31.73
C SER F 522 -28.33 33.41 32.12
N PHE F 523 -27.48 32.38 32.15
CA PHE F 523 -27.94 31.06 32.57
C PHE F 523 -28.43 31.09 34.02
N LYS F 524 -27.68 31.77 34.91
CA LYS F 524 -28.10 31.88 36.29
C LYS F 524 -29.42 32.63 36.41
N LYS F 525 -29.58 33.71 35.64
CA LYS F 525 -30.83 34.46 35.66
C LYS F 525 -31.99 33.59 35.20
N GLY F 526 -31.79 32.81 34.13
CA GLY F 526 -32.83 31.90 33.69
C GLY F 526 -33.18 30.85 34.72
N VAL F 527 -32.17 30.30 35.39
CA VAL F 527 -32.43 29.32 36.44
C VAL F 527 -33.22 29.94 37.58
N ILE F 528 -32.87 31.17 37.97
CA ILE F 528 -33.62 31.86 39.03
C ILE F 528 -35.06 32.07 38.60
N ARG F 529 -35.27 32.53 37.35
CA ARG F 529 -36.62 32.75 36.86
C ARG F 529 -37.43 31.46 36.86
N GLN F 530 -36.82 30.35 36.44
CA GLN F 530 -37.52 29.08 36.45
C GLN F 530 -37.85 28.64 37.88
N ALA F 531 -36.88 28.71 38.78
CA ALA F 531 -37.07 28.29 40.16
C ALA F 531 -38.03 29.19 40.91
N GLU F 532 -38.31 30.39 40.40
CA GLU F 532 -39.28 31.27 41.03
C GLU F 532 -40.62 30.56 41.26
N PHE F 533 -41.02 29.71 40.32
CA PHE F 533 -42.29 29.00 40.45
C PHE F 533 -42.22 27.92 41.53
N LEU F 534 -41.11 27.19 41.61
CA LEU F 534 -41.00 26.10 42.56
C LEU F 534 -41.04 26.59 44.00
N PHE F 535 -40.37 27.72 44.28
CA PHE F 535 -40.29 28.24 45.63
C PHE F 535 -41.57 28.94 46.07
N ARG F 536 -42.53 29.12 45.18
CA ARG F 536 -43.75 29.86 45.53
C ARG F 536 -44.53 29.15 46.63
N GLN F 537 -45.02 29.92 47.59
CA GLN F 537 -45.89 29.43 48.65
C GLN F 537 -47.15 30.28 48.62
N ARG F 538 -48.24 29.69 48.14
CA ARG F 538 -49.50 30.41 48.02
C ARG F 538 -49.99 30.87 49.39
N SER F 539 -50.63 32.04 49.42
CA SER F 539 -51.19 32.62 50.64
C SER F 539 -50.13 32.82 51.70
N PHE F 540 -49.17 33.70 51.39
CA PHE F 540 -48.10 34.03 52.32
C PHE F 540 -48.02 35.51 52.66
N ILE F 541 -48.19 36.39 51.67
CA ILE F 541 -48.12 37.84 51.94
C ILE F 541 -49.30 38.29 52.80
N GLN F 542 -50.51 37.90 52.41
CA GLN F 542 -51.70 38.39 53.11
C GLN F 542 -51.87 37.75 54.49
N THR F 543 -51.14 36.68 54.80
CA THR F 543 -51.18 36.10 56.14
C THR F 543 -50.03 36.59 57.02
N LEU F 544 -49.25 37.56 56.54
CA LEU F 544 -48.16 38.10 57.33
C LEU F 544 -48.71 38.91 58.50
N ASP F 545 -48.16 38.66 59.69
CA ASP F 545 -48.44 39.42 60.91
C ASP F 545 -49.92 39.39 61.30
N THR F 546 -50.71 38.49 60.72
CA THR F 546 -52.12 38.41 61.11
C THR F 546 -52.27 38.01 62.57
N ASN F 547 -51.40 37.12 63.05
CA ASN F 547 -51.43 36.76 64.46
C ASN F 547 -51.03 37.97 65.29
N PRO F 548 -51.87 38.43 66.22
CA PRO F 548 -51.54 39.60 67.02
C PRO F 548 -50.67 39.30 68.23
N HIS F 549 -50.46 38.04 68.56
CA HIS F 549 -49.73 37.67 69.77
C HIS F 549 -48.23 37.60 69.57
N LEU F 550 -47.72 37.89 68.37
CA LEU F 550 -46.30 37.75 68.07
C LEU F 550 -45.72 39.13 67.78
N LEU F 551 -44.58 39.44 68.39
CA LEU F 551 -43.89 40.70 68.19
C LEU F 551 -42.44 40.43 67.84
N GLY F 552 -41.90 41.21 66.89
CA GLY F 552 -40.51 41.05 66.52
C GLY F 552 -39.60 41.98 67.29
N VAL F 553 -38.72 41.41 68.12
CA VAL F 553 -37.85 42.19 68.98
C VAL F 553 -36.41 42.01 68.52
N GLY F 554 -35.54 42.94 68.95
CA GLY F 554 -34.18 42.96 68.44
C GLY F 554 -33.42 41.67 68.69
N ASN F 555 -33.80 40.93 69.73
CA ASN F 555 -33.16 39.65 70.05
C ASN F 555 -34.09 38.47 69.81
N GLY F 556 -34.94 38.53 68.79
CA GLY F 556 -35.77 37.39 68.45
C GLY F 556 -37.24 37.72 68.29
N VAL F 557 -38.11 36.84 68.76
CA VAL F 557 -39.55 37.08 68.70
C VAL F 557 -40.14 36.82 70.07
N LEU F 558 -41.18 37.58 70.41
CA LEU F 558 -41.85 37.47 71.70
C LEU F 558 -43.30 37.07 71.47
N SER F 559 -43.74 36.03 72.17
CA SER F 559 -45.11 35.53 72.09
C SER F 559 -45.83 35.82 73.40
N ILE F 560 -46.93 36.57 73.30
CA ILE F 560 -47.77 36.87 74.44
C ILE F 560 -49.01 35.97 74.49
N GLU F 561 -48.96 34.84 73.78
CA GLU F 561 -50.12 33.95 73.72
C GLU F 561 -50.48 33.41 75.09
N THR F 562 -49.49 32.99 75.88
CA THR F 562 -49.71 32.43 77.20
C THR F 562 -48.97 33.26 78.25
N ILE F 563 -49.11 32.85 79.50
CA ILE F 563 -48.48 33.49 80.64
C ILE F 563 -47.59 32.46 81.32
N PRO F 564 -46.28 32.72 81.49
CA PRO F 564 -45.62 33.95 81.08
C PRO F 564 -45.32 34.01 79.59
N ALA F 565 -45.06 35.22 79.09
CA ALA F 565 -44.73 35.38 77.67
C ALA F 565 -43.44 34.67 77.35
N LYS F 566 -43.36 34.10 76.14
CA LYS F 566 -42.24 33.26 75.74
C LYS F 566 -41.36 34.01 74.75
N LEU F 567 -40.05 34.01 75.01
CA LEU F 567 -39.07 34.62 74.10
C LEU F 567 -38.45 33.53 73.26
N ILE F 568 -38.80 33.49 71.98
CA ILE F 568 -38.24 32.52 71.05
C ILE F 568 -37.03 33.15 70.37
N ASN F 569 -35.89 32.47 70.48
CA ASN F 569 -34.62 32.90 69.92
C ASN F 569 -33.96 31.75 69.16
N HIS F 570 -34.79 30.89 68.57
CA HIS F 570 -34.31 29.77 67.78
C HIS F 570 -35.22 29.62 66.56
N PHE F 571 -35.08 28.50 65.87
CA PHE F 571 -35.88 28.26 64.67
C PHE F 571 -37.35 28.12 65.01
N HIS F 572 -38.20 28.55 64.09
CA HIS F 572 -39.64 28.47 64.24
C HIS F 572 -40.27 28.52 62.85
N GLU F 573 -41.59 28.67 62.80
CA GLU F 573 -42.28 28.75 61.51
C GLU F 573 -43.35 29.83 61.49
N HIS F 574 -43.33 30.78 62.42
CA HIS F 574 -44.31 31.86 62.40
C HIS F 574 -43.91 32.92 61.39
N PRO F 575 -44.78 33.26 60.46
CA PRO F 575 -44.42 34.24 59.42
C PRO F 575 -44.53 35.68 59.88
N ILE F 576 -43.48 36.19 60.52
CA ILE F 576 -43.43 37.58 60.97
C ILE F 576 -42.38 38.32 60.16
N HIS F 577 -42.67 39.57 59.80
CA HIS F 577 -41.73 40.38 59.04
C HIS F 577 -41.41 41.71 59.70
N GLN F 578 -42.41 42.37 60.28
CA GLN F 578 -42.17 43.65 60.95
C GLN F 578 -41.63 43.42 62.36
N TYR F 579 -40.88 44.39 62.86
CA TYR F 579 -40.16 44.21 64.11
C TYR F 579 -39.79 45.57 64.71
N THR F 580 -39.43 45.53 65.98
CA THR F 580 -38.80 46.66 66.67
C THR F 580 -37.40 46.25 67.10
N HIS F 581 -36.52 47.24 67.23
CA HIS F 581 -35.10 47.01 67.51
C HIS F 581 -34.78 47.04 69.00
N ILE F 582 -35.73 46.70 69.86
CA ILE F 582 -35.55 46.74 71.31
C ILE F 582 -35.35 45.32 71.82
N CYS F 583 -34.22 45.08 72.49
CA CYS F 583 -33.98 43.78 73.10
C CYS F 583 -34.83 43.62 74.35
N TYR F 584 -35.38 42.43 74.54
CA TYR F 584 -36.26 42.14 75.67
C TYR F 584 -35.51 41.42 76.78
N VAL F 585 -35.79 41.82 78.01
CA VAL F 585 -35.28 41.11 79.19
C VAL F 585 -36.41 40.92 80.18
N PRO F 586 -36.32 39.87 81.00
CA PRO F 586 -37.34 39.66 82.04
C PRO F 586 -37.39 40.83 83.01
N PHE F 587 -38.59 41.13 83.48
CA PHE F 587 -38.81 42.30 84.32
C PHE F 587 -38.11 42.10 85.67
N ASN F 588 -37.07 42.88 85.91
CA ASN F 588 -36.36 42.85 87.17
C ASN F 588 -36.48 44.20 87.85
N PRO F 589 -37.11 44.29 89.03
CA PRO F 589 -37.20 45.58 89.72
C PRO F 589 -35.85 46.11 90.20
N GLU F 590 -34.83 45.26 90.29
CA GLU F 590 -33.54 45.68 90.84
C GLU F 590 -32.67 46.41 89.83
N ASN F 591 -33.06 46.47 88.56
CA ASN F 591 -32.29 47.24 87.60
C ASN F 591 -32.39 48.72 87.94
N PRO F 592 -31.26 49.45 87.93
CA PRO F 592 -31.31 50.87 88.32
C PRO F 592 -32.25 51.69 87.45
N TRP F 593 -32.28 51.44 86.15
CA TRP F 593 -33.20 52.16 85.28
C TRP F 593 -34.64 51.82 85.59
N THR F 594 -34.91 50.56 85.93
CA THR F 594 -36.27 50.18 86.32
C THR F 594 -36.71 50.94 87.57
N LYS F 595 -35.84 51.02 88.58
CA LYS F 595 -36.17 51.76 89.79
C LYS F 595 -36.38 53.23 89.49
N LEU F 596 -35.49 53.83 88.69
CA LEU F 596 -35.62 55.25 88.38
C LEU F 596 -36.91 55.54 87.63
N LEU F 597 -37.25 54.69 86.65
CA LEU F 597 -38.48 54.89 85.89
C LEU F 597 -39.70 54.72 86.78
N LEU F 598 -39.69 53.72 87.67
CA LEU F 598 -40.82 53.51 88.57
C LEU F 598 -41.01 54.73 89.49
N ASN F 599 -39.91 55.24 90.05
CA ASN F 599 -40.02 56.41 90.92
C ASN F 599 -40.53 57.62 90.16
N ALA F 600 -39.98 57.88 88.97
CA ALA F 600 -40.41 59.04 88.20
C ALA F 600 -41.87 58.93 87.80
N LEU F 601 -42.30 57.74 87.39
CA LEU F 601 -43.69 57.55 86.99
C LEU F 601 -44.63 57.70 88.18
N GLN F 602 -44.21 57.20 89.35
CA GLN F 602 -45.01 57.41 90.56
C GLN F 602 -45.12 58.89 90.89
N ASP F 603 -44.03 59.64 90.74
CA ASP F 603 -44.07 61.08 91.00
C ASP F 603 -44.92 61.82 89.99
N ILE F 604 -45.01 61.33 88.76
CA ILE F 604 -45.75 62.04 87.72
C ILE F 604 -47.22 62.19 88.10
N ILE F 605 -47.84 61.10 88.54
CA ILE F 605 -49.22 61.14 89.01
C ILE F 605 -49.32 60.43 90.36
N PRO F 606 -49.51 61.17 91.44
CA PRO F 606 -49.46 60.55 92.79
C PRO F 606 -50.55 59.52 93.03
N GLU F 607 -51.74 59.69 92.44
CA GLU F 607 -52.85 58.79 92.75
C GLU F 607 -52.52 57.36 92.32
N LEU F 608 -52.69 56.43 93.26
CA LEU F 608 -52.35 55.03 92.99
C LEU F 608 -53.34 54.41 92.02
N ASP F 609 -54.63 54.61 92.25
CA ASP F 609 -55.66 54.02 91.38
C ASP F 609 -55.53 54.54 89.96
N ALA F 610 -55.36 55.85 89.79
CA ALA F 610 -55.18 56.41 88.46
C ALA F 610 -53.89 55.92 87.82
N ARG F 611 -52.83 55.79 88.62
CA ARG F 611 -51.56 55.27 88.10
C ARG F 611 -51.73 53.88 87.53
N LEU F 612 -52.36 52.99 88.31
CA LEU F 612 -52.61 51.63 87.84
C LEU F 612 -53.50 51.62 86.61
N TRP F 613 -54.54 52.46 86.60
CA TRP F 613 -55.45 52.49 85.45
C TRP F 613 -54.73 52.93 84.18
N ILE F 614 -53.90 53.97 84.28
CA ILE F 614 -53.18 54.45 83.12
C ILE F 614 -52.16 53.43 82.65
N MET F 615 -51.46 52.78 83.58
CA MET F 615 -50.53 51.72 83.18
C MET F 615 -51.26 50.59 82.49
N PHE F 616 -52.42 50.19 83.02
CA PHE F 616 -53.20 49.12 82.39
C PHE F 616 -53.64 49.51 80.99
N TYR F 617 -54.11 50.75 80.81
CA TYR F 617 -54.55 51.19 79.50
C TYR F 617 -53.38 51.23 78.52
N LEU F 618 -52.24 51.77 78.95
CA LEU F 618 -51.08 51.87 78.07
C LEU F 618 -50.48 50.50 77.75
N SER F 619 -50.66 49.52 78.62
CA SER F 619 -50.13 48.18 78.34
C SER F 619 -50.76 47.55 77.11
N THR F 620 -51.98 47.93 76.76
CA THR F 620 -52.69 47.32 75.64
C THR F 620 -52.17 47.78 74.28
N ALA F 621 -51.23 48.72 74.25
CA ALA F 621 -50.69 49.17 72.98
C ALA F 621 -49.93 48.06 72.25
N ILE F 622 -49.40 47.09 72.98
CA ILE F 622 -48.67 45.99 72.35
C ILE F 622 -49.61 45.11 71.54
N PHE F 623 -50.83 44.90 72.05
CA PHE F 623 -51.81 44.11 71.33
C PHE F 623 -52.23 44.80 70.05
N ARG F 624 -52.48 44.02 69.00
CA ARG F 624 -52.84 44.56 67.71
C ARG F 624 -54.19 44.08 67.20
N GLY F 625 -54.85 43.15 67.89
CA GLY F 625 -56.16 42.68 67.50
C GLY F 625 -57.25 43.65 67.92
N LEU F 626 -58.48 43.15 67.92
CA LEU F 626 -59.63 43.97 68.26
C LEU F 626 -59.53 44.47 69.69
N LYS F 627 -59.80 45.76 69.89
CA LYS F 627 -59.67 46.39 71.20
C LYS F 627 -60.98 47.07 71.57
N GLU F 628 -61.09 47.41 72.86
CA GLU F 628 -62.25 48.14 73.34
C GLU F 628 -62.24 49.57 72.81
N ALA F 629 -63.45 50.12 72.63
CA ALA F 629 -63.62 51.46 72.05
C ALA F 629 -63.40 52.49 73.15
N LEU F 630 -62.13 52.78 73.42
CA LEU F 630 -61.74 53.75 74.46
C LEU F 630 -60.96 54.89 73.85
N MET F 631 -61.33 56.12 74.22
CA MET F 631 -60.62 57.32 73.82
C MET F 631 -60.25 58.09 75.09
N LEU F 632 -58.98 58.02 75.48
CA LEU F 632 -58.50 58.64 76.70
C LEU F 632 -57.87 60.00 76.38
N LEU F 633 -58.29 61.02 77.11
CA LEU F 633 -57.71 62.35 76.96
C LEU F 633 -57.48 62.93 78.35
N TRP F 634 -56.34 63.59 78.53
CA TRP F 634 -56.00 64.14 79.84
C TRP F 634 -55.21 65.42 79.66
N LEU F 635 -55.63 66.43 80.41
CA LEU F 635 -55.17 67.80 80.26
C LEU F 635 -54.32 68.23 81.44
N GLY F 636 -53.62 69.35 81.26
CA GLY F 636 -52.78 69.90 82.31
C GLY F 636 -52.44 71.34 82.02
N GLY F 637 -51.94 72.02 83.05
CA GLY F 637 -51.57 73.42 82.89
C GLY F 637 -50.40 73.62 81.96
N GLY F 638 -49.38 72.79 82.08
CA GLY F 638 -48.18 72.90 81.27
C GLY F 638 -46.95 72.47 82.07
N CYS F 639 -45.90 72.11 81.35
CA CYS F 639 -44.67 71.62 81.95
C CYS F 639 -44.96 70.49 82.93
N ASN F 640 -45.66 69.48 82.44
CA ASN F 640 -46.12 68.36 83.25
C ASN F 640 -45.51 67.06 82.72
N GLY F 641 -46.00 65.93 83.25
CA GLY F 641 -45.57 64.63 82.76
C GLY F 641 -45.95 64.36 81.33
N LYS F 642 -46.86 65.14 80.75
CA LYS F 642 -47.28 64.96 79.38
C LYS F 642 -46.10 65.10 78.42
N THR F 643 -46.25 64.52 77.23
CA THR F 643 -45.26 64.58 76.15
C THR F 643 -43.93 63.95 76.52
N PHE F 644 -43.81 63.39 77.72
CA PHE F 644 -42.63 62.62 78.10
C PHE F 644 -42.85 61.13 77.90
N LEU F 645 -43.83 60.56 78.60
CA LEU F 645 -44.17 59.15 78.39
C LEU F 645 -44.95 58.96 77.10
N MET F 646 -45.69 59.98 76.68
CA MET F 646 -46.41 59.91 75.40
C MET F 646 -45.44 59.69 74.25
N ARG F 647 -44.32 60.41 74.26
CA ARG F 647 -43.27 60.19 73.27
C ARG F 647 -42.49 58.93 73.57
N LEU F 648 -42.29 58.61 74.85
CA LEU F 648 -41.47 57.46 75.23
C LEU F 648 -42.07 56.16 74.73
N VAL F 649 -43.38 55.99 74.89
CA VAL F 649 -44.03 54.75 74.46
C VAL F 649 -43.92 54.59 72.95
N ALA F 650 -44.20 55.66 72.20
CA ALA F 650 -44.10 55.60 70.74
C ALA F 650 -42.68 55.30 70.29
N MET F 651 -41.69 55.88 70.97
CA MET F 651 -40.30 55.57 70.64
C MET F 651 -39.99 54.10 70.92
N VAL F 652 -40.44 53.58 72.07
CA VAL F 652 -40.14 52.20 72.41
C VAL F 652 -40.77 51.23 71.42
N LEU F 653 -42.03 51.48 71.05
CA LEU F 653 -42.69 50.63 70.07
C LEU F 653 -42.02 50.74 68.70
N GLY F 654 -41.55 51.93 68.35
CA GLY F 654 -40.94 52.16 67.05
C GLY F 654 -41.95 52.53 65.98
N ASP F 655 -41.41 52.94 64.83
CA ASP F 655 -42.26 53.38 63.73
C ASP F 655 -43.12 52.24 63.18
N HIS F 656 -42.64 51.00 63.27
CA HIS F 656 -43.38 49.87 62.70
C HIS F 656 -44.71 49.68 63.41
N TYR F 657 -44.72 49.73 64.74
CA TYR F 657 -45.91 49.43 65.53
C TYR F 657 -46.57 50.66 66.12
N ALA F 658 -45.99 51.84 65.93
CA ALA F 658 -46.60 53.06 66.45
C ALA F 658 -46.26 54.22 65.52
N SER F 659 -47.12 55.23 65.52
CA SER F 659 -46.92 56.39 64.67
C SER F 659 -47.59 57.60 65.30
N LYS F 660 -47.15 58.78 64.89
CA LYS F 660 -47.72 60.04 65.34
C LYS F 660 -48.71 60.57 64.32
N LEU F 661 -49.86 61.00 64.81
CA LEU F 661 -50.89 61.61 63.97
C LEU F 661 -50.92 63.11 64.20
N ASN F 662 -51.75 63.80 63.43
CA ASN F 662 -51.84 65.25 63.47
C ASN F 662 -53.21 65.67 63.99
N ILE F 663 -53.23 66.75 64.78
CA ILE F 663 -54.48 67.24 65.34
C ILE F 663 -55.41 67.77 64.25
N SER F 664 -54.88 68.05 63.06
CA SER F 664 -55.74 68.46 61.95
C SER F 664 -56.81 67.42 61.65
N LEU F 665 -56.45 66.14 61.76
CA LEU F 665 -57.41 65.07 61.54
C LEU F 665 -58.61 65.20 62.47
N LEU F 666 -58.40 65.79 63.64
CA LEU F 666 -59.46 65.97 64.62
C LEU F 666 -60.08 67.36 64.59
N THR F 667 -59.60 68.26 63.72
CA THR F 667 -60.21 69.58 63.61
C THR F 667 -60.73 69.91 62.22
N SER F 668 -60.26 69.25 61.18
CA SER F 668 -60.85 69.43 59.86
C SER F 668 -62.30 68.98 59.87
N CYS F 669 -63.18 69.80 59.29
CA CYS F 669 -64.61 69.49 59.34
C CYS F 669 -64.91 68.23 58.55
N ARG F 670 -64.74 68.29 57.22
CA ARG F 670 -64.86 67.11 56.38
C ARG F 670 -64.27 67.36 55.00
N GLU F 671 -63.21 66.63 54.65
CA GLU F 671 -62.65 66.75 53.31
C GLU F 671 -63.60 66.10 52.30
N THR F 672 -63.79 66.77 51.17
CA THR F 672 -64.73 66.33 50.15
C THR F 672 -64.06 65.33 49.22
N ALA F 673 -64.70 65.04 48.08
CA ALA F 673 -64.14 64.15 47.08
C ALA F 673 -62.88 64.74 46.47
N GLU F 674 -62.23 64.00 45.58
CA GLU F 674 -60.91 64.37 45.06
C GLU F 674 -59.91 64.55 46.20
N LYS F 675 -60.07 63.73 47.24
CA LYS F 675 -59.28 63.87 48.46
C LYS F 675 -58.01 63.02 48.37
N PRO F 676 -56.83 63.61 48.55
CA PRO F 676 -55.59 62.84 48.69
C PRO F 676 -55.34 62.39 50.13
N ASN F 677 -56.36 61.76 50.74
CA ASN F 677 -56.29 61.39 52.14
C ASN F 677 -55.15 60.41 52.38
N SER F 678 -54.22 60.79 53.24
CA SER F 678 -53.07 59.95 53.58
C SER F 678 -52.97 59.68 55.08
N ALA F 679 -53.24 60.68 55.92
CA ALA F 679 -53.21 60.45 57.35
C ALA F 679 -54.45 59.68 57.82
N PHE F 680 -55.58 59.84 57.11
CA PHE F 680 -56.78 59.09 57.46
C PHE F 680 -56.55 57.59 57.32
N MET F 681 -55.88 57.17 56.24
CA MET F 681 -55.66 55.76 55.95
C MET F 681 -54.48 55.15 56.71
N ARG F 682 -54.01 55.79 57.78
CA ARG F 682 -52.90 55.26 58.56
C ARG F 682 -53.37 54.15 59.48
N LEU F 683 -52.51 53.77 60.43
CA LEU F 683 -52.82 52.81 61.48
C LEU F 683 -52.96 51.39 60.96
N LYS F 684 -52.20 51.03 59.92
CA LYS F 684 -52.15 49.65 59.46
C LYS F 684 -51.31 48.84 60.45
N GLY F 685 -51.99 48.14 61.35
CA GLY F 685 -51.33 47.34 62.36
C GLY F 685 -50.74 48.13 63.52
N ARG F 686 -50.52 49.43 63.36
CA ARG F 686 -50.01 50.25 64.44
C ARG F 686 -50.99 50.26 65.60
N GLY F 687 -50.58 49.74 66.74
CA GLY F 687 -51.44 49.60 67.90
C GLY F 687 -51.44 50.76 68.87
N TYR F 688 -50.80 51.88 68.53
CA TYR F 688 -50.70 53.00 69.45
C TYR F 688 -50.76 54.30 68.67
N GLY F 689 -51.58 55.23 69.15
CA GLY F 689 -51.69 56.54 68.54
C GLY F 689 -51.79 57.62 69.59
N TYR F 690 -51.17 58.76 69.29
CA TYR F 690 -51.10 59.86 70.23
C TYR F 690 -51.08 61.18 69.47
N PHE F 691 -51.51 62.24 70.14
CA PHE F 691 -51.46 63.59 69.62
C PHE F 691 -50.68 64.46 70.59
N GLU F 692 -49.65 65.12 70.10
CA GLU F 692 -48.91 66.04 70.95
C GLU F 692 -49.72 67.31 71.18
N GLU F 693 -49.25 68.11 72.15
CA GLU F 693 -49.98 69.30 72.55
C GLU F 693 -49.81 70.42 71.51
N THR F 694 -50.68 70.45 70.52
CA THR F 694 -50.64 71.44 69.45
C THR F 694 -51.87 72.32 69.50
N ASN F 695 -51.77 73.45 68.79
CA ASN F 695 -52.83 74.46 68.69
C ASN F 695 -53.18 75.04 70.06
N LYS F 696 -54.10 76.00 70.10
CA LYS F 696 -54.52 76.66 71.33
C LYS F 696 -56.04 76.52 71.44
N SER F 697 -56.49 75.58 72.27
CA SER F 697 -57.91 75.37 72.56
C SER F 697 -58.70 75.14 71.28
N GLU F 698 -58.40 74.01 70.65
CA GLU F 698 -59.03 73.64 69.38
C GLU F 698 -60.47 73.20 69.63
N VAL F 699 -61.14 72.75 68.58
CA VAL F 699 -62.56 72.44 68.62
C VAL F 699 -62.81 71.09 67.96
N LEU F 700 -63.73 70.32 68.54
CA LEU F 700 -64.21 69.08 67.97
C LEU F 700 -65.61 69.27 67.42
N ASN F 701 -65.90 68.66 66.27
CA ASN F 701 -67.21 68.76 65.64
C ASN F 701 -67.96 67.43 65.65
N THR F 702 -67.58 66.51 66.54
CA THR F 702 -68.23 65.23 66.80
C THR F 702 -68.08 64.23 65.66
N SER F 703 -67.50 64.63 64.52
CA SER F 703 -67.14 63.67 63.50
C SER F 703 -65.80 63.03 63.87
N ARG F 704 -65.28 62.18 62.98
CA ARG F 704 -63.97 61.54 63.10
C ARG F 704 -63.65 61.08 64.52
N LEU F 705 -64.68 60.71 65.28
CA LEU F 705 -64.52 60.05 66.57
C LEU F 705 -65.16 58.67 66.59
N LYS F 706 -66.41 58.55 66.13
CA LYS F 706 -67.09 57.27 66.16
C LYS F 706 -66.36 56.23 65.33
N GLU F 707 -65.92 56.61 64.12
CA GLU F 707 -65.12 55.70 63.31
C GLU F 707 -63.68 55.60 63.80
N MET F 708 -63.21 56.58 64.58
CA MET F 708 -61.89 56.51 65.19
C MET F 708 -61.91 55.90 66.59
N VAL F 709 -63.08 55.56 67.12
CA VAL F 709 -63.16 54.84 68.38
C VAL F 709 -63.68 53.42 68.21
N ASN F 710 -64.57 53.17 67.24
CA ASN F 710 -65.17 51.86 67.10
C ASN F 710 -64.14 50.85 66.61
N PRO F 711 -64.34 49.57 66.89
CA PRO F 711 -63.43 48.53 66.37
C PRO F 711 -63.81 48.09 64.97
N GLY F 712 -64.63 48.88 64.29
CA GLY F 712 -65.12 48.52 62.97
C GLY F 712 -64.12 48.76 61.87
N ASP F 713 -64.43 48.21 60.70
CA ASP F 713 -63.61 48.38 59.50
C ASP F 713 -63.69 49.83 59.02
N VAL F 714 -62.56 50.36 58.57
CA VAL F 714 -62.48 51.71 58.02
C VAL F 714 -61.85 51.65 56.63
N THR F 715 -62.45 52.35 55.68
CA THR F 715 -62.02 52.31 54.30
C THR F 715 -61.62 53.71 53.84
N ALA F 716 -60.51 53.78 53.10
CA ALA F 716 -60.02 55.04 52.58
C ALA F 716 -59.06 54.78 51.43
N ARG F 717 -58.88 55.80 50.59
CA ARG F 717 -57.93 55.74 49.49
C ARG F 717 -56.70 56.58 49.84
N GLU F 718 -55.79 56.73 48.89
CA GLU F 718 -54.57 57.51 49.08
C GLU F 718 -54.06 57.89 47.70
N LEU F 719 -53.00 58.69 47.65
CA LEU F 719 -52.45 59.19 46.39
C LEU F 719 -52.15 58.04 45.44
N ASN F 720 -52.82 58.05 44.28
CA ASN F 720 -52.64 57.04 43.25
C ASN F 720 -52.89 55.64 43.79
N GLN F 721 -53.91 55.50 44.62
CA GLN F 721 -54.31 54.21 45.19
C GLN F 721 -55.80 54.02 45.01
N LYS F 722 -56.29 52.87 45.48
CA LYS F 722 -57.71 52.56 45.46
C LYS F 722 -58.23 52.48 46.90
N GLN F 723 -59.50 52.81 47.06
CA GLN F 723 -60.12 52.86 48.39
C GLN F 723 -60.13 51.46 48.98
N GLU F 724 -59.28 51.23 49.98
CA GLU F 724 -59.13 49.93 50.62
C GLU F 724 -59.63 50.01 52.05
N SER F 725 -60.14 48.89 52.55
CA SER F 725 -60.71 48.80 53.89
C SER F 725 -59.83 47.94 54.77
N PHE F 726 -59.53 48.44 55.97
CA PHE F 726 -58.71 47.73 56.94
C PHE F 726 -59.31 47.86 58.33
N GLN F 727 -58.98 46.91 59.19
CA GLN F 727 -59.46 46.89 60.57
C GLN F 727 -58.57 47.81 61.40
N MET F 728 -59.14 48.92 61.87
CA MET F 728 -58.38 49.90 62.64
C MET F 728 -58.39 49.48 64.11
N THR F 729 -57.22 49.14 64.63
CA THR F 729 -57.07 48.70 66.02
C THR F 729 -55.84 49.39 66.60
N ALA F 730 -56.06 50.41 67.43
CA ALA F 730 -54.96 51.16 68.02
C ALA F 730 -55.44 51.84 69.30
N THR F 731 -54.69 51.68 70.38
CA THR F 731 -54.99 52.41 71.60
C THR F 731 -54.69 53.90 71.39
N MET F 732 -55.69 54.74 71.67
CA MET F 732 -55.66 56.15 71.34
C MET F 732 -55.51 56.97 72.61
N VAL F 733 -54.60 57.94 72.60
CA VAL F 733 -54.42 58.85 73.73
C VAL F 733 -54.37 60.28 73.21
N ALA F 734 -54.74 61.21 74.09
CA ALA F 734 -54.72 62.63 73.75
C ALA F 734 -54.38 63.45 74.98
N ALA F 735 -53.59 64.51 74.77
CA ALA F 735 -53.21 65.41 75.86
C ALA F 735 -52.99 66.81 75.30
N SER F 736 -53.42 67.80 76.06
CA SER F 736 -53.28 69.19 75.65
C SER F 736 -53.17 70.07 76.88
N ASN F 737 -52.59 71.26 76.68
CA ASN F 737 -52.50 72.25 77.74
C ASN F 737 -53.74 73.12 77.83
N TYR F 738 -54.50 73.24 76.74
CA TYR F 738 -55.70 74.06 76.71
C TYR F 738 -56.92 73.15 76.75
N ASN F 739 -58.10 73.74 76.61
CA ASN F 739 -59.36 73.02 76.75
C ASN F 739 -59.90 72.61 75.38
N PHE F 740 -60.74 71.58 75.40
CA PHE F 740 -61.38 71.04 74.22
C PHE F 740 -62.83 71.51 74.14
N ILE F 741 -63.40 71.40 72.95
CA ILE F 741 -64.79 71.77 72.70
C ILE F 741 -65.50 70.52 72.21
N ILE F 742 -66.25 69.87 73.09
CA ILE F 742 -67.04 68.69 72.76
C ILE F 742 -68.51 69.05 72.94
N ASP F 743 -69.29 68.91 71.87
CA ASP F 743 -70.69 69.34 71.85
C ASP F 743 -71.58 68.20 71.36
N THR F 744 -71.99 67.33 72.28
CA THR F 744 -72.95 66.27 72.01
C THR F 744 -73.41 65.69 73.34
N THR F 745 -74.55 65.01 73.31
CA THR F 745 -75.14 64.47 74.53
C THR F 745 -75.68 63.05 74.40
N ASP F 746 -75.60 62.44 73.22
CA ASP F 746 -76.12 61.09 73.07
C ASP F 746 -75.34 60.10 73.92
N HIS F 747 -76.04 59.08 74.42
CA HIS F 747 -75.39 58.05 75.22
C HIS F 747 -74.39 57.23 74.43
N GLY F 748 -74.55 57.15 73.10
CA GLY F 748 -73.58 56.44 72.29
C GLY F 748 -72.19 57.03 72.42
N THR F 749 -72.10 58.35 72.31
CA THR F 749 -70.87 59.05 72.63
C THR F 749 -70.84 59.38 74.13
N TRP F 750 -69.76 60.00 74.56
CA TRP F 750 -69.53 60.35 75.97
C TRP F 750 -69.49 59.10 76.85
N ARG F 751 -69.61 57.93 76.22
CA ARG F 751 -69.48 56.63 76.87
C ARG F 751 -68.23 55.90 76.42
N ARG F 752 -67.74 56.19 75.22
CA ARG F 752 -66.46 55.70 74.72
C ARG F 752 -65.36 56.73 74.89
N LEU F 753 -65.46 57.56 75.93
CA LEU F 753 -64.52 58.62 76.21
C LEU F 753 -64.12 58.58 77.68
N ARG F 754 -62.88 59.00 77.95
CA ARG F 754 -62.39 59.09 79.31
C ARG F 754 -61.56 60.37 79.45
N HIS F 755 -61.75 61.05 80.58
CA HIS F 755 -61.07 62.32 80.83
C HIS F 755 -60.24 62.23 82.10
N TYR F 756 -59.08 62.88 82.07
CA TYR F 756 -58.27 63.03 83.27
C TYR F 756 -57.59 64.40 83.23
N ARG F 757 -57.20 64.89 84.40
CA ARG F 757 -56.51 66.17 84.51
C ARG F 757 -55.33 66.01 85.45
N SER F 758 -54.20 66.61 85.07
CA SER F 758 -53.01 66.54 85.91
C SER F 758 -53.18 67.41 87.14
N LYS F 759 -52.46 67.05 88.20
CA LYS F 759 -52.52 67.77 89.47
C LYS F 759 -51.16 68.25 89.95
N VAL F 760 -50.15 68.24 89.10
CA VAL F 760 -48.79 68.61 89.50
C VAL F 760 -48.24 69.63 88.51
N LYS F 761 -47.25 70.38 88.96
CA LYS F 761 -46.55 71.36 88.15
C LYS F 761 -45.04 71.18 88.34
N PHE F 762 -44.28 71.42 87.28
CA PHE F 762 -42.83 71.25 87.30
C PHE F 762 -42.19 72.57 86.90
N CYS F 763 -41.22 73.03 87.70
CA CYS F 763 -40.56 74.29 87.46
C CYS F 763 -39.18 74.28 88.11
N HIS F 764 -38.36 75.26 87.70
CA HIS F 764 -36.96 75.27 88.14
C HIS F 764 -36.82 75.79 89.57
N ASN F 765 -37.86 76.42 90.10
CA ASN F 765 -37.80 76.89 91.48
C ASN F 765 -38.83 76.21 92.36
N PRO F 766 -38.42 75.21 93.14
CA PRO F 766 -39.38 74.43 93.93
C PRO F 766 -40.08 75.27 94.98
N ASP F 767 -41.34 74.91 95.25
CA ASP F 767 -42.08 75.49 96.35
C ASP F 767 -42.12 74.49 97.50
N PRO F 768 -41.47 74.77 98.63
CA PRO F 768 -41.43 73.79 99.71
C PRO F 768 -42.81 73.56 100.32
N SER F 769 -42.99 72.35 100.86
CA SER F 769 -44.20 71.90 101.54
C SER F 769 -45.41 71.77 100.62
N ASN F 770 -45.22 71.90 99.32
CA ASN F 770 -46.32 71.71 98.37
C ASN F 770 -46.14 70.39 97.64
N PRO F 771 -46.94 69.37 97.92
CA PRO F 771 -46.76 68.09 97.22
C PRO F 771 -47.03 68.15 95.73
N TYR F 772 -47.77 69.16 95.25
CA TYR F 772 -48.16 69.25 93.86
C TYR F 772 -47.17 70.05 93.02
N GLU F 773 -45.95 70.25 93.51
CA GLU F 773 -44.89 70.90 92.76
C GLU F 773 -43.61 70.10 92.95
N LYS F 774 -42.81 69.99 91.89
CA LYS F 774 -41.60 69.19 91.91
C LYS F 774 -40.56 69.85 91.00
N LYS F 775 -39.28 69.64 91.30
CA LYS F 775 -38.24 70.17 90.43
C LYS F 775 -38.16 69.33 89.15
N GLU F 776 -38.43 69.94 88.01
CA GLU F 776 -38.40 69.21 86.75
C GLU F 776 -36.99 68.83 86.35
N ASP F 777 -36.82 67.65 85.75
CA ASP F 777 -35.51 67.22 85.31
C ASP F 777 -35.45 67.16 83.79
N PRO F 778 -34.89 68.21 83.16
CA PRO F 778 -34.85 68.28 81.69
C PRO F 778 -34.19 67.05 81.07
N ARG F 779 -33.28 66.42 81.79
CA ARG F 779 -32.59 65.24 81.27
C ARG F 779 -33.59 64.20 80.82
N PHE F 780 -34.75 64.17 81.46
CA PHE F 780 -35.78 63.21 81.10
C PHE F 780 -36.17 63.35 79.64
N ILE F 781 -36.14 64.57 79.13
CA ILE F 781 -36.52 64.81 77.74
C ILE F 781 -35.31 64.91 76.81
N HIS F 782 -34.42 65.86 77.09
CA HIS F 782 -33.26 66.04 76.23
C HIS F 782 -32.53 64.72 75.99
N GLU F 783 -32.52 63.85 76.99
CA GLU F 783 -31.93 62.52 76.87
C GLU F 783 -32.85 61.54 77.59
N TYR F 784 -32.34 60.34 77.86
CA TYR F 784 -33.04 59.20 78.44
C TYR F 784 -33.97 58.54 77.42
N ILE F 785 -34.14 59.11 76.23
CA ILE F 785 -34.87 58.46 75.16
C ILE F 785 -33.95 57.65 74.27
N MET F 786 -32.83 58.24 73.84
CA MET F 786 -31.90 57.56 72.95
C MET F 786 -31.08 56.48 73.64
N ASP F 787 -31.15 56.37 74.96
CA ASP F 787 -30.41 55.34 75.67
C ASP F 787 -31.19 54.03 75.63
N PRO F 788 -30.66 52.97 74.98
CA PRO F 788 -31.40 51.69 74.95
C PRO F 788 -31.60 51.07 76.31
N ASP F 789 -30.70 51.35 77.26
CA ASP F 789 -30.78 50.71 78.57
C ASP F 789 -32.09 51.06 79.27
N CYS F 790 -32.50 52.33 79.19
CA CYS F 790 -33.81 52.72 79.72
C CYS F 790 -34.95 52.07 78.94
N GLN F 791 -34.79 51.98 77.61
CA GLN F 791 -35.88 51.46 76.78
C GLN F 791 -36.19 50.01 77.10
N ASN F 792 -35.16 49.20 77.33
CA ASN F 792 -35.39 47.79 77.67
C ASN F 792 -36.16 47.66 78.97
N ALA F 793 -35.78 48.45 79.99
CA ALA F 793 -36.49 48.41 81.26
C ALA F 793 -37.94 48.86 81.08
N PHE F 794 -38.16 49.91 80.29
CA PHE F 794 -39.53 50.38 80.07
C PHE F 794 -40.38 49.32 79.39
N PHE F 795 -39.80 48.64 78.38
CA PHE F 795 -40.52 47.57 77.69
C PHE F 795 -40.85 46.43 78.65
N SER F 796 -39.90 46.08 79.52
CA SER F 796 -40.16 45.04 80.51
C SER F 796 -41.29 45.44 81.44
N ILE F 797 -41.30 46.69 81.89
CA ILE F 797 -42.39 47.17 82.73
C ILE F 797 -43.72 47.07 82.00
N LEU F 798 -43.74 47.47 80.72
CA LEU F 798 -44.97 47.44 79.95
C LEU F 798 -45.51 46.02 79.81
N VAL F 799 -44.64 45.07 79.47
CA VAL F 799 -45.12 43.70 79.28
C VAL F 799 -45.56 43.09 80.61
N TYR F 800 -44.84 43.42 81.70
CA TYR F 800 -45.24 42.92 83.01
C TYR F 800 -46.62 43.45 83.39
N PHE F 801 -46.87 44.74 83.13
CA PHE F 801 -48.17 45.31 83.44
C PHE F 801 -49.27 44.68 82.58
N TRP F 802 -48.99 44.43 81.30
CA TRP F 802 -49.97 43.79 80.44
C TRP F 802 -50.31 42.40 80.95
N GLU F 803 -49.30 41.62 81.36
CA GLU F 803 -49.58 40.29 81.88
C GLU F 803 -50.35 40.35 83.20
N LYS F 804 -50.05 41.35 84.03
CA LYS F 804 -50.83 41.54 85.26
C LYS F 804 -52.29 41.82 84.94
N LEU F 805 -52.55 42.69 83.97
CA LEU F 805 -53.92 42.95 83.54
C LEU F 805 -54.58 41.68 83.04
N GLN F 806 -53.87 40.90 82.23
CA GLN F 806 -54.45 39.68 81.67
C GLN F 806 -54.82 38.69 82.76
N LYS F 807 -53.95 38.53 83.76
CA LYS F 807 -54.25 37.59 84.84
C LYS F 807 -55.30 38.12 85.81
N GLU F 808 -55.49 39.44 85.88
CA GLU F 808 -56.44 39.99 86.84
C GLU F 808 -57.84 40.18 86.27
N TYR F 809 -57.97 41.00 85.23
CA TYR F 809 -59.28 41.41 84.72
C TYR F 809 -59.64 40.74 83.40
N ASN F 810 -59.01 39.63 83.05
CA ASN F 810 -59.36 38.85 81.87
C ASN F 810 -59.30 39.69 80.59
N GLY F 811 -58.33 40.60 80.52
CA GLY F 811 -58.11 41.38 79.32
C GLY F 811 -59.12 42.46 79.03
N GLN F 812 -59.97 42.81 79.99
CA GLN F 812 -61.00 43.83 79.79
C GLN F 812 -60.64 45.09 80.58
N ILE F 813 -60.61 46.22 79.88
CA ILE F 813 -60.27 47.49 80.52
C ILE F 813 -61.49 48.18 81.12
N LYS F 814 -62.71 47.75 80.77
CA LYS F 814 -63.90 48.35 81.37
C LYS F 814 -64.13 47.85 82.80
N LYS F 815 -63.79 46.59 83.07
CA LYS F 815 -64.05 46.00 84.38
C LYS F 815 -63.07 46.45 85.46
N VAL F 816 -61.94 47.05 85.09
CA VAL F 816 -60.98 47.48 86.09
C VAL F 816 -61.59 48.62 86.91
N PHE F 817 -61.16 48.73 88.16
CA PHE F 817 -61.74 49.66 89.12
C PHE F 817 -60.83 50.87 89.30
N CYS F 818 -61.40 52.07 89.15
CA CYS F 818 -60.71 53.31 89.41
C CYS F 818 -61.72 54.38 89.80
N PRO F 819 -61.76 54.76 91.08
CA PRO F 819 -62.81 55.72 91.50
C PRO F 819 -62.59 57.13 90.99
N THR F 820 -61.35 57.62 90.98
CA THR F 820 -61.09 58.97 90.52
C THR F 820 -61.51 59.16 89.06
N ILE F 821 -61.13 58.20 88.21
CA ILE F 821 -61.62 58.21 86.83
C ILE F 821 -63.08 57.78 86.83
N GLU F 822 -63.81 58.19 85.79
CA GLU F 822 -65.25 57.94 85.64
C GLU F 822 -66.04 58.80 86.61
N SER F 823 -65.33 59.50 87.50
CA SER F 823 -65.91 60.52 88.35
C SER F 823 -65.51 61.92 87.91
N GLU F 824 -64.21 62.14 87.67
CA GLU F 824 -63.78 63.37 87.03
C GLU F 824 -64.25 63.43 85.58
N THR F 825 -64.40 62.26 84.94
CA THR F 825 -64.87 62.22 83.56
C THR F 825 -66.31 62.70 83.46
N GLU F 826 -67.20 62.19 84.31
CA GLU F 826 -68.56 62.67 84.31
C GLU F 826 -68.63 64.13 84.76
N ALA F 827 -67.69 64.56 85.60
CA ALA F 827 -67.63 65.97 85.97
C ALA F 827 -67.32 66.84 84.75
N TYR F 828 -66.40 66.39 83.90
CA TYR F 828 -66.15 67.08 82.64
C TYR F 828 -67.38 67.04 81.75
N ARG F 829 -68.07 65.91 81.72
CA ARG F 829 -69.30 65.80 80.92
C ARG F 829 -70.35 66.79 81.41
N LYS F 830 -70.34 67.12 82.71
CA LYS F 830 -71.20 68.19 83.20
C LYS F 830 -70.86 69.51 82.54
N SER F 831 -69.56 69.79 82.37
CA SER F 831 -69.12 70.93 81.56
C SER F 831 -69.34 70.58 80.09
N GLN F 832 -68.95 71.49 79.20
CA GLN F 832 -69.15 71.35 77.76
C GLN F 832 -70.62 71.22 77.39
N ASP F 833 -71.51 71.61 78.30
CA ASP F 833 -72.96 71.57 78.08
C ASP F 833 -73.45 73.01 78.09
N THR F 834 -73.43 73.63 76.90
CA THR F 834 -73.76 75.05 76.82
C THR F 834 -75.20 75.33 77.19
N LEU F 835 -76.12 74.45 76.79
CA LEU F 835 -77.54 74.72 76.97
C LEU F 835 -77.92 74.83 78.45
N HIS F 836 -77.41 73.91 79.27
CA HIS F 836 -77.73 73.94 80.70
C HIS F 836 -77.19 75.21 81.35
N ARG F 837 -75.95 75.58 81.03
CA ARG F 837 -75.37 76.80 81.59
C ARG F 837 -76.16 78.03 81.17
N PHE F 838 -76.51 78.12 79.88
CA PHE F 838 -77.29 79.26 79.41
C PHE F 838 -78.66 79.31 80.09
N ILE F 839 -79.32 78.16 80.24
CA ILE F 839 -80.63 78.13 80.87
C ILE F 839 -80.53 78.61 82.30
N THR F 840 -79.58 78.10 83.06
CA THR F 840 -79.37 78.64 84.41
C THR F 840 -78.32 79.76 84.40
N GLU F 841 -78.41 80.65 83.42
CA GLU F 841 -77.73 81.94 83.45
C GLU F 841 -78.63 83.08 83.02
N ARG F 842 -79.50 82.86 82.04
CA ARG F 842 -80.23 83.96 81.41
C ARG F 842 -81.75 83.82 81.48
N VAL F 843 -82.29 82.63 81.73
CA VAL F 843 -83.73 82.41 81.73
C VAL F 843 -84.11 81.81 83.08
N VAL F 844 -85.06 82.45 83.77
CA VAL F 844 -85.54 82.01 85.07
C VAL F 844 -87.05 81.89 84.99
N GLU F 845 -87.65 81.33 86.04
CA GLU F 845 -89.09 81.17 86.09
C GLU F 845 -89.79 82.53 85.98
N SER F 846 -90.91 82.56 85.28
CA SER F 846 -91.62 83.80 85.02
C SER F 846 -92.37 84.24 86.28
N PRO F 847 -92.04 85.39 86.86
CA PRO F 847 -92.83 85.89 88.00
C PRO F 847 -94.22 86.35 87.59
N SER F 848 -94.28 87.23 86.59
CA SER F 848 -95.54 87.79 86.11
C SER F 848 -95.25 88.63 84.88
N ALA F 849 -96.28 88.82 84.06
CA ALA F 849 -96.20 89.62 82.83
C ALA F 849 -95.16 89.07 81.86
N GLU F 850 -95.20 87.74 81.67
CA GLU F 850 -94.39 87.07 80.66
C GLU F 850 -95.30 86.27 79.76
N THR F 851 -95.11 86.43 78.45
CA THR F 851 -95.98 85.81 77.46
C THR F 851 -95.43 84.45 77.04
N VAL F 852 -95.98 83.89 75.96
CA VAL F 852 -95.49 82.63 75.42
C VAL F 852 -94.16 82.78 74.70
N TYR F 853 -93.78 84.02 74.35
CA TYR F 853 -92.51 84.31 73.69
C TYR F 853 -92.37 83.58 72.36
N ASN F 854 -93.50 83.30 71.72
CA ASN F 854 -93.57 82.64 70.40
C ASN F 854 -92.81 81.32 70.48
N LEU F 855 -91.84 81.05 69.61
CA LEU F 855 -91.19 79.76 69.52
C LEU F 855 -89.74 79.95 69.08
N SER F 856 -88.82 79.26 69.76
CA SER F 856 -87.39 79.28 69.44
C SER F 856 -86.77 80.66 69.54
N GLU F 857 -87.41 81.60 70.25
CA GLU F 857 -86.77 82.88 70.51
C GLU F 857 -85.66 82.73 71.54
N VAL F 858 -85.81 81.76 72.45
CA VAL F 858 -84.81 81.55 73.49
C VAL F 858 -83.51 81.05 72.88
N VAL F 859 -83.60 80.06 71.99
CA VAL F 859 -82.40 79.58 71.30
C VAL F 859 -81.89 80.66 70.34
N THR F 860 -82.79 81.50 69.83
CA THR F 860 -82.37 82.61 68.98
C THR F 860 -81.44 83.54 69.74
N ALA F 861 -81.80 83.89 70.97
CA ALA F 861 -80.92 84.73 71.79
C ALA F 861 -79.70 83.94 72.25
N TYR F 862 -79.87 82.65 72.51
CA TYR F 862 -78.79 81.77 72.94
C TYR F 862 -77.69 81.71 71.89
N ALA F 863 -78.06 81.87 70.61
CA ALA F 863 -77.07 81.88 69.55
C ALA F 863 -76.06 83.01 69.77
N GLU F 864 -76.55 84.24 69.94
CA GLU F 864 -75.63 85.36 70.17
C GLU F 864 -74.96 85.26 71.54
N TRP F 865 -75.66 84.71 72.53
CA TRP F 865 -75.02 84.50 73.83
C TRP F 865 -73.82 83.57 73.70
N TYR F 866 -73.97 82.46 72.98
CA TYR F 866 -72.87 81.53 72.76
C TYR F 866 -71.77 82.16 71.93
N ASN F 867 -72.13 82.96 70.92
CA ASN F 867 -71.12 83.63 70.11
C ASN F 867 -70.30 84.61 70.94
N THR F 868 -70.96 85.34 71.84
CA THR F 868 -70.26 86.32 72.67
C THR F 868 -69.66 85.73 73.94
N ASN F 869 -69.92 84.46 74.22
CA ASN F 869 -69.43 83.84 75.45
C ASN F 869 -68.43 82.72 75.21
N ILE F 870 -68.63 81.90 74.19
CA ILE F 870 -67.76 80.75 73.91
C ILE F 870 -67.02 80.92 72.59
N ASN F 871 -67.75 80.94 71.47
CA ASN F 871 -67.14 81.00 70.16
C ASN F 871 -68.22 81.28 69.13
N VAL F 872 -67.80 81.75 67.96
CA VAL F 872 -68.73 82.08 66.89
C VAL F 872 -68.86 80.88 65.95
N LYS F 873 -70.10 80.56 65.58
CA LYS F 873 -70.39 79.44 64.68
C LYS F 873 -71.83 79.58 64.23
N ARG F 874 -72.25 78.68 63.34
CA ARG F 874 -73.61 78.66 62.82
C ARG F 874 -74.45 77.63 63.56
N HIS F 875 -75.76 77.85 63.58
CA HIS F 875 -76.68 76.99 64.28
C HIS F 875 -77.90 76.71 63.41
N ILE F 876 -78.56 75.58 63.68
CA ILE F 876 -79.77 75.17 62.98
C ILE F 876 -80.88 75.00 64.00
N ALA F 877 -82.05 75.59 63.72
CA ALA F 877 -83.11 75.65 64.71
C ALA F 877 -83.72 74.28 64.99
N LEU F 878 -83.72 73.38 64.00
CA LEU F 878 -84.42 72.11 64.14
C LEU F 878 -83.91 71.30 65.33
N GLU F 879 -82.64 70.88 65.28
CA GLU F 879 -82.12 70.05 66.36
C GLU F 879 -82.05 70.81 67.68
N LEU F 880 -81.76 72.11 67.61
CA LEU F 880 -81.71 72.93 68.83
C LEU F 880 -83.06 72.97 69.53
N SER F 881 -84.15 72.88 68.77
CA SER F 881 -85.48 72.84 69.39
C SER F 881 -85.65 71.60 70.26
N GLN F 882 -85.17 70.45 69.78
CA GLN F 882 -85.40 69.19 70.48
C GLN F 882 -84.73 69.16 71.85
N GLU F 883 -83.51 69.66 71.96
CA GLU F 883 -82.84 69.65 73.26
C GLU F 883 -83.55 70.54 74.27
N LEU F 884 -84.36 71.50 73.81
CA LEU F 884 -85.18 72.26 74.74
C LEU F 884 -86.16 71.35 75.48
N GLU F 885 -86.81 70.43 74.76
CA GLU F 885 -87.58 69.39 75.44
C GLU F 885 -86.68 68.48 76.25
N ASN F 886 -85.51 68.14 75.70
CA ASN F 886 -84.55 67.33 76.45
C ASN F 886 -83.99 68.08 77.65
N SER F 887 -84.06 69.40 77.66
CA SER F 887 -83.59 70.19 78.80
C SER F 887 -84.64 70.18 79.91
N VAL F 888 -84.28 70.80 81.04
CA VAL F 888 -85.18 70.91 82.18
C VAL F 888 -86.35 71.84 81.90
N LEU F 889 -86.29 72.63 80.84
CA LEU F 889 -87.37 73.54 80.46
C LEU F 889 -88.58 72.83 79.85
N GLU F 890 -88.58 71.50 79.84
CA GLU F 890 -89.71 70.76 79.28
C GLU F 890 -90.99 71.03 80.07
N LYS F 891 -90.88 71.08 81.40
CA LYS F 891 -92.06 71.31 82.23
C LYS F 891 -92.69 72.66 81.93
N TYR F 892 -91.88 73.69 81.74
CA TYR F 892 -92.38 75.02 81.38
C TYR F 892 -92.45 75.21 79.87
N LEU F 893 -93.10 74.27 79.19
CA LEU F 893 -93.36 74.35 77.76
C LEU F 893 -94.81 73.97 77.51
N GLN F 894 -95.50 74.77 76.71
CA GLN F 894 -96.92 74.61 76.49
C GLN F 894 -97.19 74.37 75.01
N TRP F 895 -98.35 73.78 74.71
CA TRP F 895 -98.81 73.68 73.34
C TRP F 895 -99.69 74.88 73.01
N SER F 896 -99.94 75.08 71.72
CA SER F 896 -100.64 76.26 71.25
C SER F 896 -101.83 75.87 70.39
N PRO F 897 -102.85 76.73 70.32
CA PRO F 897 -103.96 76.46 69.39
C PRO F 897 -103.50 76.34 67.95
N ASN F 898 -102.44 77.03 67.56
CA ASN F 898 -101.83 76.86 66.25
C ASN F 898 -100.92 75.64 66.18
N LYS F 899 -101.00 74.75 67.17
CA LYS F 899 -100.20 73.52 67.22
C LYS F 899 -98.71 73.81 67.16
N THR F 900 -98.27 74.84 67.89
CA THR F 900 -96.87 75.18 68.02
C THR F 900 -96.43 75.02 69.47
N ARG F 901 -95.13 74.77 69.64
CA ARG F 901 -94.55 74.56 70.97
C ARG F 901 -94.17 75.92 71.55
N ILE F 902 -95.10 76.52 72.29
CA ILE F 902 -94.85 77.81 72.92
C ILE F 902 -94.15 77.57 74.25
N LEU F 903 -93.54 78.64 74.77
CA LEU F 903 -92.71 78.54 75.96
C LEU F 903 -93.35 79.37 77.07
N LYS F 904 -93.92 78.70 78.07
CA LYS F 904 -94.59 79.34 79.18
C LYS F 904 -93.71 79.30 80.42
N GLY F 905 -94.09 80.09 81.43
CA GLY F 905 -93.39 80.09 82.69
C GLY F 905 -91.93 80.49 82.61
N CYS F 906 -91.58 81.32 81.64
CA CYS F 906 -90.20 81.73 81.41
C CYS F 906 -90.10 83.24 81.49
N ARG F 907 -89.13 83.72 82.27
CA ARG F 907 -88.94 85.16 82.37
C ARG F 907 -88.21 85.71 81.15
N ILE F 908 -87.27 84.94 80.59
CA ILE F 908 -86.46 85.35 79.45
C ILE F 908 -85.76 86.66 79.76
N LEU F 909 -84.73 86.58 80.60
CA LEU F 909 -84.06 87.77 81.12
C LEU F 909 -82.84 88.10 80.25
N HIS F 910 -82.56 89.40 80.12
CA HIS F 910 -81.52 89.90 79.22
C HIS F 910 -80.65 90.93 79.93
N LYS F 911 -80.17 90.58 81.12
CA LYS F 911 -79.36 91.51 81.91
C LYS F 911 -78.50 90.69 82.86
N PHE F 912 -77.49 91.35 83.44
CA PHE F 912 -76.56 90.69 84.34
C PHE F 912 -76.65 91.20 85.78
N GLU F 913 -77.47 92.24 86.04
CA GLU F 913 -77.46 92.85 87.37
C GLU F 913 -78.01 91.89 88.42
N THR F 914 -79.18 91.29 88.17
CA THR F 914 -79.76 90.28 89.04
C THR F 914 -81.02 89.73 88.37
N LEU F 915 -81.50 88.62 88.92
CA LEU F 915 -82.77 88.06 88.47
C LEU F 915 -83.93 88.94 88.95
N GLN F 916 -84.98 89.02 88.13
CA GLN F 916 -86.13 89.84 88.45
C GLN F 916 -87.24 88.96 89.02
N PRO F 917 -87.57 89.08 90.31
CA PRO F 917 -88.62 88.27 90.94
C PRO F 917 -90.00 88.93 90.83
N ILE F 935 -56.88 58.04 97.71
CA ILE F 935 -57.35 56.89 98.49
C ILE F 935 -56.30 56.47 99.50
N CYS F 936 -55.35 55.67 99.06
CA CYS F 936 -54.28 55.18 99.92
C CYS F 936 -53.12 54.72 99.04
N GLU F 937 -51.98 54.50 99.66
CA GLU F 937 -50.78 54.04 98.97
C GLU F 937 -50.16 52.88 99.73
N PRO F 938 -49.46 51.99 99.04
CA PRO F 938 -48.77 50.89 99.71
C PRO F 938 -47.46 51.36 100.34
N LYS F 939 -46.74 50.42 100.93
CA LYS F 939 -45.50 50.74 101.64
C LYS F 939 -44.45 51.31 100.69
N ASN F 940 -43.96 50.50 99.76
CA ASN F 940 -43.00 50.96 98.78
C ASN F 940 -43.17 50.35 97.40
N LYS F 941 -44.18 49.51 97.19
CA LYS F 941 -44.36 48.78 95.93
C LYS F 941 -45.77 49.01 95.42
N TRP F 942 -45.95 50.09 94.64
CA TRP F 942 -47.24 50.31 93.99
C TRP F 942 -47.44 49.39 92.80
N TRP F 943 -46.35 49.02 92.11
CA TRP F 943 -46.47 48.07 91.01
C TRP F 943 -46.83 46.67 91.50
N GLU F 944 -46.73 46.43 92.81
CA GLU F 944 -47.22 45.17 93.38
C GLU F 944 -48.72 45.02 93.21
N TRP F 945 -49.43 46.12 92.94
CA TRP F 945 -50.84 46.24 92.60
C TRP F 945 -51.73 46.12 93.85
N SER F 946 -51.18 45.81 95.02
CA SER F 946 -51.96 45.69 96.26
C SER F 946 -52.97 44.54 96.12
N PRO F 947 -53.80 44.26 97.14
CA PRO F 947 -54.84 43.24 96.96
C PRO F 947 -55.89 43.65 95.95
N ASN F 948 -56.92 42.81 95.78
CA ASN F 948 -57.94 43.03 94.75
C ASN F 948 -58.56 44.42 94.78
N PRO F 949 -58.96 44.97 95.94
CA PRO F 949 -59.44 46.37 95.92
C PRO F 949 -58.40 47.36 95.41
N SER F 950 -57.13 47.13 95.74
CA SER F 950 -56.03 47.97 95.28
C SER F 950 -56.23 49.44 95.64
N THR G 11 2.89 24.20 44.86
CA THR G 11 1.51 24.50 45.24
C THR G 11 0.56 24.19 44.09
N ILE G 12 0.67 24.96 43.01
CA ILE G 12 -0.14 24.72 41.83
C ILE G 12 0.19 23.37 41.21
N GLN G 13 1.42 22.89 41.41
CA GLN G 13 1.80 21.58 40.90
C GLN G 13 0.89 20.48 41.44
N LEU G 14 0.38 20.64 42.66
CA LEU G 14 -0.59 19.69 43.18
C LEU G 14 -1.84 19.66 42.31
N THR G 15 -2.34 20.83 41.92
CA THR G 15 -3.51 20.90 41.04
C THR G 15 -3.19 20.31 39.67
N ALA G 16 -1.98 20.56 39.17
CA ALA G 16 -1.60 20.01 37.87
C ALA G 16 -1.59 18.48 37.92
N GLN G 17 -1.01 17.91 38.96
CA GLN G 17 -1.02 16.46 39.14
C GLN G 17 -2.46 15.94 39.26
N ARG G 18 -3.28 16.64 40.03
CA ARG G 18 -4.70 16.28 40.14
C ARG G 18 -5.38 16.31 38.77
N LYS G 19 -4.91 17.16 37.87
CA LYS G 19 -5.56 17.28 36.57
C LYS G 19 -5.12 16.17 35.61
N TYR G 20 -3.82 16.06 35.34
CA TYR G 20 -3.36 15.16 34.29
C TYR G 20 -2.84 13.83 34.81
N LEU G 21 -3.25 13.41 36.00
CA LEU G 21 -2.88 12.10 36.54
C LEU G 21 -4.12 11.45 37.15
N ALA G 22 -4.67 10.46 36.45
CA ALA G 22 -5.87 9.79 36.95
C ALA G 22 -5.60 9.00 38.23
N GLU G 23 -4.38 8.49 38.40
CA GLU G 23 -4.05 7.76 39.62
C GLU G 23 -4.15 8.65 40.85
N VAL G 24 -3.85 9.94 40.71
CA VAL G 24 -4.06 10.86 41.82
C VAL G 24 -5.54 10.93 42.19
N GLN G 25 -6.41 10.96 41.17
CA GLN G 25 -7.85 10.96 41.44
C GLN G 25 -8.29 9.66 42.11
N ALA G 26 -7.72 8.54 41.68
CA ALA G 26 -8.02 7.27 42.34
C ALA G 26 -7.60 7.29 43.80
N LEU G 27 -6.41 7.84 44.08
CA LEU G 27 -5.95 7.96 45.45
C LEU G 27 -6.88 8.84 46.27
N GLU G 28 -7.30 9.97 45.70
CA GLU G 28 -8.19 10.87 46.43
C GLU G 28 -9.54 10.23 46.70
N THR G 29 -10.09 9.51 45.72
CA THR G 29 -11.36 8.81 45.92
C THR G 29 -11.23 7.74 46.99
N LEU G 30 -10.13 6.99 46.97
CA LEU G 30 -9.91 5.96 47.98
C LEU G 30 -9.78 6.57 49.37
N LEU G 31 -9.09 7.72 49.46
CA LEU G 31 -8.98 8.43 50.73
C LEU G 31 -10.35 8.89 51.22
N THR G 32 -11.16 9.46 50.33
CA THR G 32 -12.42 10.07 50.74
C THR G 32 -13.49 9.03 51.07
N ARG G 33 -13.52 7.92 50.35
CA ARG G 33 -14.59 6.93 50.55
C ARG G 33 -14.20 5.85 51.56
N GLU G 34 -13.14 5.10 51.28
CA GLU G 34 -12.79 3.97 52.13
C GLU G 34 -12.05 4.41 53.39
N LEU G 35 -11.08 5.31 53.26
CA LEU G 35 -10.24 5.67 54.39
C LEU G 35 -10.86 6.71 55.30
N SER G 36 -12.02 7.28 54.93
CA SER G 36 -12.68 8.25 55.81
C SER G 36 -13.10 7.60 57.12
N VAL G 37 -13.65 6.38 57.05
CA VAL G 37 -14.09 5.69 58.25
C VAL G 37 -12.93 5.27 59.14
N PHE G 38 -11.74 5.09 58.57
CA PHE G 38 -10.57 4.71 59.35
C PHE G 38 -9.81 5.95 59.84
N LEU G 39 -10.53 6.86 60.47
CA LEU G 39 -9.93 8.10 60.97
C LEU G 39 -9.25 7.84 62.32
N THR G 40 -8.46 8.82 62.75
CA THR G 40 -7.75 8.74 64.00
C THR G 40 -7.66 10.12 64.63
N GLU G 41 -7.72 10.16 65.95
CA GLU G 41 -7.65 11.43 66.66
C GLU G 41 -6.27 12.07 66.49
N PRO G 42 -6.19 13.40 66.49
CA PRO G 42 -4.90 14.06 66.26
C PRO G 42 -3.84 13.72 67.30
N GLY G 43 -4.23 13.52 68.55
CA GLY G 43 -3.27 13.26 69.60
C GLY G 43 -3.12 11.80 69.98
N SER G 44 -4.04 10.96 69.51
CA SER G 44 -4.01 9.55 69.86
C SER G 44 -2.83 8.85 69.19
N LYS G 45 -2.28 7.85 69.87
CA LYS G 45 -1.15 7.09 69.37
C LYS G 45 -1.54 5.96 68.42
N LYS G 46 -2.84 5.74 68.22
CA LYS G 46 -3.29 4.64 67.36
C LYS G 46 -3.03 4.91 65.88
N THR G 47 -2.70 6.14 65.50
CA THR G 47 -2.44 6.45 64.11
C THR G 47 -1.14 5.80 63.63
N ASN G 48 -1.14 5.39 62.36
CA ASN G 48 0.06 4.83 61.74
C ASN G 48 0.52 5.61 60.52
N ILE G 49 -0.40 6.17 59.74
CA ILE G 49 -0.07 6.95 58.55
C ILE G 49 -0.68 8.35 58.71
N ILE G 50 0.16 9.37 58.59
CA ILE G 50 -0.26 10.75 58.73
C ILE G 50 0.23 11.53 57.51
N ASN G 51 -0.70 12.14 56.79
CA ASN G 51 -0.36 13.00 55.67
C ASN G 51 -0.40 14.45 56.16
N ARG G 52 0.77 15.10 56.11
CA ARG G 52 0.89 16.48 56.56
C ARG G 52 0.34 17.49 55.56
N ILE G 53 -0.01 17.05 54.35
CA ILE G 53 -0.65 17.95 53.39
C ILE G 53 -1.95 18.49 53.97
N THR G 54 -2.77 17.59 54.53
CA THR G 54 -3.97 18.00 55.24
C THR G 54 -3.97 17.51 56.69
N GLY G 55 -2.86 16.94 57.15
CA GLY G 55 -2.79 16.44 58.52
C GLY G 55 -3.78 15.35 58.82
N LYS G 56 -4.03 14.45 57.86
CA LYS G 56 -4.95 13.36 58.05
C LYS G 56 -4.23 12.19 58.73
N THR G 57 -4.86 11.62 59.76
CA THR G 57 -4.29 10.54 60.53
C THR G 57 -5.16 9.30 60.37
N TYR G 58 -4.53 8.16 60.11
CA TYR G 58 -5.26 6.91 59.88
C TYR G 58 -4.68 5.78 60.71
N ALA G 59 -5.51 4.77 60.92
CA ALA G 59 -5.15 3.54 61.62
C ALA G 59 -5.47 2.33 60.74
N LEU G 60 -5.00 2.40 59.50
CA LEU G 60 -5.42 1.46 58.47
C LEU G 60 -5.06 0.02 58.86
N PRO G 61 -5.98 -0.93 58.72
CA PRO G 61 -5.62 -2.35 58.86
C PRO G 61 -4.74 -2.82 57.71
N SER G 62 -4.42 -4.12 57.70
CA SER G 62 -3.46 -4.65 56.74
C SER G 62 -3.92 -4.46 55.30
N THR G 63 -5.21 -4.69 55.03
CA THR G 63 -5.72 -4.58 53.66
C THR G 63 -5.58 -3.16 53.14
N GLU G 64 -6.04 -2.18 53.92
CA GLU G 64 -5.91 -0.79 53.50
C GLU G 64 -4.44 -0.39 53.38
N LEU G 65 -3.60 -0.87 54.29
CA LEU G 65 -2.17 -0.56 54.21
C LEU G 65 -1.57 -1.06 52.90
N LEU G 66 -1.84 -2.32 52.54
CA LEU G 66 -1.25 -2.86 51.32
C LEU G 66 -1.82 -2.18 50.08
N ARG G 67 -3.11 -1.87 50.07
CA ARG G 67 -3.70 -1.20 48.92
C ARG G 67 -3.09 0.19 48.74
N LEU G 68 -2.93 0.93 49.85
CA LEU G 68 -2.31 2.25 49.79
C LEU G 68 -0.87 2.14 49.33
N TYR G 69 -0.13 1.13 49.82
CA TYR G 69 1.24 0.94 49.39
C TYR G 69 1.33 0.69 47.89
N GLU G 70 0.45 -0.17 47.36
CA GLU G 70 0.44 -0.44 45.93
C GLU G 70 0.16 0.82 45.14
N HIS G 71 -0.90 1.56 45.51
CA HIS G 71 -1.30 2.70 44.70
C HIS G 71 -0.26 3.82 44.80
N LEU G 72 0.34 4.00 45.98
CA LEU G 72 1.44 4.94 46.13
C LEU G 72 2.64 4.51 45.30
N GLU G 73 2.88 3.20 45.17
CA GLU G 73 3.96 2.75 44.31
C GLU G 73 3.71 3.15 42.86
N GLN G 74 2.49 2.94 42.36
CA GLN G 74 2.22 3.37 40.99
C GLN G 74 2.33 4.88 40.84
N CYS G 75 1.81 5.65 41.80
CA CYS G 75 1.87 7.10 41.68
C CYS G 75 3.31 7.60 41.72
N ARG G 76 4.13 7.02 42.60
CA ARG G 76 5.54 7.41 42.66
C ARG G 76 6.28 7.04 41.39
N LYS G 77 6.02 5.84 40.85
CA LYS G 77 6.63 5.48 39.58
C LYS G 77 6.17 6.38 38.45
N GLN G 78 4.99 7.00 38.58
CA GLN G 78 4.58 8.01 37.63
C GLN G 78 5.32 9.32 37.84
N GLY G 79 5.72 9.63 39.07
CA GLY G 79 6.47 10.85 39.34
C GLY G 79 5.67 11.92 40.06
N ALA G 80 4.84 11.51 41.00
CA ALA G 80 4.01 12.46 41.75
C ALA G 80 4.81 13.03 42.92
N LEU G 81 4.14 13.83 43.76
CA LEU G 81 4.76 14.45 44.93
C LEU G 81 3.92 14.09 46.14
N MET G 82 4.41 13.16 46.97
CA MET G 82 3.71 12.73 48.16
C MET G 82 4.35 13.36 49.40
N TYR G 83 3.53 13.52 50.44
CA TYR G 83 3.98 14.09 51.71
C TYR G 83 3.44 13.30 52.88
N PHE G 84 3.50 11.98 52.79
CA PHE G 84 3.01 11.11 53.84
C PHE G 84 4.12 10.80 54.85
N LEU G 85 3.72 10.35 56.02
CA LEU G 85 4.64 10.03 57.10
C LEU G 85 4.10 8.85 57.89
N GLU G 86 5.02 8.13 58.55
CA GLU G 86 4.64 7.02 59.42
C GLU G 86 5.44 7.14 60.71
N ARG G 87 4.82 6.71 61.81
CA ARG G 87 5.45 6.72 63.12
C ARG G 87 5.55 5.30 63.65
N GLN G 88 6.74 4.93 64.11
CA GLN G 88 6.97 3.59 64.60
C GLN G 88 6.31 3.38 65.96
N GLY G 89 5.86 2.15 66.19
CA GLY G 89 5.24 1.75 67.43
C GLY G 89 6.21 1.09 68.37
N THR G 90 5.71 0.12 69.14
CA THR G 90 6.57 -0.62 70.07
C THR G 90 7.40 -1.69 69.38
N TYR G 91 7.15 -1.95 68.10
CA TYR G 91 7.96 -2.89 67.34
C TYR G 91 7.91 -2.49 65.87
N SER G 92 9.08 -2.32 65.26
CA SER G 92 9.20 -1.89 63.87
C SER G 92 10.63 -2.11 63.43
N GLY G 93 10.95 -1.61 62.24
CA GLY G 93 12.29 -1.72 61.69
C GLY G 93 13.22 -0.63 62.19
N LEU G 94 14.35 -0.52 61.51
CA LEU G 94 15.39 0.45 61.83
C LEU G 94 15.41 1.54 60.76
N MET G 95 15.20 2.78 61.19
CA MET G 95 15.30 3.94 60.30
C MET G 95 16.44 4.82 60.79
N LEU G 96 17.26 5.29 59.85
CA LEU G 96 18.50 5.97 60.16
C LEU G 96 18.55 7.32 59.46
N ASP G 97 19.26 8.26 60.10
CA ASP G 97 19.46 9.60 59.55
C ASP G 97 20.91 10.01 59.72
N TYR G 98 21.51 10.51 58.64
CA TYR G 98 22.83 11.12 58.66
C TYR G 98 22.74 12.57 58.25
N ASP G 99 23.35 13.45 59.04
CA ASP G 99 23.54 14.85 58.68
C ASP G 99 24.95 15.07 58.13
N LEU G 100 25.22 14.44 56.99
CA LEU G 100 26.55 14.48 56.36
C LEU G 100 26.75 15.86 55.75
N LYS G 101 27.17 16.79 56.60
CA LYS G 101 27.44 18.17 56.19
C LYS G 101 28.90 18.26 55.81
N LEU G 102 29.20 17.90 54.55
CA LEU G 102 30.57 17.85 54.08
C LEU G 102 31.12 19.27 53.88
N ASN G 103 32.45 19.37 53.87
CA ASN G 103 33.10 20.64 53.61
C ASN G 103 32.83 21.13 52.19
N THR G 104 32.86 20.24 51.21
CA THR G 104 32.63 20.58 49.82
C THR G 104 31.38 19.87 49.33
N ASN G 105 30.59 20.57 48.52
CA ASN G 105 29.36 20.00 47.97
C ASN G 105 29.63 19.21 46.69
N ALA G 106 30.55 18.26 46.79
CA ALA G 106 30.89 17.37 45.69
C ALA G 106 30.55 15.94 46.10
N VAL G 107 30.21 15.12 45.11
CA VAL G 107 29.72 13.76 45.39
C VAL G 107 30.83 12.95 46.05
N PRO G 108 30.59 12.39 47.23
CA PRO G 108 31.50 11.38 47.79
C PRO G 108 31.05 9.98 47.43
N PRO G 109 31.34 9.51 46.22
CA PRO G 109 30.79 8.20 45.78
C PRO G 109 31.31 7.09 46.68
N LEU G 110 30.41 6.53 47.49
CA LEU G 110 30.78 5.49 48.45
C LEU G 110 30.75 4.14 47.76
N GLU G 111 31.83 3.37 47.95
CA GLU G 111 31.90 2.05 47.36
C GLU G 111 30.92 1.11 48.05
N PRO G 112 30.33 0.19 47.31
CA PRO G 112 29.53 -0.87 47.94
C PRO G 112 30.34 -1.66 48.97
N PRO G 113 31.65 -1.87 48.75
CA PRO G 113 32.47 -2.37 49.87
C PRO G 113 32.44 -1.48 51.10
N ALA G 114 32.48 -0.16 50.94
CA ALA G 114 32.44 0.73 52.09
C ALA G 114 31.08 0.69 52.77
N LEU G 115 30.01 0.64 51.97
CA LEU G 115 28.67 0.50 52.53
C LEU G 115 28.54 -0.80 53.30
N SER G 116 29.12 -1.89 52.79
CA SER G 116 29.11 -3.15 53.51
C SER G 116 29.95 -3.09 54.77
N ARG G 117 31.03 -2.31 54.77
CA ARG G 117 31.79 -2.11 56.00
C ARG G 117 30.93 -1.40 57.04
N LEU G 118 30.18 -0.38 56.63
CA LEU G 118 29.24 0.27 57.54
C LEU G 118 28.19 -0.72 58.05
N CYS G 119 27.67 -1.56 57.17
CA CYS G 119 26.68 -2.57 57.55
C CYS G 119 27.28 -3.55 58.55
N HIS G 120 28.52 -3.97 58.34
CA HIS G 120 29.18 -4.86 59.30
C HIS G 120 29.39 -4.17 60.64
N ARG G 121 29.75 -2.89 60.62
CA ARG G 121 29.90 -2.15 61.87
C ARG G 121 28.60 -2.13 62.67
N ILE G 122 27.50 -1.78 62.00
CA ILE G 122 26.22 -1.73 62.71
C ILE G 122 25.77 -3.14 63.11
N PHE G 123 26.08 -4.14 62.29
CA PHE G 123 25.76 -5.52 62.62
C PHE G 123 26.46 -5.96 63.90
N VAL G 124 27.75 -5.65 64.01
CA VAL G 124 28.49 -5.96 65.22
C VAL G 124 27.92 -5.18 66.40
N HIS G 125 27.58 -3.91 66.19
CA HIS G 125 27.01 -3.10 67.24
C HIS G 125 25.66 -3.61 67.71
N ILE G 126 24.94 -4.38 66.88
CA ILE G 126 23.62 -4.88 67.27
C ILE G 126 23.63 -6.35 67.68
N LYS G 127 24.70 -7.10 67.42
CA LYS G 127 24.74 -8.49 67.88
C LYS G 127 24.70 -8.61 69.39
N ASN G 128 25.14 -7.57 70.11
CA ASN G 128 25.09 -7.63 71.57
C ASN G 128 23.69 -7.25 72.06
N SER G 129 22.68 -7.92 71.51
CA SER G 129 21.28 -7.66 71.84
C SER G 129 20.47 -8.89 71.44
N SER G 130 19.14 -8.79 71.54
CA SER G 130 18.29 -9.90 71.17
C SER G 130 18.28 -10.09 69.66
N VAL G 131 18.54 -11.32 69.23
CA VAL G 131 18.55 -11.68 67.82
C VAL G 131 17.81 -12.99 67.64
N LEU G 132 17.47 -13.29 66.39
CA LEU G 132 16.77 -14.52 66.05
C LEU G 132 17.72 -15.71 66.10
N ILE G 139 18.09 -10.94 56.66
CA ILE G 139 17.65 -9.55 56.79
C ILE G 139 17.85 -8.81 55.47
N HIS G 140 16.87 -7.97 55.14
CA HIS G 140 16.94 -7.15 53.94
C HIS G 140 17.52 -5.78 54.29
N PHE G 141 18.38 -5.27 53.40
CA PHE G 141 19.09 -4.03 53.62
C PHE G 141 18.85 -3.09 52.44
N PHE G 142 18.43 -1.87 52.72
CA PHE G 142 18.15 -0.88 51.68
C PHE G 142 18.77 0.45 52.07
N PHE G 143 19.26 1.18 51.06
CA PHE G 143 20.10 2.35 51.26
C PHE G 143 19.69 3.44 50.29
N THR G 144 19.26 4.58 50.83
CA THR G 144 18.83 5.73 50.03
C THR G 144 19.57 6.97 50.48
N LEU G 145 19.58 8.00 49.64
CA LEU G 145 20.34 9.20 49.92
C LEU G 145 19.65 10.41 49.30
N LYS G 146 20.10 11.59 49.72
CA LYS G 146 19.56 12.84 49.21
C LYS G 146 19.88 13.00 47.72
N PRO G 147 19.02 13.69 46.96
CA PRO G 147 19.33 13.95 45.54
C PRO G 147 20.48 14.92 45.34
N GLU G 148 21.17 15.28 46.42
CA GLU G 148 22.38 16.09 46.38
C GLU G 148 22.12 17.47 45.80
N VAL G 149 23.19 18.13 45.32
CA VAL G 149 23.15 19.47 44.74
C VAL G 149 22.52 20.42 45.76
N VAL G 150 23.24 20.65 46.86
CA VAL G 150 22.76 21.52 47.93
C VAL G 150 23.94 21.83 48.86
N GLN G 151 23.90 22.99 49.51
CA GLN G 151 24.92 23.31 50.50
C GLN G 151 24.88 22.31 51.64
N GLY G 152 26.06 21.98 52.16
CA GLY G 152 26.16 20.94 53.17
C GLY G 152 26.03 19.53 52.64
N LYS G 153 26.00 19.37 51.33
CA LYS G 153 25.95 18.07 50.63
C LYS G 153 24.73 17.29 51.12
N TYR G 154 24.79 15.96 51.08
CA TYR G 154 23.62 15.10 51.14
C TYR G 154 23.50 14.43 52.51
N GLY G 155 22.45 13.62 52.65
CA GLY G 155 22.28 12.80 53.83
C GLY G 155 21.87 11.40 53.43
N PHE G 156 22.25 10.43 54.26
CA PHE G 156 22.06 9.02 53.97
C PHE G 156 21.06 8.40 54.94
N HIS G 157 20.26 7.46 54.44
CA HIS G 157 19.30 6.73 55.27
C HIS G 157 19.36 5.25 54.89
N VAL G 158 19.60 4.40 55.88
CA VAL G 158 19.51 2.95 55.72
C VAL G 158 18.25 2.46 56.42
N LEU G 159 17.48 1.61 55.74
CA LEU G 159 16.23 1.12 56.27
C LEU G 159 16.34 -0.39 56.50
N ILE G 160 16.05 -0.81 57.73
CA ILE G 160 16.16 -2.22 58.11
C ILE G 160 14.82 -2.66 58.69
N PRO G 161 13.81 -2.93 57.87
CA PRO G 161 12.49 -3.32 58.39
C PRO G 161 12.33 -4.81 58.68
N GLY G 162 13.42 -5.59 58.65
CA GLY G 162 13.28 -7.02 58.83
C GLY G 162 12.78 -7.40 60.22
N LEU G 163 13.37 -6.80 61.25
CA LEU G 163 13.08 -7.16 62.63
C LEU G 163 12.03 -6.24 63.22
N LYS G 164 11.76 -6.44 64.52
CA LYS G 164 10.76 -5.64 65.24
C LYS G 164 11.26 -5.46 66.68
N LEU G 165 12.06 -4.42 66.89
CA LEU G 165 12.62 -4.13 68.21
C LEU G 165 12.56 -2.64 68.50
N ALA G 166 11.43 -2.01 68.19
CA ALA G 166 11.28 -0.56 68.37
C ALA G 166 11.07 -0.26 69.85
N ALA G 167 12.17 -0.19 70.59
CA ALA G 167 12.14 0.09 72.02
C ALA G 167 13.40 0.88 72.37
N SER G 168 13.71 0.95 73.67
CA SER G 168 14.91 1.62 74.12
C SER G 168 16.19 0.92 73.64
N THR G 169 16.08 -0.31 73.15
CA THR G 169 17.24 -0.97 72.57
C THR G 169 17.76 -0.20 71.36
N LYS G 170 16.86 0.39 70.57
CA LYS G 170 17.29 1.23 69.46
C LYS G 170 18.03 2.47 69.97
N LYS G 171 17.57 3.03 71.09
CA LYS G 171 18.29 4.15 71.70
C LYS G 171 19.69 3.73 72.12
N SER G 172 19.81 2.52 72.70
CA SER G 172 21.12 2.01 73.09
C SER G 172 22.01 1.81 71.87
N ILE G 173 21.45 1.32 70.77
CA ILE G 173 22.22 1.13 69.55
C ILE G 173 22.68 2.48 69.00
N ILE G 174 21.81 3.49 69.06
CA ILE G 174 22.18 4.82 68.62
C ILE G 174 23.34 5.35 69.47
N GLY G 175 23.25 5.18 70.78
CA GLY G 175 24.35 5.59 71.64
C GLY G 175 25.64 4.85 71.34
N SER G 176 25.54 3.55 71.05
CA SER G 176 26.73 2.78 70.69
C SER G 176 27.35 3.29 69.41
N LEU G 177 26.53 3.59 68.40
CA LEU G 177 27.04 4.13 67.14
C LEU G 177 27.53 5.56 67.29
N GLN G 178 27.15 6.25 68.38
CA GLN G 178 27.58 7.63 68.57
C GLN G 178 29.10 7.72 68.70
N HIS G 179 29.71 6.80 69.46
CA HIS G 179 31.14 6.86 69.74
C HIS G 179 31.99 6.07 68.75
N ASP G 180 31.37 5.43 67.76
CA ASP G 180 32.14 4.63 66.81
C ASP G 180 33.06 5.51 65.99
N ALA G 181 34.31 5.06 65.81
CA ALA G 181 35.30 5.79 65.03
C ALA G 181 35.50 5.21 63.64
N THR G 182 35.16 3.93 63.43
CA THR G 182 35.25 3.35 62.10
C THR G 182 34.35 4.08 61.12
N VAL G 183 33.14 4.42 61.55
CA VAL G 183 32.25 5.22 60.71
C VAL G 183 32.87 6.60 60.45
N GLN G 184 33.50 7.18 61.47
CA GLN G 184 34.20 8.45 61.29
C GLN G 184 35.36 8.30 60.33
N LYS G 185 36.09 7.17 60.42
CA LYS G 185 37.18 6.92 59.49
C LYS G 185 36.67 6.82 58.06
N ILE G 186 35.54 6.15 57.86
CA ILE G 186 34.97 6.05 56.51
C ILE G 186 34.50 7.41 56.02
N LEU G 187 33.95 8.23 56.92
CA LEU G 187 33.58 9.60 56.55
C LEU G 187 34.80 10.40 56.12
N HIS G 188 35.91 10.26 56.84
CA HIS G 188 37.16 10.90 56.42
C HIS G 188 37.61 10.38 55.07
N GLU G 189 37.45 9.08 54.81
CA GLU G 189 37.77 8.53 53.50
C GLU G 189 36.95 9.19 52.41
N GLN G 190 35.66 9.40 52.67
CA GLN G 190 34.78 10.08 51.71
C GLN G 190 34.98 11.59 51.69
N GLY G 191 35.76 12.13 52.61
CA GLY G 191 36.01 13.56 52.65
C GLY G 191 34.93 14.33 53.37
N VAL G 192 34.56 13.89 54.56
CA VAL G 192 33.52 14.53 55.36
C VAL G 192 34.20 15.34 56.45
N THR G 193 33.83 16.62 56.54
CA THR G 193 34.38 17.51 57.56
C THR G 193 33.66 17.38 58.91
N ASN G 194 32.61 16.57 58.98
CA ASN G 194 31.83 16.38 60.19
C ASN G 194 31.76 14.89 60.50
N PRO G 195 32.82 14.34 61.09
CA PRO G 195 32.82 12.89 61.40
C PRO G 195 31.76 12.50 62.41
N GLU G 196 31.27 13.43 63.21
CA GLU G 196 30.23 13.16 64.21
C GLU G 196 29.02 14.05 63.94
N SER G 197 28.04 13.94 64.82
CA SER G 197 26.78 14.70 64.80
C SER G 197 25.87 14.32 63.64
N CYS G 198 26.30 13.41 62.75
CA CYS G 198 25.43 12.97 61.68
C CYS G 198 24.20 12.23 62.21
N LEU G 199 24.40 11.40 63.23
CA LEU G 199 23.32 10.66 63.87
C LEU G 199 22.62 11.57 64.87
N ASP G 200 21.38 11.95 64.56
CA ASP G 200 20.57 12.65 65.53
C ASP G 200 20.07 11.65 66.59
N PRO G 201 20.15 12.00 67.87
CA PRO G 201 19.67 11.06 68.90
C PRO G 201 18.19 10.75 68.80
N HIS G 202 17.41 11.58 68.12
CA HIS G 202 15.99 11.38 67.93
C HIS G 202 15.66 10.55 66.70
N SER G 203 16.60 9.70 66.25
CA SER G 203 16.40 8.94 65.02
C SER G 203 15.18 8.02 65.14
N ALA G 204 15.07 7.30 66.24
CA ALA G 204 13.98 6.35 66.44
C ALA G 204 12.78 6.94 67.17
N SER G 205 12.89 8.19 67.64
CA SER G 205 11.82 8.82 68.42
C SER G 205 10.99 9.80 67.61
N VAL G 206 11.16 9.83 66.29
CA VAL G 206 10.40 10.74 65.45
C VAL G 206 9.72 9.95 64.33
N PRO G 207 8.58 10.39 63.81
CA PRO G 207 7.98 9.71 62.67
C PRO G 207 8.86 9.81 61.43
N SER G 208 8.79 8.78 60.60
CA SER G 208 9.56 8.70 59.36
C SER G 208 8.67 9.04 58.18
N LEU G 209 9.24 8.94 56.99
CA LEU G 209 8.54 9.22 55.74
C LEU G 209 8.66 8.03 54.80
N LEU G 210 7.59 7.76 54.05
CA LEU G 210 7.60 6.65 53.11
C LEU G 210 8.53 6.97 51.93
N TYR G 211 8.89 5.92 51.20
CA TYR G 211 9.72 6.11 50.02
C TYR G 211 8.97 6.94 48.98
N GLY G 212 9.65 7.93 48.41
CA GLY G 212 9.03 8.84 47.47
C GLY G 212 8.35 10.04 48.10
N SER G 213 8.10 10.00 49.41
CA SER G 213 7.53 11.14 50.12
C SER G 213 8.60 12.21 50.25
N SER G 214 8.49 13.26 49.45
CA SER G 214 9.49 14.31 49.41
C SER G 214 9.35 15.22 50.63
N LYS G 215 10.14 16.29 50.66
CA LYS G 215 10.04 17.33 51.67
C LYS G 215 9.65 18.64 51.02
N LEU G 216 9.23 19.60 51.84
CA LEU G 216 8.81 20.90 51.34
C LEU G 216 9.94 21.57 50.57
N ASN G 217 9.77 21.73 49.26
CA ASN G 217 10.79 22.26 48.37
C ASN G 217 12.08 21.45 48.45
N HIS G 218 11.94 20.14 48.59
CA HIS G 218 13.08 19.23 48.60
C HIS G 218 12.69 17.93 47.91
N LYS G 219 13.51 17.49 46.98
CA LYS G 219 13.23 16.27 46.24
C LYS G 219 13.31 15.05 47.15
N PRO G 220 12.52 14.01 46.89
CA PRO G 220 12.56 12.82 47.74
C PRO G 220 13.87 12.08 47.60
N TYR G 221 14.26 11.40 48.68
CA TYR G 221 15.52 10.66 48.71
C TYR G 221 15.44 9.46 47.79
N GLN G 222 16.10 9.53 46.64
CA GLN G 222 16.15 8.39 45.73
C GLN G 222 16.98 7.27 46.36
N LEU G 223 16.57 6.03 46.09
CA LEU G 223 17.28 4.88 46.62
C LEU G 223 18.65 4.77 45.99
N LYS G 224 19.66 4.47 46.81
CA LYS G 224 21.02 4.33 46.32
C LYS G 224 21.32 2.89 45.92
N THR G 225 21.28 1.97 46.90
CA THR G 225 21.57 0.57 46.63
C THR G 225 20.71 -0.30 47.54
N GLY G 226 20.80 -1.62 47.32
CA GLY G 226 20.10 -2.59 48.13
C GLY G 226 20.89 -3.88 48.24
N PHE G 227 21.09 -4.36 49.47
CA PHE G 227 21.92 -5.53 49.71
C PHE G 227 21.16 -6.53 50.57
N GLU G 228 21.48 -7.81 50.37
CA GLU G 228 20.83 -8.91 51.05
C GLU G 228 21.83 -9.70 51.88
N LEU G 229 22.65 -9.00 52.65
CA LEU G 229 23.58 -9.66 53.57
C LEU G 229 22.80 -10.58 54.50
N VAL G 230 23.21 -11.84 54.58
CA VAL G 230 22.42 -12.82 55.31
C VAL G 230 22.65 -12.68 56.81
N PHE G 231 21.68 -13.16 57.58
CA PHE G 231 21.75 -13.18 59.04
C PHE G 231 21.97 -14.60 59.51
N ASP G 232 22.95 -14.79 60.39
CA ASP G 232 23.24 -16.09 60.97
C ASP G 232 23.02 -16.03 62.48
N SER G 233 22.30 -17.03 63.00
CA SER G 233 22.02 -17.09 64.43
C SER G 233 23.13 -17.76 65.23
N SER G 234 24.07 -18.45 64.58
CA SER G 234 25.15 -19.14 65.26
C SER G 234 26.52 -18.55 64.94
N ASP G 235 26.87 -18.48 63.66
CA ASP G 235 28.20 -18.00 63.32
C ASP G 235 28.20 -16.48 63.16
N PRO G 236 29.25 -15.81 63.64
CA PRO G 236 29.31 -14.35 63.49
C PRO G 236 29.78 -13.92 62.10
N ASP G 237 30.63 -14.72 61.47
CA ASP G 237 31.23 -14.36 60.19
C ASP G 237 30.31 -14.77 59.04
N TYR G 238 29.19 -14.03 58.94
CA TYR G 238 28.24 -14.18 57.83
C TYR G 238 27.95 -12.80 57.28
N ILE G 239 28.78 -12.33 56.36
CA ILE G 239 28.58 -11.07 55.67
C ILE G 239 28.81 -11.27 54.17
N PRO G 240 27.92 -12.00 53.48
CA PRO G 240 28.16 -12.25 52.05
C PRO G 240 28.11 -11.01 51.18
N ILE G 241 27.50 -9.92 51.66
CA ILE G 241 27.32 -8.69 50.90
C ILE G 241 26.59 -9.03 49.60
N HIS G 242 25.57 -9.86 49.70
CA HIS G 242 24.74 -10.17 48.53
C HIS G 242 23.90 -8.96 48.14
N GLN G 243 23.96 -8.60 46.86
CA GLN G 243 23.21 -7.46 46.37
C GLN G 243 21.85 -7.91 45.84
N ILE G 244 20.83 -7.10 46.13
CA ILE G 244 19.48 -7.34 45.64
C ILE G 244 19.35 -6.68 44.28
N LYS G 245 18.88 -7.45 43.30
CA LYS G 245 18.68 -6.96 41.95
C LYS G 245 17.22 -7.10 41.55
N ASN G 246 16.87 -6.50 40.42
CA ASN G 246 15.49 -6.44 39.94
C ASN G 246 14.58 -5.84 41.00
N LEU G 247 15.04 -4.74 41.61
CA LEU G 247 14.24 -4.04 42.62
C LEU G 247 12.96 -3.48 42.03
N GLU G 248 12.93 -3.18 40.73
CA GLU G 248 11.72 -2.63 40.11
C GLU G 248 10.57 -3.62 40.16
N SER G 249 10.87 -4.93 40.23
CA SER G 249 9.83 -5.93 40.33
C SER G 249 9.06 -5.84 41.65
N TYR G 250 9.65 -5.22 42.67
CA TYR G 250 9.03 -5.12 43.98
C TYR G 250 8.48 -3.71 44.20
N ASN G 251 7.31 -3.65 44.85
CA ASN G 251 6.72 -2.37 45.24
C ASN G 251 7.52 -1.79 46.41
N LEU G 252 8.46 -0.88 46.09
CA LEU G 252 9.40 -0.39 47.09
C LEU G 252 8.68 0.29 48.25
N VAL G 253 7.58 0.99 47.98
CA VAL G 253 6.83 1.65 49.04
C VAL G 253 6.31 0.63 50.04
N SER G 254 5.73 -0.46 49.54
CA SER G 254 5.29 -1.54 50.42
C SER G 254 6.48 -2.23 51.09
N GLU G 255 7.54 -2.48 50.33
CA GLU G 255 8.68 -3.22 50.87
C GLU G 255 9.40 -2.41 51.95
N LEU G 256 9.48 -1.10 51.78
CA LEU G 256 10.16 -0.24 52.74
C LEU G 256 9.26 0.17 53.91
N SER G 257 8.00 -0.25 53.91
CA SER G 257 7.09 0.08 55.01
C SER G 257 7.47 -0.71 56.25
N LEU G 258 7.78 0.01 57.33
CA LEU G 258 8.18 -0.66 58.57
C LEU G 258 7.04 -1.48 59.16
N THR G 259 5.83 -0.93 59.16
CA THR G 259 4.68 -1.62 59.74
C THR G 259 4.21 -2.79 58.88
N ASN G 260 4.70 -2.91 57.65
CA ASN G 260 4.27 -3.98 56.75
C ASN G 260 5.05 -5.24 57.08
N GLU G 261 4.38 -6.23 57.68
CA GLU G 261 5.00 -7.52 57.95
C GLU G 261 4.85 -8.49 56.78
N GLN G 262 3.81 -8.33 55.96
CA GLN G 262 3.56 -9.21 54.82
C GLN G 262 4.20 -8.71 53.54
N GLY G 263 5.30 -7.98 53.63
CA GLY G 263 5.98 -7.51 52.43
C GLY G 263 6.48 -8.67 51.58
N SER G 264 6.47 -8.45 50.26
CA SER G 264 6.87 -9.50 49.34
C SER G 264 8.35 -9.81 49.46
N LEU G 265 9.21 -8.83 49.18
CA LEU G 265 10.64 -9.05 49.28
C LEU G 265 11.10 -9.13 50.73
N VAL G 266 10.63 -8.22 51.58
CA VAL G 266 11.09 -8.17 52.96
C VAL G 266 10.38 -9.23 53.79
N ARG G 267 10.96 -9.56 54.93
CA ARG G 267 10.44 -10.56 55.84
C ARG G 267 10.34 -10.02 57.25
N PRO G 268 9.33 -10.44 58.01
CA PRO G 268 9.17 -9.97 59.40
C PRO G 268 9.97 -10.80 60.42
N VAL G 269 11.27 -10.52 60.47
CA VAL G 269 12.16 -11.23 61.39
C VAL G 269 11.98 -10.70 62.81
N SER G 289 -3.35 23.99 67.03
CA SER G 289 -4.28 25.11 66.96
C SER G 289 -4.05 25.93 65.70
N LEU G 290 -2.88 26.55 65.59
CA LEU G 290 -2.57 27.35 64.41
C LEU G 290 -2.53 26.49 63.16
N SER G 291 -2.15 25.22 63.30
CA SER G 291 -2.13 24.32 62.16
C SER G 291 -3.53 24.15 61.58
N ILE G 292 -4.54 24.04 62.45
CA ILE G 292 -5.92 23.90 62.00
C ILE G 292 -6.35 25.13 61.22
N LEU G 293 -6.00 26.33 61.72
CA LEU G 293 -6.32 27.55 61.00
C LEU G 293 -5.62 27.58 59.65
N MET G 294 -4.34 27.20 59.61
CA MET G 294 -3.62 27.06 58.36
C MET G 294 -4.21 25.98 57.48
N LEU G 295 -4.84 24.96 58.06
CA LEU G 295 -5.46 23.87 57.33
C LEU G 295 -6.70 24.28 56.57
N HIS G 296 -7.51 25.19 57.11
CA HIS G 296 -8.83 25.49 56.56
C HIS G 296 -8.86 26.80 55.79
N ASP G 297 -8.42 27.90 56.38
CA ASP G 297 -8.71 29.23 55.86
C ASP G 297 -7.55 29.73 55.03
N PRO G 298 -7.74 30.05 53.75
CA PRO G 298 -6.62 30.59 52.95
C PRO G 298 -6.23 32.00 53.35
N GLU G 299 -7.21 32.88 53.56
CA GLU G 299 -6.87 34.23 53.97
C GLU G 299 -6.28 34.22 55.37
N ALA G 300 -6.40 33.11 56.10
CA ALA G 300 -5.60 32.96 57.32
C ALA G 300 -4.11 32.94 57.01
N ARG G 301 -3.71 32.18 55.99
CA ARG G 301 -2.32 32.23 55.53
C ARG G 301 -1.98 33.62 55.01
N TYR G 302 -2.92 34.25 54.30
CA TYR G 302 -2.67 35.60 53.78
C TYR G 302 -2.38 36.59 54.92
N LEU G 303 -3.21 36.56 55.96
CA LEU G 303 -3.00 37.42 57.12
C LEU G 303 -1.71 37.06 57.84
N HIS G 304 -1.39 35.77 57.94
CA HIS G 304 -0.14 35.38 58.57
C HIS G 304 1.05 35.98 57.84
N LYS G 305 1.03 35.91 56.51
CA LYS G 305 2.09 36.53 55.73
C LYS G 305 2.18 38.02 55.98
N ILE G 306 1.05 38.73 55.88
CA ILE G 306 1.12 40.20 55.99
C ILE G 306 1.53 40.61 57.40
N LEU G 307 1.12 39.84 58.42
CA LEU G 307 1.62 40.10 59.77
C LEU G 307 3.11 39.86 59.87
N ASN G 308 3.62 38.82 59.22
CA ASN G 308 5.06 38.63 59.15
C ASN G 308 5.76 39.75 58.38
N LEU G 309 5.02 40.53 57.59
CA LEU G 309 5.64 41.57 56.77
C LEU G 309 6.00 42.79 57.60
N LEU G 310 5.02 43.42 58.25
CA LEU G 310 5.26 44.69 58.91
C LEU G 310 6.19 44.50 60.12
N PRO G 311 6.97 45.53 60.46
CA PRO G 311 7.88 45.39 61.60
C PRO G 311 7.11 45.20 62.89
N PRO G 312 7.68 44.46 63.85
CA PRO G 312 7.00 44.26 65.13
C PRO G 312 7.07 45.45 66.06
N GLU G 313 7.60 46.60 65.61
CA GLU G 313 7.62 47.79 66.47
C GLU G 313 6.21 48.21 66.83
N TYR G 314 5.31 48.27 65.85
CA TYR G 314 3.92 48.65 66.11
C TYR G 314 3.25 47.67 67.05
N TYR G 315 3.74 46.43 67.08
CA TYR G 315 3.32 45.44 68.07
C TYR G 315 3.81 45.78 69.47
N VAL G 316 4.96 46.45 69.58
CA VAL G 316 5.59 46.63 70.88
C VAL G 316 4.71 47.45 71.81
N GLU G 317 4.26 48.61 71.35
CA GLU G 317 3.44 49.46 72.20
C GLU G 317 2.01 48.93 72.29
N TYR G 318 1.36 49.22 73.41
CA TYR G 318 -0.01 48.75 73.64
C TYR G 318 -1.02 49.31 72.64
N PRO G 319 -1.02 50.63 72.29
CA PRO G 319 -2.12 51.16 71.48
C PRO G 319 -2.30 50.49 70.12
N LEU G 320 -1.22 50.44 69.33
CA LEU G 320 -1.33 49.86 67.99
C LEU G 320 -1.59 48.37 68.04
N TRP G 321 -1.02 47.67 69.02
CA TRP G 321 -1.33 46.26 69.17
C TRP G 321 -2.81 46.06 69.50
N SER G 322 -3.37 46.93 70.35
CA SER G 322 -4.81 46.87 70.61
C SER G 322 -5.60 47.14 69.34
N ASN G 323 -5.16 48.09 68.53
CA ASN G 323 -5.85 48.40 67.29
C ASN G 323 -5.88 47.18 66.36
N VAL G 324 -4.73 46.53 66.18
CA VAL G 324 -4.70 45.38 65.28
C VAL G 324 -5.49 44.21 65.87
N VAL G 325 -5.47 44.04 67.20
CA VAL G 325 -6.25 42.97 67.83
C VAL G 325 -7.74 43.20 67.57
N PHE G 326 -8.18 44.45 67.76
CA PHE G 326 -9.58 44.78 67.48
C PHE G 326 -9.92 44.57 66.01
N ALA G 327 -9.00 44.95 65.11
CA ALA G 327 -9.24 44.78 63.68
C ALA G 327 -9.45 43.32 63.33
N LEU G 328 -8.56 42.44 63.81
CA LEU G 328 -8.71 41.02 63.51
C LEU G 328 -9.90 40.41 64.23
N ALA G 329 -10.23 40.91 65.42
CA ALA G 329 -11.39 40.39 66.15
C ALA G 329 -12.69 40.76 65.45
N ASN G 330 -12.74 41.91 64.79
CA ASN G 330 -13.93 42.26 64.02
C ASN G 330 -14.17 41.26 62.90
N THR G 331 -13.10 40.80 62.26
CA THR G 331 -13.18 39.78 61.22
C THR G 331 -13.28 38.41 61.88
N SER G 332 -14.52 38.02 62.20
CA SER G 332 -14.83 36.72 62.79
C SER G 332 -14.17 36.52 64.16
N ALA G 333 -14.47 35.40 64.81
CA ALA G 333 -13.96 35.12 66.15
C ALA G 333 -13.03 33.91 66.22
N ASN G 334 -12.88 33.15 65.14
CA ASN G 334 -11.97 32.01 65.14
C ASN G 334 -10.53 32.40 64.88
N TYR G 335 -10.25 33.67 64.63
CA TYR G 335 -8.88 34.15 64.42
C TYR G 335 -8.16 34.48 65.72
N ARG G 336 -8.79 34.22 66.87
CA ARG G 336 -8.14 34.45 68.16
C ARG G 336 -6.78 33.76 68.28
N PRO G 337 -6.61 32.48 67.89
CA PRO G 337 -5.25 31.90 67.96
C PRO G 337 -4.23 32.65 67.13
N LEU G 338 -4.63 33.15 65.96
CA LEU G 338 -3.69 33.91 65.12
C LEU G 338 -3.14 35.11 65.87
N ALA G 339 -4.01 35.92 66.46
CA ALA G 339 -3.54 36.99 67.34
C ALA G 339 -2.74 36.41 68.49
N GLU G 340 -3.22 35.29 69.06
CA GLU G 340 -2.44 34.60 70.07
C GLU G 340 -1.06 34.24 69.53
N TRP G 341 -0.99 33.78 68.29
CA TRP G 341 0.30 33.60 67.64
C TRP G 341 1.10 34.89 67.63
N PHE G 342 0.47 35.97 67.16
CA PHE G 342 1.12 37.28 67.16
C PHE G 342 1.49 37.72 68.57
N SER G 343 0.88 37.11 69.58
CA SER G 343 1.19 37.44 70.96
C SER G 343 2.52 36.87 71.43
N GLN G 344 2.96 35.72 70.89
CA GLN G 344 4.19 35.13 71.42
C GLN G 344 5.42 35.96 71.12
N LYS G 345 5.37 36.82 70.10
CA LYS G 345 6.45 37.77 69.91
C LYS G 345 6.53 38.70 71.11
N CYS G 346 7.75 39.11 71.46
CA CYS G 346 8.02 39.92 72.64
C CYS G 346 7.34 39.33 73.88
N PRO G 347 7.71 38.09 74.26
CA PRO G 347 6.98 37.41 75.34
C PRO G 347 7.05 38.12 76.68
N GLU G 348 8.09 38.93 76.91
CA GLU G 348 8.17 39.67 78.18
C GLU G 348 7.00 40.63 78.34
N LYS G 349 6.57 41.26 77.25
CA LYS G 349 5.34 42.04 77.29
C LYS G 349 4.11 41.14 77.26
N TRP G 350 4.20 40.01 76.55
CA TRP G 350 3.07 39.09 76.49
C TRP G 350 2.77 38.51 77.87
N ASN G 351 3.70 37.75 78.43
CA ASN G 351 3.53 37.25 79.78
C ASN G 351 3.59 38.41 80.78
N THR G 352 2.84 38.26 81.88
CA THR G 352 2.74 39.29 82.92
C THR G 352 2.27 40.61 82.31
N GLY G 353 1.01 40.59 81.88
CA GLY G 353 0.50 41.66 81.05
C GLY G 353 -0.20 41.15 79.80
N GLY G 354 0.41 41.36 78.64
CA GLY G 354 -0.15 41.02 77.35
C GLY G 354 -0.96 39.75 77.26
N LYS G 355 -0.51 38.68 77.95
CA LYS G 355 -1.21 37.40 77.86
C LYS G 355 -2.65 37.50 78.35
N GLU G 356 -2.88 38.19 79.47
CA GLU G 356 -4.24 38.31 80.00
C GLU G 356 -4.95 39.55 79.46
N LYS G 357 -4.22 40.64 79.22
CA LYS G 357 -4.87 41.80 78.61
C LYS G 357 -5.34 41.51 77.19
N LEU G 358 -4.72 40.54 76.51
CA LEU G 358 -5.20 40.13 75.19
C LEU G 358 -6.60 39.53 75.28
N GLU G 359 -6.79 38.58 76.21
CA GLU G 359 -8.11 37.99 76.36
C GLU G 359 -9.11 39.00 76.92
N LYS G 360 -8.65 39.95 77.74
CA LYS G 360 -9.53 41.01 78.20
C LYS G 360 -10.02 41.85 77.03
N LEU G 361 -9.12 42.24 76.14
CA LEU G 361 -9.51 43.01 74.97
C LEU G 361 -10.41 42.20 74.04
N TRP G 362 -10.14 40.90 73.92
CA TRP G 362 -11.01 40.05 73.10
C TRP G 362 -12.41 39.96 73.69
N ASN G 363 -12.53 39.85 75.01
CA ASN G 363 -13.83 39.87 75.64
C ASN G 363 -14.53 41.20 75.42
N ASP G 364 -13.78 42.30 75.49
CA ASP G 364 -14.36 43.61 75.22
C ASP G 364 -14.89 43.69 73.78
N ALA G 365 -14.09 43.21 72.82
CA ALA G 365 -14.48 43.28 71.42
C ALA G 365 -15.53 42.24 71.04
N SER G 366 -15.77 41.24 71.89
CA SER G 366 -16.78 40.24 71.60
C SER G 366 -18.17 40.84 71.52
N HIS G 367 -18.39 41.96 72.21
CA HIS G 367 -19.66 42.67 72.17
C HIS G 367 -19.53 44.07 71.58
N HIS G 368 -18.31 44.50 71.21
CA HIS G 368 -18.11 45.84 70.71
C HIS G 368 -18.81 46.05 69.37
N THR G 369 -19.51 47.18 69.25
CA THR G 369 -20.11 47.59 67.99
C THR G 369 -19.84 49.06 67.69
N GLU G 370 -18.99 49.73 68.47
CA GLU G 370 -18.78 51.17 68.28
C GLU G 370 -17.93 51.45 67.06
N LYS G 371 -16.94 50.60 66.78
CA LYS G 371 -16.01 50.82 65.68
C LYS G 371 -15.87 49.53 64.89
N LYS G 372 -15.60 49.68 63.59
CA LYS G 372 -15.51 48.55 62.66
C LYS G 372 -14.19 48.57 61.92
N ILE G 373 -13.09 48.73 62.66
CA ILE G 373 -11.76 48.60 62.06
C ILE G 373 -11.58 47.19 61.56
N THR G 374 -11.18 47.04 60.31
CA THR G 374 -11.17 45.74 59.64
C THR G 374 -9.85 45.54 58.90
N LYS G 375 -9.83 44.52 58.04
CA LYS G 375 -8.62 44.12 57.34
C LYS G 375 -8.08 45.22 56.43
N ARG G 376 -8.94 46.12 55.94
CA ARG G 376 -8.48 47.18 55.05
C ARG G 376 -7.39 48.02 55.71
N SER G 377 -7.63 48.41 56.97
CA SER G 377 -6.61 49.13 57.72
C SER G 377 -5.33 48.29 57.87
N ILE G 378 -5.48 46.97 57.98
CA ILE G 378 -4.32 46.10 58.13
C ILE G 378 -3.46 46.15 56.86
N MET G 379 -4.10 46.05 55.69
CA MET G 379 -3.33 46.17 54.45
C MET G 379 -2.71 47.55 54.32
N TYR G 380 -3.43 48.60 54.72
CA TYR G 380 -2.85 49.94 54.62
C TYR G 380 -1.61 50.06 55.50
N TRP G 381 -1.70 49.56 56.72
CA TRP G 381 -0.54 49.59 57.62
C TRP G 381 0.61 48.77 57.06
N ALA G 382 0.32 47.59 56.51
CA ALA G 382 1.36 46.77 55.92
C ALA G 382 2.04 47.50 54.76
N HIS G 383 1.25 48.19 53.94
CA HIS G 383 1.82 48.93 52.82
C HIS G 383 2.72 50.07 53.31
N LYS G 384 2.22 50.88 54.25
CA LYS G 384 2.98 52.06 54.64
C LYS G 384 4.22 51.69 55.45
N HIS G 385 4.11 50.67 56.30
CA HIS G 385 5.25 50.26 57.12
C HIS G 385 6.33 49.59 56.28
N ALA G 386 5.95 48.64 55.43
CA ALA G 386 6.89 47.86 54.62
C ALA G 386 6.43 47.88 53.17
N PRO G 387 6.72 48.97 52.45
CA PRO G 387 6.24 49.07 51.07
C PRO G 387 6.98 48.14 50.12
N GLN G 388 6.22 47.68 49.11
CA GLN G 388 6.72 46.94 47.97
C GLN G 388 7.14 45.52 48.35
N GLN G 389 7.15 45.21 49.65
CA GLN G 389 7.48 43.87 50.09
C GLN G 389 6.24 42.99 50.11
N TYR G 390 5.06 43.61 49.97
CA TYR G 390 3.82 42.86 49.93
C TYR G 390 3.22 42.77 48.54
N LYS G 391 3.73 43.54 47.57
CA LYS G 391 3.20 43.49 46.21
C LYS G 391 3.34 42.08 45.65
N GLU G 392 4.57 41.63 45.45
CA GLU G 392 4.80 40.33 44.84
C GLU G 392 3.98 39.24 45.54
N ILE G 393 3.74 39.40 46.84
CA ILE G 393 2.86 38.49 47.55
C ILE G 393 1.45 38.54 46.97
N VAL G 394 0.91 39.73 46.74
CA VAL G 394 -0.47 39.81 46.29
C VAL G 394 -0.60 39.32 44.86
N GLU G 395 0.36 39.67 43.98
CA GLU G 395 0.30 39.09 42.64
C GLU G 395 0.41 37.57 42.68
N GLN G 396 1.30 37.03 43.51
CA GLN G 396 1.38 35.58 43.62
C GLN G 396 0.05 35.00 44.08
N GLY G 397 -0.59 35.63 45.06
CA GLY G 397 -1.87 35.16 45.57
C GLY G 397 -2.97 35.10 44.54
N TYR G 398 -3.30 36.23 43.91
CA TYR G 398 -4.40 36.14 42.95
C TYR G 398 -3.99 35.48 41.64
N PHE G 399 -2.71 35.43 41.31
CA PHE G 399 -2.29 34.59 40.19
C PHE G 399 -2.56 33.12 40.49
N SER G 400 -2.29 32.70 41.73
CA SER G 400 -2.62 31.34 42.14
C SER G 400 -4.12 31.10 42.08
N ILE G 401 -4.92 32.09 42.50
CA ILE G 401 -6.37 31.94 42.43
C ILE G 401 -6.82 31.72 41.00
N LEU G 402 -6.36 32.58 40.08
CA LEU G 402 -6.77 32.45 38.69
C LEU G 402 -6.25 31.16 38.07
N ALA G 403 -5.04 30.74 38.45
CA ALA G 403 -4.50 29.50 37.93
C ALA G 403 -5.33 28.29 38.38
N GLU G 404 -5.71 28.26 39.67
CA GLU G 404 -6.58 27.19 40.16
C GLU G 404 -7.88 27.15 39.38
N TYR G 405 -8.50 28.33 39.20
CA TYR G 405 -9.76 28.40 38.46
C TYR G 405 -9.59 27.92 37.01
N VAL G 406 -8.55 28.37 36.31
CA VAL G 406 -8.42 28.00 34.90
C VAL G 406 -8.09 26.53 34.76
N TYR G 407 -7.27 25.99 35.68
CA TYR G 407 -6.98 24.56 35.66
C TYR G 407 -8.23 23.74 35.92
N SER G 408 -9.10 24.23 36.80
CA SER G 408 -10.27 23.43 37.21
C SER G 408 -11.27 23.25 36.07
N TYR G 409 -11.24 24.12 35.06
CA TYR G 409 -12.30 24.11 34.04
C TYR G 409 -11.74 24.15 32.62
N ASN G 410 -10.50 23.73 32.44
CA ASN G 410 -9.90 23.60 31.10
C ASN G 410 -9.94 24.90 30.32
N GLY G 411 -9.79 26.02 31.03
CA GLY G 411 -9.69 27.31 30.38
C GLY G 411 -10.98 27.90 29.85
N MET G 412 -12.13 27.29 30.16
CA MET G 412 -13.41 27.81 29.69
C MET G 412 -13.92 28.84 30.71
N LEU G 413 -13.32 30.02 30.66
CA LEU G 413 -13.68 31.09 31.58
C LEU G 413 -15.04 31.69 31.21
N GLU G 414 -15.68 32.30 32.19
CA GLU G 414 -17.05 32.79 32.06
C GLU G 414 -17.24 33.96 33.01
N HIS G 415 -18.50 34.28 33.33
CA HIS G 415 -18.79 35.24 34.37
C HIS G 415 -18.63 34.63 35.75
N TYR G 416 -18.29 35.48 36.72
CA TYR G 416 -18.05 35.10 38.12
C TYR G 416 -16.74 34.33 38.17
N MET G 417 -16.18 34.07 37.00
CA MET G 417 -14.80 33.61 36.82
C MET G 417 -13.82 34.72 37.11
N ILE G 418 -14.14 35.93 36.68
CA ILE G 418 -13.31 37.09 36.94
C ILE G 418 -13.78 37.87 38.16
N ALA G 419 -15.04 37.73 38.54
CA ALA G 419 -15.60 38.52 39.64
C ALA G 419 -14.83 38.31 40.93
N LYS G 420 -14.44 37.07 41.23
CA LYS G 420 -13.62 36.83 42.41
C LYS G 420 -12.27 37.52 42.28
N VAL G 421 -11.64 37.43 41.11
CA VAL G 421 -10.34 38.06 40.91
C VAL G 421 -10.48 39.57 41.00
N ILE G 422 -11.56 40.12 40.46
CA ILE G 422 -11.79 41.56 40.55
C ILE G 422 -11.99 41.98 42.00
N TYR G 423 -12.76 41.18 42.76
CA TYR G 423 -12.91 41.45 44.20
C TYR G 423 -11.55 41.46 44.89
N ALA G 424 -10.66 40.56 44.47
CA ALA G 424 -9.29 40.59 44.97
C ALA G 424 -8.56 41.85 44.52
N MET G 425 -8.87 42.37 43.33
CA MET G 425 -8.20 43.54 42.79
C MET G 425 -8.42 44.76 43.67
N MET G 426 -9.66 45.25 43.75
CA MET G 426 -10.02 46.37 44.61
C MET G 426 -11.15 45.91 45.51
N GLY G 427 -10.81 45.23 46.60
CA GLY G 427 -11.78 45.05 47.66
C GLY G 427 -11.86 46.23 48.61
N ASN G 428 -11.05 47.26 48.36
CA ASN G 428 -10.90 48.39 49.27
C ASN G 428 -11.19 49.72 48.56
N LYS G 429 -11.84 49.66 47.39
CA LYS G 429 -12.07 50.87 46.62
C LYS G 429 -13.45 50.96 45.99
N PHE G 430 -14.33 49.98 46.20
CA PHE G 430 -15.67 50.03 45.63
C PHE G 430 -16.64 49.34 46.57
N VAL G 431 -17.81 49.95 46.74
CA VAL G 431 -18.86 49.41 47.59
C VAL G 431 -20.19 49.52 46.85
N VAL G 432 -20.94 48.43 46.82
CA VAL G 432 -22.23 48.36 46.15
C VAL G 432 -23.32 48.36 47.20
N ASP G 433 -24.33 49.22 47.05
CA ASP G 433 -25.42 49.23 48.01
C ASP G 433 -26.75 49.43 47.27
N VAL G 434 -27.82 49.00 47.94
CA VAL G 434 -29.17 49.06 47.40
C VAL G 434 -29.85 50.32 47.92
N ASP G 435 -30.37 51.14 47.01
CA ASP G 435 -31.07 52.35 47.39
C ASP G 435 -32.51 52.03 47.77
N SER G 436 -33.28 53.08 48.08
CA SER G 436 -34.69 52.88 48.42
C SER G 436 -35.47 52.34 47.24
N ASN G 437 -35.21 52.85 46.04
CA ASN G 437 -35.94 52.41 44.85
C ASN G 437 -35.56 50.99 44.43
N GLY G 438 -34.44 50.48 44.91
CA GLY G 438 -33.99 49.15 44.56
C GLY G 438 -32.90 49.10 43.51
N LYS G 439 -32.49 50.25 42.96
CA LYS G 439 -31.42 50.29 41.99
C LYS G 439 -30.07 50.27 42.70
N TYR G 440 -29.24 49.29 42.36
CA TYR G 440 -27.91 49.21 42.95
C TYR G 440 -27.08 50.41 42.54
N VAL G 441 -26.33 50.96 43.49
CA VAL G 441 -25.47 52.12 43.25
C VAL G 441 -24.10 51.82 43.81
N TRP G 442 -23.08 52.39 43.16
CA TRP G 442 -21.69 52.14 43.50
C TRP G 442 -21.13 53.36 44.22
N PHE G 443 -20.16 53.14 45.09
CA PHE G 443 -19.44 54.22 45.74
C PHE G 443 -17.96 53.89 45.73
N GLU G 444 -17.14 54.89 45.41
CA GLU G 444 -15.70 54.67 45.31
C GLU G 444 -14.96 55.66 46.19
N PHE G 445 -13.86 55.18 46.77
CA PHE G 445 -13.01 55.96 47.65
C PHE G 445 -11.90 56.59 46.82
N VAL G 446 -11.93 57.92 46.70
CA VAL G 446 -10.95 58.59 45.86
C VAL G 446 -9.60 58.63 46.57
N LEU G 447 -8.54 58.73 45.76
CA LEU G 447 -7.18 58.85 46.23
C LEU G 447 -6.49 60.01 45.51
N PRO G 448 -5.49 60.61 46.12
CA PRO G 448 -4.77 61.71 45.45
C PRO G 448 -4.10 61.23 44.18
N GLY G 449 -4.02 62.14 43.20
CA GLY G 449 -3.34 61.83 41.95
C GLY G 449 -4.18 61.15 40.90
N GLN G 450 -5.50 61.24 41.00
CA GLN G 450 -6.39 60.65 40.00
C GLN G 450 -7.40 61.69 39.56
N PRO G 451 -7.94 61.57 38.35
CA PRO G 451 -8.93 62.56 37.88
C PRO G 451 -10.11 62.62 38.84
N MET G 452 -10.53 63.84 39.16
CA MET G 452 -11.46 64.09 40.24
C MET G 452 -11.85 65.56 40.25
N ASN G 453 -12.83 65.89 41.08
CA ASN G 453 -13.28 67.25 41.26
C ASN G 453 -12.35 67.98 42.22
N GLN G 454 -12.78 69.14 42.70
CA GLN G 454 -11.99 69.93 43.63
C GLN G 454 -12.48 69.71 45.05
N GLY G 455 -11.56 69.33 45.94
CA GLY G 455 -11.88 69.19 47.34
C GLY G 455 -12.76 68.02 47.73
N GLU G 456 -12.48 66.83 47.19
CA GLU G 456 -13.17 65.61 47.61
C GLU G 456 -12.18 64.54 48.06
N ILE G 457 -10.91 64.87 48.21
CA ILE G 457 -9.88 63.87 48.50
C ILE G 457 -10.18 63.19 49.83
N TRP G 458 -9.89 61.89 49.89
CA TRP G 458 -10.11 61.08 51.08
C TRP G 458 -11.58 61.05 51.48
N LYS G 459 -12.46 60.94 50.48
CA LYS G 459 -13.89 60.85 50.72
C LYS G 459 -14.51 59.92 49.68
N TRP G 460 -15.59 59.27 50.10
CA TRP G 460 -16.36 58.40 49.20
C TRP G 460 -17.23 59.25 48.29
N ARG G 461 -17.34 58.83 47.03
CA ARG G 461 -18.20 59.51 46.07
C ARG G 461 -19.13 58.50 45.39
N LYS G 462 -20.35 58.95 45.16
CA LYS G 462 -21.38 58.13 44.52
C LYS G 462 -21.06 57.94 43.04
N GLU G 463 -21.62 56.87 42.46
CA GLU G 463 -21.35 56.53 41.08
C GLU G 463 -22.42 55.57 40.59
N VAL G 464 -22.75 55.65 39.30
CA VAL G 464 -23.82 54.86 38.70
C VAL G 464 -23.28 53.75 37.80
N ASN G 465 -22.33 54.06 36.93
CA ASN G 465 -21.78 53.08 35.98
C ASN G 465 -20.26 53.07 36.11
N PRO G 466 -19.69 52.14 36.88
CA PRO G 466 -18.25 52.22 37.19
C PRO G 466 -17.36 52.23 35.96
N ASP G 467 -16.66 53.34 35.76
CA ASP G 467 -15.74 53.49 34.63
C ASP G 467 -14.36 52.94 34.98
N GLU G 468 -13.86 53.32 36.16
CA GLU G 468 -12.58 52.80 36.62
C GLU G 468 -12.57 51.28 36.66
N LEU G 469 -13.70 50.67 37.03
CA LEU G 469 -13.76 49.21 37.06
C LEU G 469 -13.59 48.61 35.68
N HIS G 470 -14.28 49.17 34.67
CA HIS G 470 -14.13 48.68 33.31
C HIS G 470 -12.71 48.85 32.81
N ILE G 471 -12.11 50.02 33.09
CA ILE G 471 -10.76 50.28 32.64
C ILE G 471 -9.78 49.30 33.29
N TYR G 472 -9.95 49.05 34.58
CA TYR G 472 -9.06 48.12 35.27
C TYR G 472 -9.23 46.70 34.75
N ILE G 473 -10.47 46.29 34.48
CA ILE G 473 -10.72 44.95 33.95
C ILE G 473 -10.04 44.80 32.60
N SER G 474 -10.15 45.81 31.74
CA SER G 474 -9.60 45.64 30.40
C SER G 474 -8.09 45.78 30.36
N GLU G 475 -7.53 46.70 31.14
CA GLU G 475 -6.10 47.02 31.04
C GLU G 475 -5.25 46.22 32.03
N ASN G 476 -5.48 46.42 33.33
CA ASN G 476 -4.59 45.83 34.33
C ASN G 476 -4.77 44.32 34.42
N PHE G 477 -6.01 43.84 34.27
CA PHE G 477 -6.28 42.41 34.42
C PHE G 477 -5.62 41.57 33.34
N SER G 478 -5.34 42.15 32.17
CA SER G 478 -4.70 41.39 31.09
C SER G 478 -3.28 40.95 31.43
N ARG G 479 -2.63 41.64 32.37
CA ARG G 479 -1.29 41.23 32.79
C ARG G 479 -1.32 39.84 33.42
N VAL G 480 -2.37 39.55 34.20
CA VAL G 480 -2.49 38.24 34.83
C VAL G 480 -2.69 37.16 33.78
N MET G 481 -3.48 37.46 32.75
CA MET G 481 -3.65 36.53 31.64
C MET G 481 -2.33 36.28 30.93
N ASP G 482 -1.53 37.33 30.75
CA ASP G 482 -0.21 37.15 30.16
C ASP G 482 0.68 36.29 31.05
N ARG G 483 0.59 36.48 32.36
CA ARG G 483 1.35 35.62 33.28
C ARG G 483 0.94 34.16 33.14
N ILE G 484 -0.37 33.91 33.05
CA ILE G 484 -0.85 32.55 32.85
C ILE G 484 -0.31 31.98 31.54
N THR G 485 -0.33 32.79 30.49
CA THR G 485 0.14 32.34 29.19
C THR G 485 1.62 31.98 29.23
N GLU G 486 2.44 32.82 29.86
CA GLU G 486 3.88 32.51 29.91
C GLU G 486 4.16 31.34 30.83
N HIS G 487 3.36 31.16 31.88
CA HIS G 487 3.49 29.96 32.71
C HIS G 487 3.21 28.71 31.89
N ILE G 488 2.18 28.75 31.05
CA ILE G 488 1.88 27.62 30.17
C ILE G 488 3.02 27.40 29.19
N LYS G 489 3.55 28.48 28.61
CA LYS G 489 4.74 28.38 27.76
C LYS G 489 5.87 27.64 28.46
N TYR G 490 6.18 28.04 29.70
CA TYR G 490 7.31 27.47 30.41
C TYR G 490 7.09 25.99 30.70
N HIS G 491 5.90 25.64 31.19
CA HIS G 491 5.64 24.23 31.50
C HIS G 491 5.54 23.38 30.24
N LEU G 492 5.16 23.97 29.10
CA LEU G 492 5.19 23.22 27.85
C LEU G 492 6.62 23.04 27.34
N SER G 493 7.50 23.99 27.66
CA SER G 493 8.88 23.91 27.17
C SER G 493 9.61 22.72 27.77
N GLN G 494 9.41 22.45 29.05
CA GLN G 494 10.16 21.39 29.72
C GLN G 494 9.76 20.03 29.16
N PRO G 495 10.70 19.08 29.04
CA PRO G 495 10.37 17.77 28.48
C PRO G 495 9.41 17.00 29.37
N HIS G 496 8.51 16.26 28.72
CA HIS G 496 7.49 15.47 29.40
C HIS G 496 7.02 14.39 28.45
N GLU G 497 5.89 13.75 28.78
CA GLU G 497 5.36 12.65 27.99
C GLU G 497 4.39 13.17 26.93
N SER G 498 3.87 12.26 26.11
CA SER G 498 3.01 12.65 25.01
C SER G 498 1.65 13.14 25.49
N ASN G 499 1.02 12.39 26.40
CA ASN G 499 -0.34 12.71 26.83
C ASN G 499 -0.40 14.06 27.53
N ILE G 500 0.58 14.35 28.38
CA ILE G 500 0.60 15.63 29.08
C ILE G 500 0.80 16.78 28.10
N LEU G 501 1.64 16.58 27.07
CA LEU G 501 1.79 17.62 26.05
C LEU G 501 0.50 17.85 25.28
N ASN G 502 -0.21 16.77 24.93
CA ASN G 502 -1.49 16.94 24.25
C ASN G 502 -2.50 17.67 25.13
N TYR G 503 -2.55 17.32 26.40
CA TYR G 503 -3.45 18.00 27.33
C TYR G 503 -3.09 19.49 27.44
N TYR G 504 -1.80 19.80 27.53
CA TYR G 504 -1.37 21.18 27.62
C TYR G 504 -1.71 21.95 26.34
N LYS G 505 -1.55 21.31 25.18
CA LYS G 505 -1.90 21.97 23.93
C LYS G 505 -3.39 22.27 23.85
N LYS G 506 -4.24 21.31 24.25
CA LYS G 506 -5.67 21.55 24.26
C LYS G 506 -6.04 22.68 25.22
N LEU G 507 -5.43 22.66 26.43
CA LEU G 507 -5.70 23.71 27.40
C LEU G 507 -5.27 25.08 26.86
N LEU G 508 -4.10 25.13 26.22
CA LEU G 508 -3.62 26.38 25.65
C LEU G 508 -4.54 26.90 24.56
N LYS G 509 -5.01 26.01 23.68
CA LYS G 509 -5.90 26.43 22.62
C LYS G 509 -7.20 26.99 23.17
N ALA G 510 -7.79 26.28 24.15
CA ALA G 510 -9.04 26.76 24.74
C ALA G 510 -8.83 28.09 25.46
N PHE G 511 -7.74 28.21 26.21
CA PHE G 511 -7.48 29.44 26.95
C PHE G 511 -7.24 30.61 26.01
N GLU G 512 -6.52 30.39 24.91
CA GLU G 512 -6.31 31.44 23.93
C GLU G 512 -7.62 31.85 23.28
N ARG G 513 -8.49 30.88 22.99
CA ARG G 513 -9.81 31.21 22.44
C ARG G 513 -10.61 32.07 23.41
N SER G 514 -10.53 31.76 24.70
CA SER G 514 -11.29 32.49 25.72
C SER G 514 -10.63 33.80 26.13
N LYS G 515 -9.36 34.02 25.79
CA LYS G 515 -8.63 35.18 26.28
C LYS G 515 -9.24 36.49 25.80
N SER G 516 -9.63 36.57 24.52
CA SER G 516 -10.03 37.84 23.94
C SER G 516 -11.39 38.32 24.44
N LYS G 517 -12.13 37.49 25.19
CA LYS G 517 -13.48 37.86 25.59
C LYS G 517 -13.50 39.05 26.54
N ILE G 518 -12.42 39.27 27.29
CA ILE G 518 -12.43 40.30 28.33
C ILE G 518 -12.57 41.70 27.76
N PHE G 519 -12.28 41.90 26.46
CA PHE G 519 -12.47 43.19 25.84
C PHE G 519 -13.87 43.40 25.28
N ASN G 520 -14.70 42.37 25.27
CA ASN G 520 -16.04 42.48 24.72
C ASN G 520 -16.94 43.28 25.65
N ASP G 521 -17.81 44.12 25.06
CA ASP G 521 -18.67 44.98 25.86
C ASP G 521 -19.70 44.18 26.65
N SER G 522 -20.41 43.27 25.97
CA SER G 522 -21.44 42.50 26.64
C SER G 522 -20.87 41.62 27.73
N PHE G 523 -19.70 41.00 27.47
CA PHE G 523 -19.06 40.18 28.49
C PHE G 523 -18.68 41.02 29.70
N LYS G 524 -18.14 42.23 29.48
CA LYS G 524 -17.80 43.10 30.59
C LYS G 524 -19.03 43.52 31.38
N LYS G 525 -20.14 43.81 30.67
CA LYS G 525 -21.37 44.17 31.37
C LYS G 525 -21.88 43.01 32.22
N GLY G 526 -21.84 41.79 31.68
CA GLY G 526 -22.23 40.63 32.46
C GLY G 526 -21.33 40.42 33.66
N VAL G 527 -20.03 40.62 33.49
CA VAL G 527 -19.09 40.49 34.60
C VAL G 527 -19.41 41.52 35.68
N ILE G 528 -19.72 42.75 35.28
CA ILE G 528 -20.06 43.79 36.25
C ILE G 528 -21.32 43.41 37.01
N ARG G 529 -22.34 42.93 36.28
CA ARG G 529 -23.59 42.55 36.93
C ARG G 529 -23.38 41.40 37.90
N GLN G 530 -22.55 40.42 37.54
CA GLN G 530 -22.23 39.33 38.45
C GLN G 530 -21.46 39.84 39.67
N ALA G 531 -20.50 40.74 39.45
CA ALA G 531 -19.61 41.18 40.51
C ALA G 531 -20.29 42.13 41.49
N GLU G 532 -21.36 42.81 41.08
CA GLU G 532 -22.03 43.72 42.00
C GLU G 532 -22.57 43.00 43.23
N PHE G 533 -22.75 41.68 43.15
CA PHE G 533 -23.20 40.92 44.32
C PHE G 533 -22.10 40.79 45.35
N LEU G 534 -20.88 40.48 44.92
CA LEU G 534 -19.77 40.28 45.85
C LEU G 534 -19.44 41.58 46.58
N PHE G 535 -19.45 42.71 45.87
CA PHE G 535 -19.06 43.99 46.44
C PHE G 535 -20.05 44.54 47.44
N ARG G 536 -21.24 43.95 47.55
CA ARG G 536 -22.27 44.51 48.42
C ARG G 536 -21.83 44.47 49.88
N GLN G 537 -22.16 45.54 50.60
CA GLN G 537 -21.89 45.64 52.04
C GLN G 537 -23.17 46.08 52.71
N ARG G 538 -23.81 45.17 53.45
CA ARG G 538 -25.09 45.47 54.08
C ARG G 538 -24.93 46.59 55.11
N SER G 539 -25.96 47.42 55.22
CA SER G 539 -25.99 48.55 56.16
C SER G 539 -24.86 49.55 55.86
N PHE G 540 -24.92 50.14 54.67
CA PHE G 540 -23.95 51.15 54.28
C PHE G 540 -24.60 52.50 53.98
N ILE G 541 -25.76 52.51 53.32
CA ILE G 541 -26.45 53.77 53.09
C ILE G 541 -26.92 54.38 54.40
N GLN G 542 -27.58 53.57 55.25
CA GLN G 542 -28.16 54.09 56.47
C GLN G 542 -27.11 54.45 57.53
N THR G 543 -25.86 54.01 57.36
CA THR G 543 -24.79 54.40 58.26
C THR G 543 -23.96 55.55 57.73
N LEU G 544 -24.36 56.12 56.58
CA LEU G 544 -23.61 57.24 56.01
C LEU G 544 -23.81 58.49 56.84
N ASP G 545 -22.71 59.13 57.23
CA ASP G 545 -22.70 60.41 57.93
C ASP G 545 -23.44 60.35 59.27
N THR G 546 -23.69 59.15 59.79
CA THR G 546 -24.39 59.05 61.06
C THR G 546 -23.57 59.64 62.21
N ASN G 547 -22.27 59.45 62.18
CA ASN G 547 -21.41 60.01 63.23
C ASN G 547 -21.43 61.52 63.11
N PRO G 548 -21.84 62.25 64.16
CA PRO G 548 -21.90 63.72 64.06
C PRO G 548 -20.56 64.40 64.24
N HIS G 549 -19.51 63.68 64.60
CA HIS G 549 -18.22 64.26 64.91
C HIS G 549 -17.30 64.34 63.69
N LEU G 550 -17.76 63.93 62.52
CA LEU G 550 -16.93 63.89 61.31
C LEU G 550 -17.47 64.90 60.30
N LEU G 551 -16.57 65.74 59.78
CA LEU G 551 -16.95 66.75 58.78
C LEU G 551 -16.03 66.62 57.57
N GLY G 552 -16.61 66.60 56.38
CA GLY G 552 -15.83 66.50 55.16
C GLY G 552 -15.41 67.88 54.67
N VAL G 553 -14.11 68.07 54.53
CA VAL G 553 -13.54 69.35 54.11
C VAL G 553 -12.71 69.13 52.85
N GLY G 554 -12.46 70.23 52.14
CA GLY G 554 -11.80 70.13 50.84
C GLY G 554 -10.46 69.42 50.90
N ASN G 555 -9.75 69.53 52.02
CA ASN G 555 -8.47 68.87 52.19
C ASN G 555 -8.54 67.71 53.16
N GLY G 556 -9.64 66.96 53.18
CA GLY G 556 -9.71 65.76 53.98
C GLY G 556 -10.93 65.67 54.88
N VAL G 557 -10.74 65.21 56.11
CA VAL G 557 -11.85 65.11 57.06
C VAL G 557 -11.39 65.65 58.40
N LEU G 558 -12.30 66.34 59.10
CA LEU G 558 -12.04 66.91 60.40
C LEU G 558 -12.86 66.18 61.45
N SER G 559 -12.20 65.71 62.50
CA SER G 559 -12.85 65.00 63.59
C SER G 559 -12.80 65.86 64.84
N ILE G 560 -13.97 66.12 65.42
CA ILE G 560 -14.12 66.91 66.63
C ILE G 560 -14.34 66.04 67.85
N GLU G 561 -14.06 64.73 67.74
CA GLU G 561 -14.31 63.82 68.85
C GLU G 561 -13.45 64.18 70.07
N THR G 562 -12.19 64.51 69.85
CA THR G 562 -11.25 64.81 70.92
C THR G 562 -10.78 66.25 70.82
N ILE G 563 -10.13 66.71 71.88
CA ILE G 563 -9.57 68.05 71.97
C ILE G 563 -8.04 67.91 71.95
N PRO G 564 -7.34 68.51 70.97
CA PRO G 564 -7.92 69.32 69.89
C PRO G 564 -8.48 68.48 68.75
N ALA G 565 -9.26 69.11 67.88
CA ALA G 565 -9.81 68.42 66.71
C ALA G 565 -8.68 67.98 65.79
N LYS G 566 -8.85 66.83 65.16
CA LYS G 566 -7.79 66.22 64.36
C LYS G 566 -8.17 66.20 62.89
N LEU G 567 -7.19 66.48 62.03
CA LEU G 567 -7.38 66.46 60.59
C LEU G 567 -6.80 65.17 60.03
N ILE G 568 -7.63 64.40 59.32
CA ILE G 568 -7.20 63.16 58.69
C ILE G 568 -7.17 63.38 57.18
N ASN G 569 -6.02 63.09 56.58
CA ASN G 569 -5.79 63.23 55.16
C ASN G 569 -5.08 62.00 54.61
N HIS G 570 -5.48 60.82 55.07
CA HIS G 570 -4.91 59.56 54.61
C HIS G 570 -6.02 58.52 54.58
N PHE G 571 -5.62 57.26 54.43
CA PHE G 571 -6.59 56.18 54.40
C PHE G 571 -7.29 56.03 55.75
N HIS G 572 -8.57 55.67 55.69
CA HIS G 572 -9.37 55.47 56.90
C HIS G 572 -10.53 54.55 56.53
N GLU G 573 -11.51 54.45 57.44
CA GLU G 573 -12.66 53.58 57.21
C GLU G 573 -13.98 54.24 57.57
N HIS G 574 -14.01 55.54 57.80
CA HIS G 574 -15.24 56.22 58.17
C HIS G 574 -16.08 56.51 56.93
N PRO G 575 -17.35 56.11 56.91
CA PRO G 575 -18.18 56.31 55.72
C PRO G 575 -18.77 57.72 55.64
N ILE G 576 -18.01 58.66 55.08
CA ILE G 576 -18.46 60.02 54.88
C ILE G 576 -18.60 60.28 53.39
N HIS G 577 -19.70 60.91 53.00
CA HIS G 577 -19.96 61.22 51.60
C HIS G 577 -20.18 62.71 51.33
N GLN G 578 -20.91 63.40 52.20
CA GLN G 578 -21.10 64.84 52.03
C GLN G 578 -19.92 65.60 52.60
N TYR G 579 -19.76 66.84 52.14
CA TYR G 579 -18.57 67.61 52.46
C TYR G 579 -18.82 69.08 52.18
N THR G 580 -17.84 69.89 52.56
CA THR G 580 -17.75 71.29 52.16
C THR G 580 -16.39 71.52 51.51
N HIS G 581 -16.33 72.51 50.61
CA HIS G 581 -15.12 72.79 49.85
C HIS G 581 -14.24 73.84 50.52
N ILE G 582 -14.28 73.95 51.84
CA ILE G 582 -13.51 74.94 52.58
C ILE G 582 -12.36 74.22 53.26
N CYS G 583 -11.13 74.54 52.82
CA CYS G 583 -9.96 73.96 53.45
C CYS G 583 -9.79 74.48 54.87
N TYR G 584 -9.36 73.60 55.76
CA TYR G 584 -9.18 73.94 57.17
C TYR G 584 -7.71 74.19 57.48
N VAL G 585 -7.45 75.21 58.31
CA VAL G 585 -6.11 75.48 58.82
C VAL G 585 -6.24 75.72 60.32
N PRO G 586 -5.20 75.42 61.10
CA PRO G 586 -5.28 75.70 62.54
C PRO G 586 -5.43 77.20 62.79
N PHE G 587 -6.15 77.52 63.86
CA PHE G 587 -6.47 78.91 64.17
C PHE G 587 -5.21 79.72 64.43
N ASN G 588 -4.89 80.62 63.50
CA ASN G 588 -3.73 81.50 63.65
C ASN G 588 -4.21 82.93 63.83
N PRO G 589 -4.11 83.49 65.04
CA PRO G 589 -4.50 84.90 65.23
C PRO G 589 -3.65 85.88 64.44
N GLU G 590 -2.45 85.48 64.03
CA GLU G 590 -1.56 86.37 63.30
C GLU G 590 -1.90 86.47 61.82
N ASN G 591 -2.82 85.67 61.32
CA ASN G 591 -3.26 85.81 59.94
C ASN G 591 -3.94 87.16 59.76
N PRO G 592 -3.58 87.94 58.73
CA PRO G 592 -4.21 89.26 58.56
C PRO G 592 -5.72 89.20 58.43
N TRP G 593 -6.23 88.19 57.72
CA TRP G 593 -7.67 88.06 57.56
C TRP G 593 -8.32 87.67 58.88
N THR G 594 -7.66 86.85 59.69
CA THR G 594 -8.16 86.55 61.03
C THR G 594 -8.26 87.82 61.87
N LYS G 595 -7.23 88.66 61.81
CA LYS G 595 -7.27 89.93 62.52
C LYS G 595 -8.42 90.80 62.04
N LEU G 596 -8.60 90.90 60.73
CA LEU G 596 -9.67 91.72 60.18
C LEU G 596 -11.04 91.22 60.63
N LEU G 597 -11.25 89.90 60.57
CA LEU G 597 -12.52 89.34 60.99
C LEU G 597 -12.76 89.56 62.47
N LEU G 598 -11.74 89.37 63.31
CA LEU G 598 -11.90 89.59 64.74
C LEU G 598 -12.26 91.05 65.03
N ASN G 599 -11.54 91.99 64.39
CA ASN G 599 -11.81 93.40 64.63
C ASN G 599 -13.22 93.78 64.18
N ALA G 600 -13.62 93.33 62.99
CA ALA G 600 -14.96 93.64 62.49
C ALA G 600 -16.03 93.05 63.39
N LEU G 601 -15.84 91.80 63.84
CA LEU G 601 -16.81 91.16 64.70
C LEU G 601 -16.93 91.89 66.04
N GLN G 602 -15.79 92.31 66.60
CA GLN G 602 -15.82 93.08 67.84
C GLN G 602 -16.54 94.40 67.65
N ASP G 603 -16.28 95.08 66.52
CA ASP G 603 -16.95 96.35 66.26
C ASP G 603 -18.45 96.17 66.02
N ILE G 604 -18.86 95.00 65.54
CA ILE G 604 -20.28 94.77 65.24
C ILE G 604 -21.11 94.88 66.52
N ILE G 605 -20.67 94.23 67.59
CA ILE G 605 -21.35 94.27 68.88
C ILE G 605 -20.34 94.55 69.97
N PRO G 606 -20.44 95.67 70.70
CA PRO G 606 -19.39 96.03 71.66
C PRO G 606 -19.37 95.18 72.92
N GLU G 607 -20.55 94.75 73.39
CA GLU G 607 -20.61 94.00 74.64
C GLU G 607 -19.82 92.70 74.53
N LEU G 608 -18.84 92.53 75.41
CA LEU G 608 -17.98 91.35 75.37
C LEU G 608 -18.73 90.09 75.75
N ASP G 609 -19.57 90.15 76.78
CA ASP G 609 -20.34 88.99 77.19
C ASP G 609 -21.30 88.56 76.07
N ALA G 610 -22.00 89.51 75.46
CA ALA G 610 -22.88 89.19 74.35
C ALA G 610 -22.10 88.64 73.17
N ARG G 611 -20.92 89.21 72.90
CA ARG G 611 -20.08 88.72 71.81
C ARG G 611 -19.72 87.25 72.03
N LEU G 612 -19.25 86.93 73.24
CA LEU G 612 -18.89 85.55 73.55
C LEU G 612 -20.10 84.63 73.48
N TRP G 613 -21.26 85.09 73.96
CA TRP G 613 -22.45 84.24 73.92
C TRP G 613 -22.88 83.95 72.49
N ILE G 614 -22.88 84.96 71.63
CA ILE G 614 -23.26 84.75 70.23
C ILE G 614 -22.27 83.84 69.53
N MET G 615 -20.97 84.04 69.77
CA MET G 615 -19.97 83.17 69.16
C MET G 615 -20.14 81.73 69.63
N PHE G 616 -20.40 81.53 70.92
CA PHE G 616 -20.59 80.19 71.45
C PHE G 616 -21.83 79.53 70.84
N TYR G 617 -22.92 80.29 70.72
CA TYR G 617 -24.13 79.74 70.12
C TYR G 617 -23.91 79.35 68.67
N LEU G 618 -23.22 80.21 67.91
CA LEU G 618 -22.95 79.90 66.50
C LEU G 618 -21.96 78.76 66.34
N SER G 619 -21.08 78.54 67.33
CA SER G 619 -20.13 77.45 67.23
C SER G 619 -20.81 76.09 67.19
N THR G 620 -21.99 75.96 67.81
CA THR G 620 -22.67 74.68 67.89
C THR G 620 -23.22 74.21 66.54
N ALA G 621 -23.20 75.08 65.52
CA ALA G 621 -23.76 74.69 64.23
C ALA G 621 -23.00 73.55 63.58
N ILE G 622 -21.70 73.42 63.88
CA ILE G 622 -20.90 72.36 63.27
C ILE G 622 -21.36 70.99 63.75
N PHE G 623 -21.72 70.89 65.04
CA PHE G 623 -22.28 69.65 65.56
C PHE G 623 -23.63 69.39 64.92
N ARG G 624 -23.90 68.12 64.61
CA ARG G 624 -25.13 67.74 63.94
C ARG G 624 -26.02 66.80 64.74
N GLY G 625 -25.56 66.33 65.90
CA GLY G 625 -26.38 65.51 66.76
C GLY G 625 -27.36 66.35 67.56
N LEU G 626 -27.93 65.72 68.59
CA LEU G 626 -28.93 66.38 69.41
C LEU G 626 -28.37 67.65 70.04
N LYS G 627 -29.19 68.69 70.10
CA LYS G 627 -28.82 69.97 70.68
C LYS G 627 -29.91 70.44 71.62
N GLU G 628 -29.53 71.33 72.53
CA GLU G 628 -30.50 71.93 73.44
C GLU G 628 -31.50 72.78 72.66
N ALA G 629 -32.74 72.80 73.15
CA ALA G 629 -33.85 73.48 72.49
C ALA G 629 -33.71 74.98 72.72
N LEU G 630 -33.01 75.66 71.82
CA LEU G 630 -32.83 77.11 71.88
C LEU G 630 -33.38 77.78 70.63
N MET G 631 -33.85 79.01 70.81
CA MET G 631 -34.31 79.87 69.72
C MET G 631 -33.57 81.20 69.83
N LEU G 632 -32.95 81.62 68.74
CA LEU G 632 -32.22 82.88 68.70
C LEU G 632 -32.87 83.82 67.70
N LEU G 633 -33.23 85.01 68.15
CA LEU G 633 -33.74 86.05 67.27
C LEU G 633 -33.21 87.38 67.74
N TRP G 634 -32.74 88.19 66.79
CA TRP G 634 -32.21 89.49 67.15
C TRP G 634 -32.66 90.52 66.12
N LEU G 635 -33.06 91.68 66.61
CA LEU G 635 -33.78 92.67 65.84
C LEU G 635 -33.03 93.99 65.88
N GLY G 636 -33.03 94.71 64.76
CA GLY G 636 -32.39 96.01 64.68
C GLY G 636 -33.19 96.96 63.80
N GLY G 637 -32.81 98.23 63.87
CA GLY G 637 -33.46 99.23 63.05
C GLY G 637 -33.20 99.03 61.57
N GLY G 638 -31.96 98.73 61.21
CA GLY G 638 -31.57 98.51 59.84
C GLY G 638 -30.14 98.95 59.62
N CYS G 639 -29.56 98.44 58.52
CA CYS G 639 -28.18 98.72 58.16
C CYS G 639 -27.23 98.41 59.32
N ASN G 640 -27.39 97.22 59.88
CA ASN G 640 -26.63 96.76 61.02
C ASN G 640 -25.80 95.53 60.64
N GLY G 641 -25.20 94.90 61.64
CA GLY G 641 -24.35 93.74 61.40
C GLY G 641 -25.09 92.52 60.90
N LYS G 642 -26.43 92.54 60.91
CA LYS G 642 -27.20 91.40 60.43
C LYS G 642 -26.90 91.11 58.96
N THR G 643 -27.24 89.89 58.55
CA THR G 643 -27.15 89.45 57.16
C THR G 643 -25.72 89.47 56.62
N PHE G 644 -24.74 89.79 57.45
CA PHE G 644 -23.34 89.73 57.06
C PHE G 644 -22.65 88.48 57.59
N LEU G 645 -22.61 88.32 58.92
CA LEU G 645 -22.10 87.08 59.50
C LEU G 645 -23.12 85.96 59.41
N MET G 646 -24.41 86.32 59.45
CA MET G 646 -25.47 85.33 59.35
C MET G 646 -25.44 84.61 58.01
N ARG G 647 -25.20 85.35 56.92
CA ARG G 647 -25.00 84.72 55.62
C ARG G 647 -23.61 84.11 55.49
N LEU G 648 -22.61 84.70 56.15
CA LEU G 648 -21.24 84.20 56.05
C LEU G 648 -21.13 82.80 56.64
N VAL G 649 -21.82 82.54 57.75
CA VAL G 649 -21.81 81.21 58.35
C VAL G 649 -22.37 80.18 57.39
N ALA G 650 -23.50 80.51 56.76
CA ALA G 650 -24.09 79.60 55.79
C ALA G 650 -23.15 79.37 54.61
N MET G 651 -22.50 80.42 54.12
CA MET G 651 -21.57 80.26 53.01
C MET G 651 -20.40 79.37 53.39
N VAL G 652 -19.89 79.52 54.60
CA VAL G 652 -18.77 78.70 55.06
C VAL G 652 -19.20 77.24 55.17
N LEU G 653 -20.35 77.00 55.80
CA LEU G 653 -20.82 75.62 55.98
C LEU G 653 -21.22 74.97 54.66
N GLY G 654 -21.59 75.75 53.66
CA GLY G 654 -22.00 75.21 52.39
C GLY G 654 -23.44 74.75 52.39
N ASP G 655 -23.92 74.43 51.18
CA ASP G 655 -25.31 73.98 51.02
C ASP G 655 -25.56 72.65 51.71
N HIS G 656 -24.53 71.79 51.79
CA HIS G 656 -24.73 70.45 52.33
C HIS G 656 -25.12 70.48 53.80
N TYR G 657 -24.47 71.32 54.60
CA TYR G 657 -24.65 71.31 56.04
C TYR G 657 -25.52 72.46 56.56
N ALA G 658 -25.74 73.50 55.76
CA ALA G 658 -26.55 74.62 56.18
C ALA G 658 -27.55 74.96 55.09
N SER G 659 -28.68 75.54 55.49
CA SER G 659 -29.73 75.82 54.52
C SER G 659 -30.57 77.01 54.98
N LYS G 660 -30.84 77.91 54.03
CA LYS G 660 -31.76 79.02 54.28
C LYS G 660 -33.19 78.49 54.33
N LEU G 661 -34.02 79.13 55.16
CA LEU G 661 -35.43 78.78 55.25
C LEU G 661 -36.28 79.94 54.74
N ASN G 662 -37.59 79.77 54.84
CA ASN G 662 -38.55 80.79 54.45
C ASN G 662 -39.40 81.15 55.67
N ILE G 663 -39.66 82.45 55.84
CA ILE G 663 -40.44 82.90 56.98
C ILE G 663 -41.87 82.38 56.95
N SER G 664 -42.36 81.98 55.77
CA SER G 664 -43.69 81.40 55.69
C SER G 664 -43.81 80.12 56.50
N LEU G 665 -42.69 79.48 56.82
CA LEU G 665 -42.72 78.29 57.68
C LEU G 665 -43.25 78.63 59.06
N LEU G 666 -43.15 79.88 59.48
CA LEU G 666 -43.60 80.30 60.80
C LEU G 666 -44.88 81.12 60.78
N THR G 667 -45.15 81.84 59.70
CA THR G 667 -46.35 82.68 59.62
C THR G 667 -47.56 81.96 59.05
N SER G 668 -47.38 80.78 58.46
CA SER G 668 -48.49 80.06 57.85
C SER G 668 -49.39 79.47 58.93
N CYS G 669 -50.69 79.48 58.67
CA CYS G 669 -51.64 78.84 59.55
C CYS G 669 -51.49 77.32 59.46
N ARG G 670 -52.28 76.61 60.25
CA ARG G 670 -52.24 75.15 60.23
C ARG G 670 -52.85 74.67 58.92
N GLU G 671 -51.99 74.25 57.99
CA GLU G 671 -52.45 73.75 56.70
C GLU G 671 -53.13 72.40 56.87
N THR G 672 -54.06 72.12 55.96
CA THR G 672 -54.77 70.85 56.00
C THR G 672 -53.87 69.71 55.53
N ALA G 673 -54.32 68.48 55.79
CA ALA G 673 -53.57 67.31 55.35
C ALA G 673 -53.49 67.23 53.83
N GLU G 674 -54.41 67.89 53.13
CA GLU G 674 -54.35 67.93 51.66
C GLU G 674 -53.11 68.67 51.18
N LYS G 675 -52.69 69.68 51.92
CA LYS G 675 -51.55 70.50 51.51
C LYS G 675 -50.25 69.78 51.80
N PRO G 676 -49.44 69.45 50.78
CA PRO G 676 -48.15 68.82 51.05
C PRO G 676 -47.06 69.83 51.37
N ASN G 677 -46.92 70.19 52.64
CA ASN G 677 -45.90 71.17 53.03
C ASN G 677 -44.51 70.64 52.72
N SER G 678 -43.88 71.19 51.68
CA SER G 678 -42.64 70.65 51.16
C SER G 678 -41.39 71.25 51.80
N ALA G 679 -41.54 72.25 52.66
CA ALA G 679 -40.39 72.84 53.33
C ALA G 679 -40.11 72.23 54.69
N PHE G 680 -41.01 71.39 55.20
CA PHE G 680 -40.73 70.68 56.45
C PHE G 680 -39.61 69.67 56.29
N MET G 681 -39.50 69.05 55.10
CA MET G 681 -38.46 68.05 54.88
C MET G 681 -37.07 68.65 54.87
N ARG G 682 -36.95 69.97 54.85
CA ARG G 682 -35.64 70.62 54.96
C ARG G 682 -35.05 70.34 56.34
N LEU G 683 -33.81 70.77 56.56
CA LEU G 683 -33.03 70.57 57.78
C LEU G 683 -32.62 69.12 57.98
N LYS G 684 -32.94 68.22 57.05
CA LYS G 684 -32.55 66.82 57.17
C LYS G 684 -31.03 66.71 57.06
N GLY G 685 -30.38 66.43 58.18
CA GLY G 685 -28.93 66.34 58.20
C GLY G 685 -28.25 67.68 58.36
N ARG G 686 -28.83 68.72 57.76
CA ARG G 686 -28.28 70.06 57.90
C ARG G 686 -28.31 70.52 59.35
N GLY G 687 -27.20 71.06 59.82
CA GLY G 687 -27.05 71.50 61.19
C GLY G 687 -27.19 72.98 61.42
N TYR G 688 -27.67 73.75 60.44
CA TYR G 688 -27.82 75.19 60.61
C TYR G 688 -28.86 75.70 59.62
N GLY G 689 -29.84 76.44 60.12
CA GLY G 689 -30.85 77.05 59.28
C GLY G 689 -31.19 78.45 59.74
N TYR G 690 -31.31 79.38 58.81
CA TYR G 690 -31.52 80.77 59.14
C TYR G 690 -32.71 81.33 58.37
N PHE G 691 -33.41 82.27 58.99
CA PHE G 691 -34.54 82.95 58.38
C PHE G 691 -34.10 84.34 57.97
N GLU G 692 -34.11 84.62 56.67
CA GLU G 692 -33.65 85.90 56.16
C GLU G 692 -34.58 87.02 56.59
N GLU G 693 -34.08 88.24 56.49
CA GLU G 693 -34.85 89.40 56.91
C GLU G 693 -36.12 89.53 56.08
N THR G 694 -37.23 89.75 56.76
CA THR G 694 -38.53 89.84 56.11
C THR G 694 -38.78 91.26 55.63
N ASN G 695 -40.01 91.54 55.22
CA ASN G 695 -40.37 92.84 54.67
C ASN G 695 -41.45 93.56 55.46
N LYS G 696 -42.13 92.87 56.38
CA LYS G 696 -43.17 93.49 57.19
C LYS G 696 -43.24 92.77 58.52
N SER G 697 -43.70 93.49 59.55
CA SER G 697 -43.97 92.84 60.83
C SER G 697 -45.05 91.78 60.66
N GLU G 698 -44.83 90.62 61.26
CA GLU G 698 -45.71 89.48 61.08
C GLU G 698 -46.09 88.91 62.45
N VAL G 699 -47.03 87.96 62.43
CA VAL G 699 -47.62 87.40 63.63
C VAL G 699 -47.36 85.90 63.65
N LEU G 700 -46.81 85.41 64.76
CA LEU G 700 -46.62 83.98 64.91
C LEU G 700 -47.96 83.30 65.16
N ASN G 701 -48.03 82.02 64.79
CA ASN G 701 -49.24 81.23 64.97
C ASN G 701 -49.22 80.40 66.25
N THR G 702 -48.11 80.43 66.99
CA THR G 702 -47.81 79.60 68.16
C THR G 702 -47.63 78.14 67.78
N SER G 703 -47.86 77.78 66.52
CA SER G 703 -47.48 76.49 65.95
C SER G 703 -46.28 76.70 65.05
N ARG G 704 -45.60 75.60 64.72
CA ARG G 704 -44.31 75.59 64.06
C ARG G 704 -43.22 76.20 64.94
N LEU G 705 -43.49 76.39 66.23
CA LEU G 705 -42.48 76.82 67.19
C LEU G 705 -42.01 75.68 68.09
N LYS G 706 -42.95 75.01 68.75
CA LYS G 706 -42.58 73.95 69.69
C LYS G 706 -41.89 72.79 68.97
N GLU G 707 -42.39 72.40 67.80
CA GLU G 707 -41.77 71.31 67.06
C GLU G 707 -40.53 71.73 66.30
N MET G 708 -40.31 73.03 66.11
CA MET G 708 -39.06 73.49 65.51
C MET G 708 -38.01 73.88 66.55
N VAL G 709 -38.37 73.89 67.83
CA VAL G 709 -37.36 74.15 68.86
C VAL G 709 -36.96 72.84 69.55
N ASN G 710 -37.91 71.93 69.73
CA ASN G 710 -37.63 70.71 70.47
C ASN G 710 -36.69 69.79 69.69
N PRO G 711 -35.91 68.97 70.38
CA PRO G 711 -35.04 68.00 69.71
C PRO G 711 -35.70 66.66 69.39
N GLY G 712 -37.01 66.54 69.55
CA GLY G 712 -37.70 65.29 69.29
C GLY G 712 -37.91 65.03 67.82
N ASP G 713 -38.56 63.91 67.54
CA ASP G 713 -38.82 63.51 66.17
C ASP G 713 -39.79 64.48 65.50
N VAL G 714 -39.60 64.70 64.20
CA VAL G 714 -40.44 65.57 63.40
C VAL G 714 -40.75 64.86 62.10
N THR G 715 -41.95 65.08 61.57
CA THR G 715 -42.38 64.33 60.40
C THR G 715 -43.38 65.15 59.59
N ALA G 716 -43.27 65.05 58.27
CA ALA G 716 -44.18 65.69 57.32
C ALA G 716 -43.85 65.20 55.91
N ARG G 717 -44.86 65.15 55.06
CA ARG G 717 -44.69 64.81 53.66
C ARG G 717 -44.41 66.06 52.84
N GLU G 718 -43.56 65.93 51.83
CA GLU G 718 -43.11 67.08 51.04
C GLU G 718 -43.92 67.28 49.76
N LEU G 719 -43.88 66.33 48.84
CA LEU G 719 -44.59 66.46 47.57
C LEU G 719 -44.69 65.09 46.92
N ASN G 720 -45.91 64.58 46.78
CA ASN G 720 -46.16 63.28 46.15
C ASN G 720 -45.37 62.16 46.80
N GLN G 721 -45.16 62.25 48.12
CA GLN G 721 -44.57 61.18 48.90
C GLN G 721 -45.35 61.05 50.20
N LYS G 722 -44.78 60.32 51.16
CA LYS G 722 -45.52 59.88 52.32
C LYS G 722 -44.84 60.37 53.59
N GLN G 723 -45.62 60.44 54.67
CA GLN G 723 -45.19 60.83 56.00
C GLN G 723 -43.89 60.13 56.39
N GLU G 724 -42.85 60.92 56.66
CA GLU G 724 -41.53 60.41 57.00
C GLU G 724 -41.03 61.04 58.30
N SER G 725 -40.66 60.20 59.26
CA SER G 725 -40.16 60.68 60.55
C SER G 725 -38.64 60.82 60.51
N PHE G 726 -38.11 61.84 61.18
CA PHE G 726 -36.68 62.04 61.23
C PHE G 726 -36.34 62.97 62.39
N GLN G 727 -35.08 62.95 62.80
CA GLN G 727 -34.60 63.84 63.85
C GLN G 727 -34.17 65.18 63.23
N MET G 728 -34.56 66.27 63.88
CA MET G 728 -34.21 67.62 63.43
C MET G 728 -33.23 68.20 64.44
N THR G 729 -32.01 68.48 63.98
CA THR G 729 -30.95 69.02 64.82
C THR G 729 -30.22 70.09 64.01
N ALA G 730 -30.59 71.35 64.24
CA ALA G 730 -29.98 72.45 63.50
C ALA G 730 -30.21 73.74 64.28
N THR G 731 -29.16 74.55 64.41
CA THR G 731 -29.27 75.83 65.07
C THR G 731 -30.03 76.81 64.21
N MET G 732 -30.97 77.54 64.83
CA MET G 732 -31.83 78.48 64.14
C MET G 732 -31.48 79.91 64.55
N VAL G 733 -31.53 80.82 63.57
CA VAL G 733 -31.40 82.25 63.85
C VAL G 733 -32.43 83.00 63.01
N ALA G 734 -33.02 84.03 63.63
CA ALA G 734 -33.99 84.88 62.97
C ALA G 734 -33.62 86.34 63.18
N ALA G 735 -33.50 87.08 62.08
CA ALA G 735 -33.16 88.49 62.10
C ALA G 735 -34.16 89.25 61.23
N SER G 736 -34.70 90.33 61.77
CA SER G 736 -35.67 91.16 61.05
C SER G 736 -35.46 92.62 61.42
N ASN G 737 -35.58 93.50 60.43
CA ASN G 737 -35.55 94.93 60.72
C ASN G 737 -36.79 95.40 61.46
N TYR G 738 -37.89 94.66 61.37
CA TYR G 738 -39.13 95.00 62.03
C TYR G 738 -39.29 94.13 63.27
N ASN G 739 -40.46 94.21 63.91
CA ASN G 739 -40.70 93.55 65.18
C ASN G 739 -41.63 92.35 65.00
N PHE G 740 -41.52 91.42 65.94
CA PHE G 740 -42.25 90.16 65.90
C PHE G 740 -43.50 90.24 66.77
N ILE G 741 -44.34 89.21 66.67
CA ILE G 741 -45.55 89.09 67.47
C ILE G 741 -45.57 87.71 68.14
N ILE G 742 -45.52 87.71 69.47
CA ILE G 742 -45.68 86.49 70.26
C ILE G 742 -46.83 86.73 71.23
N ASP G 743 -47.81 85.82 71.22
CA ASP G 743 -49.01 85.95 72.06
C ASP G 743 -49.26 84.66 72.85
N THR G 744 -48.56 84.55 73.98
CA THR G 744 -48.69 83.42 74.89
C THR G 744 -47.89 83.72 76.14
N THR G 745 -48.16 82.96 77.20
CA THR G 745 -47.42 83.08 78.45
C THR G 745 -47.06 81.73 79.05
N ASP G 746 -47.29 80.63 78.34
CA ASP G 746 -46.96 79.31 78.86
C ASP G 746 -45.46 79.19 79.11
N HIS G 747 -45.10 78.53 80.21
CA HIS G 747 -43.69 78.35 80.53
C HIS G 747 -43.02 77.36 79.58
N GLY G 748 -43.78 76.52 78.88
CA GLY G 748 -43.19 75.65 77.89
C GLY G 748 -42.49 76.43 76.80
N THR G 749 -43.17 77.44 76.26
CA THR G 749 -42.53 78.44 75.42
C THR G 749 -42.03 79.57 76.31
N TRP G 750 -41.52 80.64 75.69
CA TRP G 750 -41.02 81.81 76.39
C TRP G 750 -39.83 81.46 77.29
N ARG G 751 -39.42 80.20 77.26
CA ARG G 751 -38.29 79.69 78.02
C ARG G 751 -37.21 79.12 77.14
N ARG G 752 -37.55 78.62 75.96
CA ARG G 752 -36.59 78.14 74.98
C ARG G 752 -36.39 79.16 73.87
N LEU G 753 -36.46 80.45 74.21
CA LEU G 753 -36.33 81.53 73.25
C LEU G 753 -35.32 82.54 73.77
N ARG G 754 -34.63 83.20 72.84
CA ARG G 754 -33.67 84.24 73.18
C ARG G 754 -33.81 85.40 72.20
N HIS G 755 -33.82 86.62 72.75
CA HIS G 755 -33.97 87.82 71.96
C HIS G 755 -32.82 88.77 72.23
N TYR G 756 -32.31 89.38 71.15
CA TYR G 756 -31.26 90.38 71.26
C TYR G 756 -31.63 91.57 70.37
N ARG G 757 -31.10 92.74 70.74
CA ARG G 757 -31.29 93.95 69.95
C ARG G 757 -29.94 94.59 69.67
N SER G 758 -29.68 94.86 68.39
CA SER G 758 -28.42 95.49 68.00
C SER G 758 -28.42 96.96 68.41
N LYS G 759 -27.32 97.39 69.04
CA LYS G 759 -27.19 98.76 69.53
C LYS G 759 -26.33 99.63 68.61
N VAL G 760 -25.95 99.13 67.45
CA VAL G 760 -25.06 99.85 66.55
C VAL G 760 -25.82 100.22 65.28
N LYS G 761 -25.27 101.20 64.56
CA LYS G 761 -25.83 101.65 63.30
C LYS G 761 -24.69 101.96 62.34
N PHE G 762 -24.92 101.72 61.06
CA PHE G 762 -23.92 101.93 60.02
C PHE G 762 -24.48 102.88 58.97
N CYS G 763 -23.72 103.92 58.65
CA CYS G 763 -24.13 104.87 57.62
C CYS G 763 -22.92 105.51 56.98
N HIS G 764 -23.13 106.12 55.81
CA HIS G 764 -22.02 106.61 55.00
C HIS G 764 -21.22 107.70 55.72
N ASN G 765 -21.92 108.64 56.36
CA ASN G 765 -21.24 109.75 57.03
C ASN G 765 -21.28 109.54 58.54
N PRO G 766 -20.18 109.14 59.18
CA PRO G 766 -20.22 108.87 60.62
C PRO G 766 -20.54 110.12 61.41
N ASP G 767 -21.32 109.93 62.48
CA ASP G 767 -21.63 111.01 63.40
C ASP G 767 -20.54 111.11 64.46
N PRO G 768 -19.86 112.24 64.60
CA PRO G 768 -18.80 112.35 65.60
C PRO G 768 -19.36 112.26 67.01
N SER G 769 -18.52 111.76 67.92
CA SER G 769 -18.79 111.62 69.35
C SER G 769 -19.91 110.62 69.65
N ASN G 770 -20.33 109.82 68.67
CA ASN G 770 -21.35 108.81 68.90
C ASN G 770 -20.75 107.42 68.69
N PRO G 771 -20.39 106.70 69.76
CA PRO G 771 -19.81 105.37 69.58
C PRO G 771 -20.75 104.35 68.97
N TYR G 772 -22.06 104.58 69.00
CA TYR G 772 -23.04 103.63 68.51
C TYR G 772 -23.42 103.87 67.05
N GLU G 773 -22.53 104.47 66.27
CA GLU G 773 -22.75 104.63 64.85
C GLU G 773 -21.39 104.73 64.16
N LYS G 774 -21.27 104.09 63.01
CA LYS G 774 -19.99 104.00 62.32
C LYS G 774 -20.20 103.99 60.81
N LYS G 775 -19.11 104.24 60.09
CA LYS G 775 -19.15 104.22 58.63
C LYS G 775 -19.28 102.80 58.13
N GLU G 776 -20.33 102.54 57.35
CA GLU G 776 -20.52 101.23 56.75
C GLU G 776 -19.55 101.02 55.60
N ASP G 777 -19.02 99.82 55.49
CA ASP G 777 -18.18 99.46 54.34
C ASP G 777 -18.95 98.46 53.48
N PRO G 778 -19.50 98.88 52.34
CA PRO G 778 -20.24 97.94 51.51
C PRO G 778 -19.39 96.79 50.99
N ARG G 779 -18.07 96.95 50.98
CA ARG G 779 -17.18 95.90 50.52
C ARG G 779 -17.32 94.62 51.32
N PHE G 780 -17.81 94.71 52.57
CA PHE G 780 -18.05 93.51 53.37
C PHE G 780 -19.14 92.64 52.77
N ILE G 781 -20.13 93.24 52.11
CA ILE G 781 -21.27 92.48 51.59
C ILE G 781 -21.10 92.15 50.12
N HIS G 782 -20.71 93.14 49.30
CA HIS G 782 -20.54 92.90 47.88
C HIS G 782 -19.47 91.84 47.62
N GLU G 783 -18.35 91.92 48.32
CA GLU G 783 -17.32 90.90 48.26
C GLU G 783 -16.92 90.53 49.68
N TYR G 784 -15.80 89.82 49.84
CA TYR G 784 -15.25 89.27 51.08
C TYR G 784 -15.96 87.98 51.47
N ILE G 785 -17.01 87.58 50.75
CA ILE G 785 -17.62 86.28 50.93
C ILE G 785 -17.03 85.24 49.99
N MET G 786 -16.79 85.64 48.74
CA MET G 786 -16.28 84.72 47.73
C MET G 786 -14.79 84.46 47.86
N ASP G 787 -14.09 85.19 48.72
CA ASP G 787 -12.66 84.95 48.93
C ASP G 787 -12.49 83.68 49.76
N PRO G 788 -11.81 82.66 49.24
CA PRO G 788 -11.60 81.44 50.04
C PRO G 788 -10.82 81.68 51.33
N ASP G 789 -9.85 82.61 51.32
CA ASP G 789 -9.02 82.83 52.50
C ASP G 789 -9.86 83.30 53.69
N CYS G 790 -10.79 84.23 53.44
CA CYS G 790 -11.66 84.72 54.51
C CYS G 790 -12.51 83.59 55.07
N GLN G 791 -13.04 82.73 54.21
CA GLN G 791 -13.84 81.60 54.67
C GLN G 791 -12.99 80.64 55.50
N ASN G 792 -11.75 80.39 55.09
CA ASN G 792 -10.88 79.51 55.86
C ASN G 792 -10.59 80.10 57.23
N ALA G 793 -10.31 81.39 57.29
CA ALA G 793 -10.06 82.05 58.58
C ALA G 793 -11.30 81.98 59.47
N PHE G 794 -12.48 82.22 58.89
CA PHE G 794 -13.71 82.16 59.67
C PHE G 794 -13.96 80.75 60.19
N PHE G 795 -13.68 79.74 59.37
CA PHE G 795 -13.84 78.36 59.81
C PHE G 795 -12.89 78.03 60.95
N SER G 796 -11.65 78.49 60.86
CA SER G 796 -10.71 78.28 61.97
C SER G 796 -11.19 78.96 63.24
N ILE G 797 -11.70 80.18 63.11
CA ILE G 797 -12.22 80.89 64.28
C ILE G 797 -13.38 80.11 64.90
N LEU G 798 -14.29 79.62 64.05
CA LEU G 798 -15.46 78.91 64.53
C LEU G 798 -15.07 77.62 65.25
N VAL G 799 -14.14 76.85 64.68
CA VAL G 799 -13.75 75.59 65.32
C VAL G 799 -13.01 75.88 66.63
N TYR G 800 -12.21 76.95 66.67
CA TYR G 800 -11.55 77.32 67.92
C TYR G 800 -12.58 77.67 68.99
N PHE G 801 -13.62 78.42 68.61
CA PHE G 801 -14.65 78.78 69.57
C PHE G 801 -15.41 77.56 70.06
N TRP G 802 -15.71 76.62 69.15
CA TRP G 802 -16.39 75.39 69.56
C TRP G 802 -15.53 74.58 70.52
N GLU G 803 -14.23 74.50 70.26
CA GLU G 803 -13.34 73.80 71.18
C GLU G 803 -13.30 74.49 72.53
N LYS G 804 -13.28 75.82 72.54
CA LYS G 804 -13.35 76.57 73.79
C LYS G 804 -14.60 76.21 74.57
N LEU G 805 -15.76 76.23 73.90
CA LEU G 805 -17.01 75.88 74.56
C LEU G 805 -16.95 74.48 75.15
N GLN G 806 -16.46 73.52 74.36
CA GLN G 806 -16.43 72.14 74.80
C GLN G 806 -15.51 71.96 76.02
N LYS G 807 -14.35 72.61 76.00
CA LYS G 807 -13.42 72.45 77.10
C LYS G 807 -13.83 73.24 78.33
N GLU G 808 -14.68 74.26 78.19
CA GLU G 808 -15.08 75.05 79.36
C GLU G 808 -16.40 74.58 79.96
N TYR G 809 -17.48 74.62 79.18
CA TYR G 809 -18.81 74.33 79.70
C TYR G 809 -19.32 72.95 79.31
N ASN G 810 -18.44 72.10 78.76
CA ASN G 810 -18.77 70.71 78.44
C ASN G 810 -19.96 70.62 77.50
N GLY G 811 -20.02 71.54 76.54
CA GLY G 811 -21.09 71.52 75.55
C GLY G 811 -22.43 71.98 76.04
N GLN G 812 -22.51 72.58 77.23
CA GLN G 812 -23.76 73.06 77.81
C GLN G 812 -23.88 74.56 77.52
N ILE G 813 -24.66 74.90 76.50
CA ILE G 813 -24.83 76.30 76.12
C ILE G 813 -25.55 77.08 77.21
N LYS G 814 -26.50 76.45 77.90
CA LYS G 814 -27.23 77.14 78.96
C LYS G 814 -26.35 77.44 80.17
N LYS G 815 -25.22 76.74 80.31
CA LYS G 815 -24.35 76.97 81.45
C LYS G 815 -23.65 78.33 81.39
N VAL G 816 -23.29 78.79 80.19
CA VAL G 816 -22.53 80.03 80.08
C VAL G 816 -23.37 81.21 80.57
N PHE G 817 -22.70 82.22 81.09
CA PHE G 817 -23.34 83.36 81.74
C PHE G 817 -23.18 84.61 80.89
N CYS G 818 -24.30 85.29 80.64
CA CYS G 818 -24.30 86.58 79.95
C CYS G 818 -25.35 87.48 80.60
N PRO G 819 -24.93 88.43 81.44
CA PRO G 819 -25.92 89.26 82.16
C PRO G 819 -26.85 90.06 81.26
N THR G 820 -26.33 90.56 80.14
CA THR G 820 -27.18 91.30 79.20
C THR G 820 -28.28 90.40 78.65
N ILE G 821 -27.92 89.18 78.24
CA ILE G 821 -28.94 88.21 77.87
C ILE G 821 -29.68 87.74 79.12
N GLU G 822 -30.91 87.27 78.93
CA GLU G 822 -31.85 86.88 79.97
C GLU G 822 -32.34 88.07 80.77
N SER G 823 -31.84 89.27 80.48
CA SER G 823 -32.39 90.52 80.98
C SER G 823 -33.14 91.28 79.88
N GLU G 824 -32.49 91.46 78.73
CA GLU G 824 -33.21 91.94 77.56
C GLU G 824 -34.28 90.94 77.12
N THR G 825 -34.02 89.65 77.31
CA THR G 825 -35.00 88.63 76.96
C THR G 825 -36.27 88.76 77.81
N GLU G 826 -36.10 88.84 79.14
CA GLU G 826 -37.28 89.02 79.99
C GLU G 826 -37.90 90.39 79.79
N ALA G 827 -37.11 91.40 79.42
CA ALA G 827 -37.68 92.71 79.10
C ALA G 827 -38.59 92.62 77.90
N TYR G 828 -38.17 91.88 76.86
CA TYR G 828 -39.05 91.65 75.72
C TYR G 828 -40.26 90.84 76.13
N ARG G 829 -40.08 89.86 77.02
CA ARG G 829 -41.21 89.08 77.51
C ARG G 829 -42.21 89.97 78.24
N LYS G 830 -41.75 91.04 78.87
CA LYS G 830 -42.67 92.01 79.47
C LYS G 830 -43.52 92.67 78.40
N SER G 831 -42.93 92.92 77.23
CA SER G 831 -43.69 93.36 76.07
C SER G 831 -44.42 92.14 75.49
N GLN G 832 -45.07 92.32 74.33
CA GLN G 832 -45.83 91.28 73.68
C GLN G 832 -46.96 90.72 74.56
N ASP G 833 -47.37 91.49 75.56
CA ASP G 833 -48.47 91.12 76.46
C ASP G 833 -49.56 92.15 76.28
N THR G 834 -50.45 91.91 75.32
CA THR G 834 -51.50 92.87 75.03
C THR G 834 -52.54 92.90 76.14
N LEU G 835 -52.78 91.76 76.80
CA LEU G 835 -53.83 91.70 77.81
C LEU G 835 -53.49 92.58 79.02
N HIS G 836 -52.27 92.44 79.54
CA HIS G 836 -51.87 93.25 80.69
C HIS G 836 -51.84 94.74 80.34
N ARG G 837 -51.35 95.07 79.14
CA ARG G 837 -51.34 96.46 78.71
C ARG G 837 -52.76 97.01 78.61
N PHE G 838 -53.68 96.22 78.08
CA PHE G 838 -55.08 96.64 77.99
C PHE G 838 -55.67 96.85 79.38
N ILE G 839 -55.35 95.95 80.31
CA ILE G 839 -55.85 96.09 81.68
C ILE G 839 -55.34 97.39 82.30
N THR G 840 -54.05 97.67 82.13
CA THR G 840 -53.49 98.91 82.67
C THR G 840 -54.08 100.14 82.00
N GLU G 841 -54.39 100.05 80.70
CA GLU G 841 -54.89 101.21 79.97
C GLU G 841 -56.35 101.52 80.30
N ARG G 842 -57.19 100.50 80.39
CA ARG G 842 -58.64 100.71 80.39
C ARG G 842 -59.35 100.29 81.66
N VAL G 843 -58.64 99.85 82.71
CA VAL G 843 -59.24 99.43 83.96
C VAL G 843 -58.60 100.22 85.09
N VAL G 844 -59.45 100.79 85.96
CA VAL G 844 -59.00 101.56 87.10
C VAL G 844 -59.74 101.09 88.34
N GLU G 845 -59.20 101.41 89.51
CA GLU G 845 -59.77 100.99 90.79
C GLU G 845 -60.95 101.89 91.14
N SER G 846 -62.14 101.41 90.82
CA SER G 846 -63.35 102.14 91.19
C SER G 846 -63.69 101.86 92.64
N PRO G 847 -63.75 102.88 93.51
CA PRO G 847 -64.09 102.61 94.92
C PRO G 847 -65.54 102.24 95.13
N SER G 848 -66.46 102.89 94.42
CA SER G 848 -67.89 102.61 94.57
C SER G 848 -68.61 103.17 93.35
N ALA G 849 -69.95 103.19 93.42
CA ALA G 849 -70.81 103.76 92.38
C ALA G 849 -70.53 103.11 91.03
N GLU G 850 -70.52 101.78 91.00
CA GLU G 850 -70.28 101.05 89.76
C GLU G 850 -70.85 99.64 89.91
N THR G 851 -71.01 98.97 88.77
CA THR G 851 -71.64 97.66 88.70
C THR G 851 -70.59 96.55 88.59
N VAL G 852 -71.07 95.33 88.36
CA VAL G 852 -70.18 94.18 88.29
C VAL G 852 -69.76 93.84 86.87
N TYR G 853 -70.41 94.41 85.85
CA TYR G 853 -69.99 94.35 84.45
C TYR G 853 -70.13 92.96 83.83
N ASN G 854 -70.50 91.96 84.62
CA ASN G 854 -70.57 90.56 84.17
C ASN G 854 -69.15 90.16 83.71
N LEU G 855 -69.01 89.39 82.63
CA LEU G 855 -67.69 88.92 82.21
C LEU G 855 -67.44 89.19 80.72
N SER G 856 -68.49 89.20 79.91
CA SER G 856 -68.33 89.37 78.48
C SER G 856 -67.85 90.77 78.10
N GLU G 857 -68.08 91.77 78.95
CA GLU G 857 -67.66 93.13 78.63
C GLU G 857 -66.15 93.20 78.52
N VAL G 858 -65.43 92.47 79.38
CA VAL G 858 -63.99 92.54 79.41
C VAL G 858 -63.40 91.95 78.13
N VAL G 859 -63.90 90.78 77.72
CA VAL G 859 -63.37 90.16 76.51
C VAL G 859 -63.75 90.97 75.28
N THR G 860 -64.96 91.54 75.25
CA THR G 860 -65.36 92.36 74.12
C THR G 860 -64.49 93.60 73.99
N ALA G 861 -64.28 94.30 75.12
CA ALA G 861 -63.44 95.50 75.10
C ALA G 861 -61.99 95.15 74.74
N TYR G 862 -61.48 94.04 75.27
CA TYR G 862 -60.12 93.62 74.94
C TYR G 862 -60.00 93.31 73.46
N ALA G 863 -61.00 92.63 72.88
CA ALA G 863 -60.95 92.31 71.46
C ALA G 863 -60.97 93.56 70.60
N GLU G 864 -61.86 94.51 70.91
CA GLU G 864 -61.93 95.71 70.09
C GLU G 864 -60.68 96.57 70.27
N TRP G 865 -60.14 96.64 71.48
CA TRP G 865 -58.90 97.39 71.71
C TRP G 865 -57.73 96.75 70.97
N TYR G 866 -57.67 95.42 70.97
CA TYR G 866 -56.63 94.73 70.22
C TYR G 866 -56.75 95.00 68.72
N ASN G 867 -58.00 94.99 68.21
CA ASN G 867 -58.20 95.27 66.79
C ASN G 867 -57.78 96.70 66.44
N THR G 868 -58.12 97.67 67.30
CA THR G 868 -57.87 99.07 67.01
C THR G 868 -56.50 99.56 67.46
N ASN G 869 -55.70 98.71 68.12
CA ASN G 869 -54.41 99.12 68.64
C ASN G 869 -53.25 98.34 68.05
N ILE G 870 -53.35 97.01 67.99
CA ILE G 870 -52.25 96.20 67.48
C ILE G 870 -52.58 95.71 66.08
N ASN G 871 -53.62 94.88 65.97
CA ASN G 871 -54.01 94.30 64.69
C ASN G 871 -55.37 93.63 64.86
N VAL G 872 -56.07 93.46 63.75
CA VAL G 872 -57.37 92.80 63.76
C VAL G 872 -57.17 91.31 63.52
N LYS G 873 -57.84 90.49 64.32
CA LYS G 873 -57.74 89.04 64.20
C LYS G 873 -58.91 88.42 64.95
N ARG G 874 -59.16 87.14 64.66
CA ARG G 874 -60.23 86.42 65.32
C ARG G 874 -59.87 86.12 66.77
N HIS G 875 -60.89 86.07 67.62
CA HIS G 875 -60.71 85.76 69.02
C HIS G 875 -61.78 84.78 69.46
N ILE G 876 -61.47 84.04 70.52
CA ILE G 876 -62.40 83.09 71.14
C ILE G 876 -62.72 83.62 72.53
N ALA G 877 -64.02 83.85 72.79
CA ALA G 877 -64.43 84.41 74.07
C ALA G 877 -64.11 83.47 75.22
N LEU G 878 -64.32 82.17 75.02
CA LEU G 878 -64.13 81.21 76.10
C LEU G 878 -62.69 81.18 76.60
N GLU G 879 -61.72 81.19 75.67
CA GLU G 879 -60.32 81.05 76.08
C GLU G 879 -59.82 82.28 76.82
N LEU G 880 -60.34 83.46 76.51
CA LEU G 880 -59.86 84.68 77.14
C LEU G 880 -60.18 84.74 78.63
N SER G 881 -61.14 83.94 79.09
CA SER G 881 -61.54 83.99 80.49
C SER G 881 -60.43 83.48 81.41
N GLN G 882 -59.75 82.40 81.01
CA GLN G 882 -58.78 81.76 81.89
C GLN G 882 -57.64 82.71 82.24
N GLU G 883 -57.08 83.38 81.23
CA GLU G 883 -56.08 84.41 81.51
C GLU G 883 -56.67 85.59 82.28
N LEU G 884 -57.98 85.82 82.14
CA LEU G 884 -58.62 86.88 82.95
C LEU G 884 -58.54 86.55 84.43
N GLU G 885 -58.81 85.29 84.81
CA GLU G 885 -58.52 84.93 86.21
C GLU G 885 -57.03 84.96 86.48
N ASN G 886 -56.21 84.50 85.54
CA ASN G 886 -54.77 84.50 85.74
C ASN G 886 -54.17 85.90 85.77
N SER G 887 -54.91 86.91 85.31
CA SER G 887 -54.42 88.27 85.30
C SER G 887 -54.38 88.85 86.71
N VAL G 888 -53.89 90.09 86.81
CA VAL G 888 -53.84 90.77 88.10
C VAL G 888 -55.22 91.10 88.64
N LEU G 889 -56.26 91.05 87.82
CA LEU G 889 -57.64 91.28 88.23
C LEU G 889 -58.22 90.10 89.00
N GLU G 890 -57.39 89.13 89.39
CA GLU G 890 -57.87 87.98 90.13
C GLU G 890 -58.49 88.37 91.46
N LYS G 891 -57.87 89.33 92.16
CA LYS G 891 -58.41 89.78 93.43
C LYS G 891 -59.81 90.36 93.28
N TYR G 892 -60.01 91.17 92.25
CA TYR G 892 -61.34 91.72 91.94
C TYR G 892 -62.08 90.85 90.93
N LEU G 893 -62.14 89.55 91.20
CA LEU G 893 -62.89 88.59 90.39
C LEU G 893 -63.78 87.79 91.32
N GLN G 894 -65.06 88.16 91.38
CA GLN G 894 -65.99 87.60 92.35
C GLN G 894 -66.86 86.55 91.69
N TRP G 895 -67.49 85.72 92.52
CA TRP G 895 -68.44 84.74 92.03
C TRP G 895 -69.85 85.34 92.04
N SER G 896 -70.80 84.56 91.54
CA SER G 896 -72.17 85.03 91.41
C SER G 896 -73.14 83.98 91.94
N PRO G 897 -74.32 84.40 92.42
CA PRO G 897 -75.34 83.42 92.79
C PRO G 897 -75.76 82.53 91.64
N ASN G 898 -75.71 83.04 90.40
CA ASN G 898 -75.95 82.23 89.21
C ASN G 898 -74.72 81.43 88.81
N LYS G 899 -73.72 81.32 89.70
CA LYS G 899 -72.52 80.53 89.47
C LYS G 899 -71.74 81.01 88.24
N THR G 900 -71.66 82.32 88.08
CA THR G 900 -70.87 82.94 87.02
C THR G 900 -69.76 83.78 87.63
N ARG G 901 -68.81 84.18 86.79
CA ARG G 901 -67.69 85.01 87.21
C ARG G 901 -68.00 86.47 86.87
N ILE G 902 -67.95 87.33 87.88
CA ILE G 902 -68.23 88.74 87.72
C ILE G 902 -67.00 89.54 88.13
N LEU G 903 -66.96 90.80 87.71
CA LEU G 903 -65.86 91.69 87.98
C LEU G 903 -66.31 92.75 88.97
N LYS G 904 -65.34 93.44 89.58
CA LYS G 904 -65.67 94.49 90.54
C LYS G 904 -64.48 95.43 90.68
N GLY G 905 -64.74 96.58 91.27
CA GLY G 905 -63.69 97.56 91.50
C GLY G 905 -63.06 98.07 90.23
N CYS G 906 -63.86 98.42 89.23
CA CYS G 906 -63.37 98.78 87.91
C CYS G 906 -64.24 99.86 87.29
N ARG G 907 -63.65 100.60 86.35
CA ARG G 907 -64.41 101.38 85.38
C ARG G 907 -63.85 101.02 84.00
N ILE G 908 -64.74 100.68 83.07
CA ILE G 908 -64.32 100.51 81.69
C ILE G 908 -64.29 101.86 81.00
N LEU G 909 -63.14 102.22 80.44
CA LEU G 909 -62.93 103.52 79.81
C LEU G 909 -62.73 103.32 78.31
N HIS G 910 -63.03 104.38 77.56
CA HIS G 910 -62.88 104.35 76.11
C HIS G 910 -61.82 105.34 75.63
N LYS G 911 -61.96 106.61 75.95
CA LYS G 911 -60.98 107.63 75.59
C LYS G 911 -59.96 107.78 76.73
N PHE G 912 -59.20 108.87 76.72
CA PHE G 912 -58.15 109.12 77.71
C PHE G 912 -58.65 109.87 78.94
N GLU G 913 -59.93 109.71 79.31
CA GLU G 913 -60.49 110.46 80.43
C GLU G 913 -60.08 109.84 81.76
N THR G 914 -58.78 109.65 81.96
CA THR G 914 -58.27 108.93 83.13
C THR G 914 -58.51 109.66 84.44
N LEU G 915 -58.92 110.93 84.41
CA LEU G 915 -59.06 111.74 85.61
C LEU G 915 -60.46 111.57 86.18
N GLN G 916 -60.64 110.55 87.02
CA GLN G 916 -61.85 110.36 87.82
C GLN G 916 -61.43 110.05 89.25
N PRO G 917 -61.15 111.07 90.06
CA PRO G 917 -60.76 110.89 91.47
C PRO G 917 -61.81 110.12 92.27
N ILE G 935 -20.05 96.74 80.73
CA ILE G 935 -19.51 95.93 81.80
C ILE G 935 -18.00 96.15 81.91
N CYS G 936 -17.24 95.52 81.03
CA CYS G 936 -15.80 95.65 81.01
C CYS G 936 -15.30 95.48 79.58
N GLU G 937 -13.99 95.58 79.40
CA GLU G 937 -13.37 95.46 78.10
C GLU G 937 -12.07 94.68 78.22
N PRO G 938 -11.64 94.00 77.16
CA PRO G 938 -10.36 93.30 77.20
C PRO G 938 -9.19 94.24 76.95
N LYS G 939 -8.01 93.80 77.39
CA LYS G 939 -6.80 94.58 77.17
C LYS G 939 -6.49 94.69 75.68
N ASN G 940 -6.18 93.56 75.04
CA ASN G 940 -5.97 93.54 73.60
C ASN G 940 -6.62 92.33 72.92
N LYS G 941 -7.03 91.31 73.67
CA LYS G 941 -7.62 90.11 73.11
C LYS G 941 -8.89 89.79 73.89
N TRP G 942 -10.00 89.63 73.19
CA TRP G 942 -11.26 89.24 73.83
C TRP G 942 -11.56 87.76 73.65
N TRP G 943 -11.11 87.17 72.53
CA TRP G 943 -11.27 85.73 72.32
C TRP G 943 -10.50 84.91 73.33
N GLU G 944 -9.42 85.44 73.91
CA GLU G 944 -8.69 84.73 74.95
C GLU G 944 -9.56 84.44 76.16
N TRP G 945 -10.52 85.33 76.46
CA TRP G 945 -11.56 85.11 77.46
C TRP G 945 -10.99 85.09 78.87
N SER G 946 -11.83 85.36 79.86
CA SER G 946 -11.44 85.32 81.27
C SER G 946 -12.14 84.14 81.95
N PRO G 947 -11.49 83.49 82.92
CA PRO G 947 -12.14 82.34 83.58
C PRO G 947 -13.54 82.65 84.09
N ASN G 948 -13.69 83.70 84.89
CA ASN G 948 -15.02 84.22 85.16
C ASN G 948 -15.57 84.89 83.91
N PRO G 949 -16.88 84.82 83.66
CA PRO G 949 -17.43 85.33 82.40
C PRO G 949 -17.08 86.79 82.18
N SER G 950 -16.43 87.07 81.06
CA SER G 950 -15.98 88.42 80.73
C SER G 950 -16.91 89.06 79.70
N THR H 11 10.60 48.38 15.31
CA THR H 11 9.70 48.30 16.46
C THR H 11 8.68 47.18 16.26
N ILE H 12 8.02 47.18 15.10
CA ILE H 12 7.06 46.14 14.78
C ILE H 12 7.73 44.79 14.68
N GLN H 13 8.95 44.76 14.14
CA GLN H 13 9.70 43.51 14.02
C GLN H 13 9.95 42.88 15.38
N LEU H 14 10.16 43.71 16.41
CA LEU H 14 10.35 43.18 17.76
C LEU H 14 9.11 42.42 18.22
N THR H 15 7.93 43.02 18.05
CA THR H 15 6.69 42.35 18.43
C THR H 15 6.48 41.09 17.61
N ALA H 16 6.80 41.13 16.31
CA ALA H 16 6.67 39.94 15.47
C ALA H 16 7.56 38.82 15.99
N GLN H 17 8.84 39.10 16.22
CA GLN H 17 9.76 38.11 16.75
C GLN H 17 9.30 37.59 18.10
N ARG H 18 8.65 38.43 18.89
CA ARG H 18 8.14 38.01 20.19
C ARG H 18 7.02 36.98 20.07
N LYS H 19 6.46 36.76 18.89
CA LYS H 19 5.32 35.88 18.71
C LYS H 19 5.71 34.50 18.17
N TYR H 20 6.37 34.45 17.03
CA TYR H 20 6.66 33.18 16.36
C TYR H 20 8.03 32.62 16.73
N LEU H 21 8.70 33.17 17.73
CA LEU H 21 9.98 32.66 18.20
C LEU H 21 9.84 32.30 19.67
N ALA H 22 9.66 31.01 19.96
CA ALA H 22 9.49 30.57 21.34
C ALA H 22 10.73 30.83 22.17
N GLU H 23 11.91 30.75 21.55
CA GLU H 23 13.15 31.03 22.28
C GLU H 23 13.20 32.47 22.77
N VAL H 24 12.63 33.40 22.01
CA VAL H 24 12.56 34.79 22.47
C VAL H 24 11.68 34.90 23.71
N GLN H 25 10.55 34.19 23.71
CA GLN H 25 9.69 34.17 24.90
C GLN H 25 10.41 33.57 26.10
N ALA H 26 11.14 32.49 25.88
CA ALA H 26 11.89 31.87 26.97
C ALA H 26 12.97 32.81 27.50
N LEU H 27 13.65 33.53 26.60
CA LEU H 27 14.64 34.51 27.02
C LEU H 27 14.00 35.63 27.83
N GLU H 28 12.83 36.11 27.40
CA GLU H 28 12.14 37.14 28.15
C GLU H 28 11.75 36.66 29.54
N THR H 29 11.25 35.42 29.63
CA THR H 29 10.92 34.86 30.93
C THR H 29 12.15 34.73 31.82
N LEU H 30 13.27 34.29 31.23
CA LEU H 30 14.52 34.19 32.00
C LEU H 30 14.96 35.55 32.51
N LEU H 31 14.86 36.59 31.67
CA LEU H 31 15.22 37.93 32.12
C LEU H 31 14.30 38.41 33.23
N THR H 32 12.99 38.15 33.11
CA THR H 32 12.03 38.69 34.07
C THR H 32 12.08 37.97 35.40
N ARG H 33 12.32 36.66 35.41
CA ARG H 33 12.24 35.88 36.64
C ARG H 33 13.59 35.71 37.32
N GLU H 34 14.53 35.06 36.64
CA GLU H 34 15.81 34.73 37.28
C GLU H 34 16.70 35.95 37.42
N LEU H 35 16.78 36.78 36.38
CA LEU H 35 17.72 37.89 36.39
C LEU H 35 17.18 39.12 37.11
N SER H 36 15.90 39.13 37.49
CA SER H 36 15.36 40.28 38.21
C SER H 36 16.04 40.45 39.56
N VAL H 37 16.28 39.34 40.28
CA VAL H 37 16.90 39.43 41.60
C VAL H 37 18.33 39.94 41.49
N PHE H 38 19.00 39.69 40.37
CA PHE H 38 20.36 40.18 40.17
C PHE H 38 20.37 41.58 39.56
N LEU H 39 19.62 42.49 40.15
CA LEU H 39 19.55 43.85 39.65
C LEU H 39 20.81 44.62 40.01
N THR H 40 21.03 45.73 39.31
CA THR H 40 22.22 46.54 39.49
C THR H 40 21.84 48.00 39.39
N GLU H 41 22.56 48.85 40.13
CA GLU H 41 22.31 50.28 40.13
C GLU H 41 22.58 50.85 38.73
N PRO H 42 21.85 51.90 38.34
CA PRO H 42 22.06 52.48 36.99
C PRO H 42 23.47 53.02 36.78
N GLY H 43 24.11 53.55 37.80
CA GLY H 43 25.41 54.17 37.63
C GLY H 43 26.58 53.36 38.14
N SER H 44 26.30 52.28 38.88
CA SER H 44 27.37 51.47 39.43
C SER H 44 28.08 50.68 38.33
N LYS H 45 29.39 50.51 38.47
CA LYS H 45 30.20 49.80 37.50
C LYS H 45 30.14 48.29 37.66
N LYS H 46 29.50 47.78 38.71
CA LYS H 46 29.52 46.36 39.00
C LYS H 46 28.78 45.53 37.95
N THR H 47 27.90 46.15 37.16
CA THR H 47 27.17 45.42 36.15
C THR H 47 28.08 44.94 35.03
N ASN H 48 27.75 43.77 34.47
CA ASN H 48 28.49 43.22 33.35
C ASN H 48 27.70 43.17 32.06
N ILE H 49 26.37 43.08 32.13
CA ILE H 49 25.52 43.02 30.95
C ILE H 49 24.50 44.14 31.01
N ILE H 50 24.46 44.96 29.96
CA ILE H 50 23.56 46.11 29.90
C ILE H 50 22.76 46.03 28.61
N ASN H 51 21.45 46.05 28.73
CA ASN H 51 20.55 46.10 27.58
C ASN H 51 20.14 47.54 27.36
N ARG H 52 20.53 48.09 26.20
CA ARG H 52 20.19 49.46 25.85
C ARG H 52 18.76 49.59 25.30
N ILE H 53 18.11 48.48 24.96
CA ILE H 53 16.70 48.54 24.58
C ILE H 53 15.86 49.07 25.74
N THR H 54 16.11 48.55 26.95
CA THR H 54 15.49 49.06 28.15
C THR H 54 16.50 49.64 29.13
N GLY H 55 17.79 49.64 28.80
CA GLY H 55 18.81 50.21 29.66
C GLY H 55 18.97 49.47 30.98
N LYS H 56 18.65 48.19 31.02
CA LYS H 56 18.74 47.41 32.25
C LYS H 56 20.16 46.91 32.47
N THR H 57 20.63 46.99 33.70
CA THR H 57 22.00 46.62 34.07
C THR H 57 21.98 45.41 34.99
N TYR H 58 22.84 44.44 34.70
CA TYR H 58 22.93 43.22 35.49
C TYR H 58 24.39 42.85 35.70
N ALA H 59 24.64 42.17 36.83
CA ALA H 59 25.96 41.72 37.22
C ALA H 59 25.92 40.22 37.46
N LEU H 60 25.37 39.48 36.50
CA LEU H 60 25.08 38.07 36.70
C LEU H 60 26.37 37.29 36.99
N PRO H 61 26.32 36.31 37.90
CA PRO H 61 27.49 35.44 38.10
C PRO H 61 27.73 34.53 36.90
N SER H 62 28.80 33.74 36.97
CA SER H 62 29.16 32.88 35.83
C SER H 62 28.07 31.86 35.53
N THR H 63 27.41 31.35 36.57
CA THR H 63 26.34 30.38 36.35
C THR H 63 25.20 30.97 35.53
N GLU H 64 24.82 32.21 35.81
CA GLU H 64 23.83 32.88 34.99
C GLU H 64 24.41 33.28 33.63
N LEU H 65 25.69 33.65 33.60
CA LEU H 65 26.31 34.09 32.35
C LEU H 65 26.30 32.98 31.31
N LEU H 66 26.66 31.75 31.71
CA LEU H 66 26.68 30.64 30.75
C LEU H 66 25.29 30.35 30.22
N ARG H 67 24.28 30.39 31.10
CA ARG H 67 22.91 30.15 30.66
C ARG H 67 22.44 31.24 29.70
N LEU H 68 22.78 32.50 29.99
CA LEU H 68 22.40 33.58 29.09
C LEU H 68 23.09 33.43 27.73
N TYR H 69 24.37 33.08 27.72
CA TYR H 69 25.07 32.89 26.45
C TYR H 69 24.44 31.76 25.65
N GLU H 70 24.18 30.62 26.30
CA GLU H 70 23.57 29.49 25.60
C GLU H 70 22.20 29.85 25.08
N HIS H 71 21.39 30.55 25.88
CA HIS H 71 20.05 30.92 25.43
C HIS H 71 20.11 31.89 24.26
N LEU H 72 21.02 32.85 24.30
CA LEU H 72 21.17 33.79 23.20
C LEU H 72 21.70 33.13 21.93
N GLU H 73 22.43 32.02 22.07
CA GLU H 73 22.97 31.36 20.88
C GLU H 73 21.87 30.88 19.94
N GLN H 74 20.83 30.25 20.49
CA GLN H 74 19.75 29.73 19.64
C GLN H 74 19.00 30.88 18.96
N CYS H 75 18.71 31.95 19.70
CA CYS H 75 18.00 33.07 19.10
C CYS H 75 18.85 33.75 18.03
N ARG H 76 20.16 33.87 18.26
CA ARG H 76 21.05 34.43 17.25
C ARG H 76 21.06 33.58 16.00
N LYS H 77 21.19 32.27 16.16
CA LYS H 77 21.19 31.38 15.00
C LYS H 77 19.84 31.32 14.31
N GLN H 78 18.76 31.66 15.01
CA GLN H 78 17.44 31.67 14.39
C GLN H 78 17.26 32.89 13.49
N GLY H 79 17.99 33.98 13.78
CA GLY H 79 17.88 35.19 12.98
C GLY H 79 17.10 36.29 13.67
N ALA H 80 17.30 36.45 14.96
CA ALA H 80 16.60 37.47 15.74
C ALA H 80 17.40 38.77 15.76
N LEU H 81 16.93 39.72 16.56
CA LEU H 81 17.60 41.01 16.73
C LEU H 81 17.79 41.27 18.21
N MET H 82 18.91 41.93 18.55
CA MET H 82 19.25 42.18 19.94
C MET H 82 20.17 43.38 20.01
N TYR H 83 20.12 44.10 21.13
CA TYR H 83 20.93 45.29 21.36
C TYR H 83 21.62 45.21 22.73
N PHE H 84 22.18 44.04 23.03
CA PHE H 84 22.90 43.86 24.29
C PHE H 84 24.29 44.47 24.23
N LEU H 85 24.86 44.74 25.39
CA LEU H 85 26.19 45.32 25.51
C LEU H 85 26.84 44.79 26.78
N GLU H 86 28.18 44.86 26.81
CA GLU H 86 28.95 44.49 27.98
C GLU H 86 30.07 45.49 28.17
N ARG H 87 30.44 45.72 29.42
CA ARG H 87 31.49 46.67 29.78
C ARG H 87 32.69 45.93 30.36
N GLN H 88 33.88 46.31 29.89
CA GLN H 88 35.10 45.66 30.34
C GLN H 88 35.44 46.08 31.77
N GLY H 89 36.06 45.17 32.51
CA GLY H 89 36.45 45.39 33.87
C GLY H 89 37.94 45.61 34.03
N THR H 90 38.45 45.29 35.22
CA THR H 90 39.87 45.45 35.50
C THR H 90 40.72 44.43 34.74
N TYR H 91 40.12 43.34 34.27
CA TYR H 91 40.81 42.40 33.40
C TYR H 91 39.84 41.95 32.32
N SER H 92 40.31 41.91 31.08
CA SER H 92 39.46 41.55 29.96
C SER H 92 40.35 41.19 28.77
N GLY H 93 39.70 40.70 27.71
CA GLY H 93 40.37 40.39 26.47
C GLY H 93 40.66 41.63 25.65
N LEU H 94 40.76 41.44 24.33
CA LEU H 94 41.06 42.53 23.41
C LEU H 94 39.87 42.72 22.47
N MET H 95 39.22 43.88 22.58
CA MET H 95 38.19 44.30 21.65
C MET H 95 38.71 45.51 20.89
N LEU H 96 38.67 45.44 19.56
CA LEU H 96 39.27 46.45 18.71
C LEU H 96 38.34 46.77 17.55
N ASP H 97 38.46 47.99 17.03
CA ASP H 97 37.59 48.47 15.97
C ASP H 97 38.39 49.26 14.94
N TYR H 98 37.97 49.15 13.68
CA TYR H 98 38.45 50.01 12.60
C TYR H 98 37.26 50.75 12.01
N ASP H 99 37.41 52.06 11.82
CA ASP H 99 36.45 52.86 11.06
C ASP H 99 36.95 53.05 9.62
N LEU H 100 37.03 51.94 8.90
CA LEU H 100 37.59 51.92 7.55
C LEU H 100 36.60 52.54 6.58
N LYS H 101 36.60 53.87 6.55
CA LYS H 101 35.77 54.63 5.62
C LYS H 101 36.59 54.83 4.34
N LEU H 102 36.25 54.10 3.30
CA LEU H 102 37.07 54.03 2.10
C LEU H 102 36.47 54.85 0.96
N ASN H 103 37.27 54.99 -0.10
CA ASN H 103 36.85 55.75 -1.27
C ASN H 103 35.66 55.08 -1.97
N THR H 104 35.70 53.76 -2.12
CA THR H 104 34.69 53.03 -2.85
C THR H 104 33.92 52.10 -1.92
N ASN H 105 32.66 51.83 -2.28
CA ASN H 105 31.82 50.92 -1.51
C ASN H 105 32.08 49.45 -1.84
N ALA H 106 32.92 49.17 -2.83
CA ALA H 106 33.28 47.80 -3.14
C ALA H 106 34.02 47.17 -1.97
N VAL H 107 33.78 45.88 -1.76
CA VAL H 107 34.28 45.16 -0.60
C VAL H 107 35.66 44.62 -0.92
N PRO H 108 36.71 45.08 -0.25
CA PRO H 108 38.03 44.48 -0.45
C PRO H 108 38.16 43.19 0.32
N PRO H 109 38.38 42.07 -0.37
CA PRO H 109 38.47 40.78 0.33
C PRO H 109 39.66 40.76 1.29
N LEU H 110 39.45 40.10 2.43
CA LEU H 110 40.48 39.97 3.46
C LEU H 110 41.12 38.59 3.28
N GLU H 111 42.29 38.57 2.65
CA GLU H 111 42.96 37.30 2.35
C GLU H 111 43.40 36.63 3.64
N PRO H 112 43.17 35.33 3.79
CA PRO H 112 43.67 34.61 4.97
C PRO H 112 45.17 34.76 5.14
N PRO H 113 45.96 34.75 4.05
CA PRO H 113 47.38 35.12 4.23
C PRO H 113 47.57 36.54 4.74
N ALA H 114 46.80 37.50 4.22
CA ALA H 114 46.89 38.87 4.71
C ALA H 114 46.44 38.97 6.16
N LEU H 115 45.39 38.23 6.52
CA LEU H 115 44.93 38.23 7.91
C LEU H 115 45.98 37.62 8.83
N SER H 116 46.66 36.55 8.39
CA SER H 116 47.71 35.96 9.19
C SER H 116 48.90 36.91 9.32
N ARG H 117 49.21 37.67 8.27
CA ARG H 117 50.27 38.65 8.35
C ARG H 117 49.91 39.77 9.32
N LEU H 118 48.65 40.19 9.33
CA LEU H 118 48.20 41.16 10.32
C LEU H 118 48.28 40.59 11.73
N CYS H 119 47.96 39.29 11.88
CA CYS H 119 48.11 38.63 13.16
C CYS H 119 49.56 38.65 13.63
N HIS H 120 50.49 38.37 12.71
CA HIS H 120 51.91 38.43 13.05
C HIS H 120 52.31 39.84 13.45
N ARG H 121 51.81 40.85 12.73
CA ARG H 121 52.12 42.23 13.07
C ARG H 121 51.65 42.59 14.47
N ILE H 122 50.40 42.29 14.79
CA ILE H 122 49.88 42.62 16.11
C ILE H 122 50.56 41.78 17.19
N PHE H 123 50.91 40.53 16.89
CA PHE H 123 51.67 39.73 17.84
C PHE H 123 53.02 40.36 18.15
N VAL H 124 53.72 40.85 17.12
CA VAL H 124 54.98 41.56 17.35
C VAL H 124 54.73 42.81 18.19
N HIS H 125 53.66 43.54 17.89
CA HIS H 125 53.32 44.74 18.66
C HIS H 125 52.98 44.45 20.11
N ILE H 126 52.52 43.24 20.44
CA ILE H 126 52.14 42.92 21.80
C ILE H 126 53.21 42.16 22.58
N LYS H 127 54.16 41.50 21.91
CA LYS H 127 55.19 40.79 22.65
C LYS H 127 56.12 41.71 23.44
N ASN H 128 56.14 43.01 23.14
CA ASN H 128 57.00 43.93 23.88
C ASN H 128 56.33 44.34 25.18
N SER H 129 55.87 43.37 25.96
CA SER H 129 55.18 43.60 27.22
C SER H 129 55.13 42.27 27.97
N SER H 130 54.45 42.28 29.11
CA SER H 130 54.32 41.08 29.91
C SER H 130 53.41 40.08 29.21
N VAL H 131 53.88 38.84 29.09
CA VAL H 131 53.14 37.76 28.45
C VAL H 131 53.28 36.51 29.32
N LEU H 132 52.70 35.41 28.85
CA LEU H 132 52.76 34.14 29.57
C LEU H 132 53.92 33.29 29.06
N ILE H 139 46.61 31.11 21.17
CA ILE H 139 45.76 32.30 21.23
C ILE H 139 44.76 32.28 20.09
N HIS H 140 43.49 32.57 20.41
CA HIS H 140 42.43 32.54 19.43
C HIS H 140 42.19 33.93 18.85
N PHE H 141 42.18 34.01 17.53
CA PHE H 141 41.93 35.24 16.79
C PHE H 141 40.60 35.10 16.06
N PHE H 142 39.67 36.02 16.34
CA PHE H 142 38.36 36.01 15.69
C PHE H 142 38.20 37.32 14.93
N PHE H 143 37.86 37.22 13.64
CA PHE H 143 37.68 38.37 12.78
C PHE H 143 36.20 38.49 12.42
N THR H 144 35.53 39.50 12.95
CA THR H 144 34.15 39.79 12.61
C THR H 144 34.10 41.08 11.81
N LEU H 145 33.20 41.16 10.84
CA LEU H 145 33.16 42.30 9.94
C LEU H 145 31.73 42.70 9.66
N LYS H 146 31.56 43.97 9.30
CA LYS H 146 30.24 44.53 9.05
C LYS H 146 29.61 43.86 7.84
N PRO H 147 28.27 43.77 7.78
CA PRO H 147 27.60 43.19 6.62
C PRO H 147 27.81 43.96 5.32
N GLU H 148 28.67 44.97 5.34
CA GLU H 148 29.07 45.72 4.15
C GLU H 148 27.91 46.53 3.58
N VAL H 149 27.84 46.58 2.24
CA VAL H 149 26.85 47.29 1.44
C VAL H 149 26.41 48.60 2.10
N VAL H 150 27.37 49.36 2.61
CA VAL H 150 27.11 50.67 3.20
C VAL H 150 28.22 51.62 2.72
N GLN H 151 27.93 52.91 2.82
CA GLN H 151 28.86 53.93 2.35
C GLN H 151 30.18 53.86 3.10
N GLY H 152 31.26 54.18 2.40
CA GLY H 152 32.58 54.20 3.00
C GLY H 152 33.06 52.84 3.49
N LYS H 153 32.96 51.83 2.64
CA LYS H 153 33.37 50.45 2.98
C LYS H 153 32.58 50.02 4.22
N TYR H 154 33.23 49.52 5.26
CA TYR H 154 32.54 49.02 6.44
C TYR H 154 33.54 48.93 7.59
N GLY H 155 33.05 48.54 8.76
CA GLY H 155 33.88 48.37 9.92
C GLY H 155 34.29 46.93 10.14
N PHE H 156 35.40 46.74 10.84
CA PHE H 156 35.99 45.44 11.07
C PHE H 156 36.52 45.37 12.50
N HIS H 157 36.33 44.22 13.16
CA HIS H 157 36.72 44.03 14.54
C HIS H 157 37.49 42.73 14.69
N VAL H 158 38.56 42.77 15.47
CA VAL H 158 39.30 41.59 15.91
C VAL H 158 39.08 41.40 17.40
N LEU H 159 38.78 40.17 17.80
CA LEU H 159 38.47 39.87 19.19
C LEU H 159 39.46 38.85 19.73
N ILE H 160 40.16 39.22 20.80
CA ILE H 160 41.15 38.36 21.44
C ILE H 160 40.82 38.26 22.94
N PRO H 161 39.89 37.40 23.34
CA PRO H 161 39.53 37.30 24.76
C PRO H 161 40.42 36.34 25.53
N GLY H 162 41.55 35.95 24.93
CA GLY H 162 42.38 34.93 25.55
C GLY H 162 42.98 35.38 26.88
N LEU H 163 43.54 36.58 26.92
CA LEU H 163 44.30 37.04 28.08
C LEU H 163 43.44 37.96 28.94
N LYS H 164 44.06 38.53 29.97
CA LYS H 164 43.38 39.43 30.91
C LYS H 164 44.39 40.48 31.39
N LEU H 165 44.42 41.60 30.66
CA LEU H 165 45.34 42.69 31.01
C LEU H 165 44.68 44.04 30.79
N ALA H 166 43.43 44.18 31.22
CA ALA H 166 42.69 45.43 30.99
C ALA H 166 43.26 46.52 31.90
N ALA H 167 44.20 47.29 31.38
CA ALA H 167 44.88 48.33 32.13
C ALA H 167 45.45 49.33 31.12
N SER H 168 46.38 50.17 31.60
CA SER H 168 47.04 51.12 30.72
C SER H 168 47.88 50.43 29.65
N THR H 169 48.16 49.13 29.83
CA THR H 169 48.85 48.38 28.80
C THR H 169 48.04 48.33 27.51
N LYS H 170 46.72 48.20 27.62
CA LYS H 170 45.86 48.22 26.44
C LYS H 170 45.96 49.55 25.72
N LYS H 171 45.97 50.66 26.46
CA LYS H 171 46.15 51.96 25.84
C LYS H 171 47.52 52.09 25.19
N SER H 172 48.55 51.54 25.82
CA SER H 172 49.88 51.56 25.23
C SER H 172 49.92 50.79 23.91
N ILE H 173 49.27 49.62 23.88
CA ILE H 173 49.23 48.83 22.64
C ILE H 173 48.41 49.57 21.57
N ILE H 174 47.34 50.24 22.00
CA ILE H 174 46.54 51.02 21.05
C ILE H 174 47.39 52.13 20.43
N GLY H 175 48.16 52.83 21.26
CA GLY H 175 49.05 53.85 20.75
C GLY H 175 50.12 53.28 19.84
N SER H 176 50.66 52.11 20.20
CA SER H 176 51.68 51.47 19.37
C SER H 176 51.12 51.12 17.99
N LEU H 177 49.91 50.58 17.93
CA LEU H 177 49.26 50.32 16.66
C LEU H 177 48.85 51.60 15.94
N GLN H 178 48.69 52.69 16.68
CA GLN H 178 48.24 53.94 16.07
C GLN H 178 49.28 54.48 15.09
N HIS H 179 50.57 54.43 15.45
CA HIS H 179 51.62 54.97 14.60
C HIS H 179 52.28 53.91 13.74
N ASP H 180 51.79 52.68 13.76
CA ASP H 180 52.34 51.64 12.90
C ASP H 180 52.04 51.95 11.44
N ALA H 181 53.03 51.74 10.58
CA ALA H 181 52.90 52.02 9.16
C ALA H 181 52.72 50.77 8.30
N THR H 182 53.22 49.62 8.76
CA THR H 182 53.04 48.38 8.01
C THR H 182 51.56 48.01 7.91
N VAL H 183 50.80 48.22 8.99
CA VAL H 183 49.36 48.01 8.93
C VAL H 183 48.74 49.00 7.94
N GLN H 184 49.26 50.23 7.90
CA GLN H 184 48.79 51.18 6.89
C GLN H 184 49.17 50.73 5.49
N LYS H 185 50.33 50.08 5.34
CA LYS H 185 50.71 49.55 4.04
C LYS H 185 49.76 48.42 3.61
N ILE H 186 49.35 47.58 4.56
CA ILE H 186 48.34 46.56 4.26
C ILE H 186 47.01 47.21 3.88
N LEU H 187 46.66 48.30 4.58
CA LEU H 187 45.46 49.05 4.22
C LEU H 187 45.55 49.57 2.79
N HIS H 188 46.72 50.08 2.40
CA HIS H 188 46.93 50.49 1.01
C HIS H 188 46.78 49.32 0.06
N GLU H 189 47.25 48.14 0.44
CA GLU H 189 46.98 46.93 -0.34
C GLU H 189 45.48 46.70 -0.49
N GLN H 190 44.71 47.03 0.54
CA GLN H 190 43.25 46.97 0.48
C GLN H 190 42.64 48.23 -0.13
N GLY H 191 43.46 49.17 -0.59
CA GLY H 191 42.96 50.41 -1.14
C GLY H 191 42.26 51.29 -0.14
N VAL H 192 42.80 51.40 1.07
CA VAL H 192 42.19 52.18 2.13
C VAL H 192 42.64 53.62 2.01
N THR H 193 41.68 54.54 1.92
CA THR H 193 41.97 55.97 1.87
C THR H 193 42.08 56.59 3.25
N ASN H 194 42.00 55.80 4.31
CA ASN H 194 42.07 56.27 5.69
C ASN H 194 43.13 55.48 6.43
N PRO H 195 44.41 55.68 6.10
CA PRO H 195 45.47 54.94 6.79
C PRO H 195 45.53 55.22 8.28
N GLU H 196 45.16 56.42 8.71
CA GLU H 196 45.18 56.80 10.11
C GLU H 196 43.76 57.08 10.58
N SER H 197 43.60 57.10 11.91
CA SER H 197 42.35 57.36 12.63
C SER H 197 41.31 56.26 12.43
N CYS H 198 41.60 55.22 11.64
CA CYS H 198 40.67 54.10 11.53
C CYS H 198 40.51 53.39 12.87
N LEU H 199 41.61 53.19 13.58
CA LEU H 199 41.58 52.60 14.92
C LEU H 199 41.26 53.70 15.92
N ASP H 200 40.07 53.62 16.52
CA ASP H 200 39.66 54.63 17.49
C ASP H 200 40.49 54.50 18.77
N PRO H 201 40.94 55.61 19.34
CA PRO H 201 41.74 55.54 20.57
C PRO H 201 40.99 54.97 21.75
N HIS H 202 39.66 55.02 21.74
CA HIS H 202 38.84 54.53 22.84
C HIS H 202 38.31 53.12 22.61
N SER H 203 39.09 52.29 21.90
CA SER H 203 38.65 50.92 21.65
C SER H 203 38.55 50.14 22.96
N ALA H 204 39.50 50.33 23.86
CA ALA H 204 39.55 49.58 25.12
C ALA H 204 38.91 50.31 26.29
N SER H 205 38.33 51.50 26.06
CA SER H 205 37.76 52.28 27.14
C SER H 205 36.25 52.50 26.96
N VAL H 206 35.61 51.71 26.12
CA VAL H 206 34.16 51.82 25.92
C VAL H 206 33.53 50.44 26.09
N PRO H 207 32.28 50.35 26.54
CA PRO H 207 31.61 49.05 26.56
C PRO H 207 31.41 48.52 25.15
N SER H 208 31.45 47.19 25.01
CA SER H 208 31.31 46.53 23.74
C SER H 208 30.00 45.76 23.70
N LEU H 209 29.75 45.09 22.56
CA LEU H 209 28.54 44.33 22.33
C LEU H 209 28.88 42.87 22.08
N LEU H 210 28.02 41.98 22.56
CA LEU H 210 28.21 40.57 22.31
C LEU H 210 27.93 40.23 20.85
N TYR H 211 28.38 39.05 20.44
CA TYR H 211 28.16 38.61 19.06
C TYR H 211 26.68 38.51 18.76
N GLY H 212 26.27 39.06 17.62
CA GLY H 212 24.88 39.10 17.24
C GLY H 212 24.13 40.34 17.69
N SER H 213 24.68 41.09 18.64
CA SER H 213 24.05 42.33 19.09
C SER H 213 24.25 43.39 18.02
N SER H 214 23.19 43.64 17.24
CA SER H 214 23.28 44.56 16.11
C SER H 214 23.32 46.01 16.59
N LYS H 215 23.35 46.93 15.63
CA LYS H 215 23.25 48.36 15.90
C LYS H 215 21.89 48.87 15.45
N LEU H 216 21.46 49.97 16.06
CA LEU H 216 20.16 50.54 15.74
C LEU H 216 20.05 50.84 14.25
N ASN H 217 19.11 50.16 13.59
CA ASN H 217 18.93 50.24 12.14
C ASN H 217 20.20 49.83 11.39
N HIS H 218 20.89 48.82 11.92
CA HIS H 218 22.06 48.26 11.27
C HIS H 218 22.11 46.76 11.56
N LYS H 219 22.56 45.99 10.57
CA LYS H 219 22.67 44.55 10.74
C LYS H 219 23.85 44.21 11.65
N PRO H 220 23.75 43.11 12.41
CA PRO H 220 24.85 42.74 13.30
C PRO H 220 26.08 42.28 12.53
N TYR H 221 27.23 42.47 13.15
CA TYR H 221 28.48 42.01 12.56
C TYR H 221 28.52 40.49 12.48
N GLN H 222 29.18 39.97 11.46
CA GLN H 222 29.34 38.54 11.28
C GLN H 222 30.81 38.19 11.20
N LEU H 223 31.14 37.00 11.70
CA LEU H 223 32.54 36.56 11.71
C LEU H 223 33.02 36.28 10.30
N LYS H 224 34.33 36.45 10.10
CA LYS H 224 34.96 36.16 8.82
C LYS H 224 35.90 34.96 8.91
N THR H 225 36.87 34.99 9.82
CA THR H 225 37.81 33.90 9.97
C THR H 225 38.15 33.68 11.43
N GLY H 226 38.49 32.44 11.76
CA GLY H 226 38.94 32.08 13.08
C GLY H 226 40.28 31.35 13.04
N PHE H 227 41.28 31.88 13.73
CA PHE H 227 42.63 31.34 13.73
C PHE H 227 43.04 31.00 15.15
N GLU H 228 43.99 30.07 15.28
CA GLU H 228 44.60 29.75 16.55
C GLU H 228 46.10 29.91 16.43
N LEU H 229 46.68 30.68 17.37
CA LEU H 229 48.12 30.94 17.39
C LEU H 229 48.62 30.57 18.78
N VAL H 230 49.15 29.36 18.92
CA VAL H 230 49.61 28.89 20.22
C VAL H 230 50.89 29.63 20.61
N PHE H 231 50.90 30.17 21.83
CA PHE H 231 52.06 30.88 22.34
C PHE H 231 53.16 29.90 22.72
N ASP H 232 54.39 30.40 22.73
CA ASP H 232 55.56 29.63 23.14
C ASP H 232 56.45 30.53 23.97
N SER H 233 56.39 30.37 25.30
CA SER H 233 57.24 31.16 26.18
C SER H 233 58.72 30.86 25.95
N SER H 234 59.05 29.59 25.74
CA SER H 234 60.44 29.22 25.48
C SER H 234 60.92 29.80 24.15
N ASP H 235 60.07 29.77 23.13
CA ASP H 235 60.42 30.22 21.78
C ASP H 235 59.40 31.25 21.32
N PRO H 236 59.52 32.51 21.76
CA PRO H 236 58.58 33.54 21.31
C PRO H 236 58.58 33.76 19.81
N ASP H 237 59.68 33.43 19.13
CA ASP H 237 59.74 33.54 17.68
C ASP H 237 58.84 32.54 16.97
N TYR H 238 58.31 31.54 17.67
CA TYR H 238 57.42 30.55 17.08
C TYR H 238 56.04 31.17 16.91
N ILE H 239 55.61 31.31 15.66
CA ILE H 239 54.31 31.94 15.36
C ILE H 239 53.50 31.00 14.47
N PRO H 240 53.04 29.85 14.97
CA PRO H 240 52.29 28.89 14.14
C PRO H 240 50.77 29.10 14.09
N ILE H 241 50.35 30.05 13.27
CA ILE H 241 48.92 30.30 13.08
C ILE H 241 48.31 29.13 12.32
N HIS H 242 47.09 28.74 12.71
CA HIS H 242 46.37 27.66 12.04
C HIS H 242 44.88 28.00 12.04
N GLN H 243 44.26 28.02 10.86
CA GLN H 243 42.86 28.37 10.77
C GLN H 243 42.00 27.35 11.49
N ILE H 244 41.02 27.84 12.25
CA ILE H 244 40.13 26.97 13.02
C ILE H 244 38.92 26.65 12.17
N LYS H 245 38.60 25.36 12.06
CA LYS H 245 37.41 24.88 11.37
C LYS H 245 36.37 24.41 12.38
N ASN H 246 35.15 24.23 11.88
CA ASN H 246 34.03 23.74 12.69
C ASN H 246 33.77 24.63 13.90
N LEU H 247 33.85 25.95 13.69
CA LEU H 247 33.49 26.88 14.75
C LEU H 247 32.01 26.81 15.11
N GLU H 248 31.18 26.28 14.21
CA GLU H 248 29.76 26.16 14.49
C GLU H 248 29.47 25.22 15.65
N SER H 249 30.38 24.29 15.94
CA SER H 249 30.20 23.39 17.07
C SER H 249 30.28 24.08 18.42
N TYR H 250 30.73 25.34 18.45
CA TYR H 250 30.90 26.08 19.69
C TYR H 250 29.84 27.17 19.79
N ASN H 251 29.42 27.46 21.01
CA ASN H 251 28.50 28.57 21.28
C ASN H 251 29.28 29.88 21.11
N LEU H 252 29.07 30.53 19.96
CA LEU H 252 29.86 31.71 19.63
C LEU H 252 29.66 32.83 20.64
N VAL H 253 28.44 32.97 21.18
CA VAL H 253 28.19 34.02 22.16
C VAL H 253 29.04 33.80 23.40
N SER H 254 29.09 32.56 23.90
CA SER H 254 29.90 32.27 25.08
C SER H 254 31.39 32.29 24.74
N GLU H 255 31.76 31.77 23.58
CA GLU H 255 33.18 31.70 23.22
C GLU H 255 33.77 33.10 23.03
N LEU H 256 32.96 34.04 22.54
CA LEU H 256 33.41 35.39 22.25
C LEU H 256 33.22 36.35 23.42
N SER H 257 32.62 35.90 24.51
CA SER H 257 32.41 36.78 25.66
C SER H 257 33.72 37.06 26.37
N LEU H 258 34.01 38.35 26.60
CA LEU H 258 35.23 38.72 27.28
C LEU H 258 35.26 38.21 28.72
N THR H 259 34.14 38.34 29.42
CA THR H 259 34.07 37.89 30.81
C THR H 259 34.02 36.38 30.95
N ASN H 260 33.84 35.65 29.85
CA ASN H 260 33.76 34.19 29.89
C ASN H 260 35.17 33.62 29.96
N GLU H 261 35.50 32.97 31.08
CA GLU H 261 36.75 32.25 31.22
C GLU H 261 36.58 30.74 31.07
N GLN H 262 35.37 30.22 31.32
CA GLN H 262 35.05 28.81 31.23
C GLN H 262 34.69 28.37 29.82
N GLY H 263 35.05 29.16 28.81
CA GLY H 263 34.77 28.76 27.44
C GLY H 263 35.56 27.53 27.04
N SER H 264 35.00 26.75 26.12
CA SER H 264 35.63 25.51 25.70
C SER H 264 36.74 25.77 24.70
N LEU H 265 36.41 26.37 23.55
CA LEU H 265 37.41 26.61 22.52
C LEU H 265 38.45 27.62 22.98
N VAL H 266 38.03 28.65 23.69
CA VAL H 266 38.95 29.70 24.13
C VAL H 266 39.43 29.37 25.54
N ARG H 267 40.54 29.99 25.93
CA ARG H 267 41.13 29.75 27.23
C ARG H 267 41.43 31.07 27.93
N PRO H 268 41.34 31.12 29.26
CA PRO H 268 41.65 32.33 30.03
C PRO H 268 43.14 32.49 30.36
N VAL H 269 43.89 32.99 29.39
CA VAL H 269 45.33 33.21 29.56
C VAL H 269 45.58 34.28 30.61
N SER H 289 18.32 63.14 32.02
CA SER H 289 17.35 62.12 32.41
C SER H 289 16.18 62.08 31.43
N LEU H 290 16.32 62.79 30.31
CA LEU H 290 15.28 62.77 29.29
C LEU H 290 15.09 61.38 28.70
N SER H 291 16.20 60.67 28.45
CA SER H 291 16.11 59.31 27.97
C SER H 291 15.45 58.40 29.00
N ILE H 292 15.62 58.71 30.29
CA ILE H 292 14.96 57.95 31.34
C ILE H 292 13.45 58.10 31.23
N LEU H 293 12.97 59.32 31.02
CA LEU H 293 11.55 59.54 30.82
C LEU H 293 11.06 58.84 29.55
N MET H 294 11.86 58.90 28.48
CA MET H 294 11.46 58.26 27.24
C MET H 294 11.30 56.76 27.42
N LEU H 295 12.24 56.11 28.09
CA LEU H 295 12.13 54.68 28.32
C LEU H 295 11.02 54.36 29.31
N HIS H 296 10.69 55.31 30.19
CA HIS H 296 9.52 55.14 31.05
C HIS H 296 8.23 55.08 30.23
N ASP H 297 8.11 55.95 29.22
CA ASP H 297 6.85 56.11 28.51
C ASP H 297 7.13 56.54 27.08
N PRO H 298 6.70 55.76 26.07
CA PRO H 298 6.81 56.21 24.68
C PRO H 298 5.88 57.36 24.33
N GLU H 299 4.91 57.69 25.19
CA GLU H 299 4.15 58.91 25.00
C GLU H 299 5.06 60.13 25.07
N ALA H 300 6.03 60.10 25.97
CA ALA H 300 7.04 61.16 26.02
C ALA H 300 7.85 61.19 24.73
N ARG H 301 8.13 60.03 24.15
CA ARG H 301 8.83 59.98 22.87
C ARG H 301 8.01 60.67 21.78
N TYR H 302 6.71 60.36 21.74
CA TYR H 302 5.83 60.97 20.74
C TYR H 302 5.74 62.48 20.93
N LEU H 303 5.64 62.92 22.18
CA LEU H 303 5.64 64.35 22.46
C LEU H 303 6.95 65.01 22.03
N HIS H 304 8.08 64.34 22.24
CA HIS H 304 9.36 64.85 21.75
C HIS H 304 9.36 64.96 20.23
N LYS H 305 8.84 63.94 19.54
CA LYS H 305 8.77 63.98 18.08
C LYS H 305 7.97 65.18 17.60
N ILE H 306 6.77 65.37 18.15
CA ILE H 306 5.94 66.49 17.68
C ILE H 306 6.56 67.81 18.09
N LEU H 307 7.23 67.86 19.24
CA LEU H 307 7.91 69.07 19.68
C LEU H 307 9.09 69.44 18.80
N ASN H 308 9.67 68.46 18.11
CA ASN H 308 10.77 68.75 17.18
C ASN H 308 10.30 69.27 15.82
N LEU H 309 9.06 69.74 15.72
CA LEU H 309 8.52 70.11 14.42
C LEU H 309 8.32 71.62 14.26
N LEU H 310 7.80 72.30 15.28
CA LEU H 310 7.57 73.72 15.17
C LEU H 310 8.90 74.48 15.14
N PRO H 311 8.94 75.63 14.48
CA PRO H 311 10.19 76.39 14.43
C PRO H 311 10.60 76.84 15.82
N PRO H 312 11.91 76.97 16.07
CA PRO H 312 12.37 77.38 17.40
C PRO H 312 12.06 78.84 17.73
N GLU H 313 11.48 79.60 16.79
CA GLU H 313 11.09 80.98 17.09
C GLU H 313 10.08 81.02 18.24
N TYR H 314 9.12 80.10 18.23
CA TYR H 314 8.12 80.06 19.29
C TYR H 314 8.78 79.79 20.65
N TYR H 315 9.92 79.11 20.64
CA TYR H 315 10.74 78.97 21.84
C TYR H 315 11.53 80.23 22.16
N VAL H 316 11.87 81.03 21.14
CA VAL H 316 12.81 82.14 21.33
C VAL H 316 12.22 83.17 22.30
N GLU H 317 11.07 83.74 21.96
CA GLU H 317 10.47 84.76 22.80
C GLU H 317 9.96 84.16 24.10
N TYR H 318 10.04 84.96 25.17
CA TYR H 318 9.56 84.51 26.47
C TYR H 318 8.08 84.16 26.50
N PRO H 319 7.15 84.95 25.92
CA PRO H 319 5.71 84.66 26.09
C PRO H 319 5.30 83.28 25.61
N LEU H 320 5.62 82.93 24.37
CA LEU H 320 5.15 81.67 23.81
C LEU H 320 5.91 80.48 24.42
N TRP H 321 7.18 80.67 24.75
CA TRP H 321 7.91 79.64 25.48
C TRP H 321 7.26 79.38 26.83
N SER H 322 6.88 80.44 27.54
CA SER H 322 6.17 80.26 28.80
C SER H 322 4.82 79.59 28.58
N ASN H 323 4.15 79.91 27.47
CA ASN H 323 2.87 79.27 27.15
C ASN H 323 3.05 77.76 27.00
N VAL H 324 4.03 77.33 26.20
CA VAL H 324 4.23 75.89 26.01
C VAL H 324 4.72 75.24 27.29
N VAL H 325 5.53 75.94 28.09
CA VAL H 325 5.98 75.40 29.37
C VAL H 325 4.79 75.15 30.29
N PHE H 326 3.88 76.14 30.38
CA PHE H 326 2.67 75.97 31.18
C PHE H 326 1.82 74.83 30.65
N ALA H 327 1.72 74.72 29.32
CA ALA H 327 0.92 73.65 28.72
C ALA H 327 1.45 72.28 29.13
N LEU H 328 2.75 72.06 28.96
CA LEU H 328 3.33 70.77 29.33
C LEU H 328 3.29 70.55 30.83
N ALA H 329 3.41 71.62 31.64
CA ALA H 329 3.31 71.48 33.08
C ALA H 329 1.91 71.06 33.50
N ASN H 330 0.88 71.49 32.76
CA ASN H 330 -0.48 71.06 33.06
C ASN H 330 -0.62 69.55 32.89
N THR H 331 0.03 68.99 31.87
CA THR H 331 0.01 67.55 31.62
C THR H 331 1.08 66.89 32.50
N SER H 332 0.65 66.47 33.70
CA SER H 332 1.50 65.76 34.64
C SER H 332 2.69 66.60 35.12
N ALA H 333 3.48 66.04 36.04
CA ALA H 333 4.63 66.75 36.60
C ALA H 333 5.96 66.08 36.31
N ASN H 334 5.98 64.85 35.81
CA ASN H 334 7.23 64.18 35.46
C ASN H 334 7.84 64.71 34.17
N TYR H 335 7.12 65.55 33.43
CA TYR H 335 7.63 66.13 32.19
C TYR H 335 8.53 67.33 32.41
N ARG H 336 8.87 67.65 33.67
CA ARG H 336 9.76 68.76 33.95
C ARG H 336 11.10 68.68 33.21
N PRO H 337 11.81 67.54 33.18
CA PRO H 337 13.03 67.49 32.37
C PRO H 337 12.79 67.71 30.88
N LEU H 338 11.63 67.29 30.37
CA LEU H 338 11.34 67.45 28.94
C LEU H 338 11.40 68.93 28.54
N ALA H 339 10.72 69.79 29.28
CA ALA H 339 10.88 71.22 29.08
C ALA H 339 12.32 71.64 29.32
N GLU H 340 12.95 71.08 30.34
CA GLU H 340 14.38 71.27 30.54
C GLU H 340 15.16 70.83 29.32
N TRP H 341 14.75 69.72 28.70
CA TRP H 341 15.34 69.33 27.42
C TRP H 341 15.12 70.40 26.37
N PHE H 342 13.90 70.94 26.31
CA PHE H 342 13.60 72.04 25.41
C PHE H 342 14.34 73.30 25.78
N SER H 343 14.93 73.36 26.98
CA SER H 343 15.58 74.56 27.46
C SER H 343 17.00 74.72 26.92
N GLN H 344 17.72 73.60 26.72
CA GLN H 344 19.12 73.68 26.32
C GLN H 344 19.31 74.36 24.97
N LYS H 345 18.31 74.34 24.10
CA LYS H 345 18.40 75.08 22.85
C LYS H 345 18.58 76.56 23.15
N CYS H 346 19.50 77.20 22.43
CA CYS H 346 19.88 78.58 22.67
C CYS H 346 20.19 78.79 24.15
N PRO H 347 21.26 78.19 24.67
CA PRO H 347 21.52 78.25 26.11
C PRO H 347 21.77 79.66 26.62
N GLU H 348 22.14 80.60 25.76
CA GLU H 348 22.29 81.99 26.18
C GLU H 348 20.99 82.53 26.76
N LYS H 349 19.85 82.11 26.21
CA LYS H 349 18.57 82.43 26.82
C LYS H 349 18.30 81.56 28.04
N TRP H 350 18.73 80.29 28.00
CA TRP H 350 18.50 79.39 29.12
C TRP H 350 19.33 79.80 30.34
N ASN H 351 20.66 79.78 30.20
CA ASN H 351 21.52 80.27 31.26
C ASN H 351 21.36 81.78 31.40
N THR H 352 21.42 82.27 32.64
CA THR H 352 21.20 83.68 32.95
C THR H 352 19.84 84.15 32.41
N GLY H 353 18.80 83.61 33.03
CA GLY H 353 17.47 83.70 32.45
C GLY H 353 16.73 82.38 32.48
N GLY H 354 16.49 81.80 31.32
CA GLY H 354 15.69 80.59 31.17
C GLY H 354 15.88 79.52 32.22
N LYS H 355 17.10 79.33 32.70
CA LYS H 355 17.37 78.27 33.68
C LYS H 355 16.58 78.49 34.96
N GLU H 356 16.69 79.68 35.55
CA GLU H 356 15.99 79.97 36.80
C GLU H 356 14.53 80.33 36.60
N LYS H 357 14.21 81.10 35.55
CA LYS H 357 12.82 81.45 35.32
C LYS H 357 11.99 80.23 34.92
N LEU H 358 12.61 79.23 34.29
CA LEU H 358 11.89 78.00 33.96
C LEU H 358 11.44 77.27 35.22
N GLU H 359 12.35 77.09 36.18
CA GLU H 359 11.98 76.42 37.41
C GLU H 359 11.03 77.27 38.24
N LYS H 360 11.18 78.60 38.21
CA LYS H 360 10.22 79.47 38.88
C LYS H 360 8.83 79.30 38.30
N LEU H 361 8.72 79.28 36.97
CA LEU H 361 7.43 79.10 36.32
C LEU H 361 6.86 77.72 36.61
N TRP H 362 7.73 76.70 36.68
CA TRP H 362 7.25 75.36 37.03
C TRP H 362 6.71 75.31 38.45
N ASN H 363 7.40 75.97 39.39
CA ASN H 363 6.89 76.05 40.75
C ASN H 363 5.55 76.77 40.79
N ASP H 364 5.41 77.84 39.99
CA ASP H 364 4.13 78.54 39.91
C ASP H 364 3.04 77.63 39.35
N ALA H 365 3.36 76.89 38.30
CA ALA H 365 2.37 76.04 37.63
C ALA H 365 2.02 74.79 38.44
N SER H 366 2.88 74.39 39.37
CA SER H 366 2.55 73.24 40.22
C SER H 366 1.28 73.47 41.00
N HIS H 367 0.93 74.72 41.29
CA HIS H 367 -0.32 75.06 41.95
C HIS H 367 -1.28 75.83 41.05
N HIS H 368 -0.87 76.16 39.83
CA HIS H 368 -1.72 76.95 38.94
C HIS H 368 -2.95 76.17 38.51
N THR H 369 -4.10 76.85 38.51
CA THR H 369 -5.34 76.27 37.99
C THR H 369 -6.12 77.29 37.16
N GLU H 370 -5.56 78.48 36.91
CA GLU H 370 -6.30 79.51 36.20
C GLU H 370 -6.56 79.11 34.75
N LYS H 371 -5.59 78.45 34.11
CA LYS H 371 -5.71 78.08 32.71
C LYS H 371 -5.25 76.64 32.54
N LYS H 372 -5.85 75.94 31.57
CA LYS H 372 -5.64 74.51 31.39
C LYS H 372 -5.22 74.21 29.95
N ILE H 373 -4.21 74.93 29.47
CA ILE H 373 -3.64 74.62 28.16
C ILE H 373 -3.02 73.23 28.21
N THR H 374 -3.40 72.38 27.26
CA THR H 374 -2.97 70.99 27.23
C THR H 374 -2.27 70.69 25.91
N LYS H 375 -2.00 69.40 25.67
CA LYS H 375 -1.30 68.96 24.47
C LYS H 375 -2.09 69.25 23.21
N ARG H 376 -3.39 69.56 23.33
CA ARG H 376 -4.20 69.93 22.18
C ARG H 376 -3.65 71.16 21.50
N SER H 377 -3.24 72.15 22.31
CA SER H 377 -2.63 73.36 21.76
C SER H 377 -1.34 73.05 21.04
N ILE H 378 -0.52 72.16 21.59
CA ILE H 378 0.73 71.79 20.95
C ILE H 378 0.45 71.10 19.61
N MET H 379 -0.57 70.24 19.58
CA MET H 379 -0.95 69.60 18.32
C MET H 379 -1.37 70.64 17.29
N TYR H 380 -2.17 71.62 17.71
CA TYR H 380 -2.62 72.65 16.79
C TYR H 380 -1.44 73.47 16.27
N TRP H 381 -0.51 73.82 17.17
CA TRP H 381 0.68 74.58 16.77
C TRP H 381 1.52 73.80 15.79
N ALA H 382 1.75 72.51 16.07
CA ALA H 382 2.52 71.68 15.15
C ALA H 382 1.84 71.57 13.79
N HIS H 383 0.51 71.46 13.79
CA HIS H 383 -0.21 71.40 12.52
C HIS H 383 -0.05 72.68 11.73
N LYS H 384 -0.24 73.84 12.38
CA LYS H 384 -0.24 75.09 11.63
C LYS H 384 1.16 75.49 11.18
N HIS H 385 2.17 75.29 12.04
CA HIS H 385 3.52 75.76 11.71
C HIS H 385 4.14 74.91 10.61
N ALA H 386 3.98 73.59 10.68
CA ALA H 386 4.55 72.68 9.71
C ALA H 386 3.55 71.57 9.43
N PRO H 387 2.64 71.80 8.48
CA PRO H 387 1.62 70.79 8.16
C PRO H 387 2.14 69.73 7.20
N GLN H 388 1.39 68.63 7.14
CA GLN H 388 1.57 67.56 6.16
C GLN H 388 2.82 66.74 6.45
N GLN H 389 3.65 67.19 7.40
CA GLN H 389 4.80 66.40 7.78
C GLN H 389 4.52 65.58 9.04
N TYR H 390 3.75 66.14 9.98
CA TYR H 390 3.33 65.39 11.15
C TYR H 390 2.18 64.45 10.85
N LYS H 391 1.55 64.59 9.68
CA LYS H 391 0.46 63.69 9.30
C LYS H 391 0.93 62.25 9.26
N GLU H 392 2.01 61.98 8.54
CA GLU H 392 2.55 60.63 8.50
C GLU H 392 3.07 60.20 9.86
N ILE H 393 3.58 61.15 10.66
CA ILE H 393 4.06 60.81 12.00
C ILE H 393 2.95 60.24 12.84
N VAL H 394 1.81 60.95 12.91
CA VAL H 394 0.70 60.47 13.73
C VAL H 394 0.08 59.21 13.12
N GLU H 395 0.03 59.14 11.78
CA GLU H 395 -0.48 57.93 11.15
C GLU H 395 0.32 56.71 11.56
N GLN H 396 1.66 56.80 11.48
CA GLN H 396 2.50 55.70 11.96
C GLN H 396 2.29 55.45 13.44
N GLY H 397 2.13 56.51 14.23
CA GLY H 397 1.88 56.40 15.65
C GLY H 397 0.70 55.50 15.97
N TYR H 398 -0.49 55.82 15.48
CA TYR H 398 -1.61 54.94 15.81
C TYR H 398 -1.62 53.65 14.99
N PHE H 399 -0.92 53.61 13.85
CA PHE H 399 -0.77 52.35 13.14
C PHE H 399 -0.03 51.34 13.99
N SER H 400 1.03 51.78 14.68
CA SER H 400 1.74 50.91 15.60
C SER H 400 0.84 50.45 16.75
N ILE H 401 -0.02 51.35 17.23
CA ILE H 401 -0.94 50.99 18.32
C ILE H 401 -1.87 49.87 17.89
N LEU H 402 -2.42 49.98 16.68
CA LEU H 402 -3.29 48.90 16.20
C LEU H 402 -2.50 47.63 15.92
N ALA H 403 -1.28 47.76 15.37
CA ALA H 403 -0.49 46.59 15.02
C ALA H 403 -0.10 45.78 16.24
N GLU H 404 0.26 46.45 17.34
CA GLU H 404 0.62 45.70 18.54
C GLU H 404 -0.58 44.92 19.07
N TYR H 405 -1.78 45.50 19.03
CA TYR H 405 -2.98 44.76 19.41
C TYR H 405 -3.19 43.54 18.53
N VAL H 406 -3.12 43.73 17.20
CA VAL H 406 -3.45 42.64 16.30
C VAL H 406 -2.43 41.50 16.42
N TYR H 407 -1.16 41.84 16.67
CA TYR H 407 -0.18 40.79 16.95
C TYR H 407 -0.44 40.11 18.29
N SER H 408 -0.76 40.89 19.33
CA SER H 408 -0.92 40.30 20.65
C SER H 408 -2.09 39.33 20.70
N TYR H 409 -3.20 39.67 20.04
CA TYR H 409 -4.41 38.85 20.15
C TYR H 409 -4.72 38.08 18.88
N ASN H 410 -3.71 37.81 18.05
CA ASN H 410 -3.81 36.87 16.94
C ASN H 410 -4.95 37.23 15.98
N GLY H 411 -5.07 38.54 15.71
CA GLY H 411 -6.04 39.00 14.73
C GLY H 411 -7.47 38.69 15.06
N MET H 412 -7.87 38.94 16.31
CA MET H 412 -9.24 38.73 16.78
C MET H 412 -9.75 40.03 17.40
N LEU H 413 -9.55 41.13 16.67
CA LEU H 413 -9.89 42.44 17.19
C LEU H 413 -11.39 42.60 17.34
N GLU H 414 -11.80 43.27 18.41
CA GLU H 414 -13.20 43.48 18.74
C GLU H 414 -13.28 44.69 19.68
N HIS H 415 -14.39 44.81 20.40
CA HIS H 415 -14.68 46.01 21.19
C HIS H 415 -13.50 46.44 22.07
N TYR H 416 -13.40 47.75 22.26
CA TYR H 416 -12.51 48.46 23.17
C TYR H 416 -11.07 48.52 22.68
N MET H 417 -10.72 47.75 21.65
CA MET H 417 -9.43 48.01 21.00
C MET H 417 -9.58 48.78 19.70
N ILE H 418 -10.79 48.84 19.15
CA ILE H 418 -11.13 49.91 18.23
C ILE H 418 -11.20 51.23 19.00
N ALA H 419 -11.67 51.19 20.24
CA ALA H 419 -11.92 52.40 21.01
C ALA H 419 -10.62 53.15 21.31
N LYS H 420 -9.55 52.43 21.65
CA LYS H 420 -8.29 53.10 21.92
C LYS H 420 -7.77 53.83 20.69
N VAL H 421 -7.83 53.17 19.53
CA VAL H 421 -7.39 53.81 18.30
C VAL H 421 -8.25 55.03 18.00
N ILE H 422 -9.56 54.92 18.20
CA ILE H 422 -10.46 56.03 17.92
C ILE H 422 -10.18 57.20 18.85
N TYR H 423 -9.93 56.91 20.13
CA TYR H 423 -9.52 57.96 21.07
C TYR H 423 -8.24 58.62 20.59
N ALA H 424 -7.33 57.83 20.01
CA ALA H 424 -6.16 58.42 19.36
C ALA H 424 -6.52 59.20 18.11
N MET H 425 -7.70 58.94 17.52
CA MET H 425 -8.10 59.64 16.30
C MET H 425 -8.57 61.06 16.59
N MET H 426 -9.69 61.18 17.31
CA MET H 426 -10.21 62.48 17.71
C MET H 426 -10.13 62.57 19.23
N GLY H 427 -8.96 62.95 19.73
CA GLY H 427 -8.87 63.34 21.12
C GLY H 427 -9.19 64.79 21.36
N ASN H 428 -9.32 65.57 20.29
CA ASN H 428 -9.53 67.01 20.35
C ASN H 428 -10.85 67.43 19.73
N LYS H 429 -11.79 66.50 19.53
CA LYS H 429 -13.02 66.82 18.83
C LYS H 429 -14.28 66.27 19.47
N PHE H 430 -14.18 65.50 20.55
CA PHE H 430 -15.36 64.97 21.22
C PHE H 430 -15.10 64.88 22.71
N VAL H 431 -16.13 65.19 23.49
CA VAL H 431 -16.08 65.11 24.95
C VAL H 431 -17.37 64.49 25.46
N VAL H 432 -17.25 63.53 26.36
CA VAL H 432 -18.39 62.82 26.91
C VAL H 432 -18.56 63.24 28.36
N ASP H 433 -19.78 63.62 28.75
CA ASP H 433 -20.01 64.02 30.12
C ASP H 433 -21.39 63.53 30.58
N VAL H 434 -21.52 63.37 31.89
CA VAL H 434 -22.75 62.89 32.51
C VAL H 434 -23.46 64.06 33.16
N ASP H 435 -24.72 64.26 32.80
CA ASP H 435 -25.52 65.34 33.37
C ASP H 435 -26.08 64.93 34.73
N SER H 436 -26.97 65.75 35.29
CA SER H 436 -27.60 65.41 36.56
C SER H 436 -28.47 64.17 36.42
N ASN H 437 -29.18 64.04 35.30
CA ASN H 437 -30.10 62.92 35.09
C ASN H 437 -29.39 61.60 34.86
N GLY H 438 -28.07 61.60 34.67
CA GLY H 438 -27.30 60.38 34.56
C GLY H 438 -27.13 59.84 33.15
N LYS H 439 -27.72 60.48 32.14
CA LYS H 439 -27.51 60.05 30.76
C LYS H 439 -26.28 60.72 30.18
N TYR H 440 -25.40 59.92 29.60
CA TYR H 440 -24.20 60.44 28.96
C TYR H 440 -24.59 61.27 27.73
N VAL H 441 -23.92 62.42 27.57
CA VAL H 441 -24.14 63.29 26.43
C VAL H 441 -22.79 63.66 25.84
N TRP H 442 -22.78 63.91 24.52
CA TRP H 442 -21.55 64.18 23.79
C TRP H 442 -21.51 65.65 23.43
N PHE H 443 -20.30 66.18 23.26
CA PHE H 443 -20.10 67.53 22.78
C PHE H 443 -18.98 67.51 21.76
N GLU H 444 -19.17 68.25 20.68
CA GLU H 444 -18.16 68.29 19.63
C GLU H 444 -17.87 69.72 19.21
N PHE H 445 -16.64 69.94 18.76
CA PHE H 445 -16.14 71.26 18.41
C PHE H 445 -16.40 71.51 16.94
N VAL H 446 -17.19 72.54 16.64
CA VAL H 446 -17.54 72.86 15.26
C VAL H 446 -16.34 73.48 14.57
N LEU H 447 -15.97 72.93 13.42
CA LEU H 447 -14.90 73.44 12.59
C LEU H 447 -15.46 74.02 11.30
N PRO H 448 -14.82 75.05 10.74
CA PRO H 448 -15.31 75.62 9.48
C PRO H 448 -15.28 74.60 8.36
N GLY H 449 -16.24 74.72 7.45
CA GLY H 449 -16.29 73.84 6.30
C GLY H 449 -16.92 72.48 6.54
N GLN H 450 -17.86 72.39 7.47
CA GLN H 450 -18.58 71.16 7.76
C GLN H 450 -20.06 71.48 7.90
N PRO H 451 -20.94 70.49 7.71
CA PRO H 451 -22.37 70.74 7.90
C PRO H 451 -22.66 71.26 9.30
N MET H 452 -23.52 72.27 9.37
CA MET H 452 -23.67 73.06 10.59
C MET H 452 -24.85 74.00 10.45
N ASN H 453 -25.32 74.50 11.59
CA ASN H 453 -26.39 75.50 11.62
C ASN H 453 -25.79 76.89 11.39
N GLN H 454 -26.56 77.93 11.66
CA GLN H 454 -26.10 79.29 11.42
C GLN H 454 -25.26 79.76 12.60
N GLY H 455 -24.01 80.15 12.33
CA GLY H 455 -23.19 80.86 13.28
C GLY H 455 -22.83 80.19 14.59
N GLU H 456 -22.36 78.94 14.55
CA GLU H 456 -21.81 78.29 15.73
C GLU H 456 -20.35 77.89 15.49
N ILE H 457 -19.63 78.65 14.68
CA ILE H 457 -18.26 78.31 14.35
C ILE H 457 -17.38 78.48 15.58
N TRP H 458 -16.38 77.61 15.71
CA TRP H 458 -15.40 77.66 16.80
C TRP H 458 -16.08 77.56 18.17
N LYS H 459 -17.10 76.73 18.27
CA LYS H 459 -17.82 76.55 19.52
C LYS H 459 -18.21 75.10 19.70
N TRP H 460 -18.36 74.70 20.96
CA TRP H 460 -18.81 73.36 21.32
C TRP H 460 -20.32 73.26 21.20
N ARG H 461 -20.80 72.20 20.57
CA ARG H 461 -22.23 71.94 20.48
C ARG H 461 -22.56 70.59 21.11
N LYS H 462 -23.70 70.55 21.78
CA LYS H 462 -24.21 69.33 22.40
C LYS H 462 -24.72 68.36 21.34
N GLU H 463 -24.77 67.09 21.72
CA GLU H 463 -25.17 66.05 20.78
C GLU H 463 -25.53 64.79 21.57
N VAL H 464 -26.45 64.01 21.01
CA VAL H 464 -26.99 62.83 21.68
C VAL H 464 -26.43 61.53 21.08
N ASN H 465 -26.49 61.40 19.75
CA ASN H 465 -26.04 60.18 19.07
C ASN H 465 -25.00 60.54 18.03
N PRO H 466 -23.70 60.40 18.33
CA PRO H 466 -22.66 60.95 17.45
C PRO H 466 -22.72 60.42 16.03
N ASP H 467 -22.97 61.31 15.08
CA ASP H 467 -23.08 60.94 13.67
C ASP H 467 -21.71 60.86 13.01
N GLU H 468 -20.96 61.97 13.04
CA GLU H 468 -19.63 62.00 12.46
C GLU H 468 -18.73 60.95 13.07
N LEU H 469 -18.95 60.60 14.34
CA LEU H 469 -18.17 59.52 14.94
C LEU H 469 -18.39 58.20 14.21
N HIS H 470 -19.65 57.83 13.98
CA HIS H 470 -19.92 56.59 13.26
C HIS H 470 -19.38 56.65 11.84
N ILE H 471 -19.55 57.79 11.15
CA ILE H 471 -19.03 57.92 9.80
C ILE H 471 -17.52 57.71 9.79
N TYR H 472 -16.82 58.30 10.76
CA TYR H 472 -15.38 58.10 10.85
C TYR H 472 -15.04 56.65 11.17
N ILE H 473 -15.84 55.99 12.00
CA ILE H 473 -15.63 54.58 12.28
C ILE H 473 -15.64 53.77 11.00
N SER H 474 -16.61 54.03 10.13
CA SER H 474 -16.76 53.22 8.94
C SER H 474 -15.84 53.64 7.79
N GLU H 475 -15.51 54.92 7.66
CA GLU H 475 -14.79 55.40 6.48
C GLU H 475 -13.27 55.46 6.70
N ASN H 476 -12.83 56.26 7.67
CA ASN H 476 -11.41 56.53 7.81
C ASN H 476 -10.67 55.32 8.39
N PHE H 477 -11.31 54.59 9.30
CA PHE H 477 -10.66 53.43 9.92
C PHE H 477 -10.32 52.36 8.88
N SER H 478 -11.08 52.30 7.78
CA SER H 478 -10.82 51.33 6.74
C SER H 478 -9.44 51.52 6.12
N ARG H 479 -8.97 52.77 6.05
CA ARG H 479 -7.64 53.02 5.50
C ARG H 479 -6.56 52.39 6.36
N VAL H 480 -6.67 52.52 7.68
CA VAL H 480 -5.70 51.91 8.58
C VAL H 480 -5.80 50.39 8.50
N MET H 481 -7.03 49.88 8.39
CA MET H 481 -7.21 48.43 8.21
C MET H 481 -6.51 47.94 6.95
N ASP H 482 -6.65 48.68 5.85
CA ASP H 482 -5.98 48.30 4.60
C ASP H 482 -4.47 48.42 4.74
N ARG H 483 -3.99 49.40 5.51
CA ARG H 483 -2.56 49.49 5.77
C ARG H 483 -2.06 48.23 6.48
N ILE H 484 -2.79 47.76 7.49
CA ILE H 484 -2.43 46.52 8.17
C ILE H 484 -2.44 45.36 7.17
N THR H 485 -3.47 45.31 6.33
CA THR H 485 -3.59 44.23 5.35
C THR H 485 -2.39 44.20 4.40
N GLU H 486 -2.01 45.35 3.86
CA GLU H 486 -0.89 45.38 2.93
C GLU H 486 0.44 45.11 3.63
N HIS H 487 0.56 45.50 4.90
CA HIS H 487 1.75 45.14 5.67
C HIS H 487 1.86 43.63 5.80
N ILE H 488 0.74 42.96 6.07
CA ILE H 488 0.73 41.50 6.12
C ILE H 488 1.08 40.92 4.76
N LYS H 489 0.53 41.49 3.69
CA LYS H 489 0.92 41.10 2.34
C LYS H 489 2.43 41.15 2.15
N TYR H 490 3.04 42.28 2.53
CA TYR H 490 4.47 42.46 2.29
C TYR H 490 5.28 41.45 3.08
N HIS H 491 4.92 41.23 4.35
CA HIS H 491 5.66 40.25 5.15
C HIS H 491 5.46 38.82 4.62
N LEU H 492 4.28 38.51 4.10
CA LEU H 492 4.06 37.19 3.53
C LEU H 492 4.85 37.02 2.24
N SER H 493 5.05 38.10 1.48
CA SER H 493 5.76 38.00 0.21
C SER H 493 7.21 37.58 0.40
N GLN H 494 7.87 38.08 1.43
CA GLN H 494 9.29 37.83 1.60
C GLN H 494 9.54 36.34 1.88
N PRO H 495 10.66 35.80 1.40
CA PRO H 495 10.95 34.39 1.68
C PRO H 495 11.34 34.17 3.13
N HIS H 496 10.87 33.06 3.69
CA HIS H 496 11.11 32.74 5.09
C HIS H 496 10.91 31.23 5.26
N GLU H 497 10.84 30.79 6.51
CA GLU H 497 10.66 29.38 6.82
C GLU H 497 9.20 28.97 6.70
N SER H 498 8.94 27.67 6.85
CA SER H 498 7.59 27.15 6.73
C SER H 498 6.72 27.58 7.90
N ASN H 499 7.26 27.47 9.13
CA ASN H 499 6.46 27.73 10.32
C ASN H 499 5.97 29.17 10.36
N ILE H 500 6.85 30.12 10.05
CA ILE H 500 6.46 31.53 10.07
C ILE H 500 5.43 31.82 8.99
N LEU H 501 5.58 31.21 7.80
CA LEU H 501 4.59 31.40 6.75
C LEU H 501 3.23 30.85 7.18
N ASN H 502 3.20 29.68 7.82
CA ASN H 502 1.95 29.12 8.29
C ASN H 502 1.31 30.00 9.36
N TYR H 503 2.13 30.50 10.29
CA TYR H 503 1.62 31.39 11.34
C TYR H 503 1.00 32.63 10.72
N TYR H 504 1.70 33.24 9.75
CA TYR H 504 1.16 34.41 9.07
C TYR H 504 -0.11 34.07 8.30
N LYS H 505 -0.20 32.86 7.75
CA LYS H 505 -1.40 32.46 7.03
C LYS H 505 -2.60 32.38 7.97
N LYS H 506 -2.45 31.74 9.13
CA LYS H 506 -3.55 31.73 10.09
C LYS H 506 -3.88 33.14 10.58
N LEU H 507 -2.86 33.95 10.84
CA LEU H 507 -3.11 35.32 11.28
C LEU H 507 -3.93 36.08 10.27
N LEU H 508 -3.54 36.01 8.99
CA LEU H 508 -4.29 36.71 7.94
C LEU H 508 -5.69 36.15 7.80
N LYS H 509 -5.84 34.82 7.87
CA LYS H 509 -7.16 34.21 7.71
C LYS H 509 -8.12 34.67 8.79
N ALA H 510 -7.65 34.74 10.03
CA ALA H 510 -8.49 35.26 11.11
C ALA H 510 -8.76 36.75 10.94
N PHE H 511 -7.73 37.51 10.55
CA PHE H 511 -7.86 38.97 10.52
C PHE H 511 -8.82 39.41 9.44
N GLU H 512 -8.78 38.79 8.26
CA GLU H 512 -9.68 39.19 7.19
C GLU H 512 -11.13 38.88 7.56
N ARG H 513 -11.37 37.76 8.24
CA ARG H 513 -12.72 37.48 8.73
C ARG H 513 -13.17 38.52 9.74
N SER H 514 -12.28 38.91 10.65
CA SER H 514 -12.65 39.88 11.68
C SER H 514 -12.73 41.31 11.15
N LYS H 515 -12.16 41.58 9.97
CA LYS H 515 -12.09 42.95 9.47
C LYS H 515 -13.45 43.49 9.05
N SER H 516 -14.32 42.64 8.50
CA SER H 516 -15.62 43.10 8.03
C SER H 516 -16.56 43.51 9.15
N LYS H 517 -16.23 43.21 10.41
CA LYS H 517 -17.13 43.49 11.52
C LYS H 517 -17.35 44.97 11.76
N ILE H 518 -16.45 45.84 11.28
CA ILE H 518 -16.56 47.27 11.56
C ILE H 518 -17.75 47.92 10.88
N PHE H 519 -18.43 47.21 9.98
CA PHE H 519 -19.63 47.73 9.35
C PHE H 519 -20.91 47.28 10.03
N ASN H 520 -20.84 46.35 10.97
CA ASN H 520 -22.03 45.85 11.63
C ASN H 520 -22.59 46.92 12.57
N ASP H 521 -23.92 47.04 12.58
CA ASP H 521 -24.56 48.07 13.41
C ASP H 521 -24.38 47.77 14.90
N SER H 522 -24.65 46.53 15.30
CA SER H 522 -24.52 46.17 16.71
C SER H 522 -23.08 46.31 17.19
N PHE H 523 -22.12 45.91 16.35
CA PHE H 523 -20.72 46.06 16.72
C PHE H 523 -20.35 47.54 16.87
N LYS H 524 -20.85 48.40 15.98
CA LYS H 524 -20.59 49.82 16.10
C LYS H 524 -21.20 50.39 17.37
N LYS H 525 -22.42 49.98 17.71
CA LYS H 525 -23.05 50.45 18.93
C LYS H 525 -22.26 50.02 20.16
N GLY H 526 -21.81 48.77 20.18
CA GLY H 526 -20.98 48.31 21.29
C GLY H 526 -19.68 49.06 21.38
N VAL H 527 -19.05 49.35 20.24
CA VAL H 527 -17.81 50.11 20.23
C VAL H 527 -18.03 51.51 20.79
N ILE H 528 -19.11 52.16 20.39
CA ILE H 528 -19.43 53.49 20.91
C ILE H 528 -19.65 53.43 22.42
N ARG H 529 -20.42 52.44 22.87
CA ARG H 529 -20.69 52.33 24.30
C ARG H 529 -19.41 52.12 25.10
N GLN H 530 -18.52 51.27 24.60
CA GLN H 530 -17.24 51.06 25.27
C GLN H 530 -16.38 52.32 25.24
N ALA H 531 -16.36 53.02 24.10
CA ALA H 531 -15.47 54.16 23.94
C ALA H 531 -15.94 55.37 24.73
N GLU H 532 -17.23 55.43 25.07
CA GLU H 532 -17.72 56.58 25.81
C GLU H 532 -17.05 56.71 27.17
N PHE H 533 -16.44 55.65 27.69
CA PHE H 533 -15.72 55.74 28.94
C PHE H 533 -14.39 56.46 28.76
N LEU H 534 -13.66 56.15 27.67
CA LEU H 534 -12.37 56.78 27.44
C LEU H 534 -12.52 58.27 27.18
N PHE H 535 -13.55 58.67 26.44
CA PHE H 535 -13.73 60.06 26.05
C PHE H 535 -14.18 60.94 27.21
N ARG H 536 -14.55 60.36 28.35
CA ARG H 536 -15.07 61.15 29.45
C ARG H 536 -14.01 62.10 29.99
N GLN H 537 -14.44 63.31 30.34
CA GLN H 537 -13.60 64.31 30.98
C GLN H 537 -14.34 64.81 32.21
N ARG H 538 -13.86 64.42 33.38
CA ARG H 538 -14.55 64.74 34.62
C ARG H 538 -14.60 66.25 34.82
N SER H 539 -15.71 66.73 35.38
CA SER H 539 -15.91 68.14 35.69
C SER H 539 -15.80 69.00 34.43
N PHE H 540 -16.72 68.77 33.49
CA PHE H 540 -16.78 69.53 32.26
C PHE H 540 -18.09 70.27 32.08
N ILE H 541 -19.22 69.68 32.49
CA ILE H 541 -20.50 70.36 32.35
C ILE H 541 -20.57 71.57 33.30
N GLN H 542 -20.20 71.37 34.56
CA GLN H 542 -20.34 72.43 35.55
C GLN H 542 -19.34 73.56 35.37
N THR H 543 -18.31 73.38 34.56
CA THR H 543 -17.36 74.44 34.28
C THR H 543 -17.68 75.20 33.01
N LEU H 544 -18.83 74.93 32.39
CA LEU H 544 -19.24 75.64 31.19
C LEU H 544 -19.66 77.06 31.54
N ASP H 545 -19.16 78.04 30.77
CA ASP H 545 -19.56 79.44 30.89
C ASP H 545 -19.27 80.03 32.26
N THR H 546 -18.37 79.42 33.02
CA THR H 546 -18.01 79.98 34.32
C THR H 546 -17.31 81.33 34.16
N ASN H 547 -16.44 81.45 33.17
CA ASN H 547 -15.75 82.71 32.93
C ASN H 547 -16.74 83.73 32.39
N PRO H 548 -16.95 84.86 33.08
CA PRO H 548 -17.88 85.87 32.55
C PRO H 548 -17.32 86.71 31.43
N HIS H 549 -16.04 86.61 31.13
CA HIS H 549 -15.39 87.46 30.13
C HIS H 549 -15.43 86.86 28.73
N LEU H 550 -16.06 85.70 28.55
CA LEU H 550 -16.13 85.04 27.26
C LEU H 550 -17.57 85.02 26.78
N LEU H 551 -17.80 85.50 25.55
CA LEU H 551 -19.12 85.54 24.96
C LEU H 551 -19.09 84.85 23.60
N GLY H 552 -20.15 84.13 23.27
CA GLY H 552 -20.22 83.47 21.99
C GLY H 552 -21.01 84.26 20.97
N VAL H 553 -20.36 84.68 19.88
CA VAL H 553 -21.00 85.50 18.87
C VAL H 553 -21.21 84.66 17.61
N GLY H 554 -21.83 85.28 16.61
CA GLY H 554 -22.14 84.57 15.38
C GLY H 554 -20.90 84.06 14.65
N ASN H 555 -19.80 84.81 14.75
CA ASN H 555 -18.58 84.49 14.01
C ASN H 555 -17.38 84.31 14.95
N GLY H 556 -17.59 83.61 16.07
CA GLY H 556 -16.48 83.32 16.96
C GLY H 556 -16.76 83.57 18.42
N VAL H 557 -15.71 83.91 19.17
CA VAL H 557 -15.84 84.17 20.60
C VAL H 557 -15.16 85.49 20.94
N LEU H 558 -15.85 86.31 21.71
CA LEU H 558 -15.35 87.63 22.09
C LEU H 558 -14.91 87.60 23.55
N SER H 559 -13.73 88.16 23.81
CA SER H 559 -13.14 88.20 25.14
C SER H 559 -13.02 89.65 25.59
N ILE H 560 -13.67 89.98 26.70
CA ILE H 560 -13.60 91.30 27.30
C ILE H 560 -12.60 91.36 28.43
N GLU H 561 -11.78 90.33 28.60
CA GLU H 561 -10.83 90.29 29.70
C GLU H 561 -9.81 91.42 29.62
N THR H 562 -9.29 91.69 28.42
CA THR H 562 -8.27 92.71 28.22
C THR H 562 -8.83 93.87 27.43
N ILE H 563 -8.11 94.98 27.46
CA ILE H 563 -8.45 96.20 26.74
C ILE H 563 -7.43 96.38 25.61
N PRO H 564 -7.86 96.40 24.33
CA PRO H 564 -9.26 96.26 23.91
C PRO H 564 -9.74 94.81 23.88
N ALA H 565 -11.05 94.62 23.73
CA ALA H 565 -11.60 93.28 23.65
C ALA H 565 -11.08 92.57 22.40
N LYS H 566 -10.86 91.27 22.54
CA LYS H 566 -10.24 90.48 21.48
C LYS H 566 -11.25 89.50 20.89
N LEU H 567 -11.31 89.44 19.56
CA LEU H 567 -12.17 88.49 18.87
C LEU H 567 -11.34 87.30 18.42
N ILE H 568 -11.76 86.11 18.82
CA ILE H 568 -11.08 84.87 18.46
C ILE H 568 -11.95 84.12 17.47
N ASN H 569 -11.37 83.79 16.31
CA ASN H 569 -12.04 83.05 15.26
C ASN H 569 -11.20 81.88 14.80
N HIS H 570 -10.48 81.25 15.71
CA HIS H 570 -9.64 80.10 15.42
C HIS H 570 -9.79 79.09 16.56
N PHE H 571 -8.95 78.07 16.56
CA PHE H 571 -9.02 77.05 17.60
C PHE H 571 -8.62 77.62 18.95
N HIS H 572 -9.21 77.07 20.00
CA HIS H 572 -8.94 77.48 21.37
C HIS H 572 -9.32 76.32 22.29
N GLU H 573 -9.34 76.57 23.59
CA GLU H 573 -9.68 75.52 24.56
C GLU H 573 -10.66 76.01 25.63
N HIS H 574 -11.35 77.11 25.38
CA HIS H 574 -12.30 77.63 26.36
C HIS H 574 -13.65 76.93 26.19
N PRO H 575 -14.23 76.40 27.28
CA PRO H 575 -15.48 75.65 27.15
C PRO H 575 -16.72 76.53 27.10
N ILE H 576 -17.07 77.00 25.90
CA ILE H 576 -18.26 77.82 25.69
C ILE H 576 -19.27 77.02 24.87
N HIS H 577 -20.53 77.11 25.26
CA HIS H 577 -21.59 76.38 24.55
C HIS H 577 -22.72 77.26 24.08
N GLN H 578 -23.14 78.25 24.89
CA GLN H 578 -24.21 79.14 24.52
C GLN H 578 -23.66 80.32 23.71
N TYR H 579 -24.51 80.89 22.86
CA TYR H 579 -24.05 81.91 21.94
C TYR H 579 -25.23 82.75 21.46
N THR H 580 -24.89 83.89 20.87
CA THR H 580 -25.83 84.72 20.13
C THR H 580 -25.41 84.76 18.66
N HIS H 581 -26.39 84.98 17.79
CA HIS H 581 -26.17 84.96 16.34
C HIS H 581 -25.80 86.31 15.77
N ILE H 582 -25.18 87.17 16.57
CA ILE H 582 -24.85 88.53 16.14
C ILE H 582 -23.35 88.59 15.84
N CYS H 583 -23.02 88.82 14.57
CA CYS H 583 -21.63 89.00 14.18
C CYS H 583 -21.11 90.33 14.70
N TYR H 584 -19.88 90.31 15.22
CA TYR H 584 -19.27 91.49 15.80
C TYR H 584 -18.34 92.16 14.81
N VAL H 585 -18.33 93.49 14.83
CA VAL H 585 -17.40 94.28 14.02
C VAL H 585 -16.82 95.36 14.92
N PRO H 586 -15.61 95.84 14.67
CA PRO H 586 -15.05 96.92 15.49
C PRO H 586 -15.91 98.17 15.42
N PHE H 587 -15.96 98.89 16.53
CA PHE H 587 -16.83 100.06 16.65
C PHE H 587 -16.36 101.13 15.67
N ASN H 588 -17.14 101.33 14.61
CA ASN H 588 -16.81 102.30 13.57
C ASN H 588 -17.94 103.31 13.43
N PRO H 589 -17.73 104.58 13.78
CA PRO H 589 -18.79 105.58 13.64
C PRO H 589 -19.22 105.82 12.21
N GLU H 590 -18.34 105.59 11.23
CA GLU H 590 -18.65 105.88 9.85
C GLU H 590 -19.71 104.95 9.27
N ASN H 591 -20.04 103.87 9.95
CA ASN H 591 -21.11 103.01 9.49
C ASN H 591 -22.43 103.79 9.53
N PRO H 592 -23.20 103.80 8.45
CA PRO H 592 -24.44 104.61 8.45
C PRO H 592 -25.42 104.22 9.55
N TRP H 593 -25.55 102.92 9.82
CA TRP H 593 -26.44 102.49 10.90
C TRP H 593 -25.95 103.00 12.25
N THR H 594 -24.63 103.03 12.45
CA THR H 594 -24.10 103.60 13.68
C THR H 594 -24.47 105.07 13.82
N LYS H 595 -24.35 105.85 12.75
CA LYS H 595 -24.72 107.25 12.79
C LYS H 595 -26.20 107.42 13.10
N LEU H 596 -27.05 106.64 12.42
CA LEU H 596 -28.49 106.75 12.65
C LEU H 596 -28.85 106.40 14.08
N LEU H 597 -28.26 105.32 14.60
CA LEU H 597 -28.54 104.90 15.97
C LEU H 597 -28.09 105.96 16.97
N LEU H 598 -26.89 106.51 16.77
CA LEU H 598 -26.40 107.53 17.68
C LEU H 598 -27.29 108.77 17.65
N ASN H 599 -27.69 109.21 16.46
CA ASN H 599 -28.55 110.39 16.36
C ASN H 599 -29.90 110.15 17.03
N ALA H 600 -30.54 109.01 16.74
CA ALA H 600 -31.83 108.72 17.35
C ALA H 600 -31.73 108.60 18.86
N LEU H 601 -30.68 107.92 19.35
CA LEU H 601 -30.53 107.74 20.79
C LEU H 601 -30.26 109.07 21.48
N GLN H 602 -29.47 109.94 20.85
CA GLN H 602 -29.27 111.28 21.42
C GLN H 602 -30.58 112.05 21.47
N ASP H 603 -31.38 111.97 20.40
CA ASP H 603 -32.68 112.64 20.40
C ASP H 603 -33.64 112.04 21.41
N ILE H 604 -33.43 110.79 21.82
CA ILE H 604 -34.32 110.17 22.81
C ILE H 604 -34.24 110.89 24.15
N ILE H 605 -33.02 111.11 24.63
CA ILE H 605 -32.82 111.84 25.89
C ILE H 605 -31.76 112.91 25.66
N PRO H 606 -32.14 114.20 25.64
CA PRO H 606 -31.19 115.25 25.26
C PRO H 606 -30.01 115.39 26.21
N GLU H 607 -30.19 115.14 27.50
CA GLU H 607 -29.13 115.44 28.48
C GLU H 607 -27.91 114.58 28.21
N LEU H 608 -26.73 115.23 28.19
CA LEU H 608 -25.48 114.51 27.96
C LEU H 608 -25.15 113.60 29.13
N ASP H 609 -25.25 114.14 30.36
CA ASP H 609 -24.93 113.34 31.54
C ASP H 609 -25.90 112.17 31.71
N ALA H 610 -27.19 112.40 31.51
CA ALA H 610 -28.17 111.32 31.61
C ALA H 610 -27.92 110.27 30.53
N ARG H 611 -27.60 110.71 29.32
CA ARG H 611 -27.28 109.78 28.25
C ARG H 611 -26.07 108.92 28.61
N LEU H 612 -25.03 109.55 29.15
CA LEU H 612 -23.84 108.82 29.57
C LEU H 612 -24.17 107.81 30.65
N TRP H 613 -24.94 108.21 31.66
CA TRP H 613 -25.31 107.30 32.73
C TRP H 613 -26.08 106.10 32.20
N ILE H 614 -27.08 106.37 31.35
CA ILE H 614 -27.91 105.30 30.82
C ILE H 614 -27.08 104.33 29.98
N MET H 615 -26.24 104.87 29.09
CA MET H 615 -25.45 104.00 28.23
C MET H 615 -24.45 103.18 29.04
N PHE H 616 -23.81 103.81 30.03
CA PHE H 616 -22.84 103.10 30.84
C PHE H 616 -23.51 102.00 31.65
N TYR H 617 -24.69 102.28 32.22
CA TYR H 617 -25.39 101.24 32.96
C TYR H 617 -25.85 100.11 32.04
N LEU H 618 -26.33 100.44 30.84
CA LEU H 618 -26.82 99.41 29.93
C LEU H 618 -25.69 98.56 29.37
N SER H 619 -24.48 99.13 29.26
CA SER H 619 -23.36 98.36 28.74
C SER H 619 -22.94 97.24 29.68
N THR H 620 -23.29 97.32 30.97
CA THR H 620 -22.90 96.29 31.93
C THR H 620 -23.67 94.98 31.73
N ALA H 621 -24.69 94.96 30.87
CA ALA H 621 -25.46 93.75 30.66
C ALA H 621 -24.62 92.62 30.09
N ILE H 622 -23.57 92.96 29.33
CA ILE H 622 -22.73 91.92 28.72
C ILE H 622 -22.01 91.13 29.79
N PHE H 623 -21.57 91.79 30.87
CA PHE H 623 -20.94 91.09 31.97
C PHE H 623 -21.96 90.19 32.66
N ARG H 624 -21.52 89.00 33.06
CA ARG H 624 -22.39 88.03 33.69
C ARG H 624 -21.97 87.65 35.10
N GLY H 625 -20.85 88.19 35.59
CA GLY H 625 -20.43 87.96 36.95
C GLY H 625 -21.15 88.90 37.91
N LEU H 626 -20.65 88.93 39.14
CA LEU H 626 -21.24 89.78 40.17
C LEU H 626 -21.13 91.25 39.77
N LYS H 627 -22.19 92.00 40.05
CA LYS H 627 -22.24 93.42 39.75
C LYS H 627 -22.76 94.18 40.96
N GLU H 628 -22.70 95.50 40.88
CA GLU H 628 -23.21 96.34 41.94
C GLU H 628 -24.73 96.20 42.04
N ALA H 629 -25.24 96.22 43.27
CA ALA H 629 -26.66 96.02 43.52
C ALA H 629 -27.46 97.22 43.04
N LEU H 630 -27.95 97.17 41.81
CA LEU H 630 -28.70 98.28 41.22
C LEU H 630 -30.01 97.77 40.65
N MET H 631 -30.96 98.70 40.51
CA MET H 631 -32.28 98.43 39.95
C MET H 631 -32.73 99.69 39.24
N LEU H 632 -32.83 99.65 37.91
CA LEU H 632 -33.15 100.84 37.14
C LEU H 632 -34.63 100.84 36.79
N LEU H 633 -35.31 101.94 37.12
CA LEU H 633 -36.70 102.10 36.74
C LEU H 633 -36.90 103.54 36.29
N TRP H 634 -37.60 103.72 35.16
CA TRP H 634 -37.84 105.06 34.65
C TRP H 634 -39.19 105.09 33.94
N LEU H 635 -39.94 106.16 34.17
CA LEU H 635 -41.30 106.29 33.70
C LEU H 635 -41.41 107.49 32.75
N GLY H 636 -42.63 107.74 32.30
CA GLY H 636 -42.89 108.84 31.39
C GLY H 636 -44.35 108.86 31.00
N GLY H 637 -44.74 109.92 30.30
CA GLY H 637 -46.11 110.05 29.87
C GLY H 637 -46.51 108.99 28.87
N GLY H 638 -45.66 108.72 27.89
CA GLY H 638 -45.94 107.72 26.89
C GLY H 638 -45.39 108.15 25.54
N CYS H 639 -45.41 107.21 24.60
CA CYS H 639 -44.88 107.42 23.26
C CYS H 639 -43.46 107.99 23.31
N ASN H 640 -42.59 107.27 24.01
CA ASN H 640 -41.22 107.73 24.25
C ASN H 640 -40.21 106.69 23.78
N GLY H 641 -38.94 106.90 24.12
CA GLY H 641 -37.90 105.98 23.71
C GLY H 641 -38.02 104.59 24.28
N LYS H 642 -38.81 104.42 25.33
CA LYS H 642 -38.99 103.12 25.97
C LYS H 642 -39.51 102.10 24.96
N THR H 643 -39.34 100.83 25.29
CA THR H 643 -39.80 99.69 24.49
C THR H 643 -39.14 99.65 23.12
N PHE H 644 -38.22 100.58 22.86
CA PHE H 644 -37.43 100.55 21.64
C PHE H 644 -36.00 100.11 21.89
N LEU H 645 -35.26 100.81 22.75
CA LEU H 645 -33.94 100.34 23.13
C LEU H 645 -34.03 99.26 24.19
N MET H 646 -35.03 99.34 25.06
CA MET H 646 -35.21 98.35 26.11
C MET H 646 -35.58 96.98 25.53
N ARG H 647 -36.10 96.95 24.30
CA ARG H 647 -36.29 95.70 23.57
C ARG H 647 -35.13 95.41 22.61
N LEU H 648 -34.50 96.46 22.08
CA LEU H 648 -33.38 96.27 21.17
C LEU H 648 -32.21 95.59 21.87
N VAL H 649 -31.96 95.96 23.13
CA VAL H 649 -30.88 95.33 23.89
C VAL H 649 -31.15 93.84 24.05
N ALA H 650 -32.39 93.49 24.41
CA ALA H 650 -32.74 92.07 24.57
C ALA H 650 -32.60 91.33 23.25
N MET H 651 -33.01 91.95 22.15
CA MET H 651 -32.88 91.31 20.84
C MET H 651 -31.41 91.08 20.48
N VAL H 652 -30.56 92.09 20.74
CA VAL H 652 -29.14 91.98 20.40
C VAL H 652 -28.49 90.88 21.24
N LEU H 653 -28.77 90.88 22.55
CA LEU H 653 -28.18 89.86 23.42
C LEU H 653 -28.67 88.47 23.04
N GLY H 654 -29.95 88.35 22.69
CA GLY H 654 -30.53 87.07 22.31
C GLY H 654 -31.20 86.38 23.47
N ASP H 655 -31.82 85.24 23.14
CA ASP H 655 -32.57 84.48 24.14
C ASP H 655 -31.64 83.94 25.23
N HIS H 656 -30.45 83.48 24.86
CA HIS H 656 -29.58 82.80 25.80
C HIS H 656 -29.14 83.73 26.93
N TYR H 657 -28.75 84.95 26.61
CA TYR H 657 -28.13 85.85 27.58
C TYR H 657 -29.07 86.87 28.19
N ALA H 658 -30.25 87.09 27.59
CA ALA H 658 -31.21 88.04 28.11
C ALA H 658 -32.59 87.40 28.14
N SER H 659 -33.42 87.84 29.08
CA SER H 659 -34.73 87.23 29.21
C SER H 659 -35.73 88.25 29.76
N LYS H 660 -36.90 88.32 29.12
CA LYS H 660 -37.99 89.14 29.62
C LYS H 660 -38.62 88.50 30.85
N LEU H 661 -39.03 89.35 31.80
CA LEU H 661 -39.69 88.90 33.02
C LEU H 661 -41.15 89.34 33.01
N ASN H 662 -41.85 89.03 34.09
CA ASN H 662 -43.24 89.43 34.25
C ASN H 662 -43.38 90.31 35.50
N ILE H 663 -44.17 91.38 35.37
CA ILE H 663 -44.38 92.30 36.47
C ILE H 663 -45.12 91.64 37.62
N SER H 664 -45.78 90.50 37.38
CA SER H 664 -46.44 89.78 38.47
C SER H 664 -45.46 89.42 39.58
N LEU H 665 -44.18 89.23 39.25
CA LEU H 665 -43.17 88.96 40.26
C LEU H 665 -42.99 90.13 41.21
N LEU H 666 -43.11 91.36 40.69
CA LEU H 666 -42.87 92.58 41.46
C LEU H 666 -44.15 93.37 41.71
N THR H 667 -45.33 92.73 41.59
CA THR H 667 -46.57 93.36 41.99
C THR H 667 -47.43 92.47 42.87
N SER H 668 -46.99 91.26 43.17
CA SER H 668 -47.75 90.33 43.99
C SER H 668 -47.00 90.04 45.29
N CYS H 669 -47.76 89.75 46.34
CA CYS H 669 -47.18 89.41 47.63
C CYS H 669 -46.49 88.05 47.56
N ARG H 670 -45.88 87.65 48.66
CA ARG H 670 -45.19 86.37 48.72
C ARG H 670 -46.21 85.23 48.76
N GLU H 671 -46.16 84.39 47.73
CA GLU H 671 -47.11 83.30 47.56
C GLU H 671 -46.90 82.23 48.63
N THR H 672 -47.91 81.37 48.77
CA THR H 672 -47.82 80.24 49.68
C THR H 672 -46.72 79.28 49.22
N ALA H 673 -46.07 78.64 50.21
CA ALA H 673 -44.96 77.74 49.89
C ALA H 673 -45.37 76.61 48.95
N GLU H 674 -46.65 76.24 48.96
CA GLU H 674 -47.15 75.22 48.04
C GLU H 674 -47.17 75.69 46.60
N LYS H 675 -46.99 76.99 46.34
CA LYS H 675 -47.00 77.51 44.99
C LYS H 675 -45.58 77.46 44.43
N PRO H 676 -45.33 76.66 43.39
CA PRO H 676 -43.97 76.58 42.84
C PRO H 676 -43.69 77.67 41.81
N ASN H 677 -43.27 78.85 42.28
CA ASN H 677 -42.98 79.98 41.41
C ASN H 677 -41.80 79.63 40.51
N SER H 678 -42.08 79.41 39.22
CA SER H 678 -41.05 79.01 38.27
C SER H 678 -40.33 80.19 37.62
N ALA H 679 -40.74 81.43 37.93
CA ALA H 679 -40.01 82.57 37.41
C ALA H 679 -38.73 82.85 38.18
N PHE H 680 -38.59 82.28 39.39
CA PHE H 680 -37.37 82.46 40.15
C PHE H 680 -36.18 81.77 39.47
N MET H 681 -36.40 80.58 38.91
CA MET H 681 -35.32 79.86 38.24
C MET H 681 -34.88 80.53 36.94
N ARG H 682 -35.59 81.55 36.48
CA ARG H 682 -35.11 82.37 35.38
C ARG H 682 -33.86 83.12 35.82
N LEU H 683 -33.26 83.84 34.87
CA LEU H 683 -32.04 84.62 35.04
C LEU H 683 -30.80 83.76 35.23
N LYS H 684 -30.94 82.43 35.19
CA LYS H 684 -29.78 81.55 35.32
C LYS H 684 -28.86 81.73 34.14
N GLY H 685 -27.72 82.41 34.36
CA GLY H 685 -26.82 82.72 33.27
C GLY H 685 -27.20 83.98 32.53
N ARG H 686 -28.51 84.28 32.49
CA ARG H 686 -28.98 85.48 31.82
C ARG H 686 -28.46 86.73 32.52
N GLY H 687 -27.97 87.68 31.73
CA GLY H 687 -27.43 88.92 32.23
C GLY H 687 -28.33 90.13 32.11
N TYR H 688 -29.52 89.99 31.52
CA TYR H 688 -30.40 91.13 31.29
C TYR H 688 -31.83 90.74 31.58
N GLY H 689 -32.49 91.55 32.42
CA GLY H 689 -33.89 91.37 32.73
C GLY H 689 -34.65 92.68 32.69
N TYR H 690 -35.69 92.73 31.87
CA TYR H 690 -36.48 93.94 31.68
C TYR H 690 -37.96 93.64 31.89
N PHE H 691 -38.64 94.58 32.54
CA PHE H 691 -40.07 94.47 32.79
C PHE H 691 -40.82 95.26 31.73
N GLU H 692 -41.61 94.57 30.91
CA GLU H 692 -42.24 95.21 29.77
C GLU H 692 -43.20 96.30 30.23
N GLU H 693 -43.54 97.19 29.29
CA GLU H 693 -44.34 98.37 29.60
C GLU H 693 -45.71 97.98 30.12
N THR H 694 -45.96 98.28 31.39
CA THR H 694 -47.23 97.94 32.03
C THR H 694 -48.23 99.07 31.80
N ASN H 695 -49.41 98.71 31.30
CA ASN H 695 -50.43 99.70 31.00
C ASN H 695 -50.93 100.41 32.26
N LYS H 696 -51.18 99.63 33.32
CA LYS H 696 -51.91 100.11 34.49
C LYS H 696 -50.96 100.20 35.68
N SER H 697 -51.31 101.08 36.61
CA SER H 697 -50.47 101.35 37.77
C SER H 697 -50.28 100.10 38.62
N GLU H 698 -49.14 100.03 39.29
CA GLU H 698 -48.76 98.85 40.05
C GLU H 698 -48.36 99.25 41.46
N VAL H 699 -48.15 98.23 42.30
CA VAL H 699 -47.86 98.41 43.72
C VAL H 699 -46.80 97.41 44.14
N LEU H 700 -46.01 97.80 45.14
CA LEU H 700 -45.02 96.93 45.78
C LEU H 700 -45.47 96.67 47.21
N ASN H 701 -45.22 95.46 47.70
CA ASN H 701 -45.45 95.14 49.10
C ASN H 701 -44.14 95.30 49.87
N THR H 702 -43.22 96.08 49.31
CA THR H 702 -41.86 96.26 49.87
C THR H 702 -41.15 94.92 50.03
N SER H 703 -41.51 93.96 49.19
CA SER H 703 -40.94 92.62 49.21
C SER H 703 -40.15 92.38 47.93
N ARG H 704 -39.50 91.21 47.85
CA ARG H 704 -38.88 90.67 46.63
C ARG H 704 -38.02 91.70 45.91
N LEU H 705 -37.60 92.77 46.60
CA LEU H 705 -36.72 93.77 46.02
C LEU H 705 -35.27 93.57 46.45
N LYS H 706 -35.03 93.42 47.76
CA LYS H 706 -33.72 92.98 48.21
C LYS H 706 -33.47 91.51 47.89
N GLU H 707 -34.54 90.74 47.68
CA GLU H 707 -34.39 89.37 47.21
C GLU H 707 -33.79 89.32 45.81
N MET H 708 -34.06 90.33 44.98
CA MET H 708 -33.56 90.41 43.62
C MET H 708 -32.30 91.27 43.49
N VAL H 709 -32.26 92.43 44.14
CA VAL H 709 -31.13 93.34 43.95
C VAL H 709 -29.85 92.83 44.62
N ASN H 710 -29.97 92.00 45.66
CA ASN H 710 -28.79 91.54 46.36
C ASN H 710 -27.93 90.65 45.46
N PRO H 711 -26.62 90.65 45.67
CA PRO H 711 -25.73 89.75 44.92
C PRO H 711 -25.56 88.36 45.53
N GLY H 712 -26.36 88.01 46.54
CA GLY H 712 -26.23 86.74 47.20
C GLY H 712 -26.95 85.62 46.47
N ASP H 713 -26.96 84.45 47.11
CA ASP H 713 -27.57 83.27 46.55
C ASP H 713 -29.09 83.37 46.58
N VAL H 714 -29.73 82.73 45.59
CA VAL H 714 -31.18 82.68 45.51
C VAL H 714 -31.59 81.23 45.24
N THR H 715 -32.68 80.81 45.89
CA THR H 715 -33.19 79.46 45.72
C THR H 715 -34.71 79.48 45.84
N ALA H 716 -35.37 78.79 44.93
CA ALA H 716 -36.82 78.67 44.94
C ALA H 716 -37.22 77.46 44.10
N ARG H 717 -38.46 77.03 44.28
CA ARG H 717 -38.98 75.83 43.62
C ARG H 717 -39.81 76.22 42.41
N GLU H 718 -39.58 75.53 41.30
CA GLU H 718 -40.35 75.70 40.07
C GLU H 718 -41.39 74.60 39.97
N LEU H 719 -42.13 74.58 38.86
CA LEU H 719 -43.25 73.66 38.70
C LEU H 719 -42.83 72.22 38.90
N ASN H 720 -43.36 71.60 39.96
CA ASN H 720 -43.12 70.19 40.28
C ASN H 720 -41.64 69.88 40.41
N GLN H 721 -40.90 70.79 41.04
CA GLN H 721 -39.48 70.58 41.30
C GLN H 721 -39.13 71.21 42.64
N LYS H 722 -38.02 70.75 43.22
CA LYS H 722 -37.60 71.18 44.54
C LYS H 722 -36.69 72.40 44.43
N GLN H 723 -36.30 72.95 45.59
CA GLN H 723 -35.45 74.13 45.64
C GLN H 723 -34.09 73.85 45.01
N GLU H 724 -33.56 74.84 44.29
CA GLU H 724 -32.20 74.77 43.78
C GLU H 724 -31.54 76.13 43.99
N SER H 725 -30.27 76.09 44.39
CA SER H 725 -29.52 77.27 44.79
C SER H 725 -28.63 77.72 43.65
N PHE H 726 -28.63 79.03 43.37
CA PHE H 726 -27.77 79.56 42.33
C PHE H 726 -27.54 81.05 42.57
N GLN H 727 -26.49 81.57 41.94
CA GLN H 727 -26.19 82.99 41.97
C GLN H 727 -26.93 83.70 40.85
N MET H 728 -27.55 84.83 41.17
CA MET H 728 -28.23 85.65 40.18
C MET H 728 -27.39 86.87 39.87
N THR H 729 -27.19 87.15 38.58
CA THR H 729 -26.37 88.26 38.13
C THR H 729 -26.97 88.77 36.82
N ALA H 730 -27.75 89.85 36.90
CA ALA H 730 -28.38 90.41 35.72
C ALA H 730 -28.77 91.86 36.00
N THR H 731 -28.54 92.72 35.02
CA THR H 731 -29.02 94.10 35.11
C THR H 731 -30.52 94.14 34.87
N MET H 732 -31.24 94.79 35.78
CA MET H 732 -32.69 94.76 35.80
C MET H 732 -33.26 96.16 35.62
N VAL H 733 -34.14 96.30 34.63
CA VAL H 733 -34.71 97.59 34.27
C VAL H 733 -36.23 97.46 34.16
N ALA H 734 -36.90 98.59 34.36
CA ALA H 734 -38.36 98.63 34.36
C ALA H 734 -38.82 100.00 33.87
N ALA H 735 -39.94 99.99 33.13
CA ALA H 735 -40.52 101.21 32.60
C ALA H 735 -42.03 101.04 32.51
N SER H 736 -42.76 102.03 33.04
CA SER H 736 -44.21 102.02 33.01
C SER H 736 -44.71 103.43 32.71
N ASN H 737 -45.70 103.52 31.82
CA ASN H 737 -46.30 104.81 31.51
C ASN H 737 -47.06 105.39 32.70
N TYR H 738 -47.45 104.56 33.66
CA TYR H 738 -48.14 105.01 34.85
C TYR H 738 -47.15 105.09 36.01
N ASN H 739 -47.68 105.31 37.21
CA ASN H 739 -46.85 105.54 38.39
C ASN H 739 -46.71 104.27 39.22
N PHE H 740 -45.72 104.27 40.10
CA PHE H 740 -45.46 103.18 41.03
C PHE H 740 -45.93 103.55 42.43
N ILE H 741 -46.06 102.54 43.28
CA ILE H 741 -46.47 102.71 44.67
C ILE H 741 -45.41 102.07 45.55
N ILE H 742 -44.58 102.89 46.19
CA ILE H 742 -43.57 102.43 47.13
C ILE H 742 -43.81 103.14 48.45
N ASP H 743 -43.94 102.37 49.53
CA ASP H 743 -44.19 102.90 50.87
C ASP H 743 -43.19 102.34 51.88
N THR H 744 -42.01 102.95 51.92
CA THR H 744 -40.97 102.63 52.88
C THR H 744 -39.89 103.70 52.80
N THR H 745 -39.15 103.86 53.90
CA THR H 745 -38.09 104.85 53.95
C THR H 745 -36.78 104.30 54.54
N ASP H 746 -36.70 102.99 54.76
CA ASP H 746 -35.48 102.41 55.31
C ASP H 746 -34.30 102.62 54.36
N HIS H 747 -33.13 102.88 54.92
CA HIS H 747 -31.94 103.07 54.10
C HIS H 747 -31.50 101.78 53.41
N GLY H 748 -31.90 100.63 53.92
CA GLY H 748 -31.60 99.38 53.23
C GLY H 748 -32.17 99.35 51.83
N THR H 749 -33.43 99.75 51.70
CA THR H 749 -34.03 99.98 50.39
C THR H 749 -33.86 101.45 50.00
N TRP H 750 -34.40 101.81 48.84
CA TRP H 750 -34.35 103.19 48.33
C TRP H 750 -32.92 103.66 48.11
N ARG H 751 -31.96 102.78 48.35
CA ARG H 751 -30.54 103.06 48.15
C ARG H 751 -29.97 102.34 46.94
N ARG H 752 -30.55 101.20 46.57
CA ARG H 752 -30.14 100.45 45.39
C ARG H 752 -31.10 100.67 44.23
N LEU H 753 -31.78 101.81 44.20
CA LEU H 753 -32.75 102.14 43.16
C LEU H 753 -32.42 103.49 42.57
N ARG H 754 -32.79 103.67 41.31
CA ARG H 754 -32.63 104.94 40.60
C ARG H 754 -33.90 105.24 39.82
N HIS H 755 -34.26 106.51 39.76
CA HIS H 755 -35.47 106.94 39.08
C HIS H 755 -35.14 107.99 38.03
N TYR H 756 -35.85 107.91 36.89
CA TYR H 756 -35.72 108.89 35.83
C TYR H 756 -37.08 109.04 35.16
N ARG H 757 -37.30 110.19 34.54
CA ARG H 757 -38.52 110.46 33.81
C ARG H 757 -38.18 110.96 32.41
N SER H 758 -38.80 110.36 31.40
CA SER H 758 -38.62 110.83 30.04
C SER H 758 -39.25 112.20 29.87
N LYS H 759 -38.60 113.06 29.08
CA LYS H 759 -39.08 114.42 28.87
C LYS H 759 -39.63 114.66 27.48
N VAL H 760 -39.14 113.93 26.47
CA VAL H 760 -39.57 114.13 25.09
C VAL H 760 -40.87 113.39 24.85
N LYS H 761 -41.64 113.88 23.89
CA LYS H 761 -42.90 113.26 23.49
C LYS H 761 -42.93 113.15 21.98
N PHE H 762 -43.35 111.99 21.48
CA PHE H 762 -43.37 111.71 20.05
C PHE H 762 -44.80 111.72 19.54
N CYS H 763 -45.08 112.60 18.57
CA CYS H 763 -46.43 112.74 18.02
C CYS H 763 -46.31 113.01 16.52
N HIS H 764 -47.26 112.45 15.77
CA HIS H 764 -47.22 112.55 14.31
C HIS H 764 -47.38 113.98 13.83
N ASN H 765 -48.10 114.82 14.58
CA ASN H 765 -48.32 116.22 14.23
C ASN H 765 -47.44 117.12 15.09
N PRO H 766 -46.23 117.45 14.63
CA PRO H 766 -45.28 118.16 15.50
C PRO H 766 -45.74 119.57 15.85
N ASP H 767 -45.40 119.98 17.06
CA ASP H 767 -45.62 121.36 17.51
C ASP H 767 -44.33 122.15 17.37
N PRO H 768 -44.32 123.25 16.62
CA PRO H 768 -43.08 123.99 16.42
C PRO H 768 -42.59 124.65 17.70
N SER H 769 -41.27 124.90 17.73
CA SER H 769 -40.55 125.65 18.76
C SER H 769 -40.43 124.92 20.08
N ASN H 770 -40.93 123.69 20.21
CA ASN H 770 -40.81 122.95 21.46
C ASN H 770 -39.83 121.80 21.27
N PRO H 771 -38.61 121.88 21.80
CA PRO H 771 -37.66 120.77 21.65
C PRO H 771 -38.09 119.48 22.34
N TYR H 772 -38.98 119.57 23.32
CA TYR H 772 -39.43 118.39 24.05
C TYR H 772 -40.54 117.62 23.33
N GLU H 773 -40.96 118.10 22.16
CA GLU H 773 -41.91 117.37 21.32
C GLU H 773 -41.20 116.92 20.05
N LYS H 774 -41.18 115.61 19.82
CA LYS H 774 -40.60 115.01 18.63
C LYS H 774 -41.70 114.34 17.83
N LYS H 775 -41.35 113.89 16.63
CA LYS H 775 -42.27 113.16 15.77
C LYS H 775 -41.82 111.71 15.68
N GLU H 776 -42.73 110.79 16.00
CA GLU H 776 -42.39 109.38 16.03
C GLU H 776 -42.15 108.88 14.61
N ASP H 777 -41.29 107.86 14.49
CA ASP H 777 -41.07 107.20 13.22
C ASP H 777 -41.46 105.73 13.38
N PRO H 778 -42.61 105.30 12.85
CA PRO H 778 -43.09 103.94 13.15
C PRO H 778 -42.14 102.83 12.74
N ARG H 779 -41.32 103.05 11.71
CA ARG H 779 -40.44 101.99 11.23
C ARG H 779 -39.31 101.71 12.23
N PHE H 780 -39.13 102.60 13.21
CA PHE H 780 -38.24 102.28 14.33
C PHE H 780 -38.73 101.07 15.13
N ILE H 781 -40.03 101.05 15.45
CA ILE H 781 -40.56 99.95 16.25
C ILE H 781 -40.94 98.77 15.37
N HIS H 782 -41.59 99.02 14.23
CA HIS H 782 -42.04 97.92 13.39
C HIS H 782 -40.87 97.16 12.79
N GLU H 783 -40.10 97.82 11.93
CA GLU H 783 -38.88 97.25 11.39
C GLU H 783 -37.68 97.82 12.15
N TYR H 784 -36.48 97.61 11.61
CA TYR H 784 -35.18 98.03 12.14
C TYR H 784 -34.70 97.13 13.28
N ILE H 785 -35.50 96.19 13.75
CA ILE H 785 -35.06 95.21 14.74
C ILE H 785 -34.60 93.92 14.08
N MET H 786 -35.39 93.40 13.15
CA MET H 786 -34.99 92.20 12.42
C MET H 786 -33.80 92.45 11.50
N ASP H 787 -33.42 93.70 11.27
CA ASP H 787 -32.25 94.03 10.47
C ASP H 787 -31.01 93.53 11.19
N PRO H 788 -30.21 92.66 10.55
CA PRO H 788 -28.98 92.19 11.20
C PRO H 788 -27.92 93.27 11.34
N ASP H 789 -27.78 94.13 10.33
CA ASP H 789 -26.72 95.14 10.35
C ASP H 789 -26.93 96.13 11.49
N CYS H 790 -28.19 96.52 11.74
CA CYS H 790 -28.48 97.41 12.86
C CYS H 790 -28.11 96.76 14.18
N GLN H 791 -28.39 95.46 14.33
CA GLN H 791 -28.02 94.76 15.54
C GLN H 791 -26.50 94.71 15.70
N ASN H 792 -25.77 94.48 14.60
CA ASN H 792 -24.32 94.49 14.68
C ASN H 792 -23.79 95.84 15.12
N ALA H 793 -24.34 96.92 14.55
CA ALA H 793 -23.91 98.26 14.93
C ALA H 793 -24.20 98.53 16.40
N PHE H 794 -25.39 98.13 16.87
CA PHE H 794 -25.74 98.36 18.27
C PHE H 794 -24.83 97.56 19.20
N PHE H 795 -24.51 96.32 18.81
CA PHE H 795 -23.59 95.52 19.61
C PHE H 795 -22.22 96.16 19.69
N SER H 796 -21.74 96.72 18.57
CA SER H 796 -20.49 97.45 18.59
C SER H 796 -20.56 98.66 19.53
N ILE H 797 -21.69 99.37 19.52
CA ILE H 797 -21.87 100.50 20.41
C ILE H 797 -21.79 100.05 21.88
N LEU H 798 -22.47 98.95 22.20
CA LEU H 798 -22.45 98.44 23.58
C LEU H 798 -21.04 98.04 24.01
N VAL H 799 -20.31 97.32 23.15
CA VAL H 799 -18.98 96.88 23.55
C VAL H 799 -18.04 98.07 23.70
N TYR H 800 -18.19 99.08 22.83
CA TYR H 800 -17.37 100.29 22.96
C TYR H 800 -17.66 101.01 24.26
N PHE H 801 -18.94 101.14 24.61
CA PHE H 801 -19.29 101.80 25.87
C PHE H 801 -18.78 101.02 27.08
N TRP H 802 -18.86 99.70 27.04
CA TRP H 802 -18.34 98.90 28.14
C TRP H 802 -16.83 99.07 28.28
N GLU H 803 -16.11 99.10 27.15
CA GLU H 803 -14.68 99.33 27.21
C GLU H 803 -14.38 100.72 27.79
N LYS H 804 -15.15 101.73 27.39
CA LYS H 804 -14.98 103.06 27.96
C LYS H 804 -15.18 103.04 29.48
N LEU H 805 -16.25 102.39 29.94
CA LEU H 805 -16.51 102.33 31.37
C LEU H 805 -15.36 101.65 32.11
N GLN H 806 -14.88 100.53 31.56
CA GLN H 806 -13.81 99.79 32.22
C GLN H 806 -12.53 100.61 32.30
N LYS H 807 -12.19 101.30 31.21
CA LYS H 807 -10.94 102.07 31.21
C LYS H 807 -11.06 103.38 31.99
N GLU H 808 -12.27 103.86 32.23
CA GLU H 808 -12.43 105.12 32.95
C GLU H 808 -12.66 104.91 34.45
N TYR H 809 -13.73 104.21 34.82
CA TYR H 809 -14.14 104.10 36.21
C TYR H 809 -13.84 102.72 36.81
N ASN H 810 -13.03 101.90 36.14
CA ASN H 810 -12.59 100.62 36.67
C ASN H 810 -13.78 99.72 37.01
N GLY H 811 -14.79 99.72 36.15
CA GLY H 811 -15.95 98.88 36.38
C GLY H 811 -16.74 99.22 37.61
N GLN H 812 -17.01 100.50 37.84
CA GLN H 812 -17.76 100.97 39.01
C GLN H 812 -18.84 101.94 38.52
N ILE H 813 -20.08 101.44 38.43
CA ILE H 813 -21.18 102.28 37.97
C ILE H 813 -21.49 103.37 38.99
N LYS H 814 -21.26 103.10 40.28
CA LYS H 814 -21.56 104.10 41.30
C LYS H 814 -20.60 105.28 41.23
N LYS H 815 -19.38 105.06 40.75
CA LYS H 815 -18.39 106.14 40.73
C LYS H 815 -18.71 107.19 39.68
N VAL H 816 -19.34 106.81 38.57
CA VAL H 816 -19.65 107.79 37.53
C VAL H 816 -20.65 108.81 38.07
N PHE H 817 -20.58 110.02 37.51
CA PHE H 817 -21.27 111.18 38.06
C PHE H 817 -22.31 111.69 37.08
N CYS H 818 -23.50 112.01 37.60
CA CYS H 818 -24.58 112.57 36.81
C CYS H 818 -25.47 113.45 37.71
N PRO H 819 -25.39 114.77 37.58
CA PRO H 819 -26.19 115.63 38.46
C PRO H 819 -27.68 115.43 38.34
N THR H 820 -28.18 115.13 37.13
CA THR H 820 -29.61 114.86 36.98
C THR H 820 -30.04 113.65 37.78
N ILE H 821 -29.25 112.57 37.72
CA ILE H 821 -29.48 111.44 38.61
C ILE H 821 -29.10 111.85 40.04
N GLU H 822 -29.56 111.06 41.01
CA GLU H 822 -29.38 111.26 42.45
C GLU H 822 -29.89 112.62 42.90
N SER H 823 -30.57 113.32 41.99
CA SER H 823 -31.35 114.52 42.31
C SER H 823 -32.81 114.33 41.99
N GLU H 824 -33.13 113.81 40.80
CA GLU H 824 -34.50 113.41 40.51
C GLU H 824 -34.90 112.22 41.36
N THR H 825 -33.96 111.29 41.60
CA THR H 825 -34.26 110.10 42.40
C THR H 825 -34.59 110.48 43.83
N GLU H 826 -33.79 111.35 44.45
CA GLU H 826 -34.10 111.78 45.81
C GLU H 826 -35.38 112.60 45.87
N ALA H 827 -35.67 113.37 44.81
CA ALA H 827 -36.94 114.08 44.75
C ALA H 827 -38.11 113.12 44.72
N TYR H 828 -37.99 112.03 43.95
CA TYR H 828 -39.01 110.99 43.97
C TYR H 828 -39.13 110.36 45.36
N ARG H 829 -37.98 110.15 46.02
CA ARG H 829 -38.01 109.61 47.38
C ARG H 829 -38.73 110.55 48.33
N LYS H 830 -38.64 111.86 48.09
CA LYS H 830 -39.42 112.80 48.89
C LYS H 830 -40.92 112.58 48.70
N SER H 831 -41.33 112.23 47.48
CA SER H 831 -42.69 111.82 47.23
C SER H 831 -42.86 110.37 47.67
N GLN H 832 -44.01 109.76 47.37
CA GLN H 832 -44.29 108.37 47.73
C GLN H 832 -44.21 108.15 49.24
N ASP H 833 -44.51 109.21 50.01
CA ASP H 833 -44.54 109.15 51.47
C ASP H 833 -45.91 109.64 51.92
N THR H 834 -46.85 108.70 52.03
CA THR H 834 -48.24 109.06 52.33
C THR H 834 -48.35 109.71 53.70
N LEU H 835 -47.69 109.16 54.71
CA LEU H 835 -47.84 109.67 56.06
C LEU H 835 -47.28 111.08 56.21
N HIS H 836 -46.14 111.36 55.57
CA HIS H 836 -45.56 112.69 55.65
C HIS H 836 -46.49 113.74 55.05
N ARG H 837 -47.08 113.43 53.90
CA ARG H 837 -48.05 114.33 53.29
C ARG H 837 -49.28 114.48 54.19
N PHE H 838 -49.74 113.37 54.76
CA PHE H 838 -50.89 113.40 55.67
C PHE H 838 -50.63 114.32 56.86
N ILE H 839 -49.40 114.33 57.36
CA ILE H 839 -49.06 115.12 58.54
C ILE H 839 -49.27 116.60 58.25
N THR H 840 -48.80 117.07 57.10
CA THR H 840 -48.90 118.49 56.73
C THR H 840 -50.24 118.79 56.05
N GLU H 841 -51.04 117.74 55.83
CA GLU H 841 -52.35 117.92 55.22
C GLU H 841 -53.50 117.95 56.23
N ARG H 842 -53.44 117.23 57.35
CA ARG H 842 -54.56 117.14 58.25
C ARG H 842 -54.22 117.49 59.70
N VAL H 843 -52.97 117.78 60.02
CA VAL H 843 -52.57 118.13 61.39
C VAL H 843 -51.97 119.53 61.37
N VAL H 844 -52.46 120.38 62.27
CA VAL H 844 -52.03 121.77 62.37
C VAL H 844 -51.57 122.04 63.80
N GLU H 845 -50.85 123.15 63.95
CA GLU H 845 -50.33 123.57 65.26
C GLU H 845 -51.40 124.37 66.00
N SER H 846 -52.32 123.65 66.63
CA SER H 846 -53.38 124.30 67.40
C SER H 846 -52.78 124.99 68.61
N PRO H 847 -53.00 126.30 68.78
CA PRO H 847 -52.43 126.98 69.96
C PRO H 847 -52.95 126.43 71.28
N SER H 848 -54.24 126.11 71.36
CA SER H 848 -54.87 125.62 72.57
C SER H 848 -56.28 125.17 72.23
N ALA H 849 -57.04 124.80 73.27
CA ALA H 849 -58.45 124.45 73.15
C ALA H 849 -58.65 123.25 72.20
N GLU H 850 -57.97 122.16 72.53
CA GLU H 850 -58.10 120.92 71.78
C GLU H 850 -57.69 119.76 72.67
N THR H 851 -58.20 118.58 72.35
CA THR H 851 -57.85 117.37 73.08
C THR H 851 -56.44 116.92 72.70
N VAL H 852 -55.88 116.04 73.54
CA VAL H 852 -54.54 115.51 73.29
C VAL H 852 -54.52 114.48 72.17
N TYR H 853 -55.68 114.04 71.69
CA TYR H 853 -55.79 113.11 70.58
C TYR H 853 -54.95 111.85 70.81
N ASN H 854 -55.34 111.12 71.86
CA ASN H 854 -54.85 109.81 72.29
C ASN H 854 -53.68 109.24 71.51
N LEU H 855 -53.84 108.02 71.00
CA LEU H 855 -52.79 107.38 70.21
C LEU H 855 -53.29 106.65 68.97
N SER H 856 -54.52 106.15 68.93
CA SER H 856 -54.96 105.27 67.86
C SER H 856 -55.84 105.96 66.83
N GLU H 857 -56.61 107.00 67.21
CA GLU H 857 -57.45 107.64 66.22
C GLU H 857 -56.62 108.36 65.15
N VAL H 858 -55.37 108.71 65.46
CA VAL H 858 -54.52 109.33 64.46
C VAL H 858 -54.24 108.37 63.31
N VAL H 859 -53.76 107.17 63.63
CA VAL H 859 -53.49 106.17 62.59
C VAL H 859 -54.80 105.71 61.96
N THR H 860 -55.89 105.69 62.75
CA THR H 860 -57.20 105.39 62.19
C THR H 860 -57.53 106.35 61.06
N ALA H 861 -57.63 107.65 61.37
CA ALA H 861 -57.94 108.64 60.35
C ALA H 861 -56.94 108.60 59.19
N TYR H 862 -55.67 108.31 59.49
CA TYR H 862 -54.69 108.11 58.43
C TYR H 862 -55.13 106.99 57.49
N ALA H 863 -55.70 105.92 58.04
CA ALA H 863 -56.13 104.80 57.20
C ALA H 863 -57.19 105.22 56.19
N GLU H 864 -58.24 105.91 56.65
CA GLU H 864 -59.27 106.36 55.72
C GLU H 864 -58.73 107.37 54.73
N TRP H 865 -57.83 108.26 55.19
CA TRP H 865 -57.24 109.22 54.26
C TRP H 865 -56.46 108.52 53.16
N TYR H 866 -55.67 107.51 53.53
CA TYR H 866 -54.89 106.76 52.55
C TYR H 866 -55.79 105.98 51.60
N ASN H 867 -56.88 105.41 52.13
CA ASN H 867 -57.79 104.64 51.30
C ASN H 867 -58.55 105.53 50.33
N THR H 868 -58.93 106.73 50.75
CA THR H 868 -59.68 107.65 49.90
C THR H 868 -58.80 108.55 49.05
N ASN H 869 -57.48 108.50 49.24
CA ASN H 869 -56.57 109.35 48.48
C ASN H 869 -55.63 108.55 47.58
N ILE H 870 -55.07 107.45 48.09
CA ILE H 870 -54.09 106.69 47.31
C ILE H 870 -54.68 105.36 46.87
N ASN H 871 -55.01 104.50 47.83
CA ASN H 871 -55.50 103.15 47.52
C ASN H 871 -56.00 102.53 48.82
N VAL H 872 -56.92 101.58 48.69
CA VAL H 872 -57.53 100.90 49.82
C VAL H 872 -56.78 99.60 50.09
N LYS H 873 -56.44 99.38 51.36
CA LYS H 873 -55.76 98.17 51.80
C LYS H 873 -55.75 98.15 53.32
N ARG H 874 -55.68 96.94 53.88
CA ARG H 874 -55.63 96.80 55.33
C ARG H 874 -54.26 97.21 55.87
N HIS H 875 -54.24 97.55 57.15
CA HIS H 875 -53.02 98.01 57.80
C HIS H 875 -52.92 97.40 59.20
N ILE H 876 -51.75 97.55 59.80
CA ILE H 876 -51.48 97.09 61.16
C ILE H 876 -50.94 98.28 61.94
N ALA H 877 -51.73 98.78 62.89
CA ALA H 877 -51.38 100.03 63.57
C ALA H 877 -50.17 99.90 64.48
N LEU H 878 -49.79 98.67 64.86
CA LEU H 878 -48.69 98.49 65.81
C LEU H 878 -47.41 99.12 65.29
N GLU H 879 -46.88 98.61 64.18
CA GLU H 879 -45.69 99.21 63.59
C GLU H 879 -45.99 100.58 62.98
N LEU H 880 -47.25 100.86 62.66
CA LEU H 880 -47.63 102.19 62.20
C LEU H 880 -47.46 103.23 63.30
N SER H 881 -47.32 102.79 64.55
CA SER H 881 -46.97 103.72 65.62
C SER H 881 -45.50 104.13 65.56
N GLN H 882 -44.64 103.27 65.01
CA GLN H 882 -43.19 103.52 65.08
C GLN H 882 -42.77 104.71 64.22
N GLU H 883 -43.26 104.78 62.97
CA GLU H 883 -42.86 105.91 62.14
C GLU H 883 -43.39 107.23 62.67
N LEU H 884 -44.38 107.20 63.57
CA LEU H 884 -44.74 108.41 64.31
C LEU H 884 -43.57 108.88 65.16
N GLU H 885 -42.88 107.95 65.83
CA GLU H 885 -41.63 108.29 66.48
C GLU H 885 -40.56 108.68 65.47
N ASN H 886 -40.64 108.14 64.26
CA ASN H 886 -39.74 108.55 63.19
C ASN H 886 -40.23 109.80 62.46
N SER H 887 -41.45 110.24 62.71
CA SER H 887 -42.03 111.38 61.99
C SER H 887 -41.50 112.70 62.54
N VAL H 888 -41.95 113.79 61.92
CA VAL H 888 -41.56 115.13 62.36
C VAL H 888 -42.37 115.63 63.55
N LEU H 889 -43.44 114.93 63.91
CA LEU H 889 -44.30 115.33 65.02
C LEU H 889 -43.72 114.97 66.39
N GLU H 890 -42.44 114.60 66.46
CA GLU H 890 -41.83 114.24 67.74
C GLU H 890 -41.70 115.43 68.67
N LYS H 891 -41.65 116.66 68.14
CA LYS H 891 -41.75 117.81 69.01
C LYS H 891 -43.10 117.85 69.71
N TYR H 892 -44.16 117.49 69.01
CA TYR H 892 -45.49 117.34 69.60
C TYR H 892 -45.74 115.90 70.03
N LEU H 893 -44.83 115.31 70.80
CA LEU H 893 -44.96 113.93 71.26
C LEU H 893 -45.00 113.95 72.78
N GLN H 894 -46.21 113.96 73.34
CA GLN H 894 -46.42 114.07 74.78
C GLN H 894 -46.45 112.68 75.38
N TRP H 895 -46.02 112.56 76.63
CA TRP H 895 -46.19 111.30 77.34
C TRP H 895 -47.48 111.34 78.15
N SER H 896 -47.83 110.21 78.75
CA SER H 896 -49.12 110.08 79.40
C SER H 896 -48.95 109.51 80.80
N PRO H 897 -49.85 109.85 81.73
CA PRO H 897 -49.75 109.28 83.08
C PRO H 897 -49.82 107.77 83.11
N ASN H 898 -50.58 107.17 82.20
CA ASN H 898 -50.64 105.72 82.07
C ASN H 898 -49.49 105.15 81.25
N LYS H 899 -48.40 105.91 81.11
CA LYS H 899 -47.16 105.48 80.50
C LYS H 899 -47.30 105.19 79.01
N THR H 900 -48.25 105.84 78.34
CA THR H 900 -48.40 105.70 76.91
C THR H 900 -47.91 106.98 76.22
N ARG H 901 -48.03 107.02 74.90
CA ARG H 901 -47.61 108.18 74.11
C ARG H 901 -48.83 108.81 73.46
N ILE H 902 -48.95 110.14 73.60
CA ILE H 902 -50.06 110.89 73.06
C ILE H 902 -49.52 112.11 72.31
N LEU H 903 -50.43 112.93 71.82
CA LEU H 903 -50.13 114.06 70.95
C LEU H 903 -50.53 115.35 71.66
N LYS H 904 -50.03 116.48 71.16
CA LYS H 904 -50.38 117.78 71.72
C LYS H 904 -50.09 118.85 70.69
N GLY H 905 -50.62 120.05 70.93
CA GLY H 905 -50.44 121.15 69.99
C GLY H 905 -50.96 120.82 68.61
N CYS H 906 -52.15 120.23 68.53
CA CYS H 906 -52.60 119.55 67.33
C CYS H 906 -54.10 119.73 67.16
N ARG H 907 -54.55 119.53 65.92
CA ARG H 907 -55.97 119.50 65.62
C ARG H 907 -56.20 118.60 64.41
N ILE H 908 -57.11 117.65 64.54
CA ILE H 908 -57.44 116.75 63.44
C ILE H 908 -58.37 117.49 62.48
N LEU H 909 -57.98 117.53 61.21
CA LEU H 909 -58.74 118.25 60.18
C LEU H 909 -59.86 117.33 59.67
N HIS H 910 -60.94 117.26 60.44
CA HIS H 910 -62.10 116.50 60.03
C HIS H 910 -62.71 117.11 58.79
N LYS H 911 -62.70 116.36 57.68
CA LYS H 911 -63.12 116.84 56.37
C LYS H 911 -62.15 117.94 55.91
N PHE H 912 -62.26 118.37 54.65
CA PHE H 912 -61.35 119.38 54.14
C PHE H 912 -61.43 120.66 54.95
N GLU H 913 -62.65 121.20 55.12
CA GLU H 913 -62.97 122.39 55.90
C GLU H 913 -61.90 123.47 55.80
N THR H 914 -61.53 123.84 54.58
CA THR H 914 -60.51 124.86 54.29
C THR H 914 -59.23 124.45 55.02
N LEU H 915 -58.63 125.31 55.85
CA LEU H 915 -57.45 124.95 56.62
C LEU H 915 -57.63 125.14 58.12
N GLN H 916 -58.65 125.87 58.55
CA GLN H 916 -58.91 126.14 59.96
C GLN H 916 -57.68 126.69 60.69
N PRO H 917 -57.22 127.90 60.32
CA PRO H 917 -56.03 128.49 60.96
C PRO H 917 -56.24 128.79 62.44
N ILE H 935 -26.68 121.04 31.23
CA ILE H 935 -25.43 121.67 31.65
C ILE H 935 -24.72 122.27 30.43
N CYS H 936 -24.02 121.42 29.69
CA CYS H 936 -23.33 121.82 28.48
C CYS H 936 -23.57 120.77 27.41
N GLU H 937 -23.13 121.07 26.19
CA GLU H 937 -23.28 120.15 25.07
C GLU H 937 -22.01 120.13 24.25
N PRO H 938 -21.65 118.98 23.68
CA PRO H 938 -20.47 118.91 22.82
C PRO H 938 -20.81 119.36 21.40
N LYS H 939 -19.89 120.14 20.82
CA LYS H 939 -20.19 120.85 19.58
C LYS H 939 -20.40 119.88 18.43
N ASN H 940 -19.40 119.06 18.14
CA ASN H 940 -19.43 118.26 16.91
C ASN H 940 -20.30 117.01 17.05
N LYS H 941 -20.10 116.23 18.11
CA LYS H 941 -20.69 114.91 18.19
C LYS H 941 -20.57 114.38 19.62
N TRP H 942 -21.70 113.90 20.16
CA TRP H 942 -21.74 113.59 21.58
C TRP H 942 -20.90 112.37 21.93
N TRP H 943 -20.95 111.34 21.09
CA TRP H 943 -20.18 110.13 21.36
C TRP H 943 -18.67 110.39 21.41
N GLU H 944 -18.19 111.50 20.86
CA GLU H 944 -16.85 111.96 21.17
C GLU H 944 -16.82 112.36 22.64
N TRP H 945 -16.08 111.62 23.46
CA TRP H 945 -16.24 111.69 24.90
C TRP H 945 -15.07 112.46 25.52
N SER H 946 -15.38 113.64 26.08
CA SER H 946 -14.44 114.28 26.97
C SER H 946 -14.39 113.53 28.30
N PRO H 947 -13.26 113.59 29.02
CA PRO H 947 -13.14 112.78 30.25
C PRO H 947 -14.21 113.08 31.29
N ASN H 948 -14.23 114.31 31.80
CA ASN H 948 -15.23 114.68 32.79
C ASN H 948 -16.58 115.06 32.17
N PRO H 949 -16.65 116.05 31.25
CA PRO H 949 -17.96 116.53 30.79
C PRO H 949 -18.72 115.50 29.96
N SER H 950 -18.08 115.00 28.91
CA SER H 950 -18.73 114.04 28.02
C SER H 950 -18.24 112.63 28.31
N THR I 11 39.88 -1.58 -37.21
CA THR I 11 39.94 -3.04 -37.31
C THR I 11 39.07 -3.69 -36.25
N ILE I 12 39.54 -3.66 -35.00
CA ILE I 12 38.77 -4.23 -33.89
C ILE I 12 37.47 -3.45 -33.71
N GLN I 13 37.55 -2.12 -33.78
CA GLN I 13 36.35 -1.30 -33.64
C GLN I 13 35.35 -1.56 -34.76
N LEU I 14 35.83 -1.90 -35.95
CA LEU I 14 34.92 -2.23 -37.04
C LEU I 14 34.09 -3.46 -36.70
N THR I 15 34.75 -4.51 -36.21
CA THR I 15 34.02 -5.71 -35.80
C THR I 15 33.08 -5.42 -34.64
N ALA I 16 33.55 -4.62 -33.67
CA ALA I 16 32.69 -4.25 -32.55
C ALA I 16 31.42 -3.58 -33.03
N GLN I 17 31.56 -2.55 -33.86
CA GLN I 17 30.38 -1.84 -34.37
C GLN I 17 29.49 -2.75 -35.20
N ARG I 18 30.10 -3.64 -35.98
CA ARG I 18 29.31 -4.64 -36.69
C ARG I 18 28.58 -5.57 -35.74
N LYS I 19 29.05 -5.68 -34.49
CA LYS I 19 28.41 -6.55 -33.51
C LYS I 19 27.28 -5.87 -32.76
N TYR I 20 27.58 -4.79 -32.02
CA TYR I 20 26.59 -4.22 -31.10
C TYR I 20 25.74 -3.13 -31.74
N LEU I 21 25.64 -3.09 -33.06
CA LEU I 21 24.80 -2.11 -33.75
C LEU I 21 23.96 -2.83 -34.79
N ALA I 22 22.65 -2.90 -34.55
CA ALA I 22 21.75 -3.56 -35.50
C ALA I 22 21.62 -2.75 -36.78
N GLU I 23 21.64 -1.42 -36.69
CA GLU I 23 21.53 -0.59 -37.87
C GLU I 23 22.72 -0.79 -38.81
N VAL I 24 23.89 -1.12 -38.27
CA VAL I 24 25.02 -1.47 -39.13
C VAL I 24 24.72 -2.74 -39.91
N GLN I 25 24.10 -3.72 -39.25
CA GLN I 25 23.70 -4.94 -39.96
C GLN I 25 22.66 -4.62 -41.03
N ALA I 26 21.74 -3.72 -40.73
CA ALA I 26 20.75 -3.31 -41.73
C ALA I 26 21.44 -2.65 -42.93
N LEU I 27 22.44 -1.80 -42.67
CA LEU I 27 23.19 -1.19 -43.75
C LEU I 27 23.90 -2.25 -44.59
N GLU I 28 24.51 -3.23 -43.93
CA GLU I 28 25.21 -4.30 -44.65
C GLU I 28 24.25 -5.08 -45.54
N THR I 29 23.07 -5.41 -45.00
CA THR I 29 22.07 -6.14 -45.78
C THR I 29 21.57 -5.30 -46.95
N LEU I 30 21.35 -4.00 -46.72
CA LEU I 30 20.89 -3.13 -47.79
C LEU I 30 21.92 -3.02 -48.90
N LEU I 31 23.20 -2.91 -48.54
CA LEU I 31 24.25 -2.86 -49.54
C LEU I 31 24.35 -4.17 -50.30
N THR I 32 24.28 -5.30 -49.60
CA THR I 32 24.49 -6.59 -50.25
C THR I 32 23.33 -7.00 -51.13
N ARG I 33 22.09 -6.67 -50.73
CA ARG I 33 20.90 -7.10 -51.47
C ARG I 33 20.41 -6.04 -52.44
N GLU I 34 20.03 -4.86 -51.94
CA GLU I 34 19.43 -3.85 -52.79
C GLU I 34 20.46 -3.17 -53.70
N LEU I 35 21.63 -2.84 -53.15
CA LEU I 35 22.62 -2.10 -53.92
C LEU I 35 23.54 -2.99 -54.75
N SER I 36 23.38 -4.31 -54.67
CA SER I 36 24.16 -5.19 -55.53
C SER I 36 23.84 -4.96 -57.00
N VAL I 37 22.56 -4.79 -57.33
CA VAL I 37 22.18 -4.52 -58.71
C VAL I 37 22.63 -3.14 -59.16
N PHE I 38 22.90 -2.23 -58.22
CA PHE I 38 23.38 -0.89 -58.56
C PHE I 38 24.91 -0.83 -58.58
N LEU I 39 25.52 -1.75 -59.31
CA LEU I 39 26.98 -1.80 -59.41
C LEU I 39 27.47 -0.80 -60.45
N THR I 40 28.64 -0.23 -60.18
CA THR I 40 29.24 0.75 -61.07
C THR I 40 30.72 0.41 -61.24
N GLU I 41 31.24 0.64 -62.43
CA GLU I 41 32.65 0.36 -62.69
C GLU I 41 33.54 1.28 -61.86
N PRO I 42 34.65 0.79 -61.35
CA PRO I 42 35.54 1.65 -60.54
C PRO I 42 36.08 2.85 -61.29
N GLY I 43 36.33 2.72 -62.60
CA GLY I 43 36.87 3.81 -63.38
C GLY I 43 35.82 4.73 -63.96
N SER I 44 34.58 4.26 -64.01
CA SER I 44 33.49 5.06 -64.57
C SER I 44 33.10 6.17 -63.60
N LYS I 45 32.77 7.34 -64.16
CA LYS I 45 32.38 8.50 -63.38
C LYS I 45 30.88 8.59 -63.15
N LYS I 46 30.10 7.64 -63.67
CA LYS I 46 28.66 7.66 -63.46
C LYS I 46 28.28 7.44 -62.00
N THR I 47 29.19 6.90 -61.20
CA THR I 47 28.91 6.65 -59.79
C THR I 47 28.77 7.96 -59.02
N ASN I 48 28.02 7.90 -57.92
CA ASN I 48 27.85 9.04 -57.03
C ASN I 48 28.36 8.80 -55.63
N ILE I 49 28.44 7.55 -55.17
CA ILE I 49 28.88 7.24 -53.82
C ILE I 49 29.99 6.19 -53.89
N ILE I 50 31.10 6.46 -53.20
CA ILE I 50 32.23 5.53 -53.13
C ILE I 50 32.59 5.33 -51.67
N ASN I 51 32.58 4.08 -51.22
CA ASN I 51 32.89 3.76 -49.83
C ASN I 51 34.41 3.60 -49.71
N ARG I 52 35.04 4.52 -48.98
CA ARG I 52 36.49 4.47 -48.82
C ARG I 52 36.95 3.20 -48.13
N ILE I 53 36.07 2.53 -47.39
CA ILE I 53 36.41 1.25 -46.78
C ILE I 53 36.70 0.21 -47.86
N THR I 54 35.84 0.17 -48.89
CA THR I 54 35.94 -0.86 -49.91
C THR I 54 36.05 -0.32 -51.34
N GLY I 55 35.97 0.99 -51.53
CA GLY I 55 36.08 1.55 -52.87
C GLY I 55 35.01 1.08 -53.83
N LYS I 56 33.78 0.94 -53.36
CA LYS I 56 32.68 0.45 -54.17
C LYS I 56 31.97 1.65 -54.81
N THR I 57 32.07 1.74 -56.14
CA THR I 57 31.40 2.80 -56.88
C THR I 57 29.92 2.48 -57.01
N TYR I 58 29.07 3.47 -56.72
CA TYR I 58 27.63 3.31 -56.77
C TYR I 58 26.99 4.53 -57.41
N ALA I 59 25.95 4.28 -58.20
CA ALA I 59 25.23 5.31 -58.93
C ALA I 59 23.76 5.27 -58.57
N LEU I 60 23.47 5.26 -57.27
CA LEU I 60 22.13 5.00 -56.77
C LEU I 60 21.14 6.03 -57.30
N PRO I 61 19.95 5.61 -57.74
CA PRO I 61 18.91 6.57 -58.12
C PRO I 61 18.37 7.34 -56.93
N SER I 62 17.36 8.19 -57.17
CA SER I 62 16.86 9.08 -56.13
C SER I 62 16.30 8.31 -54.94
N THR I 63 15.58 7.22 -55.20
CA THR I 63 15.01 6.43 -54.10
C THR I 63 16.09 5.78 -53.26
N GLU I 64 17.03 5.10 -53.91
CA GLU I 64 18.15 4.52 -53.18
C GLU I 64 18.99 5.59 -52.51
N LEU I 65 19.14 6.75 -53.16
CA LEU I 65 19.89 7.84 -52.56
C LEU I 65 19.22 8.29 -51.26
N LEU I 66 17.90 8.51 -51.28
CA LEU I 66 17.21 8.96 -50.07
C LEU I 66 17.27 7.91 -48.97
N ARG I 67 17.11 6.64 -49.34
CA ARG I 67 17.13 5.58 -48.33
C ARG I 67 18.50 5.46 -47.68
N LEU I 68 19.57 5.50 -48.48
CA LEU I 68 20.92 5.46 -47.92
C LEU I 68 21.22 6.72 -47.10
N TYR I 69 20.74 7.89 -47.55
CA TYR I 69 20.93 9.10 -46.77
C TYR I 69 20.29 8.98 -45.40
N GLU I 70 19.05 8.47 -45.34
CA GLU I 70 18.37 8.28 -44.06
C GLU I 70 19.14 7.30 -43.19
N HIS I 71 19.55 6.16 -43.75
CA HIS I 71 20.20 5.14 -42.94
C HIS I 71 21.55 5.63 -42.42
N LEU I 72 22.29 6.35 -43.26
CA LEU I 72 23.53 6.97 -42.81
C LEU I 72 23.27 8.01 -41.74
N GLU I 73 22.15 8.73 -41.84
CA GLU I 73 21.79 9.67 -40.79
C GLU I 73 21.61 8.96 -39.45
N GLN I 74 20.91 7.83 -39.46
CA GLN I 74 20.81 7.08 -38.19
C GLN I 74 22.18 6.63 -37.71
N CYS I 75 22.91 5.88 -38.55
CA CYS I 75 24.16 5.30 -38.08
C CYS I 75 25.15 6.37 -37.64
N ARG I 76 24.99 7.62 -38.13
CA ARG I 76 25.73 8.73 -37.58
C ARG I 76 25.16 9.18 -36.24
N LYS I 77 23.83 9.18 -36.09
CA LYS I 77 23.26 9.77 -34.88
C LYS I 77 23.47 8.89 -33.65
N GLN I 78 23.68 7.57 -33.79
CA GLN I 78 24.14 6.90 -32.57
C GLN I 78 25.61 7.20 -32.30
N GLY I 79 26.40 7.45 -33.35
CA GLY I 79 27.80 7.72 -33.18
C GLY I 79 28.72 6.61 -33.70
N ALA I 80 28.34 5.97 -34.80
CA ALA I 80 29.19 4.95 -35.42
C ALA I 80 30.20 5.63 -36.33
N LEU I 81 30.91 4.82 -37.13
CA LEU I 81 31.94 5.31 -38.04
C LEU I 81 31.62 4.86 -39.46
N MET I 82 31.85 5.75 -40.42
CA MET I 82 31.51 5.48 -41.81
C MET I 82 32.46 6.24 -42.72
N TYR I 83 32.83 5.61 -43.84
CA TYR I 83 33.84 6.14 -44.75
C TYR I 83 33.31 6.30 -46.17
N PHE I 84 32.12 6.87 -46.32
CA PHE I 84 31.50 7.04 -47.64
C PHE I 84 31.76 8.45 -48.16
N LEU I 85 31.92 8.55 -49.48
CA LEU I 85 32.32 9.78 -50.14
C LEU I 85 31.41 10.01 -51.34
N GLU I 86 31.23 11.28 -51.69
CA GLU I 86 30.44 11.66 -52.86
C GLU I 86 31.28 12.53 -53.77
N ARG I 87 31.03 12.43 -55.07
CA ARG I 87 31.76 13.16 -56.08
C ARG I 87 30.84 14.16 -56.77
N GLN I 88 31.35 15.37 -56.99
CA GLN I 88 30.57 16.39 -57.66
C GLN I 88 30.37 16.04 -59.13
N GLY I 89 29.14 16.22 -59.61
CA GLY I 89 28.79 15.94 -60.99
C GLY I 89 28.77 17.19 -61.84
N THR I 90 27.96 17.14 -62.90
CA THR I 90 27.79 18.31 -63.76
C THR I 90 27.06 19.44 -63.05
N TYR I 91 26.27 19.12 -62.02
CA TYR I 91 25.64 20.12 -61.17
C TYR I 91 25.85 19.73 -59.73
N SER I 92 26.24 20.70 -58.90
CA SER I 92 26.50 20.43 -57.50
C SER I 92 26.48 21.74 -56.73
N GLY I 93 26.42 21.63 -55.41
CA GLY I 93 26.49 22.78 -54.53
C GLY I 93 27.91 23.30 -54.40
N LEU I 94 28.20 23.88 -53.24
CA LEU I 94 29.52 24.43 -52.94
C LEU I 94 30.16 23.62 -51.82
N MET I 95 31.34 23.07 -52.09
CA MET I 95 32.13 22.37 -51.09
C MET I 95 33.50 23.02 -51.04
N LEU I 96 33.98 23.29 -49.83
CA LEU I 96 35.19 24.07 -49.63
C LEU I 96 36.08 23.38 -48.60
N ASP I 97 37.38 23.64 -48.72
CA ASP I 97 38.37 23.12 -47.78
C ASP I 97 39.26 24.25 -47.30
N TYR I 98 39.42 24.35 -45.99
CA TYR I 98 40.36 25.27 -45.36
C TYR I 98 41.37 24.46 -44.55
N ASP I 99 42.56 24.25 -45.11
CA ASP I 99 43.66 23.60 -44.40
C ASP I 99 44.32 24.63 -43.49
N LEU I 100 43.58 25.01 -42.44
CA LEU I 100 44.01 26.07 -41.55
C LEU I 100 45.15 25.61 -40.65
N LYS I 101 46.38 25.74 -41.14
CA LYS I 101 47.57 25.33 -40.39
C LYS I 101 48.01 26.49 -39.51
N LEU I 102 47.33 26.63 -38.37
CA LEU I 102 47.63 27.73 -37.46
C LEU I 102 48.96 27.50 -36.76
N ASN I 103 49.48 28.57 -36.16
CA ASN I 103 50.74 28.49 -35.43
C ASN I 103 50.62 27.56 -34.24
N THR I 104 49.52 27.64 -33.50
CA THR I 104 49.28 26.80 -32.33
C THR I 104 47.97 26.05 -32.51
N ASN I 105 47.92 24.82 -32.00
CA ASN I 105 46.70 24.02 -32.07
C ASN I 105 45.76 24.37 -30.92
N ALA I 106 45.46 25.65 -30.76
CA ALA I 106 44.55 26.14 -29.73
C ALA I 106 43.36 26.81 -30.39
N VAL I 107 42.16 26.47 -29.92
CA VAL I 107 40.93 26.94 -30.54
C VAL I 107 40.66 28.40 -30.16
N PRO I 108 40.52 29.29 -31.14
CA PRO I 108 40.04 30.64 -30.84
C PRO I 108 38.52 30.66 -30.83
N PRO I 109 37.92 31.46 -29.96
CA PRO I 109 36.45 31.49 -29.90
C PRO I 109 35.84 32.18 -31.11
N LEU I 110 35.75 31.45 -32.22
CA LEU I 110 35.13 32.01 -33.42
C LEU I 110 33.68 32.40 -33.14
N GLU I 111 33.28 33.54 -33.69
CA GLU I 111 31.99 34.10 -33.31
C GLU I 111 30.98 33.96 -34.46
N PRO I 112 29.70 33.77 -34.12
CA PRO I 112 28.66 33.75 -35.15
C PRO I 112 28.61 35.03 -35.96
N PRO I 113 28.86 36.21 -35.36
CA PRO I 113 29.00 37.41 -36.21
C PRO I 113 30.14 37.30 -37.21
N ALA I 114 31.27 36.69 -36.82
CA ALA I 114 32.36 36.50 -37.76
C ALA I 114 31.96 35.56 -38.89
N LEU I 115 31.22 34.49 -38.57
CA LEU I 115 30.73 33.59 -39.59
C LEU I 115 29.74 34.27 -40.51
N SER I 116 28.91 35.17 -39.97
CA SER I 116 27.99 35.94 -40.80
C SER I 116 28.76 36.90 -41.71
N ARG I 117 29.84 37.48 -41.22
CA ARG I 117 30.69 38.31 -42.08
C ARG I 117 31.31 37.49 -43.20
N LEU I 118 31.73 36.26 -42.88
CA LEU I 118 32.23 35.35 -43.93
C LEU I 118 31.14 35.02 -44.93
N CYS I 119 29.90 34.84 -44.45
CA CYS I 119 28.77 34.61 -45.35
C CYS I 119 28.55 35.80 -46.27
N HIS I 120 28.65 37.02 -45.73
CA HIS I 120 28.54 38.21 -46.55
C HIS I 120 29.67 38.26 -47.59
N ARG I 121 30.89 37.90 -47.19
CA ARG I 121 32.01 37.92 -48.11
C ARG I 121 31.80 36.94 -49.26
N ILE I 122 31.37 35.72 -48.95
CA ILE I 122 31.16 34.73 -50.00
C ILE I 122 29.95 35.13 -50.85
N PHE I 123 28.94 35.77 -50.26
CA PHE I 123 27.82 36.28 -51.04
C PHE I 123 28.30 37.31 -52.06
N VAL I 124 29.17 38.23 -51.62
CA VAL I 124 29.76 39.20 -52.55
C VAL I 124 30.56 38.48 -53.63
N HIS I 125 31.34 37.47 -53.24
CA HIS I 125 32.14 36.71 -54.20
C HIS I 125 31.29 35.93 -55.19
N ILE I 126 30.03 35.63 -54.86
CA ILE I 126 29.19 34.87 -55.78
C ILE I 126 28.18 35.72 -56.56
N LYS I 127 27.92 36.96 -56.13
CA LYS I 127 26.99 37.80 -56.89
C LYS I 127 27.54 38.18 -58.25
N ASN I 128 28.87 38.22 -58.40
CA ASN I 128 29.44 38.52 -59.72
C ASN I 128 29.54 37.23 -60.53
N SER I 129 28.44 36.51 -60.63
CA SER I 129 28.36 35.24 -61.37
C SER I 129 26.90 35.01 -61.75
N SER I 130 26.60 33.79 -62.18
CA SER I 130 25.23 33.42 -62.51
C SER I 130 24.45 33.16 -61.22
N VAL I 131 23.39 33.94 -61.01
CA VAL I 131 22.56 33.84 -59.81
C VAL I 131 21.10 33.85 -60.24
N LEU I 132 20.24 33.39 -59.33
CA LEU I 132 18.80 33.35 -59.57
C LEU I 132 18.11 34.53 -58.90
N ILE I 139 19.17 30.67 -48.82
CA ILE I 139 20.28 29.73 -48.90
C ILE I 139 20.73 29.33 -47.50
N HIS I 140 20.97 28.04 -47.31
CA HIS I 140 21.44 27.52 -46.04
C HIS I 140 22.95 27.43 -46.03
N PHE I 141 23.55 27.81 -44.91
CA PHE I 141 24.99 27.83 -44.74
C PHE I 141 25.36 26.97 -43.54
N PHE I 142 26.13 25.92 -43.78
CA PHE I 142 26.53 24.99 -42.73
C PHE I 142 28.04 24.98 -42.60
N PHE I 143 28.52 25.19 -41.38
CA PHE I 143 29.95 25.23 -41.09
C PHE I 143 30.29 24.00 -40.25
N THR I 144 31.16 23.13 -40.78
CA THR I 144 31.62 21.96 -40.05
C THR I 144 33.14 21.95 -40.01
N LEU I 145 33.68 21.35 -38.95
CA LEU I 145 35.11 21.44 -38.68
C LEU I 145 35.56 20.19 -37.93
N LYS I 146 36.87 20.02 -37.86
CA LYS I 146 37.46 18.86 -37.19
C LYS I 146 37.28 18.96 -35.68
N PRO I 147 37.40 17.83 -34.97
CA PRO I 147 37.35 17.88 -33.50
C PRO I 147 38.60 18.50 -32.88
N GLU I 148 39.46 19.07 -33.72
CA GLU I 148 40.64 19.82 -33.30
C GLU I 148 41.63 18.95 -32.53
N VAL I 149 42.50 19.59 -31.77
CA VAL I 149 43.55 18.94 -30.98
C VAL I 149 44.38 18.08 -31.94
N VAL I 150 45.11 18.74 -32.84
CA VAL I 150 45.96 18.07 -33.82
C VAL I 150 46.93 19.10 -34.36
N GLN I 151 48.09 18.63 -34.83
CA GLN I 151 49.13 19.53 -35.30
C GLN I 151 48.63 20.40 -36.45
N GLY I 152 49.06 21.65 -36.45
CA GLY I 152 48.61 22.60 -37.46
C GLY I 152 47.12 22.87 -37.42
N LYS I 153 46.53 22.87 -36.22
CA LYS I 153 45.10 23.15 -36.02
C LYS I 153 44.24 22.21 -36.86
N TYR I 154 42.98 22.59 -37.09
CA TYR I 154 41.98 21.73 -37.71
C TYR I 154 41.75 22.13 -39.15
N GLY I 155 40.81 21.43 -39.79
CA GLY I 155 40.36 21.78 -41.12
C GLY I 155 38.88 22.10 -41.10
N PHE I 156 38.49 23.04 -41.97
CA PHE I 156 37.14 23.56 -42.01
C PHE I 156 36.53 23.33 -43.39
N HIS I 157 35.24 22.97 -43.43
CA HIS I 157 34.52 22.80 -44.69
C HIS I 157 33.14 23.44 -44.56
N VAL I 158 32.94 24.55 -45.25
CA VAL I 158 31.60 25.11 -45.43
C VAL I 158 30.90 24.34 -46.54
N LEU I 159 29.63 24.00 -46.32
CA LEU I 159 28.87 23.23 -47.30
C LEU I 159 27.64 24.01 -47.72
N ILE I 160 27.53 24.29 -49.01
CA ILE I 160 26.42 25.05 -49.57
C ILE I 160 25.80 24.24 -50.70
N PRO I 161 24.94 23.27 -50.41
CA PRO I 161 24.33 22.45 -51.46
C PRO I 161 23.09 23.04 -52.09
N GLY I 162 22.78 24.31 -51.83
CA GLY I 162 21.55 24.89 -52.36
C GLY I 162 21.54 25.02 -53.86
N LEU I 163 22.64 25.49 -54.45
CA LEU I 163 22.67 25.78 -55.87
C LEU I 163 23.20 24.59 -56.66
N LYS I 164 23.20 24.72 -57.99
CA LYS I 164 23.75 23.71 -58.89
C LYS I 164 24.45 24.45 -60.02
N LEU I 165 25.74 24.72 -59.85
CA LEU I 165 26.54 25.43 -60.84
C LEU I 165 27.92 24.82 -60.97
N ALA I 166 27.99 23.49 -61.02
CA ALA I 166 29.27 22.78 -61.12
C ALA I 166 29.86 22.99 -62.51
N ALA I 167 30.86 23.84 -62.59
CA ALA I 167 31.53 24.17 -63.86
C ALA I 167 32.83 24.89 -63.51
N SER I 168 33.47 25.46 -64.53
CA SER I 168 34.68 26.26 -64.31
C SER I 168 34.40 27.53 -63.51
N THR I 169 33.14 27.92 -63.38
CA THR I 169 32.81 29.04 -62.50
C THR I 169 33.24 28.77 -61.06
N LYS I 170 33.18 27.51 -60.63
CA LYS I 170 33.69 27.16 -59.31
C LYS I 170 35.18 27.40 -59.22
N LYS I 171 35.93 27.07 -60.28
CA LYS I 171 37.36 27.38 -60.30
C LYS I 171 37.59 28.88 -60.27
N SER I 172 36.76 29.65 -60.97
CA SER I 172 36.88 31.10 -60.93
C SER I 172 36.64 31.64 -59.53
N ILE I 173 35.64 31.12 -58.83
CA ILE I 173 35.37 31.56 -57.46
C ILE I 173 36.52 31.16 -56.55
N ILE I 174 37.09 29.97 -56.75
CA ILE I 174 38.23 29.55 -55.95
C ILE I 174 39.40 30.49 -56.16
N GLY I 175 39.67 30.87 -57.41
CA GLY I 175 40.73 31.82 -57.68
C GLY I 175 40.45 33.18 -57.06
N SER I 176 39.20 33.63 -57.12
CA SER I 176 38.84 34.92 -56.52
C SER I 176 39.06 34.91 -55.02
N LEU I 177 38.67 33.82 -54.35
CA LEU I 177 38.92 33.70 -52.92
C LEU I 177 40.40 33.49 -52.61
N GLN I 178 41.19 33.01 -53.58
CA GLN I 178 42.60 32.77 -53.35
C GLN I 178 43.35 34.07 -53.04
N HIS I 179 43.04 35.14 -53.78
CA HIS I 179 43.67 36.43 -53.53
C HIS I 179 42.81 37.33 -52.65
N ASP I 180 41.70 36.83 -52.13
CA ASP I 180 40.85 37.61 -51.23
C ASP I 180 41.61 37.93 -49.95
N ALA I 181 41.63 39.20 -49.56
CA ALA I 181 42.35 39.64 -48.38
C ALA I 181 41.46 39.80 -47.16
N THR I 182 40.15 40.00 -47.34
CA THR I 182 39.26 40.13 -46.19
C THR I 182 39.19 38.84 -45.39
N VAL I 183 39.12 37.69 -46.07
CA VAL I 183 39.09 36.42 -45.37
C VAL I 183 40.42 36.18 -44.66
N GLN I 184 41.53 36.57 -45.28
CA GLN I 184 42.83 36.44 -44.62
C GLN I 184 42.89 37.31 -43.37
N LYS I 185 42.36 38.53 -43.44
CA LYS I 185 42.32 39.40 -42.27
C LYS I 185 41.46 38.80 -41.17
N ILE I 186 40.33 38.19 -41.53
CA ILE I 186 39.49 37.53 -40.55
C ILE I 186 40.25 36.38 -39.89
N LEU I 187 40.95 35.58 -40.70
CA LEU I 187 41.74 34.49 -40.15
C LEU I 187 42.83 35.00 -39.21
N HIS I 188 43.49 36.10 -39.56
CA HIS I 188 44.48 36.69 -38.67
C HIS I 188 43.83 37.19 -37.38
N GLU I 189 42.61 37.72 -37.46
CA GLU I 189 41.86 38.02 -36.24
C GLU I 189 41.61 36.77 -35.42
N GLN I 190 41.42 35.62 -36.07
CA GLN I 190 41.33 34.34 -35.39
C GLN I 190 42.70 33.72 -35.11
N GLY I 191 43.77 34.49 -35.26
CA GLY I 191 45.10 34.00 -34.97
C GLY I 191 45.61 32.90 -35.88
N VAL I 192 45.39 33.04 -37.18
CA VAL I 192 45.86 32.06 -38.17
C VAL I 192 47.17 32.57 -38.76
N THR I 193 48.22 31.77 -38.63
CA THR I 193 49.52 32.10 -39.22
C THR I 193 49.62 31.71 -40.68
N ASN I 194 48.60 31.06 -41.24
CA ASN I 194 48.62 30.57 -42.61
C ASN I 194 47.40 31.12 -43.34
N PRO I 195 47.41 32.41 -43.68
CA PRO I 195 46.25 33.00 -44.37
C PRO I 195 45.94 32.35 -45.70
N GLU I 196 46.95 31.89 -46.44
CA GLU I 196 46.77 31.26 -47.72
C GLU I 196 47.19 29.80 -47.65
N SER I 197 47.02 29.10 -48.77
CA SER I 197 47.28 27.66 -48.95
C SER I 197 46.31 26.80 -48.16
N CYS I 198 45.43 27.39 -47.35
CA CYS I 198 44.39 26.59 -46.69
C CYS I 198 43.31 26.19 -47.68
N LEU I 199 42.96 27.08 -48.60
CA LEU I 199 41.98 26.80 -49.64
C LEU I 199 42.74 26.24 -50.85
N ASP I 200 42.66 24.93 -51.03
CA ASP I 200 43.37 24.30 -52.14
C ASP I 200 42.70 24.68 -53.46
N PRO I 201 43.48 24.94 -54.50
CA PRO I 201 42.88 25.29 -55.80
C PRO I 201 42.05 24.18 -56.41
N HIS I 202 42.26 22.93 -56.01
CA HIS I 202 41.53 21.78 -56.53
C HIS I 202 40.42 21.35 -55.57
N SER I 203 39.78 22.30 -54.90
CA SER I 203 38.73 21.98 -53.94
C SER I 203 37.55 21.32 -54.62
N ALA I 204 37.09 21.88 -55.74
CA ALA I 204 35.89 21.42 -56.41
C ALA I 204 36.14 20.35 -57.45
N SER I 205 37.40 19.95 -57.65
CA SER I 205 37.74 18.93 -58.63
C SER I 205 37.98 17.57 -58.00
N VAL I 206 37.65 17.41 -56.72
CA VAL I 206 37.87 16.14 -56.01
C VAL I 206 36.57 15.73 -55.32
N PRO I 207 36.33 14.44 -55.12
CA PRO I 207 35.12 14.02 -54.40
C PRO I 207 35.14 14.50 -52.96
N SER I 208 33.96 14.76 -52.43
CA SER I 208 33.80 15.26 -51.07
C SER I 208 33.41 14.13 -50.13
N LEU I 209 33.16 14.49 -48.87
CA LEU I 209 32.76 13.53 -47.85
C LEU I 209 31.42 13.94 -47.25
N LEU I 210 30.56 12.95 -47.01
CA LEU I 210 29.29 13.23 -46.37
C LEU I 210 29.51 13.57 -44.90
N TYR I 211 28.47 14.08 -44.26
CA TYR I 211 28.57 14.41 -42.83
C TYR I 211 28.85 13.14 -42.04
N GLY I 212 29.82 13.22 -41.14
CA GLY I 212 30.24 12.07 -40.37
C GLY I 212 31.23 11.16 -41.06
N SER I 213 31.71 11.53 -42.25
CA SER I 213 32.68 10.72 -42.99
C SER I 213 34.07 11.15 -42.56
N SER I 214 34.66 10.39 -41.64
CA SER I 214 36.00 10.68 -41.17
C SER I 214 37.04 10.33 -42.22
N LYS I 215 38.25 10.83 -42.02
CA LYS I 215 39.40 10.41 -42.81
C LYS I 215 40.02 9.17 -42.18
N LEU I 216 40.85 8.49 -42.96
CA LEU I 216 41.49 7.27 -42.48
C LEU I 216 42.36 7.57 -41.27
N ASN I 217 42.13 6.82 -40.19
CA ASN I 217 42.79 7.04 -38.91
C ASN I 217 42.59 8.48 -38.43
N HIS I 218 41.37 8.99 -38.60
CA HIS I 218 41.03 10.34 -38.18
C HIS I 218 39.61 10.35 -37.65
N LYS I 219 39.09 11.55 -37.37
CA LYS I 219 37.79 11.71 -36.75
C LYS I 219 36.84 12.47 -37.66
N PRO I 220 35.56 12.15 -37.62
CA PRO I 220 34.60 12.81 -38.50
C PRO I 220 34.37 14.26 -38.11
N TYR I 221 33.96 15.04 -39.11
CA TYR I 221 33.64 16.45 -38.88
C TYR I 221 32.36 16.59 -38.06
N GLN I 222 32.29 17.67 -37.29
CA GLN I 222 31.09 18.01 -36.54
C GLN I 222 30.63 19.41 -36.93
N LEU I 223 29.32 19.59 -37.04
CA LEU I 223 28.77 20.89 -37.40
C LEU I 223 29.06 21.91 -36.31
N LYS I 224 29.25 23.16 -36.73
CA LYS I 224 29.48 24.25 -35.80
C LYS I 224 28.30 25.21 -35.76
N THR I 225 27.90 25.78 -36.89
CA THR I 225 26.76 26.68 -36.95
C THR I 225 26.03 26.50 -38.29
N GLY I 226 24.75 26.86 -38.27
CA GLY I 226 23.92 26.89 -39.46
C GLY I 226 23.12 28.17 -39.56
N PHE I 227 23.29 28.89 -40.66
CA PHE I 227 22.64 30.18 -40.86
C PHE I 227 21.85 30.17 -42.16
N GLU I 228 20.60 30.63 -42.09
CA GLU I 228 19.75 30.71 -43.27
C GLU I 228 19.77 32.13 -43.81
N LEU I 229 20.08 32.26 -45.10
CA LEU I 229 20.16 33.56 -45.76
C LEU I 229 19.48 33.44 -47.12
N VAL I 230 18.30 34.06 -47.25
CA VAL I 230 17.56 34.02 -48.51
C VAL I 230 18.22 34.98 -49.49
N PHE I 231 17.86 34.85 -50.77
CA PHE I 231 18.41 35.68 -51.82
C PHE I 231 17.29 36.21 -52.71
N ASP I 232 17.54 37.36 -53.33
CA ASP I 232 16.58 37.97 -54.25
C ASP I 232 17.32 38.43 -55.50
N SER I 233 16.77 38.10 -56.68
CA SER I 233 17.41 38.49 -57.93
C SER I 233 17.34 39.99 -58.15
N SER I 234 16.23 40.63 -57.75
CA SER I 234 16.06 42.06 -58.01
C SER I 234 17.09 42.89 -57.28
N ASP I 235 17.23 42.68 -55.96
CA ASP I 235 18.17 43.43 -55.15
C ASP I 235 18.55 42.57 -53.94
N PRO I 236 19.70 41.91 -53.98
CA PRO I 236 20.12 41.07 -52.85
C PRO I 236 20.81 41.88 -51.74
N ASP I 237 20.64 43.20 -51.76
CA ASP I 237 21.30 44.05 -50.77
C ASP I 237 20.89 43.66 -49.35
N TYR I 238 19.59 43.46 -49.13
CA TYR I 238 19.13 42.96 -47.84
C TYR I 238 19.64 41.54 -47.64
N ILE I 239 20.21 41.28 -46.47
CA ILE I 239 20.79 39.97 -46.20
C ILE I 239 20.38 39.47 -44.82
N PRO I 240 19.29 38.71 -44.72
CA PRO I 240 18.94 38.07 -43.45
C PRO I 240 19.68 36.74 -43.22
N ILE I 241 20.87 36.79 -42.61
CA ILE I 241 21.68 35.61 -42.40
C ILE I 241 21.20 34.92 -41.11
N HIS I 242 20.03 35.36 -40.62
CA HIS I 242 19.47 34.92 -39.35
C HIS I 242 19.65 33.42 -39.12
N GLN I 243 20.08 33.08 -37.90
CA GLN I 243 20.52 31.72 -37.60
C GLN I 243 19.37 30.73 -37.63
N ILE I 244 19.65 29.52 -38.13
CA ILE I 244 18.67 28.44 -38.17
C ILE I 244 18.50 27.86 -36.77
N LYS I 245 17.28 27.45 -36.45
CA LYS I 245 16.96 26.86 -35.16
C LYS I 245 16.57 25.39 -35.34
N ASN I 246 17.05 24.55 -34.42
CA ASN I 246 16.67 23.14 -34.35
C ASN I 246 17.01 22.41 -35.65
N LEU I 247 18.31 22.34 -35.95
CA LEU I 247 18.77 21.58 -37.11
C LEU I 247 18.62 20.07 -36.92
N GLU I 248 18.54 19.61 -35.67
CA GLU I 248 18.48 18.17 -35.40
C GLU I 248 17.20 17.53 -35.94
N SER I 249 16.15 18.32 -36.16
CA SER I 249 14.89 17.78 -36.66
C SER I 249 14.98 17.30 -38.10
N TYR I 250 16.05 17.61 -38.80
CA TYR I 250 16.22 17.25 -40.20
C TYR I 250 17.24 16.14 -40.35
N ASN I 251 17.08 15.36 -41.42
CA ASN I 251 18.08 14.37 -41.80
C ASN I 251 19.28 15.07 -42.42
N LEU I 252 20.24 15.47 -41.58
CA LEU I 252 21.34 16.31 -42.03
C LEU I 252 22.13 15.65 -43.16
N VAL I 253 22.27 14.32 -43.14
CA VAL I 253 22.99 13.63 -44.21
C VAL I 253 22.27 13.81 -45.54
N SER I 254 20.94 13.67 -45.54
CA SER I 254 20.18 13.86 -46.77
C SER I 254 20.16 15.32 -47.21
N GLU I 255 19.94 16.24 -46.25
CA GLU I 255 19.86 17.66 -46.59
C GLU I 255 21.17 18.19 -47.14
N LEU I 256 22.30 17.77 -46.56
CA LEU I 256 23.59 18.29 -46.93
C LEU I 256 24.15 17.68 -48.22
N SER I 257 23.50 16.63 -48.75
CA SER I 257 24.00 15.98 -49.94
C SER I 257 23.88 16.90 -51.16
N LEU I 258 24.95 16.98 -51.95
CA LEU I 258 24.93 17.81 -53.15
C LEU I 258 23.95 17.26 -54.18
N THR I 259 23.91 15.94 -54.34
CA THR I 259 23.05 15.31 -55.33
C THR I 259 21.59 15.24 -54.90
N ASN I 260 21.28 15.59 -53.64
CA ASN I 260 19.92 15.51 -53.12
C ASN I 260 19.22 16.84 -53.42
N GLU I 261 18.33 16.82 -54.41
CA GLU I 261 17.53 17.99 -54.74
C GLU I 261 16.23 18.05 -53.95
N GLN I 262 15.71 16.90 -53.53
CA GLN I 262 14.44 16.80 -52.84
C GLN I 262 14.56 16.98 -51.33
N GLY I 263 15.64 17.63 -50.86
CA GLY I 263 15.80 17.85 -49.44
C GLY I 263 14.70 18.73 -48.87
N SER I 264 14.39 18.50 -47.60
CA SER I 264 13.34 19.28 -46.94
C SER I 264 13.84 20.64 -46.50
N LEU I 265 14.88 20.66 -45.65
CA LEU I 265 15.42 21.94 -45.17
C LEU I 265 16.05 22.74 -46.30
N VAL I 266 16.76 22.07 -47.20
CA VAL I 266 17.47 22.73 -48.28
C VAL I 266 16.61 22.69 -49.54
N ARG I 267 16.97 23.53 -50.51
CA ARG I 267 16.26 23.60 -51.78
C ARG I 267 17.26 23.57 -52.92
N PRO I 268 16.87 23.02 -54.08
CA PRO I 268 17.76 22.98 -55.26
C PRO I 268 17.71 24.26 -56.10
N VAL I 269 18.41 25.28 -55.62
CA VAL I 269 18.48 26.56 -56.32
C VAL I 269 19.20 26.42 -57.65
N SER I 289 47.48 -0.86 -58.96
CA SER I 289 46.27 -1.40 -58.34
C SER I 289 46.57 -1.95 -56.96
N LEU I 290 47.39 -1.22 -56.19
CA LEU I 290 47.73 -1.66 -54.85
C LEU I 290 46.53 -1.63 -53.91
N SER I 291 45.57 -0.73 -54.16
CA SER I 291 44.41 -0.64 -53.29
C SER I 291 43.55 -1.90 -53.37
N ILE I 292 43.36 -2.43 -54.57
CA ILE I 292 42.57 -3.65 -54.70
C ILE I 292 43.33 -4.85 -54.14
N LEU I 293 44.67 -4.81 -54.18
CA LEU I 293 45.45 -5.88 -53.57
C LEU I 293 45.32 -5.87 -52.05
N MET I 294 45.46 -4.69 -51.44
CA MET I 294 45.32 -4.61 -49.99
C MET I 294 43.89 -4.92 -49.55
N LEU I 295 42.91 -4.48 -50.35
CA LEU I 295 41.52 -4.82 -50.05
C LEU I 295 41.27 -6.32 -50.14
N HIS I 296 41.89 -6.99 -51.10
CA HIS I 296 41.72 -8.43 -51.28
C HIS I 296 42.59 -9.16 -50.27
N ASP I 297 41.95 -9.67 -49.21
CA ASP I 297 42.44 -10.50 -48.10
C ASP I 297 43.55 -9.83 -47.30
N PRO I 298 43.74 -10.22 -46.03
CA PRO I 298 44.75 -9.54 -45.21
C PRO I 298 46.17 -10.06 -45.42
N GLU I 299 46.35 -11.26 -45.96
CA GLU I 299 47.70 -11.77 -46.16
C GLU I 299 48.48 -10.90 -47.13
N ALA I 300 47.79 -10.27 -48.08
CA ALA I 300 48.47 -9.37 -49.02
C ALA I 300 49.14 -8.21 -48.28
N ARG I 301 48.39 -7.55 -47.39
CA ARG I 301 48.98 -6.43 -46.65
C ARG I 301 49.97 -6.92 -45.61
N TYR I 302 49.79 -8.14 -45.09
CA TYR I 302 50.79 -8.70 -44.17
C TYR I 302 52.13 -8.91 -44.89
N LEU I 303 52.08 -9.47 -46.10
CA LEU I 303 53.29 -9.59 -46.91
C LEU I 303 53.87 -8.23 -47.26
N HIS I 304 53.00 -7.27 -47.57
CA HIS I 304 53.43 -5.90 -47.78
C HIS I 304 54.25 -5.38 -46.60
N LYS I 305 53.72 -5.54 -45.39
CA LYS I 305 54.42 -5.07 -44.20
C LYS I 305 55.75 -5.80 -44.01
N ILE I 306 55.73 -7.13 -44.05
CA ILE I 306 56.96 -7.87 -43.77
C ILE I 306 58.01 -7.60 -44.85
N LEU I 307 57.59 -7.31 -46.07
CA LEU I 307 58.53 -6.91 -47.11
C LEU I 307 59.08 -5.52 -46.86
N ASN I 308 58.28 -4.62 -46.30
CA ASN I 308 58.79 -3.30 -45.93
C ASN I 308 59.69 -3.36 -44.70
N LEU I 309 59.62 -4.44 -43.91
CA LEU I 309 60.39 -4.49 -42.66
C LEU I 309 61.89 -4.53 -42.92
N LEU I 310 62.33 -5.43 -43.79
CA LEU I 310 63.77 -5.53 -44.03
C LEU I 310 64.24 -4.40 -44.95
N PRO I 311 65.49 -3.98 -44.83
CA PRO I 311 65.99 -2.89 -45.65
C PRO I 311 65.99 -3.29 -47.12
N PRO I 312 65.82 -2.32 -48.02
CA PRO I 312 65.79 -2.65 -49.45
C PRO I 312 67.17 -2.89 -50.04
N GLU I 313 68.18 -3.00 -49.19
CA GLU I 313 69.54 -3.29 -49.67
C GLU I 313 69.59 -4.64 -50.37
N TYR I 314 68.93 -5.64 -49.81
CA TYR I 314 68.89 -6.96 -50.45
C TYR I 314 68.13 -6.92 -51.77
N TYR I 315 67.18 -6.00 -51.89
CA TYR I 315 66.47 -5.80 -53.15
C TYR I 315 67.38 -5.21 -54.22
N VAL I 316 68.41 -4.47 -53.81
CA VAL I 316 69.24 -3.74 -54.77
C VAL I 316 69.95 -4.71 -55.72
N GLU I 317 70.61 -5.72 -55.16
CA GLU I 317 71.35 -6.66 -55.99
C GLU I 317 70.41 -7.61 -56.72
N TYR I 318 70.84 -8.03 -57.90
CA TYR I 318 70.05 -8.98 -58.69
C TYR I 318 69.83 -10.32 -58.00
N PRO I 319 70.85 -10.98 -57.39
CA PRO I 319 70.61 -12.33 -56.85
C PRO I 319 69.50 -12.42 -55.81
N LEU I 320 69.59 -11.64 -54.74
CA LEU I 320 68.61 -11.76 -53.66
C LEU I 320 67.23 -11.28 -54.10
N TRP I 321 67.17 -10.22 -54.91
CA TRP I 321 65.88 -9.75 -55.40
C TRP I 321 65.23 -10.80 -56.29
N SER I 322 66.02 -11.44 -57.16
CA SER I 322 65.48 -12.52 -57.98
C SER I 322 65.05 -13.70 -57.11
N ASN I 323 65.78 -13.96 -56.03
CA ASN I 323 65.41 -15.04 -55.11
C ASN I 323 64.04 -14.77 -54.49
N VAL I 324 63.82 -13.54 -54.00
CA VAL I 324 62.54 -13.23 -53.37
C VAL I 324 61.42 -13.20 -54.40
N VAL I 325 61.71 -12.75 -55.63
CA VAL I 325 60.70 -12.79 -56.69
C VAL I 325 60.30 -14.24 -56.99
N PHE I 326 61.30 -15.12 -57.10
CA PHE I 326 61.00 -16.54 -57.32
C PHE I 326 60.21 -17.12 -56.16
N ALA I 327 60.56 -16.73 -54.92
CA ALA I 327 59.87 -17.24 -53.75
C ALA I 327 58.40 -16.84 -53.75
N LEU I 328 58.11 -15.57 -54.07
CA LEU I 328 56.73 -15.13 -54.09
C LEU I 328 55.97 -15.70 -55.28
N ALA I 329 56.65 -15.91 -56.41
CA ALA I 329 56.00 -16.50 -57.57
C ALA I 329 55.68 -17.97 -57.33
N ASN I 330 56.48 -18.66 -56.52
CA ASN I 330 56.16 -20.04 -56.16
C ASN I 330 54.86 -20.10 -55.37
N THR I 331 54.65 -19.15 -54.47
CA THR I 331 53.43 -19.07 -53.67
C THR I 331 52.38 -18.32 -54.49
N SER I 332 51.60 -19.08 -55.27
CA SER I 332 50.52 -18.55 -56.09
C SER I 332 51.02 -17.56 -57.13
N ALA I 333 50.10 -17.00 -57.91
CA ALA I 333 50.45 -16.05 -58.97
C ALA I 333 49.77 -14.70 -58.82
N ASN I 334 48.93 -14.51 -57.80
CA ASN I 334 48.23 -13.25 -57.62
C ASN I 334 49.17 -12.11 -57.25
N TYR I 335 50.37 -12.42 -56.75
CA TYR I 335 51.30 -11.40 -56.28
C TYR I 335 52.19 -10.86 -57.40
N ARG I 336 51.83 -11.06 -58.66
CA ARG I 336 52.58 -10.43 -59.75
C ARG I 336 52.58 -8.91 -59.65
N PRO I 337 51.44 -8.23 -59.46
CA PRO I 337 51.52 -6.80 -59.17
C PRO I 337 52.26 -6.48 -57.87
N LEU I 338 52.10 -7.33 -56.85
CA LEU I 338 52.74 -7.08 -55.57
C LEU I 338 54.26 -6.99 -55.72
N ALA I 339 54.86 -8.01 -56.35
CA ALA I 339 56.28 -7.91 -56.70
C ALA I 339 56.53 -6.72 -57.60
N GLU I 340 55.63 -6.49 -58.56
CA GLU I 340 55.71 -5.30 -59.39
C GLU I 340 55.68 -4.04 -58.53
N TRP I 341 54.86 -4.06 -57.47
CA TRP I 341 54.88 -2.95 -56.53
C TRP I 341 56.24 -2.81 -55.88
N PHE I 342 56.85 -3.94 -55.49
CA PHE I 342 58.20 -3.90 -54.95
C PHE I 342 59.24 -3.58 -56.01
N SER I 343 58.87 -3.62 -57.29
CA SER I 343 59.82 -3.36 -58.35
C SER I 343 60.02 -1.86 -58.59
N GLN I 344 59.02 -1.03 -58.32
CA GLN I 344 59.14 0.41 -58.59
C GLN I 344 60.29 1.03 -57.82
N LYS I 345 60.63 0.48 -56.65
CA LYS I 345 61.78 0.99 -55.91
C LYS I 345 63.06 0.77 -56.72
N CYS I 346 63.99 1.71 -56.57
CA CYS I 346 65.21 1.77 -57.36
C CYS I 346 64.87 1.80 -58.85
N PRO I 347 64.25 2.89 -59.33
CA PRO I 347 63.92 2.95 -60.76
C PRO I 347 65.12 2.88 -61.68
N GLU I 348 66.28 3.38 -61.23
CA GLU I 348 67.49 3.26 -62.03
C GLU I 348 67.88 1.80 -62.23
N LYS I 349 67.52 0.93 -61.28
CA LYS I 349 67.68 -0.51 -61.44
C LYS I 349 66.42 -1.20 -61.92
N TRP I 350 65.25 -0.55 -61.79
CA TRP I 350 64.01 -1.14 -62.27
C TRP I 350 63.84 -0.92 -63.78
N ASN I 351 63.73 0.33 -64.19
CA ASN I 351 63.62 0.64 -65.61
C ASN I 351 64.95 0.37 -66.31
N THR I 352 64.87 -0.01 -67.58
CA THR I 352 66.04 -0.36 -68.40
C THR I 352 66.84 -1.49 -67.73
N GLY I 353 66.21 -2.65 -67.71
CA GLY I 353 66.70 -3.74 -66.89
C GLY I 353 65.62 -4.36 -66.03
N GLY I 354 65.71 -4.15 -64.72
CA GLY I 354 64.80 -4.74 -63.74
C GLY I 354 63.35 -4.88 -64.13
N LYS I 355 62.79 -3.89 -64.84
CA LYS I 355 61.37 -3.94 -65.19
C LYS I 355 61.06 -5.12 -66.10
N GLU I 356 61.79 -5.26 -67.21
CA GLU I 356 61.53 -6.35 -68.14
C GLU I 356 62.04 -7.69 -67.63
N LYS I 357 63.20 -7.70 -66.97
CA LYS I 357 63.69 -8.94 -66.39
C LYS I 357 62.79 -9.42 -65.25
N LEU I 358 62.00 -8.52 -64.64
CA LEU I 358 61.01 -8.94 -63.66
C LEU I 358 59.98 -9.86 -64.29
N GLU I 359 59.37 -9.44 -65.40
CA GLU I 359 58.39 -10.29 -66.06
C GLU I 359 59.05 -11.50 -66.69
N LYS I 360 60.30 -11.38 -67.13
CA LYS I 360 61.01 -12.56 -67.63
C LYS I 360 61.16 -13.61 -66.53
N LEU I 361 61.58 -13.18 -65.34
CA LEU I 361 61.73 -14.11 -64.23
C LEU I 361 60.38 -14.66 -63.78
N TRP I 362 59.33 -13.84 -63.85
CA TRP I 362 58.00 -14.34 -63.51
C TRP I 362 57.55 -15.41 -64.51
N ASN I 363 57.82 -15.20 -65.79
CA ASN I 363 57.49 -16.22 -66.79
C ASN I 363 58.28 -17.50 -66.54
N ASP I 364 59.57 -17.36 -66.17
CA ASP I 364 60.37 -18.53 -65.84
C ASP I 364 59.79 -19.27 -64.64
N ALA I 365 59.42 -18.53 -63.59
CA ALA I 365 58.92 -19.14 -62.37
C ALA I 365 57.52 -19.74 -62.53
N SER I 366 56.76 -19.26 -63.52
CA SER I 366 55.43 -19.83 -63.75
C SER I 366 55.52 -21.31 -64.09
N HIS I 367 56.62 -21.74 -64.71
CA HIS I 367 56.84 -23.15 -65.01
C HIS I 367 58.02 -23.73 -64.25
N HIS I 368 58.66 -22.97 -63.37
CA HIS I 368 59.80 -23.47 -62.61
C HIS I 368 59.37 -24.59 -61.67
N THR I 369 60.21 -25.62 -61.58
CA THR I 369 59.98 -26.73 -60.67
C THR I 369 61.24 -27.13 -59.91
N GLU I 370 62.35 -26.41 -60.08
CA GLU I 370 63.60 -26.80 -59.43
C GLU I 370 63.55 -26.51 -57.92
N LYS I 371 62.94 -25.38 -57.53
CA LYS I 371 62.90 -25.01 -56.13
C LYS I 371 61.63 -24.19 -55.88
N LYS I 372 61.10 -24.30 -54.67
CA LYS I 372 59.83 -23.70 -54.28
C LYS I 372 59.97 -22.91 -52.99
N ILE I 373 60.97 -22.01 -52.95
CA ILE I 373 61.15 -21.13 -51.80
C ILE I 373 59.83 -20.42 -51.48
N THR I 374 59.52 -20.34 -50.20
CA THR I 374 58.26 -19.80 -49.72
C THR I 374 58.51 -18.59 -48.82
N LYS I 375 57.42 -18.10 -48.21
CA LYS I 375 57.48 -16.93 -47.33
C LYS I 375 58.25 -17.19 -46.05
N ARG I 376 58.58 -18.45 -45.75
CA ARG I 376 59.35 -18.76 -44.55
C ARG I 376 60.74 -18.12 -44.61
N SER I 377 61.36 -18.14 -45.79
CA SER I 377 62.66 -17.50 -45.95
C SER I 377 62.56 -15.99 -45.74
N ILE I 378 61.49 -15.38 -46.24
CA ILE I 378 61.29 -13.94 -46.04
C ILE I 378 61.10 -13.64 -44.56
N MET I 379 60.33 -14.48 -43.86
CA MET I 379 60.16 -14.28 -42.43
C MET I 379 61.48 -14.41 -41.69
N TYR I 380 62.31 -15.38 -42.09
CA TYR I 380 63.64 -15.53 -41.48
C TYR I 380 64.50 -14.31 -41.75
N TRP I 381 64.43 -13.76 -42.97
CA TRP I 381 65.19 -12.56 -43.29
C TRP I 381 64.73 -11.37 -42.44
N ALA I 382 63.42 -11.22 -42.27
CA ALA I 382 62.91 -10.16 -41.40
C ALA I 382 63.37 -10.38 -39.96
N HIS I 383 63.43 -11.64 -39.53
CA HIS I 383 64.00 -11.96 -38.23
C HIS I 383 65.44 -11.48 -38.11
N LYS I 384 66.24 -11.73 -39.15
CA LYS I 384 67.66 -11.41 -39.09
C LYS I 384 67.90 -9.90 -39.12
N HIS I 385 67.25 -9.19 -40.04
CA HIS I 385 67.71 -7.85 -40.40
C HIS I 385 67.13 -6.77 -39.49
N ALA I 386 65.84 -6.85 -39.16
CA ALA I 386 65.15 -5.79 -38.43
C ALA I 386 64.48 -6.38 -37.20
N PRO I 387 65.22 -6.53 -36.10
CA PRO I 387 64.66 -7.12 -34.88
C PRO I 387 63.80 -6.11 -34.13
N GLN I 388 63.17 -6.62 -33.06
CA GLN I 388 62.44 -5.83 -32.05
C GLN I 388 61.13 -5.29 -32.59
N GLN I 389 60.85 -5.46 -33.88
CA GLN I 389 59.66 -4.90 -34.48
C GLN I 389 58.72 -5.94 -35.06
N TYR I 390 59.24 -6.94 -35.79
CA TYR I 390 58.36 -7.94 -36.37
C TYR I 390 57.67 -8.79 -35.31
N LYS I 391 58.29 -8.95 -34.13
CA LYS I 391 57.61 -9.64 -33.04
C LYS I 391 56.26 -8.99 -32.72
N GLU I 392 56.28 -7.70 -32.38
CA GLU I 392 55.04 -7.03 -32.02
C GLU I 392 54.12 -6.89 -33.22
N ILE I 393 54.66 -6.81 -34.44
CA ILE I 393 53.83 -6.70 -35.63
C ILE I 393 53.00 -7.97 -35.81
N VAL I 394 53.67 -9.13 -35.79
CA VAL I 394 52.92 -10.38 -35.94
C VAL I 394 52.05 -10.63 -34.71
N GLU I 395 52.48 -10.15 -33.54
CA GLU I 395 51.66 -10.27 -32.34
C GLU I 395 50.35 -9.52 -32.52
N GLN I 396 50.42 -8.28 -33.00
CA GLN I 396 49.21 -7.51 -33.27
C GLN I 396 48.37 -8.20 -34.35
N GLY I 397 49.01 -8.74 -35.37
CA GLY I 397 48.30 -9.46 -36.42
C GLY I 397 47.46 -10.61 -35.90
N TYR I 398 48.10 -11.59 -35.27
CA TYR I 398 47.32 -12.73 -34.79
C TYR I 398 46.46 -12.38 -33.58
N PHE I 399 46.79 -11.33 -32.83
CA PHE I 399 45.89 -10.84 -31.79
C PHE I 399 44.60 -10.32 -32.39
N SER I 400 44.70 -9.57 -33.50
CA SER I 400 43.50 -9.12 -34.19
C SER I 400 42.73 -10.30 -34.76
N ILE I 401 43.45 -11.30 -35.28
CA ILE I 401 42.79 -12.51 -35.79
C ILE I 401 41.97 -13.17 -34.68
N LEU I 402 42.60 -13.37 -33.52
CA LEU I 402 41.91 -14.02 -32.40
C LEU I 402 40.80 -13.15 -31.84
N ALA I 403 40.97 -11.82 -31.84
CA ALA I 403 39.91 -10.94 -31.39
C ALA I 403 38.69 -11.04 -32.29
N GLU I 404 38.91 -11.06 -33.61
CA GLU I 404 37.80 -11.27 -34.54
C GLU I 404 37.15 -12.62 -34.30
N TYR I 405 37.96 -13.66 -34.07
CA TYR I 405 37.41 -14.98 -33.78
C TYR I 405 36.51 -14.95 -32.54
N VAL I 406 37.01 -14.40 -31.44
CA VAL I 406 36.24 -14.43 -30.20
C VAL I 406 35.00 -13.54 -30.31
N TYR I 407 35.11 -12.44 -31.05
CA TYR I 407 33.93 -11.61 -31.29
C TYR I 407 32.89 -12.34 -32.12
N SER I 408 33.33 -13.19 -33.05
CA SER I 408 32.40 -13.81 -33.99
C SER I 408 31.35 -14.67 -33.30
N TYR I 409 31.69 -15.28 -32.16
CA TYR I 409 30.75 -16.21 -31.53
C TYR I 409 30.64 -16.03 -30.02
N ASN I 410 31.01 -14.85 -29.50
CA ASN I 410 30.76 -14.49 -28.10
C ASN I 410 31.42 -15.46 -27.13
N GLY I 411 32.75 -15.58 -27.22
CA GLY I 411 33.54 -16.28 -26.23
C GLY I 411 33.44 -17.78 -26.25
N MET I 412 32.68 -18.37 -27.18
CA MET I 412 32.57 -19.82 -27.29
C MET I 412 33.51 -20.30 -28.40
N LEU I 413 34.69 -20.76 -27.99
CA LEU I 413 35.73 -21.15 -28.91
C LEU I 413 35.94 -22.67 -28.86
N GLU I 414 36.14 -23.27 -30.02
CA GLU I 414 36.22 -24.72 -30.15
C GLU I 414 37.60 -25.12 -30.69
N HIS I 415 37.74 -26.41 -31.02
CA HIS I 415 39.04 -26.96 -31.37
C HIS I 415 39.59 -26.32 -32.64
N TYR I 416 38.77 -26.23 -33.69
CA TYR I 416 39.20 -25.54 -34.91
C TYR I 416 39.50 -24.08 -34.62
N MET I 417 38.71 -23.47 -33.74
CA MET I 417 38.81 -22.03 -33.53
C MET I 417 40.17 -21.66 -32.97
N ILE I 418 40.65 -22.44 -31.99
CA ILE I 418 42.02 -22.28 -31.48
C ILE I 418 43.05 -22.80 -32.48
N ALA I 419 42.71 -23.88 -33.19
CA ALA I 419 43.68 -24.53 -34.07
C ALA I 419 44.13 -23.62 -35.19
N LYS I 420 43.23 -22.76 -35.69
CA LYS I 420 43.62 -21.80 -36.71
C LYS I 420 44.69 -20.84 -36.18
N VAL I 421 44.48 -20.32 -34.97
CA VAL I 421 45.48 -19.45 -34.36
C VAL I 421 46.78 -20.20 -34.11
N ILE I 422 46.68 -21.48 -33.76
CA ILE I 422 47.88 -22.29 -33.54
C ILE I 422 48.66 -22.45 -34.84
N TYR I 423 47.95 -22.71 -35.94
CA TYR I 423 48.60 -22.74 -37.25
C TYR I 423 49.25 -21.41 -37.56
N ALA I 424 48.60 -20.31 -37.16
CA ALA I 424 49.23 -19.00 -37.31
C ALA I 424 50.50 -18.87 -36.49
N MET I 425 50.55 -19.52 -35.32
CA MET I 425 51.70 -19.40 -34.43
C MET I 425 52.96 -19.94 -35.08
N MET I 426 53.00 -21.25 -35.29
CA MET I 426 54.17 -21.95 -35.83
C MET I 426 53.81 -22.48 -37.22
N GLY I 427 53.97 -21.63 -38.22
CA GLY I 427 53.70 -22.04 -39.59
C GLY I 427 54.90 -22.67 -40.26
N ASN I 428 56.09 -22.42 -39.72
CA ASN I 428 57.35 -22.88 -40.30
C ASN I 428 58.16 -23.69 -39.29
N LYS I 429 57.47 -24.49 -38.47
CA LYS I 429 58.15 -25.26 -37.44
C LYS I 429 57.78 -26.74 -37.50
N PHE I 430 56.56 -27.04 -37.93
CA PHE I 430 56.06 -28.40 -37.99
C PHE I 430 55.41 -28.67 -39.34
N VAL I 431 55.35 -29.95 -39.70
CA VAL I 431 54.68 -30.38 -40.92
C VAL I 431 54.03 -31.73 -40.66
N VAL I 432 52.91 -31.99 -41.33
CA VAL I 432 52.15 -33.21 -41.15
C VAL I 432 52.03 -33.91 -42.50
N ASP I 433 52.30 -35.21 -42.53
CA ASP I 433 52.18 -35.99 -43.75
C ASP I 433 51.51 -37.32 -43.44
N VAL I 434 51.21 -38.08 -44.50
CA VAL I 434 50.52 -39.35 -44.41
C VAL I 434 51.43 -40.44 -44.95
N ASP I 435 51.63 -41.50 -44.17
CA ASP I 435 52.49 -42.59 -44.58
C ASP I 435 51.72 -43.57 -45.48
N SER I 436 52.39 -44.66 -45.84
CA SER I 436 51.73 -45.69 -46.65
C SER I 436 50.57 -46.31 -45.92
N ASN I 437 50.72 -46.54 -44.61
CA ASN I 437 49.64 -47.09 -43.80
C ASN I 437 48.50 -46.11 -43.59
N GLY I 438 48.67 -44.84 -43.95
CA GLY I 438 47.65 -43.83 -43.77
C GLY I 438 47.72 -43.09 -42.45
N LYS I 439 48.57 -43.51 -41.52
CA LYS I 439 48.68 -42.83 -40.25
C LYS I 439 49.34 -41.45 -40.42
N TYR I 440 48.79 -40.46 -39.73
CA TYR I 440 49.38 -39.13 -39.76
C TYR I 440 50.68 -39.11 -38.96
N VAL I 441 51.72 -38.51 -39.55
CA VAL I 441 53.03 -38.42 -38.89
C VAL I 441 53.52 -36.98 -38.99
N TRP I 442 54.15 -36.52 -37.91
CA TRP I 442 54.58 -35.14 -37.82
C TRP I 442 56.09 -35.07 -38.03
N PHE I 443 56.57 -33.89 -38.38
CA PHE I 443 58.00 -33.66 -38.52
C PHE I 443 58.31 -32.25 -38.03
N GLU I 444 59.40 -32.13 -37.28
CA GLU I 444 59.74 -30.88 -36.62
C GLU I 444 61.15 -30.46 -37.03
N PHE I 445 61.31 -29.16 -37.28
CA PHE I 445 62.56 -28.60 -37.78
C PHE I 445 63.47 -28.29 -36.60
N VAL I 446 64.31 -29.24 -36.21
CA VAL I 446 65.22 -29.05 -35.09
C VAL I 446 66.20 -27.94 -35.42
N LEU I 447 66.38 -27.03 -34.46
CA LEU I 447 67.24 -25.87 -34.55
C LEU I 447 68.15 -25.82 -33.33
N PRO I 448 69.31 -25.16 -33.43
CA PRO I 448 70.17 -25.02 -32.26
C PRO I 448 69.52 -24.18 -31.17
N GLY I 449 69.90 -24.45 -29.93
CA GLY I 449 69.36 -23.74 -28.79
C GLY I 449 68.17 -24.37 -28.13
N GLN I 450 67.86 -25.62 -28.45
CA GLN I 450 66.73 -26.35 -27.87
C GLN I 450 67.20 -27.73 -27.46
N PRO I 451 66.52 -28.35 -26.49
CA PRO I 451 66.84 -29.75 -26.16
C PRO I 451 66.66 -30.64 -27.38
N MET I 452 67.57 -31.59 -27.54
CA MET I 452 67.68 -32.35 -28.77
C MET I 452 68.67 -33.50 -28.56
N ASN I 453 68.85 -34.29 -29.61
CA ASN I 453 69.86 -35.34 -29.63
C ASN I 453 71.18 -34.74 -30.12
N GLN I 454 72.14 -35.59 -30.45
CA GLN I 454 73.44 -35.14 -30.94
C GLN I 454 73.46 -35.27 -32.46
N GLY I 455 73.64 -34.14 -33.14
CA GLY I 455 73.74 -34.14 -34.59
C GLY I 455 72.41 -34.01 -35.31
N GLU I 456 71.58 -33.04 -34.91
CA GLU I 456 70.31 -32.81 -35.58
C GLU I 456 70.01 -31.32 -35.77
N ILE I 457 70.99 -30.44 -35.65
CA ILE I 457 70.72 -29.01 -35.75
C ILE I 457 70.35 -28.63 -37.18
N TRP I 458 69.48 -27.62 -37.29
CA TRP I 458 69.12 -27.00 -38.56
C TRP I 458 68.51 -28.00 -39.55
N LYS I 459 67.81 -29.01 -39.06
CA LYS I 459 67.30 -30.04 -39.97
C LYS I 459 66.14 -30.78 -39.31
N TRP I 460 65.39 -31.52 -40.11
CA TRP I 460 64.09 -32.05 -39.72
C TRP I 460 64.23 -33.41 -39.06
N ARG I 461 63.29 -33.69 -38.14
CA ARG I 461 63.22 -34.98 -37.48
C ARG I 461 61.77 -35.47 -37.48
N LYS I 462 61.62 -36.79 -37.61
CA LYS I 462 60.32 -37.42 -37.55
C LYS I 462 59.77 -37.38 -36.13
N GLU I 463 58.45 -37.46 -35.99
CA GLU I 463 57.82 -37.33 -34.69
C GLU I 463 56.40 -37.90 -34.78
N VAL I 464 55.93 -38.45 -33.67
CA VAL I 464 54.73 -39.28 -33.67
C VAL I 464 53.53 -38.59 -33.01
N ASN I 465 53.74 -37.83 -31.94
CA ASN I 465 52.60 -37.20 -31.27
C ASN I 465 52.99 -35.87 -30.66
N PRO I 466 52.54 -34.75 -31.26
CA PRO I 466 53.11 -33.44 -30.91
C PRO I 466 53.15 -33.15 -29.42
N ASP I 467 54.36 -33.01 -28.88
CA ASP I 467 54.54 -32.76 -27.45
C ASP I 467 54.79 -31.28 -27.17
N GLU I 468 55.85 -30.70 -27.74
CA GLU I 468 56.13 -29.29 -27.52
C GLU I 468 54.99 -28.42 -28.02
N LEU I 469 54.26 -28.90 -29.03
CA LEU I 469 53.07 -28.18 -29.48
C LEU I 469 52.05 -28.04 -28.37
N HIS I 470 51.91 -29.08 -27.53
CA HIS I 470 50.95 -29.01 -26.43
C HIS I 470 51.34 -27.93 -25.42
N ILE I 471 52.62 -27.85 -25.06
CA ILE I 471 53.07 -26.82 -24.14
C ILE I 471 52.89 -25.44 -24.75
N TYR I 472 53.23 -25.30 -26.04
CA TYR I 472 53.06 -24.02 -26.70
C TYR I 472 51.59 -23.60 -26.70
N ILE I 473 50.68 -24.54 -26.96
CA ILE I 473 49.26 -24.23 -26.95
C ILE I 473 48.81 -23.81 -25.56
N SER I 474 49.24 -24.57 -24.54
CA SER I 474 48.75 -24.32 -23.19
C SER I 474 49.42 -23.12 -22.54
N GLU I 475 50.69 -22.86 -22.84
CA GLU I 475 51.44 -21.81 -22.15
C GLU I 475 51.78 -20.64 -23.07
N ASN I 476 52.46 -20.88 -24.19
CA ASN I 476 52.89 -19.77 -25.03
C ASN I 476 51.69 -19.04 -25.62
N PHE I 477 50.69 -19.78 -26.09
CA PHE I 477 49.45 -19.16 -26.55
C PHE I 477 48.71 -18.45 -25.42
N SER I 478 48.76 -19.01 -24.21
CA SER I 478 47.97 -18.48 -23.10
C SER I 478 48.28 -17.01 -22.82
N ARG I 479 49.52 -16.58 -23.03
CA ARG I 479 49.82 -15.17 -22.82
C ARG I 479 49.01 -14.29 -23.76
N VAL I 480 48.96 -14.65 -25.05
CA VAL I 480 48.36 -13.77 -26.05
C VAL I 480 46.89 -13.50 -25.72
N MET I 481 46.15 -14.56 -25.42
CA MET I 481 44.73 -14.36 -25.11
C MET I 481 44.55 -13.56 -23.83
N ASP I 482 45.49 -13.66 -22.89
CA ASP I 482 45.47 -12.78 -21.72
C ASP I 482 45.39 -11.33 -22.15
N ARG I 483 46.15 -10.96 -23.17
CA ARG I 483 46.06 -9.61 -23.72
C ARG I 483 44.61 -9.27 -24.07
N ILE I 484 43.94 -10.14 -24.82
CA ILE I 484 42.53 -9.93 -25.13
C ILE I 484 41.76 -9.61 -23.86
N THR I 485 41.94 -10.44 -22.83
CA THR I 485 41.28 -10.21 -21.55
C THR I 485 41.44 -8.76 -21.12
N GLU I 486 42.68 -8.32 -20.90
CA GLU I 486 42.87 -6.96 -20.42
C GLU I 486 42.35 -5.96 -21.44
N HIS I 487 42.54 -6.25 -22.72
CA HIS I 487 41.99 -5.38 -23.76
C HIS I 487 40.51 -5.16 -23.53
N ILE I 488 39.77 -6.26 -23.34
CA ILE I 488 38.33 -6.13 -23.08
C ILE I 488 38.10 -5.29 -21.83
N LYS I 489 38.84 -5.59 -20.75
CA LYS I 489 38.71 -4.80 -19.53
C LYS I 489 38.99 -3.33 -19.81
N TYR I 490 40.00 -3.06 -20.64
CA TYR I 490 40.28 -1.68 -21.03
C TYR I 490 39.04 -1.03 -21.62
N HIS I 491 38.43 -1.69 -22.61
CA HIS I 491 37.24 -1.13 -23.23
C HIS I 491 36.07 -1.13 -22.25
N LEU I 492 36.09 -2.04 -21.27
CA LEU I 492 35.06 -1.99 -20.23
C LEU I 492 35.30 -0.84 -19.28
N SER I 493 36.57 -0.45 -19.08
CA SER I 493 36.87 0.68 -18.22
C SER I 493 36.37 1.99 -18.81
N GLN I 494 36.46 2.15 -20.13
CA GLN I 494 36.01 3.37 -20.77
C GLN I 494 34.50 3.51 -20.66
N PRO I 495 33.99 4.72 -20.43
CA PRO I 495 32.54 4.91 -20.34
C PRO I 495 31.85 4.59 -21.66
N HIS I 496 30.68 3.97 -21.56
CA HIS I 496 29.90 3.60 -22.73
C HIS I 496 28.42 3.64 -22.36
N GLU I 497 27.60 3.14 -23.28
CA GLU I 497 26.16 3.08 -23.05
C GLU I 497 25.80 1.79 -22.31
N SER I 498 24.60 1.78 -21.72
CA SER I 498 24.19 0.65 -20.90
C SER I 498 24.13 -0.64 -21.72
N ASN I 499 23.59 -0.57 -22.93
CA ASN I 499 23.43 -1.78 -23.74
C ASN I 499 24.78 -2.37 -24.13
N ILE I 500 25.70 -1.53 -24.62
CA ILE I 500 27.02 -2.04 -25.00
C ILE I 500 27.80 -2.51 -23.77
N LEU I 501 27.61 -1.84 -22.62
CA LEU I 501 28.26 -2.30 -21.39
C LEU I 501 27.74 -3.68 -21.00
N ASN I 502 26.43 -3.91 -21.10
CA ASN I 502 25.89 -5.23 -20.80
C ASN I 502 26.39 -6.27 -21.79
N TYR I 503 26.51 -5.90 -23.07
CA TYR I 503 27.06 -6.81 -24.06
C TYR I 503 28.50 -7.18 -23.73
N TYR I 504 29.30 -6.21 -23.31
CA TYR I 504 30.68 -6.47 -22.91
C TYR I 504 30.73 -7.36 -21.67
N LYS I 505 29.82 -7.14 -20.72
CA LYS I 505 29.76 -8.00 -19.55
C LYS I 505 29.44 -9.44 -19.94
N LYS I 506 28.49 -9.62 -20.85
CA LYS I 506 28.17 -10.96 -21.33
C LYS I 506 29.35 -11.58 -22.06
N LEU I 507 30.07 -10.78 -22.84
CA LEU I 507 31.26 -11.28 -23.52
C LEU I 507 32.30 -11.76 -22.52
N LEU I 508 32.54 -10.98 -21.47
CA LEU I 508 33.51 -11.37 -20.45
C LEU I 508 33.05 -12.63 -19.72
N LYS I 509 31.77 -12.72 -19.39
CA LYS I 509 31.25 -13.90 -18.72
C LYS I 509 31.44 -15.14 -19.58
N ALA I 510 31.13 -15.04 -20.87
CA ALA I 510 31.33 -16.17 -21.77
C ALA I 510 32.80 -16.53 -21.89
N PHE I 511 33.68 -15.52 -21.98
CA PHE I 511 35.10 -15.78 -22.14
C PHE I 511 35.70 -16.41 -20.90
N GLU I 512 35.13 -16.15 -19.72
CA GLU I 512 35.63 -16.79 -18.51
C GLU I 512 35.49 -18.31 -18.58
N ARG I 513 34.39 -18.80 -19.15
CA ARG I 513 34.22 -20.25 -19.31
C ARG I 513 35.30 -20.83 -20.22
N SER I 514 35.57 -20.18 -21.36
CA SER I 514 36.60 -20.66 -22.28
C SER I 514 38.00 -20.47 -21.72
N LYS I 515 38.16 -19.63 -20.70
CA LYS I 515 39.48 -19.42 -20.09
C LYS I 515 40.11 -20.74 -19.66
N SER I 516 39.34 -21.60 -19.00
CA SER I 516 39.91 -22.83 -18.45
C SER I 516 40.23 -23.84 -19.52
N LYS I 517 39.49 -23.85 -20.63
CA LYS I 517 39.59 -24.90 -21.64
C LYS I 517 40.97 -24.99 -22.28
N ILE I 518 41.88 -24.06 -21.99
CA ILE I 518 43.25 -24.16 -22.48
C ILE I 518 44.01 -25.30 -21.79
N PHE I 519 43.40 -25.94 -20.80
CA PHE I 519 44.08 -26.96 -20.01
C PHE I 519 43.46 -28.35 -20.11
N ASN I 520 42.19 -28.45 -20.50
CA ASN I 520 41.55 -29.75 -20.59
C ASN I 520 42.23 -30.60 -21.64
N ASP I 521 42.51 -31.87 -21.29
CA ASP I 521 43.31 -32.71 -22.17
C ASP I 521 42.50 -33.21 -23.36
N SER I 522 41.21 -33.50 -23.14
CA SER I 522 40.34 -33.84 -24.28
C SER I 522 40.23 -32.67 -25.24
N PHE I 523 40.19 -31.44 -24.70
CA PHE I 523 40.20 -30.26 -25.54
C PHE I 523 41.48 -30.19 -26.37
N LYS I 524 42.63 -30.47 -25.76
CA LYS I 524 43.89 -30.45 -26.50
C LYS I 524 43.92 -31.53 -27.56
N LYS I 525 43.40 -32.72 -27.24
CA LYS I 525 43.34 -33.79 -28.23
C LYS I 525 42.47 -33.41 -29.42
N GLY I 526 41.31 -32.81 -29.14
CA GLY I 526 40.47 -32.34 -30.24
C GLY I 526 41.13 -31.25 -31.05
N VAL I 527 41.85 -30.35 -30.38
CA VAL I 527 42.56 -29.28 -31.08
C VAL I 527 43.62 -29.88 -32.00
N ILE I 528 44.36 -30.87 -31.52
CA ILE I 528 45.40 -31.50 -32.34
C ILE I 528 44.78 -32.24 -33.53
N ARG I 529 43.68 -32.95 -33.29
CA ARG I 529 43.02 -33.67 -34.37
C ARG I 529 42.47 -32.72 -35.43
N GLN I 530 41.94 -31.57 -35.00
CA GLN I 530 41.51 -30.57 -35.97
C GLN I 530 42.68 -29.95 -36.72
N ALA I 531 43.77 -29.66 -36.00
CA ALA I 531 44.89 -28.93 -36.59
C ALA I 531 45.73 -29.78 -37.52
N GLU I 532 45.75 -31.11 -37.33
CA GLU I 532 46.53 -31.95 -38.24
C GLU I 532 46.04 -31.84 -39.68
N PHE I 533 44.78 -31.44 -39.87
CA PHE I 533 44.28 -31.17 -41.21
C PHE I 533 44.85 -29.86 -41.76
N LEU I 534 44.96 -28.85 -40.92
CA LEU I 534 45.49 -27.55 -41.36
C LEU I 534 46.97 -27.65 -41.72
N PHE I 535 47.74 -28.42 -40.96
CA PHE I 535 49.18 -28.51 -41.14
C PHE I 535 49.60 -29.50 -42.21
N ARG I 536 48.66 -30.18 -42.86
CA ARG I 536 49.01 -31.17 -43.86
C ARG I 536 49.66 -30.51 -45.07
N GLN I 537 50.69 -31.16 -45.60
CA GLN I 537 51.38 -30.71 -46.81
C GLN I 537 51.48 -31.90 -47.75
N ARG I 538 50.78 -31.82 -48.89
CA ARG I 538 50.77 -32.93 -49.83
C ARG I 538 52.15 -33.13 -50.45
N SER I 539 52.50 -34.39 -50.66
CA SER I 539 53.75 -34.78 -51.32
C SER I 539 54.97 -34.22 -50.59
N PHE I 540 55.14 -34.69 -49.35
CA PHE I 540 56.30 -34.31 -48.55
C PHE I 540 57.18 -35.49 -48.16
N ILE I 541 56.59 -36.62 -47.78
CA ILE I 541 57.39 -37.80 -47.44
C ILE I 541 58.05 -38.37 -48.68
N GLN I 542 57.29 -38.48 -49.78
CA GLN I 542 57.83 -39.06 -51.01
C GLN I 542 58.93 -38.19 -51.63
N THR I 543 58.94 -36.89 -51.34
CA THR I 543 59.99 -36.00 -51.83
C THR I 543 61.12 -35.85 -50.83
N LEU I 544 61.07 -36.53 -49.70
CA LEU I 544 62.14 -36.46 -48.71
C LEU I 544 63.42 -37.07 -49.26
N ASP I 545 64.54 -36.38 -49.02
CA ASP I 545 65.88 -36.86 -49.36
C ASP I 545 66.06 -37.13 -50.85
N THR I 546 65.21 -36.55 -51.69
CA THR I 546 65.32 -36.76 -53.13
C THR I 546 66.51 -36.04 -53.76
N ASN I 547 67.13 -35.10 -53.04
CA ASN I 547 68.30 -34.43 -53.59
C ASN I 547 69.55 -35.23 -53.28
N PRO I 548 70.22 -35.78 -54.29
CA PRO I 548 71.41 -36.60 -54.04
C PRO I 548 72.60 -35.81 -53.53
N HIS I 549 72.61 -34.48 -53.71
CA HIS I 549 73.75 -33.65 -53.35
C HIS I 549 73.66 -33.08 -51.93
N LEU I 550 72.59 -33.40 -51.19
CA LEU I 550 72.41 -32.89 -49.84
C LEU I 550 72.60 -34.03 -48.86
N LEU I 551 73.53 -33.86 -47.92
CA LEU I 551 73.87 -34.89 -46.95
C LEU I 551 73.83 -34.29 -45.55
N GLY I 552 73.09 -34.91 -44.64
CA GLY I 552 73.05 -34.45 -43.27
C GLY I 552 74.27 -34.94 -42.49
N VAL I 553 74.81 -34.05 -41.66
CA VAL I 553 76.01 -34.32 -40.88
C VAL I 553 75.73 -33.97 -39.43
N GLY I 554 76.77 -34.11 -38.60
CA GLY I 554 76.62 -33.85 -37.17
C GLY I 554 76.39 -32.39 -36.85
N ASN I 555 76.83 -31.49 -37.72
CA ASN I 555 76.71 -30.05 -37.49
C ASN I 555 76.06 -29.34 -38.67
N GLY I 556 74.99 -29.91 -39.21
CA GLY I 556 74.24 -29.25 -40.27
C GLY I 556 73.99 -30.13 -41.49
N VAL I 557 73.96 -29.52 -42.66
CA VAL I 557 73.76 -30.25 -43.91
C VAL I 557 74.71 -29.68 -44.97
N LEU I 558 75.31 -30.56 -45.76
CA LEU I 558 76.26 -30.18 -46.79
C LEU I 558 75.65 -30.39 -48.17
N SER I 559 75.74 -29.37 -49.01
CA SER I 559 75.31 -29.43 -50.39
C SER I 559 76.54 -29.55 -51.27
N ILE I 560 76.73 -30.72 -51.87
CA ILE I 560 77.88 -30.99 -52.73
C ILE I 560 77.50 -30.74 -54.18
N GLU I 561 76.37 -30.05 -54.39
CA GLU I 561 75.96 -29.70 -55.74
C GLU I 561 77.00 -28.83 -56.44
N THR I 562 77.55 -27.85 -55.72
CA THR I 562 78.58 -26.97 -56.24
C THR I 562 79.89 -27.21 -55.51
N ILE I 563 80.98 -26.85 -56.18
CA ILE I 563 82.33 -26.92 -55.62
C ILE I 563 82.77 -25.49 -55.29
N PRO I 564 83.08 -25.19 -54.02
CA PRO I 564 83.07 -26.11 -52.89
C PRO I 564 81.68 -26.38 -52.33
N ALA I 565 81.53 -27.50 -51.62
CA ALA I 565 80.26 -27.83 -51.00
C ALA I 565 79.90 -26.79 -49.94
N LYS I 566 78.62 -26.49 -49.82
CA LYS I 566 78.14 -25.44 -48.92
C LYS I 566 77.51 -26.05 -47.67
N LEU I 567 77.92 -25.57 -46.51
CA LEU I 567 77.37 -26.02 -45.25
C LEU I 567 76.27 -25.05 -44.81
N ILE I 568 75.07 -25.59 -44.59
CA ILE I 568 73.92 -24.77 -44.20
C ILE I 568 73.82 -24.85 -42.68
N ASN I 569 74.23 -23.77 -42.01
CA ASN I 569 74.11 -23.65 -40.56
C ASN I 569 73.05 -22.63 -40.19
N HIS I 570 71.95 -22.62 -40.95
CA HIS I 570 70.87 -21.67 -40.76
C HIS I 570 69.61 -22.27 -41.37
N PHE I 571 68.53 -21.49 -41.39
CA PHE I 571 67.27 -21.96 -41.93
C PHE I 571 67.37 -22.25 -43.42
N HIS I 572 66.66 -23.29 -43.86
CA HIS I 572 66.64 -23.67 -45.26
C HIS I 572 65.26 -24.24 -45.59
N GLU I 573 65.09 -24.64 -46.84
CA GLU I 573 63.82 -25.14 -47.36
C GLU I 573 64.03 -26.44 -48.12
N HIS I 574 64.78 -27.38 -47.52
CA HIS I 574 65.09 -28.61 -48.23
C HIS I 574 64.61 -29.83 -47.44
N PRO I 575 64.11 -30.85 -48.13
CA PRO I 575 63.61 -32.08 -47.47
C PRO I 575 64.71 -33.08 -47.14
N ILE I 576 65.36 -32.86 -45.99
CA ILE I 576 66.44 -33.71 -45.52
C ILE I 576 66.02 -34.38 -44.22
N HIS I 577 66.08 -35.71 -44.19
CA HIS I 577 65.79 -36.46 -42.97
C HIS I 577 66.90 -37.43 -42.58
N GLN I 578 67.54 -38.08 -43.56
CA GLN I 578 68.66 -38.95 -43.26
C GLN I 578 69.92 -38.12 -43.02
N TYR I 579 70.82 -38.66 -42.21
CA TYR I 579 71.98 -37.89 -41.76
C TYR I 579 73.03 -38.84 -41.22
N THR I 580 74.17 -38.28 -40.83
CA THR I 580 75.24 -39.01 -40.16
C THR I 580 75.70 -38.21 -38.95
N HIS I 581 76.28 -38.91 -37.98
CA HIS I 581 76.74 -38.29 -36.74
C HIS I 581 78.19 -37.84 -36.82
N ILE I 582 78.69 -37.53 -38.02
CA ILE I 582 80.07 -37.12 -38.22
C ILE I 582 80.07 -35.62 -38.55
N CYS I 583 80.67 -34.84 -37.67
CA CYS I 583 80.80 -33.40 -37.91
C CYS I 583 81.80 -33.13 -39.02
N TYR I 584 81.49 -32.16 -39.87
CA TYR I 584 82.35 -31.83 -41.00
C TYR I 584 83.36 -30.76 -40.61
N VAL I 585 84.58 -30.92 -41.12
CA VAL I 585 85.63 -29.91 -40.97
C VAL I 585 86.25 -29.69 -42.35
N PRO I 586 86.78 -28.50 -42.63
CA PRO I 586 87.41 -28.28 -43.94
C PRO I 586 88.63 -29.17 -44.12
N PHE I 587 88.87 -29.53 -45.39
CA PHE I 587 89.98 -30.42 -45.73
C PHE I 587 91.30 -29.74 -45.38
N ASN I 588 91.95 -30.21 -44.31
CA ASN I 588 93.21 -29.63 -43.84
C ASN I 588 94.30 -30.69 -43.88
N PRO I 589 95.17 -30.68 -44.89
CA PRO I 589 96.30 -31.62 -44.90
C PRO I 589 97.26 -31.44 -43.74
N GLU I 590 97.28 -30.26 -43.12
CA GLU I 590 98.19 -29.99 -42.01
C GLU I 590 97.79 -30.72 -40.72
N ASN I 591 96.61 -31.31 -40.67
CA ASN I 591 96.20 -32.04 -39.48
C ASN I 591 97.09 -33.27 -39.30
N PRO I 592 97.62 -33.50 -38.09
CA PRO I 592 98.45 -34.71 -37.89
C PRO I 592 97.70 -35.99 -38.18
N TRP I 593 96.42 -36.06 -37.84
CA TRP I 593 95.63 -37.24 -38.18
C TRP I 593 95.46 -37.37 -39.69
N THR I 594 95.31 -36.25 -40.39
CA THR I 594 95.25 -36.29 -41.84
C THR I 594 96.55 -36.82 -42.43
N LYS I 595 97.69 -36.37 -41.90
CA LYS I 595 98.97 -36.87 -42.37
C LYS I 595 99.12 -38.36 -42.09
N LEU I 596 98.70 -38.80 -40.90
CA LEU I 596 98.78 -40.23 -40.58
C LEU I 596 97.91 -41.05 -41.52
N LEU I 597 96.69 -40.57 -41.79
CA LEU I 597 95.81 -41.28 -42.72
C LEU I 597 96.41 -41.35 -44.11
N LEU I 598 96.98 -40.24 -44.60
CA LEU I 598 97.58 -40.24 -45.92
C LEU I 598 98.76 -41.20 -45.99
N ASN I 599 99.61 -41.20 -44.96
CA ASN I 599 100.78 -42.08 -44.96
C ASN I 599 100.36 -43.54 -44.91
N ALA I 600 99.41 -43.88 -44.02
CA ALA I 600 98.96 -45.27 -43.93
C ALA I 600 98.29 -45.72 -45.23
N LEU I 601 97.50 -44.84 -45.84
CA LEU I 601 96.83 -45.19 -47.09
C LEU I 601 97.83 -45.38 -48.22
N GLN I 602 98.89 -44.56 -48.24
CA GLN I 602 99.97 -44.78 -49.21
C GLN I 602 100.66 -46.12 -48.95
N ASP I 603 100.88 -46.45 -47.67
CA ASP I 603 101.54 -47.71 -47.34
C ASP I 603 100.69 -48.92 -47.70
N ILE I 604 99.36 -48.76 -47.68
CA ILE I 604 98.49 -49.89 -48.01
C ILE I 604 98.73 -50.34 -49.44
N ILE I 605 98.73 -49.40 -50.38
CA ILE I 605 99.06 -49.70 -51.78
C ILE I 605 100.03 -48.63 -52.30
N PRO I 606 101.32 -48.96 -52.39
CA PRO I 606 102.31 -47.93 -52.76
C PRO I 606 102.15 -47.39 -54.17
N GLU I 607 101.48 -48.12 -55.06
CA GLU I 607 101.31 -47.66 -56.44
C GLU I 607 100.56 -46.33 -56.46
N LEU I 608 101.23 -45.28 -56.91
CA LEU I 608 100.64 -43.95 -56.92
C LEU I 608 99.42 -43.90 -57.83
N ASP I 609 99.55 -44.40 -59.05
CA ASP I 609 98.42 -44.38 -59.99
C ASP I 609 97.26 -45.21 -59.47
N ALA I 610 97.55 -46.42 -58.97
CA ALA I 610 96.49 -47.28 -58.44
C ALA I 610 95.83 -46.64 -57.22
N ARG I 611 96.62 -46.05 -56.33
CA ARG I 611 96.06 -45.39 -55.17
C ARG I 611 95.15 -44.24 -55.58
N LEU I 612 95.59 -43.42 -56.53
CA LEU I 612 94.76 -42.31 -56.99
C LEU I 612 93.47 -42.81 -57.62
N TRP I 613 93.55 -43.84 -58.46
CA TRP I 613 92.35 -44.36 -59.11
C TRP I 613 91.36 -44.93 -58.09
N ILE I 614 91.86 -45.70 -57.11
CA ILE I 614 90.97 -46.34 -56.16
C ILE I 614 90.36 -45.31 -55.21
N MET I 615 91.14 -44.32 -54.78
CA MET I 615 90.57 -43.25 -53.96
C MET I 615 89.54 -42.45 -54.75
N PHE I 616 89.80 -42.21 -56.04
CA PHE I 616 88.82 -41.53 -56.87
C PHE I 616 87.53 -42.32 -56.96
N TYR I 617 87.64 -43.64 -57.12
CA TYR I 617 86.44 -44.49 -57.15
C TYR I 617 85.70 -44.46 -55.82
N LEU I 618 86.44 -44.51 -54.71
CA LEU I 618 85.82 -44.56 -53.39
C LEU I 618 85.19 -43.23 -52.99
N SER I 619 85.72 -42.11 -53.49
CA SER I 619 85.18 -40.80 -53.13
C SER I 619 83.80 -40.54 -53.70
N THR I 620 83.33 -41.38 -54.63
CA THR I 620 82.02 -41.21 -55.24
C THR I 620 80.89 -41.79 -54.40
N ALA I 621 81.20 -42.38 -53.24
CA ALA I 621 80.16 -42.95 -52.40
C ALA I 621 79.20 -41.89 -51.85
N ILE I 622 79.68 -40.65 -51.70
CA ILE I 622 78.83 -39.58 -51.18
C ILE I 622 77.71 -39.26 -52.16
N PHE I 623 77.98 -39.36 -53.46
CA PHE I 623 76.94 -39.12 -54.46
C PHE I 623 75.83 -40.16 -54.33
N ARG I 624 74.60 -39.72 -54.49
CA ARG I 624 73.44 -40.58 -54.32
C ARG I 624 72.59 -40.71 -55.59
N GLY I 625 73.01 -40.10 -56.70
CA GLY I 625 72.31 -40.21 -57.96
C GLY I 625 72.77 -41.41 -58.76
N LEU I 626 72.36 -41.42 -60.03
CA LEU I 626 72.69 -42.53 -60.91
C LEU I 626 74.20 -42.61 -61.12
N LYS I 627 74.71 -43.84 -61.22
CA LYS I 627 76.13 -44.10 -61.37
C LYS I 627 76.35 -45.12 -62.48
N GLU I 628 77.60 -45.24 -62.90
CA GLU I 628 77.96 -46.19 -63.94
C GLU I 628 77.79 -47.62 -63.44
N ALA I 629 77.55 -48.54 -64.39
CA ALA I 629 77.31 -49.94 -64.07
C ALA I 629 78.65 -50.65 -63.94
N LEU I 630 79.32 -50.38 -62.82
CA LEU I 630 80.61 -51.01 -62.51
C LEU I 630 80.58 -51.52 -61.07
N MET I 631 81.34 -52.58 -60.82
CA MET I 631 81.63 -53.03 -59.47
C MET I 631 83.13 -53.18 -59.34
N LEU I 632 83.63 -52.99 -58.11
CA LEU I 632 85.05 -53.11 -57.81
C LEU I 632 85.27 -54.32 -56.92
N LEU I 633 86.17 -55.21 -57.34
CA LEU I 633 86.58 -56.34 -56.52
C LEU I 633 88.07 -56.54 -56.69
N TRP I 634 88.77 -56.72 -55.57
CA TRP I 634 90.21 -56.90 -55.61
C TRP I 634 90.62 -57.92 -54.54
N LEU I 635 91.64 -58.71 -54.87
CA LEU I 635 92.05 -59.83 -54.05
C LEU I 635 93.47 -59.62 -53.52
N GLY I 636 93.85 -60.50 -52.60
CA GLY I 636 95.18 -60.47 -52.01
C GLY I 636 95.48 -61.79 -51.34
N GLY I 637 96.77 -61.99 -51.05
CA GLY I 637 97.18 -63.24 -50.43
C GLY I 637 96.59 -63.45 -49.06
N GLY I 638 96.56 -62.40 -48.25
CA GLY I 638 96.03 -62.47 -46.90
C GLY I 638 96.84 -61.58 -45.97
N CYS I 639 96.20 -61.11 -44.91
CA CYS I 639 96.81 -60.19 -43.94
C CYS I 639 97.37 -58.96 -44.65
N ASN I 640 96.63 -58.46 -45.63
CA ASN I 640 97.01 -57.28 -46.39
C ASN I 640 96.22 -56.07 -45.88
N GLY I 641 96.34 -54.95 -46.61
CA GLY I 641 95.61 -53.75 -46.25
C GLY I 641 94.10 -53.84 -46.38
N LYS I 642 93.57 -55.01 -46.69
CA LYS I 642 92.14 -55.18 -46.85
C LYS I 642 91.42 -55.07 -45.51
N THR I 643 90.11 -54.80 -45.59
CA THR I 643 89.20 -54.79 -44.44
C THR I 643 89.55 -53.72 -43.41
N PHE I 644 90.55 -52.88 -43.68
CA PHE I 644 90.87 -51.76 -42.81
C PHE I 644 90.22 -50.47 -43.30
N LEU I 645 90.57 -50.02 -44.51
CA LEU I 645 89.92 -48.85 -45.08
C LEU I 645 88.47 -49.14 -45.44
N MET I 646 88.15 -50.41 -45.69
CA MET I 646 86.78 -50.80 -46.01
C MET I 646 85.85 -50.48 -44.85
N ARG I 647 86.17 -50.94 -43.65
CA ARG I 647 85.31 -50.69 -42.50
C ARG I 647 85.30 -49.23 -42.12
N LEU I 648 86.42 -48.53 -42.29
CA LEU I 648 86.44 -47.10 -42.02
C LEU I 648 85.50 -46.34 -42.95
N VAL I 649 85.53 -46.67 -44.25
CA VAL I 649 84.60 -46.05 -45.19
C VAL I 649 83.16 -46.39 -44.81
N ALA I 650 82.92 -47.66 -44.46
CA ALA I 650 81.56 -48.08 -44.10
C ALA I 650 81.03 -47.27 -42.92
N MET I 651 81.82 -47.14 -41.86
CA MET I 651 81.33 -46.43 -40.68
C MET I 651 81.28 -44.93 -40.90
N VAL I 652 82.16 -44.37 -41.74
CA VAL I 652 82.08 -42.95 -42.06
C VAL I 652 80.79 -42.65 -42.80
N LEU I 653 80.43 -43.48 -43.79
CA LEU I 653 79.14 -43.32 -44.44
C LEU I 653 78.00 -43.53 -43.46
N GLY I 654 78.13 -44.50 -42.56
CA GLY I 654 77.16 -44.71 -41.50
C GLY I 654 76.02 -45.63 -41.91
N ASP I 655 75.22 -45.99 -40.90
CA ASP I 655 74.09 -46.88 -41.14
C ASP I 655 73.08 -46.25 -42.10
N HIS I 656 72.90 -44.94 -42.02
CA HIS I 656 71.96 -44.27 -42.92
C HIS I 656 72.41 -44.36 -44.37
N TYR I 657 73.72 -44.21 -44.62
CA TYR I 657 74.24 -44.12 -45.97
C TYR I 657 75.05 -45.34 -46.40
N ALA I 658 75.28 -46.31 -45.52
CA ALA I 658 76.00 -47.53 -45.88
C ALA I 658 75.28 -48.73 -45.31
N SER I 659 75.49 -49.88 -45.95
CA SER I 659 74.86 -51.12 -45.50
C SER I 659 75.75 -52.30 -45.87
N LYS I 660 76.03 -53.14 -44.87
CA LYS I 660 76.76 -54.38 -45.10
C LYS I 660 75.88 -55.34 -45.90
N LEU I 661 76.51 -56.17 -46.73
CA LEU I 661 75.80 -57.16 -47.52
C LEU I 661 76.43 -58.53 -47.31
N ASN I 662 75.59 -59.55 -47.30
CA ASN I 662 76.03 -60.92 -47.11
C ASN I 662 76.54 -61.48 -48.44
N ILE I 663 77.61 -62.27 -48.37
CA ILE I 663 78.23 -62.85 -49.55
C ILE I 663 77.28 -63.76 -50.32
N SER I 664 76.24 -64.27 -49.66
CA SER I 664 75.28 -65.16 -50.31
C SER I 664 74.45 -64.48 -51.38
N LEU I 665 74.54 -63.16 -51.51
CA LEU I 665 73.78 -62.46 -52.55
C LEU I 665 74.18 -62.94 -53.94
N LEU I 666 75.47 -63.12 -54.18
CA LEU I 666 75.97 -63.47 -55.50
C LEU I 666 76.29 -64.94 -55.66
N THR I 667 76.62 -65.64 -54.57
CA THR I 667 76.97 -67.05 -54.66
C THR I 667 75.75 -67.97 -54.65
N SER I 668 74.56 -67.44 -54.37
CA SER I 668 73.36 -68.26 -54.37
C SER I 668 72.86 -68.46 -55.79
N CYS I 669 72.02 -69.49 -55.96
CA CYS I 669 71.42 -69.79 -57.25
C CYS I 669 70.18 -68.92 -57.44
N ASN I 677 61.78 -60.87 -49.83
CA ASN I 677 63.22 -60.90 -50.08
C ASN I 677 63.91 -59.67 -49.51
N SER I 678 64.21 -59.72 -48.20
CA SER I 678 64.89 -58.61 -47.54
C SER I 678 66.33 -58.44 -48.03
N ALA I 679 66.89 -59.44 -48.71
CA ALA I 679 68.24 -59.33 -49.22
C ALA I 679 68.36 -58.22 -50.27
N PHE I 680 67.38 -58.16 -51.19
CA PHE I 680 67.41 -57.14 -52.23
C PHE I 680 67.00 -55.76 -51.71
N MET I 681 66.31 -55.70 -50.57
CA MET I 681 65.87 -54.42 -50.01
C MET I 681 67.01 -53.58 -49.47
N ARG I 682 68.22 -54.14 -49.36
CA ARG I 682 69.34 -53.37 -48.86
C ARG I 682 69.79 -52.34 -49.90
N LEU I 683 70.64 -51.41 -49.44
CA LEU I 683 71.19 -50.35 -50.28
C LEU I 683 70.13 -49.40 -50.83
N LYS I 684 68.96 -49.34 -50.20
CA LYS I 684 67.92 -48.39 -50.61
C LYS I 684 68.35 -47.00 -50.16
N GLY I 685 68.93 -46.23 -51.09
CA GLY I 685 69.49 -44.94 -50.79
C GLY I 685 70.91 -44.96 -50.27
N ARG I 686 71.38 -46.12 -49.81
CA ARG I 686 72.75 -46.24 -49.33
C ARG I 686 73.70 -46.26 -50.52
N GLY I 687 74.70 -45.37 -50.49
CA GLY I 687 75.63 -45.21 -51.58
C GLY I 687 76.88 -46.05 -51.52
N TYR I 688 77.00 -46.94 -50.54
CA TYR I 688 78.18 -47.78 -50.39
C TYR I 688 77.76 -49.21 -50.07
N GLY I 689 78.14 -50.15 -50.92
CA GLY I 689 77.85 -51.55 -50.69
C GLY I 689 79.14 -52.34 -50.62
N TYR I 690 79.19 -53.25 -49.66
CA TYR I 690 80.39 -54.02 -49.39
C TYR I 690 80.03 -55.39 -48.85
N PHE I 691 80.97 -56.32 -49.01
CA PHE I 691 80.85 -57.69 -48.56
C PHE I 691 81.92 -57.95 -47.51
N GLU I 692 81.63 -58.87 -46.58
CA GLU I 692 82.62 -59.25 -45.59
C GLU I 692 83.68 -60.16 -46.21
N GLU I 693 84.66 -60.54 -45.40
CA GLU I 693 85.73 -61.42 -45.88
C GLU I 693 85.17 -62.81 -46.17
N THR I 694 85.52 -63.36 -47.33
CA THR I 694 85.00 -64.65 -47.75
C THR I 694 85.71 -65.83 -47.09
N ASN I 695 86.93 -65.63 -46.59
CA ASN I 695 87.70 -66.69 -45.93
C ASN I 695 87.99 -67.84 -46.88
N LYS I 696 86.94 -68.57 -47.28
CA LYS I 696 87.07 -69.64 -48.26
C LYS I 696 86.85 -69.08 -49.66
N SER I 697 86.95 -69.96 -50.66
CA SER I 697 86.75 -69.58 -52.05
C SER I 697 85.30 -69.82 -52.46
N GLU I 698 84.78 -68.93 -53.30
CA GLU I 698 83.41 -69.02 -53.77
C GLU I 698 83.38 -68.94 -55.29
N VAL I 699 82.29 -69.43 -55.87
CA VAL I 699 82.09 -69.47 -57.32
C VAL I 699 80.89 -68.61 -57.65
N LEU I 700 81.07 -67.68 -58.59
CA LEU I 700 79.96 -66.86 -59.04
C LEU I 700 79.02 -67.67 -59.92
N ASN I 701 77.73 -67.39 -59.81
CA ASN I 701 76.70 -68.10 -60.56
C ASN I 701 76.37 -67.43 -61.89
N THR I 702 77.03 -66.31 -62.21
CA THR I 702 76.76 -65.52 -63.41
C THR I 702 75.34 -64.97 -63.40
N SER I 703 74.61 -65.20 -62.32
CA SER I 703 73.23 -64.74 -62.17
C SER I 703 73.17 -63.68 -61.08
N ARG I 704 72.31 -62.69 -61.31
CA ARG I 704 72.12 -61.52 -60.44
C ARG I 704 73.32 -60.58 -60.52
N LEU I 705 74.37 -60.96 -61.24
CA LEU I 705 75.51 -60.08 -61.42
C LEU I 705 75.14 -58.86 -62.26
N LYS I 706 74.45 -59.10 -63.38
CA LYS I 706 73.97 -57.98 -64.19
C LYS I 706 72.81 -57.27 -63.52
N GLU I 707 72.06 -57.97 -62.67
CA GLU I 707 70.92 -57.36 -61.99
C GLU I 707 71.36 -56.44 -60.86
N MET I 708 72.51 -56.69 -60.23
CA MET I 708 73.00 -55.83 -59.16
C MET I 708 73.83 -54.67 -59.67
N VAL I 709 74.16 -54.63 -60.96
CA VAL I 709 75.05 -53.62 -61.49
C VAL I 709 74.34 -52.61 -62.39
N ASN I 710 73.28 -53.01 -63.10
CA ASN I 710 72.62 -52.10 -64.01
C ASN I 710 71.91 -50.99 -63.23
N PRO I 711 71.93 -49.75 -63.72
CA PRO I 711 71.25 -48.65 -63.03
C PRO I 711 69.77 -48.52 -63.36
N GLY I 712 69.17 -49.52 -63.99
CA GLY I 712 67.78 -49.48 -64.38
C GLY I 712 66.85 -50.00 -63.31
N ASP I 713 65.70 -50.51 -63.75
CA ASP I 713 64.69 -51.01 -62.83
C ASP I 713 65.08 -52.38 -62.30
N VAL I 714 65.02 -52.55 -60.98
CA VAL I 714 65.27 -53.82 -60.32
C VAL I 714 64.13 -54.09 -59.35
N THR I 715 63.60 -55.31 -59.38
CA THR I 715 62.50 -55.68 -58.50
C THR I 715 62.44 -57.20 -58.32
N GLU I 724 58.86 -55.00 -54.85
CA GLU I 724 58.41 -53.83 -55.60
C GLU I 724 59.57 -53.20 -56.36
N SER I 725 59.23 -52.32 -57.31
CA SER I 725 60.24 -51.67 -58.13
C SER I 725 60.99 -50.60 -57.33
N PHE I 726 62.30 -50.54 -57.55
CA PHE I 726 63.14 -49.55 -56.90
C PHE I 726 64.42 -49.37 -57.71
N GLN I 727 65.15 -48.32 -57.39
CA GLN I 727 66.39 -47.99 -58.10
C GLN I 727 67.60 -48.25 -57.21
N MET I 728 68.75 -48.46 -57.87
CA MET I 728 70.01 -48.74 -57.18
C MET I 728 70.98 -47.62 -57.49
N THR I 729 71.50 -46.98 -56.44
CA THR I 729 72.52 -45.93 -56.57
C THR I 729 73.55 -46.18 -55.47
N ALA I 730 74.59 -46.95 -55.79
CA ALA I 730 75.60 -47.29 -54.81
C ALA I 730 76.89 -47.68 -55.51
N THR I 731 77.99 -47.61 -54.77
CA THR I 731 79.29 -48.08 -55.23
C THR I 731 79.64 -49.38 -54.52
N MET I 732 79.97 -50.41 -55.30
CA MET I 732 80.18 -51.75 -54.80
C MET I 732 81.67 -52.05 -54.70
N VAL I 733 82.11 -52.45 -53.50
CA VAL I 733 83.51 -52.74 -53.24
C VAL I 733 83.61 -54.09 -52.53
N ALA I 734 84.46 -54.98 -53.05
CA ALA I 734 84.64 -56.31 -52.49
C ALA I 734 86.12 -56.67 -52.45
N ALA I 735 86.48 -57.43 -51.41
CA ALA I 735 87.85 -57.90 -51.24
C ALA I 735 87.82 -59.23 -50.49
N SER I 736 88.78 -60.09 -50.80
CA SER I 736 88.84 -61.41 -50.20
C SER I 736 90.26 -61.94 -50.22
N ASN I 737 90.53 -62.89 -49.32
CA ASN I 737 91.83 -63.55 -49.28
C ASN I 737 91.97 -64.61 -50.36
N TYR I 738 90.87 -65.25 -50.75
CA TYR I 738 90.91 -66.30 -51.75
C TYR I 738 90.49 -65.74 -53.10
N ASN I 739 90.34 -66.61 -54.09
CA ASN I 739 89.98 -66.22 -55.44
C ASN I 739 88.63 -66.81 -55.81
N PHE I 740 87.96 -66.15 -56.76
CA PHE I 740 86.66 -66.58 -57.23
C PHE I 740 86.79 -67.31 -58.57
N ILE I 741 85.68 -67.88 -59.01
CA ILE I 741 85.60 -68.62 -60.27
C ILE I 741 84.58 -67.94 -61.16
N ILE I 742 84.99 -67.55 -62.37
CA ILE I 742 84.14 -66.89 -63.33
C ILE I 742 84.14 -67.70 -64.61
N ASP I 743 82.96 -68.01 -65.13
CA ASP I 743 82.81 -68.73 -66.40
C ASP I 743 81.83 -67.95 -67.29
N THR I 744 82.35 -66.95 -67.99
CA THR I 744 81.60 -66.16 -68.94
C THR I 744 82.57 -65.26 -69.71
N THR I 745 82.29 -65.05 -71.00
CA THR I 745 83.10 -64.17 -71.82
C THR I 745 82.19 -63.34 -72.73
N ASP I 746 81.11 -62.82 -72.16
CA ASP I 746 80.25 -61.91 -72.90
C ASP I 746 80.97 -60.59 -73.14
N HIS I 747 80.67 -59.96 -74.29
CA HIS I 747 81.31 -58.69 -74.61
C HIS I 747 80.96 -57.62 -73.59
N GLY I 748 79.69 -57.58 -73.16
CA GLY I 748 79.31 -56.66 -72.10
C GLY I 748 80.03 -56.95 -70.80
N THR I 749 80.18 -58.23 -70.46
CA THR I 749 80.94 -58.60 -69.29
C THR I 749 82.43 -58.36 -69.51
N TRP I 750 83.16 -58.24 -68.41
CA TRP I 750 84.59 -57.93 -68.38
C TRP I 750 84.84 -56.50 -68.85
N ARG I 751 83.78 -55.82 -69.30
CA ARG I 751 83.79 -54.39 -69.54
C ARG I 751 83.19 -53.64 -68.36
N ARG I 752 82.12 -54.18 -67.79
CA ARG I 752 81.54 -53.67 -66.55
C ARG I 752 82.12 -54.41 -65.36
N LEU I 753 83.44 -54.46 -65.27
CA LEU I 753 84.13 -55.21 -64.23
C LEU I 753 85.58 -54.76 -64.15
N ARG I 754 86.11 -54.66 -62.94
CA ARG I 754 87.49 -54.29 -62.70
C ARG I 754 88.09 -55.24 -61.67
N HIS I 755 89.41 -55.35 -61.70
CA HIS I 755 90.11 -56.25 -60.79
C HIS I 755 91.45 -55.65 -60.39
N TYR I 756 91.94 -56.08 -59.23
CA TYR I 756 93.25 -55.67 -58.74
C TYR I 756 93.73 -56.71 -57.75
N ARG I 757 95.05 -56.79 -57.58
CA ARG I 757 95.66 -57.69 -56.61
C ARG I 757 96.58 -56.89 -55.71
N SER I 758 96.43 -57.04 -54.40
CA SER I 758 97.29 -56.35 -53.44
C SER I 758 98.71 -56.88 -53.54
N LYS I 759 99.67 -55.95 -53.62
CA LYS I 759 101.08 -56.31 -53.72
C LYS I 759 101.80 -56.25 -52.39
N VAL I 760 101.12 -55.90 -51.31
CA VAL I 760 101.74 -55.76 -50.00
C VAL I 760 101.41 -56.97 -49.14
N LYS I 761 102.14 -57.12 -48.05
CA LYS I 761 101.90 -58.17 -47.06
C LYS I 761 102.26 -57.65 -45.69
N PHE I 762 101.37 -57.85 -44.72
CA PHE I 762 101.58 -57.39 -43.36
C PHE I 762 101.68 -58.59 -42.43
N CYS I 763 102.76 -58.65 -41.66
CA CYS I 763 102.98 -59.74 -40.71
C CYS I 763 103.80 -59.20 -39.55
N HIS I 764 103.74 -59.94 -38.44
CA HIS I 764 104.37 -59.46 -37.20
C HIS I 764 105.89 -59.34 -37.35
N ASN I 765 106.53 -60.30 -38.00
CA ASN I 765 107.97 -60.27 -38.19
C ASN I 765 108.34 -59.52 -39.46
N PRO I 766 109.03 -58.39 -39.37
CA PRO I 766 109.34 -57.61 -40.58
C PRO I 766 110.31 -58.34 -41.48
N ASP I 767 110.15 -58.11 -42.79
CA ASP I 767 111.09 -58.63 -43.77
C ASP I 767 111.92 -57.47 -44.33
N PRO I 768 113.20 -57.38 -43.99
CA PRO I 768 113.98 -56.20 -44.41
C PRO I 768 114.18 -56.14 -45.91
N SER I 769 114.32 -54.91 -46.42
CA SER I 769 114.60 -54.63 -47.83
C SER I 769 113.51 -55.16 -48.75
N ASN I 770 112.27 -55.25 -48.28
CA ASN I 770 111.15 -55.71 -49.09
C ASN I 770 110.04 -54.67 -49.06
N PRO I 771 109.89 -53.86 -50.11
CA PRO I 771 108.79 -52.89 -50.13
C PRO I 771 107.42 -53.53 -50.12
N TYR I 772 107.31 -54.80 -50.50
CA TYR I 772 106.04 -55.52 -50.52
C TYR I 772 105.67 -56.09 -49.16
N GLU I 773 106.50 -55.88 -48.13
CA GLU I 773 106.17 -56.33 -46.79
C GLU I 773 106.38 -55.19 -45.81
N LYS I 774 105.41 -54.99 -44.93
CA LYS I 774 105.51 -53.99 -43.87
C LYS I 774 104.87 -54.54 -42.61
N LYS I 775 105.26 -54.01 -41.45
CA LYS I 775 104.72 -54.52 -40.20
C LYS I 775 103.27 -54.12 -40.02
N GLU I 776 102.39 -55.10 -39.89
CA GLU I 776 100.98 -54.81 -39.70
C GLU I 776 100.77 -53.97 -38.45
N ASP I 777 99.87 -53.00 -38.54
CA ASP I 777 99.57 -52.17 -37.37
C ASP I 777 98.19 -52.48 -36.81
N PRO I 778 98.13 -53.36 -35.82
CA PRO I 778 96.83 -53.76 -35.26
C PRO I 778 96.03 -52.56 -34.77
N ARG I 779 96.72 -51.49 -34.41
CA ARG I 779 96.04 -50.28 -33.96
C ARG I 779 95.09 -49.80 -35.05
N PHE I 780 95.50 -49.94 -36.30
CA PHE I 780 94.66 -49.51 -37.42
C PHE I 780 93.29 -50.15 -37.35
N ILE I 781 93.26 -51.44 -37.01
CA ILE I 781 91.99 -52.16 -36.97
C ILE I 781 91.25 -51.96 -35.66
N HIS I 782 91.64 -52.69 -34.62
CA HIS I 782 90.92 -52.61 -33.35
C HIS I 782 90.46 -51.20 -33.05
N GLU I 783 91.35 -50.21 -33.22
CA GLU I 783 91.02 -48.83 -32.92
C GLU I 783 91.35 -47.94 -34.12
N TYR I 784 91.40 -46.62 -33.92
CA TYR I 784 91.49 -45.62 -34.98
C TYR I 784 90.19 -45.51 -35.77
N ILE I 785 89.11 -46.10 -35.26
CA ILE I 785 87.81 -46.05 -35.91
C ILE I 785 86.88 -45.23 -35.03
N MET I 786 86.92 -45.48 -33.72
CA MET I 786 86.08 -44.79 -32.77
C MET I 786 86.51 -43.34 -32.57
N ASP I 787 87.71 -43.00 -33.00
CA ASP I 787 88.24 -41.65 -32.86
C ASP I 787 87.44 -40.68 -33.70
N PRO I 788 86.67 -39.76 -33.10
CA PRO I 788 85.87 -38.82 -33.91
C PRO I 788 86.71 -37.95 -34.82
N ASP I 789 87.86 -37.47 -34.35
CA ASP I 789 88.70 -36.61 -35.17
C ASP I 789 89.22 -37.36 -36.38
N CYS I 790 89.58 -38.64 -36.21
CA CYS I 790 90.02 -39.45 -37.34
C CYS I 790 88.92 -39.58 -38.38
N GLN I 791 87.67 -39.80 -37.94
CA GLN I 791 86.57 -39.89 -38.89
C GLN I 791 86.32 -38.57 -39.60
N ASN I 792 86.41 -37.46 -38.88
CA ASN I 792 86.23 -36.15 -39.52
C ASN I 792 87.31 -35.90 -40.57
N ALA I 793 88.56 -36.21 -40.24
CA ALA I 793 89.64 -36.05 -41.21
C ALA I 793 89.44 -36.96 -42.41
N PHE I 794 89.02 -38.20 -42.17
CA PHE I 794 88.77 -39.13 -43.27
C PHE I 794 87.67 -38.62 -44.19
N PHE I 795 86.59 -38.09 -43.60
CA PHE I 795 85.50 -37.52 -44.40
C PHE I 795 86.00 -36.33 -45.22
N SER I 796 86.83 -35.49 -44.61
CA SER I 796 87.39 -34.36 -45.35
C SER I 796 88.27 -34.84 -46.51
N ILE I 797 89.06 -35.89 -46.28
CA ILE I 797 89.92 -36.42 -47.33
C ILE I 797 89.08 -36.98 -48.48
N LEU I 798 88.04 -37.74 -48.14
CA LEU I 798 87.18 -38.30 -49.19
C LEU I 798 86.44 -37.22 -49.97
N VAL I 799 85.94 -36.18 -49.29
CA VAL I 799 85.28 -35.11 -50.04
C VAL I 799 86.29 -34.33 -50.88
N TYR I 800 87.54 -34.24 -50.42
CA TYR I 800 88.57 -33.59 -51.24
C TYR I 800 88.85 -34.38 -52.51
N PHE I 801 88.99 -35.70 -52.40
CA PHE I 801 89.16 -36.51 -53.60
C PHE I 801 87.93 -36.48 -54.49
N TRP I 802 86.73 -36.41 -53.91
CA TRP I 802 85.53 -36.28 -54.72
C TRP I 802 85.54 -34.98 -55.52
N GLU I 803 85.93 -33.88 -54.88
CA GLU I 803 86.04 -32.61 -55.58
C GLU I 803 87.11 -32.68 -56.68
N LYS I 804 88.23 -33.34 -56.39
CA LYS I 804 89.27 -33.52 -57.40
C LYS I 804 88.75 -34.28 -58.61
N LEU I 805 88.03 -35.36 -58.37
CA LEU I 805 87.46 -36.14 -59.47
C LEU I 805 86.46 -35.30 -60.26
N GLN I 806 85.60 -34.56 -59.57
CA GLN I 806 84.60 -33.76 -60.27
C GLN I 806 85.25 -32.68 -61.13
N LYS I 807 86.29 -32.03 -60.62
CA LYS I 807 86.92 -30.97 -61.39
C LYS I 807 87.80 -31.51 -62.52
N GLU I 808 88.41 -32.68 -62.33
CA GLU I 808 89.29 -33.21 -63.37
C GLU I 808 88.51 -33.97 -64.44
N TYR I 809 87.83 -35.04 -64.05
CA TYR I 809 87.20 -35.96 -64.99
C TYR I 809 85.70 -35.71 -65.14
N ASN I 810 85.19 -34.62 -64.59
CA ASN I 810 83.78 -34.24 -64.73
C ASN I 810 82.83 -35.33 -64.22
N GLY I 811 83.22 -36.01 -63.13
CA GLY I 811 82.33 -36.97 -62.52
C GLY I 811 82.18 -38.29 -63.22
N GLN I 812 83.19 -38.73 -63.97
CA GLN I 812 83.16 -40.01 -64.66
C GLN I 812 84.39 -40.82 -64.29
N ILE I 813 84.16 -42.06 -63.83
CA ILE I 813 85.27 -42.97 -63.57
C ILE I 813 85.82 -43.54 -64.87
N LYS I 814 85.08 -43.43 -65.97
CA LYS I 814 85.59 -43.89 -67.26
C LYS I 814 86.71 -43.00 -67.75
N LYS I 815 86.63 -41.69 -67.49
CA LYS I 815 87.67 -40.77 -67.93
C LYS I 815 89.00 -41.07 -67.25
N VAL I 816 88.97 -41.35 -65.95
CA VAL I 816 90.19 -41.63 -65.21
C VAL I 816 90.65 -43.05 -65.49
N PHE I 817 91.93 -43.22 -65.75
CA PHE I 817 92.53 -44.52 -66.04
C PHE I 817 93.82 -44.67 -65.26
N CYS I 818 94.10 -45.90 -64.84
CA CYS I 818 95.32 -46.24 -64.15
C CYS I 818 96.10 -47.29 -64.94
N PRO I 819 97.41 -47.11 -65.11
CA PRO I 819 98.19 -48.16 -65.80
C PRO I 819 98.09 -49.52 -65.13
N THR I 820 98.07 -49.56 -63.79
CA THR I 820 97.89 -50.84 -63.10
C THR I 820 96.51 -51.42 -63.37
N ILE I 821 95.48 -50.59 -63.32
CA ILE I 821 94.14 -51.04 -63.65
C ILE I 821 94.06 -51.34 -65.15
N GLU I 822 93.20 -52.30 -65.51
CA GLU I 822 93.00 -52.73 -66.88
C GLU I 822 94.24 -53.47 -67.39
N SER I 823 95.26 -53.57 -66.54
CA SER I 823 96.42 -54.43 -66.81
C SER I 823 96.33 -55.73 -66.01
N GLU I 824 96.18 -55.61 -64.68
CA GLU I 824 95.85 -56.79 -63.88
C GLU I 824 94.43 -57.27 -64.18
N THR I 825 93.52 -56.33 -64.49
CA THR I 825 92.16 -56.71 -64.83
C THR I 825 92.12 -57.54 -66.11
N GLU I 826 92.84 -57.12 -67.14
CA GLU I 826 92.87 -57.92 -68.36
C GLU I 826 93.63 -59.23 -68.15
N ALA I 827 94.60 -59.24 -67.23
CA ALA I 827 95.28 -60.48 -66.89
C ALA I 827 94.32 -61.48 -66.27
N TYR I 828 93.44 -61.01 -65.37
CA TYR I 828 92.43 -61.87 -64.79
C TYR I 828 91.40 -62.28 -65.84
N ARG I 829 91.09 -61.37 -66.77
CA ARG I 829 90.18 -61.70 -67.86
C ARG I 829 90.73 -62.83 -68.72
N LYS I 830 92.02 -62.77 -69.04
CA LYS I 830 92.66 -63.88 -69.75
C LYS I 830 92.66 -65.15 -68.92
N SER I 831 92.69 -65.02 -67.60
CA SER I 831 92.55 -66.17 -66.70
C SER I 831 91.08 -66.52 -66.57
N GLN I 832 90.77 -67.44 -65.64
CA GLN I 832 89.41 -67.90 -65.38
C GLN I 832 88.77 -68.52 -66.63
N ASP I 833 89.58 -69.04 -67.55
CA ASP I 833 89.10 -69.69 -68.75
C ASP I 833 89.43 -71.17 -68.67
N THR I 834 88.42 -72.01 -68.86
CA THR I 834 88.55 -73.45 -68.68
C THR I 834 88.49 -74.22 -70.00
N LEU I 835 87.51 -73.92 -70.85
CA LEU I 835 87.38 -74.66 -72.11
C LEU I 835 88.59 -74.45 -73.01
N HIS I 836 89.04 -73.20 -73.14
CA HIS I 836 90.25 -72.93 -73.91
C HIS I 836 91.47 -73.58 -73.26
N ARG I 837 91.56 -73.52 -71.93
CA ARG I 837 92.63 -74.21 -71.23
C ARG I 837 92.53 -75.72 -71.42
N PHE I 838 91.31 -76.26 -71.42
CA PHE I 838 91.12 -77.69 -71.64
C PHE I 838 91.59 -78.11 -73.02
N ILE I 839 91.31 -77.29 -74.04
CA ILE I 839 91.72 -77.63 -75.40
C ILE I 839 93.23 -77.71 -75.49
N THR I 840 93.93 -76.76 -74.90
CA THR I 840 95.39 -76.76 -74.88
C THR I 840 95.93 -77.48 -73.65
N GLU I 841 95.51 -78.72 -73.46
CA GLU I 841 95.96 -79.52 -72.32
C GLU I 841 95.83 -81.02 -72.62
N SER I 856 80.01 -85.78 -79.30
CA SER I 856 79.67 -85.65 -77.89
C SER I 856 80.84 -86.07 -77.01
N GLU I 857 81.88 -86.63 -77.62
CA GLU I 857 83.03 -87.08 -76.84
C GLU I 857 83.88 -85.90 -76.37
N VAL I 858 83.94 -84.83 -77.16
CA VAL I 858 84.76 -83.68 -76.77
C VAL I 858 84.16 -82.97 -75.56
N VAL I 859 82.84 -82.72 -75.61
CA VAL I 859 82.19 -82.04 -74.48
C VAL I 859 82.20 -82.93 -73.25
N THR I 860 82.05 -84.25 -73.44
CA THR I 860 82.13 -85.17 -72.31
C THR I 860 83.50 -85.13 -71.66
N ALA I 861 84.55 -85.23 -72.48
CA ALA I 861 85.92 -85.19 -71.95
C ALA I 861 86.20 -83.87 -71.24
N TYR I 862 85.69 -82.77 -71.79
CA TYR I 862 85.76 -81.49 -71.09
C TYR I 862 85.05 -81.56 -69.75
N ALA I 863 83.92 -82.27 -69.69
CA ALA I 863 83.17 -82.38 -68.45
C ALA I 863 83.98 -83.10 -67.38
N GLU I 864 84.55 -84.27 -67.70
CA GLU I 864 85.36 -84.94 -66.69
C GLU I 864 86.65 -84.17 -66.37
N TRP I 865 87.22 -83.47 -67.35
CA TRP I 865 88.40 -82.66 -67.06
C TRP I 865 88.06 -81.56 -66.06
N TYR I 866 86.92 -80.90 -66.25
CA TYR I 866 86.49 -79.87 -65.30
C TYR I 866 86.19 -80.46 -63.93
N ASN I 867 85.56 -81.65 -63.91
CA ASN I 867 85.23 -82.29 -62.64
C ASN I 867 86.49 -82.67 -61.87
N THR I 868 87.49 -83.22 -62.55
CA THR I 868 88.69 -83.70 -61.89
C THR I 868 89.77 -82.63 -61.71
N ASN I 869 89.58 -81.44 -62.30
CA ASN I 869 90.57 -80.37 -62.21
C ASN I 869 90.19 -79.29 -61.22
N ILE I 870 88.97 -78.76 -61.29
CA ILE I 870 88.57 -77.67 -60.41
C ILE I 870 87.44 -78.11 -59.49
N ASN I 871 86.28 -78.45 -60.06
CA ASN I 871 85.10 -78.80 -59.29
C ASN I 871 84.23 -79.75 -60.09
N VAL I 872 83.59 -80.68 -59.39
CA VAL I 872 82.65 -81.61 -59.98
C VAL I 872 81.24 -81.04 -59.84
N LYS I 873 80.50 -81.05 -60.94
CA LYS I 873 79.16 -80.46 -60.96
C LYS I 873 78.41 -81.01 -62.17
N ARG I 874 77.12 -80.71 -62.22
CA ARG I 874 76.29 -81.09 -63.36
C ARG I 874 76.65 -80.24 -64.57
N HIS I 875 76.59 -80.85 -65.74
CA HIS I 875 76.96 -80.20 -66.99
C HIS I 875 75.87 -80.39 -68.03
N ILE I 876 75.74 -79.42 -68.92
CA ILE I 876 74.80 -79.47 -70.04
C ILE I 876 75.61 -79.38 -71.32
N ALA I 877 75.47 -80.39 -72.19
CA ALA I 877 76.24 -80.46 -73.42
C ALA I 877 75.60 -79.72 -74.59
N LEU I 878 74.39 -79.19 -74.40
CA LEU I 878 73.70 -78.52 -75.50
C LEU I 878 74.42 -77.22 -75.89
N GLU I 879 74.75 -76.38 -74.92
CA GLU I 879 75.34 -75.08 -75.21
C GLU I 879 76.85 -75.11 -75.30
N LEU I 880 77.52 -76.05 -74.62
CA LEU I 880 78.97 -76.07 -74.59
C LEU I 880 79.58 -76.28 -75.97
N SER I 881 78.83 -76.88 -76.90
CA SER I 881 79.32 -77.03 -78.26
C SER I 881 79.58 -75.68 -78.91
N GLN I 882 78.76 -74.67 -78.57
CA GLN I 882 78.95 -73.34 -79.16
C GLN I 882 80.26 -72.71 -78.71
N GLU I 883 80.59 -72.78 -77.42
CA GLU I 883 81.87 -72.26 -76.96
C GLU I 883 83.03 -73.11 -77.45
N LEU I 884 82.84 -74.41 -77.59
CA LEU I 884 83.89 -75.26 -78.14
C LEU I 884 84.19 -74.89 -79.59
N GLU I 885 83.15 -74.63 -80.38
CA GLU I 885 83.33 -74.19 -81.76
C GLU I 885 83.97 -72.81 -81.81
N ASN I 886 83.54 -71.90 -80.94
CA ASN I 886 84.09 -70.55 -80.91
C ASN I 886 85.51 -70.50 -80.35
N SER I 887 86.01 -71.60 -79.83
CA SER I 887 87.36 -71.66 -79.28
C SER I 887 88.37 -71.77 -80.42
N VAL I 888 89.62 -72.11 -80.08
CA VAL I 888 90.70 -72.20 -81.06
C VAL I 888 90.50 -73.39 -81.99
N LEU I 889 89.42 -74.14 -81.79
CA LEU I 889 89.10 -75.29 -82.61
C LEU I 889 88.26 -74.91 -83.84
N GLU I 890 88.05 -73.62 -84.08
CA GLU I 890 87.26 -73.19 -85.24
C GLU I 890 87.92 -73.63 -86.55
N LYS I 891 89.25 -73.49 -86.65
CA LYS I 891 89.95 -73.92 -87.85
C LYS I 891 89.91 -75.43 -88.01
N TYR I 892 89.97 -76.17 -86.90
CA TYR I 892 89.91 -77.63 -86.93
C TYR I 892 88.47 -78.12 -86.80
N LEU I 893 87.59 -77.62 -87.66
CA LEU I 893 86.18 -77.98 -87.64
C LEU I 893 85.75 -78.41 -89.04
N GLN I 894 85.10 -79.56 -89.14
CA GLN I 894 84.60 -80.08 -90.40
C GLN I 894 83.23 -80.69 -90.20
N TRP I 895 82.45 -80.71 -91.28
CA TRP I 895 81.06 -81.15 -91.21
C TRP I 895 80.95 -82.64 -91.56
N SER I 896 79.75 -83.17 -91.35
CA SER I 896 79.43 -84.57 -91.60
C SER I 896 78.16 -84.68 -92.42
N PRO I 897 78.02 -85.74 -93.22
CA PRO I 897 76.76 -85.93 -93.97
C PRO I 897 75.55 -86.08 -93.08
N ASN I 898 75.72 -86.51 -91.83
CA ASN I 898 74.62 -86.61 -90.87
C ASN I 898 74.31 -85.29 -90.18
N LYS I 899 74.82 -84.17 -90.72
CA LYS I 899 74.62 -82.84 -90.14
C LYS I 899 75.13 -82.78 -88.70
N THR I 900 76.28 -83.41 -88.44
CA THR I 900 76.90 -83.40 -87.13
C THR I 900 78.26 -82.72 -87.23
N ARG I 901 78.64 -82.04 -86.13
CA ARG I 901 79.90 -81.30 -86.08
C ARG I 901 80.97 -82.20 -85.48
N ILE I 902 81.40 -83.18 -86.28
CA ILE I 902 82.48 -84.06 -85.88
C ILE I 902 83.80 -83.30 -85.99
N LEU I 903 84.84 -83.82 -85.34
CA LEU I 903 86.09 -83.12 -85.17
C LEU I 903 87.21 -83.78 -85.97
N LYS I 904 88.11 -82.96 -86.49
CA LYS I 904 89.29 -83.43 -87.22
C LYS I 904 90.52 -82.73 -86.66
N GLY I 905 91.68 -83.33 -86.94
CA GLY I 905 92.94 -82.79 -86.45
C GLY I 905 93.01 -82.75 -84.94
N CYS I 906 92.42 -83.73 -84.27
CA CYS I 906 92.38 -83.77 -82.82
C CYS I 906 92.73 -85.17 -82.35
N ARG I 907 93.29 -85.25 -81.14
CA ARG I 907 93.64 -86.54 -80.54
C ARG I 907 93.81 -86.32 -79.04
N ILE I 908 93.02 -87.03 -78.24
CA ILE I 908 93.09 -86.91 -76.79
C ILE I 908 94.33 -87.68 -76.32
N LEU I 909 95.31 -86.96 -75.77
CA LEU I 909 96.60 -87.57 -75.44
C LEU I 909 96.47 -88.61 -74.34
N HIS I 910 95.82 -88.25 -73.23
CA HIS I 910 95.69 -89.14 -72.07
C HIS I 910 97.04 -89.63 -71.57
N LYS I 911 98.06 -88.78 -71.66
CA LYS I 911 99.42 -89.12 -71.20
C LYS I 911 100.03 -87.87 -70.58
N PHE I 912 99.92 -87.76 -69.25
CA PHE I 912 100.49 -86.66 -68.48
C PHE I 912 100.00 -85.30 -68.99
N ILE I 935 105.05 -46.66 -62.26
CA ILE I 935 105.13 -45.64 -63.30
C ILE I 935 105.98 -44.47 -62.81
N CYS I 936 105.39 -43.64 -61.95
CA CYS I 936 106.07 -42.50 -61.39
C CYS I 936 105.73 -42.39 -59.90
N GLU I 937 106.47 -41.55 -59.20
CA GLU I 937 106.27 -41.36 -57.76
C GLU I 937 106.09 -39.88 -57.47
N PRO I 938 105.33 -39.55 -56.42
CA PRO I 938 105.17 -38.15 -56.04
C PRO I 938 106.42 -37.60 -55.37
N LYS I 939 106.56 -36.27 -55.43
CA LYS I 939 107.65 -35.62 -54.73
C LYS I 939 107.52 -35.81 -53.22
N ASN I 940 106.46 -35.25 -52.63
CA ASN I 940 106.14 -35.52 -51.23
C ASN I 940 104.64 -35.62 -50.97
N LYS I 941 103.80 -35.51 -51.99
CA LYS I 941 102.33 -35.49 -51.82
C LYS I 941 101.72 -36.36 -52.92
N TRP I 942 101.42 -37.62 -52.59
CA TRP I 942 100.70 -38.46 -53.54
C TRP I 942 99.26 -38.00 -53.70
N TRP I 943 98.67 -37.42 -52.64
CA TRP I 943 97.32 -36.88 -52.72
C TRP I 943 97.24 -35.69 -53.66
N GLU I 944 98.37 -35.05 -53.96
CA GLU I 944 98.38 -33.97 -54.94
C GLU I 944 98.00 -34.46 -56.33
N TRP I 945 98.09 -35.78 -56.56
CA TRP I 945 97.59 -36.44 -57.76
C TRP I 945 98.49 -36.16 -58.97
N SER I 946 99.50 -35.29 -58.79
CA SER I 946 100.46 -34.96 -59.84
C SER I 946 99.73 -34.30 -61.01
N PRO I 947 100.39 -34.05 -62.15
CA PRO I 947 99.63 -33.60 -63.33
C PRO I 947 98.71 -34.69 -63.87
N ASN I 948 98.03 -34.40 -64.98
CA ASN I 948 97.04 -35.32 -65.53
C ASN I 948 97.54 -36.74 -65.73
N PRO I 949 98.74 -37.00 -66.29
CA PRO I 949 99.20 -38.39 -66.37
C PRO I 949 99.30 -39.08 -65.02
N SER I 950 99.64 -38.33 -63.96
CA SER I 950 99.72 -38.88 -62.60
C SER I 950 100.68 -40.06 -62.51
N THR J 11 54.31 -11.84 -2.71
CA THR J 11 54.09 -12.76 -3.83
C THR J 11 52.62 -13.09 -3.97
N ILE J 12 52.06 -13.73 -2.94
CA ILE J 12 50.64 -14.09 -2.96
C ILE J 12 49.78 -12.83 -2.99
N GLN J 13 50.10 -11.84 -2.14
CA GLN J 13 49.30 -10.63 -2.08
C GLN J 13 49.41 -9.82 -3.37
N LEU J 14 50.58 -9.85 -4.01
CA LEU J 14 50.72 -9.16 -5.29
C LEU J 14 49.74 -9.72 -6.32
N THR J 15 49.66 -11.05 -6.41
CA THR J 15 48.70 -11.66 -7.32
C THR J 15 47.26 -11.34 -6.89
N ALA J 16 47.00 -11.33 -5.58
CA ALA J 16 45.66 -11.03 -5.10
C ALA J 16 45.21 -9.65 -5.57
N GLN J 17 46.01 -8.62 -5.26
CA GLN J 17 45.65 -7.26 -5.69
C GLN J 17 45.66 -7.13 -7.21
N ARG J 18 46.54 -7.85 -7.91
CA ARG J 18 46.45 -7.88 -9.36
C ARG J 18 45.16 -8.51 -9.85
N LYS J 19 44.50 -9.32 -9.03
CA LYS J 19 43.25 -9.97 -9.42
C LYS J 19 42.03 -9.12 -9.10
N TYR J 20 41.83 -8.75 -7.83
CA TYR J 20 40.58 -8.11 -7.44
C TYR J 20 40.60 -6.59 -7.56
N LEU J 21 41.61 -6.01 -8.23
CA LEU J 21 41.68 -4.57 -8.41
C LEU J 21 41.86 -4.27 -9.90
N ALA J 22 40.97 -3.46 -10.46
CA ALA J 22 41.05 -3.09 -11.86
C ALA J 22 42.13 -2.03 -12.12
N GLU J 23 42.36 -1.14 -11.14
CA GLU J 23 43.35 -0.10 -11.33
C GLU J 23 44.75 -0.67 -11.49
N VAL J 24 45.04 -1.81 -10.85
CA VAL J 24 46.33 -2.46 -11.04
C VAL J 24 46.51 -2.90 -12.48
N GLN J 25 45.46 -3.48 -13.07
CA GLN J 25 45.52 -3.88 -14.48
C GLN J 25 45.63 -2.67 -15.39
N ALA J 26 44.93 -1.59 -15.06
CA ALA J 26 45.04 -0.38 -15.87
C ALA J 26 46.46 0.17 -15.82
N LEU J 27 47.08 0.18 -14.64
CA LEU J 27 48.46 0.64 -14.52
C LEU J 27 49.41 -0.28 -15.26
N GLU J 28 49.18 -1.59 -15.20
CA GLU J 28 50.01 -2.54 -15.93
C GLU J 28 49.93 -2.29 -17.44
N THR J 29 48.71 -2.05 -17.94
CA THR J 29 48.55 -1.73 -19.36
C THR J 29 49.24 -0.42 -19.70
N LEU J 30 49.13 0.58 -18.81
CA LEU J 30 49.79 1.86 -19.06
C LEU J 30 51.31 1.70 -19.15
N LEU J 31 51.88 0.87 -18.26
CA LEU J 31 53.32 0.63 -18.28
C LEU J 31 53.74 -0.15 -19.52
N THR J 32 53.01 -1.23 -19.83
CA THR J 32 53.44 -2.15 -20.89
C THR J 32 53.19 -1.60 -22.29
N ARG J 33 52.14 -0.82 -22.48
CA ARG J 33 51.81 -0.31 -23.81
C ARG J 33 52.40 1.08 -24.04
N GLU J 34 52.01 2.06 -23.21
CA GLU J 34 52.42 3.43 -23.45
C GLU J 34 53.90 3.64 -23.15
N LEU J 35 54.38 3.11 -22.02
CA LEU J 35 55.74 3.39 -21.57
C LEU J 35 56.78 2.44 -22.17
N SER J 36 56.36 1.40 -22.90
CA SER J 36 57.32 0.52 -23.55
C SER J 36 58.16 1.28 -24.57
N VAL J 37 57.51 2.13 -25.37
CA VAL J 37 58.23 2.95 -26.33
C VAL J 37 59.10 3.99 -25.65
N PHE J 38 58.83 4.30 -24.38
CA PHE J 38 59.64 5.26 -23.62
C PHE J 38 60.78 4.54 -22.92
N LEU J 39 61.61 3.89 -23.73
CA LEU J 39 62.75 3.13 -23.21
C LEU J 39 63.78 4.06 -22.58
N THR J 40 64.47 3.55 -21.56
CA THR J 40 65.49 4.31 -20.85
C THR J 40 66.56 3.35 -20.36
N GLU J 41 67.81 3.84 -20.34
CA GLU J 41 68.93 3.01 -19.93
C GLU J 41 68.82 2.63 -18.45
N PRO J 42 69.34 1.45 -18.08
CA PRO J 42 69.19 1.00 -16.68
C PRO J 42 69.86 1.90 -15.66
N GLY J 43 70.92 2.62 -16.04
CA GLY J 43 71.64 3.41 -15.06
C GLY J 43 71.94 4.83 -15.49
N SER J 44 71.36 5.27 -16.59
CA SER J 44 71.60 6.63 -17.08
C SER J 44 70.97 7.66 -16.15
N LYS J 45 71.57 8.85 -16.13
CA LYS J 45 71.03 9.95 -15.33
C LYS J 45 69.76 10.53 -15.91
N LYS J 46 69.41 10.19 -17.16
CA LYS J 46 68.25 10.78 -17.81
C LYS J 46 66.94 10.33 -17.17
N THR J 47 66.89 9.12 -16.60
CA THR J 47 65.65 8.61 -16.05
C THR J 47 65.19 9.42 -14.84
N ASN J 48 63.86 9.53 -14.70
CA ASN J 48 63.27 10.21 -13.56
C ASN J 48 62.52 9.27 -12.62
N ILE J 49 61.96 8.18 -13.12
CA ILE J 49 61.22 7.23 -12.29
C ILE J 49 61.80 5.83 -12.52
N ILE J 50 62.24 5.19 -11.44
CA ILE J 50 62.81 3.84 -11.52
C ILE J 50 61.98 2.93 -10.64
N ASN J 51 61.47 1.85 -11.21
CA ASN J 51 60.75 0.83 -10.45
C ASN J 51 61.75 -0.26 -10.07
N ARG J 52 62.06 -0.34 -8.79
CA ARG J 52 62.95 -1.38 -8.28
C ARG J 52 62.28 -2.75 -8.20
N ILE J 53 60.96 -2.81 -8.41
CA ILE J 53 60.28 -4.10 -8.48
C ILE J 53 60.83 -4.90 -9.65
N THR J 54 60.96 -4.26 -10.81
CA THR J 54 61.59 -4.86 -11.98
C THR J 54 62.82 -4.09 -12.44
N GLY J 55 63.21 -3.05 -11.71
CA GLY J 55 64.38 -2.28 -12.07
C GLY J 55 64.29 -1.58 -13.40
N LYS J 56 63.11 -1.06 -13.73
CA LYS J 56 62.89 -0.39 -15.02
C LYS J 56 63.00 1.11 -14.84
N THR J 57 63.73 1.75 -15.75
CA THR J 57 63.98 3.19 -15.69
C THR J 57 63.12 3.91 -16.72
N TYR J 58 62.71 5.12 -16.36
CA TYR J 58 61.86 5.94 -17.21
C TYR J 58 62.24 7.40 -17.09
N ALA J 59 62.21 8.09 -18.23
CA ALA J 59 62.48 9.51 -18.33
C ALA J 59 61.28 10.20 -18.96
N LEU J 60 60.10 9.88 -18.43
CA LEU J 60 58.85 10.26 -19.07
C LEU J 60 58.73 11.78 -19.22
N PRO J 61 58.20 12.26 -20.33
CA PRO J 61 57.92 13.70 -20.47
C PRO J 61 56.84 14.14 -19.49
N SER J 62 56.64 15.46 -19.44
CA SER J 62 55.72 16.04 -18.47
C SER J 62 54.30 15.54 -18.64
N THR J 63 53.88 15.28 -19.88
CA THR J 63 52.54 14.71 -20.09
C THR J 63 52.47 13.28 -19.57
N GLU J 64 53.45 12.45 -19.94
CA GLU J 64 53.55 11.12 -19.40
C GLU J 64 53.68 11.13 -17.88
N LEU J 65 54.49 12.06 -17.36
CA LEU J 65 54.65 12.19 -15.91
C LEU J 65 53.32 12.49 -15.24
N LEU J 66 52.56 13.46 -15.77
CA LEU J 66 51.29 13.82 -15.12
C LEU J 66 50.28 12.69 -15.22
N ARG J 67 50.25 11.98 -16.36
CA ARG J 67 49.31 10.87 -16.46
C ARG J 67 49.65 9.75 -15.48
N LEU J 68 50.94 9.43 -15.36
CA LEU J 68 51.34 8.42 -14.38
C LEU J 68 51.03 8.87 -12.95
N TYR J 69 51.27 10.14 -12.64
CA TYR J 69 50.97 10.65 -11.30
C TYR J 69 49.48 10.55 -11.02
N GLU J 70 48.65 10.94 -12.00
CA GLU J 70 47.21 10.85 -11.82
C GLU J 70 46.77 9.42 -11.57
N HIS J 71 47.19 8.47 -12.41
CA HIS J 71 46.75 7.10 -12.23
C HIS J 71 47.27 6.53 -10.92
N LEU J 72 48.49 6.89 -10.54
CA LEU J 72 49.01 6.52 -9.23
C LEU J 72 48.13 7.04 -8.11
N GLU J 73 47.54 8.22 -8.28
CA GLU J 73 46.62 8.72 -7.26
C GLU J 73 45.46 7.76 -7.02
N GLN J 74 44.78 7.32 -8.08
CA GLN J 74 43.67 6.38 -7.88
C GLN J 74 44.15 5.04 -7.35
N CYS J 75 45.27 4.52 -7.86
CA CYS J 75 45.68 3.18 -7.42
C CYS J 75 46.09 3.20 -5.95
N ARG J 76 46.78 4.27 -5.51
CA ARG J 76 47.13 4.39 -4.11
C ARG J 76 45.92 4.63 -3.23
N LYS J 77 44.94 5.41 -3.72
CA LYS J 77 43.75 5.67 -2.95
C LYS J 77 42.93 4.42 -2.69
N GLN J 78 43.14 3.36 -3.48
CA GLN J 78 42.41 2.11 -3.31
C GLN J 78 43.15 1.10 -2.45
N GLY J 79 44.36 1.43 -2.00
CA GLY J 79 45.07 0.56 -1.07
C GLY J 79 45.98 -0.47 -1.71
N ALA J 80 46.90 -0.03 -2.57
CA ALA J 80 47.84 -0.91 -3.25
C ALA J 80 49.24 -0.72 -2.69
N LEU J 81 50.18 -1.45 -3.26
CA LEU J 81 51.58 -1.40 -2.88
C LEU J 81 52.44 -1.04 -4.09
N MET J 82 53.48 -0.25 -3.85
CA MET J 82 54.36 0.21 -4.92
C MET J 82 55.74 0.48 -4.37
N TYR J 83 56.76 0.18 -5.18
CA TYR J 83 58.16 0.44 -4.83
C TYR J 83 58.83 1.41 -5.81
N PHE J 84 58.04 2.20 -6.53
CA PHE J 84 58.60 3.16 -7.47
C PHE J 84 59.37 4.24 -6.73
N LEU J 85 60.51 4.64 -7.30
CA LEU J 85 61.38 5.64 -6.71
C LEU J 85 61.68 6.70 -7.75
N GLU J 86 62.09 7.88 -7.27
CA GLU J 86 62.47 8.97 -8.15
C GLU J 86 63.81 9.54 -7.70
N ARG J 87 64.60 9.99 -8.67
CA ARG J 87 65.90 10.58 -8.42
C ARG J 87 65.85 12.07 -8.70
N GLN J 88 66.43 12.86 -7.79
CA GLN J 88 66.46 14.31 -7.97
C GLN J 88 67.30 14.68 -9.18
N GLY J 89 66.76 15.55 -10.02
CA GLY J 89 67.46 16.05 -11.18
C GLY J 89 68.32 17.26 -10.84
N THR J 90 68.68 18.01 -11.87
CA THR J 90 69.40 19.27 -11.65
C THR J 90 68.52 20.32 -11.01
N TYR J 91 67.20 20.19 -11.13
CA TYR J 91 66.26 21.07 -10.45
C TYR J 91 65.14 20.22 -9.85
N SER J 92 64.86 20.43 -8.58
CA SER J 92 63.81 19.69 -7.86
C SER J 92 63.62 20.35 -6.50
N GLY J 93 62.66 19.83 -5.74
CA GLY J 93 62.39 20.31 -4.40
C GLY J 93 63.36 19.73 -3.38
N LEU J 94 62.88 19.62 -2.14
CA LEU J 94 63.67 19.08 -1.04
C LEU J 94 62.99 17.84 -0.49
N MET J 95 63.74 16.75 -0.41
CA MET J 95 63.24 15.48 0.12
C MET J 95 64.18 15.07 1.26
N LEU J 96 63.73 15.29 2.50
CA LEU J 96 64.58 15.09 3.66
C LEU J 96 64.07 13.92 4.49
N ASP J 97 64.94 12.98 4.79
CA ASP J 97 64.60 11.75 5.48
C ASP J 97 65.22 11.73 6.87
N TYR J 98 64.42 11.35 7.87
CA TYR J 98 64.85 11.23 9.26
C TYR J 98 64.74 9.78 9.68
N ASP J 99 65.87 9.17 10.02
CA ASP J 99 65.90 7.82 10.59
C ASP J 99 65.89 7.90 12.12
N LEU J 100 64.77 8.37 12.65
CA LEU J 100 64.64 8.61 14.08
C LEU J 100 64.55 7.31 14.85
N LYS J 101 65.68 6.82 15.35
CA LYS J 101 65.73 5.60 16.14
C LYS J 101 65.55 5.98 17.60
N LEU J 102 64.31 5.93 18.07
CA LEU J 102 63.99 6.36 19.43
C LEU J 102 64.54 5.38 20.46
N ASN J 103 64.76 5.90 21.67
CA ASN J 103 65.23 5.07 22.77
C ASN J 103 64.20 4.00 23.13
N THR J 104 62.93 4.36 23.18
CA THR J 104 61.86 3.45 23.55
C THR J 104 60.92 3.23 22.37
N ASN J 105 60.19 2.13 22.42
CA ASN J 105 59.22 1.80 21.37
C ASN J 105 57.86 2.42 21.68
N ALA J 106 57.87 3.74 21.82
CA ALA J 106 56.68 4.52 22.10
C ALA J 106 56.57 5.66 21.10
N VAL J 107 55.36 5.93 20.63
CA VAL J 107 55.15 6.98 19.63
C VAL J 107 55.38 8.34 20.30
N PRO J 108 56.21 9.21 19.73
CA PRO J 108 56.39 10.54 20.32
C PRO J 108 55.13 11.36 20.17
N PRO J 109 54.82 12.21 21.16
CA PRO J 109 53.65 13.10 21.05
C PRO J 109 53.96 14.36 20.23
N LEU J 110 53.85 14.22 18.92
CA LEU J 110 54.19 15.32 18.02
C LEU J 110 53.27 16.52 18.26
N GLU J 111 53.83 17.71 18.10
CA GLU J 111 53.11 18.96 18.33
C GLU J 111 53.23 19.85 17.09
N PRO J 112 52.28 20.77 16.90
CA PRO J 112 52.33 21.66 15.73
C PRO J 112 53.63 22.44 15.65
N PRO J 113 54.18 22.94 16.77
CA PRO J 113 55.53 23.54 16.67
C PRO J 113 56.60 22.57 16.21
N ALA J 114 56.41 21.26 16.44
CA ALA J 114 57.37 20.29 15.91
C ALA J 114 57.18 20.06 14.42
N LEU J 115 55.98 20.34 13.90
CA LEU J 115 55.72 20.23 12.46
C LEU J 115 55.74 21.60 11.78
N SER J 116 54.88 22.52 12.22
CA SER J 116 54.92 23.88 11.73
C SER J 116 55.97 24.68 12.50
N ARG J 117 56.59 25.63 11.80
CA ARG J 117 57.58 26.54 12.37
C ARG J 117 58.89 25.81 12.66
N LEU J 118 58.88 24.48 12.53
CA LEU J 118 60.14 23.73 12.57
C LEU J 118 60.79 23.70 11.20
N CYS J 119 59.99 23.62 10.14
CA CYS J 119 60.52 23.83 8.80
C CYS J 119 61.06 25.25 8.65
N HIS J 120 60.58 26.18 9.48
CA HIS J 120 61.14 27.53 9.49
C HIS J 120 62.59 27.53 9.95
N ARG J 121 62.99 26.56 10.76
CA ARG J 121 64.40 26.45 11.12
C ARG J 121 65.24 26.16 9.89
N ILE J 122 64.79 25.23 9.04
CA ILE J 122 65.48 24.95 7.78
C ILE J 122 65.43 26.17 6.88
N PHE J 123 64.29 26.87 6.86
CA PHE J 123 64.17 28.10 6.06
C PHE J 123 65.21 29.14 6.49
N VAL J 124 65.42 29.30 7.79
CA VAL J 124 66.49 30.16 8.28
C VAL J 124 67.84 29.64 7.83
N HIS J 125 68.04 28.31 7.91
CA HIS J 125 69.28 27.70 7.46
C HIS J 125 69.58 27.96 5.99
N ILE J 126 68.56 28.15 5.15
CA ILE J 126 68.77 28.32 3.72
C ILE J 126 68.81 29.77 3.28
N LYS J 127 68.61 30.73 4.20
CA LYS J 127 68.69 32.14 3.82
C LYS J 127 70.10 32.57 3.42
N ASN J 128 71.14 31.83 3.83
CA ASN J 128 72.48 32.16 3.41
C ASN J 128 72.77 31.56 2.05
N SER J 129 71.88 31.81 1.08
CA SER J 129 72.00 31.29 -0.27
C SER J 129 71.07 32.11 -1.16
N SER J 130 70.86 31.63 -2.38
CA SER J 130 69.91 32.28 -3.29
C SER J 130 68.51 32.21 -2.71
N VAL J 131 67.81 33.34 -2.75
CA VAL J 131 66.46 33.46 -2.21
C VAL J 131 65.60 34.23 -3.21
N LEU J 132 64.29 34.23 -2.96
CA LEU J 132 63.35 34.95 -3.80
C LEU J 132 62.42 35.82 -2.95
N ILE J 139 55.32 29.02 0.60
CA ILE J 139 55.75 27.66 0.27
C ILE J 139 54.96 26.67 1.12
N HIS J 140 54.54 25.57 0.49
CA HIS J 140 53.78 24.53 1.17
C HIS J 140 54.72 23.44 1.66
N PHE J 141 54.61 23.10 2.94
CA PHE J 141 55.44 22.08 3.57
C PHE J 141 54.57 20.88 3.90
N PHE J 142 55.00 19.70 3.43
CA PHE J 142 54.26 18.46 3.61
C PHE J 142 55.06 17.49 4.47
N PHE J 143 54.39 16.92 5.47
CA PHE J 143 55.03 16.07 6.47
C PHE J 143 54.39 14.68 6.43
N THR J 144 55.11 13.69 5.92
CA THR J 144 54.65 12.31 5.93
C THR J 144 55.56 11.48 6.81
N LEU J 145 54.97 10.53 7.54
CA LEU J 145 55.67 9.79 8.58
C LEU J 145 55.35 8.30 8.47
N LYS J 146 56.28 7.49 8.96
CA LYS J 146 56.09 6.04 8.95
C LYS J 146 54.99 5.65 9.93
N PRO J 147 54.21 4.60 9.64
CA PRO J 147 53.13 4.19 10.54
C PRO J 147 53.56 3.69 11.91
N GLU J 148 54.86 3.78 12.22
CA GLU J 148 55.41 3.40 13.52
C GLU J 148 55.26 1.90 13.78
N VAL J 149 55.23 1.54 15.07
CA VAL J 149 55.15 0.15 15.52
C VAL J 149 56.33 -0.62 14.94
N VAL J 150 57.54 -0.27 15.35
CA VAL J 150 58.76 -0.92 14.87
C VAL J 150 59.88 -0.58 15.84
N GLN J 151 60.94 -1.38 15.83
CA GLN J 151 62.08 -1.12 16.71
C GLN J 151 62.65 0.27 16.43
N GLY J 152 62.89 1.02 17.51
CA GLY J 152 63.39 2.37 17.39
C GLY J 152 62.40 3.33 16.77
N LYS J 153 61.14 2.91 16.67
CA LYS J 153 60.08 3.72 16.07
C LYS J 153 60.37 4.19 14.65
N TYR J 154 59.65 5.22 14.23
CA TYR J 154 59.43 5.53 12.82
C TYR J 154 60.44 6.53 12.28
N GLY J 155 60.42 6.69 10.96
CA GLY J 155 61.15 7.72 10.28
C GLY J 155 60.22 8.79 9.70
N PHE J 156 60.83 9.80 9.12
CA PHE J 156 60.11 10.98 8.64
C PHE J 156 60.58 11.31 7.23
N HIS J 157 59.68 11.83 6.40
CA HIS J 157 60.04 12.25 5.04
C HIS J 157 59.37 13.60 4.77
N VAL J 158 60.07 14.69 5.10
CA VAL J 158 59.52 16.01 4.82
C VAL J 158 59.80 16.37 3.37
N LEU J 159 58.78 16.87 2.67
CA LEU J 159 58.84 17.10 1.24
C LEU J 159 58.45 18.53 0.93
N ILE J 160 59.35 19.28 0.31
CA ILE J 160 59.18 20.69 0.00
C ILE J 160 59.45 20.89 -1.49
N PRO J 161 58.48 20.61 -2.37
CA PRO J 161 58.75 20.71 -3.81
C PRO J 161 58.62 22.13 -4.36
N GLY J 162 58.64 23.12 -3.46
CA GLY J 162 58.40 24.49 -3.89
C GLY J 162 59.46 25.03 -4.83
N LEU J 163 60.72 24.84 -4.47
CA LEU J 163 61.83 25.50 -5.16
C LEU J 163 62.58 24.51 -6.04
N LYS J 164 63.60 25.04 -6.75
CA LYS J 164 64.43 24.25 -7.65
C LYS J 164 65.88 24.71 -7.46
N LEU J 165 66.57 24.10 -6.50
CA LEU J 165 67.97 24.41 -6.23
C LEU J 165 68.76 23.14 -5.99
N ALA J 166 68.54 22.12 -6.81
CA ALA J 166 69.22 20.84 -6.67
C ALA J 166 70.65 21.00 -7.13
N ALA J 167 71.55 21.27 -6.19
CA ALA J 167 72.96 21.50 -6.47
C ALA J 167 73.74 21.30 -5.18
N SER J 168 75.01 21.75 -5.19
CA SER J 168 75.83 21.64 -3.99
C SER J 168 75.29 22.48 -2.84
N THR J 169 74.38 23.43 -3.13
CA THR J 169 73.73 24.18 -2.07
C THR J 169 72.96 23.25 -1.14
N LYS J 170 72.32 22.21 -1.70
CA LYS J 170 71.61 21.24 -0.87
C LYS J 170 72.58 20.51 0.06
N LYS J 171 73.76 20.15 -0.45
CA LYS J 171 74.76 19.52 0.40
C LYS J 171 75.25 20.46 1.49
N SER J 172 75.41 21.74 1.15
CA SER J 172 75.81 22.72 2.17
C SER J 172 74.75 22.85 3.26
N ILE J 173 73.47 22.87 2.86
CA ILE J 173 72.40 22.93 3.85
C ILE J 173 72.35 21.66 4.67
N ILE J 174 72.65 20.50 4.06
CA ILE J 174 72.74 19.26 4.82
C ILE J 174 73.82 19.35 5.88
N GLY J 175 74.99 19.86 5.50
CA GLY J 175 76.06 20.04 6.47
C GLY J 175 75.69 21.01 7.56
N SER J 176 74.98 22.08 7.22
CA SER J 176 74.54 23.04 8.23
C SER J 176 73.56 22.40 9.21
N LEU J 177 72.59 21.64 8.70
CA LEU J 177 71.65 20.94 9.56
C LEU J 177 72.30 19.81 10.36
N GLN J 178 73.47 19.34 9.92
CA GLN J 178 74.17 18.31 10.68
C GLN J 178 74.58 18.81 12.06
N HIS J 179 75.02 20.06 12.16
CA HIS J 179 75.39 20.65 13.45
C HIS J 179 74.23 21.35 14.13
N ASP J 180 73.07 21.44 13.48
CA ASP J 180 71.92 22.11 14.07
C ASP J 180 71.40 21.31 15.26
N ALA J 181 71.32 21.97 16.41
CA ALA J 181 70.86 21.33 17.64
C ALA J 181 69.46 21.75 18.07
N THR J 182 68.91 22.83 17.49
CA THR J 182 67.55 23.23 17.82
C THR J 182 66.55 22.14 17.41
N VAL J 183 66.70 21.62 16.19
CA VAL J 183 65.87 20.49 15.78
C VAL J 183 66.22 19.26 16.62
N GLN J 184 67.48 19.10 16.98
CA GLN J 184 67.86 18.03 17.90
C GLN J 184 67.20 18.21 19.26
N LYS J 185 67.14 19.46 19.73
CA LYS J 185 66.47 19.74 21.00
C LYS J 185 64.99 19.38 20.93
N ILE J 186 64.33 19.72 19.81
CA ILE J 186 62.92 19.37 19.64
C ILE J 186 62.75 17.86 19.61
N LEU J 187 63.64 17.15 18.90
CA LEU J 187 63.55 15.69 18.84
C LEU J 187 63.76 15.08 20.22
N HIS J 188 64.66 15.66 21.02
CA HIS J 188 64.80 15.22 22.40
C HIS J 188 63.52 15.45 23.19
N GLU J 189 62.86 16.59 22.97
CA GLU J 189 61.53 16.79 23.54
C GLU J 189 60.54 15.72 23.08
N GLN J 190 60.73 15.17 21.88
CA GLN J 190 59.94 14.05 21.41
C GLN J 190 60.41 12.71 21.97
N GLY J 191 61.39 12.72 22.86
CA GLY J 191 61.92 11.49 23.41
C GLY J 191 62.65 10.62 22.40
N VAL J 192 63.50 11.22 21.56
CA VAL J 192 64.27 10.49 20.56
C VAL J 192 65.73 10.48 21.01
N THR J 193 66.33 9.29 21.04
CA THR J 193 67.72 9.13 21.44
C THR J 193 68.69 9.27 20.27
N ASN J 194 68.19 9.59 19.08
CA ASN J 194 69.01 9.74 17.88
C ASN J 194 68.84 11.14 17.31
N PRO J 195 69.28 12.17 18.05
CA PRO J 195 69.16 13.54 17.51
C PRO J 195 69.98 13.75 16.25
N GLU J 196 71.11 13.07 16.12
CA GLU J 196 71.97 13.18 14.96
C GLU J 196 72.09 11.82 14.28
N SER J 197 72.53 11.85 13.02
CA SER J 197 72.64 10.71 12.12
C SER J 197 71.29 10.16 11.70
N CYS J 198 70.18 10.68 12.25
CA CYS J 198 68.87 10.33 11.74
C CYS J 198 68.69 10.86 10.32
N LEU J 199 69.14 12.10 10.08
CA LEU J 199 69.19 12.67 8.74
C LEU J 199 70.50 12.23 8.09
N ASP J 200 70.40 11.34 7.11
CA ASP J 200 71.59 10.86 6.44
C ASP J 200 72.26 12.00 5.66
N PRO J 201 73.59 12.07 5.67
CA PRO J 201 74.27 13.17 4.96
C PRO J 201 74.04 13.16 3.46
N HIS J 202 73.64 12.03 2.88
CA HIS J 202 73.39 11.91 1.45
C HIS J 202 71.90 11.90 1.14
N SER J 203 71.12 12.70 1.87
CA SER J 203 69.68 12.78 1.61
C SER J 203 69.38 13.30 0.21
N ALA J 204 70.32 14.02 -0.39
CA ALA J 204 70.16 14.57 -1.73
C ALA J 204 71.17 14.01 -2.71
N SER J 205 71.58 12.75 -2.50
CA SER J 205 72.55 12.10 -3.38
C SER J 205 72.07 10.76 -3.93
N VAL J 206 70.91 10.28 -3.49
CA VAL J 206 70.39 8.99 -3.96
C VAL J 206 68.91 9.16 -4.28
N PRO J 207 68.38 8.34 -5.19
CA PRO J 207 66.95 8.41 -5.48
C PRO J 207 66.10 8.10 -4.25
N SER J 208 64.98 8.80 -4.15
CA SER J 208 64.06 8.64 -3.04
C SER J 208 62.74 8.06 -3.56
N LEU J 209 61.81 7.82 -2.63
CA LEU J 209 60.54 7.17 -2.94
C LEU J 209 59.42 8.20 -3.01
N LEU J 210 58.48 7.97 -3.93
CA LEU J 210 57.32 8.83 -4.06
C LEU J 210 56.40 8.66 -2.84
N TYR J 211 55.39 9.54 -2.76
CA TYR J 211 54.40 9.41 -1.71
C TYR J 211 53.61 8.12 -1.91
N GLY J 212 53.49 7.33 -0.85
CA GLY J 212 52.86 6.04 -0.93
C GLY J 212 53.75 4.92 -1.43
N SER J 213 55.00 5.22 -1.78
CA SER J 213 55.96 4.20 -2.22
C SER J 213 56.53 3.53 -0.97
N SER J 214 56.02 2.35 -0.64
CA SER J 214 56.41 1.66 0.57
C SER J 214 57.85 1.15 0.46
N LYS J 215 58.34 0.59 1.56
CA LYS J 215 59.62 -0.08 1.61
C LYS J 215 59.39 -1.59 1.75
N LEU J 216 60.47 -2.36 1.58
CA LEU J 216 60.37 -3.81 1.66
C LEU J 216 59.96 -4.22 3.07
N ASN J 217 58.82 -4.91 3.16
CA ASN J 217 58.25 -5.34 4.44
C ASN J 217 58.02 -4.16 5.38
N HIS J 218 57.63 -3.02 4.80
CA HIS J 218 57.37 -1.82 5.57
C HIS J 218 56.23 -1.05 4.91
N LYS J 219 55.33 -0.53 5.74
CA LYS J 219 54.18 0.20 5.22
C LYS J 219 54.63 1.53 4.60
N PRO J 220 53.91 2.01 3.59
CA PRO J 220 54.26 3.31 3.00
C PRO J 220 54.01 4.45 3.98
N TYR J 221 54.80 5.51 3.82
CA TYR J 221 54.64 6.68 4.67
C TYR J 221 53.34 7.40 4.35
N GLN J 222 52.64 7.85 5.40
CA GLN J 222 51.40 8.60 5.25
C GLN J 222 51.59 10.00 5.78
N LEU J 223 50.89 10.96 5.17
CA LEU J 223 51.05 12.35 5.54
C LEU J 223 50.47 12.61 6.93
N LYS J 224 51.04 13.58 7.62
CA LYS J 224 50.53 14.02 8.91
C LYS J 224 49.92 15.42 8.83
N THR J 225 50.69 16.41 8.39
CA THR J 225 50.19 17.77 8.27
C THR J 225 50.83 18.45 7.07
N GLY J 226 50.08 19.40 6.51
CA GLY J 226 50.59 20.33 5.52
C GLY J 226 50.42 21.75 6.01
N PHE J 227 51.49 22.53 5.96
CA PHE J 227 51.48 23.90 6.46
C PHE J 227 51.91 24.86 5.36
N GLU J 228 51.16 25.94 5.18
CA GLU J 228 51.44 26.93 4.15
C GLU J 228 52.02 28.19 4.79
N LEU J 229 53.21 28.58 4.33
CA LEU J 229 53.85 29.80 4.77
C LEU J 229 54.25 30.63 3.55
N VAL J 230 53.96 31.92 3.60
CA VAL J 230 54.25 32.82 2.49
C VAL J 230 55.68 33.34 2.62
N PHE J 231 56.41 33.34 1.52
CA PHE J 231 57.77 33.85 1.46
C PHE J 231 57.76 35.27 0.91
N ASP J 232 58.69 36.09 1.41
CA ASP J 232 58.80 37.48 0.99
C ASP J 232 60.25 37.92 1.10
N SER J 233 60.85 38.29 -0.03
CA SER J 233 62.21 38.81 -0.01
C SER J 233 62.30 40.14 0.72
N SER J 234 61.28 40.99 0.55
CA SER J 234 61.30 42.31 1.18
C SER J 234 61.29 42.20 2.71
N ASP J 235 60.47 41.29 3.24
CA ASP J 235 60.32 41.10 4.68
C ASP J 235 60.51 39.63 5.01
N PRO J 236 61.75 39.14 5.03
CA PRO J 236 61.98 37.74 5.45
C PRO J 236 61.64 37.49 6.90
N ASP J 237 61.57 38.54 7.73
CA ASP J 237 61.22 38.36 9.13
C ASP J 237 59.75 37.99 9.30
N TYR J 238 58.89 38.48 8.40
CA TYR J 238 57.46 38.18 8.47
C TYR J 238 57.24 36.71 8.12
N ILE J 239 56.93 35.90 9.13
CA ILE J 239 56.76 34.46 8.95
C ILE J 239 55.41 34.05 9.50
N PRO J 240 54.31 34.33 8.79
CA PRO J 240 52.96 33.91 9.24
C PRO J 240 52.62 32.49 8.81
N ILE J 241 53.10 31.52 9.58
CA ILE J 241 52.85 30.11 9.27
C ILE J 241 51.37 29.84 9.32
N HIS J 242 50.86 29.12 8.31
CA HIS J 242 49.46 28.74 8.24
C HIS J 242 49.36 27.29 7.80
N GLN J 243 48.24 26.65 8.13
CA GLN J 243 48.05 25.24 7.84
C GLN J 243 47.28 25.06 6.53
N ILE J 244 47.80 24.17 5.67
CA ILE J 244 47.07 23.79 4.47
C ILE J 244 45.86 22.97 4.85
N LYS J 245 44.70 23.35 4.33
CA LYS J 245 43.46 22.64 4.62
C LYS J 245 42.88 22.06 3.33
N ASN J 246 42.20 20.93 3.47
CA ASN J 246 41.61 20.20 2.34
C ASN J 246 42.70 19.79 1.34
N LEU J 247 43.68 19.04 1.85
CA LEU J 247 44.76 18.55 1.01
C LEU J 247 44.31 17.47 0.04
N GLU J 248 43.22 16.76 0.37
CA GLU J 248 42.74 15.67 -0.49
C GLU J 248 42.20 16.18 -1.82
N SER J 249 41.86 17.47 -1.92
CA SER J 249 41.33 18.01 -3.17
C SER J 249 42.37 18.08 -4.28
N TYR J 250 43.64 17.89 -3.95
CA TYR J 250 44.72 17.95 -4.93
C TYR J 250 45.30 16.57 -5.16
N ASN J 251 45.77 16.33 -6.38
CA ASN J 251 46.42 15.05 -6.71
C ASN J 251 47.77 15.00 -6.01
N LEU J 252 47.80 14.30 -4.88
CA LEU J 252 48.99 14.33 -4.02
C LEU J 252 50.21 13.75 -4.71
N VAL J 253 50.02 12.71 -5.53
CA VAL J 253 51.15 12.12 -6.25
C VAL J 253 51.76 13.14 -7.20
N SER J 254 50.91 13.86 -7.94
CA SER J 254 51.42 14.89 -8.85
C SER J 254 51.99 16.08 -8.10
N GLU J 255 51.32 16.49 -7.02
CA GLU J 255 51.78 17.65 -6.26
C GLU J 255 53.13 17.40 -5.61
N LEU J 256 53.35 16.21 -5.07
CA LEU J 256 54.55 15.90 -4.31
C LEU J 256 55.71 15.44 -5.16
N SER J 257 55.52 15.30 -6.48
CA SER J 257 56.60 14.86 -7.34
C SER J 257 57.67 15.94 -7.45
N LEU J 258 58.93 15.53 -7.33
CA LEU J 258 60.04 16.48 -7.42
C LEU J 258 60.13 17.11 -8.80
N THR J 259 59.95 16.30 -9.85
CA THR J 259 60.12 16.77 -11.22
C THR J 259 58.86 17.42 -11.79
N ASN J 260 57.76 17.46 -11.03
CA ASN J 260 56.50 18.02 -11.51
C ASN J 260 56.42 19.47 -11.09
N GLU J 261 56.78 20.38 -12.00
CA GLU J 261 56.70 21.81 -11.71
C GLU J 261 55.26 22.32 -11.78
N GLN J 262 54.42 21.70 -12.61
CA GLN J 262 53.08 22.21 -12.91
C GLN J 262 52.01 21.66 -11.98
N GLY J 263 52.37 21.32 -10.74
CA GLY J 263 51.37 20.89 -9.79
C GLY J 263 50.37 21.99 -9.48
N SER J 264 49.16 21.57 -9.11
CA SER J 264 48.10 22.54 -8.82
C SER J 264 48.33 23.24 -7.49
N LEU J 265 48.37 22.47 -6.40
CA LEU J 265 48.52 23.06 -5.07
C LEU J 265 49.89 23.72 -4.90
N VAL J 266 50.95 23.09 -5.41
CA VAL J 266 52.30 23.58 -5.23
C VAL J 266 52.68 24.43 -6.43
N ARG J 267 53.72 25.24 -6.26
CA ARG J 267 54.22 26.10 -7.31
C ARG J 267 55.72 25.92 -7.46
N PRO J 268 56.24 26.06 -8.68
CA PRO J 268 57.69 25.89 -8.92
C PRO J 268 58.50 27.16 -8.67
N VAL J 269 58.73 27.46 -7.40
CA VAL J 269 59.51 28.63 -7.01
C VAL J 269 61.00 28.37 -7.21
N SER J 289 76.14 -7.01 -10.63
CA SER J 289 75.16 -7.25 -11.69
C SER J 289 74.34 -8.50 -11.40
N LEU J 290 74.56 -9.09 -10.21
CA LEU J 290 73.79 -10.28 -9.83
C LEU J 290 72.31 -9.95 -9.65
N SER J 291 72.02 -8.74 -9.18
CA SER J 291 70.64 -8.35 -8.88
C SER J 291 69.74 -8.49 -10.09
N ILE J 292 70.17 -7.96 -11.23
CA ILE J 292 69.35 -8.02 -12.44
C ILE J 292 69.20 -9.47 -12.92
N LEU J 293 70.26 -10.27 -12.75
CA LEU J 293 70.22 -11.67 -13.18
C LEU J 293 69.21 -12.46 -12.35
N MET J 294 69.28 -12.33 -11.03
CA MET J 294 68.31 -13.01 -10.17
C MET J 294 66.91 -12.44 -10.34
N LEU J 295 66.82 -11.18 -10.79
CA LEU J 295 65.52 -10.58 -11.09
C LEU J 295 64.92 -11.16 -12.37
N HIS J 296 65.77 -11.57 -13.31
CA HIS J 296 65.28 -12.17 -14.54
C HIS J 296 64.35 -13.35 -14.28
N ASP J 297 64.85 -14.36 -13.57
CA ASP J 297 64.09 -15.58 -13.34
C ASP J 297 64.02 -15.89 -11.85
N PRO J 298 62.85 -16.20 -11.31
CA PRO J 298 62.76 -16.62 -9.89
C PRO J 298 63.47 -17.92 -9.61
N GLU J 299 63.73 -18.75 -10.62
CA GLU J 299 64.52 -19.94 -10.41
C GLU J 299 65.92 -19.57 -9.93
N ALA J 300 66.45 -18.44 -10.41
CA ALA J 300 67.71 -17.93 -9.87
C ALA J 300 67.57 -17.56 -8.40
N ARG J 301 66.42 -17.01 -8.00
CA ARG J 301 66.18 -16.73 -6.59
C ARG J 301 66.19 -18.02 -5.78
N TYR J 302 65.56 -19.06 -6.30
CA TYR J 302 65.54 -20.35 -5.61
C TYR J 302 66.95 -20.92 -5.50
N LEU J 303 67.75 -20.79 -6.57
CA LEU J 303 69.14 -21.25 -6.52
C LEU J 303 69.93 -20.49 -5.47
N HIS J 304 69.74 -19.17 -5.41
CA HIS J 304 70.42 -18.37 -4.39
C HIS J 304 70.02 -18.81 -2.99
N LYS J 305 68.73 -19.11 -2.79
CA LYS J 305 68.27 -19.60 -1.50
C LYS J 305 68.95 -20.92 -1.15
N ILE J 306 68.90 -21.89 -2.07
CA ILE J 306 69.36 -23.24 -1.74
C ILE J 306 70.87 -23.27 -1.53
N LEU J 307 71.62 -22.48 -2.30
CA LEU J 307 73.07 -22.56 -2.23
C LEU J 307 73.59 -22.05 -0.89
N ASN J 308 72.86 -21.16 -0.23
CA ASN J 308 73.27 -20.64 1.07
C ASN J 308 72.92 -21.57 2.24
N LEU J 309 72.18 -22.65 1.98
CA LEU J 309 71.70 -23.49 3.07
C LEU J 309 72.83 -24.35 3.65
N LEU J 310 73.53 -25.09 2.81
CA LEU J 310 74.64 -25.88 3.31
C LEU J 310 75.79 -24.97 3.73
N PRO J 311 76.59 -25.38 4.70
CA PRO J 311 77.72 -24.55 5.11
C PRO J 311 78.71 -24.40 3.97
N PRO J 312 79.41 -23.28 3.91
CA PRO J 312 80.36 -23.07 2.81
C PRO J 312 81.65 -23.85 2.98
N GLU J 313 81.64 -24.80 3.93
CA GLU J 313 82.81 -25.64 4.16
C GLU J 313 83.17 -26.43 2.90
N TYR J 314 82.17 -27.02 2.26
CA TYR J 314 82.42 -27.75 1.01
C TYR J 314 82.86 -26.82 -0.10
N TYR J 315 82.40 -25.58 -0.07
CA TYR J 315 82.86 -24.57 -1.02
C TYR J 315 84.33 -24.23 -0.80
N VAL J 316 84.83 -24.42 0.43
CA VAL J 316 86.19 -23.98 0.75
C VAL J 316 87.22 -24.75 -0.07
N GLU J 317 87.15 -26.08 -0.06
CA GLU J 317 88.13 -26.87 -0.78
C GLU J 317 87.87 -26.79 -2.28
N TYR J 318 88.94 -26.85 -3.06
CA TYR J 318 88.83 -26.79 -4.51
C TYR J 318 88.02 -27.93 -5.12
N PRO J 319 88.18 -29.21 -4.71
CA PRO J 319 87.47 -30.29 -5.42
C PRO J 319 85.95 -30.15 -5.45
N LEU J 320 85.31 -30.06 -4.27
CA LEU J 320 83.85 -30.05 -4.25
C LEU J 320 83.30 -28.71 -4.74
N TRP J 321 84.05 -27.63 -4.54
CA TRP J 321 83.65 -26.35 -5.12
C TRP J 321 83.66 -26.41 -6.64
N SER J 322 84.68 -27.04 -7.21
CA SER J 322 84.71 -27.23 -8.66
C SER J 322 83.58 -28.16 -9.09
N ASN J 323 83.26 -29.16 -8.27
CA ASN J 323 82.14 -30.05 -8.58
C ASN J 323 80.83 -29.28 -8.68
N VAL J 324 80.56 -28.42 -7.70
CA VAL J 324 79.31 -27.66 -7.73
C VAL J 324 79.35 -26.60 -8.84
N VAL J 325 80.53 -26.07 -9.16
CA VAL J 325 80.66 -25.13 -10.27
C VAL J 325 80.29 -25.82 -11.59
N PHE J 326 80.83 -27.02 -11.80
CA PHE J 326 80.45 -27.79 -12.98
C PHE J 326 78.98 -28.17 -12.97
N ALA J 327 78.43 -28.45 -11.79
CA ALA J 327 77.02 -28.80 -11.68
C ALA J 327 76.14 -27.65 -12.14
N LEU J 328 76.44 -26.44 -11.68
CA LEU J 328 75.65 -25.28 -12.10
C LEU J 328 75.95 -24.90 -13.55
N ALA J 329 77.17 -25.17 -14.03
CA ALA J 329 77.48 -24.94 -15.44
C ALA J 329 76.69 -25.88 -16.34
N ASN J 330 76.38 -27.08 -15.85
CA ASN J 330 75.51 -27.99 -16.59
C ASN J 330 74.15 -27.36 -16.82
N THR J 331 73.63 -26.65 -15.81
CA THR J 331 72.34 -25.97 -15.92
C THR J 331 72.55 -24.62 -16.61
N SER J 332 72.53 -24.67 -17.95
CA SER J 332 72.62 -23.48 -18.79
C SER J 332 73.93 -22.72 -18.60
N ALA J 333 74.08 -21.62 -19.33
CA ALA J 333 75.28 -20.79 -19.25
C ALA J 333 75.02 -19.40 -18.72
N ASN J 334 73.76 -19.01 -18.51
CA ASN J 334 73.45 -17.68 -17.98
C ASN J 334 73.77 -17.55 -16.50
N TYR J 335 73.95 -18.65 -15.78
CA TYR J 335 74.22 -18.63 -14.35
C TYR J 335 75.71 -18.45 -14.03
N ARG J 336 76.50 -17.98 -15.00
CA ARG J 336 77.91 -17.69 -14.72
C ARG J 336 78.08 -16.63 -13.62
N PRO J 337 77.37 -15.50 -13.63
CA PRO J 337 77.48 -14.57 -12.49
C PRO J 337 77.07 -15.18 -11.17
N LEU J 338 76.07 -16.08 -11.17
CA LEU J 338 75.63 -16.70 -9.92
C LEU J 338 76.78 -17.43 -9.25
N ALA J 339 77.49 -18.28 -9.99
CA ALA J 339 78.70 -18.87 -9.46
C ALA J 339 79.71 -17.80 -9.07
N GLU J 340 79.85 -16.77 -9.92
CA GLU J 340 80.67 -15.62 -9.56
C GLU J 340 80.18 -15.00 -8.26
N TRP J 341 78.86 -14.95 -8.05
CA TRP J 341 78.34 -14.49 -6.78
C TRP J 341 78.79 -15.38 -5.63
N PHE J 342 78.76 -16.70 -5.84
CA PHE J 342 79.28 -17.61 -4.83
C PHE J 342 80.79 -17.51 -4.68
N SER J 343 81.45 -16.80 -5.61
CA SER J 343 82.90 -16.70 -5.59
C SER J 343 83.42 -15.70 -4.56
N GLN J 344 82.69 -14.60 -4.33
CA GLN J 344 83.21 -13.57 -3.42
C GLN J 344 83.39 -14.10 -2.00
N LYS J 345 82.57 -15.07 -1.59
CA LYS J 345 82.81 -15.73 -0.31
C LYS J 345 84.17 -16.42 -0.36
N CYS J 346 84.90 -16.33 0.74
CA CYS J 346 86.29 -16.76 0.81
C CYS J 346 87.12 -16.11 -0.30
N PRO J 347 87.26 -14.78 -0.29
CA PRO J 347 87.98 -14.11 -1.40
C PRO J 347 89.42 -14.53 -1.53
N GLU J 348 90.08 -14.92 -0.42
CA GLU J 348 91.44 -15.41 -0.50
C GLU J 348 91.51 -16.68 -1.36
N LYS J 349 90.47 -17.51 -1.32
CA LYS J 349 90.37 -18.61 -2.27
C LYS J 349 90.01 -18.11 -3.66
N TRP J 350 89.18 -17.08 -3.76
CA TRP J 350 88.75 -16.56 -5.05
C TRP J 350 89.86 -15.75 -5.71
N ASN J 351 90.26 -14.65 -5.09
CA ASN J 351 91.37 -13.87 -5.61
C ASN J 351 92.68 -14.63 -5.45
N THR J 352 93.57 -14.47 -6.43
CA THR J 352 94.84 -15.20 -6.47
C THR J 352 94.59 -16.71 -6.44
N GLY J 353 93.98 -17.18 -7.52
CA GLY J 353 93.41 -18.52 -7.53
C GLY J 353 92.02 -18.56 -8.11
N GLY J 354 91.03 -18.85 -7.25
CA GLY J 354 89.66 -19.04 -7.66
C GLY J 354 89.09 -18.12 -8.73
N LYS J 355 89.54 -16.87 -8.78
CA LYS J 355 89.01 -15.92 -9.75
C LYS J 355 89.27 -16.38 -11.18
N GLU J 356 90.54 -16.68 -11.49
CA GLU J 356 90.87 -17.13 -12.83
C GLU J 356 90.49 -18.58 -13.09
N LYS J 357 90.66 -19.45 -12.09
CA LYS J 357 90.34 -20.86 -12.28
C LYS J 357 88.83 -21.08 -12.41
N LEU J 358 88.01 -20.21 -11.83
CA LEU J 358 86.56 -20.31 -12.01
C LEU J 358 86.18 -20.12 -13.47
N GLU J 359 86.69 -19.06 -14.10
CA GLU J 359 86.38 -18.84 -15.50
C GLU J 359 87.05 -19.87 -16.39
N LYS J 360 88.22 -20.39 -15.99
CA LYS J 360 88.84 -21.46 -16.75
C LYS J 360 87.97 -22.71 -16.73
N LEU J 361 87.45 -23.08 -15.55
CA LEU J 361 86.56 -24.23 -15.45
C LEU J 361 85.26 -23.98 -16.19
N TRP J 362 84.78 -22.74 -16.19
CA TRP J 362 83.56 -22.41 -16.94
C TRP J 362 83.78 -22.60 -18.43
N ASN J 363 84.92 -22.13 -18.95
CA ASN J 363 85.22 -22.33 -20.37
C ASN J 363 85.38 -23.80 -20.69
N ASP J 364 85.98 -24.57 -19.78
CA ASP J 364 86.10 -26.01 -19.97
C ASP J 364 84.72 -26.67 -20.04
N ALA J 365 83.85 -26.33 -19.10
CA ALA J 365 82.51 -26.89 -19.06
C ALA J 365 81.66 -26.44 -20.24
N SER J 366 82.01 -25.32 -20.86
CA SER J 366 81.30 -24.88 -22.06
C SER J 366 81.39 -25.94 -23.16
N HIS J 367 82.52 -26.63 -23.26
CA HIS J 367 82.70 -27.69 -24.24
C HIS J 367 82.81 -29.07 -23.61
N HIS J 368 82.61 -29.18 -22.29
CA HIS J 368 82.71 -30.47 -21.63
C HIS J 368 81.56 -31.38 -22.02
N THR J 369 81.82 -32.69 -21.99
CA THR J 369 80.81 -33.71 -22.27
C THR J 369 80.89 -34.87 -21.28
N GLU J 370 81.41 -34.63 -20.08
CA GLU J 370 81.54 -35.68 -19.07
C GLU J 370 80.19 -35.87 -18.36
N LYS J 371 80.21 -36.59 -17.24
CA LYS J 371 79.00 -36.83 -16.48
C LYS J 371 78.36 -35.50 -16.06
N LYS J 372 77.03 -35.42 -16.24
CA LYS J 372 76.29 -34.19 -15.97
C LYS J 372 75.83 -34.21 -14.52
N ILE J 373 76.40 -33.35 -13.70
CA ILE J 373 75.88 -33.12 -12.35
C ILE J 373 74.85 -32.00 -12.41
N THR J 374 73.68 -32.26 -11.85
CA THR J 374 72.58 -31.31 -11.90
C THR J 374 72.15 -30.95 -10.48
N LYS J 375 71.05 -30.19 -10.38
CA LYS J 375 70.54 -29.74 -9.09
C LYS J 375 70.09 -30.89 -8.20
N ARG J 376 70.07 -32.11 -8.72
CA ARG J 376 69.79 -33.28 -7.89
C ARG J 376 70.79 -33.38 -6.75
N SER J 377 72.08 -33.25 -7.08
CA SER J 377 73.13 -33.36 -6.07
C SER J 377 73.07 -32.19 -5.09
N ILE J 378 72.69 -31.00 -5.56
CA ILE J 378 72.54 -29.86 -4.67
C ILE J 378 71.40 -30.09 -3.68
N MET J 379 70.28 -30.65 -4.17
CA MET J 379 69.20 -31.02 -3.26
C MET J 379 69.67 -32.05 -2.24
N TYR J 380 70.42 -33.06 -2.69
CA TYR J 380 70.92 -34.08 -1.79
C TYR J 380 71.83 -33.48 -0.72
N TRP J 381 72.74 -32.59 -1.13
CA TRP J 381 73.66 -31.97 -0.18
C TRP J 381 72.94 -31.04 0.79
N ALA J 382 71.95 -30.30 0.30
CA ALA J 382 71.16 -29.45 1.19
C ALA J 382 70.39 -30.29 2.21
N HIS J 383 69.87 -31.44 1.79
CA HIS J 383 69.22 -32.34 2.73
C HIS J 383 70.21 -32.87 3.76
N LYS J 384 71.41 -33.23 3.32
CA LYS J 384 72.39 -33.83 4.23
C LYS J 384 72.91 -32.82 5.25
N HIS J 385 73.31 -31.64 4.79
CA HIS J 385 74.11 -30.75 5.63
C HIS J 385 73.26 -29.89 6.55
N ALA J 386 72.21 -29.27 6.01
CA ALA J 386 71.34 -28.37 6.78
C ALA J 386 69.89 -28.80 6.60
N PRO J 387 69.45 -29.80 7.36
CA PRO J 387 68.06 -30.24 7.27
C PRO J 387 67.11 -29.30 8.00
N GLN J 388 65.81 -29.57 7.82
CA GLN J 388 64.73 -28.96 8.59
C GLN J 388 64.50 -27.50 8.21
N GLN J 389 65.38 -26.95 7.39
CA GLN J 389 65.24 -25.55 6.96
C GLN J 389 64.81 -25.42 5.50
N TYR J 390 65.32 -26.28 4.62
CA TYR J 390 64.87 -26.25 3.23
C TYR J 390 63.46 -26.80 3.08
N LYS J 391 62.96 -27.52 4.09
CA LYS J 391 61.59 -28.01 4.03
C LYS J 391 60.59 -26.87 3.94
N GLU J 392 60.69 -25.90 4.85
CA GLU J 392 59.83 -24.74 4.76
C GLU J 392 60.11 -23.93 3.50
N ILE J 393 61.35 -23.92 3.01
CA ILE J 393 61.66 -23.21 1.78
C ILE J 393 60.88 -23.81 0.61
N VAL J 394 60.91 -25.14 0.46
CA VAL J 394 60.22 -25.76 -0.66
C VAL J 394 58.71 -25.70 -0.48
N GLU J 395 58.23 -25.79 0.75
CA GLU J 395 56.80 -25.65 1.00
C GLU J 395 56.32 -24.25 0.63
N GLN J 396 57.08 -23.22 1.00
CA GLN J 396 56.74 -21.85 0.63
C GLN J 396 56.82 -21.67 -0.89
N GLY J 397 57.79 -22.33 -1.53
CA GLY J 397 57.87 -22.27 -2.98
C GLY J 397 56.66 -22.86 -3.66
N TYR J 398 56.20 -24.03 -3.19
CA TYR J 398 54.97 -24.60 -3.72
C TYR J 398 53.80 -23.66 -3.45
N PHE J 399 53.75 -23.06 -2.27
CA PHE J 399 52.65 -22.18 -1.90
C PHE J 399 52.70 -20.86 -2.65
N SER J 400 53.84 -20.52 -3.26
CA SER J 400 54.04 -19.18 -3.79
C SER J 400 54.23 -19.12 -5.30
N ILE J 401 54.43 -20.26 -5.98
CA ILE J 401 54.49 -20.24 -7.44
C ILE J 401 53.49 -21.24 -7.99
N LEU J 402 53.46 -22.44 -7.41
CA LEU J 402 52.50 -23.46 -7.82
C LEU J 402 51.08 -23.06 -7.48
N ALA J 403 50.90 -22.12 -6.55
CA ALA J 403 49.60 -21.51 -6.27
C ALA J 403 49.36 -20.35 -7.23
N GLU J 404 48.36 -19.52 -6.93
CA GLU J 404 48.04 -18.30 -7.68
C GLU J 404 47.43 -18.64 -9.04
N TYR J 405 47.40 -19.92 -9.40
CA TYR J 405 46.62 -20.33 -10.55
C TYR J 405 45.12 -20.19 -10.26
N VAL J 406 44.72 -20.53 -9.03
CA VAL J 406 43.33 -20.32 -8.63
C VAL J 406 43.00 -18.84 -8.59
N TYR J 407 43.97 -17.99 -8.22
CA TYR J 407 43.76 -16.56 -8.29
C TYR J 407 43.46 -16.12 -9.72
N SER J 408 44.31 -16.52 -10.66
CA SER J 408 44.15 -16.09 -12.05
C SER J 408 42.87 -16.63 -12.66
N TYR J 409 42.50 -17.87 -12.33
CA TYR J 409 41.36 -18.53 -12.94
C TYR J 409 40.15 -18.59 -12.02
N ASN J 410 40.12 -17.77 -10.98
CA ASN J 410 38.96 -17.62 -10.10
C ASN J 410 38.52 -18.97 -9.52
N GLY J 411 39.50 -19.74 -9.06
CA GLY J 411 39.24 -20.99 -8.39
C GLY J 411 39.03 -22.18 -9.29
N MET J 412 39.04 -21.99 -10.61
CA MET J 412 38.89 -23.11 -11.52
C MET J 412 40.17 -23.93 -11.56
N LEU J 413 40.03 -25.23 -11.81
CA LEU J 413 41.17 -26.14 -11.80
C LEU J 413 40.97 -27.19 -12.89
N GLU J 414 42.02 -27.44 -13.67
CA GLU J 414 41.97 -28.39 -14.78
C GLU J 414 43.31 -29.11 -14.85
N HIS J 415 43.55 -29.76 -15.98
CA HIS J 415 44.81 -30.47 -16.20
C HIS J 415 45.96 -29.49 -16.42
N TYR J 416 47.17 -30.03 -16.35
CA TYR J 416 48.41 -29.36 -16.75
C TYR J 416 48.78 -28.25 -15.78
N MET J 417 47.88 -27.92 -14.85
CA MET J 417 48.25 -27.03 -13.75
C MET J 417 48.60 -27.83 -12.51
N ILE J 418 47.95 -28.98 -12.32
CA ILE J 418 48.44 -29.95 -11.33
C ILE J 418 49.70 -30.63 -11.83
N ALA J 419 49.83 -30.77 -13.16
CA ALA J 419 51.00 -31.43 -13.72
C ALA J 419 52.28 -30.65 -13.45
N LYS J 420 52.22 -29.31 -13.58
CA LYS J 420 53.39 -28.50 -13.26
C LYS J 420 53.74 -28.60 -11.78
N VAL J 421 52.73 -28.65 -10.91
CA VAL J 421 52.98 -28.83 -9.49
C VAL J 421 53.65 -30.18 -9.22
N ILE J 422 53.21 -31.22 -9.93
CA ILE J 422 53.85 -32.53 -9.79
C ILE J 422 55.31 -32.45 -10.25
N TYR J 423 55.55 -31.81 -11.39
CA TYR J 423 56.91 -31.65 -11.88
C TYR J 423 57.80 -30.90 -10.90
N ALA J 424 57.24 -29.92 -10.20
CA ALA J 424 58.03 -29.10 -9.27
C ALA J 424 58.26 -29.83 -7.95
N MET J 425 57.18 -30.21 -7.27
CA MET J 425 57.30 -30.83 -5.95
C MET J 425 58.00 -32.17 -6.03
N MET J 426 57.43 -33.11 -6.78
CA MET J 426 57.90 -34.50 -6.80
C MET J 426 58.23 -34.80 -8.26
N GLY J 427 59.42 -34.38 -8.68
CA GLY J 427 59.84 -34.55 -10.05
C GLY J 427 61.20 -35.20 -10.16
N ASN J 428 61.96 -35.17 -9.07
CA ASN J 428 63.31 -35.75 -9.05
C ASN J 428 63.27 -37.20 -8.58
N LYS J 429 62.32 -37.96 -9.12
CA LYS J 429 62.26 -39.40 -8.86
C LYS J 429 61.90 -40.23 -10.07
N PHE J 430 61.36 -39.63 -11.14
CA PHE J 430 60.80 -40.38 -12.25
C PHE J 430 61.24 -39.75 -13.57
N VAL J 431 61.38 -40.60 -14.59
CA VAL J 431 61.70 -40.14 -15.94
C VAL J 431 60.82 -40.88 -16.93
N VAL J 432 60.40 -40.17 -17.97
CA VAL J 432 59.52 -40.73 -19.00
C VAL J 432 60.25 -40.69 -20.33
N ASP J 433 60.16 -41.79 -21.08
CA ASP J 433 60.79 -41.87 -22.38
C ASP J 433 59.90 -42.65 -23.33
N VAL J 434 60.29 -42.65 -24.61
CA VAL J 434 59.54 -43.31 -25.67
C VAL J 434 60.40 -44.44 -26.21
N ASP J 435 59.83 -45.65 -26.24
CA ASP J 435 60.55 -46.81 -26.75
C ASP J 435 60.47 -46.86 -28.27
N SER J 436 61.06 -47.90 -28.86
CA SER J 436 60.98 -48.09 -30.30
C SER J 436 59.53 -48.29 -30.74
N ASN J 437 58.75 -49.03 -29.96
CA ASN J 437 57.34 -49.26 -30.28
C ASN J 437 56.49 -48.01 -30.14
N GLY J 438 57.02 -46.95 -29.52
CA GLY J 438 56.28 -45.72 -29.34
C GLY J 438 55.52 -45.62 -28.04
N LYS J 439 55.42 -46.70 -27.28
CA LYS J 439 54.73 -46.65 -25.99
C LYS J 439 55.56 -45.88 -24.97
N TYR J 440 54.91 -44.97 -24.26
CA TYR J 440 55.60 -44.23 -23.20
C TYR J 440 55.91 -45.16 -22.03
N VAL J 441 57.12 -45.04 -21.50
CA VAL J 441 57.57 -45.87 -20.39
C VAL J 441 58.18 -44.96 -19.32
N TRP J 442 58.11 -45.43 -18.07
CA TRP J 442 58.56 -44.66 -16.93
C TRP J 442 59.70 -45.40 -16.26
N PHE J 443 60.54 -44.66 -15.54
CA PHE J 443 61.63 -45.23 -14.77
C PHE J 443 61.75 -44.48 -13.46
N GLU J 444 61.96 -45.26 -12.38
CA GLU J 444 61.95 -44.70 -11.03
C GLU J 444 63.26 -45.03 -10.33
N PHE J 445 63.76 -44.07 -9.55
CA PHE J 445 65.01 -44.20 -8.81
C PHE J 445 64.67 -44.69 -7.40
N VAL J 446 64.89 -45.98 -7.15
CA VAL J 446 64.52 -46.56 -5.86
C VAL J 446 65.38 -45.99 -4.74
N LEU J 447 64.81 -45.97 -3.55
CA LEU J 447 65.47 -45.49 -2.33
C LEU J 447 65.29 -46.51 -1.23
N PRO J 448 66.20 -46.54 -0.25
CA PRO J 448 66.04 -47.47 0.87
C PRO J 448 64.78 -47.16 1.68
N GLY J 449 64.15 -48.21 2.19
CA GLY J 449 62.97 -48.05 3.03
C GLY J 449 61.70 -47.78 2.25
N GLN J 450 61.32 -48.69 1.37
CA GLN J 450 60.09 -48.59 0.61
C GLN J 450 59.79 -49.94 -0.01
N PRO J 451 58.52 -50.25 -0.30
CA PRO J 451 58.20 -51.52 -0.96
C PRO J 451 58.89 -51.63 -2.31
N MET J 452 59.42 -52.81 -2.58
CA MET J 452 60.30 -53.03 -3.72
C MET J 452 60.63 -54.52 -3.78
N ASN J 453 61.40 -54.90 -4.78
CA ASN J 453 61.96 -56.25 -4.89
C ASN J 453 63.23 -56.33 -4.05
N GLN J 454 64.01 -57.39 -4.21
CA GLN J 454 65.17 -57.65 -3.39
C GLN J 454 66.45 -57.25 -4.12
N GLY J 455 67.32 -56.53 -3.41
CA GLY J 455 68.67 -56.26 -3.89
C GLY J 455 68.78 -55.39 -5.13
N GLU J 456 68.06 -54.27 -5.18
CA GLU J 456 68.15 -53.34 -6.32
C GLU J 456 68.25 -51.89 -5.88
N ILE J 457 68.63 -51.65 -4.62
CA ILE J 457 68.60 -50.29 -4.07
C ILE J 457 69.56 -49.40 -4.87
N TRP J 458 69.17 -48.13 -5.00
CA TRP J 458 69.99 -47.09 -5.64
C TRP J 458 70.18 -47.33 -7.13
N LYS J 459 69.21 -47.98 -7.78
CA LYS J 459 69.22 -48.12 -9.22
C LYS J 459 67.91 -47.61 -9.81
N TRP J 460 67.72 -47.82 -11.11
CA TRP J 460 66.53 -47.34 -11.82
C TRP J 460 65.71 -48.53 -12.29
N ARG J 461 64.41 -48.50 -11.99
CA ARG J 461 63.48 -49.57 -12.34
C ARG J 461 62.54 -49.12 -13.43
N LYS J 462 62.41 -49.94 -14.47
CA LYS J 462 61.40 -49.72 -15.49
C LYS J 462 60.01 -49.92 -14.92
N GLU J 463 59.03 -49.21 -15.47
CA GLU J 463 57.68 -49.23 -14.94
C GLU J 463 56.72 -48.75 -16.03
N VAL J 464 55.49 -49.27 -15.99
CA VAL J 464 54.56 -49.10 -17.10
C VAL J 464 53.55 -47.98 -16.85
N ASN J 465 52.87 -47.96 -15.70
CA ASN J 465 51.83 -46.95 -15.48
C ASN J 465 51.92 -46.40 -14.06
N PRO J 466 52.22 -45.11 -13.90
CA PRO J 466 52.61 -44.57 -12.59
C PRO J 466 51.66 -44.94 -11.46
N ASP J 467 52.19 -45.70 -10.49
CA ASP J 467 51.40 -46.18 -9.35
C ASP J 467 51.60 -45.31 -8.12
N GLU J 468 52.84 -45.17 -7.65
CA GLU J 468 53.11 -44.33 -6.50
C GLU J 468 52.77 -42.87 -6.78
N LEU J 469 52.84 -42.45 -8.04
CA LEU J 469 52.44 -41.10 -8.39
C LEU J 469 50.98 -40.85 -8.05
N HIS J 470 50.14 -41.88 -8.22
CA HIS J 470 48.73 -41.73 -7.88
C HIS J 470 48.54 -41.43 -6.39
N ILE J 471 49.24 -42.19 -5.53
CA ILE J 471 49.15 -41.94 -4.09
C ILE J 471 49.69 -40.56 -3.76
N TYR J 472 50.81 -40.18 -4.38
CA TYR J 472 51.39 -38.87 -4.11
C TYR J 472 50.43 -37.75 -4.49
N ILE J 473 49.76 -37.88 -5.64
CA ILE J 473 48.78 -36.87 -6.04
C ILE J 473 47.62 -36.83 -5.06
N SER J 474 47.10 -37.99 -4.68
CA SER J 474 45.95 -38.03 -3.78
C SER J 474 46.26 -37.57 -2.37
N GLU J 475 47.40 -37.98 -1.81
CA GLU J 475 47.68 -37.73 -0.39
C GLU J 475 48.45 -36.43 -0.16
N ASN J 476 49.64 -36.33 -0.74
CA ASN J 476 50.50 -35.19 -0.45
C ASN J 476 49.94 -33.89 -1.03
N PHE J 477 49.42 -33.94 -2.26
CA PHE J 477 48.92 -32.73 -2.90
C PHE J 477 47.69 -32.19 -2.16
N SER J 478 46.83 -33.08 -1.67
CA SER J 478 45.70 -32.65 -0.87
C SER J 478 46.15 -31.92 0.38
N ARG J 479 47.17 -32.43 1.05
CA ARG J 479 47.71 -31.77 2.23
C ARG J 479 48.20 -30.37 1.90
N VAL J 480 48.85 -30.21 0.74
CA VAL J 480 49.36 -28.90 0.35
C VAL J 480 48.21 -27.94 0.04
N MET J 481 47.22 -28.40 -0.71
CA MET J 481 46.11 -27.51 -1.04
C MET J 481 45.26 -27.15 0.17
N ASP J 482 45.31 -27.98 1.23
CA ASP J 482 44.69 -27.57 2.49
C ASP J 482 45.33 -26.29 3.02
N ARG J 483 46.64 -26.12 2.80
CA ARG J 483 47.29 -24.88 3.21
C ARG J 483 46.74 -23.68 2.46
N ILE J 484 46.53 -23.83 1.15
CA ILE J 484 45.91 -22.76 0.37
C ILE J 484 44.51 -22.46 0.90
N THR J 485 43.75 -23.51 1.21
CA THR J 485 42.39 -23.32 1.71
C THR J 485 42.38 -22.54 3.02
N GLU J 486 43.24 -22.92 3.97
CA GLU J 486 43.26 -22.22 5.24
C GLU J 486 43.81 -20.80 5.09
N HIS J 487 44.74 -20.60 4.15
CA HIS J 487 45.22 -19.25 3.87
C HIS J 487 44.10 -18.37 3.34
N ILE J 488 43.29 -18.90 2.44
CA ILE J 488 42.16 -18.14 1.91
C ILE J 488 41.15 -17.85 3.01
N LYS J 489 40.88 -18.83 3.88
CA LYS J 489 39.97 -18.59 4.99
C LYS J 489 40.51 -17.51 5.93
N TYR J 490 41.81 -17.54 6.20
CA TYR J 490 42.43 -16.54 7.07
C TYR J 490 42.29 -15.15 6.48
N HIS J 491 42.59 -14.99 5.19
CA HIS J 491 42.46 -13.66 4.58
C HIS J 491 41.00 -13.25 4.42
N LEU J 492 40.08 -14.20 4.34
CA LEU J 492 38.66 -13.86 4.40
C LEU J 492 38.30 -13.34 5.78
N SER J 493 38.86 -13.95 6.83
CA SER J 493 38.59 -13.50 8.19
C SER J 493 39.08 -12.08 8.44
N GLN J 494 40.11 -11.65 7.70
CA GLN J 494 40.62 -10.30 7.87
C GLN J 494 39.57 -9.28 7.45
N PRO J 495 39.51 -8.11 8.11
CA PRO J 495 38.56 -7.08 7.69
C PRO J 495 38.86 -6.61 6.28
N HIS J 496 37.80 -6.39 5.50
CA HIS J 496 37.94 -6.06 4.10
C HIS J 496 36.64 -5.41 3.62
N GLU J 497 36.70 -4.86 2.41
CA GLU J 497 35.53 -4.24 1.81
C GLU J 497 34.59 -5.29 1.24
N SER J 498 33.39 -4.83 0.84
CA SER J 498 32.37 -5.75 0.34
C SER J 498 32.81 -6.43 -0.95
N ASN J 499 33.42 -5.67 -1.88
CA ASN J 499 33.77 -6.21 -3.19
C ASN J 499 34.81 -7.31 -3.07
N ILE J 500 35.89 -7.07 -2.31
CA ILE J 500 36.91 -8.08 -2.13
C ILE J 500 36.35 -9.29 -1.38
N LEU J 501 35.45 -9.06 -0.43
CA LEU J 501 34.83 -10.18 0.28
C LEU J 501 34.02 -11.05 -0.68
N ASN J 502 33.25 -10.43 -1.57
CA ASN J 502 32.49 -11.18 -2.56
C ASN J 502 33.42 -11.94 -3.51
N TYR J 503 34.51 -11.29 -3.93
CA TYR J 503 35.47 -11.95 -4.80
C TYR J 503 36.06 -13.18 -4.13
N TYR J 504 36.47 -13.03 -2.87
CA TYR J 504 37.03 -14.16 -2.14
C TYR J 504 35.99 -15.25 -1.92
N LYS J 505 34.73 -14.86 -1.71
CA LYS J 505 33.68 -15.87 -1.55
C LYS J 505 33.47 -16.67 -2.83
N LYS J 506 33.46 -16.00 -3.98
CA LYS J 506 33.35 -16.73 -5.24
C LYS J 506 34.54 -17.66 -5.45
N LEU J 507 35.76 -17.19 -5.15
CA LEU J 507 36.91 -18.08 -5.09
C LEU J 507 36.65 -19.28 -4.19
N LEU J 508 36.05 -19.05 -3.02
CA LEU J 508 35.81 -20.14 -2.08
C LEU J 508 34.89 -21.19 -2.67
N LYS J 509 33.75 -20.77 -3.21
CA LYS J 509 32.84 -21.75 -3.82
C LYS J 509 33.49 -22.48 -4.99
N ALA J 510 34.19 -21.75 -5.87
CA ALA J 510 34.82 -22.42 -7.01
C ALA J 510 35.85 -23.44 -6.56
N PHE J 511 36.70 -23.06 -5.58
CA PHE J 511 37.76 -23.95 -5.16
C PHE J 511 37.21 -25.17 -4.43
N GLU J 512 36.19 -24.99 -3.59
CA GLU J 512 35.63 -26.15 -2.90
C GLU J 512 34.87 -27.05 -3.87
N ARG J 513 34.27 -26.48 -4.92
CA ARG J 513 33.66 -27.31 -5.95
C ARG J 513 34.70 -28.12 -6.70
N SER J 514 35.89 -27.54 -6.89
CA SER J 514 36.96 -28.25 -7.59
C SER J 514 37.80 -29.15 -6.68
N LYS J 515 37.62 -29.06 -5.36
CA LYS J 515 38.44 -29.83 -4.43
C LYS J 515 38.33 -31.33 -4.69
N SER J 516 37.09 -31.85 -4.73
CA SER J 516 36.90 -33.28 -4.86
C SER J 516 37.33 -33.80 -6.22
N LYS J 517 37.54 -32.91 -7.20
CA LYS J 517 37.86 -33.33 -8.55
C LYS J 517 39.22 -34.05 -8.63
N ILE J 518 40.08 -33.85 -7.62
CA ILE J 518 41.39 -34.49 -7.62
C ILE J 518 41.25 -36.01 -7.59
N PHE J 519 40.18 -36.50 -6.95
CA PHE J 519 39.98 -37.94 -6.80
C PHE J 519 39.32 -38.59 -8.01
N ASN J 520 38.94 -37.80 -9.02
CA ASN J 520 38.36 -38.38 -10.23
C ASN J 520 39.40 -39.20 -10.97
N ASP J 521 39.01 -40.42 -11.36
CA ASP J 521 39.92 -41.28 -12.10
C ASP J 521 40.21 -40.73 -13.49
N SER J 522 39.18 -40.16 -14.14
CA SER J 522 39.40 -39.54 -15.44
C SER J 522 40.33 -38.33 -15.32
N PHE J 523 40.11 -37.49 -14.31
CA PHE J 523 40.99 -36.35 -14.08
C PHE J 523 42.40 -36.81 -13.73
N LYS J 524 42.50 -37.87 -12.92
CA LYS J 524 43.80 -38.39 -12.53
C LYS J 524 44.56 -38.92 -13.75
N LYS J 525 43.86 -39.62 -14.63
CA LYS J 525 44.48 -40.12 -15.86
C LYS J 525 44.88 -38.97 -16.78
N GLY J 526 44.09 -37.89 -16.79
CA GLY J 526 44.49 -36.71 -17.54
C GLY J 526 45.76 -36.09 -16.98
N VAL J 527 45.86 -36.02 -15.65
CA VAL J 527 47.08 -35.52 -15.04
C VAL J 527 48.27 -36.41 -15.41
N ILE J 528 48.04 -37.72 -15.46
CA ILE J 528 49.10 -38.65 -15.85
C ILE J 528 49.51 -38.42 -17.30
N ARG J 529 48.54 -38.21 -18.20
CA ARG J 529 48.88 -38.04 -19.61
C ARG J 529 49.48 -36.66 -19.87
N GLN J 530 49.34 -35.74 -18.93
CA GLN J 530 50.11 -34.49 -19.01
C GLN J 530 51.51 -34.68 -18.44
N ALA J 531 51.63 -35.47 -17.36
CA ALA J 531 52.94 -35.73 -16.77
C ALA J 531 53.84 -36.50 -17.73
N GLU J 532 53.27 -37.41 -18.52
CA GLU J 532 54.06 -38.15 -19.49
C GLU J 532 54.68 -37.24 -20.54
N PHE J 533 54.17 -36.02 -20.68
CA PHE J 533 54.77 -35.01 -21.54
C PHE J 533 55.72 -34.09 -20.78
N LEU J 534 55.32 -33.66 -19.57
CA LEU J 534 56.18 -32.76 -18.81
C LEU J 534 57.42 -33.48 -18.27
N PHE J 535 57.28 -34.74 -17.88
CA PHE J 535 58.37 -35.48 -17.27
C PHE J 535 59.32 -36.11 -18.29
N ARG J 536 59.05 -35.96 -19.58
CA ARG J 536 59.90 -36.57 -20.59
C ARG J 536 61.27 -35.92 -20.62
N GLN J 537 62.30 -36.74 -20.81
CA GLN J 537 63.67 -36.27 -20.96
C GLN J 537 64.23 -36.85 -22.25
N ARG J 538 64.74 -35.99 -23.12
CA ARG J 538 65.27 -36.45 -24.40
C ARG J 538 66.56 -37.23 -24.20
N SER J 539 66.73 -38.27 -25.02
CA SER J 539 67.95 -39.09 -25.04
C SER J 539 68.25 -39.68 -23.66
N PHE J 540 67.34 -40.55 -23.22
CA PHE J 540 67.50 -41.22 -21.94
C PHE J 540 67.62 -42.73 -22.05
N ILE J 541 66.81 -43.38 -22.89
CA ILE J 541 66.89 -44.82 -23.06
C ILE J 541 68.24 -45.22 -23.64
N GLN J 542 68.68 -44.50 -24.68
CA GLN J 542 69.94 -44.87 -25.33
C GLN J 542 71.14 -44.62 -24.44
N THR J 543 71.07 -43.65 -23.53
CA THR J 543 72.17 -43.36 -22.62
C THR J 543 72.20 -44.26 -21.40
N LEU J 544 71.23 -45.17 -21.26
CA LEU J 544 71.22 -46.09 -20.14
C LEU J 544 72.34 -47.11 -20.27
N ASP J 545 73.10 -47.29 -19.18
CA ASP J 545 74.11 -48.34 -19.07
C ASP J 545 75.18 -48.23 -20.16
N THR J 546 75.47 -47.01 -20.61
CA THR J 546 76.54 -46.82 -21.59
C THR J 546 77.92 -46.94 -20.97
N ASN J 547 78.08 -46.51 -19.73
CA ASN J 547 79.37 -46.59 -19.07
C ASN J 547 79.68 -48.04 -18.72
N PRO J 548 80.76 -48.63 -19.24
CA PRO J 548 81.07 -50.03 -18.88
C PRO J 548 81.53 -50.20 -17.45
N HIS J 549 81.91 -49.13 -16.76
CA HIS J 549 82.51 -49.21 -15.44
C HIS J 549 81.48 -49.27 -14.32
N LEU J 550 80.21 -49.06 -14.60
CA LEU J 550 79.16 -49.08 -13.57
C LEU J 550 78.50 -50.46 -13.58
N LEU J 551 78.56 -51.14 -12.43
CA LEU J 551 77.98 -52.47 -12.28
C LEU J 551 77.01 -52.43 -11.10
N GLY J 552 75.74 -52.65 -11.37
CA GLY J 552 74.77 -52.70 -10.28
C GLY J 552 74.88 -53.99 -9.50
N VAL J 553 74.76 -53.87 -8.18
CA VAL J 553 74.91 -54.99 -7.25
C VAL J 553 73.78 -54.92 -6.23
N GLY J 554 73.56 -56.05 -5.54
CA GLY J 554 72.44 -56.15 -4.63
C GLY J 554 72.47 -55.10 -3.53
N ASN J 555 73.65 -54.56 -3.24
CA ASN J 555 73.80 -53.51 -2.23
C ASN J 555 74.20 -52.17 -2.86
N GLY J 556 73.66 -51.84 -4.03
CA GLY J 556 73.93 -50.55 -4.64
C GLY J 556 74.57 -50.65 -6.01
N VAL J 557 75.64 -49.90 -6.24
CA VAL J 557 76.36 -49.97 -7.51
C VAL J 557 77.85 -49.90 -7.19
N LEU J 558 78.68 -50.31 -8.15
CA LEU J 558 80.12 -50.16 -8.02
C LEU J 558 80.70 -49.58 -9.30
N SER J 559 81.73 -48.75 -9.13
CA SER J 559 82.42 -48.12 -10.24
C SER J 559 83.86 -48.62 -10.27
N ILE J 560 84.26 -49.20 -11.38
CA ILE J 560 85.63 -49.67 -11.56
C ILE J 560 86.48 -48.63 -12.31
N GLU J 561 86.03 -47.37 -12.33
CA GLU J 561 86.80 -46.32 -12.99
C GLU J 561 88.16 -46.14 -12.35
N THR J 562 88.22 -46.15 -11.01
CA THR J 562 89.44 -45.91 -10.27
C THR J 562 89.88 -47.16 -9.52
N ILE J 563 91.15 -47.18 -9.15
CA ILE J 563 91.75 -48.27 -8.39
C ILE J 563 92.06 -47.73 -6.99
N PRO J 564 91.46 -48.29 -5.92
CA PRO J 564 90.49 -49.39 -5.97
C PRO J 564 89.09 -48.94 -6.36
N ALA J 565 88.23 -49.89 -6.71
CA ALA J 565 86.87 -49.57 -7.11
C ALA J 565 86.09 -48.98 -5.94
N LYS J 566 85.11 -48.14 -6.25
CA LYS J 566 84.30 -47.46 -5.25
C LYS J 566 82.88 -48.03 -5.26
N LEU J 567 82.38 -48.35 -4.07
CA LEU J 567 81.02 -48.83 -3.91
C LEU J 567 80.11 -47.67 -3.52
N ILE J 568 79.10 -47.41 -4.33
CA ILE J 568 78.13 -46.35 -4.10
C ILE J 568 76.85 -47.00 -3.59
N ASN J 569 76.51 -46.70 -2.33
CA ASN J 569 75.26 -47.13 -1.72
C ASN J 569 74.47 -45.93 -1.23
N HIS J 570 74.58 -44.80 -1.95
CA HIS J 570 73.90 -43.57 -1.58
C HIS J 570 73.37 -42.92 -2.86
N PHE J 571 72.95 -41.67 -2.75
CA PHE J 571 72.38 -40.96 -3.89
C PHE J 571 73.43 -40.75 -4.98
N HIS J 572 72.97 -40.80 -6.22
CA HIS J 572 73.84 -40.59 -7.38
C HIS J 572 72.99 -40.03 -8.52
N GLU J 573 73.65 -39.82 -9.67
CA GLU J 573 72.98 -39.30 -10.86
C GLU J 573 73.37 -40.08 -12.11
N HIS J 574 73.56 -41.39 -12.00
CA HIS J 574 73.98 -42.11 -13.19
C HIS J 574 72.85 -42.96 -13.74
N PRO J 575 72.73 -43.04 -15.07
CA PRO J 575 71.67 -43.87 -15.69
C PRO J 575 72.01 -45.36 -15.66
N ILE J 576 71.73 -45.98 -14.51
CA ILE J 576 72.02 -47.39 -14.29
C ILE J 576 70.69 -48.11 -14.05
N HIS J 577 70.43 -49.14 -14.86
CA HIS J 577 69.19 -49.89 -14.81
C HIS J 577 69.42 -51.34 -14.38
N GLN J 578 70.27 -52.06 -15.10
CA GLN J 578 70.53 -53.46 -14.77
C GLN J 578 71.45 -53.56 -13.55
N TYR J 579 71.42 -54.72 -12.91
CA TYR J 579 72.18 -54.95 -11.70
C TYR J 579 72.36 -56.45 -11.53
N THR J 580 73.05 -56.84 -10.45
CA THR J 580 73.19 -58.23 -10.07
C THR J 580 72.79 -58.39 -8.61
N HIS J 581 72.41 -59.61 -8.25
CA HIS J 581 71.99 -59.94 -6.88
C HIS J 581 73.16 -60.37 -6.01
N ILE J 582 74.38 -60.04 -6.39
CA ILE J 582 75.58 -60.40 -5.64
C ILE J 582 76.02 -59.18 -4.85
N CYS J 583 75.75 -59.18 -3.54
CA CYS J 583 76.19 -58.08 -2.70
C CYS J 583 77.70 -58.12 -2.53
N TYR J 584 78.37 -57.04 -2.94
CA TYR J 584 79.82 -56.98 -2.91
C TYR J 584 80.33 -56.82 -1.49
N VAL J 585 81.43 -57.49 -1.18
CA VAL J 585 82.14 -57.31 0.08
C VAL J 585 83.62 -57.09 -0.24
N PRO J 586 84.35 -56.34 0.58
CA PRO J 586 85.78 -56.13 0.31
C PRO J 586 86.54 -57.45 0.33
N PHE J 587 87.61 -57.50 -0.48
CA PHE J 587 88.42 -58.70 -0.60
C PHE J 587 89.04 -59.07 0.74
N ASN J 588 88.57 -60.17 1.32
CA ASN J 588 89.06 -60.66 2.61
C ASN J 588 89.63 -62.06 2.44
N PRO J 589 90.94 -62.20 2.27
CA PRO J 589 91.52 -63.56 2.15
C PRO J 589 91.34 -64.40 3.40
N GLU J 590 91.12 -63.78 4.56
CA GLU J 590 90.91 -64.52 5.80
C GLU J 590 89.57 -65.23 5.86
N ASN J 591 88.67 -64.95 4.92
CA ASN J 591 87.37 -65.63 4.91
C ASN J 591 87.59 -67.11 4.62
N PRO J 592 86.95 -68.01 5.37
CA PRO J 592 87.12 -69.46 5.10
C PRO J 592 86.69 -69.85 3.71
N TRP J 593 85.61 -69.25 3.18
CA TRP J 593 85.19 -69.57 1.83
C TRP J 593 86.18 -69.04 0.80
N THR J 594 86.77 -67.88 1.06
CA THR J 594 87.79 -67.35 0.17
C THR J 594 88.99 -68.28 0.09
N LYS J 595 89.46 -68.75 1.26
CA LYS J 595 90.57 -69.70 1.27
C LYS J 595 90.20 -71.01 0.58
N LEU J 596 88.98 -71.49 0.82
CA LEU J 596 88.54 -72.72 0.17
C LEU J 596 88.51 -72.58 -1.33
N LEU J 597 88.00 -71.45 -1.84
CA LEU J 597 87.98 -71.22 -3.28
C LEU J 597 89.38 -71.10 -3.85
N LEU J 598 90.29 -70.42 -3.15
CA LEU J 598 91.66 -70.31 -3.61
C LEU J 598 92.33 -71.69 -3.68
N ASN J 599 92.13 -72.52 -2.65
CA ASN J 599 92.69 -73.86 -2.67
C ASN J 599 92.09 -74.71 -3.77
N ALA J 600 90.77 -74.59 -3.99
CA ALA J 600 90.14 -75.34 -5.06
C ALA J 600 90.68 -74.95 -6.42
N LEU J 601 90.85 -73.64 -6.65
CA LEU J 601 91.42 -73.18 -7.91
C LEU J 601 92.85 -73.66 -8.09
N GLN J 602 93.65 -73.63 -7.01
CA GLN J 602 95.02 -74.12 -7.10
C GLN J 602 95.05 -75.60 -7.42
N ASP J 603 94.14 -76.38 -6.83
CA ASP J 603 94.08 -77.81 -7.13
C ASP J 603 93.59 -78.05 -8.55
N ILE J 604 92.74 -77.17 -9.07
CA ILE J 604 92.22 -77.33 -10.42
C ILE J 604 93.35 -77.32 -11.44
N ILE J 605 94.26 -76.36 -11.32
CA ILE J 605 95.48 -76.35 -12.13
C ILE J 605 96.67 -76.01 -11.23
N PRO J 606 97.61 -76.94 -11.03
CA PRO J 606 98.71 -76.68 -10.10
C PRO J 606 99.67 -75.61 -10.57
N GLU J 607 99.77 -75.38 -11.89
CA GLU J 607 100.74 -74.43 -12.41
C GLU J 607 100.41 -73.02 -11.93
N LEU J 608 101.34 -72.41 -11.19
CA LEU J 608 101.13 -71.05 -10.70
C LEU J 608 101.02 -70.06 -11.85
N ASP J 609 101.88 -70.19 -12.86
CA ASP J 609 101.81 -69.29 -14.01
C ASP J 609 100.48 -69.45 -14.75
N ALA J 610 100.06 -70.70 -14.97
CA ALA J 610 98.78 -70.93 -15.65
C ALA J 610 97.61 -70.45 -14.79
N ARG J 611 97.70 -70.65 -13.47
CA ARG J 611 96.66 -70.17 -12.58
C ARG J 611 96.53 -68.66 -12.65
N LEU J 612 97.65 -67.95 -12.61
CA LEU J 612 97.60 -66.49 -12.74
C LEU J 612 97.09 -66.07 -14.12
N TRP J 613 97.47 -66.78 -15.18
CA TRP J 613 97.00 -66.45 -16.51
C TRP J 613 95.49 -66.60 -16.61
N ILE J 614 94.95 -67.72 -16.12
CA ILE J 614 93.51 -67.95 -16.22
C ILE J 614 92.75 -66.97 -15.33
N MET J 615 93.28 -66.67 -14.15
CA MET J 615 92.62 -65.70 -13.28
C MET J 615 92.60 -64.31 -13.92
N PHE J 616 93.73 -63.90 -14.53
CA PHE J 616 93.77 -62.61 -15.20
C PHE J 616 92.81 -62.57 -16.39
N TYR J 617 92.74 -63.67 -17.15
CA TYR J 617 91.81 -63.73 -18.28
C TYR J 617 90.37 -63.62 -17.82
N LEU J 618 90.01 -64.33 -16.75
CA LEU J 618 88.64 -64.31 -16.26
C LEU J 618 88.29 -63.02 -15.53
N SER J 619 89.28 -62.29 -15.04
CA SER J 619 89.01 -61.03 -14.35
C SER J 619 88.56 -59.94 -15.32
N THR J 620 88.95 -60.02 -16.59
CA THR J 620 88.61 -59.00 -17.57
C THR J 620 87.21 -59.17 -18.15
N ALA J 621 86.53 -60.28 -17.85
CA ALA J 621 85.18 -60.48 -18.37
C ALA J 621 84.18 -59.48 -17.80
N ILE J 622 84.48 -58.88 -16.65
CA ILE J 622 83.57 -57.90 -16.07
C ILE J 622 83.50 -56.64 -16.93
N PHE J 623 84.58 -56.33 -17.65
CA PHE J 623 84.59 -55.15 -18.51
C PHE J 623 83.57 -55.30 -19.62
N ARG J 624 82.92 -54.20 -19.98
CA ARG J 624 81.90 -54.20 -21.02
C ARG J 624 82.30 -53.42 -22.27
N GLY J 625 83.43 -52.72 -22.24
CA GLY J 625 83.92 -52.01 -23.41
C GLY J 625 84.75 -52.91 -24.31
N LEU J 626 85.41 -52.27 -25.27
CA LEU J 626 86.23 -53.01 -26.22
C LEU J 626 87.38 -53.73 -25.51
N LYS J 627 87.68 -54.94 -25.97
CA LYS J 627 88.70 -55.78 -25.37
C LYS J 627 89.65 -56.28 -26.45
N GLU J 628 90.74 -56.88 -26.02
CA GLU J 628 91.67 -57.52 -26.94
C GLU J 628 91.00 -58.69 -27.64
N ALA J 629 91.43 -58.94 -28.88
CA ALA J 629 90.89 -60.04 -29.68
C ALA J 629 91.54 -61.34 -29.20
N LEU J 630 91.08 -61.81 -28.05
CA LEU J 630 91.57 -63.05 -27.46
C LEU J 630 90.39 -63.96 -27.14
N MET J 631 90.50 -65.22 -27.53
CA MET J 631 89.52 -66.25 -27.19
C MET J 631 90.26 -67.43 -26.58
N LEU J 632 89.69 -68.02 -25.53
CA LEU J 632 90.34 -69.08 -24.78
C LEU J 632 89.66 -70.41 -25.05
N LEU J 633 90.47 -71.44 -25.30
CA LEU J 633 89.97 -72.80 -25.39
C LEU J 633 90.90 -73.72 -24.62
N TRP J 634 90.31 -74.61 -23.82
CA TRP J 634 91.10 -75.59 -23.08
C TRP J 634 90.25 -76.84 -22.87
N LEU J 635 90.92 -77.99 -22.90
CA LEU J 635 90.27 -79.28 -22.88
C LEU J 635 90.79 -80.11 -21.70
N GLY J 636 90.27 -81.33 -21.59
CA GLY J 636 90.68 -82.25 -20.56
C GLY J 636 90.16 -83.64 -20.84
N GLY J 637 90.79 -84.62 -20.18
CA GLY J 637 90.41 -86.00 -20.42
C GLY J 637 88.99 -86.33 -19.97
N GLY J 638 88.58 -85.79 -18.82
CA GLY J 638 87.26 -86.07 -18.29
C GLY J 638 87.25 -86.07 -16.78
N CYS J 639 86.15 -85.59 -16.19
CA CYS J 639 86.04 -85.41 -14.74
C CYS J 639 87.20 -84.59 -14.19
N ASN J 640 87.51 -83.50 -14.89
CA ASN J 640 88.53 -82.57 -14.50
C ASN J 640 87.87 -81.34 -13.86
N GLY J 641 88.68 -80.30 -13.62
CA GLY J 641 88.15 -79.08 -13.04
C GLY J 641 87.22 -78.31 -13.96
N LYS J 642 87.02 -78.78 -15.19
CA LYS J 642 86.15 -78.08 -16.14
C LYS J 642 84.71 -78.09 -15.65
N THR J 643 83.95 -77.10 -16.11
CA THR J 643 82.51 -76.93 -15.89
C THR J 643 82.14 -76.69 -14.43
N PHE J 644 83.11 -76.62 -13.52
CA PHE J 644 82.80 -76.30 -12.12
C PHE J 644 82.96 -74.80 -11.86
N LEU J 645 84.15 -74.26 -12.07
CA LEU J 645 84.35 -72.82 -11.96
C LEU J 645 83.79 -72.09 -13.18
N MET J 646 83.71 -72.78 -14.32
CA MET J 646 83.19 -72.16 -15.53
C MET J 646 81.73 -71.75 -15.35
N ARG J 647 80.92 -72.61 -14.72
CA ARG J 647 79.55 -72.24 -14.42
C ARG J 647 79.48 -71.20 -13.32
N LEU J 648 80.42 -71.24 -12.37
CA LEU J 648 80.45 -70.24 -11.29
C LEU J 648 80.66 -68.84 -11.85
N VAL J 649 81.61 -68.68 -12.77
CA VAL J 649 81.86 -67.38 -13.38
C VAL J 649 80.62 -66.89 -14.11
N ALA J 650 79.93 -67.79 -14.81
CA ALA J 650 78.72 -67.41 -15.53
C ALA J 650 77.64 -66.94 -14.57
N MET J 651 77.38 -67.69 -13.50
CA MET J 651 76.26 -67.35 -12.63
C MET J 651 76.57 -66.12 -11.79
N VAL J 652 77.83 -65.85 -11.47
CA VAL J 652 78.16 -64.64 -10.72
C VAL J 652 77.76 -63.41 -11.51
N LEU J 653 78.07 -63.38 -12.82
CA LEU J 653 77.65 -62.26 -13.64
C LEU J 653 76.17 -62.35 -13.98
N GLY J 654 75.59 -63.54 -13.85
CA GLY J 654 74.15 -63.70 -13.96
C GLY J 654 73.64 -63.50 -15.37
N ASP J 655 72.32 -63.63 -15.53
CA ASP J 655 71.70 -63.34 -16.82
C ASP J 655 71.89 -61.89 -17.21
N HIS J 656 72.02 -61.00 -16.21
CA HIS J 656 72.20 -59.58 -16.51
C HIS J 656 73.52 -59.32 -17.22
N TYR J 657 74.60 -59.97 -16.79
CA TYR J 657 75.92 -59.69 -17.32
C TYR J 657 76.60 -60.89 -17.98
N ALA J 658 75.92 -62.04 -18.05
CA ALA J 658 76.46 -63.22 -18.71
C ALA J 658 75.34 -63.98 -19.38
N SER J 659 75.72 -64.85 -20.31
CA SER J 659 74.74 -65.63 -21.07
C SER J 659 75.37 -66.95 -21.48
N LYS J 660 74.50 -67.91 -21.78
CA LYS J 660 74.89 -69.23 -22.25
C LYS J 660 74.48 -69.42 -23.70
N LEU J 661 75.37 -70.02 -24.50
CA LEU J 661 75.12 -70.20 -25.92
C LEU J 661 75.25 -71.67 -26.29
N ASN J 662 75.29 -71.97 -27.59
CA ASN J 662 75.31 -73.34 -28.08
C ASN J 662 76.46 -73.52 -29.07
N ILE J 663 76.95 -74.77 -29.17
CA ILE J 663 77.99 -75.10 -30.13
C ILE J 663 77.51 -74.94 -31.57
N SER J 664 76.18 -74.95 -31.78
CA SER J 664 75.63 -74.82 -33.13
C SER J 664 76.02 -73.50 -33.78
N LEU J 665 76.43 -72.51 -32.99
CA LEU J 665 76.90 -71.25 -33.55
C LEU J 665 78.14 -71.45 -34.40
N LEU J 666 78.96 -72.44 -34.07
CA LEU J 666 80.23 -72.66 -34.75
C LEU J 666 80.26 -73.94 -35.58
N THR J 667 79.66 -75.03 -35.09
CA THR J 667 79.69 -76.29 -35.83
C THR J 667 78.80 -76.29 -37.05
N SER J 668 77.95 -75.29 -37.21
CA SER J 668 77.05 -75.23 -38.37
C SER J 668 77.84 -74.93 -39.65
N CYS J 669 77.13 -74.96 -40.77
CA CYS J 669 77.72 -74.66 -42.07
C CYS J 669 77.86 -73.16 -42.26
N ARG J 670 78.11 -72.73 -43.49
CA ARG J 670 78.20 -71.31 -43.82
C ARG J 670 76.81 -70.68 -43.84
N GLU J 671 76.24 -70.46 -42.65
CA GLU J 671 74.90 -69.92 -42.57
C GLU J 671 74.89 -68.46 -43.01
N THR J 672 73.73 -68.02 -43.50
CA THR J 672 73.56 -66.66 -44.00
C THR J 672 72.52 -65.92 -43.17
N ALA J 673 72.13 -64.73 -43.62
CA ALA J 673 71.12 -63.96 -42.91
C ALA J 673 69.77 -64.66 -42.88
N GLU J 674 69.56 -65.66 -43.73
CA GLU J 674 68.32 -66.43 -43.68
C GLU J 674 68.17 -67.19 -42.38
N LYS J 675 69.26 -67.74 -41.85
CA LYS J 675 69.20 -68.45 -40.59
C LYS J 675 69.04 -67.48 -39.42
N PRO J 676 68.28 -67.86 -38.39
CA PRO J 676 68.06 -66.97 -37.23
C PRO J 676 69.22 -67.01 -36.25
N ASN J 677 70.25 -66.21 -36.53
CA ASN J 677 71.41 -66.14 -35.66
C ASN J 677 71.15 -65.18 -34.50
N SER J 678 70.05 -65.40 -33.77
CA SER J 678 69.74 -64.57 -32.62
C SER J 678 70.73 -64.80 -31.49
N ALA J 679 71.20 -66.04 -31.32
CA ALA J 679 72.25 -66.31 -30.34
C ALA J 679 73.52 -65.56 -30.68
N PHE J 680 73.86 -65.51 -31.98
CA PHE J 680 74.98 -64.69 -32.42
C PHE J 680 74.71 -63.21 -32.17
N MET J 681 73.44 -62.82 -32.12
CA MET J 681 73.03 -61.46 -31.77
C MET J 681 72.84 -61.26 -30.28
N ARG J 682 73.18 -62.24 -29.46
CA ARG J 682 73.18 -62.07 -28.01
C ARG J 682 74.45 -61.35 -27.57
N LEU J 683 74.71 -61.38 -26.26
CA LEU J 683 75.88 -60.75 -25.65
C LEU J 683 75.78 -59.22 -25.68
N LYS J 684 74.56 -58.70 -25.71
CA LYS J 684 74.34 -57.25 -25.59
C LYS J 684 74.65 -56.85 -24.16
N GLY J 685 75.81 -56.25 -23.93
CA GLY J 685 76.26 -55.92 -22.60
C GLY J 685 76.85 -57.08 -21.82
N ARG J 686 76.49 -58.31 -22.16
CA ARG J 686 77.06 -59.47 -21.48
C ARG J 686 78.53 -59.64 -21.87
N GLY J 687 79.39 -59.79 -20.87
CA GLY J 687 80.82 -59.89 -21.09
C GLY J 687 81.44 -61.26 -20.98
N TYR J 688 80.63 -62.32 -20.96
CA TYR J 688 81.14 -63.68 -20.84
C TYR J 688 80.44 -64.58 -21.85
N GLY J 689 81.21 -65.44 -22.51
CA GLY J 689 80.64 -66.32 -23.51
C GLY J 689 81.17 -67.74 -23.46
N TYR J 690 80.24 -68.70 -23.54
CA TYR J 690 80.59 -70.11 -23.56
C TYR J 690 79.40 -70.87 -24.13
N PHE J 691 79.68 -71.97 -24.82
CA PHE J 691 78.60 -72.78 -25.39
C PHE J 691 78.21 -73.92 -24.45
N GLU J 692 79.13 -74.86 -24.23
CA GLU J 692 78.91 -76.01 -23.36
C GLU J 692 80.15 -76.89 -23.35
N GLU J 693 80.13 -77.94 -22.53
CA GLU J 693 81.14 -79.00 -22.62
C GLU J 693 80.54 -80.10 -23.49
N THR J 694 80.73 -79.97 -24.81
CA THR J 694 80.13 -80.89 -25.74
C THR J 694 80.70 -82.30 -25.58
N ASN J 695 79.88 -83.29 -25.91
CA ASN J 695 80.23 -84.69 -25.72
C ASN J 695 80.89 -85.33 -26.93
N LYS J 696 81.05 -84.58 -28.03
CA LYS J 696 81.64 -85.12 -29.24
C LYS J 696 82.65 -84.14 -29.81
N SER J 697 83.64 -84.67 -30.52
CA SER J 697 84.59 -83.83 -31.24
C SER J 697 83.92 -83.20 -32.46
N GLU J 698 84.39 -82.01 -32.81
CA GLU J 698 83.81 -81.26 -33.93
C GLU J 698 84.92 -80.49 -34.63
N VAL J 699 84.55 -79.82 -35.72
CA VAL J 699 85.47 -79.05 -36.54
C VAL J 699 84.96 -77.62 -36.64
N LEU J 700 85.86 -76.66 -36.49
CA LEU J 700 85.49 -75.26 -36.59
C LEU J 700 85.28 -74.87 -38.05
N ASN J 701 84.65 -73.72 -38.26
CA ASN J 701 84.32 -73.24 -39.58
C ASN J 701 85.04 -71.93 -39.87
N THR J 702 85.25 -71.66 -41.16
CA THR J 702 85.82 -70.38 -41.57
C THR J 702 84.93 -69.22 -41.18
N SER J 703 83.61 -69.39 -41.30
CA SER J 703 82.68 -68.41 -40.76
C SER J 703 82.76 -68.38 -39.25
N ARG J 704 82.33 -67.26 -38.67
CA ARG J 704 82.45 -67.00 -37.22
C ARG J 704 83.94 -67.04 -36.92
N LEU J 705 84.39 -67.72 -35.87
CA LEU J 705 85.81 -67.88 -35.57
C LEU J 705 86.52 -66.53 -35.55
N LYS J 706 87.15 -66.16 -36.66
CA LYS J 706 87.76 -64.84 -36.77
C LYS J 706 86.71 -63.74 -36.63
N GLU J 707 85.48 -64.00 -37.07
CA GLU J 707 84.40 -63.05 -36.83
C GLU J 707 84.00 -63.01 -35.37
N MET J 708 84.12 -64.14 -34.66
CA MET J 708 83.81 -64.17 -33.24
C MET J 708 84.84 -63.36 -32.45
N VAL J 709 86.13 -63.57 -32.74
CA VAL J 709 87.18 -62.89 -32.00
C VAL J 709 87.26 -61.41 -32.37
N ASN J 710 86.70 -61.03 -33.51
CA ASN J 710 86.69 -59.62 -33.92
C ASN J 710 85.66 -58.86 -33.11
N PRO J 711 86.03 -57.81 -32.38
CA PRO J 711 85.05 -57.06 -31.60
C PRO J 711 84.30 -56.03 -32.43
N GLY J 712 84.37 -56.15 -33.75
CA GLY J 712 83.72 -55.20 -34.64
C GLY J 712 82.22 -55.37 -34.69
N ASP J 713 81.58 -54.44 -35.40
CA ASP J 713 80.13 -54.44 -35.52
C ASP J 713 79.65 -55.64 -36.31
N VAL J 714 78.61 -56.29 -35.79
CA VAL J 714 78.04 -57.47 -36.43
C VAL J 714 76.52 -57.34 -36.43
N THR J 715 75.88 -57.95 -37.42
CA THR J 715 74.43 -57.96 -37.54
C THR J 715 73.97 -59.33 -38.05
N ALA J 716 72.77 -59.73 -37.63
CA ALA J 716 72.21 -61.01 -38.03
C ALA J 716 70.71 -61.01 -37.78
N ARG J 717 70.04 -61.96 -38.40
CA ARG J 717 68.60 -62.13 -38.19
C ARG J 717 68.33 -62.63 -36.78
N GLU J 718 67.30 -62.07 -36.16
CA GLU J 718 66.93 -62.45 -34.79
C GLU J 718 65.56 -63.11 -34.76
N GLU J 724 69.54 -55.98 -36.88
CA GLU J 724 70.19 -54.86 -36.22
C GLU J 724 71.67 -55.12 -36.01
N SER J 725 72.48 -54.08 -36.15
CA SER J 725 73.93 -54.17 -36.02
C SER J 725 74.36 -53.61 -34.67
N PHE J 726 75.34 -54.27 -34.05
CA PHE J 726 75.79 -53.88 -32.73
C PHE J 726 77.25 -54.28 -32.53
N GLN J 727 77.86 -53.65 -31.52
CA GLN J 727 79.23 -53.97 -31.11
C GLN J 727 79.19 -55.09 -30.07
N MET J 728 79.88 -56.19 -30.35
CA MET J 728 79.97 -57.30 -29.42
C MET J 728 81.38 -57.32 -28.83
N THR J 729 81.46 -57.17 -27.50
CA THR J 729 82.74 -57.15 -26.78
C THR J 729 82.58 -58.04 -25.56
N ALA J 730 82.94 -59.32 -25.71
CA ALA J 730 82.82 -60.28 -24.62
C ALA J 730 83.92 -61.32 -24.73
N THR J 731 84.52 -61.67 -23.60
CA THR J 731 85.51 -62.74 -23.57
C THR J 731 84.84 -64.09 -23.76
N MET J 732 85.38 -64.89 -24.68
CA MET J 732 84.81 -66.17 -25.06
C MET J 732 85.74 -67.30 -24.64
N VAL J 733 85.18 -68.33 -24.01
CA VAL J 733 85.93 -69.49 -23.54
C VAL J 733 85.23 -70.75 -24.05
N ALA J 734 86.03 -71.82 -24.15
CA ALA J 734 85.52 -73.09 -24.66
C ALA J 734 86.22 -74.23 -23.93
N ALA J 735 85.46 -74.96 -23.11
CA ALA J 735 85.96 -76.12 -22.38
C ALA J 735 85.20 -77.35 -22.83
N SER J 736 85.93 -78.38 -23.25
CA SER J 736 85.31 -79.60 -23.76
C SER J 736 86.12 -80.81 -23.30
N ASN J 737 85.43 -81.95 -23.19
CA ASN J 737 86.10 -83.20 -22.87
C ASN J 737 86.86 -83.78 -24.05
N TYR J 738 86.48 -83.42 -25.28
CA TYR J 738 87.12 -83.92 -26.49
C TYR J 738 87.88 -82.80 -27.18
N ASN J 739 88.45 -83.13 -28.34
CA ASN J 739 89.27 -82.21 -29.10
C ASN J 739 88.49 -81.60 -30.25
N PHE J 740 89.08 -80.56 -30.86
CA PHE J 740 88.50 -79.86 -32.00
C PHE J 740 89.42 -80.02 -33.21
N ILE J 741 88.93 -79.56 -34.35
CA ILE J 741 89.68 -79.61 -35.60
C ILE J 741 89.70 -78.22 -36.22
N ILE J 742 90.88 -77.76 -36.60
CA ILE J 742 91.07 -76.44 -37.21
C ILE J 742 91.71 -76.63 -38.57
N ASP J 743 91.18 -75.94 -39.58
CA ASP J 743 91.68 -76.03 -40.95
C ASP J 743 91.90 -74.62 -41.49
N THR J 744 93.10 -74.09 -41.27
CA THR J 744 93.48 -72.77 -41.76
C THR J 744 94.99 -72.65 -41.70
N THR J 745 95.53 -71.74 -42.52
CA THR J 745 96.97 -71.52 -42.57
C THR J 745 97.38 -70.05 -42.59
N ASP J 746 96.47 -69.11 -42.82
CA ASP J 746 96.84 -67.71 -42.91
C ASP J 746 97.24 -67.17 -41.54
N HIS J 747 98.06 -66.11 -41.55
CA HIS J 747 98.51 -65.49 -40.32
C HIS J 747 97.38 -64.83 -39.55
N GLY J 748 96.31 -64.39 -40.24
CA GLY J 748 95.18 -63.84 -39.54
C GLY J 748 94.58 -64.80 -38.53
N THR J 749 94.43 -66.06 -38.92
CA THR J 749 94.08 -67.12 -38.00
C THR J 749 95.33 -67.66 -37.32
N TRP J 750 95.12 -68.50 -36.31
CA TRP J 750 96.17 -69.12 -35.52
C TRP J 750 97.06 -68.11 -34.81
N ARG J 751 96.66 -66.84 -34.77
CA ARG J 751 97.43 -65.79 -34.12
C ARG J 751 96.76 -65.26 -32.86
N ARG J 752 95.43 -65.21 -32.82
CA ARG J 752 94.69 -64.76 -31.65
C ARG J 752 94.12 -65.91 -30.84
N LEU J 753 94.84 -67.02 -30.78
CA LEU J 753 94.37 -68.23 -30.12
C LEU J 753 95.33 -68.62 -29.02
N ARG J 754 94.78 -68.98 -27.85
CA ARG J 754 95.57 -69.49 -26.73
C ARG J 754 94.96 -70.81 -26.29
N HIS J 755 95.78 -71.84 -26.16
CA HIS J 755 95.32 -73.18 -25.82
C HIS J 755 95.99 -73.68 -24.55
N TYR J 756 95.24 -74.46 -23.78
CA TYR J 756 95.74 -75.10 -22.57
C TYR J 756 95.06 -76.46 -22.44
N ARG J 757 95.70 -77.35 -21.69
CA ARG J 757 95.11 -78.66 -21.39
C ARG J 757 95.23 -78.93 -19.90
N SER J 758 94.13 -79.41 -19.31
CA SER J 758 94.13 -79.71 -17.88
C SER J 758 95.06 -80.87 -17.58
N LYS J 759 95.86 -80.72 -16.53
CA LYS J 759 96.78 -81.76 -16.09
C LYS J 759 96.32 -82.45 -14.82
N VAL J 760 95.01 -82.44 -14.55
CA VAL J 760 94.45 -82.98 -13.32
C VAL J 760 93.33 -83.95 -13.66
N LYS J 761 93.03 -84.83 -12.71
CA LYS J 761 91.95 -85.80 -12.85
C LYS J 761 91.26 -85.98 -11.51
N PHE J 762 89.93 -85.85 -11.52
CA PHE J 762 89.12 -86.04 -10.32
C PHE J 762 88.29 -87.31 -10.49
N CYS J 763 88.51 -88.29 -9.63
CA CYS J 763 87.76 -89.54 -9.68
C CYS J 763 87.54 -90.04 -8.26
N HIS J 764 86.50 -90.87 -8.10
CA HIS J 764 86.06 -91.28 -6.76
C HIS J 764 87.13 -92.06 -6.02
N ASN J 765 88.04 -92.73 -6.74
CA ASN J 765 89.11 -93.46 -6.08
C ASN J 765 90.43 -92.69 -6.20
N PRO J 766 90.92 -92.08 -5.12
CA PRO J 766 92.16 -91.31 -5.20
C PRO J 766 93.37 -92.20 -5.42
N ASP J 767 94.37 -91.64 -6.10
CA ASP J 767 95.64 -92.32 -6.32
C ASP J 767 96.72 -91.62 -5.51
N PRO J 768 97.24 -92.23 -4.45
CA PRO J 768 98.25 -91.56 -3.62
C PRO J 768 99.54 -91.32 -4.39
N SER J 769 100.24 -90.26 -4.01
CA SER J 769 101.54 -89.88 -4.58
C SER J 769 101.46 -89.54 -6.06
N ASN J 770 100.27 -89.24 -6.58
CA ASN J 770 100.09 -88.84 -7.97
C ASN J 770 99.53 -87.42 -8.01
N PRO J 771 100.38 -86.41 -8.25
CA PRO J 771 99.87 -85.03 -8.25
C PRO J 771 98.86 -84.74 -9.35
N TYR J 772 98.83 -85.52 -10.42
CA TYR J 772 97.92 -85.30 -11.52
C TYR J 772 96.58 -85.99 -11.33
N GLU J 773 96.25 -86.38 -10.10
CA GLU J 773 94.96 -87.01 -9.82
C GLU J 773 94.52 -86.63 -8.42
N LYS J 774 93.26 -86.24 -8.29
CA LYS J 774 92.62 -85.97 -7.01
C LYS J 774 91.28 -86.69 -6.97
N LYS J 775 90.62 -86.63 -5.81
CA LYS J 775 89.30 -87.24 -5.71
C LYS J 775 88.23 -86.24 -6.11
N GLU J 776 87.36 -86.63 -7.03
CA GLU J 776 86.30 -85.73 -7.47
C GLU J 776 85.37 -85.41 -6.31
N ASP J 777 84.86 -84.19 -6.29
CA ASP J 777 83.95 -83.78 -5.21
C ASP J 777 82.61 -83.37 -5.78
N PRO J 778 81.76 -84.36 -6.13
CA PRO J 778 80.47 -84.04 -6.76
C PRO J 778 79.72 -82.95 -6.02
N ARG J 779 79.97 -82.80 -4.72
CA ARG J 779 79.34 -81.73 -3.96
C ARG J 779 79.62 -80.39 -4.62
N PHE J 780 80.85 -80.21 -5.09
CA PHE J 780 81.22 -78.96 -5.73
C PHE J 780 80.26 -78.65 -6.86
N ILE J 781 80.04 -79.63 -7.73
CA ILE J 781 79.15 -79.43 -8.86
C ILE J 781 77.69 -79.32 -8.43
N HIS J 782 77.27 -80.18 -7.50
CA HIS J 782 75.86 -80.18 -7.09
C HIS J 782 75.47 -78.98 -6.24
N GLU J 783 76.27 -78.65 -5.23
CA GLU J 783 75.91 -77.55 -4.33
C GLU J 783 76.99 -76.49 -4.21
N TYR J 784 76.88 -75.63 -3.21
CA TYR J 784 77.86 -74.54 -3.01
C TYR J 784 77.59 -73.39 -3.97
N ILE J 785 77.28 -73.71 -5.23
CA ILE J 785 76.95 -72.66 -6.19
C ILE J 785 75.94 -71.69 -5.58
N MET J 786 74.90 -72.22 -4.94
CA MET J 786 73.82 -71.39 -4.42
C MET J 786 74.20 -70.64 -3.15
N ASP J 787 75.37 -70.90 -2.58
CA ASP J 787 75.77 -70.21 -1.36
C ASP J 787 76.08 -68.75 -1.67
N PRO J 788 75.35 -67.79 -1.09
CA PRO J 788 75.66 -66.38 -1.37
C PRO J 788 77.05 -65.96 -0.95
N ASP J 789 77.54 -66.47 0.19
CA ASP J 789 78.85 -66.08 0.68
C ASP J 789 79.95 -66.50 -0.29
N CYS J 790 79.82 -67.69 -0.87
CA CYS J 790 80.78 -68.13 -1.88
C CYS J 790 80.79 -67.20 -3.07
N GLN J 791 79.61 -66.77 -3.53
CA GLN J 791 79.53 -65.85 -4.65
C GLN J 791 80.16 -64.51 -4.32
N ASN J 792 79.92 -63.99 -3.11
CA ASN J 792 80.53 -62.73 -2.71
C ASN J 792 82.05 -62.84 -2.65
N ALA J 793 82.56 -63.95 -2.09
CA ALA J 793 84.00 -64.15 -2.04
C ALA J 793 84.59 -64.25 -3.44
N PHE J 794 83.92 -64.97 -4.33
CA PHE J 794 84.39 -65.08 -5.71
C PHE J 794 84.41 -63.72 -6.39
N PHE J 795 83.36 -62.91 -6.18
CA PHE J 795 83.32 -61.58 -6.76
C PHE J 795 84.45 -60.70 -6.24
N SER J 796 84.71 -60.77 -4.93
CA SER J 796 85.80 -60.00 -4.36
C SER J 796 87.14 -60.43 -4.93
N ILE J 797 87.36 -61.74 -5.07
CA ILE J 797 88.60 -62.22 -5.66
C ILE J 797 88.74 -61.73 -7.10
N LEU J 798 87.65 -61.80 -7.87
CA LEU J 798 87.70 -61.36 -9.26
C LEU J 798 88.02 -59.87 -9.36
N VAL J 799 87.38 -59.04 -8.54
CA VAL J 799 87.63 -57.60 -8.65
C VAL J 799 89.04 -57.27 -8.18
N TYR J 800 89.52 -57.95 -7.13
CA TYR J 800 90.89 -57.71 -6.67
C TYR J 800 91.91 -58.10 -7.73
N PHE J 801 91.71 -59.24 -8.39
CA PHE J 801 92.65 -59.65 -9.43
C PHE J 801 92.55 -58.76 -10.66
N TRP J 802 91.36 -58.25 -10.97
CA TRP J 802 91.24 -57.27 -12.05
C TRP J 802 91.99 -55.99 -11.72
N GLU J 803 91.91 -55.55 -10.46
CA GLU J 803 92.70 -54.40 -10.02
C GLU J 803 94.18 -54.66 -10.18
N LYS J 804 94.63 -55.87 -9.79
CA LYS J 804 96.03 -56.23 -9.97
C LYS J 804 96.43 -56.19 -11.44
N LEU J 805 95.58 -56.73 -12.32
CA LEU J 805 95.88 -56.72 -13.74
C LEU J 805 96.00 -55.29 -14.26
N GLN J 806 95.06 -54.41 -13.87
CA GLN J 806 95.10 -53.03 -14.34
C GLN J 806 96.34 -52.31 -13.85
N LYS J 807 96.73 -52.52 -12.59
CA LYS J 807 97.87 -51.81 -12.05
C LYS J 807 99.21 -52.41 -12.48
N GLU J 808 99.22 -53.65 -12.98
CA GLU J 808 100.47 -54.29 -13.40
C GLU J 808 100.68 -54.25 -14.91
N TYR J 809 99.74 -54.81 -15.67
CA TYR J 809 99.90 -54.94 -17.12
C TYR J 809 99.18 -53.86 -17.90
N ASN J 810 98.69 -52.82 -17.23
CA ASN J 810 98.02 -51.69 -17.88
C ASN J 810 96.80 -52.14 -18.67
N GLY J 811 96.11 -53.18 -18.20
CA GLY J 811 94.89 -53.62 -18.83
C GLY J 811 95.05 -54.51 -20.03
N GLN J 812 96.27 -54.92 -20.37
CA GLN J 812 96.53 -55.75 -21.54
C GLN J 812 96.71 -57.20 -21.11
N ILE J 813 95.92 -58.10 -21.69
CA ILE J 813 96.07 -59.52 -21.40
C ILE J 813 97.17 -60.16 -22.25
N LYS J 814 97.58 -59.52 -23.33
CA LYS J 814 98.68 -60.05 -24.14
C LYS J 814 100.03 -59.80 -23.49
N LYS J 815 100.11 -58.86 -22.55
CA LYS J 815 101.38 -58.54 -21.88
C LYS J 815 101.70 -59.47 -20.73
N VAL J 816 100.74 -60.27 -20.26
CA VAL J 816 100.98 -61.16 -19.13
C VAL J 816 101.92 -62.28 -19.55
N PHE J 817 102.67 -62.81 -18.58
CA PHE J 817 103.69 -63.82 -18.83
C PHE J 817 103.23 -65.18 -18.31
N CYS J 818 103.35 -66.19 -19.15
CA CYS J 818 103.06 -67.57 -18.77
C CYS J 818 103.83 -68.53 -19.68
N PRO J 819 104.81 -69.26 -19.14
CA PRO J 819 105.56 -70.21 -20.00
C PRO J 819 104.68 -71.27 -20.62
N THR J 820 103.66 -71.75 -19.91
CA THR J 820 102.76 -72.74 -20.50
C THR J 820 101.96 -72.13 -21.65
N ILE J 821 101.53 -70.88 -21.50
CA ILE J 821 100.82 -70.19 -22.58
C ILE J 821 101.80 -69.97 -23.74
N GLU J 822 101.30 -70.22 -24.96
CA GLU J 822 102.02 -70.11 -26.23
C GLU J 822 103.01 -71.26 -26.41
N SER J 823 103.20 -72.10 -25.41
CA SER J 823 104.03 -73.31 -25.54
C SER J 823 103.17 -74.53 -25.89
N GLU J 824 102.16 -74.83 -25.06
CA GLU J 824 101.18 -75.82 -25.44
C GLU J 824 100.32 -75.32 -26.61
N THR J 825 100.12 -74.00 -26.67
CA THR J 825 99.35 -73.42 -27.77
C THR J 825 100.04 -73.63 -29.11
N GLU J 826 101.36 -73.41 -29.15
CA GLU J 826 102.07 -73.66 -30.40
C GLU J 826 102.12 -75.14 -30.73
N ALA J 827 102.12 -76.00 -29.70
CA ALA J 827 102.03 -77.43 -29.95
C ALA J 827 100.71 -77.79 -30.61
N TYR J 828 99.61 -77.20 -30.15
CA TYR J 828 98.32 -77.41 -30.81
C TYR J 828 98.33 -76.81 -32.21
N ARG J 829 99.00 -75.67 -32.39
CA ARG J 829 99.08 -75.05 -33.71
C ARG J 829 99.81 -75.96 -34.70
N LYS J 830 100.90 -76.60 -34.25
CA LYS J 830 101.58 -77.57 -35.09
C LYS J 830 100.68 -78.75 -35.41
N SER J 831 99.73 -79.06 -34.53
CA SER J 831 98.72 -80.07 -34.80
C SER J 831 97.63 -79.45 -35.69
N GLN J 832 96.50 -80.15 -35.81
CA GLN J 832 95.37 -79.71 -36.62
C GLN J 832 95.74 -79.55 -38.09
N ASP J 833 96.78 -80.26 -38.54
CA ASP J 833 97.22 -80.22 -39.92
C ASP J 833 96.99 -81.59 -40.57
N THR J 834 96.54 -81.57 -41.81
CA THR J 834 96.16 -82.80 -42.51
C THR J 834 97.00 -83.07 -43.75
N LEU J 835 97.15 -82.08 -44.63
CA LEU J 835 97.90 -82.33 -45.86
C LEU J 835 99.39 -82.53 -45.59
N HIS J 836 99.93 -81.79 -44.62
CA HIS J 836 101.34 -81.98 -44.26
C HIS J 836 101.59 -83.39 -43.73
N ARG J 837 100.67 -83.90 -42.90
CA ARG J 837 100.79 -85.27 -42.42
C ARG J 837 100.65 -86.26 -43.57
N PHE J 838 99.75 -85.98 -44.52
CA PHE J 838 99.58 -86.86 -45.67
C PHE J 838 100.85 -86.94 -46.50
N ILE J 839 101.52 -85.80 -46.71
CA ILE J 839 102.75 -85.78 -47.50
C ILE J 839 103.82 -86.63 -46.82
N THR J 840 103.98 -86.46 -45.51
CA THR J 840 104.97 -87.22 -44.75
C THR J 840 104.38 -88.54 -44.23
N GLU J 841 103.82 -89.34 -45.13
CA GLU J 841 103.23 -90.62 -44.77
C GLU J 841 103.13 -91.54 -45.98
N SER J 856 97.44 -83.59 -60.05
CA SER J 856 96.03 -83.85 -59.80
C SER J 856 95.85 -85.15 -59.03
N GLU J 857 96.80 -86.07 -59.19
CA GLU J 857 96.74 -87.35 -58.49
C GLU J 857 97.11 -87.22 -57.01
N VAL J 858 97.91 -86.22 -56.65
CA VAL J 858 98.29 -86.04 -55.25
C VAL J 858 97.06 -85.70 -54.41
N VAL J 859 96.28 -84.72 -54.85
CA VAL J 859 95.05 -84.37 -54.12
C VAL J 859 94.03 -85.49 -54.22
N THR J 860 94.04 -86.23 -55.34
CA THR J 860 93.13 -87.37 -55.47
C THR J 860 93.40 -88.41 -54.39
N ALA J 861 94.67 -88.76 -54.18
CA ALA J 861 95.01 -89.70 -53.12
C ALA J 861 94.78 -89.09 -51.75
N TYR J 862 95.04 -87.78 -51.61
CA TYR J 862 94.81 -87.09 -50.35
C TYR J 862 93.34 -87.14 -49.94
N ALA J 863 92.43 -87.13 -50.92
CA ALA J 863 91.01 -87.20 -50.59
C ALA J 863 90.67 -88.50 -49.85
N GLU J 864 91.08 -89.64 -50.42
CA GLU J 864 90.83 -90.91 -49.75
C GLU J 864 91.64 -91.03 -48.46
N TRP J 865 92.83 -90.44 -48.41
CA TRP J 865 93.61 -90.46 -47.18
C TRP J 865 92.87 -89.75 -46.05
N TYR J 866 92.30 -88.58 -46.35
CA TYR J 866 91.51 -87.86 -45.36
C TYR J 866 90.24 -88.63 -45.00
N ASN J 867 89.62 -89.27 -46.01
CA ASN J 867 88.40 -90.03 -45.75
C ASN J 867 88.67 -91.19 -44.79
N THR J 868 89.78 -91.89 -44.98
CA THR J 868 90.12 -93.03 -44.15
C THR J 868 90.88 -92.64 -42.88
N ASN J 869 91.26 -91.37 -42.73
CA ASN J 869 91.99 -90.90 -41.57
C ASN J 869 91.13 -90.10 -40.60
N ILE J 870 90.39 -89.10 -41.08
CA ILE J 870 89.61 -88.22 -40.22
C ILE J 870 88.11 -88.46 -40.39
N ASN J 871 87.59 -88.20 -41.58
CA ASN J 871 86.15 -88.32 -41.84
C ASN J 871 85.92 -88.21 -43.34
N VAL J 872 84.69 -88.52 -43.75
CA VAL J 872 84.30 -88.46 -45.16
C VAL J 872 83.73 -87.08 -45.46
N LYS J 873 84.22 -86.46 -46.53
CA LYS J 873 83.80 -85.14 -46.94
C LYS J 873 84.36 -84.86 -48.33
N ARG J 874 83.56 -84.19 -49.16
CA ARG J 874 84.01 -83.82 -50.49
C ARG J 874 85.07 -82.71 -50.41
N HIS J 875 85.89 -82.62 -51.45
CA HIS J 875 87.00 -81.68 -51.50
C HIS J 875 86.97 -80.90 -52.80
N ILE J 876 87.70 -79.78 -52.81
CA ILE J 876 87.89 -78.95 -53.99
C ILE J 876 89.36 -79.00 -54.36
N ALA J 877 89.65 -79.30 -55.62
CA ALA J 877 91.03 -79.46 -56.07
C ALA J 877 91.72 -78.14 -56.35
N LEU J 878 91.03 -77.01 -56.22
CA LEU J 878 91.62 -75.73 -56.60
C LEU J 878 92.52 -75.18 -55.50
N GLU J 879 91.97 -74.90 -54.32
CA GLU J 879 92.73 -74.18 -53.30
C GLU J 879 93.85 -75.02 -52.71
N LEU J 880 93.69 -76.34 -52.69
CA LEU J 880 94.75 -77.20 -52.16
C LEU J 880 96.02 -77.18 -52.99
N SER J 881 95.92 -76.77 -54.27
CA SER J 881 97.09 -76.77 -55.14
C SER J 881 98.17 -75.84 -54.62
N GLN J 882 97.81 -74.58 -54.34
CA GLN J 882 98.81 -73.62 -53.87
C GLN J 882 99.36 -74.02 -52.50
N GLU J 883 98.48 -74.49 -51.60
CA GLU J 883 98.94 -74.89 -50.28
C GLU J 883 99.84 -76.12 -50.34
N LEU J 884 99.74 -76.91 -51.42
CA LEU J 884 100.67 -78.02 -51.60
C LEU J 884 102.10 -77.52 -51.73
N GLU J 885 102.33 -76.47 -52.53
CA GLU J 885 103.65 -75.86 -52.58
C GLU J 885 103.95 -75.10 -51.29
N ASN J 886 102.93 -74.50 -50.66
CA ASN J 886 103.14 -73.82 -49.39
C ASN J 886 103.63 -74.76 -48.30
N SER J 887 103.42 -76.06 -48.45
CA SER J 887 103.91 -77.05 -47.50
C SER J 887 105.39 -77.31 -47.77
N VAL J 888 105.93 -78.37 -47.15
CA VAL J 888 107.33 -78.71 -47.30
C VAL J 888 107.68 -79.18 -48.71
N LEU J 889 106.69 -79.38 -49.57
CA LEU J 889 106.90 -79.86 -50.93
C LEU J 889 107.26 -78.73 -51.91
N GLU J 890 107.72 -77.59 -51.41
CA GLU J 890 108.11 -76.49 -52.30
C GLU J 890 109.26 -76.89 -53.20
N LYS J 891 110.27 -77.58 -52.66
CA LYS J 891 111.43 -77.95 -53.45
C LYS J 891 111.08 -79.03 -54.48
N TYR J 892 110.21 -79.97 -54.11
CA TYR J 892 109.88 -81.09 -54.99
C TYR J 892 108.71 -80.78 -55.91
N LEU J 893 108.84 -79.70 -56.68
CA LEU J 893 107.87 -79.33 -57.70
C LEU J 893 108.62 -78.75 -58.89
N GLN J 894 108.06 -78.91 -60.09
CA GLN J 894 108.70 -78.44 -61.31
C GLN J 894 107.65 -77.97 -62.31
N TRP J 895 108.07 -77.15 -63.25
CA TRP J 895 107.20 -76.71 -64.32
C TRP J 895 107.24 -77.70 -65.48
N SER J 896 106.26 -77.58 -66.37
CA SER J 896 106.13 -78.48 -67.51
C SER J 896 106.01 -77.68 -68.80
N PRO J 897 106.49 -78.23 -69.93
CA PRO J 897 106.33 -77.51 -71.20
C PRO J 897 104.88 -77.26 -71.58
N ASN J 898 103.96 -78.10 -71.10
CA ASN J 898 102.53 -77.92 -71.37
C ASN J 898 101.87 -76.94 -70.40
N LYS J 899 102.67 -76.10 -69.74
CA LYS J 899 102.17 -75.08 -68.81
C LYS J 899 101.43 -75.70 -67.63
N THR J 900 101.85 -76.89 -67.20
CA THR J 900 101.31 -77.56 -66.03
C THR J 900 102.39 -77.69 -64.97
N ARG J 901 101.99 -78.15 -63.78
CA ARG J 901 102.89 -78.33 -62.65
C ARG J 901 103.11 -79.83 -62.45
N ILE J 902 104.36 -80.27 -62.62
CA ILE J 902 104.71 -81.67 -62.44
C ILE J 902 105.41 -81.83 -61.09
N LEU J 903 105.40 -83.06 -60.60
CA LEU J 903 106.00 -83.39 -59.30
C LEU J 903 107.29 -84.15 -59.55
N LYS J 904 108.38 -83.70 -58.95
CA LYS J 904 109.69 -84.29 -59.12
C LYS J 904 110.21 -84.78 -57.77
N GLY J 905 111.03 -85.82 -57.82
CA GLY J 905 111.56 -86.41 -56.61
C GLY J 905 110.49 -86.92 -55.67
N CYS J 906 109.45 -87.53 -56.22
CA CYS J 906 108.30 -87.99 -55.45
C CYS J 906 108.10 -89.48 -55.67
N ARG J 907 107.77 -90.19 -54.59
CA ARG J 907 107.46 -91.62 -54.63
C ARG J 907 106.20 -91.82 -53.80
N ILE J 908 105.06 -92.01 -54.49
CA ILE J 908 103.78 -92.17 -53.80
C ILE J 908 103.81 -93.49 -53.04
N LEU J 909 103.86 -93.40 -51.72
CA LEU J 909 103.97 -94.60 -50.88
C LEU J 909 102.60 -95.22 -50.67
N HIS J 910 102.57 -96.56 -50.70
CA HIS J 910 101.35 -97.33 -50.48
C HIS J 910 101.62 -98.38 -49.42
N LYS J 911 100.57 -98.74 -48.68
CA LYS J 911 100.65 -99.74 -47.60
C LYS J 911 101.58 -99.29 -46.49
N PHE J 912 101.76 -100.13 -45.47
CA PHE J 912 102.59 -99.76 -44.33
C PHE J 912 104.05 -99.53 -44.72
N GLU J 913 104.57 -100.40 -45.60
CA GLU J 913 105.98 -100.36 -46.00
C GLU J 913 106.92 -100.42 -44.78
N ILE J 935 107.71 -73.17 -13.14
CA ILE J 935 108.67 -72.19 -12.66
C ILE J 935 109.02 -72.47 -11.19
N CYS J 936 108.09 -72.14 -10.29
CA CYS J 936 108.29 -72.34 -8.87
C CYS J 936 106.92 -72.46 -8.21
N GLU J 937 106.90 -72.39 -6.88
CA GLU J 937 105.68 -72.48 -6.12
C GLU J 937 105.59 -71.33 -5.12
N PRO J 938 104.38 -70.90 -4.76
CA PRO J 938 104.24 -69.80 -3.81
C PRO J 938 104.68 -70.21 -2.41
N LYS J 939 105.10 -69.21 -1.64
CA LYS J 939 105.47 -69.45 -0.25
C LYS J 939 104.27 -69.94 0.56
N ASN J 940 103.23 -69.09 0.69
CA ASN J 940 101.95 -69.55 1.23
C ASN J 940 100.76 -68.90 0.56
N LYS J 941 100.96 -68.05 -0.45
CA LYS J 941 99.86 -67.29 -1.06
C LYS J 941 100.17 -67.14 -2.55
N TRP J 942 99.57 -68.01 -3.37
CA TRP J 942 99.68 -67.82 -4.81
C TRP J 942 98.82 -66.64 -5.26
N TRP J 943 97.72 -66.37 -4.54
CA TRP J 943 96.90 -65.21 -4.84
C TRP J 943 97.65 -63.90 -4.60
N GLU J 944 98.72 -63.92 -3.80
CA GLU J 944 99.59 -62.77 -3.68
C GLU J 944 100.32 -62.47 -4.98
N TRP J 945 100.38 -63.45 -5.89
CA TRP J 945 100.85 -63.28 -7.27
C TRP J 945 102.37 -63.14 -7.32
N SER J 946 103.03 -63.06 -6.16
CA SER J 946 104.48 -62.96 -6.07
C SER J 946 104.95 -61.67 -6.74
N PRO J 947 106.26 -61.42 -6.88
CA PRO J 947 106.69 -60.25 -7.67
C PRO J 947 106.34 -60.38 -9.15
N ASN J 948 106.77 -59.38 -9.94
CA ASN J 948 106.36 -59.28 -11.34
C ASN J 948 106.64 -60.54 -12.16
N PRO J 949 107.81 -61.18 -12.09
CA PRO J 949 108.00 -62.42 -12.87
C PRO J 949 107.01 -63.51 -12.52
N SER J 950 106.64 -63.62 -11.24
CA SER J 950 105.65 -64.59 -10.78
C SER J 950 106.02 -66.03 -11.19
N THR K 11 36.19 -37.84 18.34
CA THR K 11 36.75 -38.22 17.04
C THR K 11 35.95 -37.58 15.92
N ILE K 12 34.75 -38.12 15.66
CA ILE K 12 33.86 -37.53 14.66
C ILE K 12 33.46 -36.12 15.08
N GLN K 13 33.16 -35.94 16.37
CA GLN K 13 32.80 -34.62 16.87
C GLN K 13 33.95 -33.64 16.75
N LEU K 14 35.19 -34.10 16.91
CA LEU K 14 36.34 -33.23 16.69
C LEU K 14 36.33 -32.65 15.29
N THR K 15 36.18 -33.51 14.28
CA THR K 15 36.14 -33.04 12.90
C THR K 15 34.92 -32.14 12.67
N ALA K 16 33.78 -32.50 13.24
CA ALA K 16 32.58 -31.68 13.08
C ALA K 16 32.80 -30.27 13.60
N GLN K 17 33.28 -30.16 14.85
CA GLN K 17 33.52 -28.84 15.44
C GLN K 17 34.60 -28.08 14.68
N ARG K 18 35.60 -28.79 14.14
CA ARG K 18 36.58 -28.14 13.28
C ARG K 18 35.92 -27.61 12.00
N LYS K 19 34.84 -28.26 11.55
CA LYS K 19 34.21 -27.86 10.31
C LYS K 19 33.26 -26.68 10.50
N TYR K 20 32.22 -26.85 11.30
CA TYR K 20 31.23 -25.78 11.41
C TYR K 20 31.64 -24.66 12.36
N LEU K 21 32.90 -24.61 12.78
CA LEU K 21 33.42 -23.51 13.59
C LEU K 21 34.75 -23.08 13.01
N ALA K 22 34.88 -21.78 12.70
CA ALA K 22 36.13 -21.26 12.17
C ALA K 22 37.17 -21.06 13.25
N GLU K 23 36.76 -21.00 14.53
CA GLU K 23 37.72 -20.79 15.61
C GLU K 23 38.65 -21.99 15.77
N VAL K 24 38.14 -23.20 15.55
CA VAL K 24 39.00 -24.38 15.61
C VAL K 24 40.06 -24.32 14.51
N GLN K 25 39.67 -23.93 13.30
CA GLN K 25 40.63 -23.76 12.22
C GLN K 25 41.65 -22.68 12.55
N ALA K 26 41.19 -21.57 13.13
CA ALA K 26 42.11 -20.50 13.51
C ALA K 26 43.11 -20.98 14.56
N LEU K 27 42.64 -21.76 15.54
CA LEU K 27 43.53 -22.31 16.56
C LEU K 27 44.55 -23.26 15.95
N GLU K 28 44.10 -24.12 15.02
CA GLU K 28 45.02 -25.04 14.37
C GLU K 28 46.09 -24.28 13.58
N THR K 29 45.66 -23.27 12.82
CA THR K 29 46.62 -22.48 12.05
C THR K 29 47.59 -21.75 12.96
N LEU K 30 47.09 -21.18 14.07
CA LEU K 30 47.96 -20.49 15.01
C LEU K 30 49.01 -21.43 15.59
N LEU K 31 48.56 -22.59 16.07
CA LEU K 31 49.49 -23.56 16.65
C LEU K 31 50.51 -24.03 15.63
N THR K 32 50.08 -24.30 14.39
CA THR K 32 51.01 -24.80 13.39
C THR K 32 52.01 -23.74 12.97
N ARG K 33 51.58 -22.49 12.84
CA ARG K 33 52.45 -21.46 12.25
C ARG K 33 53.21 -20.66 13.31
N GLU K 34 52.48 -19.96 14.18
CA GLU K 34 53.13 -18.98 15.06
C GLU K 34 53.89 -19.66 16.19
N LEU K 35 53.32 -20.69 16.80
CA LEU K 35 53.96 -21.34 17.94
C LEU K 35 55.02 -22.35 17.52
N SER K 36 55.15 -22.63 16.23
CA SER K 36 56.17 -23.57 15.77
C SER K 36 57.58 -23.05 16.07
N VAL K 37 57.81 -21.76 15.80
CA VAL K 37 59.12 -21.18 16.10
C VAL K 37 59.34 -21.09 17.61
N PHE K 38 58.27 -20.93 18.38
CA PHE K 38 58.36 -20.91 19.84
C PHE K 38 58.18 -22.33 20.42
N LEU K 39 58.96 -23.26 19.91
CA LEU K 39 58.88 -24.65 20.36
C LEU K 39 59.64 -24.82 21.67
N THR K 40 59.31 -25.90 22.38
CA THR K 40 59.92 -26.19 23.68
C THR K 40 60.12 -27.69 23.78
N GLU K 41 61.19 -28.09 24.49
CA GLU K 41 61.52 -29.49 24.64
C GLU K 41 60.43 -30.23 25.42
N PRO K 42 60.16 -31.49 25.07
CA PRO K 42 59.09 -32.22 25.76
C PRO K 42 59.32 -32.39 27.26
N GLY K 43 60.57 -32.54 27.69
CA GLY K 43 60.88 -32.74 29.08
C GLY K 43 61.41 -31.53 29.83
N SER K 44 61.61 -30.41 29.14
CA SER K 44 62.15 -29.23 29.79
C SER K 44 61.14 -28.59 30.72
N LYS K 45 61.63 -28.10 31.87
CA LYS K 45 60.77 -27.42 32.83
C LYS K 45 60.29 -26.06 32.33
N LYS K 46 60.98 -25.47 31.36
CA LYS K 46 60.68 -24.12 30.92
C LYS K 46 59.31 -24.00 30.26
N THR K 47 58.70 -25.11 29.86
CA THR K 47 57.41 -25.06 29.20
C THR K 47 56.31 -24.63 30.18
N ASN K 48 55.27 -24.01 29.64
CA ASN K 48 54.15 -23.53 30.43
C ASN K 48 52.81 -24.14 30.03
N ILE K 49 52.53 -24.26 28.74
CA ILE K 49 51.25 -24.79 28.25
C ILE K 49 51.54 -26.02 27.40
N ILE K 50 50.92 -27.14 27.76
CA ILE K 50 51.11 -28.41 27.07
C ILE K 50 49.75 -29.04 26.81
N ASN K 51 49.48 -29.39 25.56
CA ASN K 51 48.22 -30.07 25.25
C ASN K 51 48.32 -31.53 25.64
N ARG K 52 47.38 -32.00 26.45
CA ARG K 52 47.38 -33.41 26.84
C ARG K 52 47.14 -34.30 25.63
N ILE K 53 46.44 -33.79 24.62
CA ILE K 53 46.21 -34.57 23.40
C ILE K 53 47.51 -34.77 22.63
N THR K 54 48.34 -33.73 22.54
CA THR K 54 49.53 -33.76 21.70
C THR K 54 50.84 -33.75 22.48
N GLY K 55 50.85 -33.23 23.70
CA GLY K 55 52.11 -33.03 24.40
C GLY K 55 52.97 -31.96 23.78
N LYS K 56 52.36 -30.88 23.30
CA LYS K 56 53.09 -29.79 22.68
C LYS K 56 53.56 -28.83 23.76
N THR K 57 54.76 -29.06 24.26
CA THR K 57 55.35 -28.19 25.26
C THR K 57 55.65 -26.82 24.65
N TYR K 58 55.28 -25.75 25.35
CA TYR K 58 55.48 -24.40 24.85
C TYR K 58 55.95 -23.50 25.97
N ALA K 59 56.81 -22.54 25.62
CA ALA K 59 57.36 -21.57 26.55
C ALA K 59 57.06 -20.17 26.05
N LEU K 60 55.80 -19.92 25.71
CA LEU K 60 55.42 -18.71 25.00
C LEU K 60 55.77 -17.47 25.81
N PRO K 61 56.32 -16.42 25.17
CA PRO K 61 56.54 -15.16 25.87
C PRO K 61 55.23 -14.43 26.17
N SER K 62 55.33 -13.22 26.71
CA SER K 62 54.14 -12.50 27.15
C SER K 62 53.18 -12.24 25.99
N THR K 63 53.71 -11.83 24.83
CA THR K 63 52.84 -11.54 23.69
C THR K 63 52.12 -12.79 23.22
N GLU K 64 52.86 -13.88 23.03
CA GLU K 64 52.24 -15.13 22.61
C GLU K 64 51.29 -15.66 23.69
N LEU K 65 51.66 -15.49 24.96
CA LEU K 65 50.79 -15.92 26.05
C LEU K 65 49.45 -15.19 26.02
N LEU K 66 49.48 -13.86 25.84
CA LEU K 66 48.24 -13.10 25.81
C LEU K 66 47.43 -13.40 24.56
N ARG K 67 48.11 -13.61 23.42
CA ARG K 67 47.37 -13.98 22.21
C ARG K 67 46.67 -15.31 22.38
N LEU K 68 47.35 -16.30 22.95
CA LEU K 68 46.72 -17.58 23.22
C LEU K 68 45.59 -17.43 24.23
N TYR K 69 45.78 -16.59 25.24
CA TYR K 69 44.72 -16.35 26.22
C TYR K 69 43.46 -15.82 25.55
N GLU K 70 43.62 -14.81 24.68
CA GLU K 70 42.47 -14.24 24.00
C GLU K 70 41.82 -15.25 23.05
N HIS K 71 42.64 -16.01 22.31
CA HIS K 71 42.07 -16.95 21.36
C HIS K 71 41.32 -18.07 22.08
N LEU K 72 41.87 -18.56 23.20
CA LEU K 72 41.14 -19.52 24.00
C LEU K 72 39.89 -18.91 24.62
N GLU K 73 39.90 -17.61 24.92
CA GLU K 73 38.69 -16.96 25.40
C GLU K 73 37.59 -17.00 24.35
N GLN K 74 37.96 -16.72 23.09
CA GLN K 74 36.99 -16.89 22.00
C GLN K 74 36.55 -18.35 21.90
N CYS K 75 37.48 -19.28 22.12
CA CYS K 75 37.14 -20.70 22.11
C CYS K 75 36.07 -21.02 23.16
N ARG K 76 36.22 -20.49 24.37
CA ARG K 76 35.25 -20.75 25.42
C ARG K 76 33.90 -20.10 25.11
N LYS K 77 33.91 -18.85 24.63
CA LYS K 77 32.62 -18.24 24.29
C LYS K 77 31.95 -19.00 23.16
N GLN K 78 32.73 -19.72 22.35
CA GLN K 78 32.15 -20.73 21.49
C GLN K 78 31.93 -22.04 22.23
N GLY K 79 32.97 -22.53 22.91
CA GLY K 79 32.86 -23.69 23.78
C GLY K 79 32.61 -25.02 23.10
N ALA K 80 33.58 -25.51 22.32
CA ALA K 80 33.45 -26.82 21.68
C ALA K 80 34.08 -27.91 22.52
N LEU K 81 35.41 -27.83 22.73
CA LEU K 81 36.18 -28.80 23.51
C LEU K 81 37.50 -28.14 23.90
N MET K 82 38.19 -28.76 24.86
CA MET K 82 39.43 -28.19 25.36
C MET K 82 40.18 -29.26 26.14
N TYR K 83 41.48 -29.41 25.86
CA TYR K 83 42.26 -30.42 26.58
C TYR K 83 43.70 -29.97 26.89
N PHE K 84 43.99 -28.67 26.91
CA PHE K 84 45.33 -28.24 27.28
C PHE K 84 45.49 -28.23 28.80
N LEU K 85 46.75 -28.18 29.24
CA LEU K 85 47.12 -28.15 30.64
C LEU K 85 48.27 -27.17 30.83
N GLU K 86 48.47 -26.76 32.08
CA GLU K 86 49.59 -25.91 32.44
C GLU K 86 50.23 -26.43 33.71
N ARG K 87 51.54 -26.27 33.81
CA ARG K 87 52.31 -26.72 34.97
C ARG K 87 52.66 -25.52 35.84
N GLN K 88 52.41 -25.63 37.14
CA GLN K 88 52.71 -24.55 38.06
C GLN K 88 54.22 -24.37 38.21
N GLY K 89 54.67 -23.12 38.23
CA GLY K 89 56.05 -22.78 38.44
C GLY K 89 56.32 -22.27 39.83
N THR K 90 57.41 -21.50 39.96
CA THR K 90 57.73 -20.88 41.24
C THR K 90 56.74 -19.78 41.61
N TYR K 91 56.05 -19.22 40.63
CA TYR K 91 55.02 -18.21 40.87
C TYR K 91 53.82 -18.52 40.00
N SER K 92 52.63 -18.47 40.60
CA SER K 92 51.38 -18.74 39.91
C SER K 92 50.24 -18.35 40.84
N GLY K 93 49.01 -18.62 40.40
CA GLY K 93 47.84 -18.38 41.21
C GLY K 93 47.63 -19.48 42.23
N LEU K 94 46.37 -19.68 42.61
CA LEU K 94 45.99 -20.72 43.56
C LEU K 94 45.05 -21.69 42.86
N MET K 95 45.57 -22.87 42.53
CA MET K 95 44.78 -23.93 41.92
C MET K 95 44.34 -24.94 42.97
N LEU K 96 43.08 -25.32 42.92
CA LEU K 96 42.49 -26.25 43.88
C LEU K 96 41.79 -27.38 43.15
N ASP K 97 41.89 -28.58 43.72
CA ASP K 97 41.20 -29.75 43.20
C ASP K 97 40.49 -30.49 44.33
N TYR K 98 39.21 -30.79 44.12
CA TYR K 98 38.40 -31.51 45.10
C TYR K 98 37.95 -32.83 44.52
N ASP K 99 38.25 -33.91 45.22
CA ASP K 99 37.69 -35.23 44.93
C ASP K 99 36.48 -35.49 45.82
N LEU K 100 35.50 -34.59 45.71
CA LEU K 100 34.34 -34.61 46.59
C LEU K 100 33.41 -35.77 46.26
N LYS K 101 33.70 -36.94 46.82
CA LYS K 101 32.84 -38.11 46.64
C LYS K 101 31.73 -38.05 47.68
N LEU K 102 30.62 -37.44 47.31
CA LEU K 102 29.51 -37.23 48.23
C LEU K 102 28.80 -38.55 48.53
N ASN K 103 28.01 -38.54 49.61
CA ASN K 103 27.26 -39.73 49.99
C ASN K 103 26.23 -40.09 48.93
N THR K 104 25.52 -39.10 48.39
CA THR K 104 24.51 -39.32 47.37
C THR K 104 24.77 -38.38 46.19
N ASN K 105 24.33 -38.82 45.01
CA ASN K 105 24.47 -37.99 43.81
C ASN K 105 23.32 -37.00 43.71
N ALA K 106 23.11 -36.22 44.77
CA ALA K 106 22.16 -35.12 44.79
C ALA K 106 22.91 -33.82 45.00
N VAL K 107 22.63 -32.83 44.16
CA VAL K 107 23.45 -31.61 44.13
C VAL K 107 23.31 -30.87 45.46
N PRO K 108 24.41 -30.45 46.08
CA PRO K 108 24.32 -29.64 47.30
C PRO K 108 24.04 -28.19 46.95
N PRO K 109 23.04 -27.57 47.59
CA PRO K 109 22.74 -26.16 47.28
C PRO K 109 23.75 -25.21 47.90
N LEU K 110 24.89 -25.03 47.22
CA LEU K 110 25.89 -24.09 47.70
C LEU K 110 25.34 -22.67 47.72
N GLU K 111 25.69 -21.92 48.75
CA GLU K 111 25.16 -20.58 48.92
C GLU K 111 26.29 -19.55 48.98
N PRO K 112 26.04 -18.33 48.53
CA PRO K 112 27.06 -17.28 48.61
C PRO K 112 27.53 -17.04 50.04
N PRO K 113 26.66 -17.09 51.05
CA PRO K 113 27.18 -17.02 52.43
C PRO K 113 28.11 -18.16 52.79
N ALA K 114 27.82 -19.38 52.33
CA ALA K 114 28.70 -20.50 52.61
C ALA K 114 30.06 -20.31 51.93
N LEU K 115 30.04 -19.84 50.69
CA LEU K 115 31.29 -19.57 49.99
C LEU K 115 32.07 -18.45 50.66
N SER K 116 31.37 -17.44 51.18
CA SER K 116 32.04 -16.36 51.91
C SER K 116 32.68 -16.89 53.19
N ARG K 117 31.99 -17.79 53.89
CA ARG K 117 32.58 -18.40 55.09
C ARG K 117 33.79 -19.25 54.72
N LEU K 118 33.74 -19.96 53.60
CA LEU K 118 34.89 -20.71 53.13
C LEU K 118 36.06 -19.78 52.82
N CYS K 119 35.78 -18.64 52.18
CA CYS K 119 36.83 -17.66 51.90
C CYS K 119 37.44 -17.13 53.18
N HIS K 120 36.60 -16.85 54.19
CA HIS K 120 37.12 -16.41 55.48
C HIS K 120 37.98 -17.49 56.13
N ARG K 121 37.57 -18.75 56.01
CA ARG K 121 38.32 -19.84 56.60
C ARG K 121 39.70 -19.97 55.96
N ILE K 122 39.75 -19.93 54.63
CA ILE K 122 41.05 -20.03 53.94
C ILE K 122 41.88 -18.78 54.21
N PHE K 123 41.24 -17.61 54.37
CA PHE K 123 41.97 -16.41 54.74
C PHE K 123 42.63 -16.57 56.09
N VAL K 124 41.91 -17.13 57.06
CA VAL K 124 42.49 -17.40 58.37
C VAL K 124 43.64 -18.39 58.24
N HIS K 125 43.44 -19.44 57.43
CA HIS K 125 44.50 -20.43 57.22
C HIS K 125 45.74 -19.84 56.55
N ILE K 126 45.60 -18.75 55.80
CA ILE K 126 46.77 -18.15 55.15
C ILE K 126 47.32 -16.95 55.92
N LYS K 127 46.64 -16.48 56.97
CA LYS K 127 47.23 -15.41 57.78
C LYS K 127 48.49 -15.86 58.50
N ASN K 128 48.54 -17.10 58.98
CA ASN K 128 49.72 -17.57 59.70
C ASN K 128 50.80 -18.00 58.72
N SER K 129 51.15 -17.11 57.79
CA SER K 129 52.19 -17.36 56.80
C SER K 129 52.66 -16.01 56.27
N SER K 130 53.49 -16.04 55.23
CA SER K 130 53.98 -14.80 54.63
C SER K 130 52.84 -14.06 53.96
N VAL K 131 52.69 -12.77 54.28
CA VAL K 131 51.65 -11.93 53.70
C VAL K 131 52.26 -10.58 53.35
N LEU K 132 51.57 -9.86 52.47
CA LEU K 132 52.00 -8.52 52.06
C LEU K 132 51.87 -7.52 53.20
N ILE K 139 41.47 -9.10 46.38
CA ILE K 139 41.78 -10.40 45.80
C ILE K 139 40.52 -10.98 45.14
N HIS K 140 40.69 -11.58 43.97
CA HIS K 140 39.57 -12.07 43.18
C HIS K 140 39.36 -13.56 43.43
N PHE K 141 38.12 -13.94 43.67
CA PHE K 141 37.75 -15.32 44.00
C PHE K 141 36.75 -15.82 42.97
N PHE K 142 37.19 -16.74 42.12
CA PHE K 142 36.33 -17.34 41.10
C PHE K 142 36.10 -18.81 41.44
N PHE K 143 34.83 -19.23 41.45
CA PHE K 143 34.46 -20.59 41.83
C PHE K 143 33.92 -21.31 40.59
N THR K 144 34.64 -22.32 40.10
CA THR K 144 34.17 -23.13 39.00
C THR K 144 33.85 -24.54 39.50
N LEU K 145 32.78 -25.12 38.97
CA LEU K 145 32.27 -26.39 39.47
C LEU K 145 31.96 -27.33 38.30
N LYS K 146 32.07 -28.62 38.57
CA LYS K 146 31.76 -29.63 37.57
C LYS K 146 30.26 -29.65 37.28
N PRO K 147 29.88 -29.95 36.03
CA PRO K 147 28.45 -29.95 35.66
C PRO K 147 27.60 -31.02 36.33
N GLU K 148 28.17 -31.72 37.32
CA GLU K 148 27.48 -32.71 38.13
C GLU K 148 27.02 -33.92 37.31
N VAL K 149 26.02 -34.64 37.82
CA VAL K 149 25.42 -35.80 37.15
C VAL K 149 26.51 -36.83 36.88
N VAL K 150 27.07 -37.40 37.95
CA VAL K 150 28.10 -38.42 37.84
C VAL K 150 28.19 -39.12 39.18
N GLN K 151 28.74 -40.34 39.17
CA GLN K 151 28.92 -41.09 40.41
C GLN K 151 29.84 -40.34 41.36
N GLY K 152 29.51 -40.42 42.64
CA GLY K 152 30.29 -39.71 43.65
C GLY K 152 30.25 -38.20 43.51
N LYS K 153 29.23 -37.67 42.84
CA LYS K 153 29.01 -36.23 42.72
C LYS K 153 30.25 -35.58 42.08
N TYR K 154 30.41 -34.27 42.20
CA TYR K 154 31.31 -33.52 41.34
C TYR K 154 32.56 -33.06 42.10
N GLY K 155 33.44 -32.39 41.36
CA GLY K 155 34.59 -31.73 41.92
C GLY K 155 34.53 -30.23 41.70
N PHE K 156 35.35 -29.51 42.46
CA PHE K 156 35.30 -28.05 42.52
C PHE K 156 36.70 -27.47 42.38
N HIS K 157 36.78 -26.24 41.87
CA HIS K 157 38.05 -25.52 41.78
C HIS K 157 37.81 -24.05 42.13
N VAL K 158 38.50 -23.57 43.15
CA VAL K 158 38.60 -22.14 43.42
C VAL K 158 39.89 -21.63 42.80
N LEU K 159 39.80 -20.51 42.07
CA LEU K 159 40.93 -20.02 41.28
C LEU K 159 41.30 -18.63 41.75
N ILE K 160 42.50 -18.49 42.32
CA ILE K 160 42.95 -17.24 42.92
C ILE K 160 44.28 -16.82 42.29
N PRO K 161 44.27 -16.08 41.18
CA PRO K 161 45.52 -15.64 40.58
C PRO K 161 46.07 -14.36 41.20
N GLY K 162 45.55 -13.99 42.38
CA GLY K 162 45.90 -12.72 42.97
C GLY K 162 47.37 -12.61 43.34
N LEU K 163 47.91 -13.63 44.01
CA LEU K 163 49.26 -13.58 44.55
C LEU K 163 50.17 -14.54 43.80
N LYS K 164 51.43 -14.60 44.24
CA LYS K 164 52.42 -15.51 43.65
C LYS K 164 53.37 -15.94 44.78
N LEU K 165 53.06 -17.09 45.38
CA LEU K 165 53.91 -17.67 46.43
C LEU K 165 53.96 -19.18 46.29
N ALA K 166 54.13 -19.66 45.06
CA ALA K 166 54.15 -21.10 44.81
C ALA K 166 55.47 -21.67 45.33
N ALA K 167 55.43 -22.26 46.52
CA ALA K 167 56.61 -22.78 47.18
C ALA K 167 56.16 -23.77 48.25
N SER K 168 57.08 -24.13 49.15
CA SER K 168 56.74 -25.03 50.25
C SER K 168 55.68 -24.44 51.17
N THR K 169 55.50 -23.12 51.15
CA THR K 169 54.43 -22.51 51.93
C THR K 169 53.06 -23.00 51.45
N LYS K 170 52.88 -23.13 50.14
CA LYS K 170 51.63 -23.65 49.62
C LYS K 170 51.41 -25.09 50.07
N LYS K 171 52.46 -25.90 50.08
CA LYS K 171 52.34 -27.28 50.55
C LYS K 171 51.98 -27.32 52.03
N SER K 172 52.57 -26.43 52.83
CA SER K 172 52.23 -26.37 54.25
C SER K 172 50.77 -25.96 54.44
N ILE K 173 50.29 -24.99 53.65
CA ILE K 173 48.89 -24.58 53.75
C ILE K 173 47.97 -25.72 53.32
N ILE K 174 48.38 -26.48 52.30
CA ILE K 174 47.58 -27.63 51.86
C ILE K 174 47.48 -28.66 52.97
N GLY K 175 48.60 -28.93 53.64
CA GLY K 175 48.58 -29.85 54.77
C GLY K 175 47.71 -29.35 55.91
N SER K 176 47.78 -28.05 56.19
CA SER K 176 46.93 -27.48 57.23
C SER K 176 45.45 -27.63 56.89
N LEU K 177 45.09 -27.39 55.63
CA LEU K 177 43.70 -27.59 55.20
C LEU K 177 43.31 -29.06 55.26
N GLN K 178 44.25 -29.96 55.01
CA GLN K 178 43.99 -31.38 55.27
C GLN K 178 43.68 -31.62 56.73
N HIS K 179 44.41 -30.95 57.63
CA HIS K 179 44.12 -31.02 59.05
C HIS K 179 42.89 -30.23 59.45
N ASP K 180 42.39 -29.35 58.57
CA ASP K 180 41.24 -28.52 58.91
C ASP K 180 39.98 -29.37 59.01
N ALA K 181 39.13 -29.04 60.00
CA ALA K 181 37.85 -29.70 60.18
C ALA K 181 36.66 -28.79 59.97
N THR K 182 36.85 -27.47 60.03
CA THR K 182 35.75 -26.55 59.76
C THR K 182 35.27 -26.67 58.32
N VAL K 183 36.20 -26.81 57.37
CA VAL K 183 35.81 -27.07 56.00
C VAL K 183 35.13 -28.43 55.88
N GLN K 184 35.57 -29.41 56.69
CA GLN K 184 34.87 -30.69 56.74
C GLN K 184 33.44 -30.52 57.24
N LYS K 185 33.24 -29.67 58.25
CA LYS K 185 31.89 -29.41 58.74
C LYS K 185 31.04 -28.71 57.69
N ILE K 186 31.65 -27.81 56.91
CA ILE K 186 30.93 -27.16 55.82
C ILE K 186 30.51 -28.19 54.78
N LEU K 187 31.43 -29.11 54.43
CA LEU K 187 31.08 -30.18 53.50
C LEU K 187 29.97 -31.05 54.04
N HIS K 188 29.99 -31.32 55.35
CA HIS K 188 28.88 -32.05 55.97
C HIS K 188 27.57 -31.28 55.84
N GLU K 189 27.62 -29.95 55.95
CA GLU K 189 26.45 -29.15 55.61
C GLU K 189 26.03 -29.35 54.16
N GLN K 190 26.98 -29.50 53.25
CA GLN K 190 26.68 -29.84 51.86
C GLN K 190 26.36 -31.32 51.67
N GLY K 191 26.31 -32.09 52.76
CA GLY K 191 26.05 -33.52 52.65
C GLY K 191 27.15 -34.30 51.98
N VAL K 192 28.40 -34.03 52.34
CA VAL K 192 29.55 -34.72 51.76
C VAL K 192 30.01 -35.79 52.75
N THR K 193 30.17 -37.02 52.25
CA THR K 193 30.66 -38.12 53.07
C THR K 193 32.18 -38.27 53.00
N ASN K 194 32.86 -37.33 52.32
CA ASN K 194 34.32 -37.35 52.18
C ASN K 194 34.85 -36.04 52.75
N PRO K 195 34.89 -35.92 54.08
CA PRO K 195 35.34 -34.65 54.68
C PRO K 195 36.76 -34.27 54.30
N GLU K 196 37.65 -35.24 54.16
CA GLU K 196 39.03 -35.00 53.75
C GLU K 196 39.36 -35.89 52.55
N SER K 197 40.61 -35.81 52.12
CA SER K 197 41.17 -36.53 50.97
C SER K 197 40.60 -36.05 49.64
N CYS K 198 39.62 -35.15 49.65
CA CYS K 198 39.15 -34.56 48.41
C CYS K 198 40.20 -33.62 47.82
N LEU K 199 40.86 -32.83 48.67
CA LEU K 199 41.93 -31.94 48.25
C LEU K 199 43.24 -32.69 48.43
N ASP K 200 43.73 -33.29 47.34
CA ASP K 200 44.96 -34.05 47.42
C ASP K 200 46.15 -33.11 47.64
N PRO K 201 47.20 -33.59 48.31
CA PRO K 201 48.38 -32.74 48.53
C PRO K 201 49.09 -32.33 47.25
N HIS K 202 48.81 -33.01 46.13
CA HIS K 202 49.45 -32.72 44.86
C HIS K 202 48.79 -31.59 44.09
N SER K 203 48.02 -30.73 44.77
CA SER K 203 47.33 -29.65 44.08
C SER K 203 48.33 -28.67 43.45
N ALA K 204 49.46 -28.44 44.12
CA ALA K 204 50.46 -27.50 43.64
C ALA K 204 51.71 -28.16 43.10
N SER K 205 51.77 -29.50 43.09
CA SER K 205 52.94 -30.21 42.61
C SER K 205 52.73 -30.91 41.27
N VAL K 206 51.55 -30.78 40.67
CA VAL K 206 51.27 -31.41 39.38
C VAL K 206 50.72 -30.36 38.43
N PRO K 207 50.85 -30.54 37.11
CA PRO K 207 50.27 -29.58 36.17
C PRO K 207 48.75 -29.54 36.30
N SER K 208 48.19 -28.36 36.06
CA SER K 208 46.76 -28.13 36.14
C SER K 208 46.21 -27.80 34.75
N LEU K 209 44.92 -27.47 34.71
CA LEU K 209 44.22 -27.18 33.46
C LEU K 209 43.54 -25.82 33.54
N LEU K 210 43.47 -25.15 32.40
CA LEU K 210 42.86 -23.82 32.34
C LEU K 210 41.36 -23.90 32.64
N TYR K 211 40.76 -22.74 32.83
CA TYR K 211 39.31 -22.67 32.96
C TYR K 211 38.65 -23.11 31.66
N GLY K 212 37.65 -23.99 31.78
CA GLY K 212 37.00 -24.55 30.62
C GLY K 212 37.72 -25.72 29.99
N SER K 213 38.84 -26.16 30.55
CA SER K 213 39.58 -27.31 30.04
C SER K 213 38.90 -28.57 30.56
N SER K 214 38.16 -29.24 29.69
CA SER K 214 37.42 -30.43 30.10
C SER K 214 38.38 -31.59 30.38
N LYS K 215 37.89 -32.57 31.12
CA LYS K 215 38.60 -33.81 31.36
C LYS K 215 38.11 -34.89 30.40
N LEU K 216 38.84 -36.00 30.36
CA LEU K 216 38.47 -37.11 29.49
C LEU K 216 37.12 -37.68 29.92
N ASN K 217 36.17 -37.70 28.98
CA ASN K 217 34.80 -38.14 29.24
C ASN K 217 34.17 -37.33 30.37
N HIS K 218 34.48 -36.04 30.42
CA HIS K 218 33.93 -35.15 31.42
C HIS K 218 33.69 -33.78 30.80
N LYS K 219 32.58 -33.16 31.16
CA LYS K 219 32.25 -31.85 30.63
C LYS K 219 33.18 -30.79 31.23
N PRO K 220 33.44 -29.71 30.50
CA PRO K 220 34.32 -28.66 31.02
C PRO K 220 33.71 -27.96 32.22
N TYR K 221 34.59 -27.51 33.11
CA TYR K 221 34.16 -26.82 34.31
C TYR K 221 33.63 -25.42 33.97
N GLN K 222 32.53 -25.06 34.61
CA GLN K 222 31.92 -23.74 34.44
C GLN K 222 31.97 -23.00 35.78
N LEU K 223 32.11 -21.68 35.69
CA LEU K 223 32.19 -20.88 36.91
C LEU K 223 30.81 -20.78 37.56
N LYS K 224 30.81 -20.60 38.88
CA LYS K 224 29.58 -20.47 39.64
C LYS K 224 29.39 -19.06 40.18
N THR K 225 30.35 -18.55 40.96
CA THR K 225 30.26 -17.21 41.52
C THR K 225 31.62 -16.54 41.53
N GLY K 226 31.59 -15.21 41.50
CA GLY K 226 32.78 -14.40 41.65
C GLY K 226 32.66 -13.45 42.83
N PHE K 227 33.54 -13.59 43.81
CA PHE K 227 33.56 -12.74 44.99
C PHE K 227 34.84 -11.92 45.01
N GLU K 228 34.78 -10.79 45.70
CA GLU K 228 35.91 -9.85 45.71
C GLU K 228 36.45 -9.64 47.12
N LEU K 229 36.68 -10.73 47.85
CA LEU K 229 37.31 -10.62 49.16
C LEU K 229 38.69 -10.01 49.00
N VAL K 230 38.85 -8.76 49.44
CA VAL K 230 40.06 -7.99 49.19
C VAL K 230 40.99 -8.10 50.38
N PHE K 231 42.20 -8.57 50.14
CA PHE K 231 43.22 -8.60 51.19
C PHE K 231 43.59 -7.17 51.58
N ASP K 232 43.82 -6.97 52.87
CA ASP K 232 44.15 -5.66 53.41
C ASP K 232 45.56 -5.69 53.98
N SER K 233 46.37 -4.69 53.58
CA SER K 233 47.68 -4.50 54.17
C SER K 233 47.62 -4.01 55.61
N SER K 234 46.41 -3.91 56.17
CA SER K 234 46.18 -3.50 57.54
C SER K 234 45.37 -4.58 58.25
N ASP K 235 44.81 -4.25 59.42
CA ASP K 235 43.99 -5.17 60.22
C ASP K 235 43.02 -5.94 59.33
N PRO K 236 43.14 -7.27 59.27
CA PRO K 236 42.30 -8.06 58.37
C PRO K 236 40.89 -8.32 58.88
N ASP K 237 40.43 -7.60 59.91
CA ASP K 237 39.07 -7.79 60.40
C ASP K 237 38.04 -7.46 59.33
N TYR K 238 38.37 -6.54 58.42
CA TYR K 238 37.47 -6.20 57.32
C TYR K 238 37.61 -7.24 56.21
N ILE K 239 36.55 -7.99 55.96
CA ILE K 239 36.52 -9.01 54.92
C ILE K 239 35.38 -8.69 53.95
N PRO K 240 35.69 -8.00 52.85
CA PRO K 240 34.67 -7.66 51.82
C PRO K 240 34.49 -8.74 50.74
N ILE K 241 33.71 -9.77 51.05
CA ILE K 241 33.56 -10.91 50.14
C ILE K 241 32.50 -10.53 49.10
N HIS K 242 32.16 -9.24 49.04
CA HIS K 242 31.20 -8.69 48.08
C HIS K 242 31.34 -9.32 46.70
N GLN K 243 30.20 -9.68 46.12
CA GLN K 243 30.17 -10.49 44.90
C GLN K 243 30.57 -9.67 43.68
N ILE K 244 31.44 -10.25 42.86
CA ILE K 244 31.79 -9.64 41.59
C ILE K 244 30.62 -9.77 40.62
N LYS K 245 30.33 -8.70 39.90
CA LYS K 245 29.22 -8.68 38.95
C LYS K 245 29.75 -8.41 37.55
N ASN K 246 29.09 -9.03 36.57
CA ASN K 246 29.43 -8.90 35.15
C ASN K 246 30.86 -9.40 34.88
N LEU K 247 31.09 -10.66 35.23
CA LEU K 247 32.36 -11.31 34.91
C LEU K 247 32.54 -11.53 33.42
N GLU K 248 31.44 -11.56 32.65
CA GLU K 248 31.53 -11.78 31.21
C GLU K 248 32.22 -10.64 30.48
N SER K 249 32.31 -9.46 31.11
CA SER K 249 32.95 -8.32 30.48
C SER K 249 34.46 -8.46 30.41
N TYR K 250 35.04 -9.47 31.05
CA TYR K 250 36.49 -9.66 31.08
C TYR K 250 36.86 -10.95 30.34
N ASN K 251 38.07 -10.96 29.78
CA ASN K 251 38.61 -12.16 29.15
C ASN K 251 38.95 -13.16 30.24
N LEU K 252 38.07 -14.14 30.43
CA LEU K 252 38.19 -15.06 31.57
C LEU K 252 39.48 -15.86 31.51
N VAL K 253 39.93 -16.23 30.31
CA VAL K 253 41.14 -17.04 30.19
C VAL K 253 42.35 -16.23 30.66
N SER K 254 42.49 -15.00 30.15
CA SER K 254 43.62 -14.17 30.53
C SER K 254 43.57 -13.78 32.00
N GLU K 255 42.39 -13.45 32.50
CA GLU K 255 42.26 -13.03 33.90
C GLU K 255 42.49 -14.19 34.85
N LEU K 256 42.06 -15.38 34.47
CA LEU K 256 42.06 -16.54 35.35
C LEU K 256 43.30 -17.41 35.21
N SER K 257 44.19 -17.10 34.26
CA SER K 257 45.38 -17.92 34.07
C SER K 257 46.31 -17.83 35.27
N LEU K 258 46.86 -18.98 35.67
CA LEU K 258 47.74 -19.01 36.83
C LEU K 258 49.00 -18.21 36.60
N THR K 259 49.60 -18.32 35.41
CA THR K 259 50.86 -17.66 35.11
C THR K 259 50.69 -16.23 34.62
N ASN K 260 49.46 -15.78 34.38
CA ASN K 260 49.23 -14.45 33.83
C ASN K 260 49.30 -13.41 34.94
N GLU K 261 50.17 -12.41 34.77
CA GLU K 261 50.31 -11.31 35.71
C GLU K 261 49.65 -10.03 35.24
N GLN K 262 49.53 -9.84 33.92
CA GLN K 262 49.01 -8.61 33.35
C GLN K 262 47.49 -8.59 33.24
N GLY K 263 46.80 -9.42 34.02
CA GLY K 263 45.35 -9.44 33.98
C GLY K 263 44.77 -8.10 34.36
N SER K 264 43.67 -7.72 33.69
CA SER K 264 43.01 -6.46 33.99
C SER K 264 42.08 -6.60 35.19
N LEU K 265 41.23 -7.63 35.19
CA LEU K 265 40.31 -7.85 36.30
C LEU K 265 41.06 -8.17 37.58
N VAL K 266 42.06 -9.04 37.51
CA VAL K 266 42.82 -9.44 38.67
C VAL K 266 44.11 -8.63 38.73
N ARG K 267 44.79 -8.69 39.87
CA ARG K 267 46.03 -7.96 40.06
C ARG K 267 47.13 -8.90 40.48
N PRO K 268 48.38 -8.63 40.08
CA PRO K 268 49.53 -9.47 40.47
C PRO K 268 50.15 -9.08 41.80
N VAL K 269 49.52 -9.51 42.89
CA VAL K 269 50.02 -9.23 44.23
C VAL K 269 51.30 -10.03 44.48
N SER K 289 57.61 -46.88 25.47
CA SER K 289 56.39 -46.73 26.26
C SER K 289 55.25 -46.16 25.42
N LEU K 290 54.13 -45.89 26.09
CA LEU K 290 52.97 -45.33 25.40
C LEU K 290 53.23 -43.93 24.86
N SER K 291 53.91 -43.11 25.66
CA SER K 291 54.16 -41.72 25.30
C SER K 291 55.00 -41.60 24.03
N ILE K 292 55.72 -42.67 23.67
CA ILE K 292 56.59 -42.61 22.51
C ILE K 292 55.79 -42.54 21.22
N LEU K 293 54.95 -43.53 20.96
CA LEU K 293 54.32 -43.58 19.64
C LEU K 293 52.84 -43.91 19.66
N MET K 294 52.34 -44.47 20.78
CA MET K 294 50.90 -44.61 20.95
C MET K 294 50.19 -43.27 20.81
N LEU K 295 50.76 -42.22 21.38
CA LEU K 295 50.18 -40.88 21.34
C LEU K 295 50.17 -40.35 19.90
N HIS K 296 51.11 -40.80 19.08
CA HIS K 296 51.25 -40.31 17.72
C HIS K 296 50.59 -41.19 16.66
N ASP K 297 50.35 -42.47 16.97
CA ASP K 297 49.86 -43.41 15.96
C ASP K 297 48.52 -44.00 16.35
N PRO K 298 47.41 -43.57 15.74
CA PRO K 298 46.12 -44.21 16.02
C PRO K 298 46.01 -45.64 15.50
N GLU K 299 46.71 -45.99 14.42
CA GLU K 299 46.75 -47.37 13.98
C GLU K 299 47.44 -48.25 15.02
N ALA K 300 48.52 -47.74 15.62
CA ALA K 300 49.11 -48.43 16.76
C ALA K 300 48.15 -48.50 17.94
N ARG K 301 47.26 -47.51 18.07
CA ARG K 301 46.23 -47.60 19.10
C ARG K 301 45.27 -48.76 18.83
N TYR K 302 44.86 -48.93 17.57
CA TYR K 302 44.02 -50.06 17.22
C TYR K 302 44.74 -51.39 17.46
N LEU K 303 46.04 -51.43 17.14
CA LEU K 303 46.85 -52.61 17.43
C LEU K 303 46.90 -52.87 18.94
N HIS K 304 47.02 -51.81 19.74
CA HIS K 304 46.99 -51.94 21.19
C HIS K 304 45.67 -52.53 21.66
N LYS K 305 44.57 -52.03 21.10
CA LYS K 305 43.26 -52.58 21.45
C LYS K 305 43.19 -54.07 21.15
N ILE K 306 43.50 -54.44 19.90
CA ILE K 306 43.35 -55.84 19.51
C ILE K 306 44.31 -56.74 20.27
N LEU K 307 45.48 -56.22 20.65
CA LEU K 307 46.38 -56.98 21.50
C LEU K 307 45.79 -57.19 22.89
N ASN K 308 45.09 -56.18 23.42
CA ASN K 308 44.42 -56.36 24.70
C ASN K 308 43.23 -57.31 24.62
N LEU K 309 42.61 -57.44 23.44
CA LEU K 309 41.40 -58.25 23.34
C LEU K 309 41.68 -59.72 23.62
N LEU K 310 42.67 -60.30 22.94
CA LEU K 310 42.92 -61.72 23.16
C LEU K 310 43.57 -61.94 24.53
N PRO K 311 43.34 -63.09 25.16
CA PRO K 311 43.88 -63.32 26.49
C PRO K 311 45.40 -63.39 26.45
N PRO K 312 46.08 -63.02 27.53
CA PRO K 312 47.54 -63.11 27.58
C PRO K 312 48.08 -64.51 27.78
N GLU K 313 47.24 -65.54 27.64
CA GLU K 313 47.73 -66.91 27.79
C GLU K 313 48.79 -67.24 26.75
N TYR K 314 48.56 -66.83 25.50
CA TYR K 314 49.54 -67.09 24.44
C TYR K 314 50.81 -66.29 24.65
N TYR K 315 50.75 -65.20 25.42
CA TYR K 315 51.94 -64.48 25.81
C TYR K 315 52.74 -65.27 26.85
N VAL K 316 52.08 -66.18 27.57
CA VAL K 316 52.75 -66.91 28.65
C VAL K 316 53.80 -67.87 28.08
N GLU K 317 53.43 -68.67 27.08
CA GLU K 317 54.39 -69.62 26.53
C GLU K 317 55.32 -68.91 25.55
N TYR K 318 56.56 -69.41 25.48
CA TYR K 318 57.55 -68.83 24.59
C TYR K 318 57.18 -68.90 23.11
N PRO K 319 56.68 -70.04 22.56
CA PRO K 319 56.50 -70.12 21.10
C PRO K 319 55.58 -69.06 20.51
N LEU K 320 54.33 -68.98 20.98
CA LEU K 320 53.39 -68.04 20.39
C LEU K 320 53.74 -66.60 20.73
N TRP K 321 54.32 -66.37 21.92
CA TRP K 321 54.79 -65.03 22.27
C TRP K 321 55.88 -64.57 21.29
N SER K 322 56.85 -65.45 21.01
CA SER K 322 57.86 -65.12 20.01
C SER K 322 57.23 -64.97 18.63
N ASN K 323 56.17 -65.73 18.34
CA ASN K 323 55.49 -65.59 17.06
C ASN K 323 54.89 -64.19 16.90
N VAL K 324 54.18 -63.72 17.93
CA VAL K 324 53.58 -62.39 17.85
C VAL K 324 54.68 -61.31 17.83
N VAL K 325 55.78 -61.54 18.55
CA VAL K 325 56.87 -60.57 18.54
C VAL K 325 57.50 -60.47 17.16
N PHE K 326 57.75 -61.60 16.51
CA PHE K 326 58.26 -61.58 15.15
C PHE K 326 57.24 -60.99 14.18
N ALA K 327 55.94 -61.21 14.43
CA ALA K 327 54.92 -60.63 13.58
C ALA K 327 54.94 -59.11 13.66
N LEU K 328 55.05 -58.56 14.86
CA LEU K 328 55.10 -57.11 15.00
C LEU K 328 56.44 -56.55 14.52
N ALA K 329 57.52 -57.33 14.62
CA ALA K 329 58.79 -56.92 14.05
C ALA K 329 58.74 -56.90 12.52
N ASN K 330 57.96 -57.80 11.92
CA ASN K 330 57.77 -57.77 10.47
C ASN K 330 57.08 -56.47 10.06
N THR K 331 56.08 -56.04 10.83
CA THR K 331 55.37 -54.79 10.55
C THR K 331 56.24 -53.63 11.04
N SER K 332 57.20 -53.24 10.19
CA SER K 332 58.12 -52.14 10.45
C SER K 332 58.99 -52.40 11.68
N ALA K 333 59.88 -51.45 11.99
CA ALA K 333 60.77 -51.57 13.13
C ALA K 333 60.58 -50.46 14.15
N ASN K 334 59.64 -49.54 13.93
CA ASN K 334 59.40 -48.48 14.89
C ASN K 334 58.66 -48.95 16.13
N TYR K 335 57.98 -50.10 16.06
CA TYR K 335 57.16 -50.58 17.17
C TYR K 335 57.97 -51.20 18.31
N ARG K 336 59.27 -50.92 18.38
CA ARG K 336 60.06 -51.39 19.52
C ARG K 336 59.48 -50.95 20.86
N PRO K 337 59.06 -49.70 21.06
CA PRO K 337 58.35 -49.36 22.30
C PRO K 337 57.07 -50.16 22.49
N LEU K 338 56.32 -50.42 21.42
CA LEU K 338 55.07 -51.17 21.55
C LEU K 338 55.30 -52.53 22.21
N ALA K 339 56.17 -53.35 21.63
CA ALA K 339 56.54 -54.60 22.28
C ALA K 339 57.11 -54.34 23.67
N GLU K 340 57.85 -53.24 23.83
CA GLU K 340 58.35 -52.87 25.14
C GLU K 340 57.21 -52.71 26.13
N TRP K 341 56.15 -52.00 25.73
CA TRP K 341 54.96 -51.95 26.57
C TRP K 341 54.35 -53.33 26.74
N PHE K 342 54.32 -54.11 25.67
CA PHE K 342 53.84 -55.48 25.78
C PHE K 342 54.81 -56.35 26.57
N SER K 343 56.04 -55.87 26.76
CA SER K 343 57.03 -56.65 27.50
C SER K 343 56.76 -56.63 29.01
N GLN K 344 56.26 -55.51 29.54
CA GLN K 344 56.10 -55.38 30.99
C GLN K 344 55.11 -56.40 31.55
N LYS K 345 54.14 -56.83 30.75
CA LYS K 345 53.21 -57.83 31.22
C LYS K 345 53.91 -59.17 31.41
N CYS K 346 53.30 -60.04 32.22
CA CYS K 346 53.87 -61.34 32.61
C CYS K 346 55.26 -61.13 33.21
N PRO K 347 55.34 -60.62 34.44
CA PRO K 347 56.66 -60.36 35.04
C PRO K 347 57.49 -61.61 35.28
N GLU K 348 56.88 -62.80 35.27
CA GLU K 348 57.65 -64.02 35.49
C GLU K 348 58.80 -64.17 34.51
N LYS K 349 58.64 -63.63 33.30
CA LYS K 349 59.72 -63.55 32.33
C LYS K 349 60.22 -62.13 32.10
N TRP K 350 59.37 -61.13 32.31
CA TRP K 350 59.75 -59.75 32.07
C TRP K 350 60.85 -59.27 33.02
N ASN K 351 60.98 -59.88 34.19
CA ASN K 351 61.95 -59.45 35.20
C ASN K 351 63.34 -59.94 34.78
N THR K 352 64.07 -59.07 34.06
CA THR K 352 65.43 -59.30 33.61
C THR K 352 65.58 -60.56 32.77
N GLY K 353 64.48 -61.14 32.32
CA GLY K 353 64.48 -62.32 31.49
C GLY K 353 64.00 -62.00 30.09
N GLY K 354 62.71 -62.23 29.85
CA GLY K 354 62.06 -61.95 28.59
C GLY K 354 62.38 -60.61 27.96
N LYS K 355 62.81 -59.62 28.75
CA LYS K 355 63.25 -58.35 28.17
C LYS K 355 64.47 -58.55 27.28
N GLU K 356 65.50 -59.20 27.80
CA GLU K 356 66.69 -59.47 27.02
C GLU K 356 66.39 -60.45 25.89
N LYS K 357 65.51 -61.42 26.13
CA LYS K 357 65.11 -62.33 25.06
C LYS K 357 64.43 -61.58 23.92
N LEU K 358 63.57 -60.63 24.24
CA LEU K 358 62.90 -59.85 23.21
C LEU K 358 63.86 -58.95 22.46
N GLU K 359 64.80 -58.32 23.17
CA GLU K 359 65.78 -57.50 22.48
C GLU K 359 66.66 -58.35 21.56
N LYS K 360 67.02 -59.55 22.00
CA LYS K 360 67.79 -60.46 21.16
C LYS K 360 66.99 -60.90 19.94
N LEU K 361 65.70 -61.20 20.13
CA LEU K 361 64.85 -61.58 19.01
C LEU K 361 64.69 -60.44 18.01
N TRP K 362 64.58 -59.21 18.52
CA TRP K 362 64.52 -58.04 17.64
C TRP K 362 65.82 -57.89 16.85
N ASN K 363 66.95 -58.08 17.52
CA ASN K 363 68.23 -58.01 16.81
C ASN K 363 68.33 -59.07 15.72
N ASP K 364 67.86 -60.28 16.01
CA ASP K 364 67.87 -61.33 14.99
C ASP K 364 66.94 -60.99 13.84
N ALA K 365 65.72 -60.56 14.14
CA ALA K 365 64.74 -60.22 13.12
C ALA K 365 65.13 -58.99 12.31
N SER K 366 66.07 -58.19 12.81
CA SER K 366 66.55 -57.05 12.03
C SER K 366 67.09 -57.50 10.67
N HIS K 367 67.77 -58.65 10.62
CA HIS K 367 68.27 -59.21 9.38
C HIS K 367 67.56 -60.49 8.97
N HIS K 368 67.13 -61.31 9.93
CA HIS K 368 66.42 -62.54 9.61
C HIS K 368 64.94 -62.24 9.40
N THR K 369 64.41 -62.69 8.27
CA THR K 369 62.99 -62.50 7.94
C THR K 369 62.13 -63.67 8.39
N GLU K 370 62.63 -64.90 8.28
CA GLU K 370 61.90 -66.11 8.66
C GLU K 370 60.59 -66.15 7.87
N LYS K 371 59.55 -66.74 8.44
CA LYS K 371 58.25 -66.74 7.80
C LYS K 371 57.61 -65.35 7.90
N LYS K 372 56.89 -64.96 6.85
CA LYS K 372 56.29 -63.63 6.78
C LYS K 372 55.00 -63.56 7.62
N ILE K 373 55.16 -63.80 8.92
CA ILE K 373 54.06 -63.63 9.84
C ILE K 373 53.84 -62.15 10.10
N THR K 374 52.61 -61.69 9.91
CA THR K 374 52.29 -60.27 9.96
C THR K 374 51.03 -60.07 10.79
N LYS K 375 50.47 -58.85 10.69
CA LYS K 375 49.27 -58.50 11.46
C LYS K 375 48.11 -59.44 11.17
N ARG K 376 48.11 -60.07 9.99
CA ARG K 376 47.05 -61.01 9.63
C ARG K 376 46.87 -62.06 10.72
N SER K 377 47.98 -62.59 11.23
CA SER K 377 47.93 -63.56 12.30
C SER K 377 47.30 -62.97 13.56
N ILE K 378 47.59 -61.71 13.86
CA ILE K 378 47.03 -61.07 15.04
C ILE K 378 45.50 -60.93 14.92
N MET K 379 45.01 -60.49 13.76
CA MET K 379 43.56 -60.45 13.62
C MET K 379 42.94 -61.85 13.61
N TYR K 380 43.62 -62.85 13.04
CA TYR K 380 43.09 -64.21 13.10
C TYR K 380 42.98 -64.69 14.54
N TRP K 381 44.01 -64.40 15.35
CA TRP K 381 43.98 -64.79 16.76
C TRP K 381 42.90 -64.04 17.52
N ALA K 382 42.68 -62.75 17.19
CA ALA K 382 41.59 -62.01 17.79
C ALA K 382 40.25 -62.63 17.43
N HIS K 383 40.10 -63.08 16.19
CA HIS K 383 38.89 -63.80 15.78
C HIS K 383 38.70 -65.07 16.60
N LYS K 384 39.77 -65.85 16.76
CA LYS K 384 39.65 -67.14 17.43
C LYS K 384 39.35 -66.99 18.91
N HIS K 385 40.10 -66.13 19.61
CA HIS K 385 40.15 -66.20 21.06
C HIS K 385 39.03 -65.40 21.72
N ALA K 386 38.82 -64.16 21.29
CA ALA K 386 37.82 -63.27 21.88
C ALA K 386 36.90 -62.77 20.78
N PRO K 387 35.95 -63.58 20.33
CA PRO K 387 35.09 -63.18 19.22
C PRO K 387 33.99 -62.22 19.66
N GLN K 388 33.38 -61.59 18.66
CA GLN K 388 32.21 -60.73 18.77
C GLN K 388 32.45 -59.44 19.54
N GLN K 389 33.67 -59.18 19.99
CA GLN K 389 33.99 -57.93 20.68
C GLN K 389 34.93 -57.04 19.89
N TYR K 390 35.79 -57.61 19.04
CA TYR K 390 36.60 -56.81 18.12
C TYR K 390 35.78 -56.26 16.97
N LYS K 391 34.64 -56.89 16.67
CA LYS K 391 33.83 -56.47 15.53
C LYS K 391 33.34 -55.03 15.71
N GLU K 392 32.86 -54.71 16.91
CA GLU K 392 32.43 -53.34 17.16
C GLU K 392 33.61 -52.37 17.15
N ILE K 393 34.79 -52.82 17.60
CA ILE K 393 35.98 -51.96 17.57
C ILE K 393 36.35 -51.60 16.14
N VAL K 394 36.41 -52.60 15.26
CA VAL K 394 36.79 -52.33 13.87
C VAL K 394 35.68 -51.54 13.17
N GLU K 395 34.42 -51.82 13.50
CA GLU K 395 33.32 -51.04 12.95
C GLU K 395 33.46 -49.57 13.32
N GLN K 396 33.71 -49.29 14.60
CA GLN K 396 33.91 -47.92 15.03
C GLN K 396 35.13 -47.30 14.34
N GLY K 397 36.20 -48.06 14.20
CA GLY K 397 37.41 -47.57 13.56
C GLY K 397 37.21 -47.11 12.13
N TYR K 398 36.74 -48.00 11.26
CA TYR K 398 36.57 -47.56 9.87
C TYR K 398 35.34 -46.67 9.70
N PHE K 399 34.37 -46.73 10.62
CA PHE K 399 33.30 -45.75 10.63
C PHE K 399 33.85 -44.35 10.87
N SER K 400 34.76 -44.23 11.83
CA SER K 400 35.40 -42.93 12.10
C SER K 400 36.28 -42.50 10.94
N ILE K 401 36.98 -43.44 10.32
CA ILE K 401 37.82 -43.10 9.16
C ILE K 401 36.96 -42.53 8.04
N LEU K 402 35.88 -43.23 7.70
CA LEU K 402 34.99 -42.78 6.63
C LEU K 402 34.33 -41.46 7.01
N ALA K 403 33.95 -41.30 8.28
CA ALA K 403 33.34 -40.06 8.73
C ALA K 403 34.30 -38.89 8.58
N GLU K 404 35.55 -39.07 9.00
CA GLU K 404 36.54 -38.00 8.84
C GLU K 404 36.74 -37.67 7.37
N TYR K 405 36.79 -38.69 6.52
CA TYR K 405 36.94 -38.44 5.08
C TYR K 405 35.77 -37.64 4.53
N VAL K 406 34.54 -38.07 4.81
CA VAL K 406 33.38 -37.40 4.23
C VAL K 406 33.21 -36.00 4.80
N TYR K 407 33.49 -35.82 6.09
CA TYR K 407 33.47 -34.48 6.68
C TYR K 407 34.48 -33.57 5.98
N SER K 408 35.73 -34.03 5.86
CA SER K 408 36.79 -33.17 5.34
C SER K 408 36.50 -32.68 3.94
N TYR K 409 35.66 -33.39 3.18
CA TYR K 409 35.31 -33.01 1.83
C TYR K 409 33.87 -32.51 1.69
N ASN K 410 33.18 -32.31 2.82
CA ASN K 410 31.81 -31.82 2.84
C ASN K 410 30.91 -32.66 1.93
N GLY K 411 31.03 -33.98 2.07
CA GLY K 411 30.32 -34.87 1.18
C GLY K 411 31.03 -35.03 -0.15
N MET K 412 30.23 -35.26 -1.19
CA MET K 412 30.73 -35.52 -2.54
C MET K 412 31.72 -36.67 -2.55
N LEU K 413 31.20 -37.85 -2.19
CA LEU K 413 32.01 -39.06 -2.21
C LEU K 413 32.53 -39.32 -3.61
N GLU K 414 33.79 -39.75 -3.68
CA GLU K 414 34.45 -39.95 -4.96
C GLU K 414 35.47 -41.06 -4.79
N HIS K 415 36.16 -41.38 -5.88
CA HIS K 415 37.08 -42.49 -5.89
C HIS K 415 38.24 -42.27 -4.91
N TYR K 416 38.84 -43.39 -4.50
CA TYR K 416 40.02 -43.45 -3.64
C TYR K 416 39.70 -43.10 -2.20
N MET K 417 38.49 -42.61 -1.94
CA MET K 417 37.95 -42.62 -0.59
C MET K 417 37.19 -43.88 -0.28
N ILE K 418 36.46 -44.41 -1.27
CA ILE K 418 35.91 -45.76 -1.16
C ILE K 418 37.03 -46.78 -1.12
N ALA K 419 38.10 -46.55 -1.87
CA ALA K 419 39.18 -47.53 -1.97
C ALA K 419 39.86 -47.75 -0.62
N LYS K 420 40.11 -46.69 0.13
CA LYS K 420 40.72 -46.84 1.44
C LYS K 420 39.84 -47.65 2.39
N VAL K 421 38.53 -47.36 2.38
CA VAL K 421 37.61 -48.09 3.24
C VAL K 421 37.53 -49.55 2.81
N ILE K 422 37.62 -49.82 1.50
CA ILE K 422 37.63 -51.20 1.02
C ILE K 422 38.87 -51.92 1.51
N TYR K 423 40.03 -51.27 1.37
CA TYR K 423 41.28 -51.87 1.84
C TYR K 423 41.22 -52.14 3.33
N ALA K 424 40.55 -51.29 4.09
CA ALA K 424 40.32 -51.57 5.50
C ALA K 424 39.40 -52.78 5.67
N MET K 425 38.28 -52.81 4.93
CA MET K 425 37.29 -53.88 5.05
C MET K 425 37.86 -55.23 4.67
N MET K 426 38.16 -55.40 3.38
CA MET K 426 38.75 -56.62 2.84
C MET K 426 40.17 -56.30 2.39
N GLY K 427 41.10 -56.36 3.34
CA GLY K 427 42.50 -56.16 3.02
C GLY K 427 43.31 -57.34 3.52
N ASN K 428 42.67 -58.50 3.59
CA ASN K 428 43.27 -59.70 4.13
C ASN K 428 43.18 -60.91 3.21
N LYS K 429 42.32 -60.89 2.19
CA LYS K 429 42.19 -62.02 1.29
C LYS K 429 42.20 -61.60 -0.18
N PHE K 430 42.51 -60.36 -0.49
CA PHE K 430 42.64 -59.88 -1.86
C PHE K 430 44.07 -59.39 -2.09
N VAL K 431 44.67 -59.79 -3.20
CA VAL K 431 45.99 -59.28 -3.54
C VAL K 431 46.06 -59.05 -5.05
N VAL K 432 46.67 -57.94 -5.45
CA VAL K 432 46.79 -57.57 -6.86
C VAL K 432 48.27 -57.51 -7.23
N ASP K 433 48.63 -58.16 -8.33
CA ASP K 433 50.01 -58.14 -8.80
C ASP K 433 50.04 -57.99 -10.32
N VAL K 434 51.14 -57.45 -10.82
CA VAL K 434 51.35 -57.25 -12.25
C VAL K 434 52.14 -58.43 -12.79
N ASP K 435 51.62 -59.03 -13.86
CA ASP K 435 52.27 -60.18 -14.48
C ASP K 435 53.37 -59.71 -15.44
N SER K 436 53.98 -60.68 -16.12
CA SER K 436 55.02 -60.35 -17.10
C SER K 436 54.44 -59.55 -18.27
N ASN K 437 53.23 -59.89 -18.72
CA ASN K 437 52.60 -59.19 -19.83
C ASN K 437 52.16 -57.78 -19.47
N GLY K 438 52.21 -57.40 -18.19
CA GLY K 438 51.80 -56.08 -17.76
C GLY K 438 50.35 -55.95 -17.37
N LYS K 439 49.55 -57.01 -17.49
CA LYS K 439 48.16 -56.96 -17.11
C LYS K 439 47.99 -57.27 -15.63
N TYR K 440 47.33 -56.37 -14.91
CA TYR K 440 47.09 -56.58 -13.49
C TYR K 440 46.16 -57.77 -13.28
N VAL K 441 46.46 -58.58 -12.27
CA VAL K 441 45.65 -59.74 -11.93
C VAL K 441 45.46 -59.78 -10.42
N TRP K 442 44.41 -60.46 -9.99
CA TRP K 442 44.07 -60.58 -8.58
C TRP K 442 44.25 -62.02 -8.11
N PHE K 443 44.26 -62.18 -6.79
CA PHE K 443 44.32 -63.49 -6.17
C PHE K 443 43.56 -63.44 -4.87
N GLU K 444 42.84 -64.53 -4.60
CA GLU K 444 41.95 -64.64 -3.46
C GLU K 444 42.32 -65.84 -2.60
N PHE K 445 42.27 -65.68 -1.29
CA PHE K 445 42.53 -66.78 -0.36
C PHE K 445 41.23 -67.54 -0.15
N VAL K 446 41.20 -68.79 -0.62
CA VAL K 446 39.99 -69.59 -0.55
C VAL K 446 39.70 -69.94 0.90
N LEU K 447 38.43 -69.81 1.30
CA LEU K 447 37.99 -70.11 2.64
C LEU K 447 36.86 -71.15 2.62
N PRO K 448 36.73 -71.97 3.66
CA PRO K 448 35.63 -72.93 3.70
C PRO K 448 34.29 -72.23 3.82
N GLY K 449 33.28 -72.85 3.23
CA GLY K 449 31.92 -72.32 3.30
C GLY K 449 31.57 -71.30 2.25
N GLN K 450 32.30 -71.25 1.13
CA GLN K 450 32.01 -70.33 0.05
C GLN K 450 31.97 -71.08 -1.26
N PRO K 451 31.21 -70.59 -2.24
CA PRO K 451 31.15 -71.27 -3.55
C PRO K 451 32.53 -71.35 -4.19
N MET K 452 32.80 -72.49 -4.81
CA MET K 452 34.14 -72.79 -5.32
C MET K 452 34.08 -74.11 -6.08
N ASN K 453 35.22 -74.49 -6.64
CA ASN K 453 35.40 -75.81 -7.22
C ASN K 453 35.89 -76.77 -6.13
N GLN K 454 36.35 -77.95 -6.52
CA GLN K 454 36.78 -78.97 -5.57
C GLN K 454 38.30 -79.02 -5.50
N GLY K 455 38.83 -79.04 -4.27
CA GLY K 455 40.23 -79.29 -4.04
C GLY K 455 41.09 -78.08 -3.72
N GLU K 456 40.61 -76.87 -3.99
CA GLU K 456 41.42 -75.67 -3.80
C GLU K 456 41.15 -74.97 -2.47
N ILE K 457 40.47 -75.65 -1.55
CA ILE K 457 40.16 -75.04 -0.26
C ILE K 457 41.44 -74.70 0.49
N TRP K 458 41.44 -73.55 1.17
CA TRP K 458 42.56 -73.05 1.94
C TRP K 458 43.79 -72.76 1.09
N LYS K 459 43.61 -72.52 -0.19
CA LYS K 459 44.70 -72.13 -1.08
C LYS K 459 44.40 -70.76 -1.68
N TRP K 460 45.25 -70.34 -2.61
CA TRP K 460 45.10 -69.06 -3.31
C TRP K 460 44.71 -69.31 -4.75
N ARG K 461 43.64 -68.65 -5.19
CA ARG K 461 43.11 -68.80 -6.53
C ARG K 461 43.36 -67.53 -7.34
N LYS K 462 43.83 -67.72 -8.57
CA LYS K 462 44.03 -66.60 -9.49
C LYS K 462 42.67 -66.01 -9.87
N GLU K 463 42.69 -64.76 -10.31
CA GLU K 463 41.46 -64.00 -10.50
C GLU K 463 41.69 -62.95 -11.58
N VAL K 464 40.77 -62.87 -12.54
CA VAL K 464 40.92 -62.00 -13.71
C VAL K 464 40.05 -60.75 -13.59
N ASN K 465 38.76 -60.91 -13.30
CA ASN K 465 37.83 -59.79 -13.19
C ASN K 465 37.15 -59.84 -11.83
N PRO K 466 37.58 -59.00 -10.87
CA PRO K 466 37.03 -59.08 -9.51
C PRO K 466 35.51 -59.12 -9.47
N ASP K 467 34.95 -60.22 -8.96
CA ASP K 467 33.50 -60.35 -8.94
C ASP K 467 32.93 -60.10 -7.54
N GLU K 468 33.38 -60.89 -6.57
CA GLU K 468 32.87 -60.75 -5.21
C GLU K 468 33.08 -59.35 -4.68
N LEU K 469 34.25 -58.78 -4.96
CA LEU K 469 34.56 -57.45 -4.44
C LEU K 469 33.50 -56.45 -4.85
N HIS K 470 33.07 -56.49 -6.11
CA HIS K 470 32.04 -55.58 -6.58
C HIS K 470 30.81 -55.73 -5.72
N ILE K 471 30.33 -56.96 -5.59
CA ILE K 471 29.14 -57.21 -4.79
C ILE K 471 29.40 -56.84 -3.34
N TYR K 472 30.60 -57.12 -2.85
CA TYR K 472 30.93 -56.80 -1.46
C TYR K 472 30.71 -55.33 -1.20
N ILE K 473 31.26 -54.48 -2.06
CA ILE K 473 31.11 -53.05 -1.88
C ILE K 473 29.66 -52.65 -1.98
N SER K 474 28.91 -53.34 -2.85
CA SER K 474 27.50 -53.02 -3.04
C SER K 474 26.68 -53.20 -1.78
N GLU K 475 26.97 -54.25 -1.00
CA GLU K 475 26.16 -54.53 0.19
C GLU K 475 26.86 -54.21 1.50
N ASN K 476 28.11 -54.63 1.65
CA ASN K 476 28.83 -54.40 2.91
C ASN K 476 28.96 -52.91 3.18
N PHE K 477 29.33 -52.14 2.17
CA PHE K 477 29.47 -50.70 2.33
C PHE K 477 28.13 -50.11 2.74
N SER K 478 27.06 -50.62 2.16
CA SER K 478 25.72 -50.12 2.48
C SER K 478 25.52 -49.96 3.98
N ARG K 479 25.85 -51.00 4.75
CA ARG K 479 25.61 -50.93 6.18
C ARG K 479 26.41 -49.79 6.82
N VAL K 480 27.66 -49.60 6.41
CA VAL K 480 28.49 -48.54 6.97
C VAL K 480 27.97 -47.17 6.56
N MET K 481 27.60 -47.01 5.29
CA MET K 481 27.04 -45.74 4.84
C MET K 481 25.68 -45.43 5.49
N ASP K 482 24.86 -46.45 5.74
CA ASP K 482 23.64 -46.23 6.50
C ASP K 482 23.96 -45.83 7.95
N ARG K 483 25.01 -46.43 8.53
CA ARG K 483 25.42 -46.01 9.87
C ARG K 483 25.82 -44.54 9.90
N ILE K 484 26.59 -44.11 8.90
CA ILE K 484 26.97 -42.71 8.81
C ILE K 484 25.73 -41.83 8.69
N THR K 485 24.79 -42.24 7.84
CA THR K 485 23.58 -41.45 7.64
C THR K 485 22.79 -41.31 8.93
N GLU K 486 22.62 -42.40 9.68
CA GLU K 486 21.83 -42.33 10.90
C GLU K 486 22.55 -41.54 11.98
N HIS K 487 23.89 -41.65 12.04
CA HIS K 487 24.65 -40.83 12.97
C HIS K 487 24.46 -39.34 12.67
N ILE K 488 24.53 -38.98 11.38
CA ILE K 488 24.37 -37.59 11.01
C ILE K 488 22.97 -37.09 11.36
N LYS K 489 21.94 -37.88 11.03
CA LYS K 489 20.58 -37.43 11.33
C LYS K 489 20.31 -37.38 12.82
N TYR K 490 20.93 -38.27 13.60
CA TYR K 490 20.84 -38.18 15.05
C TYR K 490 21.45 -36.88 15.56
N HIS K 491 22.60 -36.49 14.99
CA HIS K 491 23.20 -35.24 15.41
C HIS K 491 22.37 -34.03 14.95
N LEU K 492 21.61 -34.17 13.86
CA LEU K 492 20.59 -33.18 13.56
C LEU K 492 19.54 -33.13 14.66
N SER K 493 19.11 -34.30 15.15
CA SER K 493 18.08 -34.34 16.18
C SER K 493 18.50 -33.58 17.43
N GLN K 494 19.79 -33.44 17.67
CA GLN K 494 20.27 -32.67 18.81
C GLN K 494 19.98 -31.19 18.59
N PRO K 495 19.32 -30.51 19.52
CA PRO K 495 19.11 -29.07 19.36
C PRO K 495 20.43 -28.32 19.35
N HIS K 496 20.53 -27.34 18.46
CA HIS K 496 21.78 -26.62 18.22
C HIS K 496 21.45 -25.27 17.61
N GLU K 497 22.48 -24.60 17.07
CA GLU K 497 22.32 -23.27 16.48
C GLU K 497 21.77 -23.37 15.06
N SER K 498 21.60 -22.21 14.43
CA SER K 498 21.08 -22.17 13.07
C SER K 498 22.15 -22.52 12.04
N ASN K 499 23.35 -21.95 12.20
CA ASN K 499 24.41 -22.16 11.21
C ASN K 499 24.82 -23.63 11.16
N ILE K 500 24.94 -24.27 12.31
CA ILE K 500 25.23 -25.70 12.35
C ILE K 500 24.13 -26.51 11.67
N LEU K 501 22.87 -26.10 11.86
CA LEU K 501 21.78 -26.83 11.24
C LEU K 501 21.83 -26.70 9.72
N ASN K 502 22.09 -25.50 9.21
CA ASN K 502 22.22 -25.32 7.77
C ASN K 502 23.43 -26.10 7.23
N TYR K 503 24.53 -26.08 7.97
CA TYR K 503 25.71 -26.84 7.57
C TYR K 503 25.40 -28.32 7.45
N TYR K 504 24.75 -28.88 8.48
CA TYR K 504 24.37 -30.28 8.43
C TYR K 504 23.36 -30.56 7.33
N LYS K 505 22.50 -29.57 7.02
CA LYS K 505 21.56 -29.76 5.91
C LYS K 505 22.28 -29.86 4.57
N LYS K 506 23.26 -28.99 4.32
CA LYS K 506 24.05 -29.14 3.10
C LYS K 506 24.82 -30.46 3.09
N LEU K 507 25.40 -30.84 4.23
CA LEU K 507 26.10 -32.12 4.31
C LEU K 507 25.19 -33.26 3.93
N LEU K 508 23.99 -33.30 4.50
CA LEU K 508 23.07 -34.40 4.18
C LEU K 508 22.66 -34.33 2.72
N LYS K 509 22.21 -33.17 2.23
CA LYS K 509 21.77 -33.06 0.84
C LYS K 509 22.82 -33.60 -0.11
N ALA K 510 24.09 -33.22 0.10
CA ALA K 510 25.17 -33.81 -0.69
C ALA K 510 25.23 -35.32 -0.49
N PHE K 511 24.95 -35.77 0.73
CA PHE K 511 25.07 -37.20 1.04
C PHE K 511 24.00 -38.01 0.32
N GLU K 512 22.74 -37.55 0.31
CA GLU K 512 21.74 -38.21 -0.53
C GLU K 512 22.07 -38.12 -2.01
N ARG K 513 22.56 -36.96 -2.47
CA ARG K 513 22.95 -36.87 -3.88
C ARG K 513 24.06 -37.85 -4.23
N SER K 514 24.87 -38.25 -3.25
CA SER K 514 25.91 -39.24 -3.49
C SER K 514 25.46 -40.67 -3.24
N LYS K 515 24.32 -40.86 -2.58
CA LYS K 515 23.80 -42.22 -2.40
C LYS K 515 23.72 -42.95 -3.73
N SER K 516 23.13 -42.32 -4.74
CA SER K 516 22.95 -42.98 -6.03
C SER K 516 24.22 -42.93 -6.87
N LYS K 517 25.34 -43.33 -6.28
CA LYS K 517 26.60 -43.40 -7.00
C LYS K 517 27.37 -44.68 -6.77
N ILE K 518 27.06 -45.48 -5.74
CA ILE K 518 27.80 -46.70 -5.46
C ILE K 518 27.30 -47.89 -6.28
N PHE K 519 26.21 -47.74 -7.01
CA PHE K 519 25.60 -48.86 -7.72
C PHE K 519 25.84 -48.79 -9.23
N ASN K 520 26.49 -47.74 -9.71
CA ASN K 520 26.77 -47.58 -11.14
C ASN K 520 27.82 -48.60 -11.58
N ASP K 521 27.65 -49.13 -12.78
CA ASP K 521 28.65 -50.01 -13.35
C ASP K 521 29.95 -49.25 -13.61
N SER K 522 29.84 -48.05 -14.19
CA SER K 522 31.03 -47.26 -14.48
C SER K 522 31.72 -46.82 -13.19
N PHE K 523 30.96 -46.39 -12.20
CA PHE K 523 31.55 -45.98 -10.93
C PHE K 523 32.24 -47.14 -10.24
N LYS K 524 31.62 -48.33 -10.26
CA LYS K 524 32.24 -49.50 -9.66
C LYS K 524 33.51 -49.90 -10.42
N LYS K 525 33.50 -49.78 -11.75
CA LYS K 525 34.70 -50.05 -12.53
C LYS K 525 35.82 -49.08 -12.16
N GLY K 526 35.48 -47.80 -12.00
CA GLY K 526 36.49 -46.83 -11.58
C GLY K 526 37.02 -47.13 -10.20
N VAL K 527 36.14 -47.53 -9.28
CA VAL K 527 36.58 -47.89 -7.93
C VAL K 527 37.52 -49.09 -7.97
N ILE K 528 37.22 -50.07 -8.82
CA ILE K 528 38.09 -51.23 -8.96
C ILE K 528 39.45 -50.83 -9.54
N ARG K 529 39.43 -49.96 -10.55
CA ARG K 529 40.69 -49.50 -11.13
C ARG K 529 41.52 -48.70 -10.11
N GLN K 530 40.85 -48.00 -9.19
CA GLN K 530 41.58 -47.35 -8.11
C GLN K 530 42.13 -48.37 -7.12
N ALA K 531 41.32 -49.37 -6.76
CA ALA K 531 41.71 -50.34 -5.76
C ALA K 531 42.84 -51.24 -6.24
N GLU K 532 43.00 -51.37 -7.56
CA GLU K 532 44.09 -52.19 -8.08
C GLU K 532 45.45 -51.65 -7.67
N PHE K 533 45.53 -50.39 -7.25
CA PHE K 533 46.78 -49.76 -6.85
C PHE K 533 47.07 -49.97 -5.36
N LEU K 534 46.10 -49.66 -4.49
CA LEU K 534 46.33 -49.77 -3.06
C LEU K 534 46.50 -51.22 -2.61
N PHE K 535 46.05 -52.19 -3.40
CA PHE K 535 46.10 -53.59 -3.01
C PHE K 535 47.36 -54.29 -3.50
N ARG K 536 48.25 -53.59 -4.18
CA ARG K 536 49.46 -54.22 -4.71
C ARG K 536 50.42 -54.57 -3.57
N GLN K 537 51.13 -55.67 -3.74
CA GLN K 537 52.14 -56.12 -2.79
C GLN K 537 53.38 -56.54 -3.55
N ARG K 538 54.49 -55.82 -3.32
CA ARG K 538 55.72 -56.12 -4.02
C ARG K 538 56.27 -57.48 -3.59
N SER K 539 56.98 -58.13 -4.52
CA SER K 539 57.62 -59.42 -4.30
C SER K 539 56.58 -60.47 -3.88
N PHE K 540 55.59 -60.67 -4.76
CA PHE K 540 54.53 -61.64 -4.51
C PHE K 540 54.53 -62.78 -5.52
N ILE K 541 54.49 -62.47 -6.82
CA ILE K 541 54.48 -63.53 -7.82
C ILE K 541 55.82 -64.28 -7.83
N GLN K 542 56.93 -63.55 -7.77
CA GLN K 542 58.24 -64.19 -7.81
C GLN K 542 58.50 -65.06 -6.59
N THR K 543 57.82 -64.80 -5.47
CA THR K 543 57.95 -65.62 -4.27
C THR K 543 56.87 -66.68 -4.16
N LEU K 544 55.97 -66.78 -5.15
CA LEU K 544 54.89 -67.75 -5.09
C LEU K 544 55.42 -69.16 -5.27
N ASP K 545 55.02 -70.06 -4.37
CA ASP K 545 55.36 -71.48 -4.43
C ASP K 545 56.87 -71.71 -4.45
N THR K 546 57.65 -70.76 -3.92
CA THR K 546 59.09 -70.93 -3.85
C THR K 546 59.52 -71.90 -2.76
N ASN K 547 58.69 -72.12 -1.75
CA ASN K 547 59.02 -73.08 -0.71
C ASN K 547 58.82 -74.49 -1.25
N PRO K 548 59.86 -75.32 -1.32
CA PRO K 548 59.71 -76.66 -1.89
C PRO K 548 58.91 -77.62 -1.01
N HIS K 549 58.67 -77.29 0.25
CA HIS K 549 58.06 -78.21 1.19
C HIS K 549 56.55 -78.09 1.28
N LEU K 550 55.93 -77.19 0.52
CA LEU K 550 54.49 -76.96 0.59
C LEU K 550 53.83 -77.62 -0.62
N LEU K 551 52.86 -78.49 -0.37
CA LEU K 551 52.13 -79.19 -1.42
C LEU K 551 50.64 -78.99 -1.19
N GLY K 552 49.98 -78.26 -2.09
CA GLY K 552 48.54 -78.10 -1.99
C GLY K 552 47.82 -79.40 -2.29
N VAL K 553 46.85 -79.74 -1.45
CA VAL K 553 46.09 -80.98 -1.56
C VAL K 553 44.61 -80.65 -1.39
N GLY K 554 43.77 -81.61 -1.80
CA GLY K 554 42.33 -81.35 -1.87
C GLY K 554 41.74 -80.94 -0.53
N ASN K 555 42.38 -81.32 0.57
CA ASN K 555 41.92 -80.98 1.91
C ASN K 555 42.87 -80.02 2.63
N GLY K 556 43.50 -79.10 1.91
CA GLY K 556 44.34 -78.08 2.51
C GLY K 556 45.73 -78.07 1.88
N VAL K 557 46.75 -78.11 2.73
CA VAL K 557 48.13 -78.15 2.26
C VAL K 557 48.94 -79.02 3.20
N LEU K 558 49.98 -79.66 2.67
CA LEU K 558 50.86 -80.52 3.45
C LEU K 558 52.27 -79.95 3.41
N SER K 559 52.90 -79.85 4.58
CA SER K 559 54.26 -79.34 4.70
C SER K 559 55.20 -80.47 5.06
N ILE K 560 56.16 -80.76 4.19
CA ILE K 560 57.15 -81.79 4.44
C ILE K 560 58.43 -81.22 5.03
N GLU K 561 58.38 -79.98 5.54
CA GLU K 561 59.56 -79.37 6.12
C GLU K 561 60.05 -80.14 7.34
N THR K 562 59.13 -80.57 8.20
CA THR K 562 59.47 -81.29 9.41
C THR K 562 58.78 -82.64 9.43
N ILE K 563 59.37 -83.59 10.16
CA ILE K 563 58.82 -84.93 10.35
C ILE K 563 58.33 -85.02 11.78
N PRO K 564 57.05 -85.34 12.02
CA PRO K 564 56.05 -85.67 10.99
C PRO K 564 55.52 -84.44 10.25
N ALA K 565 54.96 -84.68 9.07
CA ALA K 565 54.47 -83.59 8.24
C ALA K 565 53.26 -82.91 8.88
N LYS K 566 53.10 -81.62 8.61
CA LYS K 566 52.00 -80.83 9.15
C LYS K 566 50.94 -80.64 8.06
N LEU K 567 49.71 -81.01 8.35
CA LEU K 567 48.60 -80.84 7.42
C LEU K 567 47.84 -79.57 7.82
N ILE K 568 48.15 -78.47 7.13
CA ILE K 568 47.52 -77.19 7.44
C ILE K 568 46.18 -77.11 6.70
N ASN K 569 45.11 -76.91 7.46
CA ASN K 569 43.77 -76.71 6.90
C ASN K 569 43.07 -75.53 7.57
N HIS K 570 43.83 -74.49 7.91
CA HIS K 570 43.31 -73.32 8.58
C HIS K 570 43.95 -72.09 7.94
N PHE K 571 43.79 -70.94 8.59
CA PHE K 571 44.40 -69.71 8.08
C PHE K 571 45.92 -69.81 8.13
N HIS K 572 46.57 -69.26 7.11
CA HIS K 572 48.02 -69.27 7.04
C HIS K 572 48.46 -68.13 6.12
N GLU K 573 49.70 -67.69 6.32
CA GLU K 573 50.31 -66.68 5.48
C GLU K 573 51.25 -67.29 4.44
N HIS K 574 51.20 -68.60 4.26
CA HIS K 574 52.06 -69.28 3.30
C HIS K 574 51.56 -69.02 1.88
N PRO K 575 52.39 -68.48 0.98
CA PRO K 575 51.97 -68.20 -0.41
C PRO K 575 51.92 -69.46 -1.29
N ILE K 576 50.79 -70.17 -1.20
CA ILE K 576 50.57 -71.39 -1.97
C ILE K 576 49.41 -71.16 -2.92
N HIS K 577 49.61 -71.46 -4.20
CA HIS K 577 48.58 -71.29 -5.21
C HIS K 577 48.18 -72.61 -5.86
N GLN K 578 49.15 -73.38 -6.37
CA GLN K 578 48.83 -74.64 -7.02
C GLN K 578 48.53 -75.72 -5.98
N TYR K 579 47.89 -76.78 -6.44
CA TYR K 579 47.39 -77.82 -5.54
C TYR K 579 47.19 -79.11 -6.32
N THR K 580 46.77 -80.15 -5.61
CA THR K 580 46.36 -81.40 -6.22
C THR K 580 44.97 -81.77 -5.71
N HIS K 581 44.25 -82.55 -6.50
CA HIS K 581 42.87 -82.92 -6.20
C HIS K 581 42.77 -84.16 -5.32
N ILE K 582 43.81 -84.48 -4.55
CA ILE K 582 43.84 -85.65 -3.70
C ILE K 582 43.75 -85.19 -2.25
N CYS K 583 42.78 -85.74 -1.52
CA CYS K 583 42.63 -85.44 -0.10
C CYS K 583 43.55 -86.35 0.71
N TYR K 584 44.55 -85.75 1.34
CA TYR K 584 45.55 -86.52 2.07
C TYR K 584 44.95 -87.20 3.29
N VAL K 585 45.39 -88.41 3.57
CA VAL K 585 45.03 -89.14 4.79
C VAL K 585 46.32 -89.67 5.40
N PRO K 586 46.39 -89.81 6.72
CA PRO K 586 47.62 -90.30 7.35
C PRO K 586 47.93 -91.73 6.92
N PHE K 587 49.22 -92.09 7.01
CA PHE K 587 49.67 -93.42 6.60
C PHE K 587 48.99 -94.49 7.44
N ASN K 588 48.11 -95.27 6.80
CA ASN K 588 47.34 -96.32 7.46
C ASN K 588 47.64 -97.65 6.79
N PRO K 589 48.62 -98.41 7.29
CA PRO K 589 48.87 -99.75 6.74
C PRO K 589 47.69 -100.70 6.93
N GLU K 590 46.80 -100.41 7.88
CA GLU K 590 45.63 -101.24 8.11
C GLU K 590 44.53 -101.03 7.08
N ASN K 591 44.66 -100.03 6.22
CA ASN K 591 43.65 -99.80 5.19
C ASN K 591 43.67 -100.94 4.18
N PRO K 592 42.51 -101.45 3.79
CA PRO K 592 42.50 -102.56 2.81
C PRO K 592 43.15 -102.21 1.49
N TRP K 593 42.97 -100.97 1.01
CA TRP K 593 43.60 -100.57 -0.24
C TRP K 593 45.12 -100.49 -0.09
N THR K 594 45.59 -100.04 1.07
CA THR K 594 47.02 -100.03 1.33
C THR K 594 47.60 -101.44 1.23
N LYS K 595 46.95 -102.41 1.88
CA LYS K 595 47.43 -103.79 1.83
C LYS K 595 47.37 -104.33 0.41
N LEU K 596 46.28 -104.04 -0.31
CA LEU K 596 46.16 -104.54 -1.68
C LEU K 596 47.27 -103.99 -2.57
N LEU K 597 47.54 -102.68 -2.47
CA LEU K 597 48.61 -102.08 -3.26
C LEU K 597 49.96 -102.66 -2.88
N LEU K 598 50.22 -102.84 -1.58
CA LEU K 598 51.50 -103.40 -1.15
C LEU K 598 51.68 -104.81 -1.70
N ASN K 599 50.64 -105.63 -1.61
CA ASN K 599 50.74 -107.01 -2.11
C ASN K 599 50.94 -107.04 -3.62
N ALA K 600 50.19 -106.21 -4.36
CA ALA K 600 50.35 -106.19 -5.82
C ALA K 600 51.73 -105.73 -6.22
N LEU K 601 52.24 -104.69 -5.55
CA LEU K 601 53.57 -104.18 -5.88
C LEU K 601 54.65 -105.19 -5.52
N GLN K 602 54.47 -105.91 -4.42
CA GLN K 602 55.40 -106.98 -4.08
C GLN K 602 55.36 -108.08 -5.14
N ASP K 603 54.18 -108.42 -5.63
CA ASP K 603 54.08 -109.40 -6.71
C ASP K 603 54.79 -108.91 -7.96
N ILE K 604 54.73 -107.60 -8.23
CA ILE K 604 55.42 -107.05 -9.38
C ILE K 604 56.93 -107.24 -9.25
N ILE K 605 57.48 -106.94 -8.08
CA ILE K 605 58.91 -107.06 -7.82
C ILE K 605 59.17 -107.81 -6.51
N PRO K 606 59.34 -109.13 -6.58
CA PRO K 606 59.48 -109.92 -5.33
C PRO K 606 60.71 -109.56 -4.50
N GLU K 607 61.78 -109.08 -5.14
CA GLU K 607 63.00 -108.78 -4.40
C GLU K 607 62.77 -107.66 -3.40
N LEU K 608 62.95 -107.97 -2.12
CA LEU K 608 62.74 -106.98 -1.07
C LEU K 608 63.73 -105.82 -1.19
N ASP K 609 64.99 -106.11 -1.45
CA ASP K 609 65.99 -105.06 -1.58
C ASP K 609 65.67 -104.14 -2.75
N ALA K 610 65.36 -104.72 -3.91
CA ALA K 610 65.00 -103.91 -5.07
C ALA K 610 63.71 -103.14 -4.83
N ARG K 611 62.76 -103.77 -4.14
CA ARG K 611 61.51 -103.09 -3.81
C ARG K 611 61.77 -101.86 -2.96
N LEU K 612 62.58 -102.00 -1.92
CA LEU K 612 62.90 -100.87 -1.07
C LEU K 612 63.65 -99.79 -1.84
N TRP K 613 64.60 -100.19 -2.69
CA TRP K 613 65.34 -99.21 -3.49
C TRP K 613 64.41 -98.42 -4.40
N ILE K 614 63.51 -99.10 -5.08
CA ILE K 614 62.61 -98.42 -6.02
C ILE K 614 61.63 -97.52 -5.27
N MET K 615 61.11 -98.00 -4.13
CA MET K 615 60.22 -97.17 -3.34
C MET K 615 60.93 -95.91 -2.84
N PHE K 616 62.16 -96.06 -2.38
CA PHE K 616 62.93 -94.90 -1.91
C PHE K 616 63.21 -93.94 -3.05
N TYR K 617 63.52 -94.45 -4.24
CA TYR K 617 63.76 -93.58 -5.39
C TYR K 617 62.49 -92.83 -5.78
N LEU K 618 61.34 -93.51 -5.78
CA LEU K 618 60.09 -92.90 -6.21
C LEU K 618 59.48 -91.99 -5.17
N SER K 619 59.84 -92.15 -3.89
CA SER K 619 59.28 -91.29 -2.85
C SER K 619 59.75 -89.85 -2.97
N THR K 620 60.88 -89.60 -3.63
CA THR K 620 61.41 -88.25 -3.77
C THR K 620 60.82 -87.52 -4.97
N ALA K 621 59.93 -88.17 -5.75
CA ALA K 621 59.31 -87.49 -6.87
C ALA K 621 58.41 -86.34 -6.41
N ILE K 622 57.87 -86.43 -5.19
CA ILE K 622 57.04 -85.35 -4.68
C ILE K 622 57.86 -84.09 -4.42
N PHE K 623 59.15 -84.24 -4.14
CA PHE K 623 60.00 -83.10 -3.85
C PHE K 623 60.15 -82.23 -5.08
N ARG K 624 60.31 -80.92 -4.84
CA ARG K 624 60.44 -79.94 -5.90
C ARG K 624 61.77 -79.19 -5.90
N GLY K 625 62.51 -79.21 -4.80
CA GLY K 625 63.80 -78.56 -4.74
C GLY K 625 64.90 -79.41 -5.36
N LEU K 626 66.14 -78.93 -5.20
CA LEU K 626 67.28 -79.63 -5.76
C LEU K 626 67.47 -80.98 -5.08
N LYS K 627 67.79 -81.99 -5.88
CA LYS K 627 68.02 -83.35 -5.41
C LYS K 627 69.31 -83.87 -6.01
N GLU K 628 69.64 -85.11 -5.67
CA GLU K 628 70.79 -85.77 -6.28
C GLU K 628 70.50 -86.05 -7.76
N ALA K 629 71.54 -85.94 -8.58
CA ALA K 629 71.41 -86.08 -10.03
C ALA K 629 71.46 -87.55 -10.40
N LEU K 630 70.35 -88.24 -10.15
CA LEU K 630 70.22 -89.66 -10.45
C LEU K 630 68.98 -89.90 -11.31
N MET K 631 69.10 -90.80 -12.27
CA MET K 631 67.99 -91.20 -13.13
C MET K 631 67.84 -92.71 -13.08
N LEU K 632 66.64 -93.18 -13.40
CA LEU K 632 66.31 -94.59 -13.34
C LEU K 632 65.80 -95.07 -14.70
N LEU K 633 66.27 -96.25 -15.11
CA LEU K 633 65.76 -96.90 -16.31
C LEU K 633 65.81 -98.40 -16.08
N TRP K 634 64.74 -99.09 -16.46
CA TRP K 634 64.66 -100.53 -16.27
C TRP K 634 63.72 -101.12 -17.30
N LEU K 635 64.07 -102.28 -17.82
CA LEU K 635 63.37 -102.90 -18.94
C LEU K 635 62.79 -104.25 -18.52
N GLY K 636 62.12 -104.89 -19.46
CA GLY K 636 61.52 -106.19 -19.24
C GLY K 636 61.05 -106.78 -20.55
N GLY K 637 60.73 -108.08 -20.50
CA GLY K 637 60.31 -108.76 -21.71
C GLY K 637 59.01 -108.22 -22.27
N GLY K 638 58.06 -107.91 -21.41
CA GLY K 638 56.76 -107.41 -21.82
C GLY K 638 55.67 -108.00 -20.94
N CYS K 639 54.55 -107.29 -20.88
CA CYS K 639 53.43 -107.67 -20.02
C CYS K 639 53.88 -107.86 -18.57
N ASN K 640 54.68 -106.92 -18.09
CA ASN K 640 55.19 -106.92 -16.73
C ASN K 640 54.49 -105.84 -15.93
N GLY K 641 54.96 -105.60 -14.71
CA GLY K 641 54.41 -104.56 -13.86
C GLY K 641 54.57 -103.16 -14.42
N LYS K 642 55.20 -103.04 -15.59
CA LYS K 642 55.37 -101.74 -16.23
C LYS K 642 54.02 -101.15 -16.63
N THR K 643 54.01 -99.85 -16.88
CA THR K 643 52.84 -99.10 -17.35
C THR K 643 51.70 -99.11 -16.32
N PHE K 644 51.94 -99.70 -15.14
CA PHE K 644 50.95 -99.74 -14.08
C PHE K 644 51.31 -98.81 -12.93
N LEU K 645 52.51 -98.99 -12.36
CA LEU K 645 52.93 -98.11 -11.27
C LEU K 645 53.29 -96.73 -11.79
N MET K 646 53.86 -96.65 -12.99
CA MET K 646 54.18 -95.36 -13.59
C MET K 646 52.92 -94.55 -13.85
N ARG K 647 51.91 -95.17 -14.44
CA ARG K 647 50.64 -94.48 -14.69
C ARG K 647 49.97 -94.08 -13.38
N LEU K 648 50.01 -94.96 -12.38
CA LEU K 648 49.41 -94.65 -11.10
C LEU K 648 50.09 -93.45 -10.45
N VAL K 649 51.42 -93.41 -10.48
CA VAL K 649 52.15 -92.28 -9.90
C VAL K 649 51.81 -91.01 -10.65
N ALA K 650 51.80 -91.07 -11.98
CA ALA K 650 51.52 -89.88 -12.78
C ALA K 650 50.12 -89.34 -12.50
N MET K 651 49.14 -90.23 -12.36
CA MET K 651 47.77 -89.79 -12.12
C MET K 651 47.58 -89.29 -10.69
N VAL K 652 48.28 -89.91 -9.73
CA VAL K 652 48.14 -89.47 -8.34
C VAL K 652 48.78 -88.11 -8.14
N LEU K 653 49.98 -87.89 -8.70
CA LEU K 653 50.63 -86.60 -8.56
C LEU K 653 49.83 -85.50 -9.25
N GLY K 654 49.26 -85.80 -10.41
CA GLY K 654 48.45 -84.83 -11.13
C GLY K 654 49.26 -83.95 -12.05
N ASP K 655 48.54 -83.28 -12.96
CA ASP K 655 49.19 -82.39 -13.92
C ASP K 655 49.99 -81.30 -13.23
N HIS K 656 49.54 -80.85 -12.06
CA HIS K 656 50.27 -79.83 -11.32
C HIS K 656 51.63 -80.34 -10.86
N TYR K 657 51.74 -81.63 -10.56
CA TYR K 657 52.99 -82.19 -10.05
C TYR K 657 53.52 -83.36 -10.87
N ALA K 658 52.91 -83.67 -12.02
CA ALA K 658 53.42 -84.69 -12.91
C ALA K 658 53.31 -84.21 -14.35
N SER K 659 54.15 -84.78 -15.22
CA SER K 659 54.18 -84.40 -16.62
C SER K 659 54.57 -85.62 -17.46
N LYS K 660 54.10 -85.65 -18.69
CA LYS K 660 54.39 -86.73 -19.63
C LYS K 660 55.41 -86.25 -20.65
N LEU K 661 56.48 -87.03 -20.82
CA LEU K 661 57.57 -86.68 -21.72
C LEU K 661 57.65 -87.70 -22.85
N ASN K 662 57.98 -87.22 -24.05
CA ASN K 662 58.04 -88.06 -25.23
C ASN K 662 59.46 -88.57 -25.45
N ILE K 663 59.55 -89.87 -25.80
CA ILE K 663 60.83 -90.53 -25.99
C ILE K 663 61.64 -89.90 -27.11
N SER K 664 60.97 -89.35 -28.12
CA SER K 664 61.66 -88.79 -29.27
C SER K 664 62.60 -87.65 -28.90
N LEU K 665 62.44 -87.07 -27.70
CA LEU K 665 63.34 -86.02 -27.26
C LEU K 665 64.77 -86.53 -27.12
N LEU K 666 64.93 -87.82 -26.76
CA LEU K 666 66.25 -88.39 -26.58
C LEU K 666 66.73 -89.23 -27.76
N THR K 667 65.84 -90.01 -28.38
CA THR K 667 66.26 -90.77 -29.56
C THR K 667 66.49 -89.86 -30.76
N SER K 668 65.91 -88.66 -30.75
CA SER K 668 66.15 -87.64 -31.77
C SER K 668 66.75 -86.38 -31.16
N CYS K 669 67.60 -86.56 -30.14
CA CYS K 669 68.23 -85.43 -29.48
C CYS K 669 69.19 -84.70 -30.40
N ARG K 670 69.57 -85.30 -31.53
CA ARG K 670 70.42 -84.65 -32.52
C ARG K 670 69.59 -83.57 -33.22
N GLU K 671 69.49 -82.43 -32.57
CA GLU K 671 68.67 -81.32 -33.05
C GLU K 671 69.45 -80.01 -32.93
N THR K 672 69.09 -79.05 -33.77
CA THR K 672 69.70 -77.74 -33.78
C THR K 672 68.80 -76.73 -33.06
N ALA K 673 69.39 -75.57 -32.75
CA ALA K 673 68.65 -74.54 -32.03
C ALA K 673 67.46 -74.02 -32.80
N GLU K 674 67.43 -74.20 -34.13
CA GLU K 674 66.29 -73.74 -34.91
C GLU K 674 65.01 -74.46 -34.52
N LYS K 675 65.08 -75.77 -34.31
CA LYS K 675 63.89 -76.55 -33.98
C LYS K 675 63.41 -76.22 -32.57
N PRO K 676 62.15 -75.84 -32.39
CA PRO K 676 61.65 -75.59 -31.03
C PRO K 676 61.67 -76.87 -30.19
N ASN K 677 61.88 -76.69 -28.88
CA ASN K 677 62.12 -77.78 -27.95
C ASN K 677 61.26 -77.61 -26.70
N SER K 678 59.96 -77.41 -26.91
CA SER K 678 59.02 -77.12 -25.83
C SER K 678 59.06 -78.12 -24.68
N ALA K 679 59.57 -79.33 -24.92
CA ALA K 679 59.56 -80.36 -23.87
C ALA K 679 60.49 -79.99 -22.72
N PHE K 680 61.60 -79.30 -23.01
CA PHE K 680 62.52 -78.90 -21.94
C PHE K 680 61.84 -77.95 -20.96
N MET K 681 60.95 -77.10 -21.46
CA MET K 681 60.23 -76.14 -20.63
C MET K 681 59.06 -76.75 -19.87
N ARG K 682 58.99 -78.08 -19.81
CA ARG K 682 58.07 -78.77 -18.92
C ARG K 682 58.76 -78.98 -17.57
N LEU K 683 58.15 -79.78 -16.70
CA LEU K 683 58.72 -80.12 -15.39
C LEU K 683 58.95 -78.89 -14.52
N LYS K 684 58.17 -77.83 -14.75
CA LYS K 684 58.22 -76.63 -13.91
C LYS K 684 57.36 -76.89 -12.69
N GLY K 685 58.02 -77.12 -11.55
CA GLY K 685 57.34 -77.52 -10.34
C GLY K 685 57.02 -79.00 -10.27
N ARG K 686 56.97 -79.67 -11.42
CA ARG K 686 56.72 -81.11 -11.47
C ARG K 686 58.01 -81.86 -11.11
N GLY K 687 58.00 -82.53 -9.97
CA GLY K 687 59.13 -83.30 -9.51
C GLY K 687 59.22 -84.71 -10.04
N TYR K 688 58.34 -85.09 -10.97
CA TYR K 688 58.31 -86.44 -11.52
C TYR K 688 58.22 -86.37 -13.04
N GLY K 689 59.03 -87.20 -13.70
CA GLY K 689 59.00 -87.28 -15.15
C GLY K 689 59.23 -88.70 -15.60
N TYR K 690 58.71 -89.02 -16.79
CA TYR K 690 58.76 -90.39 -17.27
C TYR K 690 58.66 -90.40 -18.79
N PHE K 691 59.06 -91.53 -19.37
CA PHE K 691 58.79 -91.86 -20.77
C PHE K 691 57.91 -93.10 -20.81
N GLU K 692 56.88 -93.08 -21.64
CA GLU K 692 56.05 -94.24 -21.82
C GLU K 692 56.79 -95.31 -22.62
N GLU K 693 56.13 -96.46 -22.79
CA GLU K 693 56.74 -97.55 -23.54
C GLU K 693 56.81 -97.20 -25.03
N THR K 694 57.71 -97.88 -25.73
CA THR K 694 57.94 -97.68 -27.15
C THR K 694 57.69 -98.97 -27.90
N ASN K 695 57.25 -98.82 -29.16
CA ASN K 695 56.97 -99.99 -29.99
C ASN K 695 58.25 -100.76 -30.30
N LYS K 696 59.34 -100.06 -30.56
CA LYS K 696 60.61 -100.70 -30.92
C LYS K 696 61.73 -99.99 -30.17
N SER K 697 62.96 -100.46 -30.39
CA SER K 697 64.10 -99.98 -29.63
C SER K 697 64.43 -98.53 -29.98
N GLU K 698 65.18 -97.88 -29.10
CA GLU K 698 65.65 -96.52 -29.31
C GLU K 698 67.14 -96.45 -28.99
N VAL K 699 67.80 -95.48 -29.62
CA VAL K 699 69.23 -95.24 -29.41
C VAL K 699 69.39 -93.89 -28.73
N LEU K 700 70.15 -93.87 -27.64
CA LEU K 700 70.42 -92.64 -26.91
C LEU K 700 71.57 -91.91 -27.58
N ASN K 701 71.35 -90.62 -27.85
CA ASN K 701 72.37 -89.80 -28.51
C ASN K 701 73.50 -89.40 -27.58
N THR K 702 73.38 -89.68 -26.29
CA THR K 702 74.36 -89.33 -25.26
C THR K 702 74.59 -87.82 -25.15
N SER K 703 73.76 -87.02 -25.81
CA SER K 703 73.84 -85.57 -25.75
C SER K 703 72.70 -85.04 -24.89
N ARG K 704 72.99 -83.97 -24.15
CA ARG K 704 72.09 -83.29 -23.23
C ARG K 704 71.77 -84.14 -21.99
N LEU K 705 72.26 -85.38 -21.92
CA LEU K 705 72.03 -86.20 -20.73
C LEU K 705 72.68 -85.56 -19.50
N LYS K 706 73.94 -85.15 -19.63
CA LYS K 706 74.58 -84.41 -18.56
C LYS K 706 73.93 -83.04 -18.36
N GLU K 707 73.35 -82.48 -19.43
CA GLU K 707 72.68 -81.20 -19.36
C GLU K 707 71.25 -81.29 -18.83
N MET K 708 70.70 -82.49 -18.66
CA MET K 708 69.39 -82.65 -18.07
C MET K 708 69.42 -83.28 -16.69
N VAL K 709 70.34 -84.21 -16.42
CA VAL K 709 70.41 -84.81 -15.10
C VAL K 709 70.93 -83.81 -14.07
N ASN K 710 71.76 -82.86 -14.50
CA ASN K 710 72.37 -81.93 -13.56
C ASN K 710 71.32 -80.99 -12.96
N PRO K 711 71.55 -80.51 -11.73
CA PRO K 711 70.62 -79.55 -11.13
C PRO K 711 70.90 -78.13 -11.60
N GLY K 712 71.66 -77.98 -12.67
CA GLY K 712 72.03 -76.68 -13.20
C GLY K 712 70.92 -76.05 -14.01
N ASP K 713 71.29 -75.06 -14.81
CA ASP K 713 70.34 -74.28 -15.60
C ASP K 713 70.41 -74.71 -17.06
N VAL K 714 69.25 -74.98 -17.64
CA VAL K 714 69.13 -75.36 -19.05
C VAL K 714 68.03 -74.50 -19.66
N THR K 715 68.12 -74.29 -20.97
CA THR K 715 67.18 -73.43 -21.65
C THR K 715 66.89 -73.95 -23.05
N ALA K 716 65.71 -73.61 -23.57
CA ALA K 716 65.31 -73.94 -24.92
C ALA K 716 64.16 -73.01 -25.31
N ARG K 717 63.89 -72.93 -26.61
CA ARG K 717 62.88 -72.03 -27.13
C ARG K 717 61.55 -72.77 -27.29
N GLU K 718 60.47 -72.13 -26.83
CA GLU K 718 59.14 -72.71 -26.87
C GLU K 718 58.61 -72.71 -28.31
N LEU K 719 57.64 -73.58 -28.56
CA LEU K 719 56.98 -73.68 -29.86
C LEU K 719 56.56 -72.31 -30.36
N ASN K 720 57.17 -71.87 -31.47
CA ASN K 720 56.90 -70.56 -32.06
C ASN K 720 57.11 -69.43 -31.05
N GLN K 721 58.13 -69.59 -30.20
CA GLN K 721 58.43 -68.63 -29.15
C GLN K 721 59.93 -68.60 -28.94
N LYS K 722 60.35 -68.03 -27.81
CA LYS K 722 61.77 -67.86 -27.48
C LYS K 722 62.09 -68.65 -26.22
N GLN K 723 63.32 -68.46 -25.73
CA GLN K 723 63.85 -69.22 -24.60
C GLN K 723 63.75 -68.43 -23.31
N GLU K 724 64.02 -69.11 -22.20
CA GLU K 724 64.07 -68.50 -20.89
C GLU K 724 64.92 -69.35 -19.97
N SER K 725 65.37 -68.75 -18.87
CA SER K 725 66.23 -69.43 -17.91
C SER K 725 65.39 -70.13 -16.86
N PHE K 726 65.71 -71.40 -16.58
CA PHE K 726 64.97 -72.17 -15.59
C PHE K 726 65.86 -73.30 -15.07
N GLN K 727 65.46 -73.86 -13.94
CA GLN K 727 66.16 -74.95 -13.29
C GLN K 727 65.29 -76.21 -13.33
N MET K 728 65.93 -77.35 -13.53
CA MET K 728 65.24 -78.64 -13.60
C MET K 728 65.55 -79.42 -12.34
N THR K 729 64.50 -79.79 -11.60
CA THR K 729 64.63 -80.57 -10.36
C THR K 729 63.49 -81.59 -10.34
N ALA K 730 63.75 -82.79 -10.84
CA ALA K 730 62.73 -83.83 -10.91
C ALA K 730 63.40 -85.19 -11.02
N THR K 731 62.79 -86.20 -10.40
CA THR K 731 63.26 -87.56 -10.57
C THR K 731 62.89 -88.07 -11.95
N MET K 732 63.66 -89.05 -12.43
CA MET K 732 63.51 -89.54 -13.80
C MET K 732 63.37 -91.06 -13.79
N VAL K 733 62.37 -91.56 -14.52
CA VAL K 733 62.17 -92.99 -14.71
C VAL K 733 61.90 -93.24 -16.19
N ALA K 734 62.16 -94.48 -16.61
CA ALA K 734 61.96 -94.87 -18.00
C ALA K 734 61.91 -96.38 -18.09
N ALA K 735 60.98 -96.89 -18.90
CA ALA K 735 60.82 -98.32 -19.10
C ALA K 735 60.41 -98.62 -20.53
N SER K 736 60.78 -99.80 -21.01
CA SER K 736 60.43 -100.22 -22.35
C SER K 736 60.52 -101.75 -22.45
N ASN K 737 59.85 -102.29 -23.46
CA ASN K 737 59.88 -103.73 -23.68
C ASN K 737 61.20 -104.19 -24.32
N TYR K 738 61.84 -103.32 -25.09
CA TYR K 738 63.08 -103.65 -25.76
C TYR K 738 64.26 -103.03 -25.01
N ASN K 739 65.45 -103.14 -25.59
CA ASN K 739 66.67 -102.58 -25.01
C ASN K 739 67.09 -101.34 -25.76
N PHE K 740 67.99 -100.57 -25.15
CA PHE K 740 68.47 -99.32 -25.71
C PHE K 740 69.97 -99.43 -26.00
N ILE K 741 70.53 -98.36 -26.55
CA ILE K 741 71.94 -98.29 -26.93
C ILE K 741 72.57 -97.11 -26.21
N ILE K 742 73.63 -97.38 -25.44
CA ILE K 742 74.42 -96.36 -24.77
C ILE K 742 75.86 -96.51 -25.24
N ASP K 743 76.42 -95.43 -25.79
CA ASP K 743 77.78 -95.44 -26.34
C ASP K 743 78.53 -94.23 -25.80
N THR K 744 79.24 -94.43 -24.69
CA THR K 744 80.05 -93.38 -24.09
C THR K 744 81.10 -94.01 -23.20
N THR K 745 82.21 -93.29 -23.00
CA THR K 745 83.33 -93.80 -22.22
C THR K 745 83.90 -92.81 -21.22
N ASP K 746 83.56 -91.53 -21.31
CA ASP K 746 84.08 -90.55 -20.36
C ASP K 746 83.57 -90.86 -18.96
N HIS K 747 84.43 -90.63 -17.96
CA HIS K 747 84.08 -90.94 -16.58
C HIS K 747 82.92 -90.08 -16.08
N GLY K 748 82.69 -88.92 -16.71
CA GLY K 748 81.50 -88.15 -16.37
C GLY K 748 80.23 -88.95 -16.57
N THR K 749 80.13 -89.62 -17.71
CA THR K 749 79.12 -90.64 -17.88
C THR K 749 79.52 -91.90 -17.10
N TRP K 750 78.52 -92.70 -16.75
CA TRP K 750 78.63 -93.87 -15.88
C TRP K 750 79.00 -93.48 -14.45
N ARG K 751 79.20 -92.20 -14.17
CA ARG K 751 79.45 -91.77 -12.80
C ARG K 751 78.23 -91.96 -11.92
N ARG K 752 77.04 -91.86 -12.51
CA ARG K 752 75.79 -92.01 -11.76
C ARG K 752 74.68 -92.42 -12.73
N LEU K 753 74.18 -93.64 -12.55
CA LEU K 753 73.06 -94.19 -13.31
C LEU K 753 72.72 -95.55 -12.72
N ARG K 754 71.46 -95.94 -12.87
CA ARG K 754 70.97 -97.19 -12.31
C ARG K 754 70.17 -97.96 -13.34
N HIS K 755 70.23 -99.28 -13.26
CA HIS K 755 69.52 -100.15 -14.18
C HIS K 755 68.90 -101.31 -13.40
N TYR K 756 67.81 -101.85 -13.94
CA TYR K 756 67.07 -102.93 -13.29
C TYR K 756 66.32 -103.69 -14.37
N ARG K 757 65.82 -104.87 -14.01
CA ARG K 757 65.02 -105.67 -14.92
C ARG K 757 63.86 -106.30 -14.16
N SER K 758 62.69 -106.34 -14.81
CA SER K 758 61.53 -106.99 -14.24
C SER K 758 61.68 -108.50 -14.39
N LYS K 759 61.81 -109.21 -13.26
CA LYS K 759 62.00 -110.65 -13.27
C LYS K 759 60.68 -111.41 -13.29
N VAL K 760 59.56 -110.72 -13.39
CA VAL K 760 58.25 -111.36 -13.41
C VAL K 760 57.64 -111.22 -14.79
N LYS K 761 56.67 -112.10 -15.08
CA LYS K 761 55.93 -112.09 -16.33
C LYS K 761 54.45 -112.30 -16.02
N PHE K 762 53.60 -111.56 -16.72
CA PHE K 762 52.15 -111.67 -16.56
C PHE K 762 51.52 -112.10 -17.87
N CYS K 763 50.68 -113.13 -17.82
CA CYS K 763 49.95 -113.60 -18.98
C CYS K 763 48.69 -114.31 -18.51
N HIS K 764 47.77 -114.53 -19.45
CA HIS K 764 46.45 -115.04 -19.09
C HIS K 764 46.53 -116.44 -18.48
N ASN K 765 47.40 -117.29 -19.01
CA ASN K 765 47.52 -118.66 -18.49
C ASN K 765 48.60 -118.74 -17.43
N PRO K 766 48.28 -119.15 -16.20
CA PRO K 766 49.30 -119.25 -15.16
C PRO K 766 50.31 -120.35 -15.46
N ASP K 767 51.54 -120.14 -14.99
CA ASP K 767 52.60 -121.13 -15.14
C ASP K 767 52.87 -121.77 -13.80
N PRO K 768 52.62 -123.07 -13.63
CA PRO K 768 52.80 -123.70 -12.32
C PRO K 768 54.26 -123.74 -11.89
N SER K 769 54.47 -123.69 -10.57
CA SER K 769 55.78 -123.81 -9.95
C SER K 769 56.75 -122.73 -10.40
N ASN K 770 56.24 -121.59 -10.88
CA ASN K 770 57.08 -120.48 -11.32
C ASN K 770 56.68 -119.21 -10.59
N PRO K 771 57.41 -118.79 -9.57
CA PRO K 771 57.10 -117.51 -8.91
C PRO K 771 57.29 -116.30 -9.81
N TYR K 772 58.00 -116.45 -10.93
CA TYR K 772 58.24 -115.37 -11.86
C TYR K 772 57.10 -115.17 -12.85
N GLU K 773 56.03 -115.96 -12.76
CA GLU K 773 54.87 -115.81 -13.62
C GLU K 773 53.62 -115.78 -12.77
N LYS K 774 52.82 -114.72 -12.91
CA LYS K 774 51.52 -114.60 -12.29
C LYS K 774 50.51 -114.18 -13.34
N LYS K 775 49.25 -114.56 -13.18
CA LYS K 775 48.23 -114.15 -14.14
C LYS K 775 48.06 -112.65 -14.13
N GLU K 776 48.21 -112.02 -15.29
CA GLU K 776 48.07 -110.57 -15.38
C GLU K 776 46.66 -110.12 -15.05
N ASP K 777 46.52 -108.94 -14.46
CA ASP K 777 45.20 -108.41 -14.15
C ASP K 777 45.03 -107.06 -14.82
N PRO K 778 44.73 -107.06 -16.13
CA PRO K 778 44.61 -105.80 -16.87
C PRO K 778 43.67 -104.82 -16.19
N ARG K 779 42.78 -105.32 -15.32
CA ARG K 779 41.91 -104.43 -14.58
C ARG K 779 42.75 -103.36 -13.90
N PHE K 780 43.92 -103.75 -13.41
CA PHE K 780 44.82 -102.79 -12.80
C PHE K 780 45.20 -101.73 -13.82
N ILE K 781 45.55 -102.16 -15.02
CA ILE K 781 45.89 -101.22 -16.08
C ILE K 781 44.68 -100.39 -16.42
N HIS K 782 43.50 -101.00 -16.41
CA HIS K 782 42.28 -100.29 -16.76
C HIS K 782 41.78 -99.40 -15.63
N GLU K 783 40.97 -99.98 -14.75
CA GLU K 783 40.41 -99.22 -13.64
C GLU K 783 41.39 -99.31 -12.47
N TYR K 784 40.91 -98.90 -11.29
CA TYR K 784 41.63 -98.77 -10.02
C TYR K 784 42.52 -97.53 -9.98
N ILE K 785 42.66 -96.79 -11.09
CA ILE K 785 43.41 -95.55 -11.05
C ILE K 785 42.53 -94.41 -10.58
N MET K 786 41.29 -94.33 -11.09
CA MET K 786 40.36 -93.27 -10.71
C MET K 786 39.82 -93.44 -9.30
N ASP K 787 40.09 -94.57 -8.65
CA ASP K 787 39.58 -94.82 -7.31
C ASP K 787 40.15 -93.79 -6.33
N PRO K 788 39.31 -93.01 -5.65
CA PRO K 788 39.86 -92.01 -4.72
C PRO K 788 40.53 -92.63 -3.50
N ASP K 789 39.93 -93.66 -2.91
CA ASP K 789 40.52 -94.27 -1.72
C ASP K 789 41.84 -94.96 -2.06
N CYS K 790 41.93 -95.59 -3.23
CA CYS K 790 43.19 -96.18 -3.66
C CYS K 790 44.26 -95.12 -3.82
N GLN K 791 43.91 -93.96 -4.39
CA GLN K 791 44.87 -92.89 -4.53
C GLN K 791 45.30 -92.35 -3.17
N ASN K 792 44.36 -92.25 -2.23
CA ASN K 792 44.71 -91.79 -0.89
C ASN K 792 45.68 -92.78 -0.22
N ALA K 793 45.42 -94.08 -0.35
CA ALA K 793 46.33 -95.07 0.22
C ALA K 793 47.70 -95.00 -0.44
N PHE K 794 47.73 -94.81 -1.76
CA PHE K 794 49.01 -94.68 -2.46
C PHE K 794 49.77 -93.45 -1.97
N PHE K 795 49.08 -92.33 -1.80
CA PHE K 795 49.71 -91.12 -1.29
C PHE K 795 50.26 -91.34 0.11
N SER K 796 49.50 -92.03 0.97
CA SER K 796 49.95 -92.31 2.32
C SER K 796 51.20 -93.18 2.30
N ILE K 797 51.22 -94.21 1.45
CA ILE K 797 52.39 -95.09 1.36
C ILE K 797 53.60 -94.30 0.89
N LEU K 798 53.43 -93.46 -0.13
CA LEU K 798 54.55 -92.69 -0.64
C LEU K 798 55.09 -91.71 0.39
N VAL K 799 54.21 -91.00 1.11
CA VAL K 799 54.69 -90.04 2.09
C VAL K 799 55.36 -90.75 3.25
N TYR K 800 54.84 -91.91 3.66
CA TYR K 800 55.49 -92.66 4.73
C TYR K 800 56.86 -93.16 4.30
N PHE K 801 56.99 -93.62 3.05
CA PHE K 801 58.29 -94.07 2.56
C PHE K 801 59.27 -92.90 2.45
N TRP K 802 58.78 -91.73 2.04
CA TRP K 802 59.64 -90.55 2.02
C TRP K 802 60.11 -90.19 3.42
N GLU K 803 59.22 -90.27 4.40
CA GLU K 803 59.61 -90.02 5.79
C GLU K 803 60.67 -91.02 6.25
N LYS K 804 60.49 -92.30 5.90
CA LYS K 804 61.47 -93.32 6.25
C LYS K 804 62.82 -93.00 5.62
N LEU K 805 62.84 -92.63 4.34
CA LEU K 805 64.07 -92.28 3.67
C LEU K 805 64.75 -91.10 4.36
N GLN K 806 63.97 -90.06 4.67
CA GLN K 806 64.55 -88.87 5.30
C GLN K 806 65.13 -89.19 6.67
N LYS K 807 64.42 -90.00 7.46
CA LYS K 807 64.89 -90.30 8.81
C LYS K 807 66.06 -91.28 8.81
N GLU K 808 66.17 -92.13 7.79
CA GLU K 808 67.23 -93.12 7.76
C GLU K 808 68.50 -92.62 7.07
N TYR K 809 68.38 -92.21 5.81
CA TYR K 809 69.55 -91.83 5.01
C TYR K 809 69.76 -90.32 4.97
N ASN K 810 69.08 -89.56 5.83
CA ASN K 810 69.20 -88.10 5.88
C ASN K 810 68.91 -87.47 4.51
N GLY K 811 67.90 -88.02 3.83
CA GLY K 811 67.54 -87.52 2.52
C GLY K 811 68.58 -87.71 1.45
N GLN K 812 69.27 -88.85 1.45
CA GLN K 812 70.29 -89.16 0.46
C GLN K 812 69.91 -90.43 -0.27
N ILE K 813 69.91 -90.38 -1.61
CA ILE K 813 69.62 -91.56 -2.42
C ILE K 813 70.88 -92.33 -2.80
N LYS K 814 72.06 -91.73 -2.65
CA LYS K 814 73.30 -92.46 -2.89
C LYS K 814 73.64 -93.40 -1.76
N LYS K 815 73.21 -93.10 -0.53
CA LYS K 815 73.52 -93.91 0.63
C LYS K 815 72.63 -95.15 0.75
N VAL K 816 71.56 -95.25 -0.02
CA VAL K 816 70.69 -96.42 0.06
C VAL K 816 71.42 -97.64 -0.50
N PHE K 817 71.16 -98.80 0.10
CA PHE K 817 71.87 -100.02 -0.21
C PHE K 817 70.93 -101.05 -0.83
N CYS K 818 71.34 -101.64 -1.93
CA CYS K 818 70.63 -102.72 -2.60
C CYS K 818 71.61 -103.54 -3.42
N PRO K 819 71.85 -104.81 -3.06
CA PRO K 819 72.82 -105.60 -3.84
C PRO K 819 72.43 -105.76 -5.30
N THR K 820 71.13 -105.89 -5.61
CA THR K 820 70.72 -105.98 -7.01
C THR K 820 71.04 -104.70 -7.76
N ILE K 821 70.79 -103.54 -7.15
CA ILE K 821 71.15 -102.27 -7.76
C ILE K 821 72.66 -102.15 -7.79
N GLU K 822 73.18 -101.58 -8.88
CA GLU K 822 74.60 -101.38 -9.17
C GLU K 822 75.31 -102.70 -9.48
N SER K 823 74.60 -103.83 -9.41
CA SER K 823 75.14 -105.11 -9.88
C SER K 823 74.66 -105.43 -11.28
N GLU K 824 73.35 -105.46 -11.48
CA GLU K 824 72.82 -105.51 -12.84
C GLU K 824 73.15 -104.24 -13.60
N THR K 825 73.18 -103.10 -12.91
CA THR K 825 73.58 -101.84 -13.54
C THR K 825 75.02 -101.92 -14.03
N GLU K 826 75.93 -102.42 -13.20
CA GLU K 826 77.32 -102.55 -13.63
C GLU K 826 77.48 -103.64 -14.68
N ALA K 827 76.62 -104.67 -14.63
CA ALA K 827 76.65 -105.68 -15.69
C ALA K 827 76.27 -105.07 -17.04
N TYR K 828 75.26 -104.21 -17.06
CA TYR K 828 74.91 -103.51 -18.29
C TYR K 828 75.98 -102.50 -18.67
N ARG K 829 76.66 -101.91 -17.69
CA ARG K 829 77.77 -101.00 -17.98
C ARG K 829 78.90 -101.73 -18.67
N LYS K 830 79.20 -102.95 -18.25
CA LYS K 830 80.20 -103.76 -18.96
C LYS K 830 79.76 -104.05 -20.38
N SER K 831 78.45 -104.13 -20.61
CA SER K 831 77.90 -104.26 -21.95
C SER K 831 77.88 -102.87 -22.61
N GLN K 832 77.18 -102.75 -23.74
CA GLN K 832 77.05 -101.50 -24.46
C GLN K 832 78.40 -100.98 -24.94
N ASP K 833 79.34 -101.88 -25.21
CA ASP K 833 80.68 -101.55 -25.68
C ASP K 833 80.92 -102.37 -26.94
N THR K 834 80.53 -101.82 -28.09
CA THR K 834 80.62 -102.57 -29.34
C THR K 834 82.07 -102.76 -29.78
N LEU K 835 82.90 -101.73 -29.63
CA LEU K 835 84.28 -101.83 -30.10
C LEU K 835 85.07 -102.85 -29.29
N HIS K 836 84.86 -102.88 -27.97
CA HIS K 836 85.55 -103.87 -27.14
C HIS K 836 85.14 -105.28 -27.51
N ARG K 837 83.86 -105.51 -27.80
CA ARG K 837 83.41 -106.81 -28.27
C ARG K 837 84.02 -107.14 -29.63
N PHE K 838 84.14 -106.15 -30.51
CA PHE K 838 84.76 -106.38 -31.82
C PHE K 838 86.22 -106.79 -31.66
N ILE K 839 86.92 -106.20 -30.68
CA ILE K 839 88.32 -106.56 -30.46
C ILE K 839 88.46 -108.04 -30.15
N THR K 840 87.58 -108.56 -29.29
CA THR K 840 87.54 -110.00 -29.01
C THR K 840 86.59 -110.73 -29.96
N GLU K 841 86.80 -110.51 -31.26
CA GLU K 841 85.98 -111.15 -32.28
C GLU K 841 86.66 -111.09 -33.64
N SER K 856 94.81 -97.64 -39.81
CA SER K 856 93.52 -97.13 -40.22
C SER K 856 92.60 -98.25 -40.68
N GLU K 857 93.20 -99.41 -41.00
CA GLU K 857 92.40 -100.53 -41.49
C GLU K 857 91.64 -101.22 -40.36
N VAL K 858 92.14 -101.15 -39.13
CA VAL K 858 91.45 -101.79 -38.01
C VAL K 858 90.09 -101.16 -37.78
N VAL K 859 90.06 -99.82 -37.68
CA VAL K 859 88.78 -99.13 -37.51
C VAL K 859 87.94 -99.24 -38.76
N THR K 860 88.58 -99.32 -39.94
CA THR K 860 87.84 -99.51 -41.17
C THR K 860 87.06 -100.82 -41.15
N ALA K 861 87.71 -101.90 -40.71
CA ALA K 861 87.02 -103.18 -40.59
C ALA K 861 85.98 -103.14 -39.48
N TYR K 862 86.29 -102.44 -38.38
CA TYR K 862 85.30 -102.26 -37.32
C TYR K 862 84.06 -101.58 -37.84
N ALA K 863 84.19 -100.74 -38.88
CA ALA K 863 83.02 -100.08 -39.44
C ALA K 863 82.02 -101.10 -39.98
N GLU K 864 82.47 -102.02 -40.84
CA GLU K 864 81.56 -103.05 -41.33
C GLU K 864 81.15 -104.02 -40.23
N TRP K 865 82.02 -104.26 -39.25
CA TRP K 865 81.63 -105.12 -38.13
C TRP K 865 80.44 -104.53 -37.39
N TYR K 866 80.49 -103.22 -37.12
CA TYR K 866 79.38 -102.55 -36.46
C TYR K 866 78.15 -102.51 -37.36
N ASN K 867 78.35 -102.30 -38.66
CA ASN K 867 77.22 -102.26 -39.59
C ASN K 867 76.48 -103.60 -39.62
N THR K 868 77.21 -104.70 -39.65
CA THR K 868 76.61 -106.03 -39.72
C THR K 868 76.33 -106.64 -38.35
N ASN K 869 76.66 -105.95 -37.26
CA ASN K 869 76.45 -106.47 -35.92
C ASN K 869 75.26 -105.84 -35.21
N ILE K 870 75.21 -104.50 -35.14
CA ILE K 870 74.15 -103.79 -34.43
C ILE K 870 73.31 -102.95 -35.39
N ASN K 871 73.92 -101.97 -36.05
CA ASN K 871 73.19 -101.06 -36.92
C ASN K 871 74.17 -100.40 -37.88
N VAL K 872 73.66 -100.03 -39.06
CA VAL K 872 74.44 -99.32 -40.05
C VAL K 872 74.22 -97.82 -39.88
N LYS K 873 75.32 -97.07 -39.80
CA LYS K 873 75.25 -95.63 -39.64
C LYS K 873 76.60 -95.04 -40.03
N ARG K 874 76.59 -93.74 -40.32
CA ARG K 874 77.82 -93.06 -40.73
C ARG K 874 78.80 -92.99 -39.57
N HIS K 875 80.06 -93.32 -39.84
CA HIS K 875 81.10 -93.34 -38.84
C HIS K 875 82.16 -92.28 -39.14
N ILE K 876 82.86 -91.85 -38.09
CA ILE K 876 83.96 -90.91 -38.20
C ILE K 876 85.22 -91.62 -37.74
N ALA K 877 86.21 -91.70 -38.62
CA ALA K 877 87.42 -92.47 -38.35
C ALA K 877 88.44 -91.71 -37.51
N LEU K 878 88.27 -90.40 -37.32
CA LEU K 878 89.28 -89.63 -36.59
C LEU K 878 89.37 -90.06 -35.14
N GLU K 879 88.23 -90.09 -34.43
CA GLU K 879 88.24 -90.32 -33.00
C GLU K 879 88.42 -91.79 -32.62
N LEU K 880 88.13 -92.71 -33.53
CA LEU K 880 88.16 -94.14 -33.18
C LEU K 880 89.56 -94.55 -32.71
N SER K 881 90.60 -94.13 -33.42
CA SER K 881 91.96 -94.47 -33.02
C SER K 881 92.24 -94.04 -31.58
N GLN K 882 91.59 -92.95 -31.12
CA GLN K 882 91.79 -92.50 -29.75
C GLN K 882 91.44 -93.58 -28.75
N GLU K 883 90.33 -94.29 -28.97
CA GLU K 883 90.02 -95.39 -28.06
C GLU K 883 90.76 -96.67 -28.43
N LEU K 884 91.36 -96.74 -29.62
CA LEU K 884 92.13 -97.91 -30.00
C LEU K 884 93.29 -98.13 -29.02
N GLU K 885 93.99 -97.06 -28.66
CA GLU K 885 94.98 -97.16 -27.60
C GLU K 885 94.32 -97.26 -26.23
N ASN K 886 93.13 -96.71 -26.07
CA ASN K 886 92.42 -96.81 -24.79
C ASN K 886 91.73 -98.16 -24.59
N SER K 887 91.65 -98.98 -25.64
CA SER K 887 91.12 -100.32 -25.50
C SER K 887 92.22 -101.25 -24.99
N VAL K 888 91.97 -102.56 -25.00
CA VAL K 888 92.97 -103.52 -24.56
C VAL K 888 94.12 -103.67 -25.53
N LEU K 889 94.01 -103.08 -26.73
CA LEU K 889 95.05 -103.17 -27.74
C LEU K 889 96.22 -102.20 -27.50
N GLU K 890 96.30 -101.59 -26.32
CA GLU K 890 97.41 -100.71 -26.02
C GLU K 890 98.73 -101.46 -26.03
N LYS K 891 98.76 -102.66 -25.46
CA LYS K 891 99.99 -103.45 -25.46
C LYS K 891 100.35 -103.92 -26.86
N TYR K 892 99.35 -104.15 -27.71
CA TYR K 892 99.58 -104.62 -29.07
C TYR K 892 99.68 -103.47 -30.07
N LEU K 893 100.59 -102.53 -29.82
CA LEU K 893 100.81 -101.39 -30.69
C LEU K 893 102.28 -101.01 -30.64
N GLN K 894 102.75 -100.30 -31.66
CA GLN K 894 104.15 -99.92 -31.74
C GLN K 894 104.28 -98.63 -32.55
N TRP K 895 105.45 -98.01 -32.43
CA TRP K 895 105.75 -96.81 -33.20
C TRP K 895 106.16 -97.18 -34.63
N SER K 896 106.25 -96.17 -35.47
CA SER K 896 106.58 -96.36 -36.88
C SER K 896 107.68 -95.39 -37.30
N PRO K 897 108.49 -95.78 -38.29
CA PRO K 897 109.48 -94.82 -38.82
C PRO K 897 108.86 -93.55 -39.37
N ASN K 898 107.63 -93.63 -39.89
CA ASN K 898 106.89 -92.47 -40.34
C ASN K 898 106.19 -91.73 -39.19
N LYS K 899 106.60 -92.01 -37.94
CA LYS K 899 106.04 -91.36 -36.75
C LYS K 899 104.54 -91.59 -36.62
N THR K 900 104.06 -92.76 -37.04
CA THR K 900 102.67 -93.15 -36.88
C THR K 900 102.58 -94.34 -35.92
N ARG K 901 101.37 -94.85 -35.76
CA ARG K 901 101.09 -95.97 -34.87
C ARG K 901 100.79 -97.20 -35.72
N ILE K 902 101.55 -98.27 -35.52
CA ILE K 902 101.41 -99.51 -36.28
C ILE K 902 100.92 -100.60 -35.33
N LEU K 903 99.88 -101.31 -35.75
CA LEU K 903 99.38 -102.44 -34.97
C LEU K 903 100.46 -103.50 -34.83
N LYS K 904 100.89 -103.74 -33.59
CA LYS K 904 101.95 -104.69 -33.30
C LYS K 904 101.35 -106.08 -33.14
N GLY K 905 101.92 -107.05 -33.83
CA GLY K 905 101.32 -108.37 -33.87
C GLY K 905 99.96 -108.36 -34.53
N CYS K 906 99.82 -107.63 -35.64
CA CYS K 906 98.52 -107.44 -36.29
C CYS K 906 98.04 -108.75 -36.88
N ARG K 907 97.07 -109.37 -36.22
CA ARG K 907 96.41 -110.59 -36.70
C ARG K 907 94.95 -110.24 -36.93
N ILE K 908 94.65 -109.72 -38.12
CA ILE K 908 93.30 -109.32 -38.48
C ILE K 908 92.56 -110.54 -39.03
N LEU K 909 91.42 -110.85 -38.41
CA LEU K 909 90.66 -112.05 -38.74
C LEU K 909 89.42 -111.66 -39.54
N HIS K 910 89.34 -112.15 -40.77
CA HIS K 910 88.13 -112.03 -41.59
C HIS K 910 87.48 -113.39 -41.70
N LYS K 911 86.14 -113.40 -41.66
CA LYS K 911 85.33 -114.62 -41.60
C LYS K 911 85.56 -115.30 -40.25
N PHE K 912 84.58 -116.09 -39.79
CA PHE K 912 84.69 -116.72 -38.48
C PHE K 912 85.96 -117.55 -38.38
N GLU K 913 86.18 -118.44 -39.34
CA GLU K 913 87.42 -119.21 -39.47
C GLU K 913 87.72 -119.94 -38.16
N THR K 914 88.77 -119.53 -37.45
CA THR K 914 89.08 -120.05 -36.13
C THR K 914 90.04 -119.08 -35.45
N LEU K 915 90.60 -119.51 -34.32
CA LEU K 915 91.54 -118.68 -33.58
C LEU K 915 92.85 -118.51 -34.35
N CYS K 936 67.51 -112.05 1.74
CA CYS K 936 66.57 -112.49 2.75
C CYS K 936 65.14 -112.12 2.38
N GLU K 937 64.19 -112.53 3.21
CA GLU K 937 62.78 -112.26 2.98
C GLU K 937 62.15 -111.66 4.23
N PRO K 938 61.35 -110.61 4.09
CA PRO K 938 60.67 -110.04 5.25
C PRO K 938 59.67 -111.02 5.84
N LYS K 939 59.45 -110.91 7.15
CA LYS K 939 58.58 -111.83 7.87
C LYS K 939 57.14 -111.75 7.36
N ASN K 940 56.48 -110.60 7.50
CA ASN K 940 55.14 -110.42 6.96
C ASN K 940 54.89 -109.03 6.38
N LYS K 941 55.88 -108.15 6.39
CA LYS K 941 55.70 -106.76 5.94
C LYS K 941 57.00 -106.31 5.27
N TRP K 942 57.02 -106.34 3.94
CA TRP K 942 58.18 -105.78 3.24
C TRP K 942 58.22 -104.27 3.37
N TRP K 943 57.06 -103.63 3.50
CA TRP K 943 57.00 -102.20 3.73
C TRP K 943 57.53 -101.81 5.11
N GLU K 944 57.62 -102.77 6.03
CA GLU K 944 58.28 -102.51 7.30
C GLU K 944 59.77 -102.26 7.13
N TRP K 945 60.31 -102.58 5.96
CA TRP K 945 61.67 -102.21 5.54
C TRP K 945 62.72 -103.02 6.29
N SER K 946 62.29 -103.85 7.26
CA SER K 946 63.18 -104.69 8.06
C SER K 946 64.11 -103.80 8.87
N PRO K 947 65.08 -104.36 9.63
CA PRO K 947 66.08 -103.49 10.26
C PRO K 947 66.96 -102.77 9.23
N ASN K 948 67.92 -101.99 9.73
CA ASN K 948 68.74 -101.15 8.86
C ASN K 948 69.41 -101.90 7.71
N PRO K 949 70.00 -103.09 7.90
CA PRO K 949 70.52 -103.82 6.73
C PRO K 949 69.48 -104.12 5.68
N SER K 950 68.24 -104.41 6.09
CA SER K 950 67.14 -104.67 5.16
C SER K 950 67.46 -105.79 4.18
N THR L 11 3.60 -54.67 4.94
CA THR L 11 4.82 -55.07 4.28
C THR L 11 5.56 -53.85 3.72
N ILE L 12 5.08 -53.37 2.57
CA ILE L 12 5.67 -52.18 1.96
C ILE L 12 5.41 -50.96 2.83
N GLN L 13 4.25 -50.91 3.49
CA GLN L 13 3.93 -49.81 4.39
C GLN L 13 4.95 -49.69 5.51
N LEU L 14 5.53 -50.82 5.94
CA LEU L 14 6.60 -50.77 6.94
C LEU L 14 7.80 -49.98 6.42
N THR L 15 8.19 -50.23 5.16
CA THR L 15 9.29 -49.47 4.58
C THR L 15 8.91 -48.01 4.37
N ALA L 16 7.65 -47.75 4.01
CA ALA L 16 7.20 -46.37 3.86
C ALA L 16 7.31 -45.61 5.17
N GLN L 17 6.87 -46.22 6.27
CA GLN L 17 7.04 -45.62 7.59
C GLN L 17 8.52 -45.47 7.95
N ARG L 18 9.32 -46.48 7.62
CA ARG L 18 10.76 -46.39 7.84
C ARG L 18 11.42 -45.30 7.01
N LYS L 19 10.74 -44.80 5.99
CA LYS L 19 11.26 -43.72 5.17
C LYS L 19 10.80 -42.34 5.65
N TYR L 20 9.49 -42.10 5.73
CA TYR L 20 9.00 -40.75 6.00
C TYR L 20 8.59 -40.51 7.45
N LEU L 21 8.95 -41.40 8.36
CA LEU L 21 8.68 -41.21 9.80
C LEU L 21 10.00 -41.27 10.54
N ALA L 22 10.46 -40.11 11.04
CA ALA L 22 11.76 -40.04 11.70
C ALA L 22 11.74 -40.74 13.05
N GLU L 23 10.60 -40.72 13.74
CA GLU L 23 10.52 -41.36 15.05
C GLU L 23 10.75 -42.87 14.96
N VAL L 24 10.37 -43.49 13.84
CA VAL L 24 10.64 -44.91 13.64
C VAL L 24 12.14 -45.16 13.62
N GLN L 25 12.88 -44.31 12.90
CA GLN L 25 14.33 -44.45 12.83
C GLN L 25 14.99 -44.15 14.17
N ALA L 26 14.44 -43.19 14.92
CA ALA L 26 14.96 -42.91 16.25
C ALA L 26 14.77 -44.12 17.16
N LEU L 27 13.61 -44.76 17.09
CA LEU L 27 13.37 -45.97 17.87
C LEU L 27 14.30 -47.10 17.45
N GLU L 28 14.52 -47.27 16.15
CA GLU L 28 15.42 -48.30 15.67
C GLU L 28 16.84 -48.07 16.16
N THR L 29 17.31 -46.82 16.09
CA THR L 29 18.65 -46.49 16.59
C THR L 29 18.73 -46.72 18.10
N LEU L 30 17.69 -46.35 18.83
CA LEU L 30 17.68 -46.60 20.27
C LEU L 30 17.80 -48.09 20.57
N LEU L 31 17.00 -48.91 19.87
CA LEU L 31 17.06 -50.36 20.06
C LEU L 31 18.45 -50.90 19.74
N THR L 32 19.03 -50.44 18.64
CA THR L 32 20.31 -50.99 18.21
C THR L 32 21.49 -50.53 19.07
N ARG L 33 21.39 -49.34 19.69
CA ARG L 33 22.51 -48.80 20.45
C ARG L 33 22.36 -48.99 21.95
N GLU L 34 21.28 -48.44 22.54
CA GLU L 34 21.17 -48.43 24.00
C GLU L 34 20.63 -49.75 24.53
N LEU L 35 19.61 -50.30 23.87
CA LEU L 35 19.03 -51.56 24.33
C LEU L 35 19.85 -52.78 23.93
N SER L 36 20.86 -52.61 23.06
CA SER L 36 21.70 -53.74 22.69
C SER L 36 22.47 -54.28 23.89
N VAL L 37 23.02 -53.39 24.72
CA VAL L 37 23.74 -53.83 25.92
C VAL L 37 22.80 -54.43 26.95
N PHE L 38 21.50 -54.10 26.89
CA PHE L 38 20.51 -54.70 27.77
C PHE L 38 19.90 -55.94 27.15
N LEU L 39 20.75 -56.86 26.71
CA LEU L 39 20.28 -58.07 26.05
C LEU L 39 19.63 -59.02 27.04
N THR L 40 18.63 -59.76 26.55
CA THR L 40 17.93 -60.75 27.34
C THR L 40 17.59 -61.95 26.48
N GLU L 41 17.79 -63.15 27.02
CA GLU L 41 17.55 -64.37 26.26
C GLU L 41 16.07 -64.52 25.95
N PRO L 42 15.71 -65.00 24.76
CA PRO L 42 14.29 -65.15 24.42
C PRO L 42 13.54 -66.10 25.34
N GLY L 43 14.18 -67.17 25.82
CA GLY L 43 13.53 -68.13 26.68
C GLY L 43 13.52 -67.79 28.15
N SER L 44 14.24 -66.75 28.56
CA SER L 44 14.30 -66.39 29.96
C SER L 44 13.08 -65.56 30.36
N LYS L 45 12.49 -65.91 31.50
CA LYS L 45 11.36 -65.15 32.03
C LYS L 45 11.76 -63.81 32.60
N LYS L 46 13.06 -63.55 32.73
CA LYS L 46 13.54 -62.28 33.30
C LYS L 46 13.17 -61.09 32.43
N THR L 47 12.84 -61.31 31.15
CA THR L 47 12.49 -60.22 30.26
C THR L 47 11.16 -59.59 30.65
N ASN L 48 10.96 -58.35 30.21
CA ASN L 48 9.71 -57.65 30.42
C ASN L 48 9.05 -57.18 29.13
N ILE L 49 9.81 -56.94 28.06
CA ILE L 49 9.27 -56.45 26.80
C ILE L 49 9.68 -57.41 25.69
N ILE L 50 8.71 -57.94 24.96
CA ILE L 50 8.96 -58.90 23.89
C ILE L 50 8.46 -58.32 22.58
N ASN L 51 9.35 -58.18 21.61
CA ASN L 51 9.00 -57.77 20.26
C ASN L 51 8.82 -59.02 19.41
N ARG L 52 7.56 -59.34 19.08
CA ARG L 52 7.27 -60.51 18.25
C ARG L 52 7.62 -60.30 16.79
N ILE L 53 7.89 -59.06 16.37
CA ILE L 53 8.34 -58.81 15.00
C ILE L 53 9.66 -59.52 14.75
N THR L 54 10.60 -59.38 15.69
CA THR L 54 11.88 -60.08 15.63
C THR L 54 11.99 -61.18 16.69
N GLY L 55 10.94 -61.36 17.50
CA GLY L 55 10.99 -62.34 18.57
C GLY L 55 12.06 -62.07 19.59
N LYS L 56 12.41 -60.80 19.82
CA LYS L 56 13.45 -60.44 20.76
C LYS L 56 12.84 -60.13 22.13
N THR L 57 13.64 -60.30 23.17
CA THR L 57 13.20 -60.06 24.54
C THR L 57 14.15 -59.11 25.24
N TYR L 58 13.59 -58.25 26.09
CA TYR L 58 14.36 -57.26 26.84
C TYR L 58 13.87 -57.22 28.27
N ALA L 59 14.80 -56.95 29.18
CA ALA L 59 14.55 -56.84 30.61
C ALA L 59 15.03 -55.48 31.11
N LEU L 60 14.62 -54.43 30.40
CA LEU L 60 15.12 -53.09 30.67
C LEU L 60 14.76 -52.66 32.09
N PRO L 61 15.68 -52.00 32.80
CA PRO L 61 15.33 -51.42 34.11
C PRO L 61 14.32 -50.29 33.98
N SER L 62 13.92 -49.72 35.11
CA SER L 62 12.92 -48.64 35.08
C SER L 62 13.42 -47.44 34.29
N THR L 63 14.72 -47.13 34.41
CA THR L 63 15.28 -45.99 33.69
C THR L 63 15.15 -46.16 32.18
N GLU L 64 15.45 -47.37 31.68
CA GLU L 64 15.30 -47.62 30.25
C GLU L 64 13.84 -47.82 29.87
N LEU L 65 13.04 -48.42 30.74
CA LEU L 65 11.64 -48.67 30.43
C LEU L 65 10.86 -47.36 30.27
N LEU L 66 11.12 -46.38 31.14
CA LEU L 66 10.43 -45.10 31.01
C LEU L 66 10.80 -44.41 29.70
N ARG L 67 12.09 -44.48 29.32
CA ARG L 67 12.51 -43.89 28.06
C ARG L 67 11.84 -44.58 26.88
N LEU L 68 11.75 -45.91 26.92
CA LEU L 68 11.08 -46.64 25.85
C LEU L 68 9.60 -46.27 25.77
N TYR L 69 8.94 -46.15 26.92
CA TYR L 69 7.53 -45.76 26.92
C TYR L 69 7.36 -44.37 26.33
N GLU L 70 8.20 -43.42 26.73
CA GLU L 70 8.11 -42.08 26.20
C GLU L 70 8.37 -42.05 24.69
N HIS L 71 9.36 -42.81 24.24
CA HIS L 71 9.68 -42.84 22.81
C HIS L 71 8.54 -43.45 22.01
N LEU L 72 7.93 -44.53 22.51
CA LEU L 72 6.78 -45.14 21.86
C LEU L 72 5.55 -44.24 21.90
N GLU L 73 5.47 -43.32 22.87
CA GLU L 73 4.32 -42.42 22.93
C GLU L 73 4.22 -41.57 21.67
N GLN L 74 5.34 -41.00 21.22
CA GLN L 74 5.32 -40.15 20.03
C GLN L 74 4.95 -40.94 18.78
N CYS L 75 5.50 -42.15 18.64
CA CYS L 75 5.17 -42.95 17.46
C CYS L 75 3.72 -43.38 17.48
N ARG L 76 3.19 -43.72 18.66
CA ARG L 76 1.77 -44.08 18.76
C ARG L 76 0.88 -42.90 18.40
N LYS L 77 1.19 -41.71 18.93
CA LYS L 77 0.37 -40.54 18.62
C LYS L 77 0.54 -40.08 17.18
N GLN L 78 1.66 -40.42 16.54
CA GLN L 78 1.86 -40.04 15.14
C GLN L 78 1.05 -40.92 14.19
N GLY L 79 0.78 -42.16 14.58
CA GLY L 79 0.03 -43.07 13.73
C GLY L 79 0.87 -44.17 13.14
N ALA L 80 1.84 -44.66 13.92
CA ALA L 80 2.72 -45.73 13.47
C ALA L 80 2.13 -47.09 13.86
N LEU L 81 2.86 -48.15 13.52
CA LEU L 81 2.45 -49.52 13.83
C LEU L 81 3.54 -50.20 14.65
N MET L 82 3.11 -50.98 15.64
CA MET L 82 4.04 -51.67 16.52
C MET L 82 3.40 -52.97 16.99
N TYR L 83 4.25 -53.95 17.31
CA TYR L 83 3.84 -55.27 17.74
C TYR L 83 4.62 -55.71 18.96
N PHE L 84 4.74 -54.81 19.94
CA PHE L 84 5.47 -55.09 21.17
C PHE L 84 4.51 -55.51 22.27
N LEU L 85 4.97 -56.42 23.14
CA LEU L 85 4.14 -57.01 24.17
C LEU L 85 4.88 -56.98 25.50
N GLU L 86 4.12 -57.09 26.58
CA GLU L 86 4.68 -57.17 27.93
C GLU L 86 4.00 -58.31 28.69
N ARG L 87 4.79 -59.02 29.49
CA ARG L 87 4.31 -60.18 30.21
C ARG L 87 4.11 -59.86 31.69
N GLN L 88 3.00 -60.30 32.25
CA GLN L 88 2.74 -60.12 33.67
C GLN L 88 3.69 -60.98 34.49
N GLY L 89 4.24 -60.39 35.56
CA GLY L 89 5.16 -61.06 36.45
C GLY L 89 4.51 -61.49 37.74
N THR L 90 5.31 -61.50 38.81
CA THR L 90 4.80 -61.82 40.14
C THR L 90 3.99 -60.69 40.75
N TYR L 91 4.03 -59.50 40.14
CA TYR L 91 3.20 -58.38 40.58
C TYR L 91 2.98 -57.45 39.39
N SER L 92 1.73 -57.11 39.13
CA SER L 92 1.37 -56.26 38.00
C SER L 92 -0.09 -55.87 38.15
N GLY L 93 -0.58 -55.11 37.17
CA GLY L 93 -1.96 -54.67 37.16
C GLY L 93 -2.90 -55.72 36.61
N LEU L 94 -4.08 -55.27 36.18
CA LEU L 94 -5.11 -56.15 35.64
C LEU L 94 -5.19 -55.98 34.13
N MET L 95 -4.83 -57.01 33.39
CA MET L 95 -5.03 -57.07 31.96
C MET L 95 -6.16 -58.05 31.68
N LEU L 96 -7.12 -57.63 30.85
CA LEU L 96 -8.36 -58.34 30.67
C LEU L 96 -8.67 -58.49 29.19
N ASP L 97 -9.38 -59.56 28.86
CA ASP L 97 -9.75 -59.84 27.47
C ASP L 97 -11.21 -60.29 27.41
N TYR L 98 -12.01 -59.61 26.59
CA TYR L 98 -13.36 -60.05 26.22
C TYR L 98 -13.39 -60.42 24.76
N ASP L 99 -13.84 -61.65 24.48
CA ASP L 99 -14.15 -62.07 23.12
C ASP L 99 -15.65 -61.94 22.88
N LEU L 100 -16.11 -60.70 22.91
CA LEU L 100 -17.53 -60.41 22.81
C LEU L 100 -18.05 -60.69 21.41
N LYS L 101 -18.58 -61.90 21.19
CA LYS L 101 -19.08 -62.31 19.88
C LYS L 101 -20.58 -62.00 19.82
N LEU L 102 -20.89 -60.74 19.54
CA LEU L 102 -22.26 -60.30 19.49
C LEU L 102 -23.00 -60.93 18.31
N ASN L 103 -24.32 -61.09 18.47
CA ASN L 103 -25.13 -61.68 17.41
C ASN L 103 -25.14 -60.81 16.16
N THR L 104 -25.24 -59.49 16.33
CA THR L 104 -25.31 -58.56 15.22
C THR L 104 -24.02 -57.75 15.16
N ASN L 105 -23.48 -57.59 13.95
CA ASN L 105 -22.27 -56.80 13.73
C ASN L 105 -22.59 -55.32 13.57
N ALA L 106 -23.34 -54.78 14.54
CA ALA L 106 -23.66 -53.37 14.60
C ALA L 106 -23.06 -52.77 15.87
N VAL L 107 -22.52 -51.56 15.74
CA VAL L 107 -21.76 -50.98 16.86
C VAL L 107 -22.68 -50.82 18.08
N PRO L 108 -22.29 -51.31 19.24
CA PRO L 108 -23.11 -51.15 20.43
C PRO L 108 -22.84 -49.83 21.12
N PRO L 109 -23.85 -48.97 21.24
CA PRO L 109 -23.63 -47.68 21.92
C PRO L 109 -23.46 -47.86 23.42
N LEU L 110 -22.28 -48.31 23.83
CA LEU L 110 -22.00 -48.47 25.25
C LEU L 110 -22.05 -47.12 25.96
N GLU L 111 -22.52 -47.14 27.20
CA GLU L 111 -22.80 -45.89 27.89
C GLU L 111 -22.01 -45.79 29.19
N PRO L 112 -21.73 -44.59 29.65
CA PRO L 112 -20.99 -44.41 30.91
C PRO L 112 -21.67 -45.08 32.10
N PRO L 113 -23.00 -45.07 32.20
CA PRO L 113 -23.62 -45.80 33.34
C PRO L 113 -23.27 -47.28 33.36
N ALA L 114 -23.25 -47.93 32.20
CA ALA L 114 -22.89 -49.34 32.14
C ALA L 114 -21.44 -49.55 32.56
N LEU L 115 -20.55 -48.66 32.13
CA LEU L 115 -19.15 -48.76 32.52
C LEU L 115 -18.97 -48.57 34.02
N SER L 116 -19.66 -47.60 34.60
CA SER L 116 -19.58 -47.38 36.05
C SER L 116 -20.14 -48.56 36.81
N ARG L 117 -21.23 -49.15 36.33
CA ARG L 117 -21.79 -50.32 36.99
C ARG L 117 -20.85 -51.52 36.86
N LEU L 118 -20.15 -51.65 35.73
CA LEU L 118 -19.13 -52.69 35.60
C LEU L 118 -17.99 -52.45 36.58
N CYS L 119 -17.59 -51.20 36.77
CA CYS L 119 -16.56 -50.88 37.76
C CYS L 119 -17.01 -51.27 39.15
N HIS L 120 -18.27 -50.98 39.50
CA HIS L 120 -18.80 -51.38 40.79
C HIS L 120 -18.83 -52.91 40.91
N ARG L 121 -19.22 -53.60 39.84
CA ARG L 121 -19.27 -55.05 39.87
C ARG L 121 -17.90 -55.65 40.14
N ILE L 122 -16.88 -55.20 39.41
CA ILE L 122 -15.54 -55.76 39.60
C ILE L 122 -14.97 -55.33 40.94
N PHE L 123 -15.32 -54.13 41.42
CA PHE L 123 -14.90 -53.73 42.76
C PHE L 123 -15.45 -54.67 43.82
N VAL L 124 -16.74 -55.02 43.72
CA VAL L 124 -17.33 -55.96 44.64
C VAL L 124 -16.66 -57.33 44.50
N HIS L 125 -16.41 -57.76 43.27
CA HIS L 125 -15.79 -59.04 43.02
C HIS L 125 -14.34 -59.12 43.48
N ILE L 126 -13.68 -57.98 43.71
CA ILE L 126 -12.32 -57.98 44.22
C ILE L 126 -12.23 -57.66 45.70
N LYS L 127 -13.27 -57.09 46.31
CA LYS L 127 -13.21 -56.84 47.75
C LYS L 127 -13.16 -58.12 48.57
N ASN L 128 -13.57 -59.26 48.02
CA ASN L 128 -13.48 -60.51 48.76
C ASN L 128 -12.08 -61.10 48.63
N SER L 129 -11.07 -60.30 48.93
CA SER L 129 -9.67 -60.70 48.82
C SER L 129 -8.85 -59.66 49.59
N SER L 130 -7.53 -59.76 49.48
CA SER L 130 -6.64 -58.81 50.14
C SER L 130 -6.60 -57.51 49.36
N VAL L 131 -7.06 -56.42 50.00
CA VAL L 131 -7.09 -55.10 49.38
C VAL L 131 -6.46 -54.10 50.34
N LEU L 132 -6.07 -52.96 49.79
CA LEU L 132 -5.44 -51.91 50.58
C LEU L 132 -6.49 -51.03 51.25
N ILE L 139 -7.78 -45.99 42.41
CA ILE L 139 -7.68 -46.94 41.31
C ILE L 139 -8.23 -46.31 40.04
N HIS L 140 -7.46 -46.39 38.96
CA HIS L 140 -7.83 -45.81 37.68
C HIS L 140 -8.28 -46.92 36.73
N PHE L 141 -9.44 -46.73 36.10
CA PHE L 141 -10.00 -47.67 35.15
C PHE L 141 -9.87 -47.07 33.76
N PHE L 142 -9.29 -47.83 32.84
CA PHE L 142 -9.11 -47.38 31.46
C PHE L 142 -9.79 -48.38 30.54
N PHE L 143 -10.70 -47.88 29.71
CA PHE L 143 -11.48 -48.71 28.79
C PHE L 143 -11.06 -48.41 27.37
N THR L 144 -10.64 -49.44 26.64
CA THR L 144 -10.26 -49.31 25.25
C THR L 144 -10.97 -50.37 24.44
N LEU L 145 -11.34 -50.01 23.21
CA LEU L 145 -12.19 -50.86 22.39
C LEU L 145 -11.62 -50.95 20.98
N LYS L 146 -11.97 -52.04 20.30
CA LYS L 146 -11.58 -52.23 18.91
C LYS L 146 -12.35 -51.28 18.00
N PRO L 147 -11.83 -51.02 16.80
CA PRO L 147 -12.58 -50.17 15.84
C PRO L 147 -13.82 -50.82 15.26
N GLU L 148 -14.20 -52.01 15.71
CA GLU L 148 -15.40 -52.72 15.25
C GLU L 148 -15.27 -52.99 13.74
N VAL L 149 -16.41 -53.07 13.06
CA VAL L 149 -16.47 -53.41 11.64
C VAL L 149 -15.75 -54.73 11.42
N VAL L 150 -16.28 -55.80 12.01
CA VAL L 150 -15.65 -57.11 11.96
C VAL L 150 -16.70 -58.15 12.36
N GLN L 151 -16.61 -59.34 11.78
CA GLN L 151 -17.54 -60.41 12.12
C GLN L 151 -17.45 -60.75 13.61
N GLY L 152 -18.61 -61.04 14.20
CA GLY L 152 -18.66 -61.30 15.62
C GLY L 152 -18.36 -60.12 16.49
N LYS L 153 -18.46 -58.90 15.94
CA LYS L 153 -18.26 -57.65 16.68
C LYS L 153 -16.86 -57.61 17.28
N TYR L 154 -16.62 -56.70 18.22
CA TYR L 154 -15.30 -56.38 18.73
C TYR L 154 -15.07 -57.04 20.09
N GLY L 155 -13.91 -56.74 20.68
CA GLY L 155 -13.60 -57.20 22.01
C GLY L 155 -13.11 -56.05 22.88
N PHE L 156 -13.35 -56.19 24.17
CA PHE L 156 -13.05 -55.14 25.15
C PHE L 156 -11.94 -55.59 26.08
N HIS L 157 -10.99 -54.68 26.33
CA HIS L 157 -9.86 -54.94 27.22
C HIS L 157 -9.70 -53.75 28.18
N VAL L 158 -10.29 -53.84 29.35
CA VAL L 158 -10.06 -52.88 30.42
C VAL L 158 -8.66 -53.11 30.98
N LEU L 159 -7.97 -52.02 31.31
CA LEU L 159 -6.62 -52.11 31.84
C LEU L 159 -6.53 -51.37 33.16
N ILE L 160 -6.00 -52.04 34.18
CA ILE L 160 -5.95 -51.50 35.55
C ILE L 160 -4.51 -51.57 36.05
N PRO L 161 -3.65 -50.61 35.71
CA PRO L 161 -2.25 -50.68 36.12
C PRO L 161 -1.95 -50.12 37.49
N GLY L 162 -2.96 -49.76 38.28
CA GLY L 162 -2.71 -49.12 39.55
C GLY L 162 -2.05 -50.03 40.58
N LEU L 163 -2.54 -51.27 40.70
CA LEU L 163 -2.14 -52.15 41.77
C LEU L 163 -1.06 -53.13 41.29
N LYS L 164 -0.63 -54.00 42.20
CA LYS L 164 0.34 -55.05 41.88
C LYS L 164 -0.01 -56.27 42.72
N LEU L 165 -0.82 -57.16 42.13
CA LEU L 165 -1.23 -58.39 42.80
C LEU L 165 -1.26 -59.55 41.83
N ALA L 166 -0.30 -59.59 40.90
CA ALA L 166 -0.28 -60.62 39.86
C ALA L 166 0.12 -61.95 40.48
N ALA L 167 -0.88 -62.71 40.92
CA ALA L 167 -0.66 -63.98 41.60
C ALA L 167 -1.92 -64.83 41.44
N SER L 168 -2.05 -65.86 42.27
CA SER L 168 -3.24 -66.70 42.25
C SER L 168 -4.49 -65.91 42.60
N THR L 169 -4.35 -64.73 43.21
CA THR L 169 -5.50 -63.88 43.48
C THR L 169 -6.17 -63.44 42.19
N LYS L 170 -5.37 -63.05 41.19
CA LYS L 170 -5.95 -62.65 39.91
C LYS L 170 -6.66 -63.82 39.23
N LYS L 171 -6.08 -65.02 39.33
CA LYS L 171 -6.76 -66.19 38.78
C LYS L 171 -8.07 -66.47 39.51
N SER L 172 -8.09 -66.27 40.84
CA SER L 172 -9.32 -66.45 41.59
C SER L 172 -10.39 -65.44 41.16
N ILE L 173 -9.98 -64.18 40.95
CA ILE L 173 -10.93 -63.17 40.49
C ILE L 173 -11.42 -63.50 39.08
N ILE L 174 -10.54 -64.01 38.23
CA ILE L 174 -10.94 -64.41 36.88
C ILE L 174 -11.98 -65.53 36.95
N GLY L 175 -11.73 -66.52 37.79
CA GLY L 175 -12.70 -67.59 37.97
C GLY L 175 -14.02 -67.10 38.53
N SER L 176 -13.96 -66.14 39.46
CA SER L 176 -15.19 -65.57 40.01
C SER L 176 -15.99 -64.84 38.92
N LEU L 177 -15.31 -64.06 38.09
CA LEU L 177 -15.98 -63.41 36.97
C LEU L 177 -16.45 -64.40 35.91
N GLN L 178 -15.86 -65.59 35.86
CA GLN L 178 -16.34 -66.62 34.94
C GLN L 178 -17.75 -67.05 35.31
N HIS L 179 -18.05 -67.17 36.60
CA HIS L 179 -19.38 -67.51 37.06
C HIS L 179 -20.27 -66.30 37.26
N ASP L 180 -19.74 -65.09 37.11
CA ASP L 180 -20.52 -63.88 37.30
C ASP L 180 -21.56 -63.75 36.20
N ALA L 181 -22.84 -63.68 36.59
CA ALA L 181 -23.93 -63.50 35.64
C ALA L 181 -24.41 -62.06 35.57
N THR L 182 -24.06 -61.22 36.54
CA THR L 182 -24.42 -59.81 36.48
C THR L 182 -23.77 -59.13 35.28
N VAL L 183 -22.49 -59.43 35.03
CA VAL L 183 -21.85 -58.94 33.82
C VAL L 183 -22.50 -59.55 32.59
N GLN L 184 -22.89 -60.83 32.68
CA GLN L 184 -23.66 -61.45 31.60
C GLN L 184 -25.01 -60.76 31.42
N LYS L 185 -25.64 -60.36 32.54
CA LYS L 185 -26.88 -59.62 32.45
C LYS L 185 -26.68 -58.28 31.75
N ILE L 186 -25.56 -57.60 32.04
CA ILE L 186 -25.26 -56.34 31.35
C ILE L 186 -25.08 -56.59 29.87
N LEU L 187 -24.36 -57.66 29.51
CA LEU L 187 -24.17 -57.98 28.09
C LEU L 187 -25.51 -58.24 27.41
N HIS L 188 -26.41 -58.97 28.08
CA HIS L 188 -27.74 -59.18 27.53
C HIS L 188 -28.51 -57.88 27.39
N GLU L 189 -28.31 -56.94 28.32
CA GLU L 189 -28.88 -55.60 28.15
C GLU L 189 -28.33 -54.93 26.90
N GLN L 190 -27.06 -55.12 26.61
CA GLN L 190 -26.48 -54.64 25.36
C GLN L 190 -26.86 -55.50 24.16
N GLY L 191 -27.54 -56.63 24.39
CA GLY L 191 -27.91 -57.52 23.31
C GLY L 191 -26.76 -58.36 22.82
N VAL L 192 -26.19 -59.16 23.71
CA VAL L 192 -25.04 -60.01 23.41
C VAL L 192 -25.48 -61.46 23.50
N THR L 193 -25.22 -62.23 22.44
CA THR L 193 -25.56 -63.64 22.40
C THR L 193 -24.47 -64.53 23.00
N ASN L 194 -23.42 -63.93 23.55
CA ASN L 194 -22.29 -64.67 24.12
C ASN L 194 -22.08 -64.19 25.55
N PRO L 195 -22.95 -64.61 26.48
CA PRO L 195 -22.79 -64.17 27.88
C PRO L 195 -21.47 -64.60 28.50
N GLU L 196 -20.98 -65.78 28.15
CA GLU L 196 -19.72 -66.30 28.66
C GLU L 196 -18.76 -66.53 27.50
N SER L 197 -17.61 -67.13 27.81
CA SER L 197 -16.52 -67.45 26.89
C SER L 197 -15.83 -66.21 26.35
N CYS L 198 -16.31 -65.01 26.68
CA CYS L 198 -15.60 -63.80 26.26
C CYS L 198 -14.33 -63.59 27.08
N LEU L 199 -14.42 -63.82 28.39
CA LEU L 199 -13.27 -63.65 29.27
C LEU L 199 -12.51 -64.97 29.35
N ASP L 200 -11.36 -65.02 28.68
CA ASP L 200 -10.55 -66.23 28.73
C ASP L 200 -9.93 -66.40 30.11
N PRO L 201 -9.78 -67.64 30.59
CA PRO L 201 -9.15 -67.85 31.90
C PRO L 201 -7.69 -67.42 31.94
N HIS L 202 -7.05 -67.27 30.79
CA HIS L 202 -5.63 -66.91 30.72
C HIS L 202 -5.41 -65.40 30.70
N SER L 203 -6.36 -64.62 31.23
CA SER L 203 -6.22 -63.16 31.22
C SER L 203 -5.01 -62.73 32.03
N ALA L 204 -4.73 -63.40 33.14
CA ALA L 204 -3.63 -63.05 34.02
C ALA L 204 -2.41 -63.93 33.83
N SER L 205 -2.39 -64.79 32.81
CA SER L 205 -1.29 -65.72 32.59
C SER L 205 -0.67 -65.63 31.20
N VAL L 206 -1.04 -64.62 30.41
CA VAL L 206 -0.45 -64.44 29.08
C VAL L 206 0.12 -63.03 28.99
N PRO L 207 1.12 -62.81 28.14
CA PRO L 207 1.66 -61.45 27.98
C PRO L 207 0.63 -60.49 27.41
N SER L 208 0.70 -59.25 27.86
CA SER L 208 -0.17 -58.18 27.39
C SER L 208 0.56 -57.36 26.32
N LEU L 209 -0.15 -56.40 25.75
CA LEU L 209 0.40 -55.53 24.71
C LEU L 209 0.33 -54.08 25.19
N LEU L 210 1.38 -53.32 24.90
CA LEU L 210 1.40 -51.91 25.26
C LEU L 210 0.34 -51.15 24.48
N TYR L 211 0.03 -49.94 24.96
CA TYR L 211 -0.97 -49.14 24.28
C TYR L 211 -0.50 -48.79 22.87
N GLY L 212 -1.38 -49.00 21.90
CA GLY L 212 -1.05 -48.80 20.51
C GLY L 212 -0.42 -49.99 19.83
N SER L 213 -0.14 -51.07 20.56
CA SER L 213 0.43 -52.27 19.97
C SER L 213 -0.67 -53.01 19.21
N SER L 214 -0.74 -52.79 17.91
CA SER L 214 -1.78 -53.38 17.08
C SER L 214 -1.52 -54.88 16.93
N LYS L 215 -2.41 -55.53 16.19
CA LYS L 215 -2.28 -56.93 15.83
C LYS L 215 -2.05 -57.05 14.33
N LEU L 216 -1.45 -58.18 13.93
CA LEU L 216 -1.18 -58.42 12.52
C LEU L 216 -2.45 -58.34 11.70
N ASN L 217 -2.47 -57.40 10.74
CA ASN L 217 -3.65 -57.11 9.93
C ASN L 217 -4.84 -56.73 10.79
N HIS L 218 -4.59 -55.95 11.84
CA HIS L 218 -5.64 -55.46 12.72
C HIS L 218 -5.23 -54.12 13.31
N LYS L 219 -6.19 -53.22 13.46
CA LYS L 219 -5.94 -51.91 14.00
C LYS L 219 -5.69 -51.98 15.51
N PRO L 220 -4.88 -51.08 16.06
CA PRO L 220 -4.65 -51.09 17.50
C PRO L 220 -5.88 -50.60 18.27
N TYR L 221 -5.94 -50.99 19.54
CA TYR L 221 -7.04 -50.59 20.39
C TYR L 221 -7.00 -49.07 20.60
N GLN L 222 -8.17 -48.45 20.50
CA GLN L 222 -8.34 -47.04 20.82
C GLN L 222 -9.19 -46.91 22.07
N LEU L 223 -8.84 -45.96 22.93
CA LEU L 223 -9.52 -45.83 24.21
C LEU L 223 -10.91 -45.23 24.02
N LYS L 224 -11.80 -45.56 24.95
CA LYS L 224 -13.15 -45.03 24.96
C LYS L 224 -13.38 -44.08 26.13
N THR L 225 -13.16 -44.54 27.37
CA THR L 225 -13.37 -43.71 28.53
C THR L 225 -12.33 -44.05 29.60
N GLY L 226 -12.20 -43.12 30.55
CA GLY L 226 -11.38 -43.33 31.73
C GLY L 226 -12.13 -42.93 32.98
N PHE L 227 -12.17 -43.79 33.98
CA PHE L 227 -12.89 -43.53 35.22
C PHE L 227 -11.94 -43.64 36.40
N GLU L 228 -12.33 -43.05 37.52
CA GLU L 228 -11.53 -43.03 38.73
C GLU L 228 -12.38 -43.49 39.89
N LEU L 229 -11.85 -44.45 40.67
CA LEU L 229 -12.47 -44.91 41.89
C LEU L 229 -11.34 -45.31 42.83
N VAL L 230 -10.95 -44.38 43.71
CA VAL L 230 -9.89 -44.66 44.67
C VAL L 230 -10.36 -45.73 45.63
N PHE L 231 -9.44 -46.59 46.06
CA PHE L 231 -9.78 -47.66 46.99
C PHE L 231 -10.35 -47.05 48.27
N ASP L 232 -11.60 -47.39 48.57
CA ASP L 232 -12.31 -46.82 49.71
C ASP L 232 -12.29 -47.85 50.84
N SER L 233 -11.14 -47.97 51.49
CA SER L 233 -11.00 -48.88 52.61
C SER L 233 -11.86 -48.46 53.79
N SER L 234 -11.95 -47.14 54.04
CA SER L 234 -12.74 -46.66 55.17
C SER L 234 -14.23 -46.91 54.96
N ASP L 235 -14.76 -46.52 53.80
CA ASP L 235 -16.18 -46.63 53.51
C ASP L 235 -16.37 -47.30 52.14
N PRO L 236 -16.29 -48.63 52.08
CA PRO L 236 -16.48 -49.33 50.80
C PRO L 236 -17.86 -49.15 50.22
N ASP L 237 -18.86 -48.78 51.04
CA ASP L 237 -20.22 -48.61 50.55
C ASP L 237 -20.39 -47.42 49.62
N TYR L 238 -19.38 -46.56 49.51
CA TYR L 238 -19.47 -45.37 48.67
C TYR L 238 -19.54 -45.76 47.20
N ILE L 239 -19.89 -44.78 46.36
CA ILE L 239 -19.98 -44.97 44.92
C ILE L 239 -19.12 -43.89 44.25
N PRO L 240 -17.80 -43.91 44.42
CA PRO L 240 -16.94 -42.82 43.90
C PRO L 240 -16.40 -43.08 42.49
N ILE L 241 -17.26 -42.95 41.49
CA ILE L 241 -16.86 -43.05 40.09
C ILE L 241 -16.82 -41.65 39.51
N HIS L 242 -15.63 -41.23 39.05
CA HIS L 242 -15.46 -39.92 38.44
C HIS L 242 -14.89 -40.07 37.04
N GLN L 243 -15.52 -39.43 36.06
CA GLN L 243 -15.07 -39.52 34.68
C GLN L 243 -13.84 -38.64 34.51
N ILE L 244 -12.67 -39.27 34.37
CA ILE L 244 -11.42 -38.52 34.23
C ILE L 244 -11.41 -37.83 32.87
N LYS L 245 -10.79 -36.65 32.82
CA LYS L 245 -10.69 -35.86 31.60
C LYS L 245 -9.23 -35.52 31.34
N ASN L 246 -8.97 -35.02 30.13
CA ASN L 246 -7.63 -34.60 29.72
C ASN L 246 -6.61 -35.72 29.86
N LEU L 247 -7.00 -36.93 29.42
CA LEU L 247 -6.08 -38.05 29.45
C LEU L 247 -4.88 -37.81 28.54
N GLU L 248 -5.05 -37.01 27.49
CA GLU L 248 -3.94 -36.72 26.58
C GLU L 248 -2.80 -36.01 27.30
N SER L 249 -3.08 -35.33 28.41
CA SER L 249 -2.04 -34.68 29.19
C SER L 249 -1.09 -35.68 29.84
N TYR L 250 -1.46 -36.96 29.90
CA TYR L 250 -0.63 -38.01 30.46
C TYR L 250 -0.14 -38.93 29.35
N ASN L 251 1.08 -39.42 29.50
CA ASN L 251 1.67 -40.35 28.53
C ASN L 251 0.95 -41.68 28.62
N LEU L 252 0.02 -41.90 27.68
CA LEU L 252 -0.90 -43.04 27.78
C LEU L 252 -0.17 -44.37 27.75
N VAL L 253 0.84 -44.50 26.89
CA VAL L 253 1.58 -45.77 26.81
C VAL L 253 2.31 -46.04 28.12
N SER L 254 2.96 -45.02 28.67
CA SER L 254 3.66 -45.20 29.94
C SER L 254 2.69 -45.46 31.09
N GLU L 255 1.58 -44.72 31.13
CA GLU L 255 0.61 -44.90 32.21
C GLU L 255 -0.01 -46.29 32.17
N LEU L 256 -0.30 -46.79 30.96
CA LEU L 256 -0.96 -48.09 30.82
C LEU L 256 -0.01 -49.26 31.06
N SER L 257 1.29 -49.02 31.17
CA SER L 257 2.24 -50.10 31.43
C SER L 257 2.05 -50.63 32.84
N LEU L 258 1.88 -51.95 32.97
CA LEU L 258 1.67 -52.55 34.27
C LEU L 258 2.89 -52.40 35.16
N THR L 259 4.09 -52.59 34.59
CA THR L 259 5.32 -52.47 35.36
C THR L 259 5.68 -51.04 35.71
N ASN L 260 4.99 -50.06 35.12
CA ASN L 260 5.29 -48.65 35.36
C ASN L 260 4.66 -48.23 36.69
N GLU L 261 5.38 -48.48 37.78
CA GLU L 261 4.93 -48.02 39.09
C GLU L 261 4.94 -46.51 39.18
N GLN L 262 5.92 -45.87 38.54
CA GLN L 262 6.16 -44.43 38.64
C GLN L 262 5.38 -43.64 37.60
N GLY L 263 4.25 -44.17 37.12
CA GLY L 263 3.45 -43.42 36.18
C GLY L 263 2.91 -42.13 36.78
N SER L 264 2.63 -41.16 35.91
CA SER L 264 2.16 -39.86 36.38
C SER L 264 0.69 -39.92 36.79
N LEU L 265 -0.20 -40.27 35.85
CA LEU L 265 -1.63 -40.29 36.15
C LEU L 265 -1.98 -41.36 37.16
N VAL L 266 -1.36 -42.53 37.06
CA VAL L 266 -1.66 -43.65 37.93
C VAL L 266 -0.65 -43.67 39.07
N ARG L 267 -0.97 -44.43 40.13
CA ARG L 267 -0.11 -44.57 41.29
C ARG L 267 0.17 -46.05 41.54
N PRO L 268 1.31 -46.37 42.15
CA PRO L 268 1.64 -47.78 42.44
C PRO L 268 0.95 -48.30 43.68
N VAL L 269 -0.31 -48.71 43.52
CA VAL L 269 -1.09 -49.26 44.62
C VAL L 269 -0.54 -50.62 45.04
N SER L 289 13.06 -72.26 17.75
CA SER L 289 14.04 -71.64 16.88
C SER L 289 13.48 -71.46 15.47
N LEU L 290 12.30 -72.04 15.22
CA LEU L 290 11.66 -71.89 13.92
C LEU L 290 11.34 -70.44 13.62
N SER L 291 10.81 -69.71 14.61
CA SER L 291 10.47 -68.31 14.41
C SER L 291 11.73 -67.47 14.18
N ILE L 292 12.80 -67.73 14.92
CA ILE L 292 14.01 -66.93 14.78
C ILE L 292 14.69 -67.22 13.44
N LEU L 293 14.63 -68.47 12.96
CA LEU L 293 15.14 -68.77 11.63
C LEU L 293 14.28 -68.13 10.56
N MET L 294 12.96 -68.14 10.74
CA MET L 294 12.07 -67.45 9.82
C MET L 294 12.37 -65.96 9.76
N LEU L 295 12.77 -65.37 10.89
CA LEU L 295 13.18 -63.97 10.91
C LEU L 295 14.39 -63.72 10.02
N HIS L 296 15.41 -64.57 10.13
CA HIS L 296 16.66 -64.39 9.39
C HIS L 296 16.55 -64.85 7.94
N ASP L 297 15.46 -65.54 7.56
CA ASP L 297 15.38 -66.20 6.27
C ASP L 297 14.04 -65.89 5.62
N PRO L 298 13.87 -64.68 5.08
CA PRO L 298 12.68 -64.40 4.26
C PRO L 298 12.59 -65.26 3.01
N GLU L 299 13.73 -65.62 2.41
CA GLU L 299 13.70 -66.57 1.31
C GLU L 299 13.18 -67.92 1.79
N ALA L 300 13.42 -68.27 3.05
CA ALA L 300 12.81 -69.48 3.60
C ALA L 300 11.32 -69.27 3.85
N ARG L 301 10.88 -68.03 4.05
CA ARG L 301 9.44 -67.77 4.04
C ARG L 301 8.85 -68.05 2.66
N TYR L 302 9.58 -67.64 1.61
CA TYR L 302 9.16 -67.96 0.25
C TYR L 302 9.15 -69.48 0.03
N LEU L 303 10.15 -70.18 0.56
CA LEU L 303 10.18 -71.64 0.51
C LEU L 303 9.01 -72.27 1.27
N HIS L 304 8.64 -71.70 2.41
CA HIS L 304 7.43 -72.11 3.12
C HIS L 304 6.21 -71.98 2.23
N LYS L 305 6.07 -70.84 1.55
CA LYS L 305 4.94 -70.64 0.66
C LYS L 305 4.92 -71.68 -0.47
N ILE L 306 6.07 -71.88 -1.12
CA ILE L 306 6.11 -72.83 -2.23
C ILE L 306 5.89 -74.26 -1.77
N LEU L 307 6.29 -74.59 -0.53
CA LEU L 307 5.92 -75.88 0.04
C LEU L 307 4.43 -75.98 0.26
N ASN L 308 3.80 -74.89 0.70
CA ASN L 308 2.35 -74.89 0.87
C ASN L 308 1.59 -74.99 -0.45
N LEU L 309 2.19 -74.56 -1.56
CA LEU L 309 1.48 -74.60 -2.84
C LEU L 309 1.16 -76.03 -3.26
N LEU L 310 2.18 -76.91 -3.29
CA LEU L 310 1.91 -78.25 -3.79
C LEU L 310 1.25 -79.10 -2.71
N PRO L 311 0.39 -80.04 -3.09
CA PRO L 311 -0.24 -80.89 -2.09
C PRO L 311 0.77 -81.82 -1.45
N PRO L 312 0.53 -82.25 -0.20
CA PRO L 312 1.49 -83.14 0.47
C PRO L 312 1.36 -84.59 0.01
N GLU L 313 0.62 -84.83 -1.07
CA GLU L 313 0.50 -86.19 -1.60
C GLU L 313 1.85 -86.73 -2.04
N TYR L 314 2.64 -85.90 -2.72
CA TYR L 314 3.99 -86.30 -3.12
C TYR L 314 4.88 -86.51 -1.89
N TYR L 315 4.58 -85.80 -0.81
CA TYR L 315 5.29 -86.01 0.46
C TYR L 315 4.93 -87.34 1.10
N VAL L 316 3.76 -87.90 0.77
CA VAL L 316 3.32 -89.14 1.39
C VAL L 316 4.24 -90.29 1.03
N GLU L 317 4.50 -90.49 -0.26
CA GLU L 317 5.35 -91.59 -0.69
C GLU L 317 6.81 -91.29 -0.43
N TYR L 318 7.58 -92.34 -0.12
CA TYR L 318 9.00 -92.17 0.17
C TYR L 318 9.79 -91.61 -1.01
N PRO L 319 9.61 -92.06 -2.27
CA PRO L 319 10.48 -91.56 -3.35
C PRO L 319 10.43 -90.05 -3.55
N LEU L 320 9.25 -89.50 -3.81
CA LEU L 320 9.16 -88.07 -4.12
C LEU L 320 9.46 -87.22 -2.90
N TRP L 321 9.05 -87.68 -1.72
CA TRP L 321 9.39 -86.94 -0.50
C TRP L 321 10.88 -86.92 -0.26
N SER L 322 11.56 -88.05 -0.50
CA SER L 322 13.02 -88.05 -0.41
C SER L 322 13.64 -87.16 -1.46
N ASN L 323 13.04 -87.10 -2.65
CA ASN L 323 13.53 -86.20 -3.68
C ASN L 323 13.48 -84.75 -3.23
N VAL L 324 12.34 -84.34 -2.65
CA VAL L 324 12.23 -82.95 -2.23
C VAL L 324 13.11 -82.67 -1.01
N VAL L 325 13.29 -83.67 -0.13
CA VAL L 325 14.20 -83.50 1.00
C VAL L 325 15.63 -83.31 0.50
N PHE L 326 16.04 -84.11 -0.50
CA PHE L 326 17.36 -83.93 -1.08
C PHE L 326 17.49 -82.58 -1.76
N ALA L 327 16.42 -82.12 -2.42
CA ALA L 327 16.44 -80.82 -3.07
C ALA L 327 16.66 -79.69 -2.06
N LEU L 328 15.95 -79.74 -0.94
CA LEU L 328 16.12 -78.69 0.06
C LEU L 328 17.46 -78.85 0.80
N ALA L 329 17.95 -80.07 0.97
CA ALA L 329 19.25 -80.27 1.58
C ALA L 329 20.37 -79.75 0.69
N ASN L 330 20.18 -79.77 -0.63
CA ASN L 330 21.15 -79.17 -1.53
C ASN L 330 21.30 -77.67 -1.24
N THR L 331 20.21 -77.02 -0.81
CA THR L 331 20.24 -75.62 -0.44
C THR L 331 20.57 -75.51 1.04
N SER L 332 21.87 -75.40 1.32
CA SER L 332 22.40 -75.19 2.68
C SER L 332 22.07 -76.35 3.62
N ALA L 333 22.61 -76.30 4.84
CA ALA L 333 22.41 -77.35 5.82
C ALA L 333 21.71 -76.87 7.09
N ASN L 334 21.32 -75.60 7.17
CA ASN L 334 20.60 -75.10 8.32
C ASN L 334 19.09 -75.27 8.21
N TYR L 335 18.61 -75.79 7.09
CA TYR L 335 17.18 -76.00 6.87
C TYR L 335 16.69 -77.33 7.40
N ARG L 336 17.44 -77.97 8.31
CA ARG L 336 16.97 -79.21 8.92
C ARG L 336 15.65 -79.03 9.66
N PRO L 337 15.46 -78.02 10.51
CA PRO L 337 14.12 -77.82 11.09
C PRO L 337 13.05 -77.56 10.04
N LEU L 338 13.37 -76.82 8.98
CA LEU L 338 12.40 -76.53 7.95
C LEU L 338 11.85 -77.82 7.34
N ALA L 339 12.75 -78.72 6.92
CA ALA L 339 12.31 -80.04 6.49
C ALA L 339 11.59 -80.75 7.63
N GLU L 340 12.12 -80.64 8.84
CA GLU L 340 11.41 -81.18 10.00
C GLU L 340 10.04 -80.55 10.12
N TRP L 341 9.92 -79.25 9.82
CA TRP L 341 8.61 -78.62 9.80
C TRP L 341 7.69 -79.29 8.78
N PHE L 342 8.22 -79.62 7.62
CA PHE L 342 7.44 -80.31 6.60
C PHE L 342 7.12 -81.74 7.00
N SER L 343 7.75 -82.25 8.06
CA SER L 343 7.57 -83.64 8.47
C SER L 343 6.39 -83.85 9.41
N GLN L 344 5.95 -82.80 10.14
CA GLN L 344 4.81 -82.97 11.03
C GLN L 344 3.53 -83.33 10.28
N LYS L 345 3.42 -82.97 9.01
CA LYS L 345 2.32 -83.45 8.19
C LYS L 345 2.40 -84.96 8.06
N CYS L 346 1.23 -85.61 8.05
CA CYS L 346 1.12 -87.07 7.99
C CYS L 346 2.00 -87.72 9.06
N PRO L 347 1.63 -87.61 10.34
CA PRO L 347 2.47 -88.20 11.39
C PRO L 347 2.63 -89.69 11.27
N GLU L 348 1.66 -90.39 10.68
CA GLU L 348 1.80 -91.83 10.48
C GLU L 348 2.98 -92.15 9.57
N LYS L 349 3.17 -91.36 8.52
CA LYS L 349 4.36 -91.52 7.68
C LYS L 349 5.62 -91.00 8.38
N TRP L 350 5.47 -89.98 9.21
CA TRP L 350 6.63 -89.40 9.89
C TRP L 350 7.06 -90.27 11.07
N ASN L 351 6.21 -90.41 12.08
CA ASN L 351 6.52 -91.27 13.20
C ASN L 351 6.50 -92.74 12.75
N THR L 352 7.38 -93.55 13.33
CA THR L 352 7.54 -94.95 12.95
C THR L 352 7.85 -95.06 11.45
N GLY L 353 9.04 -94.57 11.09
CA GLY L 353 9.36 -94.35 9.71
C GLY L 353 10.02 -93.00 9.47
N GLY L 354 9.32 -92.10 8.78
CA GLY L 354 9.84 -90.80 8.40
C GLY L 354 10.65 -90.05 9.44
N LYS L 355 10.32 -90.23 10.72
CA LYS L 355 11.03 -89.50 11.77
C LYS L 355 12.51 -89.85 11.81
N GLU L 356 12.84 -91.13 11.70
CA GLU L 356 14.23 -91.56 11.73
C GLU L 356 14.87 -91.59 10.35
N LYS L 357 14.12 -91.93 9.31
CA LYS L 357 14.69 -91.93 7.97
C LYS L 357 14.99 -90.52 7.49
N LEU L 358 14.19 -89.53 7.91
CA LEU L 358 14.49 -88.14 7.57
C LEU L 358 15.81 -87.69 8.19
N GLU L 359 16.02 -88.03 9.46
CA GLU L 359 17.27 -87.62 10.12
C GLU L 359 18.46 -88.41 9.57
N LYS L 360 18.25 -89.67 9.16
CA LYS L 360 19.33 -90.39 8.50
C LYS L 360 19.69 -89.74 7.16
N LEU L 361 18.67 -89.36 6.38
CA LEU L 361 18.94 -88.67 5.12
C LEU L 361 19.64 -87.33 5.35
N TRP L 362 19.26 -86.61 6.40
CA TRP L 362 19.93 -85.34 6.69
C TRP L 362 21.35 -85.56 7.17
N ASN L 363 21.60 -86.64 7.91
CA ASN L 363 22.97 -86.97 8.30
C ASN L 363 23.82 -87.25 7.06
N ASP L 364 23.26 -87.96 6.09
CA ASP L 364 23.97 -88.21 4.84
C ASP L 364 23.97 -87.00 3.90
N ALA L 365 23.16 -85.98 4.19
CA ALA L 365 23.05 -84.82 3.31
C ALA L 365 24.40 -84.14 3.08
N SER L 366 25.32 -84.26 4.04
CA SER L 366 26.64 -83.67 3.86
C SER L 366 27.45 -84.38 2.78
N HIS L 367 27.07 -85.60 2.38
CA HIS L 367 27.91 -86.37 1.47
C HIS L 367 27.13 -87.14 0.42
N HIS L 368 25.93 -86.69 0.06
CA HIS L 368 25.28 -87.25 -1.12
C HIS L 368 26.03 -86.84 -2.38
N THR L 369 26.17 -87.79 -3.31
CA THR L 369 26.80 -87.58 -4.61
C THR L 369 25.80 -88.04 -5.67
N GLU L 370 24.90 -87.14 -6.05
CA GLU L 370 23.91 -87.40 -7.08
C GLU L 370 23.55 -86.07 -7.73
N LYS L 371 22.45 -86.04 -8.48
CA LYS L 371 21.99 -84.80 -9.08
C LYS L 371 21.68 -83.78 -8.00
N LYS L 372 22.19 -82.57 -8.17
CA LYS L 372 21.97 -81.48 -7.21
C LYS L 372 20.65 -80.80 -7.54
N ILE L 373 19.56 -81.47 -7.19
CA ILE L 373 18.23 -80.89 -7.40
C ILE L 373 18.09 -79.66 -6.51
N THR L 374 17.63 -78.57 -7.10
CA THR L 374 17.54 -77.29 -6.43
C THR L 374 16.07 -76.85 -6.35
N LYS L 375 15.87 -75.60 -5.91
CA LYS L 375 14.52 -75.05 -5.79
C LYS L 375 13.81 -74.96 -7.13
N ARG L 376 14.54 -75.06 -8.23
CA ARG L 376 13.93 -75.01 -9.56
C ARG L 376 12.92 -76.14 -9.74
N SER L 377 13.26 -77.34 -9.27
CA SER L 377 12.32 -78.45 -9.36
C SER L 377 11.08 -78.19 -8.51
N ILE L 378 11.23 -77.50 -7.39
CA ILE L 378 10.07 -77.20 -6.55
C ILE L 378 9.17 -76.17 -7.23
N MET L 379 9.77 -75.17 -7.89
CA MET L 379 8.95 -74.24 -8.68
C MET L 379 8.23 -74.98 -9.82
N TYR L 380 8.92 -75.91 -10.46
CA TYR L 380 8.29 -76.72 -11.51
C TYR L 380 7.11 -77.50 -10.96
N TRP L 381 7.29 -78.11 -9.78
CA TRP L 381 6.22 -78.86 -9.14
C TRP L 381 5.04 -77.96 -8.78
N ALA L 382 5.34 -76.76 -8.26
CA ALA L 382 4.27 -75.83 -7.94
C ALA L 382 3.50 -75.41 -9.17
N HIS L 383 4.21 -75.19 -10.29
CA HIS L 383 3.54 -74.88 -11.54
C HIS L 383 2.66 -76.04 -12.00
N LYS L 384 3.15 -77.27 -11.86
CA LYS L 384 2.39 -78.43 -12.31
C LYS L 384 1.14 -78.63 -11.47
N HIS L 385 1.24 -78.47 -10.15
CA HIS L 385 0.17 -78.91 -9.26
C HIS L 385 -0.81 -77.78 -8.94
N ALA L 386 -0.30 -76.60 -8.61
CA ALA L 386 -1.14 -75.46 -8.22
C ALA L 386 -0.75 -74.26 -9.07
N PRO L 387 -1.21 -74.21 -10.32
CA PRO L 387 -0.87 -73.08 -11.20
C PRO L 387 -1.70 -71.84 -10.88
N GLN L 388 -1.16 -70.69 -11.32
CA GLN L 388 -1.88 -69.43 -11.38
C GLN L 388 -2.12 -68.83 -10.00
N GLN L 389 -1.82 -69.60 -8.94
CA GLN L 389 -1.95 -69.10 -7.58
C GLN L 389 -0.63 -68.63 -7.00
N TYR L 390 0.48 -69.25 -7.40
CA TYR L 390 1.80 -68.76 -6.98
C TYR L 390 2.23 -67.54 -7.77
N LYS L 391 1.54 -67.23 -8.87
CA LYS L 391 1.91 -66.08 -9.69
C LYS L 391 1.79 -64.78 -8.88
N GLU L 392 0.68 -64.61 -8.17
CA GLU L 392 0.51 -63.42 -7.34
C GLU L 392 1.48 -63.40 -6.17
N ILE L 393 1.78 -64.57 -5.59
CA ILE L 393 2.74 -64.62 -4.49
C ILE L 393 4.11 -64.15 -4.94
N VAL L 394 4.59 -64.71 -6.06
CA VAL L 394 5.93 -64.34 -6.54
C VAL L 394 5.94 -62.90 -7.00
N GLU L 395 4.83 -62.42 -7.59
CA GLU L 395 4.76 -61.01 -7.96
C GLU L 395 4.87 -60.11 -6.74
N GLN L 396 4.14 -60.44 -5.66
CA GLN L 396 4.20 -59.65 -4.43
C GLN L 396 5.61 -59.66 -3.84
N GLY L 397 6.29 -60.80 -3.93
CA GLY L 397 7.66 -60.89 -3.44
C GLY L 397 8.60 -59.84 -4.00
N TYR L 398 8.87 -59.89 -5.30
CA TYR L 398 9.74 -58.86 -5.86
C TYR L 398 9.08 -57.49 -5.91
N PHE L 399 7.75 -57.39 -5.81
CA PHE L 399 7.15 -56.08 -5.66
C PHE L 399 7.64 -55.42 -4.38
N SER L 400 7.61 -56.16 -3.27
CA SER L 400 8.15 -55.66 -2.01
C SER L 400 9.65 -55.44 -2.09
N ILE L 401 10.38 -56.31 -2.79
CA ILE L 401 11.83 -56.14 -2.92
C ILE L 401 12.15 -54.82 -3.63
N LEU L 402 11.51 -54.59 -4.77
CA LEU L 402 11.77 -53.36 -5.53
C LEU L 402 11.27 -52.14 -4.77
N ALA L 403 10.16 -52.28 -4.03
CA ALA L 403 9.71 -51.18 -3.21
C ALA L 403 10.72 -50.82 -2.14
N GLU L 404 11.31 -51.83 -1.50
CA GLU L 404 12.32 -51.56 -0.48
C GLU L 404 13.54 -50.89 -1.09
N TYR L 405 13.98 -51.36 -2.26
CA TYR L 405 15.09 -50.69 -2.94
C TYR L 405 14.76 -49.24 -3.28
N VAL L 406 13.60 -48.98 -3.89
CA VAL L 406 13.30 -47.63 -4.34
C VAL L 406 13.10 -46.70 -3.15
N TYR L 407 12.53 -47.20 -2.06
CA TYR L 407 12.43 -46.41 -0.84
C TYR L 407 13.81 -46.10 -0.28
N SER L 408 14.72 -47.09 -0.32
CA SER L 408 16.04 -46.90 0.27
C SER L 408 16.81 -45.76 -0.41
N TYR L 409 16.57 -45.54 -1.69
CA TYR L 409 17.30 -44.55 -2.46
C TYR L 409 16.41 -43.40 -2.94
N ASN L 410 15.20 -43.28 -2.41
CA ASN L 410 14.31 -42.15 -2.69
C ASN L 410 14.08 -41.96 -4.18
N GLY L 411 13.99 -43.06 -4.92
CA GLY L 411 13.67 -43.01 -6.33
C GLY L 411 14.86 -42.81 -7.26
N MET L 412 16.02 -42.45 -6.73
CA MET L 412 17.22 -42.29 -7.57
C MET L 412 17.74 -43.68 -7.90
N LEU L 413 17.21 -44.25 -8.98
CA LEU L 413 17.59 -45.59 -9.38
C LEU L 413 19.01 -45.62 -9.92
N GLU L 414 19.56 -46.83 -10.01
CA GLU L 414 20.92 -47.05 -10.49
C GLU L 414 21.05 -48.53 -10.83
N HIS L 415 22.22 -48.93 -11.30
CA HIS L 415 22.44 -50.31 -11.68
C HIS L 415 22.48 -51.20 -10.44
N TYR L 416 22.48 -52.51 -10.69
CA TYR L 416 22.62 -53.56 -9.68
C TYR L 416 21.38 -53.70 -8.80
N MET L 417 20.44 -52.77 -8.90
CA MET L 417 19.12 -53.02 -8.35
C MET L 417 18.22 -53.69 -9.38
N ILE L 418 18.23 -53.19 -10.62
CA ILE L 418 17.56 -53.89 -11.70
C ILE L 418 18.18 -55.28 -11.89
N ALA L 419 19.48 -55.42 -11.62
CA ALA L 419 20.11 -56.73 -11.72
C ALA L 419 19.50 -57.72 -10.74
N LYS L 420 19.36 -57.32 -9.47
CA LYS L 420 18.73 -58.20 -8.49
C LYS L 420 17.27 -58.46 -8.83
N VAL L 421 16.56 -57.43 -9.30
CA VAL L 421 15.15 -57.61 -9.65
C VAL L 421 15.00 -58.60 -10.80
N ILE L 422 15.91 -58.55 -11.78
CA ILE L 422 15.85 -59.50 -12.89
C ILE L 422 16.25 -60.89 -12.44
N TYR L 423 17.24 -60.99 -11.55
CA TYR L 423 17.54 -62.28 -10.94
C TYR L 423 16.30 -62.87 -10.28
N ALA L 424 15.49 -62.02 -9.66
CA ALA L 424 14.18 -62.45 -9.16
C ALA L 424 13.23 -62.80 -10.29
N MET L 425 13.29 -62.08 -11.41
CA MET L 425 12.40 -62.35 -12.54
C MET L 425 12.56 -63.77 -13.03
N MET L 426 13.76 -64.10 -13.54
CA MET L 426 14.01 -65.45 -14.04
C MET L 426 15.48 -65.75 -13.77
N GLY L 427 15.73 -66.35 -12.60
CA GLY L 427 17.05 -66.79 -12.20
C GLY L 427 17.34 -68.23 -12.52
N ASN L 428 16.55 -68.86 -13.39
CA ASN L 428 16.68 -70.27 -13.69
C ASN L 428 16.78 -70.53 -15.19
N LYS L 429 16.87 -69.47 -16.01
CA LYS L 429 16.94 -69.60 -17.45
C LYS L 429 18.32 -69.28 -18.01
N PHE L 430 19.06 -68.37 -17.39
CA PHE L 430 20.35 -67.92 -17.91
C PHE L 430 21.42 -68.16 -16.86
N VAL L 431 22.57 -68.66 -17.30
CA VAL L 431 23.70 -68.88 -16.40
C VAL L 431 24.97 -68.45 -17.11
N VAL L 432 25.83 -67.72 -16.40
CA VAL L 432 27.04 -67.15 -16.95
C VAL L 432 28.24 -67.92 -16.40
N ASP L 433 29.15 -68.32 -17.29
CA ASP L 433 30.36 -69.00 -16.86
C ASP L 433 31.56 -68.45 -17.60
N VAL L 434 32.73 -68.58 -16.97
CA VAL L 434 33.99 -68.08 -17.52
C VAL L 434 34.72 -69.23 -18.22
N ASP L 435 35.14 -69.00 -19.46
CA ASP L 435 35.87 -70.00 -20.22
C ASP L 435 37.35 -69.93 -19.87
N SER L 436 38.17 -70.66 -20.62
CA SER L 436 39.62 -70.58 -20.41
C SER L 436 40.18 -69.23 -20.84
N ASN L 437 39.54 -68.58 -21.82
CA ASN L 437 39.97 -67.27 -22.27
C ASN L 437 39.61 -66.16 -21.29
N GLY L 438 38.82 -66.46 -20.25
CA GLY L 438 38.37 -65.44 -19.33
C GLY L 438 37.14 -64.69 -19.77
N LYS L 439 36.54 -65.06 -20.91
CA LYS L 439 35.37 -64.37 -21.42
C LYS L 439 34.10 -64.99 -20.85
N TYR L 440 33.24 -64.15 -20.28
CA TYR L 440 31.97 -64.64 -19.75
C TYR L 440 31.03 -65.00 -20.89
N VAL L 441 30.43 -66.19 -20.80
CA VAL L 441 29.51 -66.68 -21.82
C VAL L 441 28.25 -67.19 -21.14
N TRP L 442 27.11 -66.94 -21.79
CA TRP L 442 25.81 -67.26 -21.23
C TRP L 442 25.36 -68.64 -21.69
N PHE L 443 24.39 -69.19 -20.97
CA PHE L 443 23.77 -70.46 -21.34
C PHE L 443 22.29 -70.38 -20.98
N GLU L 444 21.45 -70.87 -21.90
CA GLU L 444 20.00 -70.77 -21.77
C GLU L 444 19.37 -72.14 -21.95
N PHE L 445 18.43 -72.48 -21.07
CA PHE L 445 17.72 -73.75 -21.12
C PHE L 445 16.45 -73.56 -21.92
N VAL L 446 16.37 -74.22 -23.08
CA VAL L 446 15.25 -74.00 -23.99
C VAL L 446 13.97 -74.59 -23.41
N LEU L 447 12.85 -73.97 -23.76
CA LEU L 447 11.51 -74.42 -23.40
C LEU L 447 10.66 -74.47 -24.66
N PRO L 448 9.67 -75.35 -24.71
CA PRO L 448 8.74 -75.34 -25.85
C PRO L 448 7.98 -74.03 -25.92
N GLY L 449 7.76 -73.56 -27.15
CA GLY L 449 7.00 -72.34 -27.37
C GLY L 449 7.83 -71.07 -27.27
N GLN L 450 8.88 -70.98 -28.08
CA GLN L 450 9.72 -69.80 -28.13
C GLN L 450 10.51 -69.83 -29.43
N PRO L 451 11.00 -68.69 -29.91
CA PRO L 451 11.89 -68.71 -31.09
C PRO L 451 13.09 -69.60 -30.83
N MET L 452 13.40 -70.46 -31.79
CA MET L 452 14.30 -71.57 -31.53
C MET L 452 14.61 -72.29 -32.84
N ASN L 453 15.75 -72.97 -32.85
CA ASN L 453 16.12 -73.86 -33.95
C ASN L 453 15.38 -75.19 -33.78
N GLN L 454 15.79 -76.20 -34.55
CA GLN L 454 15.14 -77.51 -34.55
C GLN L 454 16.03 -78.55 -33.90
N GLY L 455 15.44 -79.40 -33.07
CA GLY L 455 16.12 -80.55 -32.51
C GLY L 455 16.85 -80.32 -31.19
N GLU L 456 16.84 -79.10 -30.67
CA GLU L 456 17.54 -78.79 -29.42
C GLU L 456 16.61 -78.82 -28.22
N ILE L 457 15.43 -79.43 -28.35
CA ILE L 457 14.40 -79.33 -27.32
C ILE L 457 14.90 -79.88 -25.99
N TRP L 458 14.53 -79.19 -24.90
CA TRP L 458 14.84 -79.61 -23.54
C TRP L 458 16.34 -79.76 -23.31
N LYS L 459 17.12 -78.81 -23.82
CA LYS L 459 18.57 -78.87 -23.71
C LYS L 459 19.13 -77.46 -23.50
N TRP L 460 20.35 -77.41 -22.99
CA TRP L 460 21.02 -76.14 -22.72
C TRP L 460 21.78 -75.68 -23.97
N ARG L 461 21.70 -74.40 -24.27
CA ARG L 461 22.34 -73.82 -25.44
C ARG L 461 23.34 -72.75 -25.01
N LYS L 462 24.55 -72.82 -25.55
CA LYS L 462 25.54 -71.77 -25.36
C LYS L 462 25.08 -70.49 -26.05
N GLU L 463 25.48 -69.35 -25.50
CA GLU L 463 24.98 -68.07 -25.96
C GLU L 463 26.03 -67.00 -25.71
N VAL L 464 26.12 -66.05 -26.62
CA VAL L 464 27.23 -65.08 -26.66
C VAL L 464 26.81 -63.70 -26.17
N ASN L 465 25.64 -63.22 -26.59
CA ASN L 465 25.20 -61.86 -26.27
C ASN L 465 23.69 -61.89 -26.08
N PRO L 466 23.22 -61.92 -24.82
CA PRO L 466 21.79 -62.18 -24.56
C PRO L 466 20.85 -61.30 -25.35
N ASP L 467 20.07 -61.93 -26.24
CA ASP L 467 19.17 -61.21 -27.14
C ASP L 467 17.76 -61.10 -26.56
N GLU L 468 17.11 -62.23 -26.30
CA GLU L 468 15.77 -62.19 -25.73
C GLU L 468 15.78 -61.60 -24.32
N LEU L 469 16.95 -61.64 -23.66
CA LEU L 469 17.03 -61.11 -22.30
C LEU L 469 16.74 -59.62 -22.26
N HIS L 470 17.24 -58.87 -23.26
CA HIS L 470 17.01 -57.42 -23.26
C HIS L 470 15.53 -57.09 -23.40
N ILE L 471 14.83 -57.76 -24.32
CA ILE L 471 13.40 -57.58 -24.45
C ILE L 471 12.70 -57.97 -23.16
N TYR L 472 13.13 -59.07 -22.54
CA TYR L 472 12.56 -59.47 -21.26
C TYR L 472 12.75 -58.39 -20.20
N ILE L 473 13.90 -57.70 -20.22
CA ILE L 473 14.11 -56.58 -19.31
C ILE L 473 13.12 -55.47 -19.58
N SER L 474 12.99 -55.08 -20.86
CA SER L 474 12.22 -53.89 -21.20
C SER L 474 10.72 -54.09 -21.10
N GLU L 475 10.20 -55.26 -21.50
CA GLU L 475 8.76 -55.43 -21.64
C GLU L 475 8.11 -55.97 -20.36
N ASN L 476 8.53 -57.16 -19.92
CA ASN L 476 7.87 -57.82 -18.80
C ASN L 476 8.17 -57.11 -17.48
N PHE L 477 9.44 -56.77 -17.26
CA PHE L 477 9.85 -56.14 -16.01
C PHE L 477 9.22 -54.76 -15.83
N SER L 478 8.98 -54.03 -16.92
CA SER L 478 8.35 -52.71 -16.81
C SER L 478 7.05 -52.76 -16.02
N ARG L 479 6.23 -53.79 -16.23
CA ARG L 479 4.96 -53.89 -15.54
C ARG L 479 5.13 -53.83 -14.03
N VAL L 480 6.26 -54.31 -13.51
CA VAL L 480 6.49 -54.29 -12.08
C VAL L 480 6.36 -52.86 -11.54
N MET L 481 7.02 -51.92 -12.21
CA MET L 481 6.93 -50.53 -11.75
C MET L 481 5.53 -49.97 -11.87
N ASP L 482 4.74 -50.48 -12.83
CA ASP L 482 3.33 -50.11 -12.88
C ASP L 482 2.65 -50.46 -11.57
N ARG L 483 2.91 -51.67 -11.05
CA ARG L 483 2.39 -52.02 -9.73
C ARG L 483 2.94 -51.06 -8.68
N ILE L 484 4.21 -50.66 -8.81
CA ILE L 484 4.73 -49.59 -7.97
C ILE L 484 3.97 -48.29 -8.23
N THR L 485 3.77 -47.97 -9.51
CA THR L 485 3.22 -46.66 -9.88
C THR L 485 1.91 -46.39 -9.15
N GLU L 486 0.89 -47.22 -9.40
CA GLU L 486 -0.38 -47.05 -8.73
C GLU L 486 -0.25 -47.14 -7.22
N HIS L 487 0.69 -47.96 -6.73
CA HIS L 487 0.89 -48.07 -5.29
C HIS L 487 1.26 -46.72 -4.71
N ILE L 488 2.03 -45.91 -5.46
CA ILE L 488 2.27 -44.54 -5.05
C ILE L 488 1.00 -43.71 -5.18
N LYS L 489 0.33 -43.81 -6.34
CA LYS L 489 -0.81 -42.94 -6.61
C LYS L 489 -1.92 -43.16 -5.58
N TYR L 490 -2.19 -44.41 -5.23
CA TYR L 490 -3.19 -44.69 -4.21
C TYR L 490 -2.85 -43.97 -2.91
N HIS L 491 -1.57 -43.99 -2.51
CA HIS L 491 -1.17 -43.28 -1.30
C HIS L 491 -1.28 -41.78 -1.48
N LEU L 492 -1.13 -41.28 -2.70
CA LEU L 492 -1.46 -39.88 -2.96
C LEU L 492 -2.95 -39.63 -2.76
N SER L 493 -3.79 -40.59 -3.15
CA SER L 493 -5.23 -40.46 -2.92
C SER L 493 -5.56 -40.39 -1.45
N GLN L 494 -4.73 -40.99 -0.60
CA GLN L 494 -4.98 -40.98 0.84
C GLN L 494 -4.72 -39.58 1.40
N PRO L 495 -5.71 -38.95 2.03
CA PRO L 495 -5.48 -37.63 2.63
C PRO L 495 -4.78 -37.76 3.97
N HIS L 496 -3.63 -37.10 4.09
CA HIS L 496 -2.81 -37.18 5.29
C HIS L 496 -2.10 -35.85 5.49
N GLU L 497 -1.06 -35.85 6.33
CA GLU L 497 -0.34 -34.64 6.68
C GLU L 497 0.44 -34.10 5.48
N SER L 498 0.91 -32.86 5.61
CA SER L 498 1.63 -32.22 4.52
C SER L 498 2.94 -32.93 4.20
N ASN L 499 3.68 -33.35 5.23
CA ASN L 499 5.03 -33.89 5.03
C ASN L 499 4.99 -35.17 4.21
N ILE L 500 4.05 -36.07 4.51
CA ILE L 500 3.96 -37.32 3.77
C ILE L 500 3.60 -37.06 2.31
N LEU L 501 2.68 -36.12 2.07
CA LEU L 501 2.33 -35.79 0.69
C LEU L 501 3.52 -35.19 -0.06
N ASN L 502 4.30 -34.33 0.60
CA ASN L 502 5.48 -33.77 -0.05
C ASN L 502 6.50 -34.85 -0.36
N TYR L 503 6.71 -35.78 0.57
CA TYR L 503 7.63 -36.89 0.33
C TYR L 503 7.19 -37.73 -0.86
N TYR L 504 5.90 -38.08 -0.90
CA TYR L 504 5.38 -38.82 -2.03
C TYR L 504 5.46 -38.02 -3.33
N LYS L 505 5.37 -36.69 -3.24
CA LYS L 505 5.52 -35.86 -4.42
C LYS L 505 6.94 -35.94 -4.98
N LYS L 506 7.93 -35.84 -4.10
CA LYS L 506 9.32 -35.96 -4.55
C LYS L 506 9.57 -37.36 -5.15
N LEU L 507 9.05 -38.39 -4.51
CA LEU L 507 9.15 -39.73 -5.10
C LEU L 507 8.47 -39.80 -6.46
N LEU L 508 7.33 -39.11 -6.62
CA LEU L 508 6.65 -39.11 -7.91
C LEU L 508 7.49 -38.44 -8.98
N LYS L 509 8.12 -37.31 -8.66
CA LYS L 509 9.04 -36.71 -9.63
C LYS L 509 10.17 -37.66 -9.99
N ALA L 510 10.80 -38.27 -8.98
CA ALA L 510 11.94 -39.14 -9.26
C ALA L 510 11.54 -40.40 -10.02
N PHE L 511 10.28 -40.82 -9.92
CA PHE L 511 9.89 -42.11 -10.46
C PHE L 511 9.99 -42.17 -11.98
N GLU L 512 9.42 -41.17 -12.67
CA GLU L 512 9.49 -41.19 -14.13
C GLU L 512 10.91 -40.96 -14.63
N ARG L 513 11.71 -40.16 -13.92
CA ARG L 513 13.11 -40.01 -14.29
C ARG L 513 13.84 -41.35 -14.22
N SER L 514 13.57 -42.14 -13.18
CA SER L 514 14.13 -43.48 -13.12
C SER L 514 13.55 -44.39 -14.21
N LYS L 515 12.26 -44.24 -14.51
CA LYS L 515 11.59 -45.11 -15.47
C LYS L 515 12.15 -44.92 -16.87
N SER L 516 12.47 -43.68 -17.23
CA SER L 516 12.94 -43.40 -18.59
C SER L 516 14.20 -44.19 -18.92
N LYS L 517 15.07 -44.40 -17.93
CA LYS L 517 16.35 -45.03 -18.17
C LYS L 517 16.21 -46.50 -18.56
N ILE L 518 15.04 -47.11 -18.36
CA ILE L 518 14.88 -48.54 -18.63
C ILE L 518 15.01 -48.84 -20.12
N PHE L 519 14.49 -47.96 -20.97
CA PHE L 519 14.48 -48.20 -22.40
C PHE L 519 15.80 -47.87 -23.08
N ASN L 520 16.71 -47.19 -22.39
CA ASN L 520 17.97 -46.79 -23.00
C ASN L 520 18.86 -48.00 -23.26
N ASP L 521 19.53 -47.99 -24.42
CA ASP L 521 20.37 -49.11 -24.80
C ASP L 521 21.62 -49.22 -23.92
N SER L 522 22.30 -48.10 -23.70
CA SER L 522 23.51 -48.12 -22.87
C SER L 522 23.18 -48.50 -21.44
N PHE L 523 22.04 -48.05 -20.92
CA PHE L 523 21.63 -48.43 -19.58
C PHE L 523 21.41 -49.94 -19.49
N LYS L 524 20.77 -50.53 -20.51
CA LYS L 524 20.57 -51.98 -20.52
C LYS L 524 21.91 -52.71 -20.61
N LYS L 525 22.85 -52.18 -21.40
CA LYS L 525 24.17 -52.79 -21.47
C LYS L 525 24.86 -52.77 -20.12
N GLY L 526 24.79 -51.64 -19.42
CA GLY L 526 25.35 -51.57 -18.07
C GLY L 526 24.66 -52.52 -17.10
N VAL L 527 23.34 -52.65 -17.23
CA VAL L 527 22.60 -53.57 -16.37
C VAL L 527 23.04 -55.01 -16.63
N ILE L 528 23.26 -55.36 -17.91
CA ILE L 528 23.73 -56.70 -18.23
C ILE L 528 25.14 -56.93 -17.68
N ARG L 529 26.00 -55.91 -17.79
CA ARG L 529 27.35 -56.04 -17.26
C ARG L 529 27.34 -56.20 -15.75
N GLN L 530 26.41 -55.53 -15.07
CA GLN L 530 26.23 -55.76 -13.64
C GLN L 530 25.69 -57.15 -13.35
N ALA L 531 24.73 -57.61 -14.15
CA ALA L 531 24.04 -58.87 -13.88
C ALA L 531 24.90 -60.09 -14.18
N GLU L 532 25.95 -59.93 -14.99
CA GLU L 532 26.85 -61.07 -15.24
C GLU L 532 27.44 -61.60 -13.95
N PHE L 533 27.56 -60.75 -12.93
CA PHE L 533 28.13 -61.17 -11.65
C PHE L 533 27.17 -62.03 -10.85
N LEU L 534 25.89 -61.67 -10.81
CA LEU L 534 24.93 -62.38 -9.97
C LEU L 534 24.53 -63.73 -10.55
N PHE L 535 24.60 -63.88 -11.89
CA PHE L 535 24.19 -65.11 -12.53
C PHE L 535 25.33 -66.10 -12.73
N ARG L 536 26.53 -65.78 -12.25
CA ARG L 536 27.66 -66.68 -12.42
C ARG L 536 27.58 -67.84 -11.44
N GLN L 537 27.77 -69.05 -11.96
CA GLN L 537 27.81 -70.27 -11.14
C GLN L 537 29.17 -70.92 -11.32
N ARG L 538 29.87 -71.16 -10.21
CA ARG L 538 31.16 -71.82 -10.28
C ARG L 538 31.01 -73.29 -10.61
N SER L 539 32.00 -73.83 -11.31
CA SER L 539 32.04 -75.23 -11.71
C SER L 539 30.80 -75.62 -12.53
N PHE L 540 30.66 -74.95 -13.68
CA PHE L 540 29.54 -75.21 -14.58
C PHE L 540 29.99 -75.72 -15.95
N ILE L 541 30.98 -75.08 -16.57
CA ILE L 541 31.45 -75.56 -17.86
C ILE L 541 32.16 -76.90 -17.72
N GLN L 542 33.02 -77.03 -16.72
CA GLN L 542 33.77 -78.27 -16.54
C GLN L 542 32.90 -79.43 -16.09
N THR L 543 31.70 -79.16 -15.58
CA THR L 543 30.77 -80.21 -15.20
C THR L 543 29.77 -80.53 -16.30
N LEU L 544 29.87 -79.87 -17.45
CA LEU L 544 28.95 -80.15 -18.55
C LEU L 544 29.21 -81.53 -19.13
N ASP L 545 28.15 -82.33 -19.22
CA ASP L 545 28.18 -83.63 -19.89
C ASP L 545 29.24 -84.56 -19.28
N THR L 546 29.54 -84.39 -18.00
CA THR L 546 30.46 -85.30 -17.33
C THR L 546 29.90 -86.72 -17.28
N ASN L 547 28.61 -86.84 -17.00
CA ASN L 547 27.97 -88.15 -17.01
C ASN L 547 27.76 -88.59 -18.46
N PRO L 548 28.34 -89.70 -18.90
CA PRO L 548 28.17 -90.12 -20.30
C PRO L 548 26.85 -90.81 -20.59
N HIS L 549 26.02 -91.04 -19.58
CA HIS L 549 24.78 -91.78 -19.76
C HIS L 549 23.62 -90.90 -20.24
N LEU L 550 23.84 -89.60 -20.40
CA LEU L 550 22.83 -88.68 -20.89
C LEU L 550 23.22 -88.20 -22.28
N LEU L 551 22.33 -88.37 -23.25
CA LEU L 551 22.60 -88.03 -24.64
C LEU L 551 21.50 -87.10 -25.15
N GLY L 552 21.90 -86.17 -26.02
CA GLY L 552 20.95 -85.26 -26.63
C GLY L 552 20.42 -85.81 -27.95
N VAL L 553 19.10 -85.78 -28.11
CA VAL L 553 18.43 -86.31 -29.29
C VAL L 553 17.45 -85.24 -29.79
N GLY L 554 17.02 -85.43 -31.05
CA GLY L 554 16.20 -84.42 -31.68
C GLY L 554 14.92 -84.11 -30.92
N ASN L 555 14.41 -85.09 -30.19
CA ASN L 555 13.20 -84.91 -29.38
C ASN L 555 13.50 -84.84 -27.88
N GLY L 556 14.66 -84.31 -27.50
CA GLY L 556 14.95 -84.10 -26.10
C GLY L 556 16.25 -84.71 -25.62
N VAL L 557 16.18 -85.44 -24.50
CA VAL L 557 17.34 -86.08 -23.90
C VAL L 557 16.98 -87.51 -23.53
N LEU L 558 17.93 -88.43 -23.75
CA LEU L 558 17.77 -89.83 -23.43
C LEU L 558 18.79 -90.23 -22.37
N SER L 559 18.31 -90.93 -21.34
CA SER L 559 19.14 -91.39 -20.24
C SER L 559 19.28 -92.90 -20.34
N ILE L 560 20.53 -93.36 -20.49
CA ILE L 560 20.84 -94.78 -20.52
C ILE L 560 21.42 -95.26 -19.20
N GLU L 561 21.48 -94.39 -18.18
CA GLU L 561 21.94 -94.81 -16.87
C GLU L 561 21.02 -95.87 -16.29
N THR L 562 19.71 -95.71 -16.44
CA THR L 562 18.73 -96.66 -15.97
C THR L 562 18.17 -97.43 -17.16
N ILE L 563 17.91 -98.72 -16.95
CA ILE L 563 17.34 -99.61 -17.96
C ILE L 563 15.86 -99.79 -17.65
N PRO L 564 14.95 -99.50 -18.61
CA PRO L 564 15.25 -99.03 -19.97
C PRO L 564 15.57 -97.54 -20.03
N ALA L 565 16.13 -97.10 -21.16
CA ALA L 565 16.48 -95.70 -21.33
C ALA L 565 15.23 -94.83 -21.22
N LYS L 566 15.38 -93.67 -20.58
CA LYS L 566 14.25 -92.79 -20.30
C LYS L 566 14.39 -91.51 -21.12
N LEU L 567 13.32 -91.14 -21.83
CA LEU L 567 13.29 -89.92 -22.60
C LEU L 567 12.71 -88.80 -21.73
N ILE L 568 13.56 -87.88 -21.30
CA ILE L 568 13.14 -86.77 -20.44
C ILE L 568 12.72 -85.62 -21.36
N ASN L 569 11.41 -85.53 -21.63
CA ASN L 569 10.84 -84.46 -22.44
C ASN L 569 10.15 -83.42 -21.56
N HIS L 570 10.71 -83.18 -20.38
CA HIS L 570 10.16 -82.22 -19.43
C HIS L 570 11.33 -81.50 -18.77
N PHE L 571 11.02 -80.73 -17.72
CA PHE L 571 12.06 -79.99 -17.02
C PHE L 571 13.02 -80.93 -16.29
N HIS L 572 14.29 -80.54 -16.27
CA HIS L 572 15.31 -81.31 -15.58
C HIS L 572 16.46 -80.37 -15.23
N GLU L 573 17.40 -80.89 -14.43
CA GLU L 573 18.54 -80.13 -13.96
C GLU L 573 19.85 -80.77 -14.41
N HIS L 574 19.85 -81.28 -15.64
CA HIS L 574 21.04 -81.94 -16.20
C HIS L 574 21.73 -81.01 -17.17
N PRO L 575 22.97 -80.60 -16.91
CA PRO L 575 23.70 -79.65 -17.78
C PRO L 575 24.31 -80.31 -19.02
N ILE L 576 23.48 -80.44 -20.05
CA ILE L 576 23.88 -81.03 -21.32
C ILE L 576 23.79 -79.97 -22.41
N HIS L 577 24.75 -80.00 -23.33
CA HIS L 577 24.72 -79.06 -24.45
C HIS L 577 24.83 -79.74 -25.81
N GLN L 578 25.64 -80.79 -25.92
CA GLN L 578 25.79 -81.49 -27.18
C GLN L 578 24.58 -82.39 -27.43
N TYR L 579 24.27 -82.60 -28.71
CA TYR L 579 23.08 -83.34 -29.09
C TYR L 579 23.21 -83.77 -30.55
N THR L 580 22.27 -84.63 -30.97
CA THR L 580 22.10 -84.99 -32.37
C THR L 580 20.65 -84.78 -32.75
N HIS L 581 20.43 -84.46 -34.03
CA HIS L 581 19.10 -84.14 -34.52
C HIS L 581 18.28 -85.38 -34.88
N ILE L 582 18.67 -86.55 -34.39
CA ILE L 582 17.96 -87.79 -34.69
C ILE L 582 16.86 -87.98 -33.66
N CYS L 583 15.62 -88.00 -34.11
CA CYS L 583 14.49 -88.24 -33.21
C CYS L 583 14.52 -89.67 -32.69
N TYR L 584 14.13 -89.84 -31.44
CA TYR L 584 14.12 -91.15 -30.79
C TYR L 584 12.76 -91.81 -30.95
N VAL L 585 12.78 -93.08 -31.33
CA VAL L 585 11.58 -93.91 -31.35
C VAL L 585 11.89 -95.21 -30.61
N PRO L 586 10.91 -95.83 -29.97
CA PRO L 586 11.16 -97.13 -29.32
C PRO L 586 11.47 -98.19 -30.36
N PHE L 587 12.18 -99.23 -29.93
CA PHE L 587 12.55 -100.31 -30.83
C PHE L 587 11.31 -100.99 -31.38
N ASN L 588 11.05 -100.81 -32.68
CA ASN L 588 9.85 -101.32 -33.34
C ASN L 588 10.28 -102.20 -34.51
N PRO L 589 10.47 -103.49 -34.29
CA PRO L 589 10.77 -104.40 -35.42
C PRO L 589 9.65 -104.48 -36.44
N GLU L 590 8.42 -104.12 -36.06
CA GLU L 590 7.30 -104.13 -37.00
C GLU L 590 7.39 -103.01 -38.03
N ASN L 591 8.27 -102.03 -37.84
CA ASN L 591 8.41 -100.96 -38.81
C ASN L 591 9.00 -101.51 -40.10
N PRO L 592 8.41 -101.18 -41.27
CA PRO L 592 8.97 -101.69 -42.53
C PRO L 592 10.41 -101.27 -42.77
N TRP L 593 10.77 -100.05 -42.40
CA TRP L 593 12.16 -99.62 -42.52
C TRP L 593 13.05 -100.39 -41.56
N THR L 594 12.55 -100.69 -40.36
CA THR L 594 13.31 -101.52 -39.44
C THR L 594 13.52 -102.91 -40.03
N LYS L 595 12.50 -103.49 -40.64
CA LYS L 595 12.65 -104.80 -41.28
C LYS L 595 13.67 -104.74 -42.40
N LEU L 596 13.62 -103.69 -43.22
CA LEU L 596 14.58 -103.54 -44.31
C LEU L 596 16.00 -103.41 -43.78
N LEU L 597 16.20 -102.63 -42.72
CA LEU L 597 17.52 -102.49 -42.12
C LEU L 597 18.01 -103.82 -41.57
N LEU L 598 17.12 -104.57 -40.90
CA LEU L 598 17.51 -105.87 -40.37
C LEU L 598 17.92 -106.82 -41.49
N ASN L 599 17.15 -106.85 -42.58
CA ASN L 599 17.47 -107.72 -43.70
C ASN L 599 18.80 -107.33 -44.34
N ALA L 600 19.03 -106.02 -44.50
CA ALA L 600 20.28 -105.56 -45.09
C ALA L 600 21.47 -105.93 -44.20
N LEU L 601 21.32 -105.77 -42.89
CA LEU L 601 22.39 -106.15 -41.96
C LEU L 601 22.65 -107.65 -42.02
N GLN L 602 21.57 -108.45 -42.09
CA GLN L 602 21.73 -109.90 -42.13
C GLN L 602 22.41 -110.36 -43.41
N ASP L 603 22.11 -109.70 -44.53
CA ASP L 603 22.71 -110.10 -45.81
C ASP L 603 24.22 -109.93 -45.78
N ILE L 604 24.72 -108.85 -45.19
CA ILE L 604 26.16 -108.61 -45.15
C ILE L 604 26.85 -109.66 -44.29
N ILE L 605 26.23 -110.04 -43.18
CA ILE L 605 26.82 -110.99 -42.22
C ILE L 605 25.83 -112.10 -41.94
N PRO L 606 25.67 -113.05 -42.87
CA PRO L 606 24.64 -114.09 -42.70
C PRO L 606 24.85 -114.97 -41.47
N GLU L 607 26.09 -115.23 -41.08
CA GLU L 607 26.35 -116.07 -39.91
C GLU L 607 25.76 -115.42 -38.66
N LEU L 608 25.04 -116.22 -37.87
CA LEU L 608 24.29 -115.69 -36.74
C LEU L 608 25.21 -115.29 -35.59
N ASP L 609 26.18 -116.14 -35.27
CA ASP L 609 27.02 -115.89 -34.10
C ASP L 609 27.85 -114.62 -34.26
N ALA L 610 28.45 -114.42 -35.43
CA ALA L 610 29.18 -113.17 -35.66
C ALA L 610 28.23 -111.99 -35.77
N ARG L 611 27.03 -112.21 -36.35
CA ARG L 611 26.07 -111.13 -36.45
C ARG L 611 25.74 -110.56 -35.07
N LEU L 612 25.36 -111.44 -34.14
CA LEU L 612 25.01 -110.98 -32.79
C LEU L 612 26.19 -110.29 -32.11
N TRP L 613 27.41 -110.66 -32.47
CA TRP L 613 28.58 -109.97 -31.95
C TRP L 613 28.71 -108.57 -32.55
N ILE L 614 28.32 -108.39 -33.81
CA ILE L 614 28.49 -107.11 -34.48
C ILE L 614 27.66 -106.02 -33.82
N MET L 615 26.38 -106.29 -33.56
CA MET L 615 25.55 -105.26 -32.92
C MET L 615 26.02 -104.98 -31.50
N PHE L 616 26.47 -106.02 -30.79
CA PHE L 616 26.98 -105.81 -29.43
C PHE L 616 28.21 -104.92 -29.44
N TYR L 617 29.09 -105.11 -30.41
CA TYR L 617 30.26 -104.24 -30.55
C TYR L 617 29.86 -102.83 -30.96
N LEU L 618 28.87 -102.70 -31.85
CA LEU L 618 28.52 -101.40 -32.40
C LEU L 618 27.79 -100.55 -31.37
N SER L 619 26.90 -101.15 -30.58
CA SER L 619 26.12 -100.39 -29.60
C SER L 619 26.99 -99.79 -28.51
N THR L 620 28.22 -100.30 -28.33
CA THR L 620 29.13 -99.71 -27.37
C THR L 620 29.62 -98.33 -27.80
N ALA L 621 29.54 -98.01 -29.09
CA ALA L 621 29.89 -96.68 -29.55
C ALA L 621 28.97 -95.62 -28.99
N ILE L 622 27.74 -95.99 -28.61
CA ILE L 622 26.84 -95.04 -27.96
C ILE L 622 27.43 -94.58 -26.64
N PHE L 623 28.04 -95.50 -25.89
CA PHE L 623 28.64 -95.16 -24.62
C PHE L 623 29.77 -94.15 -24.80
N ARG L 624 29.77 -93.11 -23.96
CA ARG L 624 30.78 -92.09 -23.99
C ARG L 624 31.76 -92.16 -22.83
N GLY L 625 31.52 -93.04 -21.86
CA GLY L 625 32.41 -93.21 -20.73
C GLY L 625 33.50 -94.22 -21.02
N LEU L 626 34.26 -94.55 -19.97
CA LEU L 626 35.38 -95.47 -20.09
C LEU L 626 34.90 -96.81 -20.62
N LYS L 627 35.62 -97.35 -21.61
CA LYS L 627 35.24 -98.57 -22.29
C LYS L 627 36.40 -99.55 -22.28
N GLU L 628 36.07 -100.83 -22.40
CA GLU L 628 37.08 -101.87 -22.46
C GLU L 628 37.94 -101.71 -23.72
N ALA L 629 39.22 -102.00 -23.58
CA ALA L 629 40.18 -101.85 -24.69
C ALA L 629 39.96 -102.98 -25.68
N LEU L 630 39.22 -102.70 -26.75
CA LEU L 630 38.97 -103.68 -27.79
C LEU L 630 38.79 -102.98 -29.12
N MET L 631 39.45 -103.51 -30.15
CA MET L 631 39.32 -103.01 -31.51
C MET L 631 39.29 -104.19 -32.47
N LEU L 632 38.68 -103.99 -33.62
CA LEU L 632 38.57 -105.05 -34.62
C LEU L 632 38.70 -104.46 -36.02
N LEU L 633 39.29 -105.23 -36.91
CA LEU L 633 39.33 -104.91 -38.33
C LEU L 633 38.75 -106.08 -39.12
N TRP L 634 37.91 -105.77 -40.10
CA TRP L 634 37.23 -106.79 -40.89
C TRP L 634 37.70 -106.88 -42.33
N LEU L 635 38.31 -105.83 -42.86
CA LEU L 635 38.99 -105.86 -44.16
C LEU L 635 38.11 -106.48 -45.25
N GLY L 636 37.01 -105.79 -45.55
CA GLY L 636 36.11 -106.26 -46.57
C GLY L 636 36.81 -106.43 -47.91
N GLY L 637 36.61 -107.59 -48.53
CA GLY L 637 37.31 -107.88 -49.77
C GLY L 637 36.95 -106.92 -50.89
N GLY L 638 35.67 -106.54 -50.98
CA GLY L 638 35.23 -105.62 -52.01
C GLY L 638 33.76 -105.75 -52.32
N CYS L 639 33.09 -104.62 -52.52
CA CYS L 639 31.66 -104.56 -52.81
C CYS L 639 30.86 -105.30 -51.74
N ASN L 640 31.01 -104.82 -50.51
CA ASN L 640 30.38 -105.37 -49.32
C ASN L 640 29.48 -104.31 -48.69
N GLY L 641 29.03 -104.59 -47.47
CA GLY L 641 28.39 -103.57 -46.66
C GLY L 641 29.37 -102.51 -46.20
N LYS L 642 30.58 -102.56 -46.76
CA LYS L 642 31.60 -101.55 -46.50
C LYS L 642 31.08 -100.16 -46.86
N THR L 643 31.29 -99.21 -45.96
CA THR L 643 30.81 -97.83 -46.09
C THR L 643 29.29 -97.78 -46.28
N PHE L 644 28.59 -98.85 -45.92
CA PHE L 644 27.13 -98.88 -45.96
C PHE L 644 26.54 -99.03 -44.56
N LEU L 645 26.90 -100.09 -43.84
CA LEU L 645 26.51 -100.19 -42.44
C LEU L 645 27.39 -99.31 -41.56
N MET L 646 28.67 -99.19 -41.92
CA MET L 646 29.59 -98.36 -41.15
C MET L 646 29.30 -96.87 -41.32
N ARG L 647 29.03 -96.44 -42.56
CA ARG L 647 28.74 -95.03 -42.79
C ARG L 647 27.41 -94.63 -42.15
N LEU L 648 26.43 -95.53 -42.17
CA LEU L 648 25.11 -95.22 -41.62
C LEU L 648 25.17 -94.89 -40.12
N VAL L 649 26.24 -95.30 -39.44
CA VAL L 649 26.39 -94.93 -38.03
C VAL L 649 26.72 -93.45 -37.89
N ALA L 650 27.41 -92.86 -38.88
CA ALA L 650 27.98 -91.53 -38.71
C ALA L 650 26.91 -90.46 -38.51
N MET L 651 25.93 -90.39 -39.42
CA MET L 651 24.91 -89.36 -39.28
C MET L 651 23.86 -89.73 -38.25
N VAL L 652 23.68 -91.02 -37.98
CA VAL L 652 22.77 -91.43 -36.89
C VAL L 652 23.32 -90.93 -35.55
N LEU L 653 24.61 -91.09 -35.33
CA LEU L 653 25.22 -90.51 -34.12
C LEU L 653 25.28 -89.00 -34.20
N GLY L 654 25.44 -88.43 -35.39
CA GLY L 654 25.52 -87.00 -35.54
C GLY L 654 26.94 -86.47 -35.38
N ASP L 655 27.11 -85.21 -35.79
CA ASP L 655 28.43 -84.58 -35.73
C ASP L 655 28.93 -84.48 -34.29
N HIS L 656 28.04 -84.16 -33.36
CA HIS L 656 28.45 -84.02 -31.96
C HIS L 656 28.90 -85.33 -31.36
N TYR L 657 28.47 -86.46 -31.91
CA TYR L 657 28.78 -87.77 -31.36
C TYR L 657 29.56 -88.68 -32.30
N ALA L 658 29.77 -88.27 -33.55
CA ALA L 658 30.52 -89.07 -34.51
C ALA L 658 31.56 -88.19 -35.20
N SER L 659 32.66 -88.83 -35.61
CA SER L 659 33.74 -88.13 -36.28
C SER L 659 34.53 -89.12 -37.11
N LYS L 660 35.15 -88.63 -38.18
CA LYS L 660 35.94 -89.45 -39.09
C LYS L 660 37.42 -89.20 -38.85
N LEU L 661 38.18 -90.27 -38.68
CA LEU L 661 39.61 -90.19 -38.44
C LEU L 661 40.39 -90.35 -39.74
N ASN L 662 41.65 -89.93 -39.71
CA ASN L 662 42.53 -89.97 -40.86
C ASN L 662 43.62 -91.01 -40.65
N ILE L 663 43.85 -91.83 -41.68
CA ILE L 663 44.84 -92.89 -41.60
C ILE L 663 46.28 -92.37 -41.63
N SER L 664 46.46 -91.05 -41.78
CA SER L 664 47.81 -90.49 -41.81
C SER L 664 48.55 -90.75 -40.50
N LEU L 665 47.84 -90.71 -39.37
CA LEU L 665 48.46 -91.04 -38.09
C LEU L 665 48.91 -92.49 -38.01
N LEU L 666 48.33 -93.37 -38.82
CA LEU L 666 48.63 -94.79 -38.78
C LEU L 666 49.59 -95.23 -39.89
N THR L 667 49.37 -94.78 -41.13
CA THR L 667 50.25 -95.14 -42.23
C THR L 667 51.56 -94.37 -42.21
N SER L 668 51.61 -93.23 -41.52
CA SER L 668 52.83 -92.45 -41.36
C SER L 668 53.13 -92.36 -39.87
N CYS L 669 53.07 -93.49 -39.18
CA CYS L 669 52.97 -93.52 -37.73
C CYS L 669 54.32 -93.28 -37.04
N ARG L 670 55.00 -92.19 -37.41
CA ARG L 670 56.18 -91.74 -36.68
C ARG L 670 56.43 -90.28 -37.07
N GLU L 671 56.30 -89.39 -36.10
CA GLU L 671 56.50 -87.96 -36.37
C GLU L 671 56.90 -87.27 -35.07
N THR L 672 57.55 -86.13 -35.22
CA THR L 672 58.01 -85.36 -34.07
C THR L 672 56.86 -84.58 -33.45
N ALA L 673 57.10 -84.08 -32.23
CA ALA L 673 56.12 -83.25 -31.54
C ALA L 673 55.94 -81.89 -32.18
N GLU L 674 56.80 -81.51 -33.13
CA GLU L 674 56.68 -80.21 -33.79
C GLU L 674 55.37 -80.10 -34.57
N LYS L 675 54.81 -81.23 -35.01
CA LYS L 675 53.55 -81.24 -35.75
C LYS L 675 52.48 -81.95 -34.94
N PRO L 676 51.65 -81.24 -34.19
CA PRO L 676 50.46 -81.87 -33.59
C PRO L 676 49.34 -82.01 -34.61
N ASN L 677 48.87 -83.24 -34.83
CA ASN L 677 47.79 -83.46 -35.78
C ASN L 677 46.47 -83.08 -35.15
N SER L 678 45.59 -82.45 -35.94
CA SER L 678 44.28 -82.07 -35.43
C SER L 678 43.46 -83.30 -35.04
N ALA L 679 43.57 -84.37 -35.83
CA ALA L 679 42.85 -85.60 -35.50
C ALA L 679 43.35 -86.20 -34.20
N PHE L 680 44.58 -85.90 -33.80
CA PHE L 680 45.09 -86.42 -32.53
C PHE L 680 44.30 -85.86 -31.35
N MET L 681 43.93 -84.59 -31.42
CA MET L 681 43.09 -83.97 -30.39
C MET L 681 41.60 -84.13 -30.67
N ARG L 682 41.22 -84.85 -31.71
CA ARG L 682 39.82 -85.02 -32.07
C ARG L 682 39.19 -86.08 -31.17
N LEU L 683 38.00 -86.55 -31.56
CA LEU L 683 37.19 -87.53 -30.84
C LEU L 683 36.65 -86.98 -29.53
N LYS L 684 36.68 -85.67 -29.32
CA LYS L 684 36.17 -85.07 -28.09
C LYS L 684 34.68 -85.35 -27.92
N GLY L 685 34.33 -86.21 -26.97
CA GLY L 685 32.95 -86.55 -26.73
C GLY L 685 32.40 -87.56 -27.72
N ARG L 686 33.19 -87.87 -28.75
CA ARG L 686 32.77 -88.79 -29.80
C ARG L 686 33.08 -90.22 -29.37
N GLY L 687 32.03 -91.01 -29.15
CA GLY L 687 32.18 -92.41 -28.82
C GLY L 687 32.32 -93.33 -30.01
N TYR L 688 32.33 -92.79 -31.22
CA TYR L 688 32.43 -93.56 -32.45
C TYR L 688 33.59 -93.03 -33.29
N GLY L 689 34.47 -93.94 -33.71
CA GLY L 689 35.58 -93.59 -34.56
C GLY L 689 35.80 -94.60 -35.67
N TYR L 690 36.26 -94.14 -36.83
CA TYR L 690 36.44 -95.03 -37.97
C TYR L 690 37.45 -94.43 -38.93
N PHE L 691 37.94 -95.28 -39.83
CA PHE L 691 38.88 -94.89 -40.88
C PHE L 691 38.28 -95.26 -42.23
N GLU L 692 38.41 -94.35 -43.19
CA GLU L 692 37.86 -94.58 -44.51
C GLU L 692 38.67 -95.64 -45.26
N GLU L 693 38.06 -96.20 -46.30
CA GLU L 693 38.71 -97.20 -47.11
C GLU L 693 39.91 -96.61 -47.85
N THR L 694 40.97 -97.39 -47.96
CA THR L 694 42.19 -96.98 -48.64
C THR L 694 42.35 -97.72 -49.96
N ASN L 695 43.27 -97.22 -50.78
CA ASN L 695 43.47 -97.79 -52.12
C ASN L 695 44.29 -99.07 -52.07
N LYS L 696 45.53 -98.98 -51.59
CA LYS L 696 46.46 -100.09 -51.57
C LYS L 696 46.62 -100.62 -50.15
N SER L 697 47.52 -101.59 -50.01
CA SER L 697 47.82 -102.16 -48.70
C SER L 697 48.61 -101.17 -47.86
N GLU L 698 48.64 -101.42 -46.56
CA GLU L 698 49.33 -100.54 -45.62
C GLU L 698 50.21 -101.36 -44.68
N VAL L 699 51.21 -100.70 -44.12
CA VAL L 699 52.09 -101.28 -43.11
C VAL L 699 52.06 -100.38 -41.89
N LEU L 700 51.98 -101.00 -40.72
CA LEU L 700 51.87 -100.26 -39.46
C LEU L 700 53.23 -100.20 -38.79
N ASN L 701 53.56 -99.02 -38.24
CA ASN L 701 54.81 -98.81 -37.53
C ASN L 701 54.81 -99.43 -36.14
N THR L 702 53.74 -100.16 -35.78
CA THR L 702 53.59 -100.85 -34.50
C THR L 702 53.51 -99.87 -33.33
N SER L 703 53.59 -98.58 -33.62
CA SER L 703 53.47 -97.54 -32.60
C SER L 703 52.10 -96.89 -32.68
N ARG L 704 51.79 -96.08 -31.67
CA ARG L 704 50.52 -95.40 -31.52
C ARG L 704 49.32 -96.36 -31.57
N LEU L 705 49.52 -97.62 -31.21
CA LEU L 705 48.40 -98.54 -30.97
C LEU L 705 48.20 -98.75 -29.47
N LYS L 706 49.26 -99.16 -28.77
CA LYS L 706 49.19 -99.26 -27.32
C LYS L 706 48.94 -97.91 -26.66
N GLU L 707 49.35 -96.82 -27.31
CA GLU L 707 49.18 -95.49 -26.74
C GLU L 707 47.75 -94.97 -26.84
N MET L 708 46.93 -95.54 -27.72
CA MET L 708 45.54 -95.12 -27.84
C MET L 708 44.53 -96.23 -27.55
N VAL L 709 44.99 -97.46 -27.29
CA VAL L 709 44.04 -98.50 -26.87
C VAL L 709 43.95 -98.54 -25.35
N ASN L 710 45.00 -98.10 -24.66
CA ASN L 710 45.00 -98.08 -23.21
C ASN L 710 44.01 -97.05 -22.68
N PRO L 711 43.50 -97.25 -21.47
CA PRO L 711 42.57 -96.28 -20.89
C PRO L 711 43.27 -95.04 -20.34
N GLY L 712 44.53 -94.85 -20.70
CA GLY L 712 45.29 -93.71 -20.23
C GLY L 712 44.86 -92.41 -20.89
N ASP L 713 45.63 -91.37 -20.60
CA ASP L 713 45.31 -90.03 -21.07
C ASP L 713 45.84 -89.84 -22.49
N VAL L 714 45.83 -88.59 -22.97
CA VAL L 714 46.26 -88.23 -24.31
C VAL L 714 47.22 -87.05 -24.20
N THR L 715 47.84 -86.70 -25.32
CA THR L 715 48.97 -85.78 -25.31
C THR L 715 49.06 -85.11 -26.69
N ALA L 716 50.24 -84.56 -27.00
CA ALA L 716 50.65 -83.85 -28.21
C ALA L 716 50.22 -82.39 -28.22
N ARG L 717 49.52 -81.90 -27.19
CA ARG L 717 49.32 -80.48 -26.95
C ARG L 717 48.58 -79.76 -28.06
N GLU L 718 48.51 -78.44 -27.96
CA GLU L 718 47.88 -77.57 -28.94
C GLU L 718 48.84 -76.43 -29.26
N LEU L 719 48.67 -75.84 -30.45
CA LEU L 719 49.60 -74.81 -30.91
C LEU L 719 49.68 -73.63 -29.95
N ASN L 720 48.61 -73.36 -29.20
CA ASN L 720 48.62 -72.21 -28.29
C ASN L 720 47.94 -72.53 -26.95
N GLN L 721 47.90 -73.80 -26.56
CA GLN L 721 47.25 -74.17 -25.31
C GLN L 721 47.76 -75.54 -24.87
N LYS L 722 47.29 -75.97 -23.70
CA LYS L 722 47.71 -77.21 -23.08
C LYS L 722 47.17 -78.41 -23.87
N GLN L 723 47.59 -79.60 -23.47
CA GLN L 723 47.24 -80.82 -24.18
C GLN L 723 45.76 -81.16 -23.99
N GLU L 724 45.28 -82.06 -24.86
CA GLU L 724 43.86 -82.38 -24.93
C GLU L 724 43.34 -82.96 -23.62
N SER L 725 44.10 -83.89 -23.03
CA SER L 725 43.78 -84.55 -21.77
C SER L 725 42.43 -85.28 -21.81
N PHE L 726 41.88 -85.53 -22.99
CA PHE L 726 40.60 -86.21 -23.10
C PHE L 726 40.79 -87.71 -22.95
N GLN L 727 39.89 -88.33 -22.18
CA GLN L 727 39.92 -89.78 -21.98
C GLN L 727 39.43 -90.46 -23.26
N MET L 728 40.23 -91.40 -23.77
CA MET L 728 39.90 -92.13 -25.00
C MET L 728 38.62 -92.92 -24.76
N THR L 729 37.54 -92.52 -25.42
CA THR L 729 36.27 -93.25 -25.38
C THR L 729 35.72 -93.25 -26.81
N ALA L 730 36.16 -94.22 -27.62
CA ALA L 730 35.72 -94.31 -29.00
C ALA L 730 36.08 -95.67 -29.56
N THR L 731 35.08 -96.40 -30.04
CA THR L 731 35.34 -97.64 -30.77
C THR L 731 35.93 -97.32 -32.14
N MET L 732 36.75 -98.24 -32.66
CA MET L 732 37.38 -98.07 -33.95
C MET L 732 37.07 -99.27 -34.84
N VAL L 733 36.73 -99.01 -36.09
CA VAL L 733 36.52 -100.03 -37.10
C VAL L 733 37.27 -99.63 -38.36
N ALA L 734 37.91 -100.60 -39.01
CA ALA L 734 38.71 -100.36 -40.20
C ALA L 734 38.18 -101.19 -41.36
N ALA L 735 37.91 -100.52 -42.47
CA ALA L 735 37.43 -101.17 -43.69
C ALA L 735 38.40 -100.86 -44.83
N SER L 736 38.86 -101.92 -45.51
CA SER L 736 39.79 -101.75 -46.61
C SER L 736 39.71 -102.97 -47.52
N ASN L 737 39.81 -102.74 -48.83
CA ASN L 737 39.81 -103.85 -49.78
C ASN L 737 41.03 -104.74 -49.60
N TYR L 738 42.19 -104.15 -49.36
CA TYR L 738 43.42 -104.89 -49.17
C TYR L 738 43.67 -105.11 -47.69
N ASN L 739 44.83 -105.68 -47.37
CA ASN L 739 45.18 -106.02 -46.00
C ASN L 739 46.26 -105.08 -45.47
N PHE L 740 46.48 -105.17 -44.16
CA PHE L 740 47.53 -104.42 -43.48
C PHE L 740 48.64 -105.35 -43.05
N ILE L 741 49.79 -104.76 -42.70
CA ILE L 741 51.00 -105.50 -42.36
C ILE L 741 51.34 -105.20 -40.92
N ILE L 742 51.47 -106.25 -40.11
CA ILE L 742 51.88 -106.15 -38.72
C ILE L 742 53.11 -107.03 -38.53
N ASP L 743 54.02 -106.60 -37.65
CA ASP L 743 55.30 -107.27 -37.46
C ASP L 743 55.52 -107.60 -35.98
N THR L 744 54.47 -108.00 -35.27
CA THR L 744 54.61 -108.40 -33.89
C THR L 744 53.48 -109.35 -33.52
N THR L 745 53.75 -110.21 -32.54
CA THR L 745 52.76 -111.18 -32.06
C THR L 745 52.74 -111.30 -30.54
N ASP L 746 53.73 -110.74 -29.84
CA ASP L 746 53.86 -110.96 -28.40
C ASP L 746 52.65 -110.42 -27.64
N HIS L 747 52.43 -110.97 -26.45
CA HIS L 747 51.26 -110.66 -25.66
C HIS L 747 51.19 -109.20 -25.21
N GLY L 748 52.30 -108.46 -25.30
CA GLY L 748 52.25 -107.04 -25.00
C GLY L 748 51.25 -106.31 -25.87
N THR L 749 51.16 -106.69 -27.14
CA THR L 749 50.14 -106.23 -28.07
C THR L 749 49.31 -107.43 -28.51
N TRP L 750 48.43 -107.20 -29.49
CA TRP L 750 47.62 -108.20 -30.16
C TRP L 750 46.57 -108.83 -29.25
N ARG L 751 46.55 -108.50 -27.96
CA ARG L 751 45.52 -108.98 -27.06
C ARG L 751 44.27 -108.12 -27.09
N ARG L 752 44.40 -106.87 -27.56
CA ARG L 752 43.29 -105.94 -27.67
C ARG L 752 42.83 -105.77 -29.11
N LEU L 753 43.30 -106.62 -30.02
CA LEU L 753 43.00 -106.52 -31.45
C LEU L 753 42.34 -107.80 -31.93
N ARG L 754 41.32 -107.65 -32.77
CA ARG L 754 40.61 -108.78 -33.36
C ARG L 754 40.49 -108.58 -34.87
N HIS L 755 40.48 -109.69 -35.59
CA HIS L 755 40.41 -109.67 -37.05
C HIS L 755 39.18 -110.42 -37.53
N TYR L 756 38.71 -110.02 -38.70
CA TYR L 756 37.55 -110.63 -39.33
C TYR L 756 37.72 -110.48 -40.84
N ARG L 757 36.93 -111.25 -41.59
CA ARG L 757 36.87 -111.08 -43.03
C ARG L 757 35.42 -111.21 -43.48
N SER L 758 35.07 -110.47 -44.52
CA SER L 758 33.72 -110.51 -45.05
C SER L 758 33.40 -111.91 -45.57
N LYS L 759 32.51 -112.62 -44.87
CA LYS L 759 32.18 -113.98 -45.27
C LYS L 759 31.46 -114.02 -46.61
N VAL L 760 30.67 -112.98 -46.92
CA VAL L 760 29.97 -112.88 -48.19
C VAL L 760 30.20 -111.50 -48.78
N LYS L 761 29.97 -111.40 -50.09
CA LYS L 761 30.12 -110.12 -50.79
C LYS L 761 28.92 -109.88 -51.70
N PHE L 762 28.98 -108.84 -52.52
CA PHE L 762 27.90 -108.50 -53.44
C PHE L 762 28.48 -108.20 -54.82
N CYS L 763 27.75 -108.62 -55.84
CA CYS L 763 28.14 -108.38 -57.23
C CYS L 763 26.91 -107.98 -58.03
N HIS L 764 27.13 -107.13 -59.04
CA HIS L 764 26.03 -106.65 -59.86
C HIS L 764 25.41 -107.77 -60.69
N ASN L 765 26.22 -108.72 -61.16
CA ASN L 765 25.72 -109.83 -61.95
C ASN L 765 25.41 -111.00 -61.02
N PRO L 766 24.15 -111.44 -60.93
CA PRO L 766 23.82 -112.56 -60.03
C PRO L 766 24.55 -113.84 -60.42
N ASP L 767 24.91 -114.63 -59.41
CA ASP L 767 25.59 -115.90 -59.61
C ASP L 767 24.81 -117.01 -58.92
N PRO L 768 24.61 -118.15 -59.59
CA PRO L 768 23.80 -119.22 -59.00
C PRO L 768 24.53 -119.93 -57.87
N SER L 769 23.81 -120.12 -56.76
CA SER L 769 24.31 -120.89 -55.61
C SER L 769 25.65 -120.36 -55.11
N ASN L 770 25.78 -119.04 -55.07
CA ASN L 770 27.00 -118.39 -54.61
C ASN L 770 26.71 -117.54 -53.39
N PRO L 771 27.03 -118.02 -52.18
CA PRO L 771 26.85 -117.17 -50.99
C PRO L 771 27.69 -115.90 -51.04
N TYR L 772 28.89 -115.96 -51.62
CA TYR L 772 29.74 -114.78 -51.75
C TYR L 772 29.18 -113.75 -52.74
N GLU L 773 28.18 -114.11 -53.52
CA GLU L 773 27.64 -113.24 -54.56
C GLU L 773 26.17 -112.95 -54.27
N LYS L 774 25.83 -111.67 -54.16
CA LYS L 774 24.45 -111.28 -53.94
C LYS L 774 24.27 -109.94 -54.63
N LYS L 775 23.05 -109.63 -55.05
CA LYS L 775 22.80 -108.40 -55.77
C LYS L 775 23.14 -107.19 -54.90
N GLU L 776 23.98 -106.29 -55.41
CA GLU L 776 24.31 -105.09 -54.67
C GLU L 776 23.14 -104.12 -54.72
N ASP L 777 23.17 -103.11 -53.86
CA ASP L 777 22.06 -102.16 -53.81
C ASP L 777 22.54 -100.73 -53.94
N PRO L 778 22.93 -100.32 -55.16
CA PRO L 778 23.49 -98.97 -55.34
C PRO L 778 22.66 -97.91 -54.63
N ARG L 779 21.34 -98.00 -54.74
CA ARG L 779 20.47 -97.01 -54.08
C ARG L 779 20.73 -97.01 -52.58
N PHE L 780 21.01 -98.18 -52.01
CA PHE L 780 21.31 -98.25 -50.59
C PHE L 780 22.57 -97.46 -50.27
N ILE L 781 23.57 -97.55 -51.14
CA ILE L 781 24.84 -96.88 -50.87
C ILE L 781 24.75 -95.38 -51.15
N HIS L 782 23.85 -94.95 -52.05
CA HIS L 782 23.79 -93.55 -52.41
C HIS L 782 22.54 -92.83 -51.93
N GLU L 783 21.56 -93.52 -51.37
CA GLU L 783 20.38 -92.87 -50.82
C GLU L 783 19.77 -93.75 -49.75
N TYR L 784 18.55 -93.39 -49.33
CA TYR L 784 17.82 -93.98 -48.21
C TYR L 784 18.39 -93.56 -46.86
N ILE L 785 19.48 -92.78 -46.86
CA ILE L 785 20.02 -92.27 -45.60
C ILE L 785 19.22 -91.06 -45.13
N MET L 786 18.85 -90.18 -46.06
CA MET L 786 18.25 -88.89 -45.73
C MET L 786 16.91 -89.02 -45.01
N ASP L 787 16.28 -90.20 -45.11
CA ASP L 787 15.00 -90.42 -44.46
C ASP L 787 15.17 -90.33 -42.94
N PRO L 788 14.45 -89.45 -42.25
CA PRO L 788 14.52 -89.44 -40.78
C PRO L 788 14.07 -90.75 -40.15
N ASP L 789 13.08 -91.41 -40.75
CA ASP L 789 12.54 -92.62 -40.17
C ASP L 789 13.56 -93.75 -40.15
N CYS L 790 14.37 -93.87 -41.21
CA CYS L 790 15.39 -94.91 -41.22
C CYS L 790 16.44 -94.66 -40.14
N GLN L 791 16.82 -93.40 -39.95
CA GLN L 791 17.76 -93.08 -38.87
C GLN L 791 17.17 -93.40 -37.51
N ASN L 792 15.88 -93.10 -37.32
CA ASN L 792 15.22 -93.44 -36.06
C ASN L 792 15.19 -94.95 -35.85
N ALA L 793 14.92 -95.71 -36.92
CA ALA L 793 14.89 -97.17 -36.82
C ALA L 793 16.27 -97.71 -36.48
N PHE L 794 17.31 -97.18 -37.12
CA PHE L 794 18.67 -97.62 -36.82
C PHE L 794 19.04 -97.31 -35.38
N PHE L 795 18.71 -96.11 -34.90
CA PHE L 795 18.97 -95.76 -33.52
C PHE L 795 18.23 -96.68 -32.55
N SER L 796 16.97 -96.99 -32.86
CA SER L 796 16.21 -97.90 -32.02
C SER L 796 16.82 -99.30 -32.00
N ILE L 797 17.27 -99.79 -33.15
CA ILE L 797 17.90 -101.11 -33.20
C ILE L 797 19.17 -101.12 -32.36
N LEU L 798 20.01 -100.09 -32.50
CA LEU L 798 21.25 -100.04 -31.74
C LEU L 798 20.99 -99.95 -30.24
N VAL L 799 20.05 -99.11 -29.82
CA VAL L 799 19.78 -99.01 -28.39
C VAL L 799 19.16 -100.29 -27.87
N TYR L 800 18.30 -100.95 -28.66
CA TYR L 800 17.73 -102.22 -28.25
C TYR L 800 18.80 -103.28 -28.04
N PHE L 801 19.77 -103.34 -28.95
CA PHE L 801 20.88 -104.28 -28.78
C PHE L 801 21.82 -103.86 -27.66
N TRP L 802 21.83 -102.60 -27.27
CA TRP L 802 22.71 -102.14 -26.20
C TRP L 802 22.34 -102.75 -24.86
N GLU L 803 21.06 -102.65 -24.46
CA GLU L 803 20.67 -103.19 -23.16
C GLU L 803 20.82 -104.70 -23.11
N LYS L 804 20.77 -105.37 -24.26
CA LYS L 804 21.01 -106.81 -24.28
C LYS L 804 22.43 -107.13 -23.84
N LEU L 805 23.41 -106.36 -24.33
CA LEU L 805 24.77 -106.52 -23.83
C LEU L 805 24.88 -106.12 -22.37
N GLN L 806 24.17 -105.05 -21.98
CA GLN L 806 24.26 -104.58 -20.59
C GLN L 806 23.78 -105.66 -19.62
N LYS L 807 22.69 -106.35 -19.96
CA LYS L 807 22.13 -107.32 -19.03
C LYS L 807 22.80 -108.69 -19.17
N GLU L 808 23.04 -109.14 -20.40
CA GLU L 808 23.55 -110.49 -20.62
C GLU L 808 24.94 -110.69 -20.04
N TYR L 809 25.94 -110.02 -20.61
CA TYR L 809 27.31 -110.14 -20.13
C TYR L 809 27.66 -109.03 -19.15
N ASN L 810 26.78 -108.81 -18.16
CA ASN L 810 26.97 -107.82 -17.11
C ASN L 810 27.56 -106.51 -17.61
N GLY L 811 27.16 -106.09 -18.80
CA GLY L 811 27.70 -104.87 -19.40
C GLY L 811 29.17 -104.92 -19.70
N GLN L 812 29.67 -106.04 -20.22
CA GLN L 812 31.06 -106.16 -20.64
C GLN L 812 31.15 -106.77 -22.03
N ILE L 813 32.16 -106.36 -22.79
CA ILE L 813 32.35 -106.86 -24.14
C ILE L 813 33.32 -108.04 -24.20
N LYS L 814 34.18 -108.19 -23.19
CA LYS L 814 35.15 -109.29 -23.20
C LYS L 814 34.44 -110.64 -23.20
N LYS L 815 33.39 -110.78 -22.39
CA LYS L 815 32.64 -112.03 -22.33
C LYS L 815 31.81 -112.28 -23.59
N VAL L 816 31.61 -111.27 -24.43
CA VAL L 816 30.83 -111.42 -25.66
C VAL L 816 31.71 -112.18 -26.65
N PHE L 817 31.45 -113.47 -26.81
CA PHE L 817 32.26 -114.34 -27.66
C PHE L 817 31.36 -115.12 -28.60
N CYS L 818 31.85 -115.34 -29.82
CA CYS L 818 31.17 -116.12 -30.85
C CYS L 818 32.18 -117.03 -31.53
N PRO L 819 31.73 -118.11 -32.15
CA PRO L 819 32.67 -119.02 -32.83
C PRO L 819 33.55 -118.33 -33.87
N THR L 820 33.03 -117.34 -34.60
CA THR L 820 33.86 -116.63 -35.57
C THR L 820 35.01 -115.88 -34.89
N ILE L 821 34.81 -115.45 -33.64
CA ILE L 821 35.90 -114.87 -32.88
C ILE L 821 36.93 -115.94 -32.60
N GLU L 822 38.22 -115.60 -32.78
CA GLU L 822 39.33 -116.52 -32.63
C GLU L 822 39.24 -117.69 -33.62
N SER L 823 38.62 -117.44 -34.77
CA SER L 823 38.67 -118.36 -35.90
C SER L 823 39.39 -117.72 -37.08
N GLU L 824 38.92 -116.56 -37.53
CA GLU L 824 39.66 -115.77 -38.51
C GLU L 824 40.62 -114.80 -37.84
N THR L 825 40.28 -114.34 -36.63
CA THR L 825 41.26 -113.61 -35.82
C THR L 825 42.44 -114.50 -35.45
N GLU L 826 42.16 -115.77 -35.15
CA GLU L 826 43.24 -116.71 -34.88
C GLU L 826 44.13 -116.90 -36.10
N ALA L 827 43.53 -116.97 -37.29
CA ALA L 827 44.33 -117.09 -38.51
C ALA L 827 45.23 -115.86 -38.69
N TYR L 828 44.73 -114.68 -38.32
CA TYR L 828 45.54 -113.48 -38.49
C TYR L 828 46.65 -113.39 -37.45
N ARG L 829 46.37 -113.80 -36.21
CA ARG L 829 47.42 -113.79 -35.19
C ARG L 829 48.48 -114.85 -35.48
N LYS L 830 48.10 -115.95 -36.13
CA LYS L 830 49.10 -116.86 -36.66
C LYS L 830 49.83 -116.28 -37.87
N SER L 831 49.26 -115.27 -38.52
CA SER L 831 49.92 -114.55 -39.59
C SER L 831 50.64 -113.34 -39.01
N GLN L 832 51.12 -112.46 -39.88
CA GLN L 832 51.86 -111.25 -39.51
C GLN L 832 53.17 -111.57 -38.80
N ASP L 833 53.69 -112.79 -38.98
CA ASP L 833 54.99 -113.16 -38.43
C ASP L 833 55.56 -114.26 -39.32
N THR L 834 56.48 -113.89 -40.21
CA THR L 834 57.04 -114.80 -41.19
C THR L 834 58.55 -114.95 -41.02
N LEU L 835 59.05 -114.76 -39.80
CA LEU L 835 60.48 -114.99 -39.55
C LEU L 835 60.83 -116.45 -39.74
N HIS L 836 59.97 -117.36 -39.27
CA HIS L 836 60.19 -118.79 -39.50
C HIS L 836 60.07 -119.12 -40.99
N ARG L 837 59.29 -118.34 -41.74
CA ARG L 837 59.17 -118.56 -43.17
C ARG L 837 60.51 -118.35 -43.88
N PHE L 838 61.28 -117.35 -43.45
CA PHE L 838 62.59 -117.12 -44.04
C PHE L 838 63.51 -118.32 -43.85
N ILE L 839 63.50 -118.91 -42.66
CA ILE L 839 64.26 -120.13 -42.43
C ILE L 839 63.73 -121.26 -43.30
N THR L 840 62.40 -121.37 -43.40
CA THR L 840 61.80 -122.37 -44.28
C THR L 840 62.09 -122.08 -45.75
N GLU L 841 62.04 -120.82 -46.16
CA GLU L 841 62.30 -120.45 -47.55
C GLU L 841 63.81 -120.30 -47.80
N SER L 856 76.33 -113.76 -38.26
CA SER L 856 75.57 -112.60 -38.71
C SER L 856 75.01 -112.82 -40.11
N GLU L 857 75.23 -114.01 -40.66
CA GLU L 857 74.75 -114.31 -41.99
C GLU L 857 73.25 -114.54 -42.03
N VAL L 858 72.66 -115.02 -40.94
CA VAL L 858 71.22 -115.32 -40.93
C VAL L 858 70.41 -114.04 -41.06
N VAL L 859 70.74 -113.02 -40.25
CA VAL L 859 70.01 -111.76 -40.31
C VAL L 859 70.29 -111.04 -41.61
N THR L 860 71.53 -111.12 -42.10
CA THR L 860 71.87 -110.51 -43.38
C THR L 860 71.03 -111.10 -44.50
N ALA L 861 70.95 -112.42 -44.57
CA ALA L 861 70.14 -113.08 -45.58
C ALA L 861 68.65 -112.76 -45.40
N TYR L 862 68.18 -112.72 -44.15
CA TYR L 862 66.80 -112.35 -43.89
C TYR L 862 66.49 -110.94 -44.40
N ALA L 863 67.48 -110.05 -44.36
CA ALA L 863 67.26 -108.70 -44.88
C ALA L 863 66.87 -108.72 -46.36
N GLU L 864 67.67 -109.39 -47.19
CA GLU L 864 67.34 -109.45 -48.61
C GLU L 864 66.10 -110.30 -48.86
N TRP L 865 65.88 -111.32 -48.04
CA TRP L 865 64.67 -112.13 -48.20
C TRP L 865 63.42 -111.29 -48.00
N TYR L 866 63.40 -110.46 -46.95
CA TYR L 866 62.28 -109.57 -46.73
C TYR L 866 62.19 -108.49 -47.79
N ASN L 867 63.35 -108.00 -48.26
CA ASN L 867 63.34 -106.98 -49.31
C ASN L 867 62.69 -107.52 -50.59
N THR L 868 62.99 -108.76 -50.96
CA THR L 868 62.47 -109.36 -52.18
C THR L 868 61.14 -110.07 -51.97
N ASN L 869 60.66 -110.18 -50.73
CA ASN L 869 59.41 -110.87 -50.44
C ASN L 869 58.24 -109.93 -50.20
N ILE L 870 58.40 -108.93 -49.32
CA ILE L 870 57.28 -108.07 -48.98
C ILE L 870 57.60 -106.61 -49.31
N ASN L 871 58.61 -106.06 -48.67
CA ASN L 871 58.95 -104.65 -48.86
C ASN L 871 60.40 -104.43 -48.49
N VAL L 872 60.94 -103.30 -48.93
CA VAL L 872 62.33 -102.94 -48.69
C VAL L 872 62.37 -101.82 -47.66
N LYS L 873 63.21 -102.00 -46.63
CA LYS L 873 63.40 -101.02 -45.57
C LYS L 873 64.65 -101.41 -44.79
N ARG L 874 65.32 -100.40 -44.24
CA ARG L 874 66.56 -100.65 -43.50
C ARG L 874 66.27 -101.51 -42.26
N HIS L 875 67.05 -102.57 -42.09
CA HIS L 875 66.86 -103.51 -41.00
C HIS L 875 67.93 -103.30 -39.94
N ILE L 876 67.55 -103.58 -38.69
CA ILE L 876 68.46 -103.49 -37.55
C ILE L 876 68.71 -104.91 -37.06
N ALA L 877 69.96 -105.36 -37.16
CA ALA L 877 70.31 -106.72 -36.77
C ALA L 877 70.50 -106.89 -35.27
N LEU L 878 70.47 -105.78 -34.50
CA LEU L 878 70.70 -105.87 -33.06
C LEU L 878 69.59 -106.65 -32.37
N GLU L 879 68.34 -106.37 -32.70
CA GLU L 879 67.21 -106.96 -32.00
C GLU L 879 66.67 -108.21 -32.68
N LEU L 880 67.05 -108.48 -33.93
CA LEU L 880 66.57 -109.67 -34.62
C LEU L 880 67.03 -110.96 -33.93
N SER L 881 68.15 -110.91 -33.21
CA SER L 881 68.60 -112.08 -32.46
C SER L 881 67.60 -112.48 -31.39
N GLN L 882 66.90 -111.51 -30.80
CA GLN L 882 65.90 -111.82 -29.78
C GLN L 882 64.77 -112.67 -30.38
N GLU L 883 64.24 -112.28 -31.53
CA GLU L 883 63.21 -113.06 -32.18
C GLU L 883 63.75 -114.39 -32.71
N LEU L 884 65.00 -114.40 -33.17
CA LEU L 884 65.60 -115.66 -33.61
C LEU L 884 65.70 -116.66 -32.46
N GLU L 885 66.10 -116.20 -31.28
CA GLU L 885 66.13 -117.06 -30.11
C GLU L 885 64.72 -117.49 -29.73
N ASN L 886 63.75 -116.57 -29.81
CA ASN L 886 62.37 -116.93 -29.53
C ASN L 886 61.78 -117.89 -30.56
N SER L 887 62.41 -118.01 -31.73
CA SER L 887 61.93 -118.93 -32.75
C SER L 887 62.22 -120.38 -32.34
N VAL L 888 61.76 -121.31 -33.17
CA VAL L 888 61.94 -122.73 -32.90
C VAL L 888 63.40 -123.17 -33.00
N LEU L 889 64.28 -122.30 -33.49
CA LEU L 889 65.70 -122.62 -33.62
C LEU L 889 66.46 -122.47 -32.30
N GLU L 890 65.75 -122.38 -31.18
CA GLU L 890 66.43 -122.28 -29.88
C GLU L 890 67.26 -123.52 -29.59
N LYS L 891 66.71 -124.70 -29.88
CA LYS L 891 67.47 -125.94 -29.68
C LYS L 891 68.70 -125.99 -30.59
N TYR L 892 68.55 -125.55 -31.84
CA TYR L 892 69.67 -125.49 -32.77
C TYR L 892 70.38 -124.14 -32.69
N LEU L 893 70.73 -123.73 -31.47
CA LEU L 893 71.46 -122.47 -31.24
C LEU L 893 72.51 -122.75 -30.17
N GLN L 894 73.70 -123.12 -30.61
CA GLN L 894 74.82 -123.40 -29.72
C GLN L 894 75.76 -122.21 -29.62
N TRP L 895 76.59 -122.22 -28.58
CA TRP L 895 77.52 -121.14 -28.32
C TRP L 895 78.90 -121.53 -28.83
N SER L 896 79.86 -120.61 -28.64
CA SER L 896 81.22 -120.78 -29.10
C SER L 896 82.18 -120.42 -27.97
N PRO L 897 83.39 -121.00 -27.99
CA PRO L 897 84.40 -120.59 -26.99
C PRO L 897 84.70 -119.10 -27.03
N ASN L 898 84.57 -118.46 -28.18
CA ASN L 898 84.69 -117.02 -28.30
C ASN L 898 83.45 -116.27 -27.81
N LYS L 899 82.52 -116.98 -27.15
CA LYS L 899 81.28 -116.38 -26.63
C LYS L 899 80.47 -115.72 -27.75
N THR L 900 80.42 -116.37 -28.90
CA THR L 900 79.63 -115.92 -30.04
C THR L 900 78.54 -116.92 -30.34
N ARG L 901 77.34 -116.42 -30.65
CA ARG L 901 76.19 -117.26 -30.94
C ARG L 901 76.28 -117.73 -32.39
N ILE L 902 76.58 -119.00 -32.58
CA ILE L 902 76.70 -119.60 -33.90
C ILE L 902 75.52 -120.54 -34.12
N LEU L 903 75.37 -120.98 -35.38
CA LEU L 903 74.23 -121.77 -35.80
C LEU L 903 74.71 -123.16 -36.23
N LYS L 904 73.92 -124.18 -35.92
CA LYS L 904 74.22 -125.56 -36.28
C LYS L 904 73.00 -126.23 -36.87
N GLY L 905 73.23 -127.25 -37.69
CA GLY L 905 72.14 -127.96 -38.33
C GLY L 905 71.30 -127.10 -39.24
N CYS L 906 71.94 -126.25 -40.04
CA CYS L 906 71.25 -125.32 -40.91
C CYS L 906 71.78 -125.45 -42.33
N ARG L 907 70.91 -125.18 -43.29
CA ARG L 907 71.27 -125.17 -44.71
C ARG L 907 70.91 -123.80 -45.26
N ILE L 908 71.91 -122.98 -45.54
CA ILE L 908 71.69 -121.63 -46.05
C ILE L 908 71.53 -121.69 -47.57
N LEU L 909 70.29 -121.84 -48.02
CA LEU L 909 70.01 -121.95 -49.44
C LEU L 909 69.79 -120.56 -50.05
N HIS L 910 69.93 -120.49 -51.38
CA HIS L 910 69.74 -119.27 -52.13
C HIS L 910 68.75 -119.53 -53.26
N LYS L 911 67.98 -118.49 -53.60
CA LYS L 911 66.91 -118.57 -54.61
C LYS L 911 65.96 -119.67 -54.15
N PHE L 912 65.79 -120.76 -54.89
CA PHE L 912 65.01 -121.91 -54.43
C PHE L 912 65.88 -123.12 -54.14
N GLU L 913 66.76 -123.49 -55.08
CA GLU L 913 67.69 -124.61 -54.93
C GLU L 913 66.88 -125.87 -54.61
N THR L 914 67.21 -126.62 -53.56
CA THR L 914 66.45 -127.81 -53.20
C THR L 914 65.98 -127.72 -51.76
N LEU L 915 65.40 -128.80 -51.24
CA LEU L 915 64.91 -128.84 -49.87
C LEU L 915 66.02 -129.27 -48.91
N ILE L 935 26.95 -122.97 -36.55
CA ILE L 935 26.27 -123.58 -35.41
C ILE L 935 24.80 -123.81 -35.74
N CYS L 936 24.03 -122.73 -35.79
CA CYS L 936 22.61 -122.81 -36.08
C CYS L 936 22.16 -121.52 -36.74
N GLU L 937 21.03 -121.60 -37.45
CA GLU L 937 20.45 -120.45 -38.13
C GLU L 937 19.13 -120.09 -37.48
N PRO L 938 18.88 -118.81 -37.19
CA PRO L 938 17.60 -118.43 -36.59
C PRO L 938 16.44 -118.71 -37.51
N LYS L 939 15.28 -118.99 -36.91
CA LYS L 939 14.06 -119.27 -37.67
C LYS L 939 13.66 -118.08 -38.52
N ASN L 940 13.31 -116.96 -37.88
CA ASN L 940 13.03 -115.72 -38.60
C ASN L 940 13.47 -114.48 -37.86
N LYS L 941 14.07 -114.61 -36.67
CA LYS L 941 14.44 -113.45 -35.85
C LYS L 941 15.84 -113.71 -35.28
N TRP L 942 16.87 -113.25 -36.00
CA TRP L 942 18.20 -113.25 -35.42
C TRP L 942 18.36 -112.16 -34.37
N TRP L 943 17.63 -111.06 -34.52
CA TRP L 943 17.61 -110.01 -33.51
C TRP L 943 17.09 -110.52 -32.17
N GLU L 944 16.33 -111.61 -32.18
CA GLU L 944 15.95 -112.26 -30.92
C GLU L 944 17.16 -112.81 -30.19
N TRP L 945 18.29 -112.95 -30.87
CA TRP L 945 19.59 -113.28 -30.29
C TRP L 945 19.66 -114.75 -29.88
N SER L 946 18.54 -115.47 -29.99
CA SER L 946 18.46 -116.89 -29.65
C SER L 946 18.75 -117.06 -28.16
N PRO L 947 18.80 -118.30 -27.64
CA PRO L 947 19.25 -118.47 -26.25
C PRO L 947 20.71 -118.11 -26.05
N ASN L 948 21.22 -118.31 -24.83
CA ASN L 948 22.57 -117.90 -24.51
C ASN L 948 23.65 -118.41 -25.45
N PRO L 949 23.65 -119.69 -25.88
CA PRO L 949 24.66 -120.10 -26.89
C PRO L 949 24.59 -119.30 -28.17
N SER L 950 23.39 -118.92 -28.61
CA SER L 950 23.20 -118.08 -29.78
C SER L 950 23.84 -118.68 -31.03
N THR M 11 -10.00 -44.33 -29.39
CA THR M 11 -8.94 -45.22 -28.92
C THR M 11 -7.86 -44.42 -28.20
N ILE M 12 -7.39 -43.34 -28.85
CA ILE M 12 -6.38 -42.48 -28.23
C ILE M 12 -6.95 -41.79 -27.00
N GLN M 13 -8.22 -41.35 -27.07
CA GLN M 13 -8.84 -40.68 -25.94
C GLN M 13 -8.92 -41.59 -24.72
N LEU M 14 -9.04 -42.91 -24.93
CA LEU M 14 -9.00 -43.83 -23.80
C LEU M 14 -7.67 -43.74 -23.06
N THR M 15 -6.56 -43.75 -23.80
CA THR M 15 -5.25 -43.62 -23.19
C THR M 15 -5.10 -42.24 -22.53
N ALA M 16 -5.64 -41.20 -23.16
CA ALA M 16 -5.58 -39.87 -22.55
C ALA M 16 -6.28 -39.85 -21.20
N GLN M 17 -7.55 -40.31 -21.17
CA GLN M 17 -8.29 -40.34 -19.91
C GLN M 17 -7.58 -41.21 -18.88
N ARG M 18 -6.94 -42.29 -19.32
CA ARG M 18 -6.11 -43.07 -18.41
C ARG M 18 -4.95 -42.24 -17.88
N LYS M 19 -4.44 -41.30 -18.69
CA LYS M 19 -3.25 -40.55 -18.29
C LYS M 19 -3.59 -39.41 -17.34
N TYR M 20 -4.40 -38.44 -17.78
CA TYR M 20 -4.57 -37.21 -17.03
C TYR M 20 -5.74 -37.24 -16.06
N LEU M 21 -6.34 -38.41 -15.82
CA LEU M 21 -7.44 -38.55 -14.87
C LEU M 21 -7.09 -39.63 -13.86
N ALA M 22 -6.99 -39.23 -12.58
CA ALA M 22 -6.63 -40.18 -11.54
C ALA M 22 -7.79 -41.10 -11.17
N GLU M 23 -9.03 -40.65 -11.36
CA GLU M 23 -10.18 -41.49 -11.04
C GLU M 23 -10.23 -42.72 -11.95
N VAL M 24 -9.75 -42.60 -13.19
CA VAL M 24 -9.69 -43.76 -14.07
C VAL M 24 -8.74 -44.81 -13.49
N GLN M 25 -7.59 -44.37 -12.99
CA GLN M 25 -6.64 -45.29 -12.37
C GLN M 25 -7.20 -45.87 -11.08
N ALA M 26 -7.95 -45.08 -10.31
CA ALA M 26 -8.60 -45.60 -9.12
C ALA M 26 -9.61 -46.70 -9.47
N LEU M 27 -10.39 -46.47 -10.53
CA LEU M 27 -11.32 -47.49 -11.00
C LEU M 27 -10.60 -48.73 -11.48
N GLU M 28 -9.48 -48.55 -12.19
CA GLU M 28 -8.70 -49.70 -12.64
C GLU M 28 -8.17 -50.51 -11.46
N THR M 29 -7.64 -49.83 -10.44
CA THR M 29 -7.14 -50.53 -9.26
C THR M 29 -8.28 -51.25 -8.54
N LEU M 30 -9.45 -50.61 -8.44
CA LEU M 30 -10.60 -51.25 -7.82
C LEU M 30 -10.99 -52.51 -8.58
N LEU M 31 -11.05 -52.43 -9.91
CA LEU M 31 -11.36 -53.60 -10.73
C LEU M 31 -10.35 -54.71 -10.53
N THR M 32 -9.07 -54.37 -10.48
CA THR M 32 -8.03 -55.38 -10.35
C THR M 32 -8.03 -56.03 -8.98
N ARG M 33 -8.34 -55.27 -7.93
CA ARG M 33 -8.23 -55.81 -6.57
C ARG M 33 -9.55 -56.40 -6.07
N GLU M 34 -10.60 -55.59 -5.98
CA GLU M 34 -11.81 -56.04 -5.30
C GLU M 34 -12.70 -56.87 -6.20
N LEU M 35 -12.91 -56.44 -7.44
CA LEU M 35 -13.85 -57.12 -8.32
C LEU M 35 -13.25 -58.34 -9.00
N SER M 36 -11.93 -58.54 -8.91
CA SER M 36 -11.31 -59.71 -9.51
C SER M 36 -11.83 -60.99 -8.87
N VAL M 37 -11.96 -61.00 -7.54
CA VAL M 37 -12.50 -62.17 -6.86
C VAL M 37 -13.97 -62.38 -7.21
N PHE M 38 -14.69 -61.31 -7.52
CA PHE M 38 -16.08 -61.41 -7.96
C PHE M 38 -16.17 -61.55 -9.48
N LEU M 39 -15.43 -62.52 -10.01
CA LEU M 39 -15.41 -62.78 -11.45
C LEU M 39 -16.51 -63.77 -11.81
N THR M 40 -17.23 -63.47 -12.89
CA THR M 40 -18.35 -64.29 -13.32
C THR M 40 -18.11 -64.72 -14.77
N GLU M 41 -18.61 -65.91 -15.10
CA GLU M 41 -18.37 -66.47 -16.42
C GLU M 41 -18.99 -65.58 -17.49
N PRO M 42 -18.37 -65.46 -18.67
CA PRO M 42 -18.91 -64.56 -19.71
C PRO M 42 -20.30 -64.93 -20.18
N GLY M 43 -20.62 -66.22 -20.25
CA GLY M 43 -21.92 -66.64 -20.76
C GLY M 43 -22.94 -66.94 -19.68
N SER M 44 -22.51 -66.93 -18.42
CA SER M 44 -23.40 -67.23 -17.31
C SER M 44 -24.32 -66.04 -17.02
N LYS M 45 -25.56 -66.36 -16.66
CA LYS M 45 -26.56 -65.33 -16.35
C LYS M 45 -26.35 -64.71 -14.97
N LYS M 46 -25.54 -65.35 -14.12
CA LYS M 46 -25.39 -64.89 -12.74
C LYS M 46 -24.80 -63.49 -12.64
N THR M 47 -24.08 -63.03 -13.66
CA THR M 47 -23.52 -61.70 -13.64
C THR M 47 -24.61 -60.64 -13.65
N ASN M 48 -24.31 -59.50 -13.04
CA ASN M 48 -25.23 -58.35 -13.05
C ASN M 48 -24.68 -57.14 -13.78
N ILE M 49 -23.36 -56.93 -13.79
CA ILE M 49 -22.77 -55.77 -14.45
C ILE M 49 -21.71 -56.26 -15.43
N ILE M 50 -21.83 -55.85 -16.69
CA ILE M 50 -20.89 -56.25 -17.73
C ILE M 50 -20.32 -55.00 -18.39
N ASN M 51 -19.01 -54.91 -18.44
CA ASN M 51 -18.32 -53.86 -19.17
C ASN M 51 -17.76 -54.47 -20.44
N ARG M 52 -18.28 -54.05 -21.59
CA ARG M 52 -17.89 -54.60 -22.88
C ARG M 52 -16.58 -54.01 -23.41
N ILE M 53 -15.87 -53.22 -22.60
CA ILE M 53 -14.56 -52.74 -23.01
C ILE M 53 -13.61 -53.92 -23.25
N THR M 54 -13.62 -54.87 -22.32
CA THR M 54 -12.87 -56.11 -22.47
C THR M 54 -13.74 -57.33 -22.20
N GLY M 55 -15.06 -57.17 -22.23
CA GLY M 55 -15.98 -58.27 -21.99
C GLY M 55 -15.92 -58.83 -20.58
N LYS M 56 -15.87 -57.95 -19.57
CA LYS M 56 -15.82 -58.40 -18.18
C LYS M 56 -17.22 -58.48 -17.60
N THR M 57 -17.53 -59.60 -16.96
CA THR M 57 -18.84 -59.85 -16.37
C THR M 57 -18.68 -60.06 -14.87
N TYR M 58 -19.50 -59.38 -14.09
CA TYR M 58 -19.41 -59.43 -12.64
C TYR M 58 -20.79 -59.54 -12.02
N ALA M 59 -20.83 -60.12 -10.82
CA ALA M 59 -22.04 -60.37 -10.05
C ALA M 59 -21.90 -59.76 -8.66
N LEU M 60 -21.53 -58.48 -8.64
CA LEU M 60 -21.13 -57.82 -7.40
C LEU M 60 -22.27 -57.83 -6.38
N PRO M 61 -21.97 -58.00 -5.09
CA PRO M 61 -23.01 -57.85 -4.06
C PRO M 61 -23.43 -56.40 -3.89
N SER M 62 -24.30 -56.14 -2.90
CA SER M 62 -24.88 -54.80 -2.74
C SER M 62 -23.82 -53.75 -2.49
N THR M 63 -22.86 -54.04 -1.60
CA THR M 63 -21.84 -53.05 -1.28
C THR M 63 -20.95 -52.76 -2.48
N GLU M 64 -20.48 -53.81 -3.16
CA GLU M 64 -19.66 -53.62 -4.35
C GLU M 64 -20.43 -52.91 -5.44
N LEU M 65 -21.71 -53.26 -5.61
CA LEU M 65 -22.53 -52.62 -6.63
C LEU M 65 -22.70 -51.13 -6.35
N LEU M 66 -22.97 -50.78 -5.09
CA LEU M 66 -23.14 -49.35 -4.76
C LEU M 66 -21.84 -48.60 -4.92
N ARG M 67 -20.71 -49.20 -4.53
CA ARG M 67 -19.43 -48.54 -4.70
C ARG M 67 -19.12 -48.30 -6.18
N LEU M 68 -19.36 -49.31 -7.01
CA LEU M 68 -19.13 -49.17 -8.45
C LEU M 68 -20.05 -48.12 -9.05
N TYR M 69 -21.31 -48.08 -8.62
CA TYR M 69 -22.24 -47.08 -9.13
C TYR M 69 -21.81 -45.67 -8.73
N GLU M 70 -21.33 -45.51 -7.50
CA GLU M 70 -20.83 -44.21 -7.07
C GLU M 70 -19.62 -43.78 -7.89
N HIS M 71 -18.67 -44.70 -8.10
CA HIS M 71 -17.49 -44.37 -8.88
C HIS M 71 -17.87 -44.03 -10.32
N LEU M 72 -18.82 -44.76 -10.90
CA LEU M 72 -19.30 -44.45 -12.24
C LEU M 72 -20.00 -43.10 -12.26
N GLU M 73 -20.69 -42.74 -11.19
CA GLU M 73 -21.30 -41.41 -11.11
C GLU M 73 -20.25 -40.32 -11.14
N GLN M 74 -19.17 -40.48 -10.36
CA GLN M 74 -18.12 -39.47 -10.38
C GLN M 74 -17.43 -39.40 -11.73
N CYS M 75 -17.15 -40.55 -12.34
CA CYS M 75 -16.50 -40.53 -13.65
C CYS M 75 -17.41 -39.96 -14.73
N ARG M 76 -18.73 -40.15 -14.59
CA ARG M 76 -19.68 -39.55 -15.53
C ARG M 76 -19.71 -38.04 -15.36
N LYS M 77 -19.83 -37.56 -14.13
CA LYS M 77 -19.83 -36.11 -13.90
C LYS M 77 -18.51 -35.47 -14.29
N GLN M 78 -17.42 -36.24 -14.29
CA GLN M 78 -16.18 -35.75 -14.89
C GLN M 78 -16.34 -35.59 -16.40
N GLY M 79 -16.97 -36.56 -17.06
CA GLY M 79 -17.17 -36.50 -18.49
C GLY M 79 -16.32 -37.47 -19.28
N ALA M 80 -16.12 -38.68 -18.72
CA ALA M 80 -15.31 -39.69 -19.37
C ALA M 80 -16.15 -40.48 -20.37
N LEU M 81 -15.59 -41.57 -20.90
CA LEU M 81 -16.26 -42.42 -21.88
C LEU M 81 -16.36 -43.83 -21.30
N MET M 82 -17.57 -44.24 -20.93
CA MET M 82 -17.82 -45.54 -20.33
C MET M 82 -18.60 -46.43 -21.29
N TYR M 83 -18.46 -47.75 -21.08
CA TYR M 83 -19.15 -48.74 -21.89
C TYR M 83 -19.79 -49.82 -21.02
N PHE M 84 -20.15 -49.50 -19.78
CA PHE M 84 -20.76 -50.46 -18.88
C PHE M 84 -22.23 -50.69 -19.24
N LEU M 85 -22.76 -51.81 -18.75
CA LEU M 85 -24.15 -52.16 -19.00
C LEU M 85 -24.59 -53.19 -17.98
N GLU M 86 -25.90 -53.41 -17.91
CA GLU M 86 -26.48 -54.39 -17.00
C GLU M 86 -27.51 -55.23 -17.73
N ARG M 87 -27.68 -56.47 -17.28
CA ARG M 87 -28.69 -57.36 -17.82
C ARG M 87 -29.93 -57.36 -16.94
N GLN M 88 -31.07 -57.62 -17.56
CA GLN M 88 -32.34 -57.64 -16.84
C GLN M 88 -32.36 -58.76 -15.81
N GLY M 89 -32.85 -58.43 -14.62
CA GLY M 89 -33.01 -59.39 -13.55
C GLY M 89 -34.44 -59.92 -13.47
N THR M 90 -34.67 -60.74 -12.44
CA THR M 90 -36.01 -61.28 -12.21
C THR M 90 -36.95 -60.24 -11.62
N TYR M 91 -36.42 -59.24 -10.92
CA TYR M 91 -37.21 -58.18 -10.30
C TYR M 91 -36.72 -56.82 -10.72
N SER M 92 -36.28 -56.68 -11.97
CA SER M 92 -35.79 -55.41 -12.48
C SER M 92 -36.96 -54.44 -12.66
N GLY M 93 -36.61 -53.17 -12.89
CA GLY M 93 -37.60 -52.13 -13.11
C GLY M 93 -38.19 -52.16 -14.50
N LEU M 94 -38.49 -50.98 -15.05
CA LEU M 94 -39.08 -50.86 -16.38
C LEU M 94 -38.09 -50.17 -17.29
N MET M 95 -37.77 -50.82 -18.41
CA MET M 95 -36.87 -50.28 -19.43
C MET M 95 -37.58 -50.31 -20.77
N LEU M 96 -37.24 -49.34 -21.62
CA LEU M 96 -37.98 -49.12 -22.85
C LEU M 96 -37.09 -48.38 -23.85
N ASP M 97 -37.46 -48.47 -25.13
CA ASP M 97 -36.72 -47.79 -26.18
C ASP M 97 -37.70 -47.33 -27.26
N TYR M 98 -37.37 -46.19 -27.89
CA TYR M 98 -38.14 -45.67 -29.02
C TYR M 98 -37.20 -45.50 -30.20
N ASP M 99 -37.33 -46.37 -31.20
CA ASP M 99 -36.60 -46.23 -32.45
C ASP M 99 -37.38 -45.32 -33.42
N LEU M 100 -37.59 -44.09 -32.99
CA LEU M 100 -38.35 -43.10 -33.74
C LEU M 100 -37.50 -42.63 -34.93
N LYS M 101 -37.98 -42.90 -36.14
CA LYS M 101 -37.31 -42.44 -37.36
C LYS M 101 -38.09 -41.24 -37.90
N LEU M 102 -37.78 -40.07 -37.33
CA LEU M 102 -38.50 -38.86 -37.70
C LEU M 102 -38.15 -38.43 -39.13
N ASN M 103 -39.17 -38.02 -39.88
CA ASN M 103 -38.95 -37.51 -41.22
C ASN M 103 -38.18 -36.20 -41.19
N THR M 104 -38.50 -35.32 -40.23
CA THR M 104 -37.87 -34.01 -40.12
C THR M 104 -36.83 -34.04 -39.01
N ASN M 105 -35.61 -33.61 -39.35
CA ASN M 105 -34.52 -33.54 -38.38
C ASN M 105 -34.55 -32.20 -37.65
N ALA M 106 -35.64 -31.97 -36.92
CA ALA M 106 -35.83 -30.79 -36.10
C ALA M 106 -36.10 -31.21 -34.67
N VAL M 107 -35.44 -30.57 -33.73
CA VAL M 107 -35.58 -30.94 -32.31
C VAL M 107 -37.01 -30.64 -31.85
N PRO M 108 -37.69 -31.58 -31.19
CA PRO M 108 -39.05 -31.33 -30.74
C PRO M 108 -39.06 -30.68 -29.37
N PRO M 109 -39.82 -29.61 -29.19
CA PRO M 109 -39.92 -28.98 -27.86
C PRO M 109 -40.79 -29.81 -26.93
N LEU M 110 -40.18 -30.80 -26.28
CA LEU M 110 -40.92 -31.74 -25.44
C LEU M 110 -41.35 -31.01 -24.18
N GLU M 111 -42.48 -30.32 -24.29
CA GLU M 111 -42.98 -29.49 -23.21
C GLU M 111 -43.37 -30.35 -22.01
N PRO M 112 -43.31 -29.80 -20.80
CA PRO M 112 -43.72 -30.54 -19.61
C PRO M 112 -45.16 -31.04 -19.71
N PRO M 113 -46.10 -30.27 -20.30
CA PRO M 113 -47.43 -30.87 -20.52
C PRO M 113 -47.42 -32.10 -21.41
N ALA M 114 -46.56 -32.13 -22.44
CA ALA M 114 -46.52 -33.27 -23.34
C ALA M 114 -46.04 -34.53 -22.61
N LEU M 115 -44.92 -34.42 -21.90
CA LEU M 115 -44.43 -35.56 -21.13
C LEU M 115 -45.38 -35.90 -19.99
N SER M 116 -46.11 -34.92 -19.47
CA SER M 116 -47.12 -35.20 -18.46
C SER M 116 -48.24 -36.06 -19.01
N ARG M 117 -48.71 -35.72 -20.21
CA ARG M 117 -49.76 -36.53 -20.83
C ARG M 117 -49.23 -37.91 -21.22
N LEU M 118 -47.96 -38.00 -21.62
CA LEU M 118 -47.36 -39.31 -21.86
C LEU M 118 -47.31 -40.13 -20.57
N CYS M 119 -46.97 -39.49 -19.45
CA CYS M 119 -46.97 -40.17 -18.17
C CYS M 119 -48.37 -40.64 -17.79
N HIS M 120 -49.38 -39.81 -18.05
CA HIS M 120 -50.76 -40.24 -17.80
C HIS M 120 -51.12 -41.44 -18.66
N ARG M 121 -50.70 -41.43 -19.94
CA ARG M 121 -50.99 -42.54 -20.83
C ARG M 121 -50.34 -43.83 -20.33
N ILE M 122 -49.06 -43.76 -19.95
CA ILE M 122 -48.38 -44.96 -19.50
C ILE M 122 -48.92 -45.42 -18.14
N PHE M 123 -49.37 -44.48 -17.31
CA PHE M 123 -50.04 -44.85 -16.06
C PHE M 123 -51.31 -45.64 -16.34
N VAL M 124 -52.11 -45.17 -17.30
CA VAL M 124 -53.31 -45.90 -17.69
C VAL M 124 -52.94 -47.28 -18.23
N HIS M 125 -51.87 -47.35 -19.03
CA HIS M 125 -51.43 -48.61 -19.60
C HIS M 125 -50.90 -49.59 -18.56
N ILE M 126 -50.36 -49.10 -17.44
CA ILE M 126 -49.82 -49.99 -16.42
C ILE M 126 -50.84 -50.34 -15.33
N LYS M 127 -51.89 -49.54 -15.15
CA LYS M 127 -52.92 -49.94 -14.19
C LYS M 127 -53.72 -51.15 -14.63
N ASN M 128 -53.61 -51.58 -15.90
CA ASN M 128 -54.36 -52.74 -16.37
C ASN M 128 -53.86 -54.04 -15.74
N SER M 129 -52.65 -54.03 -15.17
CA SER M 129 -52.05 -55.22 -14.57
C SER M 129 -52.01 -55.16 -13.06
N SER M 130 -51.45 -54.10 -12.49
CA SER M 130 -51.39 -53.95 -11.04
C SER M 130 -51.27 -52.47 -10.70
N VAL M 131 -51.64 -52.14 -9.47
CA VAL M 131 -51.58 -50.76 -8.99
C VAL M 131 -50.75 -50.75 -7.70
N LEU M 132 -50.73 -51.88 -6.99
CA LEU M 132 -50.00 -52.01 -5.73
C LEU M 132 -50.35 -50.92 -4.74
N ILE M 139 -44.09 -43.00 -7.73
CA ILE M 139 -43.00 -43.57 -8.52
C ILE M 139 -42.20 -42.45 -9.16
N HIS M 140 -40.91 -42.72 -9.39
CA HIS M 140 -40.03 -41.75 -10.04
C HIS M 140 -39.91 -42.09 -11.51
N PHE M 141 -40.19 -41.12 -12.37
CA PHE M 141 -40.16 -41.29 -13.81
C PHE M 141 -38.97 -40.51 -14.38
N PHE M 142 -38.08 -41.22 -15.06
CA PHE M 142 -36.85 -40.66 -15.60
C PHE M 142 -36.89 -40.70 -17.11
N PHE M 143 -36.53 -39.59 -17.74
CA PHE M 143 -36.56 -39.45 -19.19
C PHE M 143 -35.19 -38.98 -19.68
N THR M 144 -34.62 -39.71 -20.64
CA THR M 144 -33.30 -39.40 -21.16
C THR M 144 -33.38 -39.28 -22.68
N LEU M 145 -32.43 -38.55 -23.25
CA LEU M 145 -32.42 -38.29 -24.68
C LEU M 145 -30.98 -38.13 -25.15
N LYS M 146 -30.72 -38.59 -26.37
CA LYS M 146 -29.43 -38.41 -27.00
C LYS M 146 -29.31 -36.97 -27.52
N PRO M 147 -28.09 -36.51 -27.83
CA PRO M 147 -27.93 -35.14 -28.35
C PRO M 147 -28.43 -34.99 -29.79
N GLU M 148 -29.13 -36.00 -30.29
CA GLU M 148 -29.79 -35.98 -31.60
C GLU M 148 -28.72 -35.90 -32.67
N VAL M 149 -28.73 -34.89 -33.55
CA VAL M 149 -27.77 -34.72 -34.64
C VAL M 149 -27.86 -35.87 -35.63
N VAL M 150 -27.72 -37.11 -35.15
CA VAL M 150 -27.78 -38.27 -36.03
C VAL M 150 -29.20 -38.43 -36.58
N GLN M 151 -29.30 -39.24 -37.62
CA GLN M 151 -30.60 -39.52 -38.23
C GLN M 151 -31.49 -40.27 -37.25
N GLY M 152 -32.80 -40.08 -37.40
CA GLY M 152 -33.74 -40.61 -36.44
C GLY M 152 -33.91 -39.77 -35.19
N LYS M 153 -33.41 -38.53 -35.19
CA LYS M 153 -33.51 -37.63 -34.05
C LYS M 153 -32.92 -38.28 -32.80
N TYR M 154 -33.77 -38.62 -31.83
CA TYR M 154 -33.33 -39.24 -30.59
C TYR M 154 -34.09 -40.53 -30.36
N GLY M 155 -33.48 -41.42 -29.58
CA GLY M 155 -34.14 -42.63 -29.15
C GLY M 155 -34.55 -42.56 -27.71
N PHE M 156 -35.84 -42.35 -27.45
CA PHE M 156 -36.30 -42.17 -26.08
C PHE M 156 -36.25 -43.49 -25.31
N HIS M 157 -35.70 -43.44 -24.10
CA HIS M 157 -35.59 -44.60 -23.22
C HIS M 157 -36.05 -44.19 -21.83
N VAL M 158 -37.35 -44.33 -21.58
CA VAL M 158 -37.91 -44.02 -20.26
C VAL M 158 -37.54 -45.14 -19.30
N LEU M 159 -37.12 -44.76 -18.09
CA LEU M 159 -36.64 -45.71 -17.09
C LEU M 159 -37.48 -45.56 -15.83
N ILE M 160 -38.09 -46.65 -15.40
CA ILE M 160 -38.93 -46.69 -14.20
C ILE M 160 -38.38 -47.74 -13.26
N PRO M 161 -37.53 -47.36 -12.30
CA PRO M 161 -36.96 -48.34 -11.39
C PRO M 161 -37.81 -48.58 -10.15
N GLY M 162 -39.07 -48.14 -10.19
CA GLY M 162 -39.93 -48.20 -9.03
C GLY M 162 -40.30 -49.60 -8.57
N LEU M 163 -41.08 -50.32 -9.36
CA LEU M 163 -41.62 -51.61 -8.95
C LEU M 163 -40.72 -52.75 -9.40
N LYS M 164 -41.12 -53.98 -9.07
CA LYS M 164 -40.36 -55.19 -9.41
C LYS M 164 -41.34 -56.21 -10.00
N LEU M 165 -41.52 -56.15 -11.32
CA LEU M 165 -42.39 -57.11 -12.01
C LEU M 165 -41.75 -57.54 -13.32
N ALA M 166 -40.46 -57.86 -13.28
CA ALA M 166 -39.74 -58.29 -14.48
C ALA M 166 -40.18 -59.70 -14.83
N ALA M 167 -41.15 -59.81 -15.72
CA ALA M 167 -41.74 -61.08 -16.11
C ALA M 167 -42.48 -60.89 -17.43
N SER M 168 -43.32 -61.86 -17.79
CA SER M 168 -44.11 -61.73 -19.01
C SER M 168 -45.08 -60.56 -18.95
N THR M 169 -45.35 -60.03 -17.75
CA THR M 169 -46.16 -58.83 -17.65
C THR M 169 -45.52 -57.65 -18.37
N LYS M 170 -44.18 -57.57 -18.35
CA LYS M 170 -43.51 -56.52 -19.11
C LYS M 170 -43.77 -56.67 -20.61
N LYS M 171 -43.73 -57.90 -21.12
CA LYS M 171 -44.05 -58.12 -22.52
C LYS M 171 -45.51 -57.79 -22.81
N SER M 172 -46.40 -58.08 -21.86
CA SER M 172 -47.80 -57.72 -22.03
C SER M 172 -47.97 -56.20 -22.12
N ILE M 173 -47.27 -55.46 -21.28
CA ILE M 173 -47.33 -54.00 -21.34
C ILE M 173 -46.73 -53.50 -22.64
N ILE M 174 -45.66 -54.14 -23.12
CA ILE M 174 -45.07 -53.76 -24.40
C ILE M 174 -46.09 -53.94 -25.51
N GLY M 175 -46.76 -55.09 -25.54
CA GLY M 175 -47.78 -55.32 -26.55
C GLY M 175 -48.95 -54.35 -26.44
N SER M 176 -49.32 -53.99 -25.21
CA SER M 176 -50.38 -53.02 -25.01
C SER M 176 -49.99 -51.66 -25.59
N LEU M 177 -48.73 -51.26 -25.39
CA LEU M 177 -48.26 -50.01 -25.99
C LEU M 177 -48.08 -50.12 -27.49
N GLN M 178 -47.94 -51.33 -28.03
CA GLN M 178 -47.81 -51.49 -29.47
C GLN M 178 -49.07 -51.04 -30.20
N HIS M 179 -50.24 -51.36 -29.67
CA HIS M 179 -51.50 -50.99 -30.31
C HIS M 179 -52.00 -49.62 -29.91
N ASP M 180 -51.34 -48.96 -28.95
CA ASP M 180 -51.77 -47.65 -28.51
C ASP M 180 -51.53 -46.61 -29.60
N ALA M 181 -52.57 -45.84 -29.92
CA ALA M 181 -52.47 -44.77 -30.91
C ALA M 181 -52.45 -43.38 -30.30
N THR M 182 -52.83 -43.24 -29.03
CA THR M 182 -52.75 -41.93 -28.37
C THR M 182 -51.30 -41.48 -28.26
N VAL M 183 -50.39 -42.40 -27.91
CA VAL M 183 -48.97 -42.07 -27.95
C VAL M 183 -48.54 -41.76 -29.36
N GLN M 184 -49.08 -42.49 -30.34
CA GLN M 184 -48.83 -42.17 -31.74
C GLN M 184 -49.38 -40.79 -32.09
N LYS M 185 -50.53 -40.44 -31.52
CA LYS M 185 -51.09 -39.11 -31.76
C LYS M 185 -50.18 -38.03 -31.19
N ILE M 186 -49.59 -38.27 -30.01
CA ILE M 186 -48.62 -37.31 -29.46
C ILE M 186 -47.39 -37.23 -30.34
N LEU M 187 -46.94 -38.38 -30.88
CA LEU M 187 -45.81 -38.38 -31.79
C LEU M 187 -46.10 -37.53 -33.03
N HIS M 188 -47.29 -37.69 -33.61
CA HIS M 188 -47.68 -36.87 -34.75
C HIS M 188 -47.83 -35.40 -34.37
N GLU M 189 -48.19 -35.10 -33.12
CA GLU M 189 -48.10 -33.73 -32.63
C GLU M 189 -46.66 -33.23 -32.67
N GLN M 190 -45.72 -34.08 -32.27
CA GLN M 190 -44.29 -33.74 -32.31
C GLN M 190 -43.68 -33.92 -33.69
N GLY M 191 -44.49 -34.06 -34.73
CA GLY M 191 -43.98 -34.22 -36.08
C GLY M 191 -43.20 -35.49 -36.32
N VAL M 192 -43.67 -36.62 -35.81
CA VAL M 192 -43.02 -37.91 -35.96
C VAL M 192 -43.77 -38.71 -37.00
N THR M 193 -43.06 -39.20 -38.02
CA THR M 193 -43.65 -39.99 -39.09
C THR M 193 -43.61 -41.48 -38.82
N ASN M 194 -43.17 -41.90 -37.63
CA ASN M 194 -43.02 -43.32 -37.28
C ASN M 194 -43.86 -43.58 -36.03
N PRO M 195 -45.18 -43.65 -36.16
CA PRO M 195 -46.02 -43.87 -34.97
C PRO M 195 -45.74 -45.16 -34.24
N GLU M 196 -45.40 -46.23 -34.97
CA GLU M 196 -45.10 -47.51 -34.33
C GLU M 196 -43.77 -48.06 -34.80
N SER M 197 -43.44 -49.28 -34.39
CA SER M 197 -42.18 -49.98 -34.64
C SER M 197 -41.01 -49.33 -33.92
N CYS M 198 -41.22 -48.21 -33.22
CA CYS M 198 -40.16 -47.60 -32.44
C CYS M 198 -39.89 -48.39 -31.17
N LEU M 199 -40.93 -48.93 -30.56
CA LEU M 199 -40.81 -49.74 -29.36
C LEU M 199 -40.52 -51.18 -29.77
N ASP M 200 -39.26 -51.59 -29.63
CA ASP M 200 -38.88 -52.94 -29.99
C ASP M 200 -39.49 -53.94 -29.00
N PRO M 201 -39.98 -55.08 -29.49
CA PRO M 201 -40.48 -56.11 -28.56
C PRO M 201 -39.41 -56.67 -27.64
N HIS M 202 -38.14 -56.54 -28.01
CA HIS M 202 -37.03 -57.01 -27.19
C HIS M 202 -36.54 -55.95 -26.21
N SER M 203 -37.38 -54.97 -25.88
CA SER M 203 -36.96 -53.90 -24.98
C SER M 203 -36.61 -54.44 -23.60
N ALA M 204 -37.40 -55.40 -23.11
CA ALA M 204 -37.20 -55.97 -21.79
C ALA M 204 -36.27 -57.17 -21.80
N SER M 205 -35.69 -57.53 -22.95
CA SER M 205 -34.79 -58.66 -23.04
C SER M 205 -33.36 -58.29 -23.38
N VAL M 206 -33.13 -57.16 -24.06
CA VAL M 206 -31.78 -56.72 -24.38
C VAL M 206 -31.19 -56.04 -23.15
N PRO M 207 -29.93 -56.31 -22.81
CA PRO M 207 -29.33 -55.67 -21.63
C PRO M 207 -29.30 -54.15 -21.77
N SER M 208 -29.55 -53.47 -20.65
CA SER M 208 -29.54 -52.02 -20.61
C SER M 208 -28.18 -51.52 -20.13
N LEU M 209 -27.97 -50.21 -20.22
CA LEU M 209 -26.70 -49.58 -19.87
C LEU M 209 -26.91 -48.53 -18.79
N LEU M 210 -25.89 -48.36 -17.95
CA LEU M 210 -25.96 -47.37 -16.89
C LEU M 210 -25.90 -45.96 -17.46
N TYR M 211 -26.35 -45.01 -16.66
CA TYR M 211 -26.31 -43.61 -17.07
C TYR M 211 -24.86 -43.17 -17.31
N GLY M 212 -24.64 -42.51 -18.45
CA GLY M 212 -23.34 -42.04 -18.84
C GLY M 212 -22.54 -43.00 -19.70
N SER M 213 -22.76 -44.31 -19.54
CA SER M 213 -22.07 -45.31 -20.35
C SER M 213 -22.56 -45.22 -21.78
N SER M 214 -21.74 -44.66 -22.66
CA SER M 214 -22.13 -44.41 -24.04
C SER M 214 -21.90 -45.67 -24.88
N LYS M 215 -22.09 -45.54 -26.20
CA LYS M 215 -21.77 -46.58 -27.16
C LYS M 215 -20.52 -46.19 -27.94
N LEU M 216 -20.03 -47.14 -28.73
CA LEU M 216 -18.84 -46.89 -29.53
C LEU M 216 -19.10 -45.79 -30.55
N ASN M 217 -18.31 -44.71 -30.46
CA ASN M 217 -18.46 -43.55 -31.34
C ASN M 217 -19.88 -42.99 -31.28
N HIS M 218 -20.44 -42.93 -30.08
CA HIS M 218 -21.78 -42.40 -29.87
C HIS M 218 -21.80 -41.58 -28.58
N LYS M 219 -22.47 -40.44 -28.61
CA LYS M 219 -22.54 -39.58 -27.45
C LYS M 219 -23.37 -40.22 -26.34
N PRO M 220 -22.97 -40.08 -25.08
CA PRO M 220 -23.77 -40.63 -23.98
C PRO M 220 -25.09 -39.89 -23.83
N TYR M 221 -26.07 -40.61 -23.32
CA TYR M 221 -27.39 -40.03 -23.09
C TYR M 221 -27.35 -39.10 -21.88
N GLN M 222 -28.29 -38.16 -21.86
CA GLN M 222 -28.48 -37.26 -20.73
C GLN M 222 -29.96 -37.13 -20.44
N LEU M 223 -30.27 -36.85 -19.18
CA LEU M 223 -31.66 -36.72 -18.74
C LEU M 223 -32.23 -35.36 -19.16
N LYS M 224 -33.50 -35.37 -19.55
CA LYS M 224 -34.22 -34.15 -19.90
C LYS M 224 -35.04 -33.63 -18.73
N THR M 225 -35.95 -34.45 -18.20
CA THR M 225 -36.81 -34.07 -17.08
C THR M 225 -37.03 -35.28 -16.19
N GLY M 226 -37.35 -35.01 -14.93
CA GLY M 226 -37.73 -36.05 -14.00
C GLY M 226 -39.09 -35.76 -13.40
N PHE M 227 -40.03 -36.68 -13.56
CA PHE M 227 -41.40 -36.45 -13.14
C PHE M 227 -41.79 -37.39 -11.99
N GLU M 228 -42.78 -36.95 -11.22
CA GLU M 228 -43.25 -37.66 -10.04
C GLU M 228 -44.77 -37.73 -10.05
N LEU M 229 -45.35 -38.18 -11.17
CA LEU M 229 -46.77 -38.44 -11.25
C LEU M 229 -47.17 -39.39 -10.12
N VAL M 230 -47.98 -38.92 -9.18
CA VAL M 230 -48.23 -39.65 -7.96
C VAL M 230 -49.11 -40.86 -8.24
N PHE M 231 -48.63 -42.04 -7.85
CA PHE M 231 -49.42 -43.25 -7.89
C PHE M 231 -50.23 -43.35 -6.59
N ASP M 232 -50.86 -44.49 -6.36
CA ASP M 232 -51.62 -44.65 -5.13
C ASP M 232 -51.73 -46.12 -4.77
N SER M 233 -51.66 -46.40 -3.46
CA SER M 233 -52.06 -47.70 -2.93
C SER M 233 -53.57 -47.82 -2.77
N SER M 234 -54.29 -46.83 -3.28
CA SER M 234 -55.75 -46.79 -3.25
C SER M 234 -56.21 -46.28 -4.61
N ASP M 235 -57.46 -45.82 -4.69
CA ASP M 235 -58.07 -45.34 -5.93
C ASP M 235 -57.15 -44.40 -6.68
N PRO M 236 -56.61 -44.82 -7.83
CA PRO M 236 -55.66 -43.98 -8.57
C PRO M 236 -56.35 -43.08 -9.60
N ASP M 237 -57.66 -42.88 -9.45
CA ASP M 237 -58.43 -42.14 -10.44
C ASP M 237 -57.83 -40.77 -10.74
N TYR M 238 -57.49 -40.03 -9.69
CA TYR M 238 -56.82 -38.74 -9.88
C TYR M 238 -55.41 -38.96 -10.40
N ILE M 239 -54.97 -38.09 -11.30
CA ILE M 239 -53.67 -38.22 -11.93
C ILE M 239 -52.86 -36.94 -11.70
N PRO M 240 -52.32 -36.74 -10.50
CA PRO M 240 -51.48 -35.57 -10.26
C PRO M 240 -50.15 -35.66 -11.00
N ILE M 241 -49.60 -34.49 -11.31
CA ILE M 241 -48.34 -34.39 -12.04
C ILE M 241 -47.37 -33.54 -11.23
N HIS M 242 -46.20 -34.11 -10.94
CA HIS M 242 -45.16 -33.42 -10.20
C HIS M 242 -43.84 -33.58 -10.93
N GLN M 243 -43.04 -32.51 -10.93
CA GLN M 243 -41.73 -32.50 -11.57
C GLN M 243 -40.65 -32.54 -10.49
N ILE M 244 -39.72 -33.50 -10.63
CA ILE M 244 -38.67 -33.66 -9.64
C ILE M 244 -37.67 -32.52 -9.78
N LYS M 245 -37.15 -32.06 -8.64
CA LYS M 245 -36.21 -30.95 -8.60
C LYS M 245 -34.97 -31.35 -7.81
N ASN M 246 -33.90 -30.57 -7.99
CA ASN M 246 -32.61 -30.81 -7.33
C ASN M 246 -32.10 -32.22 -7.65
N LEU M 247 -32.10 -32.55 -8.94
CA LEU M 247 -31.61 -33.86 -9.38
C LEU M 247 -30.13 -34.03 -9.07
N GLU M 248 -29.37 -32.92 -9.01
CA GLU M 248 -27.93 -33.02 -8.76
C GLU M 248 -27.63 -33.61 -7.39
N SER M 249 -28.53 -33.41 -6.42
CA SER M 249 -28.31 -33.94 -5.07
C SER M 249 -28.32 -35.47 -5.04
N TYR M 250 -28.94 -36.12 -6.03
CA TYR M 250 -29.01 -37.57 -6.08
C TYR M 250 -28.00 -38.11 -7.07
N ASN M 251 -27.42 -39.26 -6.74
CA ASN M 251 -26.51 -39.96 -7.64
C ASN M 251 -27.32 -40.56 -8.80
N LEU M 252 -27.29 -39.87 -9.94
CA LEU M 252 -28.16 -40.23 -11.05
C LEU M 252 -27.87 -41.64 -11.56
N VAL M 253 -26.59 -41.98 -11.75
CA VAL M 253 -26.25 -43.29 -12.28
C VAL M 253 -26.66 -44.40 -11.31
N SER M 254 -26.40 -44.18 -10.01
CA SER M 254 -26.76 -45.19 -9.01
C SER M 254 -28.27 -45.31 -8.86
N GLU M 255 -28.98 -44.18 -8.82
CA GLU M 255 -30.43 -44.23 -8.68
C GLU M 255 -31.09 -44.89 -9.88
N LEU M 256 -30.60 -44.59 -11.08
CA LEU M 256 -31.19 -45.15 -12.30
C LEU M 256 -30.90 -46.65 -12.45
N SER M 257 -30.02 -47.22 -11.64
CA SER M 257 -29.72 -48.64 -11.74
C SER M 257 -30.95 -49.47 -11.39
N LEU M 258 -31.26 -50.44 -12.23
CA LEU M 258 -32.43 -51.29 -11.99
C LEU M 258 -32.25 -52.13 -10.74
N THR M 259 -31.05 -52.66 -10.51
CA THR M 259 -30.78 -53.50 -9.37
C THR M 259 -30.60 -52.71 -8.07
N ASN M 260 -30.57 -51.38 -8.15
CA ASN M 260 -30.35 -50.53 -6.97
C ASN M 260 -31.69 -50.34 -6.25
N GLU M 261 -32.12 -51.40 -5.57
CA GLU M 261 -33.32 -51.30 -4.74
C GLU M 261 -33.09 -50.42 -3.53
N GLN M 262 -31.84 -50.35 -3.05
CA GLN M 262 -31.47 -49.57 -1.88
C GLN M 262 -31.25 -48.09 -2.18
N GLY M 263 -31.73 -47.60 -3.31
CA GLY M 263 -31.57 -46.19 -3.64
C GLY M 263 -32.35 -45.31 -2.68
N SER M 264 -31.87 -44.07 -2.53
CA SER M 264 -32.49 -43.12 -1.62
C SER M 264 -33.60 -42.33 -2.31
N LEU M 265 -33.33 -41.78 -3.49
CA LEU M 265 -34.36 -41.02 -4.21
C LEU M 265 -35.53 -41.90 -4.61
N VAL M 266 -35.26 -43.12 -5.07
CA VAL M 266 -36.30 -44.01 -5.53
C VAL M 266 -36.53 -45.09 -4.48
N ARG M 267 -37.60 -45.86 -4.65
CA ARG M 267 -37.96 -46.92 -3.73
C ARG M 267 -38.22 -48.21 -4.50
N PRO M 268 -37.95 -49.36 -3.89
CA PRO M 268 -38.25 -50.66 -4.53
C PRO M 268 -39.70 -51.08 -4.32
N VAL M 269 -40.58 -50.51 -5.13
CA VAL M 269 -42.00 -50.81 -5.05
C VAL M 269 -42.30 -52.24 -5.47
N SER M 289 -15.65 -67.47 -32.30
CA SER M 289 -15.30 -66.77 -31.07
C SER M 289 -14.54 -65.48 -31.38
N LEU M 290 -15.21 -64.54 -32.04
CA LEU M 290 -14.55 -63.28 -32.40
C LEU M 290 -14.27 -62.42 -31.18
N SER M 291 -15.10 -62.51 -30.14
CA SER M 291 -14.91 -61.68 -28.95
C SER M 291 -13.59 -62.02 -28.25
N ILE M 292 -13.28 -63.32 -28.11
CA ILE M 292 -12.05 -63.70 -27.43
C ILE M 292 -10.84 -63.33 -28.27
N LEU M 293 -10.97 -63.29 -29.59
CA LEU M 293 -9.87 -62.84 -30.43
C LEU M 293 -9.66 -61.33 -30.30
N MET M 294 -10.75 -60.56 -30.32
CA MET M 294 -10.63 -59.10 -30.20
C MET M 294 -10.13 -58.71 -28.82
N LEU M 295 -10.44 -59.51 -27.79
CA LEU M 295 -9.94 -59.22 -26.45
C LEU M 295 -8.43 -59.31 -26.40
N HIS M 296 -7.85 -60.32 -27.05
CA HIS M 296 -6.41 -60.57 -26.99
C HIS M 296 -5.71 -59.86 -28.14
N ASP M 297 -4.76 -58.97 -27.80
CA ASP M 297 -3.78 -58.29 -28.65
C ASP M 297 -4.42 -57.44 -29.76
N PRO M 298 -3.72 -56.41 -30.24
CA PRO M 298 -4.24 -55.63 -31.37
C PRO M 298 -4.00 -56.27 -32.73
N GLU M 299 -3.06 -57.20 -32.84
CA GLU M 299 -2.81 -57.85 -34.12
C GLU M 299 -4.00 -58.70 -34.57
N ALA M 300 -4.86 -59.12 -33.65
CA ALA M 300 -6.06 -59.85 -34.05
C ALA M 300 -6.98 -58.96 -34.89
N ARG M 301 -7.31 -57.78 -34.39
CA ARG M 301 -8.12 -56.85 -35.18
C ARG M 301 -7.34 -56.33 -36.39
N TYR M 302 -6.01 -56.28 -36.29
CA TYR M 302 -5.19 -55.97 -37.46
C TYR M 302 -5.45 -56.97 -38.58
N LEU M 303 -5.37 -58.26 -38.27
CA LEU M 303 -5.60 -59.30 -39.27
C LEU M 303 -7.05 -59.30 -39.75
N HIS M 304 -8.00 -59.04 -38.84
CA HIS M 304 -9.40 -58.95 -39.26
C HIS M 304 -9.60 -57.82 -40.26
N LYS M 305 -9.00 -56.66 -40.00
CA LYS M 305 -9.07 -55.55 -40.94
C LYS M 305 -8.47 -55.93 -42.29
N ILE M 306 -7.24 -56.46 -42.28
CA ILE M 306 -6.58 -56.76 -43.55
C ILE M 306 -7.35 -57.82 -44.32
N LEU M 307 -7.98 -58.77 -43.62
CA LEU M 307 -8.85 -59.73 -44.30
C LEU M 307 -10.04 -59.03 -44.94
N ASN M 308 -10.62 -58.05 -44.24
CA ASN M 308 -11.71 -57.28 -44.84
C ASN M 308 -11.23 -56.50 -46.06
N LEU M 309 -9.96 -56.10 -46.09
CA LEU M 309 -9.49 -55.21 -47.16
C LEU M 309 -9.44 -55.94 -48.50
N LEU M 310 -8.82 -57.12 -48.55
CA LEU M 310 -8.74 -57.75 -49.85
C LEU M 310 -10.06 -58.43 -50.19
N PRO M 311 -10.41 -58.49 -51.48
CA PRO M 311 -11.64 -59.18 -51.87
C PRO M 311 -11.56 -60.65 -51.55
N PRO M 312 -12.69 -61.29 -51.22
CA PRO M 312 -12.70 -62.74 -50.97
C PRO M 312 -12.70 -63.58 -52.23
N GLU M 313 -12.41 -63.00 -53.39
CA GLU M 313 -12.40 -63.76 -54.63
C GLU M 313 -11.36 -64.88 -54.60
N TYR M 314 -10.15 -64.58 -54.12
CA TYR M 314 -9.13 -65.61 -54.02
C TYR M 314 -9.43 -66.59 -52.90
N TYR M 315 -10.26 -66.19 -51.94
CA TYR M 315 -10.78 -67.15 -50.96
C TYR M 315 -11.74 -68.14 -51.61
N VAL M 316 -12.43 -67.72 -52.68
CA VAL M 316 -13.44 -68.59 -53.30
C VAL M 316 -12.78 -69.85 -53.85
N GLU M 317 -11.73 -69.69 -54.64
CA GLU M 317 -11.06 -70.86 -55.21
C GLU M 317 -10.24 -71.59 -54.15
N TYR M 318 -10.17 -72.91 -54.31
CA TYR M 318 -9.46 -73.73 -53.33
C TYR M 318 -7.96 -73.43 -53.23
N PRO M 319 -7.19 -73.27 -54.32
CA PRO M 319 -5.72 -73.15 -54.16
C PRO M 319 -5.27 -71.99 -53.28
N LEU M 320 -5.67 -70.76 -53.64
CA LEU M 320 -5.19 -69.61 -52.89
C LEU M 320 -5.80 -69.56 -51.49
N TRP M 321 -7.02 -70.04 -51.33
CA TRP M 321 -7.61 -70.13 -49.99
C TRP M 321 -6.81 -71.09 -49.12
N SER M 322 -6.42 -72.24 -49.67
CA SER M 322 -5.56 -73.16 -48.92
C SER M 322 -4.21 -72.53 -48.61
N ASN M 323 -3.68 -71.75 -49.56
CA ASN M 323 -2.41 -71.06 -49.32
C ASN M 323 -2.52 -70.10 -48.14
N VAL M 324 -3.59 -69.30 -48.10
CA VAL M 324 -3.72 -68.34 -47.00
C VAL M 324 -4.02 -69.05 -45.69
N VAL M 325 -4.76 -70.17 -45.73
CA VAL M 325 -4.98 -70.95 -44.51
C VAL M 325 -3.65 -71.50 -43.98
N PHE M 326 -2.80 -72.01 -44.87
CA PHE M 326 -1.48 -72.47 -44.45
C PHE M 326 -0.67 -71.33 -43.88
N ALA M 327 -0.73 -70.15 -44.51
CA ALA M 327 0.04 -69.00 -44.04
C ALA M 327 -0.40 -68.58 -42.64
N LEU M 328 -1.72 -68.55 -42.38
CA LEU M 328 -2.19 -68.15 -41.06
C LEU M 328 -1.94 -69.25 -40.03
N ALA M 329 -1.99 -70.51 -40.43
CA ALA M 329 -1.69 -71.60 -39.52
C ALA M 329 -0.21 -71.67 -39.19
N ASN M 330 0.66 -71.13 -40.05
CA ASN M 330 2.08 -71.08 -39.73
C ASN M 330 2.33 -70.22 -38.50
N THR M 331 1.60 -69.12 -38.37
CA THR M 331 1.72 -68.23 -37.21
C THR M 331 0.86 -68.80 -36.08
N SER M 332 1.50 -69.51 -35.15
CA SER M 332 0.86 -70.01 -33.94
C SER M 332 -0.32 -70.93 -34.23
N ALA M 333 -1.07 -71.30 -33.19
CA ALA M 333 -2.23 -72.16 -33.33
C ALA M 333 -3.52 -71.57 -32.77
N ASN M 334 -3.45 -70.42 -32.11
CA ASN M 334 -4.63 -69.77 -31.55
C ASN M 334 -5.36 -68.89 -32.55
N TYR M 335 -4.89 -68.83 -33.80
CA TYR M 335 -5.55 -68.09 -34.86
C TYR M 335 -6.62 -68.91 -35.59
N ARG M 336 -6.86 -70.14 -35.13
CA ARG M 336 -7.90 -70.97 -35.72
C ARG M 336 -9.28 -70.31 -35.72
N PRO M 337 -9.75 -69.65 -34.64
CA PRO M 337 -11.04 -68.95 -34.75
C PRO M 337 -11.06 -67.87 -35.82
N LEU M 338 -9.92 -67.24 -36.10
CA LEU M 338 -9.86 -66.27 -37.19
C LEU M 338 -10.13 -66.94 -38.53
N ALA M 339 -9.53 -68.12 -38.77
CA ALA M 339 -9.82 -68.86 -39.99
C ALA M 339 -11.28 -69.30 -40.03
N GLU M 340 -11.82 -69.71 -38.88
CA GLU M 340 -13.23 -70.09 -38.82
C GLU M 340 -14.13 -68.92 -39.21
N TRP M 341 -13.83 -67.72 -38.70
CA TRP M 341 -14.60 -66.54 -39.08
C TRP M 341 -14.46 -66.25 -40.57
N PHE M 342 -13.25 -66.36 -41.10
CA PHE M 342 -13.03 -66.14 -42.53
C PHE M 342 -13.69 -67.21 -43.39
N SER M 343 -14.07 -68.33 -42.79
CA SER M 343 -14.60 -69.46 -43.55
C SER M 343 -16.10 -69.38 -43.82
N GLN M 344 -16.88 -68.66 -43.01
CA GLN M 344 -18.31 -68.59 -43.25
C GLN M 344 -18.66 -67.91 -44.56
N LYS M 345 -17.75 -67.10 -45.10
CA LYS M 345 -17.97 -66.54 -46.43
C LYS M 345 -18.07 -67.66 -47.45
N CYS M 346 -18.95 -67.48 -48.44
CA CYS M 346 -19.28 -68.50 -49.42
C CYS M 346 -19.75 -69.78 -48.70
N PRO M 347 -20.90 -69.74 -48.04
CA PRO M 347 -21.35 -70.92 -47.28
C PRO M 347 -21.60 -72.13 -48.14
N GLU M 348 -21.90 -71.95 -49.44
CA GLU M 348 -22.11 -73.10 -50.31
C GLU M 348 -20.84 -73.95 -50.42
N LYS M 349 -19.68 -73.30 -50.55
CA LYS M 349 -18.42 -74.03 -50.49
C LYS M 349 -18.06 -74.40 -49.06
N TRP M 350 -18.37 -73.54 -48.10
CA TRP M 350 -18.00 -73.80 -46.70
C TRP M 350 -18.74 -75.00 -46.15
N ASN M 351 -20.08 -74.92 -46.08
CA ASN M 351 -20.87 -76.06 -45.64
C ASN M 351 -20.81 -77.16 -46.68
N THR M 352 -20.72 -78.41 -46.21
CA THR M 352 -20.59 -79.59 -47.07
C THR M 352 -19.37 -79.45 -47.99
N GLY M 353 -18.20 -79.50 -47.34
CA GLY M 353 -16.98 -79.09 -48.00
C GLY M 353 -16.12 -78.20 -47.12
N GLY M 354 -15.98 -76.93 -47.50
CA GLY M 354 -15.12 -75.97 -46.83
C GLY M 354 -15.05 -76.05 -45.32
N LYS M 355 -16.17 -76.31 -44.65
CA LYS M 355 -16.17 -76.38 -43.19
C LYS M 355 -15.26 -77.51 -42.69
N GLU M 356 -15.47 -78.73 -43.19
CA GLU M 356 -14.66 -79.85 -42.74
C GLU M 356 -13.26 -79.84 -43.36
N LYS M 357 -13.13 -79.39 -44.61
CA LYS M 357 -11.81 -79.30 -45.20
C LYS M 357 -10.97 -78.23 -44.54
N LEU M 358 -11.59 -77.23 -43.89
CA LEU M 358 -10.85 -76.26 -43.12
C LEU M 358 -10.11 -76.91 -41.95
N GLU M 359 -10.84 -77.68 -41.13
CA GLU M 359 -10.19 -78.38 -40.03
C GLU M 359 -9.24 -79.45 -40.54
N LYS M 360 -9.52 -80.05 -41.69
CA LYS M 360 -8.59 -80.99 -42.28
C LYS M 360 -7.26 -80.31 -42.62
N LEU M 361 -7.34 -79.15 -43.26
CA LEU M 361 -6.13 -78.40 -43.62
C LEU M 361 -5.41 -77.92 -42.37
N TRP M 362 -6.14 -77.53 -41.32
CA TRP M 362 -5.49 -77.11 -40.09
C TRP M 362 -4.74 -78.27 -39.44
N ASN M 363 -5.36 -79.44 -39.39
CA ASN M 363 -4.67 -80.61 -38.83
C ASN M 363 -3.46 -80.98 -39.68
N ASP M 364 -3.57 -80.84 -41.01
CA ASP M 364 -2.43 -81.11 -41.87
C ASP M 364 -1.30 -80.13 -41.61
N ALA M 365 -1.62 -78.84 -41.56
CA ALA M 365 -0.62 -77.81 -41.34
C ALA M 365 0.00 -77.92 -39.95
N SER M 366 -0.68 -78.58 -39.02
CA SER M 366 -0.07 -78.88 -37.74
C SER M 366 1.24 -79.65 -37.93
N HIS M 367 1.33 -80.45 -39.00
CA HIS M 367 2.54 -81.20 -39.29
C HIS M 367 3.21 -80.83 -40.61
N HIS M 368 2.60 -80.00 -41.46
CA HIS M 368 3.28 -79.45 -42.62
C HIS M 368 4.16 -78.26 -42.22
N THR M 369 5.24 -78.58 -41.53
CA THR M 369 6.26 -77.57 -41.19
C THR M 369 7.36 -77.52 -42.25
N GLU M 370 6.95 -77.37 -43.52
CA GLU M 370 7.89 -77.26 -44.63
C GLU M 370 7.88 -75.85 -45.22
N LYS M 371 6.72 -75.36 -45.64
CA LYS M 371 6.61 -74.01 -46.17
C LYS M 371 6.57 -73.00 -45.02
N LYS M 372 7.24 -71.86 -45.23
CA LYS M 372 7.29 -70.79 -44.24
C LYS M 372 6.60 -69.53 -44.74
N ILE M 373 5.46 -69.70 -45.42
CA ILE M 373 4.68 -68.58 -45.88
C ILE M 373 4.07 -67.88 -44.65
N THR M 374 4.36 -66.60 -44.51
CA THR M 374 3.97 -65.82 -43.34
C THR M 374 3.06 -64.67 -43.77
N LYS M 375 2.82 -63.75 -42.84
CA LYS M 375 1.96 -62.60 -43.09
C LYS M 375 2.54 -61.66 -44.14
N ARG M 376 3.80 -61.83 -44.51
CA ARG M 376 4.39 -61.01 -45.57
C ARG M 376 3.66 -61.22 -46.90
N SER M 377 3.30 -62.47 -47.20
CA SER M 377 2.55 -62.75 -48.43
C SER M 377 1.17 -62.09 -48.39
N ILE M 378 0.54 -62.08 -47.22
CA ILE M 378 -0.75 -61.41 -47.09
C ILE M 378 -0.60 -59.90 -47.27
N MET M 379 0.48 -59.33 -46.74
CA MET M 379 0.78 -57.92 -47.00
C MET M 379 0.93 -57.65 -48.49
N TYR M 380 1.66 -58.53 -49.19
CA TYR M 380 1.84 -58.37 -50.62
C TYR M 380 0.51 -58.45 -51.36
N TRP M 381 -0.34 -59.41 -50.98
CA TRP M 381 -1.64 -59.54 -51.62
C TRP M 381 -2.52 -58.32 -51.37
N ALA M 382 -2.51 -57.80 -50.14
CA ALA M 382 -3.28 -56.61 -49.84
C ALA M 382 -2.78 -55.41 -50.63
N HIS M 383 -1.45 -55.29 -50.78
CA HIS M 383 -0.90 -54.23 -51.61
C HIS M 383 -1.35 -54.36 -53.05
N LYS M 384 -1.34 -55.59 -53.58
CA LYS M 384 -1.75 -55.80 -54.97
C LYS M 384 -3.23 -55.49 -55.17
N HIS M 385 -4.07 -55.86 -54.21
CA HIS M 385 -5.51 -55.83 -54.43
C HIS M 385 -6.07 -54.42 -54.27
N ALA M 386 -5.97 -53.86 -53.06
CA ALA M 386 -6.56 -52.56 -52.73
C ALA M 386 -5.47 -51.65 -52.15
N PRO M 387 -4.76 -50.92 -52.99
CA PRO M 387 -3.74 -49.99 -52.49
C PRO M 387 -4.37 -48.72 -51.93
N GLN M 388 -3.55 -47.98 -51.18
CA GLN M 388 -3.86 -46.65 -50.69
C GLN M 388 -4.91 -46.67 -49.58
N GLN M 389 -5.50 -47.83 -49.32
CA GLN M 389 -6.50 -47.96 -48.26
C GLN M 389 -5.96 -48.69 -47.03
N TYR M 390 -5.07 -49.67 -47.22
CA TYR M 390 -4.39 -50.26 -46.07
C TYR M 390 -3.32 -49.33 -45.52
N LYS M 391 -2.83 -48.38 -46.34
CA LYS M 391 -1.81 -47.45 -45.88
C LYS M 391 -2.30 -46.65 -44.68
N GLU M 392 -3.49 -46.06 -44.79
CA GLU M 392 -4.01 -45.27 -43.69
C GLU M 392 -4.36 -46.14 -42.48
N ILE M 393 -4.79 -47.38 -42.70
CA ILE M 393 -5.07 -48.27 -41.59
C ILE M 393 -3.81 -48.58 -40.81
N VAL M 394 -2.74 -48.97 -41.51
CA VAL M 394 -1.50 -49.28 -40.80
C VAL M 394 -0.91 -48.01 -40.17
N GLU M 395 -1.08 -46.86 -40.83
CA GLU M 395 -0.63 -45.60 -40.26
C GLU M 395 -1.33 -45.32 -38.93
N GLN M 396 -2.66 -45.46 -38.92
CA GLN M 396 -3.40 -45.30 -37.68
C GLN M 396 -2.92 -46.30 -36.63
N GLY M 397 -2.67 -47.54 -37.04
CA GLY M 397 -2.18 -48.56 -36.14
C GLY M 397 -0.90 -48.18 -35.41
N TYR M 398 0.19 -47.97 -36.15
CA TYR M 398 1.43 -47.68 -35.44
C TYR M 398 1.44 -46.28 -34.85
N PHE M 399 0.67 -45.34 -35.40
CA PHE M 399 0.55 -44.03 -34.76
C PHE M 399 -0.10 -44.17 -33.38
N SER M 400 -1.13 -45.02 -33.28
CA SER M 400 -1.74 -45.29 -31.98
C SER M 400 -0.76 -45.99 -31.05
N ILE M 401 0.03 -46.93 -31.59
CA ILE M 401 1.03 -47.59 -30.75
C ILE M 401 2.00 -46.57 -30.16
N LEU M 402 2.54 -45.70 -31.00
CA LEU M 402 3.52 -44.73 -30.52
C LEU M 402 2.86 -43.68 -29.63
N ALA M 403 1.60 -43.33 -29.89
CA ALA M 403 0.89 -42.42 -29.00
C ALA M 403 0.71 -43.03 -27.62
N GLU M 404 0.36 -44.32 -27.56
CA GLU M 404 0.27 -45.01 -26.29
C GLU M 404 1.61 -45.00 -25.56
N TYR M 405 2.69 -45.26 -26.29
CA TYR M 405 4.00 -45.26 -25.66
C TYR M 405 4.38 -43.87 -25.14
N VAL M 406 4.15 -42.82 -25.94
CA VAL M 406 4.56 -41.49 -25.53
C VAL M 406 3.70 -41.00 -24.37
N TYR M 407 2.41 -41.36 -24.35
CA TYR M 407 1.58 -41.06 -23.19
C TYR M 407 2.09 -41.79 -21.96
N SER M 408 2.49 -43.06 -22.12
CA SER M 408 2.93 -43.85 -20.98
C SER M 408 4.20 -43.28 -20.34
N TYR M 409 4.99 -42.51 -21.09
CA TYR M 409 6.26 -42.00 -20.60
C TYR M 409 6.37 -40.48 -20.70
N ASN M 410 5.24 -39.79 -20.79
CA ASN M 410 5.16 -38.33 -20.61
C ASN M 410 6.10 -37.58 -21.56
N GLY M 411 6.22 -38.07 -22.79
CA GLY M 411 6.94 -37.33 -23.80
C GLY M 411 8.46 -37.42 -23.73
N MET M 412 9.00 -38.34 -22.96
CA MET M 412 10.44 -38.58 -22.94
C MET M 412 10.76 -39.77 -23.83
N LEU M 413 11.63 -39.56 -24.81
CA LEU M 413 11.97 -40.57 -25.81
C LEU M 413 13.26 -41.28 -25.43
N GLU M 414 13.29 -42.59 -25.65
CA GLU M 414 14.47 -43.40 -25.35
C GLU M 414 14.61 -44.42 -26.48
N HIS M 415 15.45 -45.42 -26.26
CA HIS M 415 15.68 -46.46 -27.25
C HIS M 415 14.65 -47.58 -27.12
N TYR M 416 14.66 -48.48 -28.09
CA TYR M 416 13.95 -49.75 -28.17
C TYR M 416 12.44 -49.56 -28.43
N MET M 417 11.91 -48.35 -28.35
CA MET M 417 10.53 -48.13 -28.79
C MET M 417 10.50 -47.72 -30.26
N ILE M 418 11.45 -46.88 -30.68
CA ILE M 418 11.64 -46.64 -32.10
C ILE M 418 12.00 -47.94 -32.80
N ALA M 419 12.62 -48.87 -32.07
CA ALA M 419 12.90 -50.19 -32.63
C ALA M 419 11.62 -50.91 -33.01
N LYS M 420 10.63 -50.93 -32.11
CA LYS M 420 9.35 -51.56 -32.43
C LYS M 420 8.64 -50.81 -33.55
N VAL M 421 8.72 -49.48 -33.53
CA VAL M 421 8.06 -48.70 -34.58
C VAL M 421 8.66 -49.02 -35.94
N ILE M 422 9.99 -49.12 -36.02
CA ILE M 422 10.66 -49.45 -37.28
C ILE M 422 10.35 -50.89 -37.69
N TYR M 423 10.26 -51.81 -36.72
CA TYR M 423 9.83 -53.16 -37.02
C TYR M 423 8.45 -53.14 -37.68
N ALA M 424 7.55 -52.29 -37.17
CA ALA M 424 6.27 -52.09 -37.84
C ALA M 424 6.47 -51.49 -39.23
N MET M 425 7.47 -50.62 -39.39
CA MET M 425 7.72 -49.98 -40.68
C MET M 425 8.09 -51.01 -41.74
N MET M 426 9.23 -51.66 -41.58
CA MET M 426 9.70 -52.68 -42.51
C MET M 426 9.80 -54.01 -41.78
N GLY M 427 8.66 -54.68 -41.64
CA GLY M 427 8.63 -56.04 -41.19
C GLY M 427 8.80 -57.05 -42.31
N ASN M 428 9.05 -56.56 -43.52
CA ASN M 428 9.16 -57.39 -44.71
C ASN M 428 10.32 -56.98 -45.59
N LYS M 429 11.33 -56.30 -45.04
CA LYS M 429 12.44 -55.80 -45.84
C LYS M 429 13.82 -56.04 -45.23
N PHE M 430 13.91 -56.39 -43.94
CA PHE M 430 15.20 -56.57 -43.30
C PHE M 430 15.11 -57.73 -42.31
N VAL M 431 16.26 -58.34 -42.05
CA VAL M 431 16.35 -59.44 -41.08
C VAL M 431 17.74 -59.42 -40.49
N VAL M 432 17.86 -59.88 -39.25
CA VAL M 432 19.13 -59.92 -38.54
C VAL M 432 19.42 -61.35 -38.13
N ASP M 433 20.66 -61.78 -38.30
CA ASP M 433 21.08 -63.11 -37.84
C ASP M 433 22.51 -63.04 -37.32
N VAL M 434 22.99 -64.19 -36.85
CA VAL M 434 24.30 -64.31 -36.22
C VAL M 434 25.09 -65.38 -36.97
N ASP M 435 26.29 -65.03 -37.41
CA ASP M 435 27.15 -65.97 -38.12
C ASP M 435 27.89 -66.85 -37.12
N SER M 436 28.83 -67.66 -37.62
CA SER M 436 29.66 -68.48 -36.74
C SER M 436 30.58 -67.61 -35.88
N ASN M 437 31.03 -66.47 -36.43
CA ASN M 437 31.88 -65.57 -35.67
C ASN M 437 31.14 -64.87 -34.55
N GLY M 438 29.82 -64.97 -34.50
CA GLY M 438 29.04 -64.31 -33.48
C GLY M 438 28.69 -62.86 -33.75
N LYS M 439 29.07 -62.33 -34.91
CA LYS M 439 28.79 -60.95 -35.24
C LYS M 439 27.41 -60.83 -35.89
N TYR M 440 26.60 -59.91 -35.37
CA TYR M 440 25.28 -59.69 -35.92
C TYR M 440 25.38 -59.09 -37.32
N VAL M 441 24.65 -59.67 -38.27
CA VAL M 441 24.66 -59.22 -39.65
C VAL M 441 23.21 -59.09 -40.12
N TRP M 442 23.01 -58.20 -41.10
CA TRP M 442 21.69 -57.93 -41.64
C TRP M 442 21.58 -58.52 -43.03
N PHE M 443 20.33 -58.69 -43.47
CA PHE M 443 20.05 -59.13 -44.83
C PHE M 443 18.76 -58.47 -45.27
N GLU M 444 18.76 -57.95 -46.50
CA GLU M 444 17.60 -57.23 -47.00
C GLU M 444 17.16 -57.80 -48.34
N PHE M 445 15.84 -57.82 -48.54
CA PHE M 445 15.23 -58.29 -49.78
C PHE M 445 15.24 -57.13 -50.78
N VAL M 446 16.05 -57.25 -51.82
CA VAL M 446 16.16 -56.18 -52.80
C VAL M 446 14.87 -56.08 -53.59
N LEU M 447 14.33 -54.87 -53.69
CA LEU M 447 13.03 -54.61 -54.28
C LEU M 447 13.18 -53.57 -55.38
N PRO M 448 12.36 -53.65 -56.43
CA PRO M 448 12.51 -52.71 -57.56
C PRO M 448 12.34 -51.26 -57.11
N GLY M 449 13.11 -50.38 -57.75
CA GLY M 449 13.09 -48.97 -57.41
C GLY M 449 14.19 -48.52 -56.48
N GLN M 450 15.20 -49.36 -56.24
CA GLN M 450 16.32 -49.02 -55.39
C GLN M 450 17.62 -49.27 -56.13
N PRO M 451 18.70 -48.58 -55.75
CA PRO M 451 20.00 -48.84 -56.39
C PRO M 451 20.39 -50.30 -56.21
N MET M 452 20.89 -50.89 -57.29
CA MET M 452 21.25 -52.31 -57.30
C MET M 452 22.17 -52.56 -58.50
N ASN M 453 22.42 -53.84 -58.79
CA ASN M 453 23.17 -54.22 -59.97
C ASN M 453 22.48 -55.38 -60.68
N GLN M 454 23.14 -55.97 -61.66
CA GLN M 454 22.55 -57.10 -62.37
C GLN M 454 22.38 -58.30 -61.44
N GLY M 455 21.29 -59.03 -61.64
CA GLY M 455 21.01 -60.19 -60.81
C GLY M 455 20.77 -59.86 -59.35
N GLU M 456 20.19 -58.70 -59.06
CA GLU M 456 19.91 -58.30 -57.70
C GLU M 456 18.43 -58.05 -57.44
N ILE M 457 17.66 -57.66 -58.46
CA ILE M 457 16.24 -57.41 -58.28
C ILE M 457 15.53 -58.68 -57.82
N TRP M 458 14.65 -58.52 -56.83
CA TRP M 458 13.83 -59.62 -56.31
C TRP M 458 14.67 -60.74 -55.70
N LYS M 459 15.79 -60.38 -55.07
CA LYS M 459 16.61 -61.35 -54.34
C LYS M 459 17.03 -60.74 -53.01
N TRP M 460 17.67 -61.57 -52.18
CA TRP M 460 18.14 -61.18 -50.87
C TRP M 460 19.64 -60.91 -50.93
N ARG M 461 20.11 -59.94 -50.15
CA ARG M 461 21.52 -59.59 -50.14
C ARG M 461 21.98 -59.31 -48.71
N LYS M 462 23.27 -59.56 -48.48
CA LYS M 462 23.89 -59.35 -47.18
C LYS M 462 24.04 -57.86 -46.89
N GLU M 463 24.24 -57.52 -45.62
CA GLU M 463 24.33 -56.15 -45.18
C GLU M 463 25.09 -56.08 -43.87
N VAL M 464 25.99 -55.12 -43.76
CA VAL M 464 26.88 -54.98 -42.61
C VAL M 464 26.51 -53.77 -41.75
N ASN M 465 26.31 -52.61 -42.37
CA ASN M 465 26.00 -51.37 -41.65
C ASN M 465 24.69 -50.79 -42.16
N PRO M 466 23.56 -51.08 -41.50
CA PRO M 466 22.25 -50.68 -42.04
C PRO M 466 22.17 -49.23 -42.51
N ASP M 467 21.94 -49.03 -43.80
CA ASP M 467 21.97 -47.71 -44.42
C ASP M 467 20.57 -47.14 -44.63
N GLU M 468 19.72 -47.86 -45.39
CA GLU M 468 18.39 -47.34 -45.70
C GLU M 468 17.56 -47.10 -44.45
N LEU M 469 17.75 -47.94 -43.42
CA LEU M 469 17.04 -47.74 -42.17
C LEU M 469 17.36 -46.39 -41.55
N HIS M 470 18.60 -45.93 -41.70
CA HIS M 470 18.98 -44.64 -41.13
C HIS M 470 18.19 -43.51 -41.76
N ILE M 471 18.14 -43.46 -43.10
CA ILE M 471 17.35 -42.44 -43.77
C ILE M 471 15.87 -42.56 -43.44
N TYR M 472 15.37 -43.80 -43.38
CA TYR M 472 13.96 -44.00 -43.06
C TYR M 472 13.62 -43.47 -41.68
N ILE M 473 14.49 -43.72 -40.70
CA ILE M 473 14.30 -43.16 -39.37
C ILE M 473 14.37 -41.64 -39.42
N SER M 474 15.32 -41.10 -40.20
CA SER M 474 15.53 -39.66 -40.22
C SER M 474 14.32 -38.92 -40.77
N GLU M 475 13.74 -39.40 -41.87
CA GLU M 475 12.71 -38.62 -42.55
C GLU M 475 11.36 -39.33 -42.63
N ASN M 476 11.32 -40.63 -42.99
CA ASN M 476 10.04 -41.32 -43.07
C ASN M 476 9.37 -41.39 -41.70
N PHE M 477 10.13 -41.75 -40.66
CA PHE M 477 9.56 -41.90 -39.33
C PHE M 477 9.08 -40.56 -38.78
N SER M 478 9.85 -39.49 -39.01
CA SER M 478 9.54 -38.19 -38.44
C SER M 478 8.15 -37.69 -38.80
N ARG M 479 7.60 -38.11 -39.95
CA ARG M 479 6.25 -37.72 -40.33
C ARG M 479 5.26 -38.07 -39.23
N VAL M 480 5.40 -39.27 -38.64
CA VAL M 480 4.52 -39.66 -37.54
C VAL M 480 4.61 -38.64 -36.41
N MET M 481 5.85 -38.27 -36.04
CA MET M 481 6.05 -37.19 -35.08
C MET M 481 5.15 -36.01 -35.40
N ASP M 482 5.20 -35.53 -36.65
CA ASP M 482 4.39 -34.39 -37.04
C ASP M 482 2.93 -34.59 -36.66
N ARG M 483 2.36 -35.75 -37.02
CA ARG M 483 0.98 -36.02 -36.68
C ARG M 483 0.76 -35.83 -35.18
N ILE M 484 1.58 -36.51 -34.37
CA ILE M 484 1.44 -36.39 -32.93
C ILE M 484 1.48 -34.92 -32.53
N THR M 485 2.47 -34.19 -33.05
CA THR M 485 2.57 -32.77 -32.80
C THR M 485 1.21 -32.10 -33.01
N GLU M 486 0.70 -32.15 -34.24
CA GLU M 486 -0.56 -31.47 -34.50
C GLU M 486 -1.67 -32.07 -33.65
N HIS M 487 -1.66 -33.40 -33.48
CA HIS M 487 -2.65 -34.02 -32.61
C HIS M 487 -2.62 -33.37 -31.23
N ILE M 488 -1.43 -33.29 -30.64
CA ILE M 488 -1.31 -32.63 -29.35
C ILE M 488 -1.82 -31.20 -29.45
N LYS M 489 -1.36 -30.47 -30.47
CA LYS M 489 -1.78 -29.09 -30.63
C LYS M 489 -3.29 -28.99 -30.77
N TYR M 490 -3.90 -29.98 -31.45
CA TYR M 490 -5.34 -29.94 -31.62
C TYR M 490 -6.05 -29.97 -30.28
N HIS M 491 -5.56 -30.79 -29.35
CA HIS M 491 -6.17 -30.84 -28.03
C HIS M 491 -5.95 -29.54 -27.26
N LEU M 492 -4.87 -28.82 -27.56
CA LEU M 492 -4.74 -27.48 -27.02
C LEU M 492 -5.78 -26.54 -27.61
N SER M 493 -6.09 -26.73 -28.90
CA SER M 493 -7.10 -25.89 -29.55
C SER M 493 -8.48 -26.11 -28.93
N GLN M 494 -8.83 -27.35 -28.63
CA GLN M 494 -10.14 -27.64 -28.06
C GLN M 494 -10.25 -27.04 -26.67
N PRO M 495 -11.37 -26.39 -26.33
CA PRO M 495 -11.52 -25.82 -24.99
C PRO M 495 -11.80 -26.91 -23.96
N HIS M 496 -11.03 -26.89 -22.88
CA HIS M 496 -11.18 -27.86 -21.80
C HIS M 496 -10.82 -27.17 -20.49
N GLU M 497 -10.58 -27.97 -19.45
CA GLU M 497 -10.24 -27.45 -18.14
C GLU M 497 -8.78 -27.04 -18.08
N SER M 498 -8.42 -26.30 -17.02
CA SER M 498 -7.05 -25.83 -16.87
C SER M 498 -6.08 -26.98 -16.69
N ASN M 499 -6.46 -28.00 -15.91
CA ASN M 499 -5.53 -29.08 -15.59
C ASN M 499 -5.11 -29.86 -16.84
N ILE M 500 -6.08 -30.21 -17.70
CA ILE M 500 -5.77 -30.95 -18.90
C ILE M 500 -4.92 -30.12 -19.85
N LEU M 501 -5.21 -28.82 -19.96
CA LEU M 501 -4.41 -27.96 -20.83
C LEU M 501 -2.97 -27.86 -20.33
N ASN M 502 -2.79 -27.73 -19.02
CA ASN M 502 -1.44 -27.67 -18.46
C ASN M 502 -0.70 -29.00 -18.68
N TYR M 503 -1.41 -30.11 -18.46
CA TYR M 503 -0.84 -31.43 -18.74
C TYR M 503 -0.37 -31.52 -20.19
N TYR M 504 -1.22 -31.10 -21.12
CA TYR M 504 -0.88 -31.17 -22.54
C TYR M 504 0.25 -30.21 -22.89
N LYS M 505 0.40 -29.10 -22.16
CA LYS M 505 1.53 -28.23 -22.47
C LYS M 505 2.84 -28.83 -21.97
N LYS M 506 2.85 -29.50 -20.81
CA LYS M 506 4.04 -30.26 -20.45
C LYS M 506 4.32 -31.35 -21.49
N LEU M 507 3.27 -32.02 -21.97
CA LEU M 507 3.46 -33.05 -22.98
C LEU M 507 4.06 -32.48 -24.25
N LEU M 508 3.58 -31.32 -24.70
CA LEU M 508 4.13 -30.72 -25.91
C LEU M 508 5.58 -30.30 -25.71
N LYS M 509 5.91 -29.70 -24.57
CA LYS M 509 7.29 -29.31 -24.33
C LYS M 509 8.21 -30.53 -24.31
N ALA M 510 7.82 -31.58 -23.58
CA ALA M 510 8.63 -32.79 -23.53
C ALA M 510 8.75 -33.42 -24.90
N PHE M 511 7.66 -33.42 -25.67
CA PHE M 511 7.68 -34.05 -26.99
C PHE M 511 8.64 -33.33 -27.93
N GLU M 512 8.57 -31.99 -27.97
CA GLU M 512 9.50 -31.27 -28.84
C GLU M 512 10.93 -31.42 -28.37
N ARG M 513 11.16 -31.39 -27.05
CA ARG M 513 12.51 -31.53 -26.52
C ARG M 513 13.09 -32.89 -26.88
N SER M 514 12.28 -33.94 -26.78
CA SER M 514 12.76 -35.28 -27.12
C SER M 514 12.95 -35.44 -28.63
N LYS M 515 11.99 -34.99 -29.43
CA LYS M 515 12.08 -35.13 -30.88
C LYS M 515 13.15 -34.24 -31.49
N SER M 516 13.71 -33.30 -30.72
CA SER M 516 14.87 -32.54 -31.22
C SER M 516 15.97 -33.49 -31.69
N LYS M 517 16.26 -34.54 -30.94
CA LYS M 517 17.27 -35.52 -31.34
C LYS M 517 16.63 -36.65 -32.13
N ILE M 518 15.88 -36.30 -33.18
CA ILE M 518 15.16 -37.31 -33.94
C ILE M 518 16.12 -38.17 -34.76
N PHE M 519 17.15 -37.57 -35.35
CA PHE M 519 18.14 -38.34 -36.11
C PHE M 519 19.56 -37.92 -35.74
N ASN M 520 19.83 -37.81 -34.44
CA ASN M 520 21.20 -37.66 -33.97
C ASN M 520 21.96 -38.98 -34.15
N ASP M 521 23.24 -38.88 -34.47
CA ASP M 521 24.02 -40.06 -34.84
C ASP M 521 24.10 -41.06 -33.69
N SER M 522 24.42 -40.59 -32.49
CA SER M 522 24.54 -41.50 -31.34
C SER M 522 23.20 -42.14 -31.03
N PHE M 523 22.12 -41.36 -31.05
CA PHE M 523 20.80 -41.92 -30.80
C PHE M 523 20.42 -42.93 -31.88
N LYS M 524 20.77 -42.64 -33.13
CA LYS M 524 20.50 -43.58 -34.22
C LYS M 524 21.26 -44.88 -34.02
N LYS M 525 22.52 -44.80 -33.61
CA LYS M 525 23.29 -46.02 -33.34
C LYS M 525 22.67 -46.81 -32.20
N GLY M 526 22.25 -46.13 -31.14
CA GLY M 526 21.59 -46.82 -30.03
C GLY M 526 20.29 -47.48 -30.46
N VAL M 527 19.52 -46.80 -31.30
CA VAL M 527 18.26 -47.36 -31.80
C VAL M 527 18.54 -48.59 -32.65
N ILE M 528 19.56 -48.53 -33.50
CA ILE M 528 19.92 -49.69 -34.32
C ILE M 528 20.35 -50.86 -33.45
N ARG M 529 21.15 -50.58 -32.42
CA ARG M 529 21.61 -51.64 -31.53
C ARG M 529 20.45 -52.26 -30.77
N GLN M 530 19.46 -51.45 -30.38
CA GLN M 530 18.27 -52.01 -29.74
C GLN M 530 17.43 -52.82 -30.74
N ALA M 531 17.36 -52.34 -31.99
CA ALA M 531 16.47 -52.96 -32.96
C ALA M 531 17.02 -54.28 -33.48
N GLU M 532 18.34 -54.44 -33.49
CA GLU M 532 18.91 -55.69 -34.00
C GLU M 532 18.39 -56.90 -33.24
N PHE M 533 18.04 -56.73 -31.96
CA PHE M 533 17.47 -57.82 -31.19
C PHE M 533 16.09 -58.20 -31.72
N LEU M 534 15.23 -57.21 -31.96
CA LEU M 534 13.86 -57.48 -32.40
C LEU M 534 13.85 -58.12 -33.79
N PHE M 535 14.71 -57.67 -34.68
CA PHE M 535 14.74 -58.16 -36.05
C PHE M 535 15.45 -59.50 -36.19
N ARG M 536 15.99 -60.06 -35.10
CA ARG M 536 16.68 -61.33 -35.19
C ARG M 536 15.71 -62.45 -35.55
N GLN M 537 16.16 -63.35 -36.42
CA GLN M 537 15.38 -64.50 -36.87
C GLN M 537 16.27 -65.74 -36.74
N ARG M 538 16.01 -66.55 -35.72
CA ARG M 538 16.80 -67.75 -35.51
C ARG M 538 16.64 -68.72 -36.67
N SER M 539 17.72 -69.43 -36.99
CA SER M 539 17.75 -70.42 -38.06
C SER M 539 17.39 -69.80 -39.41
N PHE M 540 18.17 -68.80 -39.81
CA PHE M 540 17.98 -68.13 -41.08
C PHE M 540 19.15 -68.30 -42.04
N ILE M 541 20.39 -68.23 -41.54
CA ILE M 541 21.54 -68.41 -42.43
C ILE M 541 21.62 -69.84 -42.91
N GLN M 542 21.42 -70.80 -42.02
CA GLN M 542 21.57 -72.21 -42.41
C GLN M 542 20.52 -72.65 -43.42
N THR M 543 19.33 -72.04 -43.38
CA THR M 543 18.28 -72.40 -44.32
C THR M 543 18.39 -71.66 -45.65
N LEU M 544 19.39 -70.78 -45.80
CA LEU M 544 19.59 -70.09 -47.07
C LEU M 544 20.11 -71.06 -48.12
N ASP M 545 19.51 -71.00 -49.31
CA ASP M 545 19.95 -71.76 -50.49
C ASP M 545 19.91 -73.27 -50.25
N THR M 546 19.15 -73.73 -49.26
CA THR M 546 19.03 -75.17 -49.02
C THR M 546 18.34 -75.86 -50.19
N ASN M 547 17.31 -75.25 -50.73
CA ASN M 547 16.59 -75.85 -51.86
C ASN M 547 17.47 -75.82 -53.09
N PRO M 548 17.80 -76.97 -53.69
CA PRO M 548 18.61 -76.96 -54.91
C PRO M 548 17.81 -76.73 -56.18
N HIS M 549 16.48 -76.63 -56.09
CA HIS M 549 15.63 -76.42 -57.25
C HIS M 549 15.37 -74.94 -57.53
N LEU M 550 15.91 -74.04 -56.72
CA LEU M 550 15.73 -72.60 -56.91
C LEU M 550 17.10 -71.98 -57.11
N LEU M 551 17.30 -71.33 -58.25
CA LEU M 551 18.59 -70.73 -58.59
C LEU M 551 18.38 -69.28 -59.01
N GLY M 552 19.11 -68.37 -58.38
CA GLY M 552 19.00 -66.97 -58.75
C GLY M 552 19.64 -66.71 -60.11
N VAL M 553 19.06 -65.77 -60.85
CA VAL M 553 19.51 -65.42 -62.19
C VAL M 553 19.51 -63.90 -62.30
N GLY M 554 19.84 -63.42 -63.50
CA GLY M 554 19.88 -61.97 -63.73
C GLY M 554 18.52 -61.31 -63.63
N ASN M 555 17.47 -61.99 -64.09
CA ASN M 555 16.13 -61.44 -64.14
C ASN M 555 15.20 -62.05 -63.08
N GLY M 556 15.73 -62.32 -61.89
CA GLY M 556 14.91 -62.88 -60.83
C GLY M 556 15.45 -64.20 -60.33
N VAL M 557 14.57 -65.19 -60.16
CA VAL M 557 15.00 -66.52 -59.76
C VAL M 557 14.25 -67.54 -60.64
N LEU M 558 14.87 -68.69 -60.84
CA LEU M 558 14.29 -69.76 -61.64
C LEU M 558 14.07 -70.97 -60.75
N SER M 559 12.85 -71.52 -60.78
CA SER M 559 12.49 -72.71 -60.04
C SER M 559 12.41 -73.88 -61.02
N ILE M 560 13.33 -74.83 -60.88
CA ILE M 560 13.35 -76.02 -61.73
C ILE M 560 12.62 -77.19 -61.09
N GLU M 561 12.05 -77.01 -59.90
CA GLU M 561 11.26 -78.08 -59.29
C GLU M 561 10.05 -78.43 -60.15
N THR M 562 9.38 -77.41 -60.69
CA THR M 562 8.27 -77.61 -61.60
C THR M 562 8.77 -77.66 -63.03
N ILE M 563 8.12 -78.49 -63.84
CA ILE M 563 8.43 -78.65 -65.26
C ILE M 563 7.28 -78.06 -66.06
N PRO M 564 7.50 -77.01 -66.86
CA PRO M 564 8.78 -76.34 -67.06
C PRO M 564 9.17 -75.41 -65.91
N ALA M 565 10.44 -74.98 -65.89
CA ALA M 565 10.92 -74.11 -64.83
C ALA M 565 10.18 -72.78 -64.86
N LYS M 566 9.92 -72.23 -63.68
CA LYS M 566 9.14 -71.01 -63.53
C LYS M 566 10.05 -69.86 -63.13
N LEU M 567 9.89 -68.71 -63.79
CA LEU M 567 10.69 -67.53 -63.49
C LEU M 567 9.93 -66.63 -62.55
N ILE M 568 10.39 -66.55 -61.30
CA ILE M 568 9.79 -65.68 -60.30
C ILE M 568 10.52 -64.34 -60.33
N ASN M 569 9.76 -63.27 -60.54
CA ASN M 569 10.24 -61.90 -60.53
C ASN M 569 9.27 -61.03 -59.73
N HIS M 570 8.74 -61.58 -58.64
CA HIS M 570 7.79 -60.89 -57.79
C HIS M 570 8.18 -61.16 -56.34
N PHE M 571 7.35 -60.70 -55.40
CA PHE M 571 7.62 -60.94 -54.00
C PHE M 571 7.44 -62.41 -53.66
N HIS M 572 8.31 -62.90 -52.78
CA HIS M 572 8.26 -64.28 -52.34
C HIS M 572 8.88 -64.37 -50.94
N GLU M 573 9.09 -65.59 -50.45
CA GLU M 573 9.70 -65.83 -49.16
C GLU M 573 10.80 -66.87 -49.24
N HIS M 574 11.28 -67.18 -50.43
CA HIS M 574 12.31 -68.21 -50.59
C HIS M 574 13.63 -67.70 -50.05
N PRO M 575 14.32 -68.47 -49.21
CA PRO M 575 15.63 -68.04 -48.71
C PRO M 575 16.71 -68.16 -49.78
N ILE M 576 16.73 -67.22 -50.71
CA ILE M 576 17.64 -67.24 -51.85
C ILE M 576 18.49 -65.97 -51.83
N HIS M 577 19.80 -66.15 -51.94
CA HIS M 577 20.71 -65.00 -52.02
C HIS M 577 21.66 -65.08 -53.20
N GLN M 578 22.14 -66.28 -53.55
CA GLN M 578 23.07 -66.43 -54.66
C GLN M 578 22.34 -66.29 -55.99
N TYR M 579 23.10 -65.92 -57.02
CA TYR M 579 22.54 -65.69 -58.34
C TYR M 579 23.65 -65.78 -59.38
N THR M 580 23.23 -65.87 -60.63
CA THR M 580 24.13 -65.81 -61.78
C THR M 580 23.70 -64.66 -62.68
N HIS M 581 24.66 -64.14 -63.46
CA HIS M 581 24.44 -62.98 -64.31
C HIS M 581 23.98 -63.35 -65.70
N ILE M 582 23.32 -64.50 -65.86
CA ILE M 582 22.78 -64.93 -67.14
C ILE M 582 21.27 -64.78 -67.06
N CYS M 583 20.75 -63.72 -67.68
CA CYS M 583 19.31 -63.48 -67.67
C CYS M 583 18.58 -64.56 -68.46
N TYR M 584 17.51 -65.10 -67.87
CA TYR M 584 16.78 -66.19 -68.49
C TYR M 584 15.92 -65.67 -69.64
N VAL M 585 15.97 -66.38 -70.76
CA VAL M 585 15.08 -66.13 -71.89
C VAL M 585 14.47 -67.46 -72.30
N PRO M 586 13.24 -67.50 -72.83
CA PRO M 586 12.64 -68.77 -73.21
C PRO M 586 13.46 -69.47 -74.29
N PHE M 587 13.46 -70.81 -74.22
CA PHE M 587 14.22 -71.61 -75.17
C PHE M 587 13.63 -71.45 -76.56
N ASN M 588 14.34 -70.75 -77.43
CA ASN M 588 13.92 -70.58 -78.82
C ASN M 588 14.99 -71.14 -79.74
N PRO M 589 14.76 -72.31 -80.36
CA PRO M 589 15.76 -72.84 -81.30
C PRO M 589 15.95 -71.96 -82.52
N GLU M 590 15.00 -71.07 -82.82
CA GLU M 590 15.12 -70.19 -83.98
C GLU M 590 16.13 -69.07 -83.78
N ASN M 591 16.66 -68.90 -82.57
CA ASN M 591 17.66 -67.87 -82.33
C ASN M 591 18.92 -68.18 -83.13
N PRO M 592 19.46 -67.22 -83.88
CA PRO M 592 20.67 -67.51 -84.66
C PRO M 592 21.84 -67.97 -83.82
N TRP M 593 22.01 -67.41 -82.62
CA TRP M 593 23.06 -67.88 -81.72
C TRP M 593 22.76 -69.29 -81.25
N THR M 594 21.49 -69.60 -80.98
CA THR M 594 21.12 -70.96 -80.61
C THR M 594 21.45 -71.95 -81.72
N LYS M 595 21.12 -71.59 -82.96
CA LYS M 595 21.42 -72.47 -84.08
C LYS M 595 22.93 -72.63 -84.26
N LEU M 596 23.69 -71.55 -84.12
CA LEU M 596 25.14 -71.64 -84.24
C LEU M 596 25.72 -72.54 -83.16
N LEU M 597 25.24 -72.41 -81.92
CA LEU M 597 25.72 -73.26 -80.84
C LEU M 597 25.37 -74.72 -81.08
N LEU M 598 24.14 -74.98 -81.54
CA LEU M 598 23.74 -76.36 -81.83
C LEU M 598 24.60 -76.97 -82.92
N ASN M 599 24.86 -76.21 -83.98
CA ASN M 599 25.70 -76.71 -85.06
C ASN M 599 27.13 -76.95 -84.59
N ALA M 600 27.66 -76.03 -83.77
CA ALA M 600 29.02 -76.20 -83.25
C ALA M 600 29.13 -77.44 -82.37
N LEU M 601 28.14 -77.66 -81.50
CA LEU M 601 28.16 -78.84 -80.64
C LEU M 601 28.03 -80.11 -81.45
N GLN M 602 27.18 -80.09 -82.50
CA GLN M 602 27.09 -81.24 -83.39
C GLN M 602 28.42 -81.50 -84.09
N ASP M 603 29.11 -80.43 -84.49
CA ASP M 603 30.41 -80.59 -85.12
C ASP M 603 31.43 -81.21 -84.17
N ILE M 604 31.43 -80.75 -82.91
CA ILE M 604 32.42 -81.25 -81.95
C ILE M 604 32.23 -82.74 -81.71
N ILE M 605 30.99 -83.17 -81.53
CA ILE M 605 30.67 -84.57 -81.20
C ILE M 605 29.58 -85.08 -82.13
N PRO M 606 29.97 -85.48 -83.36
CA PRO M 606 28.96 -85.78 -84.39
C PRO M 606 28.04 -86.94 -84.06
N GLU M 607 28.52 -87.96 -83.35
CA GLU M 607 27.69 -89.12 -83.04
C GLU M 607 26.43 -88.70 -82.30
N LEU M 608 25.28 -88.86 -82.94
CA LEU M 608 24.03 -88.33 -82.41
C LEU M 608 23.71 -88.92 -81.04
N ASP M 609 23.86 -90.24 -80.89
CA ASP M 609 23.64 -90.86 -79.60
C ASP M 609 24.65 -90.37 -78.57
N ALA M 610 25.94 -90.35 -78.94
CA ALA M 610 26.97 -89.85 -78.05
C ALA M 610 26.77 -88.38 -77.76
N ARG M 611 26.39 -87.59 -78.77
CA ARG M 611 26.14 -86.18 -78.56
C ARG M 611 25.03 -85.96 -77.55
N LEU M 612 23.91 -86.68 -77.73
CA LEU M 612 22.78 -86.53 -76.81
C LEU M 612 23.17 -86.94 -75.40
N TRP M 613 23.88 -88.06 -75.26
CA TRP M 613 24.29 -88.49 -73.92
C TRP M 613 25.20 -87.46 -73.27
N ILE M 614 26.18 -86.95 -74.01
CA ILE M 614 27.16 -86.01 -73.43
C ILE M 614 26.47 -84.72 -73.00
N MET M 615 25.66 -84.14 -73.88
CA MET M 615 25.07 -82.85 -73.54
C MET M 615 23.90 -82.99 -72.57
N PHE M 616 23.30 -84.17 -72.44
CA PHE M 616 22.32 -84.40 -71.39
C PHE M 616 22.99 -84.59 -70.04
N TYR M 617 24.15 -85.26 -70.01
CA TYR M 617 24.92 -85.34 -68.77
C TYR M 617 25.40 -83.97 -68.33
N LEU M 618 25.83 -83.14 -69.28
CA LEU M 618 26.23 -81.78 -68.97
C LEU M 618 25.06 -80.90 -68.54
N SER M 619 23.82 -81.35 -68.73
CA SER M 619 22.65 -80.59 -68.32
C SER M 619 22.31 -80.77 -66.85
N THR M 620 22.99 -81.66 -66.14
CA THR M 620 22.71 -81.91 -64.73
C THR M 620 23.58 -81.06 -63.80
N ALA M 621 24.48 -80.25 -64.35
CA ALA M 621 25.35 -79.42 -63.51
C ALA M 621 24.58 -78.31 -62.83
N ILE M 622 23.45 -77.88 -63.41
CA ILE M 622 22.69 -76.78 -62.83
C ILE M 622 22.11 -77.18 -61.48
N PHE M 623 21.64 -78.42 -61.35
CA PHE M 623 21.06 -78.88 -60.10
C PHE M 623 22.14 -78.94 -59.01
N ARG M 624 21.79 -78.43 -57.83
CA ARG M 624 22.69 -78.43 -56.69
C ARG M 624 22.40 -79.56 -55.71
N GLY M 625 21.47 -80.45 -56.04
CA GLY M 625 21.14 -81.57 -55.20
C GLY M 625 22.08 -82.74 -55.38
N LEU M 626 21.83 -83.79 -54.61
CA LEU M 626 22.71 -84.96 -54.64
C LEU M 626 22.73 -85.58 -56.03
N LYS M 627 23.91 -86.05 -56.43
CA LYS M 627 24.14 -86.62 -57.75
C LYS M 627 24.73 -88.01 -57.60
N GLU M 628 24.52 -88.85 -58.61
CA GLU M 628 25.04 -90.20 -58.56
C GLU M 628 26.55 -90.19 -58.80
N ALA M 629 27.19 -91.30 -58.44
CA ALA M 629 28.63 -91.42 -58.51
C ALA M 629 29.06 -91.82 -59.92
N LEU M 630 29.82 -90.95 -60.58
CA LEU M 630 30.25 -91.19 -61.96
C LEU M 630 31.30 -90.17 -62.36
N MET M 631 32.30 -90.62 -63.13
CA MET M 631 33.26 -89.74 -63.79
C MET M 631 33.09 -89.86 -65.30
N LEU M 632 33.39 -88.77 -66.01
CA LEU M 632 33.36 -88.77 -67.47
C LEU M 632 34.59 -88.06 -67.99
N LEU M 633 35.21 -88.66 -69.01
CA LEU M 633 36.34 -88.05 -69.69
C LEU M 633 36.29 -88.44 -71.16
N TRP M 634 36.86 -87.59 -72.02
CA TRP M 634 36.93 -87.86 -73.45
C TRP M 634 38.26 -87.34 -73.97
N LEU M 635 39.08 -88.25 -74.49
CA LEU M 635 40.41 -87.91 -74.95
C LEU M 635 40.42 -87.62 -76.45
N GLY M 636 41.53 -87.07 -76.92
CA GLY M 636 41.69 -86.78 -78.34
C GLY M 636 43.12 -86.42 -78.65
N GLY M 637 43.44 -86.44 -79.95
CA GLY M 637 44.81 -86.16 -80.36
C GLY M 637 45.26 -84.77 -79.98
N GLY M 638 44.39 -83.79 -80.11
CA GLY M 638 44.72 -82.41 -79.78
C GLY M 638 43.96 -81.44 -80.66
N CYS M 639 43.79 -80.22 -80.13
CA CYS M 639 43.07 -79.15 -80.82
C CYS M 639 41.66 -79.60 -81.21
N ASN M 640 41.01 -80.30 -80.30
CA ASN M 640 39.64 -80.76 -80.48
C ASN M 640 38.69 -79.69 -79.94
N GLY M 641 37.43 -80.08 -79.75
CA GLY M 641 36.44 -79.16 -79.22
C GLY M 641 36.64 -78.86 -77.75
N LYS M 642 37.67 -79.46 -77.15
CA LYS M 642 37.96 -79.24 -75.74
C LYS M 642 38.31 -77.78 -75.48
N THR M 643 38.05 -77.35 -74.24
CA THR M 643 38.33 -75.99 -73.76
C THR M 643 37.53 -74.93 -74.50
N PHE M 644 36.66 -75.33 -75.42
CA PHE M 644 35.74 -74.39 -76.05
C PHE M 644 34.38 -74.39 -75.36
N LEU M 645 33.70 -75.54 -75.33
CA LEU M 645 32.46 -75.65 -74.57
C LEU M 645 32.72 -76.00 -73.11
N MET M 646 33.84 -76.68 -72.81
CA MET M 646 34.18 -77.01 -71.44
C MET M 646 34.34 -75.75 -70.60
N ARG M 647 35.03 -74.75 -71.15
CA ARG M 647 35.13 -73.45 -70.48
C ARG M 647 33.86 -72.63 -70.65
N LEU M 648 33.11 -72.86 -71.74
CA LEU M 648 31.87 -72.13 -71.96
C LEU M 648 30.86 -72.41 -70.86
N VAL M 649 30.70 -73.68 -70.49
CA VAL M 649 29.76 -74.04 -69.43
C VAL M 649 30.19 -73.42 -68.11
N ALA M 650 31.49 -73.50 -67.80
CA ALA M 650 31.98 -72.95 -66.54
C ALA M 650 31.77 -71.44 -66.47
N MET M 651 32.07 -70.73 -67.55
CA MET M 651 31.91 -69.28 -67.55
C MET M 651 30.46 -68.85 -67.61
N VAL M 652 29.57 -69.68 -68.16
CA VAL M 652 28.14 -69.39 -68.08
C VAL M 652 27.65 -69.57 -66.66
N LEU M 653 28.07 -70.65 -65.99
CA LEU M 653 27.66 -70.87 -64.61
C LEU M 653 28.18 -69.80 -63.68
N GLY M 654 29.44 -69.38 -63.87
CA GLY M 654 30.02 -68.32 -63.07
C GLY M 654 30.61 -68.82 -61.77
N ASP M 655 31.19 -67.88 -61.02
CA ASP M 655 31.84 -68.22 -59.76
C ASP M 655 30.85 -68.71 -58.72
N HIS M 656 29.60 -68.25 -58.79
CA HIS M 656 28.61 -68.65 -57.79
C HIS M 656 28.34 -70.15 -57.84
N TYR M 657 28.22 -70.72 -59.04
CA TYR M 657 27.87 -72.13 -59.20
C TYR M 657 28.94 -72.96 -59.87
N ALA M 658 30.09 -72.38 -60.21
CA ALA M 658 31.19 -73.14 -60.79
C ALA M 658 32.51 -72.59 -60.27
N SER M 659 33.53 -73.45 -60.28
CA SER M 659 34.86 -73.06 -59.85
C SER M 659 35.89 -73.96 -60.54
N LYS M 660 37.09 -73.42 -60.71
CA LYS M 660 38.15 -74.15 -61.39
C LYS M 660 38.85 -75.11 -60.44
N LEU M 661 39.17 -76.30 -60.94
CA LEU M 661 39.91 -77.30 -60.20
C LEU M 661 41.31 -77.43 -60.80
N ASN M 662 42.12 -78.30 -60.18
CA ASN M 662 43.49 -78.52 -60.61
C ASN M 662 43.81 -80.00 -60.58
N ILE M 663 44.69 -80.42 -61.50
CA ILE M 663 45.09 -81.82 -61.56
C ILE M 663 45.87 -82.27 -60.34
N SER M 664 46.37 -81.32 -59.54
CA SER M 664 47.14 -81.67 -58.35
C SER M 664 46.32 -82.47 -57.34
N LEU M 665 44.99 -82.45 -57.47
CA LEU M 665 44.16 -83.29 -56.62
C LEU M 665 44.45 -84.77 -56.81
N LEU M 666 44.86 -85.15 -58.03
CA LEU M 666 45.09 -86.55 -58.37
C LEU M 666 46.55 -86.82 -58.72
N THR M 667 47.16 -85.99 -59.56
CA THR M 667 48.52 -86.25 -60.03
C THR M 667 49.55 -86.14 -58.91
N SER M 668 49.21 -85.52 -57.78
CA SER M 668 50.12 -85.43 -56.64
C SER M 668 49.99 -86.62 -55.70
N CYS M 669 49.50 -87.76 -56.21
CA CYS M 669 49.28 -88.99 -55.47
C CYS M 669 48.65 -88.73 -54.10
N ARG M 670 49.16 -89.40 -53.07
CA ARG M 670 48.63 -89.26 -51.72
C ARG M 670 49.23 -88.02 -51.06
N GLU M 671 48.59 -86.88 -51.28
CA GLU M 671 48.99 -85.67 -50.57
C GLU M 671 48.68 -85.82 -49.08
N THR M 672 49.62 -85.38 -48.24
CA THR M 672 49.51 -85.58 -46.81
C THR M 672 48.34 -84.78 -46.24
N ALA M 673 47.73 -85.32 -45.19
CA ALA M 673 46.61 -84.64 -44.54
C ALA M 673 47.07 -83.41 -43.78
N GLU M 674 48.34 -83.38 -43.36
CA GLU M 674 48.86 -82.21 -42.67
C GLU M 674 48.84 -80.98 -43.57
N LYS M 675 49.20 -81.15 -44.83
CA LYS M 675 49.18 -80.04 -45.76
C LYS M 675 47.75 -79.56 -45.99
N PRO M 676 47.47 -78.27 -45.81
CA PRO M 676 46.09 -77.79 -46.04
C PRO M 676 45.73 -77.81 -47.51
N ASN M 677 44.88 -78.76 -47.91
CA ASN M 677 44.43 -78.90 -49.29
C ASN M 677 43.03 -78.28 -49.39
N SER M 678 43.01 -76.95 -49.57
CA SER M 678 41.75 -76.24 -49.66
C SER M 678 40.95 -76.63 -50.89
N ALA M 679 41.58 -77.25 -51.88
CA ALA M 679 40.86 -77.70 -53.06
C ALA M 679 39.86 -78.79 -52.72
N PHE M 680 40.12 -79.56 -51.66
CA PHE M 680 39.14 -80.55 -51.20
C PHE M 680 37.84 -79.87 -50.78
N MET M 681 37.94 -78.70 -50.16
CA MET M 681 36.79 -77.97 -49.65
C MET M 681 36.19 -77.01 -50.66
N ARG M 682 36.64 -77.06 -51.91
CA ARG M 682 36.00 -76.27 -52.96
C ARG M 682 34.72 -76.97 -53.40
N LEU M 683 34.08 -76.41 -54.43
CA LEU M 683 32.82 -76.93 -54.98
C LEU M 683 31.69 -76.96 -53.94
N LYS M 684 31.83 -76.19 -52.87
CA LYS M 684 30.77 -76.06 -51.87
C LYS M 684 29.66 -75.18 -52.45
N GLY M 685 28.57 -75.81 -52.88
CA GLY M 685 27.53 -75.12 -53.60
C GLY M 685 27.75 -75.01 -55.09
N ARG M 686 28.86 -75.53 -55.59
CA ARG M 686 29.18 -75.53 -57.02
C ARG M 686 28.88 -76.92 -57.58
N GLY M 687 28.05 -76.96 -58.61
CA GLY M 687 27.58 -78.23 -59.14
C GLY M 687 28.27 -78.71 -60.40
N TYR M 688 29.44 -78.15 -60.72
CA TYR M 688 30.16 -78.52 -61.93
C TYR M 688 31.65 -78.59 -61.61
N GLY M 689 32.34 -79.49 -62.29
CA GLY M 689 33.76 -79.69 -62.08
C GLY M 689 34.53 -79.78 -63.38
N TYR M 690 35.71 -79.19 -63.39
CA TYR M 690 36.61 -79.20 -64.53
C TYR M 690 38.01 -78.83 -64.05
N PHE M 691 39.02 -79.56 -64.51
CA PHE M 691 40.38 -79.36 -63.99
C PHE M 691 41.16 -78.39 -64.88
N GLU M 692 41.50 -78.81 -66.10
CA GLU M 692 42.20 -77.99 -67.08
C GLU M 692 42.44 -78.78 -68.35
N GLU M 693 43.06 -78.15 -69.35
CA GLU M 693 43.59 -78.88 -70.48
C GLU M 693 44.96 -79.44 -70.13
N THR M 694 45.21 -80.69 -70.52
CA THR M 694 46.42 -81.41 -70.15
C THR M 694 47.52 -81.15 -71.17
N ASN M 695 48.71 -80.82 -70.69
CA ASN M 695 49.87 -80.56 -71.54
C ASN M 695 50.81 -81.75 -71.65
N LYS M 696 50.88 -82.58 -70.61
CA LYS M 696 51.73 -83.75 -70.59
C LYS M 696 50.89 -84.96 -70.19
N SER M 697 51.46 -86.15 -70.38
CA SER M 697 50.75 -87.37 -70.04
C SER M 697 50.80 -87.59 -68.53
N GLU M 698 49.64 -87.63 -67.90
CA GLU M 698 49.55 -87.76 -66.45
C GLU M 698 49.29 -89.22 -66.07
N VAL M 699 49.19 -89.45 -64.77
CA VAL M 699 48.87 -90.76 -64.21
C VAL M 699 47.75 -90.57 -63.20
N LEU M 700 46.73 -91.42 -63.27
CA LEU M 700 45.62 -91.37 -62.31
C LEU M 700 45.99 -92.25 -61.13
N ASN M 701 46.49 -91.61 -60.08
CA ASN M 701 46.96 -92.32 -58.88
C ASN M 701 45.83 -92.91 -58.06
N THR M 702 44.58 -92.62 -58.40
CA THR M 702 43.39 -93.05 -57.66
C THR M 702 43.35 -92.52 -56.24
N SER M 703 44.17 -91.52 -55.92
CA SER M 703 44.14 -90.93 -54.59
C SER M 703 42.85 -90.16 -54.39
N ARG M 704 42.11 -90.50 -53.33
CA ARG M 704 40.81 -89.94 -53.01
C ARG M 704 39.76 -90.24 -54.07
N LEU M 705 40.07 -91.10 -55.04
CA LEU M 705 39.16 -91.36 -56.16
C LEU M 705 37.83 -91.90 -55.67
N LYS M 706 37.85 -93.03 -54.96
CA LYS M 706 36.63 -93.54 -54.35
C LYS M 706 36.12 -92.60 -53.26
N GLU M 707 36.98 -91.73 -52.72
CA GLU M 707 36.53 -90.73 -51.76
C GLU M 707 35.74 -89.61 -52.44
N MET M 708 36.21 -89.14 -53.61
CA MET M 708 35.45 -88.09 -54.28
C MET M 708 34.22 -88.61 -55.01
N VAL M 709 34.26 -89.85 -55.52
CA VAL M 709 33.15 -90.31 -56.35
C VAL M 709 31.89 -90.50 -55.52
N ASN M 710 32.04 -90.96 -54.27
CA ASN M 710 30.87 -91.24 -53.44
C ASN M 710 30.16 -89.94 -53.08
N PRO M 711 28.82 -89.95 -53.03
CA PRO M 711 28.09 -88.73 -52.67
C PRO M 711 28.19 -88.37 -51.20
N GLY M 712 28.79 -89.22 -50.36
CA GLY M 712 28.94 -88.95 -48.95
C GLY M 712 29.72 -87.69 -48.66
N ASP M 713 29.20 -86.86 -47.76
CA ASP M 713 29.87 -85.60 -47.43
C ASP M 713 31.20 -85.88 -46.72
N VAL M 714 32.21 -85.07 -47.07
CA VAL M 714 33.54 -85.24 -46.52
C VAL M 714 34.28 -83.91 -46.69
N THR M 715 35.27 -83.67 -45.84
CA THR M 715 36.03 -82.43 -45.88
C THR M 715 37.49 -82.75 -45.57
N ALA M 716 38.29 -81.70 -45.40
CA ALA M 716 39.70 -81.82 -45.05
C ALA M 716 40.12 -80.54 -44.32
N ARG M 717 41.41 -80.45 -43.99
CA ARG M 717 41.93 -79.32 -43.24
C ARG M 717 42.13 -78.12 -44.15
N GLU M 718 41.51 -77.00 -43.79
CA GLU M 718 41.70 -75.76 -44.53
C GLU M 718 43.03 -75.10 -44.13
N LEU M 719 43.26 -73.90 -44.64
CA LEU M 719 44.48 -73.16 -44.31
C LEU M 719 44.40 -72.60 -42.90
N ASN M 720 44.81 -73.41 -41.92
CA ASN M 720 44.79 -73.02 -40.51
C ASN M 720 43.38 -72.63 -40.08
N GLN M 721 42.41 -73.50 -40.39
CA GLN M 721 41.01 -73.26 -40.08
C GLN M 721 40.40 -74.57 -39.57
N LYS M 722 39.07 -74.60 -39.49
CA LYS M 722 38.33 -75.74 -38.97
C LYS M 722 37.67 -76.51 -40.10
N GLN M 723 37.61 -77.82 -39.96
CA GLN M 723 36.96 -78.67 -40.96
C GLN M 723 35.45 -78.46 -40.95
N GLU M 724 34.84 -78.61 -42.12
CA GLU M 724 33.39 -78.48 -42.26
C GLU M 724 32.95 -79.37 -43.41
N SER M 725 32.29 -80.48 -43.09
CA SER M 725 31.86 -81.42 -44.11
C SER M 725 30.78 -80.82 -45.00
N PHE M 726 30.91 -81.05 -46.31
CA PHE M 726 29.96 -80.59 -47.29
C PHE M 726 29.59 -81.74 -48.22
N GLN M 727 28.32 -81.79 -48.63
CA GLN M 727 27.88 -82.81 -49.56
C GLN M 727 28.40 -82.50 -50.96
N MET M 728 29.00 -83.50 -51.59
CA MET M 728 29.58 -83.32 -52.92
C MET M 728 28.49 -83.52 -53.97
N THR M 729 28.04 -82.42 -54.56
CA THR M 729 26.95 -82.41 -55.53
C THR M 729 27.39 -81.72 -56.82
N ALA M 730 28.56 -82.11 -57.32
CA ALA M 730 29.14 -81.49 -58.51
C ALA M 730 29.35 -82.53 -59.60
N THR M 731 29.10 -82.14 -60.84
CA THR M 731 29.33 -83.01 -61.98
C THR M 731 30.79 -82.96 -62.39
N MET M 732 31.36 -84.12 -62.69
CA MET M 732 32.77 -84.26 -63.05
C MET M 732 32.89 -84.50 -64.55
N VAL M 733 33.74 -83.70 -65.20
CA VAL M 733 34.07 -83.88 -66.60
C VAL M 733 35.54 -83.54 -66.79
N ALA M 734 36.17 -84.18 -67.76
CA ALA M 734 37.59 -83.99 -68.02
C ALA M 734 37.83 -83.79 -69.50
N ALA M 735 38.71 -82.84 -69.82
CA ALA M 735 39.15 -82.57 -71.19
C ALA M 735 40.66 -82.70 -71.23
N SER M 736 41.16 -83.76 -71.87
CA SER M 736 42.57 -84.09 -71.85
C SER M 736 43.07 -84.40 -73.25
N ASN M 737 44.22 -83.82 -73.61
CA ASN M 737 44.88 -84.17 -74.86
C ASN M 737 45.61 -85.51 -74.77
N TYR M 738 46.15 -85.85 -73.60
CA TYR M 738 46.94 -87.05 -73.41
C TYR M 738 46.20 -88.02 -72.51
N ASN M 739 46.82 -89.17 -72.26
CA ASN M 739 46.19 -90.26 -71.54
C ASN M 739 46.66 -90.32 -70.09
N PHE M 740 45.91 -91.07 -69.28
CA PHE M 740 46.24 -91.33 -67.90
C PHE M 740 46.71 -92.78 -67.76
N ILE M 741 46.96 -93.20 -66.53
CA ILE M 741 47.28 -94.59 -66.20
C ILE M 741 46.35 -95.04 -65.09
N ILE M 742 45.70 -96.19 -65.29
CA ILE M 742 44.72 -96.70 -64.34
C ILE M 742 45.32 -97.93 -63.66
N ASP M 743 45.28 -97.93 -62.32
CA ASP M 743 45.78 -99.05 -61.52
C ASP M 743 44.72 -99.42 -60.49
N THR M 744 43.78 -100.28 -60.90
CA THR M 744 42.74 -100.77 -60.00
C THR M 744 42.09 -102.00 -60.61
N THR M 745 41.59 -102.88 -59.73
CA THR M 745 40.91 -104.08 -60.16
C THR M 745 39.62 -104.36 -59.40
N ASP M 746 39.36 -103.69 -58.28
CA ASP M 746 38.15 -103.93 -57.51
C ASP M 746 36.92 -103.48 -58.28
N HIS M 747 35.82 -104.20 -58.09
CA HIS M 747 34.57 -103.86 -58.76
C HIS M 747 34.02 -102.50 -58.32
N GLY M 748 34.39 -102.03 -57.12
CA GLY M 748 34.00 -100.68 -56.72
C GLY M 748 34.51 -99.64 -57.71
N THR M 749 35.73 -99.82 -58.21
CA THR M 749 36.24 -99.02 -59.30
C THR M 749 35.94 -99.69 -60.64
N TRP M 750 36.28 -98.99 -61.72
CA TRP M 750 36.00 -99.39 -63.10
C TRP M 750 34.51 -99.52 -63.40
N ARG M 751 33.65 -99.19 -62.44
CA ARG M 751 32.20 -99.25 -62.62
C ARG M 751 31.58 -97.87 -62.80
N ARG M 752 32.13 -96.86 -62.13
CA ARG M 752 31.61 -95.50 -62.21
C ARG M 752 32.44 -94.62 -63.15
N LEU M 753 33.00 -95.21 -64.20
CA LEU M 753 33.82 -94.50 -65.16
C LEU M 753 33.24 -94.66 -66.57
N ARG M 754 33.21 -93.56 -67.31
CA ARG M 754 32.78 -93.55 -68.70
C ARG M 754 33.84 -92.87 -69.55
N HIS M 755 34.13 -93.46 -70.71
CA HIS M 755 35.20 -92.97 -71.57
C HIS M 755 34.68 -92.72 -72.97
N TYR M 756 35.30 -91.76 -73.65
CA TYR M 756 35.03 -91.45 -75.03
C TYR M 756 36.33 -90.96 -75.66
N ARG M 757 36.40 -91.05 -76.99
CA ARG M 757 37.54 -90.54 -77.73
C ARG M 757 37.04 -89.56 -78.78
N SER M 758 37.65 -88.37 -78.82
CA SER M 758 37.23 -87.35 -79.76
C SER M 758 37.72 -87.72 -81.16
N LYS M 759 36.78 -87.86 -82.09
CA LYS M 759 37.10 -88.17 -83.48
C LYS M 759 37.26 -86.93 -84.34
N VAL M 760 37.20 -85.75 -83.73
CA VAL M 760 37.21 -84.48 -84.47
C VAL M 760 38.57 -83.81 -84.27
N LYS M 761 39.11 -83.27 -85.35
CA LYS M 761 40.31 -82.44 -85.32
C LYS M 761 39.95 -81.07 -85.89
N PHE M 762 40.22 -80.02 -85.13
CA PHE M 762 39.81 -78.66 -85.48
C PHE M 762 41.04 -77.87 -85.90
N CYS M 763 41.18 -77.66 -87.21
CA CYS M 763 42.21 -76.80 -87.77
C CYS M 763 41.57 -75.85 -88.78
N HIS M 764 42.15 -74.66 -88.91
CA HIS M 764 41.54 -73.62 -89.73
C HIS M 764 41.47 -74.03 -91.20
N ASN M 765 42.34 -74.95 -91.64
CA ASN M 765 42.33 -75.44 -93.00
C ASN M 765 41.86 -76.89 -93.02
N PRO M 766 40.61 -77.16 -93.38
CA PRO M 766 40.12 -78.54 -93.37
C PRO M 766 40.71 -79.36 -94.51
N ASP M 767 41.09 -80.59 -94.21
CA ASP M 767 41.53 -81.50 -95.25
C ASP M 767 40.34 -81.91 -96.12
N PRO M 768 40.52 -81.98 -97.44
CA PRO M 768 39.39 -82.34 -98.32
C PRO M 768 38.85 -83.72 -98.01
N SER M 769 37.52 -83.83 -98.03
CA SER M 769 36.83 -85.10 -97.76
C SER M 769 37.25 -85.70 -96.41
N ASN M 770 37.41 -84.83 -95.42
CA ASN M 770 37.84 -85.24 -94.08
C ASN M 770 36.88 -84.64 -93.06
N PRO M 771 35.76 -85.32 -92.77
CA PRO M 771 34.90 -84.86 -91.69
C PRO M 771 35.58 -84.84 -90.33
N TYR M 772 36.53 -85.75 -90.10
CA TYR M 772 37.25 -85.78 -88.83
C TYR M 772 38.06 -84.50 -88.63
N GLU M 773 38.77 -84.06 -89.67
CA GLU M 773 39.57 -82.84 -89.64
C GLU M 773 38.88 -81.80 -90.51
N LYS M 774 38.02 -80.98 -89.89
CA LYS M 774 37.22 -80.00 -90.59
C LYS M 774 37.61 -78.59 -90.15
N LYS M 775 36.89 -77.61 -90.69
CA LYS M 775 37.18 -76.21 -90.41
C LYS M 775 36.83 -75.87 -88.97
N GLU M 776 37.57 -74.91 -88.41
CA GLU M 776 37.34 -74.42 -87.06
C GLU M 776 37.33 -72.91 -87.06
N ASP M 777 36.65 -72.33 -86.07
CA ASP M 777 36.57 -70.88 -85.93
C ASP M 777 37.37 -70.44 -84.72
N PRO M 778 38.55 -69.84 -84.90
CA PRO M 778 39.30 -69.35 -83.73
C PRO M 778 38.56 -68.28 -82.94
N ARG M 779 37.66 -67.52 -83.59
CA ARG M 779 36.90 -66.49 -82.91
C ARG M 779 36.03 -67.06 -81.80
N PHE M 780 35.76 -68.36 -81.82
CA PHE M 780 35.04 -69.00 -80.72
C PHE M 780 35.80 -68.88 -79.41
N ILE M 781 37.12 -69.02 -79.45
CA ILE M 781 37.91 -68.99 -78.22
C ILE M 781 38.22 -67.56 -77.81
N HIS M 782 38.72 -66.75 -78.74
CA HIS M 782 39.15 -65.39 -78.39
C HIS M 782 37.97 -64.50 -78.02
N GLU M 783 36.86 -64.63 -78.74
CA GLU M 783 35.71 -63.76 -78.53
C GLU M 783 34.45 -64.61 -78.50
N TYR M 784 33.29 -63.95 -78.59
CA TYR M 784 31.95 -64.50 -78.42
C TYR M 784 31.63 -64.79 -76.97
N ILE M 785 32.53 -64.44 -76.04
CA ILE M 785 32.25 -64.63 -74.61
C ILE M 785 31.37 -63.51 -74.08
N MET M 786 31.72 -62.26 -74.42
CA MET M 786 31.07 -61.10 -73.82
C MET M 786 29.63 -60.91 -74.29
N ASP M 787 29.20 -61.65 -75.30
CA ASP M 787 27.85 -61.49 -75.82
C ASP M 787 26.83 -61.98 -74.80
N PRO M 788 25.93 -61.13 -74.30
CA PRO M 788 24.86 -61.62 -73.42
C PRO M 788 23.92 -62.58 -74.13
N ASP M 789 23.61 -62.33 -75.40
CA ASP M 789 22.64 -63.15 -76.11
C ASP M 789 23.13 -64.58 -76.28
N CYS M 790 24.41 -64.77 -76.58
CA CYS M 790 24.93 -66.12 -76.77
C CYS M 790 24.81 -66.93 -75.48
N GLN M 791 25.22 -66.35 -74.35
CA GLN M 791 25.15 -67.07 -73.09
C GLN M 791 23.71 -67.29 -72.64
N ASN M 792 22.82 -66.32 -72.91
CA ASN M 792 21.41 -66.53 -72.59
C ASN M 792 20.82 -67.66 -73.41
N ALA M 793 21.18 -67.73 -74.70
CA ALA M 793 20.72 -68.84 -75.53
C ALA M 793 21.28 -70.17 -75.04
N PHE M 794 22.55 -70.19 -74.63
CA PHE M 794 23.14 -71.41 -74.09
C PHE M 794 22.40 -71.85 -72.83
N PHE M 795 22.09 -70.91 -71.93
CA PHE M 795 21.36 -71.23 -70.72
C PHE M 795 19.97 -71.75 -71.04
N SER M 796 19.30 -71.14 -72.02
CA SER M 796 17.97 -71.61 -72.43
C SER M 796 18.05 -73.03 -72.97
N ILE M 797 19.05 -73.33 -73.78
CA ILE M 797 19.23 -74.69 -74.29
C ILE M 797 19.44 -75.66 -73.15
N LEU M 798 20.30 -75.29 -72.20
CA LEU M 798 20.59 -76.17 -71.07
C LEU M 798 19.36 -76.43 -70.23
N VAL M 799 18.58 -75.40 -69.92
CA VAL M 799 17.40 -75.59 -69.09
C VAL M 799 16.32 -76.37 -69.82
N TYR M 800 16.17 -76.13 -71.13
CA TYR M 800 15.20 -76.89 -71.90
C TYR M 800 15.57 -78.37 -71.95
N PHE M 801 16.85 -78.67 -72.14
CA PHE M 801 17.25 -80.08 -72.18
C PHE M 801 17.23 -80.72 -70.81
N TRP M 802 17.45 -79.94 -69.74
CA TRP M 802 17.24 -80.49 -68.40
C TRP M 802 15.78 -80.84 -68.18
N GLU M 803 14.86 -79.98 -68.66
CA GLU M 803 13.45 -80.30 -68.59
C GLU M 803 13.12 -81.55 -69.40
N LYS M 804 13.74 -81.68 -70.57
CA LYS M 804 13.55 -82.88 -71.40
C LYS M 804 14.02 -84.12 -70.66
N LEU M 805 15.18 -84.05 -70.02
CA LEU M 805 15.69 -85.18 -69.26
C LEU M 805 14.75 -85.53 -68.10
N GLN M 806 14.25 -84.51 -67.41
CA GLN M 806 13.35 -84.77 -66.28
C GLN M 806 12.06 -85.42 -66.76
N LYS M 807 11.50 -84.96 -67.88
CA LYS M 807 10.23 -85.52 -68.35
C LYS M 807 10.39 -86.85 -69.06
N GLU M 808 11.58 -87.19 -69.54
CA GLU M 808 11.77 -88.45 -70.23
C GLU M 808 12.31 -89.54 -69.30
N TYR M 809 13.46 -89.30 -68.69
CA TYR M 809 14.13 -90.29 -67.85
C TYR M 809 13.85 -90.11 -66.37
N ASN M 810 12.85 -89.29 -66.01
CA ASN M 810 12.49 -89.02 -64.62
C ASN M 810 13.68 -88.46 -63.84
N GLY M 811 14.50 -87.67 -64.52
CA GLY M 811 15.65 -87.06 -63.89
C GLY M 811 16.83 -87.97 -63.68
N GLN M 812 16.84 -89.15 -64.29
CA GLN M 812 17.89 -90.14 -64.10
C GLN M 812 18.77 -90.17 -65.34
N ILE M 813 20.01 -89.69 -65.21
CA ILE M 813 20.95 -89.77 -66.31
C ILE M 813 21.45 -91.20 -66.53
N LYS M 814 21.30 -92.07 -65.53
CA LYS M 814 21.62 -93.48 -65.74
C LYS M 814 20.58 -94.21 -66.57
N LYS M 815 19.42 -93.59 -66.82
CA LYS M 815 18.39 -94.23 -67.62
C LYS M 815 18.60 -94.06 -69.12
N VAL M 816 19.63 -93.31 -69.53
CA VAL M 816 19.97 -93.13 -70.94
C VAL M 816 21.31 -93.81 -71.19
N PHE M 817 21.38 -94.59 -72.27
CA PHE M 817 22.60 -95.29 -72.65
C PHE M 817 22.88 -95.02 -74.11
N CYS M 818 24.17 -94.94 -74.44
CA CYS M 818 24.59 -94.66 -75.80
C CYS M 818 25.41 -95.82 -76.36
N PRO M 819 25.17 -96.21 -77.61
CA PRO M 819 26.04 -97.22 -78.23
C PRO M 819 27.50 -96.82 -78.28
N THR M 820 27.79 -95.54 -78.52
CA THR M 820 29.18 -95.09 -78.55
C THR M 820 29.79 -95.11 -77.15
N ILE M 821 29.03 -94.73 -76.13
CA ILE M 821 29.54 -94.77 -74.76
C ILE M 821 29.57 -96.22 -74.28
N GLU M 822 30.44 -96.47 -73.30
CA GLU M 822 30.73 -97.77 -72.71
C GLU M 822 31.44 -98.69 -73.70
N SER M 823 31.59 -98.27 -74.97
CA SER M 823 32.41 -98.97 -75.94
C SER M 823 33.85 -98.47 -75.87
N GLU M 824 34.03 -97.16 -75.85
CA GLU M 824 35.34 -96.59 -75.55
C GLU M 824 35.77 -96.95 -74.13
N THR M 825 34.81 -96.94 -73.20
CA THR M 825 35.12 -97.34 -71.82
C THR M 825 35.53 -98.81 -71.75
N GLU M 826 34.85 -99.68 -72.49
CA GLU M 826 35.22 -101.09 -72.50
C GLU M 826 36.62 -101.29 -73.07
N ALA M 827 36.94 -100.57 -74.15
CA ALA M 827 38.29 -100.66 -74.71
C ALA M 827 39.33 -100.14 -73.72
N TYR M 828 39.01 -99.05 -73.03
CA TYR M 828 39.96 -98.46 -72.08
C TYR M 828 40.19 -99.38 -70.90
N ARG M 829 39.14 -100.03 -70.39
CA ARG M 829 39.32 -100.94 -69.26
C ARG M 829 40.00 -102.24 -69.69
N LYS M 830 39.72 -102.73 -70.90
CA LYS M 830 40.46 -103.87 -71.42
C LYS M 830 41.92 -103.51 -71.68
N SER M 831 42.17 -102.31 -72.18
CA SER M 831 43.53 -101.79 -72.31
C SER M 831 43.96 -101.20 -70.97
N GLN M 832 45.08 -100.49 -70.96
CA GLN M 832 45.66 -99.83 -69.79
C GLN M 832 46.08 -100.81 -68.70
N ASP M 833 45.93 -102.11 -68.93
CA ASP M 833 46.30 -103.11 -67.94
C ASP M 833 47.73 -103.56 -68.17
N THR M 834 48.53 -103.57 -67.10
CA THR M 834 49.94 -103.91 -67.18
C THR M 834 50.22 -105.37 -66.86
N LEU M 835 49.63 -105.90 -65.79
CA LEU M 835 49.90 -107.28 -65.40
C LEU M 835 49.40 -108.26 -66.45
N HIS M 836 48.20 -108.04 -66.98
CA HIS M 836 47.69 -108.92 -68.02
C HIS M 836 48.48 -108.77 -69.31
N ARG M 837 48.90 -107.54 -69.63
CA ARG M 837 49.77 -107.34 -70.79
C ARG M 837 51.12 -108.03 -70.59
N PHE M 838 51.65 -107.98 -69.36
CA PHE M 838 52.89 -108.69 -69.07
C PHE M 838 52.71 -110.19 -69.23
N ILE M 839 51.55 -110.72 -68.81
CA ILE M 839 51.28 -112.15 -68.99
C ILE M 839 51.23 -112.49 -70.48
N THR M 840 50.57 -111.65 -71.27
CA THR M 840 50.47 -111.87 -72.71
C THR M 840 51.60 -111.18 -73.46
N GLU M 841 52.83 -111.46 -73.06
CA GLU M 841 54.01 -110.90 -73.71
C GLU M 841 55.26 -111.72 -73.37
N SER M 856 58.87 -115.30 -56.49
CA SER M 856 59.84 -114.25 -56.27
C SER M 856 60.46 -113.78 -57.58
N GLU M 857 60.80 -114.73 -58.45
CA GLU M 857 61.40 -114.38 -59.73
C GLU M 857 60.36 -113.82 -60.70
N VAL M 858 59.12 -114.31 -60.62
CA VAL M 858 58.08 -113.86 -61.54
C VAL M 858 57.69 -112.42 -61.24
N VAL M 859 57.48 -112.11 -59.96
CA VAL M 859 57.12 -110.74 -59.58
C VAL M 859 58.27 -109.79 -59.86
N THR M 860 59.51 -110.23 -59.64
CA THR M 860 60.66 -109.40 -59.96
C THR M 860 60.73 -109.11 -61.45
N ALA M 861 60.55 -110.14 -62.28
CA ALA M 861 60.60 -109.96 -63.73
C ALA M 861 59.49 -109.02 -64.18
N TYR M 862 58.29 -109.16 -63.62
CA TYR M 862 57.23 -108.20 -63.88
C TYR M 862 57.64 -106.80 -63.45
N ALA M 863 58.43 -106.69 -62.38
CA ALA M 863 58.90 -105.38 -61.93
C ALA M 863 59.82 -104.73 -62.97
N GLU M 864 60.78 -105.49 -63.50
CA GLU M 864 61.62 -104.89 -64.54
C GLU M 864 60.82 -104.60 -65.81
N TRP M 865 59.85 -105.45 -66.13
CA TRP M 865 59.02 -105.20 -67.31
C TRP M 865 58.24 -103.90 -67.15
N TYR M 866 57.64 -103.70 -65.98
CA TYR M 866 56.89 -102.48 -65.70
C TYR M 866 57.81 -101.26 -65.68
N ASN M 867 59.03 -101.42 -65.15
CA ASN M 867 59.98 -100.32 -65.14
C ASN M 867 60.39 -99.92 -66.55
N THR M 868 60.65 -100.90 -67.40
CA THR M 868 61.09 -100.60 -68.76
C THR M 868 59.95 -100.10 -69.63
N ASN M 869 58.71 -100.46 -69.31
CA ASN M 869 57.57 -100.11 -70.15
C ASN M 869 56.76 -98.93 -69.62
N ILE M 870 56.51 -98.85 -68.31
CA ILE M 870 55.63 -97.80 -67.80
C ILE M 870 56.38 -96.84 -66.89
N ASN M 871 56.87 -97.33 -65.74
CA ASN M 871 57.51 -96.48 -64.75
C ASN M 871 58.08 -97.37 -63.66
N VAL M 872 58.81 -96.74 -62.73
CA VAL M 872 59.42 -97.43 -61.59
C VAL M 872 58.64 -97.07 -60.34
N LYS M 873 58.26 -98.10 -59.56
CA LYS M 873 57.55 -97.90 -58.32
C LYS M 873 57.75 -99.13 -57.45
N ARG M 874 57.46 -98.97 -56.16
CA ARG M 874 57.59 -100.06 -55.20
C ARG M 874 56.24 -100.70 -54.93
N HIS M 875 56.22 -102.03 -54.90
CA HIS M 875 55.01 -102.79 -54.66
C HIS M 875 55.34 -104.07 -53.94
N ILE M 876 54.36 -104.62 -53.24
CA ILE M 876 54.52 -105.86 -52.50
C ILE M 876 54.28 -107.04 -53.43
N ALA M 877 55.09 -108.08 -53.27
CA ALA M 877 54.93 -109.29 -54.09
C ALA M 877 53.58 -109.93 -53.84
N LEU M 878 53.12 -109.93 -52.59
CA LEU M 878 51.79 -110.47 -52.26
C LEU M 878 50.68 -109.62 -52.88
N GLU M 879 50.85 -108.29 -52.85
CA GLU M 879 49.82 -107.39 -53.36
C GLU M 879 49.54 -107.66 -54.83
N LEU M 880 50.59 -107.80 -55.63
CA LEU M 880 50.41 -108.16 -57.03
C LEU M 880 50.20 -109.65 -57.23
N SER M 881 50.48 -110.47 -56.22
CA SER M 881 50.18 -111.90 -56.33
C SER M 881 48.68 -112.14 -56.30
N GLN M 882 47.93 -111.31 -55.56
CA GLN M 882 46.47 -111.37 -55.66
C GLN M 882 46.01 -111.19 -57.11
N GLU M 883 46.52 -110.17 -57.79
CA GLU M 883 46.14 -109.97 -59.18
C GLU M 883 46.64 -111.09 -60.08
N LEU M 884 47.85 -111.60 -59.82
CA LEU M 884 48.40 -112.67 -60.64
C LEU M 884 47.55 -113.92 -60.54
N GLU M 885 47.12 -114.30 -59.34
CA GLU M 885 46.22 -115.43 -59.17
C GLU M 885 44.81 -115.11 -59.65
N ASN M 886 44.46 -113.83 -59.73
CA ASN M 886 43.19 -113.41 -60.30
C ASN M 886 43.23 -113.28 -61.81
N SER M 887 44.40 -113.46 -62.43
CA SER M 887 44.55 -113.36 -63.87
C SER M 887 44.16 -114.69 -64.52
N VAL M 888 44.45 -114.83 -65.81
CA VAL M 888 44.12 -116.06 -66.54
C VAL M 888 45.16 -117.14 -66.37
N LEU M 889 46.17 -116.94 -65.52
CA LEU M 889 47.21 -117.94 -65.28
C LEU M 889 46.88 -118.87 -64.13
N GLU M 890 45.69 -118.73 -63.53
CA GLU M 890 45.32 -119.55 -62.38
C GLU M 890 45.31 -121.04 -62.71
N LYS M 891 45.16 -121.41 -63.99
CA LYS M 891 45.25 -122.82 -64.35
C LYS M 891 46.64 -123.37 -64.05
N TYR M 892 47.68 -122.59 -64.32
CA TYR M 892 49.05 -123.00 -64.02
C TYR M 892 49.50 -122.50 -62.65
N LEU M 893 48.73 -122.81 -61.62
CA LEU M 893 49.03 -122.42 -60.25
C LEU M 893 49.45 -123.65 -59.46
N GLN M 894 50.67 -123.64 -58.94
CA GLN M 894 51.19 -124.74 -58.14
C GLN M 894 52.02 -124.18 -56.98
N TRP M 895 52.21 -125.02 -55.96
CA TRP M 895 52.89 -124.62 -54.75
C TRP M 895 54.09 -125.54 -54.52
N SER M 896 55.19 -124.96 -54.08
CA SER M 896 56.38 -125.72 -53.76
C SER M 896 56.16 -126.53 -52.48
N PRO M 897 57.02 -127.51 -52.21
CA PRO M 897 56.89 -128.26 -50.95
C PRO M 897 56.91 -127.38 -49.71
N ASN M 898 57.60 -126.23 -49.77
CA ASN M 898 57.56 -125.25 -48.70
C ASN M 898 56.40 -124.27 -48.85
N LYS M 899 55.39 -124.62 -49.63
CA LYS M 899 54.15 -123.87 -49.86
C LYS M 899 54.37 -122.58 -50.64
N THR M 900 55.60 -122.25 -51.02
CA THR M 900 55.84 -121.06 -51.82
C THR M 900 55.28 -121.27 -53.23
N ARG M 901 54.53 -120.28 -53.71
CA ARG M 901 53.89 -120.39 -55.01
C ARG M 901 54.94 -120.35 -56.13
N ILE M 902 54.83 -121.29 -57.06
CA ILE M 902 55.71 -121.34 -58.23
C ILE M 902 54.85 -121.52 -59.47
N LEU M 903 55.45 -121.23 -60.63
CA LEU M 903 54.74 -121.23 -61.89
C LEU M 903 55.23 -122.40 -62.74
N LYS M 904 54.29 -123.19 -63.26
CA LYS M 904 54.61 -124.36 -64.07
C LYS M 904 54.54 -124.01 -65.55
N GLY M 905 55.41 -124.66 -66.32
CA GLY M 905 55.41 -124.47 -67.77
C GLY M 905 55.63 -123.04 -68.19
N CYS M 906 56.51 -122.32 -67.50
CA CYS M 906 56.73 -120.90 -67.76
C CYS M 906 58.05 -120.72 -68.50
N ARG M 907 58.00 -119.98 -69.60
CA ARG M 907 59.18 -119.63 -70.38
C ARG M 907 59.25 -118.11 -70.44
N ILE M 908 60.00 -117.52 -69.51
CA ILE M 908 60.13 -116.07 -69.45
C ILE M 908 60.94 -115.60 -70.64
N LEU M 909 60.28 -115.03 -71.63
CA LEU M 909 60.95 -114.62 -72.86
C LEU M 909 61.85 -113.44 -72.59
N HIS M 910 63.05 -113.47 -73.18
CA HIS M 910 64.02 -112.40 -73.07
C HIS M 910 64.34 -111.87 -74.46
N LYS M 911 64.20 -110.56 -74.63
CA LYS M 911 64.41 -109.90 -75.92
C LYS M 911 63.53 -110.52 -77.01
N ILE M 935 24.80 -95.00 -85.26
CA ILE M 935 23.67 -95.84 -85.66
C ILE M 935 22.79 -95.08 -86.63
N CYS M 936 22.42 -93.85 -86.27
CA CYS M 936 21.54 -93.04 -87.09
C CYS M 936 21.92 -91.58 -86.91
N GLU M 937 21.42 -90.74 -87.83
CA GLU M 937 21.68 -89.31 -87.81
C GLU M 937 20.37 -88.55 -87.84
N PRO M 938 20.33 -87.37 -87.23
CA PRO M 938 19.08 -86.60 -87.19
C PRO M 938 18.66 -86.14 -88.57
N LYS M 939 17.34 -86.04 -88.77
CA LYS M 939 16.80 -85.52 -90.02
C LYS M 939 17.21 -84.06 -90.23
N ASN M 940 16.73 -83.17 -89.35
CA ASN M 940 17.18 -81.80 -89.35
C ASN M 940 17.32 -81.21 -87.96
N LYS M 941 17.07 -81.98 -86.90
CA LYS M 941 17.07 -81.48 -85.52
C LYS M 941 17.66 -82.56 -84.62
N TRP M 942 18.96 -82.48 -84.34
CA TRP M 942 19.52 -83.32 -83.29
C TRP M 942 19.11 -82.84 -81.91
N TRP M 943 18.76 -81.56 -81.79
CA TRP M 943 18.22 -81.04 -80.53
C TRP M 943 16.84 -81.60 -80.22
N GLU M 944 16.18 -82.22 -81.21
CA GLU M 944 14.92 -82.90 -80.98
C GLU M 944 15.08 -84.14 -80.10
N TRP M 945 16.31 -84.59 -79.87
CA TRP M 945 16.66 -85.70 -79.00
C TRP M 945 16.27 -87.04 -79.62
N SER M 946 15.61 -86.99 -80.79
CA SER M 946 15.19 -88.19 -81.53
C SER M 946 14.16 -88.95 -80.70
N PRO M 947 13.60 -90.07 -81.20
CA PRO M 947 12.72 -90.88 -80.36
C PRO M 947 13.46 -91.50 -79.18
N ASN M 948 12.75 -92.26 -78.36
CA ASN M 948 13.32 -92.81 -77.14
C ASN M 948 14.61 -93.60 -77.35
N PRO M 949 14.73 -94.49 -78.35
CA PRO M 949 16.04 -95.13 -78.58
C PRO M 949 17.15 -94.13 -78.88
N SER M 950 16.84 -93.06 -79.60
CA SER M 950 17.80 -92.02 -79.97
C SER M 950 19.01 -92.60 -80.68
N THR N 11 8.16 -17.82 -50.35
CA THR N 11 8.50 -19.21 -50.11
C THR N 11 8.80 -19.46 -48.63
N ILE N 12 9.78 -18.72 -48.11
CA ILE N 12 10.13 -18.83 -46.69
C ILE N 12 8.97 -18.33 -45.83
N GLN N 13 8.28 -17.29 -46.29
CA GLN N 13 7.14 -16.77 -45.56
C GLN N 13 6.04 -17.82 -45.40
N LEU N 14 5.91 -18.75 -46.35
CA LEU N 14 4.96 -19.85 -46.18
C LEU N 14 5.30 -20.68 -44.95
N THR N 15 6.58 -21.03 -44.78
CA THR N 15 7.01 -21.76 -43.60
C THR N 15 6.84 -20.92 -42.34
N ALA N 16 7.11 -19.62 -42.43
CA ALA N 16 6.90 -18.74 -41.28
C ALA N 16 5.44 -18.79 -40.82
N GLN N 17 4.51 -18.59 -41.74
CA GLN N 17 3.09 -18.66 -41.40
C GLN N 17 2.71 -20.03 -40.88
N ARG N 18 3.25 -21.09 -41.49
CA ARG N 18 3.03 -22.44 -41.01
C ARG N 18 3.61 -22.68 -39.62
N LYS N 19 4.52 -21.82 -39.16
CA LYS N 19 5.10 -21.97 -37.83
C LYS N 19 4.40 -21.13 -36.78
N TYR N 20 4.33 -19.80 -36.92
CA TYR N 20 3.86 -18.95 -35.84
C TYR N 20 2.38 -18.60 -35.93
N LEU N 21 1.61 -19.28 -36.77
CA LEU N 21 0.17 -19.02 -36.90
C LEU N 21 -0.58 -20.32 -36.65
N ALA N 22 -1.26 -20.40 -35.49
CA ALA N 22 -2.00 -21.60 -35.15
C ALA N 22 -3.19 -21.80 -36.09
N GLU N 23 -3.83 -20.70 -36.52
CA GLU N 23 -4.96 -20.82 -37.43
C GLU N 23 -4.55 -21.45 -38.75
N VAL N 24 -3.31 -21.22 -39.19
CA VAL N 24 -2.81 -21.89 -40.39
C VAL N 24 -2.72 -23.39 -40.16
N GLN N 25 -2.29 -23.80 -38.98
CA GLN N 25 -2.22 -25.23 -38.66
C GLN N 25 -3.61 -25.84 -38.62
N ALA N 26 -4.57 -25.14 -38.03
CA ALA N 26 -5.94 -25.63 -38.01
C ALA N 26 -6.50 -25.75 -39.43
N LEU N 27 -6.21 -24.77 -40.28
CA LEU N 27 -6.63 -24.84 -41.68
C LEU N 27 -5.99 -26.02 -42.39
N GLU N 28 -4.71 -26.26 -42.15
CA GLU N 28 -4.04 -27.40 -42.78
C GLU N 28 -4.65 -28.71 -42.34
N THR N 29 -4.92 -28.86 -41.04
CA THR N 29 -5.56 -30.08 -40.55
C THR N 29 -6.94 -30.26 -41.15
N LEU N 30 -7.72 -29.17 -41.24
CA LEU N 30 -9.05 -29.25 -41.84
C LEU N 30 -8.98 -29.65 -43.31
N LEU N 31 -8.02 -29.09 -44.05
CA LEU N 31 -7.85 -29.45 -45.45
C LEU N 31 -7.46 -30.92 -45.59
N THR N 32 -6.54 -31.39 -44.75
CA THR N 32 -6.00 -32.74 -44.92
C THR N 32 -6.97 -33.82 -44.46
N ARG N 33 -7.73 -33.58 -43.39
CA ARG N 33 -8.60 -34.60 -42.82
C ARG N 33 -10.03 -34.53 -43.33
N GLU N 34 -10.71 -33.41 -43.12
CA GLU N 34 -12.13 -33.33 -43.44
C GLU N 34 -12.35 -33.23 -44.95
N LEU N 35 -11.54 -32.44 -45.65
CA LEU N 35 -11.74 -32.24 -47.07
C LEU N 35 -11.12 -33.33 -47.92
N SER N 36 -10.40 -34.29 -47.31
CA SER N 36 -9.82 -35.37 -48.09
C SER N 36 -10.88 -36.20 -48.78
N VAL N 37 -11.99 -36.48 -48.09
CA VAL N 37 -13.08 -37.26 -48.70
C VAL N 37 -13.74 -36.48 -49.82
N PHE N 38 -13.71 -35.15 -49.76
CA PHE N 38 -14.32 -34.32 -50.79
C PHE N 38 -13.31 -33.96 -51.89
N LEU N 39 -12.62 -34.98 -52.42
CA LEU N 39 -11.66 -34.75 -53.47
C LEU N 39 -12.36 -34.54 -54.81
N THR N 40 -11.65 -33.93 -55.75
CA THR N 40 -12.20 -33.63 -57.06
C THR N 40 -11.13 -33.86 -58.12
N GLU N 41 -11.57 -34.33 -59.29
CA GLU N 41 -10.65 -34.60 -60.38
C GLU N 41 -10.03 -33.29 -60.88
N PRO N 42 -8.78 -33.31 -61.34
CA PRO N 42 -8.15 -32.09 -61.84
C PRO N 42 -8.86 -31.46 -63.02
N GLY N 43 -9.48 -32.27 -63.88
CA GLY N 43 -10.14 -31.77 -65.07
C GLY N 43 -11.64 -31.60 -64.96
N SER N 44 -12.26 -32.04 -63.87
CA SER N 44 -13.70 -31.94 -63.72
C SER N 44 -14.09 -30.53 -63.26
N LYS N 45 -15.18 -30.02 -63.83
CA LYS N 45 -15.67 -28.68 -63.52
C LYS N 45 -16.48 -28.63 -62.23
N LYS N 46 -16.85 -29.78 -61.66
CA LYS N 46 -17.72 -29.80 -60.49
C LYS N 46 -17.07 -29.14 -59.28
N THR N 47 -15.75 -28.96 -59.29
CA THR N 47 -15.07 -28.30 -58.18
C THR N 47 -15.51 -26.85 -58.04
N ASN N 48 -15.55 -26.36 -56.81
CA ASN N 48 -15.88 -24.97 -56.53
C ASN N 48 -14.72 -24.17 -55.95
N ILE N 49 -13.74 -24.82 -55.33
CA ILE N 49 -12.59 -24.14 -54.76
C ILE N 49 -11.33 -24.79 -55.31
N ILE N 50 -10.51 -23.99 -55.99
CA ILE N 50 -9.27 -24.46 -56.60
C ILE N 50 -8.12 -23.65 -56.04
N ASN N 51 -7.12 -24.33 -55.48
CA ASN N 51 -5.93 -23.66 -54.97
C ASN N 51 -4.74 -24.00 -55.85
N ARG N 52 -4.08 -22.96 -56.36
CA ARG N 52 -2.92 -23.12 -57.22
C ARG N 52 -1.63 -23.34 -56.44
N ILE N 53 -1.68 -23.27 -55.11
CA ILE N 53 -0.48 -23.55 -54.32
C ILE N 53 -0.01 -24.99 -54.56
N THR N 54 -0.95 -25.94 -54.53
CA THR N 54 -0.64 -27.32 -54.85
C THR N 54 -1.56 -27.89 -55.92
N GLY N 55 -2.32 -27.04 -56.60
CA GLY N 55 -3.20 -27.49 -57.66
C GLY N 55 -4.30 -28.42 -57.18
N LYS N 56 -4.94 -28.05 -56.08
CA LYS N 56 -5.98 -28.87 -55.48
C LYS N 56 -7.36 -28.35 -55.89
N THR N 57 -8.25 -29.28 -56.21
CA THR N 57 -9.62 -28.97 -56.60
C THR N 57 -10.58 -29.59 -55.59
N TYR N 58 -11.57 -28.81 -55.17
CA TYR N 58 -12.54 -29.25 -54.18
C TYR N 58 -13.94 -28.81 -54.60
N ALA N 59 -14.92 -29.65 -54.29
CA ALA N 59 -16.32 -29.41 -54.61
C ALA N 59 -17.14 -29.48 -53.32
N LEU N 60 -16.70 -28.74 -52.31
CA LEU N 60 -17.23 -28.88 -50.96
C LEU N 60 -18.73 -28.55 -50.94
N PRO N 61 -19.52 -29.30 -50.16
CA PRO N 61 -20.94 -28.95 -49.99
C PRO N 61 -21.12 -27.68 -49.17
N SER N 62 -22.38 -27.35 -48.86
CA SER N 62 -22.67 -26.09 -48.17
C SER N 62 -22.00 -26.04 -46.80
N THR N 63 -22.06 -27.13 -46.04
CA THR N 63 -21.46 -27.13 -44.70
C THR N 63 -19.94 -26.97 -44.77
N GLU N 64 -19.28 -27.74 -45.62
CA GLU N 64 -17.84 -27.61 -45.76
C GLU N 64 -17.45 -26.25 -46.33
N LEU N 65 -18.23 -25.73 -47.28
CA LEU N 65 -17.94 -24.41 -47.83
C LEU N 65 -18.05 -23.34 -46.77
N LEU N 66 -19.11 -23.38 -45.95
CA LEU N 66 -19.26 -22.36 -44.91
C LEU N 66 -18.15 -22.48 -43.87
N ARG N 67 -17.78 -23.71 -43.51
CA ARG N 67 -16.69 -23.89 -42.54
C ARG N 67 -15.38 -23.35 -43.09
N LEU N 68 -15.09 -23.62 -44.36
CA LEU N 68 -13.86 -23.11 -44.97
C LEU N 68 -13.86 -21.59 -45.04
N TYR N 69 -15.00 -20.99 -45.41
CA TYR N 69 -15.07 -19.53 -45.46
C TYR N 69 -14.87 -18.92 -44.08
N GLU N 70 -15.51 -19.48 -43.06
CA GLU N 70 -15.34 -18.98 -41.71
C GLU N 70 -13.88 -19.10 -41.26
N HIS N 71 -13.26 -20.24 -41.53
CA HIS N 71 -11.88 -20.45 -41.11
C HIS N 71 -10.94 -19.49 -41.83
N LEU N 72 -11.17 -19.28 -43.13
CA LEU N 72 -10.34 -18.35 -43.90
C LEU N 72 -10.54 -16.91 -43.46
N GLU N 73 -11.73 -16.57 -42.94
CA GLU N 73 -11.96 -15.19 -42.49
C GLU N 73 -11.00 -14.80 -41.37
N GLN N 74 -10.79 -15.69 -40.39
CA GLN N 74 -9.92 -15.36 -39.28
C GLN N 74 -8.47 -15.20 -39.72
N CYS N 75 -7.99 -16.08 -40.60
CA CYS N 75 -6.60 -15.96 -41.04
C CYS N 75 -6.41 -14.75 -41.95
N ARG N 76 -7.43 -14.39 -42.74
CA ARG N 76 -7.36 -13.16 -43.52
C ARG N 76 -7.29 -11.94 -42.61
N LYS N 77 -8.12 -11.93 -41.55
CA LYS N 77 -8.08 -10.82 -40.61
C LYS N 77 -6.74 -10.76 -39.87
N GLN N 78 -6.14 -11.92 -39.59
CA GLN N 78 -4.84 -11.94 -38.94
C GLN N 78 -3.77 -11.30 -39.83
N GLY N 79 -3.82 -11.57 -41.13
CA GLY N 79 -2.84 -11.02 -42.05
C GLY N 79 -2.04 -12.08 -42.78
N ALA N 80 -2.60 -13.28 -42.91
CA ALA N 80 -1.93 -14.37 -43.60
C ALA N 80 -2.05 -14.21 -45.10
N LEU N 81 -1.54 -15.19 -45.84
CA LEU N 81 -1.59 -15.19 -47.29
C LEU N 81 -2.30 -16.44 -47.79
N MET N 82 -3.13 -16.26 -48.82
CA MET N 82 -3.87 -17.37 -49.41
C MET N 82 -3.91 -17.19 -50.92
N TYR N 83 -4.04 -18.31 -51.64
CA TYR N 83 -4.08 -18.29 -53.10
C TYR N 83 -5.25 -19.11 -53.64
N PHE N 84 -6.32 -19.25 -52.85
CA PHE N 84 -7.48 -20.01 -53.30
C PHE N 84 -8.30 -19.21 -54.30
N LEU N 85 -9.09 -19.92 -55.10
CA LEU N 85 -9.91 -19.32 -56.15
C LEU N 85 -11.24 -20.05 -56.20
N GLU N 86 -12.26 -19.36 -56.70
CA GLU N 86 -13.58 -19.94 -56.89
C GLU N 86 -14.03 -19.71 -58.33
N ARG N 87 -14.67 -20.72 -58.90
CA ARG N 87 -15.16 -20.67 -60.26
C ARG N 87 -16.67 -20.52 -60.27
N GLN N 88 -17.16 -19.60 -61.10
CA GLN N 88 -18.59 -19.33 -61.17
C GLN N 88 -19.31 -20.50 -61.82
N GLY N 89 -20.46 -20.87 -61.26
CA GLY N 89 -21.28 -21.93 -61.77
C GLY N 89 -22.29 -21.45 -62.79
N THR N 90 -23.34 -22.25 -62.98
CA THR N 90 -24.41 -21.88 -63.90
C THR N 90 -25.31 -20.78 -63.32
N TYR N 91 -25.15 -20.44 -62.05
CA TYR N 91 -25.88 -19.33 -61.45
C TYR N 91 -25.01 -18.71 -60.37
N SER N 92 -24.79 -17.40 -60.47
CA SER N 92 -23.93 -16.69 -59.53
C SER N 92 -24.20 -15.20 -59.65
N GLY N 93 -23.56 -14.43 -58.79
CA GLY N 93 -23.69 -12.98 -58.77
C GLY N 93 -22.94 -12.32 -59.91
N LEU N 94 -22.50 -11.10 -59.68
CA LEU N 94 -21.78 -10.31 -60.67
C LEU N 94 -20.30 -10.29 -60.35
N MET N 95 -19.47 -10.73 -61.30
CA MET N 95 -18.03 -10.64 -61.20
C MET N 95 -17.52 -9.76 -62.33
N LEU N 96 -16.74 -8.73 -61.99
CA LEU N 96 -16.28 -7.77 -62.97
C LEU N 96 -14.93 -7.24 -62.55
N ASP N 97 -14.13 -6.82 -63.53
CA ASP N 97 -12.79 -6.32 -63.27
C ASP N 97 -12.54 -5.07 -64.10
N TYR N 98 -11.66 -4.22 -63.59
CA TYR N 98 -11.15 -3.06 -64.32
C TYR N 98 -9.65 -3.16 -64.44
N ASP N 99 -9.14 -3.12 -65.67
CA ASP N 99 -7.71 -3.03 -65.92
C ASP N 99 -7.32 -1.57 -66.15
N LEU N 100 -7.49 -0.77 -65.09
CA LEU N 100 -7.30 0.67 -65.19
C LEU N 100 -5.81 1.01 -65.32
N LYS N 101 -5.34 1.16 -66.55
CA LYS N 101 -3.95 1.53 -66.81
C LYS N 101 -3.91 3.04 -67.02
N LEU N 102 -3.72 3.77 -65.92
CA LEU N 102 -3.75 5.22 -65.94
C LEU N 102 -2.39 5.79 -66.38
N ASN N 103 -2.32 7.11 -66.45
CA ASN N 103 -1.10 7.81 -66.82
C ASN N 103 -0.24 8.20 -65.62
N THR N 104 -0.65 7.80 -64.41
CA THR N 104 0.08 8.14 -63.21
C THR N 104 -0.02 6.97 -62.23
N ASN N 105 0.53 7.17 -61.03
CA ASN N 105 0.47 6.17 -59.98
C ASN N 105 -0.08 6.71 -58.67
N ALA N 106 -0.60 7.94 -58.67
CA ALA N 106 -1.20 8.53 -57.49
C ALA N 106 -2.68 8.18 -57.44
N VAL N 107 -3.12 7.65 -56.31
CA VAL N 107 -4.49 7.11 -56.20
C VAL N 107 -5.48 8.24 -56.43
N PRO N 108 -6.44 8.09 -57.35
CA PRO N 108 -7.46 9.12 -57.55
C PRO N 108 -8.32 9.26 -56.31
N PRO N 109 -8.71 10.48 -55.95
CA PRO N 109 -9.58 10.65 -54.78
C PRO N 109 -11.02 10.29 -55.07
N LEU N 110 -11.30 8.99 -55.22
CA LEU N 110 -12.66 8.55 -55.48
C LEU N 110 -13.55 8.90 -54.30
N GLU N 111 -14.78 9.31 -54.60
CA GLU N 111 -15.66 9.88 -53.58
C GLU N 111 -16.98 9.13 -53.54
N PRO N 112 -17.67 9.15 -52.40
CA PRO N 112 -18.98 8.49 -52.30
C PRO N 112 -19.98 9.01 -53.32
N PRO N 113 -19.99 10.32 -53.65
CA PRO N 113 -20.86 10.74 -54.77
C PRO N 113 -20.50 10.10 -56.10
N ALA N 114 -19.21 9.95 -56.39
CA ALA N 114 -18.81 9.31 -57.65
C ALA N 114 -19.25 7.85 -57.68
N LEU N 115 -19.06 7.14 -56.57
CA LEU N 115 -19.48 5.74 -56.50
C LEU N 115 -21.01 5.63 -56.56
N SER N 116 -21.71 6.61 -56.00
CA SER N 116 -23.17 6.62 -56.09
C SER N 116 -23.64 6.80 -57.52
N ARG N 117 -23.01 7.73 -58.25
CA ARG N 117 -23.36 7.92 -59.66
C ARG N 117 -23.02 6.68 -60.48
N LEU N 118 -21.89 6.04 -60.18
CA LEU N 118 -21.54 4.79 -60.85
C LEU N 118 -22.56 3.70 -60.56
N CYS N 119 -23.02 3.61 -59.31
CA CYS N 119 -24.03 2.62 -58.94
C CYS N 119 -25.33 2.89 -59.69
N HIS N 120 -25.74 4.15 -59.79
CA HIS N 120 -26.95 4.48 -60.54
C HIS N 120 -26.79 4.11 -62.02
N ARG N 121 -25.62 4.40 -62.59
CA ARG N 121 -25.39 4.10 -64.00
C ARG N 121 -25.44 2.60 -64.26
N ILE N 122 -24.77 1.81 -63.41
CA ILE N 122 -24.80 0.36 -63.59
C ILE N 122 -26.19 -0.19 -63.30
N PHE N 123 -26.93 0.44 -62.39
CA PHE N 123 -28.32 0.06 -62.16
C PHE N 123 -29.14 0.24 -63.43
N VAL N 124 -28.95 1.36 -64.12
CA VAL N 124 -29.58 1.55 -65.43
C VAL N 124 -29.13 0.47 -66.40
N HIS N 125 -27.84 0.14 -66.37
CA HIS N 125 -27.28 -0.89 -67.25
C HIS N 125 -27.78 -2.29 -66.95
N ILE N 126 -28.35 -2.54 -65.77
CA ILE N 126 -28.78 -3.89 -65.42
C ILE N 126 -30.30 -4.05 -65.41
N LYS N 127 -31.07 -2.95 -65.35
CA LYS N 127 -32.52 -3.07 -65.40
C LYS N 127 -33.05 -3.51 -66.75
N ASN N 128 -32.21 -3.49 -67.79
CA ASN N 128 -32.64 -3.92 -69.12
C ASN N 128 -32.54 -5.44 -69.27
N SER N 129 -33.13 -6.16 -68.32
CA SER N 129 -33.11 -7.62 -68.29
C SER N 129 -34.13 -8.08 -67.26
N SER N 130 -34.21 -9.39 -67.04
CA SER N 130 -35.14 -9.93 -66.06
C SER N 130 -34.67 -9.60 -64.65
N VAL N 131 -35.56 -9.04 -63.84
CA VAL N 131 -35.27 -8.67 -62.47
C VAL N 131 -36.42 -9.17 -61.59
N LEU N 132 -36.32 -8.87 -60.30
CA LEU N 132 -37.35 -9.25 -59.34
C LEU N 132 -38.00 -8.02 -58.72
N ILE N 139 -30.36 -4.67 -53.34
CA ILE N 139 -29.19 -5.45 -53.71
C ILE N 139 -27.97 -4.93 -52.95
N HIS N 140 -27.08 -5.83 -52.55
CA HIS N 140 -25.88 -5.47 -51.79
C HIS N 140 -24.73 -5.22 -52.74
N PHE N 141 -24.07 -4.07 -52.57
CA PHE N 141 -22.96 -3.65 -53.42
C PHE N 141 -21.67 -3.73 -52.62
N PHE N 142 -20.64 -4.35 -53.22
CA PHE N 142 -19.36 -4.44 -52.54
C PHE N 142 -18.25 -4.04 -53.50
N PHE N 143 -17.27 -3.29 -53.01
CA PHE N 143 -16.19 -2.74 -53.81
C PHE N 143 -14.84 -3.10 -53.19
N THR N 144 -13.92 -3.57 -54.03
CA THR N 144 -12.55 -3.84 -53.60
C THR N 144 -11.59 -3.41 -54.70
N LEU N 145 -10.41 -2.95 -54.29
CA LEU N 145 -9.47 -2.33 -55.21
C LEU N 145 -8.05 -2.78 -54.89
N LYS N 146 -7.19 -2.67 -55.92
CA LYS N 146 -5.80 -3.05 -55.79
C LYS N 146 -5.06 -2.08 -54.86
N PRO N 147 -4.05 -2.56 -54.13
CA PRO N 147 -3.26 -1.68 -53.27
C PRO N 147 -2.45 -0.61 -54.01
N GLU N 148 -2.58 -0.48 -55.32
CA GLU N 148 -1.90 0.54 -56.13
C GLU N 148 -0.39 0.30 -56.03
N VAL N 149 0.42 1.32 -55.74
CA VAL N 149 1.88 1.27 -55.61
C VAL N 149 2.53 0.38 -56.67
N VAL N 150 1.95 0.37 -57.88
CA VAL N 150 2.47 -0.42 -58.98
C VAL N 150 2.24 0.35 -60.27
N GLN N 151 3.11 0.11 -61.26
CA GLN N 151 2.99 0.76 -62.56
C GLN N 151 1.70 0.35 -63.25
N GLY N 152 1.20 1.22 -64.11
CA GLY N 152 -0.08 0.98 -64.75
C GLY N 152 -1.27 1.15 -63.84
N LYS N 153 -1.11 1.89 -62.75
CA LYS N 153 -2.17 2.17 -61.77
C LYS N 153 -2.67 0.85 -61.18
N TYR N 154 -3.94 0.80 -60.80
CA TYR N 154 -4.50 -0.32 -60.06
C TYR N 154 -5.75 -0.84 -60.77
N GLY N 155 -6.44 -1.77 -60.09
CA GLY N 155 -7.66 -2.33 -60.61
C GLY N 155 -8.74 -2.39 -59.56
N PHE N 156 -9.99 -2.39 -60.03
CA PHE N 156 -11.17 -2.40 -59.18
C PHE N 156 -12.06 -3.57 -59.60
N HIS N 157 -12.48 -4.37 -58.62
CA HIS N 157 -13.37 -5.50 -58.87
C HIS N 157 -14.64 -5.30 -58.06
N VAL N 158 -15.72 -4.93 -58.73
CA VAL N 158 -17.02 -4.78 -58.07
C VAL N 158 -17.65 -6.15 -57.90
N LEU N 159 -18.18 -6.41 -56.69
CA LEU N 159 -18.80 -7.69 -56.36
C LEU N 159 -20.26 -7.43 -56.02
N ILE N 160 -21.15 -8.09 -56.76
CA ILE N 160 -22.59 -8.04 -56.55
C ILE N 160 -23.08 -9.49 -56.48
N PRO N 161 -22.92 -10.18 -55.35
CA PRO N 161 -23.24 -11.60 -55.30
C PRO N 161 -24.71 -11.88 -54.96
N GLY N 162 -25.55 -10.85 -55.03
CA GLY N 162 -26.93 -11.02 -54.63
C GLY N 162 -27.71 -11.95 -55.53
N LEU N 163 -27.55 -11.80 -56.84
CA LEU N 163 -28.40 -12.50 -57.80
C LEU N 163 -27.75 -13.81 -58.24
N LYS N 164 -28.43 -14.52 -59.14
CA LYS N 164 -27.90 -15.75 -59.75
C LYS N 164 -28.42 -15.81 -61.18
N LEU N 165 -27.63 -15.27 -62.11
CA LEU N 165 -27.99 -15.25 -63.52
C LEU N 165 -26.78 -15.52 -64.40
N ALA N 166 -25.97 -16.52 -64.02
CA ALA N 166 -24.76 -16.81 -64.76
C ALA N 166 -25.08 -17.48 -66.09
N ALA N 167 -25.23 -16.68 -67.14
CA ALA N 167 -25.58 -17.17 -68.47
C ALA N 167 -25.06 -16.17 -69.50
N SER N 168 -25.55 -16.28 -70.73
CA SER N 168 -25.17 -15.33 -71.77
C SER N 168 -25.62 -13.90 -71.45
N THR N 169 -26.55 -13.75 -70.49
CA THR N 169 -26.92 -12.41 -70.03
C THR N 169 -25.73 -11.67 -69.45
N LYS N 170 -24.81 -12.39 -68.81
CA LYS N 170 -23.58 -11.76 -68.33
C LYS N 170 -22.77 -11.21 -69.49
N LYS N 171 -22.65 -11.98 -70.57
CA LYS N 171 -21.96 -11.48 -71.76
C LYS N 171 -22.67 -10.27 -72.35
N SER N 172 -24.01 -10.29 -72.35
CA SER N 172 -24.76 -9.16 -72.87
C SER N 172 -24.51 -7.91 -72.04
N ILE N 173 -24.50 -8.03 -70.72
CA ILE N 173 -24.22 -6.88 -69.87
C ILE N 173 -22.78 -6.41 -70.05
N ILE N 174 -21.85 -7.35 -70.23
CA ILE N 174 -20.46 -6.97 -70.48
C ILE N 174 -20.35 -6.16 -71.77
N GLY N 175 -21.03 -6.61 -72.82
CA GLY N 175 -21.03 -5.86 -74.06
C GLY N 175 -21.70 -4.50 -73.92
N SER N 176 -22.79 -4.43 -73.15
CA SER N 176 -23.47 -3.17 -72.94
C SER N 176 -22.57 -2.16 -72.22
N LEU N 177 -21.82 -2.62 -71.22
CA LEU N 177 -20.88 -1.75 -70.53
C LEU N 177 -19.62 -1.49 -71.35
N GLN N 178 -19.34 -2.33 -72.35
CA GLN N 178 -18.12 -2.14 -73.15
C GLN N 178 -18.17 -0.85 -73.96
N HIS N 179 -19.31 -0.56 -74.59
CA HIS N 179 -19.45 0.62 -75.42
C HIS N 179 -20.08 1.80 -74.68
N ASP N 180 -20.31 1.66 -73.38
CA ASP N 180 -20.87 2.77 -72.60
C ASP N 180 -19.90 3.94 -72.59
N ALA N 181 -20.41 5.14 -72.81
CA ALA N 181 -19.60 6.35 -72.74
C ALA N 181 -19.56 6.97 -71.36
N THR N 182 -20.57 6.69 -70.51
CA THR N 182 -20.57 7.27 -69.18
C THR N 182 -19.42 6.74 -68.33
N VAL N 183 -19.13 5.44 -68.43
CA VAL N 183 -18.04 4.86 -67.64
C VAL N 183 -16.71 5.44 -68.07
N GLN N 184 -16.49 5.58 -69.38
CA GLN N 184 -15.24 6.17 -69.86
C GLN N 184 -15.15 7.64 -69.50
N LYS N 185 -16.27 8.36 -69.51
CA LYS N 185 -16.28 9.75 -69.09
C LYS N 185 -15.91 9.86 -67.62
N ILE N 186 -16.43 8.96 -66.79
CA ILE N 186 -16.06 8.95 -65.37
C ILE N 186 -14.57 8.65 -65.22
N LEU N 187 -14.05 7.72 -66.02
CA LEU N 187 -12.63 7.42 -65.99
C LEU N 187 -11.80 8.66 -66.32
N HIS N 188 -12.20 9.39 -67.37
CA HIS N 188 -11.49 10.62 -67.71
C HIS N 188 -11.61 11.67 -66.61
N GLU N 189 -12.77 11.73 -65.94
CA GLU N 189 -12.91 12.59 -64.77
C GLU N 189 -11.92 12.21 -63.69
N GLN N 190 -11.63 10.92 -63.55
CA GLN N 190 -10.61 10.44 -62.63
C GLN N 190 -9.21 10.45 -63.24
N GLY N 191 -9.08 10.89 -64.50
CA GLY N 191 -7.79 10.98 -65.14
C GLY N 191 -7.24 9.65 -65.59
N VAL N 192 -7.98 8.95 -66.46
CA VAL N 192 -7.58 7.65 -66.99
C VAL N 192 -7.18 7.83 -68.44
N THR N 193 -5.96 7.40 -68.79
CA THR N 193 -5.47 7.48 -70.16
C THR N 193 -5.88 6.28 -70.99
N ASN N 194 -6.58 5.32 -70.42
CA ASN N 194 -7.05 4.12 -71.13
C ASN N 194 -8.55 4.02 -70.92
N PRO N 195 -9.34 4.73 -71.73
CA PRO N 195 -10.80 4.73 -71.53
C PRO N 195 -11.44 3.36 -71.62
N GLU N 196 -10.91 2.48 -72.47
CA GLU N 196 -11.46 1.15 -72.65
C GLU N 196 -10.39 0.10 -72.33
N SER N 197 -10.70 -1.16 -72.62
CA SER N 197 -9.89 -2.34 -72.36
C SER N 197 -9.73 -2.65 -70.88
N CYS N 198 -10.26 -1.79 -69.99
CA CYS N 198 -10.22 -2.10 -68.57
C CYS N 198 -11.13 -3.27 -68.22
N LEU N 199 -12.29 -3.35 -68.88
CA LEU N 199 -13.25 -4.43 -68.65
C LEU N 199 -12.90 -5.58 -69.60
N ASP N 200 -12.32 -6.64 -69.04
CA ASP N 200 -11.98 -7.80 -69.85
C ASP N 200 -13.25 -8.57 -70.21
N PRO N 201 -13.31 -9.16 -71.41
CA PRO N 201 -14.46 -10.04 -71.73
C PRO N 201 -14.53 -11.26 -70.84
N HIS N 202 -13.41 -11.70 -70.27
CA HIS N 202 -13.38 -12.87 -69.40
C HIS N 202 -13.68 -12.53 -67.94
N SER N 203 -14.33 -11.39 -67.70
CA SER N 203 -14.64 -11.00 -66.32
C SER N 203 -15.56 -11.99 -65.65
N ALA N 204 -16.42 -12.66 -66.42
CA ALA N 204 -17.40 -13.57 -65.89
C ALA N 204 -17.23 -15.00 -66.39
N SER N 205 -16.15 -15.29 -67.13
CA SER N 205 -15.92 -16.62 -67.67
C SER N 205 -14.69 -17.31 -67.09
N VAL N 206 -14.04 -16.71 -66.10
CA VAL N 206 -12.86 -17.31 -65.48
C VAL N 206 -13.10 -17.40 -63.98
N PRO N 207 -12.42 -18.32 -63.30
CA PRO N 207 -12.57 -18.42 -61.85
C PRO N 207 -12.12 -17.13 -61.16
N SER N 208 -12.84 -16.79 -60.09
CA SER N 208 -12.56 -15.59 -59.32
C SER N 208 -11.80 -15.93 -58.05
N LEU N 209 -11.43 -14.90 -57.30
CA LEU N 209 -10.66 -15.05 -56.06
C LEU N 209 -11.50 -14.59 -54.88
N LEU N 210 -11.39 -15.32 -53.77
CA LEU N 210 -12.08 -14.95 -52.55
C LEU N 210 -11.47 -13.68 -51.96
N TYR N 211 -12.15 -13.12 -50.96
CA TYR N 211 -11.66 -11.93 -50.31
C TYR N 211 -10.32 -12.21 -49.64
N GLY N 212 -9.35 -11.32 -49.86
CA GLY N 212 -8.03 -11.48 -49.31
C GLY N 212 -7.12 -12.43 -50.07
N SER N 213 -7.59 -13.02 -51.17
CA SER N 213 -6.78 -13.94 -51.96
C SER N 213 -5.76 -13.13 -52.75
N SER N 214 -4.52 -13.11 -52.26
CA SER N 214 -3.46 -12.36 -52.90
C SER N 214 -2.98 -13.08 -54.16
N LYS N 215 -2.04 -12.47 -54.86
CA LYS N 215 -1.40 -13.04 -56.03
C LYS N 215 0.10 -13.14 -55.80
N LEU N 216 0.76 -13.92 -56.65
CA LEU N 216 2.19 -14.12 -56.52
C LEU N 216 2.92 -12.78 -56.68
N ASN N 217 3.70 -12.43 -55.66
CA ASN N 217 4.39 -11.13 -55.60
C ASN N 217 3.40 -9.98 -55.73
N HIS N 218 2.23 -10.14 -55.11
CA HIS N 218 1.20 -9.11 -55.14
C HIS N 218 0.45 -9.12 -53.81
N LYS N 219 0.23 -7.93 -53.25
CA LYS N 219 -0.52 -7.82 -52.02
C LYS N 219 -2.00 -8.12 -52.26
N PRO N 220 -2.69 -8.66 -51.26
CA PRO N 220 -4.13 -8.88 -51.42
C PRO N 220 -4.88 -7.56 -51.48
N TYR N 221 -6.03 -7.59 -52.15
CA TYR N 221 -6.81 -6.38 -52.34
C TYR N 221 -7.46 -5.93 -51.04
N GLN N 222 -7.93 -4.69 -51.03
CA GLN N 222 -8.64 -4.12 -49.89
C GLN N 222 -9.98 -3.58 -50.35
N LEU N 223 -10.91 -3.48 -49.41
CA LEU N 223 -12.26 -3.04 -49.71
C LEU N 223 -12.27 -1.57 -50.14
N LYS N 224 -13.21 -1.23 -51.01
CA LYS N 224 -13.43 0.14 -51.47
C LYS N 224 -14.78 0.67 -51.01
N THR N 225 -15.17 0.33 -49.78
CA THR N 225 -16.36 0.87 -49.12
C THR N 225 -17.63 0.61 -49.95
N GLY N 226 -17.97 -0.67 -50.03
CA GLY N 226 -19.19 -1.07 -50.70
C GLY N 226 -20.42 -0.45 -50.06
N PHE N 227 -21.42 -0.20 -50.90
CA PHE N 227 -22.61 0.53 -50.50
C PHE N 227 -23.83 -0.38 -50.56
N GLU N 228 -25.00 0.19 -50.27
CA GLU N 228 -26.26 -0.54 -50.31
C GLU N 228 -27.25 0.22 -51.18
N LEU N 229 -27.91 -0.50 -52.09
CA LEU N 229 -28.93 0.09 -52.95
C LEU N 229 -29.98 -0.99 -53.21
N VAL N 230 -31.14 -0.85 -52.56
CA VAL N 230 -32.19 -1.84 -52.71
C VAL N 230 -32.69 -1.85 -54.14
N PHE N 231 -33.04 -3.04 -54.63
CA PHE N 231 -33.53 -3.18 -56.00
C PHE N 231 -34.81 -2.38 -56.19
N ASP N 232 -34.89 -1.67 -57.31
CA ASP N 232 -36.04 -0.84 -57.63
C ASP N 232 -37.04 -1.65 -58.44
N SER N 233 -38.27 -1.76 -57.95
CA SER N 233 -39.32 -2.46 -58.67
C SER N 233 -39.68 -1.75 -59.97
N SER N 234 -40.27 -0.57 -59.86
CA SER N 234 -40.64 0.19 -61.05
C SER N 234 -40.43 1.70 -60.93
N ASP N 235 -39.89 2.20 -59.82
CA ASP N 235 -39.81 3.64 -59.59
C ASP N 235 -38.37 4.12 -59.67
N PRO N 236 -37.98 4.87 -60.70
CA PRO N 236 -36.64 5.46 -60.70
C PRO N 236 -36.39 6.38 -59.52
N ASP N 237 -37.43 6.70 -58.75
CA ASP N 237 -37.24 7.43 -57.51
C ASP N 237 -36.69 6.52 -56.40
N TYR N 238 -36.90 5.21 -56.51
CA TYR N 238 -36.17 4.24 -55.67
C TYR N 238 -34.73 4.05 -56.18
N ILE N 239 -33.92 5.07 -55.94
CA ILE N 239 -32.48 4.92 -56.02
C ILE N 239 -31.89 5.45 -54.72
N PRO N 240 -32.12 4.77 -53.59
CA PRO N 240 -31.60 5.24 -52.28
C PRO N 240 -30.20 4.73 -51.97
N ILE N 241 -29.20 5.38 -52.56
CA ILE N 241 -27.81 4.99 -52.35
C ILE N 241 -27.47 5.15 -50.87
N HIS N 242 -27.14 4.05 -50.21
CA HIS N 242 -26.86 4.04 -48.78
C HIS N 242 -25.47 3.47 -48.53
N GLN N 243 -24.74 4.09 -47.61
CA GLN N 243 -23.41 3.63 -47.22
C GLN N 243 -23.55 2.65 -46.06
N ILE N 244 -22.97 1.47 -46.20
CA ILE N 244 -23.00 0.46 -45.16
C ILE N 244 -21.85 0.72 -44.19
N LYS N 245 -22.09 0.49 -42.90
CA LYS N 245 -21.08 0.70 -41.87
C LYS N 245 -20.94 -0.57 -41.04
N ASN N 246 -19.80 -0.66 -40.35
CA ASN N 246 -19.49 -1.81 -39.49
C ASN N 246 -19.49 -3.11 -40.28
N LEU N 247 -18.87 -3.06 -41.48
CA LEU N 247 -18.77 -4.25 -42.30
C LEU N 247 -17.89 -5.32 -41.65
N GLU N 248 -16.90 -4.90 -40.85
CA GLU N 248 -15.99 -5.86 -40.24
C GLU N 248 -16.71 -6.84 -39.31
N SER N 249 -17.87 -6.43 -38.77
CA SER N 249 -18.64 -7.34 -37.92
C SER N 249 -19.14 -8.56 -38.68
N TYR N 250 -19.21 -8.49 -40.00
CA TYR N 250 -19.66 -9.60 -40.83
C TYR N 250 -18.46 -10.34 -41.41
N ASN N 251 -18.64 -11.63 -41.66
CA ASN N 251 -17.61 -12.46 -42.28
C ASN N 251 -17.50 -12.08 -43.76
N LEU N 252 -16.57 -11.17 -44.05
CA LEU N 252 -16.48 -10.62 -45.40
C LEU N 252 -16.18 -11.69 -46.44
N VAL N 253 -15.29 -12.63 -46.11
CA VAL N 253 -14.99 -13.70 -47.05
C VAL N 253 -16.24 -14.53 -47.34
N SER N 254 -17.00 -14.86 -46.30
CA SER N 254 -18.23 -15.62 -46.51
C SER N 254 -19.34 -14.75 -47.09
N GLU N 255 -19.43 -13.49 -46.67
CA GLU N 255 -20.46 -12.59 -47.18
C GLU N 255 -20.28 -12.34 -48.68
N LEU N 256 -19.04 -12.16 -49.12
CA LEU N 256 -18.74 -11.87 -50.52
C LEU N 256 -18.63 -13.12 -51.37
N SER N 257 -18.79 -14.30 -50.78
CA SER N 257 -18.73 -15.54 -51.55
C SER N 257 -19.91 -15.61 -52.52
N LEU N 258 -19.63 -15.99 -53.77
CA LEU N 258 -20.67 -16.05 -54.79
C LEU N 258 -21.71 -17.10 -54.45
N THR N 259 -21.28 -18.28 -53.99
CA THR N 259 -22.18 -19.40 -53.72
C THR N 259 -22.79 -19.35 -52.33
N ASN N 260 -22.44 -18.36 -51.51
CA ASN N 260 -22.97 -18.26 -50.15
C ASN N 260 -24.37 -17.64 -50.23
N GLU N 261 -25.35 -18.48 -50.57
CA GLU N 261 -26.74 -18.02 -50.59
C GLU N 261 -27.24 -17.69 -49.19
N GLN N 262 -26.74 -18.39 -48.18
CA GLN N 262 -27.17 -18.25 -46.80
C GLN N 262 -26.40 -17.17 -46.05
N GLY N 263 -25.79 -16.22 -46.76
CA GLY N 263 -25.09 -15.14 -46.09
C GLY N 263 -26.04 -14.29 -45.27
N SER N 264 -25.50 -13.75 -44.18
CA SER N 264 -26.32 -12.95 -43.26
C SER N 264 -26.69 -11.61 -43.90
N LEU N 265 -25.69 -10.79 -44.23
CA LEU N 265 -25.96 -9.49 -44.81
C LEU N 265 -26.51 -9.62 -46.24
N VAL N 266 -25.89 -10.48 -47.04
CA VAL N 266 -26.31 -10.63 -48.43
C VAL N 266 -27.55 -11.53 -48.51
N ARG N 267 -28.23 -11.45 -49.64
CA ARG N 267 -29.40 -12.29 -49.90
C ARG N 267 -29.30 -12.92 -51.27
N PRO N 268 -29.80 -14.15 -51.42
CA PRO N 268 -29.74 -14.86 -52.72
C PRO N 268 -30.89 -14.52 -53.67
N VAL N 269 -30.76 -13.37 -54.32
CA VAL N 269 -31.77 -12.92 -55.27
C VAL N 269 -31.80 -13.83 -56.49
N SER N 289 5.34 -31.33 -70.47
CA SER N 289 4.69 -30.50 -69.46
C SER N 289 5.49 -30.51 -68.16
N LEU N 290 6.46 -29.59 -68.06
CA LEU N 290 7.28 -29.52 -66.86
C LEU N 290 6.47 -29.08 -65.66
N SER N 291 5.48 -28.21 -65.85
CA SER N 291 4.78 -27.57 -64.74
C SER N 291 4.17 -28.58 -63.79
N ILE N 292 3.70 -29.71 -64.32
CA ILE N 292 3.09 -30.73 -63.46
C ILE N 292 4.14 -31.36 -62.55
N LEU N 293 5.34 -31.62 -63.10
CA LEU N 293 6.42 -32.13 -62.26
C LEU N 293 6.87 -31.09 -61.25
N MET N 294 6.95 -29.82 -61.68
CA MET N 294 7.18 -28.72 -60.77
C MET N 294 6.22 -28.75 -59.60
N LEU N 295 4.95 -29.04 -59.90
CA LEU N 295 3.94 -29.17 -58.87
C LEU N 295 4.24 -30.34 -57.93
N HIS N 296 4.66 -31.47 -58.50
CA HIS N 296 4.96 -32.62 -57.64
C HIS N 296 6.43 -32.73 -57.26
N ASP N 297 7.29 -31.79 -57.66
CA ASP N 297 8.71 -31.95 -57.32
C ASP N 297 9.45 -30.63 -57.30
N PRO N 298 9.97 -30.21 -56.14
CA PRO N 298 10.87 -29.05 -56.12
C PRO N 298 12.14 -29.26 -56.94
N GLU N 299 12.65 -30.48 -56.99
CA GLU N 299 13.79 -30.77 -57.85
C GLU N 299 13.43 -30.51 -59.31
N ALA N 300 12.16 -30.70 -59.67
CA ALA N 300 11.71 -30.41 -61.02
C ALA N 300 11.80 -28.92 -61.33
N ARG N 301 11.45 -28.06 -60.38
CA ARG N 301 11.56 -26.62 -60.64
C ARG N 301 13.02 -26.17 -60.60
N TYR N 302 13.84 -26.85 -59.81
CA TYR N 302 15.29 -26.62 -59.89
C TYR N 302 15.80 -26.95 -61.30
N LEU N 303 15.33 -28.07 -61.86
CA LEU N 303 15.65 -28.42 -63.24
C LEU N 303 15.13 -27.38 -64.21
N HIS N 304 13.93 -26.84 -63.96
CA HIS N 304 13.38 -25.80 -64.83
C HIS N 304 14.26 -24.56 -64.84
N LYS N 305 14.69 -24.12 -63.65
CA LYS N 305 15.56 -22.96 -63.58
C LYS N 305 16.88 -23.22 -64.31
N ILE N 306 17.53 -24.35 -64.03
CA ILE N 306 18.83 -24.60 -64.65
C ILE N 306 18.70 -24.79 -66.15
N LEU N 307 17.57 -25.34 -66.61
CA LEU N 307 17.33 -25.44 -68.06
C LEU N 307 17.15 -24.07 -68.68
N ASN N 308 16.49 -23.15 -67.97
CA ASN N 308 16.44 -21.78 -68.44
C ASN N 308 17.81 -21.09 -68.42
N LEU N 309 18.72 -21.55 -67.56
CA LEU N 309 20.02 -20.89 -67.45
C LEU N 309 20.84 -21.05 -68.73
N LEU N 310 21.00 -22.29 -69.23
CA LEU N 310 21.87 -22.44 -70.38
C LEU N 310 21.17 -21.97 -71.66
N PRO N 311 21.93 -21.40 -72.60
CA PRO N 311 21.30 -20.95 -73.84
C PRO N 311 20.81 -22.12 -74.66
N PRO N 312 19.75 -21.92 -75.46
CA PRO N 312 19.25 -23.01 -76.31
C PRO N 312 20.07 -23.26 -77.57
N GLU N 313 21.20 -22.57 -77.73
CA GLU N 313 22.04 -22.80 -78.91
C GLU N 313 22.55 -24.23 -78.95
N TYR N 314 23.00 -24.76 -77.81
CA TYR N 314 23.43 -26.16 -77.75
C TYR N 314 22.25 -27.10 -77.96
N TYR N 315 21.05 -26.69 -77.57
CA TYR N 315 19.85 -27.48 -77.84
C TYR N 315 19.56 -27.53 -79.34
N VAL N 316 20.03 -26.54 -80.11
CA VAL N 316 19.69 -26.45 -81.52
C VAL N 316 20.21 -27.66 -82.30
N GLU N 317 21.49 -27.98 -82.14
CA GLU N 317 22.06 -29.09 -82.88
C GLU N 317 21.61 -30.42 -82.29
N TYR N 318 21.41 -31.40 -83.18
CA TYR N 318 20.97 -32.72 -82.74
C TYR N 318 21.94 -33.41 -81.78
N PRO N 319 23.27 -33.37 -81.97
CA PRO N 319 24.14 -34.16 -81.06
C PRO N 319 24.04 -33.75 -79.59
N LEU N 320 24.24 -32.46 -79.28
CA LEU N 320 24.23 -32.05 -77.88
C LEU N 320 22.83 -32.15 -77.28
N TRP N 321 21.80 -31.94 -78.11
CA TRP N 321 20.44 -32.11 -77.62
C TRP N 321 20.15 -33.57 -77.28
N SER N 322 20.64 -34.50 -78.11
CA SER N 322 20.54 -35.91 -77.76
C SER N 322 21.35 -36.24 -76.53
N ASN N 323 22.49 -35.56 -76.34
CA ASN N 323 23.27 -35.77 -75.13
C ASN N 323 22.50 -35.35 -73.88
N VAL N 324 21.86 -34.19 -73.92
CA VAL N 324 21.09 -33.75 -72.76
C VAL N 324 19.86 -34.63 -72.57
N VAL N 325 19.29 -35.15 -73.66
CA VAL N 325 18.19 -36.12 -73.55
C VAL N 325 18.66 -37.38 -72.82
N PHE N 326 19.83 -37.88 -73.19
CA PHE N 326 20.40 -39.03 -72.48
C PHE N 326 20.64 -38.72 -71.02
N ALA N 327 21.16 -37.51 -70.73
CA ALA N 327 21.44 -37.13 -69.36
C ALA N 327 20.17 -37.10 -68.52
N LEU N 328 19.10 -36.49 -69.05
CA LEU N 328 17.86 -36.42 -68.30
C LEU N 328 17.20 -37.80 -68.18
N ALA N 329 17.33 -38.63 -69.20
CA ALA N 329 16.74 -39.97 -69.15
C ALA N 329 17.47 -40.85 -68.14
N ASN N 330 18.77 -40.62 -67.94
CA ASN N 330 19.49 -41.36 -66.92
C ASN N 330 18.93 -41.08 -65.54
N THR N 331 18.58 -39.82 -65.26
CA THR N 331 18.01 -39.43 -63.97
C THR N 331 16.52 -39.74 -63.98
N SER N 332 16.17 -40.95 -63.55
CA SER N 332 14.79 -41.41 -63.41
C SER N 332 14.05 -41.43 -64.75
N ALA N 333 12.79 -41.86 -64.73
CA ALA N 333 11.99 -41.96 -65.93
C ALA N 333 10.66 -41.22 -65.85
N ASN N 334 10.38 -40.52 -64.75
CA ASN N 334 9.18 -39.71 -64.66
C ASN N 334 9.38 -38.30 -65.19
N TYR N 335 10.59 -37.96 -65.63
CA TYR N 335 10.88 -36.63 -66.16
C TYR N 335 10.63 -36.52 -67.66
N ARG N 336 9.81 -37.41 -68.22
CA ARG N 336 9.48 -37.31 -69.64
C ARG N 336 8.77 -36.01 -70.00
N PRO N 337 7.72 -35.57 -69.29
CA PRO N 337 7.14 -34.26 -69.63
C PRO N 337 8.13 -33.12 -69.50
N LEU N 338 8.98 -33.16 -68.47
CA LEU N 338 10.01 -32.14 -68.30
C LEU N 338 10.87 -32.02 -69.56
N ALA N 339 11.41 -33.14 -70.04
CA ALA N 339 12.13 -33.13 -71.30
C ALA N 339 11.25 -32.59 -72.43
N GLU N 340 10.00 -33.03 -72.46
CA GLU N 340 9.08 -32.53 -73.48
C GLU N 340 8.92 -31.02 -73.39
N TRP N 341 8.99 -30.47 -72.17
CA TRP N 341 8.93 -29.02 -72.03
C TRP N 341 10.11 -28.35 -72.73
N PHE N 342 11.29 -28.96 -72.66
CA PHE N 342 12.45 -28.43 -73.35
C PHE N 342 12.34 -28.59 -74.86
N SER N 343 11.34 -29.33 -75.35
CA SER N 343 11.23 -29.60 -76.78
C SER N 343 10.51 -28.50 -77.55
N GLN N 344 9.57 -27.79 -76.90
CA GLN N 344 8.79 -26.78 -77.62
C GLN N 344 9.65 -25.64 -78.14
N LYS N 345 10.79 -25.37 -77.53
CA LYS N 345 11.70 -24.36 -78.06
C LYS N 345 12.15 -24.77 -79.46
N CYS N 346 12.14 -23.81 -80.39
CA CYS N 346 12.38 -24.07 -81.80
C CYS N 346 11.47 -25.19 -82.29
N PRO N 347 10.15 -24.95 -82.38
CA PRO N 347 9.24 -26.03 -82.75
C PRO N 347 9.47 -26.56 -84.16
N GLU N 348 10.11 -25.79 -85.04
CA GLU N 348 10.41 -26.28 -86.39
C GLU N 348 11.32 -27.49 -86.33
N LYS N 349 12.25 -27.52 -85.37
CA LYS N 349 13.04 -28.73 -85.14
C LYS N 349 12.26 -29.78 -84.36
N TRP N 350 11.34 -29.35 -83.49
CA TRP N 350 10.54 -30.30 -82.73
C TRP N 350 9.50 -30.98 -83.61
N ASN N 351 8.58 -30.20 -84.16
CA ASN N 351 7.62 -30.75 -85.12
C ASN N 351 8.34 -31.15 -86.40
N THR N 352 7.90 -32.25 -87.00
CA THR N 352 8.54 -32.83 -88.19
C THR N 352 10.02 -33.08 -87.91
N GLY N 353 10.26 -34.02 -87.01
CA GLY N 353 11.57 -34.17 -86.41
C GLY N 353 11.51 -34.43 -84.93
N GLY N 354 12.01 -33.47 -84.13
CA GLY N 354 12.11 -33.61 -82.69
C GLY N 354 10.94 -34.23 -81.96
N LYS N 355 9.72 -34.07 -82.48
CA LYS N 355 8.54 -34.61 -81.81
C LYS N 355 8.62 -36.13 -81.69
N GLU N 356 9.03 -36.81 -82.76
CA GLU N 356 9.13 -38.27 -82.73
C GLU N 356 10.52 -38.75 -82.34
N LYS N 357 11.57 -38.04 -82.75
CA LYS N 357 12.91 -38.47 -82.36
C LYS N 357 13.18 -38.27 -80.88
N LEU N 358 12.45 -37.36 -80.21
CA LEU N 358 12.57 -37.24 -78.77
C LEU N 358 12.11 -38.51 -78.06
N GLU N 359 10.92 -39.00 -78.43
CA GLU N 359 10.44 -40.24 -77.82
C GLU N 359 11.25 -41.44 -78.28
N LYS N 360 11.80 -41.40 -79.50
CA LYS N 360 12.70 -42.47 -79.93
C LYS N 360 13.95 -42.51 -79.06
N LEU N 361 14.55 -41.34 -78.78
CA LEU N 361 15.72 -41.29 -77.91
C LEU N 361 15.37 -41.72 -76.49
N TRP N 362 14.18 -41.32 -76.01
CA TRP N 362 13.76 -41.75 -74.68
C TRP N 362 13.62 -43.26 -74.60
N ASN N 363 13.02 -43.87 -75.63
CA ASN N 363 12.89 -45.33 -75.65
C ASN N 363 14.25 -46.01 -75.71
N ASP N 364 15.18 -45.45 -76.49
CA ASP N 364 16.52 -46.01 -76.56
C ASP N 364 17.20 -45.92 -75.20
N ALA N 365 17.11 -44.77 -74.54
CA ALA N 365 17.78 -44.57 -73.26
C ALA N 365 17.11 -45.34 -72.12
N SER N 366 15.86 -45.76 -72.30
CA SER N 366 15.19 -46.55 -71.28
C SER N 366 15.93 -47.87 -71.05
N HIS N 367 16.36 -48.52 -72.12
CA HIS N 367 17.12 -49.77 -72.02
C HIS N 367 18.63 -49.53 -72.11
N HIS N 368 19.07 -48.31 -72.36
CA HIS N 368 20.49 -48.04 -72.50
C HIS N 368 21.18 -48.06 -71.13
N THR N 369 22.30 -48.79 -71.06
CA THR N 369 23.11 -48.82 -69.85
C THR N 369 24.59 -48.54 -70.11
N GLU N 370 24.97 -48.30 -71.37
CA GLU N 370 26.37 -48.01 -71.67
C GLU N 370 26.77 -46.60 -71.25
N LYS N 371 25.83 -45.67 -71.20
CA LYS N 371 26.10 -44.29 -70.88
C LYS N 371 25.25 -43.85 -69.69
N LYS N 372 25.87 -43.13 -68.77
CA LYS N 372 25.23 -42.68 -67.54
C LYS N 372 25.52 -41.21 -67.27
N ILE N 373 25.35 -40.37 -68.30
CA ILE N 373 25.52 -38.94 -68.11
C ILE N 373 24.45 -38.42 -67.16
N THR N 374 24.87 -37.64 -66.18
CA THR N 374 23.98 -37.11 -65.14
C THR N 374 23.87 -35.59 -65.28
N LYS N 375 23.19 -34.98 -64.31
CA LYS N 375 23.04 -33.53 -64.28
C LYS N 375 24.34 -32.79 -64.04
N ARG N 376 25.41 -33.50 -63.64
CA ARG N 376 26.68 -32.84 -63.38
C ARG N 376 27.22 -32.16 -64.62
N SER N 377 27.06 -32.80 -65.79
CA SER N 377 27.46 -32.17 -67.04
C SER N 377 26.65 -30.90 -67.30
N ILE N 378 25.36 -30.91 -66.94
CA ILE N 378 24.53 -29.72 -67.14
C ILE N 378 24.98 -28.60 -66.21
N MET N 379 25.35 -28.93 -64.98
CA MET N 379 25.91 -27.91 -64.08
C MET N 379 27.21 -27.34 -64.63
N TYR N 380 28.07 -28.19 -65.17
CA TYR N 380 29.30 -27.71 -65.78
C TYR N 380 29.01 -26.79 -66.96
N TRP N 381 28.04 -27.16 -67.79
CA TRP N 381 27.65 -26.34 -68.92
C TRP N 381 27.09 -24.99 -68.47
N ALA N 382 26.25 -25.00 -67.44
CA ALA N 382 25.70 -23.75 -66.92
C ALA N 382 26.81 -22.85 -66.37
N HIS N 383 27.81 -23.45 -65.71
CA HIS N 383 28.96 -22.67 -65.27
C HIS N 383 29.71 -22.08 -66.45
N LYS N 384 29.88 -22.87 -67.52
CA LYS N 384 30.63 -22.39 -68.68
C LYS N 384 29.92 -21.25 -69.38
N HIS N 385 28.59 -21.34 -69.52
CA HIS N 385 27.87 -20.41 -70.38
C HIS N 385 27.54 -19.11 -69.66
N ALA N 386 26.84 -19.21 -68.52
CA ALA N 386 26.35 -18.03 -67.80
C ALA N 386 26.84 -18.10 -66.36
N PRO N 387 28.06 -17.65 -66.09
CA PRO N 387 28.56 -17.62 -64.72
C PRO N 387 28.00 -16.43 -63.95
N GLN N 388 28.28 -16.43 -62.64
CA GLN N 388 28.00 -15.31 -61.74
C GLN N 388 26.50 -15.11 -61.53
N GLN N 389 25.67 -15.89 -62.20
CA GLN N 389 24.22 -15.83 -62.03
C GLN N 389 23.64 -17.08 -61.41
N TYR N 390 24.17 -18.26 -61.76
CA TYR N 390 23.70 -19.49 -61.15
C TYR N 390 24.18 -19.64 -59.72
N LYS N 391 25.26 -18.94 -59.35
CA LYS N 391 25.71 -18.96 -57.97
C LYS N 391 24.62 -18.44 -57.03
N GLU N 392 24.01 -17.31 -57.39
CA GLU N 392 22.92 -16.78 -56.59
C GLU N 392 21.74 -17.74 -56.53
N ILE N 393 21.42 -18.40 -57.66
CA ILE N 393 20.28 -19.31 -57.69
C ILE N 393 20.52 -20.50 -56.77
N VAL N 394 21.72 -21.09 -56.82
CA VAL N 394 21.99 -22.26 -55.99
C VAL N 394 22.09 -21.87 -54.52
N GLU N 395 22.69 -20.70 -54.23
CA GLU N 395 22.80 -20.30 -52.83
C GLU N 395 21.43 -19.98 -52.25
N GLN N 396 20.53 -19.39 -53.04
CA GLN N 396 19.15 -19.22 -52.60
C GLN N 396 18.51 -20.56 -52.26
N GLY N 397 18.69 -21.57 -53.10
CA GLY N 397 18.12 -22.88 -52.85
C GLY N 397 18.62 -23.53 -51.58
N TYR N 398 19.94 -23.60 -51.39
CA TYR N 398 20.40 -24.31 -50.19
C TYR N 398 20.25 -23.45 -48.94
N PHE N 399 20.27 -22.12 -49.08
CA PHE N 399 19.89 -21.26 -47.97
C PHE N 399 18.45 -21.51 -47.55
N SER N 400 17.55 -21.68 -48.53
CA SER N 400 16.16 -21.99 -48.22
C SER N 400 16.06 -23.34 -47.52
N ILE N 401 16.83 -24.33 -47.98
CA ILE N 401 16.81 -25.65 -47.35
C ILE N 401 17.23 -25.54 -45.88
N LEU N 402 18.36 -24.87 -45.63
CA LEU N 402 18.85 -24.75 -44.26
C LEU N 402 17.88 -23.92 -43.41
N ALA N 403 17.29 -22.88 -44.02
CA ALA N 403 16.36 -22.03 -43.29
C ALA N 403 15.11 -22.80 -42.88
N GLU N 404 14.59 -23.65 -43.77
CA GLU N 404 13.41 -24.42 -43.41
C GLU N 404 13.74 -25.53 -42.42
N TYR N 405 14.96 -26.07 -42.47
CA TYR N 405 15.43 -26.89 -41.35
C TYR N 405 15.37 -26.12 -40.04
N VAL N 406 15.91 -24.90 -40.02
CA VAL N 406 15.94 -24.11 -38.79
C VAL N 406 14.52 -23.82 -38.30
N TYR N 407 13.64 -23.42 -39.22
CA TYR N 407 12.26 -23.12 -38.87
C TYR N 407 11.55 -24.37 -38.35
N SER N 408 11.90 -25.54 -38.89
CA SER N 408 11.18 -26.76 -38.55
C SER N 408 11.46 -27.19 -37.12
N TYR N 409 12.72 -27.15 -36.69
CA TYR N 409 13.15 -27.76 -35.44
C TYR N 409 13.42 -26.74 -34.35
N ASN N 410 12.90 -25.51 -34.48
CA ASN N 410 13.03 -24.48 -33.45
C ASN N 410 14.48 -24.20 -33.09
N GLY N 411 15.34 -24.15 -34.11
CA GLY N 411 16.70 -23.69 -33.95
C GLY N 411 17.65 -24.66 -33.27
N MET N 412 17.23 -25.89 -33.01
CA MET N 412 18.10 -26.89 -32.40
C MET N 412 18.60 -27.83 -33.49
N LEU N 413 19.90 -27.77 -33.76
CA LEU N 413 20.51 -28.55 -34.84
C LEU N 413 21.26 -29.75 -34.27
N GLU N 414 21.36 -30.79 -35.10
CA GLU N 414 22.09 -31.99 -34.77
C GLU N 414 22.66 -32.56 -36.06
N HIS N 415 23.20 -33.78 -35.98
CA HIS N 415 23.81 -34.41 -37.15
C HIS N 415 22.77 -34.67 -38.23
N TYR N 416 23.25 -34.74 -39.47
CA TYR N 416 22.49 -35.02 -40.68
C TYR N 416 21.61 -33.85 -41.12
N MET N 417 21.49 -32.82 -40.27
CA MET N 417 20.94 -31.56 -40.76
C MET N 417 21.97 -30.83 -41.61
N ILE N 418 23.22 -30.80 -41.15
CA ILE N 418 24.30 -30.23 -41.94
C ILE N 418 24.58 -31.09 -43.17
N ALA N 419 24.46 -32.41 -43.01
CA ALA N 419 24.89 -33.34 -44.06
C ALA N 419 24.04 -33.19 -45.32
N LYS N 420 22.74 -32.96 -45.18
CA LYS N 420 21.89 -32.82 -46.36
C LYS N 420 22.31 -31.61 -47.18
N VAL N 421 22.62 -30.50 -46.52
CA VAL N 421 23.10 -29.32 -47.23
C VAL N 421 24.48 -29.59 -47.83
N ILE N 422 25.35 -30.28 -47.08
CA ILE N 422 26.69 -30.60 -47.58
C ILE N 422 26.60 -31.40 -48.86
N TYR N 423 25.61 -32.31 -48.94
CA TYR N 423 25.39 -33.04 -50.18
C TYR N 423 25.20 -32.10 -51.36
N ALA N 424 24.44 -31.01 -51.16
CA ALA N 424 24.28 -30.02 -52.20
C ALA N 424 25.57 -29.22 -52.44
N MET N 425 26.37 -29.04 -51.38
CA MET N 425 27.63 -28.30 -51.51
C MET N 425 28.57 -28.92 -52.52
N MET N 426 29.04 -30.15 -52.28
CA MET N 426 29.86 -30.87 -53.24
C MET N 426 29.11 -32.14 -53.64
N GLY N 427 28.24 -32.03 -54.63
CA GLY N 427 27.64 -33.20 -55.23
C GLY N 427 28.44 -33.77 -56.37
N ASN N 428 29.63 -33.24 -56.63
CA ASN N 428 30.43 -33.63 -57.79
C ASN N 428 31.91 -33.73 -57.45
N LYS N 429 32.28 -33.78 -56.16
CA LYS N 429 33.67 -33.79 -55.77
C LYS N 429 33.99 -35.01 -54.91
N PHE N 430 33.05 -35.43 -54.08
CA PHE N 430 33.23 -36.55 -53.16
C PHE N 430 32.33 -37.69 -53.57
N VAL N 431 32.88 -38.91 -53.56
CA VAL N 431 32.05 -40.10 -53.74
C VAL N 431 32.49 -41.15 -52.72
N VAL N 432 31.53 -41.87 -52.16
CA VAL N 432 31.77 -42.83 -51.08
C VAL N 432 31.39 -44.21 -51.57
N ASP N 433 32.29 -45.17 -51.38
CA ASP N 433 32.05 -46.56 -51.74
C ASP N 433 32.50 -47.48 -50.62
N VAL N 434 32.20 -48.77 -50.78
CA VAL N 434 32.52 -49.80 -49.80
C VAL N 434 33.46 -50.80 -50.45
N ASP N 435 34.56 -51.11 -49.77
CA ASP N 435 35.54 -52.06 -50.27
C ASP N 435 35.26 -53.46 -49.73
N SER N 436 36.16 -54.40 -50.05
CA SER N 436 36.02 -55.77 -49.56
C SER N 436 36.13 -55.83 -48.05
N ASN N 437 37.03 -55.04 -47.46
CA ASN N 437 37.21 -55.03 -46.02
C ASN N 437 36.03 -54.42 -45.27
N GLY N 438 35.09 -53.79 -45.99
CA GLY N 438 33.95 -53.17 -45.37
C GLY N 438 34.17 -51.75 -44.89
N LYS N 439 35.39 -51.22 -45.00
CA LYS N 439 35.67 -49.85 -44.61
C LYS N 439 35.21 -48.89 -45.70
N TYR N 440 34.47 -47.87 -45.31
CA TYR N 440 34.01 -46.88 -46.27
C TYR N 440 35.18 -46.05 -46.77
N VAL N 441 35.26 -45.88 -48.09
CA VAL N 441 36.37 -45.18 -48.73
C VAL N 441 35.82 -44.05 -49.58
N TRP N 442 36.55 -42.94 -49.60
CA TRP N 442 36.14 -41.74 -50.33
C TRP N 442 37.02 -41.60 -51.56
N PHE N 443 36.51 -40.84 -52.53
CA PHE N 443 37.25 -40.56 -53.75
C PHE N 443 36.94 -39.13 -54.17
N GLU N 444 38.00 -38.45 -54.65
CA GLU N 444 37.94 -37.03 -54.98
C GLU N 444 38.35 -36.81 -56.42
N PHE N 445 37.57 -36.02 -57.15
CA PHE N 445 37.89 -35.66 -58.53
C PHE N 445 38.78 -34.42 -58.50
N VAL N 446 40.06 -34.59 -58.83
CA VAL N 446 41.02 -33.50 -58.73
C VAL N 446 40.77 -32.50 -59.84
N LEU N 447 40.67 -31.20 -59.47
CA LEU N 447 40.46 -30.04 -60.31
C LEU N 447 41.76 -29.28 -60.51
N PRO N 448 41.93 -28.62 -61.66
CA PRO N 448 43.13 -27.81 -61.86
C PRO N 448 43.17 -26.62 -60.92
N GLY N 449 44.38 -26.16 -60.62
CA GLY N 449 44.54 -24.99 -59.78
C GLY N 449 44.23 -25.19 -58.32
N GLN N 450 44.41 -26.39 -57.79
CA GLN N 450 44.20 -26.71 -56.39
C GLN N 450 45.41 -27.43 -55.86
N PRO N 451 45.63 -27.40 -54.54
CA PRO N 451 46.74 -28.19 -53.96
C PRO N 451 46.61 -29.65 -54.34
N MET N 452 47.68 -30.19 -54.91
CA MET N 452 47.63 -31.52 -55.52
C MET N 452 49.06 -32.01 -55.75
N ASN N 453 49.16 -33.27 -56.14
CA ASN N 453 50.42 -33.86 -56.57
C ASN N 453 50.57 -33.68 -58.08
N GLN N 454 51.53 -34.38 -58.67
CA GLN N 454 51.76 -34.28 -60.11
C GLN N 454 50.95 -35.33 -60.85
N GLY N 455 50.39 -34.92 -62.00
CA GLY N 455 49.75 -35.83 -62.92
C GLY N 455 48.49 -36.54 -62.42
N GLU N 456 47.56 -35.80 -61.80
CA GLU N 456 46.25 -36.34 -61.48
C GLU N 456 45.13 -35.38 -61.86
N ILE N 457 45.38 -34.45 -62.79
CA ILE N 457 44.37 -33.50 -63.20
C ILE N 457 43.23 -34.23 -63.90
N TRP N 458 41.99 -33.84 -63.58
CA TRP N 458 40.77 -34.44 -64.15
C TRP N 458 40.75 -35.96 -63.91
N LYS N 459 41.10 -36.37 -62.71
CA LYS N 459 41.16 -37.80 -62.38
C LYS N 459 40.70 -38.01 -60.95
N TRP N 460 40.29 -39.26 -60.67
CA TRP N 460 39.74 -39.63 -59.39
C TRP N 460 40.83 -40.23 -58.52
N ARG N 461 40.98 -39.70 -57.30
CA ARG N 461 41.99 -40.13 -56.36
C ARG N 461 41.33 -40.74 -55.13
N LYS N 462 41.83 -41.90 -54.71
CA LYS N 462 41.33 -42.58 -53.52
C LYS N 462 41.72 -41.81 -52.26
N GLU N 463 40.95 -42.01 -51.21
CA GLU N 463 41.18 -41.32 -49.95
C GLU N 463 40.39 -42.02 -48.85
N VAL N 464 40.82 -41.83 -47.60
CA VAL N 464 40.25 -42.49 -46.45
C VAL N 464 39.66 -41.51 -45.45
N ASN N 465 40.38 -40.42 -45.17
CA ASN N 465 39.97 -39.44 -44.16
C ASN N 465 39.71 -38.09 -44.83
N PRO N 466 38.45 -37.76 -45.14
CA PRO N 466 38.16 -36.53 -45.89
C PRO N 466 38.73 -35.28 -45.22
N ASP N 467 39.67 -34.62 -45.89
CA ASP N 467 40.34 -33.45 -45.35
C ASP N 467 39.66 -32.15 -45.78
N GLU N 468 39.62 -31.90 -47.10
CA GLU N 468 39.07 -30.64 -47.59
C GLU N 468 37.61 -30.46 -47.20
N LEU N 469 36.89 -31.56 -47.00
CA LEU N 469 35.49 -31.46 -46.57
C LEU N 469 35.38 -30.80 -45.20
N HIS N 470 36.32 -31.09 -44.30
CA HIS N 470 36.29 -30.49 -42.97
C HIS N 470 36.50 -28.98 -43.04
N ILE N 471 37.47 -28.54 -43.85
CA ILE N 471 37.69 -27.10 -44.02
C ILE N 471 36.47 -26.44 -44.65
N TYR N 472 35.88 -27.09 -45.66
CA TYR N 472 34.66 -26.54 -46.25
C TYR N 472 33.55 -26.42 -45.22
N ILE N 473 33.42 -27.42 -44.35
CA ILE N 473 32.44 -27.34 -43.26
C ILE N 473 32.75 -26.15 -42.35
N SER N 474 34.04 -25.89 -42.12
CA SER N 474 34.44 -24.89 -41.14
C SER N 474 33.92 -23.50 -41.48
N GLU N 475 34.18 -23.02 -42.70
CA GLU N 475 33.85 -21.64 -43.02
C GLU N 475 32.92 -21.47 -44.21
N ASN N 476 32.96 -22.38 -45.19
CA ASN N 476 32.08 -22.23 -46.35
C ASN N 476 30.62 -22.38 -45.93
N PHE N 477 30.32 -23.31 -45.02
CA PHE N 477 28.99 -23.39 -44.45
C PHE N 477 28.70 -22.22 -43.51
N SER N 478 29.77 -21.60 -42.98
CA SER N 478 29.58 -20.53 -42.02
C SER N 478 28.94 -19.30 -42.65
N ARG N 479 29.26 -19.02 -43.92
CA ARG N 479 28.62 -17.88 -44.58
C ARG N 479 27.13 -18.12 -44.81
N VAL N 480 26.75 -19.36 -45.15
CA VAL N 480 25.34 -19.70 -45.26
C VAL N 480 24.65 -19.54 -43.91
N MET N 481 25.33 -19.95 -42.84
CA MET N 481 24.80 -19.75 -41.49
C MET N 481 24.62 -18.26 -41.18
N ASP N 482 25.61 -17.44 -41.54
CA ASP N 482 25.50 -16.00 -41.32
C ASP N 482 24.34 -15.40 -42.12
N ARG N 483 24.06 -15.95 -43.30
CA ARG N 483 22.91 -15.47 -44.06
C ARG N 483 21.61 -15.70 -43.30
N ILE N 484 21.47 -16.88 -42.68
CA ILE N 484 20.30 -17.14 -41.84
C ILE N 484 20.29 -16.17 -40.66
N THR N 485 21.45 -15.93 -40.06
CA THR N 485 21.52 -15.02 -38.91
C THR N 485 21.02 -13.63 -39.28
N GLU N 486 21.51 -13.08 -40.40
CA GLU N 486 21.10 -11.74 -40.79
C GLU N 486 19.65 -11.71 -41.25
N HIS N 487 19.18 -12.78 -41.88
CA HIS N 487 17.76 -12.86 -42.25
C HIS N 487 16.87 -12.83 -41.02
N ILE N 488 17.24 -13.59 -39.98
CA ILE N 488 16.47 -13.59 -38.74
C ILE N 488 16.52 -12.21 -38.08
N LYS N 489 17.69 -11.59 -38.05
CA LYS N 489 17.78 -10.25 -37.47
C LYS N 489 16.94 -9.24 -38.24
N TYR N 490 16.89 -9.35 -39.56
CA TYR N 490 16.01 -8.51 -40.36
C TYR N 490 14.55 -8.75 -40.02
N HIS N 491 14.18 -10.01 -39.81
CA HIS N 491 12.80 -10.31 -39.42
C HIS N 491 12.45 -9.71 -38.08
N LEU N 492 13.37 -9.77 -37.10
CA LEU N 492 13.15 -9.07 -35.83
C LEU N 492 13.08 -7.56 -36.03
N SER N 493 13.80 -7.04 -37.02
CA SER N 493 13.81 -5.59 -37.25
C SER N 493 12.42 -5.08 -37.63
N GLN N 494 11.70 -5.84 -38.44
CA GLN N 494 10.39 -5.39 -38.92
C GLN N 494 9.41 -5.25 -37.77
N PRO N 495 8.63 -4.17 -37.72
CA PRO N 495 7.64 -4.02 -36.66
C PRO N 495 6.48 -5.00 -36.83
N HIS N 496 6.10 -5.63 -35.73
CA HIS N 496 5.07 -6.67 -35.74
C HIS N 496 4.46 -6.76 -34.35
N GLU N 497 3.71 -7.83 -34.11
CA GLU N 497 3.04 -8.04 -32.84
C GLU N 497 4.01 -8.69 -31.84
N SER N 498 3.58 -8.74 -30.57
CA SER N 498 4.45 -9.26 -29.52
C SER N 498 4.75 -10.74 -29.71
N ASN N 499 3.75 -11.53 -30.08
CA ASN N 499 3.91 -12.99 -30.11
C ASN N 499 4.94 -13.42 -31.15
N ILE N 500 4.88 -12.82 -32.34
CA ILE N 500 5.84 -13.16 -33.38
C ILE N 500 7.26 -12.76 -32.98
N LEU N 501 7.39 -11.63 -32.28
CA LEU N 501 8.72 -11.22 -31.80
C LEU N 501 9.23 -12.20 -30.75
N ASN N 502 8.36 -12.68 -29.86
CA ASN N 502 8.77 -13.68 -28.89
C ASN N 502 9.20 -14.97 -29.58
N TYR N 503 8.44 -15.39 -30.59
CA TYR N 503 8.81 -16.59 -31.34
C TYR N 503 10.16 -16.42 -32.02
N TYR N 504 10.37 -15.26 -32.66
CA TYR N 504 11.64 -14.98 -33.32
C TYR N 504 12.80 -14.95 -32.32
N LYS N 505 12.58 -14.36 -31.14
CA LYS N 505 13.67 -14.28 -30.18
C LYS N 505 13.98 -15.64 -29.58
N LYS N 506 12.96 -16.48 -29.38
CA LYS N 506 13.22 -17.84 -28.93
C LYS N 506 14.05 -18.60 -29.97
N LEU N 507 13.70 -18.44 -31.25
CA LEU N 507 14.54 -18.98 -32.32
C LEU N 507 15.94 -18.38 -32.30
N LEU N 508 16.08 -17.10 -31.95
CA LEU N 508 17.40 -16.47 -31.93
C LEU N 508 18.29 -17.11 -30.87
N LYS N 509 17.79 -17.24 -29.64
CA LYS N 509 18.57 -17.92 -28.61
C LYS N 509 18.82 -19.38 -28.98
N ALA N 510 17.82 -20.08 -29.51
CA ALA N 510 18.01 -21.47 -29.88
C ALA N 510 19.09 -21.60 -30.96
N PHE N 511 19.17 -20.64 -31.87
CA PHE N 511 20.17 -20.72 -32.93
C PHE N 511 21.56 -20.39 -32.41
N GLU N 512 21.68 -19.38 -31.54
CA GLU N 512 23.01 -19.01 -31.05
C GLU N 512 23.56 -19.99 -30.03
N ARG N 513 22.70 -20.72 -29.31
CA ARG N 513 23.20 -21.77 -28.41
C ARG N 513 23.84 -22.89 -29.21
N SER N 514 23.22 -23.28 -30.32
CA SER N 514 23.78 -24.28 -31.22
C SER N 514 24.68 -23.65 -32.28
N LYS N 515 25.18 -22.45 -32.03
CA LYS N 515 25.95 -21.72 -33.03
C LYS N 515 27.33 -22.36 -33.25
N SER N 516 28.02 -22.67 -32.16
CA SER N 516 29.43 -23.06 -32.22
C SER N 516 29.65 -24.56 -32.37
N LYS N 517 28.58 -25.35 -32.46
CA LYS N 517 28.74 -26.79 -32.65
C LYS N 517 29.41 -27.13 -33.98
N ILE N 518 29.46 -26.18 -34.91
CA ILE N 518 30.07 -26.42 -36.21
C ILE N 518 31.56 -26.72 -36.09
N PHE N 519 32.26 -26.07 -35.16
CA PHE N 519 33.70 -26.20 -35.05
C PHE N 519 34.14 -27.32 -34.11
N ASN N 520 33.21 -27.96 -33.40
CA ASN N 520 33.58 -29.05 -32.50
C ASN N 520 34.03 -30.27 -33.29
N ASP N 521 35.12 -30.88 -32.85
CA ASP N 521 35.70 -32.01 -33.58
C ASP N 521 34.77 -33.22 -33.57
N SER N 522 34.23 -33.56 -32.40
CA SER N 522 33.34 -34.71 -32.31
C SER N 522 32.08 -34.50 -33.13
N PHE N 523 31.54 -33.28 -33.11
CA PHE N 523 30.37 -32.97 -33.93
C PHE N 523 30.70 -33.12 -35.42
N LYS N 524 31.90 -32.68 -35.82
CA LYS N 524 32.31 -32.83 -37.22
C LYS N 524 32.43 -34.32 -37.59
N LYS N 525 32.98 -35.13 -36.69
CA LYS N 525 33.07 -36.56 -36.96
C LYS N 525 31.70 -37.19 -37.09
N GLY N 526 30.76 -36.81 -36.21
CA GLY N 526 29.41 -37.32 -36.32
C GLY N 526 28.73 -36.88 -37.60
N VAL N 527 28.96 -35.63 -38.02
CA VAL N 527 28.40 -35.13 -39.28
C VAL N 527 28.95 -35.94 -40.45
N ILE N 528 30.26 -36.22 -40.43
CA ILE N 528 30.86 -37.01 -41.50
C ILE N 528 30.27 -38.42 -41.53
N ARG N 529 30.11 -39.02 -40.34
CA ARG N 529 29.53 -40.36 -40.27
C ARG N 529 28.09 -40.39 -40.79
N GLN N 530 27.32 -39.33 -40.51
CA GLN N 530 25.98 -39.25 -41.07
C GLN N 530 26.02 -39.04 -42.58
N ALA N 531 26.94 -38.20 -43.05
CA ALA N 531 26.94 -37.80 -44.46
C ALA N 531 27.46 -38.90 -45.37
N GLU N 532 28.30 -39.80 -44.84
CA GLU N 532 28.85 -40.86 -45.69
C GLU N 532 27.74 -41.72 -46.30
N PHE N 533 26.59 -41.80 -45.64
CA PHE N 533 25.44 -42.49 -46.22
C PHE N 533 24.91 -41.77 -47.44
N LEU N 534 24.83 -40.44 -47.38
CA LEU N 534 24.25 -39.67 -48.47
C LEU N 534 25.07 -39.79 -49.74
N PHE N 535 26.40 -39.76 -49.62
CA PHE N 535 27.29 -39.78 -50.79
C PHE N 535 27.54 -41.18 -51.32
N ARG N 536 26.99 -42.21 -50.67
CA ARG N 536 27.22 -43.58 -51.13
C ARG N 536 26.65 -43.79 -52.53
N GLN N 537 27.44 -44.42 -53.38
CA GLN N 537 27.04 -44.73 -54.75
C GLN N 537 27.31 -46.22 -54.99
N ARG N 538 26.24 -46.99 -55.11
CA ARG N 538 26.37 -48.43 -55.25
C ARG N 538 27.05 -48.80 -56.57
N SER N 539 27.87 -49.85 -56.51
CA SER N 539 28.55 -50.40 -57.67
C SER N 539 29.41 -49.34 -58.37
N PHE N 540 30.32 -48.75 -57.60
CA PHE N 540 31.24 -47.76 -58.13
C PHE N 540 32.71 -48.18 -58.12
N ILE N 541 33.13 -48.98 -57.13
CA ILE N 541 34.52 -49.42 -57.09
C ILE N 541 34.79 -50.42 -58.21
N GLN N 542 33.86 -51.36 -58.44
CA GLN N 542 34.08 -52.37 -59.47
C GLN N 542 33.99 -51.78 -60.87
N THR N 543 33.14 -50.77 -61.07
CA THR N 543 33.03 -50.13 -62.38
C THR N 543 34.20 -49.19 -62.67
N LEU N 544 35.06 -48.94 -61.70
CA LEU N 544 36.21 -48.08 -61.92
C LEU N 544 37.19 -48.74 -62.88
N ASP N 545 37.65 -47.95 -63.86
CA ASP N 545 38.70 -48.37 -64.80
C ASP N 545 38.31 -49.57 -65.65
N THR N 546 37.02 -49.89 -65.74
CA THR N 546 36.61 -51.01 -66.58
C THR N 546 36.86 -50.73 -68.05
N ASN N 547 36.61 -49.50 -68.50
CA ASN N 547 36.78 -49.17 -69.90
C ASN N 547 38.27 -49.20 -70.26
N PRO N 548 38.70 -50.04 -71.19
CA PRO N 548 40.13 -50.09 -71.56
C PRO N 548 40.57 -48.95 -72.44
N HIS N 549 39.64 -48.17 -73.00
CA HIS N 549 39.97 -47.11 -73.94
C HIS N 549 40.34 -45.80 -73.26
N LEU N 550 40.25 -45.72 -71.94
CA LEU N 550 40.57 -44.52 -71.17
C LEU N 550 41.84 -44.78 -70.38
N LEU N 551 42.86 -43.95 -70.61
CA LEU N 551 44.15 -44.10 -69.95
C LEU N 551 44.53 -42.80 -69.27
N GLY N 552 44.93 -42.89 -68.00
CA GLY N 552 45.38 -41.71 -67.28
C GLY N 552 46.81 -41.35 -67.66
N VAL N 553 47.05 -40.05 -67.88
CA VAL N 553 48.34 -39.53 -68.31
C VAL N 553 48.66 -38.31 -67.47
N GLY N 554 49.93 -37.91 -67.52
CA GLY N 554 50.40 -36.80 -66.69
C GLY N 554 49.65 -35.50 -66.90
N ASN N 555 49.06 -35.33 -68.09
CA ASN N 555 48.29 -34.13 -68.40
C ASN N 555 46.80 -34.41 -68.48
N GLY N 556 46.31 -35.36 -67.67
CA GLY N 556 44.88 -35.64 -67.63
C GLY N 556 44.52 -37.06 -68.02
N VAL N 557 43.63 -37.21 -69.00
CA VAL N 557 43.21 -38.52 -69.46
C VAL N 557 43.11 -38.51 -70.98
N LEU N 558 43.46 -39.63 -71.60
CA LEU N 558 43.41 -39.81 -73.04
C LEU N 558 42.48 -40.96 -73.36
N SER N 559 41.52 -40.72 -74.25
CA SER N 559 40.58 -41.73 -74.69
C SER N 559 40.97 -42.19 -76.09
N ILE N 560 41.25 -43.48 -76.23
CA ILE N 560 41.59 -44.08 -77.51
C ILE N 560 40.37 -44.76 -78.13
N GLU N 561 39.17 -44.37 -77.69
CA GLU N 561 37.96 -44.96 -78.23
C GLU N 561 37.82 -44.70 -79.72
N THR N 562 38.13 -43.48 -80.16
CA THR N 562 38.01 -43.09 -81.56
C THR N 562 39.39 -42.77 -82.12
N ILE N 563 39.44 -42.65 -83.44
CA ILE N 563 40.65 -42.30 -84.17
C ILE N 563 40.46 -40.90 -84.75
N PRO N 564 41.29 -39.91 -84.38
CA PRO N 564 42.40 -40.05 -83.42
C PRO N 564 41.95 -40.00 -81.97
N ALA N 565 42.85 -40.35 -81.06
CA ALA N 565 42.53 -40.34 -79.65
C ALA N 565 42.26 -38.91 -79.17
N LYS N 566 41.27 -38.78 -78.28
CA LYS N 566 40.84 -37.49 -77.76
C LYS N 566 41.40 -37.30 -76.35
N LEU N 567 42.09 -36.18 -76.15
CA LEU N 567 42.66 -35.85 -74.84
C LEU N 567 41.66 -35.00 -74.08
N ILE N 568 41.07 -35.57 -73.03
CA ILE N 568 40.05 -34.88 -72.25
C ILE N 568 40.76 -34.05 -71.18
N ASN N 569 40.54 -32.73 -71.23
CA ASN N 569 41.12 -31.81 -70.26
C ASN N 569 40.05 -30.95 -69.61
N HIS N 570 38.85 -31.50 -69.47
CA HIS N 570 37.74 -30.78 -68.84
C HIS N 570 37.02 -31.76 -67.92
N PHE N 571 35.87 -31.33 -67.40
CA PHE N 571 35.08 -32.18 -66.53
C PHE N 571 34.50 -33.36 -67.29
N HIS N 572 34.42 -34.50 -66.60
CA HIS N 572 33.84 -35.71 -67.15
C HIS N 572 33.36 -36.57 -65.98
N GLU N 573 32.78 -37.73 -66.32
CA GLU N 573 32.31 -38.67 -65.31
C GLU N 573 32.86 -40.07 -65.54
N HIS N 574 33.94 -40.19 -66.31
CA HIS N 574 34.52 -41.49 -66.60
C HIS N 574 35.24 -42.03 -65.36
N PRO N 575 34.94 -43.26 -64.93
CA PRO N 575 35.60 -43.79 -63.73
C PRO N 575 37.04 -44.18 -64.00
N ILE N 576 37.94 -43.19 -63.98
CA ILE N 576 39.36 -43.40 -64.26
C ILE N 576 40.13 -43.18 -62.97
N HIS N 577 40.97 -44.14 -62.60
CA HIS N 577 41.77 -44.03 -61.39
C HIS N 577 43.26 -44.26 -61.63
N GLN N 578 43.63 -45.21 -62.48
CA GLN N 578 45.03 -45.49 -62.76
C GLN N 578 45.55 -44.54 -63.83
N TYR N 579 46.87 -44.31 -63.80
CA TYR N 579 47.46 -43.31 -64.67
C TYR N 579 48.96 -43.55 -64.78
N THR N 580 49.61 -42.76 -65.63
CA THR N 580 51.05 -42.70 -65.75
C THR N 580 51.49 -41.25 -65.64
N HIS N 581 52.71 -41.04 -65.16
CA HIS N 581 53.24 -39.70 -64.91
C HIS N 581 53.80 -39.05 -66.17
N ILE N 582 53.45 -39.53 -67.36
CA ILE N 582 53.99 -39.02 -68.62
C ILE N 582 52.90 -38.19 -69.29
N CYS N 583 53.22 -36.93 -69.58
CA CYS N 583 52.28 -36.06 -70.28
C CYS N 583 52.23 -36.42 -71.75
N TYR N 584 51.03 -36.37 -72.32
CA TYR N 584 50.81 -36.72 -73.72
C TYR N 584 51.02 -35.52 -74.62
N VAL N 585 51.70 -35.74 -75.73
CA VAL N 585 51.86 -34.74 -76.79
C VAL N 585 51.55 -35.40 -78.13
N PRO N 586 51.07 -34.66 -79.12
CA PRO N 586 50.75 -35.29 -80.41
C PRO N 586 52.01 -35.81 -81.11
N PHE N 587 51.78 -36.70 -82.06
CA PHE N 587 52.86 -37.34 -82.81
C PHE N 587 53.61 -36.30 -83.64
N ASN N 588 54.84 -35.98 -83.24
CA ASN N 588 55.67 -34.96 -83.90
C ASN N 588 56.95 -35.62 -84.39
N PRO N 589 57.00 -36.10 -85.63
CA PRO N 589 58.25 -36.66 -86.16
C PRO N 589 59.37 -35.64 -86.26
N GLU N 590 59.04 -34.34 -86.33
CA GLU N 590 60.07 -33.30 -86.45
C GLU N 590 60.83 -33.07 -85.15
N ASN N 591 60.36 -33.62 -84.03
CA ASN N 591 61.07 -33.45 -82.77
C ASN N 591 62.43 -34.12 -82.85
N PRO N 592 63.50 -33.45 -82.38
CA PRO N 592 64.84 -34.08 -82.45
C PRO N 592 64.92 -35.39 -81.70
N TRP N 593 64.26 -35.50 -80.54
CA TRP N 593 64.24 -36.76 -79.81
C TRP N 593 63.46 -37.82 -80.57
N THR N 594 62.38 -37.42 -81.25
CA THR N 594 61.64 -38.37 -82.08
C THR N 594 62.52 -38.91 -83.19
N LYS N 595 63.27 -38.03 -83.87
CA LYS N 595 64.17 -38.47 -84.92
C LYS N 595 65.26 -39.39 -84.37
N LEU N 596 65.81 -39.04 -83.21
CA LEU N 596 66.84 -39.88 -82.60
C LEU N 596 66.31 -41.26 -82.29
N LEU N 597 65.11 -41.33 -81.70
CA LEU N 597 64.52 -42.63 -81.39
C LEU N 597 64.23 -43.42 -82.66
N LEU N 598 63.72 -42.78 -83.69
CA LEU N 598 63.43 -43.48 -84.94
C LEU N 598 64.71 -44.03 -85.55
N ASN N 599 65.77 -43.23 -85.61
CA ASN N 599 67.03 -43.70 -86.17
C ASN N 599 67.63 -44.83 -85.34
N ALA N 600 67.59 -44.71 -84.01
CA ALA N 600 68.14 -45.76 -83.16
C ALA N 600 67.38 -47.07 -83.34
N LEU N 601 66.04 -46.99 -83.38
CA LEU N 601 65.25 -48.21 -83.54
C LEU N 601 65.45 -48.82 -84.91
N GLN N 602 65.64 -47.99 -85.94
CA GLN N 602 65.97 -48.51 -87.26
C GLN N 602 67.33 -49.22 -87.24
N ASP N 603 68.31 -48.65 -86.52
CA ASP N 603 69.62 -49.29 -86.43
C ASP N 603 69.53 -50.61 -85.68
N ILE N 604 68.70 -50.69 -84.65
CA ILE N 604 68.56 -51.93 -83.89
C ILE N 604 68.05 -53.05 -84.78
N ILE N 605 67.02 -52.76 -85.58
CA ILE N 605 66.43 -53.74 -86.48
C ILE N 605 66.40 -53.17 -87.90
N PRO N 606 67.43 -53.41 -88.70
CA PRO N 606 67.51 -52.79 -90.03
C PRO N 606 66.39 -53.18 -90.97
N GLU N 607 65.81 -54.38 -90.80
CA GLU N 607 64.76 -54.85 -91.69
C GLU N 607 63.52 -53.98 -91.54
N LEU N 608 63.19 -53.23 -92.60
CA LEU N 608 61.98 -52.40 -92.57
C LEU N 608 60.73 -53.24 -92.37
N ASP N 609 60.64 -54.36 -93.10
CA ASP N 609 59.49 -55.24 -92.98
C ASP N 609 59.34 -55.79 -91.57
N ALA N 610 60.46 -56.22 -90.97
CA ALA N 610 60.42 -56.64 -89.57
C ALA N 610 60.21 -55.46 -88.64
N ARG N 611 60.73 -54.28 -88.99
CA ARG N 611 60.57 -53.11 -88.14
C ARG N 611 59.11 -52.73 -87.99
N LEU N 612 58.36 -52.75 -89.09
CA LEU N 612 56.94 -52.41 -89.02
C LEU N 612 56.17 -53.40 -88.16
N TRP N 613 56.47 -54.70 -88.31
CA TRP N 613 55.79 -55.70 -87.50
C TRP N 613 56.11 -55.55 -86.02
N ILE N 614 57.38 -55.28 -85.70
CA ILE N 614 57.77 -55.10 -84.30
C ILE N 614 57.09 -53.88 -83.70
N MET N 615 57.05 -52.77 -84.45
CA MET N 615 56.38 -51.58 -83.96
C MET N 615 54.89 -51.82 -83.78
N PHE N 616 54.27 -52.54 -84.70
CA PHE N 616 52.85 -52.86 -84.57
C PHE N 616 52.58 -53.73 -83.35
N TYR N 617 53.46 -54.70 -83.08
CA TYR N 617 53.33 -55.52 -81.88
C TYR N 617 53.47 -54.66 -80.62
N LEU N 618 54.43 -53.73 -80.62
CA LEU N 618 54.63 -52.89 -79.43
C LEU N 618 53.48 -51.93 -79.21
N SER N 619 52.86 -51.43 -80.29
CA SER N 619 51.80 -50.43 -80.16
C SER N 619 50.52 -50.99 -79.54
N THR N 620 50.38 -52.31 -79.46
CA THR N 620 49.17 -52.91 -78.93
C THR N 620 49.17 -52.99 -77.40
N ALA N 621 50.30 -52.76 -76.75
CA ALA N 621 50.37 -52.88 -75.30
C ALA N 621 49.61 -51.79 -74.57
N ILE N 622 49.31 -50.67 -75.23
CA ILE N 622 48.60 -49.58 -74.58
C ILE N 622 47.19 -50.01 -74.20
N PHE N 623 46.50 -50.71 -75.11
CA PHE N 623 45.14 -51.15 -74.84
C PHE N 623 45.11 -52.13 -73.67
N ARG N 624 44.08 -52.01 -72.83
CA ARG N 624 43.92 -52.85 -71.66
C ARG N 624 42.85 -53.92 -71.83
N GLY N 625 42.21 -53.99 -73.01
CA GLY N 625 41.17 -54.96 -73.24
C GLY N 625 41.71 -56.33 -73.58
N LEU N 626 40.80 -57.21 -73.99
CA LEU N 626 41.18 -58.57 -74.36
C LEU N 626 42.07 -58.55 -75.59
N LYS N 627 43.02 -59.48 -75.63
CA LYS N 627 44.01 -59.55 -76.69
C LYS N 627 44.08 -60.98 -77.23
N GLU N 628 44.56 -61.10 -78.46
CA GLU N 628 44.66 -62.40 -79.11
C GLU N 628 45.74 -63.25 -78.45
N ALA N 629 45.66 -64.56 -78.71
CA ALA N 629 46.57 -65.54 -78.11
C ALA N 629 47.90 -65.53 -78.85
N LEU N 630 48.72 -64.52 -78.53
CA LEU N 630 50.02 -64.35 -79.15
C LEU N 630 51.09 -64.25 -78.08
N MET N 631 52.16 -65.04 -78.24
CA MET N 631 53.36 -64.94 -77.43
C MET N 631 54.53 -64.72 -78.36
N LEU N 632 55.42 -63.80 -78.00
CA LEU N 632 56.55 -63.43 -78.84
C LEU N 632 57.83 -63.50 -78.03
N LEU N 633 58.90 -64.01 -78.64
CA LEU N 633 60.22 -64.01 -78.02
C LEU N 633 61.27 -63.79 -79.11
N TRP N 634 62.25 -62.94 -78.81
CA TRP N 634 63.30 -62.64 -79.77
C TRP N 634 64.64 -62.60 -79.05
N LEU N 635 65.63 -63.27 -79.64
CA LEU N 635 66.92 -63.49 -79.03
C LEU N 635 68.04 -62.92 -79.90
N GLY N 636 69.27 -63.19 -79.50
CA GLY N 636 70.44 -62.73 -80.24
C GLY N 636 71.70 -63.30 -79.64
N GLY N 637 72.82 -63.02 -80.31
CA GLY N 637 74.09 -63.54 -79.85
C GLY N 637 74.53 -62.96 -78.51
N GLY N 638 74.35 -61.66 -78.35
CA GLY N 638 74.75 -60.97 -77.13
C GLY N 638 75.14 -59.54 -77.42
N CYS N 639 74.93 -58.68 -76.42
CA CYS N 639 75.23 -57.25 -76.53
C CYS N 639 74.49 -56.62 -77.72
N ASN N 640 73.28 -57.10 -77.97
CA ASN N 640 72.44 -56.62 -79.06
C ASN N 640 71.54 -55.49 -78.55
N GLY N 641 70.54 -55.14 -79.34
CA GLY N 641 69.61 -54.09 -78.98
C GLY N 641 68.65 -54.49 -77.88
N LYS N 642 68.75 -55.74 -77.42
CA LYS N 642 67.90 -56.21 -76.35
C LYS N 642 68.20 -55.47 -75.04
N THR N 643 67.19 -55.40 -74.17
CA THR N 643 67.24 -54.74 -72.87
C THR N 643 67.47 -53.23 -72.99
N PHE N 644 67.49 -52.68 -74.20
CA PHE N 644 67.60 -51.24 -74.39
C PHE N 644 66.22 -50.60 -74.56
N LEU N 645 65.49 -51.03 -75.59
CA LEU N 645 64.14 -50.53 -75.80
C LEU N 645 63.15 -51.15 -74.82
N MET N 646 63.47 -52.34 -74.29
CA MET N 646 62.60 -53.00 -73.33
C MET N 646 62.40 -52.16 -72.08
N ARG N 647 63.51 -51.70 -71.48
CA ARG N 647 63.42 -50.85 -70.29
C ARG N 647 62.71 -49.54 -70.60
N LEU N 648 62.97 -48.95 -71.77
CA LEU N 648 62.30 -47.72 -72.15
C LEU N 648 60.80 -47.91 -72.24
N VAL N 649 60.34 -48.99 -72.88
CA VAL N 649 58.91 -49.26 -72.96
C VAL N 649 58.33 -49.48 -71.57
N ALA N 650 59.03 -50.25 -70.73
CA ALA N 650 58.53 -50.55 -69.40
C ALA N 650 58.36 -49.27 -68.57
N MET N 651 59.32 -48.36 -68.64
CA MET N 651 59.22 -47.15 -67.83
C MET N 651 58.27 -46.12 -68.45
N VAL N 652 58.08 -46.16 -69.77
CA VAL N 652 57.06 -45.31 -70.38
C VAL N 652 55.67 -45.75 -69.95
N LEU N 653 55.43 -47.07 -69.94
CA LEU N 653 54.13 -47.57 -69.48
C LEU N 653 53.90 -47.21 -68.01
N GLY N 654 54.93 -47.33 -67.18
CA GLY N 654 54.84 -46.96 -65.79
C GLY N 654 54.44 -48.13 -64.90
N ASP N 655 54.57 -47.90 -63.59
CA ASP N 655 54.25 -48.94 -62.61
C ASP N 655 52.79 -49.34 -62.68
N HIS N 656 51.89 -48.38 -62.88
CA HIS N 656 50.47 -48.70 -62.96
C HIS N 656 50.15 -49.54 -64.19
N TYR N 657 50.86 -49.31 -65.30
CA TYR N 657 50.58 -50.00 -66.55
C TYR N 657 51.64 -51.03 -66.92
N ALA N 658 52.66 -51.24 -66.10
CA ALA N 658 53.68 -52.24 -66.40
C ALA N 658 54.33 -52.72 -65.11
N SER N 659 54.92 -53.91 -65.19
CA SER N 659 55.66 -54.50 -64.08
C SER N 659 56.57 -55.58 -64.64
N LYS N 660 57.52 -56.02 -63.82
CA LYS N 660 58.50 -57.01 -64.22
C LYS N 660 58.20 -58.36 -63.56
N LEU N 661 58.43 -59.43 -64.31
CA LEU N 661 58.22 -60.79 -63.84
C LEU N 661 59.55 -61.54 -63.85
N ASN N 662 59.48 -62.84 -63.58
CA ASN N 662 60.64 -63.72 -63.58
C ASN N 662 60.35 -64.93 -64.45
N ILE N 663 61.43 -65.53 -64.97
CA ILE N 663 61.30 -66.73 -65.79
C ILE N 663 60.76 -67.92 -64.99
N SER N 664 60.75 -67.82 -63.66
CA SER N 664 60.23 -68.90 -62.82
C SER N 664 58.76 -69.18 -63.10
N LEU N 665 58.06 -68.23 -63.73
CA LEU N 665 56.68 -68.50 -64.13
C LEU N 665 56.59 -69.66 -65.11
N LEU N 666 57.54 -69.75 -66.03
CA LEU N 666 57.51 -70.78 -67.07
C LEU N 666 58.42 -71.97 -66.78
N THR N 667 59.59 -71.74 -66.17
CA THR N 667 60.50 -72.84 -65.88
C THR N 667 60.01 -73.74 -64.76
N SER N 668 58.96 -73.34 -64.05
CA SER N 668 58.38 -74.21 -63.02
C SER N 668 57.45 -75.23 -63.65
N CYS N 669 57.49 -76.45 -63.12
CA CYS N 669 56.66 -77.53 -63.66
C CYS N 669 55.23 -77.43 -63.13
N ARG N 670 55.06 -77.54 -61.82
CA ARG N 670 53.74 -77.44 -61.20
C ARG N 670 53.92 -77.02 -59.76
N GLU N 671 53.48 -75.81 -59.43
CA GLU N 671 53.54 -75.34 -58.05
C GLU N 671 52.52 -76.08 -57.20
N THR N 672 52.93 -76.45 -55.98
CA THR N 672 52.06 -77.19 -55.09
C THR N 672 50.87 -76.32 -54.66
N ALA N 673 49.74 -76.99 -54.43
CA ALA N 673 48.53 -76.27 -54.02
C ALA N 673 48.76 -75.45 -52.75
N GLU N 674 49.61 -75.94 -51.85
CA GLU N 674 49.94 -75.16 -50.65
C GLU N 674 50.87 -74.01 -50.97
N LYS N 675 51.70 -74.14 -52.00
CA LYS N 675 52.65 -73.10 -52.35
C LYS N 675 51.92 -71.86 -52.81
N PRO N 676 52.12 -70.71 -52.16
CA PRO N 676 51.41 -69.46 -52.54
C PRO N 676 52.07 -68.74 -53.72
N ASN N 677 51.73 -69.18 -54.92
CA ASN N 677 52.29 -68.61 -56.15
C ASN N 677 51.62 -67.27 -56.41
N SER N 678 52.16 -66.24 -55.77
CA SER N 678 51.65 -64.88 -55.97
C SER N 678 52.01 -64.33 -57.35
N ALA N 679 52.99 -64.91 -58.02
CA ALA N 679 53.40 -64.43 -59.33
C ALA N 679 52.31 -64.62 -60.39
N PHE N 680 51.40 -65.57 -60.19
CA PHE N 680 50.32 -65.77 -61.17
C PHE N 680 49.42 -64.56 -61.26
N MET N 681 49.09 -63.95 -60.12
CA MET N 681 48.17 -62.82 -60.08
C MET N 681 48.87 -61.48 -60.27
N ARG N 682 50.06 -61.48 -60.87
CA ARG N 682 50.68 -60.23 -61.30
C ARG N 682 50.04 -59.81 -62.63
N LEU N 683 50.45 -58.63 -63.11
CA LEU N 683 49.96 -58.09 -64.39
C LEU N 683 48.44 -57.93 -64.39
N LYS N 684 47.85 -57.66 -63.22
CA LYS N 684 46.41 -57.46 -63.12
C LYS N 684 46.07 -56.08 -63.67
N GLY N 685 45.38 -56.04 -64.80
CA GLY N 685 45.05 -54.81 -65.49
C GLY N 685 46.16 -54.26 -66.35
N ARG N 686 47.42 -54.53 -65.98
CA ARG N 686 48.56 -54.10 -66.78
C ARG N 686 48.55 -54.81 -68.12
N GLY N 687 48.76 -54.05 -69.19
CA GLY N 687 48.69 -54.57 -70.54
C GLY N 687 50.00 -54.92 -71.21
N TYR N 688 51.12 -54.86 -70.48
CA TYR N 688 52.42 -55.18 -71.06
C TYR N 688 53.26 -55.94 -70.04
N GLY N 689 53.81 -57.08 -70.46
CA GLY N 689 54.68 -57.85 -69.61
C GLY N 689 55.96 -58.22 -70.34
N TYR N 690 56.99 -58.51 -69.56
CA TYR N 690 58.29 -58.85 -70.12
C TYR N 690 59.08 -59.68 -69.11
N PHE N 691 60.13 -60.32 -69.61
CA PHE N 691 61.04 -61.12 -68.79
C PHE N 691 62.47 -60.67 -69.06
N GLU N 692 63.20 -60.37 -67.99
CA GLU N 692 64.58 -59.95 -68.14
C GLU N 692 65.46 -61.13 -68.54
N GLU N 693 66.60 -60.82 -69.16
CA GLU N 693 67.53 -61.85 -69.59
C GLU N 693 68.11 -62.59 -68.40
N THR N 694 68.31 -63.89 -68.57
CA THR N 694 68.81 -64.77 -67.52
C THR N 694 70.30 -65.03 -67.73
N ASN N 695 70.84 -65.93 -66.90
CA ASN N 695 72.27 -66.23 -66.92
C ASN N 695 72.61 -67.50 -67.68
N LYS N 696 71.64 -68.38 -67.93
CA LYS N 696 71.89 -69.65 -68.57
C LYS N 696 70.76 -69.96 -69.55
N SER N 697 70.96 -71.00 -70.34
CA SER N 697 69.93 -71.43 -71.28
C SER N 697 68.69 -71.88 -70.51
N GLU N 698 67.52 -71.56 -71.06
CA GLU N 698 66.25 -71.78 -70.39
C GLU N 698 65.58 -73.04 -70.92
N VAL N 699 64.71 -73.61 -70.09
CA VAL N 699 63.98 -74.84 -70.40
C VAL N 699 62.50 -74.61 -70.12
N LEU N 700 61.66 -75.34 -70.83
CA LEU N 700 60.21 -75.28 -70.66
C LEU N 700 59.68 -76.65 -70.30
N ASN N 701 58.74 -76.70 -69.37
CA ASN N 701 58.11 -77.94 -68.94
C ASN N 701 56.80 -78.20 -69.64
N THR N 702 56.48 -77.42 -70.69
CA THR N 702 55.23 -77.50 -71.44
C THR N 702 54.04 -77.13 -70.57
N SER N 703 54.29 -76.77 -69.32
CA SER N 703 53.25 -76.37 -68.38
C SER N 703 53.14 -74.85 -68.34
N ARG N 704 51.91 -74.38 -68.12
CA ARG N 704 51.53 -72.96 -68.13
C ARG N 704 51.66 -72.31 -69.50
N LEU N 705 52.08 -73.06 -70.52
CA LEU N 705 52.18 -72.49 -71.86
C LEU N 705 50.82 -72.04 -72.37
N LYS N 706 49.79 -72.84 -72.15
CA LYS N 706 48.43 -72.49 -72.53
C LYS N 706 47.70 -71.67 -71.46
N GLU N 707 48.33 -71.42 -70.31
CA GLU N 707 47.69 -70.72 -69.21
C GLU N 707 47.82 -69.21 -69.30
N MET N 708 48.85 -68.69 -69.97
CA MET N 708 48.97 -67.25 -70.19
C MET N 708 48.67 -66.82 -71.62
N VAL N 709 48.89 -67.70 -72.60
CA VAL N 709 48.59 -67.33 -73.99
C VAL N 709 47.09 -67.23 -74.21
N ASN N 710 46.31 -68.04 -73.50
CA ASN N 710 44.87 -68.08 -73.73
C ASN N 710 44.22 -66.78 -73.25
N PRO N 711 43.13 -66.36 -73.89
CA PRO N 711 42.34 -65.22 -73.39
C PRO N 711 41.33 -65.59 -72.31
N GLY N 712 41.45 -66.77 -71.70
CA GLY N 712 40.50 -67.23 -70.71
C GLY N 712 40.81 -66.70 -69.32
N ASP N 713 40.31 -67.42 -68.32
CA ASP N 713 40.42 -67.01 -66.93
C ASP N 713 41.28 -68.00 -66.16
N VAL N 714 42.02 -67.49 -65.17
CA VAL N 714 42.89 -68.31 -64.34
C VAL N 714 42.75 -67.87 -62.89
N THR N 715 42.87 -68.84 -61.98
CA THR N 715 42.76 -68.59 -60.55
C THR N 715 43.92 -69.24 -59.82
N ALA N 716 44.31 -68.62 -58.71
CA ALA N 716 45.38 -69.15 -57.86
C ALA N 716 45.35 -68.39 -56.54
N ARG N 717 46.14 -68.87 -55.59
CA ARG N 717 46.22 -68.28 -54.25
C ARG N 717 47.48 -67.43 -54.14
N GLU N 718 47.34 -66.25 -53.54
CA GLU N 718 48.45 -65.32 -53.41
C GLU N 718 49.29 -65.66 -52.20
N LEU N 719 50.35 -64.87 -51.99
CA LEU N 719 51.28 -65.12 -50.89
C LEU N 719 50.61 -64.90 -49.54
N ASN N 720 50.29 -66.00 -48.85
CA ASN N 720 49.59 -65.95 -47.56
C ASN N 720 48.31 -65.14 -47.66
N GLN N 721 47.56 -65.37 -48.74
CA GLN N 721 46.33 -64.62 -49.01
C GLN N 721 45.30 -65.57 -49.61
N LYS N 722 44.09 -65.06 -49.79
CA LYS N 722 42.99 -65.87 -50.31
C LYS N 722 43.18 -66.14 -51.80
N GLN N 723 42.58 -67.24 -52.26
CA GLN N 723 42.61 -67.56 -53.68
C GLN N 723 41.69 -66.63 -54.45
N GLU N 724 42.12 -66.21 -55.63
CA GLU N 724 41.37 -65.29 -56.47
C GLU N 724 41.54 -65.68 -57.94
N SER N 725 40.58 -65.24 -58.74
CA SER N 725 40.53 -65.50 -60.18
C SER N 725 40.50 -64.19 -60.94
N PHE N 726 41.20 -64.15 -62.08
CA PHE N 726 41.23 -62.93 -62.88
C PHE N 726 41.57 -63.29 -64.31
N GLN N 727 41.28 -62.34 -65.21
CA GLN N 727 41.53 -62.50 -66.63
C GLN N 727 42.92 -61.97 -66.99
N MET N 728 43.56 -62.65 -67.93
CA MET N 728 44.91 -62.28 -68.39
C MET N 728 44.79 -61.54 -69.72
N THR N 729 45.02 -60.23 -69.69
CA THR N 729 44.97 -59.38 -70.88
C THR N 729 46.22 -58.51 -70.87
N ALA N 730 47.30 -59.00 -71.48
CA ALA N 730 48.56 -58.27 -71.52
C ALA N 730 49.38 -58.78 -72.69
N THR N 731 50.42 -58.02 -73.02
CA THR N 731 51.38 -58.39 -74.06
C THR N 731 52.67 -58.85 -73.39
N MET N 732 53.11 -60.06 -73.74
CA MET N 732 54.27 -60.69 -73.11
C MET N 732 55.38 -60.86 -74.14
N VAL N 733 56.59 -60.47 -73.75
CA VAL N 733 57.79 -60.65 -74.57
C VAL N 733 58.88 -61.26 -73.70
N ALA N 734 59.83 -61.90 -74.38
CA ALA N 734 60.95 -62.55 -73.68
C ALA N 734 62.19 -62.44 -74.55
N ALA N 735 63.22 -61.77 -74.03
CA ALA N 735 64.47 -61.59 -74.73
C ALA N 735 65.61 -62.15 -73.89
N SER N 736 66.48 -62.93 -74.53
CA SER N 736 67.61 -63.54 -73.84
C SER N 736 68.74 -63.75 -74.83
N ASN N 737 69.95 -63.87 -74.29
CA ASN N 737 71.13 -64.12 -75.12
C ASN N 737 71.29 -65.58 -75.50
N TYR N 738 70.58 -66.48 -74.85
CA TYR N 738 70.72 -67.92 -75.03
C TYR N 738 69.44 -68.50 -75.64
N ASN N 739 69.44 -69.82 -75.82
CA ASN N 739 68.36 -70.52 -76.48
C ASN N 739 67.39 -71.12 -75.45
N PHE N 740 66.26 -71.59 -75.95
CA PHE N 740 65.21 -72.20 -75.15
C PHE N 740 65.12 -73.69 -75.47
N ILE N 741 64.23 -74.37 -74.74
CA ILE N 741 63.94 -75.79 -74.95
C ILE N 741 62.43 -75.94 -75.09
N ILE N 742 61.97 -76.33 -76.27
CA ILE N 742 60.56 -76.55 -76.55
C ILE N 742 60.39 -77.95 -77.08
N ASP N 743 59.45 -78.71 -76.51
CA ASP N 743 59.20 -80.10 -76.91
C ASP N 743 57.69 -80.33 -76.90
N THR N 744 57.06 -80.15 -78.05
CA THR N 744 55.62 -80.37 -78.19
C THR N 744 55.30 -80.57 -79.66
N THR N 745 54.18 -81.24 -79.92
CA THR N 745 53.77 -81.61 -81.27
C THR N 745 52.40 -81.09 -81.68
N ASP N 746 51.56 -80.68 -80.73
CA ASP N 746 50.22 -80.20 -81.07
C ASP N 746 50.32 -78.92 -81.88
N HIS N 747 49.53 -78.83 -82.95
CA HIS N 747 49.58 -77.67 -83.82
C HIS N 747 48.97 -76.43 -83.20
N GLY N 748 48.24 -76.55 -82.09
CA GLY N 748 47.89 -75.38 -81.31
C GLY N 748 49.12 -74.66 -80.80
N THR N 749 50.09 -75.41 -80.30
CA THR N 749 51.42 -74.88 -80.08
C THR N 749 52.12 -74.70 -81.43
N TRP N 750 53.14 -73.84 -81.43
CA TRP N 750 53.87 -73.37 -82.61
C TRP N 750 53.01 -72.49 -83.50
N ARG N 751 51.73 -72.31 -83.19
CA ARG N 751 50.84 -71.41 -83.91
C ARG N 751 50.58 -70.12 -83.15
N ARG N 752 50.52 -70.19 -81.82
CA ARG N 752 50.40 -69.03 -80.95
C ARG N 752 51.76 -68.52 -80.49
N LEU N 753 52.84 -69.00 -81.11
CA LEU N 753 54.20 -68.66 -80.70
C LEU N 753 54.93 -68.02 -81.87
N ARG N 754 55.69 -66.96 -81.57
CA ARG N 754 56.48 -66.26 -82.56
C ARG N 754 57.90 -66.06 -82.02
N HIS N 755 58.88 -66.26 -82.90
CA HIS N 755 60.28 -66.12 -82.53
C HIS N 755 60.98 -65.24 -83.54
N TYR N 756 61.89 -64.41 -83.03
CA TYR N 756 62.70 -63.55 -83.88
C TYR N 756 64.15 -63.60 -83.40
N ARG N 757 65.08 -63.39 -84.34
CA ARG N 757 66.49 -63.38 -84.03
C ARG N 757 67.08 -62.04 -84.47
N SER N 758 67.82 -61.41 -83.56
CA SER N 758 68.45 -60.12 -83.87
C SER N 758 69.70 -60.37 -84.69
N LYS N 759 69.74 -59.77 -85.89
CA LYS N 759 70.87 -59.90 -86.80
C LYS N 759 71.86 -58.74 -86.66
N VAL N 760 71.97 -58.17 -85.46
CA VAL N 760 72.84 -57.04 -85.20
C VAL N 760 73.72 -57.35 -84.01
N LYS N 761 74.85 -56.65 -83.93
CA LYS N 761 75.81 -56.81 -82.84
C LYS N 761 76.36 -55.44 -82.46
N PHE N 762 76.10 -55.02 -81.24
CA PHE N 762 76.56 -53.73 -80.74
C PHE N 762 77.76 -53.93 -79.83
N CYS N 763 78.86 -53.26 -80.14
CA CYS N 763 80.08 -53.40 -79.36
C CYS N 763 80.86 -52.09 -79.42
N HIS N 764 81.75 -51.92 -78.43
CA HIS N 764 82.45 -50.65 -78.27
C HIS N 764 83.37 -50.36 -79.45
N ASN N 765 84.01 -51.39 -80.02
CA ASN N 765 84.92 -51.19 -81.13
C ASN N 765 84.22 -51.45 -82.45
N PRO N 766 83.97 -50.43 -83.27
CA PRO N 766 83.28 -50.65 -84.53
C PRO N 766 84.10 -51.50 -85.50
N ASP N 767 83.41 -52.31 -86.29
CA ASP N 767 84.03 -53.11 -87.32
C ASP N 767 83.66 -52.55 -88.68
N PRO N 768 84.62 -52.05 -89.46
CA PRO N 768 84.29 -51.46 -90.76
C PRO N 768 83.73 -52.49 -91.73
N SER N 769 82.85 -52.01 -92.62
CA SER N 769 82.25 -52.80 -93.70
C SER N 769 81.41 -53.96 -93.18
N ASN N 770 80.90 -53.86 -91.95
CA ASN N 770 80.02 -54.88 -91.38
C ASN N 770 78.70 -54.23 -91.00
N PRO N 771 77.66 -54.34 -91.83
CA PRO N 771 76.37 -53.73 -91.48
C PRO N 771 75.72 -54.35 -90.26
N TYR N 772 76.10 -55.56 -89.88
CA TYR N 772 75.53 -56.22 -88.71
C TYR N 772 76.21 -55.81 -87.41
N GLU N 773 77.22 -54.96 -87.46
CA GLU N 773 77.92 -54.49 -86.27
C GLU N 773 77.78 -52.97 -86.17
N LYS N 774 77.45 -52.50 -84.98
CA LYS N 774 77.35 -51.08 -84.68
C LYS N 774 78.04 -50.78 -83.36
N LYS N 775 78.49 -49.53 -83.22
CA LYS N 775 79.09 -49.10 -81.97
C LYS N 775 78.02 -48.88 -80.91
N GLU N 776 78.30 -49.35 -79.70
CA GLU N 776 77.36 -49.23 -78.59
C GLU N 776 77.75 -48.07 -77.68
N ASP N 777 76.76 -47.32 -77.25
CA ASP N 777 76.96 -46.19 -76.33
C ASP N 777 76.25 -46.49 -75.02
N PRO N 778 76.98 -46.65 -73.91
CA PRO N 778 76.30 -46.88 -72.63
C PRO N 778 75.35 -45.76 -72.23
N ARG N 779 75.63 -44.53 -72.65
CA ARG N 779 74.76 -43.40 -72.32
C ARG N 779 73.35 -43.59 -72.89
N PHE N 780 73.18 -44.48 -73.87
CA PHE N 780 71.86 -44.79 -74.38
C PHE N 780 70.96 -45.39 -73.30
N ILE N 781 71.53 -46.13 -72.35
CA ILE N 781 70.76 -46.79 -71.31
C ILE N 781 70.88 -46.06 -69.98
N HIS N 782 72.10 -45.65 -69.61
CA HIS N 782 72.29 -44.94 -68.34
C HIS N 782 71.50 -43.64 -68.32
N GLU N 783 71.52 -42.90 -69.43
CA GLU N 783 70.68 -41.73 -69.61
C GLU N 783 69.92 -41.88 -70.92
N TYR N 784 69.30 -40.80 -71.40
CA TYR N 784 68.41 -40.77 -72.56
C TYR N 784 67.09 -41.49 -72.31
N ILE N 785 66.86 -42.00 -71.09
CA ILE N 785 65.65 -42.72 -70.75
C ILE N 785 64.75 -41.91 -69.83
N MET N 786 65.33 -41.23 -68.84
CA MET N 786 64.55 -40.43 -67.90
C MET N 786 64.20 -39.06 -68.45
N ASP N 787 64.65 -38.72 -69.66
CA ASP N 787 64.33 -37.42 -70.24
C ASP N 787 62.83 -37.31 -70.49
N PRO N 788 62.15 -36.30 -69.93
CA PRO N 788 60.70 -36.17 -70.17
C PRO N 788 60.36 -36.03 -71.64
N ASP N 789 61.16 -35.28 -72.40
CA ASP N 789 60.88 -35.11 -73.82
C ASP N 789 61.02 -36.42 -74.58
N CYS N 790 62.02 -37.23 -74.22
CA CYS N 790 62.16 -38.55 -74.84
C CYS N 790 60.95 -39.43 -74.55
N GLN N 791 60.47 -39.42 -73.31
CA GLN N 791 59.28 -40.20 -72.97
C GLN N 791 58.06 -39.72 -73.74
N ASN N 792 57.90 -38.40 -73.85
CA ASN N 792 56.77 -37.85 -74.60
C ASN N 792 56.83 -38.24 -76.07
N ALA N 793 58.02 -38.15 -76.67
CA ALA N 793 58.18 -38.53 -78.06
C ALA N 793 57.90 -40.01 -78.28
N PHE N 794 58.41 -40.86 -77.38
CA PHE N 794 58.16 -42.29 -77.50
C PHE N 794 56.69 -42.61 -77.36
N PHE N 795 56.01 -41.97 -76.41
CA PHE N 795 54.57 -42.18 -76.24
C PHE N 795 53.80 -41.72 -77.46
N SER N 796 54.20 -40.58 -78.05
CA SER N 796 53.54 -40.10 -79.25
C SER N 796 53.73 -41.07 -80.40
N ILE N 797 54.94 -41.60 -80.58
CA ILE N 797 55.18 -42.57 -81.64
C ILE N 797 54.33 -43.82 -81.41
N LEU N 798 54.28 -44.30 -80.17
CA LEU N 798 53.52 -45.51 -79.86
C LEU N 798 52.04 -45.31 -80.14
N VAL N 799 51.46 -44.19 -79.70
CA VAL N 799 50.04 -43.97 -79.91
C VAL N 799 49.74 -43.76 -81.39
N TYR N 800 50.63 -43.06 -82.11
CA TYR N 800 50.42 -42.84 -83.54
C TYR N 800 50.44 -44.17 -84.29
N PHE N 801 51.38 -45.05 -83.95
CA PHE N 801 51.42 -46.35 -84.63
C PHE N 801 50.26 -47.24 -84.21
N TRP N 802 49.78 -47.10 -82.97
CA TRP N 802 48.57 -47.81 -82.58
C TRP N 802 47.37 -47.35 -83.42
N GLU N 803 47.26 -46.04 -83.64
CA GLU N 803 46.20 -45.51 -84.50
C GLU N 803 46.36 -46.01 -85.94
N LYS N 804 47.61 -46.07 -86.43
CA LYS N 804 47.86 -46.61 -87.76
C LYS N 804 47.40 -48.06 -87.86
N LEU N 805 47.72 -48.88 -86.86
CA LEU N 805 47.27 -50.27 -86.84
C LEU N 805 45.75 -50.35 -86.80
N GLN N 806 45.11 -49.50 -85.99
CA GLN N 806 43.66 -49.52 -85.88
C GLN N 806 43.01 -49.16 -87.21
N LYS N 807 43.55 -48.17 -87.91
CA LYS N 807 42.93 -47.74 -89.17
C LYS N 807 43.28 -48.66 -90.33
N GLU N 808 44.38 -49.41 -90.24
CA GLU N 808 44.77 -50.29 -91.35
C GLU N 808 44.25 -51.71 -91.17
N TYR N 809 44.63 -52.37 -90.08
CA TYR N 809 44.28 -53.76 -89.84
C TYR N 809 43.04 -53.92 -88.99
N ASN N 810 42.36 -52.82 -88.64
CA ASN N 810 41.16 -52.86 -87.81
C ASN N 810 41.43 -53.54 -86.46
N GLY N 811 42.62 -53.29 -85.91
CA GLY N 811 42.99 -53.85 -84.63
C GLY N 811 43.14 -55.36 -84.64
N GLN N 812 43.70 -55.93 -85.71
CA GLN N 812 43.88 -57.37 -85.83
C GLN N 812 45.34 -57.64 -86.16
N ILE N 813 45.95 -58.58 -85.43
CA ILE N 813 47.39 -58.80 -85.54
C ILE N 813 47.77 -59.87 -86.56
N LYS N 814 46.83 -60.72 -86.98
CA LYS N 814 47.16 -61.73 -87.98
C LYS N 814 47.27 -61.15 -89.37
N LYS N 815 46.75 -59.94 -89.60
CA LYS N 815 46.82 -59.34 -90.92
C LYS N 815 48.25 -58.87 -91.24
N VAL N 816 48.93 -58.26 -90.27
CA VAL N 816 50.26 -57.74 -90.51
C VAL N 816 51.25 -58.90 -90.59
N PHE N 817 52.07 -58.90 -91.64
CA PHE N 817 53.04 -59.96 -91.86
C PHE N 817 54.17 -59.43 -92.71
N CYS N 818 55.37 -59.93 -92.47
CA CYS N 818 56.56 -59.55 -93.21
C CYS N 818 57.39 -60.80 -93.47
N PRO N 819 58.26 -60.77 -94.48
CA PRO N 819 59.05 -61.98 -94.79
C PRO N 819 59.84 -62.51 -93.60
N THR N 820 60.35 -61.63 -92.73
CA THR N 820 61.14 -62.10 -91.60
C THR N 820 60.31 -62.97 -90.66
N ILE N 821 59.06 -62.56 -90.39
CA ILE N 821 58.18 -63.36 -89.55
C ILE N 821 57.86 -64.66 -90.27
N GLU N 822 57.79 -65.76 -89.50
CA GLU N 822 57.42 -67.09 -89.94
C GLU N 822 58.56 -67.72 -90.74
N SER N 823 59.61 -66.94 -91.03
CA SER N 823 60.83 -67.51 -91.59
C SER N 823 61.75 -68.03 -90.50
N GLU N 824 62.26 -67.13 -89.66
CA GLU N 824 63.05 -67.55 -88.51
C GLU N 824 62.20 -68.25 -87.47
N THR N 825 60.91 -67.92 -87.41
CA THR N 825 59.99 -68.64 -86.51
C THR N 825 59.93 -70.12 -86.87
N GLU N 826 59.72 -70.43 -88.16
CA GLU N 826 59.70 -71.84 -88.54
C GLU N 826 61.10 -72.45 -88.48
N ALA N 827 62.14 -71.64 -88.69
CA ALA N 827 63.50 -72.15 -88.55
C ALA N 827 63.76 -72.65 -87.13
N TYR N 828 63.30 -71.90 -86.12
CA TYR N 828 63.41 -72.36 -84.74
C TYR N 828 62.39 -73.44 -84.43
N ARG N 829 61.25 -73.45 -85.14
CA ARG N 829 60.29 -74.52 -84.99
C ARG N 829 60.90 -75.87 -85.37
N LYS N 830 61.71 -75.89 -86.43
CA LYS N 830 62.43 -77.10 -86.78
C LYS N 830 63.43 -77.49 -85.70
N SER N 831 64.01 -76.51 -85.02
CA SER N 831 64.96 -76.81 -83.95
C SER N 831 64.25 -77.49 -82.78
N GLN N 832 64.89 -78.52 -82.24
CA GLN N 832 64.37 -79.35 -81.14
C GLN N 832 62.88 -79.65 -81.32
N ASP N 833 62.49 -79.92 -82.56
CA ASP N 833 61.09 -80.17 -82.88
C ASP N 833 60.63 -81.55 -82.41
N THR N 834 61.48 -82.56 -82.56
CA THR N 834 61.10 -83.93 -82.22
C THR N 834 62.39 -84.75 -82.06
N LEU N 835 62.22 -86.06 -81.95
CA LEU N 835 63.34 -86.98 -81.82
C LEU N 835 63.92 -87.41 -83.16
N HIS N 836 63.58 -86.71 -84.25
CA HIS N 836 64.10 -87.08 -85.56
C HIS N 836 65.61 -86.95 -85.62
N ARG N 837 66.19 -86.04 -84.83
CA ARG N 837 67.65 -85.94 -84.77
C ARG N 837 68.27 -87.22 -84.25
N PHE N 838 67.67 -87.81 -83.21
CA PHE N 838 68.15 -89.09 -82.70
C PHE N 838 67.96 -90.20 -83.73
N ILE N 839 66.84 -90.18 -84.45
CA ILE N 839 66.56 -91.21 -85.44
C ILE N 839 67.59 -91.16 -86.56
N THR N 840 67.92 -89.96 -87.03
CA THR N 840 68.91 -89.82 -88.10
C THR N 840 70.27 -90.30 -87.65
N GLU N 841 70.67 -89.95 -86.42
CA GLU N 841 71.95 -90.37 -85.89
C GLU N 841 71.83 -90.77 -84.42
N SER N 856 61.05 -101.82 -77.29
CA SER N 856 61.37 -100.83 -76.28
C SER N 856 62.84 -100.41 -76.37
N GLU N 857 63.53 -100.93 -77.37
CA GLU N 857 64.95 -100.60 -77.55
C GLU N 857 65.13 -99.19 -78.14
N VAL N 858 64.18 -98.73 -78.95
CA VAL N 858 64.31 -97.41 -79.56
C VAL N 858 64.25 -96.32 -78.50
N VAL N 859 63.24 -96.39 -77.63
CA VAL N 859 63.11 -95.40 -76.55
C VAL N 859 64.27 -95.52 -75.58
N THR N 860 64.72 -96.75 -75.30
CA THR N 860 65.87 -96.93 -74.42
C THR N 860 67.11 -96.26 -74.98
N ALA N 861 67.40 -96.47 -76.27
CA ALA N 861 68.55 -95.82 -76.88
C ALA N 861 68.38 -94.30 -76.91
N TYR N 862 67.17 -93.83 -77.19
CA TYR N 862 66.91 -92.40 -77.17
C TYR N 862 67.16 -91.81 -75.79
N ALA N 863 66.93 -92.60 -74.75
CA ALA N 863 67.19 -92.12 -73.40
C ALA N 863 68.64 -91.69 -73.29
N GLU N 864 69.55 -92.65 -73.37
CA GLU N 864 70.97 -92.35 -73.31
C GLU N 864 71.34 -91.32 -74.35
N TRP N 865 70.66 -91.34 -75.50
CA TRP N 865 70.93 -90.37 -76.54
C TRP N 865 70.78 -88.96 -75.98
N TYR N 866 69.55 -88.58 -75.66
CA TYR N 866 69.33 -87.26 -75.08
C TYR N 866 70.33 -87.01 -73.97
N ASN N 867 70.57 -88.01 -73.15
CA ASN N 867 71.51 -87.86 -72.05
C ASN N 867 72.86 -87.39 -72.57
N THR N 868 73.41 -88.10 -73.55
CA THR N 868 74.71 -87.71 -74.11
C THR N 868 74.54 -86.58 -75.12
N ASN N 869 73.31 -86.11 -75.31
CA ASN N 869 73.06 -85.04 -76.26
C ASN N 869 72.78 -83.73 -75.55
N ILE N 870 71.53 -83.49 -75.20
CA ILE N 870 71.16 -82.24 -74.53
C ILE N 870 71.55 -82.27 -73.07
N ASN N 871 70.83 -83.04 -72.26
CA ASN N 871 71.12 -83.12 -70.84
C ASN N 871 70.63 -84.44 -70.26
N VAL N 872 70.36 -84.46 -68.95
CA VAL N 872 69.92 -85.68 -68.30
C VAL N 872 68.62 -85.39 -67.55
N LYS N 873 67.64 -86.28 -67.70
CA LYS N 873 66.33 -86.14 -67.07
C LYS N 873 65.60 -87.47 -67.19
N ARG N 874 64.79 -87.78 -66.19
CA ARG N 874 64.00 -89.00 -66.22
C ARG N 874 62.92 -88.90 -67.29
N HIS N 875 62.60 -90.04 -67.91
CA HIS N 875 61.59 -90.10 -68.95
C HIS N 875 60.76 -91.36 -68.78
N ILE N 876 59.55 -91.32 -69.34
CA ILE N 876 58.64 -92.45 -69.32
C ILE N 876 58.60 -93.02 -70.73
N ALA N 877 58.91 -94.32 -70.85
CA ALA N 877 59.02 -94.96 -72.15
C ALA N 877 57.67 -95.24 -72.80
N LEU N 878 56.57 -95.10 -72.06
CA LEU N 878 55.27 -95.49 -72.60
C LEU N 878 54.79 -94.53 -73.68
N GLU N 879 54.85 -93.23 -73.43
CA GLU N 879 54.29 -92.26 -74.36
C GLU N 879 55.19 -91.94 -75.54
N LEU N 880 56.50 -92.18 -75.42
CA LEU N 880 57.41 -91.91 -76.53
C LEU N 880 57.16 -92.83 -77.71
N SER N 881 56.51 -93.98 -77.49
CA SER N 881 56.11 -94.83 -78.61
C SER N 881 55.10 -94.11 -79.51
N GLN N 882 54.24 -93.28 -78.93
CA GLN N 882 53.30 -92.50 -79.75
C GLN N 882 54.03 -91.55 -80.67
N GLU N 883 55.06 -90.85 -80.16
CA GLU N 883 55.82 -89.94 -81.01
C GLU N 883 56.66 -90.72 -82.03
N LEU N 884 57.15 -91.90 -81.66
CA LEU N 884 57.86 -92.74 -82.63
C LEU N 884 56.93 -93.16 -83.76
N GLU N 885 55.69 -93.50 -83.43
CA GLU N 885 54.70 -93.80 -84.46
C GLU N 885 54.42 -92.58 -85.32
N ASN N 886 54.32 -91.40 -84.69
CA ASN N 886 54.10 -90.16 -85.43
C ASN N 886 55.33 -89.71 -86.20
N SER N 887 56.50 -90.29 -85.93
CA SER N 887 57.72 -89.91 -86.62
C SER N 887 57.76 -90.53 -88.02
N VAL N 888 58.91 -90.37 -88.69
CA VAL N 888 59.08 -90.92 -90.03
C VAL N 888 59.15 -92.43 -90.05
N LEU N 889 59.23 -93.07 -88.89
CA LEU N 889 59.26 -94.53 -88.80
C LEU N 889 57.88 -95.16 -88.97
N GLU N 890 56.89 -94.39 -89.40
CA GLU N 890 55.55 -94.96 -89.63
C GLU N 890 55.59 -96.01 -90.73
N LYS N 891 56.34 -95.75 -91.80
CA LYS N 891 56.46 -96.74 -92.87
C LYS N 891 57.16 -98.00 -92.37
N TYR N 892 58.18 -97.86 -91.54
CA TYR N 892 58.86 -99.00 -90.93
C TYR N 892 58.23 -99.36 -89.58
N LEU N 893 56.90 -99.54 -89.58
CA LEU N 893 56.16 -99.91 -88.38
C LEU N 893 55.27 -101.08 -88.73
N GLN N 894 55.62 -102.27 -88.24
CA GLN N 894 54.89 -103.50 -88.54
C GLN N 894 54.49 -104.18 -87.25
N TRP N 895 53.36 -104.87 -87.30
CA TRP N 895 52.80 -105.53 -86.12
C TRP N 895 53.52 -106.83 -85.84
N SER N 896 53.25 -107.41 -84.66
CA SER N 896 53.88 -108.62 -84.21
C SER N 896 52.82 -109.67 -83.84
N PRO N 897 53.12 -110.96 -84.02
CA PRO N 897 52.16 -112.00 -83.64
C PRO N 897 51.82 -112.00 -82.16
N ASN N 898 52.70 -111.49 -81.31
CA ASN N 898 52.46 -111.39 -79.87
C ASN N 898 51.59 -110.18 -79.50
N LYS N 899 50.94 -109.57 -80.49
CA LYS N 899 50.12 -108.37 -80.30
C LYS N 899 50.95 -107.22 -79.74
N THR N 900 52.22 -107.15 -80.12
CA THR N 900 53.13 -106.07 -79.72
C THR N 900 53.57 -105.31 -80.97
N ARG N 901 54.46 -104.35 -80.76
CA ARG N 901 55.02 -103.54 -81.83
C ARG N 901 56.52 -103.82 -81.95
N ILE N 902 56.96 -104.16 -83.16
CA ILE N 902 58.36 -104.43 -83.42
C ILE N 902 58.82 -103.58 -84.60
N LEU N 903 60.05 -103.11 -84.53
CA LEU N 903 60.62 -102.23 -85.54
C LEU N 903 61.34 -103.05 -86.60
N LYS N 904 61.29 -102.57 -87.84
CA LYS N 904 61.97 -103.20 -88.96
C LYS N 904 63.11 -102.31 -89.44
N GLY N 905 64.25 -102.93 -89.74
CA GLY N 905 65.43 -102.18 -90.12
C GLY N 905 65.97 -101.33 -88.98
N CYS N 906 66.00 -101.86 -87.77
CA CYS N 906 66.46 -101.12 -86.60
C CYS N 906 67.99 -101.15 -86.52
N ARG N 907 68.61 -100.47 -87.48
CA ARG N 907 70.07 -100.34 -87.52
C ARG N 907 70.50 -99.34 -86.46
N ILE N 908 70.89 -99.85 -85.29
CA ILE N 908 71.29 -98.99 -84.19
C ILE N 908 72.65 -98.38 -84.50
N LEU N 909 72.75 -97.06 -84.33
CA LEU N 909 73.99 -96.33 -84.59
C LEU N 909 74.75 -96.17 -83.29
N HIS N 910 76.04 -96.53 -83.31
CA HIS N 910 76.90 -96.41 -82.16
C HIS N 910 78.31 -96.07 -82.64
N LYS N 911 79.09 -95.48 -81.72
CA LYS N 911 80.45 -95.00 -81.97
C LYS N 911 80.54 -94.24 -83.30
N PHE N 912 81.71 -94.26 -83.94
CA PHE N 912 81.90 -93.54 -85.20
C PHE N 912 81.44 -94.40 -86.39
N GLU N 913 80.15 -94.71 -86.37
CA GLU N 913 79.53 -95.46 -87.47
C GLU N 913 78.99 -94.50 -88.52
N THR N 914 79.92 -93.97 -89.32
CA THR N 914 79.54 -93.09 -90.41
C THR N 914 78.70 -93.81 -91.44
N LEU N 915 79.06 -95.05 -91.77
CA LEU N 915 78.31 -95.85 -92.73
C LEU N 915 77.03 -96.38 -92.12
N CYS N 936 62.11 -54.40 -99.17
CA CYS N 936 62.44 -53.11 -99.75
C CYS N 936 63.06 -52.19 -98.70
N GLU N 937 63.43 -50.98 -99.14
CA GLU N 937 64.05 -50.00 -98.26
C GLU N 937 63.27 -48.69 -98.38
N PRO N 938 62.90 -48.06 -97.26
CA PRO N 938 62.10 -46.83 -97.34
C PRO N 938 62.88 -45.69 -97.96
N LYS N 939 62.14 -44.78 -98.61
CA LYS N 939 62.76 -43.63 -99.25
C LYS N 939 63.48 -42.76 -98.22
N ASN N 940 62.73 -42.18 -97.28
CA ASN N 940 63.33 -41.39 -96.22
C ASN N 940 62.69 -41.62 -94.85
N LYS N 941 61.63 -42.42 -94.76
CA LYS N 941 60.90 -42.60 -93.50
C LYS N 941 60.46 -44.05 -93.43
N TRP N 942 61.14 -44.85 -92.60
CA TRP N 942 60.64 -46.20 -92.34
C TRP N 942 59.36 -46.16 -91.52
N TRP N 943 59.20 -45.15 -90.68
CA TRP N 943 57.98 -44.98 -89.90
C TRP N 943 56.79 -44.60 -90.78
N GLU N 944 57.04 -44.16 -92.02
CA GLU N 944 55.95 -43.90 -92.95
C GLU N 944 55.17 -45.16 -93.30
N TRP N 945 55.75 -46.34 -93.02
CA TRP N 945 55.10 -47.64 -93.12
C TRP N 945 54.91 -48.05 -94.58
N SER N 946 55.22 -47.17 -95.53
CA SER N 946 55.14 -47.44 -96.96
C SER N 946 53.70 -47.78 -97.34
N PRO N 947 53.42 -48.13 -98.61
CA PRO N 947 52.09 -48.67 -98.93
C PRO N 947 51.84 -50.01 -98.27
N ASN N 948 50.66 -50.59 -98.51
CA ASN N 948 50.27 -51.84 -97.86
C ASN N 948 51.27 -52.97 -98.07
N PRO N 949 51.80 -53.22 -99.27
CA PRO N 949 52.86 -54.25 -99.39
C PRO N 949 54.08 -53.96 -98.55
N SER N 950 54.45 -52.69 -98.40
CA SER N 950 55.60 -52.28 -97.59
C SER N 950 56.88 -53.02 -97.98
#